data_3HMJ
#
_entry.id   3HMJ
#
_cell.length_a   231.884
_cell.length_b   231.884
_cell.length_c   756.784
_cell.angle_alpha   90.00
_cell.angle_beta   90.00
_cell.angle_gamma   90.00
#
_symmetry.space_group_name_H-M   'P 43 21 2'
#
loop_
_entity.id
_entity.type
_entity.pdbx_description
1 polymer 'Fatty acid synthase subunit alpha'
2 polymer 'Fatty acid synthase subunit beta'
3 non-polymer '(2S, 3R)-3-HYDROXY-4-OXO-7,10-TRANS,TRANS-DODECADIENAMIDE'
4 non-polymer 'FLAVIN MONONUCLEOTIDE'
#
loop_
_entity_poly.entity_id
_entity_poly.type
_entity_poly.pdbx_seq_one_letter_code
_entity_poly.pdbx_strand_id
1 'polypeptide(L)'
;MKPEVEQELAHILLTELLAYQFASPVRWIETQDVFLKDFNTERVVEIGPSPTLAGMAQRTLKNKYESYDAALSLHREILC
YSKDAKEIYYTPDPSELAAKEEPAKEEAPAPTPAASAPAPAAAAPAPVAAAAPAAAAAEIADEPVKASLLLHVLVAHKLK
KSLDSIPMSKTIKDLVGGKSTVQNEILGDLGKEFGTTPEKPEETPLEELAETFQDTFSGALGKQSSSLLSRLISSKMPGG
FTITVARKYLQTRWGLPSGRQDGVLLVALSNEPAARLGSEADAKAFLDSMAQKYASIVGVDLSSAASASGAAGAGAAAGA
AMIDAGALEEITKDHKVLARQQLQVLARYLKMDLDNGERKFLKEKDTVAELQAQLDYLNAELGEFFVNGVATSFSRKKAR
TFDSSWNWAKQSLLSLYFEIIHGVLKNVDREVVSEAINIMNRSNDALIKFMEYHISNTDETKGENYQLVKTLGEQLIENC
KQVLDVDPVYKDVAKPTGPKTAIDKNGNITYSEEPREKVRKLSQYVQEMALGGPITKESQPTIEEDLTRVYKAISAQADK
QDISSSTRVEFEKLYSDLMKFLESSKEIDPSQTTQLAGMDVEDALDKDSTKEVASLPNKSTISKTVSSTIPRETIPFLHL
RKKTPAGDWKYDRQLSSLFLDGLEKAAFNGVTFKDKYVLITGAGKGSIGAEVLQGLLQGGAKVVVTTSRFSKQVTDYYQS
IYAKYGAKGSTLIVVPFNQGSKQDVEALIEFIYDTEKNGGLGWDLDAIIPFAAIPEQGIELEHIDSKSEFAHRIMLTNIL
RMMGCVKKQKSARGIETRPAQVILPMSPNHGTFGGDGMYSESKLSLETLFNRWHSESWANQLTVCGAIIGWTRGTGLMSA
NNIIAEGIEKMGVRTFSQKEMAFNLLGLLTPEVVELCQKSPVMADLNGGLQFVPELKEFTAKLRKELVETSEVRKAVSIE
TALEHKVVNGNSADAAYAQVEIQPRANIQLDFPELKPYKQVKQIAPAELEGLLDLERVIVVTGFAEVGPWGSARTRWEME
AFGEFSLEGCVEMAWIMGFISYHNGNLKGRPYTGWVDSKTKEPVDDKDVKAKYETSILEHSGIRLIEPELFNGYNPEKKE
MIQEVIVEEDLEPFEASKETAEQFKHQHGDKVDIFEIPETGEYSVKLLKGATLYIPKALRFDRLVAGQIPTGWNAKTYGI
SDDIISQVDPITLFVLVSVVEAFIASGITDPYEMYKYVHVSEVGNCSGSGMGGVSALRGMFKDRFKDEPVQNDILQESFI
NTMSAWVNMLLISSSGPIKTPVGACATSVESVDIGVETILSGKARICIVGGYDDFQEEGSFEFGNMKATSNTLEEFEHGR
TPAEMSRPATTTRNGFMEAQGAGIQIIMQADLALKMGVPIYGIVAMAATATDKIGRSVPAPGKGILTTAREHHSSVKYAS
PNLNMKYRKRQLVTREAQIKDWVENELEALKLEAEEIPSEDQNEFLLERTREIHNEAESQLRAAQQQWGNDFYKRDPRIA
PLRGALATYGLTIDDLGVASFHGTSTKANDKNESATINEMMKHLGRSEGNPVIGVFQKFLTGHPKGAAGAWMMNGALQIL
NSGIIPGNRNADNVDKILEQFEYVLYPSKTLKTDGVRAVSITSFGFGQKGGQAIVVHPDYLYGAITEDRYNEYVAKVSAR
EKSAYKFFHNGMIYNKLFVSKEHAPYTDELEEDVYLDPLARVSKDKKSGSLTFNSKNIQSKDSYINANTIETAKMIENMT
KEKVSNGGVGVDVELITSINVENDTFIERNFTPQEIEYCSAQPSVQSSFAGTWSAKEAVFKSLGVKSLGGGAALKDIEIV
RVNKNAPAVELHGNAKKAAEEAGVTDVKVSISHDDLQAVAVAVSTKK
;
A,B,C
2 'polypeptide(L)'
;MDAYSTRPLTLSHGSLEHVLLVPTASFFIASQLQEQFNKILPEPTEGFAADDEPTTPAELVGKFLGYVSSLVEPSKVGQF
DQVLNLCLTEFENCYLEGNDIHALAAKLLQENDTTLVKTKELIKNYITARIMAKRPFDKKSNSALFRAVGEGNAQLVAIF
GGQGNTDDYFEELRDLYQTYHVLVGDLIKFSAETLSELIRTTLDAEKVFTQGLNILEWLENPSNTPDKDYLLSIPISCPL
IGVIQLAHYVVTAKLLGFTPGELRSYLKGATGHSQGLVTAVAIAETDSWESFFVSVRKAITVLFFIGVRCYEAYPNTSLP
PSILEDSLENNEGVPSPMLSISNLTQEQVQDYVNKTNSHLPAGKQVEISLVNGAKNLVVSGPPQSLYGLNLTLRKAKAPS
GLDQSRIPFSERKLKFSNRFLPVASPFHSHLLVPASDLINKDLVKNNVSFNAKDIQIPVYDTFDGSDLRVLSGSISERIV
DCIIRLPVKWETTTQFKATHILDFGPGGASGLGVLTHRNKDGTGVRVIVAGTLDINPDDDYGFKQEIFDVTSNGLKKNPN
WLEEYHPKLIKNKSGKIFVETKFSKLIGRPPLLVPGMTPCTVSPDFVAATTNAGYTIELAGGGYFSAAGMTAAIDSVVSQ
IEKGSTFGINLIYVNPFMLQWGIPLIKELRSKGYPIQFLTIGAGVPSLEVASEYIETLGLKYLGLKPGSIDAISQVINIA
KAHPNFPIALQWTGGRGGGHHSFEDAHTPMLQMYSKIRRHPNIMLIFGSGFGSADDTYPYLTGEWSTKFDYPPMPFDGFL
FGSRVMIAKEVKTSPDAKKCIAACTGVPDDKWEQTYKKPTGGIVTVRSEMGEPIHKIATRGVMLWKEFDETIFNLPKNKL
VPTLEAKRDYIISRLNADFQKPWFATVNGQARDLATMTYEEVAKRLVELMFIRSTNSWFDVTWRTFTGDFLRRVEERFTK
SKTLSLIQSYSLLDKPDEAIEKVFNAYPAAREQFLNAQDIDHFLSMCQNPMQKPVPFVPVLDRRFEIFFKKDSLWQSEHL
EAVVDQDVQRTCILHGPVAAQFTKVIDEPIKSIMDGIHDGHIKKLLHQYYGDDESKIPAVEYFGGESPVDVQSQVDSSSV
SEDSAVFKATSSTDEESWFKALAGSEINWRHASFLCSFITQDKMFVSNPIRKVFKPSQGMVVEISNGNTSSKTVVTLSEP
VQGELKPTVILKLLKENIIQMEMIENRTMDGKPVSLPLLYNFNPDNGFAPISEVMEDRNQRIKEMYWKLWIDEPFNLDFD
PRDVIKGKDFEITAKEVYDFTHAVGNNCEDFVSRPDRTMLAPMDFAIVVGWRAIIKAIFPNTVDGDLLKLVHLSNGYKMI
PGAKPLQVGDVVSTTAVIESVVNQPTGKIVDVVGTLSRNGKPVMEVTSSFFYRGNYTDFENTFQKTVEPVYQMHIKTSKD
IAVLRSKEWFQLDDEDFDLLNKTLTFETETEVTFKNANIFSSVKCFGPIKVELPTKETVEIGIVDYEAGASHGNPVVDFL
KRNGSTLEQKVNLENPIPIAVLDSYTPSTNEPYARVSGDLNPIHVSRHFASYANLPGTITHGMFSSASVRALIENWAADS
VSSRVRGYTCQFVDMVLPNTALKTSIQHVGMINGRKLIKFETRNEDDVVVLTGEAEIEQPVTTFVFTGQGSQEQGMGMDL
YKTSKAAQDVWNRADNHFKDTYGFSILDIVINNPVNLTIHFGGEKGKRIRENYSAMIFETIVDGKLKTEKIFKEINEHST
SYTFRSEKGLLSATQFTQPALTLMEKAAFEDLKSKGLIPADATFAGHSLGEYAALASLADVMSIESLVEVVFYRGMTMQV
AVPRDELGRSNYGMIAINPGRVAASFSQEALQYVVERVGKRTGWLVEIVNYNVENQQYVAAGDLRALDTVTNVLNFIKLQ
KIDIIELQKSLSLEEVEGHLFEIIDEASKKSAVKPRPLKLERGFACIPLVGISVPFHSTYLMNGVKPFKSFLKKNIIKEN
VKVARLAGKYIPNLTAKPFQVTKEYFQDVYDLTGSEPIKEIIDNWEKYEQS
;
G,H,I
#
loop_
_chem_comp.id
_chem_comp.type
_chem_comp.name
_chem_comp.formula
CER non-polymer '(2S, 3R)-3-HYDROXY-4-OXO-7,10-TRANS,TRANS-DODECADIENAMIDE' 'C12 H19 N O3'
FMN non-polymer 'FLAVIN MONONUCLEOTIDE' 'C17 H21 N4 O9 P'
#
# COMPACT_ATOMS: atom_id res chain seq x y z
N MET A 1 49.59 -46.28 -81.77
CA MET A 1 48.69 -45.81 -82.81
C MET A 1 48.72 -44.29 -82.89
N LYS A 2 48.61 -43.76 -84.10
CA LYS A 2 48.67 -42.32 -84.30
C LYS A 2 47.40 -41.64 -83.77
N PRO A 3 47.57 -40.61 -82.92
CA PRO A 3 46.49 -39.83 -82.31
C PRO A 3 45.34 -39.48 -83.27
N GLU A 4 45.65 -38.89 -84.42
CA GLU A 4 44.62 -38.49 -85.40
C GLU A 4 43.88 -39.72 -85.88
N VAL A 5 44.64 -40.80 -86.09
CA VAL A 5 44.09 -42.09 -86.49
C VAL A 5 43.14 -42.65 -85.44
N GLU A 6 43.55 -42.59 -84.18
CA GLU A 6 42.70 -43.05 -83.08
C GLU A 6 41.36 -42.34 -83.09
N GLN A 7 41.40 -41.01 -83.13
CA GLN A 7 40.19 -40.20 -83.30
C GLN A 7 39.30 -40.76 -84.40
N GLU A 8 39.79 -40.66 -85.63
CA GLU A 8 39.05 -41.10 -86.82
C GLU A 8 38.33 -42.42 -86.59
N LEU A 9 39.04 -43.38 -86.01
CA LEU A 9 38.49 -44.69 -85.69
C LEU A 9 37.45 -44.63 -84.58
N ALA A 10 37.89 -44.14 -83.42
CA ALA A 10 37.05 -44.02 -82.24
C ALA A 10 35.79 -43.28 -82.59
N HIS A 11 35.90 -42.31 -83.49
CA HIS A 11 34.75 -41.57 -83.98
C HIS A 11 33.71 -42.52 -84.58
N ILE A 12 34.09 -43.22 -85.64
CA ILE A 12 33.13 -44.06 -86.35
C ILE A 12 32.57 -45.17 -85.46
N LEU A 13 33.39 -45.69 -84.54
CA LEU A 13 32.90 -46.64 -83.54
C LEU A 13 31.76 -46.01 -82.71
N LEU A 14 31.96 -44.76 -82.31
CA LEU A 14 31.00 -44.04 -81.48
C LEU A 14 29.70 -43.87 -82.24
N THR A 15 29.81 -43.48 -83.50
CA THR A 15 28.63 -43.26 -84.33
C THR A 15 27.93 -44.57 -84.67
N GLU A 16 28.71 -45.64 -84.80
CA GLU A 16 28.15 -46.97 -85.03
C GLU A 16 27.28 -47.36 -83.84
N LEU A 17 27.89 -47.34 -82.66
CA LEU A 17 27.19 -47.69 -81.41
C LEU A 17 25.85 -46.96 -81.27
N LEU A 18 25.82 -45.69 -81.68
CA LEU A 18 24.62 -44.86 -81.53
C LEU A 18 23.55 -45.18 -82.58
N ALA A 19 24.00 -45.41 -83.81
CA ALA A 19 23.11 -45.74 -84.91
C ALA A 19 22.35 -47.03 -84.61
N TYR A 20 23.10 -48.11 -84.40
CA TYR A 20 22.54 -49.44 -84.17
C TYR A 20 21.89 -49.66 -82.80
N GLN A 21 22.15 -48.76 -81.87
CA GLN A 21 21.53 -48.82 -80.54
C GLN A 21 20.02 -48.86 -80.73
N PHE A 22 19.60 -48.25 -81.84
CA PHE A 22 18.21 -48.17 -82.26
C PHE A 22 17.49 -49.51 -82.28
N ALA A 23 18.18 -50.54 -82.76
CA ALA A 23 17.61 -51.87 -82.94
C ALA A 23 17.95 -52.81 -81.78
N SER A 24 19.24 -53.06 -81.58
CA SER A 24 19.68 -53.89 -80.45
C SER A 24 18.98 -53.49 -79.13
N PRO A 25 18.84 -54.44 -78.20
CA PRO A 25 18.17 -54.15 -76.92
C PRO A 25 19.07 -53.43 -75.93
N VAL A 26 18.47 -52.93 -74.85
CA VAL A 26 19.19 -52.19 -73.83
C VAL A 26 19.69 -53.14 -72.74
N ARG A 27 20.99 -53.42 -72.75
CA ARG A 27 21.61 -54.31 -71.76
C ARG A 27 21.93 -53.61 -70.43
N TRP A 28 20.90 -53.14 -69.73
CA TRP A 28 21.11 -52.31 -68.56
C TRP A 28 21.56 -53.14 -67.36
N ILE A 29 21.11 -54.40 -67.31
CA ILE A 29 21.48 -55.30 -66.22
C ILE A 29 22.98 -55.55 -66.28
N GLU A 30 23.48 -55.83 -67.47
CA GLU A 30 24.92 -56.02 -67.68
C GLU A 30 25.69 -54.72 -67.36
N THR A 31 25.10 -53.59 -67.76
CA THR A 31 25.72 -52.29 -67.55
C THR A 31 25.88 -52.00 -66.07
N GLN A 32 24.77 -52.09 -65.32
CA GLN A 32 24.81 -51.82 -63.89
C GLN A 32 25.89 -52.66 -63.23
N ASP A 33 26.03 -53.90 -63.68
CA ASP A 33 27.02 -54.82 -63.12
C ASP A 33 28.45 -54.34 -63.44
N VAL A 34 28.64 -53.68 -64.58
CA VAL A 34 29.94 -53.12 -64.92
C VAL A 34 30.39 -52.05 -63.92
N PHE A 35 29.54 -51.08 -63.67
CA PHE A 35 29.95 -50.00 -62.77
C PHE A 35 29.76 -50.33 -61.28
N LEU A 36 28.82 -51.22 -60.98
CA LEU A 36 28.60 -51.64 -59.60
C LEU A 36 29.70 -52.56 -59.08
N LYS A 37 30.18 -53.47 -59.93
CA LYS A 37 31.13 -54.51 -59.49
C LYS A 37 32.53 -54.37 -60.06
N ASP A 38 32.63 -54.14 -61.37
CA ASP A 38 33.94 -53.94 -62.00
C ASP A 38 34.60 -52.63 -61.55
N PHE A 39 33.78 -51.59 -61.41
CA PHE A 39 34.26 -50.28 -61.01
C PHE A 39 34.12 -50.02 -59.51
N ASN A 40 33.16 -50.70 -58.89
CA ASN A 40 32.88 -50.53 -57.47
C ASN A 40 32.54 -49.09 -57.13
N THR A 41 31.58 -48.54 -57.84
CA THR A 41 31.14 -47.18 -57.60
C THR A 41 30.57 -47.05 -56.19
N GLU A 42 30.92 -45.97 -55.51
CA GLU A 42 30.35 -45.70 -54.20
C GLU A 42 29.31 -44.57 -54.32
N ARG A 43 29.48 -43.72 -55.34
CA ARG A 43 28.47 -42.71 -55.64
C ARG A 43 27.96 -42.85 -57.06
N VAL A 44 26.82 -43.51 -57.21
CA VAL A 44 26.12 -43.54 -58.49
C VAL A 44 25.05 -42.45 -58.49
N VAL A 45 25.20 -41.48 -59.39
CA VAL A 45 24.30 -40.35 -59.45
C VAL A 45 23.44 -40.41 -60.71
N GLU A 46 22.12 -40.31 -60.51
CA GLU A 46 21.19 -40.30 -61.62
C GLU A 46 20.80 -38.89 -61.97
N ILE A 47 20.98 -38.57 -63.25
CA ILE A 47 20.62 -37.26 -63.73
C ILE A 47 19.37 -37.37 -64.57
N GLY A 48 18.22 -37.15 -63.94
CA GLY A 48 16.95 -37.18 -64.62
C GLY A 48 15.86 -36.53 -63.79
N PRO A 49 14.66 -36.41 -64.38
CA PRO A 49 13.46 -35.81 -63.77
C PRO A 49 13.04 -36.51 -62.47
N SER A 50 12.97 -37.84 -62.49
CA SER A 50 12.60 -38.61 -61.32
C SER A 50 13.59 -39.78 -61.16
N PRO A 51 13.50 -40.54 -60.04
CA PRO A 51 14.52 -41.49 -59.57
C PRO A 51 14.40 -42.90 -60.12
N THR A 52 14.07 -43.03 -61.38
CA THR A 52 13.73 -44.33 -61.95
C THR A 52 14.91 -45.28 -62.10
N LEU A 53 16.00 -44.82 -62.70
CA LEU A 53 17.22 -45.63 -62.88
C LEU A 53 17.94 -45.88 -61.57
N ALA A 54 17.53 -45.12 -60.55
CA ALA A 54 18.13 -45.21 -59.23
C ALA A 54 17.57 -46.43 -58.50
N GLY A 55 16.25 -46.44 -58.33
CA GLY A 55 15.57 -47.56 -57.72
C GLY A 55 15.82 -48.83 -58.51
N MET A 56 16.20 -48.65 -59.76
CA MET A 56 16.65 -49.76 -60.57
C MET A 56 17.98 -50.26 -59.99
N ALA A 57 18.99 -49.39 -59.95
CA ALA A 57 20.29 -49.74 -59.36
C ALA A 57 20.22 -50.12 -57.87
N GLN A 58 19.15 -49.71 -57.19
CA GLN A 58 18.96 -50.06 -55.76
C GLN A 58 18.50 -51.50 -55.59
N ARG A 59 17.46 -51.86 -56.34
CA ARG A 59 16.98 -53.24 -56.37
C ARG A 59 18.13 -54.17 -56.75
N THR A 60 18.84 -53.84 -57.83
CA THR A 60 20.02 -54.60 -58.26
C THR A 60 21.01 -54.86 -57.13
N LEU A 61 21.22 -53.88 -56.27
CA LEU A 61 22.14 -54.05 -55.17
C LEU A 61 21.61 -55.06 -54.16
N LYS A 62 20.34 -54.94 -53.77
CA LYS A 62 19.74 -55.87 -52.82
C LYS A 62 19.68 -57.28 -53.39
N ASN A 63 19.39 -57.37 -54.69
CA ASN A 63 19.23 -58.65 -55.37
C ASN A 63 20.52 -59.42 -55.61
N LYS A 64 21.66 -58.73 -55.62
CA LYS A 64 22.90 -59.37 -56.08
C LYS A 64 24.15 -58.99 -55.28
N TYR A 65 24.17 -57.76 -54.77
CA TYR A 65 25.38 -57.26 -54.12
C TYR A 65 25.27 -57.31 -52.60
N GLU A 66 24.20 -57.96 -52.14
CA GLU A 66 23.93 -58.16 -50.72
C GLU A 66 25.23 -58.48 -49.94
N SER A 67 25.92 -59.53 -50.40
CA SER A 67 27.08 -60.08 -49.70
C SER A 67 28.40 -59.38 -50.07
N TYR A 68 28.61 -59.16 -51.36
CA TYR A 68 29.79 -58.45 -51.90
C TYR A 68 30.05 -57.17 -51.13
N ASP A 69 29.02 -56.35 -51.03
CA ASP A 69 29.09 -55.08 -50.33
C ASP A 69 29.54 -55.28 -48.89
N ALA A 70 28.85 -56.16 -48.17
CA ALA A 70 29.13 -56.42 -46.76
C ALA A 70 30.62 -56.71 -46.52
N ALA A 71 31.12 -57.79 -47.13
CA ALA A 71 32.49 -58.24 -46.93
C ALA A 71 33.52 -57.17 -47.30
N LEU A 72 33.43 -56.64 -48.52
CA LEU A 72 34.35 -55.63 -49.00
C LEU A 72 34.16 -54.27 -48.33
N SER A 73 33.27 -54.22 -47.34
CA SER A 73 33.05 -53.01 -46.56
C SER A 73 32.96 -51.77 -47.45
N LEU A 74 32.21 -51.85 -48.54
CA LEU A 74 32.01 -50.67 -49.37
C LEU A 74 30.63 -50.06 -49.16
N HIS A 75 30.61 -48.82 -48.69
CA HIS A 75 29.37 -48.08 -48.55
C HIS A 75 29.05 -47.45 -49.90
N ARG A 76 27.91 -47.86 -50.46
CA ARG A 76 27.43 -47.32 -51.72
C ARG A 76 26.33 -46.28 -51.47
N GLU A 77 26.32 -45.24 -52.29
CA GLU A 77 25.39 -44.14 -52.13
C GLU A 77 24.72 -43.85 -53.48
N ILE A 78 23.39 -43.96 -53.49
CA ILE A 78 22.65 -43.81 -54.74
C ILE A 78 21.78 -42.56 -54.74
N LEU A 79 22.14 -41.64 -55.63
CA LEU A 79 21.59 -40.29 -55.62
C LEU A 79 20.91 -39.86 -56.93
N CYS A 80 19.72 -39.29 -56.80
CA CYS A 80 19.01 -38.76 -57.95
C CYS A 80 19.02 -37.23 -57.93
N TYR A 81 19.42 -36.62 -59.05
CA TYR A 81 19.45 -35.16 -59.14
C TYR A 81 18.08 -34.62 -58.74
N SER A 82 17.04 -35.34 -59.15
CA SER A 82 15.66 -34.97 -58.84
C SER A 82 15.42 -34.66 -57.36
N LYS A 83 15.76 -35.60 -56.50
CA LYS A 83 15.32 -35.55 -55.11
C LYS A 83 16.45 -35.36 -54.09
N ASP A 84 17.68 -35.59 -54.52
CA ASP A 84 18.83 -35.59 -53.60
C ASP A 84 19.80 -34.45 -53.92
N ALA A 85 19.25 -33.24 -53.98
CA ALA A 85 20.05 -32.06 -54.26
C ALA A 85 21.12 -31.86 -53.19
N LYS A 86 20.67 -31.80 -51.94
CA LYS A 86 21.53 -31.62 -50.77
C LYS A 86 22.81 -32.45 -50.84
N GLU A 87 22.66 -33.72 -51.21
CA GLU A 87 23.76 -34.67 -51.12
C GLU A 87 24.73 -34.57 -52.29
N ILE A 88 24.24 -34.04 -53.40
CA ILE A 88 25.03 -33.95 -54.61
C ILE A 88 25.88 -32.67 -54.62
N TYR A 89 25.25 -31.57 -54.19
CA TYR A 89 25.88 -30.25 -54.17
C TYR A 89 26.63 -29.96 -52.87
N TYR A 90 26.63 -30.92 -51.96
CA TYR A 90 27.31 -30.80 -50.67
C TYR A 90 26.86 -29.60 -49.87
N THR A 91 25.56 -29.47 -49.67
CA THR A 91 24.99 -28.34 -48.96
C THR A 91 23.86 -28.81 -48.05
N PRO A 92 24.19 -29.03 -46.77
CA PRO A 92 23.30 -29.71 -45.82
C PRO A 92 22.55 -28.75 -44.91
N ASP A 93 21.82 -29.30 -43.94
CA ASP A 93 21.23 -28.50 -42.88
C ASP A 93 22.16 -28.59 -41.68
N PRO A 94 22.06 -27.62 -40.76
CA PRO A 94 22.88 -27.49 -39.55
C PRO A 94 23.94 -28.59 -39.34
N ILE A 140 -7.23 -4.16 -26.03
CA ILE A 140 -6.84 -5.46 -26.57
C ILE A 140 -6.20 -5.32 -27.95
N ALA A 141 -5.22 -6.18 -28.26
CA ALA A 141 -4.55 -6.17 -29.56
C ALA A 141 -5.53 -6.37 -30.72
N ASP A 142 -5.79 -5.37 -31.55
CA ASP A 142 -6.81 -5.43 -32.63
C ASP A 142 -6.45 -6.38 -33.78
N GLU A 143 -7.23 -7.44 -33.93
CA GLU A 143 -7.03 -8.42 -35.02
C GLU A 143 -8.06 -8.27 -36.14
N PRO A 144 -7.63 -8.43 -37.40
CA PRO A 144 -8.60 -8.48 -38.51
C PRO A 144 -9.44 -9.76 -38.40
N VAL A 145 -10.46 -9.90 -39.24
CA VAL A 145 -11.23 -11.14 -39.31
C VAL A 145 -10.53 -12.15 -40.22
N LYS A 146 -10.49 -13.42 -39.81
CA LYS A 146 -9.85 -14.45 -40.63
C LYS A 146 -10.82 -15.08 -41.63
N ALA A 147 -10.31 -15.56 -42.77
CA ALA A 147 -11.16 -16.11 -43.84
C ALA A 147 -11.87 -17.41 -43.43
N SER A 148 -11.30 -18.11 -42.44
CA SER A 148 -11.93 -19.31 -41.88
C SER A 148 -13.23 -18.99 -41.14
N LEU A 149 -13.20 -17.98 -40.26
CA LEU A 149 -14.35 -17.58 -39.43
C LEU A 149 -15.49 -16.96 -40.26
N LEU A 150 -15.15 -16.35 -41.38
CA LEU A 150 -16.10 -15.68 -42.24
C LEU A 150 -16.76 -16.66 -43.22
N LEU A 151 -15.96 -17.58 -43.74
CA LEU A 151 -16.47 -18.62 -44.65
C LEU A 151 -17.31 -19.66 -43.90
N HIS A 152 -17.00 -19.84 -42.61
CA HIS A 152 -17.68 -20.83 -41.77
C HIS A 152 -19.04 -20.32 -41.33
N VAL A 153 -19.07 -19.10 -40.79
CA VAL A 153 -20.31 -18.46 -40.36
C VAL A 153 -21.34 -18.34 -41.50
N LEU A 154 -20.87 -18.11 -42.73
CA LEU A 154 -21.73 -17.97 -43.92
C LEU A 154 -22.30 -19.29 -44.45
N VAL A 155 -21.49 -20.33 -44.43
CA VAL A 155 -21.91 -21.67 -44.89
C VAL A 155 -22.72 -22.42 -43.82
N ALA A 156 -22.47 -22.11 -42.54
CA ALA A 156 -23.24 -22.68 -41.44
C ALA A 156 -24.60 -22.00 -41.31
N HIS A 157 -24.69 -20.77 -41.82
CA HIS A 157 -25.92 -19.97 -41.81
C HIS A 157 -26.91 -20.41 -42.90
N LYS A 158 -26.42 -20.55 -44.14
CA LYS A 158 -27.25 -21.01 -45.26
C LYS A 158 -27.74 -22.46 -45.06
N LEU A 159 -27.11 -23.19 -44.14
CA LEU A 159 -27.49 -24.57 -43.86
C LEU A 159 -28.26 -24.69 -42.54
N LYS A 160 -28.20 -23.64 -41.73
CA LYS A 160 -28.95 -23.55 -40.46
C LYS A 160 -28.50 -24.55 -39.38
N LYS A 161 -27.22 -24.91 -39.39
CA LYS A 161 -26.65 -25.79 -38.36
C LYS A 161 -25.36 -25.22 -37.78
N SER A 162 -25.20 -25.32 -36.45
CA SER A 162 -24.10 -24.67 -35.74
C SER A 162 -22.77 -24.95 -36.45
N LEU A 163 -21.79 -24.08 -36.24
CA LEU A 163 -20.50 -24.25 -36.91
C LEU A 163 -19.63 -25.40 -36.33
N ASP A 164 -20.21 -26.15 -35.40
CA ASP A 164 -19.61 -27.41 -34.93
C ASP A 164 -20.10 -28.57 -35.80
N SER A 165 -21.37 -28.51 -36.21
CA SER A 165 -21.97 -29.49 -37.15
C SER A 165 -21.24 -29.48 -38.49
N ILE A 166 -20.57 -28.39 -38.78
CA ILE A 166 -19.86 -28.24 -40.04
C ILE A 166 -18.35 -28.34 -39.86
N PRO A 167 -17.76 -29.42 -40.40
CA PRO A 167 -16.31 -29.55 -40.50
C PRO A 167 -15.84 -28.84 -41.76
N MET A 168 -14.84 -27.96 -41.65
CA MET A 168 -14.28 -27.34 -42.84
C MET A 168 -13.51 -28.39 -43.64
N SER A 169 -13.44 -29.59 -43.08
CA SER A 169 -12.84 -30.75 -43.73
C SER A 169 -13.67 -31.14 -44.96
N LYS A 170 -14.99 -31.15 -44.78
CA LYS A 170 -15.93 -31.51 -45.83
C LYS A 170 -15.92 -30.56 -47.03
N THR A 171 -16.80 -30.85 -47.97
CA THR A 171 -16.93 -30.05 -49.18
C THR A 171 -18.36 -29.50 -49.24
N ILE A 172 -18.59 -28.49 -50.08
CA ILE A 172 -19.94 -27.90 -50.23
C ILE A 172 -20.95 -28.88 -50.84
N LYS A 173 -20.45 -29.85 -51.60
CA LYS A 173 -21.31 -30.85 -52.22
C LYS A 173 -21.86 -31.83 -51.18
N ASP A 174 -21.03 -32.17 -50.18
CA ASP A 174 -21.41 -33.06 -49.08
C ASP A 174 -22.25 -32.40 -48.00
N LEU A 175 -22.00 -31.11 -47.76
CA LEU A 175 -22.70 -30.36 -46.73
C LEU A 175 -24.16 -30.10 -47.14
N VAL A 176 -24.41 -30.12 -48.44
CA VAL A 176 -25.74 -29.89 -49.01
C VAL A 176 -26.55 -31.18 -49.04
N GLY A 177 -25.93 -32.25 -49.53
CA GLY A 177 -26.55 -33.56 -49.64
C GLY A 177 -27.00 -33.87 -51.06
N GLY A 178 -27.69 -32.92 -51.67
CA GLY A 178 -28.19 -33.07 -53.01
C GLY A 178 -28.89 -31.81 -53.47
N LYS A 179 -29.55 -30.98 -52.67
CA LYS A 179 -30.29 -29.74 -52.93
C LYS A 179 -29.43 -28.68 -53.60
N SER A 180 -29.53 -28.61 -54.96
CA SER A 180 -28.62 -27.76 -55.72
C SER A 180 -29.10 -26.31 -55.73
N THR A 181 -30.28 -26.01 -55.20
CA THR A 181 -30.70 -24.64 -54.99
C THR A 181 -29.77 -24.03 -53.93
N VAL A 182 -29.50 -24.96 -52.80
CA VAL A 182 -28.66 -24.52 -51.68
C VAL A 182 -27.15 -24.56 -51.97
N GLN A 183 -26.78 -25.27 -53.03
CA GLN A 183 -25.41 -25.23 -53.54
C GLN A 183 -25.24 -23.96 -54.36
N ASN A 184 -26.28 -23.61 -55.12
CA ASN A 184 -26.32 -22.37 -55.92
C ASN A 184 -26.36 -21.10 -55.06
N GLU A 185 -26.89 -21.23 -53.84
CA GLU A 185 -27.00 -20.11 -52.90
C GLU A 185 -25.67 -19.87 -52.18
N ILE A 186 -25.07 -20.94 -51.65
CA ILE A 186 -23.76 -20.82 -51.00
C ILE A 186 -22.71 -20.33 -51.98
N LEU A 187 -22.85 -20.72 -53.26
CA LEU A 187 -21.91 -20.30 -54.32
C LEU A 187 -22.00 -18.81 -54.64
N GLY A 188 -23.22 -18.32 -54.84
CA GLY A 188 -23.46 -16.92 -55.18
C GLY A 188 -23.27 -15.96 -54.03
N ASP A 189 -23.46 -16.45 -52.80
CA ASP A 189 -23.26 -15.68 -51.58
C ASP A 189 -21.77 -15.39 -51.36
N LEU A 190 -20.91 -16.38 -51.61
CA LEU A 190 -19.46 -16.22 -51.48
C LEU A 190 -18.88 -15.29 -52.54
N GLY A 191 -19.62 -15.10 -53.64
CA GLY A 191 -19.22 -14.17 -54.69
C GLY A 191 -19.35 -12.73 -54.23
N LYS A 192 -20.51 -12.39 -53.66
CA LYS A 192 -20.74 -11.05 -53.10
C LYS A 192 -19.83 -10.73 -51.93
N GLU A 193 -19.25 -11.77 -51.35
CA GLU A 193 -18.46 -11.67 -50.12
C GLU A 193 -16.95 -11.46 -50.37
N PHE A 194 -16.34 -12.39 -51.12
CA PHE A 194 -14.89 -12.34 -51.34
C PHE A 194 -14.53 -11.81 -52.74
N GLY A 195 -15.43 -11.98 -53.70
CA GLY A 195 -15.22 -11.47 -55.05
C GLY A 195 -14.58 -12.44 -56.02
N THR A 196 -13.55 -13.15 -55.56
CA THR A 196 -12.76 -14.05 -56.39
C THR A 196 -13.28 -15.49 -56.33
N THR A 197 -13.94 -15.93 -57.39
CA THR A 197 -14.44 -17.30 -57.45
C THR A 197 -13.34 -18.28 -57.87
N PRO A 198 -12.89 -19.15 -56.95
CA PRO A 198 -11.98 -20.24 -57.35
C PRO A 198 -12.66 -21.12 -58.40
N GLU A 199 -11.93 -22.02 -59.04
CA GLU A 199 -12.49 -22.73 -60.19
C GLU A 199 -13.41 -23.92 -59.88
N LYS A 200 -13.28 -24.50 -58.70
CA LYS A 200 -14.21 -25.55 -58.28
C LYS A 200 -14.73 -25.22 -56.90
N PRO A 201 -15.67 -24.26 -56.81
CA PRO A 201 -16.17 -23.89 -55.49
C PRO A 201 -16.88 -25.07 -54.83
N GLU A 202 -17.62 -25.84 -55.64
CA GLU A 202 -18.48 -26.93 -55.16
C GLU A 202 -17.72 -28.17 -54.72
N GLU A 203 -16.43 -28.24 -55.05
CA GLU A 203 -15.60 -29.41 -54.77
C GLU A 203 -14.42 -29.12 -53.83
N THR A 204 -13.68 -28.04 -54.11
CA THR A 204 -12.60 -27.60 -53.24
C THR A 204 -13.11 -27.42 -51.81
N PRO A 205 -12.59 -28.24 -50.87
CA PRO A 205 -13.02 -28.30 -49.45
C PRO A 205 -12.81 -26.99 -48.69
N LEU A 206 -13.49 -26.84 -47.54
CA LEU A 206 -13.62 -25.54 -46.85
C LEU A 206 -12.34 -24.92 -46.27
N GLU A 207 -11.46 -25.75 -45.71
CA GLU A 207 -10.17 -25.27 -45.25
C GLU A 207 -9.34 -24.84 -46.45
N GLU A 208 -9.54 -25.53 -47.58
CA GLU A 208 -8.80 -25.28 -48.82
C GLU A 208 -9.35 -24.11 -49.64
N LEU A 209 -10.58 -23.70 -49.33
CA LEU A 209 -11.18 -22.50 -49.90
C LEU A 209 -10.84 -21.25 -49.08
N ALA A 210 -10.77 -21.43 -47.77
CA ALA A 210 -10.36 -20.36 -46.85
C ALA A 210 -8.91 -19.94 -47.10
N GLU A 211 -8.09 -20.87 -47.59
CA GLU A 211 -6.73 -20.58 -48.03
C GLU A 211 -6.69 -19.61 -49.20
N THR A 212 -7.41 -19.97 -50.26
CA THR A 212 -7.50 -19.16 -51.49
C THR A 212 -8.11 -17.76 -51.27
N PHE A 213 -9.09 -17.67 -50.37
CA PHE A 213 -9.80 -16.40 -50.08
C PHE A 213 -8.99 -15.47 -49.19
N GLN A 214 -8.11 -16.05 -48.37
CA GLN A 214 -7.30 -15.29 -47.42
C GLN A 214 -6.25 -14.43 -48.12
N ASP A 215 -5.73 -14.93 -49.23
CA ASP A 215 -4.73 -14.22 -50.02
C ASP A 215 -5.18 -12.82 -50.42
N THR A 216 -6.43 -12.72 -50.85
CA THR A 216 -6.93 -11.49 -51.46
C THR A 216 -7.76 -10.58 -50.55
N PHE A 217 -8.10 -11.08 -49.36
CA PHE A 217 -8.96 -10.35 -48.42
C PHE A 217 -8.23 -9.92 -47.13
N SER A 218 -8.64 -8.79 -46.56
CA SER A 218 -8.08 -8.27 -45.31
C SER A 218 -9.05 -7.37 -44.53
N GLY A 219 -9.53 -7.87 -43.38
CA GLY A 219 -10.39 -7.11 -42.49
C GLY A 219 -11.69 -6.63 -43.08
N ALA A 220 -11.98 -7.06 -44.32
CA ALA A 220 -13.21 -6.68 -44.99
C ALA A 220 -14.34 -7.55 -44.46
N LEU A 221 -15.33 -6.94 -43.82
CA LEU A 221 -16.50 -7.66 -43.33
C LEU A 221 -17.40 -8.14 -44.46
N GLY A 222 -17.16 -7.66 -45.68
CA GLY A 222 -17.82 -8.15 -46.86
C GLY A 222 -19.24 -7.64 -47.06
N LYS A 223 -19.70 -7.71 -48.29
CA LYS A 223 -21.01 -7.20 -48.66
C LYS A 223 -22.14 -8.08 -48.12
N GLN A 224 -22.03 -9.39 -48.33
CA GLN A 224 -23.03 -10.37 -47.91
C GLN A 224 -23.09 -10.59 -46.39
N SER A 225 -21.96 -10.41 -45.72
CA SER A 225 -21.91 -10.56 -44.28
C SER A 225 -22.37 -9.29 -43.57
N SER A 226 -22.10 -8.13 -44.18
CA SER A 226 -22.54 -6.84 -43.63
C SER A 226 -24.05 -6.67 -43.72
N SER A 227 -24.67 -7.39 -44.65
CA SER A 227 -26.11 -7.40 -44.77
C SER A 227 -26.71 -8.32 -43.71
N LEU A 228 -26.01 -9.42 -43.43
CA LEU A 228 -26.46 -10.43 -42.47
C LEU A 228 -26.36 -9.99 -41.00
N LEU A 229 -25.43 -9.09 -40.70
CA LEU A 229 -25.21 -8.64 -39.33
C LEU A 229 -26.15 -7.50 -38.95
N SER A 230 -26.53 -6.68 -39.93
CA SER A 230 -27.47 -5.59 -39.68
C SER A 230 -28.91 -6.10 -39.69
N ARG A 231 -29.10 -7.26 -40.33
CA ARG A 231 -30.38 -7.97 -40.29
C ARG A 231 -30.57 -8.69 -38.96
N LEU A 232 -29.48 -9.21 -38.42
CA LEU A 232 -29.46 -9.89 -37.12
C LEU A 232 -29.65 -8.89 -35.96
N ILE A 233 -29.11 -7.69 -36.15
CA ILE A 233 -29.23 -6.62 -35.18
C ILE A 233 -30.64 -5.99 -35.18
N SER A 234 -31.27 -5.97 -36.36
CA SER A 234 -32.56 -5.31 -36.53
C SER A 234 -33.77 -6.08 -35.99
N SER A 235 -33.78 -7.39 -36.22
CA SER A 235 -34.94 -8.19 -35.88
C SER A 235 -34.79 -8.91 -34.55
N LYS A 236 -33.55 -9.01 -34.06
CA LYS A 236 -33.27 -9.82 -32.88
C LYS A 236 -32.84 -9.02 -31.65
N MET A 237 -32.44 -7.77 -31.86
CA MET A 237 -31.96 -6.94 -30.76
C MET A 237 -33.11 -6.08 -30.24
N PRO A 238 -33.18 -5.90 -28.90
CA PRO A 238 -34.29 -5.20 -28.24
C PRO A 238 -34.39 -3.76 -28.71
N GLY A 239 -35.55 -3.13 -28.51
CA GLY A 239 -35.77 -1.77 -28.99
C GLY A 239 -34.63 -0.82 -28.67
N GLY A 240 -34.05 -0.21 -29.69
CA GLY A 240 -32.99 0.76 -29.51
C GLY A 240 -31.55 0.23 -29.57
N PHE A 241 -31.38 -1.07 -29.37
CA PHE A 241 -30.05 -1.69 -29.38
C PHE A 241 -29.49 -1.80 -30.81
N THR A 242 -28.69 -0.81 -31.20
CA THR A 242 -28.16 -0.76 -32.56
C THR A 242 -26.95 -1.68 -32.75
N ILE A 243 -26.45 -1.77 -33.97
CA ILE A 243 -25.16 -2.39 -34.23
C ILE A 243 -24.11 -1.43 -33.69
N THR A 244 -24.54 -0.17 -33.53
CA THR A 244 -23.74 0.89 -32.94
C THR A 244 -23.57 0.65 -31.45
N VAL A 245 -24.69 0.53 -30.75
CA VAL A 245 -24.68 0.30 -29.31
C VAL A 245 -24.03 -1.04 -28.94
N ALA A 246 -24.23 -2.05 -29.78
CA ALA A 246 -23.71 -3.39 -29.51
C ALA A 246 -22.19 -3.50 -29.57
N ARG A 247 -21.56 -2.56 -30.27
CA ARG A 247 -20.10 -2.51 -30.36
C ARG A 247 -19.50 -1.70 -29.22
N LYS A 248 -20.19 -0.62 -28.82
CA LYS A 248 -19.78 0.21 -27.68
C LYS A 248 -19.94 -0.53 -26.36
N TYR A 249 -20.73 -1.60 -26.38
CA TYR A 249 -20.81 -2.51 -25.23
C TYR A 249 -19.69 -3.55 -25.30
N LEU A 250 -19.49 -4.15 -26.48
CA LEU A 250 -18.41 -5.11 -26.70
C LEU A 250 -17.03 -4.53 -26.43
N GLN A 251 -16.92 -3.21 -26.50
CA GLN A 251 -15.65 -2.51 -26.32
C GLN A 251 -15.46 -1.98 -24.90
N THR A 252 -16.54 -1.44 -24.34
CA THR A 252 -16.56 -0.94 -22.96
C THR A 252 -16.37 -2.07 -21.95
N ARG A 253 -17.27 -3.05 -21.99
CA ARG A 253 -17.33 -4.08 -20.98
C ARG A 253 -16.50 -5.34 -21.30
N TRP A 254 -16.10 -5.49 -22.56
CA TRP A 254 -15.28 -6.65 -22.98
C TRP A 254 -14.03 -6.31 -23.80
N GLY A 255 -13.71 -5.01 -23.87
CA GLY A 255 -12.49 -4.51 -24.49
C GLY A 255 -12.15 -5.04 -25.87
N LEU A 256 -12.99 -4.74 -26.85
CA LEU A 256 -12.78 -5.25 -28.20
C LEU A 256 -12.66 -4.12 -29.22
N PRO A 257 -11.56 -4.13 -30.00
CA PRO A 257 -11.26 -3.15 -31.06
C PRO A 257 -12.04 -3.42 -32.34
N SER A 258 -11.75 -2.66 -33.38
CA SER A 258 -12.51 -2.72 -34.64
C SER A 258 -12.74 -4.13 -35.17
N GLY A 259 -11.67 -4.85 -35.51
CA GLY A 259 -11.76 -6.16 -36.13
C GLY A 259 -12.01 -7.33 -35.19
N ARG A 260 -11.86 -7.09 -33.88
CA ARG A 260 -12.11 -8.14 -32.88
C ARG A 260 -13.59 -8.22 -32.52
N GLN A 261 -14.28 -7.08 -32.59
CA GLN A 261 -15.73 -7.04 -32.38
C GLN A 261 -16.44 -7.49 -33.67
N ASP A 262 -15.69 -7.51 -34.78
CA ASP A 262 -16.15 -8.07 -36.05
C ASP A 262 -16.25 -9.59 -35.98
N GLY A 263 -15.42 -10.18 -35.13
CA GLY A 263 -15.46 -11.62 -34.92
C GLY A 263 -16.60 -12.00 -34.00
N VAL A 264 -16.87 -11.16 -33.00
CA VAL A 264 -17.95 -11.43 -32.03
C VAL A 264 -19.33 -11.29 -32.66
N LEU A 265 -19.45 -10.40 -33.64
CA LEU A 265 -20.69 -10.23 -34.39
C LEU A 265 -20.94 -11.39 -35.37
N LEU A 266 -19.87 -11.91 -35.94
CA LEU A 266 -19.94 -13.05 -36.86
C LEU A 266 -20.25 -14.37 -36.14
N VAL A 267 -19.82 -14.48 -34.88
CA VAL A 267 -20.14 -15.64 -34.06
C VAL A 267 -21.59 -15.56 -33.55
N ALA A 268 -22.08 -14.34 -33.33
CA ALA A 268 -23.48 -14.11 -32.94
C ALA A 268 -24.42 -14.31 -34.12
N LEU A 269 -23.89 -14.20 -35.33
CA LEU A 269 -24.69 -14.40 -36.54
C LEU A 269 -24.97 -15.88 -36.80
N SER A 270 -24.07 -16.75 -36.35
CA SER A 270 -24.27 -18.19 -36.47
C SER A 270 -25.13 -18.73 -35.33
N ASN A 271 -25.18 -17.98 -34.23
CA ASN A 271 -26.00 -18.33 -33.06
C ASN A 271 -27.21 -17.41 -32.86
N GLU A 272 -27.74 -16.86 -33.96
CA GLU A 272 -28.78 -15.84 -33.87
C GLU A 272 -30.05 -16.34 -33.19
N PRO A 273 -30.57 -15.55 -32.23
CA PRO A 273 -31.79 -15.90 -31.49
C PRO A 273 -32.97 -16.12 -32.44
N ALA A 274 -33.82 -17.12 -32.16
CA ALA A 274 -34.96 -17.36 -33.04
C ALA A 274 -36.14 -16.47 -32.66
N ALA A 275 -35.88 -15.52 -31.76
CA ALA A 275 -36.86 -14.52 -31.35
C ALA A 275 -36.10 -13.26 -30.93
N ARG A 276 -36.78 -12.11 -30.93
CA ARG A 276 -36.13 -10.89 -30.47
C ARG A 276 -35.97 -10.92 -28.95
N LEU A 277 -34.76 -10.59 -28.48
CA LEU A 277 -34.47 -10.48 -27.06
C LEU A 277 -35.29 -9.36 -26.42
N GLY A 278 -35.78 -9.59 -25.20
CA GLY A 278 -36.67 -8.64 -24.55
C GLY A 278 -35.95 -7.55 -23.76
N SER A 279 -35.23 -7.93 -22.72
CA SER A 279 -34.47 -6.97 -21.91
C SER A 279 -33.27 -6.46 -22.68
N GLU A 280 -32.86 -5.23 -22.37
CA GLU A 280 -31.58 -4.74 -22.86
C GLU A 280 -30.49 -5.49 -22.09
N ALA A 281 -30.86 -6.05 -20.94
CA ALA A 281 -29.95 -6.85 -20.13
C ALA A 281 -29.85 -8.28 -20.66
N ASP A 282 -30.90 -8.72 -21.36
CA ASP A 282 -30.90 -10.00 -22.07
C ASP A 282 -30.03 -9.92 -23.33
N ALA A 283 -30.02 -8.74 -23.94
CA ALA A 283 -29.21 -8.48 -25.12
C ALA A 283 -27.74 -8.29 -24.75
N LYS A 284 -27.51 -7.76 -23.55
CA LYS A 284 -26.16 -7.61 -23.02
C LYS A 284 -25.57 -8.97 -22.64
N ALA A 285 -26.39 -9.81 -22.01
CA ALA A 285 -25.97 -11.16 -21.62
C ALA A 285 -25.74 -12.06 -22.83
N PHE A 286 -26.45 -11.78 -23.93
CA PHE A 286 -26.26 -12.50 -25.19
C PHE A 286 -24.90 -12.16 -25.82
N LEU A 287 -24.57 -10.87 -25.85
CA LEU A 287 -23.28 -10.40 -26.39
C LEU A 287 -22.09 -10.93 -25.56
N ASP A 288 -22.34 -11.19 -24.28
CA ASP A 288 -21.33 -11.72 -23.36
C ASP A 288 -20.87 -13.11 -23.78
N SER A 289 -21.81 -14.06 -23.80
CA SER A 289 -21.48 -15.44 -24.15
C SER A 289 -21.02 -15.61 -25.61
N MET A 290 -21.39 -14.65 -26.47
CA MET A 290 -20.97 -14.70 -27.88
C MET A 290 -19.52 -14.25 -28.05
N ALA A 291 -19.04 -13.39 -27.15
CA ALA A 291 -17.65 -12.92 -27.20
C ALA A 291 -16.69 -13.88 -26.52
N GLN A 292 -17.24 -14.83 -25.75
CA GLN A 292 -16.46 -15.91 -25.13
C GLN A 292 -16.46 -17.19 -25.97
N LYS A 293 -17.40 -17.31 -26.90
CA LYS A 293 -17.34 -18.37 -27.90
C LYS A 293 -16.36 -17.94 -29.00
N TYR A 294 -16.22 -16.64 -29.18
CA TYR A 294 -15.19 -16.06 -30.04
C TYR A 294 -13.84 -16.14 -29.34
N ALA A 295 -13.84 -16.01 -28.01
CA ALA A 295 -12.62 -16.03 -27.21
C ALA A 295 -11.86 -17.36 -27.33
N SER A 296 -12.60 -18.47 -27.37
CA SER A 296 -11.97 -19.79 -27.50
C SER A 296 -11.98 -20.34 -28.93
N ILE A 297 -12.38 -19.51 -29.89
CA ILE A 297 -12.29 -19.85 -31.31
C ILE A 297 -11.15 -19.05 -31.96
N VAL A 298 -10.71 -17.99 -31.28
CA VAL A 298 -9.55 -17.19 -31.68
C VAL A 298 -8.39 -17.44 -30.72
N GLY A 299 -8.73 -17.82 -29.49
CA GLY A 299 -7.77 -18.23 -28.48
C GLY A 299 -7.31 -17.17 -27.48
N VAL A 300 -8.13 -16.14 -27.25
CA VAL A 300 -7.79 -15.04 -26.33
C VAL A 300 -8.78 -14.86 -25.16
N ASP A 301 -8.25 -14.90 -23.92
CA ASP A 301 -9.08 -14.77 -22.72
C ASP A 301 -9.24 -13.33 -22.26
N LEU A 302 -10.12 -13.11 -21.28
CA LEU A 302 -10.77 -11.81 -21.08
C LEU A 302 -10.63 -11.16 -19.67
N LEU A 328 -21.76 9.40 -16.29
CA LEU A 328 -21.16 10.46 -15.51
C LEU A 328 -20.92 11.53 -16.57
N GLU A 329 -20.37 11.10 -17.70
CA GLU A 329 -20.47 11.84 -18.93
C GLU A 329 -21.87 11.52 -19.42
N GLU A 330 -22.37 10.39 -18.90
CA GLU A 330 -23.71 9.90 -19.19
C GLU A 330 -24.80 10.75 -18.52
N ILE A 331 -24.45 11.49 -17.49
CA ILE A 331 -25.41 12.41 -16.90
C ILE A 331 -25.65 13.59 -17.85
N THR A 332 -24.56 14.15 -18.35
CA THR A 332 -24.63 15.23 -19.33
C THR A 332 -25.36 14.75 -20.58
N LYS A 333 -25.12 13.49 -20.93
CA LYS A 333 -25.74 12.88 -22.10
C LYS A 333 -27.26 12.92 -21.98
N ASP A 334 -27.78 12.73 -20.78
CA ASP A 334 -29.23 12.74 -20.60
C ASP A 334 -29.79 14.17 -20.76
N HIS A 335 -29.00 15.15 -20.32
CA HIS A 335 -29.42 16.54 -20.41
C HIS A 335 -29.36 17.07 -21.84
N LYS A 336 -28.25 16.82 -22.53
CA LYS A 336 -28.07 17.30 -23.89
C LYS A 336 -29.20 16.81 -24.79
N VAL A 337 -29.66 15.58 -24.54
CA VAL A 337 -30.80 15.05 -25.28
C VAL A 337 -31.96 16.02 -25.15
N LEU A 338 -32.24 16.39 -23.91
CA LEU A 338 -33.30 17.34 -23.61
C LEU A 338 -33.21 18.62 -24.44
N ALA A 339 -32.03 19.26 -24.44
CA ALA A 339 -31.83 20.48 -25.20
C ALA A 339 -32.04 20.26 -26.68
N ARG A 340 -31.52 19.16 -27.18
CA ARG A 340 -31.65 18.86 -28.60
C ARG A 340 -33.12 18.83 -29.01
N GLN A 341 -33.97 18.37 -28.10
CA GLN A 341 -35.40 18.28 -28.39
C GLN A 341 -36.04 19.63 -28.33
N GLN A 342 -35.64 20.42 -27.34
CA GLN A 342 -36.12 21.80 -27.19
C GLN A 342 -35.78 22.58 -28.45
N LEU A 343 -34.68 22.21 -29.07
CA LEU A 343 -34.30 22.79 -30.34
C LEU A 343 -35.31 22.40 -31.41
N GLN A 344 -35.46 21.09 -31.60
CA GLN A 344 -36.33 20.55 -32.63
C GLN A 344 -37.72 21.18 -32.60
N VAL A 345 -38.36 21.12 -31.44
CA VAL A 345 -39.74 21.59 -31.31
C VAL A 345 -39.82 23.08 -31.60
N LEU A 346 -38.75 23.78 -31.28
CA LEU A 346 -38.67 25.19 -31.55
C LEU A 346 -38.57 25.43 -33.04
N ALA A 347 -37.67 24.68 -33.68
CA ALA A 347 -37.52 24.77 -35.13
C ALA A 347 -38.87 24.49 -35.77
N ARG A 348 -39.56 23.46 -35.27
CA ARG A 348 -40.90 23.11 -35.76
C ARG A 348 -41.80 24.35 -35.75
N TYR A 349 -41.93 24.96 -34.58
CA TYR A 349 -42.74 26.16 -34.44
C TYR A 349 -42.32 27.23 -35.45
N LEU A 350 -41.01 27.36 -35.63
CA LEU A 350 -40.42 28.35 -36.52
C LEU A 350 -40.59 27.98 -38.00
N LYS A 351 -41.02 26.75 -38.22
CA LYS A 351 -41.24 26.24 -39.58
C LYS A 351 -39.96 26.28 -40.40
N MET A 352 -38.82 26.08 -39.74
CA MET A 352 -37.53 26.19 -40.40
C MET A 352 -36.83 24.84 -40.57
N ASP A 353 -36.45 24.55 -41.80
CA ASP A 353 -35.88 23.27 -42.19
C ASP A 353 -34.38 23.20 -41.88
N LEU A 354 -34.03 22.51 -40.82
CA LEU A 354 -32.65 22.44 -40.38
C LEU A 354 -31.77 21.60 -41.30
N ASP A 355 -32.39 20.78 -42.13
CA ASP A 355 -31.64 19.83 -42.94
C ASP A 355 -31.44 20.25 -44.40
N ASN A 356 -32.01 21.38 -44.76
CA ASN A 356 -31.98 21.84 -46.15
C ASN A 356 -30.57 22.05 -46.70
N GLY A 357 -29.65 22.47 -45.85
CA GLY A 357 -28.28 22.65 -46.29
C GLY A 357 -27.81 21.34 -46.88
N GLU A 358 -27.79 20.31 -46.05
CA GLU A 358 -27.31 19.01 -46.48
C GLU A 358 -28.05 18.45 -47.68
N ARG A 359 -29.32 18.79 -47.83
CA ARG A 359 -30.08 18.34 -49.02
C ARG A 359 -29.38 18.86 -50.25
N LYS A 360 -29.45 20.18 -50.42
CA LYS A 360 -28.85 20.87 -51.55
C LYS A 360 -27.41 20.42 -51.78
N PHE A 361 -26.65 20.30 -50.69
CA PHE A 361 -25.25 19.90 -50.79
C PHE A 361 -25.11 18.54 -51.44
N LEU A 362 -25.89 17.58 -50.97
CA LEU A 362 -25.82 16.23 -51.47
C LEU A 362 -26.19 16.18 -52.95
N LYS A 363 -27.04 17.09 -53.38
CA LYS A 363 -27.47 17.14 -54.78
C LYS A 363 -26.36 17.65 -55.70
N GLU A 364 -25.65 18.68 -55.25
CA GLU A 364 -24.51 19.21 -56.00
C GLU A 364 -23.39 18.19 -56.05
N LYS A 365 -23.16 17.53 -54.91
CA LYS A 365 -22.13 16.51 -54.84
C LYS A 365 -22.35 15.48 -55.94
N ASP A 366 -23.62 15.20 -56.24
CA ASP A 366 -24.00 14.24 -57.27
C ASP A 366 -23.66 14.77 -58.65
N THR A 367 -24.23 15.91 -59.00
CA THR A 367 -23.96 16.55 -60.29
C THR A 367 -22.46 16.78 -60.52
N VAL A 368 -21.66 16.65 -59.48
CA VAL A 368 -20.23 16.87 -59.63
C VAL A 368 -19.50 15.64 -60.14
N ALA A 369 -19.77 14.51 -59.52
CA ALA A 369 -19.20 13.26 -59.97
C ALA A 369 -19.74 12.98 -61.36
N GLU A 370 -20.90 13.55 -61.66
CA GLU A 370 -21.53 13.42 -62.97
C GLU A 370 -20.72 14.15 -64.03
N LEU A 371 -20.48 15.44 -63.82
CA LEU A 371 -19.66 16.22 -64.73
C LEU A 371 -18.28 15.65 -64.74
N GLN A 372 -17.70 15.53 -63.54
CA GLN A 372 -16.36 15.01 -63.38
C GLN A 372 -16.20 13.73 -64.20
N ALA A 373 -17.29 12.98 -64.31
CA ALA A 373 -17.31 11.74 -65.07
C ALA A 373 -17.08 11.96 -66.57
N GLN A 374 -17.86 12.87 -67.14
CA GLN A 374 -17.81 13.11 -68.58
C GLN A 374 -16.47 13.64 -68.96
N LEU A 375 -15.96 14.52 -68.10
CA LEU A 375 -14.65 15.09 -68.30
C LEU A 375 -13.62 13.97 -68.28
N ASP A 376 -13.76 13.07 -67.31
CA ASP A 376 -12.88 11.94 -67.19
C ASP A 376 -12.85 11.17 -68.50
N TYR A 377 -14.03 10.96 -69.08
CA TYR A 377 -14.15 10.21 -70.33
C TYR A 377 -13.48 10.92 -71.49
N LEU A 378 -13.82 12.18 -71.67
CA LEU A 378 -13.28 12.98 -72.76
C LEU A 378 -11.75 12.91 -72.75
N ASN A 379 -11.18 12.89 -71.53
CA ASN A 379 -9.75 12.76 -71.34
C ASN A 379 -9.30 11.36 -71.70
N ALA A 380 -10.11 10.37 -71.35
CA ALA A 380 -9.83 8.99 -71.75
C ALA A 380 -9.69 8.86 -73.26
N GLU A 381 -10.54 9.56 -74.02
CA GLU A 381 -10.55 9.50 -75.46
C GLU A 381 -9.50 10.38 -76.13
N LEU A 382 -9.38 11.64 -75.76
CA LEU A 382 -8.52 12.62 -76.43
C LEU A 382 -7.10 12.63 -75.89
N GLY A 383 -6.94 12.29 -74.62
CA GLY A 383 -5.62 12.25 -73.99
C GLY A 383 -5.25 13.57 -73.38
N GLU A 384 -4.23 13.55 -72.52
CA GLU A 384 -3.79 14.78 -71.86
C GLU A 384 -3.32 15.85 -72.86
N PHE A 385 -2.35 15.50 -73.69
CA PHE A 385 -1.76 16.45 -74.62
C PHE A 385 -2.80 17.20 -75.46
N PHE A 386 -3.77 16.46 -75.99
CA PHE A 386 -4.79 17.06 -76.83
C PHE A 386 -5.73 17.99 -76.04
N VAL A 387 -6.25 17.47 -74.95
CA VAL A 387 -7.16 18.23 -74.10
C VAL A 387 -6.46 19.48 -73.55
N ASN A 388 -5.26 19.31 -73.01
CA ASN A 388 -4.48 20.43 -72.52
C ASN A 388 -3.98 21.35 -73.63
N GLY A 389 -3.43 20.75 -74.68
CA GLY A 389 -2.83 21.53 -75.74
C GLY A 389 -3.81 22.33 -76.56
N VAL A 390 -5.10 22.09 -76.37
CA VAL A 390 -6.10 22.71 -77.21
C VAL A 390 -6.72 23.98 -76.57
N ALA A 391 -6.14 24.38 -75.44
CA ALA A 391 -6.60 25.56 -74.71
C ALA A 391 -6.32 26.84 -75.47
N THR A 392 -7.03 27.91 -75.12
CA THR A 392 -6.95 29.15 -75.89
C THR A 392 -5.71 29.95 -75.52
N SER A 393 -5.21 30.73 -76.50
CA SER A 393 -4.01 31.55 -76.33
C SER A 393 -4.21 32.99 -76.85
N PHE A 394 -5.02 33.13 -77.90
CA PHE A 394 -5.21 34.44 -78.53
C PHE A 394 -6.20 35.28 -77.79
N SER A 395 -5.81 36.53 -77.53
CA SER A 395 -6.74 37.58 -77.11
C SER A 395 -6.37 38.84 -77.89
N ARG A 396 -7.36 39.66 -78.21
CA ARG A 396 -7.04 40.87 -78.94
C ARG A 396 -6.14 41.84 -78.13
N LYS A 397 -6.31 41.88 -76.82
CA LYS A 397 -5.58 42.87 -76.04
C LYS A 397 -4.07 42.60 -75.94
N LYS A 398 -3.66 41.40 -76.30
CA LYS A 398 -2.26 41.06 -76.16
C LYS A 398 -1.48 41.31 -77.44
N ALA A 399 -2.15 41.86 -78.45
CA ALA A 399 -1.47 42.11 -79.72
C ALA A 399 -0.57 43.31 -79.60
N ARG A 400 0.59 43.22 -80.23
CA ARG A 400 1.57 44.28 -80.18
C ARG A 400 1.84 44.71 -81.62
N THR A 401 1.70 45.99 -81.90
CA THR A 401 1.94 46.45 -83.28
C THR A 401 3.20 47.32 -83.33
N PHE A 402 4.03 47.10 -84.36
CA PHE A 402 5.26 47.87 -84.56
C PHE A 402 5.20 48.75 -85.82
N ASP A 403 5.42 50.05 -85.64
CA ASP A 403 5.10 51.09 -86.63
C ASP A 403 6.32 51.85 -87.04
N SER A 404 7.09 52.38 -86.14
CA SER A 404 7.98 53.51 -86.23
C SER A 404 9.31 53.31 -86.96
N SER A 405 9.25 52.93 -88.24
CA SER A 405 10.45 52.81 -89.05
C SER A 405 11.16 54.17 -89.16
N TRP A 406 10.38 55.24 -89.12
CA TRP A 406 10.90 56.61 -89.22
C TRP A 406 11.97 56.93 -88.18
N ASN A 407 11.88 56.25 -87.04
CA ASN A 407 12.74 56.50 -85.91
C ASN A 407 13.87 55.49 -85.88
N TRP A 408 13.56 54.24 -86.20
CA TRP A 408 14.55 53.18 -86.11
C TRP A 408 15.61 53.41 -87.17
N ALA A 409 15.22 54.13 -88.22
CA ALA A 409 16.15 54.44 -89.30
C ALA A 409 17.28 55.39 -88.87
N LYS A 410 16.93 56.47 -88.19
CA LYS A 410 17.95 57.35 -87.64
C LYS A 410 18.87 56.57 -86.70
N GLN A 411 18.29 55.66 -85.92
CA GLN A 411 19.06 54.83 -85.01
C GLN A 411 19.92 53.84 -85.77
N SER A 412 19.31 53.19 -86.76
CA SER A 412 19.99 52.21 -87.58
C SER A 412 21.28 52.82 -88.13
N LEU A 413 21.18 54.06 -88.58
CA LEU A 413 22.32 54.76 -89.19
C LEU A 413 23.34 55.31 -88.20
N LEU A 414 22.86 55.84 -87.08
CA LEU A 414 23.73 56.45 -86.09
C LEU A 414 24.53 55.36 -85.40
N SER A 415 24.33 54.14 -85.85
CA SER A 415 24.84 52.96 -85.18
C SER A 415 25.88 52.32 -86.07
N LEU A 416 25.53 52.17 -87.34
CA LEU A 416 26.47 51.82 -88.40
C LEU A 416 27.63 52.79 -88.31
N TYR A 417 27.29 54.01 -87.95
CA TYR A 417 28.23 55.12 -87.95
C TYR A 417 29.27 55.00 -86.85
N PHE A 418 28.83 54.83 -85.61
CA PHE A 418 29.80 54.70 -84.52
C PHE A 418 30.54 53.37 -84.63
N GLU A 419 29.95 52.44 -85.36
CA GLU A 419 30.45 51.09 -85.41
C GLU A 419 31.62 51.05 -86.38
N ILE A 420 31.54 51.87 -87.42
CA ILE A 420 32.63 52.02 -88.38
C ILE A 420 33.75 52.86 -87.77
N ILE A 421 33.36 53.88 -87.05
CA ILE A 421 34.30 54.74 -86.35
C ILE A 421 35.09 53.92 -85.34
N HIS A 422 34.41 53.02 -84.65
CA HIS A 422 35.07 52.17 -83.68
C HIS A 422 35.69 50.93 -84.32
N GLY A 423 35.51 50.77 -85.62
CA GLY A 423 36.09 49.67 -86.37
C GLY A 423 35.56 48.28 -86.06
N VAL A 424 34.30 48.20 -85.65
CA VAL A 424 33.64 46.91 -85.50
C VAL A 424 33.27 46.44 -86.89
N LEU A 425 32.74 47.38 -87.67
CA LEU A 425 32.58 47.16 -89.10
C LEU A 425 33.74 47.85 -89.78
N LYS A 426 34.51 47.05 -90.52
CA LYS A 426 35.59 47.52 -91.38
C LYS A 426 35.02 47.52 -92.80
N ASN A 427 35.70 48.16 -93.75
CA ASN A 427 35.12 48.35 -95.10
C ASN A 427 35.07 47.08 -95.94
N VAL A 428 35.21 45.94 -95.29
CA VAL A 428 35.25 44.64 -95.97
C VAL A 428 33.99 43.86 -95.63
N ASP A 429 33.59 43.98 -94.37
CA ASP A 429 32.41 43.32 -93.80
C ASP A 429 31.15 43.54 -94.63
N ARG A 430 30.41 42.46 -94.86
CA ARG A 430 29.21 42.57 -95.66
C ARG A 430 28.13 43.36 -94.92
N GLU A 431 28.26 43.41 -93.60
CA GLU A 431 27.27 44.06 -92.77
C GLU A 431 27.05 45.52 -93.17
N VAL A 432 28.11 46.24 -93.53
CA VAL A 432 27.91 47.63 -93.93
C VAL A 432 27.03 47.68 -95.18
N VAL A 433 27.15 46.70 -96.07
CA VAL A 433 26.27 46.66 -97.23
C VAL A 433 24.82 46.32 -96.87
N SER A 434 24.63 45.27 -96.06
CA SER A 434 23.30 44.93 -95.52
C SER A 434 22.62 46.16 -94.92
N GLU A 435 23.34 46.83 -94.04
CA GLU A 435 22.76 47.91 -93.28
C GLU A 435 22.49 49.10 -94.20
N ALA A 436 23.29 49.22 -95.25
CA ALA A 436 23.07 50.28 -96.22
C ALA A 436 21.69 50.05 -96.81
N ILE A 437 21.45 48.80 -97.19
CA ILE A 437 20.20 48.40 -97.83
C ILE A 437 18.99 48.75 -96.97
N ASN A 438 19.13 48.57 -95.67
CA ASN A 438 18.03 48.85 -94.74
C ASN A 438 17.84 50.34 -94.48
N ILE A 439 18.91 51.09 -94.56
CA ILE A 439 18.83 52.52 -94.39
C ILE A 439 18.18 53.14 -95.63
N MET A 440 18.58 52.67 -96.81
CA MET A 440 17.98 53.16 -98.05
C MET A 440 16.49 52.83 -98.06
N ASN A 441 16.14 51.71 -97.45
CA ASN A 441 14.76 51.24 -97.41
C ASN A 441 13.86 52.15 -96.58
N ARG A 442 14.44 53.23 -96.05
CA ARG A 442 13.70 54.15 -95.22
C ARG A 442 14.04 55.64 -95.49
N SER A 443 14.27 56.00 -96.75
CA SER A 443 14.54 57.38 -97.09
C SER A 443 13.40 58.33 -96.73
N ASN A 444 13.73 59.32 -95.91
CA ASN A 444 12.86 60.45 -95.61
C ASN A 444 13.53 61.68 -96.15
N ASP A 445 12.77 62.77 -96.31
CA ASP A 445 13.41 64.06 -96.46
C ASP A 445 14.14 64.33 -95.15
N ALA A 446 13.73 63.60 -94.11
CA ALA A 446 14.21 63.80 -92.75
C ALA A 446 15.41 62.93 -92.43
N LEU A 447 15.40 61.68 -92.92
CA LEU A 447 16.51 60.77 -92.68
C LEU A 447 17.73 61.34 -93.39
N ILE A 448 17.47 62.07 -94.46
CA ILE A 448 18.57 62.62 -95.23
C ILE A 448 19.25 63.73 -94.44
N LYS A 449 18.46 64.68 -93.93
CA LYS A 449 19.02 65.78 -93.15
C LYS A 449 19.78 65.23 -91.93
N PHE A 450 19.44 64.03 -91.51
CA PHE A 450 20.13 63.37 -90.40
C PHE A 450 21.55 62.98 -90.81
N MET A 451 21.65 62.12 -91.83
CA MET A 451 22.95 61.66 -92.31
C MET A 451 23.72 62.85 -92.81
N GLU A 452 23.00 63.77 -93.43
CA GLU A 452 23.64 64.95 -93.96
C GLU A 452 24.35 65.70 -92.86
N TYR A 453 23.66 65.96 -91.77
CA TYR A 453 24.31 66.64 -90.66
C TYR A 453 25.47 65.84 -90.09
N HIS A 454 25.23 64.58 -89.80
CA HIS A 454 26.23 63.80 -89.09
C HIS A 454 27.42 63.46 -89.97
N ILE A 455 27.20 63.28 -91.26
CA ILE A 455 28.29 62.89 -92.14
C ILE A 455 29.13 64.11 -92.46
N SER A 456 28.47 65.20 -92.80
CA SER A 456 29.17 66.42 -93.14
C SER A 456 29.92 67.00 -91.95
N ASN A 457 29.59 66.53 -90.75
CA ASN A 457 30.22 67.05 -89.54
C ASN A 457 31.29 66.16 -88.94
N THR A 458 31.73 65.14 -89.69
CA THR A 458 32.82 64.29 -89.23
C THR A 458 34.16 64.84 -89.68
N ASP A 459 35.13 64.86 -88.78
CA ASP A 459 36.48 65.33 -89.10
C ASP A 459 37.31 64.22 -89.72
N GLU A 460 37.29 64.16 -91.04
CA GLU A 460 38.07 63.20 -91.81
C GLU A 460 39.48 63.07 -91.21
N THR A 461 40.01 64.21 -90.79
CA THR A 461 41.36 64.28 -90.24
C THR A 461 41.61 63.34 -89.07
N LYS A 462 40.61 63.22 -88.20
CA LYS A 462 40.77 62.57 -86.88
C LYS A 462 41.41 61.19 -86.88
N GLY A 463 41.30 60.47 -87.99
CA GLY A 463 41.79 59.10 -88.03
C GLY A 463 41.39 58.44 -89.32
N GLU A 464 41.95 57.25 -89.56
CA GLU A 464 41.70 56.54 -90.79
C GLU A 464 40.25 56.08 -90.81
N ASN A 465 39.78 55.70 -89.62
CA ASN A 465 38.41 55.25 -89.46
C ASN A 465 37.40 56.33 -89.74
N TYR A 466 37.79 57.57 -89.47
CA TYR A 466 36.88 58.68 -89.65
C TYR A 466 36.65 58.97 -91.12
N GLN A 467 37.68 58.80 -91.94
CA GLN A 467 37.51 59.03 -93.37
C GLN A 467 36.48 58.05 -93.89
N LEU A 468 36.60 56.80 -93.46
CA LEU A 468 35.73 55.76 -93.94
C LEU A 468 34.25 56.09 -93.69
N VAL A 469 33.93 56.46 -92.46
CA VAL A 469 32.55 56.78 -92.13
C VAL A 469 32.09 57.89 -93.04
N LYS A 470 32.92 58.91 -93.18
CA LYS A 470 32.58 60.05 -94.01
C LYS A 470 32.35 59.66 -95.47
N THR A 471 33.28 58.91 -96.06
CA THR A 471 33.13 58.49 -97.45
C THR A 471 31.88 57.65 -97.65
N LEU A 472 31.81 56.53 -96.92
CA LEU A 472 30.61 55.70 -96.90
C LEU A 472 29.36 56.56 -96.65
N GLY A 473 29.45 57.42 -95.65
CA GLY A 473 28.35 58.29 -95.31
C GLY A 473 27.86 59.04 -96.53
N GLU A 474 28.76 59.72 -97.20
CA GLU A 474 28.40 60.55 -98.33
C GLU A 474 27.78 59.71 -99.43
N GLN A 475 28.32 58.52 -99.61
CA GLN A 475 27.83 57.60 -100.61
C GLN A 475 26.39 57.22 -100.31
N LEU A 476 26.18 56.89 -99.04
CA LEU A 476 24.89 56.48 -98.51
C LEU A 476 23.89 57.62 -98.65
N ILE A 477 24.34 58.83 -98.34
CA ILE A 477 23.51 60.02 -98.47
C ILE A 477 23.05 60.20 -99.89
N GLU A 478 23.95 59.96 -100.83
CA GLU A 478 23.62 60.01 -102.24
C GLU A 478 22.52 59.01 -102.61
N ASN A 479 22.73 57.75 -102.24
CA ASN A 479 21.80 56.69 -102.56
C ASN A 479 20.40 56.98 -102.02
N CYS A 480 20.35 57.45 -100.78
CA CYS A 480 19.08 57.73 -100.12
C CYS A 480 18.33 58.80 -100.87
N LYS A 481 19.07 59.75 -101.43
CA LYS A 481 18.47 60.81 -102.22
C LYS A 481 17.74 60.20 -103.42
N GLN A 482 18.34 59.18 -104.03
CA GLN A 482 17.73 58.52 -105.18
C GLN A 482 16.53 57.68 -104.77
N VAL A 483 16.73 56.82 -103.78
CA VAL A 483 15.66 55.96 -103.29
C VAL A 483 14.41 56.76 -102.96
N LEU A 484 14.61 57.93 -102.36
CA LEU A 484 13.49 58.80 -101.99
C LEU A 484 12.35 58.70 -102.99
N ASP A 485 11.23 58.15 -102.54
CA ASP A 485 10.06 57.99 -103.39
C ASP A 485 10.01 56.59 -104.01
N VAL A 486 10.97 55.77 -103.64
CA VAL A 486 11.05 54.40 -104.15
C VAL A 486 10.71 53.38 -103.07
N ASP A 487 9.84 52.43 -103.40
CA ASP A 487 9.43 51.41 -102.46
C ASP A 487 10.60 50.50 -102.08
N PRO A 488 10.71 50.19 -100.79
CA PRO A 488 11.79 49.34 -100.29
C PRO A 488 11.97 48.09 -101.14
N VAL A 489 12.85 47.20 -100.71
CA VAL A 489 13.11 45.96 -101.44
C VAL A 489 13.94 44.99 -100.61
N TYR A 490 13.56 43.72 -100.65
CA TYR A 490 14.26 42.69 -99.90
C TYR A 490 15.43 42.11 -100.71
N LYS A 491 16.65 42.42 -100.29
CA LYS A 491 17.84 41.93 -100.98
C LYS A 491 18.85 41.37 -99.99
N ASP A 492 19.05 40.06 -100.03
CA ASP A 492 20.00 39.40 -99.13
C ASP A 492 21.41 39.38 -99.71
N VAL A 493 22.35 39.83 -98.89
CA VAL A 493 23.70 40.07 -99.34
C VAL A 493 24.64 39.16 -98.58
N ALA A 494 24.09 38.52 -97.54
CA ALA A 494 24.85 37.58 -96.72
C ALA A 494 25.68 36.63 -97.58
N LYS A 495 26.83 36.24 -97.03
CA LYS A 495 27.73 35.32 -97.72
C LYS A 495 27.16 33.90 -97.69
N PRO A 496 26.96 33.31 -98.86
CA PRO A 496 26.35 31.99 -98.99
C PRO A 496 27.25 30.90 -98.40
N THR A 497 26.64 29.96 -97.67
CA THR A 497 27.37 28.89 -97.02
C THR A 497 26.90 27.45 -97.35
N GLY A 498 27.74 26.49 -96.95
CA GLY A 498 27.53 25.08 -97.20
C GLY A 498 28.01 24.26 -96.02
N PRO A 499 27.75 22.94 -96.04
CA PRO A 499 27.95 22.13 -94.85
C PRO A 499 29.38 21.63 -94.81
N LYS A 500 29.99 21.61 -93.63
CA LYS A 500 31.30 20.99 -93.49
C LYS A 500 31.42 20.24 -92.18
N THR A 501 31.54 18.91 -92.29
CA THR A 501 31.77 18.07 -91.11
C THR A 501 33.21 17.61 -91.09
N ALA A 502 33.78 17.54 -89.89
CA ALA A 502 35.13 17.04 -89.74
C ALA A 502 35.27 16.29 -88.43
N ILE A 503 35.80 15.07 -88.51
CA ILE A 503 36.05 14.30 -87.31
C ILE A 503 37.51 14.44 -86.95
N ASP A 504 37.72 14.89 -85.72
CA ASP A 504 39.03 14.98 -85.07
C ASP A 504 39.96 13.79 -85.33
N LYS A 505 41.21 13.93 -84.91
CA LYS A 505 42.13 12.80 -84.85
C LYS A 505 41.88 12.06 -83.55
N ASN A 506 41.05 12.67 -82.69
CA ASN A 506 40.65 12.08 -81.43
C ASN A 506 39.15 11.84 -81.36
N GLY A 507 38.53 11.66 -82.54
CA GLY A 507 37.13 11.29 -82.61
C GLY A 507 36.15 12.38 -82.17
N ASN A 508 36.57 13.63 -82.31
CA ASN A 508 35.69 14.74 -82.01
C ASN A 508 35.00 15.23 -83.28
N ILE A 509 33.69 14.96 -83.35
CA ILE A 509 32.91 15.30 -84.52
C ILE A 509 32.50 16.78 -84.45
N THR A 510 32.90 17.52 -85.47
CA THR A 510 32.70 18.97 -85.49
C THR A 510 32.03 19.42 -86.79
N TYR A 511 31.07 20.33 -86.66
CA TYR A 511 30.35 20.84 -87.83
C TYR A 511 30.49 22.34 -87.96
N SER A 512 30.91 22.77 -89.15
CA SER A 512 31.03 24.18 -89.46
C SER A 512 30.14 24.52 -90.64
N GLU A 513 29.86 25.80 -90.80
CA GLU A 513 29.24 26.24 -92.03
C GLU A 513 30.19 27.13 -92.82
N GLU A 514 30.76 26.57 -93.90
CA GLU A 514 31.80 27.26 -94.66
C GLU A 514 31.18 27.98 -95.83
N PRO A 515 31.84 29.05 -96.32
CA PRO A 515 31.47 29.72 -97.57
C PRO A 515 31.63 28.76 -98.74
N ARG A 516 30.68 28.75 -99.68
CA ARG A 516 30.76 27.87 -100.85
C ARG A 516 31.83 28.36 -101.80
N GLU A 517 32.72 27.44 -102.20
CA GLU A 517 33.90 27.85 -102.92
C GLU A 517 33.47 28.68 -104.13
N LYS A 518 32.52 28.14 -104.86
CA LYS A 518 32.18 28.69 -106.16
C LYS A 518 30.91 29.54 -106.11
N VAL A 519 30.44 29.88 -104.90
CA VAL A 519 29.25 30.73 -104.73
C VAL A 519 29.43 31.89 -103.72
N ARG A 520 29.10 33.10 -104.16
CA ARG A 520 29.39 34.31 -103.41
C ARG A 520 28.20 35.26 -103.31
N LYS A 521 27.46 35.41 -104.42
CA LYS A 521 26.27 36.26 -104.48
C LYS A 521 25.04 35.36 -104.47
N LEU A 522 23.87 35.91 -104.11
CA LEU A 522 22.63 35.16 -104.30
C LEU A 522 22.40 35.00 -105.79
N SER A 523 22.89 35.99 -106.54
CA SER A 523 22.96 35.89 -107.99
C SER A 523 23.60 34.55 -108.47
N GLN A 524 24.80 34.25 -107.99
CA GLN A 524 25.47 33.00 -108.36
C GLN A 524 24.70 31.76 -107.89
N TYR A 525 23.91 31.90 -106.84
CA TYR A 525 23.15 30.79 -106.30
C TYR A 525 22.06 30.38 -107.27
N VAL A 526 21.41 31.38 -107.88
CA VAL A 526 20.34 31.11 -108.82
C VAL A 526 20.89 30.38 -110.04
N GLN A 527 22.08 30.78 -110.45
CA GLN A 527 22.75 30.15 -111.57
C GLN A 527 23.05 28.71 -111.26
N GLU A 528 23.56 28.46 -110.05
CA GLU A 528 23.88 27.11 -109.60
C GLU A 528 22.66 26.20 -109.70
N MET A 529 21.53 26.75 -109.30
CA MET A 529 20.27 26.02 -109.29
C MET A 529 19.83 25.64 -110.68
N ALA A 530 19.92 26.58 -111.62
CA ALA A 530 19.43 26.34 -112.97
C ALA A 530 20.23 25.28 -113.73
N LEU A 531 21.52 25.13 -113.41
CA LEU A 531 22.39 24.13 -114.06
C LEU A 531 22.14 22.70 -113.57
N GLY A 532 21.72 22.59 -112.32
CA GLY A 532 21.47 21.29 -111.74
C GLY A 532 22.79 20.60 -111.57
N GLY A 533 22.75 19.28 -111.52
CA GLY A 533 23.92 18.45 -111.41
C GLY A 533 23.76 17.37 -112.44
N PRO A 534 24.70 16.41 -112.46
CA PRO A 534 24.68 15.26 -113.36
C PRO A 534 23.55 14.31 -112.96
N ILE A 535 23.11 14.45 -111.71
CA ILE A 535 22.14 13.54 -111.11
C ILE A 535 20.71 13.81 -111.57
N THR A 536 20.50 14.94 -112.23
CA THR A 536 19.22 15.23 -112.87
C THR A 536 19.38 15.05 -114.39
N LYS A 537 19.06 13.85 -114.86
CA LYS A 537 19.35 13.47 -116.23
C LYS A 537 18.16 13.67 -117.14
N GLU A 538 17.35 12.64 -117.30
CA GLU A 538 16.13 12.73 -118.09
C GLU A 538 15.31 13.95 -117.69
N SER A 539 14.14 14.11 -118.29
CA SER A 539 13.43 15.38 -118.20
C SER A 539 12.09 15.41 -117.42
N GLN A 540 11.45 14.27 -117.18
CA GLN A 540 9.99 14.30 -116.98
C GLN A 540 9.72 15.35 -118.05
N MET A 599 26.46 34.99 -115.57
CA MET A 599 26.85 36.04 -116.49
C MET A 599 27.85 36.61 -115.50
N ASP A 600 28.97 37.18 -115.94
CA ASP A 600 29.92 37.72 -114.96
C ASP A 600 29.86 39.23 -114.74
N VAL A 601 29.48 39.60 -113.52
CA VAL A 601 29.21 40.98 -113.15
C VAL A 601 30.09 41.40 -111.97
N GLU A 602 31.41 41.25 -112.10
CA GLU A 602 32.33 41.36 -110.95
C GLU A 602 31.84 42.26 -109.80
N ASP A 603 31.72 41.65 -108.62
CA ASP A 603 31.19 42.34 -107.44
C ASP A 603 32.34 42.90 -106.64
N ALA A 604 32.16 44.08 -106.07
CA ALA A 604 33.15 44.62 -105.17
C ALA A 604 33.00 43.95 -103.81
N LEU A 605 32.44 42.75 -103.78
CA LEU A 605 31.84 42.27 -102.54
C LEU A 605 32.71 42.24 -101.30
N ASP A 606 33.45 41.18 -101.05
CA ASP A 606 34.18 41.14 -99.81
C ASP A 606 35.51 41.87 -99.93
N LYS A 607 35.58 42.84 -100.84
CA LYS A 607 36.82 43.58 -101.05
C LYS A 607 36.68 45.06 -100.67
N ASP A 608 35.59 45.69 -101.12
CA ASP A 608 35.32 47.12 -100.90
C ASP A 608 33.83 47.44 -100.75
N SER A 609 33.37 47.48 -99.51
CA SER A 609 31.95 47.67 -99.20
C SER A 609 31.38 48.98 -99.72
N THR A 610 32.05 50.08 -99.43
CA THR A 610 31.60 51.37 -99.95
C THR A 610 31.32 51.32 -101.45
N LYS A 611 32.16 50.65 -102.22
CA LYS A 611 31.95 50.58 -103.66
C LYS A 611 30.68 49.80 -103.98
N GLU A 612 30.47 48.66 -103.31
CA GLU A 612 29.26 47.88 -103.53
C GLU A 612 28.03 48.67 -103.12
N VAL A 613 28.15 49.43 -102.03
CA VAL A 613 27.06 50.26 -101.53
C VAL A 613 26.59 51.28 -102.55
N ALA A 614 27.54 51.84 -103.30
CA ALA A 614 27.23 52.78 -104.39
C ALA A 614 26.45 52.12 -105.54
N SER A 615 26.59 50.80 -105.63
CA SER A 615 25.96 49.99 -106.66
C SER A 615 24.49 49.74 -106.34
N LEU A 616 24.16 49.69 -105.06
CA LEU A 616 22.84 49.26 -104.59
C LEU A 616 21.64 49.86 -105.33
N PRO A 617 21.64 51.19 -105.54
CA PRO A 617 20.49 51.86 -106.15
C PRO A 617 20.27 51.52 -107.63
N ASN A 618 21.25 50.90 -108.28
CA ASN A 618 21.21 50.72 -109.74
C ASN A 618 20.58 49.41 -110.21
N LYS A 619 19.58 49.57 -111.07
CA LYS A 619 18.82 48.43 -111.55
C LYS A 619 19.60 47.65 -112.58
N SER A 620 19.80 46.37 -112.30
CA SER A 620 20.60 45.53 -113.18
C SER A 620 19.82 45.20 -114.45
N THR A 621 20.45 45.42 -115.59
CA THR A 621 19.84 45.06 -116.87
C THR A 621 20.51 43.77 -117.32
N ILE A 622 19.70 42.78 -117.67
CA ILE A 622 20.24 41.53 -118.19
C ILE A 622 19.51 41.05 -119.45
N SER A 623 20.29 40.53 -120.38
CA SER A 623 19.76 40.02 -121.63
C SER A 623 19.88 38.50 -121.60
N LYS A 624 20.99 38.02 -121.06
CA LYS A 624 21.21 36.58 -120.92
C LYS A 624 20.43 36.08 -119.71
N THR A 625 19.13 35.91 -119.91
CA THR A 625 18.25 35.38 -118.87
C THR A 625 18.74 34.05 -118.34
N VAL A 626 18.79 33.93 -117.02
CA VAL A 626 19.31 32.72 -116.41
C VAL A 626 18.58 31.44 -116.85
N SER A 627 17.31 31.57 -117.22
CA SER A 627 16.55 30.40 -117.67
C SER A 627 17.24 29.70 -118.83
N SER A 628 17.86 30.50 -119.69
CA SER A 628 18.50 30.00 -120.91
C SER A 628 19.83 29.30 -120.67
N THR A 629 20.25 29.21 -119.40
CA THR A 629 21.45 28.45 -119.04
C THR A 629 21.08 27.00 -118.77
N ILE A 630 19.79 26.74 -118.56
CA ILE A 630 19.32 25.40 -118.22
C ILE A 630 19.62 24.44 -119.36
N PRO A 631 20.44 23.42 -119.09
CA PRO A 631 20.77 22.45 -120.14
C PRO A 631 19.52 21.76 -120.69
N ARG A 632 19.59 21.27 -121.92
CA ARG A 632 18.54 20.41 -122.43
C ARG A 632 18.64 19.13 -121.65
N GLU A 633 17.49 18.54 -121.29
CA GLU A 633 17.52 17.27 -120.58
C GLU A 633 18.18 17.46 -119.21
N THR A 634 17.82 18.53 -118.52
CA THR A 634 18.28 18.75 -117.15
C THR A 634 17.19 19.48 -116.37
N ILE A 635 16.88 18.95 -115.20
CA ILE A 635 15.93 19.59 -114.32
C ILE A 635 16.71 20.37 -113.28
N PRO A 636 16.46 21.68 -113.21
CA PRO A 636 17.10 22.56 -112.23
C PRO A 636 16.81 22.13 -110.78
N PHE A 637 17.70 22.45 -109.92
CA PHE A 637 17.56 22.13 -108.51
C PHE A 637 16.38 22.79 -107.84
N LEU A 638 15.84 23.80 -108.52
CA LEU A 638 14.56 24.41 -108.18
C LEU A 638 13.72 24.41 -109.46
N HIS A 639 12.46 24.03 -109.37
CA HIS A 639 11.62 24.06 -110.55
C HIS A 639 10.13 24.09 -110.22
N LEU A 640 9.34 24.53 -111.18
CA LEU A 640 7.89 24.49 -111.04
C LEU A 640 7.38 23.26 -111.76
N ARG A 641 6.16 22.84 -111.44
CA ARG A 641 5.59 21.65 -112.06
C ARG A 641 4.23 21.92 -112.66
N LYS A 642 3.85 21.10 -113.64
CA LYS A 642 2.58 21.27 -114.34
C LYS A 642 1.84 19.94 -114.33
N LYS A 643 0.56 19.94 -113.98
CA LYS A 643 -0.18 18.67 -113.90
C LYS A 643 -0.58 18.19 -115.29
N THR A 644 -0.11 17.01 -115.70
CA THR A 644 -0.51 16.41 -116.96
C THR A 644 -1.99 16.06 -116.91
N PRO A 645 -2.68 16.06 -118.06
CA PRO A 645 -4.05 15.55 -118.06
C PRO A 645 -4.12 14.12 -117.52
N ALA A 646 -3.05 13.35 -117.73
CA ALA A 646 -2.90 12.04 -117.10
C ALA A 646 -3.06 12.14 -115.57
N GLY A 647 -2.62 13.27 -115.02
CA GLY A 647 -2.83 13.58 -113.61
C GLY A 647 -1.55 13.74 -112.80
N ASP A 648 -0.40 13.48 -113.40
CA ASP A 648 0.85 13.56 -112.67
C ASP A 648 1.45 14.97 -112.72
N TRP A 649 2.29 15.29 -111.74
CA TRP A 649 2.92 16.60 -111.69
C TRP A 649 4.36 16.54 -112.15
N LYS A 650 4.58 16.72 -113.45
CA LYS A 650 5.95 16.68 -113.99
C LYS A 650 6.58 18.07 -114.14
N TYR A 651 7.89 18.08 -114.32
CA TYR A 651 8.66 19.31 -114.48
C TYR A 651 8.26 20.02 -115.76
N ASP A 652 7.90 21.29 -115.66
CA ASP A 652 7.65 22.10 -116.85
C ASP A 652 8.71 23.18 -117.00
N ARG A 653 9.50 23.08 -118.06
CA ARG A 653 10.60 23.98 -118.29
C ARG A 653 10.18 25.45 -118.36
N GLN A 654 9.05 25.73 -119.01
CA GLN A 654 8.54 27.10 -119.11
C GLN A 654 8.32 27.69 -117.73
N LEU A 655 7.44 27.06 -116.96
CA LEU A 655 7.13 27.51 -115.61
C LEU A 655 8.39 27.69 -114.76
N SER A 656 9.30 26.73 -114.87
CA SER A 656 10.55 26.76 -114.12
C SER A 656 11.44 27.91 -114.57
N SER A 657 11.30 28.31 -115.83
CA SER A 657 12.07 29.42 -116.31
C SER A 657 11.47 30.71 -115.77
N LEU A 658 10.14 30.79 -115.77
CA LEU A 658 9.44 31.95 -115.19
C LEU A 658 9.96 32.12 -113.77
N PHE A 659 10.02 31.00 -113.05
CA PHE A 659 10.39 31.00 -111.64
C PHE A 659 11.86 31.38 -111.40
N LEU A 660 12.77 30.73 -112.14
CA LEU A 660 14.20 30.93 -111.95
C LEU A 660 14.64 32.31 -112.38
N ASP A 661 13.96 32.84 -113.39
CA ASP A 661 14.28 34.16 -113.89
C ASP A 661 13.86 35.20 -112.88
N GLY A 662 12.69 34.97 -112.28
CA GLY A 662 12.22 35.78 -111.17
C GLY A 662 13.26 35.84 -110.07
N LEU A 663 13.73 34.68 -109.64
CA LEU A 663 14.75 34.56 -108.60
C LEU A 663 15.99 35.37 -108.92
N GLU A 664 16.42 35.32 -110.19
CA GLU A 664 17.60 36.02 -110.62
C GLU A 664 17.37 37.52 -110.50
N LYS A 665 16.25 37.96 -111.05
CA LYS A 665 15.87 39.36 -111.00
C LYS A 665 15.74 39.85 -109.56
N ALA A 666 15.40 38.93 -108.66
CA ALA A 666 15.27 39.27 -107.25
C ALA A 666 16.61 39.36 -106.54
N ALA A 667 17.62 38.71 -107.10
CA ALA A 667 18.95 38.71 -106.53
C ALA A 667 19.70 39.98 -106.89
N PHE A 668 19.38 40.53 -108.06
CA PHE A 668 20.04 41.71 -108.59
C PHE A 668 19.36 43.01 -108.21
N ASN A 669 17.85 43.08 -108.27
CA ASN A 669 17.08 44.28 -107.99
C ASN A 669 16.47 44.17 -106.63
N GLY A 670 16.22 42.96 -106.18
CA GLY A 670 15.38 42.75 -105.01
C GLY A 670 13.89 42.81 -105.39
N VAL A 671 13.03 42.43 -104.46
CA VAL A 671 11.60 42.47 -104.69
C VAL A 671 10.93 43.33 -103.64
N THR A 672 9.92 44.08 -104.04
CA THR A 672 9.13 44.82 -103.08
C THR A 672 7.87 44.06 -102.70
N PHE A 673 7.44 44.25 -101.46
CA PHE A 673 6.21 43.64 -100.99
C PHE A 673 5.34 44.74 -100.44
N LYS A 674 5.63 45.97 -100.86
CA LYS A 674 4.78 47.12 -100.56
C LYS A 674 3.32 46.75 -100.80
N ASP A 675 2.46 47.13 -99.86
CA ASP A 675 1.02 46.95 -100.05
C ASP A 675 0.53 45.49 -99.92
N LYS A 676 1.41 44.56 -99.59
CA LYS A 676 1.02 43.17 -99.40
C LYS A 676 0.71 42.91 -97.92
N TYR A 677 -0.47 42.35 -97.66
CA TYR A 677 -0.88 41.98 -96.30
C TYR A 677 -0.76 40.47 -96.06
N VAL A 678 -0.01 40.10 -95.03
CA VAL A 678 0.40 38.71 -94.85
C VAL A 678 0.17 38.18 -93.44
N LEU A 679 -0.39 36.97 -93.36
CA LEU A 679 -0.47 36.23 -92.12
C LEU A 679 0.52 35.07 -92.17
N ILE A 680 1.41 35.01 -91.18
CA ILE A 680 2.42 33.95 -91.10
C ILE A 680 2.52 33.30 -89.71
N THR A 681 2.27 31.99 -89.67
CA THR A 681 2.32 31.20 -88.45
C THR A 681 3.56 30.31 -88.52
N GLY A 682 4.22 30.12 -87.38
CA GLY A 682 5.40 29.28 -87.33
C GLY A 682 6.72 30.02 -87.50
N ALA A 683 6.68 31.35 -87.34
CA ALA A 683 7.85 32.16 -87.63
C ALA A 683 8.65 32.50 -86.37
N GLY A 684 8.76 31.53 -85.48
CA GLY A 684 9.56 31.75 -84.27
C GLY A 684 11.02 32.00 -84.61
N LYS A 685 11.82 32.35 -83.60
CA LYS A 685 13.24 32.59 -83.81
C LYS A 685 13.92 31.33 -84.34
N GLY A 686 14.98 31.51 -85.13
CA GLY A 686 15.75 30.41 -85.67
C GLY A 686 14.97 29.41 -86.50
N SER A 687 14.20 29.93 -87.45
CA SER A 687 13.33 29.10 -88.29
C SER A 687 13.17 29.69 -89.69
N ILE A 688 12.74 28.86 -90.63
CA ILE A 688 12.52 29.34 -91.99
C ILE A 688 11.52 30.46 -91.96
N GLY A 689 10.62 30.38 -90.99
CA GLY A 689 9.64 31.42 -90.78
C GLY A 689 10.25 32.79 -90.64
N ALA A 690 11.13 32.94 -89.66
CA ALA A 690 11.66 34.24 -89.28
C ALA A 690 12.53 34.83 -90.36
N GLU A 691 13.06 33.98 -91.23
CA GLU A 691 13.85 34.45 -92.36
C GLU A 691 12.95 34.98 -93.47
N VAL A 692 11.81 34.33 -93.66
CA VAL A 692 10.79 34.83 -94.55
C VAL A 692 10.19 36.13 -94.04
N LEU A 693 10.01 36.22 -92.72
CA LEU A 693 9.45 37.42 -92.07
C LEU A 693 10.34 38.64 -92.24
N GLN A 694 11.64 38.43 -92.06
CA GLN A 694 12.59 39.50 -92.26
C GLN A 694 12.52 39.98 -93.71
N GLY A 695 12.42 39.04 -94.63
CA GLY A 695 12.24 39.39 -96.02
C GLY A 695 11.03 40.26 -96.25
N LEU A 696 9.87 39.81 -95.78
CA LEU A 696 8.60 40.51 -96.00
C LEU A 696 8.70 41.96 -95.51
N LEU A 697 9.18 42.12 -94.28
CA LEU A 697 9.33 43.42 -93.65
C LEU A 697 10.24 44.33 -94.46
N GLN A 698 11.31 43.74 -95.01
CA GLN A 698 12.32 44.49 -95.73
C GLN A 698 11.70 45.05 -97.00
N GLY A 699 10.71 44.34 -97.52
CA GLY A 699 10.01 44.76 -98.72
C GLY A 699 8.83 45.68 -98.49
N GLY A 700 8.56 45.99 -97.21
CA GLY A 700 7.53 46.93 -96.85
C GLY A 700 6.15 46.33 -96.65
N ALA A 701 6.10 45.04 -96.37
CA ALA A 701 4.84 44.33 -96.17
C ALA A 701 4.17 44.68 -94.84
N LYS A 702 2.87 44.42 -94.76
CA LYS A 702 2.17 44.58 -93.51
C LYS A 702 1.82 43.17 -93.05
N VAL A 703 2.43 42.76 -91.94
CA VAL A 703 2.47 41.36 -91.55
C VAL A 703 1.97 41.12 -90.13
N VAL A 704 1.16 40.07 -89.97
CA VAL A 704 0.82 39.55 -88.67
C VAL A 704 1.62 38.29 -88.39
N VAL A 705 2.39 38.29 -87.31
CA VAL A 705 3.11 37.10 -86.89
C VAL A 705 2.42 36.48 -85.68
N THR A 706 2.25 35.17 -85.69
CA THR A 706 1.75 34.47 -84.53
C THR A 706 2.90 33.91 -83.71
N THR A 707 2.75 33.96 -82.39
CA THR A 707 3.66 33.25 -81.50
C THR A 707 2.88 32.45 -80.49
N SER A 708 3.45 31.32 -80.09
CA SER A 708 2.80 30.39 -79.17
C SER A 708 3.30 30.66 -77.79
N ARG A 709 4.60 30.94 -77.71
CA ARG A 709 5.27 31.31 -76.47
C ARG A 709 5.45 32.81 -76.37
N PHE A 710 4.35 33.53 -76.12
CA PHE A 710 4.31 34.99 -76.09
C PHE A 710 4.92 35.53 -74.77
N SER A 711 6.10 36.13 -74.84
CA SER A 711 6.86 36.50 -73.65
C SER A 711 7.40 37.90 -73.79
N LYS A 712 8.00 38.42 -72.72
CA LYS A 712 8.78 39.63 -72.90
C LYS A 712 9.91 39.21 -73.80
N GLN A 713 10.55 38.08 -73.47
CA GLN A 713 11.68 37.61 -74.26
C GLN A 713 11.36 37.59 -75.75
N VAL A 714 10.13 37.24 -76.10
CA VAL A 714 9.72 37.14 -77.49
C VAL A 714 9.27 38.46 -78.09
N THR A 715 8.55 39.26 -77.30
CA THR A 715 8.23 40.63 -77.67
C THR A 715 9.49 41.41 -78.04
N ASP A 716 10.51 41.24 -77.20
CA ASP A 716 11.77 41.96 -77.36
C ASP A 716 12.48 41.53 -78.65
N TYR A 717 12.37 40.25 -78.99
CA TYR A 717 12.90 39.71 -80.24
C TYR A 717 12.31 40.43 -81.45
N TYR A 718 11.00 40.57 -81.49
CA TYR A 718 10.37 41.18 -82.65
C TYR A 718 10.60 42.68 -82.75
N GLN A 719 10.66 43.38 -81.63
CA GLN A 719 10.98 44.81 -81.71
C GLN A 719 12.37 44.93 -82.31
N SER A 720 13.28 44.05 -81.90
CA SER A 720 14.63 44.07 -82.46
C SER A 720 14.58 43.86 -83.97
N ILE A 721 13.90 42.79 -84.39
CA ILE A 721 13.76 42.45 -85.79
C ILE A 721 13.12 43.58 -86.61
N TYR A 722 12.09 44.21 -86.06
CA TYR A 722 11.44 45.32 -86.77
C TYR A 722 12.34 46.56 -86.91
N ALA A 723 13.07 46.89 -85.85
CA ALA A 723 13.91 48.09 -85.88
C ALA A 723 15.11 47.90 -86.76
N LYS A 724 15.31 46.68 -87.26
CA LYS A 724 16.39 46.39 -88.20
C LYS A 724 15.92 46.33 -89.66
N TYR A 725 14.76 45.71 -89.90
CA TYR A 725 14.30 45.41 -91.25
C TYR A 725 12.99 46.08 -91.60
N GLY A 726 12.36 46.71 -90.62
CA GLY A 726 11.10 47.39 -90.83
C GLY A 726 11.21 48.53 -91.83
N ALA A 727 10.84 48.24 -93.07
CA ALA A 727 10.99 49.18 -94.18
C ALA A 727 9.96 50.28 -94.09
N LYS A 728 10.13 51.31 -94.91
CA LYS A 728 9.10 52.35 -95.01
C LYS A 728 7.78 51.70 -95.43
N GLY A 729 6.73 51.98 -94.68
CA GLY A 729 5.42 51.46 -95.01
C GLY A 729 5.14 50.05 -94.47
N SER A 730 6.10 49.56 -93.70
CA SER A 730 5.95 48.24 -93.13
C SER A 730 5.24 48.36 -91.80
N THR A 731 4.73 47.23 -91.32
CA THR A 731 4.14 47.14 -90.00
C THR A 731 4.02 45.67 -89.55
N LEU A 732 4.52 45.41 -88.35
CA LEU A 732 4.54 44.07 -87.79
C LEU A 732 3.55 44.05 -86.65
N ILE A 733 2.73 43.00 -86.60
CA ILE A 733 1.80 42.83 -85.51
C ILE A 733 1.99 41.45 -84.90
N VAL A 734 2.42 41.42 -83.65
CA VAL A 734 2.59 40.14 -82.97
C VAL A 734 1.42 39.79 -82.06
N VAL A 735 0.84 38.62 -82.30
CA VAL A 735 -0.26 38.16 -81.48
C VAL A 735 0.07 36.77 -80.93
N PRO A 736 -0.45 36.46 -79.73
CA PRO A 736 -0.29 35.13 -79.16
C PRO A 736 -1.31 34.26 -79.87
N PHE A 737 -1.00 33.01 -80.16
CA PHE A 737 -1.89 32.20 -80.97
C PHE A 737 -1.61 30.73 -80.82
N ASN A 738 -2.66 29.92 -80.95
CA ASN A 738 -2.53 28.48 -80.89
C ASN A 738 -3.27 27.81 -82.02
N GLN A 739 -2.53 27.43 -83.06
CA GLN A 739 -3.17 26.91 -84.26
C GLN A 739 -3.94 25.63 -83.99
N GLY A 740 -3.81 25.11 -82.77
CA GLY A 740 -4.52 23.92 -82.33
C GLY A 740 -5.92 24.19 -81.83
N SER A 741 -6.19 25.44 -81.50
CA SER A 741 -7.51 25.84 -81.02
C SER A 741 -8.38 26.25 -82.19
N LYS A 742 -9.56 25.65 -82.32
CA LYS A 742 -10.52 26.09 -83.32
C LYS A 742 -10.83 27.55 -83.00
N GLN A 743 -10.99 27.80 -81.72
CA GLN A 743 -11.43 29.10 -81.28
C GLN A 743 -10.42 30.19 -81.58
N ASP A 744 -9.13 29.86 -81.49
CA ASP A 744 -8.05 30.79 -81.85
C ASP A 744 -7.97 31.06 -83.33
N VAL A 745 -8.11 30.02 -84.14
CA VAL A 745 -8.15 30.24 -85.57
C VAL A 745 -9.26 31.24 -85.91
N GLU A 746 -10.46 30.98 -85.40
CA GLU A 746 -11.59 31.84 -85.68
C GLU A 746 -11.38 33.26 -85.13
N ALA A 747 -10.94 33.34 -83.88
CA ALA A 747 -10.69 34.62 -83.22
C ALA A 747 -9.64 35.47 -83.93
N LEU A 748 -8.61 34.81 -84.45
CA LEU A 748 -7.50 35.52 -85.06
C LEU A 748 -7.98 36.19 -86.32
N ILE A 749 -8.41 35.41 -87.29
CA ILE A 749 -8.67 36.01 -88.58
C ILE A 749 -9.91 36.91 -88.54
N GLU A 750 -10.59 36.94 -87.39
CA GLU A 750 -11.72 37.85 -87.18
C GLU A 750 -11.21 39.18 -86.71
N PHE A 751 -10.23 39.13 -85.83
CA PHE A 751 -9.52 40.32 -85.38
C PHE A 751 -8.76 40.99 -86.51
N ILE A 752 -8.43 40.22 -87.53
CA ILE A 752 -7.73 40.74 -88.69
C ILE A 752 -8.68 41.53 -89.58
N TYR A 753 -9.89 41.04 -89.75
CA TYR A 753 -10.81 41.63 -90.71
C TYR A 753 -11.69 42.72 -90.13
N ASP A 754 -11.80 42.74 -88.81
CA ASP A 754 -12.72 43.63 -88.13
C ASP A 754 -12.23 45.07 -88.15
N THR A 755 -13.14 45.99 -88.44
CA THR A 755 -12.81 47.42 -88.51
C THR A 755 -12.09 47.88 -87.26
N GLU A 756 -11.19 48.84 -87.42
CA GLU A 756 -10.41 49.32 -86.30
C GLU A 756 -11.31 49.79 -85.17
N LYS A 757 -12.43 50.42 -85.52
CA LYS A 757 -13.38 50.92 -84.54
C LYS A 757 -13.80 49.79 -83.63
N ASN A 758 -14.20 48.67 -84.21
CA ASN A 758 -14.63 47.50 -83.46
C ASN A 758 -13.48 46.72 -82.79
N GLY A 759 -12.31 47.35 -82.69
CA GLY A 759 -11.18 46.75 -81.98
C GLY A 759 -10.35 45.83 -82.84
N GLY A 760 -10.56 45.91 -84.15
CA GLY A 760 -9.88 45.04 -85.08
C GLY A 760 -8.66 45.64 -85.75
N LEU A 761 -8.23 45.01 -86.83
CA LEU A 761 -7.04 45.40 -87.56
C LEU A 761 -7.46 46.08 -88.85
N GLY A 762 -8.66 45.75 -89.34
CA GLY A 762 -9.20 46.33 -90.55
C GLY A 762 -8.51 45.90 -91.82
N TRP A 763 -7.86 44.75 -91.80
CA TRP A 763 -7.07 44.29 -92.93
C TRP A 763 -7.82 43.32 -93.83
N ASP A 764 -7.14 42.91 -94.89
CA ASP A 764 -7.63 41.91 -95.82
C ASP A 764 -6.41 41.18 -96.35
N LEU A 765 -6.29 39.90 -96.06
CA LEU A 765 -5.05 39.18 -96.34
C LEU A 765 -4.81 38.93 -97.83
N ASP A 766 -3.54 39.03 -98.22
CA ASP A 766 -3.07 38.73 -99.58
C ASP A 766 -2.21 37.48 -99.61
N ALA A 767 -1.69 37.10 -98.44
CA ALA A 767 -0.90 35.87 -98.28
C ALA A 767 -1.08 35.18 -96.93
N ILE A 768 -1.10 33.86 -96.96
CA ILE A 768 -1.17 33.07 -95.74
C ILE A 768 -0.07 32.02 -95.79
N ILE A 769 0.71 31.95 -94.73
CA ILE A 769 1.85 31.04 -94.69
C ILE A 769 1.77 30.26 -93.37
N PRO A 770 1.00 29.16 -93.37
CA PRO A 770 0.59 28.33 -92.23
C PRO A 770 1.67 27.31 -91.80
N PHE A 771 2.85 27.84 -91.50
CA PHE A 771 4.01 27.01 -91.23
C PHE A 771 4.04 26.48 -89.79
N ALA A 772 3.00 26.79 -89.03
CA ALA A 772 2.89 26.35 -87.65
C ALA A 772 2.94 24.83 -87.53
N ALA A 773 3.71 24.34 -86.56
CA ALA A 773 3.75 22.90 -86.28
C ALA A 773 4.34 22.44 -84.93
N ILE A 774 4.25 21.13 -84.72
CA ILE A 774 4.76 20.46 -83.53
C ILE A 774 5.60 19.27 -83.96
N PRO A 775 6.76 19.07 -83.31
CA PRO A 775 7.75 18.05 -83.62
C PRO A 775 7.39 16.67 -83.08
N GLU A 776 7.05 15.75 -83.97
CA GLU A 776 6.74 14.40 -83.55
C GLU A 776 7.90 13.53 -84.01
N GLN A 777 8.56 12.85 -83.06
CA GLN A 777 9.70 12.00 -83.41
C GLN A 777 9.74 10.78 -82.52
N GLY A 778 10.08 9.64 -83.10
CA GLY A 778 10.13 8.42 -82.31
C GLY A 778 8.73 7.89 -82.08
N ILE A 779 7.82 8.33 -82.92
CA ILE A 779 6.47 7.82 -82.87
C ILE A 779 6.25 7.03 -84.15
N GLU A 780 6.11 5.72 -84.02
CA GLU A 780 5.75 4.92 -85.17
C GLU A 780 4.24 4.61 -85.20
N LEU A 781 3.81 3.85 -86.19
CA LEU A 781 2.40 3.52 -86.32
C LEU A 781 1.75 3.27 -84.95
N GLU A 782 2.25 2.28 -84.22
CA GLU A 782 1.59 1.87 -82.98
C GLU A 782 1.82 2.84 -81.82
N HIS A 783 2.54 3.91 -82.08
CA HIS A 783 2.78 4.90 -81.05
C HIS A 783 1.88 6.12 -81.24
N ILE A 784 1.26 6.21 -82.41
CA ILE A 784 0.38 7.34 -82.68
C ILE A 784 -0.67 7.47 -81.61
N ASP A 785 -0.62 8.58 -80.88
CA ASP A 785 -1.61 8.83 -79.83
C ASP A 785 -1.95 10.31 -79.65
N SER A 786 -2.18 10.73 -78.41
CA SER A 786 -2.66 12.07 -78.11
C SER A 786 -1.86 13.16 -78.81
N LYS A 787 -0.55 13.07 -78.75
CA LYS A 787 0.32 14.08 -79.36
C LYS A 787 0.09 14.13 -80.86
N SER A 788 0.23 13.01 -81.54
CA SER A 788 0.15 13.00 -82.99
C SER A 788 -1.22 13.45 -83.51
N GLU A 789 -2.30 13.12 -82.79
CA GLU A 789 -3.66 13.50 -83.21
C GLU A 789 -3.86 14.99 -83.10
N PHE A 790 -3.29 15.53 -82.02
CA PHE A 790 -3.24 16.97 -81.83
C PHE A 790 -2.35 17.65 -82.86
N ALA A 791 -1.18 17.08 -83.10
CA ALA A 791 -0.26 17.60 -84.09
C ALA A 791 -0.92 17.61 -85.47
N HIS A 792 -1.64 16.54 -85.80
CA HIS A 792 -2.34 16.45 -87.09
C HIS A 792 -3.35 17.57 -87.21
N ARG A 793 -3.92 17.98 -86.08
CA ARG A 793 -4.92 19.05 -86.07
C ARG A 793 -4.30 20.40 -86.43
N ILE A 794 -3.17 20.72 -85.81
CA ILE A 794 -2.44 21.95 -86.10
C ILE A 794 -1.92 22.00 -87.51
N MET A 795 -1.48 20.85 -87.99
CA MET A 795 -0.74 20.82 -89.25
C MET A 795 -1.62 20.53 -90.47
N LEU A 796 -2.89 20.20 -90.24
CA LEU A 796 -3.81 19.96 -91.35
C LEU A 796 -5.21 20.48 -91.14
N THR A 797 -5.95 19.89 -90.19
CA THR A 797 -7.35 20.24 -90.06
C THR A 797 -7.58 21.74 -89.78
N ASN A 798 -6.83 22.32 -88.85
CA ASN A 798 -6.99 23.75 -88.61
C ASN A 798 -6.41 24.66 -89.70
N ILE A 799 -5.49 24.17 -90.51
CA ILE A 799 -5.06 24.92 -91.67
C ILE A 799 -6.22 25.04 -92.65
N LEU A 800 -6.95 23.95 -92.84
CA LEU A 800 -8.14 23.97 -93.67
C LEU A 800 -9.11 24.98 -93.10
N ARG A 801 -9.35 24.85 -91.79
CA ARG A 801 -10.26 25.74 -91.07
C ARG A 801 -9.90 27.21 -91.25
N MET A 802 -8.61 27.50 -91.26
CA MET A 802 -8.09 28.85 -91.41
C MET A 802 -8.33 29.39 -92.81
N MET A 803 -8.05 28.59 -93.83
CA MET A 803 -8.33 29.02 -95.20
C MET A 803 -9.82 29.28 -95.29
N GLY A 804 -10.61 28.33 -94.81
CA GLY A 804 -12.05 28.44 -94.79
C GLY A 804 -12.54 29.74 -94.15
N CYS A 805 -11.95 30.08 -93.01
CA CYS A 805 -12.30 31.30 -92.32
C CYS A 805 -12.12 32.57 -93.18
N VAL A 806 -10.96 32.73 -93.81
CA VAL A 806 -10.73 33.97 -94.53
C VAL A 806 -11.59 33.99 -95.80
N LYS A 807 -11.98 32.81 -96.26
CA LYS A 807 -12.90 32.73 -97.38
C LYS A 807 -14.24 33.34 -97.00
N LYS A 808 -14.75 32.99 -95.81
CA LYS A 808 -16.05 33.50 -95.38
C LYS A 808 -16.03 35.01 -95.24
N GLN A 809 -14.96 35.54 -94.65
CA GLN A 809 -14.77 36.98 -94.47
C GLN A 809 -14.80 37.72 -95.78
N LYS A 810 -13.93 37.32 -96.70
CA LYS A 810 -13.84 37.95 -98.01
C LYS A 810 -15.21 37.88 -98.64
N SER A 811 -15.76 36.67 -98.70
CA SER A 811 -17.05 36.46 -99.33
C SER A 811 -18.17 37.31 -98.71
N ALA A 812 -18.19 37.36 -97.38
CA ALA A 812 -19.22 38.11 -96.68
C ALA A 812 -19.05 39.62 -96.93
N ARG A 813 -18.00 39.97 -97.65
CA ARG A 813 -17.70 41.35 -98.00
C ARG A 813 -17.67 41.58 -99.51
N GLY A 814 -18.12 40.59 -100.28
CA GLY A 814 -18.09 40.66 -101.74
C GLY A 814 -16.70 40.81 -102.36
N ILE A 815 -15.67 40.36 -101.63
CA ILE A 815 -14.28 40.49 -102.05
C ILE A 815 -13.91 39.40 -103.06
N GLU A 816 -14.19 39.66 -104.32
CA GLU A 816 -14.10 38.62 -105.33
C GLU A 816 -12.84 38.84 -106.18
N THR A 817 -12.17 39.97 -105.99
CA THR A 817 -11.00 40.24 -106.82
C THR A 817 -9.75 40.48 -106.01
N ARG A 818 -9.61 39.79 -104.88
CA ARG A 818 -8.41 39.94 -104.08
C ARG A 818 -8.13 38.64 -103.37
N PRO A 819 -7.65 37.63 -104.12
CA PRO A 819 -7.38 36.34 -103.52
C PRO A 819 -6.23 36.46 -102.56
N ALA A 820 -6.23 35.61 -101.55
CA ALA A 820 -5.08 35.46 -100.69
C ALA A 820 -4.33 34.21 -101.14
N GLN A 821 -3.03 34.37 -101.35
CA GLN A 821 -2.18 33.27 -101.76
C GLN A 821 -1.81 32.45 -100.54
N VAL A 822 -1.99 31.15 -100.63
CA VAL A 822 -1.61 30.28 -99.53
C VAL A 822 -0.38 29.48 -99.91
N ILE A 823 0.75 29.77 -99.26
CA ILE A 823 1.94 28.96 -99.44
C ILE A 823 1.85 27.71 -98.58
N LEU A 824 1.42 26.60 -99.18
CA LEU A 824 1.34 25.33 -98.47
C LEU A 824 2.74 24.79 -98.23
N PRO A 825 3.07 24.46 -96.97
CA PRO A 825 4.34 23.83 -96.67
C PRO A 825 4.23 22.34 -96.93
N MET A 826 4.65 21.88 -98.11
CA MET A 826 4.53 20.47 -98.49
C MET A 826 5.81 19.72 -98.22
N SER A 827 5.70 18.40 -98.21
CA SER A 827 6.86 17.54 -98.00
C SER A 827 7.04 16.57 -99.17
N PRO A 828 8.31 16.28 -99.50
CA PRO A 828 8.73 15.35 -100.56
C PRO A 828 8.84 13.91 -100.06
N ASN A 829 8.64 13.72 -98.76
CA ASN A 829 8.94 12.42 -98.15
C ASN A 829 7.83 11.90 -97.29
N HIS A 830 6.83 11.35 -97.93
CA HIS A 830 5.69 10.82 -97.21
C HIS A 830 6.00 9.47 -96.55
N GLY A 831 6.37 9.55 -95.28
CA GLY A 831 6.64 8.38 -94.50
C GLY A 831 7.79 7.61 -95.11
N THR A 832 8.76 8.35 -95.64
CA THR A 832 9.96 7.76 -96.20
C THR A 832 10.86 7.36 -95.03
N PHE A 833 11.03 8.29 -94.11
CA PHE A 833 11.90 8.08 -92.96
C PHE A 833 11.13 7.41 -91.85
N GLY A 834 11.82 7.09 -90.75
CA GLY A 834 11.23 6.43 -89.60
C GLY A 834 9.95 7.03 -89.03
N GLY A 835 9.88 7.17 -87.71
CA GLY A 835 8.63 7.51 -87.05
C GLY A 835 8.23 8.98 -86.99
N ASP A 836 7.67 9.49 -88.09
CA ASP A 836 7.12 10.84 -88.20
C ASP A 836 6.02 11.15 -87.19
N GLY A 837 5.49 10.12 -86.55
CA GLY A 837 4.23 10.27 -85.87
C GLY A 837 3.15 10.33 -86.94
N MET A 838 2.54 11.48 -87.11
CA MET A 838 1.50 11.59 -88.10
C MET A 838 1.78 12.76 -89.05
N TYR A 839 3.06 13.11 -89.11
CA TYR A 839 3.54 14.22 -89.91
C TYR A 839 3.29 13.99 -91.41
N SER A 840 3.72 12.84 -91.89
CA SER A 840 3.60 12.56 -93.30
C SER A 840 2.14 12.62 -93.74
N GLU A 841 1.26 12.16 -92.86
CA GLU A 841 -0.17 12.17 -93.13
C GLU A 841 -0.67 13.62 -93.23
N SER A 842 -0.29 14.47 -92.29
CA SER A 842 -0.70 15.87 -92.35
C SER A 842 -0.23 16.46 -93.69
N LYS A 843 1.05 16.28 -94.00
CA LYS A 843 1.68 16.94 -95.16
C LYS A 843 1.19 16.45 -96.52
N LEU A 844 0.68 15.22 -96.55
CA LEU A 844 0.18 14.65 -97.78
C LEU A 844 -1.26 15.07 -98.03
N SER A 845 -1.99 15.29 -96.95
CA SER A 845 -3.40 15.69 -97.03
C SER A 845 -3.54 17.04 -97.71
N LEU A 846 -2.62 17.95 -97.40
CA LEU A 846 -2.61 19.29 -97.94
C LEU A 846 -2.76 19.28 -99.46
N GLU A 847 -2.26 18.23 -100.08
CA GLU A 847 -2.19 18.20 -101.53
C GLU A 847 -3.54 18.03 -102.21
N THR A 848 -4.59 17.84 -101.43
CA THR A 848 -5.92 17.81 -102.01
C THR A 848 -6.38 19.19 -102.44
N LEU A 849 -5.72 20.24 -101.95
CA LEU A 849 -6.16 21.60 -102.26
C LEU A 849 -5.90 21.95 -103.70
N PHE A 850 -4.99 21.21 -104.33
CA PHE A 850 -4.67 21.40 -105.75
C PHE A 850 -5.85 21.07 -106.64
N ASN A 851 -6.83 20.38 -106.06
CA ASN A 851 -7.99 19.95 -106.80
C ASN A 851 -9.23 20.64 -106.25
N ARG A 852 -9.32 20.70 -104.92
CA ARG A 852 -10.40 21.42 -104.26
C ARG A 852 -10.53 22.83 -104.80
N TRP A 853 -9.40 23.42 -105.18
CA TRP A 853 -9.41 24.79 -105.68
C TRP A 853 -10.35 24.87 -106.87
N HIS A 854 -10.30 23.85 -107.71
CA HIS A 854 -11.11 23.80 -108.92
C HIS A 854 -12.55 23.33 -108.62
N SER A 855 -12.67 22.32 -107.77
CA SER A 855 -13.93 21.59 -107.64
C SER A 855 -14.94 22.27 -106.74
N GLU A 856 -14.45 23.06 -105.79
CA GLU A 856 -15.33 23.79 -104.90
C GLU A 856 -15.42 25.24 -105.36
N SER A 857 -15.56 26.17 -104.43
CA SER A 857 -15.98 27.52 -104.81
C SER A 857 -15.30 28.67 -104.05
N TRP A 858 -14.03 28.50 -103.71
CA TRP A 858 -13.32 29.55 -103.02
C TRP A 858 -12.21 30.13 -103.89
N ALA A 859 -12.30 29.85 -105.19
CA ALA A 859 -11.17 30.14 -106.10
C ALA A 859 -10.80 31.62 -106.24
N ASN A 860 -11.72 32.52 -105.90
CA ASN A 860 -11.46 33.96 -105.95
C ASN A 860 -11.07 34.53 -104.59
N GLN A 861 -11.10 33.68 -103.57
CA GLN A 861 -10.74 34.10 -102.23
C GLN A 861 -9.36 33.57 -101.84
N LEU A 862 -9.06 32.35 -102.29
CA LEU A 862 -7.74 31.75 -102.06
C LEU A 862 -7.11 31.22 -103.36
N THR A 863 -5.78 31.22 -103.43
CA THR A 863 -5.07 30.46 -104.47
C THR A 863 -4.09 29.55 -103.77
N VAL A 864 -3.88 28.35 -104.30
CA VAL A 864 -2.92 27.44 -103.65
C VAL A 864 -1.54 27.46 -104.31
N CYS A 865 -0.51 27.59 -103.48
CA CYS A 865 0.86 27.59 -103.94
C CYS A 865 1.62 26.60 -103.07
N GLY A 866 1.75 25.36 -103.56
CA GLY A 866 2.40 24.32 -102.80
C GLY A 866 3.90 24.36 -102.94
N ALA A 867 4.59 24.56 -101.82
CA ALA A 867 6.04 24.54 -101.82
C ALA A 867 6.50 23.23 -101.23
N ILE A 868 7.32 22.53 -101.99
CA ILE A 868 7.92 21.30 -101.51
C ILE A 868 9.26 21.65 -100.88
N ILE A 869 9.26 21.86 -99.57
CA ILE A 869 10.46 22.32 -98.87
C ILE A 869 11.50 21.20 -98.80
N GLY A 870 12.73 21.51 -99.19
CA GLY A 870 13.78 20.51 -99.24
C GLY A 870 14.56 20.39 -97.94
N TRP A 871 15.77 19.87 -98.04
CA TRP A 871 16.61 19.66 -96.86
C TRP A 871 17.13 20.99 -96.34
N THR A 872 16.66 21.38 -95.15
CA THR A 872 17.03 22.68 -94.58
C THR A 872 17.76 22.59 -93.25
N ARG A 873 18.98 23.13 -93.19
CA ARG A 873 19.78 23.14 -91.97
C ARG A 873 19.50 24.40 -91.11
N GLY A 874 19.33 24.23 -89.81
CA GLY A 874 19.27 25.35 -88.89
C GLY A 874 19.52 24.96 -87.44
N THR A 875 19.54 25.94 -86.53
CA THR A 875 19.52 25.65 -85.10
C THR A 875 18.52 24.51 -84.96
N ASN A 881 22.03 16.93 -87.07
CA ASN A 881 21.38 16.09 -88.07
C ASN A 881 21.81 16.81 -89.34
N ASN A 882 22.62 17.84 -89.13
CA ASN A 882 23.27 18.55 -90.21
C ASN A 882 24.60 17.89 -90.44
N ILE A 883 25.01 17.08 -89.47
CA ILE A 883 26.30 16.40 -89.58
C ILE A 883 26.35 15.52 -90.84
N ILE A 884 25.18 15.02 -91.26
CA ILE A 884 25.12 14.24 -92.48
C ILE A 884 24.76 15.10 -93.68
N ALA A 885 24.55 16.39 -93.44
CA ALA A 885 24.22 17.31 -94.52
C ALA A 885 25.34 17.28 -95.55
N GLU A 886 26.59 17.37 -95.09
CA GLU A 886 27.70 17.39 -96.04
C GLU A 886 27.73 16.12 -96.87
N GLY A 887 27.33 15.03 -96.23
CA GLY A 887 27.36 13.72 -96.86
C GLY A 887 26.29 13.51 -97.90
N ILE A 888 25.06 13.91 -97.59
CA ILE A 888 23.96 13.80 -98.53
C ILE A 888 24.31 14.62 -99.76
N GLU A 889 24.96 15.75 -99.50
CA GLU A 889 25.31 16.71 -100.57
C GLU A 889 26.40 16.14 -101.46
N LYS A 890 27.19 15.23 -100.91
CA LYS A 890 28.29 14.64 -101.64
C LYS A 890 27.79 13.79 -102.82
N MET A 891 26.48 13.76 -103.02
CA MET A 891 25.90 12.97 -104.10
C MET A 891 25.22 13.80 -105.19
N GLY A 892 25.55 15.10 -105.26
CA GLY A 892 25.02 16.00 -106.27
C GLY A 892 23.64 16.53 -105.91
N VAL A 893 23.32 16.48 -104.64
CA VAL A 893 22.05 16.95 -104.14
C VAL A 893 22.32 18.24 -103.37
N ARG A 894 21.40 19.19 -103.37
CA ARG A 894 21.64 20.38 -102.57
C ARG A 894 20.81 20.44 -101.28
N THR A 895 21.48 20.75 -100.17
CA THR A 895 20.79 21.15 -98.96
C THR A 895 20.87 22.67 -98.87
N PHE A 896 20.00 23.24 -98.05
CA PHE A 896 19.78 24.67 -98.05
C PHE A 896 19.93 25.25 -96.67
N SER A 897 20.39 26.50 -96.59
CA SER A 897 20.37 27.25 -95.35
C SER A 897 18.98 27.85 -95.26
N GLN A 898 18.60 28.35 -94.09
CA GLN A 898 17.26 28.90 -93.95
C GLN A 898 17.10 30.18 -94.76
N LYS A 899 18.14 31.00 -94.81
CA LYS A 899 18.11 32.19 -95.64
C LYS A 899 17.85 31.81 -97.11
N GLU A 900 18.36 30.65 -97.52
CA GLU A 900 18.17 30.20 -98.88
C GLU A 900 16.72 29.79 -99.14
N MET A 901 16.14 28.95 -98.27
CA MET A 901 14.75 28.51 -98.47
C MET A 901 13.81 29.71 -98.37
N ALA A 902 14.19 30.66 -97.52
CA ALA A 902 13.36 31.80 -97.28
C ALA A 902 13.33 32.62 -98.58
N PHE A 903 14.50 32.74 -99.21
CA PHE A 903 14.63 33.43 -100.49
C PHE A 903 13.78 32.71 -101.57
N ASN A 904 13.81 31.38 -101.50
CA ASN A 904 13.04 30.55 -102.43
C ASN A 904 11.55 30.75 -102.26
N LEU A 905 11.10 30.67 -101.01
CA LEU A 905 9.70 30.88 -100.68
C LEU A 905 9.29 32.29 -101.07
N LEU A 906 10.01 33.30 -100.58
CA LEU A 906 9.76 34.68 -100.97
C LEU A 906 9.61 34.86 -102.50
N GLY A 907 10.36 34.07 -103.28
CA GLY A 907 10.27 34.15 -104.71
C GLY A 907 8.92 33.74 -105.27
N LEU A 908 8.13 33.04 -104.48
CA LEU A 908 6.78 32.64 -104.88
C LEU A 908 5.80 33.76 -104.64
N LEU A 909 6.26 34.82 -103.98
CA LEU A 909 5.41 35.97 -103.73
C LEU A 909 5.65 37.08 -104.73
N THR A 910 6.61 36.88 -105.63
CA THR A 910 6.89 37.85 -106.67
C THR A 910 5.69 37.89 -107.60
N PRO A 911 5.32 39.10 -108.05
CA PRO A 911 4.14 39.38 -108.88
C PRO A 911 3.91 38.32 -109.93
N GLU A 912 5.02 37.90 -110.52
CA GLU A 912 5.03 36.98 -111.64
C GLU A 912 4.38 35.63 -111.29
N VAL A 913 4.89 35.01 -110.23
CA VAL A 913 4.39 33.69 -109.80
C VAL A 913 3.07 33.82 -109.02
N VAL A 914 2.80 35.02 -108.51
CA VAL A 914 1.52 35.30 -107.86
C VAL A 914 0.40 35.23 -108.87
N GLU A 915 0.57 35.89 -110.03
CA GLU A 915 -0.46 35.85 -111.04
C GLU A 915 -0.60 34.44 -111.60
N LEU A 916 0.52 33.74 -111.67
CA LEU A 916 0.51 32.36 -112.11
C LEU A 916 -0.49 31.57 -111.25
N CYS A 917 -0.37 31.70 -109.93
CA CYS A 917 -1.26 31.05 -108.96
C CYS A 917 -2.73 31.37 -109.20
N GLN A 918 -2.99 32.60 -109.62
CA GLN A 918 -4.35 33.05 -109.87
C GLN A 918 -4.94 32.38 -111.10
N LYS A 919 -4.09 31.86 -111.97
CA LYS A 919 -4.62 31.20 -113.16
C LYS A 919 -4.94 29.74 -112.85
N SER A 920 -4.06 29.09 -112.11
CA SER A 920 -4.28 27.73 -111.64
C SER A 920 -3.16 27.34 -110.68
N PRO A 921 -3.52 26.60 -109.62
CA PRO A 921 -2.63 26.23 -108.51
C PRO A 921 -1.21 25.94 -108.99
N VAL A 922 -0.22 26.43 -108.26
CA VAL A 922 1.19 26.26 -108.61
C VAL A 922 1.84 25.27 -107.66
N MET A 923 2.74 24.45 -108.19
CA MET A 923 3.52 23.52 -107.36
C MET A 923 5.02 23.74 -107.58
N ALA A 924 5.75 24.04 -106.51
CA ALA A 924 7.15 24.42 -106.61
C ALA A 924 8.01 23.41 -105.89
N ASP A 925 8.87 22.76 -106.66
CA ASP A 925 9.87 21.87 -106.10
C ASP A 925 11.05 22.68 -105.58
N LEU A 926 11.15 22.82 -104.26
CA LEU A 926 12.26 23.51 -103.66
C LEU A 926 13.10 22.48 -102.93
N ASN A 927 13.18 21.30 -103.53
CA ASN A 927 13.91 20.16 -102.96
C ASN A 927 15.09 19.84 -103.87
N GLY A 928 16.29 20.19 -103.42
CA GLY A 928 17.42 20.32 -104.33
C GLY A 928 17.91 19.02 -104.93
N GLY A 929 17.01 18.26 -105.53
CA GLY A 929 17.38 17.00 -106.15
C GLY A 929 17.37 15.78 -105.27
N LEU A 930 17.04 15.95 -103.99
CA LEU A 930 17.00 14.83 -103.04
C LEU A 930 15.91 13.83 -103.42
N GLN A 931 15.28 14.05 -104.57
CA GLN A 931 14.23 13.17 -105.05
C GLN A 931 14.73 12.23 -106.14
N PHE A 932 16.05 12.04 -106.19
CA PHE A 932 16.66 11.19 -107.18
C PHE A 932 17.48 10.07 -106.52
N VAL A 933 17.94 10.33 -105.31
CA VAL A 933 18.73 9.35 -104.56
C VAL A 933 17.87 8.17 -104.13
N PRO A 934 18.18 6.99 -104.66
CA PRO A 934 17.44 5.77 -104.33
C PRO A 934 17.45 5.49 -102.83
N GLU A 935 16.85 4.38 -102.42
CA GLU A 935 16.80 4.01 -101.02
C GLU A 935 17.36 5.12 -100.13
N LEU A 936 16.69 6.27 -100.15
CA LEU A 936 17.13 7.42 -99.35
C LEU A 936 17.16 7.12 -97.86
N LYS A 937 16.19 6.35 -97.37
CA LYS A 937 16.15 6.08 -95.94
C LYS A 937 17.44 5.37 -95.54
N GLU A 938 17.68 4.22 -96.16
CA GLU A 938 18.81 3.40 -95.79
C GLU A 938 20.11 4.13 -96.08
N PHE A 939 20.16 4.86 -97.19
CA PHE A 939 21.36 5.60 -97.58
C PHE A 939 21.70 6.61 -96.50
N THR A 940 20.72 7.46 -96.22
CA THR A 940 20.75 8.36 -95.08
C THR A 940 21.30 7.67 -93.84
N ALA A 941 20.64 6.58 -93.44
CA ALA A 941 21.01 5.85 -92.23
C ALA A 941 22.47 5.38 -92.21
N LYS A 942 22.95 4.97 -93.37
CA LYS A 942 24.31 4.47 -93.48
C LYS A 942 25.32 5.58 -93.15
N LEU A 943 25.18 6.73 -93.81
CA LEU A 943 26.03 7.89 -93.58
C LEU A 943 26.18 8.17 -92.08
N ARG A 944 25.04 8.15 -91.39
CA ARG A 944 24.96 8.40 -89.96
C ARG A 944 25.73 7.34 -89.18
N LYS A 945 25.54 6.06 -89.51
CA LYS A 945 26.26 4.98 -88.82
C LYS A 945 27.76 5.08 -89.04
N GLU A 946 28.18 5.25 -90.29
CA GLU A 946 29.60 5.33 -90.61
C GLU A 946 30.27 6.47 -89.85
N LEU A 947 29.61 7.62 -89.82
CA LEU A 947 30.07 8.75 -89.02
C LEU A 947 30.21 8.39 -87.54
N VAL A 948 29.08 8.01 -86.95
CA VAL A 948 29.02 7.75 -85.53
C VAL A 948 30.01 6.66 -85.09
N GLU A 949 30.16 5.63 -85.90
CA GLU A 949 31.13 4.58 -85.60
C GLU A 949 32.55 5.13 -85.62
N THR A 950 32.95 5.69 -86.75
CA THR A 950 34.25 6.37 -86.89
C THR A 950 34.58 7.29 -85.70
N SER A 951 33.57 7.96 -85.17
CA SER A 951 33.71 8.79 -83.96
C SER A 951 34.00 7.96 -82.72
N GLU A 952 33.26 6.87 -82.54
CA GLU A 952 33.32 6.13 -81.29
C GLU A 952 34.49 5.18 -81.18
N VAL A 953 34.89 4.57 -82.31
CA VAL A 953 36.11 3.79 -82.31
C VAL A 953 37.32 4.71 -82.09
N ARG A 954 37.32 5.84 -82.80
CA ARG A 954 38.43 6.80 -82.74
C ARG A 954 38.64 7.35 -81.34
N LYS A 955 37.54 7.49 -80.61
CA LYS A 955 37.58 8.07 -79.27
C LYS A 955 37.83 7.02 -78.21
N ALA A 956 37.44 5.79 -78.53
CA ALA A 956 37.68 4.68 -77.62
C ALA A 956 39.12 4.18 -77.72
N VAL A 957 39.67 4.15 -78.92
CA VAL A 957 41.06 3.75 -79.10
C VAL A 957 42.00 4.74 -78.44
N SER A 958 41.67 6.03 -78.55
CA SER A 958 42.52 7.07 -77.99
C SER A 958 42.48 7.04 -76.45
N ILE A 959 41.31 6.76 -75.88
CA ILE A 959 41.17 6.70 -74.43
C ILE A 959 41.92 5.52 -73.83
N GLU A 960 42.22 4.51 -74.66
CA GLU A 960 42.92 3.33 -74.19
C GLU A 960 44.43 3.45 -74.38
N THR A 961 44.86 4.00 -75.51
CA THR A 961 46.27 4.26 -75.73
C THR A 961 46.75 5.26 -74.69
N ALA A 962 45.81 6.02 -74.14
CA ALA A 962 46.11 7.06 -73.15
C ALA A 962 46.25 6.49 -71.74
N LEU A 963 45.56 5.39 -71.48
CA LEU A 963 45.70 4.69 -70.20
C LEU A 963 46.93 3.78 -70.22
N GLU A 964 47.27 3.27 -71.40
CA GLU A 964 48.43 2.41 -71.59
C GLU A 964 49.68 3.24 -71.30
N HIS A 965 49.60 4.53 -71.62
CA HIS A 965 50.70 5.43 -71.36
C HIS A 965 50.88 5.64 -69.84
N LYS A 966 49.78 5.87 -69.13
CA LYS A 966 49.84 6.08 -67.67
C LYS A 966 50.30 4.84 -66.93
N VAL A 967 50.14 3.69 -67.57
CA VAL A 967 50.62 2.47 -66.95
C VAL A 967 52.11 2.33 -67.22
N VAL A 968 52.47 2.14 -68.49
CA VAL A 968 53.87 1.97 -68.88
C VAL A 968 54.79 3.07 -68.32
N ASN A 969 54.32 4.30 -68.36
CA ASN A 969 55.17 5.47 -68.14
C ASN A 969 54.79 6.31 -66.92
N GLY A 970 54.11 5.71 -65.96
CA GLY A 970 53.83 6.36 -64.69
C GLY A 970 52.88 7.56 -64.73
N ASN A 971 52.00 7.64 -63.73
CA ASN A 971 51.03 8.74 -63.67
C ASN A 971 51.55 10.01 -62.99
N SER A 972 52.77 9.94 -62.46
CA SER A 972 53.44 11.08 -61.83
C SER A 972 54.30 11.88 -62.82
N ALA A 973 54.64 11.26 -63.96
CA ALA A 973 55.37 11.92 -65.05
C ALA A 973 54.42 12.68 -65.97
N ASP A 974 53.16 12.24 -65.98
CA ASP A 974 52.11 12.87 -66.79
C ASP A 974 51.34 13.93 -65.98
N ALA A 975 51.47 13.86 -64.64
CA ALA A 975 50.80 14.79 -63.71
C ALA A 975 51.49 16.16 -63.68
N ALA A 976 52.80 16.17 -63.88
CA ALA A 976 53.58 17.40 -63.95
C ALA A 976 53.61 17.95 -65.38
N TYR A 977 52.70 17.46 -66.22
CA TYR A 977 52.59 17.88 -67.61
C TYR A 977 51.25 18.53 -68.01
N ALA A 978 50.24 18.42 -67.15
CA ALA A 978 49.02 19.20 -67.33
C ALA A 978 49.32 20.65 -66.90
N GLN A 979 48.61 21.60 -67.50
CA GLN A 979 48.79 23.01 -67.13
C GLN A 979 47.78 23.37 -66.04
N VAL A 980 48.00 24.52 -65.41
CA VAL A 980 47.07 24.99 -64.40
C VAL A 980 46.22 26.09 -64.95
N GLU A 981 44.91 25.88 -64.95
CA GLU A 981 43.95 26.94 -65.29
C GLU A 981 43.87 27.90 -64.12
N ILE A 982 43.69 29.17 -64.46
CA ILE A 982 43.42 30.20 -63.47
C ILE A 982 42.02 30.73 -63.63
N GLN A 983 41.29 30.81 -62.50
CA GLN A 983 39.90 31.26 -62.49
C GLN A 983 39.79 32.66 -61.89
N PRO A 984 39.04 33.54 -62.56
CA PRO A 984 38.88 34.95 -62.20
C PRO A 984 38.17 35.17 -60.86
N ARG A 985 38.62 36.20 -60.17
CA ARG A 985 37.89 36.71 -59.02
C ARG A 985 37.47 38.16 -59.27
N ALA A 986 36.49 38.59 -58.47
CA ALA A 986 35.85 39.87 -58.68
C ALA A 986 36.69 40.96 -58.07
N ASN A 987 36.98 41.97 -58.87
CA ASN A 987 37.71 43.13 -58.40
C ASN A 987 36.85 44.37 -58.58
N ILE A 988 35.82 44.52 -57.75
CA ILE A 988 34.93 45.67 -57.83
C ILE A 988 35.74 46.95 -57.89
N GLN A 989 35.43 47.85 -58.81
CA GLN A 989 36.19 49.09 -58.85
C GLN A 989 35.33 50.34 -58.71
N LEU A 990 35.92 51.37 -58.08
CA LEU A 990 35.23 52.62 -57.81
C LEU A 990 34.91 53.39 -59.07
N ASP A 991 35.67 53.09 -60.13
CA ASP A 991 35.40 53.65 -61.45
C ASP A 991 35.46 55.17 -61.43
N PHE A 992 36.59 55.72 -60.96
CA PHE A 992 36.82 57.16 -61.03
C PHE A 992 36.97 57.56 -62.47
N PRO A 993 36.97 59.15 -62.49
CA PRO A 993 36.99 59.52 -63.90
C PRO A 993 38.42 59.49 -64.38
N GLU A 994 38.62 59.39 -65.70
CA GLU A 994 39.94 59.38 -66.31
C GLU A 994 40.50 60.76 -66.60
N LEU A 995 41.73 60.97 -66.14
CA LEU A 995 42.44 62.22 -66.40
C LEU A 995 43.45 62.05 -67.54
N LYS A 996 43.25 62.80 -68.62
CA LYS A 996 44.08 62.64 -69.78
C LYS A 996 45.37 63.40 -69.57
N PRO A 997 46.41 63.11 -70.37
CA PRO A 997 47.60 63.96 -70.40
C PRO A 997 47.19 65.39 -70.71
N TYR A 998 47.83 66.36 -70.05
CA TYR A 998 47.44 67.76 -70.18
C TYR A 998 47.50 68.24 -71.64
N LYS A 999 48.44 67.67 -72.40
CA LYS A 999 48.57 68.02 -73.82
C LYS A 999 47.23 67.86 -74.55
N GLN A 1000 46.57 66.73 -74.28
CA GLN A 1000 45.28 66.41 -74.90
C GLN A 1000 44.17 67.22 -74.27
N VAL A 1001 44.32 67.51 -72.97
CA VAL A 1001 43.32 68.28 -72.26
C VAL A 1001 43.16 69.65 -72.90
N LYS A 1002 44.28 70.32 -73.18
CA LYS A 1002 44.23 71.70 -73.67
C LYS A 1002 43.71 71.77 -75.12
N GLN A 1003 43.55 70.59 -75.74
CA GLN A 1003 43.03 70.48 -77.10
C GLN A 1003 41.49 70.51 -77.14
N ILE A 1004 40.88 70.15 -76.02
CA ILE A 1004 39.43 70.06 -75.89
C ILE A 1004 38.77 71.44 -75.90
N ALA A 1005 39.15 72.26 -74.95
CA ALA A 1005 38.62 73.62 -74.82
C ALA A 1005 39.59 74.62 -75.45
N PRO A 1006 39.09 75.80 -75.82
CA PRO A 1006 39.87 76.87 -76.45
C PRO A 1006 41.02 77.36 -75.56
N ALA A 1007 42.14 77.75 -76.16
CA ALA A 1007 43.31 78.12 -75.35
C ALA A 1007 43.02 79.38 -74.57
N GLU A 1008 42.06 80.17 -75.08
CA GLU A 1008 41.63 81.41 -74.44
C GLU A 1008 41.03 81.19 -73.06
N LEU A 1009 40.49 79.98 -72.84
CA LEU A 1009 39.79 79.67 -71.61
C LEU A 1009 40.71 79.72 -70.39
N GLU A 1010 42.00 79.46 -70.61
CA GLU A 1010 42.96 79.39 -69.51
C GLU A 1010 42.94 80.64 -68.65
N GLY A 1011 42.47 80.51 -67.41
CA GLY A 1011 42.42 81.62 -66.47
C GLY A 1011 41.33 82.66 -66.71
N LEU A 1012 40.43 82.35 -67.62
CA LEU A 1012 39.31 83.25 -67.90
C LEU A 1012 38.29 83.13 -66.79
N LEU A 1013 38.10 81.89 -66.31
CA LEU A 1013 37.07 81.58 -65.33
C LEU A 1013 37.51 81.73 -63.88
N ASP A 1014 36.68 82.42 -63.09
CA ASP A 1014 36.77 82.40 -61.65
C ASP A 1014 36.34 81.01 -61.18
N LEU A 1015 37.30 80.17 -60.82
CA LEU A 1015 36.98 78.77 -60.50
C LEU A 1015 36.26 78.65 -59.15
N GLU A 1016 36.09 79.79 -58.49
CA GLU A 1016 35.39 79.84 -57.22
C GLU A 1016 33.89 79.92 -57.50
N ARG A 1017 33.52 79.99 -58.78
CA ARG A 1017 32.12 80.11 -59.19
C ARG A 1017 31.80 79.16 -60.34
N VAL A 1018 32.54 78.07 -60.39
CA VAL A 1018 32.23 76.97 -61.29
C VAL A 1018 31.78 75.84 -60.40
N ILE A 1019 30.51 75.49 -60.47
CA ILE A 1019 29.98 74.42 -59.63
C ILE A 1019 30.22 73.04 -60.25
N VAL A 1020 30.86 72.17 -59.50
CA VAL A 1020 31.36 70.90 -60.01
C VAL A 1020 30.85 69.73 -59.15
N VAL A 1021 30.55 68.58 -59.76
CA VAL A 1021 30.08 67.43 -59.00
C VAL A 1021 31.24 66.49 -58.66
N THR A 1022 31.33 66.19 -57.37
CA THR A 1022 32.53 65.62 -56.78
C THR A 1022 32.31 64.16 -56.40
N GLY A 1023 31.08 63.83 -56.08
CA GLY A 1023 30.72 62.45 -55.80
C GLY A 1023 29.23 62.24 -56.01
N PHE A 1024 28.81 60.98 -56.01
CA PHE A 1024 27.39 60.65 -56.05
C PHE A 1024 27.14 59.20 -55.70
N ALA A 1025 25.93 58.90 -55.26
CA ALA A 1025 25.54 57.55 -54.96
C ALA A 1025 24.04 57.48 -54.96
N GLU A 1026 23.50 56.27 -54.95
CA GLU A 1026 22.06 56.11 -54.86
C GLU A 1026 21.74 54.81 -54.15
N VAL A 1027 20.56 54.78 -53.55
CA VAL A 1027 19.93 53.56 -53.06
C VAL A 1027 18.63 53.40 -53.82
N GLY A 1028 18.48 52.30 -54.56
CA GLY A 1028 17.32 52.13 -55.41
C GLY A 1028 17.06 50.71 -55.87
N PRO A 1029 16.01 50.53 -56.66
CA PRO A 1029 15.50 49.24 -57.10
C PRO A 1029 16.59 48.36 -57.67
N TRP A 1030 17.62 48.98 -58.22
CA TRP A 1030 18.64 48.20 -58.90
C TRP A 1030 19.97 48.25 -58.21
N GLY A 1031 19.96 48.47 -56.90
CA GLY A 1031 21.18 48.42 -56.11
C GLY A 1031 21.76 49.77 -55.80
N SER A 1032 22.99 50.02 -56.25
CA SER A 1032 23.67 51.30 -56.04
C SER A 1032 24.01 51.89 -57.40
N ALA A 1033 24.59 53.09 -57.40
CA ALA A 1033 24.94 53.73 -58.66
C ALA A 1033 25.75 52.81 -59.59
N ARG A 1034 26.51 51.91 -58.98
CA ARG A 1034 27.43 51.02 -59.70
C ARG A 1034 26.67 49.92 -60.41
N THR A 1035 25.86 49.17 -59.67
CA THR A 1035 25.12 48.05 -60.22
C THR A 1035 23.98 48.48 -61.16
N ARG A 1036 23.34 49.60 -60.82
CA ARG A 1036 22.27 50.18 -61.64
C ARG A 1036 22.77 50.65 -63.00
N TRP A 1037 23.84 51.44 -63.02
CA TRP A 1037 24.43 51.87 -64.28
C TRP A 1037 24.78 50.68 -65.14
N GLU A 1038 25.25 49.62 -64.50
CA GLU A 1038 25.60 48.38 -65.18
C GLU A 1038 24.40 47.77 -65.87
N MET A 1039 23.28 47.76 -65.16
CA MET A 1039 22.07 47.16 -65.70
C MET A 1039 21.47 48.03 -66.77
N GLU A 1040 21.52 49.34 -66.53
CA GLU A 1040 20.94 50.32 -67.44
C GLU A 1040 21.71 50.38 -68.76
N ALA A 1041 23.03 50.40 -68.65
CA ALA A 1041 23.89 50.58 -69.82
C ALA A 1041 24.24 49.26 -70.51
N PHE A 1042 24.18 48.16 -69.78
CA PHE A 1042 24.62 46.89 -70.34
C PHE A 1042 23.58 45.77 -70.31
N GLY A 1043 22.70 45.79 -69.32
CA GLY A 1043 21.60 44.83 -69.26
C GLY A 1043 21.92 43.53 -68.55
N GLU A 1044 23.17 43.34 -68.17
CA GLU A 1044 23.53 42.22 -67.32
C GLU A 1044 24.65 42.69 -66.41
N PHE A 1045 24.85 41.99 -65.30
CA PHE A 1045 25.91 42.35 -64.40
C PHE A 1045 27.21 41.69 -64.82
N SER A 1046 28.32 42.30 -64.40
CA SER A 1046 29.64 41.71 -64.54
C SER A 1046 29.81 40.77 -63.36
N LEU A 1047 31.05 40.37 -63.11
CA LEU A 1047 31.36 39.59 -61.92
C LEU A 1047 31.15 40.51 -60.73
N GLU A 1048 31.68 41.72 -60.87
CA GLU A 1048 31.57 42.75 -59.84
C GLU A 1048 30.12 43.15 -59.65
N GLY A 1049 29.32 42.95 -60.69
CA GLY A 1049 27.89 43.20 -60.60
C GLY A 1049 27.24 42.25 -59.62
N CYS A 1050 27.30 40.96 -59.92
CA CYS A 1050 26.68 39.92 -59.09
C CYS A 1050 27.24 39.93 -57.69
N VAL A 1051 28.56 39.98 -57.57
CA VAL A 1051 29.16 39.88 -56.26
C VAL A 1051 28.65 41.00 -55.40
N GLU A 1052 28.58 42.21 -55.93
CA GLU A 1052 28.04 43.34 -55.18
C GLU A 1052 26.54 43.18 -54.91
N MET A 1053 25.77 42.84 -55.93
CA MET A 1053 24.35 42.60 -55.74
C MET A 1053 24.10 41.51 -54.68
N ALA A 1054 24.78 40.38 -54.82
CA ALA A 1054 24.66 39.29 -53.87
C ALA A 1054 24.98 39.76 -52.47
N TRP A 1055 25.94 40.67 -52.37
CA TRP A 1055 26.30 41.25 -51.07
C TRP A 1055 25.23 42.19 -50.51
N ILE A 1056 24.76 43.14 -51.32
CA ILE A 1056 23.78 44.09 -50.80
C ILE A 1056 22.49 43.35 -50.44
N MET A 1057 22.11 42.39 -51.29
CA MET A 1057 20.87 41.62 -51.13
C MET A 1057 20.96 40.56 -50.03
N GLY A 1058 22.15 40.32 -49.52
CA GLY A 1058 22.33 39.46 -48.36
C GLY A 1058 22.59 37.99 -48.67
N PHE A 1059 22.73 37.64 -49.94
CA PHE A 1059 22.95 36.24 -50.32
C PHE A 1059 24.24 35.67 -49.78
N ILE A 1060 25.33 36.41 -49.94
CA ILE A 1060 26.64 35.99 -49.47
C ILE A 1060 27.14 36.95 -48.39
N SER A 1061 27.91 36.42 -47.46
CA SER A 1061 28.45 37.23 -46.38
C SER A 1061 29.94 36.91 -46.24
N TYR A 1062 30.75 37.93 -45.97
CA TYR A 1062 32.19 37.71 -45.90
C TYR A 1062 32.57 36.90 -44.67
N HIS A 1063 33.57 36.04 -44.82
CA HIS A 1063 34.07 35.25 -43.71
C HIS A 1063 35.58 35.06 -43.74
N ASN A 1064 36.18 35.15 -42.57
CA ASN A 1064 37.62 35.01 -42.43
C ASN A 1064 37.94 34.36 -41.10
N GLY A 1065 38.34 33.09 -41.16
CA GLY A 1065 38.54 32.27 -39.99
C GLY A 1065 38.59 30.81 -40.40
N ASN A 1066 38.25 29.93 -39.47
CA ASN A 1066 38.27 28.51 -39.80
C ASN A 1066 36.90 28.03 -40.18
N LEU A 1067 36.81 27.39 -41.32
CA LEU A 1067 35.56 26.79 -41.77
C LEU A 1067 35.64 25.29 -41.63
N LYS A 1068 35.06 24.77 -40.56
CA LYS A 1068 35.06 23.34 -40.29
C LYS A 1068 36.48 22.80 -40.50
N GLY A 1069 37.40 23.20 -39.64
CA GLY A 1069 38.76 22.71 -39.69
C GLY A 1069 39.72 23.61 -40.44
N ARG A 1070 39.67 23.58 -41.76
CA ARG A 1070 40.61 24.35 -42.58
C ARG A 1070 40.30 25.84 -42.52
N PRO A 1071 41.32 26.68 -42.74
CA PRO A 1071 41.08 28.13 -42.70
C PRO A 1071 40.51 28.62 -44.03
N TYR A 1072 39.64 29.63 -43.96
CA TYR A 1072 39.00 30.21 -45.13
C TYR A 1072 39.06 31.73 -45.07
N THR A 1073 39.06 32.35 -46.25
CA THR A 1073 39.01 33.81 -46.36
C THR A 1073 38.29 34.13 -47.65
N GLY A 1074 37.03 34.57 -47.53
CA GLY A 1074 36.23 34.84 -48.70
C GLY A 1074 34.74 34.79 -48.45
N TRP A 1075 33.97 34.65 -49.52
CA TRP A 1075 32.53 34.70 -49.42
C TRP A 1075 31.95 33.40 -48.86
N VAL A 1076 30.82 33.52 -48.20
CA VAL A 1076 30.15 32.40 -47.60
C VAL A 1076 28.66 32.61 -47.81
N ASP A 1077 27.93 31.56 -48.21
CA ASP A 1077 26.47 31.65 -48.27
C ASP A 1077 25.99 31.88 -46.85
N SER A 1078 25.33 33.02 -46.62
CA SER A 1078 24.98 33.41 -45.26
C SER A 1078 23.92 32.51 -44.64
N LYS A 1079 23.08 31.90 -45.49
CA LYS A 1079 22.09 30.96 -44.98
C LYS A 1079 22.75 29.66 -44.52
N THR A 1080 23.58 29.06 -45.37
CA THR A 1080 24.20 27.76 -45.10
C THR A 1080 25.57 27.86 -44.39
N LYS A 1081 26.21 29.02 -44.49
CA LYS A 1081 27.56 29.24 -43.96
C LYS A 1081 28.62 28.40 -44.69
N GLU A 1082 28.28 27.90 -45.87
CA GLU A 1082 29.25 27.21 -46.71
C GLU A 1082 29.99 28.19 -47.62
N PRO A 1083 31.19 27.82 -48.05
CA PRO A 1083 32.00 28.77 -48.83
C PRO A 1083 31.44 28.93 -50.24
N VAL A 1084 31.65 30.11 -50.83
CA VAL A 1084 31.23 30.38 -52.20
C VAL A 1084 32.34 31.09 -52.95
N ASP A 1085 32.66 30.57 -54.13
CA ASP A 1085 33.68 31.20 -54.99
C ASP A 1085 33.05 32.28 -55.88
N ASP A 1086 33.77 33.37 -56.07
CA ASP A 1086 33.31 34.49 -56.89
C ASP A 1086 32.76 34.00 -58.23
N LYS A 1087 33.54 33.13 -58.86
CA LYS A 1087 33.22 32.62 -60.19
C LYS A 1087 31.91 31.81 -60.20
N ASP A 1088 31.33 31.60 -59.03
CA ASP A 1088 30.13 30.78 -58.90
C ASP A 1088 28.93 31.61 -58.55
N VAL A 1089 29.18 32.81 -58.01
CA VAL A 1089 28.10 33.68 -57.56
C VAL A 1089 26.99 33.80 -58.59
N LYS A 1090 27.35 33.93 -59.86
CA LYS A 1090 26.35 34.08 -60.93
C LYS A 1090 25.43 32.85 -61.04
N ALA A 1091 26.03 31.70 -61.30
CA ALA A 1091 25.28 30.46 -61.39
C ALA A 1091 24.38 30.24 -60.18
N LYS A 1092 24.89 30.57 -59.00
CA LYS A 1092 24.17 30.31 -57.75
C LYS A 1092 23.09 31.34 -57.40
N TYR A 1093 23.29 32.60 -57.74
CA TYR A 1093 22.42 33.63 -57.20
C TYR A 1093 21.69 34.51 -58.22
N GLU A 1094 22.32 34.78 -59.35
CA GLU A 1094 21.80 35.81 -60.26
C GLU A 1094 20.37 35.53 -60.66
N THR A 1095 20.06 34.27 -60.91
CA THR A 1095 18.73 33.88 -61.33
C THR A 1095 17.70 34.41 -60.37
N SER A 1096 18.05 34.39 -59.09
CA SER A 1096 17.18 34.86 -58.04
C SER A 1096 17.38 36.34 -57.76
N ILE A 1097 18.64 36.79 -57.83
CA ILE A 1097 18.92 38.21 -57.68
C ILE A 1097 18.06 39.00 -58.64
N LEU A 1098 18.02 38.56 -59.89
CA LEU A 1098 17.25 39.22 -60.93
C LEU A 1098 15.76 39.23 -60.62
N GLU A 1099 15.26 38.12 -60.07
CA GLU A 1099 13.85 38.01 -59.75
C GLU A 1099 13.42 38.94 -58.63
N HIS A 1100 14.39 39.49 -57.90
CA HIS A 1100 14.05 40.20 -56.67
C HIS A 1100 14.66 41.59 -56.60
N SER A 1101 14.84 42.20 -57.77
CA SER A 1101 15.18 43.62 -57.85
C SER A 1101 14.52 44.21 -59.07
N GLY A 1102 14.61 45.54 -59.20
CA GLY A 1102 13.96 46.23 -60.29
C GLY A 1102 12.47 46.41 -60.06
N ILE A 1103 11.74 46.61 -61.15
CA ILE A 1103 10.31 46.78 -61.06
C ILE A 1103 9.63 45.40 -61.04
N ARG A 1104 9.18 44.99 -59.86
CA ARG A 1104 8.57 43.67 -59.68
C ARG A 1104 7.29 43.73 -58.85
N LEU A 1105 6.66 42.59 -58.64
CA LEU A 1105 5.47 42.53 -57.80
C LEU A 1105 5.78 42.98 -56.39
N ILE A 1106 4.82 43.66 -55.76
CA ILE A 1106 5.01 44.23 -54.43
C ILE A 1106 5.14 43.15 -53.37
N GLU A 1107 6.32 43.08 -52.75
CA GLU A 1107 6.59 42.08 -51.74
C GLU A 1107 6.20 42.60 -50.38
N PRO A 1108 5.14 42.03 -49.79
CA PRO A 1108 4.50 42.66 -48.64
C PRO A 1108 5.44 42.61 -47.45
N GLU A 1109 6.39 41.69 -47.49
CA GLU A 1109 7.38 41.62 -46.42
C GLU A 1109 8.15 42.93 -46.30
N LEU A 1110 8.30 43.64 -47.41
CA LEU A 1110 9.11 44.87 -47.46
C LEU A 1110 8.34 46.11 -47.01
N PHE A 1111 7.07 45.95 -46.67
CA PHE A 1111 6.24 47.11 -46.38
C PHE A 1111 5.30 46.90 -45.21
N ASN A 1112 5.79 46.23 -44.17
CA ASN A 1112 4.99 45.94 -42.97
C ASN A 1112 3.74 45.14 -43.27
N GLY A 1113 3.72 44.50 -44.44
CA GLY A 1113 2.61 43.65 -44.82
C GLY A 1113 1.65 44.24 -45.82
N TYR A 1114 1.95 45.43 -46.35
CA TYR A 1114 1.05 46.04 -47.31
C TYR A 1114 0.80 45.03 -48.41
N ASN A 1115 -0.47 44.69 -48.57
CA ASN A 1115 -0.89 43.79 -49.61
C ASN A 1115 -1.94 44.49 -50.42
N PRO A 1116 -1.57 44.93 -51.63
CA PRO A 1116 -2.46 45.62 -52.57
C PRO A 1116 -3.70 44.78 -52.84
N GLU A 1117 -3.59 43.46 -52.69
CA GLU A 1117 -4.71 42.56 -52.92
C GLU A 1117 -5.69 42.58 -51.74
N LYS A 1118 -5.14 42.65 -50.53
CA LYS A 1118 -5.96 42.68 -49.33
C LYS A 1118 -5.73 43.96 -48.53
N LYS A 1119 -6.44 45.02 -48.91
CA LYS A 1119 -6.31 46.30 -48.23
C LYS A 1119 -7.11 46.32 -46.94
N GLU A 1120 -6.46 46.70 -45.84
CA GLU A 1120 -7.11 46.76 -44.54
C GLU A 1120 -7.93 48.04 -44.39
N MET A 1121 -9.15 47.90 -43.91
CA MET A 1121 -10.05 49.03 -43.71
C MET A 1121 -11.22 48.67 -42.82
N ILE A 1122 -11.64 49.61 -41.99
CA ILE A 1122 -12.76 49.39 -41.08
C ILE A 1122 -14.02 50.13 -41.54
N GLN A 1123 -15.18 49.52 -41.29
CA GLN A 1123 -16.42 50.21 -41.55
C GLN A 1123 -17.22 50.46 -40.27
N GLU A 1124 -17.95 51.56 -40.25
CA GLU A 1124 -18.78 51.91 -39.11
C GLU A 1124 -20.14 51.22 -39.23
N VAL A 1125 -20.58 50.65 -38.10
CA VAL A 1125 -21.90 50.05 -37.99
C VAL A 1125 -22.48 50.37 -36.64
N ILE A 1126 -23.80 50.41 -36.57
CA ILE A 1126 -24.48 50.62 -35.31
C ILE A 1126 -24.92 49.26 -34.79
N VAL A 1127 -24.59 48.95 -33.53
CA VAL A 1127 -25.02 47.67 -32.94
C VAL A 1127 -26.54 47.68 -32.71
N GLU A 1128 -27.22 46.71 -33.33
CA GLU A 1128 -28.68 46.69 -33.35
C GLU A 1128 -29.28 46.06 -32.09
N GLU A 1129 -28.51 45.18 -31.44
CA GLU A 1129 -28.90 44.69 -30.12
C GLU A 1129 -27.70 44.44 -29.21
N ASP A 1130 -27.88 44.81 -27.94
CA ASP A 1130 -26.86 44.67 -26.89
C ASP A 1130 -25.82 43.57 -27.15
N LEU A 1131 -24.56 43.97 -27.30
CA LEU A 1131 -23.46 43.02 -27.32
C LEU A 1131 -23.36 42.28 -25.99
N GLU A 1132 -22.69 41.14 -26.02
CA GLU A 1132 -22.35 40.40 -24.81
C GLU A 1132 -21.13 41.02 -24.16
N PRO A 1133 -21.20 41.24 -22.82
CA PRO A 1133 -20.17 41.86 -22.01
C PRO A 1133 -18.81 41.17 -22.12
N PHE A 1134 -17.75 41.97 -22.03
CA PHE A 1134 -16.38 41.45 -22.02
C PHE A 1134 -15.59 42.10 -20.88
N GLU A 1135 -14.60 41.38 -20.38
CA GLU A 1135 -13.81 41.88 -19.25
C GLU A 1135 -12.83 42.93 -19.74
N ALA A 1136 -12.48 43.88 -18.86
CA ALA A 1136 -11.59 44.98 -19.23
C ALA A 1136 -11.03 45.62 -17.96
N SER A 1137 -9.92 46.35 -18.09
CA SER A 1137 -9.31 47.01 -16.93
C SER A 1137 -10.17 48.20 -16.50
N LYS A 1138 -9.93 48.73 -15.31
CA LYS A 1138 -10.73 49.87 -14.88
C LYS A 1138 -10.44 51.11 -15.73
N GLU A 1139 -9.15 51.38 -15.96
CA GLU A 1139 -8.72 52.49 -16.80
C GLU A 1139 -9.36 52.39 -18.18
N THR A 1140 -9.36 51.19 -18.74
CA THR A 1140 -9.89 50.96 -20.08
C THR A 1140 -11.41 51.04 -20.14
N ALA A 1141 -12.09 50.48 -19.16
CA ALA A 1141 -13.54 50.53 -19.15
C ALA A 1141 -14.02 51.99 -19.10
N GLU A 1142 -13.30 52.80 -18.33
CA GLU A 1142 -13.64 54.21 -18.21
C GLU A 1142 -13.47 54.99 -19.52
N GLN A 1143 -12.43 54.66 -20.29
CA GLN A 1143 -12.23 55.25 -21.61
C GLN A 1143 -13.37 54.92 -22.58
N PHE A 1144 -14.03 53.79 -22.35
CA PHE A 1144 -15.18 53.38 -23.16
C PHE A 1144 -16.40 54.18 -22.78
N LYS A 1145 -16.65 54.27 -21.48
CA LYS A 1145 -17.82 54.95 -20.96
C LYS A 1145 -17.73 56.43 -21.31
N HIS A 1146 -16.51 56.96 -21.33
CA HIS A 1146 -16.28 58.35 -21.68
C HIS A 1146 -16.72 58.61 -23.10
N GLN A 1147 -16.51 57.61 -23.94
CA GLN A 1147 -16.83 57.68 -25.35
C GLN A 1147 -18.34 57.49 -25.62
N HIS A 1148 -18.91 56.42 -25.06
CA HIS A 1148 -20.27 56.00 -25.42
C HIS A 1148 -21.39 56.56 -24.53
N GLY A 1149 -21.10 56.78 -23.26
CA GLY A 1149 -22.08 57.34 -22.34
C GLY A 1149 -23.32 56.48 -22.20
N ASP A 1150 -24.47 57.01 -22.60
CA ASP A 1150 -25.75 56.30 -22.50
C ASP A 1150 -25.74 54.95 -23.20
N LYS A 1151 -24.78 54.77 -24.09
CA LYS A 1151 -24.77 53.59 -24.94
C LYS A 1151 -23.76 52.50 -24.51
N VAL A 1152 -23.24 52.60 -23.29
CA VAL A 1152 -22.43 51.53 -22.74
C VAL A 1152 -22.57 51.47 -21.24
N ASP A 1153 -22.56 50.26 -20.70
CA ASP A 1153 -22.58 50.04 -19.27
C ASP A 1153 -21.26 49.44 -18.85
N ILE A 1154 -20.65 49.97 -17.80
CA ILE A 1154 -19.48 49.35 -17.23
C ILE A 1154 -19.68 49.21 -15.74
N PHE A 1155 -19.31 48.05 -15.23
CA PHE A 1155 -19.56 47.72 -13.83
C PHE A 1155 -18.36 47.01 -13.23
N GLU A 1156 -18.03 47.34 -11.99
CA GLU A 1156 -16.92 46.67 -11.34
C GLU A 1156 -17.25 45.23 -10.96
N ILE A 1157 -16.31 44.33 -11.23
CA ILE A 1157 -16.39 42.96 -10.79
C ILE A 1157 -15.67 42.93 -9.45
N PRO A 1158 -16.43 42.90 -8.35
CA PRO A 1158 -15.90 43.18 -7.01
C PRO A 1158 -14.72 42.29 -6.59
N GLU A 1159 -14.66 41.07 -7.14
CA GLU A 1159 -13.66 40.08 -6.74
C GLU A 1159 -12.27 40.35 -7.34
N THR A 1160 -12.27 40.74 -8.61
CA THR A 1160 -11.03 40.97 -9.36
C THR A 1160 -10.58 42.45 -9.38
N GLY A 1161 -11.54 43.36 -9.25
CA GLY A 1161 -11.24 44.78 -9.26
C GLY A 1161 -11.41 45.35 -10.66
N GLU A 1162 -11.59 44.45 -11.62
CA GLU A 1162 -11.75 44.82 -13.02
C GLU A 1162 -13.22 44.96 -13.42
N TYR A 1163 -13.46 45.58 -14.58
CA TYR A 1163 -14.82 45.91 -15.02
C TYR A 1163 -15.30 45.08 -16.21
N SER A 1164 -16.61 44.95 -16.30
CA SER A 1164 -17.23 44.35 -17.44
C SER A 1164 -17.72 45.48 -18.35
N VAL A 1165 -17.52 45.34 -19.65
CA VAL A 1165 -17.96 46.35 -20.61
C VAL A 1165 -19.05 45.82 -21.53
N LYS A 1166 -20.25 46.38 -21.41
CA LYS A 1166 -21.38 45.93 -22.22
C LYS A 1166 -21.89 47.02 -23.16
N LEU A 1167 -21.70 46.82 -24.45
CA LEU A 1167 -22.15 47.78 -25.44
C LEU A 1167 -23.62 47.62 -25.73
N LEU A 1168 -24.38 48.65 -25.41
CA LEU A 1168 -25.82 48.61 -25.56
C LEU A 1168 -26.21 48.83 -27.02
N LYS A 1169 -27.48 48.63 -27.31
CA LYS A 1169 -28.01 48.91 -28.63
C LYS A 1169 -27.92 50.40 -28.85
N GLY A 1170 -27.52 50.79 -30.06
CA GLY A 1170 -27.40 52.20 -30.41
C GLY A 1170 -25.95 52.63 -30.55
N ALA A 1171 -25.05 51.89 -29.88
CA ALA A 1171 -23.63 52.19 -29.87
C ALA A 1171 -23.01 52.10 -31.27
N THR A 1172 -21.79 52.63 -31.41
CA THR A 1172 -21.09 52.57 -32.69
C THR A 1172 -19.91 51.60 -32.66
N LEU A 1173 -19.80 50.79 -33.71
CA LEU A 1173 -18.80 49.75 -33.82
C LEU A 1173 -18.00 49.86 -35.11
N TYR A 1174 -16.73 49.50 -35.04
CA TYR A 1174 -15.90 49.42 -36.23
C TYR A 1174 -15.56 47.98 -36.58
N ILE A 1175 -16.13 47.51 -37.69
CA ILE A 1175 -15.95 46.15 -38.18
C ILE A 1175 -15.06 46.11 -39.41
N PRO A 1176 -13.87 45.51 -39.28
CA PRO A 1176 -12.85 45.43 -40.33
C PRO A 1176 -13.37 44.69 -41.56
N LYS A 1177 -12.87 45.11 -42.73
CA LYS A 1177 -13.21 44.50 -44.02
C LYS A 1177 -12.04 44.69 -44.97
N ALA A 1178 -12.10 44.04 -46.14
CA ALA A 1178 -10.98 44.07 -47.06
C ALA A 1178 -11.36 44.50 -48.46
N LEU A 1179 -10.38 45.08 -49.15
CA LEU A 1179 -10.55 45.73 -50.44
C LEU A 1179 -9.47 45.28 -51.42
N ARG A 1180 -9.86 44.89 -52.64
CA ARG A 1180 -8.87 44.52 -53.66
C ARG A 1180 -8.43 45.72 -54.49
N PHE A 1181 -7.13 45.99 -54.53
CA PHE A 1181 -6.60 47.20 -55.17
C PHE A 1181 -5.87 46.91 -56.51
N ASP A 1182 -5.59 48.07 -57.35
CA ASP A 1182 -5.16 47.90 -58.76
C ASP A 1182 -3.66 47.89 -58.98
N ARG A 1183 -2.93 48.58 -58.13
CA ARG A 1183 -1.49 48.75 -58.28
C ARG A 1183 -0.75 47.65 -57.55
N LEU A 1184 -0.21 46.70 -58.31
CA LEU A 1184 0.36 45.46 -57.80
C LEU A 1184 1.87 45.41 -57.93
N VAL A 1185 2.45 46.42 -58.58
CA VAL A 1185 3.87 46.42 -58.89
C VAL A 1185 4.54 47.74 -58.54
N ALA A 1186 5.73 47.66 -57.96
CA ALA A 1186 6.54 48.85 -57.66
C ALA A 1186 8.03 48.60 -57.93
N GLY A 1187 8.79 49.67 -58.09
CA GLY A 1187 10.22 49.56 -58.18
C GLY A 1187 10.80 49.61 -56.79
N GLN A 1188 11.17 48.45 -56.24
CA GLN A 1188 11.54 48.38 -54.84
C GLN A 1188 13.01 48.07 -54.69
N ILE A 1189 13.61 48.58 -53.62
CA ILE A 1189 14.99 48.25 -53.27
C ILE A 1189 15.14 46.73 -53.23
N PRO A 1190 16.25 46.20 -53.80
CA PRO A 1190 16.47 44.75 -53.92
C PRO A 1190 16.19 44.03 -52.61
N THR A 1191 15.54 42.88 -52.69
CA THR A 1191 15.09 42.18 -51.48
C THR A 1191 16.27 41.70 -50.66
N GLY A 1192 16.33 42.14 -49.41
CA GLY A 1192 17.38 41.73 -48.51
C GLY A 1192 18.35 42.85 -48.21
N TRP A 1193 18.08 44.01 -48.80
CA TRP A 1193 18.83 45.23 -48.48
C TRP A 1193 18.70 45.45 -46.99
N ASN A 1194 19.73 46.00 -46.38
CA ASN A 1194 19.72 46.12 -44.94
C ASN A 1194 20.69 47.17 -44.45
N ALA A 1195 20.16 48.27 -43.91
CA ALA A 1195 21.01 49.34 -43.42
C ALA A 1195 22.03 48.80 -42.41
N LYS A 1196 21.74 47.63 -41.88
CA LYS A 1196 22.65 46.96 -40.96
C LYS A 1196 23.97 46.57 -41.63
N THR A 1197 23.89 46.12 -42.88
CA THR A 1197 25.08 45.66 -43.59
C THR A 1197 25.96 46.79 -44.16
N TYR A 1198 25.36 47.95 -44.39
CA TYR A 1198 26.15 49.12 -44.74
C TYR A 1198 26.85 49.63 -43.48
N GLY A 1199 26.42 49.11 -42.33
CA GLY A 1199 27.09 49.37 -41.08
C GLY A 1199 26.35 50.27 -40.11
N ILE A 1200 25.04 50.40 -40.30
CA ILE A 1200 24.23 51.29 -39.44
C ILE A 1200 23.73 50.63 -38.14
N SER A 1201 23.99 51.32 -37.03
CA SER A 1201 23.65 50.83 -35.69
C SER A 1201 22.16 50.54 -35.49
N ASP A 1202 21.85 49.43 -34.81
CA ASP A 1202 20.47 49.04 -34.56
C ASP A 1202 19.60 50.15 -33.94
N ASP A 1203 20.23 50.98 -33.11
CA ASP A 1203 19.54 52.07 -32.44
C ASP A 1203 19.02 53.09 -33.45
N ILE A 1204 19.84 53.38 -34.45
CA ILE A 1204 19.44 54.27 -35.52
C ILE A 1204 18.34 53.62 -36.36
N ILE A 1205 18.51 52.33 -36.63
CA ILE A 1205 17.54 51.59 -37.44
C ILE A 1205 16.15 51.76 -36.83
N SER A 1206 16.07 51.54 -35.52
CA SER A 1206 14.83 51.67 -34.79
C SER A 1206 14.27 53.10 -34.86
N GLN A 1207 15.04 54.00 -34.25
CA GLN A 1207 14.70 55.43 -34.09
C GLN A 1207 14.20 56.12 -35.35
N VAL A 1208 14.74 55.72 -36.49
CA VAL A 1208 14.58 56.47 -37.73
C VAL A 1208 13.50 55.89 -38.68
N ASP A 1209 12.98 56.78 -39.55
CA ASP A 1209 12.11 56.37 -40.67
C ASP A 1209 12.97 55.75 -41.77
N PRO A 1210 12.49 54.65 -42.38
CA PRO A 1210 13.18 53.97 -43.50
C PRO A 1210 13.87 54.92 -44.49
N ILE A 1211 13.19 55.98 -44.90
CA ILE A 1211 13.76 56.93 -45.84
C ILE A 1211 15.09 57.52 -45.35
N THR A 1212 15.22 57.74 -44.05
CA THR A 1212 16.47 58.27 -43.51
C THR A 1212 17.59 57.26 -43.69
N LEU A 1213 17.24 55.97 -43.71
CA LEU A 1213 18.24 54.94 -43.93
C LEU A 1213 18.74 54.97 -45.36
N PHE A 1214 17.85 55.14 -46.32
CA PHE A 1214 18.26 55.32 -47.69
C PHE A 1214 19.25 56.48 -47.79
N VAL A 1215 18.80 57.66 -47.38
CA VAL A 1215 19.64 58.85 -47.34
C VAL A 1215 20.98 58.66 -46.64
N LEU A 1216 20.96 58.11 -45.43
CA LEU A 1216 22.21 57.91 -44.72
C LEU A 1216 23.18 57.10 -45.57
N VAL A 1217 22.70 55.98 -46.10
CA VAL A 1217 23.59 55.06 -46.83
C VAL A 1217 24.18 55.70 -48.07
N SER A 1218 23.41 56.54 -48.76
CA SER A 1218 23.93 57.19 -49.97
C SER A 1218 24.87 58.34 -49.67
N VAL A 1219 24.63 59.07 -48.59
CA VAL A 1219 25.55 60.16 -48.21
C VAL A 1219 26.93 59.56 -47.96
N VAL A 1220 26.92 58.39 -47.33
CA VAL A 1220 28.15 57.67 -47.09
C VAL A 1220 28.76 57.25 -48.40
N GLU A 1221 28.02 56.47 -49.19
CA GLU A 1221 28.48 56.01 -50.49
C GLU A 1221 28.89 57.16 -51.44
N ALA A 1222 28.29 58.34 -51.29
CA ALA A 1222 28.62 59.48 -52.15
C ALA A 1222 29.94 60.13 -51.74
N PHE A 1223 30.17 60.28 -50.45
CA PHE A 1223 31.48 60.72 -49.97
C PHE A 1223 32.58 59.75 -50.41
N ILE A 1224 32.32 58.45 -50.36
CA ILE A 1224 33.27 57.46 -50.86
C ILE A 1224 33.60 57.68 -52.34
N ALA A 1225 32.58 58.09 -53.10
CA ALA A 1225 32.72 58.28 -54.55
C ALA A 1225 33.57 59.50 -54.82
N SER A 1226 33.76 60.30 -53.79
CA SER A 1226 34.44 61.56 -53.94
C SER A 1226 35.79 61.46 -53.26
N GLY A 1227 36.10 60.27 -52.75
CA GLY A 1227 37.37 60.06 -52.10
C GLY A 1227 37.52 60.78 -50.77
N ILE A 1228 36.42 61.24 -50.20
CA ILE A 1228 36.40 61.81 -48.86
C ILE A 1228 36.07 60.68 -47.91
N THR A 1229 37.05 60.24 -47.14
CA THR A 1229 36.86 59.04 -46.33
C THR A 1229 36.41 59.39 -44.91
N ASP A 1230 36.86 60.54 -44.44
CA ASP A 1230 36.44 61.08 -43.15
C ASP A 1230 35.87 62.49 -43.40
N PRO A 1231 34.56 62.68 -43.20
CA PRO A 1231 33.92 63.98 -43.51
C PRO A 1231 34.71 65.16 -42.92
N TYR A 1232 35.26 64.99 -41.73
CA TYR A 1232 35.99 66.06 -41.05
C TYR A 1232 37.24 66.53 -41.81
N GLU A 1233 37.55 65.86 -42.92
CA GLU A 1233 38.67 66.28 -43.76
C GLU A 1233 38.30 67.55 -44.49
N MET A 1234 37.00 67.72 -44.73
CA MET A 1234 36.49 68.99 -45.23
C MET A 1234 36.99 70.14 -44.34
N TYR A 1235 36.99 69.91 -43.04
CA TYR A 1235 37.34 70.97 -42.09
C TYR A 1235 38.83 71.22 -42.03
N LYS A 1236 39.59 70.47 -42.81
CA LYS A 1236 40.97 70.85 -43.07
C LYS A 1236 41.00 72.03 -44.05
N TYR A 1237 40.06 72.03 -45.01
CA TYR A 1237 40.07 73.01 -46.11
C TYR A 1237 39.08 74.17 -45.92
N VAL A 1238 38.03 73.91 -45.16
CA VAL A 1238 36.91 74.85 -45.08
C VAL A 1238 36.55 75.14 -43.62
N HIS A 1239 35.77 76.19 -43.39
CA HIS A 1239 35.27 76.49 -42.05
C HIS A 1239 33.95 75.79 -41.80
N VAL A 1240 33.75 75.39 -40.55
CA VAL A 1240 32.57 74.65 -40.13
C VAL A 1240 31.28 75.18 -40.73
N SER A 1241 31.25 76.50 -40.91
CA SER A 1241 30.07 77.20 -41.41
C SER A 1241 29.86 77.17 -42.94
N GLU A 1242 30.77 76.52 -43.67
CA GLU A 1242 30.71 76.56 -45.13
C GLU A 1242 30.48 75.20 -45.78
N VAL A 1243 30.01 74.23 -44.99
CA VAL A 1243 29.53 72.97 -45.56
C VAL A 1243 28.05 72.84 -45.31
N GLY A 1244 27.25 72.72 -46.38
CA GLY A 1244 25.81 72.81 -46.27
C GLY A 1244 25.07 71.57 -46.69
N ASN A 1245 23.75 71.53 -46.43
CA ASN A 1245 22.91 70.41 -46.84
C ASN A 1245 21.62 70.89 -47.48
N CYS A 1246 21.50 70.71 -48.80
CA CYS A 1246 20.31 71.15 -49.55
C CYS A 1246 19.49 69.99 -50.12
N SER A 1247 19.68 68.79 -49.60
CA SER A 1247 18.84 67.66 -49.99
C SER A 1247 17.38 67.85 -49.58
N GLY A 1248 16.46 67.32 -50.39
CA GLY A 1248 15.04 67.52 -50.18
C GLY A 1248 14.17 66.30 -50.42
N SER A 1249 12.91 66.38 -50.03
CA SER A 1249 11.97 65.29 -50.29
C SER A 1249 10.60 65.80 -50.70
N GLY A 1250 9.87 64.97 -51.45
CA GLY A 1250 8.52 65.30 -51.84
C GLY A 1250 7.57 65.10 -50.67
N MET A 1251 7.57 63.90 -50.12
CA MET A 1251 6.79 63.60 -48.92
C MET A 1251 7.72 63.37 -47.74
N GLY A 1252 8.56 62.33 -47.83
CA GLY A 1252 9.55 62.05 -46.82
C GLY A 1252 8.97 61.79 -45.43
N GLY A 1253 9.25 60.60 -44.89
CA GLY A 1253 8.75 60.23 -43.59
C GLY A 1253 7.31 59.76 -43.66
N VAL A 1254 6.94 59.24 -44.82
CA VAL A 1254 5.58 58.74 -45.04
C VAL A 1254 5.25 57.64 -44.03
N SER A 1255 6.29 56.98 -43.53
CA SER A 1255 6.09 55.85 -42.63
C SER A 1255 5.80 56.35 -41.19
N ALA A 1256 6.54 57.37 -40.74
CA ALA A 1256 6.30 57.95 -39.43
C ALA A 1256 4.97 58.71 -39.41
N LEU A 1257 4.61 59.27 -40.56
CA LEU A 1257 3.33 59.95 -40.75
C LEU A 1257 2.16 59.04 -40.43
N ARG A 1258 2.26 57.78 -40.84
CA ARG A 1258 1.21 56.80 -40.60
C ARG A 1258 1.11 56.44 -39.13
N GLY A 1259 2.26 56.22 -38.49
CA GLY A 1259 2.29 55.89 -37.07
C GLY A 1259 1.66 56.99 -36.25
N MET A 1260 1.66 58.19 -36.81
CA MET A 1260 1.17 59.38 -36.14
C MET A 1260 -0.33 59.57 -36.32
N PHE A 1261 -0.84 59.17 -37.49
CA PHE A 1261 -2.23 59.44 -37.90
C PHE A 1261 -3.14 58.21 -37.76
N LYS A 1262 -2.53 57.03 -37.79
CA LYS A 1262 -3.27 55.78 -37.94
C LYS A 1262 -2.94 54.82 -36.82
N ASP A 1263 -1.65 54.64 -36.57
CA ASP A 1263 -1.18 53.76 -35.52
C ASP A 1263 -1.49 54.33 -34.13
N ARG A 1264 -1.59 55.65 -34.03
CA ARG A 1264 -2.06 56.29 -32.81
C ARG A 1264 -3.56 56.09 -32.67
N PHE A 1265 -4.27 56.28 -33.77
CA PHE A 1265 -5.73 56.15 -33.80
C PHE A 1265 -6.18 54.76 -33.35
N LYS A 1266 -5.29 53.77 -33.41
CA LYS A 1266 -5.62 52.42 -32.97
C LYS A 1266 -5.08 52.13 -31.56
N ASP A 1267 -4.41 53.11 -30.97
CA ASP A 1267 -3.75 52.95 -29.67
C ASP A 1267 -2.64 51.90 -29.73
N GLU A 1268 -2.15 51.62 -30.94
CA GLU A 1268 -0.99 50.75 -31.12
C GLU A 1268 0.26 51.41 -30.55
N PRO A 1269 1.19 50.60 -30.05
CA PRO A 1269 2.39 51.23 -29.53
C PRO A 1269 3.13 51.95 -30.66
N VAL A 1270 3.34 53.25 -30.49
CA VAL A 1270 4.12 54.05 -31.43
C VAL A 1270 4.98 55.07 -30.67
N GLN A 1271 6.19 55.33 -31.16
CA GLN A 1271 7.15 56.21 -30.49
C GLN A 1271 6.57 57.56 -30.11
N ASN A 1272 7.23 58.26 -29.19
CA ASN A 1272 6.75 59.55 -28.72
C ASN A 1272 7.24 60.71 -29.57
N ASP A 1273 8.22 60.45 -30.42
CA ASP A 1273 8.68 61.44 -31.38
C ASP A 1273 8.66 60.94 -32.82
N ILE A 1274 7.57 60.31 -33.25
CA ILE A 1274 7.41 59.99 -34.67
C ILE A 1274 7.22 61.28 -35.42
N LEU A 1275 6.80 62.32 -34.71
CA LEU A 1275 6.68 63.64 -35.32
C LEU A 1275 8.03 64.09 -35.89
N GLN A 1276 9.11 63.99 -35.10
CA GLN A 1276 10.49 64.19 -35.57
C GLN A 1276 10.69 63.63 -36.97
N GLU A 1277 10.52 62.32 -37.09
CA GLU A 1277 10.91 61.58 -38.29
C GLU A 1277 10.00 61.83 -39.49
N SER A 1278 8.82 62.40 -39.24
CA SER A 1278 7.88 62.65 -40.32
C SER A 1278 8.30 63.87 -41.15
N PHE A 1279 8.99 64.81 -40.51
CA PHE A 1279 9.45 66.01 -41.19
C PHE A 1279 10.40 65.67 -42.34
N ILE A 1280 10.45 66.56 -43.33
CA ILE A 1280 11.27 66.33 -44.51
C ILE A 1280 12.73 66.72 -44.28
N ASN A 1281 12.95 67.70 -43.41
CA ASN A 1281 14.28 68.22 -43.17
C ASN A 1281 15.04 67.49 -42.06
N THR A 1282 14.45 66.43 -41.53
CA THR A 1282 15.10 65.67 -40.47
C THR A 1282 16.06 64.62 -41.02
N MET A 1283 15.84 64.21 -42.26
CA MET A 1283 16.76 63.34 -42.95
C MET A 1283 18.10 64.03 -43.03
N SER A 1284 18.10 65.29 -43.48
CA SER A 1284 19.31 66.09 -43.53
C SER A 1284 19.89 66.34 -42.13
N ALA A 1285 19.02 66.35 -41.13
CA ALA A 1285 19.40 66.56 -39.74
C ALA A 1285 20.20 65.38 -39.18
N TRP A 1286 19.72 64.15 -39.38
CA TRP A 1286 20.46 62.94 -38.99
C TRP A 1286 21.77 62.81 -39.75
N VAL A 1287 21.76 63.17 -41.03
CA VAL A 1287 22.99 63.22 -41.82
C VAL A 1287 24.01 64.10 -41.13
N ASN A 1288 23.60 65.31 -40.76
CA ASN A 1288 24.50 66.22 -40.07
C ASN A 1288 24.84 65.81 -38.63
N MET A 1289 23.94 65.07 -37.99
CA MET A 1289 24.12 64.70 -36.58
C MET A 1289 24.92 63.41 -36.39
N LEU A 1290 24.97 62.59 -37.44
CA LEU A 1290 25.65 61.31 -37.39
C LEU A 1290 26.98 61.33 -38.12
N LEU A 1291 27.08 62.18 -39.14
CA LEU A 1291 28.18 62.14 -40.10
C LEU A 1291 28.98 63.43 -40.23
N ILE A 1292 28.26 64.54 -40.49
CA ILE A 1292 28.90 65.74 -41.00
C ILE A 1292 29.28 66.83 -39.98
N SER A 1293 28.40 67.13 -39.03
CA SER A 1293 28.78 68.03 -37.95
C SER A 1293 29.00 69.48 -38.44
N SER A 1294 28.35 69.84 -39.54
CA SER A 1294 28.51 71.19 -40.10
C SER A 1294 27.60 72.24 -39.45
N SER A 1295 28.02 73.50 -39.53
CA SER A 1295 27.18 74.64 -39.14
C SER A 1295 26.93 75.48 -40.38
N GLY A 1296 26.97 74.82 -41.53
CA GLY A 1296 26.72 75.47 -42.80
C GLY A 1296 25.25 75.73 -43.03
N PRO A 1297 24.87 76.02 -44.27
CA PRO A 1297 23.47 76.31 -44.57
C PRO A 1297 22.64 75.04 -44.54
N ILE A 1298 21.34 75.19 -44.29
CA ILE A 1298 20.44 74.05 -44.29
C ILE A 1298 19.10 74.44 -44.90
N LYS A 1299 19.08 74.55 -46.23
CA LYS A 1299 17.89 74.88 -46.99
C LYS A 1299 17.27 73.60 -47.58
N THR A 1300 16.07 73.23 -47.14
CA THR A 1300 15.45 71.98 -47.58
C THR A 1300 14.26 72.17 -48.53
N PRO A 1301 14.38 71.64 -49.77
CA PRO A 1301 13.40 71.77 -50.85
C PRO A 1301 12.27 70.73 -50.79
N VAL A 1302 11.06 71.20 -51.08
CA VAL A 1302 9.94 70.33 -51.42
C VAL A 1302 9.49 70.64 -52.85
N GLY A 1303 9.73 69.71 -53.77
CA GLY A 1303 9.42 69.93 -55.17
C GLY A 1303 8.70 68.78 -55.84
N ALA A 1304 7.96 68.00 -55.04
CA ALA A 1304 7.21 66.87 -55.56
C ALA A 1304 8.09 65.91 -56.35
N CYS A 1305 7.92 65.90 -57.67
CA CYS A 1305 8.69 65.01 -58.54
C CYS A 1305 9.90 65.71 -59.15
N ALA A 1306 10.29 66.83 -58.57
CA ALA A 1306 11.42 67.57 -59.08
C ALA A 1306 12.23 68.20 -57.94
N THR A 1307 11.98 67.73 -56.72
CA THR A 1307 12.70 68.23 -55.55
C THR A 1307 14.20 68.05 -55.76
N SER A 1308 14.55 67.06 -56.56
CA SER A 1308 15.95 66.71 -56.76
C SER A 1308 16.68 67.72 -57.64
N VAL A 1309 16.04 68.19 -58.71
CA VAL A 1309 16.69 69.18 -59.56
C VAL A 1309 16.67 70.51 -58.85
N GLU A 1310 15.50 70.88 -58.35
CA GLU A 1310 15.35 72.08 -57.54
C GLU A 1310 16.39 72.10 -56.40
N SER A 1311 16.74 70.93 -55.90
CA SER A 1311 17.75 70.83 -54.86
C SER A 1311 19.11 71.29 -55.38
N VAL A 1312 19.43 70.90 -56.60
CA VAL A 1312 20.69 71.28 -57.21
C VAL A 1312 20.74 72.77 -57.43
N ASP A 1313 19.62 73.33 -57.90
CA ASP A 1313 19.50 74.79 -58.07
C ASP A 1313 19.87 75.45 -56.75
N ILE A 1314 19.07 75.17 -55.73
CA ILE A 1314 19.34 75.67 -54.38
C ILE A 1314 20.81 75.45 -53.94
N GLY A 1315 21.36 74.28 -54.24
CA GLY A 1315 22.74 73.98 -53.88
C GLY A 1315 23.74 74.91 -54.56
N VAL A 1316 23.69 74.89 -55.88
CA VAL A 1316 24.49 75.77 -56.72
C VAL A 1316 24.49 77.21 -56.23
N GLU A 1317 23.30 77.72 -55.93
CA GLU A 1317 23.17 79.11 -55.52
C GLU A 1317 23.83 79.38 -54.18
N THR A 1318 23.69 78.44 -53.25
CA THR A 1318 24.24 78.61 -51.91
C THR A 1318 25.77 78.71 -51.92
N ILE A 1319 26.38 78.05 -52.91
CA ILE A 1319 27.83 78.08 -53.04
C ILE A 1319 28.29 79.35 -53.78
N LEU A 1320 27.44 79.82 -54.70
CA LEU A 1320 27.71 81.01 -55.50
C LEU A 1320 27.45 82.30 -54.75
N SER A 1321 26.97 82.19 -53.52
CA SER A 1321 26.70 83.35 -52.69
C SER A 1321 27.71 83.42 -51.56
N GLY A 1322 28.62 82.45 -51.53
CA GLY A 1322 29.67 82.43 -50.52
C GLY A 1322 29.24 81.80 -49.21
N LYS A 1323 27.97 81.42 -49.11
CA LYS A 1323 27.42 80.83 -47.90
C LYS A 1323 27.92 79.41 -47.61
N ALA A 1324 28.27 78.70 -48.67
CA ALA A 1324 28.89 77.39 -48.55
C ALA A 1324 29.90 77.18 -49.66
N ARG A 1325 30.88 76.33 -49.43
CA ARG A 1325 31.85 76.00 -50.47
C ARG A 1325 31.73 74.55 -50.87
N ILE A 1326 31.15 73.75 -49.98
CA ILE A 1326 30.77 72.39 -50.30
C ILE A 1326 29.35 72.21 -49.78
N CYS A 1327 28.48 71.63 -50.58
CA CYS A 1327 27.23 71.16 -49.99
C CYS A 1327 26.61 69.93 -50.65
N ILE A 1328 25.78 69.24 -49.86
CA ILE A 1328 25.13 68.01 -50.25
C ILE A 1328 23.81 68.29 -50.92
N VAL A 1329 23.62 67.69 -52.09
CA VAL A 1329 22.46 67.94 -52.88
C VAL A 1329 21.83 66.59 -53.21
N GLY A 1330 20.51 66.55 -53.43
CA GLY A 1330 19.86 65.33 -53.86
C GLY A 1330 18.39 65.24 -53.49
N GLY A 1331 17.81 64.05 -53.63
CA GLY A 1331 16.42 63.83 -53.31
C GLY A 1331 16.14 62.43 -52.80
N TYR A 1332 15.00 62.28 -52.13
CA TYR A 1332 14.62 60.99 -51.56
C TYR A 1332 13.13 60.89 -51.25
N ASP A 1333 12.59 59.69 -51.43
CA ASP A 1333 11.19 59.41 -51.11
C ASP A 1333 10.97 57.92 -50.95
N ASP A 1334 9.97 57.55 -50.14
CA ASP A 1334 9.70 56.14 -49.87
C ASP A 1334 8.36 55.71 -50.44
N PHE A 1335 8.23 54.41 -50.71
CA PHE A 1335 6.98 53.84 -51.20
C PHE A 1335 6.25 53.11 -50.06
N GLN A 1336 5.05 53.57 -49.74
CA GLN A 1336 4.25 52.98 -48.66
C GLN A 1336 2.80 52.82 -49.09
N GLU A 1337 1.99 52.18 -48.25
CA GLU A 1337 0.66 51.71 -48.66
C GLU A 1337 -0.29 52.83 -49.07
N GLU A 1338 -0.35 53.87 -48.23
CA GLU A 1338 -1.27 54.99 -48.41
C GLU A 1338 -0.85 55.90 -49.55
N GLY A 1339 0.46 56.05 -49.73
CA GLY A 1339 1.01 56.70 -50.91
C GLY A 1339 0.52 56.11 -52.23
N SER A 1340 0.73 54.81 -52.43
CA SER A 1340 0.39 54.16 -53.70
C SER A 1340 -1.10 54.25 -54.02
N PHE A 1341 -1.91 54.16 -52.98
CA PHE A 1341 -3.36 54.13 -53.14
C PHE A 1341 -3.90 55.48 -53.59
N GLU A 1342 -3.34 56.55 -53.04
CA GLU A 1342 -3.81 57.89 -53.37
C GLU A 1342 -3.40 58.26 -54.79
N PHE A 1343 -2.24 57.76 -55.23
CA PHE A 1343 -1.81 57.95 -56.60
C PHE A 1343 -2.77 57.23 -57.54
N GLY A 1344 -3.19 56.04 -57.13
CA GLY A 1344 -4.14 55.26 -57.90
C GLY A 1344 -5.47 56.00 -58.01
N ASN A 1345 -5.80 56.76 -56.97
CA ASN A 1345 -7.03 57.54 -56.96
C ASN A 1345 -6.94 58.76 -57.87
N MET A 1346 -5.72 59.27 -58.09
CA MET A 1346 -5.54 60.40 -58.98
C MET A 1346 -5.41 59.90 -60.40
N LYS A 1347 -5.52 58.57 -60.54
CA LYS A 1347 -5.40 57.89 -61.83
C LYS A 1347 -4.00 58.11 -62.46
N ALA A 1348 -3.00 58.35 -61.61
CA ALA A 1348 -1.67 58.76 -62.05
C ALA A 1348 -0.76 57.60 -62.42
N THR A 1349 -0.83 56.53 -61.64
CA THR A 1349 0.02 55.35 -61.82
C THR A 1349 -0.60 54.33 -62.78
N SER A 1350 0.21 53.41 -63.32
CA SER A 1350 -0.29 52.41 -64.29
C SER A 1350 -1.13 51.34 -63.61
N ASN A 1351 -2.27 51.01 -64.22
CA ASN A 1351 -3.17 50.00 -63.68
C ASN A 1351 -2.67 48.60 -63.98
N THR A 1352 -2.24 47.89 -62.94
CA THR A 1352 -1.57 46.62 -63.12
C THR A 1352 -2.51 45.55 -63.65
N LEU A 1353 -3.77 45.60 -63.26
CA LEU A 1353 -4.74 44.63 -63.75
C LEU A 1353 -4.89 44.74 -65.25
N GLU A 1354 -4.90 45.99 -65.74
CA GLU A 1354 -4.96 46.33 -67.17
C GLU A 1354 -3.67 46.02 -67.93
N GLU A 1355 -2.53 46.22 -67.27
CA GLU A 1355 -1.23 45.92 -67.86
C GLU A 1355 -1.13 44.43 -68.13
N PHE A 1356 -1.58 43.64 -67.17
CA PHE A 1356 -1.62 42.19 -67.33
C PHE A 1356 -2.53 41.81 -68.50
N GLU A 1357 -3.66 42.49 -68.60
CA GLU A 1357 -4.66 42.18 -69.62
C GLU A 1357 -4.09 42.37 -71.02
N HIS A 1358 -3.00 43.13 -71.09
CA HIS A 1358 -2.35 43.48 -72.35
C HIS A 1358 -1.09 42.66 -72.61
N GLY A 1359 -0.78 41.73 -71.72
CA GLY A 1359 0.37 40.86 -71.88
C GLY A 1359 1.67 41.47 -71.38
N ARG A 1360 1.56 42.30 -70.36
CA ARG A 1360 2.71 43.06 -69.90
C ARG A 1360 3.30 42.45 -68.64
N THR A 1361 4.57 42.06 -68.71
CA THR A 1361 5.29 41.61 -67.52
C THR A 1361 5.64 42.86 -66.72
N PRO A 1362 5.81 42.72 -65.40
CA PRO A 1362 6.15 43.85 -64.52
C PRO A 1362 7.35 44.68 -65.02
N ALA A 1363 8.37 44.00 -65.53
CA ALA A 1363 9.56 44.67 -66.05
C ALA A 1363 9.32 45.52 -67.29
N GLU A 1364 8.07 45.56 -67.74
CA GLU A 1364 7.70 46.09 -69.05
C GLU A 1364 6.62 47.17 -68.90
N MET A 1365 6.25 47.49 -67.66
CA MET A 1365 5.12 48.38 -67.38
C MET A 1365 5.52 49.86 -67.28
N SER A 1366 6.82 50.13 -67.43
CA SER A 1366 7.36 51.49 -67.50
C SER A 1366 8.01 51.69 -68.88
N ARG A 1367 7.27 52.34 -69.79
CA ARG A 1367 7.72 52.49 -71.16
C ARG A 1367 7.47 53.91 -71.66
N PRO A 1368 8.40 54.83 -71.35
CA PRO A 1368 8.23 56.23 -71.74
C PRO A 1368 8.29 56.42 -73.26
N ALA A 1369 7.54 57.41 -73.75
CA ALA A 1369 7.50 57.77 -75.16
C ALA A 1369 6.88 56.69 -76.03
N THR A 1370 6.43 55.60 -75.41
CA THR A 1370 5.80 54.51 -76.13
C THR A 1370 4.37 54.84 -76.51
N THR A 1371 3.88 54.20 -77.57
CA THR A 1371 2.50 54.37 -78.02
C THR A 1371 1.53 54.01 -76.90
N THR A 1372 1.88 52.96 -76.18
CA THR A 1372 0.99 52.36 -75.20
C THR A 1372 1.26 52.84 -73.77
N ARG A 1373 2.14 53.83 -73.60
CA ARG A 1373 2.41 54.32 -72.26
C ARG A 1373 1.06 54.59 -71.60
N ASN A 1374 0.96 54.23 -70.32
CA ASN A 1374 -0.31 53.98 -69.66
C ASN A 1374 -0.40 54.55 -68.25
N GLY A 1375 0.65 55.25 -67.84
CA GLY A 1375 0.79 55.72 -66.47
C GLY A 1375 2.15 55.36 -65.93
N PHE A 1376 2.56 56.01 -64.84
CA PHE A 1376 3.91 55.81 -64.32
C PHE A 1376 4.01 54.72 -63.26
N MET A 1377 5.19 54.11 -63.18
CA MET A 1377 5.45 53.09 -62.18
C MET A 1377 6.10 53.71 -60.95
N GLU A 1378 5.55 53.43 -59.77
CA GLU A 1378 6.04 54.01 -58.54
C GLU A 1378 7.26 53.25 -58.02
N ALA A 1379 8.14 53.96 -57.32
CA ALA A 1379 9.36 53.37 -56.78
C ALA A 1379 9.78 54.03 -55.47
N GLN A 1380 10.90 53.55 -54.91
CA GLN A 1380 11.40 54.07 -53.65
C GLN A 1380 12.92 54.25 -53.73
N GLY A 1381 13.48 55.04 -52.81
CA GLY A 1381 14.92 55.20 -52.75
C GLY A 1381 15.37 56.63 -52.52
N ALA A 1382 16.67 56.84 -52.72
CA ALA A 1382 17.27 58.13 -52.52
C ALA A 1382 18.47 58.22 -53.45
N GLY A 1383 18.89 59.44 -53.70
CA GLY A 1383 20.06 59.66 -54.52
C GLY A 1383 20.59 61.03 -54.18
N ILE A 1384 21.86 61.09 -53.80
CA ILE A 1384 22.45 62.38 -53.58
C ILE A 1384 23.78 62.49 -54.33
N GLN A 1385 24.21 63.72 -54.53
CA GLN A 1385 25.51 64.00 -55.08
C GLN A 1385 26.15 65.09 -54.22
N ILE A 1386 27.47 65.15 -54.23
CA ILE A 1386 28.19 66.21 -53.54
C ILE A 1386 28.66 67.24 -54.55
N ILE A 1387 28.32 68.51 -54.33
CA ILE A 1387 28.82 69.56 -55.22
C ILE A 1387 29.73 70.52 -54.48
N MET A 1388 30.57 71.19 -55.24
CA MET A 1388 31.71 71.91 -54.68
C MET A 1388 32.16 73.04 -55.62
N GLN A 1389 32.94 73.98 -55.09
CA GLN A 1389 33.62 74.96 -55.92
C GLN A 1389 34.73 74.27 -56.69
N ALA A 1390 34.81 74.53 -57.99
CA ALA A 1390 35.83 73.90 -58.81
C ALA A 1390 37.21 74.13 -58.19
N ASP A 1391 37.38 75.30 -57.60
CA ASP A 1391 38.67 75.73 -57.08
C ASP A 1391 39.06 74.89 -55.87
N LEU A 1392 38.06 74.59 -55.03
CA LEU A 1392 38.24 73.82 -53.81
C LEU A 1392 38.51 72.36 -54.20
N ALA A 1393 37.78 71.87 -55.20
CA ALA A 1393 37.88 70.48 -55.62
C ALA A 1393 39.30 70.21 -56.06
N LEU A 1394 39.81 71.12 -56.89
CA LEU A 1394 41.18 71.01 -57.37
C LEU A 1394 42.20 70.99 -56.21
N LYS A 1395 41.97 71.85 -55.23
CA LYS A 1395 42.86 72.00 -54.09
C LYS A 1395 42.81 70.76 -53.18
N MET A 1396 41.61 70.29 -52.88
CA MET A 1396 41.44 69.07 -52.06
C MET A 1396 42.00 67.88 -52.81
N GLY A 1397 41.80 67.87 -54.12
CA GLY A 1397 42.25 66.77 -54.96
C GLY A 1397 41.23 65.66 -54.92
N VAL A 1398 39.98 65.99 -55.20
CA VAL A 1398 38.92 65.00 -55.29
C VAL A 1398 38.61 64.81 -56.75
N PRO A 1399 37.81 63.79 -57.08
CA PRO A 1399 37.46 63.55 -58.49
C PRO A 1399 36.49 64.61 -58.98
N ILE A 1400 36.46 64.85 -60.29
CA ILE A 1400 35.48 65.79 -60.84
C ILE A 1400 34.70 65.11 -61.94
N TYR A 1401 33.43 64.82 -61.65
CA TYR A 1401 32.60 63.99 -62.52
C TYR A 1401 31.82 64.80 -63.54
N GLY A 1402 31.72 66.10 -63.34
CA GLY A 1402 31.03 66.98 -64.27
C GLY A 1402 30.92 68.41 -63.77
N ILE A 1403 30.44 69.29 -64.64
CA ILE A 1403 30.21 70.67 -64.26
C ILE A 1403 28.71 70.90 -64.25
N VAL A 1404 28.16 71.35 -63.13
CA VAL A 1404 26.78 71.81 -63.12
C VAL A 1404 26.84 73.20 -63.71
N ALA A 1405 26.44 73.31 -64.96
CA ALA A 1405 26.66 74.55 -65.71
C ALA A 1405 25.38 75.37 -65.82
N MET A 1406 24.31 74.84 -65.24
CA MET A 1406 23.02 75.54 -65.17
C MET A 1406 22.01 74.70 -64.43
N ALA A 1407 21.12 75.37 -63.73
CA ALA A 1407 20.05 74.72 -63.00
C ALA A 1407 18.96 75.76 -62.75
N ALA A 1408 17.73 75.42 -63.11
CA ALA A 1408 16.64 76.39 -63.04
C ALA A 1408 15.32 75.75 -62.60
N THR A 1409 14.50 76.55 -61.93
CA THR A 1409 13.14 76.12 -61.65
C THR A 1409 12.20 77.13 -62.27
N ALA A 1410 11.06 76.68 -62.76
CA ALA A 1410 10.09 77.58 -63.32
C ALA A 1410 8.64 77.08 -63.21
N THR A 1411 7.77 77.97 -62.76
CA THR A 1411 6.33 77.73 -62.70
C THR A 1411 5.73 77.89 -64.09
N ASP A 1412 4.49 77.44 -64.27
CA ASP A 1412 3.86 77.44 -65.60
C ASP A 1412 2.97 78.68 -65.82
N LYS A 1413 1.66 78.54 -65.57
CA LYS A 1413 0.71 79.61 -65.84
C LYS A 1413 -0.55 79.44 -65.01
N ILE A 1414 -1.54 80.32 -65.22
CA ILE A 1414 -2.82 80.19 -64.53
C ILE A 1414 -3.54 78.90 -64.94
N GLY A 1415 -4.02 78.18 -63.93
CA GLY A 1415 -4.68 76.90 -64.16
C GLY A 1415 -5.53 76.48 -62.99
N ARG A 1416 -5.97 75.22 -63.00
CA ARG A 1416 -6.80 74.66 -61.93
C ARG A 1416 -6.51 73.17 -61.73
N SER A 1417 -5.61 72.66 -62.55
CA SER A 1417 -5.16 71.28 -62.41
C SER A 1417 -3.73 71.24 -61.89
N VAL A 1418 -3.60 71.02 -60.59
CA VAL A 1418 -2.29 70.97 -59.92
C VAL A 1418 -1.34 69.90 -60.48
N PRO A 1419 -1.86 68.69 -60.77
CA PRO A 1419 -0.95 67.62 -61.18
C PRO A 1419 -0.54 67.73 -62.65
N ALA A 1420 -0.83 68.85 -63.28
CA ALA A 1420 -0.54 69.02 -64.70
C ALA A 1420 0.89 69.52 -64.97
N PRO A 1421 1.51 68.97 -66.04
CA PRO A 1421 2.82 69.37 -66.54
C PRO A 1421 2.66 70.57 -67.48
N GLY A 1422 3.67 71.42 -67.53
CA GLY A 1422 3.58 72.64 -68.31
C GLY A 1422 4.87 72.99 -69.01
N LYS A 1423 4.93 74.22 -69.51
CA LYS A 1423 6.07 74.65 -70.31
C LYS A 1423 6.78 75.84 -69.69
N GLY A 1424 6.71 75.92 -68.37
CA GLY A 1424 7.39 77.00 -67.67
C GLY A 1424 8.88 76.94 -67.91
N ILE A 1425 9.43 75.73 -67.86
CA ILE A 1425 10.86 75.54 -68.00
C ILE A 1425 11.39 75.89 -69.39
N LEU A 1426 10.50 76.19 -70.34
CA LEU A 1426 10.93 76.58 -71.68
C LEU A 1426 11.65 77.92 -71.65
N THR A 1427 11.46 78.66 -70.55
CA THR A 1427 12.00 80.00 -70.40
C THR A 1427 13.51 80.03 -70.29
N THR A 1428 14.13 78.86 -70.10
CA THR A 1428 15.58 78.80 -70.00
C THR A 1428 16.23 78.93 -71.39
N ALA A 1429 15.40 79.04 -72.42
CA ALA A 1429 15.88 79.16 -73.77
C ALA A 1429 15.52 80.53 -74.30
N ARG A 1430 15.02 81.37 -73.40
CA ARG A 1430 14.54 82.66 -73.81
C ARG A 1430 15.68 83.53 -74.26
N GLU A 1431 15.92 83.92 -75.50
CA GLU A 1431 16.78 84.97 -75.99
C GLU A 1431 16.03 85.78 -77.04
N HIS A 1432 16.45 87.02 -77.21
CA HIS A 1432 15.75 87.99 -78.03
C HIS A 1432 16.38 88.12 -79.41
N HIS A 1433 15.60 87.79 -80.44
CA HIS A 1433 16.10 87.74 -81.81
C HIS A 1433 15.62 88.91 -82.64
N SER A 1434 15.19 89.99 -81.99
CA SER A 1434 14.66 91.14 -82.73
C SER A 1434 15.74 91.83 -83.56
N SER A 1435 17.00 91.47 -83.30
CA SER A 1435 18.11 92.00 -84.06
C SER A 1435 19.25 91.00 -84.03
N VAL A 1436 19.56 90.39 -85.18
CA VAL A 1436 20.65 89.42 -85.26
C VAL A 1436 21.40 89.51 -86.59
N LYS A 1437 21.68 90.72 -87.06
CA LYS A 1437 22.43 90.89 -88.30
C LYS A 1437 23.89 90.53 -88.11
N TYR A 1438 24.56 91.26 -87.22
CA TYR A 1438 26.00 91.13 -87.09
C TYR A 1438 26.40 90.43 -85.79
N ALA A 1439 27.53 89.72 -85.84
CA ALA A 1439 28.01 88.91 -84.72
C ALA A 1439 28.20 89.71 -83.45
N SER A 1440 27.78 89.13 -82.34
CA SER A 1440 27.99 89.72 -81.02
C SER A 1440 29.41 89.40 -80.54
N PRO A 1441 30.26 90.44 -80.39
CA PRO A 1441 31.62 90.26 -79.90
C PRO A 1441 31.61 89.56 -78.56
N ASN A 1442 30.51 89.74 -77.82
CA ASN A 1442 30.34 89.17 -76.50
C ASN A 1442 30.47 87.64 -76.46
N LEU A 1443 29.87 86.97 -77.44
CA LEU A 1443 29.97 85.53 -77.58
C LEU A 1443 31.40 85.06 -77.84
N ASN A 1444 32.22 85.95 -78.40
CA ASN A 1444 33.56 85.59 -78.85
C ASN A 1444 34.57 85.59 -77.72
N MET A 1445 35.05 84.39 -77.38
CA MET A 1445 35.97 84.23 -76.25
C MET A 1445 37.25 85.04 -76.44
N LYS A 1446 37.76 85.06 -77.67
CA LYS A 1446 39.00 85.78 -77.96
C LYS A 1446 38.87 87.22 -77.54
N TYR A 1447 37.68 87.78 -77.76
CA TYR A 1447 37.34 89.14 -77.38
C TYR A 1447 37.36 89.31 -75.87
N ARG A 1448 36.51 88.54 -75.19
CA ARG A 1448 36.42 88.63 -73.76
C ARG A 1448 37.79 88.54 -73.10
N LYS A 1449 38.61 87.58 -73.52
CA LYS A 1449 39.93 87.37 -72.93
C LYS A 1449 40.81 88.61 -73.00
N ARG A 1450 40.74 89.35 -74.12
CA ARG A 1450 41.51 90.58 -74.26
C ARG A 1450 41.07 91.60 -73.23
N GLN A 1451 39.75 91.79 -73.15
CA GLN A 1451 39.14 92.69 -72.20
C GLN A 1451 39.56 92.38 -70.76
N LEU A 1452 39.62 91.10 -70.43
CA LEU A 1452 40.10 90.70 -69.12
C LEU A 1452 41.55 91.10 -68.94
N VAL A 1453 42.38 90.78 -69.92
CA VAL A 1453 43.81 91.03 -69.85
C VAL A 1453 44.14 92.50 -69.64
N THR A 1454 43.32 93.36 -70.22
CA THR A 1454 43.41 94.80 -69.98
C THR A 1454 43.13 95.14 -68.51
N ARG A 1455 42.04 94.59 -67.97
CA ARG A 1455 41.73 94.77 -66.55
C ARG A 1455 42.85 94.22 -65.67
N GLU A 1456 43.48 93.14 -66.12
CA GLU A 1456 44.55 92.51 -65.34
C GLU A 1456 45.70 93.49 -65.17
N ALA A 1457 46.12 94.07 -66.28
CA ALA A 1457 47.16 95.10 -66.27
C ALA A 1457 46.71 96.32 -65.46
N GLN A 1458 45.51 96.79 -65.73
CA GLN A 1458 44.90 97.90 -64.98
C GLN A 1458 44.94 97.70 -63.45
N ILE A 1459 44.72 96.47 -63.03
CA ILE A 1459 44.81 96.11 -61.61
C ILE A 1459 46.24 96.11 -61.16
N LYS A 1460 47.13 95.67 -62.04
CA LYS A 1460 48.54 95.53 -61.71
C LYS A 1460 49.11 96.82 -61.14
N ASP A 1461 48.96 97.93 -61.86
CA ASP A 1461 49.54 99.20 -61.42
C ASP A 1461 48.64 99.93 -60.43
N TRP A 1462 47.46 99.38 -60.20
CA TRP A 1462 46.65 99.85 -59.07
C TRP A 1462 47.31 99.39 -57.79
N VAL A 1463 47.78 98.14 -57.79
CA VAL A 1463 48.44 97.56 -56.63
C VAL A 1463 49.80 98.20 -56.43
N GLU A 1464 50.50 98.45 -57.53
CA GLU A 1464 51.75 99.19 -57.47
C GLU A 1464 51.50 100.57 -56.89
N ASN A 1465 50.48 101.24 -57.43
CA ASN A 1465 50.14 102.59 -57.01
C ASN A 1465 49.70 102.69 -55.55
N GLU A 1466 49.03 101.64 -55.08
CA GLU A 1466 48.59 101.56 -53.68
C GLU A 1466 49.74 101.27 -52.73
N LEU A 1467 50.64 100.39 -53.17
CA LEU A 1467 51.80 100.01 -52.38
C LEU A 1467 52.75 101.20 -52.25
N GLU A 1468 52.71 102.10 -53.22
CA GLU A 1468 53.54 103.30 -53.22
C GLU A 1468 53.11 104.27 -52.12
N ALA A 1469 51.80 104.53 -52.08
CA ALA A 1469 51.22 105.40 -51.07
C ALA A 1469 51.43 104.88 -49.63
N LEU A 1470 51.63 103.57 -49.48
CA LEU A 1470 51.87 102.96 -48.16
C LEU A 1470 53.27 103.30 -47.63
N LYS A 1471 54.26 103.31 -48.52
CA LYS A 1471 55.62 103.71 -48.18
C LYS A 1471 55.62 105.13 -47.65
N LEU A 1472 54.87 106.02 -48.30
CA LEU A 1472 54.75 107.41 -47.88
C LEU A 1472 54.03 107.62 -46.56
N GLU A 1473 53.18 106.67 -46.19
CA GLU A 1473 52.48 106.73 -44.90
C GLU A 1473 53.37 106.27 -43.76
N ALA A 1474 54.16 105.23 -44.02
CA ALA A 1474 55.11 104.70 -43.03
C ALA A 1474 56.39 105.56 -42.83
N GLU A 1475 56.83 106.22 -43.91
CA GLU A 1475 58.03 107.06 -43.90
C GLU A 1475 57.88 108.36 -43.11
N GLU A 1476 56.71 108.59 -42.51
CA GLU A 1476 56.44 109.90 -41.95
C GLU A 1476 55.69 109.91 -40.61
N ILE A 1477 54.93 108.85 -40.33
CA ILE A 1477 54.06 108.86 -39.15
C ILE A 1477 54.23 107.66 -38.21
N PRO A 1478 54.51 106.44 -38.77
CA PRO A 1478 54.68 105.27 -37.90
C PRO A 1478 56.09 105.14 -37.34
N SER A 1479 56.20 104.49 -36.19
CA SER A 1479 57.47 104.34 -35.48
C SER A 1479 58.28 103.18 -36.05
N GLU A 1480 59.29 102.74 -35.30
CA GLU A 1480 60.06 101.59 -35.75
C GLU A 1480 59.36 100.27 -35.39
N ASP A 1481 58.16 100.37 -34.81
CA ASP A 1481 57.25 99.22 -34.67
C ASP A 1481 56.39 99.10 -35.94
N GLN A 1482 57.07 99.19 -37.08
CA GLN A 1482 56.42 99.37 -38.39
C GLN A 1482 56.04 98.05 -39.04
N ASN A 1483 56.54 96.94 -38.48
CA ASN A 1483 56.36 95.62 -39.07
C ASN A 1483 54.91 95.18 -39.18
N GLU A 1484 54.10 95.48 -38.17
CA GLU A 1484 52.71 95.06 -38.24
C GLU A 1484 51.81 96.10 -38.93
N PHE A 1485 52.20 97.37 -38.90
CA PHE A 1485 51.51 98.34 -39.71
C PHE A 1485 51.69 97.98 -41.18
N LEU A 1486 52.86 97.46 -41.53
CA LEU A 1486 53.13 97.04 -42.90
C LEU A 1486 52.51 95.69 -43.24
N LEU A 1487 52.52 94.75 -42.29
CA LEU A 1487 51.85 93.46 -42.46
C LEU A 1487 50.36 93.65 -42.74
N GLU A 1488 49.65 94.17 -41.75
CA GLU A 1488 48.19 94.35 -41.83
C GLU A 1488 47.74 95.08 -43.10
N ARG A 1489 48.57 96.00 -43.58
CA ARG A 1489 48.20 96.87 -44.71
C ARG A 1489 48.45 96.28 -46.10
N THR A 1490 49.67 95.81 -46.35
CA THR A 1490 49.99 95.17 -47.62
C THR A 1490 49.12 93.92 -47.80
N ARG A 1491 48.93 93.16 -46.73
CA ARG A 1491 48.02 92.03 -46.72
C ARG A 1491 46.66 92.46 -47.28
N GLU A 1492 46.11 93.52 -46.71
CA GLU A 1492 44.82 94.02 -47.15
C GLU A 1492 44.83 94.49 -48.61
N ILE A 1493 45.94 95.08 -49.06
CA ILE A 1493 46.06 95.52 -50.46
C ILE A 1493 45.96 94.33 -51.39
N HIS A 1494 46.67 93.25 -51.07
CA HIS A 1494 46.71 92.08 -51.93
C HIS A 1494 45.38 91.36 -51.97
N ASN A 1495 44.63 91.40 -50.85
CA ASN A 1495 43.25 90.93 -50.85
C ASN A 1495 42.42 91.68 -51.89
N GLU A 1496 42.29 92.98 -51.70
CA GLU A 1496 41.56 93.83 -52.65
C GLU A 1496 42.01 93.63 -54.11
N ALA A 1497 43.30 93.45 -54.30
CA ALA A 1497 43.84 93.22 -55.62
C ALA A 1497 43.24 91.94 -56.19
N GLU A 1498 43.35 90.85 -55.43
CA GLU A 1498 42.82 89.57 -55.89
C GLU A 1498 41.30 89.62 -56.05
N SER A 1499 40.66 90.39 -55.19
CA SER A 1499 39.22 90.53 -55.26
C SER A 1499 38.81 91.20 -56.57
N GLN A 1500 39.51 92.25 -56.94
CA GLN A 1500 39.24 92.94 -58.18
C GLN A 1500 39.45 92.02 -59.38
N LEU A 1501 40.50 91.20 -59.29
CA LEU A 1501 40.89 90.35 -60.39
C LEU A 1501 39.84 89.27 -60.58
N ARG A 1502 39.36 88.75 -59.45
CA ARG A 1502 38.35 87.70 -59.39
C ARG A 1502 37.04 88.19 -59.99
N ALA A 1503 36.78 89.47 -59.81
CA ALA A 1503 35.55 90.09 -60.28
C ALA A 1503 35.65 90.34 -61.77
N ALA A 1504 36.88 90.54 -62.26
CA ALA A 1504 37.13 90.74 -63.67
C ALA A 1504 37.01 89.41 -64.38
N GLN A 1505 37.60 88.38 -63.79
CA GLN A 1505 37.42 87.00 -64.25
C GLN A 1505 35.93 86.70 -64.36
N GLN A 1506 35.20 87.14 -63.35
CA GLN A 1506 33.76 86.94 -63.31
C GLN A 1506 33.05 87.64 -64.46
N GLN A 1507 33.34 88.94 -64.62
CA GLN A 1507 32.68 89.77 -65.64
C GLN A 1507 32.84 89.24 -67.07
N TRP A 1508 34.02 88.72 -67.40
CA TRP A 1508 34.37 88.36 -68.77
C TRP A 1508 34.41 86.87 -69.04
N GLY A 1509 34.47 86.07 -67.98
CA GLY A 1509 34.62 84.63 -68.12
C GLY A 1509 33.37 83.90 -67.70
N ASN A 1510 32.92 84.17 -66.48
CA ASN A 1510 31.82 83.43 -65.87
C ASN A 1510 30.41 83.93 -66.22
N ASP A 1511 30.19 85.24 -66.06
CA ASP A 1511 28.85 85.83 -66.13
C ASP A 1511 28.67 86.85 -67.26
N PHE A 1512 29.43 86.71 -68.33
CA PHE A 1512 29.38 87.68 -69.42
C PHE A 1512 28.00 87.83 -70.07
N TYR A 1513 27.15 86.82 -69.91
CA TYR A 1513 25.88 86.78 -70.61
C TYR A 1513 24.68 87.08 -69.70
N LYS A 1514 24.96 87.23 -68.41
CA LYS A 1514 23.94 87.50 -67.41
C LYS A 1514 23.05 88.68 -67.84
N ARG A 1515 23.68 89.83 -68.12
CA ARG A 1515 22.94 91.04 -68.50
C ARG A 1515 22.65 91.15 -70.02
N ASP A 1516 22.89 90.06 -70.76
CA ASP A 1516 22.61 90.02 -72.21
C ASP A 1516 21.34 89.21 -72.56
N PRO A 1517 20.42 89.86 -73.30
CA PRO A 1517 19.11 89.35 -73.72
C PRO A 1517 19.18 88.64 -75.06
N ARG A 1518 20.35 88.65 -75.68
CA ARG A 1518 20.53 87.99 -76.96
C ARG A 1518 21.22 86.65 -76.73
N ILE A 1519 21.72 86.48 -75.51
CA ILE A 1519 22.28 85.21 -75.06
C ILE A 1519 21.37 84.60 -73.99
N ALA A 1520 20.75 83.48 -74.36
CA ALA A 1520 19.93 82.71 -73.44
C ALA A 1520 20.83 82.08 -72.41
N PRO A 1521 19.98 81.71 -71.29
CA PRO A 1521 20.69 81.06 -70.20
C PRO A 1521 21.35 79.78 -70.69
N LEU A 1522 20.58 78.99 -71.43
CA LEU A 1522 21.01 77.69 -71.93
C LEU A 1522 22.21 77.87 -72.85
N ARG A 1523 22.09 78.85 -73.75
CA ARG A 1523 23.15 79.26 -74.69
C ARG A 1523 24.46 79.50 -74.00
N GLY A 1524 24.41 80.42 -73.04
CA GLY A 1524 25.59 80.95 -72.39
C GLY A 1524 26.15 79.92 -71.46
N ALA A 1525 25.27 79.10 -70.92
CA ALA A 1525 25.70 78.03 -70.01
C ALA A 1525 26.74 77.18 -70.71
N LEU A 1526 26.42 76.78 -71.94
CA LEU A 1526 27.33 76.05 -72.78
C LEU A 1526 28.45 76.95 -73.31
N ALA A 1527 28.07 78.17 -73.67
CA ALA A 1527 29.01 79.11 -74.28
C ALA A 1527 30.23 79.44 -73.43
N THR A 1528 30.13 79.37 -72.10
CA THR A 1528 31.27 79.75 -71.27
C THR A 1528 32.44 78.80 -71.46
N TYR A 1529 32.17 77.57 -71.92
CA TYR A 1529 33.22 76.56 -72.14
C TYR A 1529 33.52 76.36 -73.62
N GLY A 1530 33.01 77.26 -74.44
CA GLY A 1530 33.24 77.20 -75.87
C GLY A 1530 32.33 76.18 -76.51
N LEU A 1531 31.20 75.91 -75.87
CA LEU A 1531 30.26 74.93 -76.38
C LEU A 1531 29.07 75.58 -77.09
N THR A 1532 28.65 74.96 -78.17
CA THR A 1532 27.54 75.43 -78.97
C THR A 1532 26.28 74.68 -78.58
N ILE A 1533 25.12 75.18 -79.02
CA ILE A 1533 23.86 74.51 -78.74
C ILE A 1533 23.87 73.06 -79.20
N ASP A 1534 24.54 72.79 -80.32
CA ASP A 1534 24.61 71.44 -80.90
C ASP A 1534 25.41 70.48 -80.03
N ASP A 1535 26.13 71.02 -79.05
CA ASP A 1535 27.02 70.20 -78.24
C ASP A 1535 26.29 69.42 -77.15
N LEU A 1536 25.16 69.96 -76.73
CA LEU A 1536 24.22 69.26 -75.86
C LEU A 1536 23.77 68.00 -76.58
N GLY A 1537 24.40 66.88 -76.28
CA GLY A 1537 24.16 65.66 -77.02
C GLY A 1537 22.97 64.84 -76.55
N VAL A 1538 22.89 64.68 -75.24
CA VAL A 1538 21.89 63.80 -74.63
C VAL A 1538 20.91 64.60 -73.78
N ALA A 1539 19.63 64.27 -73.90
CA ALA A 1539 18.59 64.82 -73.05
C ALA A 1539 18.07 63.74 -72.14
N SER A 1540 18.32 63.85 -70.84
CA SER A 1540 17.77 62.92 -69.87
C SER A 1540 16.33 63.29 -69.57
N PHE A 1541 15.40 62.69 -70.31
CA PHE A 1541 13.98 62.98 -70.14
C PHE A 1541 13.45 62.48 -68.81
N HIS A 1542 12.46 63.19 -68.27
CA HIS A 1542 11.78 62.76 -67.06
C HIS A 1542 11.07 61.45 -67.33
N GLY A 1543 10.62 61.29 -68.57
CA GLY A 1543 9.99 60.06 -69.03
C GLY A 1543 9.15 59.37 -67.97
N THR A 1544 7.98 59.94 -67.68
CA THR A 1544 7.12 59.41 -66.63
C THR A 1544 6.32 58.21 -67.11
N SER A 1545 6.29 57.99 -68.42
CA SER A 1545 5.52 56.90 -69.02
C SER A 1545 4.02 57.20 -68.99
N THR A 1546 3.68 58.40 -68.54
CA THR A 1546 2.30 58.91 -68.60
C THR A 1546 2.06 59.56 -69.95
N LYS A 1547 0.82 59.62 -70.42
CA LYS A 1547 0.58 60.20 -71.74
C LYS A 1547 0.81 61.71 -71.71
N ALA A 1548 0.25 62.34 -70.67
CA ALA A 1548 0.42 63.76 -70.44
C ALA A 1548 1.88 64.19 -70.53
N ASN A 1549 2.71 63.64 -69.64
CA ASN A 1549 4.09 64.05 -69.51
C ASN A 1549 4.97 63.88 -70.74
N ASP A 1550 5.09 62.64 -71.21
CA ASP A 1550 6.05 62.33 -72.26
C ASP A 1550 5.89 63.21 -73.50
N LYS A 1551 4.64 63.40 -73.94
CA LYS A 1551 4.40 64.32 -75.04
C LYS A 1551 4.83 65.77 -74.72
N ASN A 1552 4.27 66.35 -73.66
CA ASN A 1552 4.65 67.71 -73.27
C ASN A 1552 6.16 67.90 -73.23
N GLU A 1553 6.84 67.06 -72.45
CA GLU A 1553 8.27 67.17 -72.27
C GLU A 1553 9.05 67.12 -73.58
N SER A 1554 8.65 66.23 -74.48
CA SER A 1554 9.26 66.21 -75.80
C SER A 1554 9.06 67.53 -76.53
N ALA A 1555 7.81 67.97 -76.61
CA ALA A 1555 7.48 69.26 -77.20
C ALA A 1555 8.33 70.38 -76.63
N THR A 1556 8.41 70.45 -75.32
CA THR A 1556 9.15 71.55 -74.71
C THR A 1556 10.66 71.46 -74.95
N ILE A 1557 11.22 70.25 -74.91
CA ILE A 1557 12.64 70.09 -75.23
C ILE A 1557 12.88 70.44 -76.69
N ASN A 1558 11.95 70.01 -77.54
CA ASN A 1558 12.00 70.26 -78.97
C ASN A 1558 12.06 71.74 -79.23
N GLU A 1559 11.24 72.49 -78.51
CA GLU A 1559 11.14 73.92 -78.76
C GLU A 1559 12.37 74.66 -78.26
N MET A 1560 12.91 74.27 -77.11
CA MET A 1560 14.10 74.95 -76.64
C MET A 1560 15.28 74.73 -77.58
N MET A 1561 15.29 73.59 -78.27
CA MET A 1561 16.30 73.34 -79.31
C MET A 1561 16.01 74.18 -80.54
N LYS A 1562 14.75 74.16 -80.98
CA LYS A 1562 14.33 74.88 -82.16
C LYS A 1562 14.62 76.39 -82.06
N HIS A 1563 14.27 76.98 -80.92
CA HIS A 1563 14.46 78.42 -80.71
C HIS A 1563 15.93 78.82 -80.74
N LEU A 1564 16.80 77.99 -80.18
CA LEU A 1564 18.21 78.33 -80.04
C LEU A 1564 19.05 78.02 -81.28
N GLY A 1565 18.46 77.34 -82.25
CA GLY A 1565 19.13 77.16 -83.52
C GLY A 1565 19.85 75.85 -83.69
N ARG A 1566 19.35 74.81 -83.02
CA ARG A 1566 19.88 73.46 -83.15
C ARG A 1566 19.87 73.14 -84.64
N SER A 1567 21.00 72.67 -85.15
CA SER A 1567 21.13 72.32 -86.57
C SER A 1567 20.08 71.31 -86.97
N GLU A 1568 19.37 71.59 -88.05
CA GLU A 1568 18.44 70.62 -88.59
C GLU A 1568 19.25 69.35 -88.83
N GLY A 1569 18.78 68.23 -88.29
CA GLY A 1569 19.42 66.95 -88.53
C GLY A 1569 20.22 66.48 -87.33
N ASN A 1570 20.41 67.34 -86.35
CA ASN A 1570 21.10 66.97 -85.12
C ASN A 1570 20.15 66.91 -83.94
N PRO A 1571 19.46 65.77 -83.74
CA PRO A 1571 18.53 65.74 -82.63
C PRO A 1571 19.26 65.49 -81.31
N VAL A 1572 18.60 65.76 -80.20
CA VAL A 1572 19.12 65.34 -78.92
C VAL A 1572 18.72 63.89 -78.73
N ILE A 1573 19.62 63.10 -78.18
CA ILE A 1573 19.31 61.71 -77.95
C ILE A 1573 18.78 61.61 -76.54
N GLY A 1574 17.53 61.17 -76.43
CA GLY A 1574 16.87 61.12 -75.14
C GLY A 1574 16.91 59.76 -74.46
N VAL A 1575 17.27 59.80 -73.18
CA VAL A 1575 17.23 58.61 -72.34
C VAL A 1575 16.01 58.70 -71.44
N PHE A 1576 15.51 57.57 -70.95
CA PHE A 1576 14.29 57.55 -70.17
C PHE A 1576 14.42 56.56 -69.04
N GLN A 1577 15.34 56.83 -68.12
CA GLN A 1577 15.76 55.83 -67.12
C GLN A 1577 14.65 55.36 -66.15
N LYS A 1578 13.53 56.05 -66.13
CA LYS A 1578 12.40 55.60 -65.34
C LYS A 1578 11.92 54.21 -65.79
N PHE A 1579 12.33 53.78 -66.98
CA PHE A 1579 11.89 52.49 -67.53
C PHE A 1579 12.49 51.32 -66.75
N LEU A 1580 13.63 51.57 -66.13
CA LEU A 1580 14.39 50.54 -65.43
C LEU A 1580 14.18 50.64 -63.92
N THR A 1581 14.14 51.87 -63.43
CA THR A 1581 14.14 52.11 -61.99
C THR A 1581 12.76 52.46 -61.44
N GLY A 1582 11.87 52.89 -62.32
CA GLY A 1582 10.56 53.35 -61.89
C GLY A 1582 10.61 54.84 -61.56
N HIS A 1583 9.62 55.32 -60.82
CA HIS A 1583 9.52 56.74 -60.53
C HIS A 1583 9.34 57.00 -59.03
N PRO A 1584 10.44 57.37 -58.35
CA PRO A 1584 10.49 57.60 -56.91
C PRO A 1584 10.21 59.05 -56.55
N LYS A 1585 9.24 59.66 -57.21
CA LYS A 1585 8.90 61.06 -56.96
C LYS A 1585 10.12 61.96 -56.75
N GLY A 1586 10.52 62.14 -55.50
CA GLY A 1586 11.59 63.06 -55.16
C GLY A 1586 12.97 62.65 -55.65
N ALA A 1587 13.29 61.37 -55.54
CA ALA A 1587 14.62 60.88 -55.89
C ALA A 1587 14.84 60.79 -57.40
N ALA A 1588 13.84 61.20 -58.18
CA ALA A 1588 13.93 61.12 -59.64
C ALA A 1588 15.12 61.89 -60.20
N GLY A 1589 15.09 63.20 -60.04
CA GLY A 1589 16.13 64.06 -60.57
C GLY A 1589 17.55 63.59 -60.29
N ALA A 1590 17.77 63.03 -59.11
CA ALA A 1590 19.10 62.67 -58.65
C ALA A 1590 19.62 61.45 -59.38
N TRP A 1591 18.77 60.44 -59.46
CA TRP A 1591 19.07 59.23 -60.20
C TRP A 1591 19.47 59.55 -61.64
N MET A 1592 18.78 60.52 -62.22
CA MET A 1592 19.01 60.94 -63.61
C MET A 1592 20.28 61.77 -63.72
N MET A 1593 20.61 62.43 -62.61
CA MET A 1593 21.80 63.25 -62.50
C MET A 1593 23.03 62.36 -62.39
N ASN A 1594 22.85 61.20 -61.76
CA ASN A 1594 23.89 60.20 -61.68
C ASN A 1594 24.14 59.62 -63.05
N GLY A 1595 23.08 59.09 -63.67
CA GLY A 1595 23.19 58.49 -64.99
C GLY A 1595 23.77 59.46 -65.99
N ALA A 1596 23.52 60.74 -65.77
CA ALA A 1596 24.04 61.77 -66.63
C ALA A 1596 25.56 61.89 -66.48
N LEU A 1597 26.04 61.93 -65.24
CA LEU A 1597 27.46 61.93 -64.97
C LEU A 1597 28.12 60.67 -65.53
N GLN A 1598 27.50 59.52 -65.35
CA GLN A 1598 28.03 58.26 -65.85
C GLN A 1598 28.07 58.24 -67.37
N ILE A 1599 27.09 58.89 -68.00
CA ILE A 1599 27.06 59.02 -69.44
C ILE A 1599 28.23 59.87 -69.91
N LEU A 1600 28.40 61.03 -69.28
CA LEU A 1600 29.45 61.96 -69.65
C LEU A 1600 30.81 61.31 -69.63
N ASN A 1601 31.08 60.60 -68.55
CA ASN A 1601 32.40 59.99 -68.31
C ASN A 1601 32.62 58.62 -68.97
N SER A 1602 31.63 58.15 -69.73
CA SER A 1602 31.76 56.84 -70.38
C SER A 1602 31.51 56.94 -71.89
N GLY A 1603 30.92 58.03 -72.33
CA GLY A 1603 30.58 58.18 -73.73
C GLY A 1603 29.44 57.28 -74.17
N ILE A 1604 28.91 56.49 -73.24
CA ILE A 1604 27.83 55.56 -73.52
C ILE A 1604 26.47 56.15 -73.21
N ILE A 1605 25.58 56.08 -74.18
CA ILE A 1605 24.22 56.53 -74.01
C ILE A 1605 23.35 55.29 -74.00
N PRO A 1606 22.75 54.98 -72.83
CA PRO A 1606 21.94 53.76 -72.67
C PRO A 1606 20.67 53.87 -73.47
N GLY A 1607 20.04 52.73 -73.75
CA GLY A 1607 18.86 52.73 -74.60
C GLY A 1607 17.59 52.46 -73.83
N ASN A 1608 16.54 53.24 -74.13
CA ASN A 1608 15.20 52.96 -73.64
C ASN A 1608 14.77 51.58 -74.12
N ARG A 1609 15.15 50.56 -73.37
CA ARG A 1609 14.93 49.18 -73.79
C ARG A 1609 13.47 48.77 -73.77
N ASN A 1610 12.60 49.66 -73.28
CA ASN A 1610 11.17 49.38 -73.25
C ASN A 1610 10.39 50.16 -74.31
N ALA A 1611 11.12 50.72 -75.25
CA ALA A 1611 10.52 51.40 -76.39
C ALA A 1611 10.21 50.40 -77.48
N ASP A 1612 9.13 49.66 -77.31
CA ASP A 1612 8.67 48.74 -78.33
C ASP A 1612 8.35 49.54 -79.57
N ASN A 1613 7.70 50.67 -79.36
CA ASN A 1613 7.24 51.50 -80.47
C ASN A 1613 7.06 52.94 -80.09
N VAL A 1614 7.87 53.82 -80.67
CA VAL A 1614 7.80 55.24 -80.35
C VAL A 1614 6.49 55.82 -80.84
N ASP A 1615 5.78 56.50 -79.93
CA ASP A 1615 4.49 57.10 -80.21
C ASP A 1615 4.53 57.98 -81.46
N LYS A 1616 3.71 57.62 -82.44
CA LYS A 1616 3.72 58.28 -83.74
C LYS A 1616 3.52 59.79 -83.63
N ILE A 1617 2.86 60.23 -82.56
CA ILE A 1617 2.68 61.66 -82.30
C ILE A 1617 4.04 62.33 -82.30
N LEU A 1618 4.97 61.73 -81.56
CA LEU A 1618 6.31 62.27 -81.37
C LEU A 1618 7.18 62.46 -82.63
N GLU A 1619 6.67 62.08 -83.80
CA GLU A 1619 7.46 62.21 -85.02
C GLU A 1619 7.67 63.67 -85.39
N GLN A 1620 6.70 64.49 -85.02
CA GLN A 1620 6.74 65.92 -85.26
C GLN A 1620 7.92 66.62 -84.61
N PHE A 1621 8.44 66.03 -83.54
CA PHE A 1621 9.54 66.65 -82.80
C PHE A 1621 10.87 66.22 -83.37
N GLU A 1622 11.23 66.83 -84.50
CA GLU A 1622 12.36 66.39 -85.30
C GLU A 1622 13.70 66.62 -84.61
N TYR A 1623 13.66 67.30 -83.47
CA TYR A 1623 14.88 67.53 -82.69
C TYR A 1623 15.07 66.49 -81.57
N VAL A 1624 14.22 65.48 -81.51
CA VAL A 1624 14.37 64.42 -80.51
C VAL A 1624 14.52 63.03 -81.14
N LEU A 1625 15.44 62.23 -80.60
CA LEU A 1625 15.71 60.88 -81.10
C LEU A 1625 15.57 59.90 -79.95
N TYR A 1626 14.69 58.92 -80.10
CA TYR A 1626 14.34 58.00 -79.01
C TYR A 1626 14.96 56.63 -79.25
N PRO A 1627 16.14 56.37 -78.68
CA PRO A 1627 16.84 55.11 -78.99
C PRO A 1627 16.26 53.98 -78.17
N SER A 1628 16.17 52.78 -78.76
CA SER A 1628 15.72 51.60 -78.05
C SER A 1628 16.92 50.75 -77.63
N LYS A 1629 18.10 51.11 -78.11
CA LYS A 1629 19.29 50.35 -77.78
C LYS A 1629 20.48 51.25 -77.43
N THR A 1630 21.38 50.71 -76.62
CA THR A 1630 22.53 51.47 -76.14
C THR A 1630 23.50 51.85 -77.26
N LEU A 1631 23.91 53.12 -77.30
CA LEU A 1631 24.92 53.59 -78.26
C LEU A 1631 26.21 53.94 -77.56
N LYS A 1632 27.27 53.20 -77.86
CA LYS A 1632 28.59 53.53 -77.35
C LYS A 1632 29.24 54.52 -78.33
N THR A 1633 29.26 55.80 -77.93
CA THR A 1633 29.71 56.88 -78.82
C THR A 1633 31.18 57.17 -78.59
N ASP A 1634 31.73 58.11 -79.37
CA ASP A 1634 33.13 58.52 -79.20
C ASP A 1634 33.24 59.72 -78.29
N GLY A 1635 32.11 60.14 -77.71
CA GLY A 1635 32.11 61.20 -76.72
C GLY A 1635 30.77 61.86 -76.52
N VAL A 1636 30.46 62.22 -75.27
CA VAL A 1636 29.30 63.06 -74.95
C VAL A 1636 29.80 64.33 -74.28
N ARG A 1637 29.30 65.48 -74.73
CA ARG A 1637 29.81 66.77 -74.24
C ARG A 1637 28.99 67.38 -73.13
N ALA A 1638 27.67 67.20 -73.18
CA ALA A 1638 26.76 67.77 -72.19
C ALA A 1638 25.42 67.08 -72.19
N VAL A 1639 24.92 66.75 -70.99
CA VAL A 1639 23.58 66.19 -70.82
C VAL A 1639 22.61 67.23 -70.24
N SER A 1640 21.33 67.05 -70.52
CA SER A 1640 20.30 67.94 -69.98
C SER A 1640 19.27 67.14 -69.20
N ILE A 1641 19.40 67.17 -67.88
CA ILE A 1641 18.39 66.60 -66.97
C ILE A 1641 17.22 67.56 -66.79
N THR A 1642 16.03 67.14 -67.18
CA THR A 1642 14.83 67.95 -66.97
C THR A 1642 13.82 67.13 -66.19
N SER A 1643 13.10 67.77 -65.26
CA SER A 1643 12.07 67.09 -64.51
C SER A 1643 10.87 67.99 -64.13
N PHE A 1644 9.70 67.36 -64.09
CA PHE A 1644 8.45 68.06 -63.81
C PHE A 1644 7.76 67.44 -62.60
N GLY A 1645 7.09 68.28 -61.82
CA GLY A 1645 6.39 67.81 -60.63
C GLY A 1645 5.05 68.50 -60.44
N PHE A 1646 4.26 67.97 -59.51
CA PHE A 1646 2.97 68.54 -59.17
C PHE A 1646 3.11 69.98 -58.69
N GLY A 1647 2.14 70.81 -59.03
CA GLY A 1647 2.16 72.21 -58.61
C GLY A 1647 3.00 73.08 -59.52
N GLN A 1648 3.07 72.71 -60.79
CA GLN A 1648 3.83 73.47 -61.79
C GLN A 1648 5.28 73.65 -61.37
N LYS A 1649 5.82 72.62 -60.73
CA LYS A 1649 7.21 72.58 -60.30
C LYS A 1649 8.11 72.09 -61.46
N GLY A 1650 8.53 73.01 -62.35
CA GLY A 1650 9.42 72.65 -63.43
C GLY A 1650 10.91 72.94 -63.16
N GLY A 1651 11.78 72.19 -63.82
CA GLY A 1651 13.20 72.30 -63.57
C GLY A 1651 14.13 71.67 -64.61
N GLN A 1652 15.20 72.39 -64.92
CA GLN A 1652 16.24 71.88 -65.82
C GLN A 1652 17.63 72.01 -65.19
N ALA A 1653 18.53 71.14 -65.62
CA ALA A 1653 19.92 71.24 -65.20
C ALA A 1653 20.81 70.81 -66.37
N ILE A 1654 21.87 71.57 -66.61
CA ILE A 1654 22.83 71.24 -67.65
C ILE A 1654 24.15 70.82 -67.04
N VAL A 1655 24.55 69.59 -67.32
CA VAL A 1655 25.81 69.03 -66.86
C VAL A 1655 26.81 68.91 -68.01
N VAL A 1656 27.94 69.61 -67.87
CA VAL A 1656 28.99 69.66 -68.89
C VAL A 1656 30.18 68.76 -68.52
N HIS A 1657 30.80 68.17 -69.53
CA HIS A 1657 31.87 67.20 -69.29
C HIS A 1657 33.04 67.81 -68.53
N PRO A 1658 33.59 67.07 -67.53
CA PRO A 1658 34.63 67.53 -66.60
C PRO A 1658 35.86 68.06 -67.29
N ASP A 1659 36.26 67.44 -68.40
CA ASP A 1659 37.51 67.78 -69.05
C ASP A 1659 37.57 69.23 -69.58
N TYR A 1660 36.40 69.84 -69.75
CA TYR A 1660 36.36 71.26 -70.12
C TYR A 1660 36.84 72.16 -68.99
N LEU A 1661 36.80 71.66 -67.76
CA LEU A 1661 37.25 72.46 -66.63
C LEU A 1661 38.75 72.60 -66.66
N TYR A 1662 39.42 71.50 -66.97
CA TYR A 1662 40.88 71.47 -66.85
C TYR A 1662 41.51 72.40 -67.86
N GLY A 1663 40.79 72.73 -68.93
CA GLY A 1663 41.26 73.71 -69.87
C GLY A 1663 41.62 75.06 -69.25
N ALA A 1664 40.94 75.42 -68.15
CA ALA A 1664 41.04 76.78 -67.62
C ALA A 1664 42.06 76.90 -66.50
N ILE A 1665 43.05 76.04 -66.50
CA ILE A 1665 43.98 75.97 -65.39
C ILE A 1665 45.37 75.71 -65.95
N THR A 1666 46.40 76.12 -65.20
CA THR A 1666 47.80 75.97 -65.61
C THR A 1666 48.22 74.50 -65.68
N GLU A 1667 49.16 74.17 -66.55
CA GLU A 1667 49.60 72.78 -66.65
C GLU A 1667 50.23 72.27 -65.36
N ASP A 1668 51.09 73.07 -64.75
CA ASP A 1668 51.72 72.69 -63.50
C ASP A 1668 50.68 72.38 -62.44
N ARG A 1669 49.62 73.19 -62.43
CA ARG A 1669 48.53 73.02 -61.46
C ARG A 1669 47.73 71.74 -61.73
N TYR A 1670 47.39 71.53 -63.00
CA TYR A 1670 46.66 70.34 -63.40
C TYR A 1670 47.42 69.09 -63.01
N ASN A 1671 48.70 69.08 -63.29
CA ASN A 1671 49.55 67.94 -62.98
C ASN A 1671 49.58 67.67 -61.49
N GLU A 1672 49.75 68.72 -60.69
CA GLU A 1672 49.71 68.63 -59.23
C GLU A 1672 48.42 68.00 -58.73
N TYR A 1673 47.31 68.36 -59.39
CA TYR A 1673 45.98 67.84 -59.08
C TYR A 1673 45.89 66.35 -59.34
N VAL A 1674 46.28 65.93 -60.54
CA VAL A 1674 46.23 64.52 -60.91
C VAL A 1674 46.93 63.66 -59.87
N ALA A 1675 48.01 64.21 -59.32
CA ALA A 1675 48.78 63.55 -58.27
C ALA A 1675 47.94 63.23 -57.04
N LYS A 1676 47.30 64.26 -56.49
CA LYS A 1676 46.45 64.11 -55.29
C LYS A 1676 45.29 63.13 -55.52
N VAL A 1677 44.60 63.33 -56.65
CA VAL A 1677 43.45 62.50 -57.00
C VAL A 1677 43.85 61.05 -57.06
N SER A 1678 45.00 60.78 -57.67
CA SER A 1678 45.49 59.40 -57.78
C SER A 1678 45.66 58.76 -56.42
N ALA A 1679 46.23 59.51 -55.48
CA ALA A 1679 46.51 59.01 -54.15
C ALA A 1679 45.22 58.73 -53.41
N ARG A 1680 44.22 59.61 -53.61
CA ARG A 1680 42.90 59.43 -53.01
C ARG A 1680 42.23 58.14 -53.46
N GLU A 1681 42.20 57.94 -54.77
CA GLU A 1681 41.59 56.76 -55.40
C GLU A 1681 42.15 55.51 -54.76
N LYS A 1682 43.46 55.48 -54.55
CA LYS A 1682 44.09 54.32 -53.97
C LYS A 1682 43.61 54.14 -52.54
N SER A 1683 43.57 55.23 -51.77
CA SER A 1683 43.16 55.18 -50.37
C SER A 1683 41.64 54.97 -50.20
N ALA A 1684 40.87 55.29 -51.23
CA ALA A 1684 39.43 55.11 -51.19
C ALA A 1684 39.05 53.68 -51.60
N TYR A 1685 39.77 53.12 -52.55
CA TYR A 1685 39.64 51.72 -52.89
C TYR A 1685 39.92 50.91 -51.64
N LYS A 1686 40.94 51.34 -50.90
CA LYS A 1686 41.26 50.76 -49.60
C LYS A 1686 40.02 50.81 -48.73
N PHE A 1687 39.54 52.01 -48.42
CA PHE A 1687 38.42 52.19 -47.52
C PHE A 1687 37.21 51.37 -47.90
N PHE A 1688 36.83 51.45 -49.16
CA PHE A 1688 35.62 50.80 -49.65
C PHE A 1688 35.58 49.28 -49.45
N HIS A 1689 36.66 48.59 -49.78
CA HIS A 1689 36.66 47.14 -49.64
C HIS A 1689 36.75 46.72 -48.19
N ASN A 1690 37.26 47.61 -47.35
CA ASN A 1690 37.20 47.39 -45.92
C ASN A 1690 35.74 47.34 -45.44
N GLY A 1691 35.02 48.43 -45.68
CA GLY A 1691 33.66 48.58 -45.17
C GLY A 1691 32.64 47.68 -45.82
N MET A 1692 32.98 47.16 -47.00
CA MET A 1692 32.09 46.24 -47.68
C MET A 1692 32.16 44.96 -46.91
N ILE A 1693 33.38 44.42 -46.89
CA ILE A 1693 33.71 43.16 -46.24
C ILE A 1693 33.27 43.10 -44.75
N TYR A 1694 33.55 44.16 -44.00
CA TYR A 1694 33.34 44.18 -42.56
C TYR A 1694 32.10 44.97 -42.13
N ASN A 1695 31.32 45.43 -43.10
CA ASN A 1695 30.13 46.22 -42.83
C ASN A 1695 30.44 47.50 -42.03
N LYS A 1696 31.62 48.06 -42.28
CA LYS A 1696 32.09 49.29 -41.64
C LYS A 1696 31.87 50.54 -42.50
N LEU A 1697 31.08 50.45 -43.57
CA LEU A 1697 30.94 51.60 -44.50
C LEU A 1697 30.40 52.86 -43.83
N PHE A 1698 29.26 52.74 -43.15
CA PHE A 1698 28.77 53.82 -42.32
C PHE A 1698 29.45 53.71 -40.95
N VAL A 1699 30.09 54.78 -40.49
CA VAL A 1699 30.63 54.78 -39.13
C VAL A 1699 30.22 56.04 -38.38
N SER A 1700 29.20 55.92 -37.53
CA SER A 1700 28.63 57.11 -36.91
C SER A 1700 29.67 57.87 -36.08
N LYS A 1701 29.76 59.19 -36.33
CA LYS A 1701 30.62 60.08 -35.54
C LYS A 1701 30.07 60.21 -34.12
N GLU A 1702 30.89 59.89 -33.13
CA GLU A 1702 30.44 59.94 -31.73
C GLU A 1702 30.92 61.18 -31.01
N HIS A 1703 31.53 62.10 -31.75
CA HIS A 1703 31.96 63.39 -31.24
C HIS A 1703 32.09 64.43 -32.36
N ALA A 1704 31.94 65.72 -32.01
CA ALA A 1704 32.20 66.79 -32.96
C ALA A 1704 33.68 67.06 -32.99
N PRO A 1705 34.15 67.78 -34.02
CA PRO A 1705 35.58 68.10 -34.16
C PRO A 1705 36.04 69.04 -33.06
N TYR A 1706 35.09 69.66 -32.36
CA TYR A 1706 35.42 70.55 -31.26
C TYR A 1706 34.87 70.03 -29.94
N THR A 1707 35.65 70.19 -28.88
CA THR A 1707 35.19 69.94 -27.54
C THR A 1707 34.03 70.89 -27.27
N ASP A 1708 33.15 70.56 -26.33
CA ASP A 1708 32.01 71.43 -26.02
C ASP A 1708 32.48 72.81 -25.56
N GLU A 1709 33.56 72.80 -24.82
CA GLU A 1709 34.12 74.02 -24.24
C GLU A 1709 35.00 74.78 -25.23
N LEU A 1710 34.89 74.43 -26.51
CA LEU A 1710 35.65 75.05 -27.59
C LEU A 1710 34.75 75.38 -28.76
N GLU A 1711 33.52 74.87 -28.65
CA GLU A 1711 32.48 74.98 -29.68
C GLU A 1711 32.30 76.41 -30.21
N GLU A 1712 32.12 77.35 -29.30
CA GLU A 1712 31.86 78.74 -29.67
C GLU A 1712 33.05 79.41 -30.33
N ASP A 1713 34.24 79.16 -29.77
CA ASP A 1713 35.49 79.71 -30.29
C ASP A 1713 35.73 79.35 -31.75
N VAL A 1714 35.30 78.15 -32.13
CA VAL A 1714 35.42 77.68 -33.50
C VAL A 1714 34.42 78.41 -34.40
N TYR A 1715 33.15 78.46 -34.00
CA TYR A 1715 32.11 79.06 -34.82
C TYR A 1715 32.46 80.51 -35.17
N LEU A 1716 33.31 81.12 -34.34
CA LEU A 1716 33.56 82.55 -34.45
C LEU A 1716 34.87 82.91 -35.17
N ASP A 1717 35.85 82.00 -35.15
CA ASP A 1717 37.05 82.17 -35.95
C ASP A 1717 36.86 81.53 -37.33
N PRO A 1718 36.82 82.34 -38.37
CA PRO A 1718 36.61 81.90 -39.77
C PRO A 1718 37.80 81.12 -40.32
N LEU A 1719 38.93 81.17 -39.62
CA LEU A 1719 40.16 80.55 -40.07
C LEU A 1719 40.47 79.29 -39.27
N ALA A 1720 39.58 78.93 -38.37
CA ALA A 1720 39.79 77.75 -37.55
C ALA A 1720 39.68 76.50 -38.41
N ARG A 1721 40.70 75.66 -38.37
CA ARG A 1721 40.64 74.41 -39.11
C ARG A 1721 41.20 73.21 -38.35
N VAL A 1722 40.79 72.03 -38.78
CA VAL A 1722 41.12 70.80 -38.09
C VAL A 1722 42.54 70.28 -38.39
N SER A 1723 43.14 69.64 -37.39
CA SER A 1723 44.44 69.03 -37.55
C SER A 1723 44.41 67.63 -36.92
N LYS A 1724 45.24 66.70 -37.40
CA LYS A 1724 45.30 65.39 -36.76
C LYS A 1724 45.78 65.53 -35.32
N ASP A 1725 45.09 64.87 -34.41
CA ASP A 1725 45.47 64.87 -32.99
C ASP A 1725 46.65 63.91 -32.82
N LYS A 1726 47.44 64.10 -31.76
CA LYS A 1726 48.53 63.18 -31.49
C LYS A 1726 47.99 61.91 -30.86
N LYS A 1727 47.36 62.04 -29.69
CA LYS A 1727 46.80 60.91 -28.96
C LYS A 1727 45.82 60.08 -29.78
N SER A 1728 44.74 60.70 -30.23
CA SER A 1728 43.66 59.99 -30.92
C SER A 1728 43.93 59.73 -32.41
N GLY A 1729 44.68 60.64 -33.02
CA GLY A 1729 44.99 60.53 -34.44
C GLY A 1729 43.86 61.01 -35.33
N SER A 1730 42.71 61.30 -34.73
CA SER A 1730 41.54 61.78 -35.47
C SER A 1730 41.54 63.30 -35.62
N LEU A 1731 40.64 63.81 -36.45
CA LEU A 1731 40.63 65.22 -36.82
C LEU A 1731 39.88 66.14 -35.83
N THR A 1732 40.64 66.95 -35.11
CA THR A 1732 40.06 67.89 -34.13
C THR A 1732 40.51 69.35 -34.33
N PHE A 1733 39.83 70.27 -33.65
CA PHE A 1733 40.26 71.66 -33.61
C PHE A 1733 41.18 71.85 -32.40
N ASN A 1734 42.33 72.45 -32.62
CA ASN A 1734 43.28 72.72 -31.54
C ASN A 1734 43.14 74.14 -30.97
N SER A 1735 43.44 74.30 -29.68
CA SER A 1735 43.42 75.61 -29.02
C SER A 1735 44.40 76.58 -29.67
N LYS A 1736 45.47 76.03 -30.26
CA LYS A 1736 46.56 76.83 -30.82
C LYS A 1736 46.32 77.29 -32.26
N ASN A 1737 45.33 76.69 -32.94
CA ASN A 1737 44.96 77.10 -34.31
C ASN A 1737 43.72 77.99 -34.35
N ILE A 1738 43.14 78.23 -33.17
CA ILE A 1738 41.95 79.06 -33.08
C ILE A 1738 42.37 80.47 -32.74
N GLN A 1739 42.04 81.39 -33.64
CA GLN A 1739 42.40 82.80 -33.50
C GLN A 1739 43.91 82.99 -33.46
N SER A 1740 44.62 82.33 -34.37
CA SER A 1740 46.08 82.38 -34.41
C SER A 1740 46.63 83.35 -35.46
N LYS A 1741 47.76 83.97 -35.14
CA LYS A 1741 48.49 84.82 -36.07
C LYS A 1741 48.97 83.98 -37.24
N ASP A 1742 49.42 82.77 -36.92
CA ASP A 1742 49.90 81.80 -37.92
C ASP A 1742 48.87 81.50 -38.99
N SER A 1743 47.59 81.46 -38.63
CA SER A 1743 46.55 81.13 -39.61
C SER A 1743 46.08 82.33 -40.46
N TYR A 1744 46.56 83.54 -40.11
CA TYR A 1744 46.37 84.73 -40.94
C TYR A 1744 47.55 84.82 -41.91
N ILE A 1745 48.73 84.46 -41.41
CA ILE A 1745 49.97 84.37 -42.19
C ILE A 1745 49.90 83.32 -43.31
N ASN A 1748 52.57 83.42 -45.76
CA ASN A 1748 53.82 83.49 -46.51
C ASN A 1748 54.12 84.82 -47.21
N THR A 1749 53.69 84.93 -48.47
CA THR A 1749 53.89 86.14 -49.26
C THR A 1749 53.13 87.33 -48.69
N ILE A 1750 52.78 87.23 -47.41
CA ILE A 1750 52.07 88.30 -46.72
C ILE A 1750 52.94 88.63 -45.53
N GLU A 1751 54.08 87.96 -45.46
CA GLU A 1751 55.07 88.13 -44.40
C GLU A 1751 56.42 88.53 -44.99
N THR A 1752 56.77 87.95 -46.13
CA THR A 1752 58.02 88.25 -46.82
C THR A 1752 57.81 89.40 -47.80
N ALA A 1753 56.55 89.65 -48.15
CA ALA A 1753 56.20 90.73 -49.07
C ALA A 1753 55.76 91.92 -48.23
N LYS A 1754 55.88 91.77 -46.91
CA LYS A 1754 55.53 92.82 -45.95
C LYS A 1754 56.80 93.21 -45.20
N MET A 1755 57.90 92.56 -45.59
CA MET A 1755 59.22 92.83 -45.01
C MET A 1755 60.09 93.39 -46.14
N ILE A 1756 59.64 93.18 -47.39
CA ILE A 1756 60.33 93.66 -48.57
C ILE A 1756 59.70 94.99 -49.01
N GLU A 1757 58.85 95.53 -48.14
CA GLU A 1757 58.16 96.80 -48.37
C GLU A 1757 58.33 97.65 -47.11
N ASN A 1758 59.07 97.10 -46.15
CA ASN A 1758 59.36 97.76 -44.88
C ASN A 1758 60.83 98.16 -44.85
N MET A 1759 61.66 97.41 -45.58
CA MET A 1759 63.09 97.66 -45.66
C MET A 1759 63.33 98.64 -46.82
N THR A 1760 62.24 99.24 -47.30
CA THR A 1760 62.27 100.21 -48.37
C THR A 1760 61.29 101.30 -47.97
N LYS A 1761 61.20 101.52 -46.66
CA LYS A 1761 60.30 102.52 -46.08
C LYS A 1761 61.02 103.42 -45.09
N GLU A 1762 62.02 102.86 -44.40
CA GLU A 1762 62.80 103.59 -43.42
C GLU A 1762 64.24 103.10 -43.39
N LYS A 1763 64.97 103.32 -44.48
CA LYS A 1763 66.36 102.91 -44.59
C LYS A 1763 67.01 103.18 -45.96
N VAL A 1764 66.38 104.05 -46.76
CA VAL A 1764 66.90 104.39 -48.09
C VAL A 1764 67.28 105.88 -48.20
N SER A 1765 68.55 106.16 -48.53
CA SER A 1765 69.08 107.53 -48.67
C SER A 1765 69.12 108.06 -50.11
N ASN A 1766 69.93 107.40 -50.95
CA ASN A 1766 70.07 107.77 -52.36
C ASN A 1766 68.89 107.28 -53.21
N GLY A 1768 68.72 105.62 -57.17
CA GLY A 1768 67.55 105.30 -57.96
C GLY A 1768 66.77 104.17 -57.33
N VAL A 1769 65.45 104.18 -57.50
CA VAL A 1769 64.62 103.11 -56.94
C VAL A 1769 63.62 102.58 -57.96
N GLY A 1770 63.29 101.30 -57.85
CA GLY A 1770 62.31 100.71 -58.74
C GLY A 1770 61.42 99.71 -58.03
N VAL A 1771 60.15 99.71 -58.40
CA VAL A 1771 59.22 98.70 -57.89
C VAL A 1771 58.33 98.22 -59.01
N ASP A 1772 58.00 96.93 -58.99
CA ASP A 1772 57.07 96.39 -59.98
C ASP A 1772 56.24 95.30 -59.36
N VAL A 1773 54.95 95.31 -59.67
CA VAL A 1773 54.05 94.30 -59.19
C VAL A 1773 53.39 93.63 -60.40
N GLU A 1774 53.31 92.30 -60.37
CA GLU A 1774 52.75 91.55 -61.50
C GLU A 1774 51.78 90.50 -61.00
N LEU A 1775 50.71 90.30 -61.76
CA LEU A 1775 49.84 89.16 -61.54
C LEU A 1775 50.61 87.88 -61.88
N ILE A 1776 50.45 86.83 -61.09
CA ILE A 1776 51.10 85.57 -61.40
C ILE A 1776 50.67 85.07 -62.78
N THR A 1777 49.40 85.28 -63.12
CA THR A 1777 48.83 84.80 -64.38
C THR A 1777 49.28 85.62 -65.57
N SER A 1778 50.09 86.64 -65.33
CA SER A 1778 50.55 87.50 -66.40
C SER A 1778 51.60 86.77 -67.22
N ILE A 1779 52.20 85.75 -66.61
CA ILE A 1779 53.15 84.93 -67.33
C ILE A 1779 52.51 83.65 -67.85
N ASN A 1780 52.55 83.49 -69.16
CA ASN A 1780 52.12 82.26 -69.80
C ASN A 1780 53.33 81.39 -70.08
N VAL A 1781 53.53 80.37 -69.27
CA VAL A 1781 54.69 79.51 -69.37
C VAL A 1781 54.77 78.82 -70.72
N GLU A 1782 53.64 78.67 -71.40
CA GLU A 1782 53.61 78.07 -72.72
C GLU A 1782 54.19 78.96 -73.80
N ASN A 1783 54.10 80.28 -73.60
CA ASN A 1783 54.53 81.21 -74.64
C ASN A 1783 56.06 81.21 -74.79
N ASP A 1784 56.57 80.17 -75.43
CA ASP A 1784 58.01 79.96 -75.58
C ASP A 1784 58.70 81.14 -76.24
N THR A 1785 57.99 81.78 -77.17
CA THR A 1785 58.55 82.92 -77.90
C THR A 1785 58.83 84.09 -76.97
N PHE A 1786 57.85 84.43 -76.14
CA PHE A 1786 58.04 85.49 -75.16
C PHE A 1786 59.14 85.14 -74.16
N ILE A 1787 59.09 83.92 -73.62
CA ILE A 1787 60.10 83.48 -72.64
C ILE A 1787 61.51 83.55 -73.22
N GLU A 1788 61.67 83.01 -74.43
CA GLU A 1788 62.96 82.97 -75.10
C GLU A 1788 63.47 84.39 -75.30
N ARG A 1789 62.55 85.31 -75.55
CA ARG A 1789 62.90 86.67 -75.90
C ARG A 1789 63.34 87.50 -74.69
N ASN A 1790 62.83 87.14 -73.51
CA ASN A 1790 62.95 87.98 -72.34
C ASN A 1790 63.74 87.41 -71.16
N PHE A 1791 64.04 86.11 -71.21
CA PHE A 1791 64.75 85.46 -70.12
C PHE A 1791 65.98 84.76 -70.67
N THR A 1792 67.09 84.83 -69.94
CA THR A 1792 68.29 84.10 -70.33
C THR A 1792 68.10 82.60 -70.07
N PRO A 1793 68.90 81.75 -70.74
CA PRO A 1793 68.79 80.31 -70.53
C PRO A 1793 68.92 79.94 -69.06
N GLN A 1794 69.83 80.60 -68.35
CA GLN A 1794 69.96 80.38 -66.92
C GLN A 1794 68.72 80.80 -66.12
N GLU A 1795 68.05 81.87 -66.52
CA GLU A 1795 66.81 82.30 -65.85
C GLU A 1795 65.72 81.28 -66.09
N ILE A 1796 65.62 80.81 -67.33
CA ILE A 1796 64.59 79.86 -67.71
C ILE A 1796 64.82 78.56 -66.97
N GLU A 1797 66.09 78.18 -66.83
CA GLU A 1797 66.43 76.93 -66.15
C GLU A 1797 66.06 77.01 -64.68
N TYR A 1798 66.39 78.14 -64.06
CA TYR A 1798 66.06 78.33 -62.65
C TYR A 1798 64.55 78.29 -62.43
N CYS A 1799 63.81 79.16 -63.12
CA CYS A 1799 62.36 79.23 -62.93
C CYS A 1799 61.68 77.90 -63.22
N SER A 1800 62.12 77.20 -64.26
CA SER A 1800 61.53 75.92 -64.63
C SER A 1800 61.71 74.85 -63.56
N ALA A 1801 62.65 75.08 -62.64
CA ALA A 1801 62.97 74.08 -61.63
C ALA A 1801 62.34 74.37 -60.28
N GLN A 1802 61.60 75.48 -60.17
CA GLN A 1802 61.01 75.87 -58.90
C GLN A 1802 59.68 75.14 -58.65
N PRO A 1803 59.24 75.09 -57.39
CA PRO A 1803 57.98 74.43 -57.04
C PRO A 1803 56.80 75.00 -57.81
N SER A 1804 56.71 76.32 -57.90
CA SER A 1804 55.70 76.94 -58.75
C SER A 1804 56.38 77.70 -59.88
N VAL A 1805 56.37 77.10 -61.07
CA VAL A 1805 57.10 77.64 -62.21
C VAL A 1805 56.55 78.98 -62.68
N GLN A 1806 55.23 79.08 -62.79
CA GLN A 1806 54.60 80.30 -63.25
C GLN A 1806 54.89 81.46 -62.30
N SER A 1807 54.80 81.18 -61.02
CA SER A 1807 55.06 82.18 -60.00
C SER A 1807 56.51 82.67 -60.05
N SER A 1808 57.44 81.75 -60.26
CA SER A 1808 58.86 82.07 -60.35
C SER A 1808 59.18 82.97 -61.55
N PHE A 1809 58.64 82.64 -62.72
CA PHE A 1809 58.78 83.50 -63.89
C PHE A 1809 58.18 84.89 -63.62
N ALA A 1810 57.00 84.93 -63.01
CA ALA A 1810 56.36 86.21 -62.71
C ALA A 1810 57.24 87.06 -61.79
N GLY A 1811 57.87 86.43 -60.81
CA GLY A 1811 58.74 87.14 -59.90
C GLY A 1811 59.99 87.67 -60.60
N THR A 1812 60.55 86.85 -61.48
CA THR A 1812 61.71 87.25 -62.26
C THR A 1812 61.35 88.40 -63.20
N TRP A 1813 60.17 88.32 -63.81
CA TRP A 1813 59.69 89.40 -64.67
C TRP A 1813 59.55 90.71 -63.90
N SER A 1814 58.95 90.63 -62.71
CA SER A 1814 58.81 91.81 -61.85
C SER A 1814 60.18 92.40 -61.49
N ALA A 1815 61.13 91.53 -61.21
CA ALA A 1815 62.48 91.99 -60.87
C ALA A 1815 63.13 92.74 -62.04
N LYS A 1816 62.97 92.21 -63.25
CA LYS A 1816 63.49 92.89 -64.44
C LYS A 1816 62.89 94.28 -64.56
N GLU A 1817 61.58 94.40 -64.38
CA GLU A 1817 60.89 95.69 -64.50
C GLU A 1817 61.33 96.63 -63.39
N ALA A 1818 61.44 96.12 -62.17
CA ALA A 1818 61.85 96.93 -61.04
C ALA A 1818 63.24 97.48 -61.29
N VAL A 1819 64.15 96.61 -61.71
CA VAL A 1819 65.51 97.03 -62.02
C VAL A 1819 65.54 98.11 -63.09
N PHE A 1820 64.75 97.92 -64.15
CA PHE A 1820 64.70 98.92 -65.21
C PHE A 1820 64.27 100.29 -64.68
N LYS A 1821 63.24 100.31 -63.85
CA LYS A 1821 62.72 101.58 -63.31
C LYS A 1821 63.74 102.28 -62.44
N SER A 1822 64.65 101.51 -61.85
CA SER A 1822 65.62 102.08 -60.90
C SER A 1822 66.79 102.73 -61.63
N LEU A 1823 66.92 102.43 -62.93
CA LEU A 1823 68.07 102.89 -63.69
C LEU A 1823 67.97 104.37 -64.03
N GLY A 1824 66.75 104.88 -64.12
CA GLY A 1824 66.54 106.27 -64.45
C GLY A 1824 66.88 106.56 -65.90
N VAL A 1825 66.35 105.74 -66.81
CA VAL A 1825 66.57 105.92 -68.24
C VAL A 1825 65.19 105.97 -68.89
N LYS A 1826 65.03 106.59 -70.05
CA LYS A 1826 63.67 106.69 -70.62
C LYS A 1826 63.26 105.39 -71.30
N SER A 1827 64.25 104.68 -71.83
CA SER A 1827 64.08 103.33 -72.34
C SER A 1827 65.47 102.74 -72.59
N LEU A 1828 65.54 101.44 -72.88
CA LEU A 1828 66.84 100.77 -72.99
C LEU A 1828 67.55 100.99 -74.33
N GLY A 1829 66.78 101.36 -75.35
CA GLY A 1829 67.32 101.54 -76.68
C GLY A 1829 67.00 100.34 -77.54
N GLY A 1830 65.70 100.06 -77.70
CA GLY A 1830 65.23 98.99 -78.55
C GLY A 1830 65.81 97.61 -78.28
N GLY A 1831 64.94 96.62 -78.17
CA GLY A 1831 63.51 96.87 -78.19
C GLY A 1831 63.00 96.96 -76.77
N ALA A 1832 61.81 96.42 -76.54
CA ALA A 1832 61.24 96.38 -75.20
C ALA A 1832 61.71 95.14 -74.42
N ALA A 1833 62.41 94.24 -75.10
CA ALA A 1833 62.83 92.97 -74.48
C ALA A 1833 63.73 93.20 -73.26
N LEU A 1834 63.64 92.33 -72.27
CA LEU A 1834 64.36 92.55 -71.02
C LEU A 1834 65.38 91.47 -70.74
N LYS A 1835 65.82 90.77 -71.78
CA LYS A 1835 66.82 89.73 -71.60
C LYS A 1835 68.13 90.31 -71.07
N ASP A 1836 68.39 91.58 -71.39
CA ASP A 1836 69.63 92.27 -71.00
C ASP A 1836 69.75 92.49 -69.50
N ILE A 1837 68.62 92.44 -68.80
CA ILE A 1837 68.64 92.58 -67.35
C ILE A 1837 68.49 91.18 -66.76
N GLU A 1838 69.60 90.63 -66.26
CA GLU A 1838 69.60 89.24 -65.83
C GLU A 1838 69.58 89.11 -64.32
N ILE A 1839 68.65 88.29 -63.84
CA ILE A 1839 68.57 87.96 -62.42
C ILE A 1839 69.35 86.68 -62.16
N VAL A 1840 70.41 86.78 -61.36
CA VAL A 1840 71.23 85.61 -61.04
C VAL A 1840 71.00 85.16 -59.60
N ARG A 1841 70.96 83.85 -59.40
CA ARG A 1841 70.52 83.25 -58.16
C ARG A 1841 71.64 82.39 -57.60
N VAL A 1842 71.82 82.44 -56.29
CA VAL A 1842 72.78 81.57 -55.60
C VAL A 1842 72.10 80.85 -54.44
N ASN A 1843 71.63 79.64 -54.71
CA ASN A 1843 70.93 78.79 -53.74
C ASN A 1843 70.99 79.28 -52.30
N LYS A 1844 69.82 79.36 -51.66
CA LYS A 1844 69.71 79.73 -50.25
C LYS A 1844 70.10 81.19 -50.00
N ASN A 1845 70.57 81.87 -51.04
CA ASN A 1845 71.01 83.27 -50.95
C ASN A 1845 70.17 84.27 -51.78
N ALA A 1846 70.49 85.55 -51.64
CA ALA A 1846 69.75 86.63 -52.29
C ALA A 1846 69.89 86.61 -53.81
N PRO A 1847 68.86 87.08 -54.55
CA PRO A 1847 68.99 87.22 -55.99
C PRO A 1847 69.92 88.39 -56.28
N ALA A 1848 70.58 88.39 -57.44
CA ALA A 1848 71.50 89.45 -57.79
C ALA A 1848 71.22 89.89 -59.22
N VAL A 1849 71.73 91.06 -59.58
CA VAL A 1849 71.50 91.62 -60.91
C VAL A 1849 72.77 91.64 -61.75
N GLU A 1850 72.65 91.21 -63.00
CA GLU A 1850 73.70 91.35 -63.99
C GLU A 1850 73.13 92.00 -65.24
N LEU A 1851 73.69 93.13 -65.63
CA LEU A 1851 73.23 93.84 -66.82
C LEU A 1851 74.09 93.47 -68.00
N HIS A 1852 73.46 93.28 -69.16
CA HIS A 1852 74.17 92.97 -70.39
C HIS A 1852 73.70 93.90 -71.51
N GLY A 1853 74.38 93.85 -72.65
CA GLY A 1853 73.95 94.55 -73.84
C GLY A 1853 73.54 96.00 -73.64
N ASN A 1854 72.36 96.34 -74.13
CA ASN A 1854 71.85 97.72 -74.03
C ASN A 1854 71.59 98.17 -72.61
N ALA A 1855 71.14 97.26 -71.75
CA ALA A 1855 70.88 97.59 -70.37
C ALA A 1855 72.17 98.05 -69.70
N LYS A 1856 73.26 97.34 -69.96
CA LYS A 1856 74.54 97.66 -69.38
C LYS A 1856 75.02 99.02 -69.87
N LYS A 1857 74.95 99.24 -71.18
CA LYS A 1857 75.33 100.53 -71.76
C LYS A 1857 74.50 101.67 -71.16
N ALA A 1858 73.19 101.53 -71.19
CA ALA A 1858 72.30 102.57 -70.67
C ALA A 1858 72.56 102.86 -69.19
N ALA A 1859 72.80 101.81 -68.42
CA ALA A 1859 73.12 101.95 -67.00
C ALA A 1859 74.43 102.71 -66.80
N GLU A 1860 75.48 102.27 -67.49
CA GLU A 1860 76.78 102.93 -67.39
C GLU A 1860 76.67 104.39 -67.82
N GLU A 1861 75.91 104.63 -68.89
CA GLU A 1861 75.68 105.98 -69.39
C GLU A 1861 74.96 106.84 -68.34
N ALA A 1862 74.21 106.19 -67.45
CA ALA A 1862 73.49 106.89 -66.38
C ALA A 1862 74.30 106.95 -65.10
N GLY A 1863 75.50 106.36 -65.11
CA GLY A 1863 76.36 106.37 -63.94
C GLY A 1863 76.01 105.34 -62.87
N VAL A 1864 75.12 104.41 -63.20
CA VAL A 1864 74.77 103.34 -62.26
C VAL A 1864 75.95 102.41 -62.05
N THR A 1865 76.34 102.23 -60.79
CA THR A 1865 77.50 101.42 -60.45
C THR A 1865 77.08 100.07 -59.85
N ASP A 1866 75.84 99.98 -59.38
CA ASP A 1866 75.36 98.75 -58.76
C ASP A 1866 73.84 98.74 -58.69
N VAL A 1867 73.26 97.55 -58.75
CA VAL A 1867 71.82 97.38 -58.56
C VAL A 1867 71.53 96.18 -57.65
N LYS A 1868 70.72 96.40 -56.62
CA LYS A 1868 70.25 95.34 -55.75
C LYS A 1868 68.78 95.09 -56.03
N VAL A 1869 68.33 93.85 -55.85
CA VAL A 1869 66.93 93.52 -56.11
C VAL A 1869 66.41 92.52 -55.08
N SER A 1870 65.12 92.57 -54.82
CA SER A 1870 64.47 91.58 -53.97
C SER A 1870 63.14 91.15 -54.58
N ILE A 1871 62.77 89.89 -54.36
CA ILE A 1871 61.57 89.31 -54.95
C ILE A 1871 60.68 88.66 -53.89
N SER A 1872 59.37 88.75 -54.09
CA SER A 1872 58.42 88.08 -53.21
C SER A 1872 57.17 87.67 -54.00
N HIS A 1873 56.54 86.57 -53.61
CA HIS A 1873 55.28 86.12 -54.21
C HIS A 1873 54.29 85.76 -53.11
N ASP A 1874 53.01 85.89 -53.39
CA ASP A 1874 52.00 85.17 -52.63
C ASP A 1874 50.99 84.60 -53.63
N ASP A 1875 49.94 83.97 -53.13
CA ASP A 1875 48.97 83.33 -54.03
C ASP A 1875 48.55 84.23 -55.18
N LEU A 1876 48.49 85.53 -54.91
CA LEU A 1876 47.85 86.48 -55.83
C LEU A 1876 48.78 87.27 -56.75
N GLN A 1877 50.03 87.49 -56.34
CA GLN A 1877 50.91 88.34 -57.14
C GLN A 1877 52.37 88.22 -56.79
N ALA A 1878 53.20 88.78 -57.67
CA ALA A 1878 54.63 88.86 -57.43
C ALA A 1878 55.01 90.32 -57.38
N VAL A 1879 56.03 90.62 -56.59
CA VAL A 1879 56.52 91.98 -56.48
C VAL A 1879 58.04 91.96 -56.35
N ALA A 1880 58.69 92.97 -56.91
CA ALA A 1880 60.13 93.11 -56.79
C ALA A 1880 60.47 94.56 -56.54
N VAL A 1881 61.57 94.78 -55.81
CA VAL A 1881 62.06 96.12 -55.54
C VAL A 1881 63.54 96.18 -55.85
N ALA A 1882 63.95 97.19 -56.60
CA ALA A 1882 65.36 97.37 -56.93
C ALA A 1882 65.85 98.72 -56.46
N VAL A 1883 67.13 98.78 -56.09
CA VAL A 1883 67.78 100.04 -55.75
C VAL A 1883 69.11 100.11 -56.48
N SER A 1884 69.37 101.25 -57.11
CA SER A 1884 70.59 101.43 -57.87
C SER A 1884 71.49 102.48 -57.22
N THR A 1885 72.79 102.35 -57.47
CA THR A 1885 73.79 103.23 -56.87
C THR A 1885 74.58 103.90 -58.00
N LYS A 1886 74.94 105.16 -57.81
CA LYS A 1886 75.64 105.93 -58.83
C LYS A 1886 77.02 106.34 -58.37
N MET B 1 55.88 71.55 50.97
CA MET B 1 55.13 72.71 50.52
C MET B 1 53.68 72.66 50.98
N LYS B 2 53.12 73.82 51.30
CA LYS B 2 51.75 73.87 51.78
C LYS B 2 50.76 73.58 50.65
N PRO B 3 49.83 72.65 50.89
CA PRO B 3 48.78 72.25 49.94
C PRO B 3 48.11 73.40 49.21
N GLU B 4 47.61 74.39 49.94
CA GLU B 4 46.94 75.52 49.32
C GLU B 4 47.91 76.25 48.41
N VAL B 5 49.14 76.39 48.88
CA VAL B 5 50.21 77.01 48.12
C VAL B 5 50.52 76.26 46.83
N GLU B 6 50.59 74.93 46.91
CA GLU B 6 50.81 74.11 45.73
C GLU B 6 49.74 74.35 44.68
N GLN B 7 48.46 74.26 45.07
CA GLN B 7 47.36 74.63 44.20
C GLN B 7 47.64 75.95 43.48
N GLU B 8 47.64 77.04 44.25
CA GLU B 8 47.85 78.39 43.74
C GLU B 8 48.90 78.45 42.64
N LEU B 9 50.05 77.81 42.90
CA LEU B 9 51.17 77.75 41.96
C LEU B 9 50.84 76.90 40.75
N ALA B 10 50.51 75.63 41.01
CA ALA B 10 50.16 74.67 39.98
C ALA B 10 49.06 75.21 39.09
N HIS B 11 48.18 76.02 39.68
CA HIS B 11 47.13 76.67 38.93
C HIS B 11 47.72 77.57 37.87
N ILE B 12 48.49 78.58 38.29
CA ILE B 12 49.02 79.53 37.33
C ILE B 12 49.95 78.89 36.30
N LEU B 13 50.69 77.86 36.71
CA LEU B 13 51.47 77.07 35.75
C LEU B 13 50.57 76.45 34.66
N LEU B 14 49.44 75.91 35.09
CA LEU B 14 48.48 75.28 34.18
C LEU B 14 47.93 76.32 33.20
N THR B 15 47.56 77.48 33.70
CA THR B 15 47.00 78.53 32.85
C THR B 15 48.07 79.12 31.93
N GLU B 16 49.30 79.19 32.41
CA GLU B 16 50.41 79.63 31.58
C GLU B 16 50.59 78.72 30.38
N LEU B 17 50.75 77.43 30.64
CA LEU B 17 50.92 76.42 29.60
C LEU B 17 49.84 76.54 28.51
N LEU B 18 48.60 76.85 28.92
CA LEU B 18 47.47 76.89 28.01
C LEU B 18 47.44 78.16 27.18
N ALA B 19 47.79 79.26 27.83
CA ALA B 19 47.83 80.57 27.17
C ALA B 19 48.86 80.59 26.05
N TYR B 20 50.10 80.28 26.41
CA TYR B 20 51.24 80.29 25.49
C TYR B 20 51.28 79.13 24.48
N GLN B 21 50.51 78.08 24.74
CA GLN B 21 50.42 76.94 23.82
C GLN B 21 50.03 77.47 22.46
N PHE B 22 49.33 78.59 22.49
CA PHE B 22 48.84 79.30 21.32
C PHE B 22 49.91 79.60 20.29
N ALA B 23 51.09 79.96 20.77
CA ALA B 23 52.21 80.40 19.93
C ALA B 23 53.24 79.30 19.71
N SER B 24 53.86 78.83 20.79
CA SER B 24 54.80 77.72 20.70
C SER B 24 54.23 76.57 19.85
N PRO B 25 55.12 75.77 19.24
CA PRO B 25 54.67 74.65 18.38
C PRO B 25 54.24 73.42 19.19
N VAL B 26 53.62 72.47 18.50
CA VAL B 26 53.13 71.24 19.13
C VAL B 26 54.19 70.14 19.06
N ARG B 27 54.82 69.88 20.20
CA ARG B 27 55.88 68.88 20.29
C ARG B 27 55.27 67.48 20.46
N TRP B 28 54.59 66.98 19.44
CA TRP B 28 53.88 65.71 19.58
C TRP B 28 54.82 64.52 19.47
N ILE B 29 55.90 64.69 18.72
CA ILE B 29 56.90 63.64 18.58
C ILE B 29 57.56 63.38 19.92
N GLU B 30 57.92 64.44 20.63
CA GLU B 30 58.52 64.31 21.94
C GLU B 30 57.51 63.74 22.93
N THR B 31 56.25 64.15 22.79
CA THR B 31 55.17 63.67 23.66
C THR B 31 54.93 62.18 23.52
N GLN B 32 54.74 61.72 22.29
CA GLN B 32 54.54 60.30 22.04
C GLN B 32 55.66 59.49 22.67
N ASP B 33 56.89 59.99 22.58
CA ASP B 33 58.04 59.29 23.11
C ASP B 33 58.00 59.25 24.64
N VAL B 34 57.39 60.25 25.26
CA VAL B 34 57.21 60.24 26.71
C VAL B 34 56.33 59.08 27.18
N PHE B 35 55.15 58.93 26.58
CA PHE B 35 54.24 57.88 27.04
C PHE B 35 54.53 56.51 26.41
N LEU B 36 55.14 56.51 25.24
CA LEU B 36 55.51 55.25 24.60
C LEU B 36 56.72 54.59 25.26
N LYS B 37 57.71 55.38 25.66
CA LYS B 37 58.97 54.83 26.16
C LYS B 37 59.24 55.06 27.64
N ASP B 38 59.01 56.27 28.12
CA ASP B 38 59.18 56.57 29.54
C ASP B 38 58.13 55.88 30.38
N PHE B 39 56.90 55.83 29.88
CA PHE B 39 55.77 55.22 30.60
C PHE B 39 55.49 53.80 30.15
N ASN B 40 55.92 53.46 28.94
CA ASN B 40 55.69 52.14 28.37
C ASN B 40 54.22 51.77 28.37
N THR B 41 53.41 52.63 27.76
CA THR B 41 51.99 52.38 27.68
C THR B 41 51.74 51.13 26.85
N GLU B 42 50.79 50.30 27.30
CA GLU B 42 50.37 49.13 26.53
C GLU B 42 49.02 49.37 25.88
N ARG B 43 48.21 50.25 26.47
CA ARG B 43 46.95 50.68 25.87
C ARG B 43 46.91 52.19 25.71
N VAL B 44 47.23 52.66 24.50
CA VAL B 44 47.05 54.06 24.18
C VAL B 44 45.71 54.21 23.47
N VAL B 45 44.80 54.96 24.10
CA VAL B 45 43.46 55.14 23.58
C VAL B 45 43.23 56.55 23.07
N GLU B 46 42.78 56.66 21.83
CA GLU B 46 42.51 57.96 21.24
C GLU B 46 41.04 58.25 21.32
N ILE B 47 40.75 59.40 21.90
CA ILE B 47 39.38 59.85 22.03
C ILE B 47 39.13 60.97 21.02
N GLY B 48 38.61 60.59 19.85
CA GLY B 48 38.27 61.54 18.81
C GLY B 48 37.34 60.95 17.76
N PRO B 49 36.87 61.79 16.85
CA PRO B 49 35.98 61.41 15.75
C PRO B 49 36.58 60.30 14.88
N SER B 50 37.83 60.46 14.45
CA SER B 50 38.47 59.46 13.60
C SER B 50 39.87 59.16 14.18
N PRO B 51 40.58 58.17 13.62
CA PRO B 51 41.79 57.56 14.20
C PRO B 51 43.11 58.25 13.84
N THR B 52 43.10 59.58 13.80
CA THR B 52 44.24 60.32 13.28
C THR B 52 45.51 60.27 14.16
N LEU B 53 45.35 60.54 15.45
CA LEU B 53 46.47 60.52 16.39
C LEU B 53 46.95 59.10 16.64
N ALA B 54 46.11 58.14 16.25
CA ALA B 54 46.39 56.73 16.48
C ALA B 54 47.39 56.25 15.45
N GLY B 55 47.03 56.38 14.18
CA GLY B 55 47.93 56.06 13.09
C GLY B 55 49.22 56.86 13.18
N MET B 56 49.14 57.97 13.90
CA MET B 56 50.32 58.75 14.23
C MET B 56 51.20 57.93 15.17
N ALA B 57 50.65 57.58 16.33
CA ALA B 57 51.39 56.76 17.30
C ALA B 57 51.76 55.37 16.76
N GLN B 58 51.06 54.92 15.72
CA GLN B 58 51.34 53.62 15.12
C GLN B 58 52.59 53.67 14.26
N ARG B 59 52.64 54.65 13.35
CA ARG B 59 53.83 54.90 12.55
C ARG B 59 55.02 55.08 13.47
N THR B 60 54.87 55.94 14.49
CA THR B 60 55.93 56.18 15.47
C THR B 60 56.49 54.89 16.04
N LEU B 61 55.62 53.92 16.30
CA LEU B 61 56.08 52.65 16.85
C LEU B 61 56.91 51.87 15.84
N LYS B 62 56.44 51.80 14.59
CA LYS B 62 57.19 51.07 13.56
C LYS B 62 58.52 51.76 13.25
N ASN B 63 58.50 53.09 13.27
CA ASN B 63 59.69 53.88 12.93
C ASN B 63 60.79 53.87 14.00
N LYS B 64 60.44 53.58 15.25
CA LYS B 64 61.39 53.80 16.35
C LYS B 64 61.39 52.72 17.43
N TYR B 65 60.24 52.10 17.65
CA TYR B 65 60.12 51.16 18.75
C TYR B 65 60.16 49.72 18.27
N GLU B 66 60.49 49.56 16.99
CA GLU B 66 60.62 48.25 16.36
C GLU B 66 61.33 47.25 17.27
N SER B 67 62.51 47.64 17.75
CA SER B 67 63.37 46.76 18.53
C SER B 67 63.05 46.74 20.01
N TYR B 68 62.91 47.92 20.59
CA TYR B 68 62.55 48.10 22.00
C TYR B 68 61.40 47.19 22.41
N ASP B 69 60.31 47.28 21.66
CA ASP B 69 59.12 46.48 21.91
C ASP B 69 59.45 44.98 21.93
N ALA B 70 60.13 44.51 20.88
CA ALA B 70 60.48 43.09 20.73
C ALA B 70 61.19 42.54 21.96
N ALA B 71 62.36 43.11 22.27
CA ALA B 71 63.16 42.65 23.39
C ALA B 71 62.42 42.68 24.72
N LEU B 72 61.86 43.83 25.06
CA LEU B 72 61.15 44.00 26.33
C LEU B 72 59.81 43.27 26.37
N SER B 73 59.51 42.54 25.30
CA SER B 73 58.31 41.73 25.21
C SER B 73 57.08 42.48 25.67
N LEU B 74 56.91 43.72 25.20
CA LEU B 74 55.71 44.47 25.55
C LEU B 74 54.74 44.58 24.39
N HIS B 75 53.57 44.01 24.58
CA HIS B 75 52.51 44.07 23.59
C HIS B 75 51.81 45.40 23.78
N ARG B 76 51.86 46.23 22.75
CA ARG B 76 51.17 47.53 22.78
C ARG B 76 49.87 47.42 22.01
N GLU B 77 48.86 48.15 22.46
CA GLU B 77 47.55 48.11 21.82
C GLU B 77 47.07 49.53 21.59
N ILE B 78 46.81 49.85 20.33
CA ILE B 78 46.42 51.21 19.97
C ILE B 78 44.96 51.30 19.51
N LEU B 79 44.16 52.03 20.29
CA LEU B 79 42.71 52.02 20.13
C LEU B 79 42.11 53.40 19.93
N CYS B 80 41.21 53.51 18.95
CA CYS B 80 40.47 54.75 18.70
C CYS B 80 39.01 54.61 19.11
N TYR B 81 38.52 55.56 19.92
CA TYR B 81 37.13 55.51 20.35
C TYR B 81 36.22 55.39 19.14
N SER B 82 36.60 56.08 18.07
CA SER B 82 35.86 56.05 16.82
C SER B 82 35.54 54.65 16.34
N LYS B 83 36.58 53.82 16.19
CA LYS B 83 36.43 52.55 15.47
C LYS B 83 36.57 51.28 16.31
N ASP B 84 37.15 51.44 17.50
CA ASP B 84 37.46 50.28 18.34
C ASP B 84 36.63 50.29 19.61
N ALA B 85 35.32 50.32 19.44
CA ALA B 85 34.41 50.34 20.58
C ALA B 85 34.53 49.05 21.37
N LYS B 86 34.42 47.93 20.66
CA LYS B 86 34.47 46.60 21.23
C LYS B 86 35.62 46.45 22.22
N GLU B 87 36.79 46.95 21.83
CA GLU B 87 38.03 46.70 22.58
C GLU B 87 38.19 47.61 23.79
N ILE B 88 37.54 48.76 23.76
CA ILE B 88 37.62 49.75 24.82
C ILE B 88 36.62 49.47 25.94
N TYR B 89 35.41 49.10 25.55
CA TYR B 89 34.32 48.81 26.47
C TYR B 89 34.29 47.35 26.93
N TYR B 90 35.23 46.55 26.46
CA TYR B 90 35.32 45.14 26.81
C TYR B 90 34.05 44.35 26.53
N THR B 91 33.56 44.45 25.31
CA THR B 91 32.32 43.77 24.91
C THR B 91 32.47 43.20 23.51
N PRO B 92 32.83 41.92 23.42
CA PRO B 92 33.23 41.25 22.19
C PRO B 92 32.12 40.43 21.56
N ASP B 93 32.45 39.72 20.49
CA ASP B 93 31.54 38.74 19.90
C ASP B 93 31.92 37.36 20.44
N PRO B 94 30.97 36.41 20.38
CA PRO B 94 31.11 35.04 20.89
C PRO B 94 32.47 34.71 21.52
N ILE B 140 1.02 27.67 -2.15
CA ILE B 140 2.39 28.13 -1.93
C ILE B 140 2.47 29.29 -0.90
N ALA B 141 3.65 29.48 -0.33
CA ALA B 141 3.93 30.61 0.57
C ALA B 141 3.88 31.94 -0.18
N ASP B 142 2.88 32.73 0.00
CA ASP B 142 2.66 33.98 -0.73
C ASP B 142 3.69 35.09 -0.44
N GLU B 143 4.47 35.45 -1.46
CA GLU B 143 5.46 36.53 -1.34
C GLU B 143 5.01 37.82 -2.02
N PRO B 144 5.29 38.99 -1.42
CA PRO B 144 5.07 40.26 -2.11
C PRO B 144 6.04 40.39 -3.29
N VAL B 145 5.86 41.42 -4.11
CA VAL B 145 6.81 41.70 -5.19
C VAL B 145 7.98 42.52 -4.66
N LYS B 146 9.21 42.20 -5.08
CA LYS B 146 10.40 42.92 -4.63
C LYS B 146 10.70 44.14 -5.52
N ALA B 147 11.31 45.18 -4.93
CA ALA B 147 11.59 46.41 -5.67
C ALA B 147 12.62 46.23 -6.79
N SER B 148 13.46 45.20 -6.67
CA SER B 148 14.41 44.84 -7.73
C SER B 148 13.70 44.36 -9.00
N LEU B 149 12.77 43.42 -8.85
CA LEU B 149 12.05 42.81 -9.97
C LEU B 149 11.11 43.80 -10.69
N LEU B 150 10.62 44.79 -9.95
CA LEU B 150 9.71 45.80 -10.46
C LEU B 150 10.44 46.94 -11.17
N LEU B 151 11.57 47.35 -10.59
CA LEU B 151 12.41 48.40 -11.19
C LEU B 151 13.15 47.89 -12.42
N HIS B 152 13.42 46.59 -12.46
CA HIS B 152 14.13 45.94 -13.57
C HIS B 152 13.22 45.76 -14.79
N VAL B 153 12.07 45.15 -14.56
CA VAL B 153 11.08 44.93 -15.62
C VAL B 153 10.67 46.24 -16.30
N LEU B 154 10.59 47.33 -15.53
CA LEU B 154 10.18 48.65 -16.05
C LEU B 154 11.28 49.36 -16.87
N VAL B 155 12.53 49.24 -16.43
CA VAL B 155 13.66 49.86 -17.13
C VAL B 155 14.13 49.02 -18.32
N ALA B 156 13.92 47.70 -18.25
CA ALA B 156 14.22 46.80 -19.36
C ALA B 156 13.15 46.90 -20.48
N HIS B 157 11.96 47.37 -20.09
CA HIS B 157 10.83 47.54 -21.00
C HIS B 157 10.95 48.83 -21.81
N LYS B 158 11.25 49.94 -21.14
CA LYS B 158 11.44 51.23 -21.83
C LYS B 158 12.69 51.23 -22.73
N LEU B 159 13.55 50.24 -22.57
CA LEU B 159 14.77 50.11 -23.39
C LEU B 159 14.63 48.99 -24.42
N LYS B 160 13.64 48.12 -24.22
CA LYS B 160 13.34 47.02 -25.16
C LYS B 160 14.42 45.95 -25.25
N LYS B 161 15.14 45.71 -24.15
CA LYS B 161 16.14 44.63 -24.10
C LYS B 161 16.00 43.79 -22.84
N SER B 162 16.15 42.48 -22.98
CA SER B 162 15.87 41.53 -21.90
C SER B 162 16.52 41.97 -20.61
N LEU B 163 15.98 41.53 -19.48
CA LEU B 163 16.53 41.94 -18.20
C LEU B 163 17.89 41.28 -17.86
N ASP B 164 18.42 40.51 -18.81
CA ASP B 164 19.79 40.01 -18.71
C ASP B 164 20.76 41.02 -19.33
N SER B 165 20.32 41.67 -20.42
CA SER B 165 21.07 42.75 -21.06
C SER B 165 21.30 43.91 -20.11
N ILE B 166 20.45 44.01 -19.09
CA ILE B 166 20.53 45.10 -18.13
C ILE B 166 21.09 44.64 -16.78
N PRO B 167 22.31 45.11 -16.45
CA PRO B 167 22.86 44.93 -15.11
C PRO B 167 22.32 46.02 -14.21
N MET B 168 21.78 45.67 -13.04
CA MET B 168 21.36 46.69 -12.08
C MET B 168 22.60 47.39 -11.51
N SER B 169 23.77 46.90 -11.92
CA SER B 169 25.06 47.48 -11.59
C SER B 169 25.19 48.87 -12.22
N LYS B 170 24.81 48.96 -13.50
CA LYS B 170 24.87 50.21 -14.26
C LYS B 170 23.98 51.31 -13.72
N THR B 171 23.99 52.43 -14.43
CA THR B 171 23.18 53.58 -14.08
C THR B 171 22.22 53.90 -15.24
N ILE B 172 21.19 54.70 -14.98
CA ILE B 172 20.23 55.07 -16.03
C ILE B 172 20.85 55.92 -17.15
N LYS B 173 21.92 56.64 -16.82
CA LYS B 173 22.63 57.47 -17.78
C LYS B 173 23.38 56.61 -18.81
N ASP B 174 23.97 55.50 -18.34
CA ASP B 174 24.71 54.54 -19.16
C ASP B 174 23.81 53.60 -19.97
N LEU B 175 22.65 53.26 -19.40
CA LEU B 175 21.71 52.34 -20.04
C LEU B 175 21.02 53.01 -21.23
N VAL B 176 20.98 54.33 -21.21
CA VAL B 176 20.39 55.13 -22.28
C VAL B 176 21.39 55.40 -23.42
N GLY B 177 22.60 55.81 -23.05
CA GLY B 177 23.66 56.11 -23.99
C GLY B 177 23.82 57.59 -24.23
N GLY B 178 22.70 58.27 -24.44
CA GLY B 178 22.67 59.71 -24.68
C GLY B 178 21.26 60.24 -24.87
N LYS B 179 20.59 59.35 -25.57
CA LYS B 179 19.20 59.69 -25.85
C LYS B 179 18.46 60.12 -24.59
N SER B 180 18.38 61.47 -24.38
CA SER B 180 17.84 61.99 -23.12
C SER B 180 16.32 62.03 -23.15
N THR B 181 15.67 61.75 -24.25
CA THR B 181 14.23 61.54 -24.28
C THR B 181 13.91 60.29 -23.45
N VAL B 182 14.55 59.28 -23.56
CA VAL B 182 14.38 57.99 -22.88
C VAL B 182 14.89 58.00 -21.42
N GLN B 183 15.67 59.00 -21.07
CA GLN B 183 16.04 59.22 -19.68
C GLN B 183 14.88 59.90 -18.99
N ASN B 184 14.23 60.84 -19.71
CA ASN B 184 13.05 61.56 -19.22
C ASN B 184 11.82 60.65 -19.05
N GLU B 185 11.79 59.58 -19.83
CA GLU B 185 10.69 58.61 -19.78
C GLU B 185 10.85 57.65 -18.62
N ILE B 186 12.04 57.07 -18.47
CA ILE B 186 12.33 56.17 -17.37
C ILE B 186 12.18 56.90 -16.03
N LEU B 187 12.51 58.19 -16.02
CA LEU B 187 12.40 59.01 -14.81
C LEU B 187 10.94 59.26 -14.41
N GLY B 188 10.11 59.67 -15.36
CA GLY B 188 8.71 59.97 -15.11
C GLY B 188 7.84 58.76 -14.87
N ASP B 189 8.26 57.62 -15.42
CA ASP B 189 7.58 56.33 -15.24
C ASP B 189 7.73 55.80 -13.81
N LEU B 190 8.94 55.94 -13.26
CA LEU B 190 9.22 55.51 -11.89
C LEU B 190 8.51 56.37 -10.85
N GLY B 191 8.12 57.59 -11.26
CA GLY B 191 7.36 58.48 -10.41
C GLY B 191 5.95 57.98 -10.20
N LYS B 192 5.27 57.62 -11.30
CA LYS B 192 3.91 57.07 -11.25
C LYS B 192 3.87 55.72 -10.54
N GLU B 193 5.05 55.10 -10.41
CA GLU B 193 5.20 53.74 -9.89
C GLU B 193 5.46 53.66 -8.38
N PHE B 194 6.52 54.33 -7.92
CA PHE B 194 6.90 54.27 -6.52
C PHE B 194 6.51 55.54 -5.72
N GLY B 195 6.39 56.67 -6.43
CA GLY B 195 5.96 57.93 -5.80
C GLY B 195 7.08 58.82 -5.28
N THR B 196 8.06 58.20 -4.61
CA THR B 196 9.19 58.91 -3.99
C THR B 196 10.40 59.02 -4.92
N THR B 197 10.62 60.22 -5.46
CA THR B 197 11.79 60.44 -6.32
C THR B 197 13.05 60.72 -5.49
N PRO B 198 14.01 59.77 -5.52
CA PRO B 198 15.33 60.04 -4.90
C PRO B 198 15.96 61.27 -5.58
N GLU B 199 17.06 61.79 -5.05
CA GLU B 199 17.57 63.08 -5.52
C GLU B 199 18.44 63.02 -6.79
N LYS B 200 19.02 61.87 -7.07
CA LYS B 200 19.72 61.70 -8.34
C LYS B 200 19.25 60.44 -9.01
N PRO B 201 18.06 60.49 -9.64
CA PRO B 201 17.54 59.27 -10.27
C PRO B 201 18.47 58.82 -11.41
N GLU B 202 18.97 59.79 -12.16
CA GLU B 202 19.75 59.57 -13.38
C GLU B 202 21.19 59.06 -13.13
N GLU B 203 21.63 59.12 -11.88
CA GLU B 203 23.00 58.76 -11.52
C GLU B 203 23.07 57.60 -10.51
N THR B 204 22.26 57.67 -9.45
CA THR B 204 22.15 56.58 -8.48
C THR B 204 21.83 55.27 -9.20
N PRO B 205 22.76 54.29 -9.16
CA PRO B 205 22.69 52.98 -9.85
C PRO B 205 21.50 52.11 -9.44
N LEU B 206 21.15 51.11 -10.25
CA LEU B 206 19.86 50.41 -10.13
C LEU B 206 19.66 49.55 -8.86
N GLU B 207 20.71 48.88 -8.40
CA GLU B 207 20.64 48.15 -7.15
C GLU B 207 20.47 49.12 -6.00
N GLU B 208 21.07 50.30 -6.16
CA GLU B 208 21.07 51.37 -5.14
C GLU B 208 19.78 52.21 -5.15
N LEU B 209 19.02 52.11 -6.24
CA LEU B 209 17.71 52.74 -6.33
C LEU B 209 16.63 51.80 -5.79
N ALA B 210 16.79 50.50 -6.06
CA ALA B 210 15.88 49.47 -5.55
C ALA B 210 15.92 49.39 -4.02
N GLU B 211 17.07 49.77 -3.44
CA GLU B 211 17.20 49.92 -1.99
C GLU B 211 16.28 51.01 -1.45
N THR B 212 16.41 52.21 -2.01
CA THR B 212 15.63 53.39 -1.60
C THR B 212 14.11 53.19 -1.79
N PHE B 213 13.71 52.49 -2.85
CA PHE B 213 12.29 52.30 -3.20
C PHE B 213 11.63 51.21 -2.34
N GLN B 214 12.45 50.28 -1.86
CA GLN B 214 11.97 49.14 -1.08
C GLN B 214 11.47 49.55 0.29
N ASP B 215 12.11 50.57 0.84
CA ASP B 215 11.74 51.11 2.15
C ASP B 215 10.27 51.49 2.22
N THR B 216 9.80 52.16 1.18
CA THR B 216 8.47 52.79 1.20
C THR B 216 7.35 51.99 0.50
N PHE B 217 7.73 50.93 -0.22
CA PHE B 217 6.76 50.15 -1.00
C PHE B 217 6.58 48.71 -0.46
N SER B 218 5.36 48.17 -0.61
CA SER B 218 5.05 46.80 -0.19
C SER B 218 3.89 46.17 -0.98
N GLY B 219 4.22 45.19 -1.81
CA GLY B 219 3.23 44.43 -2.54
C GLY B 219 2.38 45.25 -3.50
N ALA B 220 2.71 46.53 -3.64
CA ALA B 220 1.99 47.41 -4.56
C ALA B 220 2.48 47.17 -5.98
N LEU B 221 1.57 46.69 -6.85
CA LEU B 221 1.92 46.47 -8.25
C LEU B 221 2.11 47.79 -9.01
N GLY B 222 1.72 48.90 -8.39
CA GLY B 222 2.00 50.22 -8.92
C GLY B 222 1.09 50.65 -10.04
N LYS B 223 1.03 51.96 -10.27
CA LYS B 223 0.15 52.55 -11.28
C LYS B 223 0.62 52.28 -12.70
N GLN B 224 1.91 52.54 -12.94
CA GLN B 224 2.55 52.39 -14.25
C GLN B 224 2.75 50.92 -14.66
N SER B 225 2.91 50.05 -13.68
CA SER B 225 3.07 48.63 -13.95
C SER B 225 1.71 47.95 -14.17
N SER B 226 0.69 48.43 -13.47
CA SER B 226 -0.68 47.91 -13.59
C SER B 226 -1.28 48.27 -14.94
N SER B 227 -0.78 49.35 -15.54
CA SER B 227 -1.21 49.75 -16.88
C SER B 227 -0.52 48.88 -17.93
N LEU B 228 0.74 48.53 -17.66
CA LEU B 228 1.57 47.74 -18.57
C LEU B 228 1.17 46.27 -18.64
N LEU B 229 0.60 45.75 -17.55
CA LEU B 229 0.22 44.33 -17.49
C LEU B 229 -1.15 44.07 -18.11
N SER B 230 -2.04 45.06 -18.01
CA SER B 230 -3.36 44.95 -18.62
C SER B 230 -3.31 45.28 -20.11
N ARG B 231 -2.25 45.97 -20.52
CA ARG B 231 -1.95 46.22 -21.92
C ARG B 231 -1.30 44.99 -22.59
N LEU B 232 -0.49 44.28 -21.83
CA LEU B 232 0.16 43.04 -22.29
C LEU B 232 -0.87 41.92 -22.41
N ILE B 233 -1.86 41.92 -21.52
CA ILE B 233 -2.93 40.93 -21.50
C ILE B 233 -3.96 41.14 -22.62
N SER B 234 -4.17 42.40 -23.00
CA SER B 234 -5.20 42.78 -23.96
C SER B 234 -4.83 42.54 -25.42
N SER B 235 -3.57 42.85 -25.77
CA SER B 235 -3.14 42.80 -27.15
C SER B 235 -2.42 41.50 -27.49
N LYS B 236 -1.91 40.80 -26.48
CA LYS B 236 -1.07 39.63 -26.72
C LYS B 236 -1.71 38.30 -26.32
N MET B 237 -2.78 38.35 -25.53
CA MET B 237 -3.44 37.14 -25.05
C MET B 237 -4.60 36.80 -25.97
N PRO B 238 -4.81 35.50 -26.25
CA PRO B 238 -5.81 35.02 -27.21
C PRO B 238 -7.21 35.44 -26.79
N GLY B 239 -8.16 35.41 -27.73
CA GLY B 239 -9.52 35.82 -27.44
C GLY B 239 -10.09 35.23 -26.15
N GLY B 240 -10.51 36.09 -25.23
CA GLY B 240 -11.12 35.64 -23.99
C GLY B 240 -10.18 35.47 -22.80
N PHE B 241 -8.87 35.33 -23.07
CA PHE B 241 -7.88 35.12 -22.02
C PHE B 241 -7.59 36.41 -21.24
N THR B 242 -8.28 36.59 -20.11
CA THR B 242 -8.18 37.81 -19.30
C THR B 242 -6.96 37.81 -18.41
N ILE B 243 -6.72 38.93 -17.72
CA ILE B 243 -5.74 38.96 -16.65
C ILE B 243 -6.35 38.17 -15.49
N THR B 244 -7.68 38.02 -15.56
CA THR B 244 -8.45 37.22 -14.62
C THR B 244 -8.17 35.73 -14.83
N VAL B 245 -8.41 35.27 -16.06
CA VAL B 245 -8.17 33.87 -16.41
C VAL B 245 -6.70 33.46 -16.28
N ALA B 246 -5.78 34.38 -16.58
CA ALA B 246 -4.34 34.09 -16.56
C ALA B 246 -3.79 33.89 -15.15
N ARG B 247 -4.51 34.39 -14.14
CA ARG B 247 -4.12 34.19 -12.76
C ARG B 247 -4.73 32.89 -12.20
N LYS B 248 -5.96 32.59 -12.60
CA LYS B 248 -6.62 31.35 -12.19
C LYS B 248 -5.95 30.12 -12.82
N TYR B 249 -5.16 30.36 -13.86
CA TYR B 249 -4.34 29.31 -14.45
C TYR B 249 -3.01 29.20 -13.70
N LEU B 250 -2.38 30.35 -13.45
CA LEU B 250 -1.14 30.42 -12.69
C LEU B 250 -1.28 29.84 -11.29
N GLN B 251 -2.51 29.81 -10.77
CA GLN B 251 -2.79 29.34 -9.41
C GLN B 251 -3.26 27.88 -9.36
N THR B 252 -4.10 27.51 -10.33
CA THR B 252 -4.57 26.14 -10.49
C THR B 252 -3.44 25.18 -10.85
N ARG B 253 -2.77 25.45 -11.97
CA ARG B 253 -1.80 24.54 -12.54
C ARG B 253 -0.35 24.78 -12.07
N TRP B 254 -0.09 25.95 -11.47
CA TRP B 254 1.26 26.25 -10.97
C TRP B 254 1.33 26.77 -9.52
N GLY B 255 0.19 26.71 -8.82
CA GLY B 255 0.07 27.04 -7.41
C GLY B 255 0.69 28.37 -6.98
N LEU B 256 0.15 29.48 -7.48
CA LEU B 256 0.69 30.79 -7.15
C LEU B 256 -0.35 31.71 -6.50
N PRO B 257 -0.01 32.25 -5.32
CA PRO B 257 -0.85 33.16 -4.54
C PRO B 257 -0.82 34.59 -5.08
N SER B 258 -1.47 35.51 -4.38
CA SER B 258 -1.62 36.89 -4.85
C SER B 258 -0.34 37.56 -5.37
N GLY B 259 0.67 37.70 -4.51
CA GLY B 259 1.89 38.41 -4.87
C GLY B 259 2.94 37.60 -5.64
N ARG B 260 2.75 36.29 -5.69
CA ARG B 260 3.67 35.42 -6.45
C ARG B 260 3.30 35.36 -7.92
N GLN B 261 2.00 35.49 -8.21
CA GLN B 261 1.53 35.58 -9.59
C GLN B 261 1.73 37.00 -10.12
N ASP B 262 2.00 37.93 -9.20
CA ASP B 262 2.40 39.31 -9.55
C ASP B 262 3.81 39.34 -10.11
N GLY B 263 4.63 38.39 -9.66
CA GLY B 263 5.99 38.26 -10.16
C GLY B 263 6.01 37.62 -11.53
N VAL B 264 5.14 36.63 -11.75
CA VAL B 264 5.06 35.91 -13.04
C VAL B 264 4.50 36.78 -14.16
N LEU B 265 3.63 37.73 -13.81
CA LEU B 265 3.09 38.69 -14.78
C LEU B 265 4.10 39.76 -15.14
N LEU B 266 4.95 40.14 -14.18
CA LEU B 266 6.01 41.12 -14.39
C LEU B 266 7.18 40.55 -15.21
N VAL B 267 7.41 39.25 -15.09
CA VAL B 267 8.43 38.57 -15.90
C VAL B 267 7.90 38.35 -17.33
N ALA B 268 6.60 38.16 -17.47
CA ALA B 268 5.97 38.04 -18.79
C ALA B 268 5.86 39.38 -19.50
N LEU B 269 5.93 40.48 -18.72
CA LEU B 269 5.88 41.82 -19.29
C LEU B 269 7.20 42.23 -19.93
N SER B 270 8.30 41.64 -19.45
CA SER B 270 9.62 41.90 -20.03
C SER B 270 9.86 40.98 -21.23
N ASN B 271 9.14 39.86 -21.28
CA ASN B 271 9.24 38.90 -22.37
C ASN B 271 7.99 38.90 -23.28
N GLU B 272 7.32 40.04 -23.39
CA GLU B 272 6.02 40.09 -24.07
C GLU B 272 6.09 39.71 -25.55
N PRO B 273 5.18 38.82 -25.99
CA PRO B 273 5.15 38.34 -27.38
C PRO B 273 5.01 39.51 -28.35
N ALA B 274 5.70 39.48 -29.49
CA ALA B 274 5.59 40.58 -30.44
C ALA B 274 4.39 40.37 -31.37
N ALA B 275 3.56 39.39 -31.03
CA ALA B 275 2.32 39.10 -31.73
C ALA B 275 1.33 38.47 -30.74
N ARG B 276 0.04 38.54 -31.04
CA ARG B 276 -0.92 37.89 -30.16
C ARG B 276 -0.85 36.38 -30.32
N LEU B 277 -0.81 35.67 -29.19
CA LEU B 277 -0.80 34.21 -29.19
C LEU B 277 -2.12 33.68 -29.76
N GLY B 278 -2.05 32.58 -30.51
CA GLY B 278 -3.22 32.05 -31.20
C GLY B 278 -4.07 31.10 -30.37
N SER B 279 -3.49 29.95 -30.02
CA SER B 279 -4.18 28.96 -29.20
C SER B 279 -4.32 29.47 -27.76
N GLU B 280 -5.38 29.03 -27.08
CA GLU B 280 -5.45 29.21 -25.64
C GLU B 280 -4.42 28.29 -24.98
N ALA B 281 -4.00 27.26 -25.73
CA ALA B 281 -2.96 26.33 -25.28
C ALA B 281 -1.57 26.93 -25.50
N ASP B 282 -1.46 27.81 -26.49
CA ASP B 282 -0.24 28.60 -26.73
C ASP B 282 -0.05 29.65 -25.65
N ALA B 283 -1.17 30.19 -25.17
CA ALA B 283 -1.17 31.18 -24.09
C ALA B 283 -0.91 30.52 -22.73
N LYS B 284 -1.37 29.27 -22.60
CA LYS B 284 -1.10 28.49 -21.39
C LYS B 284 0.37 28.08 -21.32
N ALA B 285 0.93 27.67 -22.47
CA ALA B 285 2.34 27.28 -22.56
C ALA B 285 3.29 28.46 -22.34
N PHE B 286 2.82 29.66 -22.70
CA PHE B 286 3.56 30.91 -22.48
C PHE B 286 3.63 31.26 -20.99
N LEU B 287 2.50 31.13 -20.30
CA LEU B 287 2.45 31.37 -18.85
C LEU B 287 3.28 30.37 -18.06
N ASP B 288 3.46 29.17 -18.63
CA ASP B 288 4.28 28.11 -18.04
C ASP B 288 5.75 28.51 -17.94
N SER B 289 6.38 28.75 -19.08
CA SER B 289 7.79 29.12 -19.10
C SER B 289 8.10 30.46 -18.43
N MET B 290 7.08 31.32 -18.32
CA MET B 290 7.24 32.62 -17.66
C MET B 290 7.26 32.48 -16.13
N ALA B 291 6.58 31.46 -15.63
CA ALA B 291 6.54 31.22 -14.19
C ALA B 291 7.75 30.41 -13.70
N GLN B 292 8.49 29.83 -14.66
CA GLN B 292 9.74 29.14 -14.37
C GLN B 292 10.96 30.02 -14.57
N LYS B 293 10.80 31.12 -15.30
CA LYS B 293 11.83 32.17 -15.35
C LYS B 293 11.72 33.03 -14.11
N TYR B 294 10.51 33.09 -13.54
CA TYR B 294 10.27 33.69 -12.23
C TYR B 294 10.75 32.75 -11.11
N ALA B 295 10.63 31.46 -11.36
CA ALA B 295 11.02 30.43 -10.38
C ALA B 295 12.52 30.48 -10.04
N SER B 296 13.36 30.70 -11.04
CA SER B 296 14.82 30.78 -10.82
C SER B 296 15.36 32.23 -10.70
N ILE B 297 14.44 33.20 -10.64
CA ILE B 297 14.81 34.60 -10.36
C ILE B 297 14.39 34.95 -8.93
N VAL B 298 13.49 34.15 -8.36
CA VAL B 298 13.08 34.27 -6.96
C VAL B 298 13.66 33.11 -6.15
N GLY B 299 13.93 32.00 -6.84
CA GLY B 299 14.61 30.85 -6.26
C GLY B 299 13.71 29.75 -5.71
N VAL B 300 12.48 29.69 -6.20
CA VAL B 300 11.49 28.69 -5.73
C VAL B 300 11.18 27.66 -6.83
N ASP B 301 10.99 26.40 -6.45
CA ASP B 301 10.75 25.33 -7.43
C ASP B 301 9.32 24.74 -7.40
N LEU B 302 8.98 23.95 -8.42
CA LEU B 302 7.56 23.72 -8.77
C LEU B 302 7.01 22.28 -8.71
N LEU B 328 -15.66 19.50 -13.79
CA LEU B 328 -16.48 18.53 -13.08
C LEU B 328 -17.46 19.44 -12.35
N GLU B 329 -16.90 20.47 -11.73
CA GLU B 329 -17.68 21.64 -11.36
C GLU B 329 -17.78 22.39 -12.67
N GLU B 330 -16.86 22.07 -13.57
CA GLU B 330 -16.77 22.65 -14.90
C GLU B 330 -17.88 22.15 -15.83
N ILE B 331 -18.47 21.00 -15.51
CA ILE B 331 -19.64 20.53 -16.26
C ILE B 331 -20.84 21.41 -15.94
N THR B 332 -21.07 21.66 -14.66
CA THR B 332 -22.15 22.54 -14.21
C THR B 332 -21.93 23.95 -14.77
N LYS B 333 -20.66 24.37 -14.82
CA LYS B 333 -20.29 25.67 -15.36
C LYS B 333 -20.78 25.84 -16.79
N ASP B 334 -20.72 24.78 -17.59
CA ASP B 334 -21.14 24.88 -18.98
C ASP B 334 -22.66 25.01 -19.06
N HIS B 335 -23.38 24.35 -18.15
CA HIS B 335 -24.84 24.42 -18.13
C HIS B 335 -25.36 25.77 -17.62
N LYS B 336 -24.82 26.23 -16.50
CA LYS B 336 -25.25 27.49 -15.94
C LYS B 336 -25.12 28.63 -16.95
N VAL B 337 -24.08 28.55 -17.79
CA VAL B 337 -23.92 29.54 -18.85
C VAL B 337 -25.19 29.57 -19.67
N LEU B 338 -25.62 28.38 -20.07
CA LEU B 338 -26.82 28.22 -20.87
C LEU B 338 -28.05 28.90 -20.26
N ALA B 339 -28.32 28.58 -19.00
CA ALA B 339 -29.43 29.21 -18.29
C ALA B 339 -29.32 30.74 -18.25
N ARG B 340 -28.10 31.23 -17.99
CA ARG B 340 -27.87 32.66 -17.89
C ARG B 340 -28.27 33.33 -19.19
N GLN B 341 -28.01 32.66 -20.30
CA GLN B 341 -28.38 33.21 -21.59
C GLN B 341 -29.88 33.16 -21.83
N GLN B 342 -30.49 32.05 -21.43
CA GLN B 342 -31.94 31.88 -21.50
C GLN B 342 -32.64 32.99 -20.73
N LEU B 343 -31.97 33.43 -19.67
CA LEU B 343 -32.43 34.56 -18.88
C LEU B 343 -32.38 35.82 -19.74
N GLN B 344 -31.17 36.16 -20.19
CA GLN B 344 -30.95 37.37 -20.96
C GLN B 344 -31.95 37.55 -22.09
N VAL B 345 -32.06 36.55 -22.95
CA VAL B 345 -32.92 36.64 -24.13
C VAL B 345 -34.36 36.84 -23.73
N LEU B 346 -34.72 36.22 -22.60
CA LEU B 346 -36.06 36.36 -22.06
C LEU B 346 -36.29 37.80 -21.61
N ALA B 347 -35.33 38.32 -20.85
CA ALA B 347 -35.38 39.69 -20.39
C ALA B 347 -35.54 40.61 -21.61
N ARG B 348 -34.77 40.32 -22.66
CA ARG B 348 -34.83 41.10 -23.88
C ARG B 348 -36.26 41.16 -24.38
N TYR B 349 -36.86 39.99 -24.54
CA TYR B 349 -38.24 39.88 -25.00
C TYR B 349 -39.16 40.70 -24.11
N LEU B 350 -38.90 40.63 -22.80
CA LEU B 350 -39.69 41.31 -21.78
C LEU B 350 -39.41 42.81 -21.75
N LYS B 351 -38.35 43.22 -22.44
CA LYS B 351 -37.96 44.62 -22.52
C LYS B 351 -37.66 45.17 -21.13
N MET B 352 -37.13 44.33 -20.27
CA MET B 352 -36.85 44.72 -18.89
C MET B 352 -35.36 44.86 -18.60
N ASP B 353 -35.00 46.03 -18.06
CA ASP B 353 -33.62 46.40 -17.81
C ASP B 353 -33.11 45.83 -16.49
N LEU B 354 -32.32 44.77 -16.57
CA LEU B 354 -31.84 44.08 -15.36
C LEU B 354 -30.81 44.91 -14.59
N ASP B 355 -30.21 45.88 -15.25
CA ASP B 355 -29.10 46.59 -14.64
C ASP B 355 -29.48 47.95 -14.05
N ASN B 356 -30.74 48.34 -14.20
CA ASN B 356 -31.20 49.66 -13.76
C ASN B 356 -31.02 49.92 -12.26
N GLY B 357 -31.16 48.89 -11.44
CA GLY B 357 -30.90 49.03 -10.03
C GLY B 357 -29.51 49.61 -9.83
N GLU B 358 -28.50 48.89 -10.29
CA GLU B 358 -27.13 49.31 -10.09
C GLU B 358 -26.83 50.68 -10.70
N ARG B 359 -27.48 51.04 -11.80
CA ARG B 359 -27.33 52.38 -12.37
C ARG B 359 -27.67 53.41 -11.32
N LYS B 360 -28.95 53.48 -10.99
CA LYS B 360 -29.47 54.39 -9.98
C LYS B 360 -28.63 54.40 -8.70
N PHE B 361 -28.25 53.20 -8.26
CA PHE B 361 -27.47 53.07 -7.03
C PHE B 361 -26.15 53.80 -7.13
N LEU B 362 -25.44 53.56 -8.24
CA LEU B 362 -24.13 54.16 -8.45
C LEU B 362 -24.21 55.67 -8.53
N LYS B 363 -25.33 56.19 -9.00
CA LYS B 363 -25.52 57.64 -9.08
C LYS B 363 -25.73 58.27 -7.71
N GLU B 364 -26.50 57.59 -6.85
CA GLU B 364 -26.71 58.08 -5.48
C GLU B 364 -25.42 58.00 -4.69
N LYS B 365 -24.68 56.92 -4.90
CA LYS B 365 -23.40 56.73 -4.23
C LYS B 365 -22.49 57.92 -4.53
N ASP B 366 -22.62 58.47 -5.73
CA ASP B 366 -21.83 59.63 -6.14
C ASP B 366 -22.27 60.87 -5.37
N THR B 367 -23.54 61.24 -5.51
CA THR B 367 -24.08 62.41 -4.82
C THR B 367 -23.87 62.35 -3.30
N VAL B 368 -23.52 61.18 -2.78
CA VAL B 368 -23.31 61.03 -1.35
C VAL B 368 -21.94 61.52 -0.94
N ALA B 369 -20.91 61.02 -1.63
CA ALA B 369 -19.55 61.45 -1.34
C ALA B 369 -19.46 62.92 -1.64
N GLU B 370 -20.37 63.38 -2.49
CA GLU B 370 -20.47 64.80 -2.86
C GLU B 370 -20.96 65.62 -1.68
N LEU B 371 -22.10 65.24 -1.13
CA LEU B 371 -22.63 65.95 0.03
C LEU B 371 -21.69 65.73 1.19
N GLN B 372 -21.38 64.48 1.45
CA GLN B 372 -20.47 64.11 2.52
C GLN B 372 -19.21 64.96 2.46
N ALA B 373 -18.79 65.31 1.25
CA ALA B 373 -17.65 66.17 1.03
C ALA B 373 -17.83 67.58 1.60
N GLN B 374 -18.91 68.24 1.22
CA GLN B 374 -19.20 69.61 1.67
C GLN B 374 -19.33 69.68 3.19
N LEU B 375 -20.02 68.70 3.74
CA LEU B 375 -20.17 68.56 5.16
C LEU B 375 -18.81 68.44 5.79
N ASP B 376 -17.97 67.60 5.21
CA ASP B 376 -16.59 67.41 5.67
C ASP B 376 -15.86 68.75 5.75
N TYR B 377 -16.03 69.57 4.72
CA TYR B 377 -15.36 70.86 4.66
C TYR B 377 -15.89 71.80 5.71
N LEU B 378 -17.21 71.90 5.82
CA LEU B 378 -17.82 72.83 6.77
C LEU B 378 -17.32 72.52 8.17
N ASN B 379 -17.11 71.24 8.42
CA ASN B 379 -16.56 70.80 9.68
C ASN B 379 -15.10 71.19 9.79
N ALA B 380 -14.37 71.05 8.69
CA ALA B 380 -12.97 71.51 8.62
C ALA B 380 -12.83 72.98 9.04
N GLU B 381 -13.76 73.82 8.58
CA GLU B 381 -13.75 75.27 8.85
C GLU B 381 -14.29 75.67 10.23
N LEU B 382 -15.37 75.04 10.85
CA LEU B 382 -16.02 75.47 12.06
C LEU B 382 -15.58 74.66 13.26
N GLY B 383 -15.20 73.42 13.03
CA GLY B 383 -14.79 72.55 14.11
C GLY B 383 -15.94 71.77 14.72
N GLU B 384 -15.62 70.68 15.40
CA GLU B 384 -16.64 69.85 16.03
C GLU B 384 -17.50 70.68 16.97
N PHE B 385 -16.88 71.22 18.01
CA PHE B 385 -17.63 71.96 19.03
C PHE B 385 -18.66 72.93 18.47
N PHE B 386 -18.28 73.67 17.43
CA PHE B 386 -19.15 74.71 16.88
C PHE B 386 -20.31 74.10 16.11
N VAL B 387 -19.96 73.15 15.24
CA VAL B 387 -20.95 72.48 14.40
C VAL B 387 -21.91 71.70 15.27
N ASN B 388 -21.39 70.96 16.23
CA ASN B 388 -22.23 70.21 17.16
C ASN B 388 -22.96 71.10 18.13
N GLY B 389 -22.25 72.05 18.72
CA GLY B 389 -22.82 72.89 19.75
C GLY B 389 -23.89 73.85 19.28
N VAL B 390 -24.06 73.93 17.96
CA VAL B 390 -24.94 74.94 17.38
C VAL B 390 -26.31 74.34 17.00
N ALA B 391 -26.52 73.09 17.38
CA ALA B 391 -27.78 72.41 17.13
C ALA B 391 -28.92 72.99 17.96
N THR B 392 -30.14 72.73 17.53
CA THR B 392 -31.29 73.37 18.15
C THR B 392 -31.72 72.69 19.45
N SER B 393 -32.30 73.46 20.37
CA SER B 393 -32.72 72.97 21.68
C SER B 393 -34.16 73.39 22.02
N PHE B 394 -34.55 74.58 21.58
CA PHE B 394 -35.85 75.14 21.91
C PHE B 394 -36.95 74.52 21.05
N SER B 395 -38.05 74.14 21.71
CA SER B 395 -39.31 73.85 21.04
C SER B 395 -40.40 74.40 21.92
N ARG B 396 -41.49 74.85 21.33
CA ARG B 396 -42.55 75.42 22.15
C ARG B 396 -43.19 74.39 23.10
N LYS B 397 -43.31 73.14 22.65
CA LYS B 397 -44.02 72.14 23.44
C LYS B 397 -43.32 71.73 24.72
N LYS B 398 -42.04 72.08 24.84
CA LYS B 398 -41.29 71.66 26.01
C LYS B 398 -41.32 72.74 27.08
N ALA B 399 -42.09 73.80 26.86
CA ALA B 399 -42.11 74.88 27.83
C ALA B 399 -42.98 74.49 29.01
N ARG B 400 -42.55 74.85 30.21
CA ARG B 400 -43.25 74.50 31.44
C ARG B 400 -43.60 75.79 32.12
N THR B 401 -44.87 76.03 32.39
CA THR B 401 -45.24 77.28 33.07
C THR B 401 -45.73 77.01 34.52
N PHE B 402 -45.26 77.82 35.48
CA PHE B 402 -45.62 77.71 36.90
C PHE B 402 -46.48 78.88 37.40
N ASP B 403 -47.67 78.55 37.90
CA ASP B 403 -48.76 79.50 38.14
C ASP B 403 -49.12 79.58 39.60
N SER B 404 -49.19 78.44 40.35
CA SER B 404 -50.00 78.24 41.54
C SER B 404 -49.41 78.68 42.88
N SER B 405 -49.07 79.96 43.00
CA SER B 405 -48.63 80.52 44.27
C SER B 405 -49.71 80.37 45.33
N TRP B 406 -50.97 80.42 44.89
CA TRP B 406 -52.11 80.29 45.78
C TRP B 406 -52.10 79.04 46.65
N ASN B 407 -51.46 78.00 46.12
CA ASN B 407 -51.44 76.68 46.75
C ASN B 407 -50.14 76.48 47.51
N TRP B 408 -49.04 76.94 46.94
CA TRP B 408 -47.73 76.75 47.55
C TRP B 408 -47.63 77.56 48.83
N ALA B 409 -48.45 78.60 48.94
CA ALA B 409 -48.49 79.44 50.13
C ALA B 409 -49.08 78.72 51.36
N LYS B 410 -50.20 78.04 51.18
CA LYS B 410 -50.74 77.21 52.25
C LYS B 410 -49.70 76.18 52.68
N GLN B 411 -49.02 75.59 51.70
CA GLN B 411 -47.99 74.60 51.98
C GLN B 411 -46.81 75.24 52.68
N SER B 412 -46.37 76.37 52.15
CA SER B 412 -45.22 77.09 52.67
C SER B 412 -45.44 77.29 54.17
N LEU B 413 -46.67 77.67 54.53
CA LEU B 413 -47.00 77.99 55.92
C LEU B 413 -47.22 76.77 56.80
N LEU B 414 -47.89 75.77 56.24
CA LEU B 414 -48.19 74.57 57.01
C LEU B 414 -46.91 73.79 57.28
N SER B 415 -45.80 74.37 56.87
CA SER B 415 -44.51 73.69 56.87
C SER B 415 -43.62 74.39 57.86
N LEU B 416 -43.59 75.72 57.77
CA LEU B 416 -42.99 76.57 58.78
C LEU B 416 -43.58 76.19 60.13
N TYR B 417 -44.83 75.80 60.09
CA TYR B 417 -45.63 75.51 61.27
C TYR B 417 -45.22 74.21 61.96
N PHE B 418 -45.15 73.12 61.23
CA PHE B 418 -44.72 71.87 61.83
C PHE B 418 -43.24 71.90 62.18
N GLU B 419 -42.51 72.80 61.52
CA GLU B 419 -41.07 72.86 61.66
C GLU B 419 -40.68 73.58 62.95
N ILE B 420 -41.47 74.58 63.33
CA ILE B 420 -41.33 75.24 64.61
C ILE B 420 -41.79 74.32 65.75
N ILE B 421 -42.91 73.65 65.53
CA ILE B 421 -43.46 72.69 66.48
C ILE B 421 -42.44 71.60 66.75
N HIS B 422 -41.81 71.10 65.71
CA HIS B 422 -40.75 70.11 65.86
C HIS B 422 -39.39 70.72 66.21
N GLY B 423 -39.32 72.04 66.29
CA GLY B 423 -38.10 72.69 66.71
C GLY B 423 -36.91 72.54 65.76
N VAL B 424 -37.19 72.42 64.48
CA VAL B 424 -36.16 72.57 63.45
C VAL B 424 -35.83 74.05 63.31
N LEU B 425 -36.87 74.86 63.21
CA LEU B 425 -36.73 76.30 63.35
C LEU B 425 -37.06 76.69 64.79
N LYS B 426 -36.09 77.30 65.44
CA LYS B 426 -36.23 77.88 66.76
C LYS B 426 -36.40 79.38 66.55
N ASN B 427 -36.81 80.13 67.57
CA ASN B 427 -37.19 81.54 67.38
C ASN B 427 -35.98 82.48 67.15
N VAL B 428 -34.85 81.90 66.80
CA VAL B 428 -33.62 82.67 66.64
C VAL B 428 -33.23 82.64 65.17
N ASP B 429 -33.49 81.50 64.55
CA ASP B 429 -33.17 81.22 63.17
C ASP B 429 -33.74 82.29 62.24
N ARG B 430 -32.96 82.72 61.28
CA ARG B 430 -33.43 83.76 60.37
C ARG B 430 -34.45 83.19 59.40
N GLU B 431 -34.44 81.87 59.24
CA GLU B 431 -35.38 81.21 58.33
C GLU B 431 -36.87 81.51 58.62
N VAL B 432 -37.26 81.55 59.87
CA VAL B 432 -38.62 81.93 60.17
C VAL B 432 -38.92 83.35 59.65
N VAL B 433 -37.93 84.25 59.67
CA VAL B 433 -38.16 85.59 59.12
C VAL B 433 -38.24 85.59 57.58
N SER B 434 -37.33 84.88 56.92
CA SER B 434 -37.39 84.68 55.47
C SER B 434 -38.74 84.12 55.02
N GLU B 435 -39.16 83.06 55.69
CA GLU B 435 -40.37 82.38 55.29
C GLU B 435 -41.59 83.25 55.61
N ALA B 436 -41.48 84.10 56.63
CA ALA B 436 -42.55 85.01 56.94
C ALA B 436 -42.75 85.89 55.72
N ILE B 437 -41.64 86.43 55.22
CA ILE B 437 -41.66 87.34 54.08
C ILE B 437 -42.35 86.73 52.85
N ASN B 438 -42.14 85.43 52.66
CA ASN B 438 -42.67 84.74 51.51
C ASN B 438 -44.15 84.38 51.68
N ILE B 439 -44.54 84.21 52.93
CA ILE B 439 -45.95 83.97 53.23
C ILE B 439 -46.74 85.27 53.07
N MET B 440 -46.22 86.36 53.61
CA MET B 440 -46.84 87.67 53.44
C MET B 440 -46.96 88.04 51.96
N ASN B 441 -45.98 87.58 51.17
CA ASN B 441 -45.93 87.85 49.72
C ASN B 441 -47.06 87.18 48.95
N ARG B 442 -47.91 86.47 49.67
CA ARG B 442 -49.00 85.72 49.05
C ARG B 442 -50.32 85.82 49.84
N SER B 443 -50.60 86.97 50.45
CA SER B 443 -51.86 87.14 51.18
C SER B 443 -53.11 86.97 50.32
N ASN B 444 -53.95 86.02 50.71
CA ASN B 444 -55.28 85.84 50.14
C ASN B 444 -56.27 86.13 51.23
N ASP B 445 -57.52 86.35 50.88
CA ASP B 445 -58.59 86.27 51.87
C ASP B 445 -58.61 84.81 52.33
N ALA B 446 -58.02 83.95 51.49
CA ALA B 446 -58.03 82.50 51.70
C ALA B 446 -56.84 82.01 52.51
N LEU B 447 -55.67 82.58 52.27
CA LEU B 447 -54.47 82.20 53.01
C LEU B 447 -54.66 82.58 54.45
N ILE B 448 -55.46 83.62 54.67
CA ILE B 448 -55.67 84.10 56.02
C ILE B 448 -56.53 83.12 56.79
N LYS B 449 -57.69 82.75 56.23
CA LYS B 449 -58.55 81.75 56.87
C LYS B 449 -57.80 80.44 57.14
N PHE B 450 -56.73 80.20 56.39
CA PHE B 450 -55.91 79.02 56.59
C PHE B 450 -55.12 79.14 57.87
N MET B 451 -54.30 80.19 57.96
CA MET B 451 -53.48 80.41 59.14
C MET B 451 -54.38 80.62 60.34
N GLU B 452 -55.47 81.32 60.09
CA GLU B 452 -56.43 81.61 61.14
C GLU B 452 -56.94 80.33 61.77
N TYR B 453 -57.38 79.39 60.95
CA TYR B 453 -57.81 78.11 61.49
C TYR B 453 -56.70 77.40 62.22
N HIS B 454 -55.56 77.25 61.56
CA HIS B 454 -54.48 76.41 62.11
C HIS B 454 -53.82 77.03 63.33
N ILE B 455 -53.72 78.36 63.36
CA ILE B 455 -53.06 79.01 64.48
C ILE B 455 -53.99 79.05 65.70
N SER B 456 -55.22 79.46 65.47
CA SER B 456 -56.18 79.56 66.54
C SER B 456 -56.53 78.19 67.12
N ASN B 457 -56.17 77.13 66.40
CA ASN B 457 -56.47 75.78 66.85
C ASN B 457 -55.29 75.04 67.48
N THR B 458 -54.21 75.76 67.80
CA THR B 458 -53.07 75.12 68.44
C THR B 458 -53.19 75.23 69.96
N ASP B 459 -52.92 74.13 70.65
CA ASP B 459 -52.97 74.14 72.11
C ASP B 459 -51.67 74.65 72.70
N GLU B 460 -51.62 75.95 72.94
CA GLU B 460 -50.47 76.59 73.57
C GLU B 460 -49.95 75.74 74.73
N THR B 461 -50.88 75.14 75.46
CA THR B 461 -50.56 74.31 76.63
C THR B 461 -49.57 73.19 76.33
N LYS B 462 -49.74 72.54 75.18
CA LYS B 462 -49.07 71.28 74.83
C LYS B 462 -47.56 71.25 75.03
N GLY B 463 -46.91 72.40 74.97
CA GLY B 463 -45.47 72.43 75.06
C GLY B 463 -44.95 73.81 74.78
N GLU B 464 -43.66 73.99 75.01
CA GLU B 464 -43.06 75.31 74.86
C GLU B 464 -43.07 75.65 73.37
N ASN B 465 -42.81 74.63 72.56
CA ASN B 465 -42.78 74.82 71.13
C ASN B 465 -44.12 75.25 70.57
N TYR B 466 -45.18 74.81 71.21
CA TYR B 466 -46.52 75.10 70.72
C TYR B 466 -46.90 76.57 70.94
N GLN B 467 -46.42 77.13 72.03
CA GLN B 467 -46.69 78.54 72.26
C GLN B 467 -46.07 79.34 71.13
N LEU B 468 -44.81 79.01 70.82
CA LEU B 468 -44.08 79.72 69.78
C LEU B 468 -44.80 79.77 68.45
N VAL B 469 -45.23 78.61 67.96
CA VAL B 469 -45.97 78.55 66.70
C VAL B 469 -47.18 79.44 66.79
N LYS B 470 -47.91 79.34 67.90
CA LYS B 470 -49.12 80.14 68.07
C LYS B 470 -48.84 81.65 68.09
N THR B 471 -47.85 82.08 68.86
CA THR B 471 -47.52 83.49 68.90
C THR B 471 -47.04 84.01 67.54
N LEU B 472 -45.98 83.41 67.02
CA LEU B 472 -45.53 83.69 65.66
C LEU B 472 -46.71 83.67 64.69
N GLY B 473 -47.49 82.60 64.75
CA GLY B 473 -48.67 82.43 63.91
C GLY B 473 -49.58 83.62 63.94
N GLU B 474 -49.96 84.04 65.14
CA GLU B 474 -50.88 85.17 65.28
C GLU B 474 -50.26 86.44 64.70
N GLN B 475 -48.95 86.60 64.92
CA GLN B 475 -48.21 87.75 64.43
C GLN B 475 -48.25 87.79 62.92
N LEU B 476 -47.96 86.62 62.34
CA LEU B 476 -47.99 86.41 60.89
C LEU B 476 -49.37 86.69 60.33
N ILE B 477 -50.40 86.19 61.03
CA ILE B 477 -51.78 86.41 60.62
C ILE B 477 -52.10 87.90 60.57
N GLU B 478 -51.61 88.63 61.55
CA GLU B 478 -51.75 90.07 61.56
C GLU B 478 -51.14 90.73 60.33
N ASN B 479 -49.86 90.43 60.08
CA ASN B 479 -49.13 91.04 58.98
C ASN B 479 -49.81 90.77 57.66
N CYS B 480 -50.28 89.53 57.47
CA CYS B 480 -50.89 89.14 56.20
C CYS B 480 -52.16 89.92 55.97
N LYS B 481 -52.82 90.26 57.06
CA LYS B 481 -54.02 91.06 56.97
C LYS B 481 -53.67 92.43 56.40
N GLN B 482 -52.50 92.96 56.77
CA GLN B 482 -52.05 94.27 56.28
C GLN B 482 -51.55 94.26 54.84
N VAL B 483 -50.74 93.25 54.51
CA VAL B 483 -50.09 93.16 53.20
C VAL B 483 -51.07 92.70 52.13
N LEU B 484 -52.26 92.33 52.54
CA LEU B 484 -53.31 92.02 51.59
C LEU B 484 -53.52 93.30 50.84
N ASP B 485 -53.75 93.22 49.54
CA ASP B 485 -53.97 94.43 48.75
C ASP B 485 -52.73 95.34 48.70
N VAL B 486 -51.52 94.61 48.96
CA VAL B 486 -50.26 95.34 48.97
C VAL B 486 -49.19 94.60 48.19
N ASP B 487 -48.44 95.35 47.38
CA ASP B 487 -47.50 94.77 46.42
C ASP B 487 -46.49 93.86 47.10
N PRO B 488 -46.17 92.72 46.44
CA PRO B 488 -45.22 91.75 46.98
C PRO B 488 -43.83 92.32 46.85
N VAL B 489 -42.92 91.91 47.72
CA VAL B 489 -41.66 92.59 47.76
C VAL B 489 -40.48 91.65 47.87
N TYR B 490 -39.39 92.03 47.23
CA TYR B 490 -38.13 91.34 47.34
C TYR B 490 -37.33 91.93 48.51
N LYS B 491 -37.16 91.13 49.55
CA LYS B 491 -36.40 91.55 50.73
C LYS B 491 -35.52 90.41 51.20
N ASP B 492 -34.20 90.57 51.07
CA ASP B 492 -33.30 89.54 51.56
C ASP B 492 -32.86 89.78 53.00
N VAL B 493 -33.05 88.77 53.83
CA VAL B 493 -32.84 88.90 55.26
C VAL B 493 -31.67 88.02 55.69
N ALA B 494 -31.21 87.19 54.76
CA ALA B 494 -30.09 86.29 55.01
C ALA B 494 -28.93 86.99 55.69
N LYS B 495 -28.21 86.22 56.51
CA LYS B 495 -27.09 86.79 57.26
C LYS B 495 -25.92 86.99 56.30
N PRO B 496 -25.44 88.24 56.18
CA PRO B 496 -24.34 88.63 55.29
C PRO B 496 -23.02 87.94 55.67
N THR B 497 -22.29 87.42 54.67
CA THR B 497 -21.04 86.70 54.92
C THR B 497 -19.83 87.23 54.15
N GLY B 498 -18.67 86.76 54.59
CA GLY B 498 -17.37 87.10 54.01
C GLY B 498 -16.45 85.88 53.91
N PRO B 499 -15.28 86.05 53.28
CA PRO B 499 -14.42 84.91 52.97
C PRO B 499 -13.50 84.63 54.14
N LYS B 500 -13.31 83.35 54.47
CA LYS B 500 -12.33 82.97 55.46
C LYS B 500 -11.55 81.73 55.05
N THR B 501 -10.25 81.92 54.82
CA THR B 501 -9.36 80.80 54.52
C THR B 501 -8.48 80.53 55.72
N ALA B 502 -8.23 79.25 55.98
CA ALA B 502 -7.34 78.85 57.05
C ALA B 502 -6.59 77.60 56.64
N ILE B 503 -5.27 77.64 56.82
CA ILE B 503 -4.44 76.48 56.57
C ILE B 503 -4.12 75.80 57.90
N ASP B 504 -4.49 74.53 57.97
CA ASP B 504 -4.19 73.60 59.06
C ASP B 504 -2.79 73.75 59.63
N LYS B 505 -2.53 73.04 60.72
CA LYS B 505 -1.18 72.88 61.25
C LYS B 505 -0.54 71.71 60.49
N ASN B 506 -1.36 71.03 59.70
CA ASN B 506 -0.90 69.93 58.87
C ASN B 506 -1.10 70.19 57.39
N GLY B 507 -1.13 71.47 57.02
CA GLY B 507 -1.23 71.86 55.62
C GLY B 507 -2.55 71.57 54.94
N ASN B 508 -3.62 71.52 55.72
CA ASN B 508 -4.96 71.35 55.18
C ASN B 508 -5.65 72.68 54.95
N ILE B 509 -5.77 73.06 53.68
CA ILE B 509 -6.33 74.34 53.31
C ILE B 509 -7.85 74.25 53.35
N THR B 510 -8.47 75.11 54.17
CA THR B 510 -9.90 75.06 54.40
C THR B 510 -10.52 76.43 54.20
N TYR B 511 -11.70 76.45 53.57
CA TYR B 511 -12.41 77.69 53.32
C TYR B 511 -13.81 77.68 53.92
N SER B 512 -14.11 78.72 54.67
CA SER B 512 -15.41 78.89 55.25
C SER B 512 -15.98 80.21 54.80
N GLU B 513 -17.29 80.37 54.95
CA GLU B 513 -17.92 81.67 54.78
C GLU B 513 -18.49 82.16 56.10
N GLU B 514 -17.78 83.07 56.74
CA GLU B 514 -18.16 83.58 58.05
C GLU B 514 -19.04 84.81 57.95
N PRO B 515 -19.84 85.08 58.99
CA PRO B 515 -20.62 86.31 59.09
C PRO B 515 -19.67 87.48 59.23
N ARG B 516 -19.93 88.58 58.54
CA ARG B 516 -19.08 89.76 58.64
C ARG B 516 -19.24 90.40 60.00
N GLU B 517 -18.12 90.68 60.65
CA GLU B 517 -18.15 91.15 62.02
C GLU B 517 -19.08 92.34 62.14
N LYS B 518 -18.85 93.31 61.28
CA LYS B 518 -19.50 94.61 61.40
C LYS B 518 -20.69 94.77 60.44
N VAL B 519 -21.16 93.67 59.84
CA VAL B 519 -22.33 93.69 58.94
C VAL B 519 -23.36 92.58 59.22
N ARG B 520 -24.62 93.00 59.37
CA ARG B 520 -25.68 92.11 59.80
C ARG B 520 -26.95 92.19 58.94
N LYS B 521 -27.32 93.41 58.57
CA LYS B 521 -28.46 93.67 57.69
C LYS B 521 -27.96 93.97 56.26
N LEU B 522 -28.81 93.79 55.27
CA LEU B 522 -28.46 94.31 53.94
C LEU B 522 -28.38 95.83 54.02
N SER B 523 -29.19 96.38 54.92
CA SER B 523 -29.11 97.79 55.27
C SER B 523 -27.66 98.21 55.60
N GLN B 524 -27.00 97.48 56.48
CA GLN B 524 -25.63 97.82 56.85
C GLN B 524 -24.66 97.62 55.70
N TYR B 525 -25.03 96.75 54.75
CA TYR B 525 -24.17 96.49 53.60
C TYR B 525 -24.13 97.68 52.64
N VAL B 526 -25.28 98.32 52.45
CA VAL B 526 -25.36 99.52 51.61
C VAL B 526 -24.50 100.64 52.20
N GLN B 527 -24.52 100.75 53.52
CA GLN B 527 -23.73 101.76 54.20
C GLN B 527 -22.25 101.50 53.98
N GLU B 528 -21.86 100.22 54.10
CA GLU B 528 -20.47 99.82 53.93
C GLU B 528 -19.98 100.24 52.56
N MET B 529 -20.84 100.01 51.58
CA MET B 529 -20.54 100.33 50.21
C MET B 529 -20.31 101.82 50.01
N ALA B 530 -21.18 102.64 50.60
CA ALA B 530 -21.13 104.07 50.35
C ALA B 530 -19.87 104.71 50.95
N LEU B 531 -19.34 104.13 52.03
CA LEU B 531 -18.14 104.68 52.68
C LEU B 531 -16.84 104.37 51.93
N GLY B 532 -16.87 103.25 51.22
CA GLY B 532 -15.70 102.82 50.50
C GLY B 532 -14.62 102.45 51.49
N GLY B 533 -13.38 102.51 51.03
CA GLY B 533 -12.24 102.21 51.87
C GLY B 533 -11.24 103.31 51.61
N PRO B 534 -10.05 103.21 52.22
CA PRO B 534 -8.96 104.17 52.07
C PRO B 534 -8.37 104.07 50.67
N ILE B 535 -8.66 102.95 50.00
CA ILE B 535 -8.09 102.61 48.70
C ILE B 535 -8.77 103.35 47.55
N THR B 536 -9.92 103.95 47.82
CA THR B 536 -10.58 104.84 46.86
C THR B 536 -10.38 106.31 47.29
N LYS B 537 -9.32 106.93 46.75
CA LYS B 537 -8.87 108.22 47.24
C LYS B 537 -9.43 109.35 46.40
N GLU B 538 -8.69 109.73 45.36
CA GLU B 538 -9.16 110.77 44.45
C GLU B 538 -10.57 110.46 43.94
N SER B 539 -11.08 111.28 43.02
CA SER B 539 -12.51 111.25 42.71
C SER B 539 -12.93 110.75 41.32
N GLN B 540 -12.03 110.74 40.32
CA GLN B 540 -12.49 110.87 38.93
C GLN B 540 -13.57 111.89 39.21
N MET B 599 -27.30 104.46 60.06
CA MET B 599 -28.19 105.19 60.94
C MET B 599 -28.40 103.97 61.83
N ASP B 600 -28.61 104.13 63.13
CA ASP B 600 -28.82 102.91 63.94
C ASP B 600 -30.27 102.58 64.26
N VAL B 601 -30.71 101.42 63.75
CA VAL B 601 -32.10 101.02 63.82
C VAL B 601 -32.23 99.67 64.50
N GLU B 602 -31.70 99.54 65.71
CA GLU B 602 -31.51 98.22 66.34
C GLU B 602 -32.48 97.13 65.86
N ASP B 603 -31.93 96.04 65.32
CA ASP B 603 -32.71 94.93 64.77
C ASP B 603 -32.90 93.88 65.82
N ALA B 604 -34.07 93.27 65.84
CA ALA B 604 -34.29 92.14 66.73
C ALA B 604 -33.68 90.91 66.07
N LEU B 605 -32.67 91.09 65.23
CA LEU B 605 -32.35 90.04 64.26
C LEU B 605 -32.04 88.64 64.78
N ASP B 606 -30.80 88.33 65.08
CA ASP B 606 -30.53 86.95 65.48
C ASP B 606 -30.83 86.72 66.96
N LYS B 607 -31.73 87.53 67.51
CA LYS B 607 -32.07 87.41 68.93
C LYS B 607 -33.53 86.95 69.14
N ASP B 608 -34.45 87.57 68.41
CA ASP B 608 -35.90 87.29 68.53
C ASP B 608 -36.64 87.43 67.19
N SER B 609 -36.78 86.32 66.49
CA SER B 609 -37.40 86.32 65.16
C SER B 609 -38.83 86.82 65.13
N THR B 610 -39.67 86.32 66.03
CA THR B 610 -41.06 86.79 66.11
C THR B 610 -41.15 88.33 66.16
N LYS B 611 -40.26 88.96 66.94
CA LYS B 611 -40.26 90.41 67.03
C LYS B 611 -39.91 91.06 65.69
N GLU B 612 -38.87 90.54 65.02
CA GLU B 612 -38.49 91.07 63.71
C GLU B 612 -39.61 90.87 62.71
N VAL B 613 -40.29 89.72 62.80
CA VAL B 613 -41.41 89.39 61.92
C VAL B 613 -42.57 90.40 62.02
N ALA B 614 -42.81 90.89 63.22
CA ALA B 614 -43.82 91.93 63.45
C ALA B 614 -43.44 93.25 62.81
N SER B 615 -42.14 93.43 62.57
CA SER B 615 -41.58 94.63 61.99
C SER B 615 -41.80 94.66 60.47
N LEU B 616 -41.79 93.49 59.86
CA LEU B 616 -41.78 93.35 58.41
C LEU B 616 -42.72 94.29 57.64
N PRO B 617 -44.00 94.37 58.07
CA PRO B 617 -44.99 95.14 57.32
C PRO B 617 -44.79 96.65 57.39
N ASN B 618 -43.88 97.10 58.24
CA ASN B 618 -43.73 98.54 58.47
C ASN B 618 -42.68 99.24 57.59
N LYS B 619 -43.16 100.23 56.85
CA LYS B 619 -42.32 101.01 55.94
C LYS B 619 -41.36 101.91 56.69
N SER B 620 -40.07 101.71 56.44
CA SER B 620 -39.04 102.47 57.12
C SER B 620 -38.97 103.91 56.60
N THR B 621 -39.04 104.87 57.52
CA THR B 621 -38.90 106.27 57.14
C THR B 621 -37.49 106.70 57.48
N ILE B 622 -36.79 107.28 56.52
CA ILE B 622 -35.44 107.78 56.77
C ILE B 622 -35.23 109.19 56.24
N SER B 623 -34.53 109.99 57.03
CA SER B 623 -34.21 111.36 56.68
C SER B 623 -32.73 111.45 56.34
N LYS B 624 -31.92 110.71 57.10
CA LYS B 624 -30.50 110.64 56.85
C LYS B 624 -30.24 109.66 55.70
N THR B 625 -30.45 110.15 54.49
CA THR B 625 -30.21 109.37 53.29
C THR B 625 -28.78 108.87 53.22
N VAL B 626 -28.63 107.58 52.91
CA VAL B 626 -27.31 106.97 52.93
C VAL B 626 -26.32 107.65 51.99
N SER B 627 -26.83 108.28 50.93
CA SER B 627 -25.95 108.98 50.00
C SER B 627 -25.09 110.02 50.71
N SER B 628 -25.67 110.67 51.71
CA SER B 628 -25.02 111.76 52.41
C SER B 628 -23.93 111.30 53.39
N THR B 629 -23.71 110.00 53.46
CA THR B 629 -22.63 109.44 54.28
C THR B 629 -21.35 109.37 53.46
N ILE B 630 -21.49 109.45 52.13
CA ILE B 630 -20.36 109.36 51.23
C ILE B 630 -19.39 110.49 51.51
N PRO B 631 -18.15 110.15 51.89
CA PRO B 631 -17.14 111.19 52.15
C PRO B 631 -16.88 112.03 50.92
N ARG B 632 -16.41 113.26 51.13
CA ARG B 632 -15.91 114.06 50.03
C ARG B 632 -14.64 113.37 49.56
N GLU B 633 -14.43 113.30 48.25
CA GLU B 633 -13.20 112.72 47.75
C GLU B 633 -13.16 111.25 48.12
N THR B 634 -14.28 110.55 47.92
CA THR B 634 -14.32 109.09 48.09
C THR B 634 -15.33 108.51 47.13
N ILE B 635 -14.91 107.48 46.41
CA ILE B 635 -15.79 106.78 45.50
C ILE B 635 -16.27 105.51 46.17
N PRO B 636 -17.59 105.38 46.33
CA PRO B 636 -18.23 104.23 46.99
C PRO B 636 -17.87 102.93 46.30
N PHE B 637 -17.94 101.77 46.93
CA PHE B 637 -17.65 100.45 46.38
C PHE B 637 -18.61 100.01 45.29
N LEU B 638 -19.74 100.71 45.22
CA LEU B 638 -20.70 100.57 44.14
C LEU B 638 -20.98 101.99 43.66
N HIS B 639 -20.97 102.21 42.36
CA HIS B 639 -21.26 103.55 41.87
C HIS B 639 -21.76 103.53 40.43
N LEU B 640 -22.45 104.59 40.05
CA LEU B 640 -22.82 104.78 38.65
C LEU B 640 -21.81 105.71 37.97
N ARG B 641 -21.77 105.67 36.65
CA ARG B 641 -20.80 106.48 35.90
C ARG B 641 -21.49 107.33 34.86
N LYS B 642 -20.82 108.41 34.45
CA LYS B 642 -21.35 109.35 33.47
C LYS B 642 -20.30 109.61 32.42
N LYS B 643 -20.67 109.52 31.14
CA LYS B 643 -19.69 109.72 30.07
C LYS B 643 -19.38 111.19 29.86
N THR B 644 -18.10 111.56 30.02
CA THR B 644 -17.67 112.92 29.77
C THR B 644 -17.75 113.19 28.28
N PRO B 645 -17.97 114.46 27.88
CA PRO B 645 -17.90 114.79 26.45
C PRO B 645 -16.55 114.36 25.86
N ALA B 646 -15.51 114.41 26.69
CA ALA B 646 -14.21 113.86 26.31
C ALA B 646 -14.37 112.40 25.84
N GLY B 647 -15.32 111.68 26.45
CA GLY B 647 -15.64 110.33 26.04
C GLY B 647 -15.42 109.25 27.08
N ASP B 648 -14.83 109.62 28.21
CA ASP B 648 -14.51 108.64 29.24
C ASP B 648 -15.67 108.45 30.22
N TRP B 649 -15.72 107.29 30.86
CA TRP B 649 -16.77 107.02 31.84
C TRP B 649 -16.25 107.18 33.27
N LYS B 650 -16.37 108.37 33.82
CA LYS B 650 -15.93 108.61 35.18
C LYS B 650 -17.08 108.53 36.22
N TYR B 651 -16.71 108.43 37.49
CA TYR B 651 -17.65 108.35 38.60
C TYR B 651 -18.47 109.62 38.73
N ASP B 652 -19.80 109.51 38.71
CA ASP B 652 -20.65 110.66 38.99
C ASP B 652 -21.36 110.50 40.33
N ARG B 653 -21.01 111.38 41.26
CA ARG B 653 -21.56 111.34 42.61
C ARG B 653 -23.09 111.38 42.68
N GLN B 654 -23.71 112.24 41.85
CA GLN B 654 -25.17 112.30 41.78
C GLN B 654 -25.79 110.96 41.42
N LEU B 655 -25.44 110.44 40.25
CA LEU B 655 -25.94 109.16 39.81
C LEU B 655 -25.71 108.05 40.83
N SER B 656 -24.53 108.05 41.44
CA SER B 656 -24.18 107.05 42.45
C SER B 656 -25.00 107.22 43.73
N SER B 657 -25.44 108.44 43.98
CA SER B 657 -26.30 108.68 45.12
C SER B 657 -27.70 108.20 44.82
N LEU B 658 -28.19 108.48 43.61
CA LEU B 658 -29.47 107.95 43.17
C LEU B 658 -29.47 106.43 43.37
N PHE B 659 -28.41 105.79 42.95
CA PHE B 659 -28.30 104.33 43.00
C PHE B 659 -28.19 103.77 44.41
N LEU B 660 -27.30 104.33 45.22
CA LEU B 660 -27.05 103.84 46.56
C LEU B 660 -28.24 104.07 47.47
N ASP B 661 -28.95 105.18 47.25
CA ASP B 661 -30.13 105.51 48.03
C ASP B 661 -31.25 104.55 47.71
N GLY B 662 -31.38 104.24 46.43
CA GLY B 662 -32.27 103.18 45.99
C GLY B 662 -31.99 101.88 46.73
N LEU B 663 -30.73 101.46 46.75
CA LEU B 663 -30.33 100.22 47.41
C LEU B 663 -30.71 100.21 48.87
N GLU B 664 -30.56 101.36 49.52
CA GLU B 664 -30.89 101.49 50.94
C GLU B 664 -32.38 101.30 51.13
N LYS B 665 -33.15 102.07 50.38
CA LYS B 665 -34.60 101.98 50.40
C LYS B 665 -35.09 100.55 50.09
N ALA B 666 -34.32 99.81 49.32
CA ALA B 666 -34.69 98.45 48.97
C ALA B 666 -34.35 97.47 50.07
N ALA B 667 -33.41 97.86 50.93
CA ALA B 667 -33.00 97.02 52.04
C ALA B 667 -34.01 97.07 53.17
N PHE B 668 -34.64 98.25 53.31
CA PHE B 668 -35.59 98.57 54.39
C PHE B 668 -37.06 98.23 54.04
N ASN B 669 -37.51 98.42 52.67
CA ASN B 669 -38.88 98.20 52.25
C ASN B 669 -38.95 97.00 51.32
N GLY B 670 -37.86 96.70 50.62
CA GLY B 670 -37.92 95.78 49.51
C GLY B 670 -38.40 96.47 48.24
N VAL B 671 -38.30 95.79 47.12
CA VAL B 671 -38.77 96.36 45.85
C VAL B 671 -39.78 95.41 45.25
N THR B 672 -40.78 95.96 44.59
CA THR B 672 -41.72 95.13 43.87
C THR B 672 -41.35 95.07 42.40
N PHE B 673 -41.67 93.95 41.76
CA PHE B 673 -41.45 93.80 40.34
C PHE B 673 -42.75 93.38 39.72
N LYS B 674 -43.84 93.71 40.40
CA LYS B 674 -45.19 93.46 39.89
C LYS B 674 -45.29 94.03 38.50
N ASP B 675 -45.91 93.28 37.60
CA ASP B 675 -46.15 93.78 36.26
C ASP B 675 -44.91 93.87 35.35
N LYS B 676 -43.75 93.42 35.83
CA LYS B 676 -42.53 93.40 35.01
C LYS B 676 -42.33 92.07 34.29
N TYR B 677 -42.19 92.12 32.97
CA TYR B 677 -41.94 90.92 32.17
C TYR B 677 -40.47 90.77 31.78
N VAL B 678 -39.88 89.63 32.12
CA VAL B 678 -38.44 89.48 32.07
C VAL B 678 -37.98 88.19 31.38
N LEU B 679 -36.97 88.33 30.51
CA LEU B 679 -36.28 87.18 29.93
C LEU B 679 -34.89 87.09 30.54
N ILE B 680 -34.54 85.94 31.10
CA ILE B 680 -33.23 85.76 31.72
C ILE B 680 -32.58 84.45 31.28
N THR B 681 -31.40 84.55 30.67
CA THR B 681 -30.62 83.40 30.23
C THR B 681 -29.39 83.25 31.12
N GLY B 682 -29.00 82.02 31.42
CA GLY B 682 -27.87 81.78 32.29
C GLY B 682 -28.19 81.63 33.78
N ALA B 683 -29.45 81.42 34.08
CA ALA B 683 -29.89 81.35 35.47
C ALA B 683 -29.97 79.91 36.01
N GLY B 684 -29.00 79.08 35.64
CA GLY B 684 -28.95 77.73 36.17
C GLY B 684 -28.76 77.71 37.67
N LYS B 685 -28.82 76.51 38.26
CA LYS B 685 -28.62 76.37 39.69
C LYS B 685 -27.22 76.85 40.09
N GLY B 686 -27.11 77.43 41.28
CA GLY B 686 -25.83 77.85 41.82
C GLY B 686 -25.13 78.95 41.03
N SER B 687 -25.87 79.99 40.69
CA SER B 687 -25.33 81.04 39.85
C SER B 687 -25.96 82.38 40.19
N ILE B 688 -25.32 83.46 39.75
CA ILE B 688 -25.84 84.78 40.01
C ILE B 688 -27.21 84.87 39.39
N GLY B 689 -27.40 84.10 38.33
CA GLY B 689 -28.69 84.07 37.65
C GLY B 689 -29.80 83.69 38.60
N ALA B 690 -29.69 82.51 39.19
CA ALA B 690 -30.79 81.95 39.98
C ALA B 690 -31.10 82.79 41.20
N GLU B 691 -30.14 83.61 41.62
CA GLU B 691 -30.35 84.47 42.78
C GLU B 691 -31.12 85.71 42.36
N VAL B 692 -30.88 86.14 41.13
CA VAL B 692 -31.63 87.24 40.53
C VAL B 692 -33.06 86.79 40.22
N LEU B 693 -33.18 85.52 39.82
CA LEU B 693 -34.47 84.92 39.48
C LEU B 693 -35.36 84.79 40.70
N GLN B 694 -34.76 84.34 41.80
CA GLN B 694 -35.48 84.25 43.05
C GLN B 694 -36.01 85.61 43.43
N GLY B 695 -35.18 86.62 43.24
CA GLY B 695 -35.55 88.00 43.52
C GLY B 695 -36.75 88.43 42.71
N LEU B 696 -36.66 88.27 41.40
CA LEU B 696 -37.71 88.68 40.49
C LEU B 696 -39.04 88.05 40.90
N LEU B 697 -39.02 86.74 41.14
CA LEU B 697 -40.23 86.00 41.48
C LEU B 697 -40.82 86.47 42.79
N GLN B 698 -39.97 86.81 43.74
CA GLN B 698 -40.42 87.29 45.04
C GLN B 698 -41.17 88.63 44.89
N GLY B 699 -40.78 89.41 43.90
CA GLY B 699 -41.39 90.71 43.69
C GLY B 699 -42.61 90.65 42.78
N GLY B 700 -42.96 89.44 42.33
CA GLY B 700 -44.16 89.24 41.53
C GLY B 700 -43.99 89.40 40.04
N ALA B 701 -42.77 89.17 39.56
CA ALA B 701 -42.45 89.32 38.16
C ALA B 701 -42.98 88.17 37.32
N LYS B 702 -43.09 88.37 36.02
CA LYS B 702 -43.47 87.29 35.15
C LYS B 702 -42.24 87.05 34.32
N VAL B 703 -41.66 85.86 34.48
CA VAL B 703 -40.31 85.59 34.02
C VAL B 703 -40.21 84.36 33.16
N VAL B 704 -39.44 84.44 32.08
CA VAL B 704 -39.07 83.26 31.30
C VAL B 704 -37.64 82.94 31.62
N VAL B 705 -37.39 81.72 32.08
CA VAL B 705 -36.02 81.26 32.31
C VAL B 705 -35.63 80.29 31.20
N THR B 706 -34.41 80.43 30.70
CA THR B 706 -33.85 79.46 29.77
C THR B 706 -32.98 78.44 30.50
N THR B 707 -33.06 77.18 30.08
CA THR B 707 -32.11 76.18 30.51
C THR B 707 -31.58 75.41 29.31
N SER B 708 -30.32 75.01 29.44
CA SER B 708 -29.61 74.34 28.36
C SER B 708 -29.75 72.86 28.58
N ARG B 709 -29.62 72.47 29.85
CA ARG B 709 -29.73 71.09 30.26
C ARG B 709 -31.11 70.86 30.84
N PHE B 710 -32.12 70.84 29.97
CA PHE B 710 -33.51 70.67 30.36
C PHE B 710 -33.81 69.21 30.78
N SER B 711 -34.01 68.96 32.07
CA SER B 711 -34.17 67.60 32.59
C SER B 711 -35.33 67.51 33.53
N LYS B 712 -35.65 66.30 33.99
CA LYS B 712 -36.58 66.21 35.10
C LYS B 712 -35.85 66.89 36.23
N GLN B 713 -34.58 66.53 36.45
CA GLN B 713 -33.80 67.08 37.55
C GLN B 713 -33.91 68.60 37.60
N VAL B 714 -33.95 69.22 36.42
CA VAL B 714 -33.99 70.67 36.30
C VAL B 714 -35.39 71.25 36.39
N THR B 715 -36.37 70.58 35.78
CA THR B 715 -37.77 70.93 35.96
C THR B 715 -38.14 70.93 37.46
N ASP B 716 -37.69 69.90 38.16
CA ASP B 716 -37.97 69.75 39.59
C ASP B 716 -37.36 70.89 40.41
N TYR B 717 -36.18 71.34 40.00
CA TYR B 717 -35.51 72.48 40.63
C TYR B 717 -36.38 73.72 40.59
N TYR B 718 -36.94 74.01 39.43
CA TYR B 718 -37.70 75.24 39.26
C TYR B 718 -39.06 75.18 39.94
N GLN B 719 -39.71 74.03 39.92
CA GLN B 719 -40.95 73.90 40.68
C GLN B 719 -40.65 74.17 42.15
N SER B 720 -39.54 73.66 42.64
CA SER B 720 -39.17 73.91 44.00
C SER B 720 -38.99 75.41 44.23
N ILE B 721 -38.21 76.04 43.36
CA ILE B 721 -37.92 77.46 43.47
C ILE B 721 -39.20 78.31 43.41
N TYR B 722 -40.12 77.94 42.53
CA TYR B 722 -41.37 78.70 42.41
C TYR B 722 -42.27 78.55 43.64
N ALA B 723 -42.37 77.32 44.14
CA ALA B 723 -43.24 77.06 45.27
C ALA B 723 -42.73 77.73 46.55
N LYS B 724 -41.51 78.26 46.49
CA LYS B 724 -40.91 78.94 47.63
C LYS B 724 -40.95 80.46 47.51
N TYR B 725 -40.74 80.98 46.30
CA TYR B 725 -40.62 82.44 46.09
C TYR B 725 -41.68 83.05 45.18
N GLY B 726 -42.44 82.17 44.53
CA GLY B 726 -43.48 82.58 43.61
C GLY B 726 -44.52 83.43 44.30
N ALA B 727 -44.36 84.75 44.19
CA ALA B 727 -45.24 85.73 44.81
C ALA B 727 -46.61 85.76 44.17
N LYS B 728 -47.54 86.48 44.79
CA LYS B 728 -48.82 86.71 44.16
C LYS B 728 -48.59 87.46 42.85
N GLY B 729 -49.19 86.97 41.77
CA GLY B 729 -49.06 87.62 40.47
C GLY B 729 -47.81 87.26 39.70
N SER B 730 -47.08 86.31 40.23
CA SER B 730 -45.85 85.86 39.59
C SER B 730 -46.14 84.71 38.66
N THR B 731 -45.19 84.43 37.79
CA THR B 731 -45.28 83.28 36.91
C THR B 731 -43.93 82.99 36.27
N LEU B 732 -43.52 81.73 36.37
CA LEU B 732 -42.24 81.29 35.87
C LEU B 732 -42.50 80.43 34.67
N ILE B 733 -41.72 80.62 33.60
CA ILE B 733 -41.84 79.76 32.44
C ILE B 733 -40.47 79.22 32.08
N VAL B 734 -40.30 77.91 32.15
CA VAL B 734 -39.03 77.30 31.81
C VAL B 734 -39.05 76.69 30.42
N VAL B 735 -38.12 77.14 29.59
CA VAL B 735 -37.98 76.60 28.25
C VAL B 735 -36.56 76.12 28.04
N PRO B 736 -36.40 75.09 27.21
CA PRO B 736 -35.07 74.63 26.82
C PRO B 736 -34.56 75.61 25.79
N PHE B 737 -33.27 75.90 25.77
CA PHE B 737 -32.76 76.97 24.90
C PHE B 737 -31.26 76.88 24.70
N ASN B 738 -30.82 77.28 23.52
CA ASN B 738 -29.40 77.28 23.20
C ASN B 738 -29.01 78.61 22.60
N GLN B 739 -28.52 79.52 23.42
CA GLN B 739 -28.19 80.86 22.94
C GLN B 739 -27.16 80.84 21.79
N GLY B 740 -26.61 79.66 21.49
CA GLY B 740 -25.66 79.45 20.41
C GLY B 740 -26.33 79.27 19.06
N SER B 741 -27.60 78.91 19.07
CA SER B 741 -28.37 78.71 17.84
C SER B 741 -29.07 80.01 17.43
N LYS B 742 -28.87 80.42 16.19
CA LYS B 742 -29.56 81.59 15.68
C LYS B 742 -31.02 81.25 15.73
N GLN B 743 -31.31 80.01 15.34
CA GLN B 743 -32.68 79.59 15.21
C GLN B 743 -33.41 79.56 16.55
N ASP B 744 -32.71 79.20 17.61
CA ASP B 744 -33.28 79.25 18.96
C ASP B 744 -33.53 80.66 19.44
N VAL B 745 -32.60 81.57 19.21
CA VAL B 745 -32.81 82.96 19.58
C VAL B 745 -34.08 83.45 18.90
N GLU B 746 -34.18 83.23 17.59
CA GLU B 746 -35.35 83.65 16.86
C GLU B 746 -36.62 82.97 17.33
N ALA B 747 -36.56 81.66 17.49
CA ALA B 747 -37.70 80.86 17.93
C ALA B 747 -38.22 81.28 19.30
N LEU B 748 -37.29 81.58 20.21
CA LEU B 748 -37.64 81.88 21.58
C LEU B 748 -38.45 83.17 21.63
N ILE B 749 -37.84 84.27 21.22
CA ILE B 749 -38.52 85.53 21.44
C ILE B 749 -39.72 85.70 20.50
N GLU B 750 -39.94 84.73 19.64
CA GLU B 750 -41.16 84.69 18.82
C GLU B 750 -42.28 84.04 19.59
N PHE B 751 -41.93 82.97 20.27
CA PHE B 751 -42.84 82.27 21.16
C PHE B 751 -43.26 83.18 22.31
N ILE B 752 -42.41 84.14 22.65
CA ILE B 752 -42.72 85.07 23.72
C ILE B 752 -43.77 86.08 23.29
N TYR B 753 -43.66 86.53 22.04
CA TYR B 753 -44.51 87.62 21.56
C TYR B 753 -45.82 87.16 20.92
N ASP B 754 -45.86 85.90 20.52
CA ASP B 754 -46.97 85.39 19.75
C ASP B 754 -48.19 85.19 20.62
N THR B 755 -49.35 85.57 20.09
CA THR B 755 -50.61 85.46 20.83
C THR B 755 -50.84 84.06 21.34
N GLU B 756 -51.44 83.96 22.53
CA GLU B 756 -51.69 82.67 23.14
C GLU B 756 -52.41 81.73 22.18
N LYS B 757 -53.33 82.30 21.39
CA LYS B 757 -54.10 81.50 20.44
C LYS B 757 -53.15 80.77 19.49
N ASN B 758 -52.17 81.50 18.97
CA ASN B 758 -51.19 80.94 18.06
C ASN B 758 -50.09 80.09 18.74
N GLY B 759 -50.33 79.71 19.98
CA GLY B 759 -49.41 78.82 20.67
C GLY B 759 -48.31 79.55 21.41
N GLY B 760 -48.46 80.86 21.53
CA GLY B 760 -47.43 81.69 22.12
C GLY B 760 -47.64 82.02 23.59
N LEU B 761 -46.92 83.04 24.03
CA LEU B 761 -46.95 83.48 25.43
C LEU B 761 -47.74 84.79 25.55
N GLY B 762 -47.81 85.50 24.43
CA GLY B 762 -48.54 86.76 24.39
C GLY B 762 -47.92 87.87 25.19
N TRP B 763 -46.62 87.78 25.44
CA TRP B 763 -45.96 88.77 26.28
C TRP B 763 -45.29 89.90 25.51
N ASP B 764 -44.69 90.80 26.26
CA ASP B 764 -43.88 91.89 25.73
C ASP B 764 -42.82 92.21 26.80
N LEU B 765 -41.56 92.01 26.48
CA LEU B 765 -40.51 92.05 27.50
C LEU B 765 -40.21 93.45 28.02
N ASP B 766 -39.89 93.55 29.30
CA ASP B 766 -39.52 94.81 29.94
C ASP B 766 -38.06 94.74 30.40
N ALA B 767 -37.52 93.51 30.46
CA ALA B 767 -36.14 93.31 30.83
C ALA B 767 -35.52 92.08 30.16
N ILE B 768 -34.26 92.22 29.77
CA ILE B 768 -33.52 91.12 29.20
C ILE B 768 -32.19 91.02 29.92
N ILE B 769 -31.86 89.81 30.36
CA ILE B 769 -30.68 89.59 31.18
C ILE B 769 -29.94 88.40 30.60
N PRO B 770 -29.11 88.64 29.59
CA PRO B 770 -28.44 87.68 28.70
C PRO B 770 -27.16 87.09 29.30
N PHE B 771 -27.29 86.52 30.49
CA PHE B 771 -26.13 86.09 31.24
C PHE B 771 -25.61 84.72 30.78
N ALA B 772 -26.22 84.18 29.73
CA ALA B 772 -25.84 82.88 29.22
C ALA B 772 -24.36 82.87 28.83
N ALA B 773 -23.66 81.78 29.17
CA ALA B 773 -22.26 81.61 28.75
C ALA B 773 -21.63 80.21 28.84
N ILE B 774 -20.40 80.12 28.32
CA ILE B 774 -19.60 78.90 28.33
C ILE B 774 -18.22 79.25 28.88
N PRO B 775 -17.68 78.38 29.71
CA PRO B 775 -16.41 78.57 30.40
C PRO B 775 -15.22 78.23 29.51
N GLU B 776 -14.46 79.24 29.15
CA GLU B 776 -13.23 79.02 28.40
C GLU B 776 -12.03 79.26 29.34
N GLN B 777 -11.18 78.25 29.51
CA GLN B 777 -10.05 78.41 30.42
C GLN B 777 -8.87 77.62 29.92
N GLY B 778 -7.68 78.21 30.01
CA GLY B 778 -6.49 77.54 29.55
C GLY B 778 -6.37 77.64 28.04
N ILE B 779 -7.06 78.65 27.52
CA ILE B 779 -7.02 78.93 26.11
C ILE B 779 -6.35 80.27 25.96
N GLU B 780 -5.14 80.28 25.41
CA GLU B 780 -4.49 81.54 25.10
C GLU B 780 -4.64 81.90 23.64
N LEU B 781 -4.05 83.02 23.23
CA LEU B 781 -4.16 83.46 21.84
C LEU B 781 -4.08 82.29 20.88
N GLU B 782 -2.98 81.56 20.90
CA GLU B 782 -2.77 80.53 19.90
C GLU B 782 -3.60 79.29 20.12
N HIS B 783 -4.42 79.30 21.15
CA HIS B 783 -5.29 78.16 21.39
C HIS B 783 -6.72 78.44 20.95
N ILE B 784 -7.03 79.70 20.70
CA ILE B 784 -8.37 80.03 20.27
C ILE B 784 -8.77 79.20 19.07
N ASP B 785 -9.84 78.43 19.24
CA ASP B 785 -10.37 77.61 18.16
C ASP B 785 -11.89 77.40 18.22
N SER B 786 -12.33 76.21 17.82
CA SER B 786 -13.74 75.90 17.71
C SER B 786 -14.55 76.33 18.94
N LYS B 787 -14.06 75.98 20.13
CA LYS B 787 -14.79 76.31 21.34
C LYS B 787 -14.92 77.82 21.50
N SER B 788 -13.80 78.53 21.46
CA SER B 788 -13.82 79.97 21.70
C SER B 788 -14.67 80.73 20.70
N GLU B 789 -14.67 80.30 19.45
CA GLU B 789 -15.45 80.97 18.41
C GLU B 789 -16.94 80.82 18.66
N PHE B 790 -17.30 79.62 19.11
CA PHE B 790 -18.66 79.28 19.48
C PHE B 790 -19.03 80.05 20.72
N ALA B 791 -18.12 80.07 21.67
CA ALA B 791 -18.35 80.80 22.92
C ALA B 791 -18.57 82.28 22.63
N HIS B 792 -17.76 82.83 21.75
CA HIS B 792 -17.91 84.23 21.37
C HIS B 792 -19.30 84.47 20.75
N ARG B 793 -19.84 83.44 20.11
CA ARG B 793 -21.15 83.56 19.47
C ARG B 793 -22.28 83.69 20.49
N ILE B 794 -22.25 82.83 21.51
CA ILE B 794 -23.22 82.87 22.59
C ILE B 794 -23.10 84.15 23.42
N MET B 795 -21.87 84.60 23.63
CA MET B 795 -21.63 85.65 24.59
C MET B 795 -21.62 87.05 23.96
N LEU B 796 -21.73 87.14 22.64
CA LEU B 796 -21.78 88.44 21.96
C LEU B 796 -22.69 88.47 20.75
N THR B 797 -22.33 87.75 19.70
CA THR B 797 -23.07 87.90 18.46
C THR B 797 -24.55 87.59 18.64
N ASN B 798 -24.88 86.46 19.25
CA ASN B 798 -26.28 86.14 19.48
C ASN B 798 -27.02 87.02 20.51
N ILE B 799 -26.30 87.62 21.45
CA ILE B 799 -26.90 88.61 22.33
C ILE B 799 -27.34 89.78 21.50
N LEU B 800 -26.51 90.20 20.56
CA LEU B 800 -26.89 91.28 19.65
C LEU B 800 -28.13 90.85 18.89
N ARG B 801 -28.08 89.64 18.35
CA ARG B 801 -29.19 89.10 17.59
C ARG B 801 -30.49 89.06 18.40
N MET B 802 -30.37 88.76 19.67
CA MET B 802 -31.52 88.70 20.58
C MET B 802 -32.14 90.08 20.82
N MET B 803 -31.32 91.10 21.10
CA MET B 803 -31.84 92.45 21.27
C MET B 803 -32.50 92.84 19.98
N GLY B 804 -31.82 92.58 18.87
CA GLY B 804 -32.35 92.89 17.56
C GLY B 804 -33.71 92.27 17.30
N CYS B 805 -33.86 91.01 17.69
CA CYS B 805 -35.13 90.31 17.56
C CYS B 805 -36.29 91.00 18.30
N VAL B 806 -36.12 91.32 19.57
CA VAL B 806 -37.23 91.93 20.31
C VAL B 806 -37.52 93.33 19.77
N LYS B 807 -36.51 93.95 19.19
CA LYS B 807 -36.69 95.23 18.55
C LYS B 807 -37.69 95.11 17.41
N LYS B 808 -37.52 94.07 16.60
CA LYS B 808 -38.39 93.91 15.42
C LYS B 808 -39.80 93.67 15.85
N GLN B 809 -39.98 92.80 16.86
CA GLN B 809 -41.29 92.49 17.41
C GLN B 809 -42.02 93.73 17.89
N LYS B 810 -41.37 94.46 18.79
CA LYS B 810 -41.96 95.67 19.33
C LYS B 810 -42.32 96.59 18.19
N SER B 811 -41.35 96.85 17.33
CA SER B 811 -41.53 97.78 16.23
C SER B 811 -42.65 97.33 15.31
N ALA B 812 -42.71 96.04 15.03
CA ALA B 812 -43.73 95.52 14.12
C ALA B 812 -45.11 95.63 14.74
N ARG B 813 -45.15 96.09 16.00
CA ARG B 813 -46.39 96.25 16.73
C ARG B 813 -46.63 97.68 17.19
N GLY B 814 -45.81 98.61 16.69
CA GLY B 814 -45.94 100.01 17.09
C GLY B 814 -45.65 100.30 18.56
N ILE B 815 -44.91 99.40 19.20
CA ILE B 815 -44.60 99.51 20.61
C ILE B 815 -43.45 100.49 20.88
N GLU B 816 -43.79 101.76 20.92
CA GLU B 816 -42.78 102.80 20.98
C GLU B 816 -42.61 103.35 22.41
N THR B 817 -43.47 102.95 23.32
CA THR B 817 -43.41 103.46 24.68
C THR B 817 -43.26 102.38 25.72
N ARG B 818 -42.56 101.29 25.40
CA ARG B 818 -42.31 100.27 26.39
C ARG B 818 -40.98 99.61 26.14
N PRO B 819 -39.90 100.33 26.45
CA PRO B 819 -38.58 99.78 26.17
C PRO B 819 -38.34 98.59 27.04
N ALA B 820 -37.54 97.64 26.54
CA ALA B 820 -37.01 96.58 27.36
C ALA B 820 -35.61 96.96 27.82
N GLN B 821 -35.38 96.86 29.13
CA GLN B 821 -34.08 97.15 29.70
C GLN B 821 -33.16 95.94 29.54
N VAL B 822 -31.97 96.17 29.03
CA VAL B 822 -31.03 95.09 28.86
C VAL B 822 -29.88 95.25 29.84
N ILE B 823 -29.80 94.34 30.80
CA ILE B 823 -28.69 94.34 31.75
C ILE B 823 -27.52 93.62 31.11
N LEU B 824 -26.59 94.37 30.53
CA LEU B 824 -25.39 93.81 29.94
C LEU B 824 -24.45 93.33 31.04
N PRO B 825 -24.03 92.07 30.96
CA PRO B 825 -23.06 91.56 31.91
C PRO B 825 -21.69 91.96 31.41
N MET B 826 -21.14 93.05 31.94
CA MET B 826 -19.83 93.53 31.51
C MET B 826 -18.74 93.05 32.42
N SER B 827 -17.49 93.19 31.94
CA SER B 827 -16.32 92.80 32.73
C SER B 827 -15.35 93.97 32.89
N PRO B 828 -14.71 94.05 34.05
CA PRO B 828 -13.72 95.05 34.43
C PRO B 828 -12.31 94.65 34.00
N ASN B 829 -12.15 93.44 33.46
CA ASN B 829 -10.83 92.89 33.22
C ASN B 829 -10.64 92.32 31.83
N HIS B 830 -10.40 93.21 30.89
CA HIS B 830 -10.26 92.80 29.52
C HIS B 830 -8.89 92.19 29.25
N GLY B 831 -8.84 90.86 29.34
CA GLY B 831 -7.62 90.12 29.09
C GLY B 831 -6.53 90.54 30.05
N THR B 832 -6.94 90.78 31.28
CA THR B 832 -6.02 91.12 32.35
C THR B 832 -5.37 89.83 32.81
N PHE B 833 -6.20 88.81 33.02
CA PHE B 833 -5.74 87.53 33.51
C PHE B 833 -5.31 86.66 32.35
N GLY B 834 -4.78 85.48 32.66
CA GLY B 834 -4.32 84.52 31.67
C GLY B 834 -5.29 84.21 30.54
N GLY B 835 -5.43 82.94 30.20
CA GLY B 835 -6.12 82.53 28.98
C GLY B 835 -7.64 82.41 29.01
N ASP B 836 -8.32 83.57 28.94
CA ASP B 836 -9.77 83.68 28.82
C ASP B 836 -10.37 82.92 27.65
N GLY B 837 -9.54 82.51 26.70
CA GLY B 837 -10.07 82.10 25.41
C GLY B 837 -10.44 83.38 24.67
N MET B 838 -11.73 83.61 24.48
CA MET B 838 -12.16 84.78 23.76
C MET B 838 -13.18 85.56 24.58
N TYR B 839 -13.15 85.30 25.87
CA TYR B 839 -14.08 85.90 26.81
C TYR B 839 -13.95 87.42 26.88
N SER B 840 -12.73 87.88 27.09
CA SER B 840 -12.49 89.31 27.19
C SER B 840 -12.99 90.03 25.95
N GLU B 841 -12.78 89.41 24.80
CA GLU B 841 -13.25 89.97 23.53
C GLU B 841 -14.77 90.09 23.50
N SER B 842 -15.48 89.03 23.88
CA SER B 842 -16.95 89.07 23.92
C SER B 842 -17.42 90.18 24.87
N LYS B 843 -16.82 90.24 26.06
CA LYS B 843 -17.30 91.16 27.08
C LYS B 843 -16.97 92.65 26.79
N LEU B 844 -15.96 92.87 25.96
CA LEU B 844 -15.58 94.23 25.62
C LEU B 844 -16.42 94.74 24.45
N SER B 845 -16.79 93.83 23.56
CA SER B 845 -17.60 94.20 22.41
C SER B 845 -18.91 94.80 22.85
N LEU B 846 -19.51 94.22 23.90
CA LEU B 846 -20.80 94.63 24.41
C LEU B 846 -20.88 96.15 24.60
N GLU B 847 -19.73 96.73 24.88
CA GLU B 847 -19.69 98.12 25.30
C GLU B 847 -19.96 99.09 24.16
N THR B 848 -20.10 98.58 22.95
CA THR B 848 -20.45 99.44 21.83
C THR B 848 -21.93 99.84 21.88
N LEU B 849 -22.71 99.14 22.69
CA LEU B 849 -24.14 99.42 22.72
C LEU B 849 -24.41 100.77 23.41
N PHE B 850 -23.42 101.23 24.17
CA PHE B 850 -23.51 102.50 24.87
C PHE B 850 -23.51 103.66 23.90
N ASN B 851 -23.17 103.35 22.64
CA ASN B 851 -23.11 104.37 21.61
C ASN B 851 -24.13 104.04 20.53
N ARG B 852 -24.23 102.76 20.18
CA ARG B 852 -25.23 102.29 19.23
C ARG B 852 -26.63 102.71 19.64
N TRP B 853 -26.86 102.79 20.95
CA TRP B 853 -28.15 103.20 21.46
C TRP B 853 -28.52 104.53 20.85
N HIS B 854 -27.56 105.45 20.86
CA HIS B 854 -27.75 106.81 20.33
C HIS B 854 -27.72 106.90 18.80
N SER B 855 -26.79 106.18 18.19
CA SER B 855 -26.48 106.35 16.77
C SER B 855 -27.42 105.61 15.81
N GLU B 856 -27.99 104.51 16.28
CA GLU B 856 -28.98 103.78 15.49
C GLU B 856 -30.40 104.15 15.91
N SER B 857 -31.32 103.20 15.83
CA SER B 857 -32.73 103.55 15.92
C SER B 857 -33.62 102.59 16.70
N TRP B 858 -33.08 102.00 17.76
CA TRP B 858 -33.86 101.09 18.56
C TRP B 858 -34.09 101.67 19.94
N ALA B 859 -33.87 102.97 20.09
CA ALA B 859 -33.80 103.56 21.42
C ALA B 859 -35.11 103.50 22.23
N ASN B 860 -36.25 103.31 21.56
CA ASN B 860 -37.53 103.19 22.24
C ASN B 860 -37.93 101.74 22.46
N GLN B 861 -37.10 100.82 21.97
CA GLN B 861 -37.39 99.40 22.09
C GLN B 861 -36.49 98.77 23.13
N LEU B 862 -35.25 99.24 23.22
CA LEU B 862 -34.30 98.76 24.22
C LEU B 862 -33.61 99.92 24.93
N THR B 863 -33.21 99.69 26.17
CA THR B 863 -32.29 100.61 26.84
C THR B 863 -31.11 99.80 27.36
N VAL B 864 -29.91 100.37 27.34
CA VAL B 864 -28.77 99.59 27.78
C VAL B 864 -28.41 99.95 29.21
N CYS B 865 -28.22 98.91 30.03
CA CYS B 865 -27.77 99.07 31.41
C CYS B 865 -26.60 98.14 31.65
N GLY B 866 -25.40 98.70 31.56
CA GLY B 866 -24.20 97.89 31.63
C GLY B 866 -23.79 97.69 33.08
N ALA B 867 -23.76 96.44 33.52
CA ALA B 867 -23.30 96.14 34.85
C ALA B 867 -21.89 95.57 34.78
N ILE B 868 -20.99 96.16 35.53
CA ILE B 868 -19.62 95.67 35.58
C ILE B 868 -19.56 94.75 36.77
N ILE B 869 -19.74 93.45 36.55
CA ILE B 869 -19.81 92.49 37.64
C ILE B 869 -18.44 92.25 38.28
N GLY B 870 -18.38 92.37 39.60
CA GLY B 870 -17.14 92.28 40.33
C GLY B 870 -16.76 90.86 40.72
N TRP B 871 -15.91 90.75 41.74
CA TRP B 871 -15.43 89.43 42.18
C TRP B 871 -16.54 88.69 42.92
N THR B 872 -17.05 87.62 42.32
CA THR B 872 -18.16 86.88 42.92
C THR B 872 -17.85 85.42 43.26
N ARG B 873 -17.99 85.07 44.54
CA ARG B 873 -17.75 83.69 44.98
C ARG B 873 -19.03 82.83 44.87
N GLY B 874 -18.88 81.60 44.38
CA GLY B 874 -19.98 80.65 44.38
C GLY B 874 -19.52 79.22 44.20
N THR B 875 -20.44 78.25 44.32
CA THR B 875 -20.16 76.88 43.89
C THR B 875 -19.35 77.06 42.60
N ASN B 881 -11.15 78.91 44.14
CA ASN B 881 -10.54 80.09 43.53
C ASN B 881 -11.11 81.20 44.42
N ASN B 882 -11.83 80.75 45.44
CA ASN B 882 -12.31 81.61 46.49
C ASN B 882 -11.28 81.57 47.61
N ILE B 883 -10.35 80.64 47.52
CA ILE B 883 -9.35 80.50 48.55
C ILE B 883 -8.50 81.75 48.64
N ILE B 884 -8.39 82.48 47.52
CA ILE B 884 -7.66 83.73 47.52
C ILE B 884 -8.61 84.91 47.70
N ALA B 885 -9.91 84.63 47.78
CA ALA B 885 -10.89 85.69 48.01
C ALA B 885 -10.56 86.47 49.28
N GLU B 886 -10.26 85.75 50.35
CA GLU B 886 -9.97 86.40 51.62
C GLU B 886 -8.76 87.32 51.49
N GLY B 887 -7.81 86.89 50.65
CA GLY B 887 -6.56 87.59 50.46
C GLY B 887 -6.68 88.85 49.61
N ILE B 888 -7.41 88.76 48.51
CA ILE B 888 -7.65 89.93 47.67
C ILE B 888 -8.37 90.98 48.50
N GLU B 889 -9.27 90.51 49.35
CA GLU B 889 -10.07 91.37 50.20
C GLU B 889 -9.19 92.06 51.23
N LYS B 890 -8.08 91.42 51.59
CA LYS B 890 -7.19 91.92 52.63
C LYS B 890 -6.55 93.25 52.20
N MET B 891 -6.92 93.73 51.01
CA MET B 891 -6.36 94.97 50.48
C MET B 891 -7.37 96.11 50.37
N GLY B 892 -8.49 96.01 51.07
CA GLY B 892 -9.50 97.06 51.05
C GLY B 892 -10.41 96.98 49.84
N VAL B 893 -10.48 95.81 49.24
CA VAL B 893 -11.33 95.58 48.08
C VAL B 893 -12.45 94.64 48.52
N ARG B 894 -13.62 94.71 47.89
CA ARG B 894 -14.67 93.81 48.32
C ARG B 894 -14.98 92.76 47.30
N THR B 895 -15.04 91.50 47.74
CA THR B 895 -15.63 90.45 46.93
C THR B 895 -17.03 90.22 47.44
N PHE B 896 -17.85 89.57 46.61
CA PHE B 896 -19.28 89.50 46.85
C PHE B 896 -19.78 88.08 46.80
N SER B 897 -20.82 87.80 47.59
CA SER B 897 -21.53 86.53 47.48
C SER B 897 -22.50 86.70 46.34
N GLN B 898 -23.08 85.60 45.87
CA GLN B 898 -23.99 85.71 44.76
C GLN B 898 -25.28 86.44 45.16
N LYS B 899 -25.75 86.20 46.38
CA LYS B 899 -26.91 86.93 46.88
C LYS B 899 -26.65 88.42 46.89
N GLU B 900 -25.41 88.82 47.10
CA GLU B 900 -25.03 90.23 47.07
C GLU B 900 -25.07 90.82 45.66
N MET B 901 -24.46 90.14 44.69
CA MET B 901 -24.45 90.66 43.33
C MET B 901 -25.84 90.67 42.77
N ALA B 902 -26.63 89.69 43.17
CA ALA B 902 -28.00 89.58 42.71
C ALA B 902 -28.80 90.78 43.24
N PHE B 903 -28.56 91.12 44.50
CA PHE B 903 -29.19 92.28 45.10
C PHE B 903 -28.78 93.54 44.34
N ASN B 904 -27.51 93.59 43.96
CA ASN B 904 -26.95 94.72 43.23
C ASN B 904 -27.57 94.86 41.87
N LEU B 905 -27.64 93.74 41.15
CA LEU B 905 -28.24 93.73 39.84
C LEU B 905 -29.71 94.09 39.95
N LEU B 906 -30.42 93.43 40.85
CA LEU B 906 -31.84 93.73 41.07
C LEU B 906 -32.10 95.22 41.32
N GLY B 907 -31.14 95.88 41.96
CA GLY B 907 -31.22 97.31 42.22
C GLY B 907 -31.22 98.17 40.98
N LEU B 908 -30.77 97.62 39.86
CA LEU B 908 -30.82 98.33 38.59
C LEU B 908 -32.20 98.22 37.94
N LEU B 909 -33.08 97.41 38.53
CA LEU B 909 -34.42 97.24 37.97
C LEU B 909 -35.41 98.08 38.76
N THR B 910 -34.93 98.76 39.79
CA THR B 910 -35.79 99.64 40.57
C THR B 910 -36.18 100.81 39.70
N PRO B 911 -37.44 101.23 39.80
CA PRO B 911 -38.10 102.24 38.96
C PRO B 911 -37.16 103.43 38.72
N GLU B 912 -36.42 103.78 39.76
CA GLU B 912 -35.56 104.93 39.76
C GLU B 912 -34.46 104.83 38.72
N VAL B 913 -33.71 103.73 38.73
CA VAL B 913 -32.61 103.55 37.81
C VAL B 913 -33.12 103.07 36.45
N VAL B 914 -34.34 102.54 36.43
CA VAL B 914 -34.98 102.18 35.15
C VAL B 914 -35.24 103.40 34.30
N GLU B 915 -35.81 104.44 34.91
CA GLU B 915 -36.11 105.64 34.16
C GLU B 915 -34.81 106.31 33.76
N LEU B 916 -33.81 106.20 34.62
CA LEU B 916 -32.49 106.75 34.30
C LEU B 916 -32.02 106.20 32.95
N CYS B 917 -32.09 104.88 32.82
CA CYS B 917 -31.74 104.17 31.58
C CYS B 917 -32.48 104.72 30.37
N GLN B 918 -33.73 105.09 30.59
CA GLN B 918 -34.58 105.55 29.51
C GLN B 918 -34.16 106.92 29.03
N LYS B 919 -33.41 107.63 29.86
CA LYS B 919 -32.94 108.95 29.45
C LYS B 919 -31.63 108.81 28.66
N SER B 920 -30.73 107.95 29.15
CA SER B 920 -29.50 107.67 28.43
C SER B 920 -28.78 106.54 29.13
N PRO B 921 -28.18 105.64 28.35
CA PRO B 921 -27.55 104.40 28.81
C PRO B 921 -26.85 104.59 30.15
N VAL B 922 -27.03 103.62 31.05
CA VAL B 922 -26.45 103.65 32.39
C VAL B 922 -25.34 102.62 32.51
N MET B 923 -24.27 102.99 33.23
CA MET B 923 -23.13 102.09 33.47
C MET B 923 -22.90 102.00 34.97
N ALA B 924 -22.96 100.78 35.49
CA ALA B 924 -22.91 100.54 36.92
C ALA B 924 -21.67 99.75 37.30
N ASP B 925 -20.82 100.36 38.12
CA ASP B 925 -19.65 99.71 38.64
C ASP B 925 -20.06 98.88 39.86
N LEU B 926 -20.20 97.58 39.65
CA LEU B 926 -20.49 96.66 40.75
C LEU B 926 -19.21 95.87 41.08
N ASN B 927 -18.07 96.55 40.97
CA ASN B 927 -16.77 95.93 41.19
C ASN B 927 -16.14 96.58 42.40
N GLY B 928 -16.12 95.87 43.51
CA GLY B 928 -15.91 96.50 44.81
C GLY B 928 -14.53 97.05 45.05
N GLY B 929 -14.06 97.86 44.11
CA GLY B 929 -12.76 98.49 44.21
C GLY B 929 -11.58 97.74 43.64
N LEU B 930 -11.79 96.52 43.12
CA LEU B 930 -10.71 95.74 42.52
C LEU B 930 -9.94 96.55 41.48
N GLN B 931 -10.64 97.49 40.87
CA GLN B 931 -10.07 98.40 39.88
C GLN B 931 -8.74 98.98 40.33
N PHE B 932 -8.58 99.15 41.63
CA PHE B 932 -7.49 99.96 42.15
C PHE B 932 -6.25 99.17 42.50
N VAL B 933 -6.41 98.01 42.85
CA VAL B 933 -5.28 97.13 43.15
C VAL B 933 -4.47 96.93 41.88
N PRO B 934 -3.24 97.30 41.77
CA PRO B 934 -2.30 97.31 40.64
C PRO B 934 -1.70 95.94 40.34
N GLU B 935 -1.34 95.70 39.08
CA GLU B 935 -0.81 94.42 38.63
C GLU B 935 -1.69 93.27 39.10
N LEU B 936 -3.00 93.42 38.93
CA LEU B 936 -3.96 92.49 39.52
C LEU B 936 -3.67 91.06 39.15
N LYS B 937 -3.23 90.82 37.92
CA LYS B 937 -2.93 89.45 37.52
C LYS B 937 -1.84 88.87 38.41
N GLU B 938 -0.69 89.52 38.44
CA GLU B 938 0.44 88.99 39.19
C GLU B 938 0.14 88.97 40.68
N PHE B 939 -0.58 89.99 41.16
CA PHE B 939 -0.93 90.06 42.58
C PHE B 939 -1.80 88.88 43.00
N THR B 940 -2.90 88.73 42.27
CA THR B 940 -3.73 87.53 42.32
C THR B 940 -2.91 86.25 42.37
N ALA B 941 -2.05 86.05 41.35
CA ALA B 941 -1.25 84.83 41.24
C ALA B 941 -0.34 84.59 42.44
N LYS B 942 0.18 85.65 43.01
CA LYS B 942 1.07 85.54 44.16
C LYS B 942 0.34 84.94 45.34
N LEU B 943 -0.81 85.53 45.70
CA LEU B 943 -1.66 85.04 46.79
C LEU B 943 -1.87 83.54 46.68
N ARG B 944 -2.16 83.10 45.46
CA ARG B 944 -2.41 81.70 45.16
C ARG B 944 -1.15 80.86 45.41
N LYS B 945 0.00 81.33 44.94
CA LYS B 945 1.25 80.60 45.14
C LYS B 945 1.60 80.49 46.62
N GLU B 946 1.57 81.63 47.31
CA GLU B 946 1.88 81.65 48.73
C GLU B 946 1.00 80.68 49.51
N LEU B 947 -0.30 80.70 49.23
CA LEU B 947 -1.22 79.74 49.83
C LEU B 947 -0.84 78.29 49.55
N VAL B 948 -0.80 77.95 48.26
CA VAL B 948 -0.54 76.59 47.83
C VAL B 948 0.78 76.04 48.33
N GLU B 949 1.81 76.89 48.35
CA GLU B 949 3.11 76.48 48.89
C GLU B 949 3.03 76.19 50.37
N THR B 950 2.57 77.18 51.15
CA THR B 950 2.30 77.00 52.58
C THR B 950 1.53 75.71 52.91
N SER B 951 0.58 75.34 52.08
CA SER B 951 -0.13 74.08 52.21
C SER B 951 0.77 72.86 51.96
N GLU B 952 1.58 72.92 50.90
CA GLU B 952 2.31 71.73 50.49
C GLU B 952 3.58 71.47 51.29
N VAL B 953 4.26 72.53 51.74
CA VAL B 953 5.40 72.36 52.64
C VAL B 953 4.90 71.84 53.98
N ARG B 954 3.81 72.43 54.47
CA ARG B 954 3.23 72.08 55.77
C ARG B 954 2.75 70.62 55.82
N LYS B 955 2.30 70.11 54.69
CA LYS B 955 1.79 68.75 54.59
C LYS B 955 2.89 67.75 54.28
N ALA B 956 3.95 68.24 53.63
CA ALA B 956 5.09 67.40 53.33
C ALA B 956 5.99 67.25 54.54
N VAL B 957 6.16 68.32 55.31
CA VAL B 957 6.95 68.25 56.54
C VAL B 957 6.29 67.35 57.58
N SER B 958 4.97 67.42 57.68
CA SER B 958 4.24 66.59 58.64
C SER B 958 4.27 65.11 58.27
N ILE B 959 4.19 64.81 56.98
CA ILE B 959 4.24 63.43 56.52
C ILE B 959 5.62 62.78 56.73
N GLU B 960 6.64 63.61 56.92
CA GLU B 960 7.99 63.10 57.12
C GLU B 960 8.32 63.01 58.59
N THR B 961 7.90 63.99 59.38
CA THR B 961 8.07 63.89 60.82
C THR B 961 7.26 62.70 61.36
N ALA B 962 6.26 62.29 60.60
CA ALA B 962 5.39 61.17 60.96
C ALA B 962 6.01 59.82 60.65
N LEU B 963 6.84 59.78 59.62
CA LEU B 963 7.55 58.55 59.27
C LEU B 963 8.79 58.39 60.14
N GLU B 964 9.35 59.52 60.57
CA GLU B 964 10.51 59.52 61.44
C GLU B 964 10.11 58.93 62.78
N HIS B 965 8.86 59.16 63.15
CA HIS B 965 8.33 58.62 64.39
C HIS B 965 8.19 57.10 64.31
N LYS B 966 7.64 56.60 63.21
CA LYS B 966 7.49 55.16 62.99
C LYS B 966 8.83 54.42 62.88
N VAL B 967 9.87 55.16 62.53
CA VAL B 967 11.20 54.59 62.49
C VAL B 967 11.77 54.56 63.90
N VAL B 968 11.99 55.75 64.48
CA VAL B 968 12.58 55.85 65.81
C VAL B 968 11.84 55.07 66.90
N ASN B 969 10.51 55.09 66.82
CA ASN B 969 9.65 54.61 67.90
C ASN B 969 8.76 53.41 67.56
N GLY B 970 9.15 52.64 66.55
CA GLY B 970 8.46 51.40 66.17
C GLY B 970 7.04 51.56 65.63
N ASN B 971 6.70 50.75 64.62
CA ASN B 971 5.37 50.81 64.01
C ASN B 971 4.32 49.94 64.73
N SER B 972 4.77 49.19 65.73
CA SER B 972 3.89 48.35 66.56
C SER B 972 3.38 49.10 67.81
N ALA B 973 4.05 50.19 68.16
CA ALA B 973 3.64 51.05 69.28
C ALA B 973 2.62 52.08 68.80
N ASP B 974 2.65 52.38 67.50
CA ASP B 974 1.72 53.32 66.87
C ASP B 974 0.49 52.60 66.30
N ALA B 975 0.61 51.27 66.10
CA ALA B 975 -0.45 50.43 65.55
C ALA B 975 -1.56 50.16 66.57
N ALA B 976 -1.19 50.10 67.84
CA ALA B 976 -2.14 49.92 68.95
C ALA B 976 -2.67 51.27 69.45
N TYR B 977 -2.47 52.31 68.63
CA TYR B 977 -2.92 53.67 68.95
C TYR B 977 -3.95 54.26 67.98
N ALA B 978 -4.14 53.64 66.82
CA ALA B 978 -5.26 53.99 65.93
C ALA B 978 -6.54 53.41 66.53
N GLN B 979 -7.67 54.06 66.27
CA GLN B 979 -8.95 53.57 66.77
C GLN B 979 -9.56 52.67 65.70
N VAL B 980 -10.58 51.91 66.09
CA VAL B 980 -11.29 51.06 65.15
C VAL B 980 -12.62 51.69 64.78
N GLU B 981 -12.82 51.94 63.49
CA GLU B 981 -14.10 52.41 63.00
C GLU B 981 -15.04 51.22 62.94
N ILE B 982 -16.30 51.48 63.23
CA ILE B 982 -17.35 50.49 63.07
C ILE B 982 -18.27 50.91 61.93
N GLN B 983 -18.54 49.96 61.03
CA GLN B 983 -19.41 50.17 59.87
C GLN B 983 -20.78 49.50 60.03
N PRO B 984 -21.86 50.24 59.73
CA PRO B 984 -23.24 49.83 59.92
C PRO B 984 -23.66 48.65 59.06
N ARG B 985 -24.52 47.80 59.62
CA ARG B 985 -25.19 46.77 58.85
C ARG B 985 -26.69 46.99 58.91
N ALA B 986 -27.39 46.37 57.97
CA ALA B 986 -28.81 46.60 57.80
C ALA B 986 -29.59 45.75 58.77
N ASN B 987 -30.49 46.39 59.51
CA ASN B 987 -31.35 45.70 60.43
C ASN B 987 -32.81 45.93 60.04
N ILE B 988 -33.23 45.31 58.93
CA ILE B 988 -34.59 45.53 58.44
C ILE B 988 -35.55 45.33 59.59
N GLN B 989 -36.52 46.23 59.77
CA GLN B 989 -37.50 46.02 60.83
C GLN B 989 -38.97 45.96 60.37
N LEU B 990 -39.76 45.16 61.08
CA LEU B 990 -41.15 44.91 60.73
C LEU B 990 -42.00 46.15 60.92
N ASP B 991 -41.52 47.04 61.78
CA ASP B 991 -42.14 48.34 61.97
C ASP B 991 -43.58 48.22 62.48
N PHE B 992 -43.77 47.52 63.60
CA PHE B 992 -45.06 47.47 64.28
C PHE B 992 -45.32 48.88 64.84
N PRO B 993 -46.57 48.83 64.96
CA PRO B 993 -46.91 50.19 65.42
C PRO B 993 -46.49 50.42 66.88
N GLU B 994 -46.34 51.68 67.28
CA GLU B 994 -45.95 52.01 68.64
C GLU B 994 -47.11 52.08 69.63
N LEU B 995 -46.93 51.39 70.76
CA LEU B 995 -47.94 51.40 71.82
C LEU B 995 -47.52 52.32 72.95
N LYS B 996 -48.29 53.37 73.18
CA LYS B 996 -47.93 54.35 74.19
C LYS B 996 -48.29 53.82 75.57
N PRO B 997 -47.69 54.41 76.63
CA PRO B 997 -48.17 54.12 77.99
C PRO B 997 -49.66 54.40 78.07
N TYR B 998 -50.39 53.57 78.80
CA TYR B 998 -51.84 53.67 78.85
C TYR B 998 -52.27 55.03 79.36
N LYS B 999 -51.46 55.64 80.22
CA LYS B 999 -51.79 56.96 80.75
C LYS B 999 -52.04 57.94 79.61
N GLN B 1000 -51.16 57.89 78.62
CA GLN B 1000 -51.24 58.79 77.47
C GLN B 1000 -52.33 58.34 76.53
N VAL B 1001 -52.53 57.04 76.45
CA VAL B 1001 -53.56 56.48 75.59
C VAL B 1001 -54.93 57.04 75.98
N LYS B 1002 -55.23 57.04 77.27
CA LYS B 1002 -56.58 57.42 77.70
C LYS B 1002 -56.83 58.92 77.53
N GLN B 1003 -55.77 59.66 77.20
CA GLN B 1003 -55.85 61.10 76.97
C GLN B 1003 -56.33 61.42 75.56
N ILE B 1004 -56.13 60.48 74.65
CA ILE B 1004 -56.47 60.63 73.24
C ILE B 1004 -57.97 60.68 73.03
N ALA B 1005 -58.63 59.60 73.42
CA ALA B 1005 -60.08 59.47 73.29
C ALA B 1005 -60.77 59.79 74.61
N PRO B 1006 -62.07 60.15 74.53
CA PRO B 1006 -62.87 60.57 75.70
C PRO B 1006 -62.97 59.42 76.69
N ALA B 1007 -62.99 59.75 77.99
CA ALA B 1007 -63.02 58.71 79.01
C ALA B 1007 -64.32 57.92 78.94
N GLU B 1008 -65.34 58.55 78.36
CA GLU B 1008 -66.64 57.94 78.20
C GLU B 1008 -66.55 56.71 77.31
N LEU B 1009 -65.57 56.70 76.42
CA LEU B 1009 -65.47 55.65 75.40
C LEU B 1009 -65.23 54.28 75.98
N GLU B 1010 -64.64 54.23 77.17
CA GLU B 1010 -64.26 52.97 77.81
C GLU B 1010 -65.45 52.04 77.97
N GLY B 1011 -65.45 50.94 77.22
CA GLY B 1011 -66.51 49.95 77.31
C GLY B 1011 -67.83 50.31 76.64
N LEU B 1012 -67.83 51.43 75.91
CA LEU B 1012 -68.99 51.84 75.17
C LEU B 1012 -69.14 50.99 73.92
N LEU B 1013 -68.01 50.64 73.31
CA LEU B 1013 -67.99 49.93 72.03
C LEU B 1013 -67.97 48.41 72.17
N ASP B 1014 -68.87 47.76 71.42
CA ASP B 1014 -68.81 46.31 71.19
C ASP B 1014 -67.61 46.03 70.31
N LEU B 1015 -66.51 45.57 70.89
CA LEU B 1015 -65.27 45.42 70.13
C LEU B 1015 -65.32 44.27 69.14
N GLU B 1016 -66.46 43.58 69.13
CA GLU B 1016 -66.69 42.46 68.23
C GLU B 1016 -67.20 43.01 66.90
N ARG B 1017 -67.43 44.32 66.87
CA ARG B 1017 -67.96 45.00 65.68
C ARG B 1017 -67.17 46.28 65.35
N VAL B 1018 -65.91 46.28 65.77
CA VAL B 1018 -64.94 47.29 65.35
C VAL B 1018 -63.97 46.56 64.43
N ILE B 1019 -64.01 46.90 63.14
CA ILE B 1019 -63.11 46.27 62.17
C ILE B 1019 -61.75 46.94 62.14
N VAL B 1020 -60.70 46.16 62.35
CA VAL B 1020 -59.36 46.68 62.54
C VAL B 1020 -58.38 46.04 61.55
N VAL B 1021 -57.38 46.79 61.10
CA VAL B 1021 -56.39 46.24 60.17
C VAL B 1021 -55.16 45.76 60.90
N THR B 1022 -54.81 44.50 60.63
CA THR B 1022 -53.92 43.71 61.45
C THR B 1022 -52.58 43.50 60.77
N GLY B 1023 -52.61 43.42 59.45
CA GLY B 1023 -51.41 43.33 58.65
C GLY B 1023 -51.64 43.84 57.24
N PHE B 1024 -50.57 44.02 56.48
CA PHE B 1024 -50.68 44.39 55.07
C PHE B 1024 -49.36 44.23 54.37
N ALA B 1025 -49.42 44.13 53.05
CA ALA B 1025 -48.22 43.97 52.25
C ALA B 1025 -48.60 44.27 50.82
N GLU B 1026 -47.60 44.43 49.97
CA GLU B 1026 -47.88 44.63 48.57
C GLU B 1026 -46.72 44.09 47.75
N VAL B 1027 -47.02 43.71 46.51
CA VAL B 1027 -46.02 43.48 45.48
C VAL B 1027 -46.26 44.50 44.37
N GLY B 1028 -45.29 45.37 44.13
CA GLY B 1028 -45.48 46.45 43.18
C GLY B 1028 -44.21 47.03 42.60
N PRO B 1029 -44.34 48.04 41.72
CA PRO B 1029 -43.26 48.66 40.97
C PRO B 1029 -42.10 49.07 41.87
N TRP B 1030 -42.40 49.36 43.12
CA TRP B 1030 -41.38 49.87 44.02
C TRP B 1030 -41.02 48.92 45.15
N GLY B 1031 -41.23 47.63 44.91
CA GLY B 1031 -40.81 46.62 45.86
C GLY B 1031 -41.94 46.07 46.72
N SER B 1032 -41.83 46.25 48.03
CA SER B 1032 -42.84 45.82 48.98
C SER B 1032 -43.30 47.04 49.77
N ALA B 1033 -44.25 46.84 50.66
CA ALA B 1033 -44.82 47.95 51.43
C ALA B 1033 -43.73 48.76 52.13
N ARG B 1034 -42.63 48.09 52.44
CA ARG B 1034 -41.53 48.69 53.18
C ARG B 1034 -40.70 49.65 52.32
N THR B 1035 -40.19 49.13 51.20
CA THR B 1035 -39.35 49.90 50.31
C THR B 1035 -40.13 51.00 49.61
N ARG B 1036 -41.38 50.71 49.26
CA ARG B 1036 -42.24 51.67 48.57
C ARG B 1036 -42.57 52.88 49.45
N TRP B 1037 -43.00 52.62 50.68
CA TRP B 1037 -43.27 53.70 51.61
C TRP B 1037 -42.03 54.53 51.75
N GLU B 1038 -40.87 53.88 51.77
CA GLU B 1038 -39.60 54.58 51.89
C GLU B 1038 -39.38 55.55 50.76
N MET B 1039 -39.67 55.10 49.55
CA MET B 1039 -39.46 55.90 48.37
C MET B 1039 -40.51 56.99 48.27
N GLU B 1040 -41.74 56.67 48.65
CA GLU B 1040 -42.85 57.61 48.57
C GLU B 1040 -42.71 58.75 49.58
N ALA B 1041 -42.38 58.38 50.80
CA ALA B 1041 -42.29 59.34 51.88
C ALA B 1041 -40.94 60.04 51.98
N PHE B 1042 -39.87 59.39 51.49
CA PHE B 1042 -38.54 59.96 51.67
C PHE B 1042 -37.75 60.21 50.38
N GLY B 1043 -38.04 59.45 49.32
CA GLY B 1043 -37.44 59.70 48.03
C GLY B 1043 -36.11 59.02 47.80
N GLU B 1044 -35.57 58.41 48.85
CA GLU B 1044 -34.39 57.58 48.72
C GLU B 1044 -34.49 56.44 49.69
N PHE B 1045 -33.73 55.39 49.45
CA PHE B 1045 -33.77 54.24 50.34
C PHE B 1045 -32.75 54.44 51.44
N SER B 1046 -33.00 53.80 52.57
CA SER B 1046 -32.05 53.70 53.64
C SER B 1046 -31.07 52.57 53.29
N LEU B 1047 -30.33 52.11 54.29
CA LEU B 1047 -29.48 50.96 54.10
C LEU B 1047 -30.39 49.78 53.91
N GLU B 1048 -31.38 49.71 54.80
CA GLU B 1048 -32.39 48.65 54.78
C GLU B 1048 -33.17 48.71 53.48
N GLY B 1049 -33.24 49.89 52.90
CA GLY B 1049 -33.90 50.07 51.63
C GLY B 1049 -33.18 49.31 50.53
N CYS B 1050 -31.92 49.71 50.28
CA CYS B 1050 -31.10 49.10 49.24
C CYS B 1050 -30.93 47.63 49.46
N VAL B 1051 -30.58 47.25 50.68
CA VAL B 1051 -30.29 45.85 50.93
C VAL B 1051 -31.52 45.02 50.61
N GLU B 1052 -32.70 45.48 50.99
CA GLU B 1052 -33.93 44.76 50.65
C GLU B 1052 -34.22 44.80 49.16
N MET B 1053 -34.10 45.97 48.54
CA MET B 1053 -34.28 46.09 47.09
C MET B 1053 -33.30 45.21 46.33
N ALA B 1054 -32.02 45.27 46.69
CA ALA B 1054 -30.99 44.43 46.08
C ALA B 1054 -31.33 42.95 46.22
N TRP B 1055 -31.92 42.59 47.34
CA TRP B 1055 -32.35 41.23 47.56
C TRP B 1055 -33.54 40.82 46.69
N ILE B 1056 -34.62 41.61 46.70
CA ILE B 1056 -35.81 41.24 45.94
C ILE B 1056 -35.45 41.18 44.45
N MET B 1057 -34.67 42.18 44.00
CA MET B 1057 -34.28 42.34 42.59
C MET B 1057 -33.24 41.32 42.14
N GLY B 1058 -32.67 40.59 43.07
CA GLY B 1058 -31.75 39.51 42.72
C GLY B 1058 -30.28 39.86 42.63
N PHE B 1059 -29.92 41.11 42.90
CA PHE B 1059 -28.52 41.54 42.82
C PHE B 1059 -27.58 40.80 43.77
N ILE B 1060 -27.98 40.67 45.04
CA ILE B 1060 -27.20 40.00 46.05
C ILE B 1060 -27.97 38.81 46.59
N SER B 1061 -27.23 37.78 46.96
CA SER B 1061 -27.82 36.54 47.45
C SER B 1061 -27.07 36.15 48.71
N TYR B 1062 -27.79 35.62 49.69
CA TYR B 1062 -27.15 35.30 50.97
C TYR B 1062 -26.25 34.09 50.83
N HIS B 1063 -25.14 34.10 51.56
CA HIS B 1063 -24.24 32.97 51.57
C HIS B 1063 -23.62 32.71 52.94
N ASN B 1064 -23.53 31.43 53.28
CA ASN B 1064 -22.95 31.04 54.55
C ASN B 1064 -22.22 29.72 54.38
N GLY B 1065 -20.89 29.82 54.39
CA GLY B 1065 -20.04 28.69 54.09
C GLY B 1065 -18.64 29.18 53.81
N ASN B 1066 -17.86 28.40 53.10
CA ASN B 1066 -16.51 28.83 52.78
C ASN B 1066 -16.46 29.51 51.42
N LEU B 1067 -15.86 30.70 51.40
CA LEU B 1067 -15.67 31.42 50.17
C LEU B 1067 -14.20 31.41 49.78
N LYS B 1068 -13.87 30.50 48.86
CA LYS B 1068 -12.50 30.35 48.41
C LYS B 1068 -11.56 30.32 49.62
N GLY B 1069 -11.66 29.24 50.40
CA GLY B 1069 -10.80 29.06 51.55
C GLY B 1069 -11.38 29.52 52.88
N ARG B 1070 -11.41 30.84 53.10
CA ARG B 1070 -11.90 31.41 54.37
C ARG B 1070 -13.41 31.32 54.47
N PRO B 1071 -13.93 31.25 55.71
CA PRO B 1071 -15.37 31.14 55.88
C PRO B 1071 -16.03 32.51 55.78
N TYR B 1072 -17.24 32.53 55.23
CA TYR B 1072 -18.01 33.75 55.04
C TYR B 1072 -19.45 33.57 55.50
N THR B 1073 -20.06 34.67 55.94
CA THR B 1073 -21.45 34.67 56.33
C THR B 1073 -22.01 36.05 56.03
N GLY B 1074 -22.81 36.16 54.98
CA GLY B 1074 -23.32 37.45 54.54
C GLY B 1074 -23.68 37.51 53.07
N TRP B 1075 -23.79 38.72 52.54
CA TRP B 1075 -24.23 38.90 51.16
C TRP B 1075 -23.15 38.56 50.15
N VAL B 1076 -23.59 38.13 48.98
CA VAL B 1076 -22.69 37.75 47.91
C VAL B 1076 -23.33 38.22 46.61
N ASP B 1077 -22.57 38.86 45.73
CA ASP B 1077 -23.08 39.21 44.39
C ASP B 1077 -23.43 37.91 43.72
N SER B 1078 -24.70 37.73 43.37
CA SER B 1078 -25.16 36.44 42.85
C SER B 1078 -24.59 36.10 41.48
N LYS B 1079 -24.26 37.12 40.70
CA LYS B 1079 -23.64 36.88 39.40
C LYS B 1079 -22.20 36.41 39.55
N THR B 1080 -21.41 37.13 40.35
CA THR B 1080 -19.97 36.85 40.52
C THR B 1080 -19.66 35.88 41.68
N LYS B 1081 -20.58 35.76 42.62
CA LYS B 1081 -20.38 34.97 43.82
C LYS B 1081 -19.26 35.52 44.74
N GLU B 1082 -18.91 36.79 44.53
CA GLU B 1082 -17.99 37.48 45.40
C GLU B 1082 -18.73 38.14 46.57
N PRO B 1083 -18.03 38.38 47.68
CA PRO B 1083 -18.71 38.89 48.87
C PRO B 1083 -19.06 40.36 48.68
N VAL B 1084 -20.15 40.80 49.32
CA VAL B 1084 -20.55 42.20 49.32
C VAL B 1084 -20.90 42.68 50.73
N ASP B 1085 -20.35 43.82 51.14
CA ASP B 1085 -20.66 44.38 52.44
C ASP B 1085 -21.87 45.29 52.36
N ASP B 1086 -22.71 45.25 53.38
CA ASP B 1086 -23.93 46.04 53.40
C ASP B 1086 -23.62 47.48 53.06
N LYS B 1087 -22.58 48.02 53.69
CA LYS B 1087 -22.23 49.42 53.51
C LYS B 1087 -21.82 49.76 52.08
N ASP B 1088 -21.78 48.75 51.23
CA ASP B 1088 -21.35 48.93 49.85
C ASP B 1088 -22.49 48.76 48.88
N VAL B 1089 -23.54 48.06 49.31
CA VAL B 1089 -24.70 47.79 48.46
C VAL B 1089 -25.16 49.02 47.70
N LYS B 1090 -25.17 50.19 48.34
CA LYS B 1090 -25.63 51.40 47.68
C LYS B 1090 -24.75 51.78 46.50
N ALA B 1091 -23.48 51.99 46.78
CA ALA B 1091 -22.51 52.35 45.75
C ALA B 1091 -22.55 51.37 44.56
N LYS B 1092 -22.68 50.07 44.86
CA LYS B 1092 -22.62 49.01 43.86
C LYS B 1092 -23.89 48.79 43.08
N TYR B 1093 -25.05 49.00 43.69
CA TYR B 1093 -26.30 48.58 43.04
C TYR B 1093 -27.37 49.65 42.83
N GLU B 1094 -27.49 50.59 43.77
CA GLU B 1094 -28.62 51.52 43.75
C GLU B 1094 -28.79 52.20 42.42
N THR B 1095 -27.68 52.65 41.84
CA THR B 1095 -27.68 53.34 40.56
C THR B 1095 -28.49 52.56 39.54
N SER B 1096 -28.34 51.25 39.59
CA SER B 1096 -29.02 50.35 38.68
C SER B 1096 -30.37 49.93 39.23
N ILE B 1097 -30.44 49.72 40.55
CA ILE B 1097 -31.71 49.40 41.19
C ILE B 1097 -32.74 50.44 40.82
N LEU B 1098 -32.34 51.71 40.90
CA LEU B 1098 -33.24 52.81 40.61
C LEU B 1098 -33.67 52.82 39.16
N GLU B 1099 -32.77 52.44 38.26
CA GLU B 1099 -33.05 52.43 36.84
C GLU B 1099 -34.03 51.34 36.47
N HIS B 1100 -34.26 50.39 37.36
CA HIS B 1100 -35.04 49.23 36.98
C HIS B 1100 -36.19 48.93 37.92
N SER B 1101 -36.73 49.97 38.51
CA SER B 1101 -37.99 49.87 39.24
C SER B 1101 -38.76 51.16 39.05
N GLY B 1102 -39.99 51.17 39.53
CA GLY B 1102 -40.85 52.32 39.34
C GLY B 1102 -41.46 52.37 37.95
N ILE B 1103 -41.88 53.55 37.55
CA ILE B 1103 -42.50 53.73 36.24
C ILE B 1103 -41.39 53.96 35.23
N ARG B 1104 -41.12 52.95 34.40
CA ARG B 1104 -40.01 52.99 33.44
C ARG B 1104 -40.43 52.43 32.11
N LEU B 1105 -39.50 52.42 31.15
CA LEU B 1105 -39.78 51.84 29.85
C LEU B 1105 -40.11 50.37 29.96
N ILE B 1106 -41.04 49.90 29.13
CA ILE B 1106 -41.50 48.51 29.21
C ILE B 1106 -40.41 47.56 28.79
N GLU B 1107 -39.99 46.71 29.73
CA GLU B 1107 -38.92 45.74 29.48
C GLU B 1107 -39.52 44.46 28.98
N PRO B 1108 -39.26 44.13 27.71
CA PRO B 1108 -40.02 43.07 27.04
C PRO B 1108 -39.69 41.73 27.65
N GLU B 1109 -38.54 41.64 28.30
CA GLU B 1109 -38.16 40.43 28.98
C GLU B 1109 -39.19 40.03 30.07
N LEU B 1110 -39.86 41.03 30.62
CA LEU B 1110 -40.78 40.81 31.73
C LEU B 1110 -42.19 40.43 31.26
N PHE B 1111 -42.40 40.38 29.95
CA PHE B 1111 -43.75 40.17 29.45
C PHE B 1111 -43.80 39.24 28.25
N ASN B 1112 -42.99 38.18 28.31
CA ASN B 1112 -42.92 37.20 27.24
C ASN B 1112 -42.53 37.79 25.89
N GLY B 1113 -41.95 39.00 25.95
CA GLY B 1113 -41.45 39.66 24.76
C GLY B 1113 -42.33 40.76 24.21
N TYR B 1114 -43.40 41.12 24.92
CA TYR B 1114 -44.26 42.20 24.45
C TYR B 1114 -43.39 43.40 24.17
N ASN B 1115 -43.43 43.84 22.94
CA ASN B 1115 -42.68 45.00 22.52
C ASN B 1115 -43.68 45.96 21.90
N PRO B 1116 -44.00 47.03 22.63
CA PRO B 1116 -44.95 48.06 22.20
C PRO B 1116 -44.56 48.66 20.86
N GLU B 1117 -43.41 48.72 20.16
CA GLU B 1117 -42.89 49.31 18.92
C GLU B 1117 -43.08 48.38 17.73
N LYS B 1118 -43.11 47.08 18.00
CA LYS B 1118 -43.27 46.04 16.97
C LYS B 1118 -44.32 45.00 17.39
N LYS B 1119 -45.47 45.42 17.30
CA LYS B 1119 -46.60 44.63 17.79
C LYS B 1119 -47.06 43.63 16.75
N GLU B 1120 -47.00 42.35 17.08
CA GLU B 1120 -47.34 41.29 16.12
C GLU B 1120 -48.84 41.09 15.83
N MET B 1121 -49.17 41.00 14.55
CA MET B 1121 -50.51 40.72 14.07
C MET B 1121 -50.46 40.02 12.72
N ILE B 1122 -51.50 39.26 12.40
CA ILE B 1122 -51.59 38.61 11.11
C ILE B 1122 -52.67 39.26 10.27
N GLN B 1123 -52.46 39.31 8.96
CA GLN B 1123 -53.52 39.73 8.05
C GLN B 1123 -53.96 38.62 7.12
N GLU B 1124 -55.23 38.67 6.72
CA GLU B 1124 -55.78 37.68 5.80
C GLU B 1124 -55.52 38.10 4.38
N VAL B 1125 -55.11 37.13 3.57
CA VAL B 1125 -54.92 37.33 2.14
C VAL B 1125 -55.38 36.09 1.40
N ILE B 1126 -55.85 36.28 0.18
CA ILE B 1126 -56.20 35.16 -0.67
C ILE B 1126 -55.04 34.85 -1.62
N VAL B 1127 -54.64 33.58 -1.67
CA VAL B 1127 -53.53 33.21 -2.54
C VAL B 1127 -53.98 33.27 -4.00
N GLU B 1128 -53.26 34.06 -4.79
CA GLU B 1128 -53.67 34.38 -6.15
C GLU B 1128 -53.25 33.32 -7.14
N GLU B 1129 -52.18 32.60 -6.82
CA GLU B 1129 -51.80 31.44 -7.61
C GLU B 1129 -51.19 30.33 -6.76
N ASP B 1130 -51.55 29.11 -7.11
CA ASP B 1130 -51.09 27.89 -6.41
C ASP B 1130 -49.73 28.01 -5.70
N LEU B 1131 -49.75 27.90 -4.38
CA LEU B 1131 -48.52 27.76 -3.60
C LEU B 1131 -47.75 26.52 -4.03
N GLU B 1132 -46.45 26.51 -3.73
CA GLU B 1132 -45.62 25.32 -3.91
C GLU B 1132 -45.82 24.40 -2.71
N PRO B 1133 -46.02 23.10 -2.99
CA PRO B 1133 -46.29 22.05 -2.00
C PRO B 1133 -45.21 21.94 -0.93
N PHE B 1134 -45.64 21.58 0.29
CA PHE B 1134 -44.74 21.35 1.41
C PHE B 1134 -45.09 20.02 2.10
N GLU B 1135 -44.10 19.39 2.72
CA GLU B 1135 -44.30 18.11 3.35
C GLU B 1135 -45.05 18.31 4.68
N ALA B 1136 -45.82 17.30 5.10
CA ALA B 1136 -46.62 17.37 6.32
C ALA B 1136 -47.04 15.99 6.77
N SER B 1137 -47.41 15.85 8.03
CA SER B 1137 -47.83 14.55 8.57
C SER B 1137 -49.21 14.21 8.02
N LYS B 1138 -49.63 12.96 8.18
CA LYS B 1138 -50.95 12.58 7.67
C LYS B 1138 -52.06 13.27 8.46
N GLU B 1139 -51.92 13.22 9.79
CA GLU B 1139 -52.87 13.86 10.69
C GLU B 1139 -53.01 15.32 10.34
N THR B 1140 -51.87 15.98 10.13
CA THR B 1140 -51.84 17.41 9.86
C THR B 1140 -52.38 17.76 8.47
N ALA B 1141 -52.01 17.00 7.45
CA ALA B 1141 -52.50 17.26 6.10
C ALA B 1141 -54.02 17.17 6.08
N GLU B 1142 -54.57 16.25 6.85
CA GLU B 1142 -56.02 16.04 6.90
C GLU B 1142 -56.72 17.23 7.56
N GLN B 1143 -56.09 17.83 8.57
CA GLN B 1143 -56.65 19.02 9.22
C GLN B 1143 -56.71 20.20 8.26
N PHE B 1144 -55.83 20.20 7.27
CA PHE B 1144 -55.80 21.24 6.25
C PHE B 1144 -56.91 21.05 5.24
N LYS B 1145 -57.03 19.82 4.77
CA LYS B 1145 -58.04 19.48 3.78
C LYS B 1145 -59.43 19.68 4.39
N HIS B 1146 -59.57 19.39 5.68
CA HIS B 1146 -60.84 19.60 6.38
C HIS B 1146 -61.24 21.08 6.33
N GLN B 1147 -60.23 21.93 6.44
CA GLN B 1147 -60.43 23.37 6.46
C GLN B 1147 -60.69 23.95 5.07
N HIS B 1148 -59.86 23.59 4.08
CA HIS B 1148 -59.86 24.23 2.75
C HIS B 1148 -60.73 23.54 1.68
N GLY B 1149 -60.82 22.22 1.73
CA GLY B 1149 -61.64 21.47 0.79
C GLY B 1149 -61.19 21.63 -0.65
N ASP B 1150 -62.06 22.22 -1.48
CA ASP B 1150 -61.76 22.42 -2.90
C ASP B 1150 -60.49 23.22 -3.14
N LYS B 1151 -60.01 23.91 -2.11
CA LYS B 1151 -58.91 24.83 -2.28
C LYS B 1151 -57.57 24.30 -1.75
N VAL B 1152 -57.50 23.00 -1.48
CA VAL B 1152 -56.23 22.40 -1.14
C VAL B 1152 -56.19 20.96 -1.58
N ASP B 1153 -55.01 20.53 -2.01
CA ASP B 1153 -54.78 19.15 -2.41
C ASP B 1153 -53.78 18.55 -1.46
N ILE B 1154 -54.09 17.37 -0.95
CA ILE B 1154 -53.12 16.62 -0.17
C ILE B 1154 -53.02 15.21 -0.71
N PHE B 1155 -51.79 14.72 -0.79
CA PHE B 1155 -51.54 13.45 -1.44
C PHE B 1155 -50.48 12.70 -0.68
N GLU B 1156 -50.68 11.39 -0.54
CA GLU B 1156 -49.70 10.57 0.16
C GLU B 1156 -48.41 10.38 -0.64
N ILE B 1157 -47.28 10.54 0.05
CA ILE B 1157 -45.99 10.25 -0.51
C ILE B 1157 -45.70 8.79 -0.14
N PRO B 1158 -45.87 7.88 -1.10
CA PRO B 1158 -45.96 6.45 -0.81
C PRO B 1158 -44.75 5.89 -0.06
N GLU B 1159 -43.59 6.50 -0.24
CA GLU B 1159 -42.36 5.99 0.33
C GLU B 1159 -42.19 6.30 1.82
N THR B 1160 -42.60 7.50 2.22
CA THR B 1160 -42.44 7.97 3.61
C THR B 1160 -43.71 7.77 4.46
N GLY B 1161 -44.87 7.77 3.82
CA GLY B 1161 -46.13 7.62 4.51
C GLY B 1161 -46.76 8.97 4.79
N GLU B 1162 -45.96 10.01 4.60
CA GLU B 1162 -46.41 11.38 4.84
C GLU B 1162 -46.99 12.05 3.59
N TYR B 1163 -47.67 13.17 3.78
CA TYR B 1163 -48.41 13.84 2.71
C TYR B 1163 -47.80 15.15 2.27
N SER B 1164 -48.04 15.50 1.01
CA SER B 1164 -47.69 16.81 0.49
C SER B 1164 -48.92 17.70 0.57
N VAL B 1165 -48.75 18.93 1.00
CA VAL B 1165 -49.87 19.88 1.07
C VAL B 1165 -49.72 21.06 0.07
N LYS B 1166 -50.60 21.11 -0.90
CA LYS B 1166 -50.53 22.15 -1.92
C LYS B 1166 -51.74 23.08 -1.86
N LEU B 1167 -51.51 24.31 -1.43
CA LEU B 1167 -52.61 25.29 -1.38
C LEU B 1167 -52.90 25.86 -2.74
N LEU B 1168 -54.10 25.62 -3.22
CA LEU B 1168 -54.49 26.06 -4.55
C LEU B 1168 -54.85 27.54 -4.57
N LYS B 1169 -55.07 28.08 -5.76
CA LYS B 1169 -55.51 29.46 -5.87
C LYS B 1169 -56.92 29.54 -5.29
N GLY B 1170 -57.20 30.59 -4.53
CA GLY B 1170 -58.51 30.80 -3.96
C GLY B 1170 -58.48 30.62 -2.46
N ALA B 1171 -57.47 29.89 -1.98
CA ALA B 1171 -57.32 29.57 -0.56
C ALA B 1171 -57.08 30.82 0.29
N THR B 1172 -57.22 30.67 1.60
CA THR B 1172 -57.00 31.79 2.52
C THR B 1172 -55.72 31.61 3.32
N LEU B 1173 -54.94 32.70 3.42
CA LEU B 1173 -53.63 32.69 4.05
C LEU B 1173 -53.53 33.79 5.10
N TYR B 1174 -52.82 33.50 6.18
CA TYR B 1174 -52.49 34.52 7.17
C TYR B 1174 -51.02 34.91 7.14
N ILE B 1175 -50.78 36.14 6.73
CA ILE B 1175 -49.43 36.67 6.59
C ILE B 1175 -49.13 37.70 7.67
N PRO B 1176 -48.18 37.39 8.57
CA PRO B 1176 -47.82 38.21 9.72
C PRO B 1176 -47.30 39.59 9.29
N LYS B 1177 -47.59 40.60 10.11
CA LYS B 1177 -47.14 41.98 9.89
C LYS B 1177 -46.97 42.66 11.24
N ALA B 1178 -46.41 43.86 11.24
CA ALA B 1178 -46.11 44.56 12.50
C ALA B 1178 -46.68 45.97 12.56
N LEU B 1179 -46.93 46.40 13.79
CA LEU B 1179 -47.62 47.65 14.08
C LEU B 1179 -46.88 48.44 15.16
N ARG B 1180 -46.63 49.72 14.93
CA ARG B 1180 -46.00 50.55 15.97
C ARG B 1180 -47.04 51.19 16.91
N PHE B 1181 -46.88 50.95 18.21
CA PHE B 1181 -47.89 51.35 19.20
C PHE B 1181 -47.38 52.50 20.07
N ASP B 1182 -48.28 53.21 20.97
CA ASP B 1182 -48.01 54.50 21.63
C ASP B 1182 -47.57 54.42 23.09
N ARG B 1183 -48.01 53.37 23.79
CA ARG B 1183 -47.76 53.22 25.21
C ARG B 1183 -46.47 52.44 25.44
N LEU B 1184 -45.42 53.17 25.83
CA LEU B 1184 -44.06 52.64 25.90
C LEU B 1184 -43.59 52.47 27.35
N VAL B 1185 -44.42 52.90 28.29
CA VAL B 1185 -44.01 52.92 29.68
C VAL B 1185 -45.07 52.33 30.59
N ALA B 1186 -44.63 51.54 31.57
CA ALA B 1186 -45.50 51.01 32.60
C ALA B 1186 -44.83 51.01 33.99
N GLY B 1187 -45.64 50.93 35.03
CA GLY B 1187 -45.14 50.74 36.38
C GLY B 1187 -44.98 49.24 36.62
N GLN B 1188 -43.76 48.74 36.50
CA GLN B 1188 -43.50 47.31 36.55
C GLN B 1188 -42.79 46.88 37.84
N ILE B 1189 -43.11 45.68 38.32
CA ILE B 1189 -42.37 45.10 39.42
C ILE B 1189 -40.87 45.14 39.10
N PRO B 1190 -40.05 45.56 40.09
CA PRO B 1190 -38.61 45.72 39.92
C PRO B 1190 -38.00 44.54 39.19
N THR B 1191 -37.06 44.83 38.30
CA THR B 1191 -36.52 43.80 37.43
C THR B 1191 -35.70 42.79 38.21
N GLY B 1192 -36.07 41.52 38.09
CA GLY B 1192 -35.38 40.45 38.79
C GLY B 1192 -36.19 39.87 39.94
N TRP B 1193 -37.39 40.42 40.13
CA TRP B 1193 -38.33 39.89 41.12
C TRP B 1193 -38.52 38.45 40.75
N ASN B 1194 -38.76 37.60 41.73
CA ASN B 1194 -38.85 36.17 41.44
C ASN B 1194 -39.56 35.40 42.54
N ALA B 1195 -40.75 34.88 42.25
CA ALA B 1195 -41.52 34.18 43.26
C ALA B 1195 -40.68 33.05 43.85
N LYS B 1196 -39.65 32.64 43.12
CA LYS B 1196 -38.72 31.61 43.61
C LYS B 1196 -37.96 32.06 44.85
N THR B 1197 -37.56 33.32 44.90
CA THR B 1197 -36.80 33.84 46.03
C THR B 1197 -37.66 34.12 47.27
N TYR B 1198 -38.94 34.37 47.10
CA TYR B 1198 -39.81 34.48 48.26
C TYR B 1198 -40.09 33.07 48.80
N GLY B 1199 -39.69 32.07 48.03
CA GLY B 1199 -39.75 30.68 48.47
C GLY B 1199 -40.82 29.81 47.83
N ILE B 1200 -41.30 30.22 46.66
CA ILE B 1200 -42.39 29.49 45.97
C ILE B 1200 -41.88 28.37 45.04
N SER B 1201 -42.44 27.19 45.24
CA SER B 1201 -42.02 25.99 44.51
C SER B 1201 -42.19 26.12 43.01
N ASP B 1202 -41.21 25.62 42.25
CA ASP B 1202 -41.24 25.67 40.80
C ASP B 1202 -42.52 25.12 40.17
N ASP B 1203 -43.11 24.12 40.83
CA ASP B 1203 -44.36 23.53 40.37
C ASP B 1203 -45.51 24.54 40.36
N ILE B 1204 -45.57 25.34 41.42
CA ILE B 1204 -46.55 26.40 41.53
C ILE B 1204 -46.25 27.47 40.48
N ILE B 1205 -44.99 27.82 40.32
CA ILE B 1205 -44.57 28.84 39.35
C ILE B 1205 -45.14 28.51 37.98
N SER B 1206 -44.93 27.27 37.57
CA SER B 1206 -45.41 26.79 36.28
C SER B 1206 -46.93 26.88 36.20
N GLN B 1207 -47.57 26.07 37.05
CA GLN B 1207 -49.02 25.87 37.11
C GLN B 1207 -49.85 27.14 37.11
N VAL B 1208 -49.31 28.19 37.70
CA VAL B 1208 -50.10 29.37 38.06
C VAL B 1208 -49.88 30.55 37.10
N ASP B 1209 -50.89 31.42 37.02
CA ASP B 1209 -50.79 32.71 36.35
C ASP B 1209 -49.95 33.66 37.21
N PRO B 1210 -49.04 34.43 36.58
CA PRO B 1210 -48.23 35.42 37.28
C PRO B 1210 -48.97 36.17 38.41
N ILE B 1211 -50.20 36.62 38.16
CA ILE B 1211 -50.93 37.39 39.16
C ILE B 1211 -51.11 36.61 40.46
N THR B 1212 -51.26 35.30 40.34
CA THR B 1212 -51.39 34.46 41.53
C THR B 1212 -50.09 34.54 42.34
N LEU B 1213 -48.96 34.70 41.66
CA LEU B 1213 -47.68 34.80 42.35
C LEU B 1213 -47.61 36.07 43.17
N PHE B 1214 -48.07 37.17 42.58
CA PHE B 1214 -48.11 38.43 43.30
C PHE B 1214 -48.92 38.24 44.57
N VAL B 1215 -50.17 37.82 44.39
CA VAL B 1215 -51.08 37.54 45.50
C VAL B 1215 -50.49 36.61 46.56
N LEU B 1216 -49.96 35.45 46.13
CA LEU B 1216 -49.38 34.53 47.09
C LEU B 1216 -48.30 35.22 47.93
N VAL B 1217 -47.41 35.96 47.27
CA VAL B 1217 -46.29 36.58 47.98
C VAL B 1217 -46.74 37.62 48.99
N SER B 1218 -47.77 38.40 48.64
CA SER B 1218 -48.27 39.40 49.59
C SER B 1218 -49.08 38.83 50.74
N VAL B 1219 -49.87 37.77 50.49
CA VAL B 1219 -50.61 37.13 51.57
C VAL B 1219 -49.63 36.64 52.63
N VAL B 1220 -48.53 36.09 52.17
CA VAL B 1220 -47.46 35.69 53.07
C VAL B 1220 -46.92 36.93 53.79
N GLU B 1221 -46.43 37.90 53.04
CA GLU B 1221 -45.85 39.10 53.63
C GLU B 1221 -46.84 39.86 54.52
N ALA B 1222 -48.14 39.75 54.26
CA ALA B 1222 -49.16 40.41 55.11
C ALA B 1222 -49.41 39.70 56.42
N PHE B 1223 -49.44 38.38 56.40
CA PHE B 1223 -49.46 37.64 57.65
C PHE B 1223 -48.21 37.95 58.53
N ILE B 1224 -47.04 38.03 57.90
CA ILE B 1224 -45.81 38.39 58.61
C ILE B 1224 -45.93 39.75 59.28
N ALA B 1225 -46.62 40.67 58.61
CA ALA B 1225 -46.78 42.03 59.10
C ALA B 1225 -47.74 42.06 60.28
N SER B 1226 -48.44 40.94 60.46
CA SER B 1226 -49.44 40.86 61.48
C SER B 1226 -48.95 39.94 62.59
N GLY B 1227 -47.73 39.43 62.41
CA GLY B 1227 -47.13 38.59 63.43
C GLY B 1227 -47.77 37.22 63.49
N ILE B 1228 -48.49 36.85 62.44
CA ILE B 1228 -49.02 35.49 62.31
C ILE B 1228 -48.00 34.73 61.48
N THR B 1229 -47.29 33.81 62.10
CA THR B 1229 -46.19 33.15 61.41
C THR B 1229 -46.64 31.83 60.78
N ASP B 1230 -47.61 31.19 61.44
CA ASP B 1230 -48.23 29.96 60.95
C ASP B 1230 -49.75 30.20 60.88
N PRO B 1231 -50.31 30.23 59.65
CA PRO B 1231 -51.73 30.57 59.51
C PRO B 1231 -52.62 29.77 60.47
N TYR B 1232 -52.28 28.51 60.70
CA TYR B 1232 -53.06 27.60 61.51
C TYR B 1232 -53.18 28.08 62.96
N GLU B 1233 -52.49 29.15 63.29
CA GLU B 1233 -52.56 29.70 64.63
C GLU B 1233 -53.90 30.39 64.78
N MET B 1234 -54.46 30.82 63.66
CA MET B 1234 -55.81 31.35 63.66
C MET B 1234 -56.76 30.31 64.25
N TYR B 1235 -56.49 29.05 63.97
CA TYR B 1235 -57.41 28.00 64.37
C TYR B 1235 -57.22 27.61 65.81
N LYS B 1236 -56.30 28.28 66.49
CA LYS B 1236 -56.26 28.22 67.94
C LYS B 1236 -57.37 29.11 68.51
N TYR B 1237 -57.70 30.20 67.82
CA TYR B 1237 -58.62 31.21 68.35
C TYR B 1237 -60.01 31.10 67.74
N VAL B 1238 -60.06 30.62 66.51
CA VAL B 1238 -61.25 30.67 65.68
C VAL B 1238 -61.62 29.30 65.11
N HIS B 1239 -62.86 29.16 64.66
CA HIS B 1239 -63.29 27.94 63.98
C HIS B 1239 -62.98 27.99 62.48
N VAL B 1240 -62.59 26.86 61.91
CA VAL B 1240 -62.25 26.73 60.51
C VAL B 1240 -63.17 27.54 59.61
N SER B 1241 -64.44 27.61 59.99
CA SER B 1241 -65.47 28.29 59.18
C SER B 1241 -65.52 29.82 59.31
N GLU B 1242 -64.66 30.40 60.13
CA GLU B 1242 -64.74 31.84 60.37
C GLU B 1242 -63.51 32.64 59.92
N VAL B 1243 -62.70 32.04 59.05
CA VAL B 1243 -61.65 32.78 58.37
C VAL B 1243 -61.94 32.84 56.86
N GLY B 1244 -62.09 34.05 56.33
CA GLY B 1244 -62.59 34.22 54.98
C GLY B 1244 -61.64 34.88 54.01
N ASN B 1245 -61.99 34.86 52.72
CA ASN B 1245 -61.19 35.51 51.68
C ASN B 1245 -62.05 36.35 50.75
N CYS B 1246 -61.95 37.67 50.87
CA CYS B 1246 -62.69 38.61 50.02
C CYS B 1246 -61.81 39.45 49.09
N SER B 1247 -60.60 38.98 48.81
CA SER B 1247 -59.77 39.63 47.81
C SER B 1247 -60.37 39.50 46.39
N GLY B 1248 -60.14 40.51 45.56
CA GLY B 1248 -60.74 40.54 44.23
C GLY B 1248 -59.84 41.09 43.14
N SER B 1249 -60.27 40.95 41.89
CA SER B 1249 -59.50 41.46 40.77
C SER B 1249 -60.40 42.09 39.71
N GLY B 1250 -59.85 43.03 38.96
CA GLY B 1250 -60.56 43.65 37.86
C GLY B 1250 -60.63 42.71 36.68
N MET B 1251 -59.47 42.27 36.21
CA MET B 1251 -59.39 41.28 35.15
C MET B 1251 -58.88 39.94 35.71
N GLY B 1252 -57.65 39.96 36.22
CA GLY B 1252 -57.06 38.79 36.84
C GLY B 1252 -56.96 37.58 35.93
N GLY B 1253 -55.74 37.09 35.75
CA GLY B 1253 -55.52 35.94 34.90
C GLY B 1253 -55.48 36.32 33.44
N VAL B 1254 -55.11 37.58 33.19
CA VAL B 1254 -55.04 38.10 31.82
C VAL B 1254 -54.07 37.25 31.00
N SER B 1255 -53.12 36.61 31.67
CA SER B 1255 -52.09 35.86 30.98
C SER B 1255 -52.61 34.49 30.55
N ALA B 1256 -53.37 33.82 31.42
CA ALA B 1256 -53.99 32.54 31.08
C ALA B 1256 -55.12 32.71 30.06
N LEU B 1257 -55.77 33.87 30.13
CA LEU B 1257 -56.80 34.25 29.15
C LEU B 1257 -56.24 34.22 27.74
N ARG B 1258 -55.01 34.71 27.58
CA ARG B 1258 -54.37 34.77 26.27
C ARG B 1258 -54.04 33.39 25.75
N GLY B 1259 -53.50 32.54 26.63
CA GLY B 1259 -53.15 31.19 26.27
C GLY B 1259 -54.36 30.40 25.80
N MET B 1260 -55.52 30.86 26.25
CA MET B 1260 -56.80 30.22 25.97
C MET B 1260 -57.42 30.68 24.65
N PHE B 1261 -57.21 31.96 24.31
CA PHE B 1261 -57.87 32.64 23.19
C PHE B 1261 -56.96 32.80 21.97
N LYS B 1262 -55.65 32.78 22.20
CA LYS B 1262 -54.68 33.16 21.20
C LYS B 1262 -53.63 32.06 21.03
N ASP B 1263 -53.08 31.58 22.14
CA ASP B 1263 -52.09 30.52 22.08
C ASP B 1263 -52.71 29.18 21.68
N ARG B 1264 -54.00 29.02 21.92
CA ARG B 1264 -54.74 27.86 21.40
C ARG B 1264 -54.97 28.02 19.91
N PHE B 1265 -55.37 29.23 19.53
CA PHE B 1265 -55.67 29.55 18.14
C PHE B 1265 -54.49 29.31 17.22
N LYS B 1266 -53.28 29.29 17.79
CA LYS B 1266 -52.06 29.02 17.02
C LYS B 1266 -51.58 27.56 17.14
N ASP B 1267 -52.31 26.78 17.92
CA ASP B 1267 -51.96 25.38 18.20
C ASP B 1267 -50.64 25.30 18.96
N GLU B 1268 -50.26 26.40 19.60
CA GLU B 1268 -49.09 26.42 20.47
C GLU B 1268 -49.34 25.57 21.69
N PRO B 1269 -48.29 24.96 22.23
CA PRO B 1269 -48.54 24.17 23.44
C PRO B 1269 -49.03 25.08 24.55
N VAL B 1270 -50.20 24.78 25.10
CA VAL B 1270 -50.73 25.47 26.26
C VAL B 1270 -51.45 24.47 27.17
N GLN B 1271 -51.37 24.69 28.49
CA GLN B 1271 -51.91 23.77 29.49
C GLN B 1271 -53.37 23.39 29.24
N ASN B 1272 -53.81 22.29 29.85
CA ASN B 1272 -55.19 21.82 29.71
C ASN B 1272 -56.17 22.48 30.68
N ASP B 1273 -55.65 23.17 31.69
CA ASP B 1273 -56.48 23.93 32.58
C ASP B 1273 -56.05 25.39 32.73
N ILE B 1274 -55.76 26.06 31.62
CA ILE B 1274 -55.51 27.50 31.69
C ILE B 1274 -56.83 28.18 32.04
N LEU B 1275 -57.93 27.46 31.80
CA LEU B 1275 -59.23 28.00 32.17
C LEU B 1275 -59.29 28.26 33.69
N GLN B 1276 -58.87 27.27 34.48
CA GLN B 1276 -58.68 27.44 35.94
C GLN B 1276 -58.09 28.83 36.25
N GLU B 1277 -56.88 29.07 35.77
CA GLU B 1277 -56.08 30.23 36.18
C GLU B 1277 -56.61 31.56 35.65
N SER B 1278 -57.48 31.51 34.66
CA SER B 1278 -58.03 32.73 34.07
C SER B 1278 -59.08 33.36 34.99
N PHE B 1279 -59.76 32.52 35.77
CA PHE B 1279 -60.79 33.00 36.68
C PHE B 1279 -60.21 33.97 37.72
N ILE B 1280 -61.06 34.85 38.22
CA ILE B 1280 -60.62 35.86 39.18
C ILE B 1280 -60.56 35.31 40.60
N ASN B 1281 -61.43 34.35 40.89
CA ASN B 1281 -61.53 33.81 42.25
C ASN B 1281 -60.59 32.64 42.52
N THR B 1282 -59.74 32.31 41.55
CA THR B 1282 -58.80 31.21 41.71
C THR B 1282 -57.54 31.63 42.44
N MET B 1283 -57.23 32.92 42.38
CA MET B 1283 -56.13 33.48 43.15
C MET B 1283 -56.41 33.23 44.63
N SER B 1284 -57.62 33.59 45.05
CA SER B 1284 -58.04 33.34 46.43
C SER B 1284 -58.08 31.83 46.73
N ALA B 1285 -58.34 31.03 45.69
CA ALA B 1285 -58.39 29.59 45.85
C ALA B 1285 -57.01 28.98 46.15
N TRP B 1286 -55.98 29.37 45.40
CA TRP B 1286 -54.61 28.90 45.64
C TRP B 1286 -54.12 29.39 47.00
N VAL B 1287 -54.51 30.61 47.37
CA VAL B 1287 -54.18 31.13 48.70
C VAL B 1287 -54.70 30.18 49.77
N ASN B 1288 -55.96 29.80 49.65
CA ASN B 1288 -56.56 28.90 50.60
C ASN B 1288 -56.04 27.47 50.50
N MET B 1289 -55.59 27.08 49.31
CA MET B 1289 -55.18 25.70 49.06
C MET B 1289 -53.72 25.43 49.40
N LEU B 1290 -52.94 26.51 49.46
CA LEU B 1290 -51.50 26.44 49.71
C LEU B 1290 -51.15 26.93 51.12
N LEU B 1291 -51.97 27.80 51.67
CA LEU B 1291 -51.61 28.52 52.88
C LEU B 1291 -52.61 28.39 54.02
N ILE B 1292 -53.88 28.69 53.72
CA ILE B 1292 -54.85 28.99 54.78
C ILE B 1292 -55.78 27.84 55.21
N SER B 1293 -56.29 27.05 54.28
CA SER B 1293 -57.05 25.85 54.65
C SER B 1293 -58.37 26.17 55.36
N SER B 1294 -58.92 27.35 55.11
CA SER B 1294 -60.16 27.76 55.76
C SER B 1294 -61.40 27.24 55.06
N SER B 1295 -62.48 27.15 55.82
CA SER B 1295 -63.81 26.83 55.30
C SER B 1295 -64.71 28.03 55.55
N GLY B 1296 -64.08 29.20 55.62
CA GLY B 1296 -64.80 30.44 55.85
C GLY B 1296 -65.48 30.93 54.59
N PRO B 1297 -65.90 32.20 54.59
CA PRO B 1297 -66.59 32.74 53.42
C PRO B 1297 -65.62 32.96 52.27
N ILE B 1298 -66.12 32.96 51.04
CA ILE B 1298 -65.30 33.23 49.88
C ILE B 1298 -66.09 34.07 48.86
N LYS B 1299 -66.21 35.36 49.16
CA LYS B 1299 -66.92 36.31 48.29
C LYS B 1299 -65.88 37.10 47.48
N THR B 1300 -65.88 36.96 46.16
CA THR B 1300 -64.86 37.60 45.33
C THR B 1300 -65.37 38.75 44.47
N PRO B 1301 -64.81 39.97 44.66
CA PRO B 1301 -65.29 41.21 44.03
C PRO B 1301 -64.64 41.52 42.70
N VAL B 1302 -65.45 41.95 41.74
CA VAL B 1302 -64.95 42.58 40.53
C VAL B 1302 -65.40 44.04 40.50
N GLY B 1303 -64.45 44.95 40.66
CA GLY B 1303 -64.77 46.38 40.73
C GLY B 1303 -63.89 47.25 39.86
N ALA B 1304 -63.35 46.68 38.80
CA ALA B 1304 -62.51 47.43 37.87
C ALA B 1304 -61.34 48.10 38.60
N CYS B 1305 -61.41 49.42 38.73
CA CYS B 1305 -60.34 50.18 39.37
C CYS B 1305 -60.66 50.50 40.83
N ALA B 1306 -61.62 49.76 41.39
CA ALA B 1306 -62.01 49.97 42.77
C ALA B 1306 -62.35 48.65 43.45
N THR B 1307 -61.95 47.54 42.83
CA THR B 1307 -62.20 46.23 43.39
C THR B 1307 -61.59 46.15 44.78
N SER B 1308 -60.55 46.94 45.02
CA SER B 1308 -59.82 46.89 46.27
C SER B 1308 -60.58 47.52 47.42
N VAL B 1309 -61.20 48.67 47.18
CA VAL B 1309 -61.99 49.30 48.22
C VAL B 1309 -63.27 48.51 48.42
N GLU B 1310 -63.96 48.21 47.33
CA GLU B 1310 -65.12 47.32 47.37
C GLU B 1310 -64.82 46.03 48.13
N SER B 1311 -63.59 45.55 48.02
CA SER B 1311 -63.18 44.33 48.70
C SER B 1311 -63.22 44.54 50.20
N VAL B 1312 -62.74 45.70 50.65
CA VAL B 1312 -62.77 46.02 52.07
C VAL B 1312 -64.21 46.12 52.58
N ASP B 1313 -65.08 46.75 51.80
CA ASP B 1313 -66.52 46.83 52.14
C ASP B 1313 -67.04 45.41 52.40
N ILE B 1314 -66.96 44.58 51.37
CA ILE B 1314 -67.36 43.18 51.48
C ILE B 1314 -66.70 42.49 52.67
N GLY B 1315 -65.43 42.77 52.91
CA GLY B 1315 -64.75 42.15 54.03
C GLY B 1315 -65.35 42.57 55.37
N VAL B 1316 -65.41 43.87 55.60
CA VAL B 1316 -65.99 44.46 56.79
C VAL B 1316 -67.37 43.88 57.09
N GLU B 1317 -68.20 43.76 56.07
CA GLU B 1317 -69.55 43.28 56.26
C GLU B 1317 -69.60 41.81 56.68
N THR B 1318 -68.73 41.00 56.09
CA THR B 1318 -68.71 39.56 56.36
C THR B 1318 -68.33 39.28 57.81
N ILE B 1319 -67.57 40.19 58.40
CA ILE B 1319 -67.15 40.03 59.78
C ILE B 1319 -68.26 40.54 60.70
N LEU B 1320 -68.98 41.54 60.21
CA LEU B 1320 -70.03 42.21 60.99
C LEU B 1320 -71.32 41.42 60.99
N SER B 1321 -71.33 40.32 60.25
CA SER B 1321 -72.52 39.49 60.15
C SER B 1321 -72.28 38.19 60.88
N GLY B 1322 -71.07 38.03 61.40
CA GLY B 1322 -70.72 36.86 62.17
C GLY B 1322 -70.21 35.71 61.33
N LYS B 1323 -70.25 35.89 60.02
CA LYS B 1323 -69.82 34.86 59.08
C LYS B 1323 -68.32 34.57 59.11
N ALA B 1324 -67.55 35.59 59.46
CA ALA B 1324 -66.12 35.46 59.66
C ALA B 1324 -65.65 36.38 60.77
N ARG B 1325 -64.55 36.02 61.40
CA ARG B 1325 -63.96 36.86 62.43
C ARG B 1325 -62.61 37.40 61.98
N ILE B 1326 -61.99 36.69 61.03
CA ILE B 1326 -60.81 37.18 60.36
C ILE B 1326 -61.02 36.98 58.88
N CYS B 1327 -60.74 37.98 58.06
CA CYS B 1327 -60.66 37.69 56.64
C CYS B 1327 -59.66 38.55 55.85
N ILE B 1328 -59.25 38.02 54.71
CA ILE B 1328 -58.25 38.61 53.86
C ILE B 1328 -58.93 39.50 52.86
N VAL B 1329 -58.45 40.73 52.73
CA VAL B 1329 -59.04 41.73 51.86
C VAL B 1329 -57.95 42.26 50.95
N GLY B 1330 -58.29 42.70 49.76
CA GLY B 1330 -57.30 43.33 48.88
C GLY B 1330 -57.64 43.26 47.41
N GLY B 1331 -56.69 43.67 46.57
CA GLY B 1331 -56.87 43.66 45.14
C GLY B 1331 -55.61 43.31 44.37
N TYR B 1332 -55.79 42.90 43.12
CA TYR B 1332 -54.66 42.50 42.30
C TYR B 1332 -54.99 42.50 40.81
N ASP B 1333 -54.01 42.88 39.99
CA ASP B 1333 -54.14 42.87 38.55
C ASP B 1333 -52.76 42.86 37.88
N ASP B 1334 -52.70 42.32 36.67
CA ASP B 1334 -51.43 42.21 35.97
C ASP B 1334 -51.42 43.06 34.71
N PHE B 1335 -50.22 43.43 34.27
CA PHE B 1335 -50.05 44.23 33.05
C PHE B 1335 -49.57 43.28 31.96
N GLN B 1336 -50.34 43.17 30.88
CA GLN B 1336 -49.99 42.33 29.72
C GLN B 1336 -50.26 43.07 28.42
N GLU B 1337 -49.83 42.48 27.30
CA GLU B 1337 -49.81 43.17 25.99
C GLU B 1337 -51.17 43.67 25.52
N GLU B 1338 -52.16 42.78 25.59
CA GLU B 1338 -53.51 43.04 25.07
C GLU B 1338 -54.29 44.01 25.97
N GLY B 1339 -54.03 43.92 27.28
CA GLY B 1339 -54.53 44.90 28.22
C GLY B 1339 -54.13 46.33 27.88
N SER B 1340 -52.82 46.60 27.74
CA SER B 1340 -52.32 47.95 27.51
C SER B 1340 -52.84 48.55 26.21
N PHE B 1341 -52.98 47.69 25.20
CA PHE B 1341 -53.37 48.14 23.87
C PHE B 1341 -54.83 48.59 23.85
N GLU B 1342 -55.68 47.86 24.55
CA GLU B 1342 -57.11 48.17 24.57
C GLU B 1342 -57.36 49.45 25.35
N PHE B 1343 -56.56 49.67 26.39
CA PHE B 1343 -56.63 50.92 27.15
C PHE B 1343 -56.23 52.09 26.25
N GLY B 1344 -55.21 51.86 25.43
CA GLY B 1344 -54.77 52.86 24.48
C GLY B 1344 -55.85 53.17 23.47
N ASN B 1345 -56.66 52.17 23.15
CA ASN B 1345 -57.77 52.33 22.22
C ASN B 1345 -58.92 53.12 22.83
N MET B 1346 -59.06 53.05 24.16
CA MET B 1346 -60.10 53.80 24.85
C MET B 1346 -59.60 55.21 25.13
N LYS B 1347 -58.37 55.47 24.69
CA LYS B 1347 -57.69 56.76 24.87
C LYS B 1347 -57.53 57.06 26.38
N ALA B 1348 -57.46 56.02 27.18
CA ALA B 1348 -57.46 56.16 28.64
C ALA B 1348 -56.09 56.45 29.28
N THR B 1349 -55.05 55.78 28.75
CA THR B 1349 -53.67 55.86 29.24
C THR B 1349 -52.91 57.02 28.57
N SER B 1350 -51.81 57.46 29.18
CA SER B 1350 -51.03 58.58 28.64
C SER B 1350 -50.24 58.16 27.41
N ASN B 1351 -50.25 59.02 26.39
CA ASN B 1351 -49.54 58.76 25.13
C ASN B 1351 -48.06 59.06 25.24
N THR B 1352 -47.25 58.00 25.22
CA THR B 1352 -45.84 58.12 25.55
C THR B 1352 -45.06 58.90 24.49
N LEU B 1353 -45.45 58.75 23.23
CA LEU B 1353 -44.84 59.54 22.16
C LEU B 1353 -45.02 61.03 22.39
N GLU B 1354 -46.23 61.40 22.84
CA GLU B 1354 -46.59 62.77 23.17
C GLU B 1354 -45.91 63.27 24.43
N GLU B 1355 -45.78 62.40 25.41
CA GLU B 1355 -45.14 62.75 26.66
C GLU B 1355 -43.70 63.12 26.39
N PHE B 1356 -43.05 62.34 25.54
CA PHE B 1356 -41.67 62.60 25.15
C PHE B 1356 -41.58 63.96 24.43
N GLU B 1357 -42.54 64.21 23.56
CA GLU B 1357 -42.56 65.43 22.76
C GLU B 1357 -42.58 66.67 23.66
N HIS B 1358 -43.05 66.47 24.89
CA HIS B 1358 -43.21 67.55 25.86
C HIS B 1358 -42.04 67.63 26.87
N GLY B 1359 -41.05 66.76 26.70
CA GLY B 1359 -39.89 66.73 27.57
C GLY B 1359 -40.10 65.95 28.87
N ARG B 1360 -40.92 64.91 28.81
CA ARG B 1360 -41.30 64.17 30.00
C ARG B 1360 -40.53 62.87 30.11
N THR B 1361 -39.77 62.72 31.21
CA THR B 1361 -39.12 61.44 31.51
C THR B 1361 -40.20 60.50 32.00
N PRO B 1362 -39.98 59.19 31.82
CA PRO B 1362 -40.94 58.18 32.27
C PRO B 1362 -41.38 58.38 33.73
N ALA B 1363 -40.44 58.70 34.61
CA ALA B 1363 -40.74 58.92 36.02
C ALA B 1363 -41.68 60.13 36.30
N GLU B 1364 -42.11 60.80 35.25
CA GLU B 1364 -42.73 62.11 35.36
C GLU B 1364 -44.08 62.10 34.62
N MET B 1365 -44.47 60.93 34.11
CA MET B 1365 -45.62 60.83 33.23
C MET B 1365 -46.91 60.54 33.99
N SER B 1366 -46.79 60.41 35.31
CA SER B 1366 -47.94 60.26 36.21
C SER B 1366 -48.01 61.45 37.17
N ARG B 1367 -48.86 62.43 36.85
CA ARG B 1367 -48.87 63.70 37.59
C ARG B 1367 -50.28 64.12 37.88
N PRO B 1368 -50.89 63.54 38.91
CA PRO B 1368 -52.28 63.86 39.26
C PRO B 1368 -52.49 65.32 39.71
N ALA B 1369 -53.66 65.88 39.40
CA ALA B 1369 -54.05 67.23 39.77
C ALA B 1369 -53.23 68.29 39.06
N THR B 1370 -52.30 67.85 38.20
CA THR B 1370 -51.44 68.76 37.43
C THR B 1370 -52.17 69.41 36.26
N THR B 1371 -51.70 70.58 35.83
CA THR B 1371 -52.29 71.28 34.70
C THR B 1371 -52.22 70.41 33.47
N THR B 1372 -51.10 69.71 33.34
CA THR B 1372 -50.76 68.97 32.14
C THR B 1372 -51.12 67.49 32.23
N ARG B 1373 -51.80 67.08 33.28
CA ARG B 1373 -52.20 65.67 33.38
C ARG B 1373 -52.85 65.25 32.06
N ASN B 1374 -52.50 64.05 31.60
CA ASN B 1374 -52.60 63.70 30.19
C ASN B 1374 -53.16 62.30 29.98
N GLY B 1375 -53.51 61.63 31.08
CA GLY B 1375 -53.90 60.24 31.04
C GLY B 1375 -53.15 59.45 32.09
N PHE B 1376 -53.64 58.27 32.43
CA PHE B 1376 -53.04 57.50 33.53
C PHE B 1376 -51.95 56.53 33.09
N MET B 1377 -51.03 56.25 33.99
CA MET B 1377 -49.95 55.31 33.75
C MET B 1377 -50.33 53.93 34.27
N GLU B 1378 -50.21 52.92 33.42
CA GLU B 1378 -50.60 51.57 33.79
C GLU B 1378 -49.52 50.87 34.60
N ALA B 1379 -49.93 49.96 35.48
CA ALA B 1379 -48.99 49.24 36.34
C ALA B 1379 -49.48 47.83 36.64
N GLN B 1380 -48.69 47.10 37.42
CA GLN B 1380 -49.01 45.71 37.78
C GLN B 1380 -48.76 45.47 39.26
N GLY B 1381 -49.32 44.39 39.79
CA GLY B 1381 -49.08 44.06 41.18
C GLY B 1381 -50.29 43.63 41.98
N ALA B 1382 -50.11 43.57 43.29
CA ALA B 1382 -51.16 43.15 44.17
C ALA B 1382 -50.91 43.78 45.52
N GLY B 1383 -51.94 43.85 46.33
CA GLY B 1383 -51.81 44.39 47.66
C GLY B 1383 -52.95 43.88 48.46
N ILE B 1384 -52.64 43.27 49.59
CA ILE B 1384 -53.71 42.83 50.46
C ILE B 1384 -53.46 43.30 51.87
N GLN B 1385 -54.54 43.32 52.65
CA GLN B 1385 -54.44 43.57 54.06
C GLN B 1385 -55.26 42.49 54.80
N ILE B 1386 -54.92 42.23 56.05
CA ILE B 1386 -55.71 41.34 56.89
C ILE B 1386 -56.58 42.18 57.83
N ILE B 1387 -57.88 41.94 57.81
CA ILE B 1387 -58.77 42.60 58.76
C ILE B 1387 -59.40 41.60 59.73
N MET B 1388 -59.81 42.12 60.88
CA MET B 1388 -60.15 41.30 62.04
C MET B 1388 -61.11 42.05 62.96
N GLN B 1389 -61.77 41.32 63.85
CA GLN B 1389 -62.54 41.93 64.94
C GLN B 1389 -61.55 42.53 65.92
N ALA B 1390 -61.81 43.76 66.36
CA ALA B 1390 -60.95 44.41 67.34
C ALA B 1390 -60.74 43.52 68.56
N ASP B 1391 -61.79 42.82 68.94
CA ASP B 1391 -61.80 41.98 70.12
C ASP B 1391 -60.88 40.78 69.98
N LEU B 1392 -60.89 40.18 68.79
CA LEU B 1392 -60.05 39.04 68.49
C LEU B 1392 -58.60 39.46 68.43
N ALA B 1393 -58.35 40.61 67.80
CA ALA B 1393 -56.99 41.11 67.61
C ALA B 1393 -56.33 41.26 68.96
N LEU B 1394 -57.04 41.91 69.86
CA LEU B 1394 -56.54 42.14 71.21
C LEU B 1394 -56.21 40.81 71.88
N LYS B 1395 -57.08 39.82 71.70
CA LYS B 1395 -56.94 38.53 72.35
C LYS B 1395 -55.77 37.77 71.77
N MET B 1396 -55.66 37.75 70.46
CA MET B 1396 -54.55 37.07 69.79
C MET B 1396 -53.26 37.78 70.12
N GLY B 1397 -53.35 39.10 70.21
CA GLY B 1397 -52.17 39.91 70.47
C GLY B 1397 -51.40 40.14 69.19
N VAL B 1398 -52.09 40.62 68.17
CA VAL B 1398 -51.44 41.00 66.94
C VAL B 1398 -51.37 42.52 66.91
N PRO B 1399 -50.63 43.08 65.96
CA PRO B 1399 -50.54 44.54 65.85
C PRO B 1399 -51.84 45.14 65.33
N ILE B 1400 -52.09 46.41 65.63
CA ILE B 1400 -53.28 47.08 65.12
C ILE B 1400 -52.86 48.37 64.46
N TYR B 1401 -52.99 48.38 63.13
CA TYR B 1401 -52.45 49.45 62.31
C TYR B 1401 -53.48 50.54 62.02
N GLY B 1402 -54.75 50.23 62.24
CA GLY B 1402 -55.80 51.20 62.03
C GLY B 1402 -57.17 50.60 62.23
N ILE B 1403 -58.17 51.48 62.24
CA ILE B 1403 -59.57 51.10 62.32
C ILE B 1403 -60.23 51.34 60.96
N VAL B 1404 -60.79 50.33 60.33
CA VAL B 1404 -61.62 50.59 59.16
C VAL B 1404 -62.93 51.05 59.75
N ALA B 1405 -63.18 52.36 59.66
CA ALA B 1405 -64.31 52.93 60.38
C ALA B 1405 -65.46 53.22 59.45
N MET B 1406 -65.28 52.87 58.18
CA MET B 1406 -66.34 53.00 57.17
C MET B 1406 -65.82 52.52 55.84
N ALA B 1407 -66.71 51.97 55.04
CA ALA B 1407 -66.38 51.52 53.69
C ALA B 1407 -67.67 51.39 52.90
N ALA B 1408 -67.70 52.03 51.73
CA ALA B 1408 -68.95 52.14 50.97
C ALA B 1408 -68.73 52.00 49.46
N THR B 1409 -69.73 51.48 48.77
CA THR B 1409 -69.72 51.51 47.32
C THR B 1409 -70.99 52.20 46.86
N ALA B 1410 -70.90 52.93 45.76
CA ALA B 1410 -72.07 53.62 45.22
C ALA B 1410 -71.98 53.80 43.71
N THR B 1411 -73.09 53.48 43.06
CA THR B 1411 -73.28 53.74 41.63
C THR B 1411 -73.62 55.22 41.42
N ASP B 1412 -73.55 55.66 40.17
CA ASP B 1412 -73.77 57.07 39.85
C ASP B 1412 -75.23 57.36 39.42
N LYS B 1413 -75.46 57.40 38.11
CA LYS B 1413 -76.78 57.78 37.58
C LYS B 1413 -76.97 57.22 36.18
N ILE B 1414 -78.11 57.53 35.56
CA ILE B 1414 -78.33 57.13 34.17
C ILE B 1414 -77.32 57.76 33.20
N GLY B 1415 -76.72 56.92 32.35
CA GLY B 1415 -75.70 57.38 31.42
C GLY B 1415 -75.53 56.45 30.25
N ARG B 1416 -74.46 56.66 29.48
CA ARG B 1416 -74.16 55.82 28.33
C ARG B 1416 -72.66 55.68 28.15
N SER B 1417 -71.90 56.35 29.00
CA SER B 1417 -70.45 56.22 29.00
C SER B 1417 -70.01 55.42 30.22
N VAL B 1418 -69.71 54.15 29.99
CA VAL B 1418 -69.28 53.24 31.05
C VAL B 1418 -68.00 53.68 31.77
N PRO B 1419 -66.99 54.15 31.01
CA PRO B 1419 -65.71 54.48 31.64
C PRO B 1419 -65.71 55.81 32.37
N ALA B 1420 -66.88 56.44 32.53
CA ALA B 1420 -66.98 57.74 33.17
C ALA B 1420 -67.03 57.68 34.69
N PRO B 1421 -66.35 58.63 35.35
CA PRO B 1421 -66.36 58.82 36.79
C PRO B 1421 -67.58 59.67 37.17
N GLY B 1422 -68.11 59.48 38.36
CA GLY B 1422 -69.28 60.20 38.79
C GLY B 1422 -69.25 60.61 40.26
N LYS B 1423 -70.42 61.00 40.76
CA LYS B 1423 -70.54 61.49 42.12
C LYS B 1423 -71.47 60.63 43.00
N GLY B 1424 -71.52 59.33 42.70
CA GLY B 1424 -72.35 58.42 43.46
C GLY B 1424 -71.86 58.36 44.88
N ILE B 1425 -70.56 58.30 45.05
CA ILE B 1425 -69.96 58.17 46.37
C ILE B 1425 -70.16 59.39 47.27
N LEU B 1426 -70.72 60.48 46.72
CA LEU B 1426 -70.98 61.69 47.51
C LEU B 1426 -72.07 61.44 48.56
N THR B 1427 -72.79 60.33 48.38
CA THR B 1427 -73.92 59.98 49.23
C THR B 1427 -73.50 59.57 50.63
N THR B 1428 -72.21 59.34 50.83
CA THR B 1428 -71.71 58.96 52.14
C THR B 1428 -71.65 60.16 53.08
N ALA B 1429 -72.01 61.32 52.56
CA ALA B 1429 -72.02 62.56 53.32
C ALA B 1429 -73.44 63.06 53.49
N ARG B 1430 -74.41 62.24 53.09
CA ARG B 1430 -75.81 62.67 53.12
C ARG B 1430 -76.35 62.84 54.58
N GLU B 1431 -76.65 63.98 54.83
CA GLU B 1431 -77.39 64.24 56.08
C GLU B 1431 -78.42 65.37 55.91
N HIS B 1432 -79.48 65.36 56.74
CA HIS B 1432 -80.65 66.24 56.58
C HIS B 1432 -80.62 67.45 57.49
N HIS B 1433 -80.58 68.64 56.88
CA HIS B 1433 -80.39 69.88 57.62
C HIS B 1433 -81.66 70.70 57.74
N SER B 1434 -82.81 70.07 57.51
CA SER B 1434 -84.08 70.80 57.52
C SER B 1434 -84.43 71.33 58.92
N SER B 1435 -83.72 70.85 59.93
CA SER B 1435 -83.89 71.33 61.29
C SER B 1435 -82.60 71.15 62.06
N VAL B 1436 -81.94 72.25 62.40
CA VAL B 1436 -80.68 72.21 63.14
C VAL B 1436 -80.57 73.36 64.15
N LYS B 1437 -81.65 73.66 64.86
CA LYS B 1437 -81.60 74.68 65.91
C LYS B 1437 -80.81 74.21 67.13
N TYR B 1438 -81.31 73.16 67.78
CA TYR B 1438 -80.75 72.72 69.06
C TYR B 1438 -79.94 71.42 68.94
N ALA B 1439 -78.91 71.31 69.79
CA ALA B 1439 -77.98 70.19 69.76
C ALA B 1439 -78.66 68.83 69.89
N SER B 1440 -78.23 67.89 69.07
CA SER B 1440 -78.69 66.51 69.16
C SER B 1440 -77.96 65.80 70.30
N PRO B 1441 -78.69 65.42 71.38
CA PRO B 1441 -78.09 64.66 72.48
C PRO B 1441 -77.42 63.38 71.96
N ASN B 1442 -77.91 62.88 70.83
CA ASN B 1442 -77.40 61.66 70.21
C ASN B 1442 -75.92 61.74 69.88
N LEU B 1443 -75.50 62.88 69.34
CA LEU B 1443 -74.08 63.10 69.04
C LEU B 1443 -73.20 63.10 70.29
N ASN B 1444 -73.80 63.43 71.42
CA ASN B 1444 -73.06 63.59 72.67
C ASN B 1444 -72.73 62.27 73.37
N MET B 1445 -71.44 61.93 73.43
CA MET B 1445 -71.00 60.66 73.97
C MET B 1445 -71.36 60.50 75.45
N LYS B 1446 -71.25 61.58 76.21
CA LYS B 1446 -71.59 61.57 77.64
C LYS B 1446 -73.04 61.07 77.87
N TYR B 1447 -73.92 61.47 76.94
CA TYR B 1447 -75.32 61.07 76.94
C TYR B 1447 -75.48 59.58 76.67
N ARG B 1448 -75.00 59.16 75.50
CA ARG B 1448 -75.06 57.76 75.11
C ARG B 1448 -74.54 56.84 76.23
N LYS B 1449 -73.37 57.17 76.78
CA LYS B 1449 -72.76 56.35 77.82
C LYS B 1449 -73.68 56.16 79.02
N ARG B 1450 -74.41 57.20 79.42
CA ARG B 1450 -75.37 57.08 80.53
C ARG B 1450 -76.49 56.09 80.18
N GLN B 1451 -77.07 56.29 79.01
CA GLN B 1451 -78.09 55.39 78.50
C GLN B 1451 -77.62 53.94 78.50
N LEU B 1452 -76.39 53.70 78.09
CA LEU B 1452 -75.84 52.35 78.13
C LEU B 1452 -75.81 51.85 79.56
N VAL B 1453 -75.28 52.67 80.46
CA VAL B 1453 -75.07 52.27 81.85
C VAL B 1453 -76.35 51.87 82.55
N THR B 1454 -77.44 52.54 82.16
CA THR B 1454 -78.78 52.17 82.60
C THR B 1454 -79.16 50.77 82.12
N ARG B 1455 -78.99 50.50 80.82
CA ARG B 1455 -79.21 49.16 80.29
C ARG B 1455 -78.32 48.14 80.99
N GLU B 1456 -77.11 48.56 81.36
CA GLU B 1456 -76.17 47.63 81.95
C GLU B 1456 -76.73 47.13 83.25
N ALA B 1457 -77.19 48.07 84.08
CA ALA B 1457 -77.86 47.75 85.34
C ALA B 1457 -79.15 46.96 85.12
N GLN B 1458 -79.97 47.42 84.18
CA GLN B 1458 -81.20 46.75 83.78
C GLN B 1458 -80.96 45.27 83.44
N ILE B 1459 -79.85 44.99 82.77
CA ILE B 1459 -79.46 43.63 82.43
C ILE B 1459 -79.05 42.88 83.68
N LYS B 1460 -78.40 43.61 84.59
CA LYS B 1460 -77.82 42.98 85.78
C LYS B 1460 -78.85 42.20 86.55
N ASP B 1461 -79.95 42.85 86.91
CA ASP B 1461 -80.98 42.20 87.71
C ASP B 1461 -81.94 41.37 86.86
N TRP B 1462 -81.78 41.42 85.54
CA TRP B 1462 -82.43 40.45 84.68
C TRP B 1462 -81.77 39.10 84.89
N VAL B 1463 -80.43 39.10 84.94
CA VAL B 1463 -79.67 37.88 85.15
C VAL B 1463 -79.87 37.38 86.55
N GLU B 1464 -79.95 38.29 87.51
CA GLU B 1464 -80.24 37.89 88.88
C GLU B 1464 -81.62 37.27 88.90
N ASN B 1465 -82.58 37.94 88.26
CA ASN B 1465 -83.97 37.51 88.26
C ASN B 1465 -84.17 36.17 87.59
N GLU B 1466 -83.34 35.92 86.56
CA GLU B 1466 -83.39 34.67 85.82
C GLU B 1466 -82.75 33.54 86.61
N LEU B 1467 -81.66 33.84 87.29
CA LEU B 1467 -80.93 32.85 88.09
C LEU B 1467 -81.75 32.43 89.28
N GLU B 1468 -82.65 33.31 89.71
CA GLU B 1468 -83.55 33.04 90.82
C GLU B 1468 -84.57 32.01 90.44
N ALA B 1469 -85.19 32.20 89.28
CA ALA B 1469 -86.19 31.27 88.78
C ALA B 1469 -85.61 29.90 88.50
N LEU B 1470 -84.30 29.81 88.29
CA LEU B 1470 -83.66 28.53 88.04
C LEU B 1470 -83.56 27.70 89.32
N LYS B 1471 -83.29 28.36 90.43
CA LYS B 1471 -83.24 27.69 91.73
C LYS B 1471 -84.59 27.04 92.02
N LEU B 1472 -85.66 27.76 91.72
CA LEU B 1472 -87.03 27.29 91.96
C LEU B 1472 -87.41 26.12 91.05
N GLU B 1473 -86.75 25.99 89.90
CA GLU B 1473 -87.01 24.88 88.98
C GLU B 1473 -86.27 23.63 89.41
N ALA B 1474 -85.06 23.81 89.90
CA ALA B 1474 -84.26 22.70 90.45
C ALA B 1474 -84.70 22.18 91.84
N GLU B 1475 -85.21 23.08 92.69
CA GLU B 1475 -85.67 22.74 94.04
C GLU B 1475 -86.94 21.91 94.10
N GLU B 1476 -87.48 21.53 92.94
CA GLU B 1476 -88.80 20.93 92.95
C GLU B 1476 -89.02 19.79 91.96
N ILE B 1477 -88.24 19.77 90.88
CA ILE B 1477 -88.48 18.80 89.81
C ILE B 1477 -87.27 17.95 89.41
N PRO B 1478 -86.05 18.52 89.44
CA PRO B 1478 -84.87 17.74 89.06
C PRO B 1478 -84.32 16.92 90.22
N SER B 1479 -83.67 15.81 89.90
CA SER B 1479 -83.14 14.89 90.91
C SER B 1479 -81.80 15.37 91.44
N GLU B 1480 -81.06 14.48 92.08
CA GLU B 1480 -79.72 14.83 92.55
C GLU B 1480 -78.66 14.73 91.44
N ASP B 1481 -79.09 14.40 90.22
CA ASP B 1481 -78.26 14.54 89.03
C ASP B 1481 -78.42 15.96 88.47
N GLN B 1482 -78.31 16.93 89.37
CA GLN B 1482 -78.72 18.31 89.10
C GLN B 1482 -77.59 19.14 88.49
N ASN B 1483 -76.38 18.59 88.53
CA ASN B 1483 -75.19 19.31 88.11
C ASN B 1483 -75.21 19.77 86.67
N GLU B 1484 -75.75 18.94 85.78
CA GLU B 1484 -75.75 19.31 84.38
C GLU B 1484 -77.01 20.06 83.99
N PHE B 1485 -78.10 19.83 84.71
CA PHE B 1485 -79.25 20.70 84.52
C PHE B 1485 -78.87 22.12 84.89
N LEU B 1486 -78.04 22.26 85.91
CA LEU B 1486 -77.57 23.58 86.34
C LEU B 1486 -76.46 24.15 85.44
N LEU B 1487 -75.54 23.31 85.00
CA LEU B 1487 -74.52 23.72 84.03
C LEU B 1487 -75.18 24.27 82.77
N GLU B 1488 -75.88 23.41 82.05
CA GLU B 1488 -76.48 23.77 80.76
C GLU B 1488 -77.31 25.05 80.83
N ARG B 1489 -77.97 25.26 81.96
CA ARG B 1489 -78.91 26.37 82.09
C ARG B 1489 -78.28 27.71 82.46
N THR B 1490 -77.45 27.73 83.50
CA THR B 1490 -76.80 28.96 83.89
C THR B 1490 -75.89 29.42 82.77
N ARG B 1491 -75.22 28.47 82.13
CA ARG B 1491 -74.39 28.75 80.96
C ARG B 1491 -75.20 29.55 79.95
N GLU B 1492 -76.38 29.04 79.62
CA GLU B 1492 -77.24 29.69 78.66
C GLU B 1492 -77.72 31.08 79.10
N ILE B 1493 -77.95 31.24 80.41
CA ILE B 1493 -78.36 32.53 80.95
C ILE B 1493 -77.28 33.56 80.72
N HIS B 1494 -76.03 33.16 81.01
CA HIS B 1494 -74.91 34.09 80.90
C HIS B 1494 -74.63 34.46 79.45
N ASN B 1495 -74.87 33.52 78.54
CA ASN B 1495 -74.82 33.85 77.12
C ASN B 1495 -75.79 34.97 76.81
N GLU B 1496 -77.07 34.71 77.02
CA GLU B 1496 -78.11 35.71 76.78
C GLU B 1496 -77.83 37.04 77.47
N ALA B 1497 -77.25 36.98 78.65
CA ALA B 1497 -76.89 38.19 79.37
C ALA B 1497 -75.85 38.98 78.57
N GLU B 1498 -74.77 38.31 78.18
CA GLU B 1498 -73.72 38.95 77.41
C GLU B 1498 -74.24 39.41 76.07
N SER B 1499 -75.14 38.63 75.48
CA SER B 1499 -75.72 39.02 74.21
C SER B 1499 -76.50 40.32 74.32
N GLN B 1500 -77.30 40.46 75.37
CA GLN B 1500 -78.06 41.67 75.59
C GLN B 1500 -77.13 42.88 75.77
N LEU B 1501 -76.04 42.64 76.48
CA LEU B 1501 -75.10 43.71 76.82
C LEU B 1501 -74.38 44.19 75.59
N ARG B 1502 -74.02 43.23 74.75
CA ARG B 1502 -73.32 43.48 73.50
C ARG B 1502 -74.21 44.29 72.56
N ALA B 1503 -75.51 44.02 72.64
CA ALA B 1503 -76.48 44.70 71.79
C ALA B 1503 -76.71 46.13 72.28
N ALA B 1504 -76.57 46.32 73.59
CA ALA B 1504 -76.70 47.65 74.17
C ALA B 1504 -75.49 48.48 73.80
N GLN B 1505 -74.31 47.85 73.92
CA GLN B 1505 -73.05 48.43 73.48
C GLN B 1505 -73.24 48.89 72.04
N GLN B 1506 -73.85 48.02 71.26
CA GLN B 1506 -74.07 48.26 69.86
C GLN B 1506 -74.96 49.49 69.66
N GLN B 1507 -76.09 49.50 70.36
CA GLN B 1507 -77.09 50.55 70.20
C GLN B 1507 -76.60 51.96 70.54
N TRP B 1508 -75.72 52.06 71.54
CA TRP B 1508 -75.32 53.37 72.05
C TRP B 1508 -73.88 53.75 71.74
N GLY B 1509 -73.09 52.77 71.33
CA GLY B 1509 -71.69 52.99 71.05
C GLY B 1509 -71.38 52.90 69.57
N ASN B 1510 -71.73 51.78 68.98
CA ASN B 1510 -71.34 51.46 67.61
C ASN B 1510 -72.24 52.04 66.54
N ASP B 1511 -73.56 51.80 66.67
CA ASP B 1511 -74.52 52.12 65.60
C ASP B 1511 -75.55 53.19 65.95
N PHE B 1512 -75.22 54.10 66.86
CA PHE B 1512 -76.18 55.09 67.33
C PHE B 1512 -76.75 56.01 66.24
N TYR B 1513 -76.06 56.08 65.10
CA TYR B 1513 -76.41 57.04 64.05
C TYR B 1513 -77.04 56.38 62.83
N LYS B 1514 -77.07 55.04 62.86
CA LYS B 1514 -77.59 54.27 61.75
C LYS B 1514 -78.99 54.76 61.36
N ARG B 1515 -79.89 54.84 62.34
CA ARG B 1515 -81.28 55.23 62.09
C ARG B 1515 -81.47 56.76 62.17
N ASP B 1516 -80.37 57.51 62.24
CA ASP B 1516 -80.45 58.99 62.30
C ASP B 1516 -80.08 59.66 60.96
N PRO B 1517 -81.00 60.50 60.44
CA PRO B 1517 -80.91 61.21 59.17
C PRO B 1517 -80.21 62.57 59.31
N ARG B 1518 -79.87 62.94 60.53
CA ARG B 1518 -79.23 64.21 60.80
C ARG B 1518 -77.74 63.96 61.00
N ILE B 1519 -77.39 62.68 61.11
CA ILE B 1519 -76.00 62.22 61.17
C ILE B 1519 -75.69 61.40 59.94
N ALA B 1520 -74.81 61.95 59.10
CA ALA B 1520 -74.33 61.26 57.90
C ALA B 1520 -73.41 60.09 58.28
N PRO B 1521 -73.28 59.20 57.42
CA PRO B 1521 -72.42 58.02 57.63
C PRO B 1521 -70.98 58.42 57.94
N LEU B 1522 -70.43 59.33 57.13
CA LEU B 1522 -69.09 59.83 57.30
C LEU B 1522 -68.94 60.50 58.68
N ARG B 1523 -69.92 61.33 59.02
CA ARG B 1523 -70.02 62.00 60.32
C ARG B 1523 -69.85 61.05 61.48
N GLY B 1524 -70.72 60.04 61.48
CA GLY B 1524 -70.86 59.13 62.60
C GLY B 1524 -69.71 58.18 62.65
N ALA B 1525 -69.18 57.85 61.48
CA ALA B 1525 -68.02 56.98 61.39
C ALA B 1525 -66.91 57.54 62.28
N LEU B 1526 -66.64 58.83 62.11
CA LEU B 1526 -65.68 59.55 62.95
C LEU B 1526 -66.23 59.80 64.34
N ALA B 1527 -67.51 60.14 64.44
CA ALA B 1527 -68.14 60.44 65.72
C ALA B 1527 -68.09 59.33 66.78
N THR B 1528 -68.07 58.06 66.36
CA THR B 1528 -68.06 56.99 67.36
C THR B 1528 -66.79 57.02 68.24
N TYR B 1529 -65.70 57.62 67.72
CA TYR B 1529 -64.44 57.72 68.46
C TYR B 1529 -64.19 59.13 69.02
N GLY B 1530 -65.24 59.95 68.98
CA GLY B 1530 -65.14 61.31 69.45
C GLY B 1530 -64.44 62.21 68.46
N LEU B 1531 -64.46 61.82 67.18
CA LEU B 1531 -63.83 62.59 66.12
C LEU B 1531 -64.82 63.46 65.32
N THR B 1532 -64.38 64.67 65.02
CA THR B 1532 -65.19 65.64 64.28
C THR B 1532 -64.82 65.56 62.81
N ILE B 1533 -65.62 66.18 61.95
CA ILE B 1533 -65.34 66.19 60.52
C ILE B 1533 -63.95 66.75 60.22
N ASP B 1534 -63.51 67.71 61.02
CA ASP B 1534 -62.22 68.37 60.83
C ASP B 1534 -61.04 67.45 61.11
N ASP B 1535 -61.32 66.30 61.72
CA ASP B 1535 -60.26 65.39 62.15
C ASP B 1535 -59.72 64.52 61.02
N LEU B 1536 -60.56 64.33 60.00
CA LEU B 1536 -60.15 63.70 58.75
C LEU B 1536 -59.11 64.59 58.13
N GLY B 1537 -57.83 64.27 58.37
CA GLY B 1537 -56.76 65.16 57.95
C GLY B 1537 -56.30 64.97 56.53
N VAL B 1538 -56.13 63.71 56.12
CA VAL B 1538 -55.59 63.38 54.80
C VAL B 1538 -56.63 62.71 53.93
N ALA B 1539 -56.68 63.09 52.65
CA ALA B 1539 -57.52 62.40 51.68
C ALA B 1539 -56.63 61.71 50.66
N SER B 1540 -56.63 60.38 50.67
CA SER B 1540 -55.87 59.62 49.69
C SER B 1540 -56.65 59.58 48.37
N PHE B 1541 -56.35 60.54 47.49
CA PHE B 1541 -57.04 60.63 46.21
C PHE B 1541 -56.70 59.47 45.29
N HIS B 1542 -57.66 59.09 44.45
CA HIS B 1542 -57.43 58.07 43.44
C HIS B 1542 -56.39 58.59 42.46
N GLY B 1543 -56.37 59.90 42.26
CA GLY B 1543 -55.41 60.57 41.40
C GLY B 1543 -54.97 59.74 40.21
N THR B 1544 -55.85 59.65 39.21
CA THR B 1544 -55.58 58.83 38.04
C THR B 1544 -54.66 59.56 37.05
N SER B 1545 -54.50 60.86 37.24
CA SER B 1545 -53.69 61.69 36.34
C SER B 1545 -54.41 61.94 35.01
N THR B 1546 -55.66 61.50 34.95
CA THR B 1546 -56.52 61.76 33.81
C THR B 1546 -57.23 63.08 34.07
N LYS B 1547 -57.67 63.77 33.02
CA LYS B 1547 -58.31 65.07 33.23
C LYS B 1547 -59.67 64.88 33.88
N ALA B 1548 -60.44 63.95 33.30
CA ALA B 1548 -61.76 63.57 33.81
C ALA B 1548 -61.73 63.32 35.31
N ASN B 1549 -60.96 62.32 35.72
CA ASN B 1549 -60.95 61.87 37.12
C ASN B 1549 -60.54 62.94 38.15
N ASP B 1550 -59.34 63.47 38.02
CA ASP B 1550 -58.78 64.33 39.06
C ASP B 1550 -59.70 65.50 39.41
N LYS B 1551 -60.31 66.12 38.40
CA LYS B 1551 -61.23 67.21 38.69
C LYS B 1551 -62.48 66.73 39.39
N ASN B 1552 -63.19 65.74 38.82
CA ASN B 1552 -64.36 65.17 39.47
C ASN B 1552 -64.09 64.83 40.92
N GLU B 1553 -63.10 63.98 41.15
CA GLU B 1553 -62.76 63.51 42.51
C GLU B 1553 -62.53 64.66 43.49
N SER B 1554 -61.82 65.68 43.05
CA SER B 1554 -61.61 66.85 43.87
C SER B 1554 -62.94 67.50 44.21
N ALA B 1555 -63.73 67.80 43.19
CA ALA B 1555 -65.08 68.34 43.37
C ALA B 1555 -65.91 67.55 44.35
N THR B 1556 -65.97 66.23 44.16
CA THR B 1556 -66.75 65.39 45.05
C THR B 1556 -66.21 65.35 46.51
N ILE B 1557 -64.90 65.27 46.69
CA ILE B 1557 -64.32 65.33 48.04
C ILE B 1557 -64.59 66.68 48.65
N ASN B 1558 -64.50 67.71 47.82
CA ASN B 1558 -64.75 69.07 48.26
C ASN B 1558 -66.14 69.20 48.80
N GLU B 1559 -67.09 68.59 48.10
CA GLU B 1559 -68.48 68.76 48.47
C GLU B 1559 -68.82 67.97 49.72
N MET B 1560 -68.31 66.75 49.84
CA MET B 1560 -68.60 66.02 51.08
C MET B 1560 -68.05 66.73 52.32
N MET B 1561 -66.99 67.53 52.15
CA MET B 1561 -66.44 68.32 53.25
C MET B 1561 -67.32 69.54 53.47
N LYS B 1562 -67.75 70.16 52.38
CA LYS B 1562 -68.56 71.36 52.41
C LYS B 1562 -69.91 71.10 53.08
N HIS B 1563 -70.55 70.02 52.68
CA HIS B 1563 -71.86 69.66 53.22
C HIS B 1563 -71.79 69.39 54.73
N LEU B 1564 -70.75 68.71 55.19
CA LEU B 1564 -70.65 68.29 56.59
C LEU B 1564 -70.16 69.35 57.57
N GLY B 1565 -69.71 70.50 57.04
CA GLY B 1565 -69.33 71.61 57.88
C GLY B 1565 -67.84 71.75 58.19
N ARG B 1566 -67.00 71.27 57.27
CA ARG B 1566 -65.57 71.38 57.44
C ARG B 1566 -65.28 72.86 57.66
N SER B 1567 -64.50 73.16 58.69
CA SER B 1567 -64.18 74.55 59.00
C SER B 1567 -63.54 75.22 57.81
N GLU B 1568 -64.02 76.41 57.46
CA GLU B 1568 -63.35 77.20 56.44
C GLU B 1568 -61.91 77.38 56.89
N GLY B 1569 -60.96 77.06 56.02
CA GLY B 1569 -59.56 77.24 56.36
C GLY B 1569 -58.85 75.94 56.71
N ASN B 1570 -59.61 74.86 56.87
CA ASN B 1570 -59.04 73.56 57.14
C ASN B 1570 -59.25 72.60 56.00
N PRO B 1571 -58.35 72.62 55.01
CA PRO B 1571 -58.58 71.71 53.87
C PRO B 1571 -58.07 70.31 54.21
N VAL B 1572 -58.48 69.35 53.40
CA VAL B 1572 -57.94 68.01 53.51
C VAL B 1572 -56.66 68.05 52.71
N ILE B 1573 -55.65 67.38 53.22
CA ILE B 1573 -54.40 67.29 52.50
C ILE B 1573 -54.47 66.02 51.65
N GLY B 1574 -54.43 66.20 50.35
CA GLY B 1574 -54.53 65.09 49.43
C GLY B 1574 -53.20 64.53 48.97
N VAL B 1575 -53.10 63.20 49.05
CA VAL B 1575 -51.98 62.47 48.48
C VAL B 1575 -52.41 61.81 47.16
N PHE B 1576 -51.45 61.56 46.28
CA PHE B 1576 -51.78 61.02 44.97
C PHE B 1576 -50.76 59.96 44.57
N GLN B 1577 -50.72 58.87 45.33
CA GLN B 1577 -49.61 57.89 45.22
C GLN B 1577 -49.46 57.21 43.84
N LYS B 1578 -50.47 57.35 42.99
CA LYS B 1578 -50.37 56.83 41.63
C LYS B 1578 -49.20 57.47 40.87
N PHE B 1579 -48.69 58.59 41.38
CA PHE B 1579 -47.59 59.32 40.74
C PHE B 1579 -46.28 58.51 40.81
N LEU B 1580 -46.16 57.68 41.84
CA LEU B 1580 -44.96 56.92 42.07
C LEU B 1580 -45.10 55.48 41.58
N THR B 1581 -46.28 54.91 41.79
CA THR B 1581 -46.48 53.48 41.56
C THR B 1581 -47.20 53.19 40.25
N GLY B 1582 -47.90 54.20 39.71
CA GLY B 1582 -48.71 53.99 38.54
C GLY B 1582 -50.09 53.55 38.94
N HIS B 1583 -50.84 52.98 37.99
CA HIS B 1583 -52.22 52.60 38.24
C HIS B 1583 -52.51 51.16 37.83
N PRO B 1584 -52.53 50.25 38.82
CA PRO B 1584 -52.70 48.81 38.61
C PRO B 1584 -54.16 48.39 38.69
N LYS B 1585 -55.05 49.19 38.10
CA LYS B 1585 -56.48 48.91 38.11
C LYS B 1585 -56.99 48.40 39.46
N GLY B 1586 -57.02 47.08 39.61
CA GLY B 1586 -57.58 46.47 40.81
C GLY B 1586 -56.80 46.71 42.10
N ALA B 1587 -55.47 46.64 42.01
CA ALA B 1587 -54.63 46.74 43.19
C ALA B 1587 -54.50 48.19 43.70
N ALA B 1588 -55.19 49.11 43.05
CA ALA B 1588 -55.12 50.51 43.42
C ALA B 1588 -55.52 50.76 44.86
N GLY B 1589 -56.78 50.49 45.17
CA GLY B 1589 -57.30 50.77 46.50
C GLY B 1589 -56.44 50.25 47.63
N ALA B 1590 -55.82 49.10 47.42
CA ALA B 1590 -55.06 48.41 48.47
C ALA B 1590 -53.76 49.11 48.76
N TRP B 1591 -53.04 49.44 47.70
CA TRP B 1591 -51.81 50.21 47.78
C TRP B 1591 -52.01 51.51 48.56
N MET B 1592 -53.13 52.18 48.29
CA MET B 1592 -53.47 53.43 48.96
C MET B 1592 -53.92 53.21 50.40
N MET B 1593 -54.49 52.03 50.65
CA MET B 1593 -54.91 51.60 51.97
C MET B 1593 -53.69 51.31 52.84
N ASN B 1594 -52.64 50.78 52.22
CA ASN B 1594 -51.36 50.61 52.89
C ASN B 1594 -50.77 51.97 53.27
N GLY B 1595 -50.54 52.81 52.26
CA GLY B 1595 -49.97 54.12 52.46
C GLY B 1595 -50.73 54.93 53.49
N ALA B 1596 -52.03 54.64 53.59
CA ALA B 1596 -52.89 55.33 54.55
C ALA B 1596 -52.56 54.85 55.96
N LEU B 1597 -52.41 53.54 56.11
CA LEU B 1597 -52.00 52.98 57.40
C LEU B 1597 -50.62 53.50 57.79
N GLN B 1598 -49.71 53.55 56.83
CA GLN B 1598 -48.36 54.02 57.11
C GLN B 1598 -48.36 55.51 57.46
N ILE B 1599 -49.27 56.25 56.84
CA ILE B 1599 -49.43 57.67 57.17
C ILE B 1599 -49.96 57.86 58.59
N LEU B 1600 -50.99 57.11 58.94
CA LEU B 1600 -51.57 57.16 60.28
C LEU B 1600 -50.52 56.95 61.38
N ASN B 1601 -49.76 55.87 61.23
CA ASN B 1601 -48.78 55.45 62.22
C ASN B 1601 -47.43 56.16 62.19
N SER B 1602 -47.26 57.10 61.28
CA SER B 1602 -45.98 57.83 61.15
C SER B 1602 -46.16 59.33 61.26
N GLY B 1603 -47.41 59.80 61.11
CA GLY B 1603 -47.69 61.22 61.13
C GLY B 1603 -47.12 61.96 59.93
N ILE B 1604 -46.52 61.22 59.00
CA ILE B 1604 -45.94 61.78 57.78
C ILE B 1604 -46.88 61.69 56.59
N ILE B 1605 -47.14 62.84 55.95
CA ILE B 1605 -47.96 62.89 54.77
C ILE B 1605 -47.03 63.15 53.61
N PRO B 1606 -46.87 62.16 52.73
CA PRO B 1606 -45.94 62.26 51.59
C PRO B 1606 -46.42 63.32 50.62
N GLY B 1607 -45.53 63.81 49.78
CA GLY B 1607 -45.88 64.84 48.83
C GLY B 1607 -45.99 64.36 47.39
N ASN B 1608 -47.04 64.80 46.70
CA ASN B 1608 -47.16 64.58 45.27
C ASN B 1608 -45.99 65.25 44.57
N ARG B 1609 -44.88 64.52 44.47
CA ARG B 1609 -43.62 65.07 43.95
C ARG B 1609 -43.65 65.37 42.45
N ASN B 1610 -44.73 64.99 41.79
CA ASN B 1610 -44.90 65.29 40.37
C ASN B 1610 -45.91 66.39 40.11
N ALA B 1611 -46.23 67.16 41.15
CA ALA B 1611 -47.09 68.30 41.02
C ALA B 1611 -46.25 69.53 40.67
N ASP B 1612 -45.84 69.61 39.42
CA ASP B 1612 -45.10 70.78 38.96
C ASP B 1612 -45.98 72.00 39.16
N ASN B 1613 -47.26 71.82 38.85
CA ASN B 1613 -48.21 72.93 38.87
C ASN B 1613 -49.63 72.45 39.02
N VAL B 1614 -50.24 72.83 40.14
CA VAL B 1614 -51.61 72.44 40.39
C VAL B 1614 -52.56 73.14 39.43
N ASP B 1615 -53.39 72.33 38.78
CA ASP B 1615 -54.36 72.81 37.80
C ASP B 1615 -55.18 73.96 38.35
N LYS B 1616 -55.07 75.12 37.71
CA LYS B 1616 -55.75 76.33 38.16
C LYS B 1616 -57.26 76.12 38.39
N ILE B 1617 -57.86 75.21 37.63
CA ILE B 1617 -59.28 74.85 37.83
C ILE B 1617 -59.52 74.53 39.29
N LEU B 1618 -58.68 73.66 39.84
CA LEU B 1618 -58.80 73.18 41.20
C LEU B 1618 -58.71 74.23 42.31
N GLU B 1619 -58.53 75.51 41.97
CA GLU B 1619 -58.45 76.54 43.01
C GLU B 1619 -59.79 76.74 43.70
N GLN B 1620 -60.85 76.50 42.95
CA GLN B 1620 -62.22 76.62 43.45
C GLN B 1620 -62.52 75.68 44.63
N PHE B 1621 -61.82 74.57 44.71
CA PHE B 1621 -62.06 73.60 45.75
C PHE B 1621 -61.28 73.95 47.00
N GLU B 1622 -61.77 74.92 47.74
CA GLU B 1622 -61.03 75.51 48.87
C GLU B 1622 -60.85 74.56 50.05
N TYR B 1623 -61.48 73.39 49.97
CA TYR B 1623 -61.35 72.36 51.01
C TYR B 1623 -60.29 71.31 50.66
N VAL B 1624 -59.56 71.50 49.56
CA VAL B 1624 -58.48 70.58 49.18
C VAL B 1624 -57.13 71.28 49.07
N LEU B 1625 -56.08 70.63 49.60
CA LEU B 1625 -54.73 71.18 49.57
C LEU B 1625 -53.82 70.17 48.90
N TYR B 1626 -53.12 70.58 47.84
CA TYR B 1626 -52.34 69.64 47.06
C TYR B 1626 -50.86 69.87 47.28
N PRO B 1627 -50.25 69.08 48.19
CA PRO B 1627 -48.85 69.32 48.54
C PRO B 1627 -47.91 68.71 47.51
N SER B 1628 -46.82 69.42 47.21
CA SER B 1628 -45.79 68.90 46.31
C SER B 1628 -44.62 68.32 47.11
N LYS B 1629 -44.61 68.57 48.42
CA LYS B 1629 -43.55 68.04 49.25
C LYS B 1629 -44.07 67.40 50.54
N THR B 1630 -43.28 66.47 51.07
CA THR B 1630 -43.66 65.69 52.24
C THR B 1630 -43.75 66.54 53.50
N LEU B 1631 -44.84 66.39 54.25
CA LEU B 1631 -44.99 67.11 55.50
C LEU B 1631 -44.95 66.14 56.65
N LYS B 1632 -43.96 66.30 57.52
CA LYS B 1632 -43.87 65.51 58.75
C LYS B 1632 -44.62 66.28 59.82
N THR B 1633 -45.82 65.80 60.15
CA THR B 1633 -46.75 66.49 61.05
C THR B 1633 -46.58 65.97 62.46
N ASP B 1634 -47.36 66.51 63.39
CA ASP B 1634 -47.34 66.03 64.77
C ASP B 1634 -48.46 65.03 65.01
N GLY B 1635 -49.15 64.64 63.95
CA GLY B 1635 -50.13 63.58 64.01
C GLY B 1635 -51.19 63.62 62.93
N VAL B 1636 -51.60 62.44 62.47
CA VAL B 1636 -52.73 62.31 61.56
C VAL B 1636 -53.79 61.44 62.25
N ARG B 1637 -55.05 61.90 62.21
CA ARG B 1637 -56.13 61.22 62.95
C ARG B 1637 -56.95 60.23 62.11
N ALA B 1638 -57.14 60.57 60.84
CA ALA B 1638 -57.92 59.72 59.95
C ALA B 1638 -57.65 60.05 58.50
N VAL B 1639 -57.50 59.01 57.68
CA VAL B 1639 -57.35 59.17 56.25
C VAL B 1639 -58.61 58.74 55.51
N SER B 1640 -58.79 59.25 54.29
CA SER B 1640 -59.93 58.89 53.46
C SER B 1640 -59.47 58.36 52.11
N ILE B 1641 -59.48 57.04 51.95
CA ILE B 1641 -59.17 56.40 50.68
C ILE B 1641 -60.43 56.40 49.84
N THR B 1642 -60.39 57.06 48.69
CA THR B 1642 -61.50 56.98 47.75
C THR B 1642 -61.00 56.47 46.39
N SER B 1643 -61.81 55.68 45.71
CA SER B 1643 -61.43 55.21 44.37
C SER B 1643 -62.63 55.01 43.43
N PHE B 1644 -62.38 55.23 42.14
CA PHE B 1644 -63.41 55.15 41.12
C PHE B 1644 -63.00 54.15 40.04
N GLY B 1645 -63.99 53.46 39.49
CA GLY B 1645 -63.73 52.48 38.46
C GLY B 1645 -64.77 52.50 37.35
N PHE B 1646 -64.48 51.79 36.26
CA PHE B 1646 -65.41 51.67 35.15
C PHE B 1646 -66.73 51.06 35.58
N GLY B 1647 -67.82 51.52 34.98
CA GLY B 1647 -69.14 51.01 35.31
C GLY B 1647 -69.74 51.65 36.53
N GLN B 1648 -69.38 52.91 36.78
CA GLN B 1648 -69.91 53.67 37.90
C GLN B 1648 -69.66 52.96 39.24
N LYS B 1649 -68.52 52.29 39.32
CA LYS B 1649 -68.05 51.61 40.51
C LYS B 1649 -67.33 52.60 41.46
N GLY B 1650 -68.08 53.33 42.28
CA GLY B 1650 -67.52 54.24 43.25
C GLY B 1650 -67.33 53.65 44.65
N GLY B 1651 -66.37 54.18 45.41
CA GLY B 1651 -66.05 53.63 46.72
C GLY B 1651 -65.20 54.52 47.62
N GLN B 1652 -65.57 54.54 48.89
CA GLN B 1652 -64.80 55.27 49.88
C GLN B 1652 -64.49 54.40 51.10
N ALA B 1653 -63.42 54.70 51.80
CA ALA B 1653 -63.11 54.02 53.04
C ALA B 1653 -62.49 55.01 54.00
N ILE B 1654 -62.93 54.98 55.25
CA ILE B 1654 -62.33 55.83 56.27
C ILE B 1654 -61.52 55.01 57.27
N VAL B 1655 -60.23 55.29 57.34
CA VAL B 1655 -59.33 54.62 58.26
C VAL B 1655 -58.96 55.56 59.42
N VAL B 1656 -59.28 55.14 60.66
CA VAL B 1656 -59.03 55.93 61.87
C VAL B 1656 -57.80 55.39 62.63
N HIS B 1657 -57.05 56.30 63.24
CA HIS B 1657 -55.83 55.91 63.93
C HIS B 1657 -56.04 54.90 65.06
N PRO B 1658 -55.17 53.89 65.14
CA PRO B 1658 -55.32 52.74 66.04
C PRO B 1658 -55.51 53.14 67.50
N ASP B 1659 -54.82 54.19 67.94
CA ASP B 1659 -54.75 54.54 69.35
C ASP B 1659 -56.12 54.95 69.91
N TYR B 1660 -57.05 55.29 69.03
CA TYR B 1660 -58.43 55.53 69.46
C TYR B 1660 -59.14 54.25 69.91
N LEU B 1661 -58.68 53.11 69.44
CA LEU B 1661 -59.28 51.86 69.88
C LEU B 1661 -58.95 51.58 71.33
N TYR B 1662 -57.71 51.82 71.72
CA TYR B 1662 -57.26 51.42 73.04
C TYR B 1662 -57.96 52.23 74.15
N GLY B 1663 -58.52 53.37 73.79
CA GLY B 1663 -59.33 54.13 74.72
C GLY B 1663 -60.55 53.41 75.28
N ALA B 1664 -61.09 52.45 74.54
CA ALA B 1664 -62.33 51.77 74.92
C ALA B 1664 -62.13 50.45 75.65
N ILE B 1665 -61.02 50.32 76.35
CA ILE B 1665 -60.65 49.05 76.95
C ILE B 1665 -60.02 49.33 78.31
N THR B 1666 -60.08 48.36 79.22
CA THR B 1666 -59.52 48.50 80.56
C THR B 1666 -58.00 48.61 80.54
N GLU B 1667 -57.41 49.30 81.51
CA GLU B 1667 -55.96 49.41 81.56
C GLU B 1667 -55.27 48.05 81.71
N ASP B 1668 -55.76 47.23 82.62
CA ASP B 1668 -55.20 45.92 82.84
C ASP B 1668 -55.19 45.11 81.56
N ARG B 1669 -56.26 45.23 80.80
CA ARG B 1669 -56.40 44.52 79.53
C ARG B 1669 -55.42 45.04 78.49
N TYR B 1670 -55.36 46.36 78.36
CA TYR B 1670 -54.44 47.00 77.43
C TYR B 1670 -53.02 46.55 77.70
N ASN B 1671 -52.63 46.59 78.97
CA ASN B 1671 -51.28 46.20 79.37
C ASN B 1671 -51.00 44.76 78.98
N GLU B 1672 -51.96 43.86 79.28
CA GLU B 1672 -51.85 42.45 78.91
C GLU B 1672 -51.61 42.27 77.41
N TYR B 1673 -52.29 43.10 76.62
CA TYR B 1673 -52.16 43.08 75.17
C TYR B 1673 -50.77 43.49 74.71
N VAL B 1674 -50.28 44.61 75.21
CA VAL B 1674 -48.95 45.10 74.85
C VAL B 1674 -47.89 44.04 75.07
N ALA B 1675 -48.11 43.22 76.09
CA ALA B 1675 -47.26 42.09 76.41
C ALA B 1675 -47.17 41.08 75.27
N LYS B 1676 -48.32 40.58 74.83
CA LYS B 1676 -48.40 39.59 73.76
C LYS B 1676 -47.83 40.12 72.44
N VAL B 1677 -48.21 41.34 72.09
CA VAL B 1677 -47.76 41.96 70.85
C VAL B 1677 -46.25 42.04 70.82
N SER B 1678 -45.67 42.45 71.95
CA SER B 1678 -44.22 42.58 72.05
C SER B 1678 -43.52 41.27 71.74
N ALA B 1679 -44.04 40.18 72.31
CA ALA B 1679 -43.47 38.86 72.14
C ALA B 1679 -43.60 38.39 70.70
N ARG B 1680 -44.71 38.74 70.05
CA ARG B 1680 -44.92 38.43 68.64
C ARG B 1680 -43.90 39.10 67.75
N GLU B 1681 -43.75 40.41 67.94
CA GLU B 1681 -42.81 41.22 67.17
C GLU B 1681 -41.43 40.57 67.21
N LYS B 1682 -41.01 40.14 68.38
CA LYS B 1682 -39.70 39.52 68.50
C LYS B 1682 -39.65 38.24 67.69
N SER B 1683 -40.70 37.44 67.78
CA SER B 1683 -40.75 36.15 67.08
C SER B 1683 -40.99 36.26 65.58
N ALA B 1684 -41.47 37.42 65.16
CA ALA B 1684 -41.76 37.69 63.75
C ALA B 1684 -40.54 38.28 63.07
N TYR B 1685 -39.80 39.11 63.79
CA TYR B 1685 -38.49 39.57 63.34
C TYR B 1685 -37.62 38.34 63.12
N LYS B 1686 -37.74 37.40 64.04
CA LYS B 1686 -37.07 36.11 63.92
C LYS B 1686 -37.45 35.50 62.59
N PHE B 1687 -38.74 35.23 62.42
CA PHE B 1687 -39.21 34.52 61.23
C PHE B 1687 -38.79 35.19 59.94
N PHE B 1688 -38.94 36.51 59.90
CA PHE B 1688 -38.75 37.27 58.68
C PHE B 1688 -37.32 37.19 58.17
N HIS B 1689 -36.34 37.34 59.05
CA HIS B 1689 -34.95 37.32 58.61
C HIS B 1689 -34.47 35.93 58.23
N ASN B 1690 -35.13 34.92 58.78
CA ASN B 1690 -34.93 33.55 58.35
C ASN B 1690 -35.33 33.39 56.90
N GLY B 1691 -36.58 33.70 56.58
CA GLY B 1691 -37.13 33.45 55.26
C GLY B 1691 -36.61 34.36 54.17
N MET B 1692 -36.01 35.48 54.58
CA MET B 1692 -35.38 36.38 53.63
C MET B 1692 -34.11 35.71 53.21
N ILE B 1693 -33.27 35.49 54.19
CA ILE B 1693 -31.96 34.90 53.99
C ILE B 1693 -32.02 33.56 53.23
N TYR B 1694 -32.94 32.68 53.63
CA TYR B 1694 -32.96 31.30 53.15
C TYR B 1694 -34.08 31.06 52.14
N ASN B 1695 -34.76 32.13 51.75
CA ASN B 1695 -35.86 32.05 50.79
C ASN B 1695 -36.98 31.11 51.26
N LYS B 1696 -37.20 31.10 52.58
CA LYS B 1696 -38.21 30.24 53.22
C LYS B 1696 -39.47 31.03 53.55
N LEU B 1697 -39.61 32.27 53.05
CA LEU B 1697 -40.77 33.10 53.42
C LEU B 1697 -42.13 32.42 53.11
N PHE B 1698 -42.32 32.00 51.87
CA PHE B 1698 -43.48 31.22 51.53
C PHE B 1698 -43.15 29.76 51.82
N VAL B 1699 -43.96 29.09 52.65
CA VAL B 1699 -43.81 27.64 52.87
C VAL B 1699 -45.13 26.91 52.69
N SER B 1700 -45.32 26.29 51.53
CA SER B 1700 -46.62 25.71 51.20
C SER B 1700 -47.02 24.64 52.21
N LYS B 1701 -48.25 24.75 52.73
CA LYS B 1701 -48.82 23.75 53.64
C LYS B 1701 -49.09 22.46 52.87
N GLU B 1702 -48.52 21.36 53.34
CA GLU B 1702 -48.67 20.09 52.63
C GLU B 1702 -49.72 19.19 53.28
N HIS B 1703 -50.44 19.74 54.25
CA HIS B 1703 -51.55 19.04 54.89
C HIS B 1703 -52.52 20.01 55.55
N ALA B 1704 -53.78 19.61 55.68
CA ALA B 1704 -54.75 20.39 56.44
C ALA B 1704 -54.55 20.13 57.93
N PRO B 1705 -55.15 20.98 58.78
CA PRO B 1705 -55.03 20.80 60.23
C PRO B 1705 -55.78 19.55 60.70
N TYR B 1706 -56.64 19.02 59.84
CA TYR B 1706 -57.39 17.81 60.15
C TYR B 1706 -57.03 16.66 59.22
N THR B 1707 -56.94 15.45 59.78
CA THR B 1707 -56.79 14.25 58.97
C THR B 1707 -58.05 14.14 58.11
N ASP B 1708 -57.96 13.45 56.98
CA ASP B 1708 -59.12 13.30 56.10
C ASP B 1708 -60.30 12.66 56.82
N GLU B 1709 -59.98 11.72 57.70
CA GLU B 1709 -60.97 10.94 58.45
C GLU B 1709 -61.45 11.69 59.70
N LEU B 1710 -61.18 12.98 59.76
CA LEU B 1710 -61.56 13.83 60.88
C LEU B 1710 -62.16 15.12 60.35
N GLU B 1711 -62.05 15.29 59.04
CA GLU B 1711 -62.46 16.48 58.31
C GLU B 1711 -63.88 16.94 58.65
N GLU B 1712 -64.82 16.00 58.58
CA GLU B 1712 -66.22 16.32 58.80
C GLU B 1712 -66.52 16.68 60.25
N ASP B 1713 -65.93 15.91 61.16
CA ASP B 1713 -66.13 16.13 62.59
C ASP B 1713 -65.74 17.54 63.01
N VAL B 1714 -64.71 18.08 62.35
CA VAL B 1714 -64.24 19.43 62.62
C VAL B 1714 -65.23 20.48 62.11
N TYR B 1715 -65.63 20.33 60.84
CA TYR B 1715 -66.54 21.28 60.21
C TYR B 1715 -67.82 21.45 61.00
N LEU B 1716 -68.18 20.42 61.78
CA LEU B 1716 -69.46 20.36 62.47
C LEU B 1716 -69.41 20.77 63.95
N ASP B 1717 -68.25 20.64 64.60
CA ASP B 1717 -68.09 21.16 65.96
C ASP B 1717 -67.53 22.59 65.94
N PRO B 1718 -68.35 23.57 66.37
CA PRO B 1718 -68.03 25.00 66.31
C PRO B 1718 -66.93 25.38 67.30
N LEU B 1719 -66.63 24.46 68.21
CA LEU B 1719 -65.69 24.72 69.29
C LEU B 1719 -64.39 23.95 69.05
N ALA B 1720 -64.30 23.28 67.91
CA ALA B 1720 -63.09 22.53 67.59
C ALA B 1720 -61.95 23.50 67.32
N ARG B 1721 -60.85 23.32 68.04
CA ARG B 1721 -59.67 24.16 67.79
C ARG B 1721 -58.35 23.38 67.84
N VAL B 1722 -57.34 23.98 67.20
CA VAL B 1722 -56.05 23.34 67.00
C VAL B 1722 -55.17 23.39 68.25
N SER B 1723 -54.37 22.34 68.44
CA SER B 1723 -53.39 22.26 69.51
C SER B 1723 -52.07 21.74 68.95
N LYS B 1724 -50.94 22.14 69.55
CA LYS B 1724 -49.66 21.62 69.10
C LYS B 1724 -49.61 20.10 69.29
N ASP B 1725 -49.19 19.38 68.26
CA ASP B 1725 -49.05 17.94 68.33
C ASP B 1725 -47.79 17.62 69.12
N LYS B 1726 -47.72 16.41 69.67
CA LYS B 1726 -46.51 16.00 70.38
C LYS B 1726 -45.44 15.58 69.38
N LYS B 1727 -45.73 14.54 68.61
CA LYS B 1727 -44.80 14.03 67.60
C LYS B 1727 -44.31 15.10 66.62
N SER B 1728 -45.23 15.72 65.88
CA SER B 1728 -44.87 16.65 64.81
C SER B 1728 -44.59 18.07 65.30
N GLY B 1729 -45.23 18.46 66.39
CA GLY B 1729 -45.07 19.79 66.94
C GLY B 1729 -45.86 20.86 66.20
N SER B 1730 -46.49 20.47 65.10
CA SER B 1730 -47.29 21.39 64.30
C SER B 1730 -48.75 21.38 64.74
N LEU B 1731 -49.50 22.37 64.25
CA LEU B 1731 -50.86 22.60 64.73
C LEU B 1731 -51.93 21.71 64.08
N THR B 1732 -52.49 20.81 64.86
CA THR B 1732 -53.52 19.90 64.37
C THR B 1732 -54.79 19.91 65.23
N PHE B 1733 -55.86 19.29 64.73
CA PHE B 1733 -57.07 19.06 65.50
C PHE B 1733 -56.99 17.68 66.15
N ASN B 1734 -57.24 17.62 67.47
CA ASN B 1734 -57.19 16.36 68.19
C ASN B 1734 -58.56 15.71 68.34
N SER B 1735 -58.60 14.39 68.37
CA SER B 1735 -59.83 13.64 68.58
C SER B 1735 -60.50 14.01 69.92
N LYS B 1736 -59.67 14.41 70.88
CA LYS B 1736 -60.11 14.66 72.25
C LYS B 1736 -60.68 16.07 72.48
N ASN B 1737 -60.45 16.98 71.53
CA ASN B 1737 -60.93 18.35 71.64
C ASN B 1737 -62.16 18.61 70.76
N ILE B 1738 -62.52 17.63 69.94
CA ILE B 1738 -63.69 17.74 69.09
C ILE B 1738 -64.93 17.19 69.80
N GLN B 1739 -65.91 18.08 70.00
CA GLN B 1739 -67.16 17.78 70.71
C GLN B 1739 -66.91 17.36 72.16
N SER B 1740 -65.79 17.81 72.72
CA SER B 1740 -65.45 17.43 74.08
C SER B 1740 -66.27 18.26 75.04
N LYS B 1741 -66.44 17.72 76.25
CA LYS B 1741 -67.07 18.44 77.35
C LYS B 1741 -66.22 19.67 77.66
N ASP B 1742 -64.96 19.40 77.98
CA ASP B 1742 -64.01 20.42 78.43
C ASP B 1742 -63.95 21.68 77.56
N SER B 1743 -64.28 21.59 76.27
CA SER B 1743 -64.26 22.79 75.43
C SER B 1743 -65.53 23.63 75.61
N TYR B 1744 -66.57 23.00 76.16
CA TYR B 1744 -67.84 23.67 76.48
C TYR B 1744 -67.78 24.36 77.86
N ILE B 1745 -66.92 23.86 78.74
CA ILE B 1745 -66.65 24.50 80.03
C ILE B 1745 -65.63 25.64 79.91
N ASN B 1748 -64.42 27.89 82.52
CA ASN B 1748 -64.11 28.37 83.87
C ASN B 1748 -65.31 28.83 84.71
N THR B 1749 -65.63 30.11 84.63
CA THR B 1749 -66.75 30.70 85.36
C THR B 1749 -68.10 30.16 84.89
N ILE B 1750 -68.05 29.00 84.25
CA ILE B 1750 -69.25 28.35 83.76
C ILE B 1750 -69.23 26.96 84.41
N GLU B 1751 -68.21 26.74 85.25
CA GLU B 1751 -67.99 25.49 85.96
C GLU B 1751 -67.97 25.75 87.48
N THR B 1752 -67.35 26.85 87.87
CA THR B 1752 -67.26 27.22 89.29
C THR B 1752 -68.46 28.08 89.66
N ALA B 1753 -69.13 28.66 88.65
CA ALA B 1753 -70.30 29.49 88.87
C ALA B 1753 -71.53 28.61 88.65
N LYS B 1754 -71.28 27.33 88.41
CA LYS B 1754 -72.34 26.34 88.18
C LYS B 1754 -72.26 25.32 89.30
N MET B 1755 -71.31 25.54 90.20
CA MET B 1755 -71.10 24.68 91.38
C MET B 1755 -71.41 25.53 92.61
N ILE B 1756 -71.42 26.86 92.41
CA ILE B 1756 -71.72 27.82 93.48
C ILE B 1756 -73.19 28.22 93.40
N GLU B 1757 -73.94 27.47 92.58
CA GLU B 1757 -75.37 27.69 92.39
C GLU B 1757 -76.05 26.33 92.51
N ASN B 1758 -75.25 25.32 92.82
CA ASN B 1758 -75.71 23.94 93.00
C ASN B 1758 -75.60 23.55 94.46
N MET B 1759 -74.66 24.19 95.16
CA MET B 1759 -74.44 23.95 96.58
C MET B 1759 -75.35 24.90 97.37
N THR B 1760 -76.28 25.52 96.64
CA THR B 1760 -77.24 26.45 97.23
C THR B 1760 -78.57 26.13 96.56
N LYS B 1761 -78.75 24.85 96.25
CA LYS B 1761 -79.95 24.35 95.59
C LYS B 1761 -80.51 23.14 96.31
N GLU B 1762 -79.62 22.34 96.90
CA GLU B 1762 -80.02 21.13 97.62
C GLU B 1762 -79.09 20.87 98.80
N LYS B 1763 -79.11 21.76 99.79
CA LYS B 1763 -78.27 21.63 100.98
C LYS B 1763 -78.39 22.80 101.96
N VAL B 1764 -79.46 23.59 101.86
CA VAL B 1764 -79.67 24.74 102.73
C VAL B 1764 -80.96 24.61 103.56
N SER B 1765 -80.81 24.63 104.89
CA SER B 1765 -81.94 24.49 105.83
C SER B 1765 -82.49 25.83 106.35
N ASN B 1766 -81.66 26.57 107.10
CA ASN B 1766 -82.03 27.85 107.68
C ASN B 1766 -82.00 28.97 106.62
N GLY B 1768 -80.81 33.36 106.51
CA GLY B 1768 -80.86 34.42 105.52
C GLY B 1768 -80.01 34.07 104.32
N VAL B 1769 -80.42 34.55 103.14
CA VAL B 1769 -79.65 34.27 101.94
C VAL B 1769 -79.45 35.53 101.09
N GLY B 1770 -78.34 35.59 100.38
CA GLY B 1770 -78.07 36.73 99.52
C GLY B 1770 -77.38 36.31 98.24
N VAL B 1771 -77.76 36.96 97.15
CA VAL B 1771 -77.08 36.76 95.86
C VAL B 1771 -76.88 38.10 95.17
N ASP B 1772 -75.75 38.25 94.49
CA ASP B 1772 -75.52 39.45 93.71
C ASP B 1772 -74.73 39.12 92.47
N VAL B 1773 -75.14 39.72 91.36
CA VAL B 1773 -74.44 39.54 90.11
C VAL B 1773 -74.01 40.91 89.60
N GLU B 1774 -72.76 41.00 89.12
CA GLU B 1774 -72.22 42.28 88.67
C GLU B 1774 -71.51 42.10 87.34
N LEU B 1775 -71.64 43.09 86.48
CA LEU B 1775 -70.80 43.17 85.28
C LEU B 1775 -69.36 43.42 85.72
N ILE B 1776 -68.42 42.76 85.06
CA ILE B 1776 -67.01 43.02 85.36
C ILE B 1776 -66.67 44.49 85.15
N THR B 1777 -67.25 45.10 84.12
CA THR B 1777 -66.97 46.48 83.76
C THR B 1777 -67.62 47.47 84.71
N SER B 1778 -68.34 46.97 85.70
CA SER B 1778 -69.01 47.84 86.64
C SER B 1778 -68.00 48.45 87.58
N ILE B 1779 -66.86 47.80 87.69
CA ILE B 1779 -65.78 48.33 88.51
C ILE B 1779 -64.76 49.08 87.68
N ASN B 1780 -64.60 50.36 87.98
CA ASN B 1780 -63.56 51.17 87.37
C ASN B 1780 -62.37 51.23 88.31
N VAL B 1781 -61.34 50.46 87.99
CA VAL B 1781 -60.16 50.36 88.85
C VAL B 1781 -59.47 51.71 89.04
N GLU B 1782 -59.69 52.64 88.11
CA GLU B 1782 -59.12 53.97 88.23
C GLU B 1782 -59.80 54.81 89.29
N ASN B 1783 -61.07 54.55 89.55
CA ASN B 1783 -61.84 55.39 90.47
C ASN B 1783 -61.37 55.18 91.91
N ASP B 1784 -60.22 55.76 92.24
CA ASP B 1784 -59.59 55.60 93.55
C ASP B 1784 -60.51 55.98 94.69
N THR B 1785 -61.34 57.00 94.45
CA THR B 1785 -62.25 57.50 95.47
C THR B 1785 -63.28 56.44 95.84
N PHE B 1786 -63.90 55.84 94.85
CA PHE B 1786 -64.85 54.76 95.08
C PHE B 1786 -64.18 53.57 95.76
N ILE B 1787 -63.04 53.15 95.24
CA ILE B 1787 -62.32 52.00 95.80
C ILE B 1787 -61.96 52.24 97.27
N GLU B 1788 -61.40 53.40 97.55
CA GLU B 1788 -60.97 53.76 98.89
C GLU B 1788 -62.17 53.74 99.84
N ARG B 1789 -63.33 54.12 99.31
CA ARG B 1789 -64.51 54.29 100.12
C ARG B 1789 -65.17 52.94 100.47
N ASN B 1790 -64.98 51.95 99.61
CA ASN B 1790 -65.75 50.72 99.69
C ASN B 1790 -64.96 49.43 99.97
N PHE B 1791 -63.64 49.50 99.87
CA PHE B 1791 -62.79 48.34 100.08
C PHE B 1791 -61.76 48.64 101.14
N THR B 1792 -61.49 47.66 102.00
CA THR B 1792 -60.43 47.82 103.00
C THR B 1792 -59.06 47.73 102.33
N PRO B 1793 -58.02 48.26 102.98
CA PRO B 1793 -56.67 48.19 102.40
C PRO B 1793 -56.28 46.76 102.06
N GLN B 1794 -56.64 45.81 102.92
CA GLN B 1794 -56.38 44.41 102.63
C GLN B 1794 -57.16 43.87 101.42
N GLU B 1795 -58.38 44.35 101.21
CA GLU B 1795 -59.16 43.94 100.02
C GLU B 1795 -58.52 44.51 98.77
N ILE B 1796 -58.10 45.77 98.84
CA ILE B 1796 -57.51 46.45 97.70
C ILE B 1796 -56.19 45.77 97.36
N GLU B 1797 -55.45 45.37 98.39
CA GLU B 1797 -54.16 44.74 98.18
C GLU B 1797 -54.34 43.39 97.51
N TYR B 1798 -55.32 42.62 97.98
CA TYR B 1798 -55.59 41.31 97.39
C TYR B 1798 -56.01 41.45 95.92
N CYS B 1799 -57.06 42.22 95.67
CA CYS B 1799 -57.58 42.37 94.31
C CYS B 1799 -56.52 42.90 93.35
N SER B 1800 -55.71 43.86 93.81
CA SER B 1800 -54.66 44.46 92.97
C SER B 1800 -53.59 43.45 92.58
N ALA B 1801 -53.52 42.32 93.28
CA ALA B 1801 -52.47 41.35 93.05
C ALA B 1801 -52.94 40.15 92.23
N GLN B 1802 -54.22 40.15 91.84
CA GLN B 1802 -54.77 39.02 91.10
C GLN B 1802 -54.48 39.14 89.60
N PRO B 1803 -54.56 38.01 88.87
CA PRO B 1803 -54.31 38.01 87.42
C PRO B 1803 -55.21 39.00 86.68
N SER B 1804 -56.50 39.00 87.00
CA SER B 1804 -57.40 40.01 86.46
C SER B 1804 -57.91 40.90 87.58
N VAL B 1805 -57.35 42.11 87.68
CA VAL B 1805 -57.64 43.00 88.80
C VAL B 1805 -59.09 43.48 88.79
N GLN B 1806 -59.57 43.88 87.63
CA GLN B 1806 -60.93 44.39 87.51
C GLN B 1806 -61.95 43.32 87.90
N SER B 1807 -61.71 42.11 87.42
CA SER B 1807 -62.58 40.99 87.70
C SER B 1807 -62.61 40.66 89.19
N SER B 1808 -61.45 40.72 89.84
CA SER B 1808 -61.34 40.47 91.26
C SER B 1808 -62.09 41.49 92.10
N PHE B 1809 -61.95 42.77 91.80
CA PHE B 1809 -62.73 43.81 92.47
C PHE B 1809 -64.24 43.59 92.26
N ALA B 1810 -64.63 43.26 91.03
CA ALA B 1810 -66.04 43.02 90.74
C ALA B 1810 -66.58 41.87 91.58
N GLY B 1811 -65.79 40.82 91.74
CA GLY B 1811 -66.20 39.68 92.54
C GLY B 1811 -66.33 40.02 94.01
N THR B 1812 -65.39 40.81 94.51
CA THR B 1812 -65.42 41.27 95.88
C THR B 1812 -66.63 42.18 96.12
N TRP B 1813 -66.90 43.05 95.15
CA TRP B 1813 -68.07 43.92 95.23
C TRP B 1813 -69.37 43.11 95.29
N SER B 1814 -69.47 42.10 94.43
CA SER B 1814 -70.63 41.20 94.44
C SER B 1814 -70.79 40.50 95.77
N ALA B 1815 -69.68 40.07 96.35
CA ALA B 1815 -69.70 39.40 97.64
C ALA B 1815 -70.22 40.34 98.74
N LYS B 1816 -69.76 41.58 98.73
CA LYS B 1816 -70.26 42.56 99.70
C LYS B 1816 -71.77 42.72 99.59
N GLU B 1817 -72.27 42.83 98.36
CA GLU B 1817 -73.70 43.01 98.14
C GLU B 1817 -74.48 41.77 98.55
N ALA B 1818 -73.95 40.59 98.21
CA ALA B 1818 -74.60 39.34 98.55
C ALA B 1818 -74.71 39.22 100.05
N VAL B 1819 -73.60 39.48 100.74
CA VAL B 1819 -73.59 39.44 102.20
C VAL B 1819 -74.61 40.40 102.80
N PHE B 1820 -74.68 41.62 102.27
CA PHE B 1820 -75.65 42.59 102.77
C PHE B 1820 -77.09 42.07 102.65
N LYS B 1821 -77.41 41.49 101.49
CA LYS B 1821 -78.77 41.01 101.26
C LYS B 1821 -79.13 39.87 102.19
N SER B 1822 -78.12 39.14 102.67
CA SER B 1822 -78.37 37.96 103.51
C SER B 1822 -78.64 38.36 104.95
N LEU B 1823 -78.32 39.59 105.30
CA LEU B 1823 -78.42 40.05 106.68
C LEU B 1823 -79.86 40.30 107.11
N GLY B 1824 -80.70 40.62 106.16
CA GLY B 1824 -82.09 40.88 106.45
C GLY B 1824 -82.27 42.19 107.19
N VAL B 1825 -81.65 43.25 106.69
CA VAL B 1825 -81.75 44.58 107.29
C VAL B 1825 -82.21 45.54 106.18
N LYS B 1826 -82.87 46.65 106.50
CA LYS B 1826 -83.37 47.49 105.41
C LYS B 1826 -82.25 48.35 104.81
N SER B 1827 -81.28 48.70 105.64
CA SER B 1827 -80.03 49.32 105.22
C SER B 1827 -79.05 49.28 106.39
N LEU B 1828 -77.80 49.65 106.15
CA LEU B 1828 -76.76 49.51 107.17
C LEU B 1828 -76.77 50.64 108.22
N GLY B 1829 -77.36 51.77 107.86
CA GLY B 1829 -77.36 52.93 108.74
C GLY B 1829 -76.32 53.92 108.30
N GLY B 1830 -76.44 54.40 107.06
CA GLY B 1830 -75.56 55.41 106.51
C GLY B 1830 -74.08 55.10 106.58
N GLY B 1831 -73.39 55.28 105.45
CA GLY B 1831 -74.06 55.61 104.21
C GLY B 1831 -74.29 54.34 103.42
N ALA B 1832 -74.15 54.43 102.10
CA ALA B 1832 -74.28 53.26 101.24
C ALA B 1832 -72.95 52.49 101.13
N ALA B 1833 -71.88 53.06 101.67
CA ALA B 1833 -70.54 52.45 101.55
C ALA B 1833 -70.50 51.05 102.15
N LEU B 1834 -69.68 50.17 101.57
CA LEU B 1834 -69.68 48.77 102.00
C LEU B 1834 -68.34 48.34 102.57
N LYS B 1835 -67.54 49.30 103.02
CA LYS B 1835 -66.25 48.98 103.59
C LYS B 1835 -66.41 48.12 104.85
N ASP B 1836 -67.54 48.27 105.54
CA ASP B 1836 -67.82 47.56 106.79
C ASP B 1836 -67.99 46.06 106.60
N ILE B 1837 -68.28 45.65 105.38
CA ILE B 1837 -68.40 44.23 105.08
C ILE B 1837 -67.12 43.79 104.40
N GLU B 1838 -66.26 43.10 105.14
CA GLU B 1838 -64.94 42.78 104.63
C GLU B 1838 -64.81 41.32 104.20
N ILE B 1839 -64.31 41.13 102.99
CA ILE B 1839 -64.03 39.79 102.48
C ILE B 1839 -62.56 39.45 102.77
N VAL B 1840 -62.34 38.43 103.58
CA VAL B 1840 -60.98 38.02 103.91
C VAL B 1840 -60.62 36.70 103.23
N ARG B 1841 -59.38 36.62 102.76
CA ARG B 1841 -58.95 35.56 101.87
C ARG B 1841 -57.79 34.82 102.52
N VAL B 1842 -57.78 33.50 102.38
CA VAL B 1842 -56.66 32.69 102.85
C VAL B 1842 -56.17 31.76 101.74
N ASN B 1843 -55.16 32.23 101.01
CA ASN B 1843 -54.56 31.52 99.88
C ASN B 1843 -55.01 30.05 99.72
N LYS B 1844 -55.43 29.71 98.51
CA LYS B 1844 -55.82 28.33 98.19
C LYS B 1844 -57.09 27.90 98.91
N ASN B 1845 -57.60 28.74 99.80
CA ASN B 1845 -58.80 28.46 100.59
C ASN B 1845 -60.01 29.38 100.30
N ALA B 1846 -61.13 29.08 100.95
CA ALA B 1846 -62.39 29.80 100.72
C ALA B 1846 -62.33 31.24 101.22
N PRO B 1847 -63.10 32.15 100.58
CA PRO B 1847 -63.17 33.52 101.10
C PRO B 1847 -64.02 33.49 102.37
N ALA B 1848 -63.82 34.47 103.25
CA ALA B 1848 -64.56 34.52 104.50
C ALA B 1848 -65.06 35.94 104.72
N VAL B 1849 -66.02 36.09 105.62
CA VAL B 1849 -66.62 37.39 105.89
C VAL B 1849 -66.27 37.91 107.27
N GLU B 1850 -65.90 39.18 107.34
CA GLU B 1850 -65.71 39.89 108.59
C GLU B 1850 -66.50 41.19 108.56
N LEU B 1851 -67.42 41.35 109.51
CA LEU B 1851 -68.23 42.56 109.57
C LEU B 1851 -67.61 43.54 110.55
N HIS B 1852 -67.62 44.82 110.19
CA HIS B 1852 -67.12 45.88 111.06
C HIS B 1852 -68.14 47.00 111.15
N GLY B 1853 -67.89 47.95 112.06
CA GLY B 1853 -68.70 49.16 112.15
C GLY B 1853 -70.19 48.94 112.14
N ASN B 1854 -70.89 49.67 111.26
CA ASN B 1854 -72.35 49.60 111.17
C ASN B 1854 -72.86 48.23 110.71
N ALA B 1855 -72.12 47.58 109.82
CA ALA B 1855 -72.51 46.26 109.35
C ALA B 1855 -72.57 45.29 110.52
N LYS B 1856 -71.56 45.34 111.37
CA LYS B 1856 -71.48 44.46 112.52
C LYS B 1856 -72.63 44.72 113.48
N LYS B 1857 -72.86 45.99 113.79
CA LYS B 1857 -73.98 46.38 114.65
C LYS B 1857 -75.31 45.89 114.09
N ALA B 1858 -75.58 46.25 112.84
CA ALA B 1858 -76.84 45.87 112.19
C ALA B 1858 -77.04 44.35 112.17
N ALA B 1859 -75.95 43.62 111.90
CA ALA B 1859 -75.99 42.17 111.88
C ALA B 1859 -76.32 41.62 113.26
N GLU B 1860 -75.59 42.07 114.28
CA GLU B 1860 -75.83 41.63 115.65
C GLU B 1860 -77.26 41.96 116.08
N GLU B 1861 -77.70 43.15 115.71
CA GLU B 1861 -79.06 43.59 116.00
C GLU B 1861 -80.10 42.68 115.34
N ALA B 1862 -79.71 42.03 114.25
CA ALA B 1862 -80.59 41.12 113.52
C ALA B 1862 -80.40 39.68 113.98
N GLY B 1863 -79.48 39.45 114.91
CA GLY B 1863 -79.23 38.12 115.43
C GLY B 1863 -78.35 37.23 114.55
N VAL B 1864 -77.73 37.83 113.54
CA VAL B 1864 -76.82 37.08 112.67
C VAL B 1864 -75.57 36.66 113.44
N THR B 1865 -75.28 35.38 113.44
CA THR B 1865 -74.16 34.84 114.18
C THR B 1865 -73.00 34.45 113.27
N ASP B 1866 -73.29 34.29 111.98
CA ASP B 1866 -72.26 33.89 111.03
C ASP B 1866 -72.71 34.16 109.60
N VAL B 1867 -71.74 34.45 108.73
CA VAL B 1867 -72.01 34.60 107.30
C VAL B 1867 -70.97 33.88 106.47
N LYS B 1868 -71.43 33.05 105.54
CA LYS B 1868 -70.54 32.39 104.57
C LYS B 1868 -70.76 33.03 103.21
N VAL B 1869 -69.70 33.05 102.38
CA VAL B 1869 -69.81 33.63 101.05
C VAL B 1869 -69.01 32.83 100.05
N SER B 1870 -69.46 32.87 98.79
CA SER B 1870 -68.71 32.27 97.70
C SER B 1870 -68.69 33.20 96.49
N ILE B 1871 -67.60 33.17 95.72
CA ILE B 1871 -67.42 34.06 94.59
C ILE B 1871 -67.07 33.28 93.32
N SER B 1872 -67.54 33.77 92.18
CA SER B 1872 -67.20 33.19 90.89
C SER B 1872 -67.18 34.27 89.81
N HIS B 1873 -66.32 34.12 88.80
CA HIS B 1873 -66.27 35.02 87.66
C HIS B 1873 -66.22 34.21 86.37
N ASP B 1874 -66.74 34.78 85.30
CA ASP B 1874 -66.35 34.32 83.96
C ASP B 1874 -66.11 35.56 83.11
N ASP B 1875 -65.82 35.37 81.83
CA ASP B 1875 -65.51 36.51 80.95
C ASP B 1875 -66.50 37.66 81.11
N LEU B 1876 -67.75 37.32 81.37
CA LEU B 1876 -68.85 38.28 81.29
C LEU B 1876 -69.33 38.90 82.60
N GLN B 1877 -69.15 38.20 83.71
CA GLN B 1877 -69.71 38.72 84.96
C GLN B 1877 -69.15 38.05 86.21
N ALA B 1878 -69.43 38.67 87.34
CA ALA B 1878 -69.08 38.11 88.63
C ALA B 1878 -70.36 37.85 89.40
N VAL B 1879 -70.34 36.83 90.23
CA VAL B 1879 -71.48 36.51 91.07
C VAL B 1879 -71.01 36.03 92.44
N ALA B 1880 -71.77 36.36 93.48
CA ALA B 1880 -71.47 35.89 94.82
C ALA B 1880 -72.75 35.47 95.50
N VAL B 1881 -72.63 34.49 96.39
CA VAL B 1881 -73.76 34.02 97.17
C VAL B 1881 -73.37 33.97 98.63
N ALA B 1882 -74.21 34.53 99.50
CA ALA B 1882 -73.95 34.52 100.94
C ALA B 1882 -75.10 33.85 101.68
N VAL B 1883 -74.76 33.19 102.78
CA VAL B 1883 -75.77 32.62 103.66
C VAL B 1883 -75.44 33.01 105.10
N SER B 1884 -76.45 33.47 105.82
CA SER B 1884 -76.26 33.93 107.18
C SER B 1884 -76.98 33.01 108.17
N THR B 1885 -76.47 32.95 109.39
CA THR B 1885 -77.00 32.09 110.43
C THR B 1885 -77.40 32.94 111.62
N LYS B 1886 -78.49 32.59 112.28
CA LYS B 1886 -79.02 33.36 113.40
C LYS B 1886 -78.99 32.56 114.68
N MET C 1 -51.93 -66.22 63.73
CA MET C 1 -53.27 -65.72 63.47
C MET C 1 -53.66 -65.91 62.00
N LYS C 2 -54.93 -66.20 61.75
CA LYS C 2 -55.40 -66.45 60.40
C LYS C 2 -55.43 -65.14 59.58
N PRO C 3 -54.82 -65.17 58.39
CA PRO C 3 -54.74 -64.03 57.46
C PRO C 3 -56.04 -63.26 57.31
N GLU C 4 -57.14 -63.95 57.01
CA GLU C 4 -58.44 -63.30 56.82
C GLU C 4 -58.85 -62.61 58.11
N VAL C 5 -58.60 -63.30 59.22
CA VAL C 5 -58.88 -62.77 60.54
C VAL C 5 -58.09 -61.50 60.83
N GLU C 6 -56.79 -61.53 60.49
CA GLU C 6 -55.94 -60.35 60.65
C GLU C 6 -56.50 -59.12 59.92
N GLN C 7 -56.78 -59.29 58.64
CA GLN C 7 -57.47 -58.25 57.86
C GLN C 7 -58.64 -57.68 58.66
N GLU C 8 -59.67 -58.50 58.85
CA GLU C 8 -60.91 -58.11 59.52
C GLU C 8 -60.65 -57.23 60.74
N LEU C 9 -59.69 -57.66 61.54
CA LEU C 9 -59.31 -56.94 62.75
C LEU C 9 -58.61 -55.64 62.43
N ALA C 10 -57.50 -55.76 61.71
CA ALA C 10 -56.67 -54.64 61.28
C ALA C 10 -57.53 -53.60 60.59
N HIS C 11 -58.53 -54.06 59.86
CA HIS C 11 -59.49 -53.18 59.20
C HIS C 11 -60.16 -52.27 60.23
N ILE C 12 -60.88 -52.88 61.16
CA ILE C 12 -61.66 -52.09 62.11
C ILE C 12 -60.77 -51.18 62.97
N LEU C 13 -59.56 -51.64 63.28
CA LEU C 13 -58.57 -50.80 63.98
C LEU C 13 -58.30 -49.54 63.15
N LEU C 14 -58.12 -49.74 61.85
CA LEU C 14 -57.79 -48.66 60.94
C LEU C 14 -58.92 -47.64 60.91
N THR C 15 -60.15 -48.15 60.82
CA THR C 15 -61.32 -47.28 60.76
C THR C 15 -61.56 -46.60 62.11
N GLU C 16 -61.21 -47.28 63.19
CA GLU C 16 -61.33 -46.68 64.52
C GLU C 16 -60.42 -45.47 64.63
N LEU C 17 -59.13 -45.68 64.33
CA LEU C 17 -58.13 -44.63 64.39
C LEU C 17 -58.54 -43.39 63.61
N LEU C 18 -59.20 -43.60 62.47
CA LEU C 18 -59.60 -42.51 61.57
C LEU C 18 -60.84 -41.77 62.06
N ALA C 19 -61.79 -42.51 62.61
CA ALA C 19 -63.03 -41.96 63.14
C ALA C 19 -62.75 -41.04 64.32
N TYR C 20 -62.06 -41.59 65.32
CA TYR C 20 -61.73 -40.88 66.56
C TYR C 20 -60.60 -39.84 66.45
N GLN C 21 -59.82 -39.90 65.38
CA GLN C 21 -58.78 -38.90 65.14
C GLN C 21 -59.41 -37.51 65.16
N PHE C 22 -60.68 -37.47 64.79
CA PHE C 22 -61.51 -36.30 64.77
C PHE C 22 -61.47 -35.48 66.06
N ALA C 23 -61.50 -36.17 67.19
CA ALA C 23 -61.59 -35.56 68.51
C ALA C 23 -60.22 -35.47 69.20
N SER C 24 -59.59 -36.62 69.42
CA SER C 24 -58.24 -36.64 70.00
C SER C 24 -57.29 -35.65 69.29
N PRO C 25 -56.28 -35.15 70.02
CA PRO C 25 -55.36 -34.16 69.43
C PRO C 25 -54.31 -34.79 68.52
N VAL C 26 -53.60 -33.95 67.78
CA VAL C 26 -52.56 -34.40 66.86
C VAL C 26 -51.21 -34.46 67.56
N ARG C 27 -50.75 -35.69 67.86
CA ARG C 27 -49.46 -35.93 68.51
C ARG C 27 -48.29 -35.92 67.52
N TRP C 28 -48.04 -34.79 66.89
CA TRP C 28 -47.05 -34.74 65.83
C TRP C 28 -45.64 -34.73 66.40
N ILE C 29 -45.48 -34.16 67.59
CA ILE C 29 -44.17 -34.11 68.24
C ILE C 29 -43.72 -35.53 68.51
N GLU C 30 -44.62 -36.34 69.05
CA GLU C 30 -44.31 -37.72 69.36
C GLU C 30 -44.06 -38.46 68.06
N THR C 31 -44.82 -38.12 67.04
CA THR C 31 -44.71 -38.78 65.74
C THR C 31 -43.34 -38.54 65.10
N GLN C 32 -42.95 -37.27 65.00
CA GLN C 32 -41.67 -36.93 64.41
C GLN C 32 -40.57 -37.69 65.11
N ASP C 33 -40.70 -37.83 66.43
CA ASP C 33 -39.69 -38.52 67.22
C ASP C 33 -39.65 -40.02 66.90
N VAL C 34 -40.78 -40.58 66.49
CA VAL C 34 -40.82 -41.98 66.08
C VAL C 34 -39.98 -42.22 64.83
N PHE C 35 -40.19 -41.43 63.78
CA PHE C 35 -39.46 -41.65 62.55
C PHE C 35 -38.06 -41.01 62.52
N LEU C 36 -37.89 -39.93 63.30
CA LEU C 36 -36.58 -39.29 63.41
C LEU C 36 -35.58 -40.13 64.22
N LYS C 37 -36.03 -40.73 65.32
CA LYS C 37 -35.14 -41.42 66.26
C LYS C 37 -35.26 -42.93 66.28
N ASP C 38 -36.49 -43.42 66.34
CA ASP C 38 -36.73 -44.87 66.34
C ASP C 38 -36.37 -45.48 64.99
N PHE C 39 -36.69 -44.77 63.92
CA PHE C 39 -36.45 -45.26 62.56
C PHE C 39 -35.18 -44.69 61.96
N ASN C 40 -34.73 -43.55 62.48
CA ASN C 40 -33.53 -42.88 61.96
C ASN C 40 -33.62 -42.63 60.47
N THR C 41 -34.68 -41.94 60.07
CA THR C 41 -34.88 -41.60 58.67
C THR C 41 -33.74 -40.67 58.22
N GLU C 42 -33.22 -40.90 57.02
CA GLU C 42 -32.24 -39.99 56.44
C GLU C 42 -32.89 -39.14 55.35
N ARG C 43 -33.96 -39.63 54.74
CA ARG C 43 -34.76 -38.86 53.80
C ARG C 43 -36.21 -38.77 54.23
N VAL C 44 -36.58 -37.65 54.88
CA VAL C 44 -37.96 -37.40 55.18
C VAL C 44 -38.50 -36.48 54.09
N VAL C 45 -39.50 -36.96 53.36
CA VAL C 45 -40.06 -36.22 52.25
C VAL C 45 -41.48 -35.76 52.54
N GLU C 46 -41.71 -34.47 52.39
CA GLU C 46 -43.04 -33.92 52.61
C GLU C 46 -43.77 -33.79 51.29
N ILE C 47 -44.95 -34.37 51.24
CA ILE C 47 -45.78 -34.27 50.07
C ILE C 47 -46.92 -33.30 50.34
N GLY C 48 -46.72 -32.04 49.94
CA GLY C 48 -47.72 -31.01 50.12
C GLY C 48 -47.42 -29.78 49.28
N PRO C 49 -48.37 -28.83 49.23
CA PRO C 49 -48.30 -27.57 48.46
C PRO C 49 -47.09 -26.73 48.85
N SER C 50 -46.86 -26.55 50.15
CA SER C 50 -45.71 -25.80 50.64
C SER C 50 -45.00 -26.59 51.76
N PRO C 51 -43.83 -26.12 52.23
CA PRO C 51 -42.90 -26.88 53.09
C PRO C 51 -43.16 -26.78 54.59
N THR C 52 -44.42 -26.83 54.98
CA THR C 52 -44.80 -26.52 56.37
C THR C 52 -44.39 -27.59 57.38
N LEU C 53 -44.70 -28.85 57.08
CA LEU C 53 -44.33 -29.98 57.93
C LEU C 53 -42.81 -30.23 57.94
N ALA C 54 -42.15 -29.65 56.95
CA ALA C 54 -40.70 -29.82 56.75
C ALA C 54 -39.96 -28.97 57.75
N GLY C 55 -40.18 -27.67 57.67
CA GLY C 55 -39.62 -26.73 58.62
C GLY C 55 -40.00 -27.08 60.04
N MET C 56 -41.10 -27.83 60.17
CA MET C 56 -41.49 -28.40 61.45
C MET C 56 -40.45 -29.45 61.85
N ALA C 57 -40.26 -30.46 61.01
CA ALA C 57 -39.26 -31.51 61.27
C ALA C 57 -37.83 -30.97 61.34
N GLN C 58 -37.58 -29.82 60.73
CA GLN C 58 -36.26 -29.19 60.74
C GLN C 58 -35.96 -28.56 62.09
N ARG C 59 -36.88 -27.72 62.56
CA ARG C 59 -36.78 -27.16 63.89
C ARG C 59 -36.58 -28.28 64.91
N THR C 60 -37.45 -29.29 64.85
CA THR C 60 -37.35 -30.45 65.72
C THR C 60 -35.94 -31.03 65.77
N LEU C 61 -35.29 -31.09 64.62
CA LEU C 61 -33.93 -31.63 64.57
C LEU C 61 -32.94 -30.74 65.32
N LYS C 62 -33.00 -29.44 65.08
CA LYS C 62 -32.09 -28.50 65.75
C LYS C 62 -32.37 -28.48 67.25
N ASN C 63 -33.63 -28.58 67.63
CA ASN C 63 -34.05 -28.50 69.03
C ASN C 63 -33.71 -29.74 69.88
N LYS C 64 -33.52 -30.89 69.24
CA LYS C 64 -33.43 -32.13 70.01
C LYS C 64 -32.42 -33.13 69.48
N TYR C 65 -32.18 -33.12 68.17
CA TYR C 65 -31.33 -34.13 67.58
C TYR C 65 -29.94 -33.60 67.30
N GLU C 66 -29.69 -32.39 67.78
CA GLU C 66 -28.40 -31.71 67.65
C GLU C 66 -27.22 -32.67 67.85
N SER C 67 -27.24 -33.37 68.98
CA SER C 67 -26.13 -34.21 69.39
C SER C 67 -26.20 -35.63 68.81
N TYR C 68 -27.39 -36.23 68.88
CA TYR C 68 -27.66 -37.57 68.36
C TYR C 68 -27.14 -37.73 66.95
N ASP C 69 -27.53 -36.78 66.09
CA ASP C 69 -27.12 -36.79 64.70
C ASP C 69 -25.59 -36.78 64.57
N ALA C 70 -24.95 -35.83 65.27
CA ALA C 70 -23.50 -35.67 65.21
C ALA C 70 -22.76 -36.98 65.48
N ALA C 71 -22.94 -37.51 66.69
CA ALA C 71 -22.26 -38.74 67.11
C ALA C 71 -22.50 -39.92 66.17
N LEU C 72 -23.78 -40.22 65.93
CA LEU C 72 -24.16 -41.34 65.08
C LEU C 72 -23.88 -41.08 63.60
N SER C 73 -23.26 -39.95 63.32
CA SER C 73 -22.83 -39.62 61.96
C SER C 73 -23.92 -39.92 60.94
N LEU C 74 -25.15 -39.50 61.23
CA LEU C 74 -26.23 -39.68 60.27
C LEU C 74 -26.60 -38.37 59.59
N HIS C 75 -26.40 -38.33 58.28
CA HIS C 75 -26.80 -37.19 57.49
C HIS C 75 -28.29 -37.33 57.17
N ARG C 76 -29.06 -36.36 57.65
CA ARG C 76 -30.49 -36.33 57.40
C ARG C 76 -30.79 -35.33 56.28
N GLU C 77 -31.78 -35.65 55.45
CA GLU C 77 -32.14 -34.80 54.33
C GLU C 77 -33.65 -34.57 54.30
N ILE C 78 -34.06 -33.31 54.37
CA ILE C 78 -35.47 -32.97 54.52
C ILE C 78 -36.00 -32.26 53.29
N LEU C 79 -36.90 -32.94 52.58
CA LEU C 79 -37.32 -32.52 51.25
C LEU C 79 -38.82 -32.29 51.12
N CYS C 80 -39.19 -31.19 50.51
CA CYS C 80 -40.60 -30.90 50.22
C CYS C 80 -40.88 -31.08 48.72
N TYR C 81 -41.93 -31.82 48.39
CA TYR C 81 -42.33 -32.00 46.99
C TYR C 81 -42.48 -30.64 46.33
N SER C 82 -43.06 -29.69 47.07
CA SER C 82 -43.23 -28.32 46.61
C SER C 82 -41.97 -27.72 45.98
N LYS C 83 -40.88 -27.70 46.74
CA LYS C 83 -39.72 -26.90 46.37
C LYS C 83 -38.47 -27.68 45.99
N ASP C 84 -38.43 -28.95 46.34
CA ASP C 84 -37.23 -29.76 46.13
C ASP C 84 -37.48 -30.89 45.13
N ALA C 85 -37.95 -30.51 43.95
CA ALA C 85 -38.21 -31.48 42.88
C ALA C 85 -36.93 -32.20 42.48
N LYS C 86 -35.90 -31.40 42.14
CA LYS C 86 -34.60 -31.90 41.71
C LYS C 86 -34.10 -33.07 42.57
N GLU C 87 -34.22 -32.91 43.89
CA GLU C 87 -33.62 -33.84 44.84
C GLU C 87 -34.44 -35.12 45.05
N ILE C 88 -35.73 -35.04 44.75
CA ILE C 88 -36.64 -36.16 44.95
C ILE C 88 -36.66 -37.07 43.74
N TYR C 89 -36.65 -36.45 42.55
CA TYR C 89 -36.73 -37.16 41.29
C TYR C 89 -35.36 -37.54 40.74
N TYR C 90 -34.31 -37.17 41.47
CA TYR C 90 -32.93 -37.46 41.08
C TYR C 90 -32.58 -36.92 39.70
N THR C 91 -32.78 -35.62 39.51
CA THR C 91 -32.53 -34.98 38.22
C THR C 91 -31.93 -33.60 38.46
N PRO C 92 -30.60 -33.51 38.39
CA PRO C 92 -29.86 -32.33 38.83
C PRO C 92 -29.44 -31.45 37.66
N ASP C 93 -28.65 -30.42 37.95
CA ASP C 93 -27.98 -29.63 36.92
C ASP C 93 -26.56 -30.14 36.76
N PRO C 94 -25.92 -29.86 35.60
CA PRO C 94 -24.58 -30.32 35.24
C PRO C 94 -23.86 -31.16 36.30
N ILE C 140 -25.65 -0.52 9.40
CA ILE C 140 -25.85 -0.89 10.81
C ILE C 140 -26.99 -1.90 10.98
N ALA C 141 -26.81 -2.82 11.94
CA ALA C 141 -27.85 -3.79 12.28
C ALA C 141 -29.15 -3.11 12.72
N ASP C 142 -30.18 -3.25 11.94
CA ASP C 142 -31.47 -2.61 12.22
C ASP C 142 -32.25 -3.20 13.41
N GLU C 143 -32.40 -2.42 14.48
CA GLU C 143 -33.16 -2.86 15.67
C GLU C 143 -34.54 -2.21 15.74
N PRO C 144 -35.56 -2.97 16.18
CA PRO C 144 -36.87 -2.36 16.46
C PRO C 144 -36.75 -1.44 17.69
N VAL C 145 -37.81 -0.70 18.01
CA VAL C 145 -37.84 0.11 19.23
C VAL C 145 -38.27 -0.74 20.41
N LYS C 146 -37.62 -0.56 21.56
CA LYS C 146 -37.98 -1.34 22.76
C LYS C 146 -39.08 -0.66 23.59
N ALA C 147 -39.89 -1.45 24.29
CA ALA C 147 -41.02 -0.90 25.07
C ALA C 147 -40.58 -0.03 26.24
N SER C 148 -39.35 -0.24 26.71
CA SER C 148 -38.77 0.61 27.76
C SER C 148 -38.54 2.04 27.27
N LEU C 149 -37.91 2.17 26.10
CA LEU C 149 -37.55 3.48 25.55
C LEU C 149 -38.78 4.30 25.11
N LEU C 150 -39.84 3.60 24.73
CA LEU C 150 -41.08 4.23 24.27
C LEU C 150 -42.00 4.64 25.43
N LEU C 151 -42.06 3.79 26.46
CA LEU C 151 -42.83 4.08 27.66
C LEU C 151 -42.17 5.16 28.51
N HIS C 152 -40.84 5.26 28.40
CA HIS C 152 -40.05 6.23 29.17
C HIS C 152 -40.13 7.62 28.57
N VAL C 153 -39.89 7.72 27.28
CA VAL C 153 -39.99 8.98 26.56
C VAL C 153 -41.39 9.63 26.67
N LEU C 154 -42.44 8.80 26.71
CA LEU C 154 -43.82 9.28 26.81
C LEU C 154 -44.22 9.77 28.22
N VAL C 155 -43.75 9.07 29.25
CA VAL C 155 -44.02 9.44 30.65
C VAL C 155 -43.11 10.59 31.14
N ALA C 156 -41.91 10.69 30.56
CA ALA C 156 -40.99 11.78 30.88
C ALA C 156 -41.41 13.07 30.19
N HIS C 157 -42.20 12.91 29.12
CA HIS C 157 -42.70 14.03 28.31
C HIS C 157 -43.94 14.68 28.96
N LYS C 158 -44.89 13.86 29.39
CA LYS C 158 -46.10 14.37 30.06
C LYS C 158 -45.76 14.99 31.42
N LEU C 159 -44.56 14.70 31.94
CA LEU C 159 -44.11 15.25 33.23
C LEU C 159 -43.09 16.37 33.05
N LYS C 160 -42.54 16.48 31.84
CA LYS C 160 -41.60 17.55 31.49
C LYS C 160 -40.29 17.49 32.26
N LYS C 161 -39.83 16.29 32.59
CA LYS C 161 -38.52 16.11 33.23
C LYS C 161 -37.71 15.01 32.54
N SER C 162 -36.40 15.24 32.36
CA SER C 162 -35.55 14.34 31.59
C SER C 162 -35.76 12.90 32.02
N LEU C 163 -35.45 11.96 31.14
CA LEU C 163 -35.67 10.55 31.46
C LEU C 163 -34.63 9.98 32.46
N ASP C 164 -33.77 10.85 32.98
CA ASP C 164 -32.90 10.50 34.11
C ASP C 164 -33.60 10.80 35.43
N SER C 165 -34.39 11.88 35.45
CA SER C 165 -35.22 12.25 36.60
C SER C 165 -36.27 11.18 36.88
N ILE C 166 -36.57 10.38 35.88
CA ILE C 166 -37.56 9.33 36.02
C ILE C 166 -36.92 7.94 36.09
N PRO C 167 -37.04 7.29 37.27
CA PRO C 167 -36.66 5.89 37.43
C PRO C 167 -37.84 5.02 37.01
N MET C 168 -37.62 4.04 36.14
CA MET C 168 -38.70 3.12 35.79
C MET C 168 -39.01 2.22 36.99
N SER C 169 -38.21 2.41 38.05
CA SER C 169 -38.41 1.74 39.32
C SER C 169 -39.73 2.19 39.95
N LYS C 170 -39.94 3.51 39.93
CA LYS C 170 -41.14 4.12 40.51
C LYS C 170 -42.44 3.71 39.85
N THR C 171 -43.52 4.31 40.33
CA THR C 171 -44.83 4.03 39.80
C THR C 171 -45.44 5.35 39.28
N ILE C 172 -46.49 5.27 38.46
CA ILE C 172 -47.15 6.45 37.90
C ILE C 172 -47.84 7.30 38.99
N LYS C 173 -48.20 6.69 40.11
CA LYS C 173 -48.83 7.39 41.22
C LYS C 173 -47.81 8.30 41.94
N ASP C 174 -46.58 7.81 42.05
CA ASP C 174 -45.46 8.55 42.68
C ASP C 174 -44.84 9.61 41.79
N LEU C 175 -44.81 9.35 40.49
CA LEU C 175 -44.21 10.27 39.52
C LEU C 175 -45.08 11.53 39.36
N VAL C 176 -46.37 11.38 39.64
CA VAL C 176 -47.31 12.50 39.52
C VAL C 176 -47.35 13.32 40.81
N GLY C 177 -47.19 12.63 41.94
CA GLY C 177 -47.21 13.30 43.24
C GLY C 177 -48.60 13.34 43.85
N GLY C 178 -49.59 13.68 43.03
CA GLY C 178 -50.96 13.75 43.49
C GLY C 178 -51.88 14.35 42.44
N LYS C 179 -51.32 15.13 41.53
CA LYS C 179 -52.10 15.77 40.48
C LYS C 179 -52.72 14.73 39.55
N SER C 180 -53.91 14.26 39.91
CA SER C 180 -54.61 13.26 39.11
C SER C 180 -54.67 13.67 37.64
N THR C 181 -54.94 14.94 37.41
CA THR C 181 -55.03 15.45 36.04
C THR C 181 -53.95 14.84 35.15
N VAL C 182 -52.72 14.82 35.65
CA VAL C 182 -51.60 14.26 34.90
C VAL C 182 -51.69 12.75 34.82
N GLN C 183 -52.23 12.14 35.88
CA GLN C 183 -52.39 10.68 35.93
C GLN C 183 -53.33 10.19 34.85
N ASN C 184 -54.43 10.90 34.65
CA ASN C 184 -55.42 10.54 33.64
C ASN C 184 -54.87 10.67 32.23
N GLU C 185 -54.02 11.68 32.03
CA GLU C 185 -53.42 11.91 30.71
C GLU C 185 -52.44 10.80 30.34
N ILE C 186 -51.55 10.48 31.28
CA ILE C 186 -50.56 9.44 31.06
C ILE C 186 -51.22 8.08 30.85
N LEU C 187 -52.39 7.90 31.47
CA LEU C 187 -53.12 6.64 31.35
C LEU C 187 -53.79 6.53 29.99
N GLY C 188 -54.40 7.62 29.54
CA GLY C 188 -55.08 7.65 28.25
C GLY C 188 -54.15 7.72 27.05
N ASP C 189 -52.96 8.27 27.26
CA ASP C 189 -51.91 8.38 26.24
C ASP C 189 -51.33 6.99 25.91
N LEU C 190 -51.11 6.19 26.94
CA LEU C 190 -50.57 4.83 26.77
C LEU C 190 -51.59 3.92 26.09
N GLY C 191 -52.86 4.30 26.13
CA GLY C 191 -53.92 3.55 25.46
C GLY C 191 -53.85 3.70 23.96
N LYS C 192 -53.71 4.93 23.49
CA LYS C 192 -53.55 5.22 22.06
C LYS C 192 -52.25 4.66 21.50
N GLU C 193 -51.31 4.35 22.40
CA GLU C 193 -49.97 3.93 22.04
C GLU C 193 -49.78 2.41 21.91
N PHE C 194 -50.10 1.67 22.96
CA PHE C 194 -49.90 0.21 22.98
C PHE C 194 -51.19 -0.58 22.77
N GLY C 195 -52.33 0.02 23.14
CA GLY C 195 -53.64 -0.58 22.93
C GLY C 195 -54.15 -1.41 24.10
N THR C 196 -53.27 -2.22 24.68
CA THR C 196 -53.63 -3.14 25.77
C THR C 196 -53.43 -2.53 27.14
N THR C 197 -54.52 -2.16 27.80
CA THR C 197 -54.44 -1.60 29.16
C THR C 197 -54.33 -2.70 30.22
N PRO C 198 -53.15 -2.82 30.87
CA PRO C 198 -53.03 -3.72 32.02
C PRO C 198 -54.04 -3.30 33.09
N GLU C 199 -54.23 -4.12 34.12
CA GLU C 199 -55.34 -3.87 35.06
C GLU C 199 -55.07 -2.82 36.16
N LYS C 200 -53.81 -2.57 36.47
CA LYS C 200 -53.47 -1.50 37.39
C LYS C 200 -52.40 -0.62 36.76
N PRO C 201 -52.79 0.24 35.81
CA PRO C 201 -51.78 1.08 35.16
C PRO C 201 -51.13 2.03 36.17
N GLU C 202 -51.95 2.55 37.09
CA GLU C 202 -51.53 3.58 38.03
C GLU C 202 -50.65 3.06 39.17
N GLU C 203 -50.54 1.73 39.29
CA GLU C 203 -49.81 1.12 40.39
C GLU C 203 -48.65 0.23 39.91
N THR C 204 -48.91 -0.61 38.91
CA THR C 204 -47.87 -1.44 38.30
C THR C 204 -46.71 -0.57 37.79
N PRO C 205 -45.51 -0.72 38.40
CA PRO C 205 -44.31 0.09 38.17
C PRO C 205 -43.80 0.03 36.72
N LEU C 206 -42.96 0.99 36.33
CA LEU C 206 -42.64 1.22 34.90
C LEU C 206 -41.84 0.12 34.19
N GLU C 207 -40.89 -0.50 34.89
CA GLU C 207 -40.17 -1.64 34.33
C GLU C 207 -41.12 -2.81 34.16
N GLU C 208 -42.09 -2.90 35.08
CA GLU C 208 -43.09 -3.97 35.11
C GLU C 208 -44.26 -3.76 34.13
N LEU C 209 -44.40 -2.53 33.65
CA LEU C 209 -45.38 -2.20 32.61
C LEU C 209 -44.76 -2.37 31.23
N ALA C 210 -43.47 -2.04 31.11
CA ALA C 210 -42.72 -2.25 29.88
C ALA C 210 -42.61 -3.73 29.53
N GLU C 211 -42.64 -4.59 30.55
CA GLU C 211 -42.70 -6.04 30.37
C GLU C 211 -44.00 -6.46 29.67
N THR C 212 -45.13 -6.06 30.26
CA THR C 212 -46.46 -6.38 29.74
C THR C 212 -46.73 -5.85 28.31
N PHE C 213 -46.20 -4.66 28.02
CA PHE C 213 -46.41 -4.01 26.73
C PHE C 213 -45.52 -4.60 25.62
N GLN C 214 -44.38 -5.17 26.01
CA GLN C 214 -43.41 -5.71 25.06
C GLN C 214 -43.92 -6.96 24.37
N ASP C 215 -44.71 -7.73 25.11
CA ASP C 215 -45.29 -8.97 24.59
C ASP C 215 -46.06 -8.75 23.31
N THR C 216 -46.88 -7.69 23.30
CA THR C 216 -47.84 -7.47 22.24
C THR C 216 -47.41 -6.47 21.15
N PHE C 217 -46.30 -5.77 21.38
CA PHE C 217 -45.84 -4.73 20.44
C PHE C 217 -44.50 -5.08 19.76
N SER C 218 -44.33 -4.61 18.52
CA SER C 218 -43.09 -4.84 17.76
C SER C 218 -42.83 -3.75 16.70
N GLY C 219 -41.80 -2.93 16.93
CA GLY C 219 -41.38 -1.90 15.98
C GLY C 219 -42.43 -0.85 15.64
N ALA C 220 -43.57 -0.92 16.32
CA ALA C 220 -44.65 0.05 16.11
C ALA C 220 -44.32 1.35 16.85
N LEU C 221 -44.13 2.43 16.09
CA LEU C 221 -43.86 3.72 16.70
C LEU C 221 -45.08 4.30 17.41
N GLY C 222 -46.24 3.67 17.18
CA GLY C 222 -47.44 4.02 17.91
C GLY C 222 -48.14 5.28 17.44
N LYS C 223 -49.42 5.40 17.79
CA LYS C 223 -50.26 6.51 17.35
C LYS C 223 -49.91 7.80 18.09
N GLN C 224 -49.81 7.72 19.41
CA GLN C 224 -49.53 8.87 20.26
C GLN C 224 -48.08 9.37 20.16
N SER C 225 -47.16 8.46 19.84
CA SER C 225 -45.75 8.82 19.68
C SER C 225 -45.49 9.38 18.28
N SER C 226 -46.21 8.87 17.27
CA SER C 226 -46.11 9.35 15.90
C SER C 226 -46.66 10.77 15.74
N SER C 227 -47.56 11.16 16.65
CA SER C 227 -48.10 12.50 16.69
C SER C 227 -47.10 13.44 17.36
N LEU C 228 -46.40 12.92 18.36
CA LEU C 228 -45.42 13.69 19.13
C LEU C 228 -44.11 13.98 18.39
N LEU C 229 -43.74 13.10 17.46
CA LEU C 229 -42.50 13.27 16.70
C LEU C 229 -42.65 14.19 15.51
N SER C 230 -43.84 14.22 14.92
CA SER C 230 -44.12 15.11 13.79
C SER C 230 -44.46 16.52 14.29
N ARG C 231 -44.85 16.61 15.57
CA ARG C 231 -45.07 17.89 16.24
C ARG C 231 -43.74 18.51 16.67
N LEU C 232 -42.78 17.65 17.04
CA LEU C 232 -41.44 18.07 17.43
C LEU C 232 -40.64 18.51 16.20
N ILE C 233 -40.90 17.86 15.08
CA ILE C 233 -40.23 18.18 13.81
C ILE C 233 -40.76 19.47 13.18
N SER C 234 -42.04 19.75 13.40
CA SER C 234 -42.72 20.88 12.77
C SER C 234 -42.44 22.24 13.42
N SER C 235 -42.38 22.26 14.74
CA SER C 235 -42.24 23.52 15.45
C SER C 235 -40.80 23.82 15.86
N LYS C 236 -39.96 22.78 15.87
CA LYS C 236 -38.61 22.92 16.42
C LYS C 236 -37.51 22.78 15.38
N MET C 237 -37.86 22.26 14.20
CA MET C 237 -36.86 22.06 13.15
C MET C 237 -36.89 23.23 12.18
N PRO C 238 -35.70 23.67 11.72
CA PRO C 238 -35.55 24.89 10.89
C PRO C 238 -36.32 24.75 9.58
N GLY C 239 -36.58 25.87 8.91
CA GLY C 239 -37.36 25.86 7.69
C GLY C 239 -36.92 24.80 6.69
N GLY C 240 -37.84 23.89 6.32
CA GLY C 240 -37.53 22.86 5.34
C GLY C 240 -37.07 21.52 5.88
N PHE C 241 -36.58 21.50 7.11
CA PHE C 241 -36.06 20.28 7.73
C PHE C 241 -37.21 19.34 8.15
N THR C 242 -37.54 18.38 7.30
CA THR C 242 -38.68 17.49 7.53
C THR C 242 -38.31 16.36 8.48
N ILE C 243 -39.29 15.54 8.85
CA ILE C 243 -39.03 14.26 9.50
C ILE C 243 -38.41 13.34 8.45
N THR C 244 -38.64 13.69 7.18
CA THR C 244 -38.06 13.02 6.02
C THR C 244 -36.56 13.31 5.91
N VAL C 245 -36.22 14.60 5.86
CA VAL C 245 -34.83 15.02 5.80
C VAL C 245 -34.02 14.61 7.05
N ALA C 246 -34.66 14.62 8.21
CA ALA C 246 -33.98 14.30 9.49
C ALA C 246 -33.59 12.81 9.61
N ARG C 247 -34.24 11.96 8.83
CA ARG C 247 -33.89 10.53 8.81
C ARG C 247 -32.80 10.24 7.76
N LYS C 248 -32.87 10.93 6.62
CA LYS C 248 -31.85 10.80 5.57
C LYS C 248 -30.51 11.37 6.01
N TYR C 249 -30.55 12.20 7.05
CA TYR C 249 -29.33 12.68 7.68
C TYR C 249 -28.84 11.66 8.72
N LEU C 250 -29.76 11.18 9.56
CA LEU C 250 -29.43 10.16 10.56
C LEU C 250 -28.89 8.88 9.93
N GLN C 251 -29.20 8.67 8.65
CA GLN C 251 -28.80 7.44 7.95
C GLN C 251 -27.53 7.63 7.11
N THR C 252 -27.44 8.80 6.46
CA THR C 252 -26.26 9.18 5.69
C THR C 252 -25.01 9.36 6.57
N ARG C 253 -25.12 10.27 7.53
CA ARG C 253 -23.97 10.70 8.33
C ARG C 253 -23.80 9.90 9.64
N TRP C 254 -24.83 9.16 10.06
CA TRP C 254 -24.73 8.34 11.27
C TRP C 254 -25.18 6.88 11.14
N GLY C 255 -25.43 6.46 9.89
CA GLY C 255 -25.74 5.08 9.55
C GLY C 255 -26.82 4.40 10.36
N LEU C 256 -28.05 4.89 10.27
CA LEU C 256 -29.16 4.35 11.05
C LEU C 256 -30.29 3.87 10.16
N PRO C 257 -30.69 2.60 10.34
CA PRO C 257 -31.78 1.93 9.62
C PRO C 257 -33.16 2.33 10.16
N SER C 258 -34.21 1.71 9.64
CA SER C 258 -35.58 2.08 9.98
C SER C 258 -35.88 2.23 11.48
N GLY C 259 -35.71 1.16 12.25
CA GLY C 259 -36.04 1.15 13.67
C GLY C 259 -34.99 1.75 14.60
N ARG C 260 -33.79 1.96 14.10
CA ARG C 260 -32.72 2.57 14.90
C ARG C 260 -32.81 4.09 14.88
N GLN C 261 -33.32 4.66 13.78
CA GLN C 261 -33.57 6.09 13.70
C GLN C 261 -34.89 6.43 14.40
N ASP C 262 -35.68 5.39 14.67
CA ASP C 262 -36.90 5.53 15.48
C ASP C 262 -36.54 5.75 16.95
N GLY C 263 -35.39 5.22 17.35
CA GLY C 263 -34.90 5.42 18.71
C GLY C 263 -34.30 6.81 18.89
N VAL C 264 -33.62 7.31 17.86
CA VAL C 264 -32.98 8.64 17.91
C VAL C 264 -33.99 9.78 17.89
N LEU C 265 -35.13 9.55 17.24
CA LEU C 265 -36.24 10.52 17.22
C LEU C 265 -37.00 10.55 18.55
N LEU C 266 -37.09 9.40 19.21
CA LEU C 266 -37.74 9.28 20.52
C LEU C 266 -36.88 9.86 21.64
N VAL C 267 -35.57 9.81 21.48
CA VAL C 267 -34.64 10.44 22.43
C VAL C 267 -34.59 11.95 22.23
N ALA C 268 -34.79 12.39 20.98
CA ALA C 268 -34.89 13.82 20.68
C ALA C 268 -36.23 14.41 21.11
N LEU C 269 -37.24 13.56 21.27
CA LEU C 269 -38.57 13.99 21.73
C LEU C 269 -38.61 14.28 23.23
N SER C 270 -37.73 13.62 23.99
CA SER C 270 -37.61 13.87 25.42
C SER C 270 -36.69 15.07 25.69
N ASN C 271 -35.83 15.36 24.73
CA ASN C 271 -34.90 16.50 24.82
C ASN C 271 -35.26 17.65 23.88
N GLU C 272 -36.55 17.81 23.58
CA GLU C 272 -36.99 18.75 22.56
C GLU C 272 -36.63 20.21 22.88
N PRO C 273 -36.04 20.92 21.90
CA PRO C 273 -35.63 22.32 22.06
C PRO C 273 -36.83 23.19 22.46
N ALA C 274 -36.63 24.13 23.38
CA ALA C 274 -37.73 25.00 23.80
C ALA C 274 -37.91 26.17 22.84
N ALA C 275 -37.20 26.10 21.71
CA ALA C 275 -37.31 27.08 20.64
C ALA C 275 -36.94 26.41 19.33
N ARG C 276 -37.37 26.98 18.21
CA ARG C 276 -36.99 26.42 16.92
C ARG C 276 -35.51 26.69 16.63
N LEU C 277 -34.79 25.65 16.24
CA LEU C 277 -33.39 25.78 15.84
C LEU C 277 -33.28 26.66 14.59
N GLY C 278 -32.23 27.48 14.53
CA GLY C 278 -32.07 28.44 13.44
C GLY C 278 -31.37 27.91 12.21
N SER C 279 -30.10 27.54 12.36
CA SER C 279 -29.33 27.00 11.25
C SER C 279 -29.81 25.60 10.92
N GLU C 280 -29.68 25.21 9.66
CA GLU C 280 -29.83 23.80 9.30
C GLU C 280 -28.63 23.03 9.86
N ALA C 281 -27.54 23.75 10.16
CA ALA C 281 -26.34 23.18 10.77
C ALA C 281 -26.52 23.03 12.29
N ASP C 282 -27.37 23.87 12.85
CA ASP C 282 -27.79 23.76 14.25
C ASP C 282 -28.73 22.56 14.46
N ALA C 283 -29.55 22.29 13.44
CA ALA C 283 -30.47 21.16 13.46
C ALA C 283 -29.72 19.85 13.20
N LYS C 284 -28.65 19.94 12.42
CA LYS C 284 -27.79 18.79 12.16
C LYS C 284 -26.99 18.43 13.40
N ALA C 285 -26.47 19.46 14.09
CA ALA C 285 -25.70 19.26 15.32
C ALA C 285 -26.57 18.75 16.47
N PHE C 286 -27.85 19.10 16.44
CA PHE C 286 -28.83 18.61 17.40
C PHE C 286 -29.10 17.10 17.21
N LEU C 287 -29.30 16.69 15.96
CA LEU C 287 -29.50 15.28 15.62
C LEU C 287 -28.28 14.41 15.95
N ASP C 288 -27.10 15.03 15.93
CA ASP C 288 -25.84 14.36 16.28
C ASP C 288 -25.79 13.90 17.73
N SER C 289 -25.88 14.85 18.66
CA SER C 289 -25.83 14.54 20.08
C SER C 289 -27.03 13.70 20.56
N MET C 290 -28.14 13.72 19.80
CA MET C 290 -29.33 12.93 20.15
C MET C 290 -29.16 11.45 19.76
N ALA C 291 -28.35 11.19 18.75
CA ALA C 291 -28.07 9.82 18.30
C ALA C 291 -26.96 9.17 19.11
N GLN C 292 -26.21 9.99 19.86
CA GLN C 292 -25.19 9.48 20.78
C GLN C 292 -25.70 9.33 22.21
N LYS C 293 -26.83 9.97 22.52
CA LYS C 293 -27.53 9.70 23.78
C LYS C 293 -28.36 8.44 23.61
N TYR C 294 -28.75 8.16 22.36
CA TYR C 294 -29.36 6.88 22.00
C TYR C 294 -28.30 5.79 21.93
N ALA C 295 -27.09 6.17 21.51
CA ALA C 295 -25.98 5.23 21.37
C ALA C 295 -25.60 4.58 22.70
N SER C 296 -25.63 5.33 23.79
CA SER C 296 -25.27 4.79 25.10
C SER C 296 -26.50 4.42 25.94
N ILE C 297 -27.68 4.48 25.35
CA ILE C 297 -28.90 4.00 26.00
C ILE C 297 -29.33 2.67 25.37
N VAL C 298 -28.79 2.39 24.18
CA VAL C 298 -28.99 1.12 23.50
C VAL C 298 -27.69 0.30 23.55
N GLY C 299 -26.57 1.01 23.67
CA GLY C 299 -25.27 0.38 23.87
C GLY C 299 -24.45 0.16 22.61
N VAL C 300 -24.77 0.91 21.55
CA VAL C 300 -24.01 0.85 20.30
C VAL C 300 -23.14 2.10 20.12
N ASP C 301 -22.03 1.95 19.42
CA ASP C 301 -21.15 3.07 19.16
C ASP C 301 -21.17 3.40 17.67
N LEU C 302 -20.50 4.48 17.27
CA LEU C 302 -20.75 5.08 15.95
C LEU C 302 -19.53 5.23 15.00
N LEU C 328 -23.64 15.11 -6.08
CA LEU C 328 -22.96 14.66 -7.28
C LEU C 328 -24.10 14.06 -8.09
N GLU C 329 -24.91 13.24 -7.41
CA GLU C 329 -26.24 12.93 -7.87
C GLU C 329 -27.02 14.17 -7.49
N GLU C 330 -26.46 14.89 -6.51
CA GLU C 330 -27.02 16.12 -5.98
C GLU C 330 -26.88 17.29 -6.96
N ILE C 331 -25.96 17.19 -7.91
CA ILE C 331 -25.88 18.20 -8.95
C ILE C 331 -27.08 18.06 -9.89
N THR C 332 -27.35 16.82 -10.30
CA THR C 332 -28.50 16.53 -11.16
C THR C 332 -29.79 16.90 -10.43
N LYS C 333 -29.81 16.67 -9.12
CA LYS C 333 -30.95 17.01 -8.28
C LYS C 333 -31.30 18.50 -8.36
N ASP C 334 -30.29 19.35 -8.43
CA ASP C 334 -30.54 20.79 -8.52
C ASP C 334 -31.13 21.15 -9.88
N HIS C 335 -30.68 20.47 -10.93
CA HIS C 335 -31.19 20.74 -12.29
C HIS C 335 -32.62 20.23 -12.51
N LYS C 336 -32.88 19.00 -12.08
CA LYS C 336 -34.20 18.41 -12.23
C LYS C 336 -35.28 19.27 -11.55
N VAL C 337 -34.93 19.86 -10.42
CA VAL C 337 -35.84 20.77 -9.77
C VAL C 337 -36.27 21.82 -10.77
N LEU C 338 -35.27 22.42 -11.43
CA LEU C 338 -35.48 23.46 -12.43
C LEU C 338 -36.49 23.04 -13.49
N ALA C 339 -36.26 21.87 -14.09
CA ALA C 339 -37.16 21.38 -15.14
C ALA C 339 -38.56 21.21 -14.60
N ARG C 340 -38.65 20.64 -13.39
CA ARG C 340 -39.96 20.38 -12.78
C ARG C 340 -40.76 21.67 -12.70
N GLN C 341 -40.07 22.78 -12.44
CA GLN C 341 -40.75 24.05 -12.31
C GLN C 341 -41.15 24.56 -13.67
N GLN C 342 -40.27 24.37 -14.65
CA GLN C 342 -40.53 24.78 -16.01
C GLN C 342 -41.78 24.07 -16.52
N LEU C 343 -41.98 22.88 -15.99
CA LEU C 343 -43.16 22.10 -16.26
C LEU C 343 -44.38 22.79 -15.66
N GLN C 344 -44.35 22.99 -14.35
CA GLN C 344 -45.46 23.58 -13.61
C GLN C 344 -45.96 24.87 -14.26
N VAL C 345 -45.05 25.83 -14.44
CA VAL C 345 -45.41 27.14 -14.97
C VAL C 345 -46.04 27.03 -16.36
N LEU C 346 -45.56 26.04 -17.11
CA LEU C 346 -46.05 25.79 -18.44
C LEU C 346 -47.48 25.26 -18.31
N ALA C 347 -47.65 24.31 -17.41
CA ALA C 347 -48.98 23.74 -17.19
C ALA C 347 -49.91 24.86 -16.82
N ARG C 348 -49.43 25.76 -15.96
CA ARG C 348 -50.23 26.89 -15.52
C ARG C 348 -50.73 27.66 -16.75
N TYR C 349 -49.80 28.07 -17.59
CA TYR C 349 -50.12 28.78 -18.81
C TYR C 349 -51.15 28.02 -19.63
N LEU C 350 -50.97 26.71 -19.72
CA LEU C 350 -51.85 25.82 -20.47
C LEU C 350 -53.19 25.60 -19.79
N LYS C 351 -53.26 26.02 -18.52
CA LYS C 351 -54.48 25.90 -17.73
C LYS C 351 -54.90 24.44 -17.57
N MET C 352 -53.91 23.54 -17.53
CA MET C 352 -54.19 22.11 -17.47
C MET C 352 -53.87 21.50 -16.11
N ASP C 353 -54.87 20.80 -15.57
CA ASP C 353 -54.80 20.24 -14.22
C ASP C 353 -54.06 18.91 -14.17
N LEU C 354 -52.80 18.93 -13.73
CA LEU C 354 -51.99 17.73 -13.75
C LEU C 354 -52.46 16.69 -12.75
N ASP C 355 -53.21 17.13 -11.74
CA ASP C 355 -53.54 16.27 -10.62
C ASP C 355 -54.93 15.65 -10.71
N ASN C 356 -55.67 16.00 -11.77
CA ASN C 356 -57.04 15.54 -11.90
C ASN C 356 -57.21 14.02 -11.97
N GLY C 357 -56.25 13.34 -12.56
CA GLY C 357 -56.29 11.89 -12.60
C GLY C 357 -56.43 11.37 -11.17
N GLU C 358 -55.44 11.67 -10.36
CA GLU C 358 -55.44 11.20 -8.97
C GLU C 358 -56.66 11.63 -8.15
N ARG C 359 -57.23 12.80 -8.44
CA ARG C 359 -58.47 13.19 -7.80
C ARG C 359 -59.54 12.13 -8.04
N LYS C 360 -59.95 12.04 -9.30
CA LYS C 360 -60.98 11.09 -9.72
C LYS C 360 -60.68 9.68 -9.22
N PHE C 361 -59.43 9.27 -9.32
CA PHE C 361 -59.04 7.94 -8.89
C PHE C 361 -59.34 7.72 -7.42
N LEU C 362 -58.94 8.67 -6.58
CA LEU C 362 -59.12 8.56 -5.15
C LEU C 362 -60.59 8.50 -4.78
N LYS C 363 -61.42 9.18 -5.56
CA LYS C 363 -62.87 9.16 -5.31
C LYS C 363 -63.50 7.80 -5.62
N GLU C 364 -63.09 7.17 -6.71
CA GLU C 364 -63.57 5.83 -7.06
C GLU C 364 -63.08 4.81 -6.03
N LYS C 365 -61.85 4.98 -5.60
CA LYS C 365 -61.25 4.08 -4.64
C LYS C 365 -62.13 4.07 -3.40
N ASP C 366 -62.72 5.23 -3.09
CA ASP C 366 -63.60 5.38 -1.93
C ASP C 366 -64.92 4.61 -2.12
N THR C 367 -65.66 4.98 -3.17
CA THR C 367 -66.91 4.29 -3.50
C THR C 367 -66.73 2.77 -3.66
N VAL C 368 -65.49 2.31 -3.77
CA VAL C 368 -65.25 0.88 -3.93
C VAL C 368 -65.28 0.19 -2.61
N ALA C 369 -64.55 0.72 -1.63
CA ALA C 369 -64.53 0.12 -0.31
C ALA C 369 -65.92 0.24 0.27
N GLU C 370 -66.66 1.22 -0.25
CA GLU C 370 -68.04 1.47 0.15
C GLU C 370 -68.94 0.33 -0.31
N LEU C 371 -68.94 0.06 -1.62
CA LEU C 371 -69.72 -1.03 -2.16
C LEU C 371 -69.20 -2.34 -1.59
N GLN C 372 -67.89 -2.54 -1.71
CA GLN C 372 -67.24 -3.74 -1.21
C GLN C 372 -67.68 -4.00 0.23
N ALA C 373 -67.95 -2.93 0.95
CA ALA C 373 -68.42 -3.01 2.32
C ALA C 373 -69.79 -3.67 2.43
N GLN C 374 -70.74 -3.17 1.65
CA GLN C 374 -72.10 -3.70 1.65
C GLN C 374 -72.11 -5.17 1.27
N LEU C 375 -71.33 -5.52 0.25
CA LEU C 375 -71.24 -6.91 -0.21
C LEU C 375 -70.71 -7.82 0.89
N ASP C 376 -69.76 -7.32 1.67
CA ASP C 376 -69.18 -8.09 2.76
C ASP C 376 -70.21 -8.38 3.84
N TYR C 377 -71.06 -7.40 4.12
CA TYR C 377 -72.10 -7.55 5.14
C TYR C 377 -73.17 -8.55 4.68
N LEU C 378 -73.64 -8.38 3.44
CA LEU C 378 -74.66 -9.25 2.89
C LEU C 378 -74.21 -10.70 2.91
N ASN C 379 -72.91 -10.92 2.78
CA ASN C 379 -72.35 -12.26 2.79
C ASN C 379 -72.25 -12.84 4.20
N ALA C 380 -72.06 -11.96 5.18
CA ALA C 380 -71.96 -12.38 6.58
C ALA C 380 -73.34 -12.62 7.18
N GLU C 381 -74.37 -12.20 6.47
CA GLU C 381 -75.74 -12.36 6.94
C GLU C 381 -76.40 -13.58 6.29
N LEU C 382 -76.29 -13.67 4.97
CA LEU C 382 -76.88 -14.78 4.22
C LEU C 382 -75.91 -15.96 4.14
N GLY C 383 -74.63 -15.66 4.01
CA GLY C 383 -73.61 -16.68 3.91
C GLY C 383 -73.06 -16.84 2.51
N GLU C 384 -72.08 -17.72 2.35
CA GLU C 384 -71.47 -17.96 1.05
C GLU C 384 -72.31 -18.93 0.22
N PHE C 385 -72.80 -19.98 0.86
CA PHE C 385 -73.62 -20.98 0.18
C PHE C 385 -74.91 -20.37 -0.35
N PHE C 386 -75.51 -19.48 0.44
CA PHE C 386 -76.75 -18.82 0.05
C PHE C 386 -76.50 -17.81 -1.04
N VAL C 387 -75.52 -16.95 -0.81
CA VAL C 387 -75.18 -15.89 -1.74
C VAL C 387 -74.69 -16.49 -3.06
N ASN C 388 -73.77 -17.44 -2.98
CA ASN C 388 -73.30 -18.16 -4.16
C ASN C 388 -74.36 -19.04 -4.80
N GLY C 389 -75.03 -19.87 -4.00
CA GLY C 389 -76.03 -20.78 -4.53
C GLY C 389 -77.28 -20.16 -5.15
N VAL C 390 -77.41 -18.84 -5.01
CA VAL C 390 -78.64 -18.17 -5.43
C VAL C 390 -78.47 -17.49 -6.80
N ALA C 391 -77.33 -17.74 -7.44
CA ALA C 391 -77.05 -17.18 -8.77
C ALA C 391 -77.93 -17.80 -9.82
N THR C 392 -78.04 -17.13 -10.95
CA THR C 392 -78.96 -17.55 -11.99
C THR C 392 -78.41 -18.66 -12.86
N SER C 393 -79.31 -19.49 -13.38
CA SER C 393 -78.95 -20.67 -14.18
C SER C 393 -79.77 -20.76 -15.48
N PHE C 394 -81.01 -20.30 -15.41
CA PHE C 394 -81.91 -20.42 -16.54
C PHE C 394 -81.67 -19.34 -17.57
N SER C 395 -81.61 -19.75 -18.84
CA SER C 395 -81.71 -18.83 -19.97
C SER C 395 -82.55 -19.51 -21.03
N ARG C 396 -83.31 -18.75 -21.78
CA ARG C 396 -84.13 -19.38 -22.80
C ARG C 396 -83.31 -20.07 -23.88
N LYS C 397 -82.15 -19.55 -24.22
CA LYS C 397 -81.41 -20.09 -25.37
C LYS C 397 -80.78 -21.45 -25.09
N LYS C 398 -80.75 -21.85 -23.84
CA LYS C 398 -80.11 -23.11 -23.48
C LYS C 398 -81.13 -24.22 -23.43
N ALA C 399 -82.38 -23.93 -23.79
CA ALA C 399 -83.40 -24.97 -23.73
C ALA C 399 -83.25 -25.90 -24.89
N ARG C 400 -83.44 -27.18 -24.65
CA ARG C 400 -83.32 -28.21 -25.66
C ARG C 400 -84.66 -28.92 -25.77
N THR C 401 -85.24 -28.97 -26.96
CA THR C 401 -86.53 -29.65 -27.12
C THR C 401 -86.36 -30.94 -27.94
N PHE C 402 -87.03 -32.00 -27.50
CA PHE C 402 -87.01 -33.30 -28.17
C PHE C 402 -88.38 -33.72 -28.76
N ASP C 403 -88.40 -33.93 -30.06
CA ASP C 403 -89.61 -34.02 -30.88
C ASP C 403 -89.76 -35.39 -31.52
N SER C 404 -88.80 -35.92 -32.21
CA SER C 404 -88.80 -36.92 -33.28
C SER C 404 -89.03 -38.38 -32.85
N SER C 405 -90.17 -38.66 -32.23
CA SER C 405 -90.56 -40.04 -31.91
C SER C 405 -90.69 -40.85 -33.21
N TRP C 406 -91.09 -40.17 -34.29
CA TRP C 406 -91.30 -40.81 -35.57
C TRP C 406 -90.08 -41.55 -36.11
N ASN C 407 -88.91 -41.11 -35.68
CA ASN C 407 -87.64 -41.62 -36.17
C ASN C 407 -87.04 -42.58 -35.17
N TRP C 408 -87.15 -42.26 -33.88
CA TRP C 408 -86.60 -43.11 -32.84
C TRP C 408 -87.32 -44.46 -32.79
N ALA C 409 -88.57 -44.48 -33.27
CA ALA C 409 -89.37 -45.70 -33.30
C ALA C 409 -88.83 -46.73 -34.32
N LYS C 410 -88.49 -46.27 -35.53
CA LYS C 410 -87.84 -47.15 -36.49
C LYS C 410 -86.53 -47.67 -35.93
N GLN C 411 -85.79 -46.80 -35.25
CA GLN C 411 -84.55 -47.20 -34.59
C GLN C 411 -84.80 -48.18 -33.47
N SER C 412 -85.76 -47.82 -32.61
CA SER C 412 -86.13 -48.63 -31.46
C SER C 412 -86.36 -50.08 -31.94
N LEU C 413 -87.07 -50.21 -33.06
CA LEU C 413 -87.45 -51.52 -33.58
C LEU C 413 -86.34 -52.25 -34.31
N LEU C 414 -85.56 -51.52 -35.10
CA LEU C 414 -84.48 -52.12 -35.88
C LEU C 414 -83.35 -52.54 -34.95
N SER C 415 -83.59 -52.40 -33.66
CA SER C 415 -82.57 -52.61 -32.65
C SER C 415 -82.97 -53.83 -31.83
N LEU C 416 -84.24 -53.84 -31.40
CA LEU C 416 -84.85 -55.01 -30.80
C LEU C 416 -84.61 -56.19 -31.73
N TYR C 417 -84.62 -55.87 -33.02
CA TYR C 417 -84.56 -56.85 -34.08
C TYR C 417 -83.20 -57.50 -34.19
N PHE C 418 -82.15 -56.70 -34.31
CA PHE C 418 -80.81 -57.29 -34.39
C PHE C 418 -80.41 -57.90 -33.06
N GLU C 419 -81.05 -57.46 -31.99
CA GLU C 419 -80.70 -57.88 -30.65
C GLU C 419 -81.24 -59.30 -30.39
N ILE C 420 -82.41 -59.59 -30.95
CA ILE C 420 -83.00 -60.92 -30.85
C ILE C 420 -82.24 -61.87 -31.77
N ILE C 421 -81.90 -61.36 -32.95
CA ILE C 421 -81.15 -62.12 -33.94
C ILE C 421 -79.79 -62.50 -33.37
N HIS C 422 -79.17 -61.57 -32.66
CA HIS C 422 -77.91 -61.85 -31.99
C HIS C 422 -78.09 -62.53 -30.63
N GLY C 423 -79.32 -62.70 -30.20
CA GLY C 423 -79.60 -63.42 -28.97
C GLY C 423 -79.14 -62.71 -27.69
N VAL C 424 -79.13 -61.39 -27.72
CA VAL C 424 -78.97 -60.61 -26.51
C VAL C 424 -80.30 -60.64 -25.76
N LEU C 425 -81.37 -60.43 -26.51
CA LEU C 425 -82.71 -60.68 -26.00
C LEU C 425 -83.17 -62.03 -26.51
N LYS C 426 -83.44 -62.91 -25.55
CA LYS C 426 -84.02 -64.21 -25.80
C LYS C 426 -85.52 -64.07 -25.50
N ASN C 427 -86.32 -65.07 -25.89
CA ASN C 427 -87.79 -64.94 -25.80
C ASN C 427 -88.34 -65.06 -24.38
N VAL C 428 -87.47 -64.88 -23.39
CA VAL C 428 -87.85 -65.00 -21.99
C VAL C 428 -87.74 -63.64 -21.32
N ASP C 429 -86.73 -62.91 -21.75
CA ASP C 429 -86.39 -61.58 -21.24
C ASP C 429 -87.60 -60.66 -21.28
N ARG C 430 -87.83 -59.92 -20.20
CA ARG C 430 -88.97 -59.00 -20.16
C ARG C 430 -88.74 -57.82 -21.10
N GLU C 431 -87.49 -57.57 -21.44
CA GLU C 431 -87.13 -56.45 -22.29
C GLU C 431 -87.84 -56.48 -23.64
N VAL C 432 -87.99 -57.64 -24.26
CA VAL C 432 -88.70 -57.65 -25.52
C VAL C 432 -90.16 -57.19 -25.32
N VAL C 433 -90.76 -57.47 -24.15
CA VAL C 433 -92.11 -56.97 -23.86
C VAL C 433 -92.16 -55.45 -23.62
N SER C 434 -91.25 -54.94 -22.80
CA SER C 434 -91.08 -53.50 -22.59
C SER C 434 -90.95 -52.77 -23.92
N GLU C 435 -90.06 -53.27 -24.76
CA GLU C 435 -89.76 -52.59 -26.01
C GLU C 435 -90.90 -52.73 -27.01
N ALA C 436 -91.68 -53.81 -26.87
CA ALA C 436 -92.89 -53.96 -27.67
C ALA C 436 -93.82 -52.79 -27.35
N ILE C 437 -94.04 -52.59 -26.06
CA ILE C 437 -94.90 -51.53 -25.55
C ILE C 437 -94.53 -50.16 -26.12
N ASN C 438 -93.24 -49.88 -26.19
CA ASN C 438 -92.75 -48.59 -26.68
C ASN C 438 -92.84 -48.44 -28.20
N ILE C 439 -92.73 -49.56 -28.90
CA ILE C 439 -92.90 -49.54 -30.33
C ILE C 439 -94.38 -49.35 -30.70
N MET C 440 -95.26 -50.05 -29.97
CA MET C 440 -96.69 -49.88 -30.18
C MET C 440 -97.11 -48.43 -29.88
N ASN C 441 -96.44 -47.84 -28.89
CA ASN C 441 -96.70 -46.45 -28.50
C ASN C 441 -96.37 -45.44 -29.59
N ARG C 442 -95.97 -45.93 -30.75
CA ARG C 442 -95.57 -45.05 -31.83
C ARG C 442 -96.03 -45.56 -33.20
N SER C 443 -97.19 -46.19 -33.28
CA SER C 443 -97.71 -46.66 -34.56
C SER C 443 -97.92 -45.55 -35.59
N ASN C 444 -97.25 -45.71 -36.74
CA ASN C 444 -97.46 -44.88 -37.91
C ASN C 444 -97.99 -45.77 -38.99
N ASP C 445 -98.57 -45.18 -40.03
CA ASP C 445 -98.77 -45.93 -41.26
C ASP C 445 -97.39 -46.25 -41.79
N ALA C 446 -96.40 -45.50 -41.33
CA ALA C 446 -95.01 -45.60 -41.78
C ALA C 446 -94.17 -46.59 -40.98
N LEU C 447 -94.39 -46.61 -39.67
CA LEU C 447 -93.66 -47.52 -38.81
C LEU C 447 -94.07 -48.93 -39.19
N ILE C 448 -95.29 -49.06 -39.69
CA ILE C 448 -95.80 -50.37 -40.04
C ILE C 448 -95.11 -50.91 -41.29
N LYS C 449 -95.07 -50.10 -42.34
CA LYS C 449 -94.35 -50.50 -43.55
C LYS C 449 -92.87 -50.79 -43.26
N PHE C 450 -92.34 -50.19 -42.21
CA PHE C 450 -90.97 -50.49 -41.78
C PHE C 450 -90.87 -51.94 -41.28
N MET C 451 -91.55 -52.26 -40.18
CA MET C 451 -91.54 -53.60 -39.62
C MET C 451 -92.01 -54.59 -40.66
N GLU C 452 -92.99 -54.18 -41.43
CA GLU C 452 -93.53 -55.03 -42.46
C GLU C 452 -92.43 -55.45 -43.41
N TYR C 453 -91.67 -54.49 -43.93
CA TYR C 453 -90.57 -54.84 -44.82
C TYR C 453 -89.54 -55.71 -44.13
N HIS C 454 -89.10 -55.29 -42.95
CA HIS C 454 -87.98 -55.97 -42.31
C HIS C 454 -88.36 -57.35 -41.77
N ILE C 455 -89.59 -57.49 -41.35
CA ILE C 455 -90.02 -58.76 -40.76
C ILE C 455 -90.30 -59.75 -41.86
N SER C 456 -91.05 -59.30 -42.87
CA SER C 456 -91.41 -60.18 -43.98
C SER C 456 -90.18 -60.58 -44.82
N ASN C 457 -89.06 -59.88 -44.62
CA ASN C 457 -87.82 -60.14 -45.36
C ASN C 457 -86.76 -60.93 -44.59
N THR C 458 -87.14 -61.49 -43.43
CA THR C 458 -86.21 -62.33 -42.68
C THR C 458 -86.33 -63.81 -43.10
N ASP C 459 -85.20 -64.46 -43.28
CA ASP C 459 -85.19 -65.88 -43.65
C ASP C 459 -85.28 -66.74 -42.40
N GLU C 460 -86.51 -67.09 -42.04
CA GLU C 460 -86.79 -67.98 -40.93
C GLU C 460 -85.81 -69.14 -40.91
N THR C 461 -85.46 -69.64 -42.11
CA THR C 461 -84.58 -70.78 -42.29
C THR C 461 -83.20 -70.60 -41.64
N LYS C 462 -82.65 -69.39 -41.76
CA LYS C 462 -81.26 -69.08 -41.39
C LYS C 462 -80.80 -69.57 -40.02
N GLY C 463 -81.71 -69.69 -39.08
CA GLY C 463 -81.33 -70.07 -37.73
C GLY C 463 -82.51 -70.01 -36.80
N GLU C 464 -82.32 -70.54 -35.60
CA GLU C 464 -83.41 -70.61 -34.64
C GLU C 464 -83.77 -69.18 -34.22
N ASN C 465 -82.75 -68.35 -34.13
CA ASN C 465 -82.93 -66.98 -33.71
C ASN C 465 -83.72 -66.20 -34.73
N TYR C 466 -83.57 -66.58 -35.98
CA TYR C 466 -84.24 -65.85 -37.03
C TYR C 466 -85.73 -66.10 -36.99
N GLN C 467 -86.14 -67.32 -36.66
CA GLN C 467 -87.55 -67.60 -36.55
C GLN C 467 -88.18 -66.71 -35.50
N LEU C 468 -87.51 -66.61 -34.36
CA LEU C 468 -88.03 -65.79 -33.26
C LEU C 468 -88.32 -64.35 -33.68
N VAL C 469 -87.32 -63.70 -34.29
CA VAL C 469 -87.48 -62.32 -34.70
C VAL C 469 -88.70 -62.25 -35.58
N LYS C 470 -88.76 -63.14 -36.57
CA LYS C 470 -89.88 -63.14 -37.52
C LYS C 470 -91.25 -63.33 -36.84
N THR C 471 -91.36 -64.32 -35.95
CA THR C 471 -92.63 -64.55 -35.27
C THR C 471 -93.00 -63.34 -34.41
N LEU C 472 -92.12 -62.99 -33.47
CA LEU C 472 -92.29 -61.76 -32.68
C LEU C 472 -92.60 -60.58 -33.60
N GLY C 473 -91.82 -60.45 -34.65
CA GLY C 473 -92.01 -59.38 -35.60
C GLY C 473 -93.43 -59.30 -36.12
N GLU C 474 -93.94 -60.43 -36.61
CA GLU C 474 -95.29 -60.46 -37.18
C GLU C 474 -96.33 -60.14 -36.14
N GLN C 475 -96.11 -60.63 -34.91
CA GLN C 475 -97.01 -60.36 -33.80
C GLN C 475 -97.07 -58.87 -33.51
N LEU C 476 -95.89 -58.28 -33.42
CA LEU C 476 -95.70 -56.85 -33.19
C LEU C 476 -96.37 -56.05 -34.29
N ILE C 477 -96.18 -56.47 -35.54
CA ILE C 477 -96.79 -55.81 -36.69
C ILE C 477 -98.31 -55.80 -36.58
N GLU C 478 -98.85 -56.92 -36.13
CA GLU C 478 -100.28 -57.04 -35.86
C GLU C 478 -100.75 -56.00 -34.82
N ASN C 479 -100.14 -56.03 -33.65
CA ASN C 479 -100.51 -55.12 -32.57
C ASN C 479 -100.45 -53.66 -32.98
N CYS C 480 -99.40 -53.29 -33.72
CA CYS C 480 -99.23 -51.91 -34.14
C CYS C 480 -100.35 -51.49 -35.06
N LYS C 481 -100.84 -52.46 -35.83
CA LYS C 481 -101.97 -52.21 -36.71
C LYS C 481 -103.19 -51.82 -35.90
N GLN C 482 -103.38 -52.46 -34.74
CA GLN C 482 -104.50 -52.16 -33.84
C GLN C 482 -104.34 -50.86 -33.05
N VAL C 483 -103.14 -50.62 -32.52
CA VAL C 483 -102.88 -49.45 -31.67
C VAL C 483 -102.72 -48.17 -32.50
N LEU C 484 -102.71 -48.31 -33.82
CA LEU C 484 -102.77 -47.16 -34.68
C LEU C 484 -104.08 -46.47 -34.35
N ASP C 485 -104.08 -45.15 -34.30
CA ASP C 485 -105.32 -44.42 -33.98
C ASP C 485 -105.80 -44.72 -32.55
N VAL C 486 -104.65 -45.01 -31.54
CA VAL C 486 -104.99 -45.35 -30.16
C VAL C 486 -103.98 -44.74 -29.16
N ASP C 487 -104.51 -44.20 -28.08
CA ASP C 487 -103.70 -43.41 -27.14
C ASP C 487 -102.51 -44.21 -26.61
N PRO C 488 -101.33 -43.55 -26.49
CA PRO C 488 -100.10 -44.17 -25.98
C PRO C 488 -100.26 -44.38 -24.49
N VAL C 489 -99.61 -45.40 -23.95
CA VAL C 489 -99.90 -45.73 -22.59
C VAL C 489 -98.65 -45.99 -21.78
N TYR C 490 -98.73 -45.62 -20.50
CA TYR C 490 -97.71 -45.92 -19.52
C TYR C 490 -98.02 -47.28 -18.88
N LYS C 491 -97.18 -48.28 -19.21
CA LYS C 491 -97.30 -49.62 -18.65
C LYS C 491 -95.92 -50.18 -18.26
N ASP C 492 -95.68 -50.31 -16.96
CA ASP C 492 -94.43 -50.91 -16.48
C ASP C 492 -94.57 -52.42 -16.29
N VAL C 493 -93.65 -53.13 -16.90
CA VAL C 493 -93.70 -54.58 -16.99
C VAL C 493 -92.53 -55.15 -16.22
N ALA C 494 -91.61 -54.28 -15.82
CA ALA C 494 -90.41 -54.68 -15.09
C ALA C 494 -90.73 -55.63 -13.95
N LYS C 495 -89.80 -56.52 -13.68
CA LYS C 495 -89.97 -57.50 -12.62
C LYS C 495 -89.84 -56.83 -11.26
N PRO C 496 -90.90 -56.91 -10.43
CA PRO C 496 -90.96 -56.29 -9.10
C PRO C 496 -89.94 -56.89 -8.15
N THR C 497 -89.26 -56.01 -7.40
CA THR C 497 -88.19 -56.43 -6.48
C THR C 497 -88.36 -55.97 -5.04
N GLY C 498 -87.53 -56.57 -4.18
CA GLY C 498 -87.51 -56.29 -2.75
C GLY C 498 -86.10 -56.32 -2.21
N PRO C 499 -85.93 -55.97 -0.92
CA PRO C 499 -84.60 -55.77 -0.32
C PRO C 499 -84.04 -57.07 0.19
N LYS C 500 -82.77 -57.34 -0.07
CA LYS C 500 -82.10 -58.48 0.54
C LYS C 500 -80.69 -58.14 0.99
N THR C 501 -80.48 -58.17 2.30
CA THR C 501 -79.17 -57.97 2.89
C THR C 501 -78.62 -59.30 3.39
N ALA C 502 -77.33 -59.50 3.17
CA ALA C 502 -76.67 -60.71 3.65
C ALA C 502 -75.26 -60.37 4.10
N ILE C 503 -74.93 -60.80 5.30
CA ILE C 503 -73.59 -60.63 5.81
C ILE C 503 -72.82 -61.95 5.63
N ASP C 504 -71.70 -61.83 4.92
CA ASP C 504 -70.72 -62.88 4.72
C ASP C 504 -70.45 -63.74 5.96
N LYS C 505 -69.70 -64.82 5.77
CA LYS C 505 -69.14 -65.58 6.87
C LYS C 505 -67.86 -64.88 7.32
N ASN C 506 -67.44 -63.88 6.55
CA ASN C 506 -66.25 -63.09 6.85
C ASN C 506 -66.59 -61.62 7.05
N GLY C 507 -67.84 -61.36 7.44
CA GLY C 507 -68.26 -60.02 7.78
C GLY C 507 -68.38 -59.06 6.61
N ASN C 508 -68.62 -59.59 5.42
CA ASN C 508 -68.85 -58.76 4.25
C ASN C 508 -70.33 -58.51 4.02
N ILE C 509 -70.75 -57.29 4.30
CA ILE C 509 -72.15 -56.90 4.19
C ILE C 509 -72.50 -56.62 2.73
N THR C 510 -73.48 -57.36 2.23
CA THR C 510 -73.84 -57.31 0.83
C THR C 510 -75.34 -57.09 0.66
N TYR C 511 -75.69 -56.24 -0.31
CA TYR C 511 -77.10 -55.93 -0.57
C TYR C 511 -77.48 -56.21 -2.01
N SER C 512 -78.55 -56.96 -2.16
CA SER C 512 -79.06 -57.30 -3.46
C SER C 512 -80.50 -56.83 -3.56
N GLU C 513 -81.01 -56.75 -4.77
CA GLU C 513 -82.44 -56.55 -4.97
C GLU C 513 -83.06 -57.78 -5.65
N GLU C 514 -83.73 -58.59 -4.85
CA GLU C 514 -84.30 -59.84 -5.35
C GLU C 514 -85.74 -59.65 -5.81
N PRO C 515 -86.20 -60.53 -6.73
CA PRO C 515 -87.61 -60.58 -7.11
C PRO C 515 -88.45 -61.02 -5.93
N ARG C 516 -89.60 -60.37 -5.73
CA ARG C 516 -90.49 -60.73 -4.63
C ARG C 516 -91.11 -62.08 -4.90
N GLU C 517 -91.05 -62.95 -3.90
CA GLU C 517 -91.48 -64.32 -4.08
C GLU C 517 -92.89 -64.32 -4.64
N LYS C 518 -93.77 -63.61 -3.95
CA LYS C 518 -95.19 -63.69 -4.24
C LYS C 518 -95.72 -62.52 -5.11
N VAL C 519 -94.79 -61.77 -5.73
CA VAL C 519 -95.19 -60.66 -6.63
C VAL C 519 -94.42 -60.64 -7.96
N ARG C 520 -95.16 -60.55 -9.05
CA ARG C 520 -94.60 -60.71 -10.39
C ARG C 520 -95.06 -59.61 -11.35
N LYS C 521 -96.34 -59.25 -11.27
CA LYS C 521 -96.92 -58.19 -12.08
C LYS C 521 -97.10 -56.94 -11.22
N LEU C 522 -97.21 -55.77 -11.84
CA LEU C 522 -97.63 -54.58 -11.11
C LEU C 522 -99.05 -54.82 -10.63
N SER C 523 -99.79 -55.56 -11.44
CA SER C 523 -101.10 -56.06 -11.05
C SER C 523 -101.08 -56.68 -9.63
N GLN C 524 -100.20 -57.64 -9.41
CA GLN C 524 -100.10 -58.29 -8.11
C GLN C 524 -99.65 -57.32 -7.01
N TYR C 525 -98.95 -56.28 -7.41
CA TYR C 525 -98.46 -55.30 -6.44
C TYR C 525 -99.62 -54.50 -5.85
N VAL C 526 -100.57 -54.12 -6.69
CA VAL C 526 -101.75 -53.37 -6.26
C VAL C 526 -102.57 -54.18 -5.26
N GLN C 527 -102.66 -55.48 -5.54
CA GLN C 527 -103.39 -56.39 -4.67
C GLN C 527 -102.72 -56.46 -3.31
N GLU C 528 -101.38 -56.58 -3.33
CA GLU C 528 -100.60 -56.68 -2.10
C GLU C 528 -100.90 -55.47 -1.21
N MET C 529 -100.97 -54.31 -1.86
CA MET C 529 -101.19 -53.04 -1.20
C MET C 529 -102.55 -53.00 -0.53
N ALA C 530 -103.57 -53.44 -1.26
CA ALA C 530 -104.94 -53.37 -0.74
C ALA C 530 -105.19 -54.27 0.48
N LEU C 531 -104.47 -55.39 0.57
CA LEU C 531 -104.63 -56.30 1.71
C LEU C 531 -103.93 -55.80 2.99
N GLY C 532 -102.89 -55.00 2.81
CA GLY C 532 -102.17 -54.50 3.95
C GLY C 532 -101.48 -55.66 4.63
N GLY C 533 -101.18 -55.46 5.91
CA GLY C 533 -100.55 -56.49 6.71
C GLY C 533 -101.34 -56.52 8.00
N PRO C 534 -100.90 -57.38 8.94
CA PRO C 534 -101.52 -57.52 10.26
C PRO C 534 -101.27 -56.27 11.10
N ILE C 535 -100.27 -55.49 10.68
CA ILE C 535 -99.82 -54.31 11.41
C ILE C 535 -100.73 -53.10 11.21
N THR C 536 -101.64 -53.19 10.25
CA THR C 536 -102.69 -52.20 10.10
C THR C 536 -104.02 -52.78 10.60
N LYS C 537 -104.32 -52.52 11.87
CA LYS C 537 -105.43 -53.17 12.55
C LYS C 537 -106.68 -52.33 12.52
N GLU C 538 -106.86 -51.50 13.54
CA GLU C 538 -108.01 -50.58 13.60
C GLU C 538 -108.12 -49.78 12.30
N SER C 539 -109.08 -48.84 12.24
CA SER C 539 -109.45 -48.26 10.96
C SER C 539 -109.13 -46.76 10.74
N GLN C 540 -108.88 -45.97 11.79
CA GLN C 540 -109.15 -44.54 11.68
C GLN C 540 -110.44 -44.68 10.89
N MET C 599 -106.90 -61.53 -8.61
CA MET C 599 -107.84 -62.26 -9.43
C MET C 599 -106.73 -62.98 -10.18
N ASP C 600 -106.91 -64.22 -10.61
CA ASP C 600 -105.81 -64.87 -11.32
C ASP C 600 -105.90 -64.87 -12.85
N VAL C 601 -104.96 -64.17 -13.48
CA VAL C 601 -104.98 -63.93 -14.91
C VAL C 601 -103.71 -64.46 -15.56
N GLU C 602 -103.40 -65.75 -15.35
CA GLU C 602 -102.07 -66.30 -15.69
C GLU C 602 -101.32 -65.55 -16.80
N ASP C 603 -100.12 -65.07 -16.47
CA ASP C 603 -99.30 -64.28 -17.40
C ASP C 603 -98.32 -65.19 -18.10
N ALA C 604 -98.10 -64.90 -19.37
CA ALA C 604 -97.07 -65.62 -20.09
C ALA C 604 -95.72 -65.01 -19.75
N LEU C 605 -95.60 -64.42 -18.55
CA LEU C 605 -94.54 -63.44 -18.34
C LEU C 605 -93.11 -63.90 -18.59
N ASP C 606 -92.44 -64.44 -17.58
CA ASP C 606 -91.03 -64.75 -17.81
C ASP C 606 -90.87 -66.12 -18.45
N LYS C 607 -91.89 -66.54 -19.20
CA LYS C 607 -91.87 -67.84 -19.85
C LYS C 607 -91.86 -67.70 -21.39
N ASP C 608 -92.74 -66.85 -21.93
CA ASP C 608 -92.89 -66.66 -23.38
C ASP C 608 -93.27 -65.22 -23.76
N SER C 609 -92.25 -64.41 -24.06
CA SER C 609 -92.46 -62.99 -24.33
C SER C 609 -93.37 -62.73 -25.52
N THR C 610 -93.10 -63.38 -26.65
CA THR C 610 -93.98 -63.21 -27.81
C THR C 610 -95.46 -63.38 -27.46
N LYS C 611 -95.77 -64.36 -26.62
CA LYS C 611 -97.17 -64.57 -26.23
C LYS C 611 -97.71 -63.38 -25.42
N GLU C 612 -96.95 -62.90 -24.44
CA GLU C 612 -97.37 -61.73 -23.67
C GLU C 612 -97.52 -60.51 -24.56
N VAL C 613 -96.64 -60.38 -25.56
CA VAL C 613 -96.64 -59.27 -26.48
C VAL C 613 -97.94 -59.20 -27.29
N ALA C 614 -98.48 -60.37 -27.61
CA ALA C 614 -99.75 -60.47 -28.33
C ALA C 614 -100.92 -60.04 -27.47
N SER C 615 -100.71 -60.08 -26.16
CA SER C 615 -101.71 -59.72 -25.16
C SER C 615 -101.82 -58.20 -25.02
N LEU C 616 -100.72 -57.51 -25.25
CA LEU C 616 -100.58 -56.08 -24.96
C LEU C 616 -101.76 -55.21 -25.41
N PRO C 617 -102.21 -55.39 -26.66
CA PRO C 617 -103.26 -54.53 -27.20
C PRO C 617 -104.64 -54.73 -26.57
N ASN C 618 -104.81 -55.79 -25.79
CA ASN C 618 -106.13 -56.16 -25.31
C ASN C 618 -106.51 -55.57 -23.94
N LYS C 619 -107.64 -54.86 -23.95
CA LYS C 619 -108.13 -54.20 -22.74
C LYS C 619 -108.69 -55.19 -21.75
N SER C 620 -108.12 -55.19 -20.56
CA SER C 620 -108.52 -56.14 -19.53
C SER C 620 -109.88 -55.73 -18.94
N THR C 621 -110.81 -56.69 -18.92
CA THR C 621 -112.11 -56.48 -18.30
C THR C 621 -112.09 -57.14 -16.93
N ILE C 622 -112.46 -56.38 -15.90
CA ILE C 622 -112.54 -56.95 -14.56
C ILE C 622 -113.82 -56.58 -13.85
N SER C 623 -114.36 -57.55 -13.13
CA SER C 623 -115.59 -57.38 -12.37
C SER C 623 -115.24 -57.36 -10.89
N LYS C 624 -114.30 -58.20 -10.52
CA LYS C 624 -113.81 -58.25 -9.15
C LYS C 624 -112.83 -57.10 -8.94
N THR C 625 -113.36 -55.91 -8.73
CA THR C 625 -112.56 -54.72 -8.46
C THR C 625 -111.65 -54.92 -7.24
N VAL C 626 -110.39 -54.55 -7.41
CA VAL C 626 -109.40 -54.77 -6.35
C VAL C 626 -109.79 -54.10 -5.03
N SER C 627 -110.54 -53.00 -5.11
CA SER C 627 -110.98 -52.33 -3.90
C SER C 627 -111.72 -53.28 -2.95
N SER C 628 -112.50 -54.20 -3.53
CA SER C 628 -113.34 -55.11 -2.77
C SER C 628 -112.58 -56.23 -2.08
N THR C 629 -111.25 -56.26 -2.25
CA THR C 629 -110.38 -57.23 -1.58
C THR C 629 -109.95 -56.67 -0.22
N ILE C 630 -110.11 -55.37 -0.05
CA ILE C 630 -109.69 -54.71 1.18
C ILE C 630 -110.47 -55.29 2.34
N PRO C 631 -109.76 -55.90 3.30
CA PRO C 631 -110.45 -56.41 4.49
C PRO C 631 -111.21 -55.33 5.25
N ARG C 632 -112.22 -55.72 6.02
CA ARG C 632 -112.87 -54.80 6.94
C ARG C 632 -111.85 -54.55 8.01
N GLU C 633 -111.76 -53.31 8.50
CA GLU C 633 -110.85 -53.00 9.57
C GLU C 633 -109.41 -53.26 9.12
N THR C 634 -109.08 -52.79 7.92
CA THR C 634 -107.70 -52.86 7.44
C THR C 634 -107.46 -51.65 6.54
N ILE C 635 -106.35 -50.96 6.79
CA ILE C 635 -105.95 -49.83 5.95
C ILE C 635 -104.88 -50.31 5.00
N PRO C 636 -105.15 -50.20 3.68
CA PRO C 636 -104.23 -50.63 2.62
C PRO C 636 -102.89 -49.91 2.71
N PHE C 637 -101.87 -50.48 2.35
CA PHE C 637 -100.53 -49.91 2.36
C PHE C 637 -100.40 -48.64 1.55
N LEU C 638 -101.40 -48.41 0.70
CA LEU C 638 -101.57 -47.14 0.02
C LEU C 638 -103.00 -46.72 0.30
N HIS C 639 -103.22 -45.47 0.68
CA HIS C 639 -104.58 -44.99 0.85
C HIS C 639 -104.74 -43.48 0.70
N LEU C 640 -105.96 -43.05 0.41
CA LEU C 640 -106.29 -41.63 0.42
C LEU C 640 -106.88 -41.26 1.77
N ARG C 641 -106.87 -39.97 2.09
CA ARG C 641 -107.40 -39.52 3.37
C ARG C 641 -108.42 -38.43 3.20
N LYS C 642 -109.25 -38.24 4.22
CA LYS C 642 -110.32 -37.26 4.17
C LYS C 642 -110.28 -36.46 5.46
N LYS C 643 -110.37 -35.13 5.36
CA LYS C 643 -110.27 -34.31 6.56
C LYS C 643 -111.60 -34.29 7.32
N THR C 644 -111.59 -34.76 8.57
CA THR C 644 -112.76 -34.70 9.42
C THR C 644 -113.08 -33.24 9.73
N PRO C 645 -114.36 -32.91 9.96
CA PRO C 645 -114.69 -31.56 10.45
C PRO C 645 -113.92 -31.22 11.74
N ALA C 646 -113.63 -32.24 12.55
CA ALA C 646 -112.73 -32.09 13.69
C ALA C 646 -111.38 -31.49 13.25
N GLY C 647 -110.95 -31.85 12.05
CA GLY C 647 -109.76 -31.27 11.44
C GLY C 647 -108.66 -32.25 11.11
N ASP C 648 -108.82 -33.50 11.52
CA ASP C 648 -107.76 -34.49 11.33
C ASP C 648 -107.91 -35.18 9.96
N TRP C 649 -106.81 -35.73 9.46
CA TRP C 649 -106.82 -36.43 8.18
C TRP C 649 -106.80 -37.95 8.38
N LYS C 650 -107.97 -38.56 8.50
CA LYS C 650 -108.05 -40.00 8.66
C LYS C 650 -108.28 -40.73 7.34
N TYR C 651 -108.03 -42.05 7.37
CA TYR C 651 -108.22 -42.94 6.23
C TYR C 651 -109.69 -43.00 5.81
N ASP C 652 -109.96 -42.72 4.54
CA ASP C 652 -111.30 -42.90 4.00
C ASP C 652 -111.33 -44.04 3.00
N ARG C 653 -112.03 -45.11 3.37
CA ARG C 653 -112.11 -46.31 2.56
C ARG C 653 -112.59 -46.09 1.12
N GLN C 654 -113.58 -45.19 0.95
CA GLN C 654 -114.10 -44.85 -0.38
C GLN C 654 -113.01 -44.27 -1.26
N LEU C 655 -112.43 -43.15 -0.81
CA LEU C 655 -111.35 -42.51 -1.52
C LEU C 655 -110.22 -43.47 -1.86
N SER C 656 -109.84 -44.29 -0.88
CA SER C 656 -108.79 -45.28 -1.06
C SER C 656 -109.17 -46.34 -2.09
N SER C 657 -110.47 -46.61 -2.20
CA SER C 657 -110.91 -47.58 -3.16
C SER C 657 -110.86 -46.96 -4.54
N LEU C 658 -111.30 -45.71 -4.67
CA LEU C 658 -111.17 -44.96 -5.91
C LEU C 658 -109.70 -45.03 -6.40
N PHE C 659 -108.79 -44.81 -5.47
CA PHE C 659 -107.36 -44.75 -5.77
C PHE C 659 -106.77 -46.10 -6.16
N LEU C 660 -107.05 -47.12 -5.35
CA LEU C 660 -106.48 -48.45 -5.53
C LEU C 660 -107.02 -49.11 -6.79
N ASP C 661 -108.28 -48.85 -7.10
CA ASP C 661 -108.92 -49.40 -8.28
C ASP C 661 -108.33 -48.77 -9.51
N GLY C 662 -108.08 -47.46 -9.42
CA GLY C 662 -107.36 -46.77 -10.47
C GLY C 662 -106.02 -47.41 -10.76
N LEU C 663 -105.23 -47.63 -9.70
CA LEU C 663 -103.93 -48.28 -9.80
C LEU C 663 -104.02 -49.66 -10.48
N GLU C 664 -105.03 -50.45 -10.12
CA GLU C 664 -105.24 -51.75 -10.73
C GLU C 664 -105.50 -51.63 -12.22
N LYS C 665 -106.46 -50.78 -12.56
CA LYS C 665 -106.81 -50.51 -13.95
C LYS C 665 -105.59 -49.99 -14.75
N ALA C 666 -104.67 -49.34 -14.04
CA ALA C 666 -103.47 -48.80 -14.67
C ALA C 666 -102.42 -49.88 -14.88
N ALA C 667 -102.50 -50.94 -14.08
CA ALA C 667 -101.55 -52.04 -14.18
C ALA C 667 -101.90 -52.93 -15.38
N PHE C 668 -103.20 -53.03 -15.66
CA PHE C 668 -103.74 -53.92 -16.68
C PHE C 668 -103.85 -53.24 -18.05
N ASN C 669 -104.24 -51.90 -18.12
CA ASN C 669 -104.44 -51.17 -19.37
C ASN C 669 -103.33 -50.15 -19.58
N GLY C 670 -102.76 -49.68 -18.49
CA GLY C 670 -101.87 -48.53 -18.55
C GLY C 670 -102.70 -47.26 -18.55
N VAL C 671 -102.01 -46.12 -18.40
CA VAL C 671 -102.70 -44.84 -18.44
C VAL C 671 -102.10 -43.99 -19.51
N THR C 672 -102.94 -43.20 -20.19
CA THR C 672 -102.43 -42.22 -21.12
C THR C 672 -102.32 -40.86 -20.46
N PHE C 673 -101.32 -40.09 -20.92
CA PHE C 673 -101.12 -38.72 -20.48
C PHE C 673 -101.11 -37.82 -21.72
N LYS C 674 -101.71 -38.29 -22.80
CA LYS C 674 -101.87 -37.51 -24.00
C LYS C 674 -102.47 -36.17 -23.62
N ASP C 675 -101.94 -35.10 -24.21
CA ASP C 675 -102.54 -33.78 -23.99
C ASP C 675 -102.30 -33.16 -22.61
N LYS C 676 -101.49 -33.82 -21.77
CA LYS C 676 -101.16 -33.25 -20.46
C LYS C 676 -99.83 -32.50 -20.49
N TYR C 677 -99.83 -31.24 -20.05
CA TYR C 677 -98.63 -30.40 -20.00
C TYR C 677 -98.06 -30.31 -18.60
N VAL C 678 -96.82 -30.73 -18.44
CA VAL C 678 -96.24 -30.94 -17.11
C VAL C 678 -94.89 -30.26 -16.90
N LEU C 679 -94.75 -29.62 -15.73
CA LEU C 679 -93.47 -29.11 -15.27
C LEU C 679 -92.97 -29.95 -14.12
N ILE C 680 -91.77 -30.51 -14.27
CA ILE C 680 -91.18 -31.36 -13.22
C ILE C 680 -89.72 -30.98 -12.88
N THR C 681 -89.50 -30.62 -11.61
CA THR C 681 -88.19 -30.25 -11.09
C THR C 681 -87.70 -31.34 -10.18
N GLY C 682 -86.40 -31.62 -10.23
CA GLY C 682 -85.83 -32.68 -9.40
C GLY C 682 -85.71 -34.02 -10.10
N ALA C 683 -85.87 -34.05 -11.42
CA ALA C 683 -85.93 -35.30 -12.14
C ALA C 683 -84.58 -35.74 -12.73
N GLY C 684 -83.52 -35.52 -11.97
CA GLY C 684 -82.20 -35.95 -12.40
C GLY C 684 -82.10 -37.46 -12.53
N LYS C 685 -80.99 -37.94 -13.09
CA LYS C 685 -80.79 -39.38 -13.22
C LYS C 685 -80.81 -40.06 -11.87
N GLY C 686 -81.28 -41.32 -11.86
CA GLY C 686 -81.33 -42.12 -10.66
C GLY C 686 -82.17 -41.56 -9.52
N SER C 687 -83.40 -41.16 -9.84
CA SER C 687 -84.25 -40.52 -8.85
C SER C 687 -85.70 -40.81 -9.13
N ILE C 688 -86.56 -40.61 -8.14
CA ILE C 688 -87.99 -40.85 -8.32
C ILE C 688 -88.50 -39.99 -9.46
N GLY C 689 -87.89 -38.82 -9.61
CA GLY C 689 -88.19 -37.92 -10.70
C GLY C 689 -88.11 -38.56 -12.06
N ALA C 690 -86.94 -39.12 -12.40
CA ALA C 690 -86.69 -39.63 -13.74
C ALA C 690 -87.54 -40.83 -14.06
N GLU C 691 -88.02 -41.51 -13.02
CA GLU C 691 -88.93 -42.65 -13.22
C GLU C 691 -90.35 -42.16 -13.51
N VAL C 692 -90.74 -41.06 -12.88
CA VAL C 692 -92.01 -40.39 -13.17
C VAL C 692 -91.97 -39.79 -14.56
N LEU C 693 -90.81 -39.25 -14.94
CA LEU C 693 -90.63 -38.61 -16.24
C LEU C 693 -90.76 -39.62 -17.37
N GLN C 694 -90.15 -40.78 -17.17
CA GLN C 694 -90.23 -41.83 -18.16
C GLN C 694 -91.70 -42.19 -18.34
N GLY C 695 -92.41 -42.26 -17.21
CA GLY C 695 -93.83 -42.59 -17.24
C GLY C 695 -94.60 -41.59 -18.08
N LEU C 696 -94.44 -40.32 -17.75
CA LEU C 696 -95.17 -39.27 -18.44
C LEU C 696 -94.95 -39.37 -19.93
N LEU C 697 -93.68 -39.48 -20.34
CA LEU C 697 -93.32 -39.49 -21.76
C LEU C 697 -93.95 -40.68 -22.46
N GLN C 698 -93.99 -41.81 -21.76
CA GLN C 698 -94.53 -43.02 -22.32
C GLN C 698 -96.02 -42.86 -22.62
N GLY C 699 -96.68 -42.01 -21.83
CA GLY C 699 -98.10 -41.77 -21.98
C GLY C 699 -98.41 -40.66 -22.95
N GLY C 700 -97.38 -40.05 -23.52
CA GLY C 700 -97.55 -39.02 -24.54
C GLY C 700 -97.66 -37.59 -24.04
N ALA C 701 -97.11 -37.34 -22.85
CA ALA C 701 -97.17 -36.03 -22.22
C ALA C 701 -96.24 -35.04 -22.90
N LYS C 702 -96.49 -33.76 -22.65
CA LYS C 702 -95.59 -32.72 -23.10
C LYS C 702 -94.98 -32.13 -21.82
N VAL C 703 -93.68 -32.36 -21.65
CA VAL C 703 -93.05 -32.18 -20.37
C VAL C 703 -91.84 -31.25 -20.44
N VAL C 704 -91.73 -30.37 -19.44
CA VAL C 704 -90.51 -29.59 -19.24
C VAL C 704 -89.77 -30.18 -18.06
N VAL C 705 -88.54 -30.60 -18.29
CA VAL C 705 -87.69 -31.03 -17.19
C VAL C 705 -86.65 -29.96 -16.88
N THR C 706 -86.43 -29.71 -15.59
CA THR C 706 -85.36 -28.82 -15.13
C THR C 706 -84.13 -29.62 -14.74
N THR C 707 -82.96 -29.10 -15.08
CA THR C 707 -81.72 -29.65 -14.58
C THR C 707 -80.86 -28.52 -14.03
N SER C 708 -80.11 -28.85 -12.97
CA SER C 708 -79.25 -27.91 -12.29
C SER C 708 -77.86 -27.99 -12.88
N ARG C 709 -77.42 -29.22 -13.10
CA ARG C 709 -76.13 -29.50 -13.72
C ARG C 709 -76.31 -29.78 -15.22
N PHE C 710 -76.58 -28.74 -15.98
CA PHE C 710 -76.83 -28.81 -17.42
C PHE C 710 -75.51 -29.05 -18.21
N SER C 711 -75.33 -30.25 -18.76
CA SER C 711 -74.06 -30.63 -19.37
C SER C 711 -74.30 -31.30 -20.70
N LYS C 712 -73.23 -31.62 -21.42
CA LYS C 712 -73.41 -32.51 -22.54
C LYS C 712 -73.82 -33.82 -21.93
N GLN C 713 -73.11 -34.23 -20.88
CA GLN C 713 -73.40 -35.51 -20.24
C GLN C 713 -74.89 -35.66 -19.89
N VAL C 714 -75.51 -34.55 -19.50
CA VAL C 714 -76.91 -34.54 -19.12
C VAL C 714 -77.87 -34.40 -20.31
N THR C 715 -77.51 -33.56 -21.27
CA THR C 715 -78.23 -33.48 -22.53
C THR C 715 -78.32 -34.85 -23.18
N ASP C 716 -77.21 -35.56 -23.18
CA ASP C 716 -77.13 -36.87 -23.82
C ASP C 716 -78.01 -37.90 -23.12
N TYR C 717 -78.09 -37.80 -21.79
CA TYR C 717 -79.00 -38.58 -20.97
C TYR C 717 -80.46 -38.46 -21.43
N TYR C 718 -80.94 -37.24 -21.58
CA TYR C 718 -82.32 -37.02 -21.94
C TYR C 718 -82.65 -37.41 -23.37
N GLN C 719 -81.72 -37.17 -24.30
CA GLN C 719 -81.95 -37.63 -25.67
C GLN C 719 -82.09 -39.15 -25.62
N SER C 720 -81.28 -39.81 -24.80
CA SER C 720 -81.39 -41.27 -24.68
C SER C 720 -82.76 -41.65 -24.16
N ILE C 721 -83.14 -41.02 -23.06
CA ILE C 721 -84.44 -41.27 -22.43
C ILE C 721 -85.61 -41.00 -23.39
N TYR C 722 -85.54 -39.93 -24.15
CA TYR C 722 -86.63 -39.62 -25.07
C TYR C 722 -86.74 -40.64 -26.20
N ALA C 723 -85.61 -41.02 -26.76
CA ALA C 723 -85.60 -41.93 -27.90
C ALA C 723 -86.03 -43.34 -27.50
N LYS C 724 -86.19 -43.55 -26.19
CA LYS C 724 -86.67 -44.84 -25.68
C LYS C 724 -88.15 -44.83 -25.31
N TYR C 725 -88.60 -43.74 -24.69
CA TYR C 725 -89.96 -43.66 -24.11
C TYR C 725 -90.85 -42.61 -24.76
N GLY C 726 -90.24 -41.75 -25.59
CA GLY C 726 -90.94 -40.68 -26.23
C GLY C 726 -92.04 -41.19 -27.11
N ALA C 727 -93.26 -41.21 -26.54
CA ALA C 727 -94.46 -41.72 -27.22
C ALA C 727 -94.88 -40.83 -28.39
N LYS C 728 -95.81 -41.31 -29.22
CA LYS C 728 -96.43 -40.44 -30.21
C LYS C 728 -97.11 -39.24 -29.50
N GLY C 729 -96.81 -38.02 -29.97
CA GLY C 729 -97.42 -36.84 -29.40
C GLY C 729 -96.72 -36.30 -28.16
N SER C 730 -95.60 -36.92 -27.82
CA SER C 730 -94.86 -36.50 -26.65
C SER C 730 -93.85 -35.44 -27.05
N THR C 731 -93.32 -34.76 -26.05
CA THR C 731 -92.25 -33.81 -26.27
C THR C 731 -91.59 -33.44 -24.95
N LEU C 732 -90.26 -33.55 -24.94
CA LEU C 732 -89.45 -33.27 -23.77
C LEU C 732 -88.70 -31.95 -24.03
N ILE C 733 -88.68 -31.09 -23.03
CA ILE C 733 -87.91 -29.85 -23.12
C ILE C 733 -87.01 -29.72 -21.90
N VAL C 734 -85.70 -29.75 -22.13
CA VAL C 734 -84.78 -29.63 -21.02
C VAL C 734 -84.23 -28.22 -20.91
N VAL C 735 -84.36 -27.65 -19.71
CA VAL C 735 -83.86 -26.31 -19.44
C VAL C 735 -82.96 -26.36 -18.22
N PRO C 736 -81.94 -25.50 -18.20
CA PRO C 736 -81.11 -25.35 -17.00
C PRO C 736 -81.93 -24.53 -16.02
N PHE C 737 -81.86 -24.81 -14.73
CA PHE C 737 -82.73 -24.12 -13.79
C PHE C 737 -82.23 -24.22 -12.36
N ASN C 738 -82.47 -23.16 -11.59
CA ASN C 738 -82.09 -23.15 -10.19
C ASN C 738 -83.26 -22.74 -9.32
N GLN C 739 -83.95 -23.70 -8.72
CA GLN C 739 -85.14 -23.40 -7.95
C GLN C 739 -84.84 -22.49 -6.77
N GLY C 740 -83.56 -22.26 -6.50
CA GLY C 740 -83.13 -21.34 -5.44
C GLY C 740 -83.16 -19.86 -5.84
N SER C 741 -83.20 -19.61 -7.15
CA SER C 741 -83.23 -18.25 -7.68
C SER C 741 -84.67 -17.79 -7.88
N LYS C 742 -85.04 -16.67 -7.26
CA LYS C 742 -86.36 -16.10 -7.51
C LYS C 742 -86.44 -15.84 -9.00
N GLN C 743 -85.36 -15.30 -9.53
CA GLN C 743 -85.35 -14.85 -10.90
C GLN C 743 -85.52 -16.01 -11.89
N ASP C 744 -84.99 -17.17 -11.54
CA ASP C 744 -85.15 -18.37 -12.35
C ASP C 744 -86.56 -18.91 -12.30
N VAL C 745 -87.14 -18.96 -11.11
CA VAL C 745 -88.54 -19.36 -11.01
C VAL C 745 -89.38 -18.48 -11.93
N GLU C 746 -89.25 -17.16 -11.77
CA GLU C 746 -89.99 -16.24 -12.60
C GLU C 746 -89.70 -16.39 -14.10
N ALA C 747 -88.42 -16.47 -14.44
CA ALA C 747 -87.99 -16.60 -15.83
C ALA C 747 -88.50 -17.87 -16.47
N LEU C 748 -88.51 -18.97 -15.72
CA LEU C 748 -88.88 -20.26 -16.26
C LEU C 748 -90.34 -20.25 -16.65
N ILE C 749 -91.23 -20.06 -15.68
CA ILE C 749 -92.65 -20.20 -16.01
C ILE C 749 -93.18 -19.07 -16.90
N GLU C 750 -92.33 -18.09 -17.17
CA GLU C 750 -92.64 -17.06 -18.16
C GLU C 750 -92.33 -17.53 -19.57
N PHE C 751 -91.21 -18.21 -19.70
CA PHE C 751 -90.80 -18.83 -20.94
C PHE C 751 -91.77 -19.93 -21.30
N ILE C 752 -92.45 -20.48 -20.31
CA ILE C 752 -93.40 -21.54 -20.56
C ILE C 752 -94.66 -20.97 -21.17
N TYR C 753 -95.10 -19.83 -20.65
CA TYR C 753 -96.40 -19.29 -21.05
C TYR C 753 -96.37 -18.39 -22.27
N ASP C 754 -95.18 -17.87 -22.57
CA ASP C 754 -94.99 -16.88 -23.61
C ASP C 754 -95.15 -17.45 -25.04
N THR C 755 -95.86 -16.75 -25.89
CA THR C 755 -96.13 -17.23 -27.24
C THR C 755 -94.83 -17.57 -27.93
N GLU C 756 -94.90 -18.56 -28.81
CA GLU C 756 -93.71 -19.03 -29.52
C GLU C 756 -93.03 -17.89 -30.24
N LYS C 757 -93.84 -16.97 -30.77
CA LYS C 757 -93.32 -15.82 -31.50
C LYS C 757 -92.36 -15.03 -30.62
N ASN C 758 -92.80 -14.76 -29.39
CA ASN C 758 -91.98 -14.03 -28.42
C ASN C 758 -90.86 -14.86 -27.77
N GLY C 759 -90.52 -15.99 -28.38
CA GLY C 759 -89.40 -16.79 -27.94
C GLY C 759 -89.76 -17.78 -26.86
N GLY C 760 -91.07 -17.96 -26.68
CA GLY C 760 -91.59 -18.78 -25.59
C GLY C 760 -91.92 -20.21 -25.99
N LEU C 761 -92.66 -20.89 -25.12
CA LEU C 761 -93.07 -22.27 -25.31
C LEU C 761 -94.54 -22.34 -25.72
N GLY C 762 -95.27 -21.30 -25.33
CA GLY C 762 -96.68 -21.19 -25.65
C GLY C 762 -97.55 -22.22 -24.95
N TRP C 763 -97.10 -22.71 -23.80
CA TRP C 763 -97.86 -23.73 -23.13
C TRP C 763 -98.75 -23.18 -22.02
N ASP C 764 -99.42 -24.11 -21.35
CA ASP C 764 -100.24 -23.86 -20.17
C ASP C 764 -100.21 -25.14 -19.33
N LEU C 765 -99.66 -25.05 -18.12
CA LEU C 765 -99.40 -26.26 -17.36
C LEU C 765 -100.66 -26.91 -16.79
N ASP C 766 -100.64 -28.24 -16.74
CA ASP C 766 -101.71 -29.03 -16.16
C ASP C 766 -101.22 -29.77 -14.92
N ALA C 767 -99.90 -29.86 -14.79
CA ALA C 767 -99.28 -30.49 -13.63
C ALA C 767 -97.94 -29.83 -13.27
N ILE C 768 -97.72 -29.71 -11.96
CA ILE C 768 -96.45 -29.24 -11.41
C ILE C 768 -95.93 -30.21 -10.35
N ILE C 769 -94.68 -30.62 -10.52
CA ILE C 769 -94.10 -31.61 -9.63
C ILE C 769 -92.77 -31.08 -9.16
N PRO C 770 -92.78 -30.32 -8.06
CA PRO C 770 -91.68 -29.51 -7.52
C PRO C 770 -90.76 -30.32 -6.64
N PHE C 771 -90.21 -31.39 -7.20
CA PHE C 771 -89.42 -32.33 -6.41
C PHE C 771 -87.96 -31.88 -6.22
N ALA C 772 -87.64 -30.69 -6.69
CA ALA C 772 -86.29 -30.16 -6.56
C ALA C 772 -85.86 -30.04 -5.10
N ALA C 773 -84.61 -30.43 -4.82
CA ALA C 773 -84.07 -30.28 -3.46
C ALA C 773 -82.56 -30.40 -3.29
N ILE C 774 -82.12 -30.16 -2.05
CA ILE C 774 -80.71 -30.22 -1.65
C ILE C 774 -80.63 -31.05 -0.38
N PRO C 775 -79.62 -31.92 -0.30
CA PRO C 775 -79.41 -32.88 0.80
C PRO C 775 -78.75 -32.24 2.01
N GLU C 776 -79.49 -32.09 3.10
CA GLU C 776 -78.93 -31.58 4.33
C GLU C 776 -78.81 -32.75 5.30
N GLN C 777 -77.61 -33.01 5.80
CA GLN C 777 -77.44 -34.13 6.71
C GLN C 777 -76.34 -33.85 7.71
N GLY C 778 -76.58 -34.20 8.97
CA GLY C 778 -75.60 -33.97 10.02
C GLY C 778 -75.67 -32.52 10.45
N ILE C 779 -76.82 -31.91 10.18
CA ILE C 779 -77.08 -30.57 10.61
C ILE C 779 -78.17 -30.65 11.64
N GLU C 780 -77.84 -30.38 12.89
CA GLU C 780 -78.87 -30.32 13.92
C GLU C 780 -79.28 -28.88 14.19
N LEU C 781 -80.18 -28.68 15.16
CA LEU C 781 -80.68 -27.36 15.46
C LEU C 781 -79.56 -26.32 15.42
N GLU C 782 -78.52 -26.52 16.21
CA GLU C 782 -77.49 -25.49 16.35
C GLU C 782 -76.54 -25.44 15.17
N HIS C 783 -76.77 -26.29 14.17
CA HIS C 783 -75.92 -26.28 12.99
C HIS C 783 -76.60 -25.57 11.83
N ILE C 784 -77.90 -25.33 11.97
CA ILE C 784 -78.65 -24.68 10.90
C ILE C 784 -78.03 -23.35 10.54
N ASP C 785 -77.56 -23.25 9.29
CA ASP C 785 -76.94 -22.03 8.81
C ASP C 785 -77.18 -21.79 7.31
N SER C 786 -76.16 -21.26 6.64
CA SER C 786 -76.28 -20.85 5.24
C SER C 786 -76.88 -21.91 4.34
N LYS C 787 -76.41 -23.14 4.46
CA LYS C 787 -76.92 -24.20 3.62
C LYS C 787 -78.42 -24.43 3.86
N SER C 788 -78.79 -24.66 5.12
CA SER C 788 -80.17 -25.02 5.46
C SER C 788 -81.17 -23.91 5.09
N GLU C 789 -80.75 -22.66 5.23
CA GLU C 789 -81.63 -21.53 4.93
C GLU C 789 -81.89 -21.46 3.44
N PHE C 790 -80.84 -21.77 2.67
CA PHE C 790 -80.92 -21.80 1.23
C PHE C 790 -81.76 -23.01 0.82
N ALA C 791 -81.50 -24.13 1.47
CA ALA C 791 -82.24 -25.34 1.18
C ALA C 791 -83.71 -25.11 1.44
N HIS C 792 -84.03 -24.46 2.56
CA HIS C 792 -85.42 -24.14 2.91
C HIS C 792 -86.06 -23.30 1.82
N ARG C 793 -85.27 -22.48 1.15
CA ARG C 793 -85.79 -21.62 0.09
C ARG C 793 -86.19 -22.42 -1.14
N ILE C 794 -85.35 -23.36 -1.53
CA ILE C 794 -85.63 -24.22 -2.68
C ILE C 794 -86.80 -25.15 -2.41
N MET C 795 -86.88 -25.62 -1.18
CA MET C 795 -87.82 -26.69 -0.88
C MET C 795 -89.15 -26.19 -0.33
N LEU C 796 -89.27 -24.88 -0.10
CA LEU C 796 -90.52 -24.31 0.38
C LEU C 796 -90.87 -22.96 -0.22
N THR C 797 -90.09 -21.94 0.12
CA THR C 797 -90.47 -20.58 -0.27
C THR C 797 -90.57 -20.42 -1.79
N ASN C 798 -89.61 -20.92 -2.55
CA ASN C 798 -89.70 -20.81 -3.99
C ASN C 798 -90.71 -21.74 -4.65
N ILE C 799 -91.09 -22.83 -3.97
CA ILE C 799 -92.20 -23.65 -4.44
C ILE C 799 -93.51 -22.84 -4.38
N LEU C 800 -93.71 -22.15 -3.27
CA LEU C 800 -94.83 -21.23 -3.14
C LEU C 800 -94.79 -20.23 -4.25
N ARG C 801 -93.63 -19.57 -4.40
CA ARG C 801 -93.41 -18.58 -5.46
C ARG C 801 -93.74 -19.10 -6.86
N MET C 802 -93.44 -20.38 -7.10
CA MET C 802 -93.67 -21.03 -8.37
C MET C 802 -95.17 -21.24 -8.63
N MET C 803 -95.88 -21.72 -7.61
CA MET C 803 -97.33 -21.89 -7.76
C MET C 803 -97.91 -20.51 -8.01
N GLY C 804 -97.52 -19.56 -7.19
CA GLY C 804 -97.95 -18.19 -7.34
C GLY C 804 -97.75 -17.65 -8.74
N CYS C 805 -96.59 -17.93 -9.33
CA CYS C 805 -96.30 -17.48 -10.69
C CYS C 805 -97.28 -18.01 -11.74
N VAL C 806 -97.53 -19.33 -11.76
CA VAL C 806 -98.42 -19.87 -12.78
C VAL C 806 -99.86 -19.43 -12.55
N LYS C 807 -100.20 -19.14 -11.29
CA LYS C 807 -101.49 -18.55 -10.99
C LYS C 807 -101.65 -17.21 -11.71
N LYS C 808 -100.65 -16.35 -11.64
CA LYS C 808 -100.74 -15.03 -12.25
C LYS C 808 -100.90 -15.15 -13.74
N GLN C 809 -100.13 -16.06 -14.35
CA GLN C 809 -100.16 -16.30 -15.79
C GLN C 809 -101.53 -16.73 -16.25
N LYS C 810 -102.06 -17.77 -15.63
CA LYS C 810 -103.39 -18.26 -15.95
C LYS C 810 -104.38 -17.15 -15.76
N SER C 811 -104.38 -16.55 -14.59
CA SER C 811 -105.31 -15.47 -14.29
C SER C 811 -105.22 -14.32 -15.27
N ALA C 812 -104.00 -13.91 -15.60
CA ALA C 812 -103.81 -12.80 -16.54
C ALA C 812 -104.32 -13.14 -17.93
N ARG C 813 -104.75 -14.39 -18.09
CA ARG C 813 -105.26 -14.87 -19.37
C ARG C 813 -106.69 -15.36 -19.27
N GLY C 814 -107.33 -15.14 -18.13
CA GLY C 814 -108.70 -15.59 -17.92
C GLY C 814 -108.88 -17.10 -17.90
N ILE C 815 -107.80 -17.81 -17.58
CA ILE C 815 -107.80 -19.27 -17.61
C ILE C 815 -108.40 -19.83 -16.33
N GLU C 816 -109.72 -19.92 -16.30
CA GLU C 816 -110.42 -20.23 -15.06
C GLU C 816 -110.88 -21.70 -15.05
N THR C 817 -110.70 -22.39 -16.17
CA THR C 817 -111.17 -23.77 -16.27
C THR C 817 -110.07 -24.73 -16.68
N ARG C 818 -108.84 -24.47 -16.25
CA ARG C 818 -107.77 -25.42 -16.51
C ARG C 818 -106.76 -25.36 -15.39
N PRO C 819 -107.14 -25.94 -14.25
CA PRO C 819 -106.23 -25.90 -13.10
C PRO C 819 -105.00 -26.74 -13.39
N ALA C 820 -103.87 -26.34 -12.80
CA ALA C 820 -102.68 -27.15 -12.79
C ALA C 820 -102.63 -27.91 -11.46
N GLN C 821 -102.47 -29.23 -11.55
CA GLN C 821 -102.38 -30.06 -10.36
C GLN C 821 -100.97 -30.02 -9.80
N VAL C 822 -100.85 -29.75 -8.50
CA VAL C 822 -99.55 -29.70 -7.88
C VAL C 822 -99.34 -30.90 -6.98
N ILE C 823 -98.44 -31.78 -7.38
CA ILE C 823 -98.06 -32.93 -6.56
C ILE C 823 -97.05 -32.48 -5.52
N LEU C 824 -97.52 -32.19 -4.31
CA LEU C 824 -96.65 -31.80 -3.21
C LEU C 824 -95.89 -33.02 -2.71
N PRO C 825 -94.56 -32.93 -2.65
CA PRO C 825 -93.76 -34.01 -2.09
C PRO C 825 -93.74 -33.85 -0.59
N MET C 826 -94.62 -34.55 0.11
CA MET C 826 -94.72 -34.42 1.57
C MET C 826 -93.92 -35.48 2.27
N SER C 827 -93.68 -35.27 3.56
CA SER C 827 -92.97 -36.23 4.39
C SER C 827 -93.80 -36.65 5.58
N PRO C 828 -93.71 -37.95 5.96
CA PRO C 828 -94.37 -38.59 7.09
C PRO C 828 -93.58 -38.43 8.39
N ASN C 829 -92.40 -37.85 8.31
CA ASN C 829 -91.45 -37.83 9.44
C ASN C 829 -90.88 -36.46 9.72
N HIS C 830 -91.67 -35.64 10.39
CA HIS C 830 -91.24 -34.29 10.69
C HIS C 830 -90.28 -34.30 11.87
N GLY C 831 -89.00 -34.30 11.55
CA GLY C 831 -87.97 -34.21 12.56
C GLY C 831 -88.00 -35.42 13.46
N THR C 832 -88.37 -36.55 12.88
CA THR C 832 -88.39 -37.82 13.60
C THR C 832 -86.96 -38.29 13.78
N PHE C 833 -86.23 -38.26 12.67
CA PHE C 833 -84.86 -38.75 12.64
C PHE C 833 -83.91 -37.63 13.04
N GLY C 834 -82.62 -37.94 13.11
CA GLY C 834 -81.57 -37.01 13.49
C GLY C 834 -81.58 -35.68 12.76
N GLY C 835 -80.41 -35.22 12.32
CA GLY C 835 -80.23 -33.86 11.82
C GLY C 835 -80.59 -33.58 10.37
N ASP C 836 -81.90 -33.41 10.11
CA ASP C 836 -82.44 -33.02 8.80
C ASP C 836 -81.89 -31.70 8.26
N GLY C 837 -81.25 -30.93 9.11
CA GLY C 837 -81.06 -29.53 8.79
C GLY C 837 -82.39 -28.80 8.95
N MET C 838 -82.97 -28.39 7.86
CA MET C 838 -84.24 -27.69 7.96
C MET C 838 -85.28 -28.35 7.04
N TYR C 839 -85.01 -29.62 6.72
CA TYR C 839 -85.83 -30.39 5.80
C TYR C 839 -87.23 -30.59 6.35
N SER C 840 -87.32 -31.08 7.57
CA SER C 840 -88.63 -31.33 8.16
C SER C 840 -89.47 -30.08 8.17
N GLU C 841 -88.82 -28.95 8.40
CA GLU C 841 -89.51 -27.67 8.43
C GLU C 841 -90.04 -27.33 7.05
N SER C 842 -89.23 -27.50 6.02
CA SER C 842 -89.71 -27.24 4.64
C SER C 842 -90.93 -28.14 4.29
N LYS C 843 -90.80 -29.43 4.60
CA LYS C 843 -91.79 -30.42 4.21
C LYS C 843 -93.09 -30.30 5.00
N LEU C 844 -93.02 -29.76 6.20
CA LEU C 844 -94.22 -29.57 7.00
C LEU C 844 -95.00 -28.31 6.61
N SER C 845 -94.26 -27.29 6.17
CA SER C 845 -94.85 -26.03 5.75
C SER C 845 -95.80 -26.25 4.58
N LEU C 846 -95.38 -27.07 3.64
CA LEU C 846 -96.16 -27.35 2.45
C LEU C 846 -97.62 -27.64 2.76
N GLU C 847 -97.85 -28.22 3.94
CA GLU C 847 -99.17 -28.72 4.30
C GLU C 847 -100.18 -27.63 4.59
N THR C 848 -99.75 -26.37 4.58
CA THR C 848 -100.70 -25.30 4.74
C THR C 848 -101.51 -25.11 3.47
N LEU C 849 -101.04 -25.65 2.35
CA LEU C 849 -101.74 -25.43 1.08
C LEU C 849 -103.09 -26.15 1.05
N PHE C 850 -103.25 -27.11 1.95
CA PHE C 850 -104.48 -27.87 2.07
C PHE C 850 -105.61 -26.99 2.55
N ASN C 851 -105.23 -25.85 3.10
CA ASN C 851 -106.20 -24.91 3.64
C ASN C 851 -106.19 -23.63 2.81
N ARG C 852 -105.01 -23.15 2.45
CA ARG C 852 -104.87 -21.97 1.60
C ARG C 852 -105.67 -22.12 0.32
N TRP C 853 -105.78 -23.36 -0.17
CA TRP C 853 -106.53 -23.62 -1.39
C TRP C 853 -107.95 -23.08 -1.24
N HIS C 854 -108.54 -23.33 -0.08
CA HIS C 854 -109.89 -22.88 0.23
C HIS C 854 -109.96 -21.39 0.60
N SER C 855 -109.02 -20.94 1.42
CA SER C 855 -109.12 -19.64 2.08
C SER C 855 -108.74 -18.47 1.18
N GLU C 856 -107.84 -18.73 0.24
CA GLU C 856 -107.44 -17.71 -0.72
C GLU C 856 -108.19 -17.89 -2.03
N SER C 857 -107.55 -17.57 -3.14
CA SER C 857 -108.30 -17.38 -4.37
C SER C 857 -107.61 -17.89 -5.63
N TRP C 858 -106.88 -18.99 -5.51
CA TRP C 858 -106.22 -19.54 -6.67
C TRP C 858 -106.82 -20.89 -7.03
N ALA C 859 -108.00 -21.18 -6.48
CA ALA C 859 -108.54 -22.53 -6.54
C ALA C 859 -108.88 -23.04 -7.95
N ASN C 860 -109.02 -22.12 -8.91
CA ASN C 860 -109.25 -22.52 -10.31
C ASN C 860 -107.98 -22.51 -11.15
N GLN C 861 -106.88 -22.10 -10.54
CA GLN C 861 -105.61 -22.10 -11.22
C GLN C 861 -104.74 -23.27 -10.77
N LEU C 862 -104.82 -23.61 -9.48
CA LEU C 862 -104.07 -24.75 -8.94
C LEU C 862 -104.98 -25.70 -8.14
N THR C 863 -104.62 -26.99 -8.08
CA THR C 863 -105.22 -27.90 -7.10
C THR C 863 -104.07 -28.55 -6.35
N VAL C 864 -104.25 -28.81 -5.05
CA VAL C 864 -103.17 -29.42 -4.29
C VAL C 864 -103.38 -30.93 -4.11
N CYS C 865 -102.32 -31.67 -4.40
CA CYS C 865 -102.31 -33.14 -4.29
C CYS C 865 -101.08 -33.56 -3.50
N GLY C 866 -101.27 -33.72 -2.19
CA GLY C 866 -100.17 -34.00 -1.30
C GLY C 866 -99.84 -35.47 -1.30
N ALA C 867 -98.62 -35.79 -1.72
CA ALA C 867 -98.19 -37.18 -1.67
C ALA C 867 -97.23 -37.32 -0.49
N ILE C 868 -97.53 -38.28 0.36
CA ILE C 868 -96.66 -38.58 1.47
C ILE C 868 -95.76 -39.71 0.99
N ILE C 869 -94.58 -39.35 0.50
CA ILE C 869 -93.65 -40.32 -0.05
C ILE C 869 -93.02 -41.20 1.04
N GLY C 870 -93.06 -42.53 0.83
CA GLY C 870 -92.60 -43.46 1.84
C GLY C 870 -91.13 -43.79 1.70
N TRP C 871 -90.75 -44.92 2.30
CA TRP C 871 -89.36 -45.36 2.26
C TRP C 871 -88.98 -45.83 0.87
N THR C 872 -88.11 -45.07 0.19
CA THR C 872 -87.72 -45.39 -1.18
C THR C 872 -86.22 -45.67 -1.36
N ARG C 873 -85.90 -46.86 -1.86
CA ARG C 873 -84.51 -47.23 -2.13
C ARG C 873 -84.05 -46.82 -3.54
N GLY C 874 -82.84 -46.29 -3.65
CA GLY C 874 -82.25 -46.03 -4.96
C GLY C 874 -80.74 -45.81 -4.89
N THR C 875 -80.09 -45.64 -6.04
CA THR C 875 -78.70 -45.16 -6.08
C THR C 875 -78.66 -44.08 -5.02
N ASN C 881 -78.01 -47.39 2.89
CA ASN C 881 -78.98 -47.01 3.92
C ASN C 881 -80.21 -47.86 3.53
N ASN C 882 -80.00 -48.64 2.48
CA ASN C 882 -80.94 -49.65 2.05
C ASN C 882 -80.59 -50.94 2.77
N ILE C 883 -79.40 -50.97 3.37
CA ILE C 883 -78.96 -52.16 4.06
C ILE C 883 -79.95 -52.51 5.17
N ILE C 884 -80.60 -51.48 5.72
CA ILE C 884 -81.59 -51.71 6.76
C ILE C 884 -82.99 -51.78 6.19
N ALA C 885 -83.09 -51.59 4.88
CA ALA C 885 -84.38 -51.72 4.20
C ALA C 885 -85.00 -53.08 4.46
N GLU C 886 -84.21 -54.14 4.28
CA GLU C 886 -84.75 -55.49 4.49
C GLU C 886 -85.26 -55.63 5.91
N GLY C 887 -84.58 -54.98 6.85
CA GLY C 887 -84.89 -55.11 8.26
C GLY C 887 -86.14 -54.36 8.69
N ILE C 888 -86.29 -53.13 8.20
CA ILE C 888 -87.49 -52.34 8.49
C ILE C 888 -88.70 -53.11 7.94
N GLU C 889 -88.50 -53.73 6.78
CA GLU C 889 -89.56 -54.47 6.11
C GLU C 889 -89.96 -55.72 6.91
N LYS C 890 -89.01 -56.23 7.68
CA LYS C 890 -89.23 -57.46 8.43
C LYS C 890 -90.31 -57.24 9.50
N MET C 891 -90.89 -56.05 9.53
CA MET C 891 -91.91 -55.75 10.52
C MET C 891 -93.30 -55.51 9.93
N GLY C 892 -93.49 -55.96 8.68
CA GLY C 892 -94.78 -55.82 8.03
C GLY C 892 -95.00 -54.46 7.42
N VAL C 893 -93.89 -53.77 7.16
CA VAL C 893 -93.94 -52.46 6.56
C VAL C 893 -93.36 -52.59 5.15
N ARG C 894 -93.83 -51.79 4.21
CA ARG C 894 -93.26 -51.90 2.90
C ARG C 894 -92.34 -50.72 2.53
N THR C 895 -91.18 -51.07 2.00
CA THR C 895 -90.34 -50.10 1.31
C THR C 895 -90.51 -50.28 -0.18
N PHE C 896 -90.13 -49.26 -0.94
CA PHE C 896 -90.48 -49.20 -2.34
C PHE C 896 -89.27 -48.95 -3.20
N SER C 897 -89.30 -49.49 -4.42
CA SER C 897 -88.31 -49.14 -5.42
C SER C 897 -88.77 -47.85 -6.05
N GLN C 898 -87.90 -47.20 -6.81
CA GLN C 898 -88.28 -45.91 -7.36
C GLN C 898 -89.35 -46.11 -8.42
N LYS C 899 -89.23 -47.18 -9.20
CA LYS C 899 -90.25 -47.49 -10.20
C LYS C 899 -91.61 -47.65 -9.53
N GLU C 900 -91.61 -48.12 -8.29
CA GLU C 900 -92.86 -48.31 -7.54
C GLU C 900 -93.47 -46.97 -7.13
N MET C 901 -92.65 -46.10 -6.52
CA MET C 901 -93.16 -44.81 -6.09
C MET C 901 -93.59 -43.98 -7.29
N ALA C 902 -92.84 -44.13 -8.37
CA ALA C 902 -93.16 -43.38 -9.57
C ALA C 902 -94.50 -43.84 -10.12
N PHE C 903 -94.77 -45.14 -10.06
CA PHE C 903 -96.05 -45.70 -10.47
C PHE C 903 -97.13 -45.16 -9.55
N ASN C 904 -96.83 -45.07 -8.26
CA ASN C 904 -97.75 -44.53 -7.28
C ASN C 904 -98.10 -43.07 -7.55
N LEU C 905 -97.07 -42.25 -7.74
CA LEU C 905 -97.25 -40.84 -8.03
C LEU C 905 -98.02 -40.70 -9.32
N LEU C 906 -97.60 -41.40 -10.36
CA LEU C 906 -98.28 -41.36 -11.64
C LEU C 906 -99.76 -41.67 -11.50
N GLY C 907 -100.11 -42.52 -10.53
CA GLY C 907 -101.49 -42.87 -10.25
C GLY C 907 -102.35 -41.73 -9.77
N LEU C 908 -101.71 -40.68 -9.28
CA LEU C 908 -102.43 -39.48 -8.88
C LEU C 908 -102.72 -38.58 -10.06
N LEU C 909 -102.18 -38.92 -11.22
CA LEU C 909 -102.42 -38.12 -12.42
C LEU C 909 -103.51 -38.75 -13.29
N THR C 910 -104.00 -39.90 -12.87
CA THR C 910 -105.09 -40.55 -13.60
C THR C 910 -106.33 -39.69 -13.46
N PRO C 911 -107.11 -39.58 -14.55
CA PRO C 911 -108.27 -38.71 -14.68
C PRO C 911 -109.12 -38.73 -13.43
N GLU C 912 -109.23 -39.92 -12.85
CA GLU C 912 -110.08 -40.19 -11.70
C GLU C 912 -109.68 -39.37 -10.47
N VAL C 913 -108.42 -39.48 -10.07
CA VAL C 913 -107.93 -38.75 -8.91
C VAL C 913 -107.64 -37.29 -9.24
N VAL C 914 -107.49 -36.99 -10.53
CA VAL C 914 -107.34 -35.60 -10.97
C VAL C 914 -108.61 -34.80 -10.68
N GLU C 915 -109.76 -35.38 -11.04
CA GLU C 915 -111.01 -34.66 -10.83
C GLU C 915 -111.27 -34.56 -9.35
N LEU C 916 -110.85 -35.60 -8.62
CA LEU C 916 -111.00 -35.61 -7.17
C LEU C 916 -110.36 -34.35 -6.60
N CYS C 917 -109.11 -34.10 -7.01
CA CYS C 917 -108.37 -32.89 -6.63
C CYS C 917 -109.11 -31.59 -6.93
N GLN C 918 -109.84 -31.58 -8.04
CA GLN C 918 -110.55 -30.39 -8.45
C GLN C 918 -111.74 -30.14 -7.55
N LYS C 919 -112.18 -31.16 -6.83
CA LYS C 919 -113.30 -30.95 -5.92
C LYS C 919 -112.83 -30.43 -4.57
N SER C 920 -111.74 -31.01 -4.07
CA SER C 920 -111.10 -30.52 -2.85
C SER C 920 -109.81 -31.28 -2.66
N PRO C 921 -108.76 -30.56 -2.22
CA PRO C 921 -107.41 -31.06 -2.06
C PRO C 921 -107.37 -32.51 -1.62
N VAL C 922 -106.46 -33.28 -2.23
CA VAL C 922 -106.31 -34.71 -1.98
C VAL C 922 -105.03 -34.99 -1.25
N MET C 923 -105.05 -35.93 -0.32
CA MET C 923 -103.87 -36.33 0.44
C MET C 923 -103.68 -37.84 0.32
N ALA C 924 -102.51 -38.24 -0.18
CA ALA C 924 -102.27 -39.63 -0.51
C ALA C 924 -101.14 -40.14 0.33
N ASP C 925 -101.43 -41.18 1.12
CA ASP C 925 -100.44 -41.84 1.94
C ASP C 925 -99.76 -42.89 1.08
N LEU C 926 -98.55 -42.59 0.65
CA LEU C 926 -97.79 -43.53 -0.12
C LEU C 926 -96.64 -44.04 0.75
N ASN C 927 -96.95 -44.20 2.04
CA ASN C 927 -95.98 -44.64 3.02
C ASN C 927 -96.39 -46.00 3.53
N GLY C 928 -95.69 -47.05 3.13
CA GLY C 928 -96.20 -48.39 3.24
C GLY C 928 -96.35 -48.94 4.64
N GLY C 929 -97.01 -48.17 5.50
CA GLY C 929 -97.24 -48.57 6.87
C GLY C 929 -96.17 -48.21 7.87
N LEU C 930 -95.10 -47.57 7.41
CA LEU C 930 -94.01 -47.18 8.29
C LEU C 930 -94.47 -46.13 9.30
N GLN C 931 -95.77 -45.95 9.40
CA GLN C 931 -96.35 -44.99 10.34
C GLN C 931 -97.03 -45.68 11.50
N PHE C 932 -96.68 -46.94 11.73
CA PHE C 932 -97.27 -47.72 12.81
C PHE C 932 -96.19 -48.24 13.76
N VAL C 933 -94.98 -48.41 13.25
CA VAL C 933 -93.86 -48.89 14.06
C VAL C 933 -93.40 -47.82 15.04
N PRO C 934 -93.45 -48.15 16.33
CA PRO C 934 -93.03 -47.22 17.38
C PRO C 934 -91.57 -46.80 17.21
N GLU C 935 -91.01 -46.16 18.23
CA GLU C 935 -89.62 -45.72 18.18
C GLU C 935 -89.01 -45.96 16.80
N LEU C 936 -89.57 -45.29 15.80
CA LEU C 936 -89.09 -45.44 14.43
C LEU C 936 -87.62 -45.06 14.30
N LYS C 937 -87.22 -44.03 15.05
CA LYS C 937 -85.83 -43.56 15.01
C LYS C 937 -84.93 -44.61 15.64
N GLU C 938 -85.21 -44.92 16.90
CA GLU C 938 -84.36 -45.83 17.64
C GLU C 938 -84.39 -47.23 17.00
N PHE C 939 -85.55 -47.64 16.50
CA PHE C 939 -85.69 -48.95 15.89
C PHE C 939 -84.80 -49.05 14.67
N THR C 940 -85.00 -48.11 13.77
CA THR C 940 -84.11 -47.87 12.65
C THR C 940 -82.63 -47.98 13.06
N ALA C 941 -82.23 -47.17 14.02
CA ALA C 941 -80.84 -47.10 14.49
C ALA C 941 -80.30 -48.43 15.00
N LYS C 942 -81.15 -49.20 15.66
CA LYS C 942 -80.77 -50.50 16.20
C LYS C 942 -80.39 -51.46 15.07
N LEU C 943 -81.26 -51.58 14.08
CA LEU C 943 -81.02 -52.42 12.92
C LEU C 943 -79.65 -52.14 12.33
N ARG C 944 -79.34 -50.86 12.20
CA ARG C 944 -78.08 -50.37 11.66
C ARG C 944 -76.88 -50.78 12.53
N LYS C 945 -77.00 -50.63 13.84
CA LYS C 945 -75.93 -51.03 14.76
C LYS C 945 -75.72 -52.54 14.72
N GLU C 946 -76.80 -53.31 14.82
CA GLU C 946 -76.70 -54.76 14.82
C GLU C 946 -75.99 -55.27 13.57
N LEU C 947 -76.39 -54.75 12.42
CA LEU C 947 -75.71 -55.04 11.17
C LEU C 947 -74.23 -54.71 11.22
N VAL C 948 -73.94 -53.45 11.44
CA VAL C 948 -72.56 -52.94 11.41
C VAL C 948 -71.65 -53.68 12.38
N GLU C 949 -72.15 -53.97 13.58
CA GLU C 949 -71.38 -54.72 14.54
C GLU C 949 -71.08 -56.11 14.03
N THR C 950 -72.13 -56.86 13.70
CA THR C 950 -71.99 -58.19 13.12
C THR C 950 -70.98 -58.23 11.98
N SER C 951 -70.92 -57.17 11.19
CA SER C 951 -69.93 -57.06 10.13
C SER C 951 -68.51 -56.90 10.68
N GLU C 952 -68.35 -56.06 11.70
CA GLU C 952 -67.03 -55.69 12.14
C GLU C 952 -66.40 -56.71 13.08
N VAL C 953 -67.21 -57.38 13.89
CA VAL C 953 -66.69 -58.48 14.70
C VAL C 953 -66.30 -59.64 13.79
N ARG C 954 -67.16 -59.94 12.83
CA ARG C 954 -66.96 -61.06 11.92
C ARG C 954 -65.70 -60.88 11.07
N LYS C 955 -65.38 -59.63 10.75
CA LYS C 955 -64.23 -59.31 9.91
C LYS C 955 -62.96 -59.16 10.73
N ALA C 956 -63.12 -58.77 11.99
CA ALA C 956 -61.99 -58.65 12.89
C ALA C 956 -61.56 -60.00 13.44
N VAL C 957 -62.52 -60.88 13.72
CA VAL C 957 -62.19 -62.23 14.16
C VAL C 957 -61.48 -63.02 13.06
N SER C 958 -61.94 -62.85 11.82
CA SER C 958 -61.36 -63.57 10.70
C SER C 958 -59.93 -63.09 10.42
N ILE C 959 -59.69 -61.78 10.57
CA ILE C 959 -58.37 -61.22 10.31
C ILE C 959 -57.35 -61.67 11.35
N GLU C 960 -57.84 -62.11 12.51
CA GLU C 960 -56.96 -62.57 13.58
C GLU C 960 -56.72 -64.06 13.53
N THR C 961 -57.76 -64.84 13.23
CA THR C 961 -57.59 -66.27 13.04
C THR C 961 -56.66 -66.51 11.84
N ALA C 962 -56.56 -65.49 10.98
CA ALA C 962 -55.76 -65.58 9.76
C ALA C 962 -54.29 -65.29 10.03
N LEU C 963 -54.03 -64.46 11.04
CA LEU C 963 -52.67 -64.17 11.44
C LEU C 963 -52.14 -65.28 12.35
N GLU C 964 -53.05 -65.92 13.09
CA GLU C 964 -52.70 -67.00 14.00
C GLU C 964 -52.21 -68.16 13.16
N HIS C 965 -52.78 -68.28 11.96
CA HIS C 965 -52.39 -69.32 11.04
C HIS C 965 -50.97 -69.09 10.52
N LYS C 966 -50.67 -67.85 10.10
CA LYS C 966 -49.34 -67.48 9.63
C LYS C 966 -48.24 -67.60 10.69
N VAL C 967 -48.65 -67.53 11.95
CA VAL C 967 -47.72 -67.72 13.03
C VAL C 967 -47.49 -69.21 13.25
N VAL C 968 -48.53 -69.92 13.68
CA VAL C 968 -48.45 -71.35 13.95
C VAL C 968 -47.89 -72.16 12.77
N ASN C 969 -48.30 -71.80 11.56
CA ASN C 969 -48.06 -72.65 10.40
C ASN C 969 -47.19 -72.02 9.31
N GLY C 970 -46.38 -71.03 9.70
CA GLY C 970 -45.41 -70.43 8.80
C GLY C 970 -45.97 -69.64 7.62
N ASN C 971 -45.32 -68.51 7.31
CA ASN C 971 -45.77 -67.65 6.22
C ASN C 971 -45.22 -68.04 4.84
N SER C 972 -44.33 -69.06 4.83
CA SER C 972 -43.78 -69.60 3.57
C SER C 972 -44.61 -70.76 3.01
N ALA C 973 -45.43 -71.36 3.87
CA ALA C 973 -46.35 -72.43 3.47
C ALA C 973 -47.65 -71.84 2.91
N ASP C 974 -47.96 -70.61 3.32
CA ASP C 974 -49.14 -69.90 2.85
C ASP C 974 -48.82 -69.02 1.63
N ALA C 975 -47.53 -68.74 1.42
CA ALA C 975 -47.05 -67.91 0.32
C ALA C 975 -47.07 -68.65 -1.02
N ALA C 976 -46.85 -69.97 -0.97
CA ALA C 976 -46.92 -70.83 -2.15
C ALA C 976 -48.36 -71.32 -2.38
N TYR C 977 -49.32 -70.65 -1.74
CA TYR C 977 -50.75 -70.99 -1.86
C TYR C 977 -51.64 -69.87 -2.44
N ALA C 978 -51.14 -68.64 -2.53
CA ALA C 978 -51.82 -67.59 -3.28
C ALA C 978 -51.59 -67.86 -4.77
N GLN C 979 -52.54 -67.43 -5.60
CA GLN C 979 -52.42 -67.62 -7.04
C GLN C 979 -51.78 -66.37 -7.63
N VAL C 980 -51.34 -66.47 -8.88
CA VAL C 980 -50.75 -65.34 -9.58
C VAL C 980 -51.73 -64.76 -10.57
N GLU C 981 -52.08 -63.48 -10.36
CA GLU C 981 -52.89 -62.75 -11.33
C GLU C 981 -52.01 -62.40 -12.52
N ILE C 982 -52.62 -62.47 -13.70
CA ILE C 982 -51.98 -61.99 -14.91
C ILE C 982 -52.69 -60.73 -15.41
N GLN C 983 -51.88 -59.71 -15.75
CA GLN C 983 -52.37 -58.42 -16.23
C GLN C 983 -52.10 -58.22 -17.72
N PRO C 984 -53.12 -57.76 -18.46
CA PRO C 984 -53.14 -57.64 -19.93
C PRO C 984 -52.15 -56.60 -20.43
N ARG C 985 -51.57 -56.89 -21.59
CA ARG C 985 -50.80 -55.89 -22.30
C ARG C 985 -51.45 -55.67 -23.66
N ALA C 986 -51.06 -54.57 -24.28
CA ALA C 986 -51.70 -54.12 -25.50
C ALA C 986 -51.09 -54.83 -26.68
N ASN C 987 -51.95 -55.42 -27.51
CA ASN C 987 -51.52 -56.07 -28.73
C ASN C 987 -52.18 -55.40 -29.93
N ILE C 988 -51.74 -54.18 -30.24
CA ILE C 988 -52.29 -53.45 -31.37
C ILE C 988 -52.33 -54.36 -32.59
N GLN C 989 -53.47 -54.41 -33.29
CA GLN C 989 -53.55 -55.24 -34.48
C GLN C 989 -53.93 -54.48 -35.75
N LEU C 990 -53.36 -54.91 -36.87
CA LEU C 990 -53.55 -54.27 -38.18
C LEU C 990 -54.97 -54.40 -38.71
N ASP C 991 -55.68 -55.41 -38.18
CA ASP C 991 -57.11 -55.57 -38.43
C ASP C 991 -57.37 -55.75 -39.90
N PHE C 992 -56.72 -56.74 -40.50
CA PHE C 992 -56.99 -57.10 -41.89
C PHE C 992 -58.39 -57.70 -41.93
N PRO C 993 -58.91 -57.93 -43.41
CA PRO C 993 -60.29 -58.41 -43.46
C PRO C 993 -60.32 -59.92 -43.31
N GLU C 994 -61.47 -60.48 -42.88
CA GLU C 994 -61.63 -61.92 -42.72
C GLU C 994 -61.99 -62.67 -44.02
N LEU C 995 -61.24 -63.73 -44.30
CA LEU C 995 -61.52 -64.59 -45.45
C LEU C 995 -62.24 -65.86 -45.02
N LYS C 996 -63.47 -66.03 -45.48
CA LYS C 996 -64.27 -67.17 -45.07
C LYS C 996 -63.84 -68.40 -45.85
N PRO C 997 -64.18 -69.60 -45.35
CA PRO C 997 -64.02 -70.80 -46.17
C PRO C 997 -64.72 -70.60 -47.53
N TYR C 998 -64.10 -71.07 -48.60
CA TYR C 998 -64.64 -70.87 -49.94
C TYR C 998 -66.05 -71.43 -50.11
N LYS C 999 -66.37 -72.48 -49.35
CA LYS C 999 -67.72 -73.06 -49.38
C LYS C 999 -68.76 -71.99 -49.09
N GLN C 1000 -68.50 -71.21 -48.04
CA GLN C 1000 -69.39 -70.14 -47.63
C GLN C 1000 -69.31 -68.96 -48.60
N VAL C 1001 -68.12 -68.71 -49.12
CA VAL C 1001 -67.95 -67.62 -50.06
C VAL C 1001 -68.84 -67.79 -51.27
N LYS C 1002 -68.89 -68.99 -51.83
CA LYS C 1002 -69.65 -69.20 -53.07
C LYS C 1002 -71.17 -69.15 -52.84
N GLN C 1003 -71.55 -69.10 -51.56
CA GLN C 1003 -72.96 -68.98 -51.16
C GLN C 1003 -73.47 -67.53 -51.23
N ILE C 1004 -72.54 -66.59 -51.11
CA ILE C 1004 -72.82 -65.16 -51.11
C ILE C 1004 -73.31 -64.66 -52.46
N ALA C 1005 -72.46 -64.82 -53.48
CA ALA C 1005 -72.77 -64.39 -54.84
C ALA C 1005 -73.25 -65.56 -55.66
N PRO C 1006 -74.00 -65.27 -56.74
CA PRO C 1006 -74.57 -66.28 -57.65
C PRO C 1006 -73.49 -67.14 -58.29
N ALA C 1007 -73.77 -68.43 -58.51
CA ALA C 1007 -72.75 -69.33 -59.03
C ALA C 1007 -72.39 -68.94 -60.46
N GLU C 1008 -73.30 -68.24 -61.11
CA GLU C 1008 -73.09 -67.77 -62.47
C GLU C 1008 -71.94 -66.78 -62.55
N LEU C 1009 -71.67 -66.10 -61.43
CA LEU C 1009 -70.66 -65.04 -61.38
C LEU C 1009 -69.25 -65.54 -61.66
N GLU C 1010 -68.99 -66.82 -61.34
CA GLU C 1010 -67.68 -67.41 -61.52
C GLU C 1010 -67.13 -67.25 -62.94
N GLY C 1011 -66.09 -66.44 -63.09
CA GLY C 1011 -65.45 -66.23 -64.38
C GLY C 1011 -66.22 -65.35 -65.35
N LEU C 1012 -67.28 -64.72 -64.87
CA LEU C 1012 -68.06 -63.81 -65.70
C LEU C 1012 -67.33 -62.46 -65.82
N LEU C 1013 -66.68 -62.05 -64.73
CA LEU C 1013 -66.04 -60.75 -64.66
C LEU C 1013 -64.59 -60.74 -65.11
N ASP C 1014 -64.25 -59.79 -65.98
CA ASP C 1014 -62.86 -59.44 -66.28
C ASP C 1014 -62.27 -58.78 -65.03
N LEU C 1015 -61.47 -59.53 -64.26
CA LEU C 1015 -61.00 -59.01 -62.97
C LEU C 1015 -59.94 -57.93 -63.15
N GLU C 1016 -59.61 -57.66 -64.41
CA GLU C 1016 -58.65 -56.63 -64.76
C GLU C 1016 -59.36 -55.27 -64.80
N ARG C 1017 -60.68 -55.30 -64.60
CA ARG C 1017 -61.54 -54.11 -64.66
C ARG C 1017 -62.52 -54.07 -63.49
N VAL C 1018 -62.13 -54.70 -62.39
CA VAL C 1018 -62.82 -54.58 -61.13
C VAL C 1018 -61.88 -53.80 -60.22
N ILE C 1019 -62.26 -52.57 -59.88
CA ILE C 1019 -61.42 -51.73 -59.03
C ILE C 1019 -61.68 -52.03 -57.55
N VAL C 1020 -60.61 -52.36 -56.85
CA VAL C 1020 -60.67 -52.86 -55.49
C VAL C 1020 -59.78 -52.03 -54.54
N VAL C 1021 -60.23 -51.83 -53.30
CA VAL C 1021 -59.46 -51.06 -52.32
C VAL C 1021 -58.60 -51.98 -51.45
N THR C 1022 -57.31 -51.68 -51.44
CA THR C 1022 -56.26 -52.61 -51.00
C THR C 1022 -55.69 -52.17 -49.66
N GLY C 1023 -55.71 -50.87 -49.42
CA GLY C 1023 -55.30 -50.33 -48.14
C GLY C 1023 -55.87 -48.95 -47.93
N PHE C 1024 -55.76 -48.44 -46.71
CA PHE C 1024 -56.17 -47.08 -46.41
C PHE C 1024 -55.64 -46.63 -45.05
N ALA C 1025 -55.57 -45.32 -44.88
CA ALA C 1025 -55.12 -44.76 -43.62
C ALA C 1025 -55.57 -43.31 -43.59
N GLU C 1026 -55.46 -42.68 -42.43
CA GLU C 1026 -55.77 -41.28 -42.34
C GLU C 1026 -54.94 -40.65 -41.21
N VAL C 1027 -54.73 -39.35 -41.33
CA VAL C 1027 -54.21 -38.51 -40.25
C VAL C 1027 -55.29 -37.45 -39.96
N GLY C 1028 -55.83 -37.45 -38.75
CA GLY C 1028 -56.94 -36.58 -38.42
C GLY C 1028 -57.15 -36.35 -36.94
N PRO C 1029 -58.18 -35.57 -36.60
CA PRO C 1029 -58.46 -35.10 -35.24
C PRO C 1029 -58.51 -36.22 -34.25
N TRP C 1030 -58.83 -37.42 -34.72
CA TRP C 1030 -59.01 -38.55 -33.82
C TRP C 1030 -57.97 -39.65 -34.01
N GLY C 1031 -56.81 -39.28 -34.52
CA GLY C 1031 -55.68 -40.18 -34.58
C GLY C 1031 -55.47 -40.74 -35.97
N SER C 1032 -55.54 -42.07 -36.07
CA SER C 1032 -55.40 -42.77 -37.35
C SER C 1032 -56.69 -43.55 -37.62
N ALA C 1033 -56.76 -44.19 -38.78
CA ALA C 1033 -57.96 -44.94 -39.15
C ALA C 1033 -58.38 -45.91 -38.05
N ARG C 1034 -57.39 -46.38 -37.28
CA ARG C 1034 -57.62 -47.37 -36.24
C ARG C 1034 -58.31 -46.76 -35.02
N THR C 1035 -57.70 -45.72 -34.47
CA THR C 1035 -58.22 -45.09 -33.26
C THR C 1035 -59.53 -44.33 -33.51
N ARG C 1036 -59.64 -43.73 -34.69
CA ARG C 1036 -60.84 -42.97 -35.08
C ARG C 1036 -62.07 -43.89 -35.23
N TRP C 1037 -61.92 -44.96 -36.00
CA TRP C 1037 -62.98 -45.94 -36.13
C TRP C 1037 -63.43 -46.43 -34.75
N GLU C 1038 -62.46 -46.59 -33.86
CA GLU C 1038 -62.74 -47.03 -32.50
C GLU C 1038 -63.63 -46.04 -31.78
N MET C 1039 -63.33 -44.77 -31.94
CA MET C 1039 -64.07 -43.73 -31.26
C MET C 1039 -65.41 -43.52 -31.91
N GLU C 1040 -65.44 -43.58 -33.24
CA GLU C 1040 -66.69 -43.39 -33.97
C GLU C 1040 -67.68 -44.54 -33.72
N ALA C 1041 -67.17 -45.76 -33.75
CA ALA C 1041 -68.04 -46.92 -33.67
C ALA C 1041 -68.32 -47.33 -32.24
N PHE C 1042 -67.42 -47.00 -31.31
CA PHE C 1042 -67.57 -47.50 -29.94
C PHE C 1042 -67.60 -46.42 -28.86
N GLY C 1043 -66.98 -45.28 -29.15
CA GLY C 1043 -67.07 -44.14 -28.25
C GLY C 1043 -66.06 -44.13 -27.12
N GLU C 1044 -65.30 -45.21 -26.99
CA GLU C 1044 -64.16 -45.22 -26.08
C GLU C 1044 -63.07 -46.03 -26.72
N PHE C 1045 -61.85 -45.87 -26.23
CA PHE C 1045 -60.73 -46.62 -26.79
C PHE C 1045 -60.60 -47.91 -26.02
N SER C 1046 -59.97 -48.89 -26.68
CA SER C 1046 -59.60 -50.13 -26.03
C SER C 1046 -58.27 -49.87 -25.35
N LEU C 1047 -57.57 -50.95 -25.01
CA LEU C 1047 -56.21 -50.82 -24.51
C LEU C 1047 -55.34 -50.36 -25.67
N GLU C 1048 -55.52 -51.02 -26.81
CA GLU C 1048 -54.82 -50.69 -28.04
C GLU C 1048 -55.17 -49.26 -28.49
N GLY C 1049 -56.34 -48.80 -28.08
CA GLY C 1049 -56.76 -47.46 -28.38
C GLY C 1049 -55.86 -46.49 -27.68
N CYS C 1050 -55.87 -46.51 -26.34
CA CYS C 1050 -55.07 -45.58 -25.52
C CYS C 1050 -53.59 -45.70 -25.82
N VAL C 1051 -53.10 -46.93 -25.83
CA VAL C 1051 -51.67 -47.10 -26.03
C VAL C 1051 -51.25 -46.44 -27.34
N GLU C 1052 -52.01 -46.67 -28.41
CA GLU C 1052 -51.71 -46.00 -29.69
C GLU C 1052 -51.88 -44.48 -29.63
N MET C 1053 -52.97 -44.01 -29.03
CA MET C 1053 -53.19 -42.57 -28.89
C MET C 1053 -52.08 -41.94 -28.05
N ALA C 1054 -51.75 -42.55 -26.92
CA ALA C 1054 -50.67 -42.05 -26.07
C ALA C 1054 -49.35 -41.99 -26.83
N TRP C 1055 -49.15 -42.94 -27.73
CA TRP C 1055 -47.95 -42.96 -28.57
C TRP C 1055 -47.96 -41.86 -29.62
N ILE C 1056 -49.03 -41.75 -30.40
CA ILE C 1056 -49.04 -40.73 -31.45
C ILE C 1056 -48.95 -39.33 -30.82
N MET C 1057 -49.68 -39.13 -29.70
CA MET C 1057 -49.76 -37.84 -29.01
C MET C 1057 -48.51 -37.51 -28.21
N GLY C 1058 -47.61 -38.48 -28.07
CA GLY C 1058 -46.33 -38.22 -27.46
C GLY C 1058 -46.23 -38.44 -25.96
N PHE C 1059 -47.29 -38.94 -25.34
CA PHE C 1059 -47.30 -39.14 -23.89
C PHE C 1059 -46.28 -40.18 -23.41
N ILE C 1060 -46.25 -41.31 -24.10
CA ILE C 1060 -45.33 -42.39 -23.77
C ILE C 1060 -44.38 -42.66 -24.93
N SER C 1061 -43.16 -43.05 -24.60
CA SER C 1061 -42.14 -43.32 -25.60
C SER C 1061 -41.50 -44.65 -25.29
N TYR C 1062 -41.23 -45.44 -26.32
CA TYR C 1062 -40.66 -46.76 -26.11
C TYR C 1062 -39.24 -46.70 -25.57
N HIS C 1063 -38.92 -47.62 -24.66
CA HIS C 1063 -37.56 -47.72 -24.13
C HIS C 1063 -37.10 -49.16 -23.92
N ASN C 1064 -35.84 -49.39 -24.26
CA ASN C 1064 -35.23 -50.70 -24.12
C ASN C 1064 -33.76 -50.55 -23.75
N GLY C 1065 -33.44 -50.81 -22.50
CA GLY C 1065 -32.12 -50.60 -21.97
C GLY C 1065 -32.19 -50.65 -20.46
N ASN C 1066 -31.25 -50.01 -19.80
CA ASN C 1066 -31.28 -50.01 -18.35
C ASN C 1066 -31.97 -48.78 -17.83
N LEU C 1067 -32.92 -48.99 -16.92
CA LEU C 1067 -33.61 -47.88 -16.27
C LEU C 1067 -33.17 -47.78 -14.81
N LYS C 1068 -32.24 -46.86 -14.57
CA LYS C 1068 -31.71 -46.67 -13.23
C LYS C 1068 -31.37 -48.03 -12.63
N GLY C 1069 -30.35 -48.68 -13.18
CA GLY C 1069 -29.89 -49.95 -12.67
C GLY C 1069 -30.45 -51.17 -13.37
N ARG C 1070 -31.71 -51.51 -13.06
CA ARG C 1070 -32.35 -52.69 -13.63
C ARG C 1070 -32.70 -52.51 -15.10
N PRO C 1071 -32.76 -53.60 -15.87
CA PRO C 1071 -33.08 -53.48 -17.30
C PRO C 1071 -34.58 -53.37 -17.50
N TYR C 1072 -34.98 -52.59 -18.49
CA TYR C 1072 -36.38 -52.39 -18.82
C TYR C 1072 -36.63 -52.53 -20.32
N THR C 1073 -37.82 -52.97 -20.68
CA THR C 1073 -38.22 -53.06 -22.07
C THR C 1073 -39.71 -52.77 -22.14
N GLY C 1074 -40.06 -51.58 -22.58
CA GLY C 1074 -41.45 -51.19 -22.60
C GLY C 1074 -41.66 -49.68 -22.63
N TRP C 1075 -42.88 -49.26 -22.29
CA TRP C 1075 -43.25 -47.87 -22.38
C TRP C 1075 -42.65 -47.06 -21.25
N VAL C 1076 -42.36 -45.80 -21.55
CA VAL C 1076 -41.79 -44.88 -20.59
C VAL C 1076 -42.48 -43.53 -20.78
N ASP C 1077 -42.88 -42.89 -19.68
CA ASP C 1077 -43.40 -41.52 -19.78
C ASP C 1077 -42.29 -40.66 -20.34
N SER C 1078 -42.50 -40.04 -21.50
CA SER C 1078 -41.41 -39.34 -22.17
C SER C 1078 -40.98 -38.08 -21.44
N LYS C 1079 -41.88 -37.49 -20.67
CA LYS C 1079 -41.52 -36.32 -19.89
C LYS C 1079 -40.63 -36.70 -18.71
N THR C 1080 -41.07 -37.69 -17.94
CA THR C 1080 -40.37 -38.11 -16.72
C THR C 1080 -39.31 -39.22 -16.94
N LYS C 1081 -39.42 -39.93 -18.06
CA LYS C 1081 -38.57 -41.09 -18.33
C LYS C 1081 -38.75 -42.24 -17.34
N GLU C 1082 -39.85 -42.22 -16.61
CA GLU C 1082 -40.23 -43.32 -15.73
C GLU C 1082 -41.05 -44.37 -16.49
N PRO C 1083 -41.02 -45.63 -16.01
CA PRO C 1083 -41.67 -46.70 -16.75
C PRO C 1083 -43.17 -46.59 -16.64
N VAL C 1084 -43.89 -47.03 -17.68
CA VAL C 1084 -45.34 -47.08 -17.64
C VAL C 1084 -45.86 -48.42 -18.14
N ASP C 1085 -46.77 -49.03 -17.38
CA ASP C 1085 -47.38 -50.30 -17.76
C ASP C 1085 -48.63 -50.07 -18.62
N ASP C 1086 -48.80 -50.90 -19.65
CA ASP C 1086 -49.92 -50.76 -20.57
C ASP C 1086 -51.21 -50.61 -19.80
N LYS C 1087 -51.40 -51.47 -18.80
CA LYS C 1087 -52.64 -51.49 -18.03
C LYS C 1087 -52.88 -50.20 -17.26
N ASP C 1088 -51.91 -49.29 -17.32
CA ASP C 1088 -52.02 -48.06 -16.58
C ASP C 1088 -52.22 -46.87 -17.49
N VAL C 1089 -51.87 -47.04 -18.75
CA VAL C 1089 -51.96 -45.96 -19.74
C VAL C 1089 -53.28 -45.21 -19.63
N LYS C 1090 -54.38 -45.95 -19.49
CA LYS C 1090 -55.71 -45.32 -19.43
C LYS C 1090 -55.84 -44.37 -18.25
N ALA C 1091 -55.66 -44.91 -17.05
CA ALA C 1091 -55.75 -44.13 -15.82
C ALA C 1091 -54.86 -42.88 -15.89
N LYS C 1092 -53.66 -43.04 -16.44
CA LYS C 1092 -52.65 -41.96 -16.48
C LYS C 1092 -52.84 -40.92 -17.57
N TYR C 1093 -53.34 -41.32 -18.73
CA TYR C 1093 -53.34 -40.41 -19.88
C TYR C 1093 -54.68 -40.10 -20.52
N GLU C 1094 -55.60 -41.06 -20.54
CA GLU C 1094 -56.81 -40.93 -21.35
C GLU C 1094 -57.55 -39.67 -21.04
N THR C 1095 -57.68 -39.37 -19.75
CA THR C 1095 -58.38 -38.17 -19.30
C THR C 1095 -57.89 -36.92 -20.03
N SER C 1096 -56.59 -36.87 -20.27
CA SER C 1096 -55.96 -35.77 -21.00
C SER C 1096 -55.92 -36.02 -22.51
N ILE C 1097 -55.72 -37.26 -22.90
CA ILE C 1097 -55.77 -37.62 -24.31
C ILE C 1097 -57.09 -37.15 -24.89
N LEU C 1098 -58.18 -37.42 -24.16
CA LEU C 1098 -59.51 -37.05 -24.64
C LEU C 1098 -59.69 -35.56 -24.72
N GLU C 1099 -59.08 -34.85 -23.78
CA GLU C 1099 -59.18 -33.39 -23.75
C GLU C 1099 -58.46 -32.73 -24.91
N HIS C 1100 -57.61 -33.48 -25.59
CA HIS C 1100 -56.73 -32.85 -26.56
C HIS C 1100 -56.76 -33.52 -27.93
N SER C 1101 -57.91 -34.07 -28.27
CA SER C 1101 -58.14 -34.54 -29.62
C SER C 1101 -59.61 -34.31 -29.94
N GLY C 1102 -59.97 -34.58 -31.19
CA GLY C 1102 -61.32 -34.33 -31.66
C GLY C 1102 -61.59 -32.85 -31.90
N ILE C 1103 -62.86 -32.49 -31.83
CA ILE C 1103 -63.27 -31.12 -32.09
C ILE C 1103 -63.16 -30.34 -30.78
N ARG C 1104 -62.11 -29.55 -30.65
CA ARG C 1104 -61.87 -28.80 -29.42
C ARG C 1104 -61.47 -27.34 -29.68
N LEU C 1105 -61.23 -26.60 -28.61
CA LEU C 1105 -60.84 -25.20 -28.75
C LEU C 1105 -59.53 -25.14 -29.50
N ILE C 1106 -59.38 -24.11 -30.33
CA ILE C 1106 -58.19 -23.94 -31.17
C ILE C 1106 -56.96 -23.66 -30.33
N GLU C 1107 -56.01 -24.59 -30.36
CA GLU C 1107 -54.78 -24.46 -29.60
C GLU C 1107 -53.75 -23.72 -30.42
N PRO C 1108 -53.39 -22.51 -29.98
CA PRO C 1108 -52.64 -21.63 -30.86
C PRO C 1108 -51.23 -22.17 -31.07
N GLU C 1109 -50.79 -22.99 -30.14
CA GLU C 1109 -49.49 -23.62 -30.27
C GLU C 1109 -49.40 -24.46 -31.57
N LEU C 1110 -50.53 -24.98 -32.02
CA LEU C 1110 -50.55 -25.85 -33.19
C LEU C 1110 -50.62 -25.09 -34.52
N PHE C 1111 -50.67 -23.76 -34.46
CA PHE C 1111 -50.90 -22.97 -35.67
C PHE C 1111 -50.06 -21.71 -35.73
N ASN C 1112 -48.81 -21.82 -35.27
CA ASN C 1112 -47.86 -20.71 -35.26
C ASN C 1112 -48.36 -19.55 -34.43
N GLY C 1113 -49.33 -19.84 -33.55
CA GLY C 1113 -49.87 -18.83 -32.65
C GLY C 1113 -51.18 -18.20 -33.06
N TYR C 1114 -51.83 -18.73 -34.10
CA TYR C 1114 -53.12 -18.19 -34.51
C TYR C 1114 -54.03 -18.19 -33.30
N ASN C 1115 -54.50 -17.01 -32.95
CA ASN C 1115 -55.40 -16.86 -31.85
C ASN C 1115 -56.62 -16.16 -32.37
N PRO C 1116 -57.71 -16.91 -32.52
CA PRO C 1116 -59.00 -16.39 -33.01
C PRO C 1116 -59.47 -15.21 -32.15
N GLU C 1117 -59.02 -14.89 -30.84
CA GLU C 1117 -59.46 -13.84 -29.93
C GLU C 1117 -58.66 -12.56 -30.09
N LYS C 1118 -57.41 -12.69 -30.54
CA LYS C 1118 -56.52 -11.55 -30.77
C LYS C 1118 -55.81 -11.65 -32.14
N LYS C 1119 -56.71 -11.38 -33.22
CA LYS C 1119 -56.26 -11.57 -34.59
C LYS C 1119 -55.45 -10.37 -35.08
N GLU C 1120 -54.21 -10.61 -35.49
CA GLU C 1120 -53.31 -9.52 -35.88
C GLU C 1120 -53.58 -8.89 -37.26
N MET C 1121 -53.62 -7.57 -37.29
CA MET C 1121 -53.77 -6.79 -38.53
C MET C 1121 -53.12 -5.44 -38.37
N ILE C 1122 -52.71 -4.85 -39.49
CA ILE C 1122 -52.14 -3.51 -39.48
C ILE C 1122 -53.10 -2.51 -40.11
N GLN C 1123 -53.10 -1.28 -39.61
CA GLN C 1123 -53.83 -0.22 -40.27
C GLN C 1123 -52.92 0.88 -40.80
N GLU C 1124 -53.35 1.50 -41.88
CA GLU C 1124 -52.62 2.61 -42.46
C GLU C 1124 -52.98 3.93 -41.77
N VAL C 1125 -51.94 4.71 -41.48
CA VAL C 1125 -52.11 6.04 -40.94
C VAL C 1125 -51.08 6.96 -41.55
N ILE C 1126 -51.43 8.25 -41.64
CA ILE C 1126 -50.49 9.24 -42.13
C ILE C 1126 -49.87 9.95 -40.94
N VAL C 1127 -48.53 10.04 -40.92
CA VAL C 1127 -47.86 10.69 -39.79
C VAL C 1127 -48.09 12.18 -39.86
N GLU C 1128 -48.66 12.74 -38.79
CA GLU C 1128 -49.11 14.13 -38.78
C GLU C 1128 -47.99 15.09 -38.45
N GLU C 1129 -46.98 14.62 -37.72
CA GLU C 1129 -45.78 15.41 -37.52
C GLU C 1129 -44.53 14.55 -37.44
N ASP C 1130 -43.47 15.07 -38.05
CA ASP C 1130 -42.16 14.40 -38.14
C ASP C 1130 -41.85 13.42 -37.01
N LEU C 1131 -41.73 12.13 -37.34
CA LEU C 1131 -41.19 11.15 -36.40
C LEU C 1131 -39.78 11.49 -35.96
N GLU C 1132 -39.39 10.94 -34.82
CA GLU C 1132 -38.02 11.06 -34.34
C GLU C 1132 -37.16 10.03 -35.04
N PRO C 1133 -36.00 10.46 -35.53
CA PRO C 1133 -35.05 9.63 -36.29
C PRO C 1133 -34.61 8.37 -35.57
N PHE C 1134 -34.36 7.32 -36.35
CA PHE C 1134 -33.84 6.05 -35.83
C PHE C 1134 -32.68 5.57 -36.70
N GLU C 1135 -31.76 4.83 -36.09
CA GLU C 1135 -30.58 4.33 -36.79
C GLU C 1135 -30.97 3.17 -37.70
N ALA C 1136 -30.22 3.00 -38.79
CA ALA C 1136 -30.51 1.97 -39.79
C ALA C 1136 -29.29 1.74 -40.67
N SER C 1137 -29.23 0.60 -41.35
CA SER C 1137 -28.10 0.30 -42.22
C SER C 1137 -28.20 1.14 -43.49
N LYS C 1138 -27.13 1.21 -44.28
CA LYS C 1138 -27.18 2.02 -45.50
C LYS C 1138 -28.14 1.39 -46.52
N GLU C 1139 -28.01 0.08 -46.70
CA GLU C 1139 -28.88 -0.67 -47.60
C GLU C 1139 -30.34 -0.42 -47.23
N THR C 1140 -30.62 -0.50 -45.93
CA THR C 1140 -31.99 -0.37 -45.44
C THR C 1140 -32.52 1.07 -45.53
N ALA C 1141 -31.69 2.06 -45.18
CA ALA C 1141 -32.13 3.43 -45.27
C ALA C 1141 -32.48 3.77 -46.70
N GLU C 1142 -31.72 3.23 -47.65
CA GLU C 1142 -31.98 3.48 -49.07
C GLU C 1142 -33.31 2.88 -49.56
N GLN C 1143 -33.66 1.71 -49.04
CA GLN C 1143 -34.96 1.09 -49.34
C GLN C 1143 -36.13 1.96 -48.85
N PHE C 1144 -35.90 2.71 -47.78
CA PHE C 1144 -36.91 3.62 -47.24
C PHE C 1144 -37.09 4.83 -48.12
N LYS C 1145 -35.97 5.44 -48.48
CA LYS C 1145 -35.96 6.65 -49.30
C LYS C 1145 -36.55 6.35 -50.67
N HIS C 1146 -36.31 5.12 -51.14
CA HIS C 1146 -36.85 4.67 -52.44
C HIS C 1146 -38.37 4.66 -52.39
N GLN C 1147 -38.88 4.31 -51.22
CA GLN C 1147 -40.31 4.21 -50.99
C GLN C 1147 -40.99 5.58 -50.76
N HIS C 1148 -40.41 6.38 -49.89
CA HIS C 1148 -41.06 7.61 -49.42
C HIS C 1148 -40.68 8.89 -50.18
N GLY C 1149 -39.44 8.96 -50.65
CA GLY C 1149 -38.97 10.12 -51.41
C GLY C 1149 -39.03 11.42 -50.62
N ASP C 1150 -39.86 12.35 -51.09
CA ASP C 1150 -40.01 13.65 -50.43
C ASP C 1150 -40.39 13.55 -48.95
N LYS C 1151 -40.90 12.39 -48.55
CA LYS C 1151 -41.46 12.24 -47.23
C LYS C 1151 -40.55 11.52 -46.23
N VAL C 1152 -39.29 11.37 -46.60
CA VAL C 1152 -38.30 10.82 -45.67
C VAL C 1152 -36.92 11.39 -45.94
N ASP C 1153 -36.18 11.62 -44.86
CA ASP C 1153 -34.80 12.08 -44.95
C ASP C 1153 -33.90 11.00 -44.39
N ILE C 1154 -32.86 10.63 -45.14
CA ILE C 1154 -31.85 9.73 -44.61
C ILE C 1154 -30.47 10.35 -44.81
N PHE C 1155 -29.65 10.25 -43.78
CA PHE C 1155 -28.37 10.92 -43.78
C PHE C 1155 -27.33 10.01 -43.18
N GLU C 1156 -26.13 10.03 -43.74
CA GLU C 1156 -25.06 9.21 -43.22
C GLU C 1156 -24.50 9.74 -41.90
N ILE C 1157 -24.34 8.84 -40.95
CA ILE C 1157 -23.66 9.15 -39.71
C ILE C 1157 -22.18 8.86 -39.93
N PRO C 1158 -21.39 9.92 -40.14
CA PRO C 1158 -20.04 9.78 -40.70
C PRO C 1158 -19.12 8.84 -39.89
N GLU C 1159 -19.36 8.73 -38.59
CA GLU C 1159 -18.48 7.96 -37.72
C GLU C 1159 -18.69 6.44 -37.82
N THR C 1160 -19.95 6.03 -37.94
CA THR C 1160 -20.34 4.60 -37.96
C THR C 1160 -20.51 4.05 -39.38
N GLY C 1161 -20.86 4.93 -40.33
CA GLY C 1161 -21.08 4.52 -41.70
C GLY C 1161 -22.54 4.26 -41.97
N GLU C 1162 -23.32 4.20 -40.89
CA GLU C 1162 -24.74 3.94 -40.96
C GLU C 1162 -25.57 5.23 -41.04
N TYR C 1163 -26.85 5.09 -41.38
CA TYR C 1163 -27.71 6.23 -41.67
C TYR C 1163 -28.78 6.42 -40.62
N SER C 1164 -29.23 7.66 -40.48
CA SER C 1164 -30.40 7.96 -39.66
C SER C 1164 -31.61 8.06 -40.58
N VAL C 1165 -32.74 7.52 -40.14
CA VAL C 1165 -33.96 7.58 -40.94
C VAL C 1165 -35.04 8.41 -40.26
N LYS C 1166 -35.38 9.55 -40.85
CA LYS C 1166 -36.39 10.43 -40.27
C LYS C 1166 -37.64 10.54 -41.14
N LEU C 1167 -38.74 9.94 -40.69
CA LEU C 1167 -40.00 10.06 -41.41
C LEU C 1167 -40.67 11.41 -41.23
N LEU C 1168 -40.80 12.14 -42.32
CA LEU C 1168 -41.37 13.48 -42.25
C LEU C 1168 -42.90 13.41 -42.17
N LYS C 1169 -43.51 14.55 -41.93
CA LYS C 1169 -44.95 14.64 -41.93
C LYS C 1169 -45.43 14.37 -43.34
N GLY C 1170 -46.49 13.59 -43.48
CA GLY C 1170 -47.06 13.30 -44.78
C GLY C 1170 -46.86 11.86 -45.16
N ALA C 1171 -45.84 11.24 -44.55
CA ALA C 1171 -45.47 9.83 -44.81
C ALA C 1171 -46.58 8.86 -44.43
N THR C 1172 -46.45 7.61 -44.87
CA THR C 1172 -47.41 6.58 -44.53
C THR C 1172 -46.84 5.58 -43.54
N LEU C 1173 -47.64 5.22 -42.54
CA LEU C 1173 -47.23 4.32 -41.47
C LEU C 1173 -48.23 3.18 -41.29
N TYR C 1174 -47.71 2.00 -40.95
CA TYR C 1174 -48.58 0.89 -40.60
C TYR C 1174 -48.51 0.57 -39.11
N ILE C 1175 -49.63 0.81 -38.44
CA ILE C 1175 -49.74 0.63 -36.99
C ILE C 1175 -50.63 -0.57 -36.67
N PRO C 1176 -50.03 -1.63 -36.10
CA PRO C 1176 -50.69 -2.89 -35.76
C PRO C 1176 -51.85 -2.70 -34.80
N LYS C 1177 -52.87 -3.54 -34.96
CA LYS C 1177 -54.06 -3.54 -34.10
C LYS C 1177 -54.62 -4.94 -34.05
N ALA C 1178 -55.60 -5.17 -33.17
CA ALA C 1178 -56.14 -6.51 -32.96
C ALA C 1178 -57.67 -6.59 -33.12
N LEU C 1179 -58.14 -7.77 -33.51
CA LEU C 1179 -59.52 -8.00 -33.88
C LEU C 1179 -60.01 -9.27 -33.19
N ARG C 1180 -61.18 -9.22 -32.57
CA ARG C 1180 -61.76 -10.44 -31.98
C ARG C 1180 -62.65 -11.20 -32.99
N PHE C 1181 -62.37 -12.49 -33.18
CA PHE C 1181 -63.03 -13.27 -34.23
C PHE C 1181 -63.98 -14.31 -33.65
N ASP C 1182 -64.92 -15.03 -34.43
CA ASP C 1182 -66.06 -15.82 -33.97
C ASP C 1182 -65.82 -17.31 -33.87
N ARG C 1183 -64.93 -17.81 -34.74
CA ARG C 1183 -64.64 -19.24 -34.84
C ARG C 1183 -63.49 -19.63 -33.89
N LEU C 1184 -63.86 -20.31 -32.82
CA LEU C 1184 -62.97 -20.59 -31.70
C LEU C 1184 -62.62 -22.08 -31.61
N VAL C 1185 -63.23 -22.88 -32.46
CA VAL C 1185 -63.10 -24.33 -32.35
C VAL C 1185 -62.82 -24.97 -33.70
N ALA C 1186 -61.90 -25.92 -33.72
CA ALA C 1186 -61.64 -26.72 -34.92
C ALA C 1186 -61.37 -28.20 -34.59
N GLY C 1187 -61.49 -29.06 -35.60
CA GLY C 1187 -61.13 -30.44 -35.45
C GLY C 1187 -59.66 -30.59 -35.78
N GLN C 1188 -58.83 -30.66 -34.75
CA GLN C 1188 -57.38 -30.61 -34.92
C GLN C 1188 -56.72 -31.94 -34.64
N ILE C 1189 -55.66 -32.23 -35.37
CA ILE C 1189 -54.86 -33.43 -35.12
C ILE C 1189 -54.46 -33.42 -33.65
N PRO C 1190 -54.54 -34.60 -32.99
CA PRO C 1190 -54.31 -34.72 -31.55
C PRO C 1190 -53.04 -34.01 -31.14
N THR C 1191 -53.08 -33.34 -30.00
CA THR C 1191 -51.97 -32.50 -29.57
C THR C 1191 -50.73 -33.34 -29.25
N GLY C 1192 -49.65 -33.06 -29.97
CA GLY C 1192 -48.39 -33.76 -29.76
C GLY C 1192 -48.02 -34.65 -30.92
N TRP C 1193 -48.88 -34.67 -31.94
CA TRP C 1193 -48.64 -35.41 -33.16
C TRP C 1193 -47.33 -34.87 -33.68
N ASN C 1194 -46.56 -35.71 -34.35
CA ASN C 1194 -45.24 -35.29 -34.77
C ASN C 1194 -44.69 -36.15 -35.89
N ALA C 1195 -44.55 -35.59 -37.08
CA ALA C 1195 -44.08 -36.37 -38.21
C ALA C 1195 -42.73 -36.99 -37.89
N LYS C 1196 -42.07 -36.46 -36.86
CA LYS C 1196 -40.80 -37.01 -36.39
C LYS C 1196 -40.96 -38.41 -35.83
N THR C 1197 -42.05 -38.64 -35.12
CA THR C 1197 -42.29 -39.95 -34.50
C THR C 1197 -42.77 -41.03 -35.45
N TYR C 1198 -43.40 -40.63 -36.56
CA TYR C 1198 -43.72 -41.58 -37.61
C TYR C 1198 -42.44 -41.92 -38.38
N GLY C 1199 -41.40 -41.13 -38.13
CA GLY C 1199 -40.08 -41.46 -38.66
C GLY C 1199 -39.57 -40.52 -39.75
N ILE C 1200 -40.16 -39.34 -39.84
CA ILE C 1200 -39.79 -38.40 -40.89
C ILE C 1200 -38.60 -37.50 -40.52
N SER C 1201 -37.61 -37.47 -41.43
CA SER C 1201 -36.37 -36.73 -41.26
C SER C 1201 -36.58 -35.22 -41.07
N ASP C 1202 -35.85 -34.63 -40.13
CA ASP C 1202 -35.94 -33.21 -39.82
C ASP C 1202 -35.84 -32.31 -41.06
N ASP C 1203 -35.05 -32.73 -42.04
CA ASP C 1203 -34.85 -31.98 -43.28
C ASP C 1203 -36.14 -31.86 -44.06
N ILE C 1204 -36.88 -32.95 -44.10
CA ILE C 1204 -38.19 -32.96 -44.74
C ILE C 1204 -39.16 -32.09 -43.96
N ILE C 1205 -39.14 -32.23 -42.63
CA ILE C 1205 -40.02 -31.46 -41.75
C ILE C 1205 -39.91 -29.98 -42.07
N SER C 1206 -38.67 -29.50 -42.11
CA SER C 1206 -38.39 -28.10 -42.44
C SER C 1206 -38.90 -27.73 -43.83
N GLN C 1207 -38.30 -28.36 -44.84
CA GLN C 1207 -38.53 -28.12 -46.27
C GLN C 1207 -39.99 -28.07 -46.68
N VAL C 1208 -40.82 -28.86 -46.01
CA VAL C 1208 -42.17 -29.15 -46.49
C VAL C 1208 -43.26 -28.36 -45.75
N ASP C 1209 -44.40 -28.19 -46.44
CA ASP C 1209 -45.62 -27.65 -45.83
C ASP C 1209 -46.27 -28.75 -44.99
N PRO C 1210 -46.78 -28.40 -43.79
CA PRO C 1210 -47.46 -29.34 -42.87
C PRO C 1210 -48.38 -30.35 -43.55
N ILE C 1211 -49.17 -29.92 -44.52
CA ILE C 1211 -50.07 -30.81 -45.22
C ILE C 1211 -49.34 -31.97 -45.90
N THR C 1212 -48.13 -31.71 -46.40
CA THR C 1212 -47.31 -32.77 -47.00
C THR C 1212 -46.93 -33.83 -45.94
N LEU C 1213 -46.78 -33.40 -44.69
CA LEU C 1213 -46.50 -34.32 -43.59
C LEU C 1213 -47.69 -35.26 -43.32
N PHE C 1214 -48.90 -34.69 -43.30
CA PHE C 1214 -50.10 -35.49 -43.17
C PHE C 1214 -50.10 -36.56 -44.25
N VAL C 1215 -50.07 -36.12 -45.50
CA VAL C 1215 -50.04 -37.00 -46.67
C VAL C 1215 -48.94 -38.06 -46.62
N LEU C 1216 -47.71 -37.64 -46.33
CA LEU C 1216 -46.62 -38.62 -46.27
C LEU C 1216 -46.93 -39.71 -45.26
N VAL C 1217 -47.36 -39.33 -44.06
CA VAL C 1217 -47.61 -40.30 -43.00
C VAL C 1217 -48.72 -41.28 -43.33
N SER C 1218 -49.77 -40.79 -44.01
CA SER C 1218 -50.87 -41.69 -44.40
C SER C 1218 -50.54 -42.59 -45.59
N VAL C 1219 -49.78 -42.10 -46.57
CA VAL C 1219 -49.34 -42.99 -47.67
C VAL C 1219 -48.55 -44.18 -47.13
N VAL C 1220 -47.72 -43.90 -46.12
CA VAL C 1220 -46.98 -44.94 -45.42
C VAL C 1220 -47.96 -45.86 -44.70
N GLU C 1221 -48.74 -45.31 -43.78
CA GLU C 1221 -49.75 -46.10 -43.07
C GLU C 1221 -50.74 -46.87 -43.98
N ALA C 1222 -51.02 -46.33 -45.17
CA ALA C 1222 -51.93 -47.01 -46.10
C ALA C 1222 -51.24 -48.18 -46.79
N PHE C 1223 -49.98 -48.02 -47.19
CA PHE C 1223 -49.26 -49.18 -47.71
C PHE C 1223 -49.14 -50.29 -46.65
N ILE C 1224 -48.92 -49.91 -45.40
CA ILE C 1224 -48.89 -50.89 -44.30
C ILE C 1224 -50.21 -51.66 -44.18
N ALA C 1225 -51.32 -50.95 -44.42
CA ALA C 1225 -52.66 -51.51 -44.29
C ALA C 1225 -52.90 -52.47 -45.43
N SER C 1226 -52.04 -52.42 -46.42
CA SER C 1226 -52.20 -53.22 -47.60
C SER C 1226 -51.15 -54.33 -47.63
N GLY C 1227 -50.32 -54.35 -46.58
CA GLY C 1227 -49.29 -55.38 -46.47
C GLY C 1227 -48.17 -55.20 -47.49
N ILE C 1228 -48.06 -54.00 -48.05
CA ILE C 1228 -46.94 -53.65 -48.92
C ILE C 1228 -45.95 -52.96 -48.03
N THR C 1229 -44.83 -53.62 -47.75
CA THR C 1229 -43.90 -53.10 -46.75
C THR C 1229 -42.78 -52.28 -47.41
N ASP C 1230 -42.44 -52.67 -48.63
CA ASP C 1230 -41.48 -51.95 -49.45
C ASP C 1230 -42.14 -51.61 -50.79
N PRO C 1231 -42.38 -50.31 -51.05
CA PRO C 1231 -43.12 -49.90 -52.24
C PRO C 1231 -42.60 -50.59 -53.52
N TYR C 1232 -41.30 -50.78 -53.57
CA TYR C 1232 -40.63 -51.33 -54.76
C TYR C 1232 -41.08 -52.76 -55.06
N GLU C 1233 -41.86 -53.34 -54.14
CA GLU C 1233 -42.40 -54.68 -54.36
C GLU C 1233 -43.46 -54.64 -55.46
N MET C 1234 -44.10 -53.48 -55.60
CA MET C 1234 -44.99 -53.25 -56.72
C MET C 1234 -44.26 -53.54 -58.02
N TYR C 1235 -42.97 -53.20 -58.06
CA TYR C 1235 -42.20 -53.32 -59.30
C TYR C 1235 -41.73 -54.75 -59.56
N LYS C 1236 -42.06 -55.66 -58.64
CA LYS C 1236 -41.95 -57.07 -58.93
C LYS C 1236 -43.10 -57.51 -59.85
N TYR C 1237 -44.28 -56.89 -59.69
CA TYR C 1237 -45.50 -57.30 -60.40
C TYR C 1237 -45.85 -56.39 -61.58
N VAL C 1238 -45.43 -55.12 -61.50
CA VAL C 1238 -45.88 -54.10 -62.44
C VAL C 1238 -44.68 -53.36 -63.05
N HIS C 1239 -44.92 -52.64 -64.16
CA HIS C 1239 -43.89 -51.79 -64.74
C HIS C 1239 -43.91 -50.40 -64.13
N VAL C 1240 -42.72 -49.84 -63.95
CA VAL C 1240 -42.53 -48.50 -63.39
C VAL C 1240 -43.64 -47.52 -63.82
N SER C 1241 -44.11 -47.67 -65.05
CA SER C 1241 -45.04 -46.72 -65.66
C SER C 1241 -46.50 -46.96 -65.32
N GLU C 1242 -46.77 -47.99 -64.52
CA GLU C 1242 -48.16 -48.35 -64.24
C GLU C 1242 -48.57 -48.21 -62.79
N VAL C 1243 -47.81 -47.44 -62.01
CA VAL C 1243 -48.21 -47.06 -60.67
C VAL C 1243 -48.40 -45.55 -60.64
N GLY C 1244 -49.61 -45.10 -60.32
CA GLY C 1244 -49.96 -43.70 -60.42
C GLY C 1244 -50.35 -43.00 -59.12
N ASN C 1245 -50.49 -41.69 -59.17
CA ASN C 1245 -50.90 -40.92 -58.00
C ASN C 1245 -51.97 -39.93 -58.40
N CYS C 1246 -53.21 -40.19 -57.95
CA CYS C 1246 -54.35 -39.29 -58.20
C CYS C 1246 -54.91 -38.60 -56.94
N SER C 1247 -54.13 -38.53 -55.86
CA SER C 1247 -54.51 -37.75 -54.69
C SER C 1247 -54.60 -36.24 -54.99
N GLY C 1248 -55.49 -35.55 -54.29
CA GLY C 1248 -55.75 -34.16 -54.58
C GLY C 1248 -56.06 -33.33 -53.37
N SER C 1249 -56.10 -32.01 -53.55
CA SER C 1249 -56.42 -31.10 -52.46
C SER C 1249 -57.31 -29.95 -52.89
N GLY C 1250 -58.07 -29.40 -51.94
CA GLY C 1250 -58.91 -28.25 -52.21
C GLY C 1250 -58.07 -26.99 -52.29
N MET C 1251 -57.31 -26.73 -51.23
CA MET C 1251 -56.37 -25.62 -51.21
C MET C 1251 -54.94 -26.13 -51.22
N GLY C 1252 -54.57 -26.87 -50.18
CA GLY C 1252 -53.26 -27.49 -50.10
C GLY C 1252 -52.11 -26.51 -50.14
N GLY C 1253 -51.28 -26.53 -49.11
CA GLY C 1253 -50.14 -25.64 -49.04
C GLY C 1253 -50.55 -24.25 -48.59
N VAL C 1254 -51.64 -24.18 -47.84
CA VAL C 1254 -52.15 -22.92 -47.32
C VAL C 1254 -51.10 -22.22 -46.48
N SER C 1255 -50.17 -22.99 -45.94
CA SER C 1255 -49.16 -22.45 -45.03
C SER C 1255 -48.02 -21.80 -45.81
N ALA C 1256 -47.56 -22.45 -46.87
CA ALA C 1256 -46.54 -21.89 -47.76
C ALA C 1256 -47.07 -20.68 -48.53
N LEU C 1257 -48.36 -20.73 -48.84
CA LEU C 1257 -49.07 -19.62 -49.48
C LEU C 1257 -48.95 -18.33 -48.67
N ARG C 1258 -49.07 -18.47 -47.35
CA ARG C 1258 -48.98 -17.33 -46.46
C ARG C 1258 -47.57 -16.76 -46.43
N GLY C 1259 -46.58 -17.65 -46.35
CA GLY C 1259 -45.19 -17.22 -46.33
C GLY C 1259 -44.83 -16.44 -47.59
N MET C 1260 -45.61 -16.69 -48.62
CA MET C 1260 -45.36 -16.14 -49.94
C MET C 1260 -46.01 -14.78 -50.11
N PHE C 1261 -47.18 -14.61 -49.47
CA PHE C 1261 -48.06 -13.44 -49.67
C PHE C 1261 -47.99 -12.45 -48.52
N LYS C 1262 -47.59 -12.94 -47.35
CA LYS C 1262 -47.66 -12.18 -46.11
C LYS C 1262 -46.33 -12.09 -45.38
N ASP C 1263 -45.67 -13.23 -45.23
CA ASP C 1263 -44.34 -13.27 -44.61
C ASP C 1263 -43.26 -12.63 -45.48
N ARG C 1264 -43.46 -12.60 -46.79
CA ARG C 1264 -42.60 -11.84 -47.69
C ARG C 1264 -42.88 -10.36 -47.56
N PHE C 1265 -44.17 -10.02 -47.53
CA PHE C 1265 -44.60 -8.64 -47.42
C PHE C 1265 -44.04 -7.95 -46.18
N LYS C 1266 -43.63 -8.75 -45.18
CA LYS C 1266 -43.05 -8.19 -43.95
C LYS C 1266 -41.53 -8.28 -43.95
N ASP C 1267 -40.96 -8.81 -45.02
CA ASP C 1267 -39.52 -9.05 -45.13
C ASP C 1267 -39.03 -10.04 -44.08
N GLU C 1268 -39.95 -10.83 -43.55
CA GLU C 1268 -39.61 -11.93 -42.64
C GLU C 1268 -38.81 -12.99 -43.38
N PRO C 1269 -37.90 -13.67 -42.69
CA PRO C 1269 -37.18 -14.73 -43.39
C PRO C 1269 -38.16 -15.81 -43.83
N VAL C 1270 -38.19 -16.08 -45.13
CA VAL C 1270 -39.00 -17.17 -45.69
C VAL C 1270 -38.22 -17.82 -46.83
N GLN C 1271 -38.35 -19.14 -46.96
CA GLN C 1271 -37.60 -19.94 -47.95
C GLN C 1271 -37.68 -19.36 -49.36
N ASN C 1272 -36.75 -19.77 -50.22
CA ASN C 1272 -36.74 -19.31 -51.60
C ASN C 1272 -37.64 -20.12 -52.54
N ASP C 1273 -38.08 -21.27 -52.07
CA ASP C 1273 -39.04 -22.08 -52.82
C ASP C 1273 -40.29 -22.45 -52.03
N ILE C 1274 -40.88 -21.49 -51.33
CA ILE C 1274 -42.19 -21.71 -50.73
C ILE C 1274 -43.22 -21.86 -51.84
N LEU C 1275 -42.89 -21.34 -53.02
CA LEU C 1275 -43.76 -21.51 -54.16
C LEU C 1275 -43.95 -23.00 -54.47
N GLN C 1276 -42.85 -23.77 -54.50
CA GLN C 1276 -42.92 -25.23 -54.60
C GLN C 1276 -44.05 -25.80 -53.74
N GLU C 1277 -43.95 -25.57 -52.43
CA GLU C 1277 -44.82 -26.24 -51.46
C GLU C 1277 -46.26 -25.75 -51.46
N SER C 1278 -46.51 -24.60 -52.08
CA SER C 1278 -47.85 -24.04 -52.12
C SER C 1278 -48.74 -24.79 -53.12
N PHE C 1279 -48.11 -25.35 -54.15
CA PHE C 1279 -48.84 -26.08 -55.18
C PHE C 1279 -49.56 -27.29 -54.59
N ILE C 1280 -50.64 -27.70 -55.23
CA ILE C 1280 -51.45 -28.81 -54.74
C ILE C 1280 -50.86 -30.16 -55.15
N ASN C 1281 -50.19 -30.19 -56.29
CA ASN C 1281 -49.66 -31.44 -56.82
C ASN C 1281 -48.26 -31.78 -56.33
N THR C 1282 -47.72 -30.98 -55.42
CA THR C 1282 -46.39 -31.21 -54.89
C THR C 1282 -46.41 -32.21 -53.73
N MET C 1283 -47.57 -32.33 -53.08
CA MET C 1283 -47.75 -33.34 -52.04
C MET C 1283 -47.52 -34.70 -52.68
N SER C 1284 -48.19 -34.93 -53.80
CA SER C 1284 -48.04 -36.16 -54.56
C SER C 1284 -46.60 -36.31 -55.09
N ALA C 1285 -45.95 -35.19 -55.35
CA ALA C 1285 -44.58 -35.19 -55.83
C ALA C 1285 -43.58 -35.68 -54.78
N TRP C 1286 -43.64 -35.15 -53.56
CA TRP C 1286 -42.81 -35.63 -52.45
C TRP C 1286 -43.10 -37.11 -52.12
N VAL C 1287 -44.36 -37.52 -52.23
CA VAL C 1287 -44.72 -38.92 -52.07
C VAL C 1287 -43.94 -39.77 -53.07
N ASN C 1288 -43.98 -39.39 -54.32
CA ASN C 1288 -43.25 -40.13 -55.34
C ASN C 1288 -41.74 -39.98 -55.25
N MET C 1289 -41.27 -38.87 -54.69
CA MET C 1289 -39.84 -38.59 -54.63
C MET C 1289 -39.15 -39.21 -53.41
N LEU C 1290 -39.95 -39.48 -52.38
CA LEU C 1290 -39.43 -40.00 -51.13
C LEU C 1290 -39.74 -41.49 -50.96
N LEU C 1291 -40.81 -41.95 -51.59
CA LEU C 1291 -41.35 -43.28 -51.30
C LEU C 1291 -41.48 -44.20 -52.51
N ILE C 1292 -42.15 -43.70 -53.55
CA ILE C 1292 -42.67 -44.57 -54.59
C ILE C 1292 -41.81 -44.71 -55.85
N SER C 1293 -41.27 -43.61 -56.37
CA SER C 1293 -40.34 -43.70 -57.49
C SER C 1293 -41.00 -44.16 -58.81
N SER C 1294 -42.32 -43.92 -58.92
CA SER C 1294 -43.05 -44.35 -60.11
C SER C 1294 -42.95 -43.38 -61.28
N SER C 1295 -43.15 -43.90 -62.48
CA SER C 1295 -43.26 -43.10 -63.69
C SER C 1295 -44.66 -43.30 -64.26
N GLY C 1296 -45.60 -43.60 -63.36
CA GLY C 1296 -46.99 -43.81 -63.75
C GLY C 1296 -47.70 -42.49 -63.99
N PRO C 1297 -49.03 -42.51 -64.00
CA PRO C 1297 -49.79 -41.27 -64.25
C PRO C 1297 -49.74 -40.36 -63.04
N ILE C 1298 -49.92 -39.07 -63.26
CA ILE C 1298 -49.96 -38.11 -62.16
C ILE C 1298 -51.05 -37.04 -62.42
N LYS C 1299 -52.31 -37.43 -62.25
CA LYS C 1299 -53.42 -36.52 -62.45
C LYS C 1299 -53.90 -36.00 -61.08
N THR C 1300 -53.81 -34.70 -60.84
CA THR C 1300 -54.16 -34.18 -59.53
C THR C 1300 -55.44 -33.33 -59.51
N PRO C 1301 -56.44 -33.76 -58.71
CA PRO C 1301 -57.79 -33.17 -58.62
C PRO C 1301 -57.93 -31.99 -57.65
N VAL C 1302 -58.60 -30.93 -58.10
CA VAL C 1302 -59.10 -29.90 -57.20
C VAL C 1302 -60.62 -29.92 -57.20
N GLY C 1303 -61.22 -30.35 -56.08
CA GLY C 1303 -62.66 -30.48 -56.00
C GLY C 1303 -63.27 -29.88 -54.74
N ALA C 1304 -62.59 -28.89 -54.17
CA ALA C 1304 -63.08 -28.22 -52.97
C ALA C 1304 -63.36 -29.22 -51.84
N CYS C 1305 -64.64 -29.46 -51.55
CA CYS C 1305 -65.03 -30.37 -50.47
C CYS C 1305 -65.38 -31.75 -51.00
N ALA C 1306 -64.94 -32.04 -52.22
CA ALA C 1306 -65.21 -33.34 -52.82
C ALA C 1306 -64.03 -33.82 -53.66
N THR C 1307 -62.88 -33.19 -53.47
CA THR C 1307 -61.67 -33.57 -54.19
C THR C 1307 -61.39 -35.04 -53.95
N SER C 1308 -61.82 -35.53 -52.79
CA SER C 1308 -61.52 -36.90 -52.39
C SER C 1308 -62.33 -37.94 -53.17
N VAL C 1309 -63.62 -37.69 -53.38
CA VAL C 1309 -64.41 -38.62 -54.17
C VAL C 1309 -64.02 -38.50 -55.64
N GLU C 1310 -63.96 -37.27 -56.13
CA GLU C 1310 -63.47 -36.99 -57.47
C GLU C 1310 -62.11 -37.68 -57.72
N SER C 1311 -61.29 -37.75 -56.67
CA SER C 1311 -59.98 -38.40 -56.77
C SER C 1311 -60.14 -39.88 -57.06
N VAL C 1312 -61.11 -40.52 -56.40
CA VAL C 1312 -61.39 -41.92 -56.64
C VAL C 1312 -61.88 -42.14 -58.07
N ASP C 1313 -62.79 -41.28 -58.54
CA ASP C 1313 -63.26 -41.34 -59.92
C ASP C 1313 -62.05 -41.35 -60.84
N ILE C 1314 -61.28 -40.27 -60.80
CA ILE C 1314 -60.06 -40.18 -61.57
C ILE C 1314 -59.14 -41.41 -61.41
N GLY C 1315 -59.04 -41.93 -60.19
CA GLY C 1315 -58.21 -43.10 -59.95
C GLY C 1315 -58.71 -44.32 -60.70
N VAL C 1316 -59.97 -44.66 -60.43
CA VAL C 1316 -60.67 -45.77 -61.08
C VAL C 1316 -60.52 -45.74 -62.61
N GLU C 1317 -60.69 -44.57 -63.20
CA GLU C 1317 -60.63 -44.43 -64.65
C GLU C 1317 -59.23 -44.70 -65.18
N THR C 1318 -58.22 -44.20 -64.47
CA THR C 1318 -56.83 -44.35 -64.89
C THR C 1318 -56.40 -45.81 -64.94
N ILE C 1319 -57.01 -46.62 -64.08
CA ILE C 1319 -56.72 -48.04 -64.04
C ILE C 1319 -57.49 -48.77 -65.14
N LEU C 1320 -58.71 -48.29 -65.40
CA LEU C 1320 -59.60 -48.89 -66.38
C LEU C 1320 -59.23 -48.55 -67.83
N SER C 1321 -58.20 -47.74 -67.99
CA SER C 1321 -57.77 -47.33 -69.32
C SER C 1321 -56.43 -47.96 -69.61
N GLY C 1322 -55.93 -48.71 -68.63
CA GLY C 1322 -54.67 -49.40 -68.79
C GLY C 1322 -53.45 -48.57 -68.48
N LYS C 1323 -53.66 -47.29 -68.20
CA LYS C 1323 -52.57 -46.38 -67.88
C LYS C 1323 -51.85 -46.68 -66.55
N ALA C 1324 -52.60 -47.25 -65.60
CA ALA C 1324 -52.05 -47.70 -64.34
C ALA C 1324 -52.77 -48.96 -63.88
N ARG C 1325 -52.08 -49.76 -63.08
CA ARG C 1325 -52.68 -50.97 -62.52
C ARG C 1325 -52.81 -50.84 -61.00
N ILE C 1326 -51.97 -49.99 -60.43
CA ILE C 1326 -52.10 -49.57 -59.04
C ILE C 1326 -52.00 -48.07 -59.00
N CYS C 1327 -52.91 -47.41 -58.29
CA CYS C 1327 -52.66 -46.00 -57.98
C CYS C 1327 -53.21 -45.51 -56.64
N ILE C 1328 -52.62 -44.41 -56.15
CA ILE C 1328 -52.93 -43.85 -54.85
C ILE C 1328 -54.02 -42.81 -55.01
N VAL C 1329 -55.03 -42.90 -54.17
CA VAL C 1329 -56.19 -42.04 -54.27
C VAL C 1329 -56.44 -41.45 -52.89
N GLY C 1330 -57.01 -40.24 -52.85
CA GLY C 1330 -57.35 -39.61 -51.60
C GLY C 1330 -57.41 -38.08 -51.63
N GLY C 1331 -57.53 -37.48 -50.46
CA GLY C 1331 -57.60 -36.04 -50.33
C GLY C 1331 -56.93 -35.55 -49.06
N TYR C 1332 -56.62 -34.26 -49.07
CA TYR C 1332 -55.93 -33.63 -47.94
C TYR C 1332 -56.07 -32.11 -47.94
N ASP C 1333 -56.16 -31.54 -46.75
CA ASP C 1333 -56.23 -30.09 -46.57
C ASP C 1333 -55.85 -29.71 -45.15
N ASP C 1334 -55.35 -28.50 -44.98
CA ASP C 1334 -54.89 -28.04 -43.66
C ASP C 1334 -55.74 -26.88 -43.15
N PHE C 1335 -55.78 -26.73 -41.84
CA PHE C 1335 -56.50 -25.63 -41.20
C PHE C 1335 -55.50 -24.56 -40.77
N GLN C 1336 -55.66 -23.35 -41.30
CA GLN C 1336 -54.78 -22.23 -40.97
C GLN C 1336 -55.60 -20.97 -40.72
N GLU C 1337 -54.94 -19.90 -40.27
CA GLU C 1337 -55.64 -18.70 -39.77
C GLU C 1337 -56.53 -18.01 -40.79
N GLU C 1338 -55.97 -17.79 -41.98
CA GLU C 1338 -56.64 -17.06 -43.05
C GLU C 1338 -57.76 -17.89 -43.68
N GLY C 1339 -57.56 -19.21 -43.75
CA GLY C 1339 -58.61 -20.12 -44.13
C GLY C 1339 -59.88 -19.99 -43.30
N SER C 1340 -59.75 -20.12 -41.98
CA SER C 1340 -60.91 -20.12 -41.10
C SER C 1340 -61.67 -18.80 -41.13
N PHE C 1341 -60.93 -17.72 -41.29
CA PHE C 1341 -61.50 -16.38 -41.24
C PHE C 1341 -62.36 -16.12 -42.47
N GLU C 1342 -61.89 -16.58 -43.62
CA GLU C 1342 -62.61 -16.34 -44.87
C GLU C 1342 -63.88 -17.19 -44.92
N PHE C 1343 -63.83 -18.37 -44.33
CA PHE C 1343 -65.02 -19.21 -44.20
C PHE C 1343 -66.04 -18.52 -43.31
N GLY C 1344 -65.55 -17.89 -42.24
CA GLY C 1344 -66.40 -17.14 -41.34
C GLY C 1344 -67.06 -15.98 -42.06
N ASN C 1345 -66.34 -15.43 -43.03
CA ASN C 1345 -66.86 -14.31 -43.82
C ASN C 1345 -67.94 -14.76 -44.81
N MET C 1346 -67.86 -16.01 -45.24
CA MET C 1346 -68.86 -16.55 -46.15
C MET C 1346 -70.06 -17.05 -45.34
N LYS C 1347 -69.96 -16.89 -44.03
CA LYS C 1347 -71.00 -17.32 -43.09
C LYS C 1347 -71.20 -18.85 -43.16
N ALA C 1348 -70.14 -19.57 -43.51
CA ALA C 1348 -70.24 -20.99 -43.81
C ALA C 1348 -70.07 -21.88 -42.57
N THR C 1349 -69.14 -21.51 -41.69
CA THR C 1349 -68.81 -22.28 -40.49
C THR C 1349 -69.69 -21.87 -39.31
N SER C 1350 -69.77 -22.73 -38.29
CA SER C 1350 -70.62 -22.46 -37.11
C SER C 1350 -70.04 -21.37 -36.22
N ASN C 1351 -70.88 -20.44 -35.80
CA ASN C 1351 -70.47 -19.33 -34.93
C ASN C 1351 -70.28 -19.78 -33.50
N THR C 1352 -69.04 -19.82 -33.04
CA THR C 1352 -68.74 -20.41 -31.75
C THR C 1352 -69.32 -19.61 -30.58
N LEU C 1353 -69.31 -18.28 -30.71
CA LEU C 1353 -69.91 -17.43 -29.69
C LEU C 1353 -71.39 -17.73 -29.50
N GLU C 1354 -72.08 -17.96 -30.61
CA GLU C 1354 -73.50 -18.35 -30.63
C GLU C 1354 -73.74 -19.76 -30.11
N GLU C 1355 -72.82 -20.67 -30.44
CA GLU C 1355 -72.94 -22.06 -30.02
C GLU C 1355 -72.87 -22.09 -28.51
N PHE C 1356 -71.95 -21.32 -27.95
CA PHE C 1356 -71.81 -21.24 -26.51
C PHE C 1356 -73.10 -20.67 -25.88
N GLU C 1357 -73.66 -19.65 -26.53
CA GLU C 1357 -74.86 -18.98 -26.04
C GLU C 1357 -76.04 -19.97 -25.91
N HIS C 1358 -75.93 -21.09 -26.62
CA HIS C 1358 -76.99 -22.11 -26.67
C HIS C 1358 -76.68 -23.31 -25.79
N GLY C 1359 -75.56 -23.26 -25.08
CA GLY C 1359 -75.17 -24.33 -24.18
C GLY C 1359 -74.46 -25.47 -24.88
N ARG C 1360 -73.73 -25.16 -25.93
CA ARG C 1360 -73.05 -26.17 -26.73
C ARG C 1360 -71.57 -26.30 -26.39
N THR C 1361 -71.18 -27.49 -25.95
CA THR C 1361 -69.77 -27.82 -25.78
C THR C 1361 -69.17 -28.03 -27.15
N PRO C 1362 -67.86 -27.78 -27.30
CA PRO C 1362 -67.15 -27.94 -28.57
C PRO C 1362 -67.44 -29.29 -29.25
N ALA C 1363 -67.45 -30.36 -28.45
CA ALA C 1363 -67.70 -31.71 -28.97
C ALA C 1363 -69.12 -31.91 -29.57
N GLU C 1364 -69.92 -30.85 -29.55
CA GLU C 1364 -71.36 -30.95 -29.78
C GLU C 1364 -71.76 -29.99 -30.89
N MET C 1365 -70.78 -29.28 -31.46
CA MET C 1365 -71.06 -28.19 -32.39
C MET C 1365 -71.14 -28.67 -33.85
N SER C 1366 -70.94 -29.97 -34.05
CA SER C 1366 -71.10 -30.60 -35.35
C SER C 1366 -72.23 -31.65 -35.26
N ARG C 1367 -73.43 -31.26 -35.71
CA ARG C 1367 -74.61 -32.10 -35.55
C ARG C 1367 -75.40 -32.10 -36.82
N PRO C 1368 -75.01 -32.95 -37.79
CA PRO C 1368 -75.72 -33.04 -39.07
C PRO C 1368 -77.16 -33.58 -38.94
N ALA C 1369 -78.05 -33.07 -39.79
CA ALA C 1369 -79.44 -33.51 -39.86
C ALA C 1369 -80.23 -33.08 -38.64
N THR C 1370 -79.57 -32.38 -37.73
CA THR C 1370 -80.21 -31.90 -36.50
C THR C 1370 -81.08 -30.67 -36.77
N THR C 1371 -82.06 -30.45 -35.89
CA THR C 1371 -82.94 -29.30 -35.99
C THR C 1371 -82.14 -28.01 -35.90
N THR C 1372 -81.14 -28.05 -35.03
CA THR C 1372 -80.37 -26.87 -34.69
C THR C 1372 -79.05 -26.75 -35.45
N ARG C 1373 -78.83 -27.61 -36.44
CA ARG C 1373 -77.59 -27.51 -37.21
C ARG C 1373 -77.41 -26.06 -37.66
N ASN C 1374 -76.18 -25.56 -37.57
CA ASN C 1374 -75.92 -24.13 -37.48
C ASN C 1374 -74.76 -23.69 -38.34
N GLY C 1375 -74.20 -24.63 -39.09
CA GLY C 1375 -72.99 -24.39 -39.86
C GLY C 1375 -71.99 -25.50 -39.59
N PHE C 1376 -70.98 -25.63 -40.45
CA PHE C 1376 -70.05 -26.74 -40.34
C PHE C 1376 -68.81 -26.44 -39.50
N MET C 1377 -68.25 -27.48 -38.91
CA MET C 1377 -67.03 -27.36 -38.11
C MET C 1377 -65.82 -27.67 -38.97
N GLU C 1378 -64.84 -26.77 -38.96
CA GLU C 1378 -63.65 -26.93 -39.78
C GLU C 1378 -62.64 -27.87 -39.14
N ALA C 1379 -61.86 -28.56 -39.97
CA ALA C 1379 -60.87 -29.52 -39.48
C ALA C 1379 -59.66 -29.59 -40.41
N GLN C 1380 -58.70 -30.44 -40.03
CA GLN C 1380 -57.47 -30.60 -40.80
C GLN C 1380 -57.12 -32.09 -40.94
N GLY C 1381 -56.24 -32.41 -41.89
CA GLY C 1381 -55.77 -33.77 -42.04
C GLY C 1381 -55.71 -34.27 -43.48
N ALA C 1382 -55.55 -35.57 -43.60
CA ALA C 1382 -55.46 -36.20 -44.90
C ALA C 1382 -55.97 -37.62 -44.76
N GLY C 1383 -56.30 -38.20 -45.89
CA GLY C 1383 -56.74 -39.57 -45.90
C GLY C 1383 -56.52 -40.07 -47.31
N ILE C 1384 -55.81 -41.18 -47.43
CA ILE C 1384 -55.69 -41.80 -48.74
C ILE C 1384 -56.01 -43.29 -48.65
N GLN C 1385 -56.32 -43.84 -49.81
CA GLN C 1385 -56.50 -45.27 -49.94
C GLN C 1385 -55.71 -45.72 -51.18
N ILE C 1386 -55.33 -46.99 -51.21
CA ILE C 1386 -54.69 -47.55 -52.39
C ILE C 1386 -55.71 -48.36 -53.13
N ILE C 1387 -55.84 -48.11 -54.44
CA ILE C 1387 -56.72 -48.94 -55.26
C ILE C 1387 -55.95 -49.66 -56.35
N MET C 1388 -56.53 -50.74 -56.85
CA MET C 1388 -55.80 -51.72 -57.63
C MET C 1388 -56.77 -52.51 -58.52
N GLN C 1389 -56.22 -53.16 -59.55
CA GLN C 1389 -56.98 -54.15 -60.31
C GLN C 1389 -57.24 -55.37 -59.43
N ALA C 1390 -58.48 -55.85 -59.38
CA ALA C 1390 -58.81 -57.03 -58.60
C ALA C 1390 -57.85 -58.18 -58.93
N ASP C 1391 -57.47 -58.27 -60.20
CA ASP C 1391 -56.69 -59.37 -60.70
C ASP C 1391 -55.29 -59.30 -60.13
N LEU C 1392 -54.75 -58.09 -60.10
CA LEU C 1392 -53.42 -57.84 -59.56
C LEU C 1392 -53.39 -58.08 -58.05
N ALA C 1393 -54.41 -57.61 -57.34
CA ALA C 1393 -54.48 -57.73 -55.89
C ALA C 1393 -54.41 -59.20 -55.51
N LEU C 1394 -55.19 -60.01 -56.22
CA LEU C 1394 -55.24 -61.45 -55.98
C LEU C 1394 -53.87 -62.08 -56.19
N LYS C 1395 -53.22 -61.66 -57.28
CA LYS C 1395 -51.89 -62.16 -57.64
C LYS C 1395 -50.79 -61.73 -56.62
N MET C 1396 -50.74 -60.46 -56.27
CA MET C 1396 -49.83 -59.97 -55.23
C MET C 1396 -50.14 -60.63 -53.90
N GLY C 1397 -51.42 -60.85 -53.62
CA GLY C 1397 -51.85 -61.41 -52.35
C GLY C 1397 -51.89 -60.33 -51.28
N VAL C 1398 -52.57 -59.24 -51.60
CA VAL C 1398 -52.80 -58.19 -50.62
C VAL C 1398 -54.23 -58.31 -50.13
N PRO C 1399 -54.58 -57.61 -49.04
CA PRO C 1399 -55.94 -57.65 -48.53
C PRO C 1399 -56.90 -56.96 -49.49
N ILE C 1400 -58.16 -57.34 -49.44
CA ILE C 1400 -59.17 -56.64 -50.23
C ILE C 1400 -60.31 -56.16 -49.31
N TYR C 1401 -60.41 -54.85 -49.16
CA TYR C 1401 -61.29 -54.24 -48.17
C TYR C 1401 -62.63 -53.85 -48.78
N GLY C 1402 -62.70 -53.80 -50.10
CA GLY C 1402 -63.93 -53.46 -50.77
C GLY C 1402 -63.78 -53.36 -52.27
N ILE C 1403 -64.91 -53.25 -52.95
CA ILE C 1403 -64.94 -53.00 -54.38
C ILE C 1403 -65.43 -51.57 -54.65
N VAL C 1404 -64.62 -50.76 -55.32
CA VAL C 1404 -65.14 -49.51 -55.81
C VAL C 1404 -65.95 -49.88 -57.03
N ALA C 1405 -67.26 -49.83 -56.88
CA ALA C 1405 -68.16 -50.36 -57.89
C ALA C 1405 -68.83 -49.25 -58.67
N MET C 1406 -68.50 -48.01 -58.31
CA MET C 1406 -68.94 -46.83 -59.05
C MET C 1406 -68.39 -45.58 -58.42
N ALA C 1407 -68.13 -44.59 -59.26
CA ALA C 1407 -67.67 -43.29 -58.81
C ALA C 1407 -67.98 -42.28 -59.89
N ALA C 1408 -68.62 -41.18 -59.51
CA ALA C 1408 -69.08 -40.19 -60.48
C ALA C 1408 -68.94 -38.77 -59.97
N THR C 1409 -68.72 -37.85 -60.90
CA THR C 1409 -68.78 -36.42 -60.59
C THR C 1409 -69.85 -35.77 -61.46
N ALA C 1410 -70.55 -34.79 -60.91
CA ALA C 1410 -71.59 -34.12 -61.68
C ALA C 1410 -71.80 -32.67 -61.23
N THR C 1411 -71.84 -31.78 -62.22
CA THR C 1411 -72.16 -30.38 -62.01
C THR C 1411 -73.68 -30.23 -61.89
N ASP C 1412 -74.14 -29.07 -61.44
CA ASP C 1412 -75.57 -28.86 -61.20
C ASP C 1412 -76.30 -28.19 -62.37
N LYS C 1413 -76.43 -26.87 -62.32
CA LYS C 1413 -77.18 -26.12 -63.32
C LYS C 1413 -76.75 -24.65 -63.38
N ILE C 1414 -77.42 -23.85 -64.20
CA ILE C 1414 -77.14 -22.42 -64.24
C ILE C 1414 -77.47 -21.75 -62.91
N GLY C 1415 -76.54 -20.92 -62.43
CA GLY C 1415 -76.71 -20.26 -61.14
C GLY C 1415 -75.80 -19.05 -60.99
N ARG C 1416 -75.71 -18.53 -59.77
CA ARG C 1416 -74.85 -17.39 -59.46
C ARG C 1416 -74.28 -17.49 -58.04
N SER C 1417 -74.67 -18.54 -57.34
CA SER C 1417 -74.13 -18.84 -56.03
C SER C 1417 -73.19 -20.05 -56.09
N VAL C 1418 -71.90 -19.77 -56.11
CA VAL C 1418 -70.85 -20.79 -56.19
C VAL C 1418 -70.86 -21.78 -55.01
N PRO C 1419 -71.03 -21.28 -53.79
CA PRO C 1419 -70.95 -22.17 -52.63
C PRO C 1419 -72.20 -23.01 -52.44
N ALA C 1420 -73.13 -22.98 -53.40
CA ALA C 1420 -74.39 -23.69 -53.26
C ALA C 1420 -74.32 -25.17 -53.66
N PRO C 1421 -75.02 -26.03 -52.87
CA PRO C 1421 -75.16 -27.47 -53.13
C PRO C 1421 -76.29 -27.69 -54.12
N GLY C 1422 -76.21 -28.76 -54.90
CA GLY C 1422 -77.22 -29.00 -55.92
C GLY C 1422 -77.56 -30.46 -56.09
N LYS C 1423 -78.25 -30.77 -57.18
CA LYS C 1423 -78.73 -32.12 -57.41
C LYS C 1423 -78.18 -32.69 -58.70
N GLY C 1424 -76.97 -32.28 -59.04
CA GLY C 1424 -76.32 -32.78 -60.24
C GLY C 1424 -76.05 -34.26 -60.11
N ILE C 1425 -75.58 -34.67 -58.95
CA ILE C 1425 -75.26 -36.07 -58.70
C ILE C 1425 -76.47 -37.03 -58.72
N LEU C 1426 -77.69 -36.49 -58.82
CA LEU C 1426 -78.90 -37.32 -58.91
C LEU C 1426 -78.93 -38.09 -60.23
N THR C 1427 -78.12 -37.65 -61.18
CA THR C 1427 -78.04 -38.29 -62.49
C THR C 1427 -77.50 -39.71 -62.38
N THR C 1428 -76.80 -39.98 -61.28
CA THR C 1428 -76.23 -41.31 -61.06
C THR C 1428 -77.31 -42.39 -61.06
N ALA C 1429 -78.55 -41.96 -60.88
CA ALA C 1429 -79.68 -42.89 -60.86
C ALA C 1429 -80.65 -42.60 -62.00
N ARG C 1430 -80.12 -42.16 -63.13
CA ARG C 1430 -80.94 -41.85 -64.29
C ARG C 1430 -81.19 -43.08 -65.14
N GLU C 1431 -82.46 -43.47 -65.27
CA GLU C 1431 -82.83 -44.64 -66.06
C GLU C 1431 -84.21 -44.48 -66.66
N HIS C 1432 -84.29 -44.59 -67.99
CA HIS C 1432 -85.55 -44.46 -68.69
C HIS C 1432 -86.58 -45.47 -68.19
N HIS C 1433 -87.83 -45.04 -68.09
CA HIS C 1433 -88.90 -45.90 -67.61
C HIS C 1433 -90.10 -45.85 -68.56
N SER C 1434 -89.93 -45.18 -69.69
CA SER C 1434 -91.00 -45.06 -70.68
C SER C 1434 -91.59 -46.42 -71.02
N SER C 1435 -90.80 -47.47 -70.83
CA SER C 1435 -91.24 -48.84 -71.11
C SER C 1435 -90.66 -49.83 -70.11
N VAL C 1436 -91.52 -50.44 -69.32
CA VAL C 1436 -91.09 -51.42 -68.31
C VAL C 1436 -92.14 -52.50 -68.09
N LYS C 1437 -92.72 -53.01 -69.17
CA LYS C 1437 -93.69 -54.10 -69.06
C LYS C 1437 -93.00 -55.42 -68.73
N TYR C 1438 -92.12 -55.86 -69.63
CA TYR C 1438 -91.53 -57.19 -69.52
C TYR C 1438 -90.05 -57.16 -69.13
N ALA C 1439 -89.63 -58.18 -68.40
CA ALA C 1439 -88.30 -58.25 -67.82
C ALA C 1439 -87.19 -58.13 -68.86
N SER C 1440 -86.18 -57.35 -68.53
CA SER C 1440 -85.00 -57.22 -69.37
C SER C 1440 -84.08 -58.43 -69.14
N PRO C 1441 -83.91 -59.28 -70.17
CA PRO C 1441 -82.99 -60.41 -70.10
C PRO C 1441 -81.58 -59.97 -69.69
N ASN C 1442 -81.26 -58.73 -70.05
CA ASN C 1442 -79.95 -58.13 -69.76
C ASN C 1442 -79.60 -58.13 -68.27
N LEU C 1443 -80.58 -57.80 -67.44
CA LEU C 1443 -80.38 -57.82 -65.99
C LEU C 1443 -80.12 -59.20 -65.45
N ASN C 1444 -80.58 -60.22 -66.18
CA ASN C 1444 -80.50 -61.60 -65.72
C ASN C 1444 -79.14 -62.25 -65.95
N MET C 1445 -78.42 -62.50 -64.85
CA MET C 1445 -77.07 -63.04 -64.92
C MET C 1445 -77.04 -64.40 -65.65
N LYS C 1446 -78.03 -65.25 -65.39
CA LYS C 1446 -78.10 -66.57 -66.01
C LYS C 1446 -78.03 -66.44 -67.52
N TYR C 1447 -78.68 -65.38 -68.02
CA TYR C 1447 -78.71 -65.08 -69.44
C TYR C 1447 -77.33 -64.69 -69.94
N ARG C 1448 -76.79 -63.62 -69.37
CA ARG C 1448 -75.48 -63.11 -69.75
C ARG C 1448 -74.44 -64.23 -69.78
N LYS C 1449 -74.41 -65.05 -68.73
CA LYS C 1449 -73.42 -66.14 -68.64
C LYS C 1449 -73.48 -67.10 -69.82
N ARG C 1450 -74.68 -67.40 -70.30
CA ARG C 1450 -74.83 -68.28 -71.45
C ARG C 1450 -74.22 -67.64 -72.68
N GLN C 1451 -74.59 -66.39 -72.90
CA GLN C 1451 -74.05 -65.59 -73.99
C GLN C 1451 -72.51 -65.59 -73.99
N LEU C 1452 -71.93 -65.46 -72.81
CA LEU C 1452 -70.48 -65.48 -72.68
C LEU C 1452 -69.95 -66.83 -73.11
N VAL C 1453 -70.57 -67.88 -72.57
CA VAL C 1453 -70.13 -69.25 -72.78
C VAL C 1453 -70.13 -69.64 -74.26
N THR C 1454 -71.10 -69.07 -74.99
CA THR C 1454 -71.12 -69.20 -76.43
C THR C 1454 -69.90 -68.54 -77.08
N ARG C 1455 -69.62 -67.29 -76.71
CA ARG C 1455 -68.41 -66.61 -77.17
C ARG C 1455 -67.14 -67.38 -76.81
N GLU C 1456 -67.15 -68.03 -75.64
CA GLU C 1456 -65.98 -68.76 -75.16
C GLU C 1456 -65.67 -69.87 -76.14
N ALA C 1457 -66.70 -70.66 -76.46
CA ALA C 1457 -66.59 -71.72 -77.45
C ALA C 1457 -66.20 -71.17 -78.83
N GLN C 1458 -66.89 -70.12 -79.26
CA GLN C 1458 -66.62 -69.42 -80.52
C GLN C 1458 -65.15 -69.02 -80.65
N ILE C 1459 -64.56 -68.60 -79.52
CA ILE C 1459 -63.15 -68.23 -79.48
C ILE C 1459 -62.30 -69.47 -79.57
N LYS C 1460 -62.77 -70.54 -78.94
CA LYS C 1460 -62.01 -71.78 -78.84
C LYS C 1460 -61.54 -72.26 -80.21
N ASP C 1461 -62.49 -72.42 -81.14
CA ASP C 1461 -62.15 -72.96 -82.45
C ASP C 1461 -61.64 -71.88 -83.39
N TRP C 1462 -61.67 -70.62 -82.92
CA TRP C 1462 -60.95 -69.56 -83.63
C TRP C 1462 -59.46 -69.78 -83.44
N VAL C 1463 -59.07 -70.13 -82.21
CA VAL C 1463 -57.68 -70.37 -81.88
C VAL C 1463 -57.20 -71.66 -82.54
N GLU C 1464 -58.07 -72.67 -82.54
CA GLU C 1464 -57.78 -73.92 -83.24
C GLU C 1464 -57.59 -73.62 -84.72
N ASN C 1465 -58.53 -72.87 -85.29
CA ASN C 1465 -58.53 -72.51 -86.71
C ASN C 1465 -57.30 -71.69 -87.13
N GLU C 1466 -56.87 -70.82 -86.22
CA GLU C 1466 -55.68 -69.99 -86.44
C GLU C 1466 -54.41 -70.81 -86.32
N LEU C 1467 -54.37 -71.72 -85.36
CA LEU C 1467 -53.21 -72.58 -85.13
C LEU C 1467 -53.02 -73.56 -86.28
N GLU C 1468 -54.12 -73.86 -86.97
CA GLU C 1468 -54.11 -74.74 -88.13
C GLU C 1468 -53.41 -74.08 -89.31
N ALA C 1469 -53.80 -72.83 -89.58
CA ALA C 1469 -53.21 -72.06 -90.66
C ALA C 1469 -51.71 -71.81 -90.45
N LEU C 1470 -51.25 -71.86 -89.20
CA LEU C 1470 -49.84 -71.66 -88.89
C LEU C 1470 -48.98 -72.85 -89.31
N LYS C 1471 -49.54 -74.05 -89.12
CA LYS C 1471 -48.88 -75.28 -89.56
C LYS C 1471 -48.67 -75.24 -91.07
N LEU C 1472 -49.68 -74.79 -91.81
CA LEU C 1472 -49.60 -74.69 -93.27
C LEU C 1472 -48.60 -73.63 -93.76
N GLU C 1473 -48.33 -72.63 -92.92
CA GLU C 1473 -47.34 -71.61 -93.27
C GLU C 1473 -45.92 -72.10 -93.03
N ALA C 1474 -45.71 -72.83 -91.94
CA ALA C 1474 -44.41 -73.43 -91.62
C ALA C 1474 -44.03 -74.65 -92.49
N GLU C 1475 -45.02 -75.43 -92.90
CA GLU C 1475 -44.81 -76.64 -93.71
C GLU C 1475 -44.41 -76.35 -95.15
N GLU C 1476 -44.23 -75.08 -95.51
CA GLU C 1476 -44.05 -74.77 -96.91
C GLU C 1476 -43.01 -73.69 -97.21
N ILE C 1477 -42.78 -72.80 -96.25
CA ILE C 1477 -41.94 -71.63 -96.53
C ILE C 1477 -40.76 -71.42 -95.54
N PRO C 1478 -40.96 -71.75 -94.26
CA PRO C 1478 -39.87 -71.57 -93.28
C PRO C 1478 -38.91 -72.75 -93.23
N SER C 1479 -37.67 -72.47 -92.87
CA SER C 1479 -36.61 -73.48 -92.86
C SER C 1479 -36.67 -74.32 -91.60
N GLU C 1480 -35.59 -75.04 -91.30
CA GLU C 1480 -35.52 -75.80 -90.07
C GLU C 1480 -35.14 -74.93 -88.86
N ASP C 1481 -34.97 -73.62 -89.08
CA ASP C 1481 -34.87 -72.65 -87.99
C ASP C 1481 -36.29 -72.18 -87.61
N GLN C 1482 -37.18 -73.15 -87.45
CA GLN C 1482 -38.62 -72.92 -87.39
C GLN C 1482 -39.08 -72.65 -85.95
N ASN C 1483 -38.19 -72.86 -85.00
CA ASN C 1483 -38.52 -72.76 -83.58
C ASN C 1483 -38.99 -71.40 -83.15
N GLU C 1484 -38.37 -70.35 -83.69
CA GLU C 1484 -38.76 -69.01 -83.28
C GLU C 1484 -39.87 -68.42 -84.15
N PHE C 1485 -39.96 -68.86 -85.40
CA PHE C 1485 -41.14 -68.52 -86.20
C PHE C 1485 -42.39 -69.08 -85.50
N LEU C 1486 -42.25 -70.26 -84.91
CA LEU C 1486 -43.37 -70.90 -84.21
C LEU C 1486 -43.61 -70.29 -82.82
N LEU C 1487 -42.53 -69.96 -82.11
CA LEU C 1487 -42.64 -69.26 -80.83
C LEU C 1487 -43.38 -67.93 -80.99
N GLU C 1488 -42.76 -67.01 -81.72
CA GLU C 1488 -43.31 -65.66 -81.89
C GLU C 1488 -44.78 -65.65 -82.34
N ARG C 1489 -45.16 -66.64 -83.14
CA ARG C 1489 -46.48 -66.66 -83.74
C ARG C 1489 -47.56 -67.25 -82.87
N THR C 1490 -47.32 -68.44 -82.32
CA THR C 1490 -48.30 -69.07 -81.43
C THR C 1490 -48.51 -68.21 -80.19
N ARG C 1491 -47.41 -67.64 -79.70
CA ARG C 1491 -47.45 -66.69 -78.61
C ARG C 1491 -48.47 -65.60 -78.91
N GLU C 1492 -48.32 -64.99 -80.08
CA GLU C 1492 -49.23 -63.92 -80.50
C GLU C 1492 -50.69 -64.36 -80.67
N ILE C 1493 -50.89 -65.59 -81.14
CA ILE C 1493 -52.23 -66.17 -81.25
C ILE C 1493 -52.90 -66.26 -79.90
N HIS C 1494 -52.16 -66.77 -78.91
CA HIS C 1494 -52.72 -66.96 -77.57
C HIS C 1494 -53.00 -65.63 -76.87
N ASN C 1495 -52.20 -64.62 -77.15
CA ASN C 1495 -52.50 -63.26 -76.71
C ASN C 1495 -53.88 -62.83 -77.22
N GLU C 1496 -54.00 -62.74 -78.54
CA GLU C 1496 -55.26 -62.40 -79.20
C GLU C 1496 -56.45 -63.22 -78.70
N ALA C 1497 -56.22 -64.49 -78.45
CA ALA C 1497 -57.27 -65.36 -77.93
C ALA C 1497 -57.72 -64.86 -76.56
N GLU C 1498 -56.77 -64.67 -75.66
CA GLU C 1498 -57.09 -64.19 -74.33
C GLU C 1498 -57.69 -62.80 -74.36
N SER C 1499 -57.22 -61.97 -75.30
CA SER C 1499 -57.75 -60.63 -75.42
C SER C 1499 -59.23 -60.70 -75.79
N GLN C 1500 -59.58 -61.57 -76.72
CA GLN C 1500 -60.96 -61.70 -77.18
C GLN C 1500 -61.82 -62.15 -76.01
N LEU C 1501 -61.27 -63.07 -75.24
CA LEU C 1501 -62.00 -63.68 -74.14
C LEU C 1501 -62.27 -62.64 -73.07
N ARG C 1502 -61.28 -61.81 -72.84
CA ARG C 1502 -61.31 -60.75 -71.83
C ARG C 1502 -62.35 -59.70 -72.20
N ALA C 1503 -62.53 -59.54 -73.50
CA ALA C 1503 -63.46 -58.56 -74.02
C ALA C 1503 -64.88 -59.09 -73.93
N ALA C 1504 -65.00 -60.40 -74.03
CA ALA C 1504 -66.30 -61.06 -73.91
C ALA C 1504 -66.73 -61.03 -72.46
N GLN C 1505 -65.79 -61.35 -71.58
CA GLN C 1505 -65.98 -61.22 -70.13
C GLN C 1505 -66.48 -59.81 -69.85
N GLN C 1506 -65.83 -58.86 -70.50
CA GLN C 1506 -66.18 -57.46 -70.35
C GLN C 1506 -67.60 -57.18 -70.79
N GLN C 1507 -67.94 -57.60 -72.00
CA GLN C 1507 -69.24 -57.32 -72.62
C GLN C 1507 -70.43 -57.85 -71.81
N TRP C 1508 -70.27 -59.02 -71.18
CA TRP C 1508 -71.39 -59.70 -70.56
C TRP C 1508 -71.34 -59.71 -69.05
N GLY C 1509 -70.17 -59.42 -68.49
CA GLY C 1509 -69.98 -59.49 -67.05
C GLY C 1509 -69.81 -58.12 -66.43
N ASN C 1510 -68.87 -57.35 -66.99
CA ASN C 1510 -68.47 -56.08 -66.42
C ASN C 1510 -69.33 -54.88 -66.86
N ASP C 1511 -69.49 -54.72 -68.17
CA ASP C 1511 -70.06 -53.50 -68.75
C ASP C 1511 -71.38 -53.71 -69.48
N PHE C 1512 -72.15 -54.72 -69.09
CA PHE C 1512 -73.37 -55.07 -69.84
C PHE C 1512 -74.41 -53.96 -69.88
N TYR C 1513 -74.31 -53.02 -68.95
CA TYR C 1513 -75.33 -52.00 -68.77
C TYR C 1513 -74.89 -50.62 -69.28
N LYS C 1514 -73.65 -50.55 -69.73
CA LYS C 1514 -73.05 -49.31 -70.18
C LYS C 1514 -73.93 -48.66 -71.26
N ARG C 1515 -74.24 -49.44 -72.28
CA ARG C 1515 -75.05 -48.96 -73.41
C ARG C 1515 -76.59 -49.14 -73.20
N ASP C 1516 -76.99 -49.49 -71.97
CA ASP C 1516 -78.41 -49.62 -71.61
C ASP C 1516 -78.96 -48.42 -70.78
N PRO C 1517 -80.05 -47.78 -71.28
CA PRO C 1517 -80.74 -46.62 -70.71
C PRO C 1517 -81.81 -47.01 -69.73
N ARG C 1518 -82.07 -48.31 -69.61
CA ARG C 1518 -83.07 -48.81 -68.68
C ARG C 1518 -82.39 -49.29 -67.41
N ILE C 1519 -81.06 -49.38 -67.48
CA ILE C 1519 -80.24 -49.70 -66.32
C ILE C 1519 -79.37 -48.47 -65.99
N ALA C 1520 -79.67 -47.88 -64.82
CA ALA C 1520 -78.90 -46.77 -64.28
C ALA C 1520 -77.54 -47.26 -63.83
N PRO C 1521 -76.83 -46.28 -63.88
CA PRO C 1521 -75.46 -46.55 -63.45
C PRO C 1521 -75.46 -47.18 -62.07
N LEU C 1522 -76.21 -46.59 -61.14
CA LEU C 1522 -76.29 -47.06 -59.76
C LEU C 1522 -76.86 -48.49 -59.70
N ARG C 1523 -77.92 -48.71 -60.48
CA ARG C 1523 -78.55 -50.03 -60.66
C ARG C 1523 -77.57 -51.12 -61.04
N GLY C 1524 -76.87 -50.87 -62.15
CA GLY C 1524 -75.98 -51.84 -62.75
C GLY C 1524 -74.73 -52.03 -61.93
N ALA C 1525 -74.28 -50.96 -61.28
CA ALA C 1525 -73.10 -51.01 -60.42
C ALA C 1525 -73.27 -52.13 -59.41
N LEU C 1526 -74.44 -52.14 -58.77
CA LEU C 1526 -74.83 -53.20 -57.85
C LEU C 1526 -75.17 -54.51 -58.59
N ALA C 1527 -75.87 -54.39 -59.71
CA ALA C 1527 -76.32 -55.54 -60.49
C ALA C 1527 -75.21 -56.47 -60.97
N THR C 1528 -74.00 -55.96 -61.20
CA THR C 1528 -72.94 -56.83 -61.71
C THR C 1528 -72.58 -57.93 -60.71
N TYR C 1529 -72.86 -57.68 -59.42
CA TYR C 1529 -72.56 -58.65 -58.35
C TYR C 1529 -73.80 -59.38 -57.84
N GLY C 1530 -74.90 -59.23 -58.57
CA GLY C 1530 -76.14 -59.84 -58.18
C GLY C 1530 -76.80 -59.07 -57.06
N LEU C 1531 -76.51 -57.78 -56.98
CA LEU C 1531 -77.07 -56.92 -55.93
C LEU C 1531 -78.21 -56.06 -56.46
N THR C 1532 -79.24 -55.92 -55.63
CA THR C 1532 -80.44 -55.17 -55.97
C THR C 1532 -80.32 -53.82 -55.31
N ILE C 1533 -81.18 -52.89 -55.69
CA ILE C 1533 -81.15 -51.53 -55.12
C ILE C 1533 -81.29 -51.55 -53.60
N ASP C 1534 -82.07 -52.51 -53.10
CA ASP C 1534 -82.31 -52.62 -51.67
C ASP C 1534 -81.05 -53.00 -50.88
N ASP C 1535 -80.04 -53.48 -51.59
CA ASP C 1535 -78.83 -54.02 -50.95
C ASP C 1535 -77.87 -52.94 -50.45
N LEU C 1536 -77.94 -51.78 -51.09
CA LEU C 1536 -77.29 -50.58 -50.60
C LEU C 1536 -77.88 -50.26 -49.23
N GLY C 1537 -77.21 -50.72 -48.18
CA GLY C 1537 -77.71 -50.58 -46.82
C GLY C 1537 -77.44 -49.24 -46.17
N VAL C 1538 -76.20 -48.77 -46.29
CA VAL C 1538 -75.77 -47.56 -45.60
C VAL C 1538 -75.44 -46.44 -46.57
N ALA C 1539 -75.85 -45.23 -46.23
CA ALA C 1539 -75.48 -44.04 -46.98
C ALA C 1539 -74.59 -43.16 -46.11
N SER C 1540 -73.33 -43.04 -46.51
CA SER C 1540 -72.41 -42.15 -45.82
C SER C 1540 -72.63 -40.72 -46.28
N PHE C 1541 -73.49 -40.01 -45.55
CA PHE C 1541 -73.83 -38.63 -45.90
C PHE C 1541 -72.64 -37.70 -45.70
N HIS C 1542 -72.58 -36.67 -46.53
CA HIS C 1542 -71.58 -35.62 -46.39
C HIS C 1542 -71.79 -34.91 -45.07
N GLY C 1543 -73.05 -34.84 -44.65
CA GLY C 1543 -73.42 -34.26 -43.36
C GLY C 1543 -72.55 -33.10 -42.94
N THR C 1544 -72.75 -31.95 -43.57
CA THR C 1544 -71.92 -30.78 -43.29
C THR C 1544 -72.38 -30.05 -42.03
N SER C 1545 -73.57 -30.39 -41.55
CA SER C 1545 -74.15 -29.75 -40.37
C SER C 1545 -74.63 -28.33 -40.69
N THR C 1546 -74.55 -27.97 -41.96
CA THR C 1546 -75.12 -26.71 -42.45
C THR C 1546 -76.59 -26.95 -42.80
N LYS C 1547 -77.40 -25.90 -42.80
CA LYS C 1547 -78.82 -26.09 -43.09
C LYS C 1547 -79.04 -26.44 -44.56
N ALA C 1548 -78.38 -25.66 -45.41
CA ALA C 1548 -78.40 -25.88 -46.85
C ALA C 1548 -78.11 -27.34 -47.20
N ASN C 1549 -76.92 -27.81 -46.84
CA ASN C 1549 -76.45 -29.12 -47.27
C ASN C 1549 -77.29 -30.31 -46.81
N ASP C 1550 -77.44 -30.47 -45.51
CA ASP C 1550 -78.09 -31.66 -44.95
C ASP C 1550 -79.47 -31.94 -45.55
N LYS C 1551 -80.28 -30.89 -45.72
CA LYS C 1551 -81.58 -31.08 -46.36
C LYS C 1551 -81.46 -31.48 -47.83
N ASN C 1552 -80.73 -30.70 -48.61
CA ASN C 1552 -80.50 -31.06 -50.02
C ASN C 1552 -80.06 -32.50 -50.18
N GLU C 1553 -78.95 -32.85 -49.53
CA GLU C 1553 -78.37 -34.18 -49.66
C GLU C 1553 -79.35 -35.29 -49.31
N SER C 1554 -80.16 -35.08 -48.28
CA SER C 1554 -81.18 -36.05 -47.93
C SER C 1554 -82.19 -36.17 -49.06
N ALA C 1555 -82.70 -35.02 -49.51
CA ALA C 1555 -83.62 -35.00 -50.64
C ALA C 1555 -83.07 -35.77 -51.83
N THR C 1556 -81.86 -35.43 -52.24
CA THR C 1556 -81.28 -36.07 -53.40
C THR C 1556 -81.04 -37.58 -53.21
N ILE C 1557 -80.56 -38.00 -52.04
CA ILE C 1557 -80.39 -39.44 -51.78
C ILE C 1557 -81.74 -40.13 -51.80
N ASN C 1558 -82.73 -39.43 -51.24
CA ASN C 1558 -84.09 -39.93 -51.16
C ASN C 1558 -84.61 -40.21 -52.56
N GLU C 1559 -84.35 -39.29 -53.47
CA GLU C 1559 -84.91 -39.38 -54.81
C GLU C 1559 -84.24 -40.47 -55.60
N MET C 1560 -82.92 -40.58 -55.50
CA MET C 1560 -82.25 -41.64 -56.25
C MET C 1560 -82.71 -43.02 -55.78
N MET C 1561 -83.12 -43.14 -54.51
CA MET C 1561 -83.71 -44.40 -54.02
C MET C 1561 -85.12 -44.56 -54.57
N LYS C 1562 -85.88 -43.46 -54.53
CA LYS C 1562 -87.27 -43.44 -54.96
C LYS C 1562 -87.41 -43.82 -56.44
N HIS C 1563 -86.57 -43.21 -57.27
CA HIS C 1563 -86.61 -43.45 -58.70
C HIS C 1563 -86.31 -44.91 -59.04
N LEU C 1564 -85.37 -45.52 -58.32
CA LEU C 1564 -84.86 -46.84 -58.70
C LEU C 1564 -85.66 -47.98 -58.11
N GLY C 1565 -86.62 -47.66 -57.25
CA GLY C 1565 -87.56 -48.67 -56.78
C GLY C 1565 -87.25 -49.25 -55.42
N ARG C 1566 -86.55 -48.49 -54.59
CA ARG C 1566 -86.24 -48.94 -53.25
C ARG C 1566 -87.57 -49.34 -52.61
N SER C 1567 -87.62 -50.54 -52.04
CA SER C 1567 -88.84 -51.04 -51.39
C SER C 1567 -89.30 -50.03 -50.35
N GLU C 1568 -90.59 -49.70 -50.39
CA GLU C 1568 -91.17 -48.93 -49.31
C GLU C 1568 -90.90 -49.68 -48.01
N GLY C 1569 -90.29 -49.00 -47.05
CA GLY C 1569 -90.08 -49.55 -45.73
C GLY C 1569 -88.65 -49.92 -45.47
N ASN C 1570 -87.84 -49.87 -46.53
CA ASN C 1570 -86.41 -50.13 -46.45
C ASN C 1570 -85.60 -48.85 -46.67
N PRO C 1571 -85.36 -48.09 -45.60
CA PRO C 1571 -84.63 -46.85 -45.84
C PRO C 1571 -83.12 -47.12 -45.82
N VAL C 1572 -82.33 -46.19 -46.36
CA VAL C 1572 -80.90 -46.30 -46.23
C VAL C 1572 -80.59 -45.73 -44.88
N ILE C 1573 -79.64 -46.35 -44.19
CA ILE C 1573 -79.21 -45.89 -42.89
C ILE C 1573 -78.04 -44.96 -43.09
N GLY C 1574 -78.22 -43.72 -42.70
CA GLY C 1574 -77.23 -42.68 -42.95
C GLY C 1574 -76.32 -42.43 -41.77
N VAL C 1575 -75.03 -42.39 -42.07
CA VAL C 1575 -74.01 -42.01 -41.11
C VAL C 1575 -73.54 -40.60 -41.44
N PHE C 1576 -73.04 -39.88 -40.43
CA PHE C 1576 -72.68 -38.48 -40.60
C PHE C 1576 -71.37 -38.19 -39.88
N GLN C 1577 -70.29 -38.85 -40.31
CA GLN C 1577 -69.04 -38.85 -39.52
C GLN C 1577 -68.39 -37.50 -39.26
N LYS C 1578 -68.84 -36.46 -39.98
CA LYS C 1578 -68.36 -35.10 -39.73
C LYS C 1578 -68.66 -34.65 -38.30
N PHE C 1579 -69.57 -35.35 -37.63
CA PHE C 1579 -69.95 -34.99 -36.26
C PHE C 1579 -68.79 -35.22 -35.29
N LEU C 1580 -67.93 -36.18 -35.64
CA LEU C 1580 -66.83 -36.60 -34.77
C LEU C 1580 -65.53 -35.95 -35.20
N THR C 1581 -65.31 -35.90 -36.51
CA THR C 1581 -64.02 -35.49 -37.04
C THR C 1581 -64.00 -34.05 -37.52
N GLY C 1582 -65.17 -33.49 -37.78
CA GLY C 1582 -65.26 -32.15 -38.34
C GLY C 1582 -65.23 -32.23 -39.86
N HIS C 1583 -64.94 -31.11 -40.51
CA HIS C 1583 -64.98 -31.05 -41.96
C HIS C 1583 -63.70 -30.47 -42.55
N PRO C 1584 -62.80 -31.34 -43.02
CA PRO C 1584 -61.49 -30.97 -43.56
C PRO C 1584 -61.52 -30.72 -45.06
N LYS C 1585 -62.56 -30.05 -45.53
CA LYS C 1585 -62.72 -29.76 -46.97
C LYS C 1585 -62.33 -30.93 -47.87
N GLY C 1586 -61.08 -30.97 -48.30
CA GLY C 1586 -60.62 -31.97 -49.25
C GLY C 1586 -60.57 -33.40 -48.72
N ALA C 1587 -60.12 -33.56 -47.49
CA ALA C 1587 -59.94 -34.89 -46.91
C ALA C 1587 -61.26 -35.55 -46.49
N ALA C 1588 -62.37 -34.86 -46.75
CA ALA C 1588 -63.68 -35.34 -46.35
C ALA C 1588 -64.02 -36.71 -46.96
N GLY C 1589 -64.11 -36.75 -48.28
CA GLY C 1589 -64.47 -37.96 -48.98
C GLY C 1589 -63.69 -39.19 -48.56
N ALA C 1590 -62.40 -39.00 -48.29
CA ALA C 1590 -61.49 -40.12 -48.00
C ALA C 1590 -61.76 -40.73 -46.63
N TRP C 1591 -61.91 -39.85 -45.63
CA TRP C 1591 -62.29 -40.26 -44.28
C TRP C 1591 -63.57 -41.08 -44.28
N MET C 1592 -64.53 -40.69 -45.11
CA MET C 1592 -65.83 -41.35 -45.20
C MET C 1592 -65.70 -42.66 -45.97
N MET C 1593 -64.72 -42.68 -46.87
CA MET C 1593 -64.38 -43.85 -47.67
C MET C 1593 -63.74 -44.91 -46.77
N ASN C 1594 -62.96 -44.46 -45.81
CA ASN C 1594 -62.36 -45.35 -44.83
C ASN C 1594 -63.46 -45.97 -43.98
N GLY C 1595 -64.23 -45.11 -43.32
CA GLY C 1595 -65.31 -45.55 -42.45
C GLY C 1595 -66.27 -46.46 -43.17
N ALA C 1596 -66.40 -46.25 -44.47
CA ALA C 1596 -67.27 -47.09 -45.29
C ALA C 1596 -66.68 -48.49 -45.40
N LEU C 1597 -65.38 -48.56 -45.66
CA LEU C 1597 -64.69 -49.84 -45.72
C LEU C 1597 -64.76 -50.56 -44.36
N GLN C 1598 -64.56 -49.79 -43.29
CA GLN C 1598 -64.60 -50.36 -41.93
C GLN C 1598 -66.00 -50.85 -41.59
N ILE C 1599 -67.02 -50.15 -42.12
CA ILE C 1599 -68.41 -50.55 -41.94
C ILE C 1599 -68.69 -51.87 -42.67
N LEU C 1600 -68.31 -51.92 -43.94
CA LEU C 1600 -68.47 -53.13 -44.75
C LEU C 1600 -67.91 -54.37 -44.06
N ASN C 1601 -66.67 -54.26 -43.59
CA ASN C 1601 -65.92 -55.37 -43.02
C ASN C 1601 -66.19 -55.66 -41.54
N SER C 1602 -67.08 -54.88 -40.92
CA SER C 1602 -67.42 -55.10 -39.51
C SER C 1602 -68.91 -55.29 -39.27
N GLY C 1603 -69.74 -54.97 -40.28
CA GLY C 1603 -71.18 -55.07 -40.17
C GLY C 1603 -71.74 -54.07 -39.17
N ILE C 1604 -70.87 -53.23 -38.63
CA ILE C 1604 -71.30 -52.22 -37.67
C ILE C 1604 -71.55 -50.89 -38.35
N ILE C 1605 -72.73 -50.32 -38.08
CA ILE C 1605 -73.03 -49.00 -38.57
C ILE C 1605 -73.03 -48.08 -37.37
N PRO C 1606 -72.07 -47.13 -37.34
CA PRO C 1606 -71.92 -46.20 -36.21
C PRO C 1606 -73.11 -45.23 -36.15
N GLY C 1607 -73.35 -44.62 -34.99
CA GLY C 1607 -74.49 -43.75 -34.83
C GLY C 1607 -74.11 -42.30 -34.77
N ASN C 1608 -74.87 -41.46 -35.46
CA ASN C 1608 -74.72 -40.01 -35.35
C ASN C 1608 -75.01 -39.58 -33.91
N ARG C 1609 -74.01 -39.67 -33.06
CA ARG C 1609 -74.17 -39.45 -31.62
C ARG C 1609 -74.50 -38.00 -31.24
N ASN C 1610 -74.50 -37.12 -32.22
CA ASN C 1610 -74.88 -35.73 -31.98
C ASN C 1610 -76.25 -35.37 -32.55
N ALA C 1611 -77.03 -36.40 -32.87
CA ALA C 1611 -78.39 -36.22 -33.33
C ALA C 1611 -79.30 -36.15 -32.14
N ASP C 1612 -79.31 -35.00 -31.45
CA ASP C 1612 -80.22 -34.79 -30.35
C ASP C 1612 -81.66 -34.89 -30.87
N ASN C 1613 -81.87 -34.34 -32.05
CA ASN C 1613 -83.20 -34.29 -32.61
C ASN C 1613 -83.17 -34.13 -34.10
N VAL C 1614 -83.65 -35.14 -34.81
CA VAL C 1614 -83.66 -35.10 -36.26
C VAL C 1614 -84.63 -34.05 -36.76
N ASP C 1615 -84.14 -33.19 -37.64
CA ASP C 1615 -84.91 -32.07 -38.18
C ASP C 1615 -86.24 -32.55 -38.74
N LYS C 1616 -87.33 -32.00 -38.21
CA LYS C 1616 -88.69 -32.42 -38.58
C LYS C 1616 -88.93 -32.35 -40.09
N ILE C 1617 -88.24 -31.44 -40.76
CA ILE C 1617 -88.32 -31.32 -42.20
C ILE C 1617 -88.03 -32.66 -42.84
N LEU C 1618 -86.93 -33.26 -42.43
CA LEU C 1618 -86.46 -34.56 -42.95
C LEU C 1618 -87.41 -35.78 -42.81
N GLU C 1619 -88.58 -35.61 -42.19
CA GLU C 1619 -89.51 -36.73 -42.04
C GLU C 1619 -90.08 -37.15 -43.40
N GLN C 1620 -90.19 -36.18 -44.29
CA GLN C 1620 -90.70 -36.41 -45.64
C GLN C 1620 -89.87 -37.42 -46.45
N PHE C 1621 -88.59 -37.55 -46.10
CA PHE C 1621 -87.70 -38.42 -46.86
C PHE C 1621 -87.74 -39.83 -46.30
N GLU C 1622 -88.82 -40.54 -46.63
CA GLU C 1622 -89.12 -41.82 -45.99
C GLU C 1622 -88.12 -42.92 -46.36
N TYR C 1623 -87.20 -42.60 -47.27
CA TYR C 1623 -86.16 -43.53 -47.65
C TYR C 1623 -84.85 -43.31 -46.85
N VAL C 1624 -84.86 -42.42 -45.88
CA VAL C 1624 -83.67 -42.17 -45.07
C VAL C 1624 -83.92 -42.39 -43.57
N LEU C 1625 -82.97 -43.04 -42.91
CA LEU C 1625 -83.08 -43.34 -41.47
C LEU C 1625 -81.87 -42.77 -40.74
N TYR C 1626 -82.12 -41.92 -39.76
CA TYR C 1626 -81.02 -41.20 -39.12
C TYR C 1626 -80.78 -41.74 -37.73
N PRO C 1627 -79.81 -42.66 -37.59
CA PRO C 1627 -79.63 -43.30 -36.28
C PRO C 1627 -78.83 -42.43 -35.35
N SER C 1628 -79.20 -42.39 -34.08
CA SER C 1628 -78.42 -41.68 -33.06
C SER C 1628 -77.49 -42.62 -32.30
N LYS C 1629 -77.67 -43.93 -32.52
CA LYS C 1629 -76.83 -44.90 -31.84
C LYS C 1629 -76.31 -45.99 -32.78
N THR C 1630 -75.18 -46.57 -32.40
CA THR C 1630 -74.51 -47.59 -33.20
C THR C 1630 -75.33 -48.89 -33.34
N LEU C 1631 -75.48 -49.37 -34.56
CA LEU C 1631 -76.17 -50.63 -34.80
C LEU C 1631 -75.18 -51.69 -35.26
N LYS C 1632 -75.01 -52.74 -34.44
CA LYS C 1632 -74.22 -53.89 -34.86
C LYS C 1632 -75.14 -54.87 -35.58
N THR C 1633 -75.02 -54.90 -36.90
CA THR C 1633 -75.93 -55.66 -37.77
C THR C 1633 -75.31 -57.02 -38.08
N ASP C 1634 -76.05 -57.84 -38.82
CA ASP C 1634 -75.55 -59.16 -39.22
C ASP C 1634 -74.91 -59.09 -40.61
N GLY C 1635 -74.78 -57.88 -41.15
CA GLY C 1635 -74.08 -57.67 -42.41
C GLY C 1635 -74.45 -56.39 -43.13
N VAL C 1636 -73.44 -55.76 -43.75
CA VAL C 1636 -73.65 -54.64 -44.66
C VAL C 1636 -73.12 -55.01 -46.04
N ARG C 1637 -73.92 -54.79 -47.08
CA ARG C 1637 -73.56 -55.23 -48.42
C ARG C 1637 -72.89 -54.16 -49.28
N ALA C 1638 -73.33 -52.91 -49.12
CA ALA C 1638 -72.79 -51.82 -49.91
C ALA C 1638 -73.08 -50.45 -49.28
N VAL C 1639 -72.04 -49.61 -49.23
CA VAL C 1639 -72.19 -48.25 -48.74
C VAL C 1639 -72.18 -47.25 -49.90
N SER C 1640 -72.77 -46.08 -49.66
CA SER C 1640 -72.79 -45.01 -50.64
C SER C 1640 -72.21 -43.72 -50.08
N ILE C 1641 -70.94 -43.46 -50.41
CA ILE C 1641 -70.28 -42.22 -50.06
C ILE C 1641 -70.64 -41.13 -51.04
N THR C 1642 -71.29 -40.07 -50.57
CA THR C 1642 -71.58 -38.93 -51.44
C THR C 1642 -71.01 -37.67 -50.81
N SER C 1643 -70.47 -36.77 -51.63
CA SER C 1643 -69.95 -35.50 -51.14
C SER C 1643 -70.12 -34.33 -52.11
N PHE C 1644 -70.37 -33.15 -51.55
CA PHE C 1644 -70.62 -31.93 -52.31
C PHE C 1644 -69.58 -30.86 -51.99
N GLY C 1645 -69.23 -30.07 -53.00
CA GLY C 1645 -68.25 -29.01 -52.81
C GLY C 1645 -68.62 -27.74 -53.54
N PHE C 1646 -67.88 -26.67 -53.24
CA PHE C 1646 -68.09 -25.39 -53.90
C PHE C 1646 -67.87 -25.50 -55.40
N GLY C 1647 -68.65 -24.75 -56.16
CA GLY C 1647 -68.54 -24.75 -57.60
C GLY C 1647 -69.29 -25.90 -58.25
N GLN C 1648 -70.39 -26.31 -57.61
CA GLN C 1648 -71.22 -27.38 -58.13
C GLN C 1648 -70.44 -28.67 -58.38
N LYS C 1649 -69.47 -28.92 -57.49
CA LYS C 1649 -68.64 -30.11 -57.52
C LYS C 1649 -69.34 -31.27 -56.78
N GLY C 1650 -70.24 -31.98 -57.46
CA GLY C 1650 -70.93 -33.13 -56.90
C GLY C 1650 -70.23 -34.46 -57.17
N GLY C 1651 -70.45 -35.45 -56.30
CA GLY C 1651 -69.78 -36.74 -56.44
C GLY C 1651 -70.34 -37.88 -55.60
N GLN C 1652 -70.45 -39.05 -56.21
CA GLN C 1652 -70.87 -40.24 -55.47
C GLN C 1652 -69.91 -41.41 -55.70
N ALA C 1653 -69.89 -42.33 -54.76
CA ALA C 1653 -69.09 -43.54 -54.94
C ALA C 1653 -69.80 -44.68 -54.24
N ILE C 1654 -69.87 -45.81 -54.92
CA ILE C 1654 -70.47 -47.00 -54.34
C ILE C 1654 -69.42 -48.08 -54.03
N VAL C 1655 -69.30 -48.43 -52.77
CA VAL C 1655 -68.36 -49.44 -52.33
C VAL C 1655 -69.13 -50.72 -51.95
N VAL C 1656 -68.82 -51.81 -52.64
CA VAL C 1656 -69.44 -53.12 -52.43
C VAL C 1656 -68.55 -54.04 -51.60
N HIS C 1657 -69.19 -54.89 -50.80
CA HIS C 1657 -68.46 -55.77 -49.89
C HIS C 1657 -67.48 -56.71 -50.63
N PRO C 1658 -66.25 -56.85 -50.11
CA PRO C 1658 -65.16 -57.62 -50.73
C PRO C 1658 -65.54 -59.06 -51.10
N ASP C 1659 -66.30 -59.72 -50.22
CA ASP C 1659 -66.60 -61.13 -50.39
C ASP C 1659 -67.39 -61.45 -51.68
N TYR C 1660 -68.01 -60.44 -52.27
CA TYR C 1660 -68.65 -60.61 -53.57
C TYR C 1660 -67.64 -60.84 -54.67
N LEU C 1661 -66.41 -60.37 -54.48
CA LEU C 1661 -65.38 -60.54 -55.49
C LEU C 1661 -64.98 -62.00 -55.59
N TYR C 1662 -64.81 -62.63 -54.44
CA TYR C 1662 -64.25 -63.97 -54.41
C TYR C 1662 -65.19 -64.97 -55.07
N GLY C 1663 -66.46 -64.62 -55.18
CA GLY C 1663 -67.39 -65.45 -55.94
C GLY C 1663 -67.01 -65.69 -57.40
N ALA C 1664 -66.25 -64.77 -58.00
CA ALA C 1664 -66.01 -64.82 -59.43
C ALA C 1664 -64.68 -65.46 -59.80
N ILE C 1665 -64.20 -66.35 -58.94
CA ILE C 1665 -62.87 -66.90 -59.07
C ILE C 1665 -62.91 -68.37 -58.67
N THR C 1666 -61.98 -69.16 -59.20
CA THR C 1666 -61.91 -70.60 -58.95
C THR C 1666 -61.56 -70.89 -57.49
N GLU C 1667 -62.03 -72.02 -56.96
CA GLU C 1667 -61.69 -72.36 -55.57
C GLU C 1667 -60.19 -72.54 -55.32
N ASP C 1668 -59.52 -73.24 -56.21
CA ASP C 1668 -58.08 -73.42 -56.10
C ASP C 1668 -57.37 -72.10 -56.04
N ARG C 1669 -57.82 -71.16 -56.87
CA ARG C 1669 -57.23 -69.83 -56.93
C ARG C 1669 -57.48 -69.04 -55.66
N TYR C 1670 -58.73 -69.04 -55.20
CA TYR C 1670 -59.08 -68.38 -53.95
C TYR C 1670 -58.23 -68.87 -52.79
N ASN C 1671 -58.09 -70.20 -52.71
CA ASN C 1671 -57.32 -70.83 -51.64
C ASN C 1671 -55.86 -70.41 -51.68
N GLU C 1672 -55.28 -70.42 -52.87
CA GLU C 1672 -53.91 -69.94 -53.11
C GLU C 1672 -53.71 -68.50 -52.63
N TYR C 1673 -54.73 -67.66 -52.88
CA TYR C 1673 -54.73 -66.27 -52.45
C TYR C 1673 -54.73 -66.13 -50.93
N VAL C 1674 -55.64 -66.83 -50.25
CA VAL C 1674 -55.71 -66.78 -48.79
C VAL C 1674 -54.38 -67.09 -48.13
N ALA C 1675 -53.61 -67.98 -48.78
CA ALA C 1675 -52.26 -68.35 -48.36
C ALA C 1675 -51.34 -67.15 -48.32
N LYS C 1676 -51.21 -66.48 -49.47
CA LYS C 1676 -50.34 -65.30 -49.61
C LYS C 1676 -50.72 -64.20 -48.65
N VAL C 1677 -52.01 -63.87 -48.59
CA VAL C 1677 -52.51 -62.81 -47.73
C VAL C 1677 -52.16 -63.09 -46.28
N SER C 1678 -52.29 -64.35 -45.86
CA SER C 1678 -52.00 -64.73 -44.48
C SER C 1678 -50.56 -64.45 -44.14
N ALA C 1679 -49.67 -64.82 -45.05
CA ALA C 1679 -48.22 -64.61 -44.87
C ALA C 1679 -47.87 -63.12 -44.80
N ARG C 1680 -48.53 -62.31 -45.62
CA ARG C 1680 -48.37 -60.86 -45.58
C ARG C 1680 -48.76 -60.24 -44.25
N GLU C 1681 -49.96 -60.57 -43.79
CA GLU C 1681 -50.46 -60.09 -42.51
C GLU C 1681 -49.44 -60.32 -41.40
N LYS C 1682 -48.85 -61.51 -41.38
CA LYS C 1682 -47.88 -61.83 -40.35
C LYS C 1682 -46.65 -60.95 -40.48
N SER C 1683 -46.18 -60.77 -41.71
CA SER C 1683 -44.99 -59.94 -42.01
C SER C 1683 -45.23 -58.43 -41.87
N ALA C 1684 -46.50 -58.03 -41.91
CA ALA C 1684 -46.88 -56.64 -41.80
C ALA C 1684 -47.08 -56.28 -40.34
N TYR C 1685 -47.61 -57.23 -39.57
CA TYR C 1685 -47.69 -57.07 -38.13
C TYR C 1685 -46.28 -56.91 -37.62
N LYS C 1686 -45.38 -57.69 -38.20
CA LYS C 1686 -43.95 -57.57 -37.89
C LYS C 1686 -43.53 -56.14 -38.14
N PHE C 1687 -43.61 -55.72 -39.39
CA PHE C 1687 -43.16 -54.39 -39.77
C PHE C 1687 -43.73 -53.28 -38.91
N PHE C 1688 -45.03 -53.31 -38.71
CA PHE C 1688 -45.72 -52.23 -38.05
C PHE C 1688 -45.24 -51.99 -36.62
N HIS C 1689 -45.09 -53.06 -35.85
CA HIS C 1689 -44.69 -52.88 -34.46
C HIS C 1689 -43.22 -52.48 -34.33
N ASN C 1690 -42.45 -52.80 -35.38
CA ASN C 1690 -41.09 -52.32 -35.46
C ASN C 1690 -41.09 -50.80 -35.55
N GLY C 1691 -41.75 -50.28 -36.58
CA GLY C 1691 -41.71 -48.85 -36.86
C GLY C 1691 -42.45 -47.99 -35.86
N MET C 1692 -43.33 -48.60 -35.08
CA MET C 1692 -44.05 -47.88 -34.07
C MET C 1692 -43.04 -47.64 -32.98
N ILE C 1693 -42.55 -48.75 -32.44
CA ILE C 1693 -41.60 -48.75 -31.34
C ILE C 1693 -40.36 -47.88 -31.59
N TYR C 1694 -39.78 -48.01 -32.78
CA TYR C 1694 -38.50 -47.41 -33.12
C TYR C 1694 -38.62 -46.19 -34.04
N ASN C 1695 -39.85 -45.75 -34.27
CA ASN C 1695 -40.12 -44.59 -35.12
C ASN C 1695 -39.54 -44.77 -36.55
N LYS C 1696 -39.52 -46.01 -37.01
CA LYS C 1696 -39.01 -46.36 -38.34
C LYS C 1696 -40.14 -46.50 -39.38
N LEU C 1697 -41.36 -46.07 -39.06
CA LEU C 1697 -42.50 -46.30 -39.98
C LEU C 1697 -42.30 -45.71 -41.39
N PHE C 1698 -42.00 -44.42 -41.45
CA PHE C 1698 -41.60 -43.80 -42.69
C PHE C 1698 -40.09 -44.05 -42.85
N VAL C 1699 -39.67 -44.62 -43.98
CA VAL C 1699 -38.24 -44.71 -44.25
C VAL C 1699 -37.95 -44.19 -45.65
N SER C 1700 -37.43 -42.98 -45.74
CA SER C 1700 -37.23 -42.35 -47.05
C SER C 1700 -36.30 -43.15 -47.96
N LYS C 1701 -36.76 -43.43 -49.18
CA LYS C 1701 -35.93 -44.10 -50.19
C LYS C 1701 -34.82 -43.18 -50.65
N GLU C 1702 -33.58 -43.65 -50.53
CA GLU C 1702 -32.43 -42.83 -50.88
C GLU C 1702 -31.87 -43.18 -52.24
N HIS C 1703 -32.57 -44.03 -52.98
CA HIS C 1703 -32.20 -44.37 -54.36
C HIS C 1703 -33.41 -44.90 -55.12
N ALA C 1704 -33.37 -44.78 -56.44
CA ALA C 1704 -34.40 -45.39 -57.29
C ALA C 1704 -34.05 -46.86 -57.51
N PRO C 1705 -35.02 -47.66 -57.97
CA PRO C 1705 -34.77 -49.09 -58.23
C PRO C 1705 -33.78 -49.28 -59.39
N TYR C 1706 -33.54 -48.22 -60.16
CA TYR C 1706 -32.59 -48.27 -61.27
C TYR C 1706 -31.43 -47.30 -61.06
N THR C 1707 -30.24 -47.76 -61.43
CA THR C 1707 -29.07 -46.90 -61.47
C THR C 1707 -29.39 -45.81 -62.47
N ASP C 1708 -28.73 -44.66 -62.35
CA ASP C 1708 -28.94 -43.57 -63.30
C ASP C 1708 -28.64 -43.99 -64.74
N GLU C 1709 -27.60 -44.81 -64.89
CA GLU C 1709 -27.14 -45.27 -66.19
C GLU C 1709 -27.95 -46.47 -66.71
N LEU C 1710 -29.11 -46.70 -66.09
CA LEU C 1710 -30.01 -47.80 -66.42
C LEU C 1710 -31.46 -47.30 -66.49
N GLU C 1711 -31.62 -46.05 -66.05
CA GLU C 1711 -32.92 -45.38 -65.96
C GLU C 1711 -33.72 -45.50 -67.25
N GLU C 1712 -33.12 -45.13 -68.37
CA GLU C 1712 -33.82 -45.10 -69.65
C GLU C 1712 -34.22 -46.49 -70.14
N ASP C 1713 -33.29 -47.44 -69.99
CA ASP C 1713 -33.50 -48.81 -70.42
C ASP C 1713 -34.73 -49.41 -69.76
N VAL C 1714 -34.97 -49.01 -68.52
CA VAL C 1714 -36.10 -49.51 -67.75
C VAL C 1714 -37.39 -48.88 -68.26
N TYR C 1715 -37.40 -47.56 -68.39
CA TYR C 1715 -38.60 -46.87 -68.85
C TYR C 1715 -39.13 -47.41 -70.18
N LEU C 1716 -38.23 -48.01 -70.96
CA LEU C 1716 -38.54 -48.43 -72.33
C LEU C 1716 -38.85 -49.92 -72.50
N ASP C 1717 -38.37 -50.76 -71.60
CA ASP C 1717 -38.78 -52.16 -71.58
C ASP C 1717 -39.99 -52.34 -70.66
N PRO C 1718 -41.14 -52.68 -71.24
CA PRO C 1718 -42.42 -52.85 -70.51
C PRO C 1718 -42.42 -54.08 -69.58
N LEU C 1719 -41.44 -54.96 -69.76
CA LEU C 1719 -41.36 -56.21 -69.04
C LEU C 1719 -40.28 -56.18 -67.98
N ALA C 1720 -39.62 -55.03 -67.84
CA ALA C 1720 -38.56 -54.88 -66.85
C ALA C 1720 -39.17 -54.93 -65.46
N ARG C 1721 -38.65 -55.81 -64.62
CA ARG C 1721 -39.11 -55.87 -63.24
C ARG C 1721 -37.98 -56.09 -62.21
N VAL C 1722 -38.28 -55.73 -60.98
CA VAL C 1722 -37.29 -55.72 -59.91
C VAL C 1722 -37.04 -57.12 -59.33
N SER C 1723 -35.80 -57.36 -58.92
CA SER C 1723 -35.39 -58.59 -58.25
C SER C 1723 -34.53 -58.25 -57.05
N LYS C 1724 -34.55 -59.10 -56.01
CA LYS C 1724 -33.68 -58.86 -54.85
C LYS C 1724 -32.22 -58.90 -55.29
N ASP C 1725 -31.44 -57.93 -54.84
CA ASP C 1725 -30.02 -57.88 -55.15
C ASP C 1725 -29.32 -58.88 -54.24
N LYS C 1726 -28.13 -59.34 -54.63
CA LYS C 1726 -27.36 -60.22 -53.76
C LYS C 1726 -26.67 -59.41 -52.64
N LYS C 1727 -25.78 -58.50 -53.05
CA LYS C 1727 -25.05 -57.64 -52.12
C LYS C 1727 -25.95 -56.88 -51.13
N SER C 1728 -26.83 -56.03 -51.67
CA SER C 1728 -27.64 -55.14 -50.85
C SER C 1728 -28.89 -55.82 -50.29
N GLY C 1729 -29.43 -56.78 -51.03
CA GLY C 1729 -30.64 -57.47 -50.62
C GLY C 1729 -31.92 -56.70 -50.91
N SER C 1730 -31.77 -55.46 -51.34
CA SER C 1730 -32.91 -54.61 -51.67
C SER C 1730 -33.34 -54.75 -53.14
N LEU C 1731 -34.50 -54.21 -53.48
CA LEU C 1731 -35.11 -54.45 -54.78
C LEU C 1731 -34.61 -53.53 -55.90
N THR C 1732 -33.87 -54.11 -56.84
CA THR C 1732 -33.32 -53.33 -57.96
C THR C 1732 -33.63 -53.95 -59.32
N PHE C 1733 -33.40 -53.17 -60.38
CA PHE C 1733 -33.53 -53.69 -61.75
C PHE C 1733 -32.18 -54.22 -62.18
N ASN C 1734 -32.16 -55.42 -62.74
CA ASN C 1734 -30.91 -56.03 -63.20
C ASN C 1734 -30.69 -55.85 -64.71
N SER C 1735 -29.43 -55.76 -65.12
CA SER C 1735 -29.08 -55.65 -66.53
C SER C 1735 -29.58 -56.85 -67.32
N LYS C 1736 -29.69 -57.99 -66.65
CA LYS C 1736 -30.03 -59.26 -67.28
C LYS C 1736 -31.53 -59.49 -67.49
N ASN C 1737 -32.37 -58.64 -66.90
CA ASN C 1737 -33.82 -58.80 -66.98
C ASN C 1737 -34.51 -57.71 -67.80
N ILE C 1738 -33.69 -56.76 -68.25
CA ILE C 1738 -34.18 -55.68 -69.08
C ILE C 1738 -34.01 -56.02 -70.54
N GLN C 1739 -35.14 -56.30 -71.18
CA GLN C 1739 -35.21 -56.65 -72.60
C GLN C 1739 -34.80 -58.10 -72.89
N SER C 1740 -35.06 -58.99 -71.92
CA SER C 1740 -34.61 -60.38 -72.04
C SER C 1740 -35.58 -61.29 -72.80
N LYS C 1741 -35.05 -62.40 -73.30
CA LYS C 1741 -35.87 -63.42 -73.95
C LYS C 1741 -36.72 -64.07 -72.89
N ASP C 1742 -36.08 -64.33 -71.77
CA ASP C 1742 -36.69 -65.03 -70.65
C ASP C 1742 -37.89 -64.29 -70.04
N SER C 1743 -37.93 -62.95 -70.14
CA SER C 1743 -39.06 -62.21 -69.62
C SER C 1743 -40.19 -62.15 -70.63
N TYR C 1744 -39.86 -62.44 -71.89
CA TYR C 1744 -40.87 -62.58 -72.95
C TYR C 1744 -41.61 -63.91 -72.83
N ILE C 1745 -40.84 -64.99 -72.79
CA ILE C 1745 -41.33 -66.35 -72.50
C ILE C 1745 -42.15 -66.41 -71.21
N ASN C 1748 -43.08 -69.81 -70.27
CA ASN C 1748 -43.39 -71.24 -70.13
C ASN C 1748 -44.22 -71.86 -71.26
N THR C 1749 -45.54 -71.84 -71.10
CA THR C 1749 -46.46 -72.39 -72.10
C THR C 1749 -46.43 -71.60 -73.40
N ILE C 1750 -45.34 -70.86 -73.60
CA ILE C 1750 -45.15 -70.08 -74.81
C ILE C 1750 -43.82 -70.59 -75.39
N GLU C 1751 -43.27 -71.59 -74.72
CA GLU C 1751 -42.01 -72.22 -75.12
C GLU C 1751 -42.20 -73.72 -75.35
N THR C 1752 -43.03 -74.34 -74.50
CA THR C 1752 -43.33 -75.77 -74.61
C THR C 1752 -44.55 -75.97 -75.51
N ALA C 1753 -45.33 -74.91 -75.69
CA ALA C 1753 -46.52 -74.95 -76.54
C ALA C 1753 -46.12 -74.39 -77.90
N LYS C 1754 -44.84 -74.10 -78.04
CA LYS C 1754 -44.28 -73.57 -79.30
C LYS C 1754 -43.26 -74.58 -79.82
N MET C 1755 -43.13 -75.68 -79.08
CA MET C 1755 -42.24 -76.76 -79.43
C MET C 1755 -43.11 -77.98 -79.71
N ILE C 1756 -44.37 -77.92 -79.23
CA ILE C 1756 -45.35 -78.99 -79.43
C ILE C 1756 -46.24 -78.65 -80.62
N GLU C 1757 -45.81 -77.63 -81.38
CA GLU C 1757 -46.51 -77.16 -82.57
C GLU C 1757 -45.47 -77.02 -83.68
N ASN C 1758 -44.23 -77.37 -83.34
CA ASN C 1758 -43.09 -77.32 -84.27
C ASN C 1758 -42.67 -78.75 -84.63
N MET C 1759 -42.93 -79.68 -83.72
CA MET C 1759 -42.60 -81.09 -83.92
C MET C 1759 -43.80 -81.75 -84.61
N THR C 1760 -44.72 -80.93 -85.09
CA THR C 1760 -45.92 -81.36 -85.80
C THR C 1760 -46.08 -80.41 -86.97
N LYS C 1761 -44.96 -79.95 -87.49
CA LYS C 1761 -44.92 -79.03 -88.61
C LYS C 1761 -43.96 -79.48 -89.69
N GLU C 1762 -42.90 -80.16 -89.28
CA GLU C 1762 -41.89 -80.67 -90.20
C GLU C 1762 -41.30 -81.99 -89.70
N LYS C 1763 -42.13 -83.04 -89.65
CA LYS C 1763 -41.68 -84.36 -89.20
C LYS C 1763 -42.81 -85.40 -89.14
N VAL C 1764 -43.93 -85.14 -89.82
CA VAL C 1764 -45.07 -86.07 -89.84
C VAL C 1764 -45.37 -86.59 -91.25
N SER C 1765 -45.33 -87.92 -91.41
CA SER C 1765 -45.57 -88.58 -92.71
C SER C 1765 -47.00 -89.11 -92.88
N ASN C 1766 -47.38 -90.09 -92.04
CA ASN C 1766 -48.72 -90.69 -92.07
C ASN C 1766 -49.77 -89.79 -91.42
N GLY C 1768 -53.00 -90.37 -89.49
CA GLY C 1768 -54.04 -89.47 -89.00
C GLY C 1768 -53.45 -88.45 -88.05
N VAL C 1769 -54.04 -87.26 -88.03
CA VAL C 1769 -53.56 -86.22 -87.14
C VAL C 1769 -54.70 -85.53 -86.38
N GLY C 1770 -54.42 -85.07 -85.17
CA GLY C 1770 -55.43 -84.38 -84.40
C GLY C 1770 -54.84 -83.24 -83.61
N VAL C 1771 -55.58 -82.14 -83.52
CA VAL C 1771 -55.18 -81.01 -82.67
C VAL C 1771 -56.41 -80.48 -81.94
N ASP C 1772 -56.21 -80.06 -80.70
CA ASP C 1772 -57.30 -79.44 -79.96
C ASP C 1772 -56.76 -78.37 -79.04
N VAL C 1773 -57.46 -77.25 -79.00
CA VAL C 1773 -57.08 -76.16 -78.13
C VAL C 1773 -58.26 -75.85 -77.21
N GLU C 1774 -57.98 -75.65 -75.91
CA GLU C 1774 -59.04 -75.42 -74.93
C GLU C 1774 -58.66 -74.26 -74.03
N LEU C 1775 -59.65 -73.46 -73.68
CA LEU C 1775 -59.47 -72.47 -72.61
C LEU C 1775 -59.27 -73.21 -71.29
N ILE C 1776 -58.36 -72.73 -70.45
CA ILE C 1776 -58.18 -73.34 -69.15
C ILE C 1776 -59.49 -73.31 -68.35
N THR C 1777 -60.24 -72.23 -68.49
CA THR C 1777 -61.48 -72.03 -67.74
C THR C 1777 -62.62 -72.88 -68.25
N SER C 1778 -62.35 -73.67 -69.29
CA SER C 1778 -63.38 -74.51 -69.88
C SER C 1778 -63.65 -75.69 -68.98
N ILE C 1779 -62.68 -75.99 -68.11
CA ILE C 1779 -62.86 -77.04 -67.15
C ILE C 1779 -63.27 -76.49 -65.79
N ASN C 1780 -64.44 -76.93 -65.33
CA ASN C 1780 -64.90 -76.60 -63.99
C ASN C 1780 -64.59 -77.77 -63.07
N VAL C 1781 -63.55 -77.62 -62.27
CA VAL C 1781 -63.09 -78.70 -61.39
C VAL C 1781 -64.17 -79.12 -60.40
N GLU C 1782 -65.13 -78.24 -60.12
CA GLU C 1782 -66.23 -78.58 -59.23
C GLU C 1782 -67.22 -79.52 -59.85
N ASN C 1783 -67.36 -79.50 -61.18
CA ASN C 1783 -68.38 -80.30 -61.83
C ASN C 1783 -68.03 -81.78 -61.78
N ASP C 1784 -68.24 -82.39 -60.62
CA ASP C 1784 -67.88 -83.78 -60.37
C ASP C 1784 -68.53 -84.73 -61.37
N THR C 1785 -69.75 -84.40 -61.79
CA THR C 1785 -70.49 -85.24 -62.72
C THR C 1785 -69.79 -85.32 -64.06
N PHE C 1786 -69.41 -84.16 -64.59
CA PHE C 1786 -68.67 -84.11 -65.85
C PHE C 1786 -67.31 -84.83 -65.73
N ILE C 1787 -66.58 -84.53 -64.66
CA ILE C 1787 -65.26 -85.15 -64.46
C ILE C 1787 -65.37 -86.67 -64.39
N GLU C 1788 -66.31 -87.15 -63.58
CA GLU C 1788 -66.52 -88.58 -63.38
C GLU C 1788 -66.85 -89.23 -64.71
N ARG C 1789 -67.57 -88.51 -65.55
CA ARG C 1789 -68.07 -89.07 -66.79
C ARG C 1789 -67.00 -89.17 -67.87
N ASN C 1790 -65.99 -88.29 -67.79
CA ASN C 1790 -65.05 -88.12 -68.89
C ASN C 1790 -63.59 -88.46 -68.59
N PHE C 1791 -63.26 -88.65 -67.32
CA PHE C 1791 -61.89 -88.95 -66.93
C PHE C 1791 -61.86 -90.22 -66.09
N THR C 1792 -60.84 -91.06 -66.33
CA THR C 1792 -60.67 -92.26 -65.51
C THR C 1792 -60.17 -91.87 -64.12
N PRO C 1793 -60.35 -92.77 -63.14
CA PRO C 1793 -59.88 -92.49 -61.77
C PRO C 1793 -58.40 -92.13 -61.76
N GLN C 1794 -57.60 -92.83 -62.57
CA GLN C 1794 -56.19 -92.49 -62.67
C GLN C 1794 -55.92 -91.11 -63.27
N GLU C 1795 -56.75 -90.69 -64.24
CA GLU C 1795 -56.61 -89.34 -64.81
C GLU C 1795 -56.96 -88.29 -63.77
N ILE C 1796 -58.05 -88.54 -63.03
CA ILE C 1796 -58.51 -87.60 -62.03
C ILE C 1796 -57.46 -87.50 -60.92
N GLU C 1797 -56.85 -88.62 -60.58
CA GLU C 1797 -55.86 -88.63 -59.52
C GLU C 1797 -54.63 -87.85 -59.94
N TYR C 1798 -54.19 -88.06 -61.18
CA TYR C 1798 -53.03 -87.33 -61.69
C TYR C 1798 -53.29 -85.82 -61.71
N CYS C 1799 -54.36 -85.41 -62.41
CA CYS C 1799 -54.67 -83.98 -62.53
C CYS C 1799 -54.85 -83.31 -61.19
N SER C 1800 -55.53 -83.99 -60.25
CA SER C 1800 -55.78 -83.44 -58.93
C SER C 1800 -54.49 -83.21 -58.13
N ALA C 1801 -53.41 -83.82 -58.56
CA ALA C 1801 -52.15 -83.74 -57.82
C ALA C 1801 -51.17 -82.75 -58.42
N GLN C 1802 -51.55 -82.12 -59.52
CA GLN C 1802 -50.64 -81.20 -60.20
C GLN C 1802 -50.68 -79.80 -59.56
N PRO C 1803 -49.64 -78.98 -59.80
CA PRO C 1803 -49.57 -77.63 -59.25
C PRO C 1803 -50.78 -76.79 -59.64
N SER C 1804 -51.17 -76.83 -60.91
CA SER C 1804 -52.41 -76.20 -61.32
C SER C 1804 -53.41 -77.24 -61.79
N VAL C 1805 -54.38 -77.54 -60.94
CA VAL C 1805 -55.31 -78.63 -61.20
C VAL C 1805 -56.21 -78.36 -62.41
N GLN C 1806 -56.74 -77.16 -62.47
CA GLN C 1806 -57.65 -76.79 -63.56
C GLN C 1806 -56.93 -76.88 -64.91
N SER C 1807 -55.70 -76.37 -64.94
CA SER C 1807 -54.90 -76.39 -66.14
C SER C 1807 -54.58 -77.82 -66.59
N SER C 1808 -54.29 -78.70 -65.64
CA SER C 1808 -54.00 -80.09 -65.92
C SER C 1808 -55.20 -80.83 -66.51
N PHE C 1809 -56.37 -80.65 -65.92
CA PHE C 1809 -57.60 -81.21 -66.50
C PHE C 1809 -57.85 -80.69 -67.92
N ALA C 1810 -57.66 -79.39 -68.12
CA ALA C 1810 -57.85 -78.78 -69.43
C ALA C 1810 -56.92 -79.40 -70.46
N GLY C 1811 -55.68 -79.65 -70.07
CA GLY C 1811 -54.70 -80.26 -70.96
C GLY C 1811 -55.08 -81.70 -71.31
N THR C 1812 -55.54 -82.44 -70.31
CA THR C 1812 -55.97 -83.81 -70.51
C THR C 1812 -57.20 -83.84 -71.41
N TRP C 1813 -58.13 -82.91 -71.20
CA TRP C 1813 -59.30 -82.79 -72.05
C TRP C 1813 -58.92 -82.53 -73.51
N SER C 1814 -57.99 -81.59 -73.71
CA SER C 1814 -57.49 -81.29 -75.06
C SER C 1814 -56.86 -82.52 -75.70
N ALA C 1815 -56.11 -83.28 -74.92
CA ALA C 1815 -55.47 -84.48 -75.42
C ALA C 1815 -56.51 -85.51 -75.88
N LYS C 1816 -57.56 -85.70 -75.08
CA LYS C 1816 -58.63 -86.61 -75.46
C LYS C 1816 -59.24 -86.20 -76.80
N GLU C 1817 -59.50 -84.90 -76.97
CA GLU C 1817 -60.11 -84.39 -78.20
C GLU C 1817 -59.16 -84.54 -79.37
N ALA C 1818 -57.89 -84.24 -79.15
CA ALA C 1818 -56.89 -84.34 -80.20
C ALA C 1818 -56.79 -85.78 -80.67
N VAL C 1819 -56.71 -86.70 -79.71
CA VAL C 1819 -56.65 -88.12 -80.04
C VAL C 1819 -57.87 -88.56 -80.85
N PHE C 1820 -59.06 -88.12 -80.42
CA PHE C 1820 -60.27 -88.48 -81.15
C PHE C 1820 -60.21 -88.02 -82.62
N LYS C 1821 -59.77 -86.78 -82.83
CA LYS C 1821 -59.71 -86.23 -84.19
C LYS C 1821 -58.73 -86.98 -85.06
N SER C 1822 -57.74 -87.62 -84.44
CA SER C 1822 -56.67 -88.30 -85.20
C SER C 1822 -57.12 -89.67 -85.66
N LEU C 1823 -58.21 -90.17 -85.08
CA LEU C 1823 -58.66 -91.53 -85.33
C LEU C 1823 -59.32 -91.66 -86.69
N GLY C 1824 -59.89 -90.57 -87.19
CA GLY C 1824 -60.57 -90.59 -88.47
C GLY C 1824 -61.85 -91.38 -88.41
N VAL C 1825 -62.68 -91.08 -87.41
CA VAL C 1825 -63.98 -91.74 -87.25
C VAL C 1825 -65.03 -90.64 -87.16
N LYS C 1826 -66.29 -90.89 -87.51
CA LYS C 1826 -67.26 -89.79 -87.48
C LYS C 1826 -67.74 -89.50 -86.06
N SER C 1827 -67.77 -90.55 -85.24
CA SER C 1827 -67.99 -90.43 -83.80
C SER C 1827 -67.66 -91.78 -83.16
N LEU C 1828 -67.63 -91.83 -81.84
CA LEU C 1828 -67.18 -93.05 -81.14
C LEU C 1828 -68.24 -94.13 -81.05
N GLY C 1829 -69.50 -93.75 -81.18
CA GLY C 1829 -70.60 -94.68 -81.04
C GLY C 1829 -71.24 -94.55 -79.68
N GLY C 1830 -71.73 -93.35 -79.38
CA GLY C 1830 -72.44 -93.07 -78.15
C GLY C 1830 -71.71 -93.43 -76.87
N GLY C 1831 -71.67 -92.48 -75.94
CA GLY C 1831 -72.19 -91.16 -76.18
C GLY C 1831 -71.06 -90.25 -76.59
N ALA C 1832 -71.11 -89.00 -76.14
CA ALA C 1832 -70.04 -88.05 -76.41
C ALA C 1832 -68.91 -88.16 -75.38
N ALA C 1833 -69.12 -88.96 -74.34
CA ALA C 1833 -68.15 -89.06 -73.25
C ALA C 1833 -66.78 -89.57 -73.75
N LEU C 1834 -65.70 -89.10 -73.12
CA LEU C 1834 -64.37 -89.42 -73.62
C LEU C 1834 -63.55 -90.22 -72.63
N LYS C 1835 -64.22 -90.90 -71.70
CA LYS C 1835 -63.52 -91.70 -70.72
C LYS C 1835 -62.74 -92.83 -71.40
N ASP C 1836 -63.22 -93.28 -72.56
CA ASP C 1836 -62.63 -94.39 -73.30
C ASP C 1836 -61.25 -94.07 -73.86
N ILE C 1837 -60.95 -92.78 -73.98
CA ILE C 1837 -59.64 -92.36 -74.45
C ILE C 1837 -58.83 -91.93 -73.23
N GLU C 1838 -57.91 -92.78 -72.80
CA GLU C 1838 -57.20 -92.54 -71.55
C GLU C 1838 -55.79 -92.05 -71.76
N ILE C 1839 -55.46 -90.95 -71.08
CA ILE C 1839 -54.10 -90.42 -71.09
C ILE C 1839 -53.34 -90.98 -69.90
N VAL C 1840 -52.28 -91.74 -70.17
CA VAL C 1840 -51.48 -92.32 -69.10
C VAL C 1840 -50.13 -91.63 -69.00
N ARG C 1841 -49.67 -91.42 -67.77
CA ARG C 1841 -48.54 -90.59 -67.48
C ARG C 1841 -47.48 -91.40 -66.76
N VAL C 1842 -46.22 -91.17 -67.11
CA VAL C 1842 -45.10 -91.81 -66.40
C VAL C 1842 -44.08 -90.76 -65.97
N ASN C 1843 -44.22 -90.29 -64.74
CA ASN C 1843 -43.37 -89.26 -64.15
C ASN C 1843 -42.12 -88.91 -64.95
N LYS C 1844 -41.92 -87.61 -65.18
CA LYS C 1844 -40.73 -87.12 -65.87
C LYS C 1844 -40.68 -87.51 -67.35
N ASN C 1845 -41.65 -88.34 -67.76
CA ASN C 1845 -41.73 -88.85 -69.15
C ASN C 1845 -42.98 -88.38 -69.94
N ALA C 1846 -43.02 -88.74 -71.21
CA ALA C 1846 -44.09 -88.32 -72.11
C ALA C 1846 -45.45 -88.92 -71.74
N PRO C 1847 -46.55 -88.20 -72.05
CA PRO C 1847 -47.87 -88.80 -71.84
C PRO C 1847 -48.09 -89.85 -72.92
N ALA C 1848 -48.96 -90.82 -72.64
CA ALA C 1848 -49.22 -91.90 -73.57
C ALA C 1848 -50.72 -92.10 -73.69
N VAL C 1849 -51.15 -92.79 -74.74
CA VAL C 1849 -52.57 -93.02 -74.97
C VAL C 1849 -52.96 -94.49 -74.80
N GLU C 1850 -54.05 -94.72 -74.09
CA GLU C 1850 -54.66 -96.04 -73.99
C GLU C 1850 -56.13 -95.93 -74.34
N LEU C 1851 -56.56 -96.67 -75.35
CA LEU C 1851 -57.96 -96.66 -75.76
C LEU C 1851 -58.70 -97.81 -75.11
N HIS C 1852 -59.93 -97.55 -74.67
CA HIS C 1852 -60.78 -98.58 -74.09
C HIS C 1852 -62.15 -98.55 -74.74
N GLY C 1853 -62.98 -99.53 -74.42
CA GLY C 1853 -64.37 -99.55 -74.84
C GLY C 1853 -64.63 -99.22 -76.29
N ASN C 1854 -65.53 -98.26 -76.53
CA ASN C 1854 -65.90 -97.87 -77.89
C ASN C 1854 -64.77 -97.22 -78.66
N ALA C 1855 -63.93 -96.46 -77.97
CA ALA C 1855 -62.79 -95.81 -78.62
C ALA C 1855 -61.86 -96.87 -79.21
N LYS C 1856 -61.61 -97.92 -78.44
CA LYS C 1856 -60.74 -99.00 -78.88
C LYS C 1856 -61.33 -99.70 -80.09
N LYS C 1857 -62.61 -100.06 -80.01
CA LYS C 1857 -63.31 -100.69 -81.12
C LYS C 1857 -63.25 -99.82 -82.38
N ALA C 1858 -63.67 -98.57 -82.25
CA ALA C 1858 -63.70 -97.66 -83.38
C ALA C 1858 -62.31 -97.47 -84.01
N ALA C 1859 -61.29 -97.38 -83.15
CA ALA C 1859 -59.91 -97.26 -83.62
C ALA C 1859 -59.49 -98.50 -84.38
N GLU C 1860 -59.69 -99.68 -83.80
CA GLU C 1860 -59.32 -100.93 -84.45
C GLU C 1860 -60.07 -101.08 -85.77
N GLU C 1861 -61.34 -100.71 -85.77
CA GLU C 1861 -62.17 -100.74 -86.97
C GLU C 1861 -61.62 -99.81 -88.05
N ALA C 1862 -60.89 -98.78 -87.63
CA ALA C 1862 -60.29 -97.83 -88.55
C ALA C 1862 -58.85 -98.21 -88.91
N GLY C 1863 -58.37 -99.30 -88.32
CA GLY C 1863 -57.01 -99.75 -88.59
C GLY C 1863 -55.91 -99.01 -87.84
N VAL C 1864 -56.30 -98.19 -86.86
CA VAL C 1864 -55.31 -97.49 -86.05
C VAL C 1864 -54.54 -98.47 -85.17
N THR C 1865 -53.21 -98.43 -85.28
CA THR C 1865 -52.36 -99.36 -84.56
C THR C 1865 -51.64 -98.68 -83.40
N ASP C 1866 -51.59 -97.35 -83.42
CA ASP C 1866 -50.90 -96.60 -82.38
C ASP C 1866 -51.30 -95.13 -82.39
N VAL C 1867 -51.29 -94.51 -81.22
CA VAL C 1867 -51.53 -93.07 -81.12
C VAL C 1867 -50.52 -92.43 -80.17
N LYS C 1868 -49.89 -91.36 -80.63
CA LYS C 1868 -49.00 -90.55 -79.79
C LYS C 1868 -49.68 -89.22 -79.50
N VAL C 1869 -49.38 -88.65 -78.34
CA VAL C 1869 -49.98 -87.37 -77.97
C VAL C 1869 -48.98 -86.49 -77.24
N SER C 1870 -49.16 -85.18 -77.36
CA SER C 1870 -48.37 -84.23 -76.59
C SER C 1870 -49.26 -83.12 -76.05
N ILE C 1871 -48.90 -82.61 -74.87
CA ILE C 1871 -49.71 -81.59 -74.19
C ILE C 1871 -48.86 -80.37 -73.80
N SER C 1872 -49.48 -79.20 -73.86
CA SER C 1872 -48.84 -77.97 -73.41
C SER C 1872 -49.87 -77.00 -72.84
N HIS C 1873 -49.47 -76.19 -71.87
CA HIS C 1873 -50.32 -75.14 -71.31
C HIS C 1873 -49.54 -73.84 -71.22
N ASP C 1874 -50.24 -72.72 -71.28
CA ASP C 1874 -49.70 -71.47 -70.77
C ASP C 1874 -50.81 -70.78 -70.00
N ASP C 1875 -50.56 -69.58 -69.49
CA ASP C 1875 -51.55 -68.88 -68.68
C ASP C 1875 -52.95 -68.90 -69.30
N LEU C 1876 -53.00 -68.87 -70.62
CA LEU C 1876 -54.25 -68.62 -71.34
C LEU C 1876 -54.97 -69.85 -71.89
N GLN C 1877 -54.24 -70.93 -72.19
CA GLN C 1877 -54.89 -72.07 -72.83
C GLN C 1877 -54.09 -73.35 -72.77
N ALA C 1878 -54.76 -74.44 -73.11
CA ALA C 1878 -54.10 -75.73 -73.23
C ALA C 1878 -54.25 -76.20 -74.66
N VAL C 1879 -53.25 -76.95 -75.13
CA VAL C 1879 -53.29 -77.49 -76.47
C VAL C 1879 -52.68 -78.89 -76.48
N ALA C 1880 -53.22 -79.76 -77.32
CA ALA C 1880 -52.67 -81.10 -77.47
C ALA C 1880 -52.65 -81.47 -78.94
N VAL C 1881 -51.68 -82.30 -79.31
CA VAL C 1881 -51.57 -82.78 -80.67
C VAL C 1881 -51.39 -84.29 -80.64
N ALA C 1882 -52.17 -85.00 -81.46
CA ALA C 1882 -52.08 -86.46 -81.54
C ALA C 1882 -51.78 -86.89 -82.96
N VAL C 1883 -51.04 -87.98 -83.09
CA VAL C 1883 -50.80 -88.60 -84.38
C VAL C 1883 -51.06 -90.09 -84.28
N SER C 1884 -51.80 -90.61 -85.24
CA SER C 1884 -52.16 -92.02 -85.23
C SER C 1884 -51.50 -92.77 -86.39
N THR C 1885 -51.29 -94.06 -86.20
CA THR C 1885 -50.62 -94.90 -87.18
C THR C 1885 -51.55 -96.05 -87.57
N LYS C 1886 -51.53 -96.42 -88.84
CA LYS C 1886 -52.42 -97.47 -89.34
C LYS C 1886 -51.64 -98.67 -89.84
N SER D 5 67.64 -40.56 24.67
CA SER D 5 67.18 -39.93 25.90
C SER D 5 66.13 -38.87 25.61
N THR D 6 65.98 -38.53 24.32
CA THR D 6 65.16 -37.40 23.88
C THR D 6 63.70 -37.71 23.51
N ARG D 7 62.79 -36.82 23.90
CA ARG D 7 61.35 -37.11 23.95
C ARG D 7 60.55 -35.83 23.74
N PRO D 8 60.02 -35.66 22.50
CA PRO D 8 59.42 -34.43 21.94
C PRO D 8 58.41 -33.71 22.84
N LEU D 9 58.37 -32.38 22.69
CA LEU D 9 57.49 -31.49 23.46
C LEU D 9 57.30 -30.23 22.64
N THR D 10 56.07 -29.80 22.42
CA THR D 10 55.82 -28.64 21.55
C THR D 10 55.45 -27.37 22.30
N LEU D 11 56.17 -26.28 21.99
CA LEU D 11 55.81 -24.96 22.47
C LEU D 11 54.90 -24.31 21.42
N SER D 12 53.70 -23.96 21.86
CA SER D 12 52.61 -23.74 20.93
C SER D 12 51.88 -22.41 21.09
N HIS D 13 51.62 -21.75 19.96
CA HIS D 13 50.73 -20.60 19.90
C HIS D 13 50.27 -20.33 18.47
N GLY D 14 48.95 -20.29 18.27
CA GLY D 14 48.36 -20.05 16.95
C GLY D 14 48.82 -21.07 15.94
N SER D 15 49.38 -20.60 14.82
CA SER D 15 49.97 -21.49 13.82
C SER D 15 51.48 -21.59 14.01
N LEU D 16 51.94 -21.22 15.19
CA LEU D 16 53.38 -21.20 15.47
C LEU D 16 53.80 -22.29 16.45
N GLU D 17 54.61 -23.22 15.93
CA GLU D 17 55.14 -24.30 16.73
C GLU D 17 56.62 -24.09 16.98
N HIS D 18 57.11 -24.66 18.08
CA HIS D 18 58.54 -24.90 18.23
C HIS D 18 58.77 -26.20 18.99
N VAL D 19 59.20 -27.22 18.25
CA VAL D 19 59.40 -28.54 18.84
C VAL D 19 60.64 -28.58 19.71
N LEU D 20 60.49 -29.16 20.89
CA LEU D 20 61.49 -29.05 21.93
C LEU D 20 61.90 -30.44 22.44
N LEU D 21 63.10 -30.88 22.05
CA LEU D 21 63.63 -32.16 22.48
C LEU D 21 63.97 -32.15 23.97
N VAL D 22 63.45 -33.11 24.70
CA VAL D 22 63.53 -33.08 26.15
C VAL D 22 64.29 -34.29 26.69
N PRO D 23 65.22 -34.06 27.65
CA PRO D 23 65.91 -35.13 28.37
C PRO D 23 64.95 -35.99 29.21
N THR D 24 65.46 -37.13 29.70
CA THR D 24 64.62 -38.09 30.42
C THR D 24 64.13 -37.58 31.80
N ALA D 25 65.01 -37.52 32.79
CA ALA D 25 64.61 -37.00 34.10
C ALA D 25 64.25 -35.50 34.02
N SER D 26 63.24 -35.19 33.22
CA SER D 26 62.92 -33.81 32.89
C SER D 26 61.55 -33.63 32.26
N PHE D 27 61.19 -34.47 31.29
CA PHE D 27 59.97 -34.27 30.51
C PHE D 27 58.72 -34.17 31.38
N PHE D 28 58.83 -34.63 32.62
CA PHE D 28 57.76 -34.45 33.59
C PHE D 28 57.56 -32.95 33.88
N ILE D 29 58.54 -32.39 34.58
CA ILE D 29 58.52 -30.97 34.94
C ILE D 29 58.42 -30.08 33.70
N ALA D 30 59.02 -30.52 32.61
CA ALA D 30 58.95 -29.80 31.34
C ALA D 30 57.51 -29.62 30.87
N SER D 31 56.77 -30.73 30.86
CA SER D 31 55.38 -30.69 30.40
C SER D 31 54.54 -29.84 31.33
N GLN D 32 54.80 -29.93 32.63
CA GLN D 32 54.11 -29.11 33.62
C GLN D 32 54.20 -27.64 33.27
N LEU D 33 55.43 -27.19 33.02
CA LEU D 33 55.67 -25.81 32.62
C LEU D 33 54.95 -25.53 31.32
N GLN D 34 55.10 -26.43 30.36
CA GLN D 34 54.46 -26.26 29.05
C GLN D 34 52.98 -25.96 29.16
N GLU D 35 52.31 -26.65 30.08
CA GLU D 35 50.88 -26.49 30.30
C GLU D 35 50.57 -25.13 30.92
N GLN D 36 51.18 -24.84 32.07
CA GLN D 36 50.99 -23.56 32.75
C GLN D 36 51.20 -22.38 31.82
N PHE D 37 52.26 -22.50 31.00
CA PHE D 37 52.63 -21.50 30.01
C PHE D 37 51.52 -21.33 28.99
N ASN D 38 50.99 -22.45 28.51
CA ASN D 38 49.92 -22.45 27.51
C ASN D 38 48.68 -21.69 27.99
N LYS D 39 48.47 -21.70 29.29
CA LYS D 39 47.33 -21.02 29.90
C LYS D 39 47.45 -19.51 29.75
N ILE D 40 48.63 -18.98 30.07
CA ILE D 40 48.86 -17.54 30.07
C ILE D 40 48.83 -16.88 28.68
N LEU D 41 49.18 -17.64 27.65
CA LEU D 41 49.14 -17.14 26.27
C LEU D 41 47.76 -16.62 25.89
N PRO D 42 47.67 -15.32 25.57
CA PRO D 42 46.48 -14.70 24.97
C PRO D 42 46.08 -15.35 23.65
N GLU D 43 44.77 -15.42 23.40
CA GLU D 43 44.24 -16.09 22.22
C GLU D 43 44.83 -15.52 20.94
N PRO D 44 45.27 -16.42 20.05
CA PRO D 44 45.80 -16.12 18.71
C PRO D 44 44.81 -15.28 17.90
N THR D 45 45.30 -14.40 17.03
CA THR D 45 44.43 -13.54 16.24
C THR D 45 45.12 -12.90 15.05
N GLU D 46 44.66 -13.23 13.84
CA GLU D 46 45.09 -12.59 12.59
C GLU D 46 46.59 -12.42 12.45
N GLY D 47 47.30 -13.55 12.35
CA GLY D 47 48.75 -13.53 12.30
C GLY D 47 49.35 -13.02 13.60
N PHE D 48 48.74 -13.42 14.73
CA PHE D 48 49.23 -13.10 16.07
C PHE D 48 49.62 -11.64 16.21
N ALA D 49 48.91 -10.79 15.49
CA ALA D 49 49.34 -9.42 15.32
C ALA D 49 48.91 -8.48 16.47
N ALA D 50 48.52 -9.04 17.62
CA ALA D 50 48.21 -8.22 18.79
C ALA D 50 49.49 -7.80 19.51
N ASP D 51 49.34 -7.18 20.68
CA ASP D 51 50.49 -6.62 21.40
C ASP D 51 51.09 -7.59 22.42
N ASP D 52 50.27 -8.48 22.94
CA ASP D 52 50.75 -9.51 23.85
C ASP D 52 51.31 -10.69 23.05
N GLU D 53 50.78 -10.88 21.84
CA GLU D 53 51.06 -12.06 21.03
C GLU D 53 52.43 -12.12 20.36
N PRO D 54 53.16 -13.23 20.56
CA PRO D 54 54.39 -13.50 19.81
C PRO D 54 54.13 -13.52 18.30
N THR D 55 54.98 -12.84 17.55
CA THR D 55 54.90 -12.82 16.09
C THR D 55 55.51 -14.07 15.44
N THR D 56 56.57 -14.60 16.05
CA THR D 56 57.33 -15.68 15.45
C THR D 56 57.73 -16.75 16.46
N PRO D 57 58.06 -17.96 15.95
CA PRO D 57 58.64 -19.06 16.72
C PRO D 57 59.73 -18.58 17.68
N ALA D 58 60.64 -17.77 17.15
CA ALA D 58 61.69 -17.18 17.95
C ALA D 58 61.13 -16.42 19.17
N GLU D 59 60.20 -15.50 18.93
CA GLU D 59 59.60 -14.68 19.99
C GLU D 59 58.91 -15.55 21.02
N LEU D 60 58.15 -16.52 20.54
CA LEU D 60 57.48 -17.50 21.40
C LEU D 60 58.46 -18.20 22.35
N VAL D 61 59.57 -18.72 21.81
CA VAL D 61 60.56 -19.38 22.65
C VAL D 61 61.05 -18.41 23.72
N GLY D 62 61.31 -17.18 23.33
CA GLY D 62 61.67 -16.13 24.27
C GLY D 62 60.60 -15.94 25.33
N LYS D 63 59.33 -15.98 24.90
CA LYS D 63 58.21 -15.90 25.82
C LYS D 63 58.31 -16.98 26.89
N PHE D 64 58.24 -18.23 26.44
CA PHE D 64 58.28 -19.38 27.36
C PHE D 64 59.57 -19.30 28.15
N LEU D 65 60.62 -18.79 27.50
CA LEU D 65 61.93 -18.71 28.09
C LEU D 65 61.86 -17.79 29.27
N GLY D 66 61.09 -16.72 29.12
CA GLY D 66 60.92 -15.73 30.17
C GLY D 66 59.97 -16.17 31.26
N TYR D 67 58.93 -16.90 30.87
CA TYR D 67 58.01 -17.48 31.83
C TYR D 67 58.70 -18.42 32.82
N VAL D 68 59.50 -19.36 32.31
CA VAL D 68 60.24 -20.27 33.16
C VAL D 68 61.20 -19.52 34.07
N SER D 69 61.82 -18.47 33.53
CA SER D 69 62.76 -17.69 34.31
C SER D 69 62.08 -17.02 35.49
N SER D 70 60.80 -16.67 35.33
CA SER D 70 60.07 -15.99 36.37
C SER D 70 59.93 -16.85 37.62
N LEU D 71 60.16 -18.15 37.48
CA LEU D 71 59.91 -19.07 38.58
C LEU D 71 61.21 -19.64 39.16
N VAL D 72 62.28 -18.87 39.13
CA VAL D 72 63.58 -19.36 39.60
C VAL D 72 64.27 -18.34 40.49
N GLU D 73 65.20 -18.80 41.32
CA GLU D 73 66.08 -17.92 42.08
C GLU D 73 67.54 -18.32 41.87
N PRO D 74 68.44 -17.33 41.81
CA PRO D 74 69.88 -17.60 41.71
C PRO D 74 70.48 -18.13 43.03
N SER D 75 69.90 -17.73 44.16
CA SER D 75 70.44 -18.07 45.48
C SER D 75 70.18 -19.52 45.90
N LYS D 76 68.92 -19.93 45.85
CA LYS D 76 68.52 -21.27 46.20
C LYS D 76 68.39 -22.10 44.92
N VAL D 77 68.54 -23.42 45.01
CA VAL D 77 68.41 -24.25 43.82
C VAL D 77 66.95 -24.62 43.57
N GLY D 78 66.54 -24.54 42.31
CA GLY D 78 65.16 -24.81 41.94
C GLY D 78 64.98 -26.10 41.19
N GLN D 79 63.74 -26.37 40.79
CA GLN D 79 63.41 -27.60 40.08
C GLN D 79 63.31 -27.37 38.58
N PHE D 80 63.38 -26.11 38.19
CA PHE D 80 63.26 -25.74 36.78
C PHE D 80 64.61 -25.32 36.22
N ASP D 81 65.59 -25.17 37.10
CA ASP D 81 66.96 -24.88 36.71
C ASP D 81 67.35 -25.86 35.60
N GLN D 82 66.81 -27.08 35.70
CA GLN D 82 67.02 -28.10 34.70
C GLN D 82 66.46 -27.67 33.35
N VAL D 83 65.18 -27.33 33.33
CA VAL D 83 64.46 -26.99 32.10
C VAL D 83 64.89 -25.67 31.50
N LEU D 84 65.08 -24.66 32.36
CA LEU D 84 65.47 -23.34 31.91
C LEU D 84 66.74 -23.44 31.08
N ASN D 85 67.81 -23.92 31.72
CA ASN D 85 69.12 -24.07 31.07
C ASN D 85 69.07 -24.86 29.75
N LEU D 86 68.04 -25.69 29.61
CA LEU D 86 67.87 -26.49 28.40
C LEU D 86 67.19 -25.71 27.29
N CYS D 87 66.19 -24.90 27.65
CA CYS D 87 65.49 -24.09 26.68
C CYS D 87 66.37 -22.93 26.21
N LEU D 88 67.24 -22.49 27.11
CA LEU D 88 68.24 -21.52 26.77
C LEU D 88 69.06 -22.05 25.60
N THR D 89 69.70 -23.20 25.84
CA THR D 89 70.60 -23.77 24.84
C THR D 89 69.88 -24.03 23.53
N GLU D 90 68.60 -24.38 23.59
CA GLU D 90 67.90 -24.68 22.35
C GLU D 90 67.46 -23.39 21.66
N PHE D 91 67.23 -22.34 22.44
CA PHE D 91 66.90 -21.06 21.83
C PHE D 91 68.14 -20.48 21.20
N GLU D 92 69.22 -20.47 21.98
CA GLU D 92 70.52 -20.03 21.49
C GLU D 92 70.85 -20.78 20.22
N ASN D 93 70.98 -22.09 20.35
CA ASN D 93 71.46 -22.92 19.27
C ASN D 93 70.55 -22.87 18.05
N CYS D 94 69.26 -22.65 18.29
CA CYS D 94 68.30 -22.68 17.20
C CYS D 94 68.05 -21.33 16.53
N TYR D 95 67.90 -20.27 17.34
CA TYR D 95 67.51 -18.96 16.82
C TYR D 95 68.62 -17.89 16.74
N LEU D 96 69.57 -17.94 17.66
CA LEU D 96 70.77 -17.10 17.60
C LEU D 96 71.82 -17.81 16.79
N GLU D 97 72.25 -17.21 15.68
CA GLU D 97 73.32 -17.81 14.89
C GLU D 97 74.68 -17.49 15.53
N GLY D 98 74.72 -17.46 16.86
CA GLY D 98 75.92 -17.09 17.58
C GLY D 98 76.00 -15.61 17.94
N ASN D 99 75.35 -14.73 17.16
CA ASN D 99 75.39 -13.28 17.43
C ASN D 99 74.58 -12.91 18.67
N ASP D 100 74.41 -11.61 18.88
CA ASP D 100 73.74 -11.10 20.06
C ASP D 100 72.23 -11.08 19.89
N ILE D 101 71.50 -11.12 21.00
CA ILE D 101 70.04 -11.04 20.94
C ILE D 101 69.69 -9.82 20.14
N HIS D 102 70.48 -8.76 20.32
CA HIS D 102 70.26 -7.50 19.64
C HIS D 102 70.27 -7.64 18.11
N ALA D 103 71.16 -8.50 17.60
CA ALA D 103 71.24 -8.77 16.18
C ALA D 103 69.97 -9.47 15.71
N LEU D 104 69.46 -10.37 16.54
CA LEU D 104 68.21 -11.07 16.27
C LEU D 104 67.02 -10.12 16.23
N ALA D 105 66.94 -9.25 17.23
CA ALA D 105 65.88 -8.25 17.34
C ALA D 105 65.80 -7.40 16.08
N ALA D 106 66.97 -6.99 15.61
CA ALA D 106 67.06 -6.21 14.39
C ALA D 106 66.54 -7.00 13.21
N LYS D 107 66.94 -8.28 13.12
CA LYS D 107 66.47 -9.15 12.04
C LYS D 107 64.94 -9.26 12.13
N LEU D 108 64.45 -9.48 13.35
CA LEU D 108 63.03 -9.63 13.58
C LEU D 108 62.27 -8.36 13.23
N LEU D 109 62.91 -7.22 13.37
CA LEU D 109 62.31 -5.97 12.97
C LEU D 109 62.30 -5.85 11.46
N GLN D 110 63.51 -5.82 10.89
CA GLN D 110 63.70 -5.64 9.46
C GLN D 110 62.88 -6.64 8.67
N GLU D 111 63.27 -7.90 8.74
CA GLU D 111 62.61 -8.97 7.99
C GLU D 111 61.18 -9.23 8.49
N ASN D 112 61.08 -9.83 9.67
CA ASN D 112 59.81 -10.33 10.18
C ASN D 112 58.81 -9.24 10.61
N ASP D 113 57.96 -9.59 11.57
CA ASP D 113 56.90 -8.68 11.99
C ASP D 113 57.34 -7.67 13.04
N THR D 114 57.61 -6.50 12.49
CA THR D 114 58.14 -5.34 13.18
C THR D 114 57.30 -4.98 14.39
N THR D 115 57.89 -5.02 15.58
CA THR D 115 57.34 -4.34 16.75
C THR D 115 58.48 -4.02 17.70
N LEU D 116 58.79 -2.73 17.83
CA LEU D 116 59.85 -2.31 18.75
C LEU D 116 59.57 -2.84 20.14
N VAL D 117 58.31 -2.76 20.53
CA VAL D 117 57.87 -3.17 21.85
C VAL D 117 58.10 -4.66 22.06
N LYS D 118 57.86 -5.44 21.00
CA LYS D 118 58.06 -6.89 21.04
C LYS D 118 59.54 -7.25 21.04
N THR D 119 60.32 -6.44 20.32
CA THR D 119 61.78 -6.56 20.30
C THR D 119 62.36 -6.44 21.68
N LYS D 120 62.09 -5.30 22.33
CA LYS D 120 62.43 -5.10 23.73
C LYS D 120 62.02 -6.30 24.59
N GLU D 121 60.80 -6.79 24.43
CA GLU D 121 60.36 -8.01 25.11
C GLU D 121 61.38 -9.13 24.96
N LEU D 122 61.65 -9.53 23.71
CA LEU D 122 62.55 -10.63 23.40
C LEU D 122 63.90 -10.45 24.09
N ILE D 123 64.42 -9.24 24.06
CA ILE D 123 65.69 -8.93 24.69
C ILE D 123 65.62 -9.07 26.21
N LYS D 124 64.56 -8.51 26.82
CA LYS D 124 64.37 -8.60 28.27
C LYS D 124 64.47 -10.05 28.65
N ASN D 125 63.70 -10.87 27.92
CA ASN D 125 63.58 -12.30 28.19
C ASN D 125 64.93 -13.03 28.19
N TYR D 126 65.70 -12.87 27.12
CA TYR D 126 66.94 -13.63 26.97
C TYR D 126 68.01 -13.29 28.02
N ILE D 127 68.31 -12.01 28.18
CA ILE D 127 69.28 -11.59 29.17
C ILE D 127 68.81 -12.01 30.55
N THR D 128 67.59 -11.62 30.88
CA THR D 128 66.99 -11.95 32.17
C THR D 128 67.10 -13.44 32.44
N ALA D 129 66.69 -14.25 31.47
CA ALA D 129 66.70 -15.71 31.60
C ALA D 129 68.09 -16.16 31.98
N ARG D 130 69.01 -15.85 31.08
CA ARG D 130 70.38 -16.30 31.17
C ARG D 130 70.99 -16.00 32.54
N ILE D 131 70.78 -14.79 33.02
CA ILE D 131 71.39 -14.40 34.29
C ILE D 131 70.80 -15.13 35.49
N MET D 132 69.50 -15.45 35.44
CA MET D 132 68.86 -16.16 36.54
C MET D 132 69.09 -17.67 36.45
N ALA D 133 69.64 -18.09 35.32
CA ALA D 133 70.04 -19.48 35.13
C ALA D 133 71.50 -19.67 35.54
N LYS D 134 71.95 -18.86 36.49
CA LYS D 134 73.34 -18.86 36.92
C LYS D 134 74.32 -19.09 35.77
N ARG D 135 74.16 -18.30 34.70
CA ARG D 135 74.93 -18.52 33.48
C ARG D 135 75.38 -17.17 32.86
N PRO D 136 76.28 -16.46 33.57
CA PRO D 136 76.67 -15.06 33.33
C PRO D 136 77.17 -14.70 31.94
N PHE D 137 77.53 -13.42 31.78
CA PHE D 137 78.06 -12.89 30.54
C PHE D 137 79.54 -12.61 30.67
N ASP D 138 80.38 -13.60 31.29
CA ASP D 138 81.83 -13.41 31.33
C ASP D 138 82.53 -14.30 30.32
N LYS D 139 82.99 -13.85 29.07
CA LYS D 139 83.77 -14.44 27.98
C LYS D 139 83.77 -13.39 26.89
N LYS D 140 84.94 -12.80 26.61
CA LYS D 140 85.03 -11.76 25.58
C LYS D 140 84.21 -12.18 24.36
N SER D 141 83.37 -11.29 23.87
CA SER D 141 82.50 -11.60 22.75
C SER D 141 83.14 -11.14 21.45
N ASN D 142 82.70 -11.72 20.34
CA ASN D 142 83.26 -11.40 19.04
C ASN D 142 82.63 -10.19 18.40
N SER D 143 82.48 -9.11 19.14
CA SER D 143 82.01 -7.86 18.55
C SER D 143 82.94 -7.51 17.42
N ALA D 144 82.42 -7.50 16.20
CA ALA D 144 83.23 -7.20 15.03
C ALA D 144 83.87 -5.80 15.14
N LEU D 145 83.14 -4.87 15.73
CA LEU D 145 83.69 -3.55 16.00
C LEU D 145 84.89 -3.70 16.92
N PHE D 146 84.65 -4.13 18.15
CA PHE D 146 85.72 -4.22 19.14
C PHE D 146 86.88 -5.12 18.74
N ARG D 147 86.61 -6.12 17.91
CA ARG D 147 87.68 -6.94 17.36
C ARG D 147 88.57 -6.10 16.45
N ALA D 148 87.95 -5.34 15.56
CA ALA D 148 88.68 -4.51 14.58
C ALA D 148 89.36 -3.29 15.21
N VAL D 149 88.75 -2.71 16.24
CA VAL D 149 89.40 -1.61 16.95
C VAL D 149 90.62 -2.19 17.64
N GLY D 150 90.45 -3.38 18.19
CA GLY D 150 91.53 -4.07 18.90
C GLY D 150 92.73 -4.39 18.02
N GLU D 151 92.46 -4.79 16.78
CA GLU D 151 93.50 -5.06 15.78
C GLU D 151 94.21 -3.79 15.34
N GLY D 152 93.46 -2.81 14.84
CA GLY D 152 94.04 -1.51 14.50
C GLY D 152 93.37 -0.83 13.33
N ASN D 153 92.38 -1.50 12.74
CA ASN D 153 91.63 -0.96 11.63
C ASN D 153 90.43 -0.13 12.09
N ALA D 154 90.48 0.32 13.33
CA ALA D 154 89.39 1.11 13.91
C ALA D 154 89.77 1.67 15.27
N GLN D 155 89.13 2.78 15.64
CA GLN D 155 89.37 3.42 16.92
C GLN D 155 88.08 4.01 17.49
N LEU D 156 87.91 3.92 18.80
CA LEU D 156 86.67 4.31 19.45
C LEU D 156 86.80 5.61 20.24
N VAL D 157 85.78 6.45 20.17
CA VAL D 157 85.68 7.58 21.08
C VAL D 157 84.34 7.65 21.76
N ALA D 158 84.35 7.60 23.10
CA ALA D 158 83.13 7.69 23.88
C ALA D 158 82.67 9.13 24.02
N ILE D 159 81.48 9.39 23.51
CA ILE D 159 80.88 10.71 23.59
C ILE D 159 79.69 10.59 24.55
N PHE D 160 79.51 11.57 25.42
CA PHE D 160 78.43 11.51 26.41
C PHE D 160 77.50 12.72 26.31
N GLY D 161 76.20 12.46 26.32
CA GLY D 161 75.19 13.46 26.03
C GLY D 161 74.94 14.47 27.14
N GLY D 162 74.13 15.47 26.84
CA GLY D 162 73.85 16.52 27.79
C GLY D 162 72.38 16.64 28.11
N GLN D 163 72.03 17.72 28.78
CA GLN D 163 70.66 17.99 29.12
C GLN D 163 69.96 18.52 27.89
N GLY D 164 68.68 18.20 27.75
CA GLY D 164 67.83 18.85 26.76
C GLY D 164 67.70 18.14 25.42
N ASN D 165 68.14 16.89 25.37
CA ASN D 165 68.04 16.15 24.13
C ASN D 165 66.65 15.53 23.94
N THR D 166 65.90 15.46 25.03
CA THR D 166 64.61 14.76 25.05
C THR D 166 63.64 15.45 25.99
N ASP D 167 62.36 15.40 25.62
CA ASP D 167 61.30 15.80 26.50
C ASP D 167 61.21 14.88 27.72
N ASP D 168 61.11 13.57 27.48
CA ASP D 168 60.98 12.56 28.53
C ASP D 168 62.27 11.81 28.82
N TYR D 169 63.23 12.46 29.46
CA TYR D 169 64.49 11.82 29.74
C TYR D 169 64.33 10.64 30.68
N PHE D 170 63.52 10.82 31.73
CA PHE D 170 63.41 9.80 32.77
C PHE D 170 62.92 8.49 32.19
N GLU D 171 62.30 8.57 31.02
CA GLU D 171 61.77 7.39 30.37
C GLU D 171 62.92 6.45 30.02
N GLU D 172 64.04 7.01 29.59
CA GLU D 172 65.16 6.19 29.17
C GLU D 172 65.68 5.36 30.34
N LEU D 173 65.57 5.93 31.54
CA LEU D 173 66.02 5.25 32.76
C LEU D 173 65.07 4.11 33.08
N ARG D 174 63.78 4.30 32.78
CA ARG D 174 62.81 3.23 32.98
C ARG D 174 63.16 2.02 32.12
N ASP D 175 63.15 2.21 30.80
CA ASP D 175 63.41 1.13 29.84
C ASP D 175 64.68 0.39 30.16
N LEU D 176 65.63 1.10 30.76
CA LEU D 176 66.89 0.52 31.12
C LEU D 176 66.69 -0.38 32.33
N TYR D 177 66.08 0.18 33.37
CA TYR D 177 65.77 -0.55 34.61
C TYR D 177 64.88 -1.75 34.37
N GLN D 178 63.87 -1.52 33.54
CA GLN D 178 62.88 -2.54 33.26
C GLN D 178 63.48 -3.64 32.37
N THR D 179 64.06 -3.28 31.23
CA THR D 179 64.61 -4.28 30.29
C THR D 179 65.81 -5.05 30.86
N TYR D 180 66.95 -4.36 30.97
CA TYR D 180 68.17 -4.97 31.46
C TYR D 180 68.27 -4.89 32.97
N HIS D 181 67.30 -5.45 33.70
CA HIS D 181 67.36 -5.37 35.14
C HIS D 181 68.51 -6.18 35.70
N VAL D 182 68.82 -7.29 35.05
CA VAL D 182 69.81 -8.22 35.55
C VAL D 182 71.23 -7.69 35.42
N LEU D 183 71.39 -6.59 34.69
CA LEU D 183 72.72 -6.02 34.48
C LEU D 183 72.92 -4.72 35.23
N VAL D 184 71.87 -3.93 35.36
CA VAL D 184 71.97 -2.56 35.85
C VAL D 184 71.40 -2.30 37.25
N GLY D 185 70.63 -3.27 37.75
CA GLY D 185 69.97 -3.16 39.05
C GLY D 185 70.85 -2.60 40.15
N ASP D 186 72.11 -3.01 40.15
CA ASP D 186 73.10 -2.59 41.15
C ASP D 186 73.18 -1.07 41.26
N LEU D 187 73.66 -0.42 40.20
CA LEU D 187 74.00 0.99 40.29
C LEU D 187 72.79 1.90 40.26
N ILE D 188 71.66 1.38 39.77
CA ILE D 188 70.42 2.12 39.93
C ILE D 188 70.13 2.20 41.42
N LYS D 189 70.06 1.04 42.07
CA LYS D 189 69.86 1.00 43.50
C LYS D 189 70.99 1.73 44.22
N PHE D 190 72.22 1.49 43.79
CA PHE D 190 73.39 2.13 44.40
C PHE D 190 73.27 3.64 44.30
N SER D 191 72.83 4.12 43.16
CA SER D 191 72.70 5.55 42.94
C SER D 191 71.52 6.10 43.73
N ALA D 192 70.40 5.38 43.69
CA ALA D 192 69.21 5.85 44.36
C ALA D 192 69.51 6.08 45.83
N GLU D 193 70.33 5.20 46.39
CA GLU D 193 70.68 5.25 47.80
C GLU D 193 71.70 6.35 48.05
N THR D 194 72.70 6.44 47.19
CA THR D 194 73.79 7.36 47.39
C THR D 194 73.35 8.81 47.18
N LEU D 195 72.33 9.00 46.34
CA LEU D 195 71.71 10.32 46.18
C LEU D 195 70.89 10.64 47.41
N SER D 196 70.19 9.65 47.94
CA SER D 196 69.41 9.82 49.18
C SER D 196 70.32 10.34 50.27
N GLU D 197 71.54 9.82 50.33
CA GLU D 197 72.49 10.26 51.32
C GLU D 197 72.91 11.70 51.11
N LEU D 198 73.32 12.04 49.89
CA LEU D 198 73.69 13.41 49.58
C LEU D 198 72.67 14.42 50.14
N ILE D 199 71.41 14.01 50.24
CA ILE D 199 70.36 14.92 50.66
C ILE D 199 70.26 15.10 52.17
N ARG D 200 70.51 14.02 52.90
CA ARG D 200 70.69 14.10 54.35
C ARG D 200 71.97 14.86 54.64
N THR D 201 73.09 14.27 54.18
CA THR D 201 74.43 14.86 54.21
C THR D 201 74.49 16.38 53.96
N THR D 202 73.68 16.88 53.04
CA THR D 202 73.69 18.31 52.69
C THR D 202 72.71 19.15 53.51
N LEU D 203 73.08 20.40 53.74
CA LEU D 203 72.32 21.28 54.62
C LEU D 203 70.88 21.44 54.17
N ASP D 204 70.65 22.34 53.24
CA ASP D 204 69.29 22.65 52.83
C ASP D 204 68.93 22.04 51.48
N ALA D 205 69.59 20.94 51.15
CA ALA D 205 69.29 20.23 49.92
C ALA D 205 67.85 19.78 49.94
N GLU D 206 67.37 19.45 51.14
CA GLU D 206 66.02 18.95 51.34
C GLU D 206 64.97 19.88 50.73
N LYS D 207 65.21 21.19 50.83
CA LYS D 207 64.26 22.19 50.36
C LYS D 207 64.14 22.20 48.84
N VAL D 208 65.21 21.81 48.16
CA VAL D 208 65.23 21.81 46.71
C VAL D 208 64.44 20.63 46.14
N PHE D 209 64.50 19.50 46.85
CA PHE D 209 63.74 18.31 46.46
C PHE D 209 62.33 18.32 47.04
N THR D 210 61.57 19.34 46.66
CA THR D 210 60.17 19.53 47.02
C THR D 210 59.34 18.23 47.09
N GLN D 211 59.47 17.38 46.08
CA GLN D 211 58.72 16.12 46.04
C GLN D 211 59.63 14.89 46.23
N GLY D 212 60.70 15.05 46.99
CA GLY D 212 61.60 13.94 47.32
C GLY D 212 62.28 13.32 46.10
N LEU D 213 63.22 12.43 46.36
CA LEU D 213 64.02 11.85 45.29
C LEU D 213 64.00 10.33 45.34
N ASN D 214 62.85 9.76 45.68
CA ASN D 214 62.76 8.31 45.73
C ASN D 214 62.76 7.68 44.34
N ILE D 215 63.96 7.52 43.78
CA ILE D 215 64.12 7.04 42.42
C ILE D 215 63.61 5.62 42.31
N LEU D 216 63.98 4.79 43.27
CA LEU D 216 63.56 3.40 43.28
C LEU D 216 62.04 3.26 43.29
N GLU D 217 61.39 4.10 44.09
CA GLU D 217 59.93 4.09 44.14
C GLU D 217 59.32 4.39 42.78
N TRP D 218 59.68 5.53 42.18
CA TRP D 218 59.10 5.94 40.91
C TRP D 218 59.28 4.86 39.84
N LEU D 219 60.39 4.14 39.93
CA LEU D 219 60.64 3.06 38.98
C LEU D 219 59.63 1.94 39.17
N GLU D 220 59.47 1.47 40.41
CA GLU D 220 58.55 0.37 40.71
C GLU D 220 57.08 0.67 40.45
N ASN D 221 56.61 1.82 40.92
CA ASN D 221 55.21 2.20 40.76
C ASN D 221 55.09 3.49 39.97
N PRO D 222 55.13 3.38 38.63
CA PRO D 222 54.98 4.48 37.69
C PRO D 222 53.90 5.43 38.15
N SER D 223 52.86 4.84 38.75
CA SER D 223 51.78 5.60 39.33
C SER D 223 52.29 6.74 40.21
N ASN D 224 53.39 6.51 40.92
CA ASN D 224 53.91 7.48 41.89
C ASN D 224 54.94 8.47 41.33
N THR D 225 55.36 8.27 40.10
CA THR D 225 56.31 9.16 39.45
C THR D 225 55.75 10.57 39.28
N PRO D 226 56.47 11.59 39.79
CA PRO D 226 56.07 13.00 39.67
C PRO D 226 55.99 13.51 38.23
N ASP D 227 55.59 14.78 38.06
CA ASP D 227 55.39 15.35 36.73
C ASP D 227 56.70 15.38 35.97
N LYS D 228 56.61 15.49 34.63
CA LYS D 228 57.78 15.80 33.82
C LYS D 228 58.43 17.09 34.34
N ASP D 229 57.59 18.01 34.79
CA ASP D 229 58.04 19.30 35.30
C ASP D 229 58.94 19.15 36.50
N TYR D 230 58.62 18.20 37.37
CA TYR D 230 59.48 17.97 38.53
C TYR D 230 60.74 17.24 38.09
N LEU D 231 60.55 16.15 37.35
CA LEU D 231 61.66 15.32 36.93
C LEU D 231 62.69 16.07 36.09
N LEU D 232 62.27 17.15 35.44
CA LEU D 232 63.14 17.86 34.52
C LEU D 232 64.02 18.92 35.17
N SER D 233 63.58 19.45 36.31
CA SER D 233 64.37 20.47 36.99
C SER D 233 65.69 19.87 37.44
N ILE D 234 66.76 20.63 37.25
CA ILE D 234 68.12 20.10 37.33
C ILE D 234 68.47 19.28 38.58
N PRO D 235 68.10 19.75 39.79
CA PRO D 235 68.64 19.10 40.98
C PRO D 235 68.42 17.59 40.97
N ILE D 236 67.34 17.14 40.36
CA ILE D 236 67.09 15.71 40.26
C ILE D 236 67.39 15.16 38.85
N SER D 237 67.32 16.02 37.84
CA SER D 237 67.49 15.59 36.46
C SER D 237 68.96 15.43 36.07
N CYS D 238 69.83 16.21 36.69
CA CYS D 238 71.27 16.14 36.39
C CYS D 238 71.79 14.78 36.81
N PRO D 239 71.66 14.45 38.11
CA PRO D 239 72.16 13.16 38.61
C PRO D 239 71.53 12.00 37.86
N LEU D 240 70.22 12.05 37.65
CA LEU D 240 69.52 10.97 37.00
C LEU D 240 70.02 10.73 35.57
N ILE D 241 70.21 11.79 34.80
CA ILE D 241 70.73 11.64 33.45
C ILE D 241 72.06 10.90 33.46
N GLY D 242 72.94 11.29 34.38
CA GLY D 242 74.22 10.62 34.55
C GLY D 242 74.10 9.11 34.81
N VAL D 243 73.22 8.77 35.76
CA VAL D 243 72.93 7.37 36.04
C VAL D 243 72.50 6.65 34.77
N ILE D 244 71.73 7.32 33.93
CA ILE D 244 71.31 6.74 32.66
C ILE D 244 72.53 6.41 31.82
N GLN D 245 73.48 7.33 31.77
CA GLN D 245 74.68 7.18 30.96
C GLN D 245 75.59 6.09 31.54
N LEU D 246 75.83 6.16 32.83
CA LEU D 246 76.60 5.14 33.52
C LEU D 246 75.96 3.78 33.26
N ALA D 247 74.65 3.72 33.42
CA ALA D 247 73.89 2.50 33.20
C ALA D 247 74.09 1.92 31.80
N HIS D 248 74.14 2.79 30.80
CA HIS D 248 74.36 2.36 29.42
C HIS D 248 75.79 1.85 29.23
N TYR D 249 76.75 2.56 29.83
CA TYR D 249 78.13 2.12 29.77
C TYR D 249 78.18 0.66 30.23
N VAL D 250 77.54 0.40 31.36
CA VAL D 250 77.57 -0.92 31.99
C VAL D 250 76.94 -2.04 31.16
N VAL D 251 75.79 -1.79 30.52
CA VAL D 251 75.21 -2.84 29.69
C VAL D 251 76.14 -3.17 28.54
N THR D 252 76.88 -2.17 28.06
CA THR D 252 77.83 -2.35 26.97
C THR D 252 79.04 -3.14 27.46
N ALA D 253 79.56 -2.74 28.61
CA ALA D 253 80.71 -3.41 29.19
C ALA D 253 80.36 -4.85 29.55
N LYS D 254 79.40 -4.99 30.46
CA LYS D 254 78.97 -6.31 30.93
C LYS D 254 78.67 -7.27 29.77
N LEU D 255 77.97 -6.75 28.76
CA LEU D 255 77.48 -7.58 27.66
C LEU D 255 78.57 -7.93 26.66
N LEU D 256 79.69 -7.19 26.71
CA LEU D 256 80.82 -7.48 25.83
C LEU D 256 81.73 -8.53 26.47
N GLY D 257 81.65 -8.63 27.80
CA GLY D 257 82.52 -9.51 28.55
C GLY D 257 83.73 -8.77 29.08
N PHE D 258 83.58 -7.46 29.26
CA PHE D 258 84.68 -6.59 29.65
C PHE D 258 84.46 -6.04 31.06
N THR D 259 85.55 -5.63 31.69
CA THR D 259 85.45 -4.85 32.90
C THR D 259 85.22 -3.40 32.43
N PRO D 260 84.77 -2.52 33.33
CA PRO D 260 84.62 -1.09 33.02
C PRO D 260 85.90 -0.55 32.36
N GLY D 261 87.04 -0.87 32.95
CA GLY D 261 88.32 -0.43 32.44
C GLY D 261 88.71 -1.09 31.13
N GLU D 262 88.38 -2.37 30.99
CA GLU D 262 88.65 -3.10 29.75
C GLU D 262 87.92 -2.43 28.58
N LEU D 263 86.70 -1.98 28.83
CA LEU D 263 85.95 -1.24 27.83
C LEU D 263 86.67 0.06 27.52
N ARG D 264 87.05 0.74 28.59
CA ARG D 264 87.71 2.05 28.52
C ARG D 264 89.02 2.00 27.75
N SER D 265 89.66 0.85 27.78
CA SER D 265 90.96 0.68 27.14
C SER D 265 90.84 0.74 25.63
N TYR D 266 89.71 0.27 25.09
CA TYR D 266 89.51 0.26 23.63
C TYR D 266 89.29 1.65 23.06
N LEU D 267 89.22 2.64 23.95
CA LEU D 267 88.89 4.02 23.61
C LEU D 267 90.12 4.89 23.38
N LYS D 268 90.17 5.56 22.23
CA LYS D 268 91.19 6.57 21.95
C LYS D 268 91.04 7.78 22.88
N GLY D 269 89.91 7.84 23.55
CA GLY D 269 89.59 8.94 24.44
C GLY D 269 88.09 9.13 24.55
N ALA D 270 87.68 10.01 25.46
CA ALA D 270 86.28 10.30 25.65
C ALA D 270 86.04 11.78 25.89
N THR D 271 84.77 12.18 25.84
CA THR D 271 84.37 13.57 25.98
C THR D 271 82.87 13.67 26.13
N GLY D 272 82.41 14.64 26.90
CA GLY D 272 80.99 14.86 27.07
C GLY D 272 80.54 16.21 26.55
N HIS D 273 79.25 16.32 26.27
CA HIS D 273 78.63 17.58 25.86
C HIS D 273 77.87 18.15 27.06
N SER D 274 78.10 19.42 27.37
CA SER D 274 77.54 20.02 28.58
C SER D 274 77.80 19.15 29.80
N GLN D 275 76.73 18.70 30.46
CA GLN D 275 76.87 17.96 31.70
C GLN D 275 77.41 16.54 31.50
N GLY D 276 77.56 16.15 30.24
CA GLY D 276 78.06 14.83 29.88
C GLY D 276 79.56 14.70 30.07
N LEU D 277 80.25 15.84 30.09
CA LEU D 277 81.68 15.88 30.36
C LEU D 277 81.99 15.10 31.64
N VAL D 278 81.20 15.34 32.68
CA VAL D 278 81.41 14.70 33.97
C VAL D 278 81.62 13.19 33.85
N THR D 279 80.65 12.47 33.27
CA THR D 279 80.76 11.01 33.20
C THR D 279 81.95 10.53 32.36
N ALA D 280 82.36 11.33 31.38
CA ALA D 280 83.49 10.96 30.54
C ALA D 280 84.77 10.98 31.35
N VAL D 281 84.97 12.06 32.10
CA VAL D 281 86.04 12.10 33.07
C VAL D 281 85.98 10.85 33.93
N ALA D 282 84.88 10.67 34.66
CA ALA D 282 84.75 9.56 35.61
C ALA D 282 84.85 8.18 34.96
N ILE D 283 84.47 8.07 33.70
CA ILE D 283 84.50 6.80 33.02
C ILE D 283 85.94 6.35 32.80
N ALA D 284 86.83 7.31 32.56
CA ALA D 284 88.21 7.00 32.21
C ALA D 284 89.03 6.66 33.44
N GLU D 285 88.53 7.08 34.60
CA GLU D 285 89.14 6.75 35.88
C GLU D 285 88.83 5.31 36.29
N THR D 286 88.19 4.55 35.39
CA THR D 286 87.57 3.29 35.77
C THR D 286 88.45 2.07 35.49
N ASP D 287 88.51 1.14 36.43
CA ASP D 287 89.26 -0.10 36.22
C ASP D 287 88.42 -1.35 36.43
N SER D 288 88.33 -1.83 37.66
CA SER D 288 87.61 -3.07 37.92
C SER D 288 86.29 -2.87 38.63
N TRP D 289 85.39 -3.85 38.47
CA TRP D 289 84.01 -3.76 38.97
C TRP D 289 83.91 -3.33 40.43
N GLU D 290 84.74 -3.94 41.27
CA GLU D 290 84.81 -3.58 42.68
C GLU D 290 85.08 -2.09 42.81
N SER D 291 85.95 -1.59 41.94
CA SER D 291 86.36 -0.20 41.93
C SER D 291 85.40 0.70 41.16
N PHE D 292 84.52 0.08 40.38
CA PHE D 292 83.62 0.81 39.50
C PHE D 292 82.71 1.73 40.27
N PHE D 293 82.39 1.33 41.49
CA PHE D 293 81.36 2.04 42.22
C PHE D 293 81.80 3.37 42.80
N VAL D 294 83.04 3.48 43.24
CA VAL D 294 83.53 4.78 43.70
C VAL D 294 83.60 5.72 42.52
N SER D 295 83.87 5.18 41.34
CA SER D 295 83.86 5.97 40.13
C SER D 295 82.44 6.51 39.89
N VAL D 296 81.44 5.66 40.08
CA VAL D 296 80.05 6.10 39.96
C VAL D 296 79.76 7.21 40.98
N ARG D 297 80.13 6.97 42.24
CA ARG D 297 79.90 7.93 43.31
C ARG D 297 80.43 9.31 42.92
N LYS D 298 81.65 9.33 42.40
CA LYS D 298 82.28 10.58 42.01
C LYS D 298 81.42 11.29 40.99
N ALA D 299 81.05 10.57 39.95
CA ALA D 299 80.28 11.16 38.86
C ALA D 299 78.97 11.76 39.34
N ILE D 300 78.13 10.96 40.01
CA ILE D 300 76.78 11.42 40.35
C ILE D 300 76.76 12.38 41.52
N THR D 301 77.82 12.38 42.32
CA THR D 301 77.90 13.29 43.45
C THR D 301 78.41 14.66 42.97
N VAL D 302 79.01 14.67 41.79
CA VAL D 302 79.31 15.92 41.10
C VAL D 302 78.03 16.48 40.51
N LEU D 303 77.38 15.66 39.66
CA LEU D 303 76.13 16.05 39.03
C LEU D 303 75.12 16.58 40.04
N PHE D 304 75.00 15.88 41.18
CA PHE D 304 74.08 16.28 42.24
C PHE D 304 74.33 17.69 42.67
N PHE D 305 75.60 18.05 42.83
CA PHE D 305 75.94 19.38 43.32
C PHE D 305 75.76 20.44 42.23
N ILE D 306 76.09 20.07 41.00
CA ILE D 306 75.81 20.96 39.88
C ILE D 306 74.32 21.29 39.90
N GLY D 307 73.50 20.24 39.87
CA GLY D 307 72.07 20.39 39.93
C GLY D 307 71.57 21.24 41.08
N VAL D 308 71.88 20.83 42.30
CA VAL D 308 71.34 21.52 43.47
C VAL D 308 71.77 22.98 43.55
N ARG D 309 73.04 23.24 43.25
CA ARG D 309 73.59 24.59 43.41
C ARG D 309 73.21 25.54 42.28
N CYS D 310 73.15 25.02 41.05
CA CYS D 310 72.74 25.85 39.93
C CYS D 310 71.25 26.17 39.96
N TYR D 311 70.45 25.28 40.54
CA TYR D 311 69.03 25.57 40.70
C TYR D 311 68.89 26.70 41.69
N GLU D 312 69.60 26.59 42.81
CA GLU D 312 69.54 27.59 43.86
C GLU D 312 69.94 28.95 43.31
N ALA D 313 70.91 28.94 42.39
CA ALA D 313 71.41 30.16 41.77
C ALA D 313 70.33 30.88 40.95
N TYR D 314 69.65 30.14 40.08
CA TYR D 314 68.60 30.70 39.22
C TYR D 314 67.44 29.73 39.01
N PRO D 315 66.46 29.76 39.92
CA PRO D 315 65.30 28.85 39.96
C PRO D 315 64.16 29.38 39.12
N ASN D 316 63.45 28.37 38.12
CA ASN D 316 62.38 28.79 37.22
C ASN D 316 61.21 29.46 37.93
N THR D 317 60.69 30.53 37.33
CA THR D 317 59.56 31.26 37.88
C THR D 317 58.42 31.33 36.86
N SER D 318 57.19 31.44 37.37
CA SER D 318 55.99 31.47 36.54
C SER D 318 56.14 32.29 35.27
N LEU D 319 55.80 31.70 34.14
CA LEU D 319 55.72 32.43 32.89
C LEU D 319 54.38 33.14 32.81
N PRO D 320 54.42 34.46 32.57
CA PRO D 320 53.18 35.18 32.30
C PRO D 320 52.43 34.45 31.22
N PRO D 321 51.20 34.03 31.53
CA PRO D 321 50.46 33.13 30.65
C PRO D 321 50.27 33.77 29.28
N SER D 322 50.32 35.10 29.22
CA SER D 322 50.17 35.81 27.96
C SER D 322 51.30 35.47 26.98
N ILE D 323 52.51 35.38 27.52
CA ILE D 323 53.68 35.04 26.72
C ILE D 323 53.55 33.60 26.24
N LEU D 324 53.39 32.68 27.17
CA LEU D 324 53.22 31.28 26.83
C LEU D 324 52.17 31.14 25.72
N GLU D 325 51.05 31.85 25.88
CA GLU D 325 49.99 31.86 24.87
C GLU D 325 50.52 32.24 23.49
N ASP D 326 51.19 33.39 23.41
CA ASP D 326 51.68 33.90 22.15
C ASP D 326 52.76 33.01 21.56
N SER D 327 53.72 32.61 22.39
CA SER D 327 54.83 31.80 21.93
C SER D 327 54.33 30.50 21.37
N LEU D 328 53.14 30.10 21.82
CA LEU D 328 52.53 28.84 21.34
C LEU D 328 51.80 28.98 19.99
N GLU D 329 51.02 30.04 19.83
CA GLU D 329 50.30 30.21 18.56
C GLU D 329 51.21 30.73 17.45
N ASN D 330 52.49 30.91 17.75
CA ASN D 330 53.47 31.26 16.74
C ASN D 330 54.44 30.12 16.46
N ASN D 331 54.00 28.91 16.79
CA ASN D 331 54.73 27.68 16.45
C ASN D 331 56.14 27.59 17.05
N GLU D 332 56.44 28.44 18.02
CA GLU D 332 57.69 28.33 18.76
C GLU D 332 57.42 27.48 19.97
N GLY D 333 58.45 27.22 20.77
CA GLY D 333 58.28 26.31 21.89
C GLY D 333 57.47 26.83 23.07
N VAL D 334 57.56 26.10 24.17
CA VAL D 334 57.10 26.58 25.45
C VAL D 334 58.31 27.21 26.13
N PRO D 335 58.36 28.55 26.16
CA PRO D 335 59.50 29.33 26.65
C PRO D 335 60.32 28.65 27.76
N SER D 336 61.61 28.47 27.50
CA SER D 336 62.57 27.94 28.49
C SER D 336 63.86 28.75 28.45
N PRO D 337 64.80 28.43 29.36
CA PRO D 337 66.09 29.14 29.44
C PRO D 337 67.08 28.91 28.29
N MET D 338 66.78 28.01 27.35
CA MET D 338 67.69 27.75 26.23
C MET D 338 66.97 27.65 24.88
N LEU D 339 67.25 28.62 24.01
CA LEU D 339 66.67 28.71 22.68
C LEU D 339 67.67 28.13 21.68
N SER D 340 67.19 27.40 20.67
CA SER D 340 68.08 26.86 19.63
C SER D 340 67.75 27.39 18.22
N ILE D 341 68.70 28.09 17.62
CA ILE D 341 68.50 28.71 16.32
C ILE D 341 69.29 27.98 15.24
N SER D 342 68.63 27.63 14.16
CA SER D 342 69.23 26.81 13.10
C SER D 342 69.25 27.53 11.76
N ASN D 343 70.30 27.28 11.00
CA ASN D 343 70.49 27.92 9.70
C ASN D 343 70.86 29.42 9.77
N LEU D 344 71.39 29.84 10.91
CA LEU D 344 71.97 31.17 11.03
C LEU D 344 73.45 31.14 11.38
N THR D 345 74.26 31.96 10.69
CA THR D 345 75.67 32.15 11.02
C THR D 345 75.80 32.30 12.53
N GLN D 346 76.93 31.89 13.09
CA GLN D 346 77.16 32.24 14.49
C GLN D 346 77.22 33.75 14.57
N GLU D 347 77.79 34.37 13.55
CA GLU D 347 77.85 35.82 13.49
C GLU D 347 76.45 36.40 13.44
N GLN D 348 75.66 35.90 12.50
CA GLN D 348 74.27 36.33 12.35
C GLN D 348 73.48 36.26 13.65
N VAL D 349 73.40 35.08 14.25
CA VAL D 349 72.79 34.91 15.57
C VAL D 349 73.31 35.95 16.60
N GLN D 350 74.63 35.99 16.82
CA GLN D 350 75.20 36.91 17.79
C GLN D 350 74.78 38.35 17.53
N ASP D 351 74.52 38.65 16.27
CA ASP D 351 74.07 39.97 15.88
C ASP D 351 72.71 40.29 16.51
N TYR D 352 71.73 39.42 16.28
CA TYR D 352 70.37 39.60 16.82
C TYR D 352 70.35 39.64 18.33
N VAL D 353 71.21 38.84 18.96
CA VAL D 353 71.29 38.84 20.41
C VAL D 353 71.95 40.09 20.93
N ASN D 354 72.93 40.60 20.22
CA ASN D 354 73.55 41.84 20.63
C ASN D 354 72.58 42.99 20.60
N LYS D 355 71.67 42.94 19.62
CA LYS D 355 70.60 43.92 19.51
C LYS D 355 69.66 43.77 20.69
N THR D 356 69.12 42.58 20.88
CA THR D 356 68.18 42.32 21.97
C THR D 356 68.76 42.74 23.32
N ASN D 357 69.99 42.32 23.57
CA ASN D 357 70.68 42.60 24.82
C ASN D 357 70.91 44.08 25.02
N SER D 358 70.93 44.82 23.92
CA SER D 358 71.05 46.26 23.95
C SER D 358 70.10 46.90 24.95
N HIS D 359 68.84 46.46 24.91
CA HIS D 359 67.78 47.09 25.70
C HIS D 359 67.58 46.51 27.10
N LEU D 360 68.41 45.54 27.49
CA LEU D 360 68.22 44.88 28.78
C LEU D 360 69.35 45.18 29.74
N PRO D 361 69.04 45.16 31.05
CA PRO D 361 70.00 45.24 32.16
C PRO D 361 70.90 44.00 32.23
N ALA D 362 72.04 44.13 32.90
CA ALA D 362 73.00 43.04 33.00
C ALA D 362 72.31 41.73 33.32
N GLY D 363 71.58 41.72 34.42
CA GLY D 363 71.01 40.50 34.96
C GLY D 363 69.94 39.81 34.14
N LYS D 364 69.62 40.36 32.98
CA LYS D 364 68.55 39.83 32.13
C LYS D 364 69.04 39.52 30.73
N GLN D 365 70.35 39.46 30.54
CA GLN D 365 70.92 39.33 29.20
C GLN D 365 71.14 37.89 28.73
N VAL D 366 71.08 37.70 27.40
CA VAL D 366 71.25 36.37 26.81
C VAL D 366 72.52 36.24 25.97
N GLU D 367 73.15 35.08 26.04
CA GLU D 367 74.42 34.82 25.36
C GLU D 367 74.36 33.51 24.62
N ILE D 368 75.31 33.29 23.71
CA ILE D 368 75.46 31.99 23.04
C ILE D 368 76.00 30.95 24.01
N SER D 369 75.30 29.83 24.14
CA SER D 369 75.68 28.80 25.11
C SER D 369 76.38 27.66 24.40
N LEU D 370 75.81 27.25 23.28
CA LEU D 370 76.36 26.14 22.52
C LEU D 370 76.54 26.52 21.07
N VAL D 371 77.75 26.33 20.57
CA VAL D 371 77.97 26.42 19.13
C VAL D 371 78.04 25.00 18.63
N ASN D 372 76.88 24.34 18.63
CA ASN D 372 76.77 22.93 18.33
C ASN D 372 77.25 22.58 16.93
N GLY D 373 77.40 23.58 16.08
CA GLY D 373 77.79 23.32 14.71
C GLY D 373 77.80 24.55 13.83
N ALA D 374 77.81 24.31 12.52
CA ALA D 374 77.99 25.36 11.53
C ALA D 374 76.99 26.50 11.68
N LYS D 375 75.76 26.23 11.25
CA LYS D 375 74.71 27.22 11.34
C LYS D 375 73.75 26.86 12.48
N ASN D 376 74.14 25.86 13.26
CA ASN D 376 73.40 25.49 14.48
C ASN D 376 73.99 26.09 15.78
N LEU D 377 73.22 26.94 16.44
CA LEU D 377 73.62 27.53 17.72
C LEU D 377 72.55 27.34 18.82
N VAL D 378 72.85 27.81 20.02
CA VAL D 378 71.92 27.78 21.14
C VAL D 378 72.15 28.97 22.06
N VAL D 379 71.20 29.91 22.08
CA VAL D 379 71.29 31.07 22.95
C VAL D 379 70.73 30.70 24.33
N SER D 380 71.14 31.41 25.37
CA SER D 380 70.63 31.09 26.71
C SER D 380 70.61 32.27 27.69
N GLY D 381 69.56 32.35 28.49
CA GLY D 381 69.40 33.38 29.48
C GLY D 381 68.04 33.23 30.12
N PRO D 382 67.53 34.29 30.77
CA PRO D 382 66.19 34.25 31.36
C PRO D 382 65.16 33.91 30.29
N PRO D 383 64.12 33.15 30.64
CA PRO D 383 63.18 32.73 29.59
C PRO D 383 62.54 33.93 28.93
N GLN D 384 62.14 34.92 29.71
CA GLN D 384 61.41 36.08 29.17
C GLN D 384 62.23 36.93 28.19
N SER D 385 63.50 37.15 28.49
CA SER D 385 64.38 37.90 27.59
C SER D 385 64.78 37.06 26.37
N LEU D 386 64.76 35.75 26.51
CA LEU D 386 64.94 34.85 25.36
C LEU D 386 63.72 34.92 24.47
N TYR D 387 62.57 35.16 25.08
CA TYR D 387 61.33 35.34 24.35
C TYR D 387 61.40 36.64 23.57
N GLY D 388 62.08 37.64 24.13
CA GLY D 388 62.25 38.91 23.45
C GLY D 388 63.08 38.77 22.19
N LEU D 389 64.18 38.04 22.31
CA LEU D 389 65.01 37.72 21.16
C LEU D 389 64.14 37.03 20.12
N ASN D 390 63.24 36.19 20.63
CA ASN D 390 62.36 35.39 19.79
C ASN D 390 61.43 36.23 18.91
N LEU D 391 61.06 37.40 19.41
CA LEU D 391 60.15 38.31 18.74
C LEU D 391 60.88 39.10 17.68
N THR D 392 62.05 39.61 18.05
CA THR D 392 62.90 40.35 17.12
C THR D 392 63.25 39.46 15.93
N LEU D 393 63.31 38.15 16.18
CA LEU D 393 63.58 37.16 15.12
C LEU D 393 62.36 36.91 14.27
N ARG D 394 61.20 36.96 14.90
CA ARG D 394 59.96 36.56 14.27
C ARG D 394 59.63 37.40 13.04
N LYS D 395 60.14 38.62 13.02
CA LYS D 395 59.90 39.53 11.90
C LYS D 395 60.97 39.37 10.83
N ALA D 396 62.17 38.94 11.24
CA ALA D 396 63.31 38.88 10.33
C ALA D 396 63.28 37.66 9.42
N LYS D 397 62.42 36.70 9.75
CA LYS D 397 62.39 35.44 9.01
C LYS D 397 61.38 35.41 7.87
N ALA D 398 60.90 34.21 7.52
CA ALA D 398 59.98 34.03 6.40
C ALA D 398 59.19 32.74 6.52
N PRO D 399 57.90 32.77 6.13
CA PRO D 399 57.01 31.60 6.12
C PRO D 399 57.69 30.47 5.36
N SER D 400 57.64 29.27 5.92
CA SER D 400 58.43 28.16 5.43
C SER D 400 58.13 27.75 3.98
N GLY D 401 56.87 27.89 3.56
CA GLY D 401 56.46 27.52 2.22
C GLY D 401 56.30 28.72 1.32
N LEU D 402 57.25 29.67 1.42
CA LEU D 402 57.18 30.93 0.69
C LEU D 402 57.37 30.74 -0.81
N ASP D 403 58.01 29.64 -1.19
CA ASP D 403 58.27 29.36 -2.60
C ASP D 403 58.97 30.52 -3.30
N GLN D 404 60.23 30.74 -2.93
CA GLN D 404 61.00 31.81 -3.52
C GLN D 404 61.76 31.31 -4.73
N SER D 405 61.20 30.28 -5.36
CA SER D 405 61.83 29.64 -6.51
C SER D 405 61.85 30.52 -7.77
N ARG D 406 60.99 31.53 -7.82
CA ARG D 406 60.96 32.44 -8.95
C ARG D 406 61.62 33.79 -8.59
N ILE D 407 62.20 33.84 -7.39
CA ILE D 407 63.00 34.98 -6.95
C ILE D 407 64.47 34.65 -7.18
N PRO D 408 65.24 35.61 -7.75
CA PRO D 408 66.68 35.38 -7.92
C PRO D 408 67.34 35.11 -6.58
N PHE D 409 68.26 34.16 -6.56
CA PHE D 409 68.87 33.64 -5.34
C PHE D 409 69.26 34.71 -4.33
N SER D 410 70.16 35.59 -4.75
CA SER D 410 70.66 36.67 -3.91
C SER D 410 69.53 37.44 -3.23
N GLU D 411 68.44 37.64 -3.95
CA GLU D 411 67.36 38.52 -3.50
C GLU D 411 66.43 37.90 -2.47
N ARG D 412 66.55 36.58 -2.25
CA ARG D 412 65.61 35.84 -1.39
C ARG D 412 65.72 36.15 0.12
N LYS D 413 64.72 35.71 0.87
CA LYS D 413 64.64 36.00 2.30
C LYS D 413 65.09 34.83 3.16
N LEU D 414 65.62 35.15 4.33
CA LEU D 414 66.09 34.14 5.26
C LEU D 414 64.96 33.22 5.68
N LYS D 415 65.13 31.93 5.44
CA LYS D 415 64.28 30.93 6.07
C LYS D 415 65.12 30.26 7.13
N PHE D 416 64.57 30.11 8.33
CA PHE D 416 65.30 29.47 9.42
C PHE D 416 64.41 29.04 10.60
N SER D 417 64.89 28.04 11.32
CA SER D 417 64.15 27.39 12.37
C SER D 417 64.57 27.93 13.73
N ASN D 418 63.66 27.95 14.70
CA ASN D 418 64.02 28.27 16.08
C ASN D 418 62.98 27.82 17.09
N ARG D 419 63.45 27.18 18.16
CA ARG D 419 62.61 26.52 19.15
C ARG D 419 63.23 26.53 20.53
N PHE D 420 62.40 26.50 21.57
CA PHE D 420 62.94 26.37 22.92
C PHE D 420 63.28 24.92 23.19
N LEU D 421 64.31 24.70 24.00
CA LEU D 421 64.76 23.35 24.33
C LEU D 421 64.21 22.85 25.66
N PRO D 422 64.07 21.52 25.78
CA PRO D 422 63.60 20.80 26.97
C PRO D 422 64.57 20.86 28.15
N VAL D 423 64.70 22.03 29.08
CA VAL D 423 65.63 22.19 30.21
C VAL D 423 65.12 23.22 31.19
N ALA D 424 65.37 22.99 32.48
CA ALA D 424 64.87 23.87 33.54
C ALA D 424 65.81 25.01 33.88
N SER D 425 67.04 24.93 33.39
CA SER D 425 68.07 25.90 33.78
C SER D 425 68.95 26.41 32.64
N PRO D 426 69.45 27.65 32.80
CA PRO D 426 70.33 28.34 31.86
C PRO D 426 71.78 27.87 32.04
N PHE D 427 72.13 26.76 31.40
CA PHE D 427 73.49 26.26 31.50
C PHE D 427 74.41 27.13 30.66
N HIS D 428 75.68 27.16 31.03
CA HIS D 428 76.68 27.93 30.30
C HIS D 428 76.30 29.42 30.18
N SER D 429 75.80 30.03 31.27
CA SER D 429 75.47 31.45 31.27
C SER D 429 75.79 32.16 32.59
N HIS D 430 75.88 33.49 32.53
CA HIS D 430 76.31 34.31 33.66
C HIS D 430 75.37 34.21 34.85
N LEU D 431 74.22 33.59 34.63
CA LEU D 431 73.22 33.43 35.66
C LEU D 431 73.68 32.41 36.70
N LEU D 432 74.64 31.57 36.32
CA LEU D 432 75.09 30.46 37.18
C LEU D 432 76.47 30.65 37.82
N VAL D 433 77.24 31.59 37.29
CA VAL D 433 78.55 31.91 37.84
C VAL D 433 78.62 31.91 39.38
N PRO D 434 77.61 32.46 40.05
CA PRO D 434 77.54 32.45 41.52
C PRO D 434 77.69 31.07 42.15
N ALA D 435 77.10 30.05 41.53
CA ALA D 435 77.15 28.71 42.09
C ALA D 435 78.48 28.00 41.82
N SER D 436 79.34 28.63 41.03
CA SER D 436 80.62 28.03 40.65
C SER D 436 81.46 27.74 41.88
N ASP D 437 81.87 28.80 42.59
CA ASP D 437 82.71 28.66 43.76
C ASP D 437 82.07 27.80 44.85
N LEU D 438 80.74 27.89 44.97
CA LEU D 438 79.98 27.15 45.98
C LEU D 438 79.96 25.65 45.71
N ILE D 439 79.85 25.28 44.46
CA ILE D 439 79.89 23.88 44.07
C ILE D 439 81.23 23.27 44.37
N ASN D 440 82.30 23.95 43.98
CA ASN D 440 83.64 23.46 44.22
C ASN D 440 83.95 23.33 45.71
N LYS D 441 83.62 24.36 46.48
CA LYS D 441 83.77 24.32 47.93
C LYS D 441 83.03 23.11 48.51
N ASP D 442 81.95 22.71 47.84
CA ASP D 442 81.15 21.55 48.23
C ASP D 442 81.80 20.25 47.80
N LEU D 443 82.37 20.25 46.59
CA LEU D 443 83.00 19.07 46.01
C LEU D 443 84.20 18.65 46.81
N VAL D 444 84.80 19.63 47.49
CA VAL D 444 85.96 19.33 48.31
C VAL D 444 85.48 18.73 49.61
N LYS D 445 84.35 19.22 50.12
CA LYS D 445 83.81 18.73 51.40
C LYS D 445 83.30 17.30 51.32
N ASN D 446 83.27 16.75 50.11
CA ASN D 446 83.09 15.31 49.93
C ASN D 446 84.31 14.76 49.17
N ASN D 447 84.44 13.44 49.15
CA ASN D 447 85.63 12.77 48.61
C ASN D 447 86.11 13.17 47.21
N VAL D 448 85.31 13.95 46.49
CA VAL D 448 85.47 14.06 45.03
C VAL D 448 86.60 14.97 44.52
N SER D 449 87.39 14.41 43.60
CA SER D 449 88.46 15.11 42.91
C SER D 449 88.92 14.24 41.75
N PHE D 450 89.51 14.84 40.73
CA PHE D 450 90.00 14.02 39.61
C PHE D 450 91.46 14.29 39.32
N ASN D 451 92.33 13.39 39.76
CA ASN D 451 93.77 13.55 39.53
C ASN D 451 94.13 13.10 38.13
N ALA D 452 94.97 13.88 37.46
CA ALA D 452 95.31 13.56 36.08
C ALA D 452 96.05 12.22 36.01
N LYS D 453 96.62 11.82 37.15
CA LYS D 453 97.31 10.54 37.23
C LYS D 453 96.36 9.42 36.90
N ASP D 454 95.10 9.58 37.32
CA ASP D 454 94.14 8.48 37.38
C ASP D 454 93.35 8.28 36.09
N ILE D 455 93.11 9.38 35.38
CA ILE D 455 92.40 9.28 34.11
C ILE D 455 93.33 8.58 33.10
N GLN D 456 92.81 7.55 32.46
CA GLN D 456 93.63 6.66 31.63
C GLN D 456 93.59 6.99 30.13
N ILE D 457 92.59 7.77 29.72
CA ILE D 457 92.45 8.15 28.31
C ILE D 457 91.99 9.61 28.19
N PRO D 458 92.43 10.28 27.12
CA PRO D 458 92.19 11.72 26.92
C PRO D 458 90.74 12.11 27.17
N VAL D 459 90.52 13.20 27.87
CA VAL D 459 89.16 13.70 28.07
C VAL D 459 89.10 15.15 27.58
N TYR D 460 88.66 15.30 26.33
CA TYR D 460 88.74 16.55 25.59
C TYR D 460 87.92 17.68 26.22
N ASP D 461 88.61 18.73 26.62
CA ASP D 461 88.01 19.94 27.18
C ASP D 461 86.94 20.55 26.26
N THR D 462 85.81 20.90 26.87
CA THR D 462 84.63 21.40 26.18
C THR D 462 84.81 22.73 25.45
N PHE D 463 85.76 23.53 25.93
CA PHE D 463 86.06 24.86 25.39
C PHE D 463 87.35 24.83 24.58
N ASP D 464 88.42 24.33 25.19
CA ASP D 464 89.73 24.22 24.54
C ASP D 464 89.69 23.25 23.35
N GLY D 465 89.21 22.04 23.61
CA GLY D 465 89.33 20.96 22.66
C GLY D 465 90.53 20.16 23.12
N SER D 466 91.14 20.67 24.18
CA SER D 466 92.39 20.16 24.72
C SER D 466 92.16 18.95 25.61
N ASP D 467 93.25 18.40 26.14
CA ASP D 467 93.12 17.34 27.13
C ASP D 467 92.97 17.99 28.49
N LEU D 468 92.25 17.34 29.37
CA LEU D 468 92.04 17.88 30.69
C LEU D 468 93.20 17.52 31.60
N ARG D 469 94.02 16.57 31.15
CA ARG D 469 95.14 16.08 31.95
C ARG D 469 96.30 17.06 31.98
N VAL D 470 96.58 17.62 30.81
CA VAL D 470 97.57 18.70 30.69
C VAL D 470 97.00 19.97 31.32
N LEU D 471 96.87 19.97 32.64
CA LEU D 471 96.20 21.05 33.32
C LEU D 471 96.87 21.37 34.66
N SER D 472 97.38 22.59 34.76
CA SER D 472 98.05 23.06 35.97
C SER D 472 97.19 22.88 37.22
N GLY D 473 95.95 23.35 37.16
CA GLY D 473 95.06 23.32 38.31
C GLY D 473 94.19 22.09 38.43
N SER D 474 93.01 22.28 39.04
CA SER D 474 92.06 21.20 39.31
C SER D 474 91.21 20.81 38.12
N ILE D 475 91.19 19.52 37.80
CA ILE D 475 90.40 19.06 36.67
C ILE D 475 88.93 19.11 37.02
N SER D 476 88.60 18.80 38.27
CA SER D 476 87.25 18.96 38.77
C SER D 476 86.75 20.37 38.53
N GLU D 477 87.45 21.33 39.11
CA GLU D 477 87.09 22.74 39.01
C GLU D 477 86.93 23.20 37.57
N ARG D 478 87.69 22.60 36.65
CA ARG D 478 87.57 22.96 35.23
C ARG D 478 86.21 22.55 34.70
N ILE D 479 85.89 21.27 34.83
CA ILE D 479 84.69 20.74 34.22
C ILE D 479 83.44 21.32 34.88
N VAL D 480 83.56 21.79 36.11
CA VAL D 480 82.50 22.57 36.74
C VAL D 480 82.28 23.92 36.04
N ASP D 481 83.37 24.64 35.80
CA ASP D 481 83.34 25.93 35.13
C ASP D 481 83.12 25.77 33.63
N CYS D 482 83.19 24.53 33.16
CA CYS D 482 83.11 24.24 31.74
C CYS D 482 81.68 23.93 31.36
N ILE D 483 80.85 23.78 32.38
CA ILE D 483 79.47 23.36 32.25
C ILE D 483 78.60 24.49 32.73
N ILE D 484 79.12 25.24 33.67
CA ILE D 484 78.35 26.25 34.36
C ILE D 484 78.49 27.64 33.76
N ARG D 485 79.67 27.99 33.26
CA ARG D 485 79.93 29.34 32.78
C ARG D 485 80.40 29.39 31.33
N LEU D 486 81.31 28.49 30.96
CA LEU D 486 81.92 28.52 29.64
C LEU D 486 81.02 27.89 28.59
N PRO D 487 81.07 28.41 27.37
CA PRO D 487 80.36 27.87 26.21
C PRO D 487 80.88 26.49 25.83
N VAL D 488 80.21 25.87 24.87
CA VAL D 488 80.61 24.56 24.39
C VAL D 488 80.85 24.70 22.92
N LYS D 489 82.11 24.77 22.53
CA LYS D 489 82.44 24.82 21.12
C LYS D 489 82.51 23.41 20.58
N TRP D 490 81.35 22.82 20.34
CA TRP D 490 81.27 21.37 20.17
C TRP D 490 82.19 20.81 19.08
N GLU D 491 82.29 21.49 17.95
CA GLU D 491 83.11 20.96 16.89
C GLU D 491 84.59 21.03 17.23
N THR D 492 85.03 22.11 17.86
CA THR D 492 86.44 22.24 18.25
C THR D 492 86.79 21.27 19.38
N THR D 493 85.79 20.90 20.19
CA THR D 493 86.01 19.97 21.30
C THR D 493 85.91 18.52 20.81
N THR D 494 85.43 18.35 19.59
CA THR D 494 85.47 17.05 18.94
C THR D 494 86.50 17.11 17.82
N GLN D 495 87.66 17.66 18.16
CA GLN D 495 88.77 17.83 17.23
C GLN D 495 89.29 16.49 16.70
N PHE D 496 89.35 15.50 17.59
CA PHE D 496 89.98 14.20 17.33
C PHE D 496 89.59 13.53 16.04
N LYS D 497 90.41 12.58 15.63
CA LYS D 497 90.11 11.75 14.48
C LYS D 497 89.89 10.32 14.95
N ALA D 498 88.87 9.67 14.38
CA ALA D 498 88.48 8.33 14.79
C ALA D 498 87.66 7.64 13.72
N THR D 499 87.52 6.34 13.83
CA THR D 499 86.68 5.58 12.90
C THR D 499 85.25 5.65 13.39
N HIS D 500 85.11 5.55 14.71
CA HIS D 500 83.83 5.31 15.34
C HIS D 500 83.61 6.14 16.60
N ILE D 501 82.42 6.74 16.71
CA ILE D 501 82.01 7.45 17.90
C ILE D 501 80.83 6.71 18.57
N LEU D 502 80.93 6.39 19.86
CA LEU D 502 79.86 5.74 20.61
C LEU D 502 79.10 6.70 21.54
N ASP D 503 77.78 6.81 21.33
CA ASP D 503 76.93 7.73 22.10
C ASP D 503 76.21 7.06 23.25
N PHE D 504 76.66 7.32 24.47
CA PHE D 504 76.06 6.73 25.66
C PHE D 504 75.08 7.70 26.29
N GLY D 505 75.06 8.92 25.76
CA GLY D 505 74.31 10.02 26.35
C GLY D 505 72.85 9.92 26.03
N PRO D 506 72.04 10.75 26.70
CA PRO D 506 70.58 10.67 26.72
C PRO D 506 69.91 10.88 25.37
N GLY D 507 68.92 10.04 25.06
CA GLY D 507 67.93 10.36 24.04
C GLY D 507 68.05 9.76 22.65
N GLY D 508 68.23 8.45 22.56
CA GLY D 508 68.25 7.77 21.27
C GLY D 508 68.79 8.60 20.11
N ALA D 509 68.03 8.65 19.01
CA ALA D 509 68.48 9.37 17.81
C ALA D 509 68.24 10.88 17.90
N SER D 510 67.69 11.32 19.02
CA SER D 510 67.45 12.74 19.26
C SER D 510 68.60 13.29 20.05
N GLY D 511 69.61 12.42 20.28
CA GLY D 511 70.71 12.69 21.19
C GLY D 511 71.97 13.20 20.53
N LEU D 512 73.06 13.24 21.30
CA LEU D 512 74.30 13.89 20.86
C LEU D 512 75.00 13.22 19.67
N GLY D 513 74.90 11.90 19.60
CA GLY D 513 75.53 11.16 18.52
C GLY D 513 75.17 11.65 17.13
N VAL D 514 73.87 11.71 16.85
CA VAL D 514 73.42 12.09 15.52
C VAL D 514 73.82 13.53 15.20
N LEU D 515 73.79 14.40 16.21
CA LEU D 515 74.21 15.79 16.04
C LEU D 515 75.66 15.84 15.56
N THR D 516 76.54 15.16 16.28
CA THR D 516 77.94 15.14 15.90
C THR D 516 78.07 14.45 14.55
N HIS D 517 77.27 13.43 14.30
CA HIS D 517 77.33 12.77 13.00
C HIS D 517 77.11 13.71 11.83
N ARG D 518 76.04 14.50 11.91
CA ARG D 518 75.73 15.40 10.81
C ARG D 518 76.79 16.52 10.69
N ASN D 519 77.55 16.75 11.75
CA ASN D 519 78.69 17.66 11.70
C ASN D 519 79.80 17.09 10.81
N LYS D 520 79.96 15.77 10.84
CA LYS D 520 81.11 15.11 10.22
C LYS D 520 80.80 14.44 8.88
N ASP D 521 79.56 14.01 8.71
CA ASP D 521 79.12 13.27 7.53
C ASP D 521 80.23 12.68 6.65
N GLY D 522 80.72 13.48 5.70
CA GLY D 522 81.60 12.95 4.67
C GLY D 522 83.03 12.56 5.03
N THR D 523 83.37 12.57 6.31
CA THR D 523 84.78 12.40 6.72
C THR D 523 85.17 11.02 7.25
N GLY D 524 84.33 10.01 7.04
CA GLY D 524 84.68 8.65 7.43
C GLY D 524 84.44 8.29 8.89
N VAL D 525 83.92 9.24 9.66
CA VAL D 525 83.50 8.97 11.03
C VAL D 525 82.12 8.32 11.01
N ARG D 526 81.92 7.33 11.89
CA ARG D 526 80.68 6.57 11.89
C ARG D 526 80.06 6.49 13.30
N VAL D 527 79.04 7.31 13.55
CA VAL D 527 78.45 7.36 14.87
C VAL D 527 77.54 6.16 15.13
N ILE D 528 77.56 5.66 16.36
CA ILE D 528 76.64 4.62 16.80
C ILE D 528 75.90 5.02 18.08
N VAL D 529 74.57 5.07 18.00
CA VAL D 529 73.75 5.40 19.15
C VAL D 529 73.69 4.20 20.07
N ALA D 530 74.33 4.30 21.23
CA ALA D 530 74.54 3.13 22.06
C ALA D 530 73.33 2.76 22.93
N GLY D 531 72.41 3.71 23.11
CA GLY D 531 71.32 3.53 24.06
C GLY D 531 69.95 3.18 23.48
N THR D 532 69.88 2.91 22.18
CA THR D 532 68.60 2.63 21.55
C THR D 532 68.67 1.51 20.52
N LEU D 533 67.88 0.46 20.70
CA LEU D 533 67.77 -0.59 19.69
C LEU D 533 66.63 -0.30 18.72
N ASP D 534 66.91 0.44 17.68
CA ASP D 534 65.92 0.80 16.68
C ASP D 534 66.52 0.52 15.31
N ILE D 535 65.97 1.12 14.27
CA ILE D 535 66.49 0.92 12.92
C ILE D 535 66.55 2.20 12.09
N ASN D 536 67.68 2.40 11.42
CA ASN D 536 67.86 3.56 10.56
C ASN D 536 67.66 3.15 9.12
N PRO D 537 66.61 3.70 8.48
CA PRO D 537 66.28 3.45 7.07
C PRO D 537 67.42 3.88 6.13
N ASP D 538 68.28 4.76 6.59
CA ASP D 538 69.32 5.34 5.74
C ASP D 538 70.66 4.65 5.95
N ASP D 539 70.85 4.06 7.12
CA ASP D 539 72.16 3.59 7.58
C ASP D 539 73.11 4.78 7.69
N ASP D 540 72.50 5.97 7.74
CA ASP D 540 73.16 7.22 8.07
C ASP D 540 74.13 7.01 9.25
N TYR D 541 73.61 6.39 10.31
CA TYR D 541 74.41 6.01 11.46
C TYR D 541 73.93 4.64 11.91
N GLY D 542 74.33 4.22 13.09
CA GLY D 542 74.00 2.89 13.56
C GLY D 542 73.41 2.94 14.95
N PHE D 543 72.65 1.89 15.29
CA PHE D 543 72.04 1.81 16.61
C PHE D 543 72.72 0.75 17.48
N LYS D 544 72.15 0.56 18.67
CA LYS D 544 72.68 -0.33 19.71
C LYS D 544 73.31 -1.62 19.21
N GLN D 545 72.77 -2.17 18.13
CA GLN D 545 73.21 -3.48 17.64
C GLN D 545 74.68 -3.57 17.26
N GLU D 546 75.16 -2.64 16.43
CA GLU D 546 76.51 -2.72 15.90
C GLU D 546 77.57 -2.95 16.97
N ILE D 547 77.38 -2.31 18.12
CA ILE D 547 78.29 -2.42 19.25
C ILE D 547 78.51 -3.87 19.69
N PHE D 548 77.60 -4.76 19.30
CA PHE D 548 77.66 -6.14 19.79
C PHE D 548 77.71 -7.22 18.70
N ASP D 549 77.49 -6.83 17.44
CA ASP D 549 77.36 -7.82 16.36
C ASP D 549 78.65 -8.57 16.03
N VAL D 550 78.49 -9.85 15.71
CA VAL D 550 79.61 -10.73 15.42
C VAL D 550 79.94 -10.79 13.92
N THR D 551 78.91 -10.68 13.08
CA THR D 551 79.09 -10.68 11.62
C THR D 551 79.93 -9.49 11.17
N SER D 552 80.42 -9.56 9.94
CA SER D 552 81.02 -8.41 9.28
C SER D 552 79.99 -7.27 9.17
N ASN D 553 78.76 -7.59 9.57
CA ASN D 553 77.63 -6.67 9.56
C ASN D 553 77.72 -5.67 10.71
N GLY D 554 78.58 -5.98 11.68
CA GLY D 554 78.81 -5.11 12.83
C GLY D 554 79.99 -4.17 12.64
N LEU D 555 80.71 -4.36 11.54
CA LEU D 555 81.78 -3.44 11.15
C LEU D 555 81.39 -2.66 9.90
N LYS D 556 80.67 -1.56 10.12
CA LYS D 556 80.30 -0.65 9.05
C LYS D 556 81.15 0.61 9.21
N LYS D 557 81.47 1.26 8.09
CA LYS D 557 82.20 2.54 8.10
C LYS D 557 81.52 3.52 7.15
N ASN D 558 81.44 4.79 7.57
CA ASN D 558 80.82 5.82 6.75
C ASN D 558 81.72 6.25 5.60
N PRO D 559 81.13 6.34 4.40
CA PRO D 559 81.88 6.73 3.20
C PRO D 559 82.71 8.00 3.44
N ASN D 560 83.73 8.21 2.62
CA ASN D 560 84.58 9.38 2.74
C ASN D 560 84.86 10.04 1.40
N TRP D 561 83.80 10.53 0.75
CA TRP D 561 83.94 11.17 -0.55
C TRP D 561 85.40 11.33 -0.95
N LEU D 562 86.05 12.36 -0.41
CA LEU D 562 87.45 12.62 -0.72
C LEU D 562 88.13 11.39 -1.30
N GLU D 563 88.14 10.31 -0.53
CA GLU D 563 88.77 9.07 -0.98
C GLU D 563 87.86 8.32 -1.95
N GLU D 564 86.64 8.03 -1.51
CA GLU D 564 85.67 7.32 -2.34
C GLU D 564 85.74 7.80 -3.79
N TYR D 565 85.52 9.10 -3.99
CA TYR D 565 85.54 9.69 -5.32
C TYR D 565 86.77 10.58 -5.50
N HIS D 566 87.94 9.97 -5.57
CA HIS D 566 89.19 10.71 -5.73
C HIS D 566 89.76 10.51 -7.12
N PRO D 567 89.73 11.56 -7.94
CA PRO D 567 90.27 11.49 -9.31
C PRO D 567 91.47 10.54 -9.40
N LYS D 568 91.69 10.00 -10.59
CA LYS D 568 92.81 9.07 -10.80
C LYS D 568 93.19 9.00 -12.28
N LEU D 569 94.41 8.52 -12.54
CA LEU D 569 94.90 8.41 -13.90
C LEU D 569 95.03 6.93 -14.24
N ILE D 570 95.02 6.61 -15.52
CA ILE D 570 95.03 5.22 -15.94
C ILE D 570 95.40 5.09 -17.42
N LYS D 571 96.03 3.97 -17.78
CA LYS D 571 96.65 3.83 -19.09
C LYS D 571 96.01 2.78 -19.96
N ASN D 572 95.75 3.17 -21.20
CA ASN D 572 95.33 2.31 -22.29
C ASN D 572 96.44 1.31 -22.59
N LYS D 573 96.17 0.24 -23.35
CA LYS D 573 97.28 -0.57 -23.82
C LYS D 573 98.12 0.26 -24.81
N SER D 574 97.44 0.88 -25.78
CA SER D 574 98.09 1.87 -26.64
C SER D 574 98.74 3.00 -25.83
N GLY D 575 98.58 2.94 -24.52
CA GLY D 575 99.21 3.91 -23.65
C GLY D 575 98.60 5.28 -23.76
N LYS D 576 97.28 5.37 -23.81
CA LYS D 576 96.64 6.64 -23.64
C LYS D 576 96.36 6.85 -22.16
N ILE D 577 96.31 8.12 -21.74
CA ILE D 577 95.99 8.40 -20.35
C ILE D 577 94.58 8.94 -20.23
N PHE D 578 93.90 8.52 -19.18
CA PHE D 578 92.52 8.91 -18.90
C PHE D 578 92.40 9.41 -17.48
N VAL D 579 91.62 10.48 -17.28
CA VAL D 579 91.23 10.90 -15.95
C VAL D 579 90.09 10.01 -15.46
N GLU D 580 90.43 9.00 -14.66
CA GLU D 580 89.48 7.98 -14.21
C GLU D 580 88.52 8.52 -13.15
N THR D 581 87.23 8.57 -13.48
CA THR D 581 86.17 8.87 -12.52
C THR D 581 85.02 7.90 -12.75
N LYS D 582 83.96 8.00 -11.93
CA LYS D 582 82.82 7.10 -12.03
C LYS D 582 82.23 7.15 -13.42
N PHE D 583 82.26 8.35 -14.00
CA PHE D 583 81.71 8.62 -15.31
C PHE D 583 82.56 7.94 -16.40
N SER D 584 83.78 8.42 -16.59
CA SER D 584 84.68 7.93 -17.65
C SER D 584 84.95 6.43 -17.56
N LYS D 585 84.91 5.91 -16.34
CA LYS D 585 85.08 4.49 -16.09
C LYS D 585 83.99 3.69 -16.83
N LEU D 586 82.80 4.27 -16.95
CA LEU D 586 81.70 3.64 -17.68
C LEU D 586 81.83 3.86 -19.19
N ILE D 587 81.99 5.13 -19.56
CA ILE D 587 81.94 5.55 -20.96
C ILE D 587 83.22 5.26 -21.78
N GLY D 588 84.35 5.14 -21.10
CA GLY D 588 85.63 4.83 -21.74
C GLY D 588 86.23 5.98 -22.52
N ARG D 589 85.93 7.20 -22.11
CA ARG D 589 86.46 8.41 -22.74
C ARG D 589 86.66 9.44 -21.65
N PRO D 590 87.26 10.59 -22.01
CA PRO D 590 87.39 11.67 -21.02
C PRO D 590 86.05 12.06 -20.40
N PRO D 591 86.03 12.36 -19.08
CA PRO D 591 84.84 12.77 -18.33
C PRO D 591 84.40 14.19 -18.68
N LEU D 592 84.31 14.48 -19.96
CA LEU D 592 83.92 15.80 -20.45
C LEU D 592 82.96 15.67 -21.63
N LEU D 593 81.94 16.52 -21.66
CA LEU D 593 80.89 16.44 -22.67
C LEU D 593 80.33 17.80 -23.13
N VAL D 594 80.08 17.90 -24.44
CA VAL D 594 79.36 19.01 -25.03
C VAL D 594 77.89 18.68 -24.84
N PRO D 595 77.22 19.40 -23.92
CA PRO D 595 75.80 19.16 -23.63
C PRO D 595 74.99 19.56 -24.84
N GLY D 596 73.81 18.98 -25.00
CA GLY D 596 72.97 19.30 -26.12
C GLY D 596 72.71 20.78 -26.07
N MET D 597 72.74 21.43 -27.23
CA MET D 597 72.42 22.85 -27.33
C MET D 597 71.74 23.05 -28.67
N THR D 598 70.66 23.82 -28.67
CA THR D 598 69.82 23.88 -29.85
C THR D 598 70.56 24.38 -31.08
N PRO D 599 70.83 25.69 -31.14
CA PRO D 599 71.44 26.11 -32.41
C PRO D 599 72.73 25.34 -32.67
N CYS D 600 73.54 25.16 -31.63
CA CYS D 600 74.90 24.64 -31.76
C CYS D 600 75.00 23.13 -32.05
N THR D 601 74.28 22.34 -31.27
CA THR D 601 74.35 20.89 -31.34
C THR D 601 73.37 20.32 -32.35
N VAL D 602 72.56 21.18 -32.95
CA VAL D 602 71.63 20.73 -33.98
C VAL D 602 72.37 20.13 -35.17
N SER D 603 73.52 20.71 -35.54
CA SER D 603 74.27 20.33 -36.73
C SER D 603 74.93 18.96 -36.61
N PRO D 604 74.57 18.04 -37.50
CA PRO D 604 75.12 16.67 -37.48
C PRO D 604 76.62 16.75 -37.69
N ASP D 605 77.06 17.73 -38.46
CA ASP D 605 78.48 17.97 -38.70
C ASP D 605 79.24 18.13 -37.38
N PHE D 606 78.83 19.11 -36.58
CA PHE D 606 79.50 19.42 -35.31
C PHE D 606 79.41 18.28 -34.27
N VAL D 607 78.32 17.51 -34.28
CA VAL D 607 78.20 16.42 -33.31
C VAL D 607 79.12 15.29 -33.76
N ALA D 608 79.26 15.14 -35.07
CA ALA D 608 80.22 14.18 -35.60
C ALA D 608 81.62 14.62 -35.21
N ALA D 609 82.04 15.79 -35.70
CA ALA D 609 83.38 16.31 -35.43
C ALA D 609 83.76 16.16 -33.96
N THR D 610 82.86 16.58 -33.07
CA THR D 610 83.13 16.58 -31.64
C THR D 610 83.27 15.17 -31.11
N THR D 611 82.47 14.27 -31.67
CA THR D 611 82.45 12.92 -31.18
C THR D 611 83.67 12.19 -31.76
N ASN D 612 84.07 12.61 -32.96
CA ASN D 612 85.24 12.05 -33.65
C ASN D 612 86.52 12.50 -32.96
N ALA D 613 86.49 13.69 -32.39
CA ALA D 613 87.60 14.17 -31.59
C ALA D 613 87.66 13.41 -30.27
N GLY D 614 86.83 12.37 -30.16
CA GLY D 614 86.86 11.44 -29.05
C GLY D 614 86.10 11.92 -27.82
N TYR D 615 85.09 12.76 -28.03
CA TYR D 615 84.31 13.27 -26.91
C TYR D 615 82.80 13.05 -27.04
N THR D 616 82.20 12.86 -25.88
CA THR D 616 80.77 12.63 -25.78
C THR D 616 80.00 13.95 -26.05
N ILE D 617 79.09 13.91 -27.02
CA ILE D 617 78.22 15.05 -27.33
C ILE D 617 76.75 14.63 -27.50
N GLU D 618 75.82 15.49 -27.09
CA GLU D 618 74.38 15.22 -27.18
C GLU D 618 73.74 15.95 -28.37
N LEU D 619 73.24 15.22 -29.37
CA LEU D 619 72.52 15.81 -30.52
C LEU D 619 71.21 16.53 -30.14
N ALA D 620 71.15 17.82 -30.42
CA ALA D 620 70.06 18.69 -29.95
C ALA D 620 68.72 18.38 -30.61
N GLY D 621 67.75 18.03 -29.78
CA GLY D 621 66.43 17.74 -30.28
C GLY D 621 65.75 19.02 -30.66
N GLY D 622 66.10 20.10 -29.96
CA GLY D 622 65.47 21.38 -30.18
C GLY D 622 65.32 21.81 -31.62
N GLY D 623 66.11 21.26 -32.53
CA GLY D 623 66.12 21.71 -33.91
C GLY D 623 65.45 20.77 -34.89
N TYR D 624 64.80 19.76 -34.36
CA TYR D 624 64.13 18.81 -35.21
C TYR D 624 62.65 18.74 -34.85
N PHE D 625 61.82 18.42 -35.83
CA PHE D 625 60.39 18.55 -35.63
C PHE D 625 59.54 17.36 -36.04
N SER D 626 60.19 16.33 -36.57
CA SER D 626 59.52 15.10 -36.93
C SER D 626 60.50 13.96 -36.85
N ALA D 627 60.02 12.76 -36.60
CA ALA D 627 60.89 11.60 -36.59
C ALA D 627 61.73 11.56 -37.87
N ALA D 628 61.10 11.91 -38.99
CA ALA D 628 61.75 11.81 -40.29
C ALA D 628 62.93 12.76 -40.43
N GLY D 629 62.78 13.97 -39.90
CA GLY D 629 63.80 14.98 -40.05
C GLY D 629 65.01 14.72 -39.19
N MET D 630 64.78 14.17 -38.00
CA MET D 630 65.86 13.82 -37.09
C MET D 630 66.53 12.54 -37.51
N THR D 631 65.74 11.64 -38.09
CA THR D 631 66.27 10.42 -38.66
C THR D 631 67.28 10.80 -39.73
N ALA D 632 67.00 11.91 -40.42
CA ALA D 632 67.90 12.45 -41.44
C ALA D 632 69.27 12.77 -40.88
N ALA D 633 69.29 13.42 -39.73
CA ALA D 633 70.52 13.88 -39.11
C ALA D 633 71.26 12.74 -38.45
N ILE D 634 70.56 12.00 -37.60
CA ILE D 634 71.13 10.83 -36.94
C ILE D 634 71.88 9.94 -37.92
N ASP D 635 71.36 9.84 -39.13
CA ASP D 635 71.98 9.04 -40.17
C ASP D 635 73.20 9.73 -40.79
N SER D 636 73.12 11.05 -40.87
CA SER D 636 74.26 11.85 -41.29
C SER D 636 75.37 11.74 -40.25
N VAL D 637 75.02 11.95 -38.99
CA VAL D 637 75.97 11.83 -37.91
C VAL D 637 76.67 10.49 -37.99
N VAL D 638 75.89 9.42 -38.14
CA VAL D 638 76.48 8.09 -38.20
C VAL D 638 77.42 7.92 -39.37
N SER D 639 77.04 8.46 -40.51
CA SER D 639 77.89 8.42 -41.69
C SER D 639 79.28 9.03 -41.47
N GLN D 640 79.38 10.02 -40.58
CA GLN D 640 80.63 10.76 -40.40
C GLN D 640 81.43 10.26 -39.21
N ILE D 641 80.72 9.67 -38.25
CA ILE D 641 81.33 9.15 -37.04
C ILE D 641 82.08 7.85 -37.43
N GLU D 642 83.06 7.43 -36.63
CA GLU D 642 83.84 6.25 -36.98
C GLU D 642 83.07 4.99 -36.63
N LYS D 643 83.54 3.83 -37.11
CA LYS D 643 82.90 2.56 -36.72
C LYS D 643 82.96 2.36 -35.21
N GLY D 644 81.94 1.73 -34.65
CA GLY D 644 81.91 1.45 -33.22
C GLY D 644 81.83 2.67 -32.32
N SER D 645 81.59 3.84 -32.91
CA SER D 645 81.50 5.08 -32.13
C SER D 645 80.05 5.36 -31.72
N THR D 646 79.87 6.31 -30.80
CA THR D 646 78.53 6.61 -30.29
C THR D 646 78.27 8.06 -29.91
N PHE D 647 77.00 8.41 -29.86
CA PHE D 647 76.56 9.72 -29.39
C PHE D 647 75.23 9.60 -28.66
N GLY D 648 74.60 10.73 -28.40
CA GLY D 648 73.39 10.74 -27.60
C GLY D 648 72.41 11.77 -28.07
N ILE D 649 71.23 11.76 -27.49
CA ILE D 649 70.17 12.67 -27.92
C ILE D 649 69.58 13.44 -26.77
N ASN D 650 69.49 14.76 -26.97
CA ASN D 650 68.91 15.70 -26.01
C ASN D 650 67.48 16.08 -26.39
N LEU D 651 66.51 15.70 -25.56
CA LEU D 651 65.11 16.04 -25.81
C LEU D 651 64.60 16.94 -24.68
N ILE D 652 63.58 17.75 -24.97
CA ILE D 652 63.04 18.71 -23.99
C ILE D 652 61.70 18.26 -23.41
N TYR D 653 61.58 18.30 -22.10
CA TYR D 653 60.37 17.82 -21.44
C TYR D 653 59.22 18.77 -21.68
N VAL D 654 59.51 20.07 -21.62
CA VAL D 654 58.52 21.11 -21.83
C VAL D 654 57.98 21.16 -23.27
N ASN D 655 58.40 20.21 -24.10
CA ASN D 655 57.89 20.10 -25.47
C ASN D 655 57.29 18.73 -25.75
N PRO D 656 56.02 18.54 -25.36
CA PRO D 656 55.38 17.23 -25.40
C PRO D 656 55.22 16.72 -26.81
N PHE D 657 55.34 17.63 -27.80
CA PHE D 657 55.25 17.21 -29.19
C PHE D 657 56.50 16.45 -29.63
N MET D 658 57.65 17.11 -29.49
CA MET D 658 58.93 16.50 -29.80
C MET D 658 59.06 15.18 -29.04
N LEU D 659 58.69 15.23 -27.76
CA LEU D 659 58.80 14.10 -26.86
C LEU D 659 57.94 12.93 -27.33
N GLN D 660 57.02 13.21 -28.23
CA GLN D 660 56.03 12.22 -28.65
C GLN D 660 56.45 11.46 -29.93
N TRP D 661 57.18 12.14 -30.82
CA TRP D 661 57.72 11.48 -32.01
C TRP D 661 59.16 11.05 -31.74
N GLY D 662 59.75 11.64 -30.71
CA GLY D 662 61.14 11.41 -30.38
C GLY D 662 61.39 10.10 -29.65
N ILE D 663 60.79 9.96 -28.47
CA ILE D 663 60.98 8.76 -27.67
C ILE D 663 60.84 7.47 -28.49
N PRO D 664 59.74 7.33 -29.23
CA PRO D 664 59.57 6.32 -30.28
C PRO D 664 60.71 6.25 -31.29
N LEU D 665 61.04 7.36 -31.94
CA LEU D 665 62.11 7.37 -32.94
C LEU D 665 63.40 6.83 -32.35
N ILE D 666 63.66 7.18 -31.10
CA ILE D 666 64.80 6.64 -30.36
C ILE D 666 64.68 5.12 -30.20
N LYS D 667 63.53 4.64 -29.72
CA LYS D 667 63.36 3.22 -29.48
C LYS D 667 63.40 2.43 -30.77
N GLU D 668 62.69 2.93 -31.78
CA GLU D 668 62.69 2.29 -33.09
C GLU D 668 64.11 2.24 -33.65
N LEU D 669 64.90 3.23 -33.29
CA LEU D 669 66.23 3.35 -33.84
C LEU D 669 67.18 2.37 -33.14
N ARG D 670 67.09 2.32 -31.81
CA ARG D 670 67.91 1.40 -31.03
C ARG D 670 67.64 -0.04 -31.45
N SER D 671 66.38 -0.36 -31.69
CA SER D 671 66.00 -1.71 -32.08
C SER D 671 66.70 -2.13 -33.37
N LYS D 672 66.99 -1.16 -34.22
CA LYS D 672 67.70 -1.41 -35.47
C LYS D 672 69.19 -1.49 -35.23
N GLY D 673 69.61 -1.12 -34.02
CA GLY D 673 71.00 -1.19 -33.62
C GLY D 673 71.77 0.10 -33.78
N TYR D 674 71.08 1.22 -33.64
CA TYR D 674 71.71 2.53 -33.82
C TYR D 674 72.69 2.86 -32.70
N PRO D 675 73.81 3.50 -33.07
CA PRO D 675 74.95 3.85 -32.22
C PRO D 675 74.62 4.98 -31.26
N ILE D 676 73.33 5.27 -31.11
CA ILE D 676 72.88 6.32 -30.21
C ILE D 676 72.62 5.69 -28.86
N GLN D 677 73.59 5.79 -27.95
CA GLN D 677 73.48 5.05 -26.70
C GLN D 677 73.43 5.90 -25.42
N PHE D 678 72.64 6.97 -25.46
CA PHE D 678 72.13 7.59 -24.24
C PHE D 678 71.16 8.71 -24.53
N LEU D 679 70.18 8.89 -23.65
CA LEU D 679 69.21 9.96 -23.77
C LEU D 679 69.34 10.93 -22.61
N THR D 680 69.41 12.21 -22.93
CA THR D 680 69.34 13.27 -21.93
C THR D 680 68.04 14.05 -22.05
N ILE D 681 67.46 14.40 -20.90
CA ILE D 681 66.22 15.13 -20.88
C ILE D 681 66.38 16.47 -20.17
N GLY D 682 66.11 17.54 -20.92
CA GLY D 682 66.21 18.90 -20.43
C GLY D 682 64.87 19.55 -20.17
N ALA D 683 64.90 20.66 -19.43
CA ALA D 683 63.72 21.47 -19.14
C ALA D 683 62.88 20.95 -17.97
N GLY D 684 63.13 19.71 -17.58
CA GLY D 684 62.45 19.14 -16.43
C GLY D 684 62.78 17.67 -16.19
N VAL D 685 62.54 17.22 -14.96
CA VAL D 685 62.73 15.82 -14.60
C VAL D 685 61.42 15.04 -14.67
N PRO D 686 61.34 14.05 -15.58
CA PRO D 686 60.20 13.15 -15.74
C PRO D 686 59.72 12.54 -14.42
N SER D 687 58.49 12.05 -14.36
CA SER D 687 58.01 11.42 -13.14
C SER D 687 58.43 9.96 -13.14
N LEU D 688 58.34 9.34 -11.97
CA LEU D 688 58.88 7.99 -11.81
C LEU D 688 58.39 7.00 -12.87
N GLU D 689 57.10 7.06 -13.22
CA GLU D 689 56.56 6.14 -14.22
C GLU D 689 56.99 6.53 -15.64
N VAL D 690 57.20 7.83 -15.87
CA VAL D 690 57.60 8.33 -17.18
C VAL D 690 59.06 7.99 -17.43
N ALA D 691 59.84 8.12 -16.38
CA ALA D 691 61.27 7.89 -16.42
C ALA D 691 61.52 6.40 -16.60
N SER D 692 60.90 5.62 -15.72
CA SER D 692 61.00 4.17 -15.75
C SER D 692 60.73 3.69 -17.17
N GLU D 693 59.73 4.30 -17.80
CA GLU D 693 59.43 4.03 -19.20
C GLU D 693 60.67 4.17 -20.07
N TYR D 694 61.30 5.34 -20.03
CA TYR D 694 62.46 5.62 -20.86
C TYR D 694 63.56 4.57 -20.65
N ILE D 695 63.87 4.33 -19.38
CA ILE D 695 64.92 3.39 -18.96
C ILE D 695 64.74 1.98 -19.53
N GLU D 696 63.58 1.37 -19.30
CA GLU D 696 63.33 -0.01 -19.74
C GLU D 696 62.87 -0.17 -21.19
N THR D 697 62.19 0.84 -21.72
CA THR D 697 61.67 0.79 -23.08
C THR D 697 62.78 0.98 -24.11
N LEU D 698 63.48 2.12 -24.01
CA LEU D 698 64.58 2.46 -24.90
C LEU D 698 65.83 1.66 -24.57
N GLY D 699 66.56 1.24 -25.60
CA GLY D 699 67.75 0.44 -25.39
C GLY D 699 68.97 1.29 -25.09
N LEU D 700 68.93 1.98 -23.96
CA LEU D 700 69.93 2.99 -23.67
C LEU D 700 70.93 2.57 -22.60
N LYS D 701 72.19 2.95 -22.79
CA LYS D 701 73.24 2.57 -21.85
C LYS D 701 73.14 3.37 -20.55
N TYR D 702 72.70 4.61 -20.66
CA TYR D 702 72.45 5.46 -19.50
C TYR D 702 71.52 6.62 -19.85
N LEU D 703 70.85 7.17 -18.83
CA LEU D 703 69.89 8.27 -19.01
C LEU D 703 70.39 9.52 -18.31
N GLY D 704 70.25 10.67 -18.98
CA GLY D 704 70.77 11.93 -18.49
C GLY D 704 69.70 12.87 -18.02
N LEU D 705 69.75 13.24 -16.74
CA LEU D 705 68.75 14.12 -16.15
C LEU D 705 69.33 15.48 -15.81
N LYS D 706 68.54 16.54 -15.92
CA LYS D 706 69.10 17.88 -15.72
C LYS D 706 68.43 18.71 -14.62
N PRO D 707 68.44 18.22 -13.37
CA PRO D 707 67.82 18.98 -12.27
C PRO D 707 68.31 20.41 -12.22
N GLY D 708 67.49 21.29 -11.66
CA GLY D 708 67.85 22.68 -11.53
C GLY D 708 67.36 23.20 -10.19
N SER D 709 66.63 22.34 -9.49
CA SER D 709 66.08 22.68 -8.18
C SER D 709 66.54 21.66 -7.15
N ILE D 710 66.55 22.05 -5.88
CA ILE D 710 66.87 21.13 -4.80
C ILE D 710 65.84 19.99 -4.78
N ASP D 711 64.59 20.33 -5.05
CA ASP D 711 63.54 19.32 -5.16
C ASP D 711 63.76 18.47 -6.39
N ALA D 712 64.17 19.10 -7.49
CA ALA D 712 64.39 18.42 -8.75
C ALA D 712 65.45 17.36 -8.59
N ILE D 713 66.55 17.71 -7.94
CA ILE D 713 67.62 16.77 -7.60
C ILE D 713 67.03 15.59 -6.83
N SER D 714 66.30 15.91 -5.78
CA SER D 714 65.67 14.89 -4.96
C SER D 714 64.78 13.98 -5.80
N GLN D 715 64.23 14.51 -6.89
CA GLN D 715 63.43 13.70 -7.80
C GLN D 715 64.30 12.64 -8.49
N VAL D 716 65.43 13.09 -9.02
CA VAL D 716 66.38 12.23 -9.70
C VAL D 716 66.87 11.12 -8.79
N ILE D 717 67.16 11.47 -7.54
CA ILE D 717 67.52 10.46 -6.53
C ILE D 717 66.45 9.36 -6.47
N ASN D 718 65.19 9.73 -6.65
CA ASN D 718 64.11 8.74 -6.61
C ASN D 718 64.01 7.90 -7.88
N ILE D 719 64.27 8.51 -9.03
CA ILE D 719 64.36 7.77 -10.29
C ILE D 719 65.55 6.82 -10.19
N ALA D 720 66.47 7.14 -9.29
CA ALA D 720 67.69 6.36 -9.09
C ALA D 720 67.43 5.07 -8.34
N LYS D 721 66.83 5.18 -7.15
CA LYS D 721 66.38 4.02 -6.38
C LYS D 721 65.52 3.15 -7.28
N ALA D 722 64.77 3.80 -8.18
CA ALA D 722 63.91 3.11 -9.14
C ALA D 722 64.58 1.90 -9.77
N HIS D 723 65.76 2.09 -10.35
CA HIS D 723 66.50 1.02 -11.00
C HIS D 723 67.96 1.16 -10.62
N PRO D 724 68.32 0.64 -9.44
CA PRO D 724 69.63 0.84 -8.80
C PRO D 724 70.79 0.38 -9.68
N ASN D 725 70.50 -0.46 -10.66
CA ASN D 725 71.53 -1.03 -11.51
C ASN D 725 71.66 -0.27 -12.81
N PHE D 726 71.08 0.92 -12.87
CA PHE D 726 71.10 1.69 -14.11
C PHE D 726 71.86 3.01 -13.97
N PRO D 727 72.77 3.26 -14.90
CA PRO D 727 73.54 4.50 -14.91
C PRO D 727 72.66 5.69 -15.19
N ILE D 728 72.66 6.66 -14.26
CA ILE D 728 71.98 7.92 -14.44
C ILE D 728 72.97 9.07 -14.30
N ALA D 729 73.17 9.82 -15.37
CA ALA D 729 73.99 11.02 -15.32
C ALA D 729 73.22 12.26 -14.82
N LEU D 730 73.33 12.55 -13.53
CA LEU D 730 72.75 13.75 -12.95
C LEU D 730 73.58 14.96 -13.32
N GLN D 731 73.21 15.62 -14.42
CA GLN D 731 73.88 16.84 -14.86
C GLN D 731 73.37 18.04 -14.09
N TRP D 732 74.02 18.34 -12.98
CA TRP D 732 73.69 19.51 -12.17
C TRP D 732 74.19 20.78 -12.85
N THR D 733 73.26 21.50 -13.45
CA THR D 733 73.55 22.77 -14.05
C THR D 733 73.31 23.85 -12.99
N GLY D 734 73.69 25.08 -13.28
CA GLY D 734 73.48 26.17 -12.34
C GLY D 734 72.57 27.24 -12.90
N GLY D 735 72.51 28.39 -12.22
CA GLY D 735 71.73 29.49 -12.71
C GLY D 735 72.53 30.39 -13.64
N ARG D 736 73.84 30.18 -13.68
CA ARG D 736 74.75 31.02 -14.44
C ARG D 736 75.08 30.47 -15.83
N GLY D 737 74.25 29.54 -16.29
CA GLY D 737 74.50 28.88 -17.57
C GLY D 737 74.02 29.69 -18.76
N GLY D 738 74.20 29.16 -19.96
CA GLY D 738 73.73 29.81 -21.16
C GLY D 738 72.33 29.37 -21.50
N GLY D 739 71.63 30.15 -22.32
CA GLY D 739 70.29 29.79 -22.78
C GLY D 739 69.26 29.77 -21.67
N HIS D 740 68.45 28.70 -21.62
CA HIS D 740 67.52 28.48 -20.53
C HIS D 740 68.22 28.80 -19.21
N HIS D 741 67.48 29.14 -18.19
CA HIS D 741 68.08 29.72 -17.01
C HIS D 741 67.69 29.00 -15.73
N SER D 742 67.68 29.76 -14.62
CA SER D 742 67.35 29.24 -13.31
C SER D 742 67.69 30.35 -12.34
N PHE D 743 66.89 30.50 -11.29
CA PHE D 743 67.17 31.53 -10.30
C PHE D 743 68.11 30.98 -9.24
N GLU D 744 68.64 29.78 -9.49
CA GLU D 744 69.39 29.04 -8.50
C GLU D 744 70.88 29.27 -8.52
N ASP D 745 71.49 29.25 -7.34
CA ASP D 745 72.94 29.35 -7.20
C ASP D 745 73.60 28.04 -7.64
N ALA D 746 74.86 28.12 -8.09
CA ALA D 746 75.55 26.95 -8.59
C ALA D 746 76.19 26.06 -7.49
N HIS D 747 76.36 26.60 -6.28
CA HIS D 747 77.05 25.86 -5.22
C HIS D 747 76.13 25.35 -4.12
N THR D 748 75.19 26.20 -3.70
CA THR D 748 74.29 25.89 -2.59
C THR D 748 73.57 24.54 -2.70
N PRO D 749 72.87 24.31 -3.81
CA PRO D 749 72.12 23.06 -4.07
C PRO D 749 72.98 21.80 -3.97
N MET D 750 74.18 21.88 -4.55
CA MET D 750 75.09 20.74 -4.65
C MET D 750 75.71 20.49 -3.30
N LEU D 751 76.14 21.58 -2.69
CA LEU D 751 76.69 21.59 -1.34
C LEU D 751 75.71 20.95 -0.36
N GLN D 752 74.43 20.97 -0.72
CA GLN D 752 73.35 20.62 0.21
C GLN D 752 72.79 19.23 -0.05
N MET D 753 72.89 18.81 -1.30
CA MET D 753 72.35 17.53 -1.74
C MET D 753 73.43 16.47 -1.84
N TYR D 754 74.68 16.90 -1.90
CA TYR D 754 75.77 16.01 -2.27
C TYR D 754 75.75 14.68 -1.52
N SER D 755 75.56 14.72 -0.19
CA SER D 755 75.66 13.49 0.61
C SER D 755 74.65 12.43 0.18
N LYS D 756 73.41 12.87 -0.04
CA LYS D 756 72.32 11.99 -0.45
C LYS D 756 72.49 11.46 -1.88
N ILE D 757 72.89 12.34 -2.78
CA ILE D 757 73.23 11.97 -4.15
C ILE D 757 74.26 10.83 -4.15
N ARG D 758 75.20 10.90 -3.21
CA ARG D 758 76.33 10.00 -3.13
C ARG D 758 76.03 8.66 -2.46
N ARG D 759 74.82 8.48 -1.95
CA ARG D 759 74.47 7.16 -1.42
C ARG D 759 73.76 6.33 -2.45
N HIS D 760 73.81 6.78 -3.71
CA HIS D 760 73.31 5.99 -4.83
C HIS D 760 74.38 5.85 -5.89
N PRO D 761 75.00 4.66 -5.94
CA PRO D 761 76.11 4.28 -6.81
C PRO D 761 75.79 4.39 -8.29
N ASN D 762 74.52 4.44 -8.65
CA ASN D 762 74.15 4.55 -10.06
C ASN D 762 74.13 5.98 -10.58
N ILE D 763 74.25 6.97 -9.68
CA ILE D 763 74.31 8.39 -10.04
C ILE D 763 75.74 8.87 -10.36
N MET D 764 75.93 9.24 -11.62
CA MET D 764 77.18 9.81 -12.09
C MET D 764 77.08 11.35 -12.03
N LEU D 765 77.62 11.95 -10.98
CA LEU D 765 77.43 13.38 -10.72
C LEU D 765 78.26 14.24 -11.66
N ILE D 766 77.61 15.15 -12.38
CA ILE D 766 78.33 15.96 -13.36
C ILE D 766 78.05 17.45 -13.19
N PHE D 767 79.08 18.20 -12.84
CA PHE D 767 78.95 19.65 -12.64
C PHE D 767 79.01 20.36 -13.98
N GLY D 768 78.10 21.29 -14.21
CA GLY D 768 78.12 22.09 -15.42
C GLY D 768 77.79 23.54 -15.16
N SER D 769 78.03 24.39 -16.16
CA SER D 769 77.68 25.82 -16.11
C SER D 769 78.76 26.74 -15.52
N GLY D 770 79.30 27.62 -16.36
CA GLY D 770 80.29 28.58 -15.93
C GLY D 770 81.73 28.15 -16.20
N PHE D 771 81.90 26.98 -16.81
CA PHE D 771 83.24 26.42 -17.03
C PHE D 771 83.75 26.65 -18.45
N GLY D 772 85.07 26.75 -18.59
CA GLY D 772 85.68 27.03 -19.89
C GLY D 772 87.04 26.40 -20.09
N SER D 773 87.75 26.14 -19.00
CA SER D 773 89.10 25.59 -19.10
C SER D 773 89.28 24.43 -18.15
N ALA D 774 90.39 23.72 -18.29
CA ALA D 774 90.72 22.65 -17.36
C ALA D 774 91.02 23.24 -15.98
N ASP D 775 91.38 24.52 -15.97
CA ASP D 775 91.97 25.11 -14.79
C ASP D 775 90.94 25.46 -13.71
N ASP D 776 89.88 26.15 -14.11
CA ASP D 776 88.82 26.57 -13.19
C ASP D 776 87.94 25.38 -12.81
N THR D 777 88.02 24.35 -13.65
CA THR D 777 87.19 23.19 -13.52
C THR D 777 87.84 22.20 -12.55
N TYR D 778 89.16 22.28 -12.45
CA TYR D 778 89.95 21.31 -11.67
C TYR D 778 89.52 21.12 -10.20
N PRO D 779 89.28 22.22 -9.47
CA PRO D 779 88.98 22.08 -8.03
C PRO D 779 87.70 21.28 -7.79
N TYR D 780 86.80 21.28 -8.78
CA TYR D 780 85.55 20.53 -8.68
C TYR D 780 85.81 19.05 -8.93
N LEU D 781 86.99 18.73 -9.44
CA LEU D 781 87.38 17.36 -9.67
C LEU D 781 88.13 16.83 -8.45
N THR D 782 89.08 17.62 -7.93
CA THR D 782 89.77 17.33 -6.67
C THR D 782 88.75 17.14 -5.56
N GLY D 783 87.65 17.88 -5.66
CA GLY D 783 86.67 17.94 -4.59
C GLY D 783 86.99 19.09 -3.64
N GLU D 784 87.94 19.93 -4.05
CA GLU D 784 88.45 20.97 -3.18
C GLU D 784 87.58 22.20 -3.14
N TRP D 785 86.74 22.35 -4.18
CA TRP D 785 85.83 23.49 -4.27
C TRP D 785 84.99 23.68 -3.00
N SER D 786 84.45 22.58 -2.47
CA SER D 786 83.50 22.63 -1.36
C SER D 786 84.15 23.09 -0.06
N THR D 787 85.47 23.26 -0.12
CA THR D 787 86.26 23.64 1.04
C THR D 787 86.09 25.12 1.43
N LYS D 788 85.98 25.99 0.42
CA LYS D 788 85.72 27.40 0.63
C LYS D 788 84.53 27.61 1.62
N PHE D 789 83.61 26.65 1.63
CA PHE D 789 82.40 26.76 2.46
C PHE D 789 82.44 25.87 3.70
N ASP D 790 83.65 25.52 4.16
CA ASP D 790 83.81 24.74 5.39
C ASP D 790 83.11 23.38 5.34
N TYR D 791 83.12 22.79 4.15
CA TYR D 791 82.54 21.46 3.92
C TYR D 791 83.63 20.47 3.54
N PRO D 792 83.43 19.20 3.90
CA PRO D 792 84.37 18.14 3.51
C PRO D 792 84.59 18.15 2.00
N PRO D 793 85.76 17.68 1.54
CA PRO D 793 86.00 17.60 0.10
C PRO D 793 84.86 16.88 -0.61
N MET D 794 84.42 17.45 -1.72
CA MET D 794 83.20 17.01 -2.40
C MET D 794 83.42 16.87 -3.91
N PRO D 795 84.10 15.79 -4.33
CA PRO D 795 84.59 15.52 -5.70
C PRO D 795 83.51 15.18 -6.74
N PHE D 796 83.70 15.63 -7.99
CA PHE D 796 82.76 15.34 -9.08
C PHE D 796 83.32 14.40 -10.14
N ASP D 797 82.43 13.85 -10.96
CA ASP D 797 82.74 12.75 -11.88
C ASP D 797 82.88 13.19 -13.33
N GLY D 798 82.68 14.47 -13.60
CA GLY D 798 82.73 14.95 -14.97
C GLY D 798 82.22 16.36 -15.11
N PHE D 799 82.40 16.95 -16.28
CA PHE D 799 82.02 18.34 -16.49
C PHE D 799 81.48 18.57 -17.89
N LEU D 800 80.44 19.42 -18.00
CA LEU D 800 79.92 19.77 -19.32
C LEU D 800 80.20 21.24 -19.64
N PHE D 801 80.47 21.49 -20.92
CA PHE D 801 80.87 22.82 -21.38
C PHE D 801 79.91 23.23 -22.50
N GLY D 802 79.03 24.17 -22.18
CA GLY D 802 78.04 24.60 -23.14
C GLY D 802 78.52 25.80 -23.91
N SER D 803 78.77 26.87 -23.19
CA SER D 803 79.16 28.11 -23.83
C SER D 803 80.54 28.01 -24.44
N ARG D 804 81.50 27.49 -23.66
CA ARG D 804 82.90 27.44 -24.09
C ARG D 804 83.13 26.93 -25.53
N VAL D 805 82.22 26.12 -26.05
CA VAL D 805 82.41 25.48 -27.34
C VAL D 805 81.82 26.27 -28.54
N MET D 806 81.03 27.31 -28.26
CA MET D 806 80.26 28.03 -29.27
C MET D 806 81.10 28.77 -30.31
N ILE D 807 82.41 28.76 -30.11
CA ILE D 807 83.33 29.47 -30.98
C ILE D 807 84.14 28.50 -31.82
N ALA D 808 84.17 27.23 -31.39
CA ALA D 808 84.94 26.16 -32.04
C ALA D 808 84.89 26.23 -33.57
N LYS D 809 85.97 25.81 -34.22
CA LYS D 809 86.05 25.92 -35.67
C LYS D 809 84.88 25.24 -36.35
N GLU D 810 84.31 24.25 -35.67
CA GLU D 810 83.34 23.36 -36.29
C GLU D 810 81.86 23.53 -35.89
N VAL D 811 81.55 24.48 -34.99
CA VAL D 811 80.15 24.86 -34.81
C VAL D 811 79.71 25.76 -35.96
N LYS D 812 78.41 25.76 -36.25
CA LYS D 812 77.90 26.52 -37.38
C LYS D 812 77.70 28.01 -37.08
N THR D 813 78.02 28.42 -35.85
CA THR D 813 77.98 29.82 -35.45
C THR D 813 78.63 30.69 -36.54
N SER D 814 77.90 31.71 -36.98
CA SER D 814 78.38 32.54 -38.08
C SER D 814 79.61 33.35 -37.67
N PRO D 815 80.46 33.68 -38.65
CA PRO D 815 81.68 34.47 -38.49
C PRO D 815 81.50 35.66 -37.54
N ASP D 816 80.64 36.60 -37.93
CA ASP D 816 80.38 37.79 -37.13
C ASP D 816 79.80 37.48 -35.75
N ALA D 817 79.19 36.31 -35.64
CA ALA D 817 78.60 35.88 -34.38
C ALA D 817 79.67 35.34 -33.42
N LYS D 818 80.61 34.55 -33.94
CA LYS D 818 81.73 34.08 -33.14
C LYS D 818 82.50 35.28 -32.61
N LYS D 819 82.76 36.24 -33.50
CA LYS D 819 83.44 37.49 -33.14
C LYS D 819 82.69 38.20 -32.01
N CYS D 820 81.36 38.24 -32.10
CA CYS D 820 80.51 38.85 -31.07
C CYS D 820 80.65 38.13 -29.70
N ILE D 821 80.56 36.81 -29.73
CA ILE D 821 80.67 35.98 -28.54
C ILE D 821 81.98 36.16 -27.77
N ALA D 822 83.08 36.14 -28.50
CA ALA D 822 84.40 36.24 -27.89
C ALA D 822 84.46 37.50 -27.06
N ALA D 823 84.34 38.62 -27.76
CA ALA D 823 84.50 39.97 -27.20
C ALA D 823 83.63 40.27 -25.99
N CYS D 824 82.73 39.37 -25.64
CA CYS D 824 82.04 39.47 -24.38
C CYS D 824 83.00 39.14 -23.24
N THR D 825 83.26 40.17 -22.44
CA THR D 825 83.95 40.02 -21.17
C THR D 825 83.04 39.18 -20.28
N GLY D 826 83.59 38.17 -19.64
CA GLY D 826 82.77 37.37 -18.74
C GLY D 826 82.42 38.13 -17.48
N VAL D 827 82.09 37.36 -16.44
CA VAL D 827 81.90 37.90 -15.10
C VAL D 827 82.00 36.71 -14.15
N PRO D 828 82.70 36.87 -13.02
CA PRO D 828 82.77 35.86 -11.97
C PRO D 828 81.39 35.42 -11.48
N ASP D 829 81.29 34.22 -10.90
CA ASP D 829 80.06 33.78 -10.22
C ASP D 829 79.68 34.83 -9.18
N ASP D 830 80.70 35.57 -8.73
CA ASP D 830 80.54 36.72 -7.85
C ASP D 830 79.38 37.65 -8.26
N LYS D 831 79.18 37.81 -9.58
CA LYS D 831 78.27 38.85 -10.08
C LYS D 831 77.42 38.45 -11.29
N TRP D 832 76.96 37.20 -11.34
CA TRP D 832 76.13 36.80 -12.45
C TRP D 832 74.70 37.28 -12.24
N GLU D 833 74.29 37.45 -10.99
CA GLU D 833 72.93 37.86 -10.66
C GLU D 833 72.47 39.10 -11.42
N GLN D 834 73.42 39.90 -11.88
CA GLN D 834 73.14 41.18 -12.52
C GLN D 834 72.61 41.04 -13.94
N THR D 835 72.59 39.82 -14.47
CA THR D 835 72.04 39.59 -15.79
C THR D 835 70.57 39.93 -15.79
N TYR D 836 69.94 39.80 -14.63
CA TYR D 836 68.51 40.05 -14.47
C TYR D 836 68.14 41.52 -14.66
N LYS D 837 69.13 42.41 -14.52
CA LYS D 837 68.89 43.85 -14.60
C LYS D 837 69.65 44.55 -15.72
N LYS D 838 70.95 44.73 -15.54
CA LYS D 838 71.79 45.34 -16.57
C LYS D 838 72.42 44.28 -17.46
N PRO D 839 72.99 44.73 -18.61
CA PRO D 839 73.94 43.87 -19.29
C PRO D 839 75.16 43.67 -18.41
N THR D 840 75.61 42.43 -18.28
CA THR D 840 76.66 42.08 -17.35
C THR D 840 77.66 41.19 -18.05
N GLY D 841 78.82 41.75 -18.37
CA GLY D 841 79.79 41.07 -19.20
C GLY D 841 79.27 40.87 -20.61
N GLY D 842 78.43 41.80 -21.07
CA GLY D 842 77.84 41.72 -22.39
C GLY D 842 76.81 40.61 -22.46
N ILE D 843 75.77 40.25 -21.48
CA ILE D 843 74.78 39.20 -21.45
C ILE D 843 73.62 39.58 -20.53
N VAL D 844 72.41 39.56 -21.08
CA VAL D 844 71.20 39.81 -20.30
C VAL D 844 70.29 38.61 -20.32
N THR D 845 69.42 38.51 -19.32
CA THR D 845 68.32 37.56 -19.38
C THR D 845 67.14 38.25 -20.03
N VAL D 846 66.27 37.45 -20.62
CA VAL D 846 65.15 37.93 -21.41
C VAL D 846 64.19 36.75 -21.38
N ARG D 847 62.89 37.01 -21.39
CA ARG D 847 61.93 35.93 -21.26
C ARG D 847 61.37 35.43 -22.59
N SER D 848 61.24 34.10 -22.72
CA SER D 848 60.68 33.49 -23.91
C SER D 848 59.19 33.78 -24.01
N GLU D 849 58.57 33.32 -25.09
CA GLU D 849 57.15 33.54 -25.28
C GLU D 849 56.36 32.93 -24.13
N MET D 850 56.97 31.95 -23.46
CA MET D 850 56.31 31.24 -22.37
C MET D 850 56.62 31.83 -20.99
N GLY D 851 57.53 32.80 -20.92
CA GLY D 851 57.82 33.51 -19.68
C GLY D 851 58.97 32.96 -18.83
N GLU D 852 59.62 31.93 -19.34
CA GLU D 852 60.81 31.36 -18.68
C GLU D 852 62.05 32.15 -19.08
N PRO D 853 63.01 32.30 -18.14
CA PRO D 853 64.19 33.13 -18.38
C PRO D 853 65.12 32.56 -19.46
N ILE D 854 65.71 33.41 -20.28
CA ILE D 854 66.69 32.97 -21.27
C ILE D 854 67.95 33.85 -21.22
N HIS D 855 69.12 33.22 -21.19
CA HIS D 855 70.36 33.97 -21.21
C HIS D 855 70.84 34.26 -22.63
N LYS D 856 70.80 35.54 -23.00
CA LYS D 856 71.17 35.94 -24.36
C LYS D 856 72.27 36.99 -24.40
N ILE D 857 73.05 36.95 -25.47
CA ILE D 857 74.03 37.98 -25.76
C ILE D 857 73.25 39.28 -25.94
N ALA D 858 73.72 40.36 -25.34
CA ALA D 858 72.91 41.58 -25.22
C ALA D 858 72.90 42.49 -26.46
N THR D 859 72.62 41.91 -27.62
CA THR D 859 72.59 42.68 -28.86
C THR D 859 71.43 43.67 -28.88
N ARG D 860 71.42 44.56 -29.86
CA ARG D 860 70.36 45.55 -29.99
C ARG D 860 68.97 44.92 -30.05
N GLY D 861 68.82 43.91 -30.89
CA GLY D 861 67.55 43.21 -31.04
C GLY D 861 67.13 42.61 -29.73
N VAL D 862 68.07 42.01 -29.01
CA VAL D 862 67.78 41.35 -27.75
C VAL D 862 67.31 42.35 -26.70
N MET D 863 67.87 43.56 -26.75
CA MET D 863 67.56 44.60 -25.78
C MET D 863 66.22 45.25 -26.09
N LEU D 864 65.85 45.25 -27.37
CA LEU D 864 64.51 45.65 -27.77
C LEU D 864 63.52 44.63 -27.24
N TRP D 865 63.80 43.36 -27.54
CA TRP D 865 63.06 42.23 -27.03
C TRP D 865 62.89 42.34 -25.51
N LYS D 866 63.93 42.79 -24.82
CA LYS D 866 63.87 42.99 -23.38
C LYS D 866 62.98 44.17 -23.02
N GLU D 867 63.08 45.24 -23.79
CA GLU D 867 62.28 46.43 -23.52
C GLU D 867 60.79 46.13 -23.73
N PHE D 868 60.46 45.51 -24.84
CA PHE D 868 59.10 45.06 -25.10
C PHE D 868 58.65 44.09 -24.02
N ASP D 869 59.60 43.31 -23.53
CA ASP D 869 59.35 42.35 -22.47
C ASP D 869 58.87 43.09 -21.22
N GLU D 870 59.37 44.31 -21.05
CA GLU D 870 59.11 45.11 -19.85
C GLU D 870 57.94 46.08 -20.05
N THR D 871 57.66 46.42 -21.30
CA THR D 871 56.68 47.46 -21.63
C THR D 871 55.36 46.95 -22.19
N ILE D 872 55.46 46.28 -23.34
CA ILE D 872 54.31 45.82 -24.10
C ILE D 872 53.78 44.47 -23.62
N PHE D 873 54.65 43.46 -23.69
CA PHE D 873 54.27 42.09 -23.31
C PHE D 873 53.92 42.04 -21.84
N ASN D 874 54.56 42.91 -21.08
CA ASN D 874 54.30 43.06 -19.66
C ASN D 874 52.81 43.17 -19.34
N LEU D 875 52.13 44.09 -20.05
CA LEU D 875 50.76 44.52 -19.75
C LEU D 875 49.71 43.42 -19.82
N PRO D 876 48.62 43.58 -19.05
CA PRO D 876 47.43 42.73 -19.09
C PRO D 876 46.88 42.62 -20.50
N LYS D 877 46.29 41.48 -20.87
CA LYS D 877 45.78 41.29 -22.24
C LYS D 877 44.67 42.31 -22.57
N ASN D 878 44.26 43.06 -21.56
CA ASN D 878 43.29 44.12 -21.73
C ASN D 878 43.93 45.41 -22.24
N LYS D 879 45.14 45.69 -21.76
CA LYS D 879 45.86 46.90 -22.14
C LYS D 879 46.72 46.72 -23.39
N LEU D 880 46.74 45.52 -23.94
CA LEU D 880 47.66 45.19 -25.03
C LEU D 880 47.43 46.09 -26.24
N VAL D 881 46.28 45.90 -26.89
CA VAL D 881 46.01 46.52 -28.19
C VAL D 881 46.02 48.06 -28.21
N PRO D 882 45.59 48.69 -27.10
CA PRO D 882 45.69 50.15 -26.97
C PRO D 882 47.14 50.61 -26.89
N THR D 883 47.97 49.95 -26.07
CA THR D 883 49.39 50.32 -25.92
C THR D 883 50.14 50.18 -27.24
N LEU D 884 49.77 49.15 -28.01
CA LEU D 884 50.36 48.91 -29.33
C LEU D 884 50.08 50.07 -30.27
N GLU D 885 48.82 50.49 -30.33
CA GLU D 885 48.42 51.56 -31.23
C GLU D 885 49.06 52.89 -30.85
N ALA D 886 49.21 53.12 -29.54
CA ALA D 886 49.79 54.36 -29.06
C ALA D 886 51.31 54.37 -29.21
N LYS D 887 51.86 53.27 -29.71
CA LYS D 887 53.30 53.16 -29.91
C LYS D 887 53.62 52.66 -31.30
N ARG D 888 52.58 52.45 -32.09
CA ARG D 888 52.73 51.86 -33.42
C ARG D 888 53.92 52.43 -34.19
N ASP D 889 54.05 53.75 -34.19
CA ASP D 889 55.16 54.40 -34.91
C ASP D 889 56.51 53.98 -34.34
N TYR D 890 56.63 54.08 -33.03
CA TYR D 890 57.85 53.70 -32.31
C TYR D 890 58.19 52.22 -32.51
N ILE D 891 57.27 51.35 -32.08
CA ILE D 891 57.37 49.90 -32.29
C ILE D 891 57.81 49.54 -33.72
N ILE D 892 57.12 50.08 -34.71
CA ILE D 892 57.43 49.81 -36.12
C ILE D 892 58.83 50.31 -36.49
N SER D 893 59.30 51.35 -35.82
CA SER D 893 60.61 51.93 -36.13
C SER D 893 61.75 51.10 -35.55
N ARG D 894 61.57 50.73 -34.29
CA ARG D 894 62.55 49.94 -33.56
C ARG D 894 62.71 48.53 -34.14
N LEU D 895 61.65 48.01 -34.75
CA LEU D 895 61.75 46.75 -35.47
C LEU D 895 62.71 46.93 -36.63
N ASN D 896 62.43 47.93 -37.45
CA ASN D 896 63.20 48.21 -38.64
C ASN D 896 64.67 48.53 -38.36
N ALA D 897 64.97 48.98 -37.15
CA ALA D 897 66.35 49.36 -36.84
C ALA D 897 67.19 48.26 -36.20
N ASP D 898 66.63 47.57 -35.20
CA ASP D 898 67.43 46.77 -34.28
C ASP D 898 67.06 45.29 -34.19
N PHE D 899 66.02 44.86 -34.90
CA PHE D 899 65.55 43.49 -34.72
C PHE D 899 65.72 42.65 -35.99
N GLN D 900 65.76 41.33 -35.83
CA GLN D 900 66.00 40.39 -36.93
C GLN D 900 64.74 40.15 -37.77
N LYS D 901 63.60 40.53 -37.20
CA LYS D 901 62.37 40.59 -37.96
C LYS D 901 61.98 42.04 -38.16
N PRO D 902 62.14 42.53 -39.39
CA PRO D 902 61.74 43.90 -39.72
C PRO D 902 60.22 44.01 -39.72
N TRP D 903 59.71 45.23 -39.76
CA TRP D 903 58.31 45.45 -40.06
C TRP D 903 58.12 45.29 -41.57
N PHE D 904 57.25 44.19 -41.92
CA PHE D 904 57.19 43.81 -43.34
C PHE D 904 56.81 44.96 -44.26
N ALA D 905 55.71 45.62 -43.93
CA ALA D 905 55.18 46.71 -44.75
C ALA D 905 56.00 47.98 -44.61
N THR D 906 57.32 47.85 -44.69
CA THR D 906 58.16 49.00 -44.90
C THR D 906 58.80 48.93 -46.32
N VAL D 907 58.43 49.87 -47.17
CA VAL D 907 58.86 49.88 -48.56
C VAL D 907 59.94 50.94 -48.74
N ASN D 908 61.09 50.54 -49.26
CA ASN D 908 62.31 51.36 -49.25
C ASN D 908 62.40 52.38 -48.10
N GLY D 909 62.46 51.88 -46.87
CA GLY D 909 62.66 52.73 -45.72
C GLY D 909 61.41 53.46 -45.27
N GLN D 910 60.51 53.68 -46.23
CA GLN D 910 59.21 54.27 -45.97
C GLN D 910 58.31 53.36 -45.11
N ALA D 911 58.05 53.78 -43.87
CA ALA D 911 57.14 53.01 -43.02
C ALA D 911 55.73 53.09 -43.58
N ARG D 912 55.00 52.00 -43.51
CA ARG D 912 53.59 52.01 -43.88
C ARG D 912 52.90 50.71 -43.50
N ASP D 913 51.61 50.61 -43.79
CA ASP D 913 50.83 49.45 -43.37
C ASP D 913 50.59 48.51 -44.54
N LEU D 914 50.13 47.29 -44.24
CA LEU D 914 49.99 46.25 -45.25
C LEU D 914 48.85 46.57 -46.23
N ALA D 915 47.86 47.31 -45.78
CA ALA D 915 46.76 47.70 -46.67
C ALA D 915 47.09 48.94 -47.48
N THR D 916 48.29 49.49 -47.27
CA THR D 916 48.77 50.64 -48.04
C THR D 916 50.03 50.31 -48.86
N MET D 917 50.15 49.03 -49.24
CA MET D 917 51.13 48.59 -50.22
C MET D 917 50.40 48.18 -51.49
N THR D 918 51.10 48.16 -52.62
CA THR D 918 50.51 47.62 -53.82
C THR D 918 50.96 46.17 -53.99
N TYR D 919 50.25 45.44 -54.84
CA TYR D 919 50.60 44.05 -55.10
C TYR D 919 52.06 43.91 -55.54
N GLU D 920 52.55 44.87 -56.30
CA GLU D 920 53.95 44.84 -56.71
C GLU D 920 54.86 44.99 -55.48
N GLU D 921 54.67 46.07 -54.73
CA GLU D 921 55.47 46.37 -53.54
C GLU D 921 55.59 45.18 -52.58
N VAL D 922 54.51 44.41 -52.47
CA VAL D 922 54.49 43.24 -51.61
C VAL D 922 55.30 42.08 -52.19
N ALA D 923 55.08 41.77 -53.47
CA ALA D 923 55.87 40.77 -54.16
C ALA D 923 57.36 41.09 -54.13
N LYS D 924 57.70 42.36 -54.31
CA LYS D 924 59.10 42.80 -54.29
C LYS D 924 59.68 42.78 -52.89
N ARG D 925 58.84 43.09 -51.90
CA ARG D 925 59.24 43.00 -50.51
C ARG D 925 59.41 41.52 -50.10
N LEU D 926 58.57 40.65 -50.65
CA LEU D 926 58.65 39.22 -50.36
C LEU D 926 59.98 38.68 -50.84
N VAL D 927 60.30 38.95 -52.10
CA VAL D 927 61.56 38.52 -52.69
C VAL D 927 62.74 39.12 -51.93
N GLU D 928 62.59 40.37 -51.54
CA GLU D 928 63.63 41.08 -50.81
C GLU D 928 64.06 40.39 -49.51
N LEU D 929 63.10 39.82 -48.80
CA LEU D 929 63.33 39.35 -47.45
C LEU D 929 63.46 37.83 -47.33
N MET D 930 63.14 37.11 -48.39
CA MET D 930 63.11 35.66 -48.36
C MET D 930 64.08 35.06 -49.35
N PHE D 931 64.33 35.78 -50.45
CA PHE D 931 65.29 35.34 -51.45
C PHE D 931 66.63 35.92 -51.11
N ILE D 932 67.55 35.05 -50.72
CA ILE D 932 68.89 35.47 -50.39
C ILE D 932 69.70 35.68 -51.66
N ARG D 933 70.05 36.95 -51.89
CA ARG D 933 70.66 37.39 -53.14
C ARG D 933 72.04 36.79 -53.34
N SER D 934 72.83 36.82 -52.27
CA SER D 934 74.24 36.38 -52.27
C SER D 934 74.48 34.91 -52.63
N THR D 935 73.50 34.06 -52.32
CA THR D 935 73.57 32.64 -52.61
C THR D 935 72.61 32.29 -53.76
N ASN D 936 72.10 33.32 -54.42
CA ASN D 936 71.06 33.20 -55.43
C ASN D 936 70.11 32.04 -55.16
N SER D 937 69.49 32.10 -53.98
CA SER D 937 68.66 31.01 -53.51
C SER D 937 67.55 31.49 -52.58
N TRP D 938 66.39 30.85 -52.70
CA TRP D 938 65.33 31.05 -51.73
C TRP D 938 65.73 30.37 -50.43
N PHE D 939 65.91 31.15 -49.38
CA PHE D 939 66.39 30.58 -48.12
C PHE D 939 65.55 29.41 -47.60
N ASP D 940 64.29 29.34 -47.98
CA ASP D 940 63.47 28.17 -47.66
C ASP D 940 62.42 27.94 -48.74
N VAL D 941 62.20 26.68 -49.08
CA VAL D 941 61.31 26.35 -50.16
C VAL D 941 59.88 26.80 -49.88
N THR D 942 59.45 26.74 -48.62
CA THR D 942 58.13 27.26 -48.26
C THR D 942 58.00 28.76 -48.58
N TRP D 943 59.08 29.53 -48.41
CA TRP D 943 59.05 30.96 -48.72
C TRP D 943 58.99 31.21 -50.21
N ARG D 944 59.48 30.27 -51.01
CA ARG D 944 59.33 30.39 -52.46
C ARG D 944 57.90 30.01 -52.81
N THR D 945 57.44 28.93 -52.18
CA THR D 945 56.06 28.49 -52.27
C THR D 945 55.09 29.61 -51.91
N PHE D 946 55.41 30.35 -50.86
CA PHE D 946 54.58 31.46 -50.35
C PHE D 946 54.33 32.52 -51.41
N THR D 947 55.42 33.11 -51.91
CA THR D 947 55.34 34.19 -52.88
C THR D 947 54.73 33.73 -54.21
N GLY D 948 54.86 32.45 -54.50
CA GLY D 948 54.16 31.88 -55.64
C GLY D 948 52.66 31.93 -55.42
N ASP D 949 52.20 31.38 -54.30
CA ASP D 949 50.79 31.46 -53.95
C ASP D 949 50.29 32.90 -54.03
N PHE D 950 51.13 33.85 -53.65
CA PHE D 950 50.75 35.27 -53.69
C PHE D 950 50.60 35.82 -55.12
N LEU D 951 51.60 35.55 -55.97
CA LEU D 951 51.56 35.98 -57.36
C LEU D 951 50.39 35.35 -58.12
N ARG D 952 50.06 34.13 -57.72
CA ARG D 952 48.99 33.37 -58.33
C ARG D 952 47.71 34.14 -58.02
N ARG D 953 47.61 34.58 -56.78
CA ARG D 953 46.51 35.39 -56.31
C ARG D 953 46.42 36.70 -57.07
N VAL D 954 47.57 37.30 -57.36
CA VAL D 954 47.61 38.54 -58.14
C VAL D 954 46.94 38.31 -59.49
N GLU D 955 47.26 37.18 -60.11
CA GLU D 955 46.66 36.83 -61.38
C GLU D 955 45.16 36.67 -61.24
N GLU D 956 44.76 35.95 -60.19
CA GLU D 956 43.35 35.65 -59.95
C GLU D 956 42.51 36.91 -59.83
N ARG D 957 43.00 37.88 -59.07
CA ARG D 957 42.32 39.16 -58.81
C ARG D 957 42.13 39.98 -60.09
N PHE D 958 43.25 40.21 -60.77
CA PHE D 958 43.32 41.17 -61.87
C PHE D 958 42.91 40.65 -63.26
N THR D 959 42.90 39.35 -63.44
CA THR D 959 42.40 38.79 -64.67
C THR D 959 40.92 39.15 -64.81
N LYS D 960 40.49 39.25 -66.06
CA LYS D 960 39.10 39.58 -66.39
C LYS D 960 38.32 38.31 -66.69
N SER D 961 38.78 37.56 -67.67
CA SER D 961 38.23 36.24 -67.94
C SER D 961 39.15 35.18 -67.35
N LYS D 962 38.87 33.92 -67.64
CA LYS D 962 39.72 32.83 -67.18
C LYS D 962 40.81 32.53 -68.22
N THR D 963 42.06 32.53 -67.78
CA THR D 963 43.15 32.01 -68.59
C THR D 963 44.01 31.15 -67.69
N LEU D 964 45.21 30.84 -68.17
CA LEU D 964 46.12 29.97 -67.45
C LEU D 964 47.31 30.70 -66.87
N SER D 965 47.83 30.18 -65.77
CA SER D 965 48.82 30.88 -64.96
C SER D 965 50.11 31.14 -65.71
N LEU D 966 50.71 32.32 -65.46
CA LEU D 966 52.02 32.65 -65.99
C LEU D 966 53.12 32.08 -65.11
N ILE D 967 52.73 31.61 -63.93
CA ILE D 967 53.64 30.87 -63.08
C ILE D 967 53.17 29.42 -62.99
N GLN D 968 53.37 28.68 -64.07
CA GLN D 968 52.97 27.28 -64.13
C GLN D 968 53.72 26.42 -63.10
N SER D 969 55.03 26.63 -62.98
CA SER D 969 55.80 26.01 -61.91
C SER D 969 56.64 27.02 -61.12
N TYR D 970 56.67 26.87 -59.79
CA TYR D 970 57.32 27.82 -58.91
C TYR D 970 58.83 27.82 -59.06
N SER D 971 59.35 26.84 -59.79
CA SER D 971 60.76 26.83 -60.12
C SER D 971 61.14 28.14 -60.82
N LEU D 972 60.18 28.68 -61.57
CA LEU D 972 60.34 29.90 -62.33
C LEU D 972 60.69 31.08 -61.40
N LEU D 973 60.44 30.88 -60.11
CA LEU D 973 60.74 31.89 -59.11
C LEU D 973 62.22 31.94 -58.75
N ASP D 974 63.00 31.00 -59.28
CA ASP D 974 64.43 30.93 -58.99
C ASP D 974 65.16 32.11 -59.62
N LYS D 975 64.52 32.71 -60.61
CA LYS D 975 64.91 34.00 -61.16
C LYS D 975 63.80 34.96 -60.80
N PRO D 976 63.78 35.44 -59.54
CA PRO D 976 62.64 36.13 -58.94
C PRO D 976 62.25 37.38 -59.69
N ASP D 977 63.25 38.19 -60.00
CA ASP D 977 63.02 39.44 -60.68
C ASP D 977 62.31 39.23 -62.01
N GLU D 978 62.87 38.36 -62.83
CA GLU D 978 62.28 38.03 -64.11
C GLU D 978 60.83 37.53 -63.99
N ALA D 979 60.57 36.70 -62.97
CA ALA D 979 59.24 36.13 -62.73
C ALA D 979 58.24 37.21 -62.39
N ILE D 980 58.59 38.03 -61.40
CA ILE D 980 57.76 39.17 -61.00
C ILE D 980 57.37 40.06 -62.18
N GLU D 981 58.34 40.44 -63.01
CA GLU D 981 58.06 41.28 -64.18
C GLU D 981 57.10 40.59 -65.15
N LYS D 982 57.15 39.27 -65.23
CA LYS D 982 56.28 38.52 -66.13
C LYS D 982 54.83 38.66 -65.68
N VAL D 983 54.60 38.44 -64.38
CA VAL D 983 53.26 38.51 -63.80
C VAL D 983 52.66 39.92 -63.95
N PHE D 984 53.36 40.93 -63.44
CA PHE D 984 52.86 42.29 -63.43
C PHE D 984 52.79 42.96 -64.81
N ASN D 985 53.59 42.49 -65.76
CA ASN D 985 53.45 42.94 -67.15
C ASN D 985 52.05 42.63 -67.65
N ALA D 986 51.60 41.42 -67.35
CA ALA D 986 50.32 40.90 -67.80
C ALA D 986 49.17 41.61 -67.12
N TYR D 987 49.41 42.05 -65.88
CA TYR D 987 48.37 42.66 -65.08
C TYR D 987 48.90 43.97 -64.51
N PRO D 988 49.18 44.94 -65.40
CA PRO D 988 49.93 46.17 -65.08
C PRO D 988 49.21 46.94 -64.00
N ALA D 989 47.89 46.81 -63.99
CA ALA D 989 47.03 47.50 -63.06
C ALA D 989 47.42 47.22 -61.61
N ALA D 990 48.03 46.04 -61.39
CA ALA D 990 48.39 45.57 -60.06
C ALA D 990 49.52 46.35 -59.40
N ARG D 991 50.17 47.21 -60.18
CA ARG D 991 51.27 48.02 -59.69
C ARG D 991 50.73 49.30 -59.07
N GLU D 992 49.50 49.64 -59.44
CA GLU D 992 48.93 50.93 -59.10
C GLU D 992 47.88 50.86 -58.00
N GLN D 993 47.34 49.66 -57.77
CA GLN D 993 46.26 49.51 -56.81
C GLN D 993 46.78 48.94 -55.50
N PHE D 994 46.24 49.44 -54.41
CA PHE D 994 46.58 48.92 -53.10
C PHE D 994 46.03 47.51 -52.99
N LEU D 995 46.60 46.73 -52.07
CA LEU D 995 46.16 45.36 -51.83
C LEU D 995 44.66 45.37 -51.50
N ASN D 996 43.88 44.59 -52.24
CA ASN D 996 42.45 44.45 -51.97
C ASN D 996 42.25 44.04 -50.51
N ALA D 997 41.22 44.59 -49.87
CA ALA D 997 41.01 44.40 -48.44
C ALA D 997 40.98 42.91 -48.07
N GLN D 998 40.43 42.12 -48.97
CA GLN D 998 40.17 40.72 -48.72
C GLN D 998 41.45 39.88 -48.89
N ASP D 999 42.39 40.43 -49.65
CA ASP D 999 43.68 39.78 -49.89
C ASP D 999 44.63 40.03 -48.73
N ILE D 1000 44.39 41.11 -48.00
CA ILE D 1000 45.15 41.35 -46.79
C ILE D 1000 44.92 40.21 -45.80
N ASP D 1001 43.64 39.85 -45.61
CA ASP D 1001 43.29 38.77 -44.72
C ASP D 1001 44.02 37.53 -45.17
N HIS D 1002 43.98 37.30 -46.48
CA HIS D 1002 44.64 36.15 -47.08
C HIS D 1002 46.13 36.07 -46.76
N PHE D 1003 46.88 37.09 -47.17
CA PHE D 1003 48.29 37.21 -46.87
C PHE D 1003 48.64 36.90 -45.41
N LEU D 1004 47.96 37.57 -44.48
CA LEU D 1004 48.13 37.34 -43.05
C LEU D 1004 47.77 35.92 -42.60
N SER D 1005 46.94 35.25 -43.41
CA SER D 1005 46.52 33.88 -43.12
C SER D 1005 47.62 32.89 -43.49
N MET D 1006 48.31 33.19 -44.60
CA MET D 1006 49.45 32.41 -45.07
C MET D 1006 50.62 32.51 -44.11
N CYS D 1007 50.76 33.67 -43.47
CA CYS D 1007 51.79 33.86 -42.49
C CYS D 1007 51.57 32.95 -41.30
N GLN D 1008 50.36 32.42 -41.18
CA GLN D 1008 49.95 31.59 -40.03
C GLN D 1008 49.90 30.10 -40.38
N ASN D 1009 50.14 29.79 -41.64
CA ASN D 1009 50.27 28.43 -42.14
C ASN D 1009 51.37 27.67 -41.42
N PRO D 1010 51.03 26.56 -40.74
CA PRO D 1010 52.09 25.66 -40.27
C PRO D 1010 52.60 24.96 -41.52
N MET D 1011 53.59 24.09 -41.43
CA MET D 1011 54.10 23.52 -42.68
C MET D 1011 54.78 24.59 -43.54
N GLN D 1012 55.32 25.61 -42.88
CA GLN D 1012 56.01 26.71 -43.54
C GLN D 1012 56.96 27.33 -42.54
N LYS D 1013 58.19 27.59 -42.95
CA LYS D 1013 59.10 28.21 -42.00
C LYS D 1013 58.50 29.54 -41.59
N PRO D 1014 58.36 29.75 -40.29
CA PRO D 1014 57.85 31.03 -39.80
C PRO D 1014 58.44 32.18 -40.59
N VAL D 1015 57.55 32.98 -41.17
CA VAL D 1015 57.89 34.17 -41.92
C VAL D 1015 58.88 35.10 -41.18
N PRO D 1016 59.86 35.65 -41.91
CA PRO D 1016 60.98 36.44 -41.35
C PRO D 1016 60.65 37.90 -41.07
N PHE D 1017 59.42 38.20 -40.64
CA PHE D 1017 59.03 39.57 -40.35
C PHE D 1017 57.78 39.71 -39.45
N VAL D 1018 57.33 40.94 -39.26
CA VAL D 1018 56.07 41.20 -38.57
C VAL D 1018 55.07 41.86 -39.56
N PRO D 1019 54.08 41.21 -40.01
CA PRO D 1019 53.14 41.72 -41.01
C PRO D 1019 52.07 42.57 -40.40
N VAL D 1020 51.95 42.53 -39.07
CA VAL D 1020 50.80 43.11 -38.39
C VAL D 1020 51.03 43.46 -36.92
N LEU D 1021 50.70 44.69 -36.54
CA LEU D 1021 50.63 45.03 -35.12
C LEU D 1021 49.26 44.66 -34.52
N ASP D 1022 49.19 43.54 -33.80
CA ASP D 1022 47.93 43.14 -33.17
C ASP D 1022 48.13 42.33 -31.89
N ARG D 1023 47.15 41.49 -31.54
CA ARG D 1023 47.22 40.73 -30.31
C ARG D 1023 48.33 39.69 -30.27
N ARG D 1024 48.54 38.97 -31.37
CA ARG D 1024 49.60 37.96 -31.43
C ARG D 1024 50.95 38.56 -31.81
N PHE D 1025 51.16 39.82 -31.48
CA PHE D 1025 52.43 40.46 -31.82
C PHE D 1025 53.59 39.86 -31.06
N GLU D 1026 53.32 39.22 -29.92
CA GLU D 1026 54.41 38.55 -29.20
C GLU D 1026 54.80 37.25 -29.90
N ILE D 1027 53.80 36.50 -30.35
CA ILE D 1027 54.04 35.30 -31.12
C ILE D 1027 54.77 35.62 -32.44
N PHE D 1028 54.53 36.82 -32.97
CA PHE D 1028 55.13 37.20 -34.24
C PHE D 1028 56.56 37.61 -34.06
N PHE D 1029 56.85 38.09 -32.86
CA PHE D 1029 58.14 38.69 -32.47
C PHE D 1029 59.15 37.61 -32.08
N LYS D 1030 58.73 36.73 -31.18
CA LYS D 1030 59.62 35.75 -30.57
C LYS D 1030 59.59 34.39 -31.28
N LYS D 1031 58.74 34.23 -32.27
CA LYS D 1031 58.62 32.93 -32.93
C LYS D 1031 59.91 32.58 -33.65
N ASP D 1032 60.27 31.30 -33.67
CA ASP D 1032 61.36 30.81 -34.50
C ASP D 1032 62.49 31.85 -34.65
N SER D 1033 63.24 32.08 -33.57
CA SER D 1033 64.22 33.15 -33.55
C SER D 1033 65.57 32.71 -33.01
N LEU D 1034 66.00 31.50 -33.39
CA LEU D 1034 67.29 30.98 -32.92
C LEU D 1034 68.28 30.81 -34.07
N TRP D 1035 67.74 30.73 -35.29
CA TRP D 1035 68.51 30.30 -36.46
C TRP D 1035 69.34 31.36 -37.15
N GLN D 1036 69.19 32.62 -36.73
CA GLN D 1036 69.90 33.70 -37.38
C GLN D 1036 71.37 33.71 -36.99
N SER D 1037 71.67 33.23 -35.78
CA SER D 1037 73.06 33.14 -35.30
C SER D 1037 73.93 32.42 -36.31
N GLU D 1038 73.32 31.54 -37.10
CA GLU D 1038 74.08 30.70 -37.99
C GLU D 1038 73.87 31.02 -39.46
N HIS D 1039 73.07 32.04 -39.76
CA HIS D 1039 72.78 32.38 -41.15
C HIS D 1039 72.57 33.88 -41.37
N LEU D 1040 73.51 34.69 -40.95
CA LEU D 1040 73.31 36.13 -41.03
C LEU D 1040 73.16 36.65 -42.47
N GLU D 1041 73.38 35.76 -43.44
CA GLU D 1041 73.21 36.14 -44.85
C GLU D 1041 71.73 36.41 -45.15
N ALA D 1042 70.87 35.99 -44.24
CA ALA D 1042 69.44 36.15 -44.41
C ALA D 1042 68.89 37.17 -43.40
N VAL D 1043 69.76 37.72 -42.55
CA VAL D 1043 69.34 38.78 -41.63
C VAL D 1043 69.40 40.14 -42.34
N VAL D 1044 68.52 41.06 -41.95
CA VAL D 1044 68.30 42.33 -42.65
C VAL D 1044 69.49 42.80 -43.46
N ASP D 1045 70.59 43.05 -42.77
CA ASP D 1045 71.84 43.31 -43.47
C ASP D 1045 73.01 42.67 -42.73
N GLN D 1046 72.80 41.41 -42.36
CA GLN D 1046 73.85 40.59 -41.77
C GLN D 1046 74.32 41.23 -40.47
N ASP D 1047 73.44 42.00 -39.86
CA ASP D 1047 73.70 42.67 -38.60
C ASP D 1047 73.51 41.71 -37.44
N VAL D 1048 74.61 41.24 -36.85
CA VAL D 1048 74.54 40.32 -35.73
C VAL D 1048 73.80 40.98 -34.60
N GLN D 1049 73.89 42.32 -34.55
CA GLN D 1049 73.33 43.11 -33.47
C GLN D 1049 71.79 43.04 -33.42
N ARG D 1050 71.21 42.43 -34.44
CA ARG D 1050 69.77 42.21 -34.53
C ARG D 1050 69.37 40.84 -34.02
N THR D 1051 70.35 40.07 -33.54
CA THR D 1051 70.19 38.62 -33.45
C THR D 1051 70.23 38.00 -32.04
N CYS D 1052 69.43 36.96 -31.86
CA CYS D 1052 69.46 36.15 -30.65
C CYS D 1052 70.67 35.23 -30.67
N ILE D 1053 71.65 35.53 -29.81
CA ILE D 1053 72.74 34.59 -29.59
C ILE D 1053 72.71 34.10 -28.15
N LEU D 1054 72.75 32.86 -27.64
CA LEU D 1054 72.67 32.36 -26.27
C LEU D 1054 74.06 32.14 -25.71
N HIS D 1055 74.26 32.51 -24.44
CA HIS D 1055 75.57 32.41 -23.82
C HIS D 1055 75.47 32.66 -22.30
N GLY D 1056 76.40 32.07 -21.55
CA GLY D 1056 76.43 32.22 -20.11
C GLY D 1056 77.37 33.33 -19.67
N PRO D 1057 77.01 34.05 -18.60
CA PRO D 1057 77.79 35.18 -18.13
C PRO D 1057 79.14 34.75 -17.58
N VAL D 1058 79.19 33.62 -16.89
CA VAL D 1058 80.43 33.17 -16.25
C VAL D 1058 81.35 32.44 -17.23
N ALA D 1059 80.79 31.58 -18.07
CA ALA D 1059 81.58 30.92 -19.08
C ALA D 1059 82.07 31.89 -20.19
N ALA D 1060 81.59 33.13 -20.15
CA ALA D 1060 81.87 34.09 -21.21
C ALA D 1060 83.31 34.58 -21.17
N GLN D 1061 83.84 34.59 -19.94
CA GLN D 1061 85.17 35.07 -19.65
C GLN D 1061 86.20 34.08 -20.14
N PHE D 1062 85.85 32.80 -20.11
CA PHE D 1062 86.71 31.74 -20.63
C PHE D 1062 86.60 31.57 -22.14
N THR D 1063 85.61 32.20 -22.75
CA THR D 1063 85.42 32.12 -24.20
C THR D 1063 86.06 33.30 -24.90
N LYS D 1064 87.22 33.01 -25.50
CA LYS D 1064 88.13 34.01 -26.05
C LYS D 1064 88.71 33.60 -27.39
N VAL D 1065 89.29 32.41 -27.45
CA VAL D 1065 90.03 31.98 -28.64
C VAL D 1065 89.13 31.57 -29.80
N ILE D 1066 88.94 32.47 -30.75
CA ILE D 1066 88.02 32.28 -31.88
C ILE D 1066 88.43 31.13 -32.81
N ASP D 1067 87.42 30.49 -33.38
CA ASP D 1067 87.61 29.45 -34.39
C ASP D 1067 88.64 28.36 -34.07
N GLU D 1068 88.83 28.11 -32.78
CA GLU D 1068 89.73 27.04 -32.32
C GLU D 1068 89.08 25.65 -32.45
N PRO D 1069 89.76 24.72 -33.14
CA PRO D 1069 89.23 23.36 -33.36
C PRO D 1069 88.73 22.70 -32.08
N ILE D 1070 87.53 22.10 -32.16
CA ILE D 1070 86.89 21.56 -30.98
C ILE D 1070 87.76 20.49 -30.35
N LYS D 1071 88.44 19.70 -31.18
CA LYS D 1071 89.35 18.68 -30.67
C LYS D 1071 90.36 19.30 -29.72
N SER D 1072 90.77 20.54 -30.01
CA SER D 1072 91.74 21.27 -29.20
C SER D 1072 91.16 21.70 -27.85
N ILE D 1073 89.94 22.25 -27.87
CA ILE D 1073 89.28 22.73 -26.66
C ILE D 1073 89.06 21.62 -25.65
N MET D 1074 88.52 20.51 -26.12
CA MET D 1074 88.29 19.36 -25.26
C MET D 1074 89.59 18.76 -24.76
N ASP D 1075 90.50 18.47 -25.69
CA ASP D 1075 91.82 17.96 -25.34
C ASP D 1075 92.53 18.91 -24.37
N GLY D 1076 92.45 20.21 -24.65
CA GLY D 1076 93.00 21.22 -23.76
C GLY D 1076 92.56 21.03 -22.32
N ILE D 1077 91.29 20.72 -22.12
CA ILE D 1077 90.79 20.46 -20.78
C ILE D 1077 91.31 19.14 -20.18
N HIS D 1078 91.15 18.04 -20.91
CA HIS D 1078 91.59 16.74 -20.41
C HIS D 1078 93.07 16.71 -20.13
N ASP D 1079 93.84 17.20 -21.10
CA ASP D 1079 95.28 17.24 -21.02
C ASP D 1079 95.73 18.05 -19.82
N GLY D 1080 95.07 19.18 -19.57
CA GLY D 1080 95.42 20.05 -18.46
C GLY D 1080 95.10 19.42 -17.11
N HIS D 1081 94.02 18.63 -17.08
CA HIS D 1081 93.63 17.92 -15.88
C HIS D 1081 94.62 16.83 -15.56
N ILE D 1082 95.17 16.28 -16.63
CA ILE D 1082 96.08 15.15 -16.53
C ILE D 1082 97.42 15.57 -15.93
N LYS D 1083 97.89 16.78 -16.25
CA LYS D 1083 99.13 17.32 -15.71
C LYS D 1083 99.01 17.61 -14.22
N LYS D 1084 98.00 18.41 -13.87
CA LYS D 1084 97.74 18.78 -12.50
C LYS D 1084 97.61 17.54 -11.63
N LEU D 1085 97.00 16.50 -12.20
CA LEU D 1085 96.74 15.27 -11.50
C LEU D 1085 98.03 14.48 -11.34
N LEU D 1086 98.85 14.49 -12.39
CA LEU D 1086 100.14 13.82 -12.38
C LEU D 1086 101.01 14.42 -11.28
N HIS D 1087 101.16 15.74 -11.32
CA HIS D 1087 101.94 16.48 -10.35
C HIS D 1087 101.52 16.15 -8.93
N GLN D 1088 100.29 16.52 -8.59
CA GLN D 1088 99.76 16.29 -7.24
C GLN D 1088 99.96 14.86 -6.72
N TYR D 1089 99.38 13.86 -7.39
CA TYR D 1089 99.29 12.53 -6.82
C TYR D 1089 100.12 11.44 -7.52
N TYR D 1090 101.05 11.82 -8.40
CA TYR D 1090 101.82 10.84 -9.16
C TYR D 1090 103.29 11.19 -9.26
N GLY D 1091 103.68 12.29 -8.62
CA GLY D 1091 105.05 12.76 -8.66
C GLY D 1091 105.59 12.86 -10.06
N ASP D 1092 104.77 13.41 -10.96
CA ASP D 1092 105.15 13.70 -12.35
C ASP D 1092 105.76 12.53 -13.11
N ASP D 1093 105.77 11.36 -12.46
CA ASP D 1093 106.28 10.13 -13.06
C ASP D 1093 105.12 9.38 -13.72
N GLU D 1094 105.05 9.40 -15.04
CA GLU D 1094 104.00 8.67 -15.76
C GLU D 1094 104.09 7.14 -15.56
N SER D 1095 105.23 6.66 -15.10
CA SER D 1095 105.41 5.24 -14.82
C SER D 1095 104.49 4.81 -13.69
N LYS D 1096 104.13 5.78 -12.84
CA LYS D 1096 103.34 5.51 -11.64
C LYS D 1096 101.86 5.32 -11.96
N ILE D 1097 101.45 5.72 -13.17
CA ILE D 1097 100.09 5.52 -13.63
C ILE D 1097 99.83 4.05 -13.93
N PRO D 1098 98.91 3.41 -13.20
CA PRO D 1098 98.60 2.01 -13.47
C PRO D 1098 98.06 1.88 -14.88
N ALA D 1099 98.10 0.70 -15.44
CA ALA D 1099 97.61 0.55 -16.81
C ALA D 1099 96.72 -0.67 -16.95
N VAL D 1100 95.98 -0.71 -18.04
CA VAL D 1100 95.04 -1.79 -18.29
C VAL D 1100 94.83 -1.94 -19.82
N GLU D 1101 94.55 -3.18 -20.26
CA GLU D 1101 94.30 -3.49 -21.66
C GLU D 1101 93.52 -2.41 -22.40
N TYR D 1102 92.21 -2.38 -22.16
CA TYR D 1102 91.34 -1.34 -22.70
C TYR D 1102 90.71 -0.57 -21.56
N PHE D 1103 90.32 0.68 -21.80
CA PHE D 1103 89.69 1.47 -20.74
C PHE D 1103 88.18 1.69 -20.87
N GLY D 1104 87.45 1.32 -19.83
CA GLY D 1104 86.02 1.58 -19.79
C GLY D 1104 85.18 0.33 -19.81
N GLY D 1105 83.88 0.50 -19.60
CA GLY D 1105 82.95 -0.62 -19.56
C GLY D 1105 82.52 -0.96 -18.14
N GLU D 1106 82.96 -0.16 -17.18
CA GLU D 1106 82.60 -0.38 -15.78
C GLU D 1106 81.33 0.36 -15.35
N SER D 1107 80.27 -0.40 -15.05
CA SER D 1107 79.04 0.17 -14.55
C SER D 1107 79.25 0.59 -13.10
N PRO D 1108 78.76 1.79 -12.74
CA PRO D 1108 78.91 2.45 -11.42
C PRO D 1108 78.71 1.51 -10.21
N VAL D 1109 77.79 0.56 -10.35
CA VAL D 1109 77.92 -0.75 -9.71
C VAL D 1109 77.87 -1.61 -10.95
N ASP D 1123 93.90 -20.69 -12.79
CA ASP D 1123 94.72 -20.94 -14.00
C ASP D 1123 94.27 -22.01 -15.00
N SER D 1124 93.41 -22.92 -14.54
CA SER D 1124 92.69 -23.85 -15.42
C SER D 1124 91.68 -24.64 -14.60
N ALA D 1125 90.41 -24.50 -14.94
CA ALA D 1125 89.35 -25.15 -14.16
C ALA D 1125 88.15 -25.51 -15.03
N VAL D 1126 87.11 -25.97 -14.34
CA VAL D 1126 85.95 -26.56 -15.00
C VAL D 1126 84.70 -26.14 -14.24
N PHE D 1127 83.84 -25.39 -14.92
CA PHE D 1127 82.57 -24.99 -14.33
C PHE D 1127 81.45 -25.81 -14.95
N LYS D 1128 80.84 -26.66 -14.14
CA LYS D 1128 79.64 -27.36 -14.59
C LYS D 1128 78.47 -26.49 -14.21
N ALA D 1129 77.47 -26.43 -15.09
CA ALA D 1129 76.33 -25.53 -14.88
C ALA D 1129 75.01 -26.24 -14.62
N THR D 1130 74.24 -25.73 -13.66
CA THR D 1130 72.88 -26.24 -13.41
C THR D 1130 71.83 -25.15 -13.49
N SER D 1131 70.59 -25.57 -13.27
CA SER D 1131 69.45 -24.69 -13.16
C SER D 1131 69.76 -23.52 -12.23
N SER D 1132 70.40 -23.84 -11.12
CA SER D 1132 70.54 -22.90 -10.02
C SER D 1132 71.73 -21.93 -10.13
N THR D 1133 72.60 -22.11 -11.12
CA THR D 1133 73.77 -21.25 -11.19
C THR D 1133 73.40 -19.80 -11.48
N ASP D 1134 73.98 -18.89 -10.69
CA ASP D 1134 73.72 -17.47 -10.84
C ASP D 1134 74.35 -16.97 -12.13
N GLU D 1135 73.57 -16.31 -12.98
CA GLU D 1135 74.08 -15.85 -14.25
C GLU D 1135 75.21 -14.84 -14.10
N GLU D 1136 75.06 -13.88 -13.20
CA GLU D 1136 76.08 -12.85 -13.03
C GLU D 1136 77.40 -13.46 -12.56
N SER D 1137 77.31 -14.35 -11.57
CA SER D 1137 78.47 -15.04 -11.05
C SER D 1137 79.19 -15.83 -12.13
N TRP D 1138 78.40 -16.65 -12.83
CA TRP D 1138 78.89 -17.50 -13.92
C TRP D 1138 79.76 -16.73 -14.91
N PHE D 1139 79.25 -15.63 -15.45
CA PHE D 1139 80.00 -14.90 -16.46
C PHE D 1139 81.30 -14.29 -15.93
N LYS D 1140 81.29 -13.87 -14.67
CA LYS D 1140 82.49 -13.31 -14.08
C LYS D 1140 83.61 -14.34 -14.08
N ALA D 1141 83.23 -15.59 -13.86
CA ALA D 1141 84.17 -16.70 -13.90
C ALA D 1141 84.77 -16.88 -15.28
N LEU D 1142 83.91 -17.10 -16.26
CA LEU D 1142 84.37 -17.26 -17.64
C LEU D 1142 85.06 -15.99 -18.15
N ALA D 1143 84.75 -14.87 -17.53
CA ALA D 1143 85.30 -13.58 -17.92
C ALA D 1143 86.79 -13.50 -17.61
N GLY D 1144 87.17 -14.03 -16.45
CA GLY D 1144 88.52 -13.85 -15.96
C GLY D 1144 88.62 -12.56 -15.18
N SER D 1145 89.67 -12.43 -14.36
CA SER D 1145 89.86 -11.24 -13.56
C SER D 1145 90.73 -10.21 -14.28
N GLU D 1146 91.71 -10.71 -15.02
CA GLU D 1146 92.57 -9.84 -15.83
C GLU D 1146 91.71 -9.22 -16.93
N ILE D 1147 91.90 -7.93 -17.16
CA ILE D 1147 91.19 -7.24 -18.24
C ILE D 1147 91.86 -7.47 -19.59
N ASN D 1148 91.22 -8.28 -20.43
CA ASN D 1148 91.76 -8.69 -21.72
C ASN D 1148 90.66 -9.12 -22.68
N TRP D 1149 91.05 -9.73 -23.79
CA TRP D 1149 90.06 -10.16 -24.78
C TRP D 1149 88.99 -11.09 -24.19
N ARG D 1150 89.37 -11.91 -23.22
CA ARG D 1150 88.44 -12.89 -22.68
C ARG D 1150 87.49 -12.22 -21.69
N HIS D 1151 87.99 -11.19 -21.03
CA HIS D 1151 87.20 -10.42 -20.10
C HIS D 1151 86.06 -9.77 -20.86
N ALA D 1152 86.39 -9.13 -21.98
CA ALA D 1152 85.39 -8.45 -22.80
C ALA D 1152 84.45 -9.44 -23.50
N SER D 1153 84.97 -10.61 -23.82
CA SER D 1153 84.16 -11.58 -24.55
C SER D 1153 82.99 -12.10 -23.71
N PHE D 1154 83.07 -11.92 -22.39
CA PHE D 1154 82.03 -12.44 -21.51
C PHE D 1154 81.28 -11.37 -20.73
N LEU D 1155 81.77 -10.14 -20.79
CA LEU D 1155 81.17 -9.05 -20.01
C LEU D 1155 80.72 -7.84 -20.83
N CYS D 1156 81.35 -7.60 -21.98
CA CYS D 1156 80.93 -6.50 -22.83
C CYS D 1156 79.56 -6.85 -23.41
N SER D 1157 78.56 -6.02 -23.07
CA SER D 1157 77.14 -6.30 -23.39
C SER D 1157 76.84 -6.33 -24.88
N PHE D 1158 77.64 -5.59 -25.64
CA PHE D 1158 77.39 -5.39 -27.06
C PHE D 1158 78.58 -5.61 -28.00
N ILE D 1159 78.26 -6.14 -29.17
CA ILE D 1159 79.21 -6.39 -30.25
C ILE D 1159 78.98 -5.30 -31.30
N THR D 1160 79.89 -5.19 -32.27
CA THR D 1160 79.73 -4.24 -33.34
C THR D 1160 79.66 -4.93 -34.70
N GLN D 1161 78.77 -4.44 -35.57
CA GLN D 1161 78.68 -4.92 -36.94
C GLN D 1161 78.45 -3.73 -37.83
N ASP D 1162 79.53 -3.15 -38.36
CA ASP D 1162 79.39 -2.05 -39.32
C ASP D 1162 78.63 -0.87 -38.72
N LYS D 1163 79.16 -0.32 -37.62
CA LYS D 1163 78.55 0.83 -36.97
C LYS D 1163 77.30 0.47 -36.19
N MET D 1164 76.72 -0.69 -36.48
CA MET D 1164 75.55 -1.20 -35.75
C MET D 1164 75.94 -2.00 -34.51
N PHE D 1165 75.11 -1.91 -33.46
CA PHE D 1165 75.37 -2.61 -32.20
C PHE D 1165 74.44 -3.78 -31.99
N VAL D 1166 74.99 -4.99 -31.95
CA VAL D 1166 74.22 -6.18 -31.66
C VAL D 1166 74.42 -6.60 -30.21
N SER D 1167 73.53 -7.43 -29.67
CA SER D 1167 73.77 -8.04 -28.37
C SER D 1167 74.90 -9.04 -28.52
N ASN D 1168 75.75 -9.12 -27.49
CA ASN D 1168 76.94 -9.96 -27.49
C ASN D 1168 76.65 -11.44 -27.69
N PRO D 1169 77.13 -12.02 -28.81
CA PRO D 1169 76.83 -13.40 -29.20
C PRO D 1169 77.52 -14.40 -28.31
N ILE D 1170 78.75 -14.11 -27.94
CA ILE D 1170 79.49 -14.97 -27.04
C ILE D 1170 78.71 -15.11 -25.73
N ARG D 1171 78.39 -13.96 -25.12
CA ARG D 1171 77.62 -13.92 -23.86
C ARG D 1171 76.35 -14.79 -24.04
N LYS D 1172 75.68 -14.61 -25.18
CA LYS D 1172 74.49 -15.37 -25.52
C LYS D 1172 74.68 -16.89 -25.49
N VAL D 1173 75.69 -17.36 -26.22
CA VAL D 1173 75.92 -18.79 -26.41
C VAL D 1173 76.34 -19.51 -25.12
N PHE D 1174 76.90 -18.77 -24.18
CA PHE D 1174 77.41 -19.34 -22.94
C PHE D 1174 76.42 -19.24 -21.78
N LYS D 1175 75.27 -18.63 -22.05
CA LYS D 1175 74.23 -18.52 -21.04
C LYS D 1175 73.98 -19.89 -20.40
N PRO D 1176 74.08 -19.95 -19.06
CA PRO D 1176 73.96 -21.16 -18.23
C PRO D 1176 72.75 -22.03 -18.59
N SER D 1177 72.73 -23.24 -18.06
CA SER D 1177 71.69 -24.22 -18.35
C SER D 1177 72.20 -25.62 -18.02
N GLN D 1178 71.36 -26.42 -17.38
CA GLN D 1178 71.72 -27.76 -16.95
C GLN D 1178 72.39 -28.54 -18.07
N GLY D 1179 73.57 -29.09 -17.80
CA GLY D 1179 74.22 -29.94 -18.78
C GLY D 1179 75.46 -29.37 -19.45
N MET D 1180 75.49 -28.06 -19.68
CA MET D 1180 76.66 -27.49 -20.32
C MET D 1180 77.82 -27.41 -19.35
N VAL D 1181 79.03 -27.62 -19.88
CA VAL D 1181 80.25 -27.63 -19.08
C VAL D 1181 81.38 -26.85 -19.77
N VAL D 1182 81.92 -25.86 -19.08
CA VAL D 1182 82.98 -25.02 -19.63
C VAL D 1182 84.33 -25.30 -18.99
N GLU D 1183 85.32 -25.55 -19.84
CA GLU D 1183 86.67 -25.86 -19.39
C GLU D 1183 87.66 -24.82 -19.88
N ILE D 1184 88.08 -23.93 -18.99
CA ILE D 1184 89.08 -22.94 -19.38
C ILE D 1184 90.45 -23.54 -19.16
N SER D 1185 91.26 -23.54 -20.21
CA SER D 1185 92.61 -24.07 -20.09
C SER D 1185 93.61 -22.96 -20.34
N ASN D 1186 94.67 -22.94 -19.53
CA ASN D 1186 95.71 -21.95 -19.67
C ASN D 1186 95.13 -20.56 -19.44
N GLY D 1187 94.37 -20.42 -18.36
CA GLY D 1187 93.66 -19.19 -18.08
C GLY D 1187 94.54 -18.01 -17.69
N ASN D 1188 95.65 -18.29 -17.01
CA ASN D 1188 96.48 -17.22 -16.43
C ASN D 1188 97.37 -16.47 -17.40
N THR D 1189 97.73 -17.09 -18.51
CA THR D 1189 98.40 -16.37 -19.57
C THR D 1189 97.40 -16.01 -20.68
N SER D 1190 97.28 -14.72 -20.94
CA SER D 1190 96.25 -14.21 -21.84
C SER D 1190 96.30 -14.81 -23.26
N SER D 1191 97.39 -14.57 -23.98
CA SER D 1191 97.50 -14.93 -25.39
C SER D 1191 97.22 -16.40 -25.75
N LYS D 1192 97.32 -17.29 -24.78
CA LYS D 1192 97.16 -18.73 -25.02
C LYS D 1192 95.86 -19.35 -24.49
N THR D 1193 95.03 -18.56 -23.80
CA THR D 1193 93.86 -19.11 -23.15
C THR D 1193 92.88 -19.72 -24.15
N VAL D 1194 92.19 -20.77 -23.72
CA VAL D 1194 91.24 -21.48 -24.57
C VAL D 1194 90.08 -22.04 -23.76
N VAL D 1195 89.00 -21.27 -23.70
CA VAL D 1195 87.79 -21.75 -23.06
C VAL D 1195 87.03 -22.68 -24.03
N THR D 1196 86.52 -23.78 -23.49
CA THR D 1196 85.88 -24.81 -24.29
C THR D 1196 84.58 -25.34 -23.68
N LEU D 1197 83.49 -25.17 -24.42
CA LEU D 1197 82.15 -25.54 -24.00
C LEU D 1197 81.83 -26.94 -24.48
N SER D 1198 81.41 -27.80 -23.58
CA SER D 1198 81.02 -29.15 -23.95
C SER D 1198 79.64 -29.53 -23.40
N GLU D 1199 78.73 -29.87 -24.30
CA GLU D 1199 77.35 -30.18 -23.94
C GLU D 1199 76.98 -31.60 -24.33
N PRO D 1200 75.90 -32.13 -23.71
CA PRO D 1200 75.40 -33.46 -24.05
C PRO D 1200 74.79 -33.52 -25.44
N VAL D 1201 75.47 -34.24 -26.33
CA VAL D 1201 75.02 -34.39 -27.71
C VAL D 1201 74.71 -35.85 -28.04
N GLN D 1202 73.43 -36.15 -28.23
CA GLN D 1202 73.00 -37.52 -28.46
C GLN D 1202 73.49 -38.43 -27.34
N GLY D 1203 73.25 -38.02 -26.10
CA GLY D 1203 73.62 -38.82 -24.95
C GLY D 1203 74.97 -38.48 -24.31
N GLU D 1204 76.04 -38.68 -25.09
CA GLU D 1204 77.39 -38.46 -24.59
C GLU D 1204 77.86 -37.02 -24.78
N LEU D 1205 78.75 -36.58 -23.90
CA LEU D 1205 79.24 -35.21 -23.91
C LEU D 1205 80.20 -34.97 -25.07
N LYS D 1206 80.23 -33.74 -25.57
CA LYS D 1206 81.06 -33.38 -26.73
C LYS D 1206 81.27 -31.86 -26.83
N PRO D 1207 82.38 -31.46 -27.47
CA PRO D 1207 82.66 -30.04 -27.67
C PRO D 1207 81.68 -29.42 -28.65
N THR D 1208 81.10 -28.30 -28.24
CA THR D 1208 80.15 -27.55 -29.04
C THR D 1208 80.74 -26.19 -29.43
N VAL D 1209 81.49 -25.57 -28.52
CA VAL D 1209 82.08 -24.26 -28.79
C VAL D 1209 83.52 -24.14 -28.29
N ILE D 1210 84.35 -23.45 -29.07
CA ILE D 1210 85.77 -23.30 -28.79
C ILE D 1210 86.23 -21.85 -28.94
N LEU D 1211 86.57 -21.21 -27.83
CA LEU D 1211 86.86 -19.79 -27.84
C LEU D 1211 88.32 -19.51 -27.53
N LYS D 1212 89.01 -18.87 -28.47
CA LYS D 1212 90.44 -18.57 -28.31
C LYS D 1212 90.82 -17.36 -29.12
N LEU D 1213 92.08 -16.95 -29.01
CA LEU D 1213 92.61 -15.87 -29.85
C LEU D 1213 93.29 -16.41 -31.09
N LEU D 1214 93.48 -15.55 -32.07
CA LEU D 1214 94.26 -15.89 -33.25
C LEU D 1214 95.28 -14.78 -33.49
N LYS D 1215 96.00 -14.89 -34.60
CA LYS D 1215 96.94 -13.86 -35.00
C LYS D 1215 96.28 -12.49 -35.08
N GLU D 1216 97.03 -11.46 -34.72
CA GLU D 1216 96.63 -10.08 -35.00
C GLU D 1216 95.33 -9.68 -34.31
N ASN D 1217 95.14 -10.15 -33.08
CA ASN D 1217 93.98 -9.73 -32.30
C ASN D 1217 92.66 -10.06 -32.98
N ILE D 1218 92.37 -11.34 -33.06
CA ILE D 1218 91.12 -11.78 -33.65
C ILE D 1218 90.57 -12.89 -32.79
N ILE D 1219 89.51 -12.58 -32.06
CA ILE D 1219 88.81 -13.57 -31.27
C ILE D 1219 88.18 -14.57 -32.22
N GLN D 1220 88.24 -15.85 -31.88
CA GLN D 1220 87.55 -16.86 -32.67
C GLN D 1220 86.64 -17.76 -31.86
N MET D 1221 85.37 -17.78 -32.26
CA MET D 1221 84.37 -18.63 -31.68
C MET D 1221 84.07 -19.75 -32.66
N GLU D 1222 84.72 -20.89 -32.44
CA GLU D 1222 84.45 -22.11 -33.20
C GLU D 1222 83.09 -22.68 -32.76
N MET D 1223 82.13 -22.60 -33.66
CA MET D 1223 80.76 -23.07 -33.39
C MET D 1223 80.57 -24.43 -34.06
N ILE D 1224 80.50 -25.48 -33.26
CA ILE D 1224 80.60 -26.85 -33.74
C ILE D 1224 79.27 -27.59 -33.77
N GLU D 1225 79.01 -28.26 -34.89
CA GLU D 1225 77.84 -29.12 -35.01
C GLU D 1225 78.27 -30.57 -35.11
N ASN D 1226 77.88 -31.37 -34.13
CA ASN D 1226 78.33 -32.75 -34.09
C ASN D 1226 77.51 -33.72 -34.95
N ARG D 1227 76.22 -33.42 -35.13
CA ARG D 1227 75.35 -34.30 -35.94
C ARG D 1227 75.52 -33.96 -37.40
N THR D 1228 76.34 -34.73 -38.10
CA THR D 1228 76.65 -34.38 -39.48
C THR D 1228 76.26 -35.49 -40.44
N MET D 1229 76.76 -35.39 -41.69
CA MET D 1229 76.45 -36.38 -42.71
C MET D 1229 77.29 -37.65 -42.58
N ASP D 1230 78.51 -37.52 -42.08
CA ASP D 1230 79.44 -38.63 -42.02
C ASP D 1230 79.98 -38.91 -40.61
N GLY D 1231 79.40 -38.27 -39.60
CA GLY D 1231 79.84 -38.44 -38.23
C GLY D 1231 81.01 -37.54 -37.87
N LYS D 1232 81.71 -37.04 -38.88
CA LYS D 1232 82.86 -36.15 -38.67
C LYS D 1232 82.41 -34.70 -38.52
N PRO D 1233 82.44 -34.20 -37.27
CA PRO D 1233 82.00 -32.87 -36.86
C PRO D 1233 82.40 -31.76 -37.84
N VAL D 1234 81.45 -30.86 -38.08
CA VAL D 1234 81.70 -29.68 -38.91
C VAL D 1234 81.75 -28.44 -38.02
N SER D 1235 82.31 -27.35 -38.55
CA SER D 1235 82.51 -26.17 -37.72
C SER D 1235 82.33 -24.84 -38.46
N LEU D 1236 81.68 -23.90 -37.79
CA LEU D 1236 81.54 -22.53 -38.28
C LEU D 1236 82.47 -21.57 -37.55
N PRO D 1237 83.44 -21.01 -38.27
CA PRO D 1237 84.44 -20.07 -37.73
C PRO D 1237 83.88 -18.65 -37.63
N LEU D 1238 83.51 -18.23 -36.42
CA LEU D 1238 83.02 -16.86 -36.23
C LEU D 1238 84.13 -15.97 -35.75
N LEU D 1239 84.41 -14.89 -36.49
CA LEU D 1239 85.60 -14.09 -36.22
C LEU D 1239 85.27 -12.70 -35.72
N TYR D 1240 85.95 -12.29 -34.65
CA TYR D 1240 85.72 -11.01 -33.99
C TYR D 1240 87.01 -10.20 -33.74
N ASN D 1241 87.04 -8.96 -34.25
CA ASN D 1241 88.14 -8.03 -33.99
C ASN D 1241 88.17 -7.47 -32.58
N PHE D 1242 89.15 -7.90 -31.79
CA PHE D 1242 89.36 -7.28 -30.48
C PHE D 1242 90.27 -6.06 -30.61
N ASN D 1243 89.88 -4.99 -29.93
CA ASN D 1243 90.54 -3.70 -30.09
C ASN D 1243 90.45 -2.87 -28.81
N PRO D 1244 91.52 -2.87 -28.00
CA PRO D 1244 91.52 -2.27 -26.66
C PRO D 1244 91.48 -0.75 -26.70
N ASP D 1245 91.55 -0.18 -27.90
CA ASP D 1245 91.50 1.28 -28.04
C ASP D 1245 90.09 1.85 -27.96
N ASN D 1246 89.11 0.98 -28.18
CA ASN D 1246 87.71 1.32 -27.95
C ASN D 1246 87.17 0.64 -26.70
N GLY D 1247 87.43 1.26 -25.55
CA GLY D 1247 87.07 0.66 -24.28
C GLY D 1247 85.61 0.26 -24.19
N PHE D 1248 84.76 0.94 -24.94
CA PHE D 1248 83.32 0.70 -24.81
C PHE D 1248 82.77 -0.41 -25.69
N ALA D 1249 83.39 -0.60 -26.85
CA ALA D 1249 83.00 -1.68 -27.76
C ALA D 1249 84.23 -2.33 -28.36
N PRO D 1250 85.03 -3.00 -27.52
CA PRO D 1250 86.29 -3.63 -27.95
C PRO D 1250 86.05 -4.67 -29.04
N ILE D 1251 85.01 -5.48 -28.88
CA ILE D 1251 84.78 -6.58 -29.79
C ILE D 1251 83.84 -6.20 -30.94
N SER D 1252 84.34 -6.32 -32.16
CA SER D 1252 83.53 -6.13 -33.36
C SER D 1252 83.70 -7.34 -34.26
N GLU D 1253 82.68 -7.68 -35.03
CA GLU D 1253 82.71 -8.89 -35.84
C GLU D 1253 83.33 -8.67 -37.21
N VAL D 1254 84.18 -9.60 -37.62
CA VAL D 1254 84.73 -9.58 -38.97
C VAL D 1254 83.62 -9.93 -39.96
N MET D 1255 83.22 -8.96 -40.76
CA MET D 1255 82.01 -9.09 -41.56
C MET D 1255 82.28 -9.62 -42.93
N GLU D 1256 83.43 -9.24 -43.46
CA GLU D 1256 83.83 -9.65 -44.79
C GLU D 1256 83.81 -11.18 -44.89
N ASP D 1257 82.96 -11.65 -46.01
CA ASP D 1257 82.86 -13.11 -46.23
C ASP D 1257 82.15 -13.90 -45.13
N ARG D 1258 81.33 -13.22 -44.33
CA ARG D 1258 80.62 -13.88 -43.24
C ARG D 1258 79.56 -14.80 -43.77
N ASN D 1259 78.81 -14.34 -44.76
CA ASN D 1259 77.77 -15.17 -45.34
C ASN D 1259 78.37 -16.41 -45.97
N GLN D 1260 79.51 -16.22 -46.63
CA GLN D 1260 80.19 -17.32 -47.30
C GLN D 1260 80.60 -18.47 -46.36
N ARG D 1261 81.05 -18.13 -45.16
CA ARG D 1261 81.47 -19.13 -44.18
C ARG D 1261 80.25 -19.93 -43.69
N ILE D 1262 79.16 -19.23 -43.45
CA ILE D 1262 77.92 -19.86 -43.00
C ILE D 1262 77.37 -20.77 -44.08
N LYS D 1263 77.40 -20.30 -45.33
CA LYS D 1263 77.02 -21.12 -46.49
C LYS D 1263 77.87 -22.37 -46.65
N GLU D 1264 79.17 -22.24 -46.40
CA GLU D 1264 80.05 -23.38 -46.61
C GLU D 1264 79.73 -24.54 -45.68
N MET D 1265 79.30 -24.21 -44.46
CA MET D 1265 79.01 -25.21 -43.43
C MET D 1265 77.66 -25.85 -43.67
N TYR D 1266 76.70 -25.07 -44.15
CA TYR D 1266 75.41 -25.62 -44.50
C TYR D 1266 75.57 -26.56 -45.67
N TRP D 1267 76.45 -26.21 -46.60
CA TRP D 1267 76.69 -27.02 -47.78
C TRP D 1267 77.15 -28.41 -47.39
N LYS D 1268 78.10 -28.47 -46.46
CA LYS D 1268 78.66 -29.76 -46.05
C LYS D 1268 77.59 -30.63 -45.39
N LEU D 1269 76.56 -30.00 -44.85
CA LEU D 1269 75.51 -30.72 -44.14
C LEU D 1269 74.34 -31.10 -45.06
N TRP D 1270 74.12 -30.33 -46.12
CA TRP D 1270 73.01 -30.61 -47.00
C TRP D 1270 73.41 -31.29 -48.30
N ILE D 1271 74.53 -30.84 -48.87
CA ILE D 1271 74.87 -31.17 -50.25
C ILE D 1271 76.02 -32.18 -50.32
N ASP D 1272 75.75 -33.29 -51.01
CA ASP D 1272 76.80 -34.25 -51.30
C ASP D 1272 77.40 -33.92 -52.65
N GLU D 1273 78.13 -32.81 -52.69
CA GLU D 1273 78.81 -32.36 -53.89
C GLU D 1273 79.95 -31.46 -53.46
N PRO D 1274 80.74 -30.97 -54.42
CA PRO D 1274 81.82 -30.04 -54.12
C PRO D 1274 81.27 -28.64 -53.92
N PHE D 1275 81.85 -27.90 -52.97
CA PHE D 1275 81.42 -26.54 -52.66
C PHE D 1275 81.67 -25.56 -53.81
N ASN D 1276 80.68 -25.42 -54.69
CA ASN D 1276 80.78 -24.41 -55.74
C ASN D 1276 79.55 -23.50 -55.72
N LEU D 1277 79.77 -22.25 -55.32
CA LEU D 1277 78.69 -21.26 -55.26
C LEU D 1277 78.68 -20.40 -56.51
N ASP D 1278 78.87 -21.03 -57.67
CA ASP D 1278 78.92 -20.28 -58.92
C ASP D 1278 77.85 -20.74 -59.90
N PHE D 1279 76.61 -20.85 -59.42
CA PHE D 1279 75.49 -21.19 -60.27
C PHE D 1279 74.83 -19.93 -60.81
N ASP D 1280 74.21 -20.06 -61.98
CA ASP D 1280 73.32 -19.02 -62.47
C ASP D 1280 71.93 -19.34 -61.93
N PRO D 1281 71.39 -18.45 -61.07
CA PRO D 1281 70.09 -18.69 -60.44
C PRO D 1281 69.02 -19.08 -61.45
N ARG D 1282 69.24 -18.74 -62.72
CA ARG D 1282 68.27 -19.04 -63.76
C ARG D 1282 68.46 -20.42 -64.37
N ASP D 1283 69.51 -21.12 -64.00
CA ASP D 1283 69.75 -22.45 -64.59
C ASP D 1283 69.01 -23.54 -63.82
N VAL D 1284 68.53 -24.53 -64.56
CA VAL D 1284 67.87 -25.67 -63.95
C VAL D 1284 68.87 -26.44 -63.10
N ILE D 1285 68.40 -26.90 -61.96
CA ILE D 1285 69.22 -27.70 -61.08
C ILE D 1285 68.78 -29.15 -61.20
N LYS D 1286 69.67 -30.00 -61.69
CA LYS D 1286 69.36 -31.42 -61.72
C LYS D 1286 69.70 -32.06 -60.37
N GLY D 1287 68.87 -32.99 -59.94
CA GLY D 1287 68.98 -33.58 -58.62
C GLY D 1287 69.84 -34.81 -58.70
N LYS D 1288 69.35 -35.90 -58.16
CA LYS D 1288 70.00 -37.19 -58.33
C LYS D 1288 68.88 -38.20 -58.51
N ASP D 1289 69.19 -39.30 -59.17
CA ASP D 1289 68.22 -40.37 -59.23
C ASP D 1289 68.11 -40.93 -57.81
N PHE D 1290 66.96 -41.51 -57.51
CA PHE D 1290 66.63 -41.88 -56.14
C PHE D 1290 65.71 -43.08 -56.13
N GLU D 1291 66.20 -44.22 -55.65
CA GLU D 1291 65.35 -45.40 -55.50
C GLU D 1291 64.77 -45.40 -54.11
N ILE D 1292 63.46 -45.60 -54.04
CA ILE D 1292 62.76 -45.57 -52.77
C ILE D 1292 62.84 -46.92 -52.08
N THR D 1293 63.69 -47.06 -51.08
CA THR D 1293 63.76 -48.35 -50.38
C THR D 1293 62.54 -48.56 -49.48
N ALA D 1294 62.21 -49.83 -49.26
CA ALA D 1294 61.09 -50.18 -48.41
C ALA D 1294 61.26 -49.56 -47.03
N LYS D 1295 62.51 -49.42 -46.60
CA LYS D 1295 62.80 -49.05 -45.23
C LYS D 1295 62.93 -47.56 -45.04
N GLU D 1296 63.33 -46.85 -46.10
CA GLU D 1296 63.35 -45.40 -46.07
C GLU D 1296 61.94 -44.90 -45.80
N VAL D 1297 60.97 -45.63 -46.37
CA VAL D 1297 59.56 -45.36 -46.12
C VAL D 1297 59.16 -45.63 -44.66
N TYR D 1298 59.49 -46.81 -44.16
CA TYR D 1298 59.20 -47.15 -42.77
C TYR D 1298 59.68 -46.04 -41.83
N ASP D 1299 60.90 -45.57 -42.09
CA ASP D 1299 61.56 -44.58 -41.26
C ASP D 1299 60.85 -43.24 -41.32
N PHE D 1300 60.48 -42.83 -42.53
CA PHE D 1300 59.83 -41.55 -42.73
C PHE D 1300 58.44 -41.51 -42.11
N THR D 1301 57.61 -42.49 -42.47
CA THR D 1301 56.27 -42.58 -41.91
C THR D 1301 56.32 -42.54 -40.39
N HIS D 1302 57.23 -43.31 -39.80
CA HIS D 1302 57.34 -43.36 -38.34
C HIS D 1302 57.90 -42.08 -37.75
N ALA D 1303 58.68 -41.35 -38.54
CA ALA D 1303 59.28 -40.10 -38.09
C ALA D 1303 58.24 -39.00 -37.92
N VAL D 1304 57.34 -38.90 -38.90
CA VAL D 1304 56.29 -37.88 -38.88
C VAL D 1304 55.03 -38.39 -38.19
N GLY D 1305 54.96 -39.71 -37.99
CA GLY D 1305 53.82 -40.32 -37.33
C GLY D 1305 52.63 -40.52 -38.23
N ASN D 1306 52.86 -41.14 -39.39
CA ASN D 1306 51.80 -41.42 -40.34
C ASN D 1306 51.50 -42.91 -40.42
N ASN D 1307 50.50 -43.35 -39.66
CA ASN D 1307 50.14 -44.77 -39.58
C ASN D 1307 49.10 -45.19 -40.61
N CYS D 1308 49.24 -44.70 -41.85
CA CYS D 1308 48.35 -45.10 -42.93
C CYS D 1308 48.77 -46.47 -43.46
N GLU D 1309 47.79 -47.35 -43.65
CA GLU D 1309 48.05 -48.72 -44.06
C GLU D 1309 48.62 -48.81 -45.49
N ASP D 1310 48.48 -47.74 -46.26
CA ASP D 1310 48.98 -47.71 -47.64
C ASP D 1310 50.50 -47.70 -47.66
N PHE D 1311 51.12 -47.41 -46.52
CA PHE D 1311 52.56 -47.24 -46.41
C PHE D 1311 53.20 -48.35 -45.60
N VAL D 1312 52.38 -49.15 -44.95
CA VAL D 1312 52.84 -50.26 -44.13
C VAL D 1312 52.86 -51.53 -44.96
N SER D 1313 53.97 -52.24 -44.91
CA SER D 1313 54.11 -53.48 -45.66
C SER D 1313 53.04 -54.48 -45.24
N ARG D 1314 52.14 -54.79 -46.17
CA ARG D 1314 51.16 -55.84 -45.97
C ARG D 1314 51.30 -56.89 -47.07
N PRO D 1315 51.04 -58.15 -46.71
CA PRO D 1315 51.06 -59.31 -47.61
C PRO D 1315 50.18 -59.10 -48.83
N ASP D 1316 50.77 -59.21 -50.02
CA ASP D 1316 50.03 -59.17 -51.28
C ASP D 1316 49.59 -57.75 -51.65
N ARG D 1317 50.49 -56.81 -51.47
CA ARG D 1317 50.27 -55.39 -51.78
C ARG D 1317 51.65 -54.73 -51.85
N THR D 1318 51.87 -53.89 -52.85
CA THR D 1318 53.12 -53.14 -52.92
C THR D 1318 53.04 -51.92 -52.01
N MET D 1319 54.15 -51.61 -51.35
CA MET D 1319 54.18 -50.48 -50.44
C MET D 1319 54.16 -49.14 -51.19
N LEU D 1320 53.32 -48.23 -50.70
CA LEU D 1320 53.20 -46.92 -51.29
C LEU D 1320 54.02 -45.91 -50.47
N ALA D 1321 54.53 -44.88 -51.12
CA ALA D 1321 55.24 -43.80 -50.42
C ALA D 1321 54.39 -42.52 -50.32
N PRO D 1322 54.40 -41.88 -49.14
CA PRO D 1322 53.62 -40.68 -48.81
C PRO D 1322 54.00 -39.55 -49.73
N MET D 1323 53.04 -38.75 -50.19
CA MET D 1323 53.39 -37.61 -51.04
C MET D 1323 54.39 -36.71 -50.29
N ASP D 1324 54.35 -36.77 -48.96
CA ASP D 1324 55.32 -36.08 -48.12
C ASP D 1324 56.74 -36.45 -48.49
N PHE D 1325 56.93 -37.71 -48.85
CA PHE D 1325 58.24 -38.25 -49.15
C PHE D 1325 58.91 -37.50 -50.31
N ALA D 1326 58.13 -36.77 -51.08
CA ALA D 1326 58.69 -36.01 -52.20
C ALA D 1326 59.81 -35.09 -51.70
N ILE D 1327 59.64 -34.54 -50.50
CA ILE D 1327 60.61 -33.60 -49.95
C ILE D 1327 61.92 -34.27 -49.62
N VAL D 1328 61.86 -35.55 -49.27
CA VAL D 1328 63.07 -36.30 -48.96
C VAL D 1328 63.88 -36.49 -50.24
N VAL D 1329 63.20 -36.70 -51.36
CA VAL D 1329 63.82 -36.86 -52.67
C VAL D 1329 64.38 -35.54 -53.24
N GLY D 1330 63.54 -34.51 -53.25
CA GLY D 1330 63.92 -33.25 -53.86
C GLY D 1330 64.71 -32.28 -52.99
N TRP D 1331 64.85 -32.57 -51.71
CA TRP D 1331 65.42 -31.59 -50.77
C TRP D 1331 66.75 -31.03 -51.22
N ARG D 1332 67.61 -31.87 -51.77
CA ARG D 1332 68.96 -31.44 -52.14
C ARG D 1332 68.96 -30.62 -53.43
N ALA D 1333 68.08 -30.99 -54.36
CA ALA D 1333 67.94 -30.25 -55.61
C ALA D 1333 67.34 -28.88 -55.35
N ILE D 1334 66.36 -28.84 -54.46
CA ILE D 1334 65.66 -27.60 -54.15
C ILE D 1334 66.52 -26.63 -53.34
N ILE D 1335 67.01 -27.09 -52.19
CA ILE D 1335 67.77 -26.23 -51.30
C ILE D 1335 68.99 -25.61 -51.98
N LYS D 1336 69.58 -26.33 -52.93
CA LYS D 1336 70.71 -25.82 -53.70
C LYS D 1336 70.39 -24.44 -54.33
N ALA D 1337 69.11 -24.23 -54.64
CA ALA D 1337 68.65 -23.02 -55.33
C ALA D 1337 68.84 -21.70 -54.60
N ILE D 1338 68.99 -21.74 -53.27
CA ILE D 1338 69.16 -20.52 -52.50
C ILE D 1338 70.61 -20.23 -52.22
N PHE D 1339 71.50 -20.95 -52.91
CA PHE D 1339 72.94 -20.93 -52.62
C PHE D 1339 73.84 -19.99 -53.47
N PRO D 1340 73.56 -19.87 -54.78
CA PRO D 1340 74.42 -19.08 -55.68
C PRO D 1340 74.89 -17.75 -55.08
N ASN D 1341 75.98 -17.21 -55.60
CA ASN D 1341 76.52 -15.95 -55.10
C ASN D 1341 75.62 -14.76 -55.43
N THR D 1342 74.93 -14.84 -56.56
CA THR D 1342 74.02 -13.79 -56.98
C THR D 1342 72.81 -13.71 -56.06
N VAL D 1343 72.60 -14.76 -55.27
CA VAL D 1343 71.56 -14.76 -54.25
C VAL D 1343 72.21 -14.83 -52.86
N ASP D 1344 72.97 -13.79 -52.53
CA ASP D 1344 73.71 -13.73 -51.28
C ASP D 1344 72.78 -13.56 -50.09
N GLY D 1345 72.75 -14.58 -49.22
CA GLY D 1345 71.92 -14.55 -48.02
C GLY D 1345 72.62 -15.12 -46.82
N ASP D 1346 72.14 -14.77 -45.63
CA ASP D 1346 72.72 -15.28 -44.39
C ASP D 1346 71.94 -16.54 -44.03
N LEU D 1347 72.50 -17.70 -44.34
CA LEU D 1347 71.75 -18.95 -44.22
C LEU D 1347 71.26 -19.22 -42.79
N LEU D 1348 71.82 -18.49 -41.83
CA LEU D 1348 71.49 -18.68 -40.43
C LEU D 1348 70.23 -17.90 -40.06
N LYS D 1349 69.84 -16.97 -40.94
CA LYS D 1349 68.60 -16.21 -40.81
C LYS D 1349 67.58 -16.67 -41.84
N LEU D 1350 67.82 -17.82 -42.47
CA LEU D 1350 66.91 -18.33 -43.49
C LEU D 1350 65.57 -18.67 -42.87
N VAL D 1351 64.51 -18.40 -43.61
CA VAL D 1351 63.17 -18.75 -43.15
C VAL D 1351 62.27 -19.42 -44.20
N HIS D 1352 61.56 -20.46 -43.77
CA HIS D 1352 60.70 -21.23 -44.65
C HIS D 1352 59.33 -20.64 -44.55
N LEU D 1353 58.77 -20.28 -45.69
CA LEU D 1353 57.48 -19.63 -45.68
C LEU D 1353 56.40 -20.66 -45.94
N SER D 1354 56.63 -21.44 -46.98
CA SER D 1354 55.62 -22.35 -47.44
C SER D 1354 56.27 -23.49 -48.19
N ASN D 1355 55.48 -24.54 -48.37
CA ASN D 1355 55.85 -25.68 -49.19
C ASN D 1355 54.58 -26.46 -49.52
N GLY D 1356 54.44 -26.84 -50.78
CA GLY D 1356 53.31 -27.63 -51.21
C GLY D 1356 53.69 -28.68 -52.24
N TYR D 1357 52.84 -29.70 -52.37
CA TYR D 1357 52.97 -30.73 -53.39
C TYR D 1357 51.72 -30.75 -54.27
N LYS D 1358 51.93 -30.79 -55.58
CA LYS D 1358 50.85 -30.87 -56.55
C LYS D 1358 51.10 -32.08 -57.45
N MET D 1359 50.13 -32.99 -57.51
CA MET D 1359 50.27 -34.18 -58.34
C MET D 1359 49.83 -33.85 -59.75
N ILE D 1360 50.68 -34.12 -60.74
CA ILE D 1360 50.26 -33.91 -62.11
C ILE D 1360 49.23 -34.98 -62.43
N PRO D 1361 48.11 -34.57 -63.06
CA PRO D 1361 46.95 -35.42 -63.31
C PRO D 1361 47.34 -36.70 -64.03
N GLY D 1362 46.75 -37.82 -63.62
CA GLY D 1362 47.01 -39.10 -64.25
C GLY D 1362 48.19 -39.84 -63.64
N ALA D 1363 49.02 -39.13 -62.91
CA ALA D 1363 50.21 -39.74 -62.30
C ALA D 1363 49.82 -40.53 -61.06
N LYS D 1364 50.23 -41.80 -61.00
CA LYS D 1364 50.02 -42.58 -59.78
C LYS D 1364 51.01 -42.15 -58.70
N PRO D 1365 50.67 -42.40 -57.41
CA PRO D 1365 51.50 -41.96 -56.27
C PRO D 1365 52.85 -42.66 -56.24
N LEU D 1366 53.76 -42.15 -55.43
CA LEU D 1366 55.08 -42.74 -55.33
C LEU D 1366 54.99 -44.11 -54.71
N GLN D 1367 55.77 -45.04 -55.25
CA GLN D 1367 55.78 -46.39 -54.74
C GLN D 1367 57.15 -46.74 -54.18
N VAL D 1368 57.21 -47.89 -53.54
CA VAL D 1368 58.45 -48.39 -52.99
C VAL D 1368 59.44 -48.79 -54.10
N GLY D 1369 58.92 -49.26 -55.23
CA GLY D 1369 59.80 -49.66 -56.31
C GLY D 1369 60.48 -48.49 -57.02
N ASP D 1370 59.76 -47.39 -57.16
CA ASP D 1370 60.11 -46.32 -58.09
C ASP D 1370 61.54 -45.75 -57.99
N VAL D 1371 62.08 -45.42 -59.16
CA VAL D 1371 63.30 -44.62 -59.26
C VAL D 1371 62.89 -43.23 -59.72
N VAL D 1372 63.37 -42.20 -59.01
CA VAL D 1372 62.86 -40.84 -59.20
C VAL D 1372 63.94 -39.80 -59.56
N SER D 1373 63.77 -39.17 -60.71
CA SER D 1373 64.64 -38.07 -61.11
C SER D 1373 64.04 -36.77 -60.61
N THR D 1374 64.87 -35.91 -60.05
CA THR D 1374 64.37 -34.64 -59.53
C THR D 1374 65.01 -33.44 -60.22
N THR D 1375 64.20 -32.41 -60.47
CA THR D 1375 64.63 -31.21 -61.16
C THR D 1375 64.07 -29.98 -60.44
N ALA D 1376 64.96 -29.13 -59.95
CA ALA D 1376 64.54 -27.96 -59.18
C ALA D 1376 64.81 -26.66 -59.93
N VAL D 1377 63.76 -26.06 -60.46
CA VAL D 1377 63.86 -24.75 -61.09
C VAL D 1377 63.46 -23.67 -60.10
N ILE D 1378 64.24 -22.61 -60.04
CA ILE D 1378 63.96 -21.50 -59.13
C ILE D 1378 63.17 -20.40 -59.86
N GLU D 1379 61.88 -20.35 -59.58
CA GLU D 1379 60.94 -19.49 -60.31
C GLU D 1379 61.19 -18.00 -60.10
N SER D 1380 60.92 -17.52 -58.88
CA SER D 1380 61.01 -16.09 -58.61
C SER D 1380 61.91 -15.76 -57.42
N VAL D 1381 62.81 -14.80 -57.64
CA VAL D 1381 63.68 -14.30 -56.57
C VAL D 1381 63.50 -12.81 -56.54
N VAL D 1382 62.87 -12.31 -55.50
CA VAL D 1382 62.58 -10.89 -55.46
C VAL D 1382 63.05 -10.24 -54.18
N ASN D 1383 63.59 -9.03 -54.32
CA ASN D 1383 63.96 -8.25 -53.17
C ASN D 1383 62.74 -7.51 -52.67
N GLN D 1384 62.42 -7.70 -51.40
CA GLN D 1384 61.31 -6.99 -50.79
C GLN D 1384 61.80 -6.06 -49.74
N PRO D 1385 60.92 -5.13 -49.32
CA PRO D 1385 61.19 -4.28 -48.17
C PRO D 1385 61.91 -5.04 -47.07
N THR D 1386 61.27 -6.10 -46.59
CA THR D 1386 61.73 -6.80 -45.41
C THR D 1386 62.88 -7.80 -45.66
N GLY D 1387 63.01 -8.29 -46.89
CA GLY D 1387 64.04 -9.27 -47.19
C GLY D 1387 63.98 -9.84 -48.58
N LYS D 1388 64.78 -10.88 -48.82
CA LYS D 1388 64.85 -11.55 -50.11
C LYS D 1388 64.01 -12.82 -50.10
N ILE D 1389 63.23 -13.02 -51.15
CA ILE D 1389 62.36 -14.18 -51.25
C ILE D 1389 62.68 -15.02 -52.47
N VAL D 1390 62.84 -16.32 -52.24
CA VAL D 1390 63.13 -17.24 -53.33
C VAL D 1390 62.06 -18.32 -53.41
N ASP D 1391 61.45 -18.41 -54.59
CA ASP D 1391 60.41 -19.40 -54.90
C ASP D 1391 61.00 -20.49 -55.77
N VAL D 1392 61.03 -21.71 -55.23
CA VAL D 1392 61.61 -22.83 -55.95
C VAL D 1392 60.52 -23.80 -56.37
N VAL D 1393 60.74 -24.46 -57.50
CA VAL D 1393 59.83 -25.49 -57.98
C VAL D 1393 60.56 -26.78 -58.29
N GLY D 1394 60.13 -27.86 -57.65
CA GLY D 1394 60.64 -29.18 -57.95
C GLY D 1394 59.72 -29.91 -58.91
N THR D 1395 60.29 -30.77 -59.74
CA THR D 1395 59.53 -31.66 -60.60
C THR D 1395 60.09 -33.09 -60.56
N LEU D 1396 59.47 -33.92 -59.72
CA LEU D 1396 59.85 -35.32 -59.61
C LEU D 1396 59.25 -36.11 -60.75
N SER D 1397 60.12 -36.65 -61.59
CA SER D 1397 59.68 -37.45 -62.71
C SER D 1397 60.00 -38.93 -62.45
N ARG D 1398 59.31 -39.81 -63.18
CA ARG D 1398 59.49 -41.25 -63.04
C ARG D 1398 59.26 -41.88 -64.40
N ASN D 1399 60.24 -42.63 -64.90
CA ASN D 1399 60.13 -43.30 -66.20
C ASN D 1399 59.83 -42.33 -67.34
N GLY D 1400 60.56 -41.21 -67.38
CA GLY D 1400 60.37 -40.22 -68.42
C GLY D 1400 59.30 -39.20 -68.08
N LYS D 1401 58.12 -39.69 -67.69
CA LYS D 1401 56.98 -38.83 -67.37
C LYS D 1401 57.15 -38.12 -66.02
N PRO D 1402 56.61 -36.88 -65.92
CA PRO D 1402 56.63 -36.13 -64.66
C PRO D 1402 55.55 -36.65 -63.74
N VAL D 1403 55.86 -36.77 -62.45
CA VAL D 1403 54.92 -37.36 -61.51
C VAL D 1403 54.25 -36.33 -60.60
N MET D 1404 55.03 -35.51 -59.91
CA MET D 1404 54.45 -34.46 -59.08
C MET D 1404 55.36 -33.21 -59.00
N GLU D 1405 54.76 -32.07 -58.69
CA GLU D 1405 55.50 -30.82 -58.49
C GLU D 1405 55.57 -30.43 -57.00
N VAL D 1406 56.75 -30.00 -56.55
CA VAL D 1406 56.94 -29.55 -55.17
C VAL D 1406 57.26 -28.05 -55.15
N THR D 1407 56.58 -27.30 -54.29
CA THR D 1407 56.77 -25.85 -54.23
C THR D 1407 57.29 -25.40 -52.89
N SER D 1408 58.44 -24.74 -52.89
CA SER D 1408 58.96 -24.17 -51.66
C SER D 1408 59.35 -22.73 -51.85
N SER D 1409 59.03 -21.89 -50.88
CA SER D 1409 59.51 -20.52 -50.87
C SER D 1409 60.24 -20.20 -49.57
N PHE D 1410 61.44 -19.66 -49.72
CA PHE D 1410 62.30 -19.35 -48.59
C PHE D 1410 62.52 -17.86 -48.50
N PHE D 1411 62.93 -17.43 -47.32
CA PHE D 1411 63.10 -16.03 -47.03
C PHE D 1411 64.42 -15.74 -46.30
N TYR D 1412 65.30 -14.96 -46.94
CA TYR D 1412 66.45 -14.37 -46.26
C TYR D 1412 66.03 -13.00 -45.75
N ARG D 1413 65.90 -12.83 -44.43
CA ARG D 1413 65.50 -11.53 -43.93
C ARG D 1413 66.66 -10.55 -43.99
N GLY D 1414 66.35 -9.28 -44.26
CA GLY D 1414 67.36 -8.25 -44.33
C GLY D 1414 67.08 -7.19 -45.38
N ASN D 1415 68.01 -6.25 -45.49
CA ASN D 1415 67.88 -5.17 -46.46
C ASN D 1415 68.76 -5.41 -47.70
N TYR D 1416 68.13 -5.65 -48.84
CA TYR D 1416 68.86 -5.91 -50.08
C TYR D 1416 68.53 -4.88 -51.15
N THR D 1417 69.24 -4.95 -52.28
CA THR D 1417 69.04 -4.03 -53.38
C THR D 1417 69.67 -4.56 -54.66
N ASP D 1418 69.93 -5.86 -54.68
CA ASP D 1418 70.55 -6.50 -55.84
C ASP D 1418 69.67 -6.35 -57.09
N PHE D 1419 68.98 -5.21 -57.18
CA PHE D 1419 68.11 -4.93 -58.31
C PHE D 1419 68.69 -5.49 -59.61
N GLU D 1420 70.00 -5.71 -59.61
CA GLU D 1420 70.69 -6.24 -60.78
C GLU D 1420 70.32 -7.70 -61.02
N ASN D 1421 70.24 -8.47 -59.93
CA ASN D 1421 69.90 -9.88 -60.02
C ASN D 1421 68.59 -10.20 -59.31
N THR D 1422 67.48 -9.77 -59.89
CA THR D 1422 66.16 -10.00 -59.31
C THR D 1422 65.12 -10.20 -60.40
N PHE D 1423 64.43 -11.34 -60.36
CA PHE D 1423 63.40 -11.66 -61.33
C PHE D 1423 62.21 -12.34 -60.67
N GLN D 1424 61.15 -12.58 -61.46
CA GLN D 1424 59.96 -13.22 -60.95
C GLN D 1424 58.93 -13.44 -62.06
N LYS D 1425 58.55 -14.71 -62.26
CA LYS D 1425 57.58 -15.05 -63.29
C LYS D 1425 56.25 -15.48 -62.66
N THR D 1426 55.17 -14.79 -63.04
CA THR D 1426 53.85 -15.10 -62.52
C THR D 1426 52.91 -15.60 -63.61
N VAL D 1427 52.06 -16.56 -63.26
CA VAL D 1427 51.11 -17.12 -64.19
C VAL D 1427 49.78 -16.44 -64.01
N GLU D 1428 49.46 -15.55 -64.94
CA GLU D 1428 48.23 -14.80 -64.88
C GLU D 1428 47.04 -15.73 -65.04
N PRO D 1429 45.94 -15.41 -64.33
CA PRO D 1429 44.66 -16.12 -64.48
C PRO D 1429 44.14 -15.98 -65.91
N VAL D 1430 43.21 -16.85 -66.26
CA VAL D 1430 42.68 -16.81 -67.60
C VAL D 1430 41.62 -15.73 -67.66
N TYR D 1431 41.75 -14.88 -68.67
CA TYR D 1431 40.79 -13.82 -68.87
C TYR D 1431 39.86 -14.19 -70.03
N GLN D 1432 38.57 -14.09 -69.77
CA GLN D 1432 37.57 -14.36 -70.80
C GLN D 1432 37.02 -13.05 -71.34
N MET D 1433 36.81 -12.99 -72.63
CA MET D 1433 36.38 -11.75 -73.25
C MET D 1433 35.36 -12.04 -74.33
N HIS D 1434 34.22 -11.36 -74.24
CA HIS D 1434 33.06 -11.66 -75.07
C HIS D 1434 32.95 -10.65 -76.20
N ILE D 1435 33.57 -10.92 -77.34
CA ILE D 1435 33.59 -9.96 -78.45
C ILE D 1435 32.21 -9.79 -79.04
N LYS D 1436 31.51 -8.74 -78.61
CA LYS D 1436 30.10 -8.58 -78.93
C LYS D 1436 29.86 -7.64 -80.12
N THR D 1437 30.60 -6.53 -80.12
CA THR D 1437 30.37 -5.46 -81.09
C THR D 1437 31.49 -5.36 -82.12
N SER D 1438 31.37 -4.40 -83.03
CA SER D 1438 32.37 -4.18 -84.08
C SER D 1438 33.53 -3.31 -83.63
N LYS D 1439 33.27 -2.39 -82.70
CA LYS D 1439 34.32 -1.55 -82.14
C LYS D 1439 35.17 -2.36 -81.18
N ASP D 1440 34.54 -3.36 -80.56
CA ASP D 1440 35.25 -4.26 -79.66
C ASP D 1440 36.44 -4.85 -80.42
N ILE D 1441 36.13 -5.51 -81.52
CA ILE D 1441 37.14 -6.12 -82.37
C ILE D 1441 38.16 -5.09 -82.86
N ALA D 1442 37.69 -3.88 -83.13
CA ALA D 1442 38.59 -2.79 -83.52
C ALA D 1442 39.65 -2.48 -82.44
N VAL D 1443 39.21 -2.25 -81.21
CA VAL D 1443 40.10 -1.96 -80.09
C VAL D 1443 41.15 -3.05 -79.90
N LEU D 1444 40.72 -4.31 -79.96
CA LEU D 1444 41.65 -5.43 -79.84
C LEU D 1444 42.72 -5.43 -80.95
N ARG D 1445 42.31 -5.20 -82.19
CA ARG D 1445 43.29 -5.14 -83.28
C ARG D 1445 44.21 -3.94 -83.12
N SER D 1446 43.82 -3.03 -82.23
CA SER D 1446 44.58 -1.79 -82.04
C SER D 1446 45.86 -2.07 -81.26
N LYS D 1447 45.82 -3.08 -80.40
CA LYS D 1447 46.98 -3.42 -79.58
C LYS D 1447 47.96 -4.31 -80.34
N GLU D 1448 49.25 -3.99 -80.24
CA GLU D 1448 50.28 -4.68 -81.01
C GLU D 1448 50.55 -6.09 -80.50
N TRP D 1449 50.10 -6.38 -79.28
CA TRP D 1449 50.35 -7.68 -78.67
C TRP D 1449 49.25 -8.68 -79.04
N PHE D 1450 48.11 -8.16 -79.46
CA PHE D 1450 47.03 -8.99 -79.99
C PHE D 1450 47.42 -9.46 -81.39
N GLN D 1451 47.77 -10.74 -81.50
CA GLN D 1451 48.34 -11.26 -82.73
C GLN D 1451 47.82 -12.64 -83.11
N LEU D 1452 46.76 -12.70 -83.93
CA LEU D 1452 46.18 -13.98 -84.31
C LEU D 1452 46.73 -14.52 -85.63
N ASP D 1453 46.53 -15.82 -85.85
CA ASP D 1453 47.11 -16.51 -86.99
C ASP D 1453 46.59 -15.98 -88.33
N ASP D 1454 45.30 -16.18 -88.63
CA ASP D 1454 44.65 -15.54 -89.78
C ASP D 1454 44.04 -14.25 -89.33
N GLU D 1455 44.56 -13.12 -89.81
CA GLU D 1455 44.06 -11.82 -89.41
C GLU D 1455 42.61 -11.71 -89.85
N ASP D 1456 42.25 -12.56 -90.80
CA ASP D 1456 40.90 -12.57 -91.38
C ASP D 1456 39.86 -13.24 -90.47
N PHE D 1457 40.31 -13.79 -89.36
CA PHE D 1457 39.41 -14.45 -88.42
C PHE D 1457 38.26 -13.53 -87.99
N ASP D 1458 37.06 -14.10 -88.00
CA ASP D 1458 35.85 -13.36 -87.67
C ASP D 1458 35.63 -13.36 -86.16
N LEU D 1459 36.22 -12.38 -85.49
CA LEU D 1459 36.09 -12.25 -84.06
C LEU D 1459 34.65 -11.96 -83.65
N LEU D 1460 33.89 -11.32 -84.53
CA LEU D 1460 32.51 -10.94 -84.22
C LEU D 1460 31.71 -12.10 -83.63
N ASN D 1461 31.21 -11.86 -82.42
CA ASN D 1461 30.30 -12.79 -81.73
C ASN D 1461 30.91 -14.06 -81.16
N LYS D 1462 32.24 -14.10 -81.08
CA LYS D 1462 32.92 -15.24 -80.47
C LYS D 1462 33.31 -14.89 -79.02
N THR D 1463 33.85 -15.88 -78.30
CA THR D 1463 34.32 -15.65 -76.94
C THR D 1463 35.80 -16.00 -76.88
N LEU D 1464 36.61 -15.04 -76.45
CA LEU D 1464 38.05 -15.27 -76.36
C LEU D 1464 38.54 -15.50 -74.94
N THR D 1465 39.56 -16.35 -74.83
CA THR D 1465 40.26 -16.52 -73.57
C THR D 1465 41.76 -16.21 -73.72
N PHE D 1466 42.33 -15.65 -72.67
CA PHE D 1466 43.72 -15.25 -72.67
C PHE D 1466 44.48 -15.91 -71.52
N GLU D 1467 45.26 -16.93 -71.86
CA GLU D 1467 46.02 -17.68 -70.87
C GLU D 1467 47.43 -17.15 -70.83
N THR D 1468 47.68 -16.24 -69.90
CA THR D 1468 48.89 -15.42 -69.95
C THR D 1468 49.94 -15.72 -68.87
N GLU D 1469 51.21 -15.69 -69.28
CA GLU D 1469 52.34 -15.70 -68.34
C GLU D 1469 53.15 -14.41 -68.50
N THR D 1470 53.41 -13.72 -67.40
CA THR D 1470 54.21 -12.49 -67.46
C THR D 1470 55.52 -12.55 -66.68
N GLU D 1471 56.62 -12.41 -67.43
CA GLU D 1471 57.96 -12.55 -66.89
C GLU D 1471 58.55 -11.16 -66.71
N VAL D 1472 58.99 -10.86 -65.50
CA VAL D 1472 59.44 -9.51 -65.20
C VAL D 1472 60.83 -9.51 -64.56
N THR D 1473 61.59 -8.47 -64.84
CA THR D 1473 62.88 -8.29 -64.19
C THR D 1473 62.97 -6.87 -63.63
N PHE D 1474 63.35 -6.78 -62.35
CA PHE D 1474 63.40 -5.48 -61.70
C PHE D 1474 64.72 -4.81 -62.02
N LYS D 1475 64.72 -3.49 -62.03
CA LYS D 1475 65.98 -2.76 -62.09
C LYS D 1475 66.05 -1.72 -60.99
N ASN D 1476 64.90 -1.36 -60.45
CA ASN D 1476 64.85 -0.34 -59.42
C ASN D 1476 63.83 -0.71 -58.36
N ALA D 1477 63.55 0.21 -57.43
CA ALA D 1477 62.61 -0.08 -56.35
C ALA D 1477 61.23 -0.45 -56.90
N ASN D 1478 60.67 0.46 -57.69
CA ASN D 1478 59.32 0.29 -58.22
C ASN D 1478 59.30 0.09 -59.73
N ILE D 1479 60.29 0.63 -60.42
CA ILE D 1479 60.37 0.54 -61.87
C ILE D 1479 60.87 -0.81 -62.39
N PHE D 1480 60.12 -1.41 -63.31
CA PHE D 1480 60.59 -2.66 -63.91
C PHE D 1480 61.68 -2.38 -64.94
N SER D 1481 62.58 -3.34 -65.09
CA SER D 1481 63.63 -3.30 -66.10
C SER D 1481 63.11 -3.80 -67.42
N SER D 1482 62.28 -4.84 -67.34
CA SER D 1482 61.67 -5.44 -68.51
C SER D 1482 60.43 -6.21 -68.12
N VAL D 1483 59.49 -6.27 -69.06
CA VAL D 1483 58.20 -6.93 -68.87
C VAL D 1483 57.84 -7.72 -70.12
N LYS D 1484 57.90 -9.05 -70.02
CA LYS D 1484 57.40 -9.94 -71.06
C LYS D 1484 56.02 -10.45 -70.66
N CYS D 1485 55.17 -10.66 -71.65
CA CYS D 1485 53.84 -11.18 -71.36
C CYS D 1485 53.34 -11.96 -72.58
N PHE D 1486 53.30 -13.29 -72.45
CA PHE D 1486 52.94 -14.15 -73.56
C PHE D 1486 51.93 -15.23 -73.15
N GLY D 1487 51.26 -15.78 -74.14
CA GLY D 1487 50.27 -16.81 -73.90
C GLY D 1487 49.41 -16.99 -75.12
N PRO D 1488 48.64 -18.09 -75.15
CA PRO D 1488 47.80 -18.35 -76.31
C PRO D 1488 46.46 -17.64 -76.21
N ILE D 1489 45.94 -17.18 -77.33
CA ILE D 1489 44.57 -16.66 -77.39
C ILE D 1489 43.69 -17.78 -77.94
N LYS D 1490 42.57 -18.04 -77.28
CA LYS D 1490 41.71 -19.13 -77.71
C LYS D 1490 40.27 -18.69 -77.91
N VAL D 1491 39.56 -19.45 -78.75
CA VAL D 1491 38.16 -19.17 -79.06
C VAL D 1491 37.28 -20.35 -78.64
N GLU D 1492 36.12 -20.07 -78.07
CA GLU D 1492 35.16 -21.11 -77.71
C GLU D 1492 34.54 -21.74 -78.95
N LEU D 1493 34.40 -23.07 -78.93
CA LEU D 1493 33.67 -23.76 -79.98
C LEU D 1493 32.26 -24.02 -79.48
N PRO D 1494 31.40 -24.52 -80.36
CA PRO D 1494 30.05 -24.87 -79.92
C PRO D 1494 30.10 -25.95 -78.84
N THR D 1495 31.10 -26.82 -78.94
CA THR D 1495 31.33 -27.90 -77.98
C THR D 1495 31.83 -27.32 -76.65
N LYS D 1496 32.12 -26.02 -76.67
CA LYS D 1496 32.66 -25.31 -75.51
C LYS D 1496 34.15 -25.64 -75.26
N GLU D 1497 34.72 -26.42 -76.17
CA GLU D 1497 36.17 -26.65 -76.26
C GLU D 1497 36.85 -25.33 -76.60
N THR D 1498 38.15 -25.24 -76.36
CA THR D 1498 38.88 -24.01 -76.70
C THR D 1498 40.07 -24.27 -77.61
N VAL D 1499 40.10 -23.55 -78.73
CA VAL D 1499 41.15 -23.75 -79.72
C VAL D 1499 42.04 -22.52 -79.84
N GLU D 1500 43.35 -22.76 -80.01
CA GLU D 1500 44.31 -21.67 -80.18
C GLU D 1500 44.04 -20.86 -81.45
N ILE D 1501 43.96 -19.54 -81.30
CA ILE D 1501 43.61 -18.62 -82.37
C ILE D 1501 44.82 -17.74 -82.71
N GLY D 1502 45.65 -17.51 -81.70
CA GLY D 1502 46.83 -16.66 -81.85
C GLY D 1502 47.68 -16.58 -80.60
N ILE D 1503 48.23 -15.40 -80.37
CA ILE D 1503 49.20 -15.20 -79.30
C ILE D 1503 49.00 -13.84 -78.64
N VAL D 1504 49.31 -13.78 -77.35
CA VAL D 1504 49.65 -12.51 -76.72
C VAL D 1504 51.17 -12.45 -76.72
N ASP D 1505 51.72 -11.38 -77.30
CA ASP D 1505 53.16 -11.23 -77.37
C ASP D 1505 53.57 -9.80 -77.04
N TYR D 1506 53.79 -9.55 -75.75
CA TYR D 1506 54.19 -8.23 -75.26
C TYR D 1506 55.62 -8.28 -74.75
N GLU D 1507 56.33 -7.18 -74.95
CA GLU D 1507 57.71 -7.04 -74.52
C GLU D 1507 57.95 -5.55 -74.31
N ALA D 1508 58.64 -5.22 -73.22
CA ALA D 1508 58.87 -3.82 -72.88
C ALA D 1508 60.05 -3.72 -71.93
N GLY D 1509 60.93 -2.76 -72.18
CA GLY D 1509 61.95 -2.44 -71.21
C GLY D 1509 61.46 -1.29 -70.38
N ALA D 1510 62.21 -0.91 -69.35
CA ALA D 1510 61.88 0.25 -68.52
C ALA D 1510 60.37 0.45 -68.33
N SER D 1511 59.63 -0.64 -68.17
CA SER D 1511 58.18 -0.57 -67.98
C SER D 1511 57.91 -0.03 -66.57
N HIS D 1512 56.65 -0.01 -66.18
CA HIS D 1512 56.25 0.53 -64.89
C HIS D 1512 55.07 -0.32 -64.40
N GLY D 1513 54.38 -0.92 -65.36
CA GLY D 1513 53.24 -1.77 -65.10
C GLY D 1513 53.02 -2.70 -66.28
N ASN D 1514 52.11 -3.64 -66.13
CA ASN D 1514 51.78 -4.54 -67.22
C ASN D 1514 50.50 -4.06 -67.88
N PRO D 1515 50.61 -3.52 -69.10
CA PRO D 1515 49.49 -3.00 -69.88
C PRO D 1515 48.50 -4.10 -70.29
N VAL D 1516 49.03 -5.23 -70.74
CA VAL D 1516 48.22 -6.35 -71.20
C VAL D 1516 47.25 -6.86 -70.15
N VAL D 1517 47.77 -7.11 -68.95
CA VAL D 1517 46.95 -7.58 -67.85
C VAL D 1517 45.94 -6.52 -67.42
N ASP D 1518 46.37 -5.27 -67.39
CA ASP D 1518 45.46 -4.18 -67.03
C ASP D 1518 44.29 -4.14 -68.01
N PHE D 1519 44.60 -4.18 -69.30
CA PHE D 1519 43.58 -4.23 -70.32
C PHE D 1519 42.58 -5.34 -70.04
N LEU D 1520 43.09 -6.56 -70.00
CA LEU D 1520 42.24 -7.72 -69.80
C LEU D 1520 41.46 -7.65 -68.49
N LYS D 1521 42.03 -6.98 -67.49
CA LYS D 1521 41.35 -6.89 -66.20
C LYS D 1521 40.07 -6.10 -66.38
N ARG D 1522 40.21 -4.91 -66.94
CA ARG D 1522 39.10 -3.98 -67.08
C ARG D 1522 38.13 -4.42 -68.18
N ASN D 1523 38.68 -4.94 -69.26
CA ASN D 1523 37.89 -5.30 -70.43
C ASN D 1523 37.48 -6.76 -70.51
N GLY D 1524 37.56 -7.47 -69.40
CA GLY D 1524 37.23 -8.88 -69.38
C GLY D 1524 36.83 -9.35 -67.99
N SER D 1525 36.63 -10.65 -67.88
CA SER D 1525 36.32 -11.27 -66.60
C SER D 1525 37.40 -12.29 -66.29
N THR D 1526 37.57 -12.59 -65.02
CA THR D 1526 38.64 -13.48 -64.59
C THR D 1526 38.09 -14.82 -64.18
N LEU D 1527 38.37 -15.83 -64.99
CA LEU D 1527 37.97 -17.20 -64.70
C LEU D 1527 38.82 -17.79 -63.59
N GLU D 1528 38.23 -17.96 -62.40
CA GLU D 1528 38.92 -18.69 -61.33
C GLU D 1528 38.32 -20.09 -61.25
N GLN D 1529 39.18 -21.09 -61.10
CA GLN D 1529 38.73 -22.47 -61.13
C GLN D 1529 38.21 -22.93 -59.77
N LYS D 1530 38.36 -22.24 -58.79
CA LYS D 1530 37.83 -22.60 -57.49
C LYS D 1530 36.41 -22.10 -57.38
N VAL D 1531 35.64 -23.05 -56.63
CA VAL D 1531 34.27 -22.63 -56.40
C VAL D 1531 33.86 -22.96 -54.98
N ASN D 1532 33.58 -21.94 -54.19
CA ASN D 1532 33.17 -22.15 -52.81
C ASN D 1532 31.87 -22.95 -52.69
N LEU D 1533 31.71 -23.64 -51.57
CA LEU D 1533 30.41 -24.21 -51.23
C LEU D 1533 29.54 -23.08 -50.71
N GLU D 1534 28.32 -23.41 -50.31
CA GLU D 1534 27.46 -22.38 -49.73
C GLU D 1534 27.93 -22.07 -48.32
N ASN D 1535 28.00 -23.11 -47.51
CA ASN D 1535 28.56 -22.96 -46.18
C ASN D 1535 29.72 -23.92 -45.99
N PRO D 1536 30.79 -23.46 -45.33
CA PRO D 1536 31.88 -24.39 -44.99
C PRO D 1536 31.29 -25.54 -44.19
N ILE D 1537 31.74 -26.75 -44.49
CA ILE D 1537 31.30 -27.92 -43.75
C ILE D 1537 32.41 -28.46 -42.88
N PRO D 1538 32.21 -28.38 -41.55
CA PRO D 1538 33.28 -28.85 -40.64
C PRO D 1538 33.49 -30.33 -40.81
N ILE D 1539 34.74 -30.78 -40.75
CA ILE D 1539 35.10 -32.18 -40.92
C ILE D 1539 35.51 -32.75 -39.57
N ALA D 1540 36.48 -32.12 -38.92
CA ALA D 1540 36.93 -32.58 -37.61
C ALA D 1540 37.96 -31.66 -36.96
N VAL D 1541 38.05 -31.73 -35.64
CA VAL D 1541 39.09 -31.01 -34.89
C VAL D 1541 39.97 -32.03 -34.18
N LEU D 1542 41.24 -32.09 -34.58
CA LEU D 1542 42.14 -33.14 -34.10
C LEU D 1542 43.27 -32.62 -33.22
N ASP D 1543 43.75 -33.48 -32.33
CA ASP D 1543 44.84 -33.15 -31.43
C ASP D 1543 46.16 -33.72 -31.94
N SER D 1544 47.16 -32.87 -32.10
CA SER D 1544 48.46 -33.28 -32.58
C SER D 1544 49.56 -32.93 -31.59
N TYR D 1545 50.75 -33.49 -31.79
CA TYR D 1545 51.89 -33.23 -30.91
C TYR D 1545 53.20 -33.23 -31.70
N THR D 1546 54.09 -32.31 -31.33
CA THR D 1546 55.43 -32.27 -31.92
C THR D 1546 56.33 -33.19 -31.11
N PRO D 1547 57.34 -33.74 -31.78
CA PRO D 1547 58.24 -34.77 -31.23
C PRO D 1547 59.05 -34.26 -30.05
N SER D 1548 59.46 -35.19 -29.20
CA SER D 1548 60.34 -34.91 -28.07
C SER D 1548 61.69 -34.34 -28.53
N THR D 1549 62.29 -34.97 -29.55
CA THR D 1549 63.52 -34.46 -30.15
C THR D 1549 63.32 -34.33 -31.66
N ASN D 1550 64.18 -33.55 -32.32
CA ASN D 1550 64.02 -33.36 -33.76
C ASN D 1550 64.89 -34.26 -34.62
N GLU D 1551 65.85 -34.93 -33.98
CA GLU D 1551 66.81 -35.82 -34.66
C GLU D 1551 66.13 -36.83 -35.60
N PRO D 1552 65.07 -37.52 -35.10
CA PRO D 1552 64.29 -38.44 -35.93
C PRO D 1552 63.84 -37.85 -37.26
N TYR D 1553 63.22 -36.67 -37.25
CA TYR D 1553 62.83 -36.09 -38.53
C TYR D 1553 64.06 -35.72 -39.36
N ALA D 1554 65.07 -35.13 -38.71
CA ALA D 1554 66.26 -34.69 -39.42
C ALA D 1554 66.93 -35.84 -40.18
N ARG D 1555 66.95 -37.02 -39.55
CA ARG D 1555 67.62 -38.18 -40.12
C ARG D 1555 66.94 -38.66 -41.40
N VAL D 1556 65.60 -38.77 -41.37
CA VAL D 1556 64.88 -39.24 -42.54
C VAL D 1556 64.88 -38.23 -43.68
N SER D 1557 64.90 -36.94 -43.34
CA SER D 1557 64.67 -35.87 -44.32
C SER D 1557 65.93 -35.30 -44.94
N GLY D 1558 67.04 -35.39 -44.20
CA GLY D 1558 68.32 -34.89 -44.66
C GLY D 1558 68.52 -33.43 -44.31
N ASP D 1559 67.72 -32.95 -43.35
CA ASP D 1559 67.80 -31.57 -42.88
C ASP D 1559 68.58 -31.52 -41.58
N LEU D 1560 69.90 -31.44 -41.71
CA LEU D 1560 70.82 -31.48 -40.58
C LEU D 1560 71.04 -30.08 -40.01
N ASN D 1561 70.18 -29.14 -40.41
CA ASN D 1561 70.21 -27.78 -39.91
C ASN D 1561 70.27 -27.78 -38.39
N PRO D 1562 71.38 -27.27 -37.84
CA PRO D 1562 71.68 -27.30 -36.41
C PRO D 1562 70.66 -26.53 -35.58
N ILE D 1563 69.99 -25.58 -36.22
CA ILE D 1563 68.96 -24.77 -35.60
C ILE D 1563 67.95 -25.65 -34.86
N HIS D 1564 67.67 -26.82 -35.42
CA HIS D 1564 66.65 -27.71 -34.89
C HIS D 1564 67.19 -28.72 -33.88
N VAL D 1565 68.51 -28.89 -33.86
CA VAL D 1565 69.09 -29.99 -33.08
C VAL D 1565 70.08 -29.56 -32.01
N SER D 1566 70.89 -28.54 -32.31
CA SER D 1566 71.92 -28.06 -31.40
C SER D 1566 71.54 -26.75 -30.69
N ARG D 1567 71.36 -26.80 -29.37
CA ARG D 1567 70.86 -25.64 -28.62
C ARG D 1567 71.68 -24.36 -28.80
N HIS D 1568 72.98 -24.52 -29.04
CA HIS D 1568 73.88 -23.37 -29.11
C HIS D 1568 73.73 -22.63 -30.43
N PHE D 1569 73.29 -23.35 -31.46
CA PHE D 1569 73.01 -22.75 -32.75
C PHE D 1569 71.65 -22.09 -32.69
N ALA D 1570 70.66 -22.81 -32.16
CA ALA D 1570 69.34 -22.26 -31.97
C ALA D 1570 69.46 -20.95 -31.19
N SER D 1571 70.22 -20.99 -30.10
CA SER D 1571 70.38 -19.81 -29.25
C SER D 1571 71.14 -18.69 -29.98
N TYR D 1572 72.10 -19.04 -30.82
CA TYR D 1572 72.88 -18.02 -31.55
C TYR D 1572 72.03 -17.28 -32.57
N ALA D 1573 71.02 -17.96 -33.10
CA ALA D 1573 70.15 -17.38 -34.11
C ALA D 1573 68.97 -16.67 -33.46
N ASN D 1574 68.91 -16.74 -32.13
CA ASN D 1574 67.90 -16.06 -31.33
C ASN D 1574 66.52 -16.64 -31.56
N LEU D 1575 66.42 -17.95 -31.41
CA LEU D 1575 65.14 -18.63 -31.55
C LEU D 1575 64.71 -19.04 -30.15
N PRO D 1576 63.42 -19.34 -29.98
CA PRO D 1576 62.82 -19.69 -28.68
C PRO D 1576 63.38 -21.00 -28.12
N GLY D 1577 64.11 -21.71 -28.96
CA GLY D 1577 64.66 -22.99 -28.59
C GLY D 1577 64.98 -23.76 -29.84
N THR D 1578 65.01 -25.07 -29.71
CA THR D 1578 65.29 -25.90 -30.86
C THR D 1578 63.99 -26.16 -31.63
N ILE D 1579 63.61 -25.19 -32.46
CA ILE D 1579 62.35 -25.22 -33.19
C ILE D 1579 62.10 -26.55 -33.89
N THR D 1580 60.89 -27.06 -33.80
CA THR D 1580 60.49 -28.25 -34.55
C THR D 1580 60.55 -27.96 -36.06
N HIS D 1581 60.99 -28.96 -36.82
CA HIS D 1581 61.04 -28.84 -38.27
C HIS D 1581 59.68 -28.45 -38.81
N GLY D 1582 59.63 -27.32 -39.49
CA GLY D 1582 58.40 -26.87 -40.12
C GLY D 1582 57.87 -27.92 -41.07
N MET D 1583 58.79 -28.74 -41.60
CA MET D 1583 58.42 -29.82 -42.50
C MET D 1583 57.69 -30.95 -41.78
N PHE D 1584 58.07 -31.19 -40.52
CA PHE D 1584 57.39 -32.20 -39.72
C PHE D 1584 55.91 -31.84 -39.58
N SER D 1585 55.65 -30.62 -39.14
CA SER D 1585 54.29 -30.13 -38.98
C SER D 1585 53.53 -30.26 -40.29
N SER D 1586 54.24 -30.08 -41.41
CA SER D 1586 53.64 -30.21 -42.73
C SER D 1586 53.12 -31.62 -42.96
N ALA D 1587 53.98 -32.61 -42.70
CA ALA D 1587 53.63 -34.00 -42.90
C ALA D 1587 52.72 -34.52 -41.78
N SER D 1588 52.86 -33.93 -40.59
CA SER D 1588 52.09 -34.35 -39.44
C SER D 1588 50.63 -33.94 -39.62
N VAL D 1589 50.43 -32.68 -39.96
CA VAL D 1589 49.08 -32.17 -40.20
C VAL D 1589 48.49 -32.85 -41.42
N ARG D 1590 49.30 -33.00 -42.46
CA ARG D 1590 48.86 -33.64 -43.70
C ARG D 1590 48.27 -35.01 -43.40
N ALA D 1591 48.96 -35.76 -42.54
CA ALA D 1591 48.48 -37.06 -42.12
C ALA D 1591 47.06 -37.00 -41.59
N LEU D 1592 46.75 -35.95 -40.84
CA LEU D 1592 45.43 -35.75 -40.27
C LEU D 1592 44.40 -35.54 -41.37
N ILE D 1593 44.74 -34.69 -42.32
CA ILE D 1593 43.90 -34.44 -43.49
C ILE D 1593 43.69 -35.73 -44.24
N GLU D 1594 44.77 -36.48 -44.38
CA GLU D 1594 44.76 -37.74 -45.13
C GLU D 1594 43.78 -38.71 -44.50
N ASN D 1595 43.89 -38.83 -43.18
CA ASN D 1595 43.08 -39.78 -42.44
C ASN D 1595 41.61 -39.42 -42.43
N TRP D 1596 41.31 -38.20 -42.01
CA TRP D 1596 39.95 -37.80 -41.71
C TRP D 1596 39.18 -37.19 -42.90
N ALA D 1597 39.90 -36.69 -43.89
CA ALA D 1597 39.25 -36.02 -45.00
C ALA D 1597 39.18 -36.94 -46.18
N ALA D 1598 40.16 -37.84 -46.27
CA ALA D 1598 40.23 -38.77 -47.39
C ALA D 1598 39.93 -40.19 -46.91
N ASP D 1599 39.53 -40.31 -45.66
CA ASP D 1599 39.14 -41.59 -45.09
C ASP D 1599 40.29 -42.57 -45.21
N SER D 1600 41.50 -42.06 -45.06
CA SER D 1600 42.71 -42.88 -45.09
C SER D 1600 42.88 -43.61 -46.42
N VAL D 1601 42.47 -42.95 -47.50
CA VAL D 1601 42.78 -43.44 -48.84
C VAL D 1601 43.85 -42.56 -49.43
N SER D 1602 45.10 -42.90 -49.15
CA SER D 1602 46.27 -42.13 -49.59
C SER D 1602 46.05 -41.57 -51.00
N SER D 1603 45.55 -42.41 -51.88
CA SER D 1603 45.37 -42.08 -53.29
C SER D 1603 44.65 -40.74 -53.52
N ARG D 1604 43.67 -40.44 -52.66
CA ARG D 1604 42.71 -39.35 -52.88
C ARG D 1604 43.25 -37.93 -52.80
N VAL D 1605 44.08 -37.67 -51.81
CA VAL D 1605 44.73 -36.37 -51.76
C VAL D 1605 45.67 -36.24 -52.95
N ARG D 1606 45.41 -35.25 -53.81
CA ARG D 1606 46.24 -35.00 -54.98
C ARG D 1606 46.91 -33.63 -54.90
N GLY D 1607 46.50 -32.82 -53.92
CA GLY D 1607 47.09 -31.53 -53.71
C GLY D 1607 47.10 -31.14 -52.24
N TYR D 1608 48.25 -30.66 -51.78
CA TYR D 1608 48.37 -30.16 -50.42
C TYR D 1608 49.33 -28.98 -50.38
N THR D 1609 49.04 -28.01 -49.53
CA THR D 1609 49.91 -26.85 -49.37
C THR D 1609 49.85 -26.29 -47.95
N CYS D 1610 50.95 -25.67 -47.54
CA CYS D 1610 51.19 -25.40 -46.12
C CYS D 1610 51.90 -24.06 -45.86
N GLN D 1611 51.32 -23.23 -45.00
CA GLN D 1611 51.90 -21.95 -44.64
C GLN D 1611 52.40 -21.97 -43.20
N PHE D 1612 53.70 -21.75 -43.00
CA PHE D 1612 54.29 -21.80 -41.67
C PHE D 1612 54.14 -20.47 -40.99
N VAL D 1613 53.00 -20.30 -40.31
CA VAL D 1613 52.62 -19.04 -39.70
C VAL D 1613 53.59 -18.64 -38.60
N ASP D 1614 53.75 -19.51 -37.61
CA ASP D 1614 54.70 -19.25 -36.53
C ASP D 1614 55.48 -20.52 -36.21
N MET D 1615 56.42 -20.40 -35.29
CA MET D 1615 57.31 -21.49 -34.94
C MET D 1615 56.71 -22.38 -33.85
N VAL D 1616 57.17 -23.64 -33.79
CA VAL D 1616 56.72 -24.53 -32.71
C VAL D 1616 57.87 -25.27 -32.03
N LEU D 1617 57.85 -25.28 -30.71
CA LEU D 1617 58.88 -25.99 -29.97
C LEU D 1617 58.43 -27.43 -29.83
N PRO D 1618 59.38 -28.32 -29.62
CA PRO D 1618 59.08 -29.73 -29.36
C PRO D 1618 58.22 -29.87 -28.11
N ASN D 1619 57.31 -30.84 -28.10
CA ASN D 1619 56.40 -31.05 -26.98
C ASN D 1619 55.37 -29.93 -26.81
N THR D 1620 54.87 -29.45 -27.93
CA THR D 1620 53.73 -28.55 -27.96
C THR D 1620 52.53 -29.35 -28.46
N ALA D 1621 51.34 -28.98 -28.00
CA ALA D 1621 50.13 -29.66 -28.44
C ALA D 1621 49.44 -28.82 -29.51
N LEU D 1622 48.84 -29.48 -30.49
CA LEU D 1622 48.32 -28.77 -31.65
C LEU D 1622 46.93 -29.24 -32.07
N LYS D 1623 45.91 -28.49 -31.63
CA LYS D 1623 44.60 -28.64 -32.22
C LYS D 1623 44.61 -28.02 -33.60
N THR D 1624 44.46 -28.88 -34.59
CA THR D 1624 44.31 -28.43 -35.95
C THR D 1624 42.89 -28.78 -36.40
N SER D 1625 42.21 -27.83 -37.04
CA SER D 1625 40.83 -28.04 -37.44
C SER D 1625 40.71 -28.07 -38.96
N ILE D 1626 39.71 -28.82 -39.46
CA ILE D 1626 39.61 -29.05 -40.90
C ILE D 1626 38.17 -28.89 -41.34
N GLN D 1627 37.95 -28.05 -42.36
CA GLN D 1627 36.64 -27.92 -42.98
C GLN D 1627 36.67 -28.18 -44.48
N HIS D 1628 35.51 -28.49 -45.04
CA HIS D 1628 35.31 -28.65 -46.47
C HIS D 1628 34.76 -27.33 -46.98
N VAL D 1629 35.58 -26.61 -47.74
CA VAL D 1629 35.34 -25.21 -48.06
C VAL D 1629 34.76 -25.00 -49.46
N GLY D 1630 35.15 -25.86 -50.39
CA GLY D 1630 34.64 -25.72 -51.75
C GLY D 1630 35.07 -26.85 -52.66
N MET D 1631 35.01 -26.60 -53.96
CA MET D 1631 35.37 -27.61 -54.95
C MET D 1631 36.33 -27.04 -55.97
N ILE D 1632 37.09 -27.93 -56.61
CA ILE D 1632 37.89 -27.57 -57.76
C ILE D 1632 38.01 -28.79 -58.66
N ASN D 1633 37.48 -28.68 -59.87
CA ASN D 1633 37.63 -29.75 -60.87
C ASN D 1633 37.26 -31.16 -60.38
N GLY D 1634 36.26 -31.24 -59.51
CA GLY D 1634 35.79 -32.53 -59.04
C GLY D 1634 36.42 -32.97 -57.74
N ARG D 1635 37.43 -32.23 -57.31
CA ARG D 1635 38.10 -32.50 -56.04
C ARG D 1635 37.55 -31.60 -54.93
N LYS D 1636 37.46 -32.15 -53.72
CA LYS D 1636 37.04 -31.39 -52.54
C LYS D 1636 38.15 -30.43 -52.10
N LEU D 1637 37.85 -29.15 -52.06
CA LEU D 1637 38.79 -28.19 -51.50
C LEU D 1637 38.66 -28.19 -49.97
N ILE D 1638 39.78 -28.47 -49.29
CA ILE D 1638 39.79 -28.55 -47.83
C ILE D 1638 40.76 -27.58 -47.19
N LYS D 1639 40.25 -26.79 -46.24
CA LYS D 1639 41.08 -25.79 -45.55
C LYS D 1639 41.28 -26.20 -44.10
N PHE D 1640 42.48 -25.95 -43.58
CA PHE D 1640 42.81 -26.30 -42.20
C PHE D 1640 43.54 -25.17 -41.53
N GLU D 1641 43.53 -25.17 -40.21
CA GLU D 1641 44.23 -24.19 -39.41
C GLU D 1641 44.67 -24.83 -38.11
N THR D 1642 45.95 -24.70 -37.77
CA THR D 1642 46.50 -25.32 -36.58
C THR D 1642 46.94 -24.28 -35.57
N ARG D 1643 46.35 -24.32 -34.38
CA ARG D 1643 46.73 -23.41 -33.31
C ARG D 1643 47.43 -24.18 -32.20
N ASN D 1644 48.22 -23.49 -31.39
CA ASN D 1644 48.95 -24.12 -30.29
C ASN D 1644 48.19 -24.03 -28.96
N GLU D 1645 48.92 -24.20 -27.86
CA GLU D 1645 48.32 -24.17 -26.53
C GLU D 1645 47.97 -22.75 -26.11
N ASP D 1646 48.72 -21.77 -26.62
CA ASP D 1646 48.45 -20.37 -26.32
C ASP D 1646 47.44 -19.79 -27.30
N ASP D 1647 46.83 -20.66 -28.10
CA ASP D 1647 45.81 -20.27 -29.06
C ASP D 1647 46.35 -19.30 -30.11
N VAL D 1648 47.56 -19.59 -30.59
CA VAL D 1648 48.17 -18.81 -31.66
C VAL D 1648 48.27 -19.67 -32.92
N VAL D 1649 47.91 -19.11 -34.07
CA VAL D 1649 47.92 -19.88 -35.30
C VAL D 1649 49.35 -20.13 -35.73
N VAL D 1650 49.63 -21.39 -36.05
CA VAL D 1650 50.97 -21.85 -36.31
C VAL D 1650 51.07 -22.40 -37.73
N LEU D 1651 49.98 -23.00 -38.18
CA LEU D 1651 49.91 -23.60 -39.52
C LEU D 1651 48.59 -23.26 -40.19
N THR D 1652 48.63 -23.15 -41.52
CA THR D 1652 47.42 -22.99 -42.32
C THR D 1652 47.71 -23.36 -43.76
N GLY D 1653 46.90 -24.24 -44.32
CA GLY D 1653 47.01 -24.56 -45.73
C GLY D 1653 45.71 -25.12 -46.27
N GLU D 1654 45.77 -25.62 -47.50
CA GLU D 1654 44.62 -26.30 -48.06
C GLU D 1654 45.04 -27.57 -48.78
N ALA D 1655 44.05 -28.43 -49.04
CA ALA D 1655 44.28 -29.70 -49.74
C ALA D 1655 43.13 -29.96 -50.71
N GLU D 1656 43.47 -30.58 -51.83
CA GLU D 1656 42.47 -31.04 -52.77
C GLU D 1656 42.35 -32.55 -52.62
N ILE D 1657 41.13 -33.04 -52.43
CA ILE D 1657 40.91 -34.45 -52.19
C ILE D 1657 39.86 -35.03 -53.14
N GLU D 1658 40.12 -36.27 -53.98
CA GLU D 1658 39.20 -36.87 -54.96
C GLU D 1658 37.87 -37.25 -54.33
N GLN D 1659 36.80 -37.16 -55.13
CA GLN D 1659 35.51 -37.65 -54.69
C GLN D 1659 35.49 -39.17 -54.81
N PRO D 1660 34.58 -39.83 -54.05
CA PRO D 1660 34.39 -41.28 -54.18
C PRO D 1660 34.11 -41.64 -55.63
N VAL D 1661 34.36 -42.89 -56.01
CA VAL D 1661 34.16 -43.30 -57.40
C VAL D 1661 32.75 -42.93 -57.83
N THR D 1662 32.66 -42.05 -58.83
CA THR D 1662 31.34 -41.60 -59.28
C THR D 1662 30.95 -42.17 -60.65
N THR D 1663 29.67 -42.54 -60.78
CA THR D 1663 29.10 -42.92 -62.07
C THR D 1663 27.80 -42.17 -62.32
N PHE D 1664 27.71 -41.55 -63.50
CA PHE D 1664 26.52 -40.82 -63.90
C PHE D 1664 25.65 -41.66 -64.81
N VAL D 1665 24.38 -41.77 -64.45
CA VAL D 1665 23.41 -42.41 -65.31
C VAL D 1665 22.35 -41.39 -65.71
N PHE D 1666 22.12 -41.33 -67.01
CA PHE D 1666 21.20 -40.35 -67.58
C PHE D 1666 19.86 -40.99 -67.95
N THR D 1667 18.79 -40.39 -67.45
CA THR D 1667 17.45 -40.94 -67.55
C THR D 1667 16.88 -40.89 -68.97
N GLY D 1668 16.10 -41.91 -69.32
CA GLY D 1668 15.44 -41.96 -70.61
C GLY D 1668 14.01 -41.48 -70.50
N GLN D 1669 13.26 -41.60 -71.59
CA GLN D 1669 11.90 -41.05 -71.60
C GLN D 1669 10.98 -41.71 -70.57
N GLY D 1670 9.81 -41.10 -70.37
CA GLY D 1670 8.80 -41.66 -69.49
C GLY D 1670 8.46 -40.82 -68.28
N SER D 1671 9.43 -40.09 -67.77
CA SER D 1671 9.24 -39.40 -66.50
C SER D 1671 9.17 -37.89 -66.65
N GLN D 1672 9.00 -37.41 -67.87
CA GLN D 1672 8.98 -35.98 -68.13
C GLN D 1672 7.76 -35.33 -67.49
N GLU D 1673 7.98 -34.27 -66.73
CA GLU D 1673 6.89 -33.52 -66.11
C GLU D 1673 6.89 -32.10 -66.62
N GLN D 1674 5.70 -31.51 -66.68
CA GLN D 1674 5.56 -30.13 -67.09
C GLN D 1674 6.29 -29.22 -66.11
N GLY D 1675 7.14 -28.35 -66.64
CA GLY D 1675 7.90 -27.44 -65.81
C GLY D 1675 9.18 -28.05 -65.27
N MET D 1676 9.43 -29.31 -65.64
CA MET D 1676 10.64 -30.01 -65.25
C MET D 1676 11.88 -29.11 -65.38
N GLY D 1677 12.69 -29.06 -64.33
CA GLY D 1677 13.95 -28.32 -64.35
C GLY D 1677 13.81 -26.86 -64.75
N MET D 1678 12.63 -26.29 -64.55
CA MET D 1678 12.38 -24.92 -64.93
C MET D 1678 12.77 -24.02 -63.77
N ASP D 1679 12.76 -24.59 -62.57
CA ASP D 1679 13.25 -23.88 -61.38
C ASP D 1679 14.71 -23.54 -61.60
N LEU D 1680 15.49 -24.53 -62.01
CA LEU D 1680 16.93 -24.37 -62.21
C LEU D 1680 17.23 -23.36 -63.33
N TYR D 1681 16.31 -23.23 -64.28
CA TYR D 1681 16.45 -22.23 -65.33
C TYR D 1681 16.42 -20.82 -64.72
N LYS D 1682 15.66 -20.69 -63.63
CA LYS D 1682 15.50 -19.39 -62.99
C LYS D 1682 16.71 -19.01 -62.11
N THR D 1683 17.45 -20.00 -61.60
CA THR D 1683 18.53 -19.69 -60.67
C THR D 1683 19.93 -19.78 -61.31
N SER D 1684 20.17 -20.80 -62.12
CA SER D 1684 21.51 -21.05 -62.64
C SER D 1684 21.79 -20.43 -64.00
N LYS D 1685 22.97 -19.83 -64.15
CA LYS D 1685 23.39 -19.26 -65.44
C LYS D 1685 23.71 -20.34 -66.48
N ALA D 1686 24.42 -21.38 -66.05
CA ALA D 1686 24.74 -22.50 -66.91
C ALA D 1686 23.46 -23.04 -67.57
N ALA D 1687 22.40 -23.15 -66.76
CA ALA D 1687 21.12 -23.68 -67.20
C ALA D 1687 20.54 -22.82 -68.31
N GLN D 1688 20.41 -21.52 -68.04
CA GLN D 1688 19.86 -20.56 -68.98
C GLN D 1688 20.54 -20.66 -70.35
N ASP D 1689 21.87 -20.70 -70.34
CA ASP D 1689 22.62 -20.77 -71.59
C ASP D 1689 22.29 -22.02 -72.39
N VAL D 1690 22.18 -23.15 -71.71
CA VAL D 1690 21.82 -24.40 -72.37
C VAL D 1690 20.41 -24.34 -73.00
N TRP D 1691 19.41 -24.01 -72.18
CA TRP D 1691 18.03 -23.89 -72.64
C TRP D 1691 17.92 -22.84 -73.74
N ASN D 1692 18.32 -21.62 -73.45
CA ASN D 1692 18.22 -20.52 -74.39
C ASN D 1692 18.87 -20.77 -75.75
N ARG D 1693 20.08 -21.32 -75.77
CA ARG D 1693 20.70 -21.69 -77.04
C ARG D 1693 19.81 -22.60 -77.84
N ALA D 1694 19.22 -23.57 -77.14
CA ALA D 1694 18.33 -24.57 -77.73
C ALA D 1694 17.00 -23.96 -78.17
N ASP D 1695 16.33 -23.31 -77.23
CA ASP D 1695 15.06 -22.65 -77.50
C ASP D 1695 15.14 -21.72 -78.70
N ASN D 1696 16.27 -21.03 -78.84
CA ASN D 1696 16.50 -20.18 -79.99
C ASN D 1696 16.60 -20.98 -81.27
N HIS D 1697 17.44 -22.00 -81.27
CA HIS D 1697 17.60 -22.85 -82.42
C HIS D 1697 16.25 -23.42 -82.88
N PHE D 1698 15.45 -23.90 -81.92
CA PHE D 1698 14.11 -24.42 -82.22
C PHE D 1698 13.17 -23.39 -82.83
N LYS D 1699 13.14 -22.19 -82.24
CA LYS D 1699 12.32 -21.11 -82.77
C LYS D 1699 12.68 -20.79 -84.22
N ASP D 1700 13.98 -20.66 -84.49
CA ASP D 1700 14.43 -20.11 -85.76
C ASP D 1700 14.48 -21.13 -86.88
N THR D 1701 14.30 -22.41 -86.56
CA THR D 1701 14.38 -23.42 -87.61
C THR D 1701 13.15 -24.32 -87.72
N TYR D 1702 12.33 -24.37 -86.68
CA TYR D 1702 11.09 -25.18 -86.69
C TYR D 1702 9.89 -24.38 -86.23
N GLY D 1703 10.13 -23.18 -85.73
CA GLY D 1703 9.07 -22.25 -85.38
C GLY D 1703 8.29 -22.59 -84.13
N PHE D 1704 8.96 -23.17 -83.13
CA PHE D 1704 8.32 -23.40 -81.85
C PHE D 1704 9.31 -23.16 -80.71
N SER D 1705 8.79 -22.98 -79.51
CA SER D 1705 9.63 -22.82 -78.33
C SER D 1705 9.56 -24.06 -77.44
N ILE D 1706 10.68 -24.75 -77.30
CA ILE D 1706 10.72 -25.93 -76.47
C ILE D 1706 10.50 -25.54 -74.99
N LEU D 1707 10.85 -24.31 -74.64
CA LEU D 1707 10.59 -23.77 -73.30
C LEU D 1707 9.10 -23.66 -73.02
N ASP D 1708 8.35 -23.20 -74.01
CA ASP D 1708 6.90 -23.08 -73.87
C ASP D 1708 6.27 -24.44 -73.60
N ILE D 1709 6.51 -25.36 -74.52
CA ILE D 1709 6.02 -26.73 -74.42
C ILE D 1709 6.25 -27.29 -73.01
N VAL D 1710 7.46 -27.09 -72.51
CA VAL D 1710 7.84 -27.55 -71.19
C VAL D 1710 7.17 -26.75 -70.08
N ILE D 1711 7.06 -25.45 -70.27
CA ILE D 1711 6.57 -24.55 -69.23
C ILE D 1711 5.07 -24.67 -69.01
N ASN D 1712 4.31 -24.69 -70.10
CA ASN D 1712 2.89 -25.02 -70.04
C ASN D 1712 2.51 -25.99 -71.13
N ASN D 1713 2.40 -27.26 -70.77
CA ASN D 1713 2.04 -28.35 -71.67
C ASN D 1713 0.83 -27.97 -72.52
N PRO D 1714 1.09 -27.63 -73.80
CA PRO D 1714 0.03 -27.19 -74.70
C PRO D 1714 -0.68 -28.38 -75.32
N VAL D 1715 -2.02 -28.35 -75.27
CA VAL D 1715 -2.84 -29.38 -75.88
C VAL D 1715 -2.49 -29.54 -77.36
N ASN D 1716 -2.44 -28.41 -78.07
CA ASN D 1716 -2.08 -28.40 -79.49
C ASN D 1716 -1.09 -27.27 -79.83
N LEU D 1717 -0.54 -27.30 -81.05
CA LEU D 1717 0.46 -26.33 -81.44
C LEU D 1717 0.58 -26.21 -82.94
N THR D 1718 0.23 -25.05 -83.48
CA THR D 1718 0.36 -24.88 -84.91
C THR D 1718 1.53 -23.98 -85.27
N ILE D 1719 2.32 -24.42 -86.25
CA ILE D 1719 3.40 -23.62 -86.81
C ILE D 1719 2.78 -22.82 -87.94
N HIS D 1720 3.23 -21.59 -88.14
CA HIS D 1720 2.71 -20.77 -89.23
C HIS D 1720 3.84 -20.37 -90.15
N PHE D 1721 3.73 -20.71 -91.44
CA PHE D 1721 4.80 -20.47 -92.40
C PHE D 1721 4.68 -19.11 -93.05
N GLY D 1722 4.81 -18.08 -92.22
CA GLY D 1722 4.45 -16.71 -92.57
C GLY D 1722 5.23 -16.07 -93.69
N GLY D 1723 6.04 -15.08 -93.33
CA GLY D 1723 6.70 -14.27 -94.33
C GLY D 1723 7.91 -14.98 -94.89
N GLU D 1724 8.90 -14.21 -95.32
CA GLU D 1724 10.12 -14.82 -95.81
C GLU D 1724 10.71 -15.81 -94.78
N LYS D 1725 10.60 -15.50 -93.49
CA LYS D 1725 11.09 -16.42 -92.46
C LYS D 1725 10.15 -17.59 -92.24
N GLY D 1726 8.86 -17.36 -92.44
CA GLY D 1726 7.90 -18.44 -92.35
C GLY D 1726 8.21 -19.51 -93.36
N LYS D 1727 8.59 -19.08 -94.56
CA LYS D 1727 8.87 -20.01 -95.66
C LYS D 1727 10.22 -20.73 -95.50
N ARG D 1728 11.20 -20.02 -94.98
CA ARG D 1728 12.46 -20.64 -94.57
C ARG D 1728 12.20 -21.81 -93.62
N ILE D 1729 11.32 -21.59 -92.64
CA ILE D 1729 11.00 -22.61 -91.64
C ILE D 1729 10.41 -23.84 -92.28
N ARG D 1730 9.45 -23.63 -93.17
CA ARG D 1730 8.68 -24.76 -93.68
C ARG D 1730 9.50 -25.71 -94.54
N GLU D 1731 10.55 -25.19 -95.19
CA GLU D 1731 11.43 -26.07 -95.97
C GLU D 1731 12.21 -27.02 -95.09
N ASN D 1732 12.55 -26.57 -93.88
CA ASN D 1732 13.23 -27.41 -92.89
C ASN D 1732 12.29 -28.52 -92.42
N TYR D 1733 10.99 -28.26 -92.53
CA TYR D 1733 9.96 -29.25 -92.25
C TYR D 1733 9.78 -30.18 -93.45
N SER D 1734 9.99 -29.62 -94.63
CA SER D 1734 9.76 -30.29 -95.88
C SER D 1734 10.89 -31.24 -96.24
N ALA D 1735 12.06 -31.04 -95.62
CA ALA D 1735 13.24 -31.85 -95.91
C ALA D 1735 13.41 -32.99 -94.91
N MET D 1736 12.46 -33.14 -94.00
CA MET D 1736 12.42 -34.28 -93.08
C MET D 1736 12.20 -35.58 -93.84
N ILE D 1737 13.24 -36.41 -93.92
CA ILE D 1737 13.19 -37.64 -94.71
C ILE D 1737 13.29 -38.84 -93.80
N PHE D 1738 12.55 -39.90 -94.12
CA PHE D 1738 12.73 -41.17 -93.42
C PHE D 1738 13.14 -42.25 -94.40
N GLU D 1739 14.43 -42.56 -94.47
CA GLU D 1739 14.91 -43.54 -95.43
C GLU D 1739 14.84 -44.96 -94.88
N THR D 1740 14.71 -45.93 -95.79
CA THR D 1740 14.38 -47.29 -95.41
C THR D 1740 15.03 -48.26 -96.40
N ILE D 1741 16.27 -48.67 -96.13
CA ILE D 1741 16.95 -49.63 -97.02
C ILE D 1741 16.33 -51.05 -96.93
N VAL D 1742 15.59 -51.41 -97.98
CA VAL D 1742 14.87 -52.69 -98.06
C VAL D 1742 15.34 -53.55 -99.24
N ASP D 1743 16.30 -54.44 -98.98
CA ASP D 1743 16.85 -55.34 -99.99
C ASP D 1743 17.67 -54.62 -101.06
N GLY D 1744 18.47 -53.64 -100.64
CA GLY D 1744 19.23 -52.82 -101.57
C GLY D 1744 18.54 -51.51 -101.91
N LYS D 1745 17.22 -51.58 -102.06
CA LYS D 1745 16.38 -50.41 -102.38
C LYS D 1745 16.28 -49.41 -101.22
N LEU D 1746 16.34 -48.12 -101.52
CA LEU D 1746 16.18 -47.10 -100.47
C LEU D 1746 14.82 -46.36 -100.50
N LYS D 1747 13.81 -46.92 -99.81
CA LYS D 1747 12.45 -46.36 -99.75
C LYS D 1747 12.38 -45.11 -98.88
N THR D 1748 12.57 -43.94 -99.48
CA THR D 1748 12.52 -42.71 -98.71
C THR D 1748 11.15 -42.03 -98.82
N GLU D 1749 10.66 -41.49 -97.70
CA GLU D 1749 9.38 -40.81 -97.66
C GLU D 1749 9.53 -39.49 -96.90
N LYS D 1750 8.69 -38.51 -97.21
CA LYS D 1750 8.64 -37.29 -96.40
C LYS D 1750 8.07 -37.64 -95.03
N ILE D 1751 8.72 -37.17 -93.97
CA ILE D 1751 8.19 -37.35 -92.62
C ILE D 1751 6.91 -36.53 -92.49
N PHE D 1752 6.99 -35.28 -92.93
CA PHE D 1752 5.83 -34.41 -92.99
C PHE D 1752 5.18 -34.46 -94.36
N LYS D 1753 4.23 -35.38 -94.48
CA LYS D 1753 3.56 -35.64 -95.74
C LYS D 1753 3.02 -34.34 -96.30
N GLU D 1754 2.28 -33.64 -95.44
CA GLU D 1754 1.41 -32.54 -95.84
C GLU D 1754 2.11 -31.20 -96.13
N ILE D 1755 3.13 -30.86 -95.36
CA ILE D 1755 3.94 -29.66 -95.62
C ILE D 1755 4.45 -29.65 -97.07
N ASN D 1756 3.94 -28.72 -97.87
CA ASN D 1756 4.47 -28.53 -99.24
C ASN D 1756 4.49 -27.05 -99.63
N GLU D 1757 4.81 -26.78 -100.90
CA GLU D 1757 5.02 -25.41 -101.38
C GLU D 1757 3.79 -24.51 -101.21
N HIS D 1758 2.65 -25.11 -100.87
CA HIS D 1758 1.40 -24.37 -100.76
C HIS D 1758 0.80 -24.39 -99.35
N SER D 1759 1.46 -25.11 -98.45
CA SER D 1759 1.03 -25.16 -97.06
C SER D 1759 1.27 -23.83 -96.36
N THR D 1760 0.28 -23.38 -95.59
CA THR D 1760 0.42 -22.15 -94.82
C THR D 1760 0.75 -22.42 -93.34
N SER D 1761 0.60 -23.68 -92.94
CA SER D 1761 0.87 -24.09 -91.56
C SER D 1761 0.78 -25.60 -91.36
N TYR D 1762 1.40 -26.09 -90.29
CA TYR D 1762 1.24 -27.47 -89.87
C TYR D 1762 0.75 -27.43 -88.44
N THR D 1763 0.24 -28.56 -87.95
CA THR D 1763 -0.19 -28.64 -86.55
C THR D 1763 0.07 -29.97 -85.87
N PHE D 1764 0.86 -29.89 -84.81
CA PHE D 1764 1.11 -31.01 -83.92
C PHE D 1764 -0.09 -31.14 -82.99
N ARG D 1765 -0.47 -32.38 -82.69
CA ARG D 1765 -1.62 -32.64 -81.85
C ARG D 1765 -1.36 -33.65 -80.75
N SER D 1766 -2.08 -33.49 -79.65
CA SER D 1766 -2.03 -34.44 -78.52
C SER D 1766 -3.17 -34.14 -77.56
N GLU D 1767 -4.05 -35.11 -77.34
CA GLU D 1767 -5.18 -34.92 -76.43
C GLU D 1767 -4.72 -34.58 -75.01
N LYS D 1768 -3.65 -35.22 -74.56
CA LYS D 1768 -3.07 -34.94 -73.24
C LYS D 1768 -2.29 -33.62 -73.21
N GLY D 1769 -1.24 -33.55 -74.02
CA GLY D 1769 -0.36 -32.39 -74.05
C GLY D 1769 0.95 -32.72 -74.73
N LEU D 1770 1.38 -31.85 -75.65
CA LEU D 1770 2.52 -32.12 -76.51
C LEU D 1770 3.84 -32.45 -75.82
N LEU D 1771 3.93 -32.19 -74.52
CA LEU D 1771 5.16 -32.46 -73.77
C LEU D 1771 5.40 -33.95 -73.70
N SER D 1772 4.34 -34.71 -73.95
CA SER D 1772 4.40 -36.17 -73.88
C SER D 1772 4.26 -36.80 -75.27
N ALA D 1773 4.56 -36.01 -76.29
CA ALA D 1773 4.70 -36.50 -77.65
C ALA D 1773 6.19 -36.55 -77.96
N THR D 1774 6.72 -37.74 -78.24
CA THR D 1774 8.18 -37.94 -78.22
C THR D 1774 9.02 -36.89 -78.97
N GLN D 1775 8.51 -36.38 -80.09
CA GLN D 1775 9.29 -35.40 -80.85
C GLN D 1775 9.63 -34.16 -80.00
N PHE D 1776 8.84 -33.93 -78.96
CA PHE D 1776 9.11 -32.83 -78.02
C PHE D 1776 9.66 -33.34 -76.69
N THR D 1777 9.07 -34.44 -76.20
CA THR D 1777 9.57 -35.13 -75.01
C THR D 1777 11.08 -35.33 -74.99
N GLN D 1778 11.63 -35.81 -76.10
CA GLN D 1778 13.07 -36.08 -76.16
C GLN D 1778 13.96 -34.84 -76.00
N PRO D 1779 13.67 -33.79 -76.79
CA PRO D 1779 14.44 -32.55 -76.58
C PRO D 1779 14.30 -32.07 -75.14
N ALA D 1780 13.06 -31.99 -74.64
CA ALA D 1780 12.81 -31.57 -73.25
C ALA D 1780 13.69 -32.32 -72.25
N LEU D 1781 13.68 -33.65 -72.32
CA LEU D 1781 14.53 -34.43 -71.43
C LEU D 1781 16.00 -34.14 -71.65
N THR D 1782 16.48 -34.28 -72.88
CA THR D 1782 17.89 -34.05 -73.14
C THR D 1782 18.30 -32.69 -72.60
N LEU D 1783 17.48 -31.68 -72.87
CA LEU D 1783 17.76 -30.34 -72.42
C LEU D 1783 17.85 -30.21 -70.90
N MET D 1784 16.80 -30.63 -70.20
CA MET D 1784 16.77 -30.54 -68.72
C MET D 1784 18.05 -31.10 -68.14
N GLU D 1785 18.46 -32.26 -68.69
CA GLU D 1785 19.59 -33.00 -68.17
C GLU D 1785 20.90 -32.31 -68.49
N LYS D 1786 21.06 -31.93 -69.75
CA LYS D 1786 22.28 -31.30 -70.18
C LYS D 1786 22.47 -29.99 -69.40
N ALA D 1787 21.36 -29.31 -69.12
CA ALA D 1787 21.41 -28.07 -68.33
C ALA D 1787 21.86 -28.35 -66.91
N ALA D 1788 21.22 -29.33 -66.29
CA ALA D 1788 21.51 -29.67 -64.91
C ALA D 1788 22.97 -30.10 -64.73
N PHE D 1789 23.49 -30.82 -65.72
CA PHE D 1789 24.85 -31.34 -65.61
C PHE D 1789 25.84 -30.22 -65.72
N GLU D 1790 25.51 -29.23 -66.55
CA GLU D 1790 26.41 -28.11 -66.78
C GLU D 1790 26.45 -27.15 -65.61
N ASP D 1791 25.40 -27.13 -64.80
CA ASP D 1791 25.44 -26.43 -63.50
C ASP D 1791 26.37 -27.16 -62.53
N LEU D 1792 26.22 -28.49 -62.45
CA LEU D 1792 27.13 -29.30 -61.65
C LEU D 1792 28.58 -29.09 -62.07
N LYS D 1793 28.80 -29.06 -63.38
CA LYS D 1793 30.14 -28.86 -63.95
C LYS D 1793 30.67 -27.50 -63.53
N SER D 1794 29.79 -26.51 -63.54
CA SER D 1794 30.16 -25.15 -63.18
C SER D 1794 30.52 -24.99 -61.70
N LYS D 1795 29.89 -25.77 -60.83
CA LYS D 1795 30.17 -25.70 -59.40
C LYS D 1795 31.41 -26.53 -59.09
N GLY D 1796 31.96 -27.16 -60.13
CA GLY D 1796 33.21 -27.89 -60.02
C GLY D 1796 33.03 -29.23 -59.36
N LEU D 1797 31.91 -29.86 -59.67
CA LEU D 1797 31.47 -31.03 -58.94
C LEU D 1797 31.62 -32.32 -59.75
N ILE D 1798 32.09 -32.21 -60.98
CA ILE D 1798 32.23 -33.40 -61.81
C ILE D 1798 33.64 -34.00 -61.73
N PRO D 1799 33.74 -35.22 -61.20
CA PRO D 1799 35.00 -35.98 -61.09
C PRO D 1799 35.58 -36.22 -62.47
N ALA D 1800 36.90 -36.25 -62.58
CA ALA D 1800 37.54 -36.36 -63.89
C ALA D 1800 37.32 -37.74 -64.53
N ASP D 1801 37.42 -38.77 -63.70
CA ASP D 1801 37.42 -40.15 -64.19
C ASP D 1801 36.06 -40.81 -64.05
N ALA D 1802 35.03 -40.01 -63.88
CA ALA D 1802 33.69 -40.53 -63.73
C ALA D 1802 33.28 -41.29 -64.98
N THR D 1803 32.60 -42.41 -64.77
CA THR D 1803 32.01 -43.18 -65.86
C THR D 1803 30.53 -42.83 -66.02
N PHE D 1804 30.05 -42.94 -67.24
CA PHE D 1804 28.70 -42.52 -67.55
C PHE D 1804 28.00 -43.48 -68.52
N ALA D 1805 26.67 -43.54 -68.42
CA ALA D 1805 25.83 -44.28 -69.38
C ALA D 1805 24.42 -43.69 -69.39
N GLY D 1806 23.73 -43.85 -70.52
CA GLY D 1806 22.38 -43.35 -70.70
C GLY D 1806 21.42 -44.43 -71.11
N HIS D 1807 20.15 -44.28 -70.75
CA HIS D 1807 19.15 -45.31 -71.05
C HIS D 1807 18.30 -44.97 -72.28
N SER D 1808 18.63 -45.59 -73.41
CA SER D 1808 17.99 -45.27 -74.68
C SER D 1808 18.25 -43.82 -75.06
N LEU D 1809 17.25 -42.98 -74.82
CA LEU D 1809 17.33 -41.54 -75.10
C LEU D 1809 18.43 -40.83 -74.33
N GLY D 1810 18.55 -41.15 -73.04
CA GLY D 1810 19.50 -40.50 -72.15
C GLY D 1810 20.95 -40.69 -72.55
N GLU D 1811 21.19 -41.61 -73.47
CA GLU D 1811 22.55 -41.87 -73.92
C GLU D 1811 23.08 -40.72 -74.80
N TYR D 1812 22.17 -39.94 -75.36
CA TYR D 1812 22.56 -38.77 -76.13
C TYR D 1812 22.89 -37.65 -75.17
N ALA D 1813 22.01 -37.43 -74.20
CA ALA D 1813 22.30 -36.52 -73.09
C ALA D 1813 23.62 -36.84 -72.35
N ALA D 1814 23.87 -38.13 -72.13
CA ALA D 1814 25.09 -38.55 -71.46
C ALA D 1814 26.33 -38.25 -72.29
N LEU D 1815 26.25 -38.55 -73.59
CA LEU D 1815 27.38 -38.30 -74.47
C LEU D 1815 27.64 -36.80 -74.56
N ALA D 1816 26.57 -36.01 -74.61
CA ALA D 1816 26.67 -34.57 -74.71
C ALA D 1816 27.24 -33.99 -73.43
N SER D 1817 26.70 -34.39 -72.29
CA SER D 1817 27.12 -33.85 -71.00
C SER D 1817 28.58 -34.12 -70.61
N LEU D 1818 29.02 -35.37 -70.75
CA LEU D 1818 30.37 -35.71 -70.29
C LEU D 1818 31.46 -35.61 -71.34
N ALA D 1819 31.09 -35.75 -72.61
CA ALA D 1819 32.09 -35.77 -73.68
C ALA D 1819 31.97 -34.62 -74.67
N ASP D 1820 30.96 -33.77 -74.50
CA ASP D 1820 30.74 -32.66 -75.42
C ASP D 1820 30.97 -33.11 -76.87
N VAL D 1821 30.27 -34.19 -77.26
CA VAL D 1821 30.46 -34.77 -78.58
C VAL D 1821 29.71 -33.92 -79.62
N MET D 1822 28.82 -33.09 -79.13
CA MET D 1822 28.05 -32.24 -80.02
C MET D 1822 27.60 -30.94 -79.35
N SER D 1823 27.32 -29.94 -80.19
CA SER D 1823 26.80 -28.67 -79.70
C SER D 1823 25.46 -28.88 -78.99
N ILE D 1824 25.05 -27.90 -78.20
CA ILE D 1824 23.72 -27.92 -77.58
C ILE D 1824 22.64 -27.98 -78.64
N GLU D 1825 22.86 -27.27 -79.75
CA GLU D 1825 21.91 -27.26 -80.85
C GLU D 1825 21.93 -28.57 -81.63
N SER D 1826 23.13 -29.11 -81.88
CA SER D 1826 23.23 -30.39 -82.57
C SER D 1826 22.46 -31.46 -81.82
N LEU D 1827 22.46 -31.36 -80.49
CA LEU D 1827 21.80 -32.34 -79.64
C LEU D 1827 20.30 -32.31 -79.85
N VAL D 1828 19.70 -31.15 -79.58
CA VAL D 1828 18.25 -31.01 -79.68
C VAL D 1828 17.80 -31.35 -81.09
N GLU D 1829 18.69 -31.17 -82.05
CA GLU D 1829 18.42 -31.51 -83.44
C GLU D 1829 18.35 -33.01 -83.63
N VAL D 1830 19.46 -33.70 -83.41
CA VAL D 1830 19.49 -35.14 -83.48
C VAL D 1830 18.32 -35.77 -82.72
N VAL D 1831 18.21 -35.43 -81.44
CA VAL D 1831 17.16 -35.97 -80.58
C VAL D 1831 15.73 -35.71 -81.09
N PHE D 1832 15.51 -34.55 -81.71
CA PHE D 1832 14.20 -34.16 -82.25
C PHE D 1832 13.82 -34.99 -83.48
N TYR D 1833 14.81 -35.31 -84.31
CA TYR D 1833 14.60 -36.08 -85.53
C TYR D 1833 14.43 -37.55 -85.16
N ARG D 1834 15.22 -37.99 -84.18
CA ARG D 1834 15.09 -39.33 -83.60
C ARG D 1834 13.63 -39.61 -83.19
N GLY D 1835 12.95 -38.58 -82.68
CA GLY D 1835 11.54 -38.67 -82.33
C GLY D 1835 10.59 -38.64 -83.51
N MET D 1836 10.87 -37.78 -84.49
CA MET D 1836 10.05 -37.75 -85.71
C MET D 1836 10.19 -39.07 -86.45
N THR D 1837 11.41 -39.62 -86.45
CA THR D 1837 11.69 -40.88 -87.12
C THR D 1837 10.89 -42.02 -86.49
N MET D 1838 10.86 -42.05 -85.16
CA MET D 1838 10.13 -43.09 -84.43
C MET D 1838 8.63 -42.92 -84.59
N GLN D 1839 8.20 -41.76 -85.07
CA GLN D 1839 6.79 -41.48 -85.27
C GLN D 1839 6.38 -41.69 -86.71
N VAL D 1840 7.22 -42.41 -87.47
CA VAL D 1840 6.94 -42.69 -88.86
C VAL D 1840 7.55 -44.03 -89.29
N ALA D 1841 8.23 -44.68 -88.36
CA ALA D 1841 8.85 -45.96 -88.63
C ALA D 1841 7.90 -47.12 -88.34
N VAL D 1842 6.61 -46.87 -88.51
CA VAL D 1842 5.59 -47.89 -88.27
C VAL D 1842 4.25 -47.48 -88.85
N PRO D 1843 3.62 -48.38 -89.60
CA PRO D 1843 2.32 -48.11 -90.21
C PRO D 1843 1.27 -47.73 -89.17
N ARG D 1844 0.53 -46.65 -89.44
CA ARG D 1844 -0.51 -46.19 -88.52
C ARG D 1844 -1.88 -46.23 -89.18
N ASP D 1845 -2.93 -46.24 -88.35
CA ASP D 1845 -4.29 -46.27 -88.84
C ASP D 1845 -4.83 -44.87 -89.11
N GLU D 1846 -6.13 -44.77 -89.33
CA GLU D 1846 -6.76 -43.48 -89.60
C GLU D 1846 -6.60 -42.62 -88.37
N LEU D 1847 -7.04 -43.15 -87.24
CA LEU D 1847 -6.89 -42.47 -85.96
C LEU D 1847 -5.44 -42.58 -85.51
N GLY D 1848 -4.58 -42.99 -86.44
CA GLY D 1848 -3.14 -43.08 -86.21
C GLY D 1848 -2.79 -44.12 -85.17
N ARG D 1849 -3.34 -45.32 -85.34
CA ARG D 1849 -3.12 -46.39 -84.36
C ARG D 1849 -1.94 -47.28 -84.74
N SER D 1850 -1.46 -48.02 -83.75
CA SER D 1850 -0.26 -48.82 -83.98
C SER D 1850 -0.59 -50.30 -83.99
N ASN D 1851 0.13 -51.05 -84.83
CA ASN D 1851 0.00 -52.50 -84.84
C ASN D 1851 0.88 -53.15 -83.79
N TYR D 1852 1.63 -52.33 -83.07
CA TYR D 1852 2.60 -52.82 -82.10
C TYR D 1852 2.51 -52.08 -80.75
N GLY D 1853 3.42 -52.45 -79.84
CA GLY D 1853 3.45 -51.90 -78.50
C GLY D 1853 4.49 -52.57 -77.62
N MET D 1854 4.61 -52.08 -76.38
CA MET D 1854 5.57 -52.67 -75.45
C MET D 1854 4.96 -53.13 -74.14
N ILE D 1855 5.50 -54.24 -73.65
CA ILE D 1855 5.05 -54.84 -72.42
C ILE D 1855 6.21 -54.92 -71.44
N ALA D 1856 5.95 -54.48 -70.21
CA ALA D 1856 6.95 -54.51 -69.16
C ALA D 1856 6.74 -55.71 -68.24
N ILE D 1857 7.68 -56.65 -68.29
CA ILE D 1857 7.54 -57.91 -67.56
C ILE D 1857 8.37 -58.00 -66.27
N ASN D 1858 7.89 -58.84 -65.35
CA ASN D 1858 8.56 -59.11 -64.09
C ASN D 1858 8.56 -60.61 -63.80
N PRO D 1859 9.57 -61.35 -64.33
CA PRO D 1859 9.69 -62.81 -64.19
C PRO D 1859 9.48 -63.28 -62.75
N GLY D 1860 9.69 -62.38 -61.79
CA GLY D 1860 9.48 -62.71 -60.39
C GLY D 1860 8.04 -63.02 -60.06
N ARG D 1861 7.11 -62.24 -60.63
CA ARG D 1861 5.69 -62.37 -60.29
C ARG D 1861 5.04 -63.62 -60.88
N VAL D 1862 5.51 -64.06 -62.05
CA VAL D 1862 5.02 -65.31 -62.62
C VAL D 1862 5.28 -66.44 -61.65
N ALA D 1863 6.56 -66.72 -61.38
CA ALA D 1863 6.93 -67.72 -60.41
C ALA D 1863 8.29 -67.40 -59.84
N ALA D 1864 8.48 -67.72 -58.56
CA ALA D 1864 9.80 -67.63 -57.94
C ALA D 1864 10.78 -68.51 -58.72
N SER D 1865 10.24 -69.50 -59.44
CA SER D 1865 11.04 -70.40 -60.25
C SER D 1865 11.43 -69.81 -61.60
N PHE D 1866 10.60 -68.90 -62.11
CA PHE D 1866 10.69 -68.37 -63.48
C PHE D 1866 11.88 -67.43 -63.69
N SER D 1867 12.94 -67.95 -64.31
CA SER D 1867 14.21 -67.24 -64.41
C SER D 1867 14.27 -66.32 -65.63
N GLN D 1868 15.48 -65.81 -65.89
CA GLN D 1868 15.73 -65.01 -67.07
C GLN D 1868 15.77 -65.88 -68.33
N GLU D 1869 16.51 -66.99 -68.27
CA GLU D 1869 16.54 -67.95 -69.38
C GLU D 1869 15.13 -68.46 -69.65
N ALA D 1870 14.28 -68.43 -68.63
CA ALA D 1870 12.89 -68.86 -68.69
C ALA D 1870 12.01 -67.88 -69.45
N LEU D 1871 12.20 -66.60 -69.20
CA LEU D 1871 11.48 -65.55 -69.93
C LEU D 1871 11.99 -65.49 -71.38
N GLN D 1872 13.30 -65.56 -71.55
CA GLN D 1872 13.91 -65.65 -72.89
C GLN D 1872 13.31 -66.81 -73.67
N TYR D 1873 13.42 -68.00 -73.07
CA TYR D 1873 12.89 -69.20 -73.69
C TYR D 1873 11.44 -69.00 -74.11
N VAL D 1874 10.58 -68.69 -73.14
CA VAL D 1874 9.15 -68.50 -73.41
C VAL D 1874 8.88 -67.52 -74.56
N VAL D 1875 9.51 -66.33 -74.52
CA VAL D 1875 9.30 -65.33 -75.56
C VAL D 1875 9.84 -65.76 -76.94
N GLU D 1876 10.93 -66.52 -76.96
CA GLU D 1876 11.51 -66.97 -78.22
C GLU D 1876 10.62 -68.02 -78.89
N ARG D 1877 9.92 -68.81 -78.08
CA ARG D 1877 9.01 -69.83 -78.61
C ARG D 1877 7.75 -69.18 -79.16
N VAL D 1878 7.12 -68.32 -78.36
CA VAL D 1878 5.94 -67.58 -78.83
C VAL D 1878 6.29 -66.70 -80.04
N GLY D 1879 7.58 -66.39 -80.18
CA GLY D 1879 8.07 -65.72 -81.38
C GLY D 1879 8.03 -66.62 -82.60
N LYS D 1880 8.73 -67.75 -82.52
CA LYS D 1880 8.80 -68.71 -83.62
C LYS D 1880 7.46 -69.40 -83.94
N ARG D 1881 6.74 -69.76 -82.88
CA ARG D 1881 5.44 -70.44 -82.99
C ARG D 1881 4.42 -69.66 -83.80
N THR D 1882 4.03 -68.50 -83.28
CA THR D 1882 3.00 -67.67 -83.93
C THR D 1882 3.49 -66.94 -85.18
N GLY D 1883 4.80 -67.06 -85.45
CA GLY D 1883 5.40 -66.40 -86.60
C GLY D 1883 5.15 -64.90 -86.52
N TRP D 1884 4.82 -64.43 -85.33
CA TRP D 1884 4.66 -63.01 -85.09
C TRP D 1884 5.97 -62.42 -84.61
N LEU D 1885 5.87 -61.33 -83.87
CA LEU D 1885 7.07 -60.64 -83.47
C LEU D 1885 7.05 -60.32 -81.99
N VAL D 1886 7.92 -61.01 -81.24
CA VAL D 1886 8.22 -60.64 -79.85
C VAL D 1886 9.70 -60.85 -79.60
N GLU D 1887 10.31 -59.84 -78.99
CA GLU D 1887 11.71 -59.91 -78.63
C GLU D 1887 11.87 -59.14 -77.35
N ILE D 1888 12.87 -59.50 -76.56
CA ILE D 1888 13.13 -58.77 -75.34
C ILE D 1888 13.97 -57.55 -75.67
N VAL D 1889 13.41 -56.38 -75.31
CA VAL D 1889 13.91 -55.08 -75.75
C VAL D 1889 14.72 -54.39 -74.66
N ASN D 1890 14.19 -54.40 -73.44
CA ASN D 1890 14.90 -53.88 -72.26
C ASN D 1890 15.29 -55.00 -71.30
N TYR D 1891 16.59 -55.12 -71.04
CA TYR D 1891 17.09 -55.96 -69.96
C TYR D 1891 17.52 -55.02 -68.84
N ASN D 1892 16.58 -54.70 -67.95
CA ASN D 1892 16.81 -53.63 -66.98
C ASN D 1892 17.33 -54.11 -65.62
N VAL D 1893 16.55 -54.97 -64.96
CA VAL D 1893 16.93 -55.53 -63.67
C VAL D 1893 16.80 -57.04 -63.71
N GLU D 1894 17.90 -57.76 -63.47
CA GLU D 1894 17.87 -59.22 -63.50
C GLU D 1894 16.71 -59.79 -62.66
N ASN D 1895 15.96 -60.72 -63.27
CA ASN D 1895 14.89 -61.45 -62.61
C ASN D 1895 13.74 -60.59 -62.08
N GLN D 1896 13.70 -59.33 -62.53
CA GLN D 1896 12.72 -58.38 -62.01
C GLN D 1896 12.08 -57.48 -63.06
N GLN D 1897 12.90 -56.75 -63.82
CA GLN D 1897 12.36 -55.79 -64.78
C GLN D 1897 12.89 -56.05 -66.18
N TYR D 1898 11.97 -56.42 -67.07
CA TYR D 1898 12.32 -56.59 -68.46
C TYR D 1898 11.22 -55.90 -69.28
N VAL D 1899 11.52 -55.64 -70.55
CA VAL D 1899 10.51 -55.10 -71.44
C VAL D 1899 10.63 -55.76 -72.81
N ALA D 1900 9.48 -56.20 -73.32
CA ALA D 1900 9.43 -56.80 -74.64
C ALA D 1900 8.54 -55.95 -75.53
N ALA D 1901 8.88 -55.90 -76.81
CA ALA D 1901 8.11 -55.16 -77.79
C ALA D 1901 7.65 -56.09 -78.89
N GLY D 1902 7.01 -55.52 -79.91
CA GLY D 1902 6.65 -56.27 -81.10
C GLY D 1902 5.17 -56.27 -81.45
N ASP D 1903 4.79 -57.25 -82.28
CA ASP D 1903 3.40 -57.42 -82.70
C ASP D 1903 2.43 -57.46 -81.49
N LEU D 1904 1.47 -56.54 -81.45
CA LEU D 1904 0.50 -56.47 -80.36
C LEU D 1904 -0.14 -57.82 -80.06
N ARG D 1905 -0.32 -58.64 -81.08
CA ARG D 1905 -0.91 -59.95 -80.91
C ARG D 1905 0.04 -60.89 -80.17
N ALA D 1906 1.31 -60.88 -80.59
CA ALA D 1906 2.36 -61.67 -79.93
C ALA D 1906 2.55 -61.24 -78.46
N LEU D 1907 2.37 -59.95 -78.20
CA LEU D 1907 2.41 -59.44 -76.83
C LEU D 1907 1.22 -59.96 -76.00
N ASP D 1908 0.07 -60.12 -76.65
CA ASP D 1908 -1.12 -60.60 -75.95
C ASP D 1908 -1.04 -62.10 -75.69
N THR D 1909 -0.26 -62.80 -76.51
CA THR D 1909 -0.01 -64.22 -76.27
C THR D 1909 0.94 -64.41 -75.09
N VAL D 1910 2.13 -63.79 -75.18
CA VAL D 1910 3.11 -63.89 -74.12
C VAL D 1910 2.53 -63.46 -72.77
N THR D 1911 1.73 -62.40 -72.78
CA THR D 1911 1.12 -61.93 -71.53
C THR D 1911 0.17 -63.01 -70.98
N ASN D 1912 -0.41 -63.82 -71.86
CA ASN D 1912 -1.35 -64.85 -71.44
C ASN D 1912 -0.73 -66.20 -71.18
N VAL D 1913 0.23 -66.56 -72.03
CA VAL D 1913 1.06 -67.72 -71.81
C VAL D 1913 1.67 -67.62 -70.41
N LEU D 1914 2.13 -66.43 -70.08
CA LEU D 1914 2.72 -66.17 -68.76
C LEU D 1914 1.71 -66.37 -67.66
N ASN D 1915 0.54 -65.74 -67.80
CA ASN D 1915 -0.53 -65.88 -66.80
C ASN D 1915 -0.86 -67.33 -66.50
N PHE D 1916 -0.75 -68.16 -67.53
CA PHE D 1916 -1.04 -69.59 -67.45
C PHE D 1916 0.04 -70.29 -66.62
N ILE D 1917 1.28 -70.20 -67.07
CA ILE D 1917 2.40 -70.82 -66.37
C ILE D 1917 2.42 -70.48 -64.87
N LYS D 1918 1.85 -69.33 -64.50
CA LYS D 1918 1.77 -68.95 -63.09
C LYS D 1918 0.69 -69.69 -62.32
N LEU D 1919 -0.53 -69.65 -62.84
CA LEU D 1919 -1.64 -70.32 -62.19
C LEU D 1919 -1.45 -71.84 -62.28
N GLN D 1920 -0.52 -72.24 -63.14
CA GLN D 1920 -0.24 -73.66 -63.38
C GLN D 1920 0.95 -74.15 -62.57
N LYS D 1921 1.72 -73.21 -62.04
CA LYS D 1921 2.91 -73.55 -61.26
C LYS D 1921 3.88 -74.45 -62.04
N ILE D 1922 4.38 -73.94 -63.17
CA ILE D 1922 5.23 -74.73 -64.06
C ILE D 1922 6.73 -74.37 -64.00
N ASP D 1923 7.46 -75.11 -63.17
CA ASP D 1923 8.90 -75.01 -63.07
C ASP D 1923 9.58 -75.54 -64.35
N ILE D 1924 9.97 -74.63 -65.27
CA ILE D 1924 10.60 -75.02 -66.55
C ILE D 1924 12.08 -75.45 -66.38
N ILE D 1925 12.73 -75.01 -65.31
CA ILE D 1925 14.09 -75.46 -65.04
C ILE D 1925 14.09 -76.94 -64.64
N GLU D 1926 12.99 -77.37 -64.02
CA GLU D 1926 12.82 -78.75 -63.56
C GLU D 1926 12.34 -79.69 -64.67
N LEU D 1927 11.44 -79.19 -65.52
CA LEU D 1927 10.91 -79.99 -66.63
C LEU D 1927 11.95 -80.17 -67.72
N GLN D 1928 13.00 -79.34 -67.67
CA GLN D 1928 14.08 -79.38 -68.65
C GLN D 1928 15.05 -80.52 -68.31
N LYS D 1929 15.09 -80.87 -67.03
CA LYS D 1929 15.92 -81.97 -66.55
C LYS D 1929 15.19 -83.30 -66.81
N SER D 1930 13.93 -83.36 -66.38
CA SER D 1930 13.11 -84.57 -66.44
C SER D 1930 12.65 -84.97 -67.85
N LEU D 1931 12.40 -83.99 -68.70
CA LEU D 1931 11.97 -84.24 -70.08
C LEU D 1931 13.03 -83.79 -71.08
N SER D 1932 12.79 -84.03 -72.36
CA SER D 1932 13.75 -83.60 -73.40
C SER D 1932 13.45 -82.18 -73.91
N LEU D 1933 14.32 -81.68 -74.77
CA LEU D 1933 14.11 -80.39 -75.40
C LEU D 1933 12.79 -80.38 -76.16
N GLU D 1934 12.67 -81.32 -77.12
CA GLU D 1934 11.50 -81.47 -77.98
C GLU D 1934 10.22 -81.74 -77.17
N GLU D 1935 10.43 -82.29 -75.97
CA GLU D 1935 9.33 -82.68 -75.09
C GLU D 1935 8.63 -81.49 -74.43
N VAL D 1936 9.41 -80.63 -73.81
CA VAL D 1936 8.84 -79.44 -73.18
C VAL D 1936 8.55 -78.35 -74.22
N GLU D 1937 9.38 -78.30 -75.25
CA GLU D 1937 9.11 -77.47 -76.43
C GLU D 1937 7.63 -77.61 -76.82
N GLY D 1938 7.29 -78.80 -77.32
CA GLY D 1938 5.92 -79.12 -77.68
C GLY D 1938 4.96 -78.83 -76.54
N HIS D 1939 5.40 -79.10 -75.30
CA HIS D 1939 4.55 -78.94 -74.12
C HIS D 1939 3.94 -77.53 -74.02
N LEU D 1940 4.75 -76.50 -74.30
CA LEU D 1940 4.26 -75.12 -74.24
C LEU D 1940 3.80 -74.62 -75.61
N PHE D 1941 4.35 -75.22 -76.66
CA PHE D 1941 3.86 -74.99 -78.03
C PHE D 1941 2.35 -75.21 -78.07
N GLU D 1942 1.89 -76.13 -77.23
CA GLU D 1942 0.46 -76.40 -77.08
C GLU D 1942 -0.21 -75.28 -76.28
N ILE D 1943 0.41 -74.91 -75.17
CA ILE D 1943 -0.07 -73.79 -74.35
C ILE D 1943 -0.13 -72.47 -75.14
N ILE D 1944 0.91 -72.23 -75.94
CA ILE D 1944 0.99 -71.09 -76.85
C ILE D 1944 -0.19 -71.09 -77.83
N ASP D 1945 -0.41 -72.23 -78.48
CA ASP D 1945 -1.39 -72.34 -79.55
C ASP D 1945 -2.83 -72.14 -79.11
N GLU D 1946 -3.10 -72.36 -77.82
CA GLU D 1946 -4.45 -72.15 -77.28
C GLU D 1946 -4.70 -70.70 -76.92
N ALA D 1947 -3.62 -69.96 -76.67
CA ALA D 1947 -3.70 -68.54 -76.37
C ALA D 1947 -3.56 -67.70 -77.65
N SER D 1948 -2.79 -68.21 -78.61
CA SER D 1948 -2.56 -67.51 -79.87
C SER D 1948 -3.81 -67.43 -80.75
N LYS D 1949 -4.61 -68.50 -80.74
CA LYS D 1949 -5.92 -68.48 -81.39
C LYS D 1949 -6.73 -67.30 -80.89
N LYS D 1950 -6.76 -67.13 -79.57
CA LYS D 1950 -7.63 -66.15 -78.91
C LYS D 1950 -7.36 -64.69 -79.29
N SER D 1951 -6.09 -64.35 -79.55
CA SER D 1951 -5.73 -62.98 -79.85
C SER D 1951 -5.76 -62.63 -81.34
N ALA D 1952 -5.51 -63.62 -82.21
CA ALA D 1952 -5.64 -63.39 -83.64
C ALA D 1952 -7.08 -63.07 -84.01
N VAL D 1953 -8.02 -63.70 -83.30
CA VAL D 1953 -9.46 -63.51 -83.51
C VAL D 1953 -9.99 -62.20 -82.89
N LYS D 1954 -9.09 -61.45 -82.26
CA LYS D 1954 -9.46 -60.16 -81.70
C LYS D 1954 -9.36 -59.06 -82.76
N PRO D 1955 -10.21 -58.03 -82.64
CA PRO D 1955 -10.32 -56.84 -83.53
C PRO D 1955 -8.98 -56.23 -84.01
N ARG D 1956 -9.07 -55.21 -84.86
CA ARG D 1956 -7.92 -54.71 -85.64
C ARG D 1956 -6.66 -54.36 -84.82
N PRO D 1957 -6.66 -53.21 -84.10
CA PRO D 1957 -5.51 -52.88 -83.25
C PRO D 1957 -5.76 -53.33 -81.81
N LEU D 1958 -5.58 -54.63 -81.59
CA LEU D 1958 -5.74 -55.26 -80.28
C LEU D 1958 -5.31 -54.39 -79.09
N LYS D 1959 -6.16 -54.33 -78.06
CA LYS D 1959 -5.84 -53.63 -76.84
C LYS D 1959 -5.17 -54.53 -75.79
N LEU D 1960 -3.85 -54.44 -75.66
CA LEU D 1960 -3.12 -55.20 -74.64
C LEU D 1960 -3.66 -54.89 -73.26
N GLU D 1961 -3.92 -55.95 -72.48
CA GLU D 1961 -4.38 -55.77 -71.11
C GLU D 1961 -3.41 -56.39 -70.10
N ARG D 1962 -3.59 -56.01 -68.84
CA ARG D 1962 -2.67 -56.34 -67.76
C ARG D 1962 -2.54 -57.83 -67.48
N GLY D 1963 -1.47 -58.21 -66.79
CA GLY D 1963 -1.22 -59.60 -66.44
C GLY D 1963 -0.85 -59.78 -64.99
N PHE D 1964 -0.21 -60.91 -64.68
CA PHE D 1964 0.25 -61.19 -63.33
C PHE D 1964 1.67 -60.67 -63.17
N ALA D 1965 2.37 -60.56 -64.29
CA ALA D 1965 3.76 -60.15 -64.32
C ALA D 1965 3.96 -59.27 -65.54
N CYS D 1966 2.85 -58.96 -66.21
CA CYS D 1966 2.92 -58.13 -67.39
C CYS D 1966 2.16 -56.83 -67.22
N ILE D 1967 2.82 -55.73 -67.57
CA ILE D 1967 2.16 -54.44 -67.62
C ILE D 1967 2.35 -53.83 -69.01
N PRO D 1968 1.25 -53.31 -69.57
CA PRO D 1968 1.39 -52.70 -70.89
C PRO D 1968 1.97 -51.29 -70.71
N LEU D 1969 2.93 -50.97 -71.57
CA LEU D 1969 3.51 -49.63 -71.56
C LEU D 1969 2.66 -48.69 -72.40
N VAL D 1970 1.73 -47.99 -71.73
CA VAL D 1970 0.84 -47.08 -72.44
C VAL D 1970 1.63 -45.95 -73.07
N GLY D 1971 1.42 -45.77 -74.37
CA GLY D 1971 2.09 -44.73 -75.12
C GLY D 1971 2.81 -45.31 -76.33
N ILE D 1972 3.69 -46.27 -76.05
CA ILE D 1972 4.59 -46.75 -77.07
C ILE D 1972 3.89 -47.51 -78.19
N SER D 1973 4.35 -47.30 -79.40
CA SER D 1973 3.68 -47.79 -80.59
C SER D 1973 4.70 -48.35 -81.59
N VAL D 1974 5.96 -48.00 -81.38
CA VAL D 1974 7.02 -48.51 -82.24
C VAL D 1974 7.76 -49.61 -81.48
N PRO D 1975 8.09 -50.70 -82.18
CA PRO D 1975 8.84 -51.80 -81.55
C PRO D 1975 10.34 -51.50 -81.50
N PHE D 1976 10.73 -50.28 -81.12
CA PHE D 1976 12.15 -49.94 -81.17
C PHE D 1976 12.92 -50.77 -80.16
N HIS D 1977 14.22 -50.90 -80.39
CA HIS D 1977 15.11 -51.82 -79.67
C HIS D 1977 14.71 -53.27 -79.89
N SER D 1978 14.14 -53.51 -81.08
CA SER D 1978 13.98 -54.83 -81.65
C SER D 1978 14.68 -54.83 -83.01
N THR D 1979 14.61 -55.96 -83.73
CA THR D 1979 15.23 -56.03 -85.05
C THR D 1979 14.39 -55.31 -86.08
N TYR D 1980 13.15 -54.99 -85.69
CA TYR D 1980 12.16 -54.37 -86.56
C TYR D 1980 12.71 -53.12 -87.26
N LEU D 1981 13.44 -52.15 -86.45
CA LEU D 1981 13.97 -50.86 -86.89
C LEU D 1981 15.32 -50.98 -87.57
N MET D 1982 15.60 -52.14 -88.16
CA MET D 1982 16.87 -52.37 -88.81
C MET D 1982 16.97 -51.63 -90.13
N ASN D 1983 15.81 -51.25 -90.77
CA ASN D 1983 15.83 -50.63 -92.10
C ASN D 1983 15.98 -49.12 -91.99
N GLY D 1984 15.53 -48.59 -90.85
CA GLY D 1984 15.63 -47.16 -90.58
C GLY D 1984 16.97 -46.76 -89.99
N VAL D 1985 17.98 -47.64 -90.09
CA VAL D 1985 19.31 -47.35 -89.56
C VAL D 1985 20.13 -46.41 -90.44
N LYS D 1986 20.31 -46.77 -91.71
CA LYS D 1986 21.27 -46.06 -92.55
C LYS D 1986 20.93 -44.60 -92.95
N PRO D 1987 19.65 -44.18 -92.86
CA PRO D 1987 19.26 -42.76 -92.99
C PRO D 1987 19.58 -41.93 -91.74
N PHE D 1988 19.54 -42.59 -90.59
CA PHE D 1988 19.87 -41.99 -89.31
C PHE D 1988 21.39 -41.99 -89.17
N LYS D 1989 22.00 -43.08 -89.63
CA LYS D 1989 23.45 -43.26 -89.64
C LYS D 1989 24.16 -42.21 -90.49
N SER D 1990 23.43 -41.58 -91.40
CA SER D 1990 23.96 -40.43 -92.12
C SER D 1990 23.62 -39.16 -91.36
N PHE D 1991 22.42 -39.10 -90.79
CA PHE D 1991 21.99 -37.93 -90.02
C PHE D 1991 22.96 -37.69 -88.87
N LEU D 1992 23.35 -38.77 -88.20
CA LEU D 1992 24.27 -38.67 -87.08
C LEU D 1992 25.63 -38.21 -87.55
N LYS D 1993 26.07 -38.75 -88.68
CA LYS D 1993 27.38 -38.37 -89.23
C LYS D 1993 27.43 -36.91 -89.66
N LYS D 1994 26.26 -36.35 -90.01
CA LYS D 1994 26.18 -34.95 -90.42
C LYS D 1994 26.12 -34.02 -89.20
N ASN D 1995 26.00 -34.59 -88.00
CA ASN D 1995 25.87 -33.80 -86.78
C ASN D 1995 26.90 -34.07 -85.69
N ILE D 1996 27.54 -35.23 -85.77
CA ILE D 1996 28.60 -35.56 -84.84
C ILE D 1996 29.89 -35.58 -85.64
N ILE D 1997 30.55 -34.44 -85.66
CA ILE D 1997 31.76 -34.26 -86.46
C ILE D 1997 32.95 -34.98 -85.84
N LYS D 1998 33.86 -35.45 -86.68
CA LYS D 1998 35.07 -36.14 -86.24
C LYS D 1998 35.82 -35.35 -85.16
N GLU D 1999 35.96 -34.05 -85.37
CA GLU D 1999 36.81 -33.21 -84.53
C GLU D 1999 36.34 -33.00 -83.09
N ASN D 2000 35.08 -33.37 -82.81
CA ASN D 2000 34.51 -33.19 -81.48
C ASN D 2000 34.49 -34.48 -80.67
N VAL D 2001 35.08 -35.53 -81.25
CA VAL D 2001 35.19 -36.80 -80.54
C VAL D 2001 36.60 -36.91 -79.98
N LYS D 2002 36.78 -36.45 -78.75
CA LYS D 2002 38.05 -36.59 -78.08
C LYS D 2002 38.09 -37.92 -77.36
N VAL D 2003 39.04 -38.75 -77.77
CA VAL D 2003 39.01 -40.16 -77.41
C VAL D 2003 38.96 -40.42 -75.92
N ALA D 2004 39.79 -39.70 -75.18
CA ALA D 2004 39.95 -39.96 -73.74
C ALA D 2004 38.69 -39.67 -72.92
N ARG D 2005 37.81 -38.85 -73.47
CA ARG D 2005 36.57 -38.46 -72.81
C ARG D 2005 35.62 -39.63 -72.76
N LEU D 2006 35.81 -40.56 -73.68
CA LEU D 2006 34.93 -41.73 -73.83
C LEU D 2006 35.59 -43.04 -73.40
N ALA D 2007 36.86 -43.22 -73.79
CA ALA D 2007 37.57 -44.48 -73.55
C ALA D 2007 37.55 -44.89 -72.10
N GLY D 2008 36.90 -46.01 -71.82
CA GLY D 2008 36.87 -46.58 -70.48
C GLY D 2008 35.80 -46.01 -69.58
N LYS D 2009 35.18 -44.90 -69.99
CA LYS D 2009 34.18 -44.22 -69.16
C LYS D 2009 32.74 -44.34 -69.71
N TYR D 2010 32.64 -44.43 -71.02
CA TYR D 2010 31.36 -44.47 -71.70
C TYR D 2010 30.83 -45.90 -71.93
N ILE D 2011 29.73 -46.23 -71.25
CA ILE D 2011 29.03 -47.50 -71.45
C ILE D 2011 27.82 -47.37 -72.39
N PRO D 2012 27.96 -47.83 -73.65
CA PRO D 2012 26.86 -47.73 -74.61
C PRO D 2012 25.65 -48.59 -74.21
N ASN D 2013 24.71 -48.74 -75.14
CA ASN D 2013 23.53 -49.57 -74.90
C ASN D 2013 23.51 -50.81 -75.81
N LEU D 2014 23.98 -50.63 -77.05
CA LEU D 2014 24.18 -51.73 -78.00
C LEU D 2014 25.11 -52.75 -77.34
N THR D 2015 26.37 -52.38 -77.22
CA THR D 2015 27.31 -53.04 -76.32
C THR D 2015 26.99 -52.58 -74.91
N ALA D 2016 27.27 -53.41 -73.91
CA ALA D 2016 27.15 -52.95 -72.53
C ALA D 2016 28.53 -52.87 -71.92
N LYS D 2017 29.52 -52.68 -72.77
CA LYS D 2017 30.92 -52.65 -72.34
C LYS D 2017 31.62 -51.34 -72.68
N PRO D 2018 32.29 -50.74 -71.68
CA PRO D 2018 33.03 -49.48 -71.77
C PRO D 2018 33.78 -49.26 -73.10
N PHE D 2019 33.52 -48.10 -73.70
CA PHE D 2019 34.09 -47.68 -74.98
C PHE D 2019 35.59 -47.88 -75.03
N GLN D 2020 36.05 -48.70 -75.99
CA GLN D 2020 37.47 -48.85 -76.27
C GLN D 2020 37.65 -48.91 -77.76
N VAL D 2021 38.69 -48.25 -78.27
CA VAL D 2021 38.93 -48.27 -79.71
C VAL D 2021 39.97 -49.35 -80.04
N THR D 2022 39.54 -50.60 -79.87
CA THR D 2022 40.39 -51.77 -80.02
C THR D 2022 39.79 -52.77 -81.02
N LYS D 2023 40.65 -53.56 -81.67
CA LYS D 2023 40.21 -54.56 -82.64
C LYS D 2023 39.15 -55.42 -82.00
N GLU D 2024 39.47 -55.90 -80.80
CA GLU D 2024 38.54 -56.60 -79.91
C GLU D 2024 37.13 -56.02 -79.90
N TYR D 2025 37.05 -54.76 -79.48
CA TYR D 2025 35.76 -54.08 -79.32
C TYR D 2025 35.03 -54.02 -80.65
N PHE D 2026 35.72 -53.50 -81.67
CA PHE D 2026 35.16 -53.32 -83.01
C PHE D 2026 34.45 -54.56 -83.53
N GLN D 2027 35.03 -55.73 -83.24
CA GLN D 2027 34.42 -56.99 -83.63
C GLN D 2027 33.08 -57.20 -82.96
N ASP D 2028 33.06 -57.15 -81.62
CA ASP D 2028 31.80 -57.30 -80.87
C ASP D 2028 30.67 -56.44 -81.49
N VAL D 2029 31.01 -55.26 -81.99
CA VAL D 2029 29.99 -54.38 -82.54
C VAL D 2029 29.43 -54.97 -83.82
N TYR D 2030 30.33 -55.38 -84.70
CA TYR D 2030 29.91 -56.04 -85.93
C TYR D 2030 28.98 -57.19 -85.58
N ASP D 2031 29.43 -58.04 -84.66
CA ASP D 2031 28.67 -59.22 -84.24
C ASP D 2031 27.25 -58.87 -83.76
N LEU D 2032 27.09 -57.71 -83.15
CA LEU D 2032 25.80 -57.33 -82.62
C LEU D 2032 25.00 -56.56 -83.64
N THR D 2033 25.59 -56.31 -84.80
CA THR D 2033 24.95 -55.40 -85.74
C THR D 2033 25.17 -55.64 -87.24
N GLY D 2034 26.36 -56.10 -87.60
CA GLY D 2034 26.70 -56.29 -89.00
C GLY D 2034 26.65 -54.98 -89.76
N SER D 2035 27.79 -54.30 -89.79
CA SER D 2035 27.87 -53.03 -90.49
C SER D 2035 29.11 -52.95 -91.36
N GLU D 2036 28.92 -52.49 -92.59
CA GLU D 2036 29.98 -52.37 -93.57
C GLU D 2036 31.18 -51.59 -93.04
N PRO D 2037 30.96 -50.32 -92.65
CA PRO D 2037 32.06 -49.47 -92.18
C PRO D 2037 32.92 -50.20 -91.17
N ILE D 2038 32.26 -50.95 -90.28
CA ILE D 2038 32.97 -51.68 -89.23
C ILE D 2038 33.77 -52.82 -89.84
N LYS D 2039 33.07 -53.67 -90.60
CA LYS D 2039 33.66 -54.92 -91.12
C LYS D 2039 35.01 -54.72 -91.80
N GLU D 2040 35.11 -53.69 -92.64
CA GLU D 2040 36.38 -53.40 -93.31
C GLU D 2040 37.44 -53.11 -92.26
N ILE D 2041 37.08 -52.30 -91.28
CA ILE D 2041 38.01 -51.88 -90.23
C ILE D 2041 38.56 -53.06 -89.41
N ILE D 2042 37.67 -53.97 -89.03
CA ILE D 2042 38.07 -55.17 -88.31
C ILE D 2042 39.02 -55.97 -89.19
N ASP D 2043 38.62 -56.11 -90.46
CA ASP D 2043 39.29 -56.95 -91.47
C ASP D 2043 40.72 -56.48 -91.79
N ASN D 2044 40.92 -55.16 -91.85
CA ASN D 2044 42.26 -54.58 -92.05
C ASN D 2044 42.65 -53.62 -90.92
N TRP D 2045 42.73 -54.17 -89.71
CA TRP D 2045 43.06 -53.42 -88.52
C TRP D 2045 44.46 -52.79 -88.57
N GLU D 2046 45.32 -53.35 -89.40
CA GLU D 2046 46.72 -52.93 -89.43
C GLU D 2046 46.91 -51.61 -90.17
N LYS D 2047 45.82 -50.85 -90.27
CA LYS D 2047 45.90 -49.46 -90.72
C LYS D 2047 46.66 -48.62 -89.69
N TYR D 2048 47.25 -49.29 -88.70
CA TYR D 2048 48.02 -48.65 -87.65
C TYR D 2048 48.78 -47.39 -88.06
N GLU D 2049 49.71 -47.54 -88.99
CA GLU D 2049 50.58 -46.43 -89.38
C GLU D 2049 49.95 -45.45 -90.37
N GLN D 2050 49.65 -44.25 -89.87
CA GLN D 2050 49.26 -43.09 -90.68
C GLN D 2050 49.33 -43.30 -92.21
N SER E 5 58.25 -34.21 45.11
CA SER E 5 57.52 -35.37 44.62
C SER E 5 56.18 -34.92 44.05
N THR E 6 55.82 -33.67 44.31
CA THR E 6 54.48 -33.13 44.00
C THR E 6 54.34 -32.46 42.61
N ARG E 7 53.19 -32.71 41.97
CA ARG E 7 53.01 -32.43 40.55
C ARG E 7 51.54 -32.12 40.24
N PRO E 8 51.23 -30.83 40.07
CA PRO E 8 49.88 -30.23 40.02
C PRO E 8 48.88 -30.96 39.12
N LEU E 9 47.60 -30.89 39.53
CA LEU E 9 46.48 -31.51 38.83
C LEU E 9 45.23 -30.73 39.21
N THR E 10 44.44 -30.31 38.23
CA THR E 10 43.26 -29.47 38.55
C THR E 10 41.92 -30.20 38.43
N LEU E 11 41.13 -30.13 39.49
CA LEU E 11 39.74 -30.59 39.47
C LEU E 11 38.85 -29.43 39.05
N SER E 12 38.15 -29.62 37.94
CA SER E 12 37.60 -28.49 37.21
C SER E 12 36.10 -28.59 36.91
N HIS E 13 35.41 -27.47 37.10
CA HIS E 13 34.03 -27.30 36.66
C HIS E 13 33.66 -25.81 36.63
N GLY E 14 33.20 -25.33 35.47
CA GLY E 14 32.78 -23.96 35.32
C GLY E 14 33.90 -22.99 35.64
N SER E 15 33.63 -22.04 36.53
CA SER E 15 34.67 -21.12 37.02
C SER E 15 35.24 -21.62 38.35
N LEU E 16 35.04 -22.91 38.64
CA LEU E 16 35.46 -23.48 39.91
C LEU E 16 36.61 -24.47 39.77
N GLU E 17 37.75 -24.08 40.35
CA GLU E 17 38.94 -24.90 40.32
C GLU E 17 39.20 -25.45 41.71
N HIS E 18 39.91 -26.57 41.76
CA HIS E 18 40.58 -27.01 42.97
C HIS E 18 41.88 -27.72 42.62
N VAL E 19 43.00 -27.03 42.84
CA VAL E 19 44.30 -27.56 42.48
C VAL E 19 44.72 -28.68 43.43
N LEU E 20 45.21 -29.76 42.84
CA LEU E 20 45.43 -31.00 43.57
C LEU E 20 46.86 -31.50 43.41
N LEU E 21 47.64 -31.36 44.48
CA LEU E 21 49.04 -31.79 44.51
C LEU E 21 49.14 -33.31 44.50
N VAL E 22 49.88 -33.84 43.55
CA VAL E 22 49.88 -35.28 43.31
C VAL E 22 51.25 -35.92 43.51
N PRO E 23 51.30 -37.06 44.24
CA PRO E 23 52.53 -37.83 44.39
C PRO E 23 53.05 -38.39 43.07
N THR E 24 54.28 -38.90 43.08
CA THR E 24 54.93 -39.35 41.85
C THR E 24 54.29 -40.62 41.26
N ALA E 25 54.48 -41.78 41.89
CA ALA E 25 53.85 -43.02 41.40
C ALA E 25 52.32 -42.97 41.55
N SER E 26 51.71 -42.00 40.86
CA SER E 26 50.30 -41.68 41.06
C SER E 26 49.70 -40.79 39.97
N PHE E 27 50.40 -39.71 39.60
CA PHE E 27 49.84 -38.72 38.69
C PHE E 27 49.33 -39.32 37.38
N PHE E 28 49.81 -40.51 37.07
CA PHE E 28 49.30 -41.25 35.92
C PHE E 28 47.82 -41.57 36.13
N ILE E 29 47.58 -42.51 37.05
CA ILE E 29 46.22 -42.95 37.39
C ILE E 29 45.35 -41.78 37.84
N ALA E 30 45.97 -40.79 38.49
CA ALA E 30 45.28 -39.59 38.95
C ALA E 30 44.67 -38.84 37.77
N SER E 31 45.48 -38.60 36.74
CA SER E 31 45.01 -37.88 35.56
C SER E 31 43.92 -38.64 34.83
N GLN E 32 44.09 -39.97 34.76
CA GLN E 32 43.08 -40.84 34.16
C GLN E 32 41.71 -40.62 34.79
N LEU E 33 41.67 -40.69 36.12
CA LEU E 33 40.45 -40.43 36.85
C LEU E 33 39.95 -39.03 36.57
N GLN E 34 40.86 -38.06 36.60
CA GLN E 34 40.52 -36.66 36.38
C GLN E 34 39.78 -36.46 35.08
N GLU E 35 40.21 -37.19 34.05
CA GLU E 35 39.61 -37.11 32.73
C GLU E 35 38.21 -37.74 32.71
N GLN E 36 38.12 -39.00 33.11
CA GLN E 36 36.84 -39.70 33.18
C GLN E 36 35.80 -38.90 33.97
N PHE E 37 36.24 -38.34 35.10
CA PHE E 37 35.41 -37.50 35.95
C PHE E 37 34.90 -36.28 35.19
N ASN E 38 35.80 -35.63 34.46
CA ASN E 38 35.49 -34.42 33.68
C ASN E 38 34.36 -34.67 32.70
N LYS E 39 34.30 -35.90 32.19
CA LYS E 39 33.30 -36.30 31.22
C LYS E 39 31.90 -36.27 31.82
N ILE E 40 31.78 -36.88 33.00
CA ILE E 40 30.48 -37.02 33.67
C ILE E 40 29.86 -35.69 34.10
N LEU E 41 30.70 -34.71 34.41
CA LEU E 41 30.23 -33.40 34.84
C LEU E 41 29.29 -32.77 33.82
N PRO E 42 28.03 -32.53 34.22
CA PRO E 42 27.06 -31.74 33.44
C PRO E 42 27.56 -30.32 33.16
N GLU E 43 27.23 -29.80 31.98
CA GLU E 43 27.69 -28.48 31.54
C GLU E 43 27.35 -27.39 32.54
N PRO E 44 28.35 -26.55 32.86
CA PRO E 44 28.23 -25.37 33.73
C PRO E 44 27.13 -24.42 33.24
N THR E 45 26.44 -23.75 34.17
CA THR E 45 25.36 -22.85 33.79
C THR E 45 24.98 -21.88 34.91
N GLU E 46 25.16 -20.59 34.64
CA GLU E 46 24.69 -19.50 35.52
C GLU E 46 25.01 -19.69 37.01
N GLY E 47 26.31 -19.66 37.33
CA GLY E 47 26.77 -19.91 38.68
C GLY E 47 26.46 -21.33 39.12
N PHE E 48 26.63 -22.27 38.19
CA PHE E 48 26.48 -23.72 38.45
C PHE E 48 25.20 -24.04 39.21
N ALA E 49 24.16 -23.24 38.97
CA ALA E 49 22.99 -23.23 39.82
C ALA E 49 21.98 -24.34 39.48
N ALA E 50 22.38 -25.33 38.69
CA ALA E 50 21.49 -26.45 38.39
C ALA E 50 21.49 -27.45 39.54
N ASP E 51 20.84 -28.60 39.35
CA ASP E 51 20.67 -29.57 40.43
C ASP E 51 21.77 -30.66 40.48
N ASP E 52 22.35 -30.94 39.31
CA ASP E 52 23.48 -31.86 39.23
C ASP E 52 24.79 -31.12 39.58
N GLU E 53 24.83 -29.82 39.26
CA GLU E 53 26.04 -28.99 39.34
C GLU E 53 26.53 -28.62 40.75
N PRO E 54 27.81 -28.91 41.05
CA PRO E 54 28.45 -28.42 42.27
C PRO E 54 28.41 -26.89 42.34
N THR E 55 28.03 -26.38 43.52
CA THR E 55 27.97 -24.95 43.78
C THR E 55 29.34 -24.36 44.08
N THR E 56 30.18 -25.14 44.76
CA THR E 56 31.45 -24.65 45.29
C THR E 56 32.62 -25.64 45.10
N PRO E 57 33.85 -25.12 45.13
CA PRO E 57 35.07 -25.93 45.16
C PRO E 57 34.94 -27.13 46.10
N ALA E 58 34.44 -26.88 47.31
CA ALA E 58 34.22 -27.92 48.30
C ALA E 58 33.32 -29.04 47.75
N GLU E 59 32.16 -28.65 47.24
CA GLU E 59 31.19 -29.61 46.70
C GLU E 59 31.81 -30.42 45.56
N LEU E 60 32.50 -29.73 44.67
CA LEU E 60 33.20 -30.37 43.55
C LEU E 60 34.19 -31.45 44.02
N VAL E 61 34.99 -31.14 45.03
CA VAL E 61 35.93 -32.12 45.54
C VAL E 61 35.17 -33.33 46.08
N GLY E 62 34.06 -33.05 46.77
CA GLY E 62 33.17 -34.10 47.24
C GLY E 62 32.66 -34.94 46.08
N LYS E 63 32.31 -34.26 44.99
CA LYS E 63 31.88 -34.93 43.76
C LYS E 63 32.94 -35.91 43.28
N PHE E 64 34.10 -35.39 42.90
CA PHE E 64 35.19 -36.22 42.41
C PHE E 64 35.52 -37.26 43.45
N LEU E 65 35.39 -36.88 44.71
CA LEU E 65 35.71 -37.75 45.83
C LEU E 65 34.79 -38.96 45.78
N GLY E 66 33.53 -38.71 45.44
CA GLY E 66 32.52 -39.75 45.35
C GLY E 66 32.63 -40.59 44.10
N TYR E 67 33.04 -39.95 43.01
CA TYR E 67 33.27 -40.66 41.76
C TYR E 67 34.38 -41.72 41.89
N VAL E 68 35.52 -41.33 42.46
CA VAL E 68 36.62 -42.25 42.66
C VAL E 68 36.21 -43.39 43.60
N SER E 69 35.41 -43.06 44.61
CA SER E 69 34.96 -44.06 45.55
C SER E 69 34.10 -45.11 44.88
N SER E 70 33.37 -44.70 43.85
CA SER E 70 32.48 -45.62 43.14
C SER E 70 33.25 -46.75 42.44
N LEU E 71 34.56 -46.57 42.28
CA LEU E 71 35.36 -47.55 41.55
C LEU E 71 36.32 -48.34 42.44
N VAL E 72 35.92 -48.58 43.69
CA VAL E 72 36.78 -49.28 44.64
C VAL E 72 36.01 -50.35 45.42
N GLU E 73 36.73 -51.33 45.95
CA GLU E 73 36.18 -52.33 46.87
C GLU E 73 37.02 -52.42 48.14
N PRO E 74 36.36 -52.60 49.30
CA PRO E 74 37.07 -52.78 50.57
C PRO E 74 37.74 -54.16 50.67
N SER E 75 37.18 -55.16 50.00
CA SER E 75 37.66 -56.55 50.11
C SER E 75 38.96 -56.80 49.32
N LYS E 76 38.94 -56.46 48.04
CA LYS E 76 40.11 -56.63 47.19
C LYS E 76 40.85 -55.29 47.08
N VAL E 77 42.15 -55.34 46.80
CA VAL E 77 42.91 -54.10 46.68
C VAL E 77 42.79 -53.53 45.27
N GLY E 78 42.58 -52.22 45.19
CA GLY E 78 42.42 -51.55 43.91
C GLY E 78 43.60 -50.70 43.54
N GLN E 79 43.48 -50.04 42.38
CA GLN E 79 44.55 -49.20 41.84
C GLN E 79 44.30 -47.72 42.13
N PHE E 80 43.12 -47.44 42.69
CA PHE E 80 42.73 -46.07 43.00
C PHE E 80 42.75 -45.84 44.50
N ASP E 81 42.91 -46.91 45.26
CA ASP E 81 43.07 -46.82 46.70
C ASP E 81 44.15 -45.76 47.02
N GLN E 82 45.14 -45.67 46.14
CA GLN E 82 46.20 -44.66 46.21
C GLN E 82 45.62 -43.25 46.12
N VAL E 83 44.91 -42.98 45.03
CA VAL E 83 44.35 -41.66 44.75
C VAL E 83 43.23 -41.25 45.70
N LEU E 84 42.35 -42.21 46.02
CA LEU E 84 41.21 -41.94 46.86
C LEU E 84 41.68 -41.38 48.19
N ASN E 85 42.48 -42.20 48.89
CA ASN E 85 43.04 -41.83 50.20
C ASN E 85 43.78 -40.50 50.18
N LEU E 86 44.25 -40.09 49.00
CA LEU E 86 44.95 -38.81 48.85
C LEU E 86 43.99 -37.63 48.71
N CYS E 87 42.92 -37.83 47.95
CA CYS E 87 41.93 -36.79 47.77
C CYS E 87 41.14 -36.59 49.04
N LEU E 88 40.97 -37.67 49.79
CA LEU E 88 40.37 -37.61 51.10
C LEU E 88 41.12 -36.61 51.96
N THR E 89 42.41 -36.89 52.16
CA THR E 89 43.24 -36.08 53.02
C THR E 89 43.29 -34.63 52.56
N GLU E 90 43.23 -34.40 51.25
CA GLU E 90 43.31 -33.02 50.78
C GLU E 90 41.95 -32.33 50.92
N PHE E 91 40.87 -33.10 50.88
CA PHE E 91 39.54 -32.53 51.09
C PHE E 91 39.39 -32.21 52.56
N GLU E 92 39.72 -33.20 53.38
CA GLU E 92 39.71 -33.04 54.83
C GLU E 92 40.53 -31.81 55.19
N ASN E 93 41.81 -31.88 54.85
CA ASN E 93 42.75 -30.88 55.28
C ASN E 93 42.42 -29.51 54.72
N CYS E 94 41.81 -29.49 53.54
CA CYS E 94 41.54 -28.21 52.88
C CYS E 94 40.17 -27.60 53.23
N TYR E 95 39.12 -28.43 53.24
CA TYR E 95 37.75 -27.92 53.39
C TYR E 95 37.10 -28.13 54.77
N LEU E 96 37.46 -29.22 55.43
CA LEU E 96 37.01 -29.46 56.81
C LEU E 96 38.03 -28.83 57.75
N GLU E 97 37.58 -27.89 58.57
CA GLU E 97 38.50 -27.32 59.54
C GLU E 97 38.62 -28.24 60.76
N GLY E 98 38.60 -29.55 60.51
CA GLY E 98 38.63 -30.55 61.56
C GLY E 98 37.24 -31.01 62.05
N ASN E 99 36.22 -30.16 61.88
CA ASN E 99 34.85 -30.51 62.30
C ASN E 99 34.23 -31.57 61.40
N ASP E 100 32.93 -31.82 61.61
CA ASP E 100 32.22 -32.87 60.87
C ASP E 100 31.73 -32.38 59.51
N ILE E 101 31.55 -33.31 58.58
CA ILE E 101 31.03 -32.96 57.27
C ILE E 101 29.76 -32.18 57.49
N HIS E 102 28.99 -32.59 58.51
CA HIS E 102 27.73 -31.96 58.85
C HIS E 102 27.89 -30.46 59.14
N ALA E 103 28.97 -30.10 59.83
CA ALA E 103 29.26 -28.71 60.13
C ALA E 103 29.52 -27.94 58.84
N LEU E 104 30.22 -28.59 57.90
CA LEU E 104 30.51 -28.01 56.59
C LEU E 104 29.24 -27.79 55.77
N ALA E 105 28.35 -28.78 55.77
CA ALA E 105 27.10 -28.72 55.02
C ALA E 105 26.26 -27.54 55.50
N ALA E 106 26.23 -27.38 56.82
CA ALA E 106 25.53 -26.25 57.44
C ALA E 106 26.14 -24.94 56.96
N LYS E 107 27.47 -24.85 56.98
CA LYS E 107 28.15 -23.66 56.48
C LYS E 107 27.79 -23.43 55.02
N LEU E 108 27.85 -24.49 54.22
CA LEU E 108 27.53 -24.40 52.81
C LEU E 108 26.09 -23.98 52.57
N LEU E 109 25.22 -24.31 53.51
CA LEU E 109 23.83 -23.88 53.42
C LEU E 109 23.73 -22.40 53.77
N GLN E 110 24.06 -22.10 55.02
CA GLN E 110 23.96 -20.75 55.57
C GLN E 110 24.66 -19.77 54.66
N GLU E 111 25.98 -19.84 54.62
CA GLU E 111 26.79 -18.90 53.86
C GLU E 111 26.61 -19.07 52.35
N ASN E 112 27.13 -20.17 51.82
CA ASN E 112 27.19 -20.36 50.37
C ASN E 112 25.86 -20.65 49.69
N ASP E 113 25.91 -21.39 48.59
CA ASP E 113 24.70 -21.61 47.79
C ASP E 113 23.87 -22.79 48.27
N THR E 114 22.85 -22.39 49.01
CA THR E 114 21.92 -23.25 49.71
C THR E 114 21.30 -24.27 48.77
N THR E 115 21.52 -25.56 49.04
CA THR E 115 20.69 -26.63 48.48
C THR E 115 20.73 -27.82 49.42
N LEU E 116 19.60 -28.11 50.07
CA LEU E 116 19.54 -29.24 50.98
C LEU E 116 19.95 -30.51 50.27
N VAL E 117 19.47 -30.63 49.03
CA VAL E 117 19.71 -31.80 48.22
C VAL E 117 21.20 -31.96 47.93
N LYS E 118 21.86 -30.84 47.67
CA LYS E 118 23.31 -30.81 47.41
C LYS E 118 24.11 -31.10 48.69
N THR E 119 23.62 -30.60 49.81
CA THR E 119 24.21 -30.87 51.13
C THR E 119 24.24 -32.37 51.39
N LYS E 120 23.08 -33.01 51.33
CA LYS E 120 22.97 -34.45 51.43
C LYS E 120 23.98 -35.12 50.51
N GLU E 121 24.06 -34.68 49.26
CA GLU E 121 25.08 -35.19 48.32
C GLU E 121 26.47 -35.19 48.95
N LEU E 122 26.92 -34.01 49.34
CA LEU E 122 28.27 -33.83 49.90
C LEU E 122 28.50 -34.81 51.04
N ILE E 123 27.50 -34.95 51.92
CA ILE E 123 27.60 -35.86 53.06
C ILE E 123 27.71 -37.32 52.63
N LYS E 124 26.85 -37.72 51.68
CA LYS E 124 26.88 -39.09 51.17
C LYS E 124 28.29 -39.38 50.73
N ASN E 125 28.83 -38.45 49.93
CA ASN E 125 30.14 -38.60 49.31
C ASN E 125 31.25 -38.84 50.32
N TYR E 126 31.34 -37.95 51.33
CA TYR E 126 32.46 -38.03 52.28
C TYR E 126 32.47 -39.30 53.13
N ILE E 127 31.34 -39.60 53.77
CA ILE E 127 31.24 -40.80 54.60
C ILE E 127 31.48 -42.02 53.73
N THR E 128 30.74 -42.10 52.62
CA THR E 128 30.87 -43.20 51.68
C THR E 128 32.32 -43.42 51.26
N ALA E 129 32.95 -42.33 50.83
CA ALA E 129 34.34 -42.38 50.37
C ALA E 129 35.21 -43.00 51.44
N ARG E 130 35.20 -42.34 52.60
CA ARG E 130 36.06 -42.68 53.71
C ARG E 130 35.96 -44.16 54.07
N ILE E 131 34.74 -44.67 54.15
CA ILE E 131 34.54 -46.06 54.56
C ILE E 131 35.03 -47.07 53.51
N MET E 132 34.92 -46.72 52.24
CA MET E 132 35.41 -47.61 51.17
C MET E 132 36.92 -47.48 50.96
N ALA E 133 37.51 -46.46 51.59
CA ALA E 133 38.95 -46.28 51.56
C ALA E 133 39.59 -46.95 52.77
N LYS E 134 38.96 -48.04 53.23
CA LYS E 134 39.39 -48.75 54.42
C LYS E 134 39.91 -47.83 55.52
N ARG E 135 39.13 -46.80 55.84
CA ARG E 135 39.56 -45.75 56.76
C ARG E 135 38.44 -45.33 57.71
N PRO E 136 38.04 -46.23 58.62
CA PRO E 136 36.84 -46.18 59.47
C PRO E 136 36.66 -44.95 60.35
N PHE E 137 35.57 -44.98 61.12
CA PHE E 137 35.23 -43.89 62.03
C PHE E 137 35.44 -44.36 63.44
N ASP E 138 36.73 -44.91 63.89
CA ASP E 138 37.00 -45.21 65.29
C ASP E 138 38.05 -44.29 65.89
N LYS E 139 37.70 -42.93 66.56
CA LYS E 139 38.51 -42.00 67.31
C LYS E 139 37.49 -41.03 67.85
N LYS E 140 37.41 -40.97 69.27
CA LYS E 140 36.44 -40.08 69.91
C LYS E 140 36.54 -38.71 69.28
N SER E 141 35.40 -38.14 68.90
CA SER E 141 35.40 -36.85 68.23
C SER E 141 35.16 -35.77 69.25
N ASN E 142 35.54 -34.54 68.90
CA ASN E 142 35.37 -33.40 69.81
C ASN E 142 34.00 -32.74 69.71
N SER E 143 32.94 -33.54 69.76
CA SER E 143 31.60 -32.99 69.85
C SER E 143 31.54 -32.11 71.08
N ALA E 144 31.31 -30.82 70.86
CA ALA E 144 31.30 -29.86 71.96
C ALA E 144 30.21 -30.22 72.95
N LEU E 145 29.09 -30.73 72.44
CA LEU E 145 28.05 -31.24 73.31
C LEU E 145 28.60 -32.37 74.19
N PHE E 146 28.97 -33.47 73.55
CA PHE E 146 29.42 -34.65 74.27
C PHE E 146 30.62 -34.39 75.19
N ARG E 147 31.47 -33.44 74.81
CA ARG E 147 32.57 -33.04 75.66
C ARG E 147 32.04 -32.42 76.95
N ALA E 148 31.09 -31.50 76.81
CA ALA E 148 30.53 -30.77 77.95
C ALA E 148 29.60 -31.62 78.84
N VAL E 149 28.89 -32.56 78.24
CA VAL E 149 28.07 -33.49 79.01
C VAL E 149 29.01 -34.34 79.83
N GLY E 150 30.11 -34.75 79.18
CA GLY E 150 31.14 -35.58 79.80
C GLY E 150 31.83 -34.93 80.98
N GLU E 151 32.10 -33.63 80.87
CA GLU E 151 32.65 -32.84 81.96
C GLU E 151 31.67 -32.67 83.12
N GLY E 152 30.48 -32.16 82.84
CA GLY E 152 29.45 -32.04 83.85
C GLY E 152 28.56 -30.82 83.71
N ASN E 153 28.86 -30.00 82.71
CA ASN E 153 28.07 -28.80 82.44
C ASN E 153 26.91 -29.10 81.49
N ALA E 154 26.54 -30.36 81.41
CA ALA E 154 25.47 -30.79 80.52
C ALA E 154 25.10 -32.25 80.74
N GLN E 155 23.85 -32.58 80.42
CA GLN E 155 23.32 -33.94 80.57
C GLN E 155 22.36 -34.27 79.44
N LEU E 156 22.45 -35.50 78.94
CA LEU E 156 21.65 -35.91 77.78
C LEU E 156 20.50 -36.84 78.14
N VAL E 157 19.36 -36.65 77.48
CA VAL E 157 18.26 -37.62 77.55
C VAL E 157 17.77 -38.04 76.18
N ALA E 158 17.87 -39.34 75.89
CA ALA E 158 17.42 -39.89 74.62
C ALA E 158 15.91 -40.05 74.64
N ILE E 159 15.26 -39.34 73.73
CA ILE E 159 13.83 -39.41 73.57
C ILE E 159 13.55 -40.09 72.21
N PHE E 160 12.58 -41.01 72.17
CA PHE E 160 12.30 -41.78 70.95
C PHE E 160 10.86 -41.60 70.47
N GLY E 161 10.71 -41.34 69.17
CA GLY E 161 9.45 -40.95 68.59
C GLY E 161 8.43 -42.07 68.46
N GLY E 162 7.21 -41.70 68.11
CA GLY E 162 6.15 -42.68 67.97
C GLY E 162 5.57 -42.72 66.56
N GLN E 163 4.44 -43.39 66.45
CA GLN E 163 3.72 -43.46 65.19
C GLN E 163 2.94 -42.17 64.97
N GLY E 164 2.85 -41.75 63.72
CA GLY E 164 1.94 -40.66 63.35
C GLY E 164 2.54 -39.27 63.31
N ASN E 165 3.86 -39.18 63.33
CA ASN E 165 4.51 -37.88 63.27
C ASN E 165 4.64 -37.38 61.82
N THR E 166 4.52 -38.30 60.87
CA THR E 166 4.74 -37.98 59.46
C THR E 166 3.83 -38.76 58.56
N ASP E 167 3.40 -38.12 57.48
CA ASP E 167 2.70 -38.81 56.42
C ASP E 167 3.58 -39.91 55.79
N ASP E 168 4.77 -39.53 55.33
CA ASP E 168 5.70 -40.45 54.65
C ASP E 168 6.85 -40.92 55.54
N TYR E 169 6.54 -41.78 56.50
CA TYR E 169 7.56 -42.25 57.42
C TYR E 169 8.66 -43.05 56.71
N PHE E 170 8.25 -43.93 55.79
CA PHE E 170 9.21 -44.81 55.13
C PHE E 170 10.26 -44.02 54.37
N GLU E 171 9.95 -42.78 54.06
CA GLU E 171 10.88 -41.91 53.36
C GLU E 171 12.15 -41.67 54.19
N GLU E 172 11.97 -41.51 55.50
CA GLU E 172 13.11 -41.28 56.38
C GLU E 172 14.08 -42.46 56.36
N LEU E 173 13.52 -43.67 56.19
CA LEU E 173 14.33 -44.88 56.10
C LEU E 173 15.12 -44.90 54.79
N ARG E 174 14.52 -44.37 53.74
CA ARG E 174 15.21 -44.27 52.46
C ARG E 174 16.45 -43.38 52.56
N ASP E 175 16.22 -42.12 52.91
CA ASP E 175 17.30 -41.13 53.04
C ASP E 175 18.44 -41.65 53.92
N LEU E 176 18.09 -42.47 54.90
CA LEU E 176 19.08 -43.03 55.79
C LEU E 176 19.89 -44.08 55.04
N TYR E 177 19.19 -45.04 54.45
CA TYR E 177 19.79 -46.11 53.66
C TYR E 177 20.62 -45.56 52.51
N GLN E 178 20.06 -44.57 51.83
CA GLN E 178 20.67 -44.01 50.65
C GLN E 178 21.91 -43.14 51.03
N THR E 179 21.74 -42.20 51.96
CA THR E 179 22.85 -41.31 52.35
C THR E 179 23.98 -42.02 53.09
N TYR E 180 23.72 -42.40 54.35
CA TYR E 180 24.70 -43.09 55.19
C TYR E 180 24.70 -44.61 54.98
N HIS E 181 24.92 -45.07 53.75
CA HIS E 181 24.88 -46.50 53.51
C HIS E 181 26.02 -47.20 54.21
N VAL E 182 27.16 -46.51 54.28
CA VAL E 182 28.40 -47.10 54.78
C VAL E 182 28.36 -47.30 56.29
N LEU E 183 27.35 -46.73 56.93
CA LEU E 183 27.23 -46.85 58.38
C LEU E 183 26.10 -47.78 58.81
N VAL E 184 25.00 -47.77 58.03
CA VAL E 184 23.74 -48.37 58.48
C VAL E 184 23.35 -49.66 57.72
N GLY E 185 23.99 -49.88 56.57
CA GLY E 185 23.71 -51.03 55.71
C GLY E 185 23.52 -52.33 56.46
N ASP E 186 24.33 -52.54 57.50
CA ASP E 186 24.26 -53.73 58.34
C ASP E 186 22.86 -54.00 58.87
N LEU E 187 22.36 -53.13 59.75
CA LEU E 187 21.15 -53.43 60.49
C LEU E 187 19.90 -53.23 59.65
N ILE E 188 20.03 -52.49 58.56
CA ILE E 188 18.94 -52.46 57.61
C ILE E 188 18.80 -53.87 57.06
N LYS E 189 19.87 -54.38 56.47
CA LYS E 189 19.88 -55.74 55.95
C LYS E 189 19.60 -56.74 57.07
N PHE E 190 20.21 -56.53 58.24
CA PHE E 190 19.98 -57.42 59.37
C PHE E 190 18.52 -57.44 59.79
N SER E 191 17.89 -56.27 59.75
CA SER E 191 16.49 -56.17 60.12
C SER E 191 15.60 -56.75 59.06
N ALA E 192 15.89 -56.41 57.80
CA ALA E 192 15.09 -56.91 56.69
C ALA E 192 15.00 -58.43 56.73
N GLU E 193 16.12 -59.06 57.08
CA GLU E 193 16.20 -60.52 57.11
C GLU E 193 15.51 -61.06 58.34
N THR E 194 15.74 -60.41 59.47
CA THR E 194 15.23 -60.91 60.74
C THR E 194 13.71 -60.76 60.82
N LEU E 195 13.20 -59.75 60.13
CA LEU E 195 11.76 -59.59 60.00
C LEU E 195 11.21 -60.67 59.09
N SER E 196 11.91 -60.91 57.98
CA SER E 196 11.53 -62.00 57.07
C SER E 196 11.35 -63.32 57.83
N GLU E 197 12.24 -63.54 58.79
CA GLU E 197 12.18 -64.74 59.59
C GLU E 197 10.95 -64.76 60.46
N LEU E 198 10.73 -63.68 61.21
CA LEU E 198 9.54 -63.56 62.06
C LEU E 198 8.25 -63.99 61.33
N ILE E 199 8.23 -63.81 60.01
CA ILE E 199 7.04 -64.11 59.22
C ILE E 199 6.86 -65.60 58.89
N ARG E 200 7.99 -66.26 58.58
CA ARG E 200 7.99 -67.72 58.45
C ARG E 200 7.72 -68.30 59.84
N THR E 201 8.64 -68.03 60.77
CA THR E 201 8.51 -68.38 62.19
C THR E 201 7.10 -68.30 62.78
N THR E 202 6.34 -67.29 62.37
CA THR E 202 5.00 -67.08 62.90
C THR E 202 3.91 -67.77 62.08
N LEU E 203 2.87 -68.22 62.78
CA LEU E 203 1.79 -68.98 62.18
C LEU E 203 1.16 -68.26 61.00
N ASP E 204 0.21 -67.38 61.29
CA ASP E 204 -0.55 -66.74 60.22
C ASP E 204 -0.14 -65.29 59.99
N ALA E 205 1.10 -64.97 60.33
CA ALA E 205 1.66 -63.65 60.07
C ALA E 205 1.64 -63.36 58.56
N GLU E 206 1.83 -64.42 57.77
CA GLU E 206 1.86 -64.29 56.32
C GLU E 206 0.62 -63.57 55.78
N LYS E 207 -0.53 -63.84 56.38
CA LYS E 207 -1.81 -63.29 55.93
C LYS E 207 -1.89 -61.78 56.15
N VAL E 208 -1.20 -61.29 57.18
CA VAL E 208 -1.21 -59.88 57.51
C VAL E 208 -0.36 -59.07 56.54
N PHE E 209 0.74 -59.66 56.08
CA PHE E 209 1.58 -59.01 55.09
C PHE E 209 1.12 -59.30 53.68
N THR E 210 -0.10 -58.85 53.38
CA THR E 210 -0.72 -58.95 52.07
C THR E 210 0.25 -58.76 50.86
N GLN E 211 1.06 -57.69 50.92
CA GLN E 211 2.02 -57.39 49.84
C GLN E 211 3.48 -57.65 50.25
N GLY E 212 3.69 -58.61 51.14
CA GLY E 212 5.04 -59.00 51.54
C GLY E 212 5.80 -57.90 52.26
N LEU E 213 6.97 -58.23 52.79
CA LEU E 213 7.75 -57.28 53.57
C LEU E 213 9.17 -57.19 53.06
N ASN E 214 9.34 -57.26 51.73
CA ASN E 214 10.70 -57.16 51.20
C ASN E 214 11.24 -55.75 51.33
N ILE E 215 11.76 -55.43 52.51
CA ILE E 215 12.25 -54.09 52.79
C ILE E 215 13.42 -53.75 51.89
N LEU E 216 14.37 -54.69 51.78
CA LEU E 216 15.54 -54.49 50.96
C LEU E 216 15.17 -54.18 49.51
N GLU E 217 14.17 -54.89 48.99
CA GLU E 217 13.72 -54.67 47.63
C GLU E 217 13.19 -53.25 47.41
N TRP E 218 12.24 -52.85 48.25
CA TRP E 218 11.63 -51.52 48.12
C TRP E 218 12.69 -50.43 48.17
N LEU E 219 13.73 -50.65 48.97
CA LEU E 219 14.80 -49.67 49.09
C LEU E 219 15.54 -49.55 47.76
N GLU E 220 15.96 -50.68 47.19
CA GLU E 220 16.71 -50.70 45.93
C GLU E 220 15.94 -50.18 44.73
N ASN E 221 14.71 -50.65 44.55
CA ASN E 221 13.91 -50.25 43.41
C ASN E 221 12.64 -49.57 43.87
N PRO E 222 12.72 -48.27 44.17
CA PRO E 222 11.60 -47.42 44.59
C PRO E 222 10.36 -47.75 43.78
N SER E 223 10.58 -48.07 42.51
CA SER E 223 9.51 -48.50 41.61
C SER E 223 8.62 -49.56 42.25
N ASN E 224 9.22 -50.45 43.02
CA ASN E 224 8.49 -51.59 43.60
C ASN E 224 7.88 -51.34 44.97
N THR E 225 8.17 -50.19 45.57
CA THR E 225 7.63 -49.84 46.88
C THR E 225 6.11 -49.71 46.83
N PRO E 226 5.40 -50.42 47.73
CA PRO E 226 3.93 -50.37 47.83
C PRO E 226 3.38 -48.99 48.22
N ASP E 227 2.07 -48.85 48.26
CA ASP E 227 1.42 -47.57 48.56
C ASP E 227 1.78 -47.11 49.96
N LYS E 228 1.63 -45.81 50.20
CA LYS E 228 1.72 -45.27 51.55
C LYS E 228 0.74 -46.02 52.45
N ASP E 229 -0.40 -46.37 51.87
CA ASP E 229 -1.45 -47.06 52.59
C ASP E 229 -0.99 -48.40 53.13
N TYR E 230 -0.18 -49.11 52.35
CA TYR E 230 0.35 -50.39 52.79
C TYR E 230 1.44 -50.14 53.82
N LEU E 231 2.36 -49.28 53.47
CA LEU E 231 3.51 -48.99 54.32
C LEU E 231 3.10 -48.47 55.71
N LEU E 232 1.94 -47.86 55.79
CA LEU E 232 1.54 -47.20 57.03
C LEU E 232 0.83 -48.11 58.02
N SER E 233 0.23 -49.19 57.54
CA SER E 233 -0.48 -50.09 58.44
C SER E 233 0.53 -50.74 59.36
N ILE E 234 0.14 -50.88 60.63
CA ILE E 234 1.10 -51.15 61.70
C ILE E 234 2.04 -52.37 61.53
N PRO E 235 1.50 -53.52 61.08
CA PRO E 235 2.33 -54.73 61.08
C PRO E 235 3.66 -54.54 60.37
N ILE E 236 3.71 -53.67 59.37
CA ILE E 236 4.98 -53.40 58.71
C ILE E 236 5.56 -52.03 59.12
N SER E 237 4.69 -51.11 59.52
CA SER E 237 5.14 -49.76 59.88
C SER E 237 5.75 -49.67 61.29
N CYS E 238 5.30 -50.50 62.21
CA CYS E 238 5.85 -50.49 63.56
C CYS E 238 7.33 -50.88 63.53
N PRO E 239 7.63 -52.08 63.02
CA PRO E 239 9.02 -52.55 62.98
C PRO E 239 9.90 -51.59 62.18
N LEU E 240 9.43 -51.15 61.02
CA LEU E 240 10.23 -50.27 60.20
C LEU E 240 10.58 -48.96 60.91
N ILE E 241 9.61 -48.34 61.58
CA ILE E 241 9.87 -47.11 62.33
C ILE E 241 11.01 -47.32 63.31
N GLY E 242 10.98 -48.45 64.01
CA GLY E 242 12.01 -48.79 64.98
C GLY E 242 13.38 -48.90 64.35
N VAL E 243 13.45 -49.58 63.21
CA VAL E 243 14.67 -49.66 62.44
C VAL E 243 15.21 -48.28 62.08
N ILE E 244 14.30 -47.35 61.77
CA ILE E 244 14.67 -45.98 61.48
C ILE E 244 15.33 -45.36 62.69
N GLN E 245 14.77 -45.60 63.87
CA GLN E 245 15.31 -45.04 65.10
C GLN E 245 16.64 -45.67 65.50
N LEU E 246 16.69 -46.99 65.45
CA LEU E 246 17.93 -47.73 65.69
C LEU E 246 19.02 -47.23 64.73
N ALA E 247 18.65 -47.14 63.46
CA ALA E 247 19.56 -46.67 62.43
C ALA E 247 20.14 -45.28 62.74
N HIS E 248 19.31 -44.38 63.28
CA HIS E 248 19.73 -43.03 63.65
C HIS E 248 20.67 -43.07 64.84
N TYR E 249 20.34 -43.90 65.82
CA TYR E 249 21.20 -44.09 66.97
C TYR E 249 22.60 -44.41 66.46
N VAL E 250 22.64 -45.35 65.52
CA VAL E 250 23.92 -45.86 65.01
C VAL E 250 24.76 -44.83 64.25
N VAL E 251 24.14 -44.01 63.41
CA VAL E 251 24.92 -42.97 62.72
C VAL E 251 25.50 -41.99 63.75
N THR E 252 24.78 -41.79 64.85
CA THR E 252 25.24 -40.88 65.89
C THR E 252 26.40 -41.51 66.66
N ALA E 253 26.23 -42.78 67.00
CA ALA E 253 27.23 -43.52 67.75
C ALA E 253 28.50 -43.69 66.90
N LYS E 254 28.35 -44.35 65.75
CA LYS E 254 29.48 -44.61 64.86
C LYS E 254 30.24 -43.34 64.50
N LEU E 255 29.50 -42.25 64.24
CA LEU E 255 30.08 -41.00 63.79
C LEU E 255 30.73 -40.18 64.91
N LEU E 256 30.41 -40.52 66.16
CA LEU E 256 31.05 -39.87 67.31
C LEU E 256 32.34 -40.59 67.68
N GLY E 257 32.46 -41.86 67.28
CA GLY E 257 33.59 -42.70 67.64
C GLY E 257 33.30 -43.52 68.88
N PHE E 258 32.02 -43.79 69.11
CA PHE E 258 31.56 -44.47 70.31
C PHE E 258 31.01 -45.85 69.96
N THR E 259 30.98 -46.71 70.97
CA THR E 259 30.22 -47.95 70.88
C THR E 259 28.78 -47.58 71.24
N PRO E 260 27.82 -48.44 70.86
CA PRO E 260 26.42 -48.26 71.26
C PRO E 260 26.31 -47.92 72.74
N GLY E 261 27.01 -48.68 73.58
CA GLY E 261 26.97 -48.49 75.01
C GLY E 261 27.72 -47.23 75.45
N GLU E 262 28.80 -46.90 74.76
CA GLU E 262 29.55 -45.69 75.05
C GLU E 262 28.66 -44.48 74.85
N LEU E 263 27.86 -44.50 73.78
CA LEU E 263 26.88 -43.46 73.53
C LEU E 263 25.86 -43.42 74.67
N ARG E 264 25.38 -44.61 75.04
CA ARG E 264 24.36 -44.79 76.07
C ARG E 264 24.82 -44.31 77.45
N SER E 265 26.12 -44.34 77.67
CA SER E 265 26.68 -43.97 78.95
C SER E 265 26.54 -42.46 79.22
N TYR E 266 26.61 -41.66 78.15
CA TYR E 266 26.50 -40.21 78.25
C TYR E 266 25.08 -39.73 78.61
N LEU E 267 24.15 -40.69 78.65
CA LEU E 267 22.74 -40.41 78.86
C LEU E 267 22.34 -40.51 80.32
N LYS E 268 21.72 -39.46 80.83
CA LYS E 268 21.11 -39.49 82.15
C LYS E 268 19.92 -40.48 82.19
N GLY E 269 19.49 -40.91 81.00
CA GLY E 269 18.35 -41.81 80.87
C GLY E 269 17.69 -41.66 79.51
N ALA E 270 16.74 -42.54 79.22
CA ALA E 270 16.03 -42.47 77.96
C ALA E 270 14.54 -42.78 78.16
N THR E 271 13.75 -42.54 77.12
CA THR E 271 12.31 -42.72 77.16
C THR E 271 11.75 -42.58 75.77
N GLY E 272 10.69 -43.34 75.47
CA GLY E 272 10.02 -43.23 74.18
C GLY E 272 8.59 -42.73 74.31
N HIS E 273 8.06 -42.23 73.20
CA HIS E 273 6.66 -41.82 73.12
C HIS E 273 5.90 -42.89 72.33
N SER E 274 4.79 -43.38 72.89
CA SER E 274 4.06 -44.49 72.30
C SER E 274 5.01 -45.65 72.00
N GLN E 275 5.13 -46.03 70.73
CA GLN E 275 5.90 -47.21 70.35
C GLN E 275 7.39 -46.97 70.42
N GLY E 276 7.76 -45.74 70.75
CA GLY E 276 9.16 -45.38 70.87
C GLY E 276 9.77 -45.86 72.17
N LEU E 277 8.92 -46.15 73.14
CA LEU E 277 9.37 -46.66 74.43
C LEU E 277 10.22 -47.90 74.20
N VAL E 278 9.77 -48.78 73.31
CA VAL E 278 10.47 -50.02 73.04
C VAL E 278 11.97 -49.81 72.77
N THR E 279 12.31 -48.99 71.78
CA THR E 279 13.73 -48.80 71.43
C THR E 279 14.54 -48.18 72.55
N ALA E 280 13.92 -47.36 73.38
CA ALA E 280 14.62 -46.74 74.51
C ALA E 280 15.07 -47.80 75.51
N VAL E 281 14.14 -48.65 75.91
CA VAL E 281 14.47 -49.82 76.71
C VAL E 281 15.64 -50.54 76.05
N ALA E 282 15.44 -51.00 74.82
CA ALA E 282 16.45 -51.81 74.15
C ALA E 282 17.79 -51.07 73.95
N ILE E 283 17.74 -49.75 73.84
CA ILE E 283 18.95 -48.97 73.60
C ILE E 283 19.83 -49.03 74.84
N ALA E 284 19.19 -49.04 76.01
CA ALA E 284 19.91 -48.95 77.28
C ALA E 284 20.53 -50.29 77.66
N GLU E 285 20.01 -51.37 77.06
CA GLU E 285 20.57 -52.70 77.23
C GLU E 285 21.83 -52.89 76.38
N THR E 286 22.29 -51.81 75.74
CA THR E 286 23.30 -51.95 74.72
C THR E 286 24.73 -51.72 75.22
N ASP E 287 25.64 -52.58 74.78
CA ASP E 287 27.05 -52.41 75.12
C ASP E 287 27.99 -52.33 73.91
N SER E 288 28.44 -53.49 73.40
CA SER E 288 29.39 -53.46 72.30
C SER E 288 28.79 -53.91 71.00
N TRP E 289 29.40 -53.48 69.90
CA TRP E 289 28.89 -53.71 68.54
C TRP E 289 28.49 -55.15 68.27
N GLU E 290 29.35 -56.08 68.65
CA GLU E 290 29.07 -57.50 68.52
C GLU E 290 27.74 -57.80 69.20
N SER E 291 27.55 -57.18 70.37
CA SER E 291 26.35 -57.38 71.19
C SER E 291 25.16 -56.51 70.74
N PHE E 292 25.46 -55.52 69.90
CA PHE E 292 24.45 -54.54 69.51
C PHE E 292 23.30 -55.23 68.81
N PHE E 293 23.59 -56.28 68.07
CA PHE E 293 22.60 -56.85 67.19
C PHE E 293 21.49 -57.64 67.88
N VAL E 294 21.81 -58.34 68.97
CA VAL E 294 20.76 -59.02 69.74
C VAL E 294 19.87 -57.97 70.37
N SER E 295 20.45 -56.82 70.71
CA SER E 295 19.65 -55.73 71.20
C SER E 295 18.67 -55.25 70.11
N VAL E 296 19.16 -55.14 68.86
CA VAL E 296 18.29 -54.79 67.73
C VAL E 296 17.18 -55.83 67.60
N ARG E 297 17.56 -57.10 67.60
CA ARG E 297 16.60 -58.20 67.46
C ARG E 297 15.46 -58.06 68.47
N LYS E 298 15.82 -57.80 69.73
CA LYS E 298 14.84 -57.66 70.79
C LYS E 298 13.85 -56.55 70.46
N ALA E 299 14.39 -55.40 70.09
CA ALA E 299 13.55 -54.24 69.80
C ALA E 299 12.57 -54.51 68.66
N ILE E 300 13.08 -54.91 67.50
CA ILE E 300 12.23 -55.00 66.33
C ILE E 300 11.33 -56.24 66.36
N THR E 301 11.71 -57.23 67.15
CA THR E 301 10.89 -58.43 67.25
C THR E 301 9.75 -58.18 68.25
N VAL E 302 9.91 -57.17 69.09
CA VAL E 302 8.80 -56.68 69.90
C VAL E 302 7.83 -55.89 69.02
N LEU E 303 8.37 -54.87 68.35
CA LEU E 303 7.58 -54.03 67.46
C LEU E 303 6.78 -54.87 66.45
N PHE E 304 7.42 -55.89 65.89
CA PHE E 304 6.78 -56.77 64.93
C PHE E 304 5.53 -57.41 65.51
N PHE E 305 5.63 -57.84 66.76
CA PHE E 305 4.48 -58.48 67.40
C PHE E 305 3.42 -57.49 67.79
N ILE E 306 3.82 -56.33 68.29
CA ILE E 306 2.87 -55.26 68.52
C ILE E 306 2.08 -55.01 67.24
N GLY E 307 2.79 -54.72 66.16
CA GLY E 307 2.19 -54.48 64.86
C GLY E 307 1.25 -55.60 64.42
N VAL E 308 1.77 -56.82 64.34
CA VAL E 308 0.98 -57.93 63.79
C VAL E 308 -0.27 -58.20 64.62
N ARG E 309 -0.11 -58.22 65.93
CA ARG E 309 -1.21 -58.58 66.82
C ARG E 309 -2.25 -57.49 66.99
N CYS E 310 -1.81 -56.24 67.02
CA CYS E 310 -2.73 -55.13 67.19
C CYS E 310 -3.54 -54.89 65.91
N TYR E 311 -2.95 -55.22 64.78
CA TYR E 311 -3.68 -55.14 63.50
C TYR E 311 -4.78 -56.17 63.52
N GLU E 312 -4.41 -57.39 63.90
CA GLU E 312 -5.33 -58.50 63.92
C GLU E 312 -6.51 -58.14 64.83
N ALA E 313 -6.21 -57.52 65.96
CA ALA E 313 -7.24 -57.13 66.91
C ALA E 313 -8.26 -56.19 66.27
N TYR E 314 -7.76 -55.11 65.68
CA TYR E 314 -8.63 -54.13 65.03
C TYR E 314 -8.06 -53.69 63.68
N PRO E 315 -8.67 -54.16 62.61
CA PRO E 315 -8.23 -53.82 61.26
C PRO E 315 -9.03 -52.67 60.67
N ASN E 316 -8.37 -51.80 59.92
CA ASN E 316 -9.03 -50.66 59.29
C ASN E 316 -10.01 -51.08 58.20
N THR E 317 -11.20 -50.49 58.22
CA THR E 317 -12.23 -50.80 57.23
C THR E 317 -12.37 -49.68 56.21
N SER E 318 -13.23 -49.88 55.22
CA SER E 318 -13.46 -48.89 54.18
C SER E 318 -14.33 -47.75 54.69
N LEU E 319 -13.89 -46.52 54.45
CA LEU E 319 -14.62 -45.34 54.89
C LEU E 319 -15.73 -45.05 53.90
N PRO E 320 -16.96 -44.95 54.41
CA PRO E 320 -18.04 -44.48 53.55
C PRO E 320 -17.59 -43.21 52.86
N PRO E 321 -17.58 -43.22 51.53
CA PRO E 321 -17.01 -42.12 50.76
C PRO E 321 -17.68 -40.80 51.09
N SER E 322 -18.91 -40.87 51.58
CA SER E 322 -19.67 -39.68 51.93
C SER E 322 -19.03 -38.94 53.09
N ILE E 323 -18.54 -39.71 54.06
CA ILE E 323 -17.85 -39.15 55.22
C ILE E 323 -16.54 -38.53 54.79
N LEU E 324 -15.68 -39.34 54.16
CA LEU E 324 -14.43 -38.82 53.63
C LEU E 324 -14.68 -37.52 52.85
N GLU E 325 -15.71 -37.49 52.00
CA GLU E 325 -16.07 -36.29 51.25
C GLU E 325 -16.28 -35.09 52.17
N ASP E 326 -17.15 -35.26 53.16
CA ASP E 326 -17.50 -34.16 54.05
C ASP E 326 -16.33 -33.74 54.93
N SER E 327 -15.66 -34.72 55.52
CA SER E 327 -14.52 -34.42 56.38
C SER E 327 -13.45 -33.64 55.63
N LEU E 328 -13.43 -33.80 54.30
CA LEU E 328 -12.44 -33.10 53.47
C LEU E 328 -12.83 -31.67 53.14
N GLU E 329 -14.08 -31.43 52.77
CA GLU E 329 -14.49 -30.07 52.45
C GLU E 329 -14.73 -29.22 53.70
N ASN E 330 -14.49 -29.82 54.88
CA ASN E 330 -14.52 -29.07 56.14
C ASN E 330 -13.13 -28.92 56.75
N ASN E 331 -12.11 -29.01 55.89
CA ASN E 331 -10.73 -28.71 56.25
C ASN E 331 -10.18 -29.57 57.39
N GLU E 332 -10.88 -30.65 57.72
CA GLU E 332 -10.35 -31.63 58.66
C GLU E 332 -9.61 -32.69 57.87
N GLY E 333 -9.03 -33.65 58.58
CA GLY E 333 -8.19 -34.61 57.90
C GLY E 333 -8.92 -35.63 57.03
N VAL E 334 -8.19 -36.67 56.65
CA VAL E 334 -8.76 -37.88 56.07
C VAL E 334 -8.97 -38.86 57.21
N PRO E 335 -10.22 -39.02 57.67
CA PRO E 335 -10.60 -39.80 58.85
C PRO E 335 -9.67 -40.98 59.15
N SER E 336 -9.11 -41.00 60.37
CA SER E 336 -8.29 -42.11 60.85
C SER E 336 -8.61 -42.40 62.32
N PRO E 337 -8.00 -43.45 62.90
CA PRO E 337 -8.26 -43.87 64.30
C PRO E 337 -7.74 -42.94 65.41
N MET E 338 -7.02 -41.87 65.06
CA MET E 338 -6.50 -40.94 66.08
C MET E 338 -6.66 -39.47 65.67
N LEU E 339 -7.48 -38.76 66.42
CA LEU E 339 -7.77 -37.35 66.18
C LEU E 339 -6.92 -36.54 67.15
N SER E 340 -6.41 -35.39 66.72
CA SER E 340 -5.65 -34.54 67.62
C SER E 340 -6.29 -33.15 67.78
N ILE E 341 -6.64 -32.81 69.01
CA ILE E 341 -7.30 -31.55 69.32
C ILE E 341 -6.38 -30.60 70.09
N SER E 342 -6.27 -29.37 69.59
CA SER E 342 -5.32 -28.40 70.11
C SER E 342 -6.03 -27.16 70.66
N ASN E 343 -5.48 -26.60 71.74
CA ASN E 343 -6.03 -25.43 72.41
C ASN E 343 -7.33 -25.71 73.21
N LEU E 344 -7.53 -26.97 73.58
CA LEU E 344 -8.63 -27.33 74.48
C LEU E 344 -8.13 -27.99 75.76
N THR E 345 -8.68 -27.56 76.90
CA THR E 345 -8.39 -28.19 78.19
C THR E 345 -8.43 -29.69 78.01
N GLN E 346 -7.67 -30.42 78.80
CA GLN E 346 -7.90 -31.86 78.84
C GLN E 346 -9.34 -32.09 79.32
N GLU E 347 -9.76 -31.30 80.30
CA GLU E 347 -11.11 -31.39 80.81
C GLU E 347 -12.11 -31.08 79.70
N GLN E 348 -11.91 -29.96 79.01
CA GLN E 348 -12.76 -29.55 77.89
C GLN E 348 -12.91 -30.66 76.85
N VAL E 349 -11.80 -31.14 76.31
CA VAL E 349 -11.81 -32.28 75.39
C VAL E 349 -12.61 -33.44 75.95
N GLN E 350 -12.21 -33.96 77.11
CA GLN E 350 -12.91 -35.11 77.72
C GLN E 350 -14.42 -34.89 77.83
N ASP E 351 -14.81 -33.64 77.99
CA ASP E 351 -16.22 -33.28 78.05
C ASP E 351 -16.95 -33.63 76.74
N TYR E 352 -16.43 -33.12 75.62
CA TYR E 352 -17.02 -33.38 74.30
C TYR E 352 -17.04 -34.87 73.97
N VAL E 353 -15.98 -35.58 74.34
CA VAL E 353 -15.93 -37.01 74.07
C VAL E 353 -16.92 -37.77 74.94
N ASN E 354 -17.08 -37.34 76.19
CA ASN E 354 -18.06 -37.97 77.06
C ASN E 354 -19.46 -37.84 76.49
N LYS E 355 -19.73 -36.69 75.89
CA LYS E 355 -21.00 -36.44 75.22
C LYS E 355 -21.13 -37.37 74.02
N THR E 356 -20.15 -37.36 73.11
CA THR E 356 -20.21 -38.18 71.92
C THR E 356 -20.41 -39.65 72.30
N ASN E 357 -19.60 -40.12 73.24
CA ASN E 357 -19.63 -41.51 73.69
C ASN E 357 -20.97 -41.88 74.29
N SER E 358 -21.66 -40.87 74.80
CA SER E 358 -22.99 -41.05 75.37
C SER E 358 -23.86 -41.90 74.45
N HIS E 359 -23.85 -41.56 73.16
CA HIS E 359 -24.77 -42.15 72.20
C HIS E 359 -24.26 -43.43 71.53
N LEU E 360 -23.07 -43.90 71.89
CA LEU E 360 -22.50 -45.06 71.22
C LEU E 360 -22.41 -46.26 72.13
N PRO E 361 -22.44 -47.46 71.54
CA PRO E 361 -22.19 -48.76 72.19
C PRO E 361 -20.74 -48.88 72.64
N ALA E 362 -20.48 -49.78 73.58
CA ALA E 362 -19.14 -49.98 74.12
C ALA E 362 -18.09 -50.04 73.01
N GLY E 363 -18.30 -50.97 72.07
CA GLY E 363 -17.31 -51.29 71.06
C GLY E 363 -17.04 -50.22 70.03
N LYS E 364 -17.69 -49.06 70.18
CA LYS E 364 -17.57 -47.94 69.22
C LYS E 364 -17.15 -46.65 69.89
N GLN E 365 -16.66 -46.74 71.13
CA GLN E 365 -16.37 -45.54 71.93
C GLN E 365 -14.94 -45.00 71.79
N VAL E 366 -14.78 -43.68 71.97
CA VAL E 366 -13.49 -43.03 71.83
C VAL E 366 -12.99 -42.46 73.17
N GLU E 367 -11.68 -42.55 73.38
CA GLU E 367 -11.05 -42.11 74.61
C GLU E 367 -9.84 -41.24 74.32
N ILE E 368 -9.36 -40.54 75.34
CA ILE E 368 -8.09 -39.82 75.25
C ILE E 368 -6.91 -40.81 75.20
N SER E 369 -6.09 -40.72 74.15
CA SER E 369 -4.95 -41.63 73.98
C SER E 369 -3.66 -40.99 74.44
N LEU E 370 -3.46 -39.74 74.03
CA LEU E 370 -2.26 -39.00 74.37
C LEU E 370 -2.60 -37.65 75.01
N VAL E 371 -2.03 -37.39 76.18
CA VAL E 371 -2.08 -36.04 76.72
C VAL E 371 -0.70 -35.42 76.47
N ASN E 372 -0.46 -35.13 75.21
CA ASN E 372 0.85 -34.70 74.72
C ASN E 372 1.32 -33.43 75.41
N GLY E 373 0.39 -32.72 76.03
CA GLY E 373 0.72 -31.44 76.62
C GLY E 373 -0.47 -30.69 77.18
N ALA E 374 -0.26 -29.39 77.41
CA ALA E 374 -1.21 -28.56 78.13
C ALA E 374 -2.61 -28.59 77.54
N LYS E 375 -2.76 -27.89 76.42
CA LYS E 375 -4.04 -27.85 75.74
C LYS E 375 -3.99 -28.75 74.49
N ASN E 376 -2.90 -29.50 74.35
CA ASN E 376 -2.76 -30.48 73.26
C ASN E 376 -3.09 -31.92 73.70
N LEU E 377 -4.13 -32.49 73.10
CA LEU E 377 -4.56 -33.87 73.36
C LEU E 377 -4.70 -34.67 72.08
N VAL E 378 -5.01 -35.96 72.24
CA VAL E 378 -5.25 -36.87 71.13
C VAL E 378 -6.30 -37.91 71.54
N VAL E 379 -7.48 -37.84 70.92
CA VAL E 379 -8.54 -38.81 71.16
C VAL E 379 -8.39 -39.97 70.17
N SER E 380 -8.86 -41.16 70.55
CA SER E 380 -8.72 -42.32 69.66
C SER E 380 -9.81 -43.37 69.81
N GLY E 381 -10.20 -43.93 68.67
CA GLY E 381 -11.23 -44.96 68.61
C GLY E 381 -11.51 -45.27 67.17
N PRO E 382 -12.68 -45.88 66.88
CA PRO E 382 -13.05 -46.19 65.49
C PRO E 382 -13.08 -44.91 64.68
N PRO E 383 -12.67 -44.95 63.40
CA PRO E 383 -12.59 -43.71 62.62
C PRO E 383 -13.94 -43.02 62.56
N GLN E 384 -15.00 -43.79 62.31
CA GLN E 384 -16.33 -43.22 62.12
C GLN E 384 -16.89 -42.52 63.37
N SER E 385 -16.69 -43.11 64.54
CA SER E 385 -17.14 -42.49 65.78
C SER E 385 -16.25 -41.29 66.17
N LEU E 386 -14.99 -41.31 65.73
CA LEU E 386 -14.12 -40.16 65.89
C LEU E 386 -14.58 -39.05 64.96
N TYR E 387 -15.16 -39.42 63.84
CA TYR E 387 -15.73 -38.46 62.91
C TYR E 387 -16.95 -37.81 63.54
N GLY E 388 -17.67 -38.59 64.35
CA GLY E 388 -18.84 -38.09 65.05
C GLY E 388 -18.49 -37.02 66.07
N LEU E 389 -17.45 -37.30 66.86
CA LEU E 389 -16.89 -36.32 67.77
C LEU E 389 -16.52 -35.08 66.98
N ASN E 390 -16.01 -35.30 65.78
CA ASN E 390 -15.54 -34.23 64.91
C ASN E 390 -16.64 -33.25 64.51
N LEU E 391 -17.87 -33.78 64.43
CA LEU E 391 -19.04 -33.01 64.02
C LEU E 391 -19.60 -32.20 65.18
N THR E 392 -19.70 -32.85 66.33
CA THR E 392 -20.13 -32.19 67.55
C THR E 392 -19.18 -31.02 67.88
N LEU E 393 -17.92 -31.16 67.50
CA LEU E 393 -16.92 -30.11 67.67
C LEU E 393 -17.09 -29.00 66.66
N ARG E 394 -17.47 -29.38 65.44
CA ARG E 394 -17.51 -28.46 64.29
C ARG E 394 -18.44 -27.26 64.51
N LYS E 395 -19.42 -27.45 65.39
CA LYS E 395 -20.39 -26.40 65.71
C LYS E 395 -19.95 -25.57 66.90
N ALA E 396 -19.17 -26.18 67.78
CA ALA E 396 -18.74 -25.52 69.01
C ALA E 396 -17.58 -24.52 68.81
N LYS E 397 -16.94 -24.57 67.63
CA LYS E 397 -15.76 -23.73 67.40
C LYS E 397 -16.08 -22.41 66.72
N ALA E 398 -15.12 -21.87 65.98
CA ALA E 398 -15.26 -20.57 65.32
C ALA E 398 -14.29 -20.43 64.14
N PRO E 399 -14.76 -19.76 63.07
CA PRO E 399 -13.92 -19.47 61.89
C PRO E 399 -12.64 -18.79 62.34
N SER E 400 -11.51 -19.23 61.80
CA SER E 400 -10.21 -18.79 62.29
C SER E 400 -9.95 -17.28 62.21
N GLY E 401 -10.49 -16.61 61.19
CA GLY E 401 -10.28 -15.19 61.02
C GLY E 401 -11.49 -14.38 61.44
N LEU E 402 -12.09 -14.79 62.55
CA LEU E 402 -13.32 -14.16 63.05
C LEU E 402 -13.11 -12.71 63.50
N ASP E 403 -11.87 -12.37 63.85
CA ASP E 403 -11.55 -11.03 64.34
C ASP E 403 -12.46 -10.61 65.48
N GLN E 404 -12.25 -11.24 66.63
CA GLN E 404 -13.04 -10.92 67.81
C GLN E 404 -12.31 -9.85 68.63
N SER E 405 -11.55 -9.02 67.93
CA SER E 405 -10.74 -7.97 68.55
C SER E 405 -11.58 -6.82 69.12
N ARG E 406 -12.82 -6.69 68.65
CA ARG E 406 -13.72 -5.68 69.19
C ARG E 406 -14.78 -6.29 70.11
N ILE E 407 -14.64 -7.59 70.39
CA ILE E 407 -15.45 -8.27 71.40
C ILE E 407 -14.66 -8.34 72.72
N PRO E 408 -15.32 -8.00 73.84
CA PRO E 408 -14.63 -8.14 75.14
C PRO E 408 -14.12 -9.56 75.34
N PHE E 409 -12.93 -9.67 75.92
CA PHE E 409 -12.24 -10.94 76.06
C PHE E 409 -13.13 -12.10 76.51
N SER E 410 -13.69 -11.95 77.71
CA SER E 410 -14.53 -12.98 78.32
C SER E 410 -15.60 -13.50 77.36
N GLU E 411 -16.16 -12.57 76.58
CA GLU E 411 -17.33 -12.87 75.74
C GLU E 411 -17.00 -13.59 74.43
N ARG E 412 -15.72 -13.74 74.11
CA ARG E 412 -15.32 -14.32 72.84
C ARG E 412 -15.54 -15.82 72.70
N LYS E 413 -15.45 -16.31 71.47
CA LYS E 413 -15.71 -17.72 71.14
C LYS E 413 -14.43 -18.53 71.01
N LEU E 414 -14.53 -19.82 71.36
CA LEU E 414 -13.41 -20.74 71.26
C LEU E 414 -12.91 -20.85 69.84
N LYS E 415 -11.64 -20.52 69.64
CA LYS E 415 -10.98 -20.88 68.40
C LYS E 415 -10.05 -22.05 68.74
N PHE E 416 -10.06 -23.08 67.90
CA PHE E 416 -9.19 -24.22 68.14
C PHE E 416 -9.03 -25.11 66.92
N SER E 417 -7.92 -25.85 66.92
CA SER E 417 -7.53 -26.66 65.78
C SER E 417 -7.88 -28.13 66.05
N ASN E 418 -8.17 -28.87 64.98
CA ASN E 418 -8.35 -30.33 65.08
C ASN E 418 -8.24 -31.07 63.75
N ARG E 419 -7.50 -32.17 63.76
CA ARG E 419 -7.11 -32.89 62.54
C ARG E 419 -6.86 -34.36 62.84
N PHE E 420 -7.07 -35.21 61.85
CA PHE E 420 -6.76 -36.62 62.01
C PHE E 420 -5.26 -36.82 61.79
N LEU E 421 -4.70 -37.79 62.49
CA LEU E 421 -3.28 -38.07 62.40
C LEU E 421 -2.98 -39.21 61.44
N PRO E 422 -1.78 -39.20 60.85
CA PRO E 422 -1.23 -40.19 59.92
C PRO E 422 -0.94 -41.56 60.57
N VAL E 423 -1.97 -42.56 60.94
CA VAL E 423 -1.83 -43.87 61.60
C VAL E 423 -2.95 -44.84 61.22
N ALA E 424 -2.62 -46.12 61.09
CA ALA E 424 -3.59 -47.16 60.71
C ALA E 424 -4.37 -47.78 61.88
N SER E 425 -3.92 -47.53 63.10
CA SER E 425 -4.48 -48.22 64.25
C SER E 425 -4.70 -47.34 65.47
N PRO E 426 -5.72 -47.69 66.28
CA PRO E 426 -6.10 -47.02 67.53
C PRO E 426 -5.19 -47.43 68.67
N PHE E 427 -4.05 -46.77 68.80
CA PHE E 427 -3.11 -47.07 69.88
C PHE E 427 -3.64 -46.53 71.19
N HIS E 428 -3.26 -47.19 72.27
CA HIS E 428 -3.66 -46.76 73.60
C HIS E 428 -5.18 -46.69 73.75
N SER E 429 -5.89 -47.72 73.27
CA SER E 429 -7.35 -47.76 73.40
C SER E 429 -7.87 -49.18 73.64
N HIS E 430 -9.10 -49.27 74.15
CA HIS E 430 -9.73 -50.53 74.53
C HIS E 430 -9.90 -51.48 73.36
N LEU E 431 -9.71 -50.95 72.16
CA LEU E 431 -9.82 -51.74 70.94
C LEU E 431 -8.70 -52.78 70.84
N LEU E 432 -7.61 -52.55 71.56
CA LEU E 432 -6.40 -53.35 71.41
C LEU E 432 -6.14 -54.28 72.60
N VAL E 433 -6.81 -54.02 73.71
CA VAL E 433 -6.63 -54.83 74.93
C VAL E 433 -6.57 -56.34 74.66
N PRO E 434 -7.42 -56.85 73.76
CA PRO E 434 -7.40 -58.27 73.36
C PRO E 434 -6.02 -58.78 72.93
N ALA E 435 -5.26 -57.96 72.21
CA ALA E 435 -3.96 -58.39 71.69
C ALA E 435 -2.87 -58.32 72.76
N SER E 436 -3.21 -57.78 73.92
CA SER E 436 -2.25 -57.61 75.00
C SER E 436 -1.66 -58.95 75.41
N ASP E 437 -2.51 -59.83 75.94
CA ASP E 437 -2.08 -61.12 76.45
C ASP E 437 -1.45 -61.97 75.34
N LEU E 438 -1.97 -61.83 74.13
CA LEU E 438 -1.50 -62.60 72.99
C LEU E 438 -0.07 -62.21 72.59
N ILE E 439 0.21 -60.92 72.61
CA ILE E 439 1.54 -60.42 72.28
C ILE E 439 2.57 -60.94 73.25
N ASN E 440 2.26 -60.82 74.54
CA ASN E 440 3.17 -61.28 75.58
C ASN E 440 3.42 -62.78 75.51
N LYS E 441 2.35 -63.54 75.34
CA LYS E 441 2.45 -64.99 75.15
C LYS E 441 3.39 -65.29 73.97
N ASP E 442 3.40 -64.40 72.99
CA ASP E 442 4.27 -64.53 71.82
C ASP E 442 5.71 -64.11 72.11
N LEU E 443 5.85 -63.05 72.90
CA LEU E 443 7.15 -62.48 73.25
C LEU E 443 7.94 -63.48 74.03
N VAL E 444 7.23 -64.34 74.75
CA VAL E 444 7.89 -65.34 75.53
C VAL E 444 8.35 -66.46 74.61
N LYS E 445 7.53 -66.77 73.60
CA LYS E 445 7.85 -67.88 72.69
C LYS E 445 9.03 -67.55 71.78
N ASN E 446 9.52 -66.31 71.86
CA ASN E 446 10.81 -65.97 71.28
C ASN E 446 11.72 -65.43 72.39
N ASN E 447 13.00 -65.28 72.10
CA ASN E 447 14.02 -64.96 73.10
C ASN E 447 13.75 -63.73 73.99
N VAL E 448 12.74 -62.94 73.64
CA VAL E 448 12.65 -61.57 74.15
C VAL E 448 12.12 -61.36 75.57
N SER E 449 12.88 -60.56 76.32
CA SER E 449 12.59 -60.18 77.70
C SER E 449 13.56 -59.07 78.12
N PHE E 450 13.17 -58.24 79.08
CA PHE E 450 14.05 -57.17 79.52
C PHE E 450 14.26 -57.19 81.02
N ASN E 451 15.40 -57.73 81.45
CA ASN E 451 15.72 -57.81 82.87
C ASN E 451 16.22 -56.48 83.37
N ALA E 452 15.73 -56.07 84.53
CA ALA E 452 16.12 -54.77 85.07
C ALA E 452 17.62 -54.72 85.36
N LYS E 453 18.21 -55.90 85.51
CA LYS E 453 19.65 -56.03 85.69
C LYS E 453 20.42 -55.42 84.51
N ASP E 454 19.88 -55.59 83.31
CA ASP E 454 20.60 -55.31 82.06
C ASP E 454 20.48 -53.87 81.53
N ILE E 455 19.36 -53.24 81.84
CA ILE E 455 19.18 -51.84 81.47
C ILE E 455 20.13 -50.97 82.32
N GLN E 456 20.96 -50.17 81.65
CA GLN E 456 22.02 -49.41 82.30
C GLN E 456 21.65 -47.97 82.71
N ILE E 457 20.58 -47.45 82.11
CA ILE E 457 20.13 -46.09 82.39
C ILE E 457 18.60 -46.00 82.47
N PRO E 458 18.08 -45.10 83.34
CA PRO E 458 16.64 -45.00 83.61
C PRO E 458 15.79 -44.99 82.33
N VAL E 459 14.71 -45.75 82.32
CA VAL E 459 13.80 -45.72 81.18
C VAL E 459 12.41 -45.37 81.69
N TYR E 460 12.10 -44.07 81.61
CA TYR E 460 10.92 -43.49 82.23
C TYR E 460 9.61 -44.04 81.68
N ASP E 461 8.85 -44.67 82.56
CA ASP E 461 7.53 -45.20 82.27
C ASP E 461 6.59 -44.15 81.66
N THR E 462 5.93 -44.53 80.57
CA THR E 462 5.01 -43.68 79.80
C THR E 462 3.80 -43.12 80.56
N PHE E 463 3.35 -43.86 81.57
CA PHE E 463 2.18 -43.52 82.36
C PHE E 463 2.60 -42.98 83.73
N ASP E 464 3.45 -43.74 84.43
CA ASP E 464 3.97 -43.39 85.75
C ASP E 464 4.83 -42.13 85.68
N GLY E 465 5.81 -42.16 84.77
CA GLY E 465 6.87 -41.17 84.74
C GLY E 465 8.03 -41.76 85.53
N SER E 466 7.78 -42.97 86.02
CA SER E 466 8.68 -43.68 86.89
C SER E 466 9.78 -44.38 86.10
N ASP E 467 10.66 -45.07 86.81
CA ASP E 467 11.64 -45.92 86.16
C ASP E 467 11.01 -47.28 85.95
N LEU E 468 11.42 -47.94 84.87
CA LEU E 468 10.88 -49.23 84.56
C LEU E 468 11.62 -50.34 85.30
N ARG E 469 12.77 -49.98 85.87
CA ARG E 469 13.61 -50.94 86.57
C ARG E 469 13.05 -51.27 87.95
N VAL E 470 12.58 -50.24 88.64
CA VAL E 470 11.90 -50.41 89.92
C VAL E 470 10.54 -51.04 89.66
N LEU E 471 10.54 -52.30 89.24
CA LEU E 471 9.31 -52.94 88.82
C LEU E 471 9.25 -54.40 89.26
N SER E 472 8.24 -54.71 90.08
CA SER E 472 8.04 -56.06 90.59
C SER E 472 7.98 -57.09 89.46
N GLY E 473 7.11 -56.84 88.48
CA GLY E 473 6.88 -57.76 87.40
C GLY E 473 7.76 -57.61 86.16
N SER E 474 7.20 -58.00 85.02
CA SER E 474 7.94 -57.97 83.75
C SER E 474 7.99 -56.57 83.12
N ILE E 475 9.19 -56.14 82.75
CA ILE E 475 9.35 -54.85 82.10
C ILE E 475 8.83 -54.89 80.67
N SER E 476 9.07 -56.02 80.00
CA SER E 476 8.49 -56.27 78.69
C SER E 476 6.97 -56.06 78.74
N GLU E 477 6.32 -56.88 79.56
CA GLU E 477 4.86 -56.83 79.71
C GLU E 477 4.33 -55.43 80.01
N ARG E 478 5.11 -54.62 80.72
CA ARG E 478 4.72 -53.25 81.03
C ARG E 478 4.65 -52.41 79.76
N ILE E 479 5.76 -52.35 79.03
CA ILE E 479 5.83 -51.45 77.89
C ILE E 479 4.89 -51.90 76.77
N VAL E 480 4.49 -53.17 76.81
CA VAL E 480 3.45 -53.68 75.92
C VAL E 480 2.10 -53.07 76.27
N ASP E 481 1.78 -53.12 77.56
CA ASP E 481 0.51 -52.59 78.08
C ASP E 481 0.56 -51.07 78.14
N CYS E 482 1.74 -50.52 77.92
CA CYS E 482 1.98 -49.09 78.06
C CYS E 482 1.80 -48.40 76.71
N ILE E 483 1.75 -49.21 75.67
CA ILE E 483 1.65 -48.78 74.30
C ILE E 483 0.30 -49.18 73.73
N ILE E 484 -0.25 -50.26 74.26
CA ILE E 484 -1.44 -50.86 73.71
C ILE E 484 -2.72 -50.43 74.41
N ARG E 485 -2.65 -50.23 75.72
CA ARG E 485 -3.85 -49.94 76.51
C ARG E 485 -3.79 -48.62 77.28
N LEU E 486 -2.64 -48.36 77.90
CA LEU E 486 -2.50 -47.19 78.77
C LEU E 486 -2.22 -45.93 77.99
N PRO E 487 -2.77 -44.81 78.46
CA PRO E 487 -2.48 -43.48 77.92
C PRO E 487 -1.00 -43.10 78.02
N VAL E 488 -0.64 -42.00 77.36
CA VAL E 488 0.70 -41.46 77.45
C VAL E 488 0.60 -40.06 78.04
N LYS E 489 0.91 -39.94 79.34
CA LYS E 489 0.92 -38.63 79.97
C LYS E 489 2.27 -37.99 79.71
N TRP E 490 2.47 -37.49 78.49
CA TRP E 490 3.81 -37.16 78.01
C TRP E 490 4.60 -36.23 78.91
N GLU E 491 3.95 -35.22 79.48
CA GLU E 491 4.70 -34.29 80.30
C GLU E 491 5.15 -34.94 81.61
N THR E 492 4.27 -35.72 82.21
CA THR E 492 4.62 -36.38 83.46
C THR E 492 5.67 -37.47 83.23
N THR E 493 5.72 -38.01 82.03
CA THR E 493 6.70 -39.06 81.71
C THR E 493 8.03 -38.44 81.28
N THR E 494 8.00 -37.13 81.05
CA THR E 494 9.21 -36.38 80.81
C THR E 494 9.48 -35.50 82.03
N GLN E 495 9.36 -36.12 83.20
CA GLN E 495 9.53 -35.44 84.47
C GLN E 495 10.95 -34.92 84.65
N PHE E 496 11.91 -35.70 84.18
CA PHE E 496 13.33 -35.44 84.43
C PHE E 496 13.80 -34.04 84.14
N LYS E 497 14.97 -33.71 84.69
CA LYS E 497 15.62 -32.46 84.39
C LYS E 497 16.90 -32.75 83.62
N ALA E 498 17.18 -31.92 82.61
CA ALA E 498 18.34 -32.13 81.74
C ALA E 498 18.69 -30.85 81.02
N THR E 499 19.88 -30.81 80.43
CA THR E 499 20.31 -29.67 79.64
C THR E 499 19.80 -29.87 78.24
N HIS E 500 19.85 -31.13 77.80
CA HIS E 500 19.68 -31.45 76.39
C HIS E 500 18.86 -32.74 76.16
N ILE E 501 17.93 -32.66 75.21
CA ILE E 501 17.13 -33.81 74.80
C ILE E 501 17.43 -34.14 73.33
N LEU E 502 17.81 -35.40 73.07
CA LEU E 502 18.11 -35.83 71.69
C LEU E 502 16.99 -36.67 71.09
N ASP E 503 16.45 -36.23 69.95
CA ASP E 503 15.32 -36.89 69.29
C ASP E 503 15.74 -37.83 68.16
N PHE E 504 15.65 -39.13 68.41
CA PHE E 504 16.04 -40.12 67.41
C PHE E 504 14.83 -40.62 66.66
N GLY E 505 13.66 -40.22 67.16
CA GLY E 505 12.38 -40.73 66.67
C GLY E 505 12.01 -40.12 65.34
N PRO E 506 10.98 -40.69 64.70
CA PRO E 506 10.60 -40.42 63.30
C PRO E 506 10.12 -39.00 63.04
N GLY E 507 10.58 -38.42 61.93
CA GLY E 507 9.95 -37.25 61.35
C GLY E 507 10.50 -35.86 61.58
N GLY E 508 11.80 -35.67 61.33
CA GLY E 508 12.40 -34.34 61.42
C GLY E 508 11.77 -33.41 62.44
N ALA E 509 11.44 -32.19 62.01
CA ALA E 509 10.90 -31.17 62.91
C ALA E 509 9.40 -31.32 63.13
N SER E 510 8.82 -32.36 62.53
CA SER E 510 7.42 -32.72 62.72
C SER E 510 7.32 -33.78 63.81
N GLY E 511 8.47 -34.14 64.38
CA GLY E 511 8.59 -35.26 65.29
C GLY E 511 8.49 -34.90 66.76
N LEU E 512 8.82 -35.88 67.61
CA LEU E 512 8.60 -35.74 69.05
C LEU E 512 9.43 -34.64 69.73
N GLY E 513 10.64 -34.42 69.24
CA GLY E 513 11.54 -33.46 69.83
C GLY E 513 10.91 -32.10 69.97
N VAL E 514 10.42 -31.56 68.86
CA VAL E 514 9.86 -30.21 68.84
C VAL E 514 8.62 -30.09 69.74
N LEU E 515 7.82 -31.15 69.78
CA LEU E 515 6.66 -31.18 70.66
C LEU E 515 7.07 -31.00 72.11
N THR E 516 8.00 -31.84 72.56
CA THR E 516 8.47 -31.74 73.92
C THR E 516 9.12 -30.38 74.13
N HIS E 517 9.82 -29.87 73.11
CA HIS E 517 10.46 -28.57 73.26
C HIS E 517 9.47 -27.47 73.57
N ARG E 518 8.36 -27.44 72.84
CA ARG E 518 7.37 -26.38 73.06
C ARG E 518 6.65 -26.58 74.40
N ASN E 519 6.73 -27.78 74.94
CA ASN E 519 6.26 -28.03 76.31
C ASN E 519 7.13 -27.32 77.35
N LYS E 520 8.44 -27.27 77.08
CA LYS E 520 9.42 -26.84 78.06
C LYS E 520 9.94 -25.41 77.85
N ASP E 521 9.94 -24.95 76.60
CA ASP E 521 10.46 -23.63 76.23
C ASP E 521 11.35 -22.94 77.27
N GLY E 522 10.72 -22.17 78.17
CA GLY E 522 11.47 -21.30 79.06
C GLY E 522 12.34 -21.91 80.16
N THR E 523 12.48 -23.24 80.19
CA THR E 523 13.10 -23.89 81.34
C THR E 523 14.54 -24.36 81.15
N GLY E 524 15.19 -23.90 80.09
CA GLY E 524 16.61 -24.21 79.89
C GLY E 524 16.90 -25.57 79.28
N VAL E 525 15.85 -26.29 78.93
CA VAL E 525 16.02 -27.52 78.18
C VAL E 525 16.20 -27.16 76.71
N ARG E 526 17.09 -27.88 76.01
CA ARG E 526 17.40 -27.57 74.62
C ARG E 526 17.30 -28.80 73.73
N VAL E 527 16.21 -28.91 72.98
CA VAL E 527 15.97 -30.09 72.15
C VAL E 527 16.80 -30.07 70.88
N ILE E 528 17.30 -31.24 70.48
CA ILE E 528 18.02 -31.41 69.22
C ILE E 528 17.41 -32.54 68.39
N VAL E 529 16.94 -32.21 67.18
CA VAL E 529 16.40 -33.19 66.27
C VAL E 529 17.55 -33.95 65.65
N ALA E 530 17.70 -35.21 66.01
CA ALA E 530 18.89 -35.97 65.65
C ALA E 530 18.86 -36.52 64.23
N GLY E 531 17.67 -36.62 63.64
CA GLY E 531 17.52 -37.30 62.36
C GLY E 531 17.39 -36.44 61.10
N THR E 532 17.56 -35.14 61.24
CA THR E 532 17.38 -34.23 60.09
C THR E 532 18.45 -33.13 60.03
N LEU E 533 19.19 -33.06 58.92
CA LEU E 533 20.12 -31.96 58.73
C LEU E 533 19.46 -30.80 57.97
N ASP E 534 18.84 -29.90 58.72
CA ASP E 534 18.14 -28.76 58.13
C ASP E 534 18.58 -27.55 58.92
N ILE E 535 17.80 -26.47 58.81
CA ILE E 535 18.14 -25.23 59.51
C ILE E 535 16.94 -24.54 60.15
N ASN E 536 17.08 -24.17 61.43
CA ASN E 536 16.03 -23.45 62.13
C ASN E 536 16.30 -21.95 62.13
N PRO E 537 15.44 -21.18 61.46
CA PRO E 537 15.52 -19.71 61.39
C PRO E 537 15.45 -19.07 62.77
N ASP E 538 14.91 -19.77 63.75
CA ASP E 538 14.71 -19.22 65.09
C ASP E 538 15.79 -19.62 66.09
N ASP E 539 16.46 -20.74 65.80
CA ASP E 539 17.34 -21.39 66.76
C ASP E 539 16.52 -21.79 67.99
N ASP E 540 15.20 -21.84 67.78
CA ASP E 540 14.24 -22.41 68.71
C ASP E 540 14.78 -23.71 69.28
N TYR E 541 15.23 -24.60 68.40
CA TYR E 541 15.87 -25.86 68.77
C TYR E 541 17.03 -26.07 67.81
N GLY E 542 17.57 -27.28 67.77
CA GLY E 542 18.74 -27.54 66.95
C GLY E 542 18.52 -28.77 66.10
N PHE E 543 19.28 -28.88 65.01
CA PHE E 543 19.17 -30.03 64.11
C PHE E 543 20.41 -30.93 64.23
N LYS E 544 20.44 -31.95 63.38
CA LYS E 544 21.47 -32.98 63.38
C LYS E 544 22.89 -32.48 63.65
N GLN E 545 23.22 -31.28 63.19
CA GLN E 545 24.59 -30.77 63.29
C GLN E 545 25.15 -30.69 64.72
N GLU E 546 24.41 -30.05 65.63
CA GLU E 546 24.90 -29.80 66.98
C GLU E 546 25.51 -31.03 67.64
N ILE E 547 24.86 -32.16 67.44
CA ILE E 547 25.29 -33.45 67.99
C ILE E 547 26.74 -33.80 67.63
N PHE E 548 27.28 -33.15 66.61
CA PHE E 548 28.62 -33.48 66.09
C PHE E 548 29.63 -32.32 66.05
N ASP E 549 29.15 -31.10 66.24
CA ASP E 549 30.02 -29.94 66.06
C ASP E 549 31.13 -29.81 67.10
N VAL E 550 32.28 -29.34 66.63
CA VAL E 550 33.49 -29.19 67.44
C VAL E 550 33.62 -27.78 68.05
N THR E 551 33.20 -26.76 67.32
CA THR E 551 33.20 -25.39 67.80
C THR E 551 32.33 -25.22 69.05
N SER E 552 32.51 -24.11 69.75
CA SER E 552 31.60 -23.72 70.82
C SER E 552 30.20 -23.50 70.26
N ASN E 553 30.12 -23.61 68.93
CA ASN E 553 28.87 -23.48 68.16
C ASN E 553 27.97 -24.73 68.32
N GLY E 554 28.58 -25.81 68.79
CA GLY E 554 27.89 -27.06 69.03
C GLY E 554 27.38 -27.18 70.46
N LEU E 555 27.74 -26.23 71.31
CA LEU E 555 27.19 -26.16 72.66
C LEU E 555 26.28 -24.94 72.82
N LYS E 556 25.01 -25.10 72.48
CA LYS E 556 24.04 -24.01 72.61
C LYS E 556 22.94 -24.37 73.59
N LYS E 557 22.80 -23.57 74.64
CA LYS E 557 21.78 -23.79 75.65
C LYS E 557 20.65 -22.79 75.53
N ASN E 558 19.51 -23.09 76.16
CA ASN E 558 18.35 -22.22 76.13
C ASN E 558 18.26 -21.33 77.36
N PRO E 559 17.64 -20.17 77.21
CA PRO E 559 17.48 -19.22 78.32
C PRO E 559 16.53 -19.74 79.38
N ASN E 560 16.82 -19.44 80.64
CA ASN E 560 15.99 -19.89 81.75
C ASN E 560 15.34 -18.72 82.49
N TRP E 561 14.55 -17.94 81.76
CA TRP E 561 13.86 -16.80 82.34
C TRP E 561 14.23 -16.62 83.81
N LEU E 562 13.53 -17.34 84.68
CA LEU E 562 13.79 -17.26 86.12
C LEU E 562 15.18 -16.72 86.40
N GLU E 563 16.20 -17.53 86.14
CA GLU E 563 17.58 -17.13 86.37
C GLU E 563 17.97 -15.96 85.47
N GLU E 564 17.84 -16.15 84.16
CA GLU E 564 18.18 -15.11 83.20
C GLU E 564 17.71 -13.74 83.68
N TYR E 565 16.40 -13.61 83.87
CA TYR E 565 15.81 -12.35 84.34
C TYR E 565 15.32 -12.46 85.78
N HIS E 566 16.26 -12.68 86.71
CA HIS E 566 15.92 -12.80 88.11
C HIS E 566 16.28 -11.54 88.88
N PRO E 567 15.27 -10.76 89.22
CA PRO E 567 15.48 -9.51 89.96
C PRO E 567 16.61 -9.63 90.98
N LYS E 568 17.28 -8.53 91.27
CA LYS E 568 18.39 -8.53 92.22
C LYS E 568 18.41 -7.23 93.03
N LEU E 569 19.37 -7.14 93.95
CA LEU E 569 19.61 -5.89 94.66
C LEU E 569 21.06 -5.48 94.40
N ILE E 570 21.31 -4.18 94.58
CA ILE E 570 22.66 -3.66 94.31
C ILE E 570 22.87 -2.30 94.95
N LYS E 571 24.14 -2.00 95.29
CA LYS E 571 24.45 -0.86 96.13
C LYS E 571 25.26 0.22 95.42
N ASN E 572 24.78 1.45 95.59
CA ASN E 572 25.46 2.67 95.19
C ASN E 572 26.73 2.81 96.01
N LYS E 573 27.65 3.71 95.64
CA LYS E 573 28.75 3.99 96.58
C LYS E 573 28.18 4.72 97.80
N SER E 574 27.35 5.74 97.56
CA SER E 574 26.60 6.38 98.64
C SER E 574 25.73 5.37 99.39
N GLY E 575 25.76 4.13 98.94
CA GLY E 575 25.04 3.05 99.59
C GLY E 575 23.53 3.14 99.43
N LYS E 576 23.07 3.48 98.25
CA LYS E 576 21.66 3.35 97.98
C LYS E 576 21.41 1.96 97.45
N ILE E 577 20.20 1.46 97.68
CA ILE E 577 19.84 0.16 97.12
C ILE E 577 18.90 0.27 95.92
N PHE E 578 19.16 -0.56 94.92
CA PHE E 578 18.38 -0.55 93.68
C PHE E 578 17.87 -1.96 93.37
N VAL E 579 16.61 -2.05 92.92
CA VAL E 579 16.10 -3.31 92.37
C VAL E 579 16.65 -3.48 90.94
N GLU E 580 17.74 -4.23 90.82
CA GLU E 580 18.45 -4.41 89.55
C GLU E 580 17.69 -5.32 88.56
N THR E 581 17.23 -4.72 87.45
CA THR E 581 16.64 -5.47 86.33
C THR E 581 17.23 -4.92 85.04
N LYS E 582 16.86 -5.51 83.90
CA LYS E 582 17.39 -5.08 82.59
C LYS E 582 17.15 -3.60 82.39
N PHE E 583 16.00 -3.15 82.87
CA PHE E 583 15.54 -1.78 82.74
C PHE E 583 16.41 -0.86 83.58
N SER E 584 16.29 -0.96 84.91
CA SER E 584 17.03 -0.07 85.83
C SER E 584 18.55 -0.10 85.64
N LYS E 585 19.05 -1.25 85.20
CA LYS E 585 20.47 -1.41 84.86
C LYS E 585 20.88 -0.38 83.78
N LEU E 586 19.97 -0.05 82.88
CA LEU E 586 20.25 0.94 81.84
C LEU E 586 20.05 2.37 82.36
N ILE E 587 18.87 2.60 82.95
CA ILE E 587 18.43 3.93 83.33
C ILE E 587 19.05 4.47 84.62
N GLY E 588 19.52 3.59 85.49
CA GLY E 588 20.19 4.00 86.71
C GLY E 588 19.26 4.54 87.78
N ARG E 589 18.00 4.12 87.73
CA ARG E 589 17.00 4.48 88.74
C ARG E 589 16.08 3.27 88.99
N PRO E 590 15.16 3.41 89.96
CA PRO E 590 14.17 2.34 90.17
C PRO E 590 13.40 1.97 88.88
N PRO E 591 13.16 0.67 88.68
CA PRO E 591 12.42 0.16 87.51
C PRO E 591 10.95 0.48 87.59
N LEU E 592 10.62 1.74 87.84
CA LEU E 592 9.24 2.17 87.96
C LEU E 592 9.06 3.52 87.27
N LEU E 593 7.93 3.69 86.58
CA LEU E 593 7.67 4.93 85.82
C LEU E 593 6.22 5.40 85.80
N VAL E 594 6.03 6.71 85.86
CA VAL E 594 4.73 7.33 85.67
C VAL E 594 4.61 7.49 84.16
N PRO E 595 3.77 6.66 83.50
CA PRO E 595 3.58 6.70 82.06
C PRO E 595 2.94 8.04 81.67
N GLY E 596 3.16 8.47 80.43
CA GLY E 596 2.57 9.70 79.98
C GLY E 596 1.08 9.59 80.13
N MET E 597 0.44 10.66 80.60
CA MET E 597 -1.00 10.71 80.75
C MET E 597 -1.42 12.13 80.47
N THR E 598 -2.46 12.30 79.69
CA THR E 598 -2.80 13.63 79.22
C THR E 598 -3.08 14.63 80.32
N PRO E 599 -4.25 14.54 80.95
CA PRO E 599 -4.50 15.60 81.94
C PRO E 599 -3.38 15.66 82.97
N CYS E 600 -2.95 14.50 83.44
CA CYS E 600 -2.06 14.37 84.60
C CYS E 600 -0.61 14.76 84.34
N THR E 601 -0.04 14.21 83.28
CA THR E 601 1.36 14.38 82.95
C THR E 601 1.61 15.63 82.09
N VAL E 602 0.54 16.31 81.71
CA VAL E 602 0.68 17.53 80.93
C VAL E 602 1.46 18.59 81.73
N SER E 603 1.22 18.66 83.04
CA SER E 603 1.78 19.69 83.90
C SER E 603 3.29 19.55 84.10
N PRO E 604 4.07 20.56 83.68
CA PRO E 604 5.52 20.54 83.83
C PRO E 604 5.89 20.42 85.30
N ASP E 605 5.05 20.98 86.17
CA ASP E 605 5.24 20.91 87.61
C ASP E 605 5.31 19.47 88.09
N PHE E 606 4.26 18.69 87.82
CA PHE E 606 4.21 17.29 88.23
C PHE E 606 5.28 16.38 87.58
N VAL E 607 5.69 16.66 86.34
CA VAL E 607 6.72 15.85 85.70
C VAL E 607 8.06 16.20 86.31
N ALA E 608 8.24 17.46 86.69
CA ALA E 608 9.43 17.84 87.45
C ALA E 608 9.40 17.11 88.79
N ALA E 609 8.41 17.42 89.62
CA ALA E 609 8.31 16.83 90.95
C ALA E 609 8.56 15.32 90.97
N THR E 610 7.92 14.62 90.04
CA THR E 610 8.05 13.17 89.98
C THR E 610 9.45 12.75 89.56
N THR E 611 10.08 13.56 88.72
CA THR E 611 11.39 13.19 88.19
C THR E 611 12.44 13.57 89.24
N ASN E 612 12.15 14.63 89.99
CA ASN E 612 12.99 15.07 91.10
C ASN E 612 12.93 14.09 92.27
N ALA E 613 11.78 13.47 92.46
CA ALA E 613 11.66 12.39 93.43
C ALA E 613 12.45 11.15 92.98
N GLY E 614 13.20 11.29 91.89
CA GLY E 614 14.12 10.27 91.43
C GLY E 614 13.48 9.19 90.58
N TYR E 615 12.37 9.53 89.91
CA TYR E 615 11.67 8.56 89.07
C TYR E 615 11.42 9.02 87.64
N THR E 616 11.47 8.05 86.75
CA THR E 616 11.24 8.28 85.35
C THR E 616 9.76 8.63 85.04
N ILE E 617 9.52 9.77 84.40
CA ILE E 617 8.17 10.14 84.00
C ILE E 617 8.14 10.64 82.52
N GLU E 618 7.03 10.40 81.82
CA GLU E 618 6.87 10.79 80.40
C GLU E 618 5.96 12.02 80.28
N LEU E 619 6.50 13.15 79.79
CA LEU E 619 5.70 14.37 79.59
C LEU E 619 4.64 14.21 78.50
N ALA E 620 3.37 14.41 78.89
CA ALA E 620 2.24 14.10 78.02
C ALA E 620 2.11 15.04 76.83
N GLY E 621 2.18 14.45 75.63
CA GLY E 621 2.08 15.23 74.41
C GLY E 621 0.65 15.67 74.21
N GLY E 622 -0.27 14.84 74.69
CA GLY E 622 -1.69 15.08 74.54
C GLY E 622 -2.17 16.50 74.83
N GLY E 623 -1.43 17.23 75.64
CA GLY E 623 -1.88 18.55 76.09
C GLY E 623 -1.20 19.72 75.39
N TYR E 624 -0.44 19.42 74.36
CA TYR E 624 0.28 20.47 73.67
C TYR E 624 -0.08 20.42 72.20
N PHE E 625 -0.01 21.56 71.54
CA PHE E 625 -0.58 21.68 70.21
C PHE E 625 0.32 22.34 69.19
N SER E 626 1.48 22.79 69.62
CA SER E 626 2.45 23.40 68.71
C SER E 626 3.82 23.22 69.30
N ALA E 627 4.83 23.22 68.44
CA ALA E 627 6.21 23.11 68.92
C ALA E 627 6.48 24.16 69.99
N ALA E 628 5.94 25.35 69.77
CA ALA E 628 6.21 26.50 70.64
C ALA E 628 5.63 26.33 72.03
N GLY E 629 4.43 25.75 72.11
CA GLY E 629 3.75 25.58 73.39
C GLY E 629 4.38 24.50 74.25
N MET E 630 4.85 23.42 73.61
CA MET E 630 5.52 22.35 74.32
C MET E 630 6.94 22.74 74.68
N THR E 631 7.57 23.52 73.80
CA THR E 631 8.89 24.05 74.08
C THR E 631 8.79 24.87 75.37
N ALA E 632 7.65 25.50 75.57
CA ALA E 632 7.39 26.28 76.79
C ALA E 632 7.50 25.40 78.03
N ALA E 633 6.88 24.23 77.97
CA ALA E 633 6.81 23.33 79.11
C ALA E 633 8.14 22.64 79.33
N ILE E 634 8.65 22.03 78.27
CA ILE E 634 9.93 21.34 78.34
C ILE E 634 10.99 22.21 79.01
N ASP E 635 10.89 23.52 78.78
CA ASP E 635 11.82 24.46 79.37
C ASP E 635 11.51 24.77 80.81
N SER E 636 10.23 24.74 81.14
CA SER E 636 9.78 24.83 82.53
C SER E 636 10.22 23.61 83.32
N VAL E 637 9.94 22.42 82.77
CA VAL E 637 10.40 21.16 83.36
C VAL E 637 11.89 21.22 83.65
N VAL E 638 12.67 21.62 82.65
CA VAL E 638 14.12 21.67 82.83
C VAL E 638 14.52 22.63 83.94
N SER E 639 13.87 23.78 83.98
CA SER E 639 14.14 24.76 85.04
C SER E 639 13.97 24.19 86.46
N GLN E 640 13.08 23.24 86.63
CA GLN E 640 12.74 22.71 87.95
C GLN E 640 13.46 21.40 88.30
N ILE E 641 13.83 20.67 87.26
CA ILE E 641 14.52 19.41 87.41
C ILE E 641 15.97 19.73 87.83
N GLU E 642 16.68 18.79 88.43
CA GLU E 642 18.03 19.05 88.90
C GLU E 642 19.04 18.97 87.75
N LYS E 643 20.25 19.46 87.97
CA LYS E 643 21.28 19.33 86.95
C LYS E 643 21.51 17.85 86.61
N GLY E 644 21.84 17.57 85.37
CA GLY E 644 22.12 16.21 84.94
C GLY E 644 20.93 15.25 84.97
N SER E 645 19.74 15.78 85.23
CA SER E 645 18.55 14.95 85.32
C SER E 645 17.87 14.82 83.96
N THR E 646 16.93 13.89 83.83
CA THR E 646 16.27 13.65 82.55
C THR E 646 14.81 13.25 82.65
N PHE E 647 14.11 13.43 81.53
CA PHE E 647 12.75 12.95 81.38
C PHE E 647 12.47 12.52 79.94
N GLY E 648 11.20 12.28 79.64
CA GLY E 648 10.83 11.76 78.34
C GLY E 648 9.54 12.36 77.81
N ILE E 649 9.22 12.04 76.56
CA ILE E 649 8.04 12.61 75.97
C ILE E 649 7.15 11.54 75.37
N ASN E 650 5.85 11.64 75.68
CA ASN E 650 4.83 10.73 75.18
C ASN E 650 4.03 11.38 74.04
N LEU E 651 4.11 10.81 72.84
CA LEU E 651 3.38 11.29 71.67
C LEU E 651 2.41 10.22 71.18
N ILE E 652 1.32 10.66 70.57
CA ILE E 652 0.24 9.75 70.13
C ILE E 652 0.30 9.50 68.62
N TYR E 653 0.27 8.23 68.23
CA TYR E 653 0.37 7.89 66.81
C TYR E 653 -0.89 8.31 66.03
N VAL E 654 -2.04 8.07 66.63
CA VAL E 654 -3.34 8.41 66.04
C VAL E 654 -3.55 9.93 65.89
N ASN E 655 -2.54 10.72 66.22
CA ASN E 655 -2.61 12.17 66.03
C ASN E 655 -1.48 12.69 65.13
N PRO E 656 -1.68 12.58 63.83
CA PRO E 656 -0.62 12.87 62.87
C PRO E 656 -0.20 14.35 62.91
N PHE E 657 -1.01 15.21 63.51
CA PHE E 657 -0.66 16.62 63.59
C PHE E 657 0.40 16.84 64.64
N MET E 658 0.12 16.40 65.86
CA MET E 658 1.07 16.49 66.96
C MET E 658 2.36 15.82 66.55
N LEU E 659 2.23 14.65 65.93
CA LEU E 659 3.35 13.83 65.48
C LEU E 659 4.21 14.55 64.45
N GLN E 660 3.68 15.62 63.89
CA GLN E 660 4.33 16.31 62.78
C GLN E 660 5.15 17.51 63.26
N TRP E 661 4.68 18.18 64.31
CA TRP E 661 5.45 19.27 64.91
C TRP E 661 6.30 18.74 66.06
N GLY E 662 5.91 17.57 66.57
CA GLY E 662 6.54 16.97 67.72
C GLY E 662 7.86 16.29 67.43
N ILE E 663 7.86 15.33 66.52
CA ILE E 663 9.08 14.60 66.19
C ILE E 663 10.28 15.53 65.88
N PRO E 664 10.08 16.52 65.00
CA PRO E 664 10.98 17.66 64.77
C PRO E 664 11.38 18.41 66.04
N LEU E 665 10.40 18.91 66.80
CA LEU E 665 10.68 19.63 68.05
C LEU E 665 11.60 18.82 68.97
N ILE E 666 11.37 17.51 69.01
CA ILE E 666 12.20 16.60 69.76
C ILE E 666 13.61 16.55 69.19
N LYS E 667 13.73 16.35 67.88
CA LYS E 667 15.06 16.28 67.27
C LYS E 667 15.81 17.61 67.37
N GLU E 668 15.11 18.71 67.09
CA GLU E 668 15.70 20.05 67.20
C GLU E 668 16.14 20.32 68.62
N LEU E 669 15.44 19.72 69.57
CA LEU E 669 15.72 19.97 70.97
C LEU E 669 16.92 19.15 71.44
N ARG E 670 16.99 17.89 71.03
CA ARG E 670 18.11 17.03 71.37
C ARG E 670 19.40 17.62 70.80
N SER E 671 19.33 18.13 69.59
CA SER E 671 20.50 18.71 68.92
C SER E 671 21.08 19.85 69.75
N LYS E 672 20.22 20.55 70.48
CA LYS E 672 20.67 21.64 71.33
C LYS E 672 21.15 21.09 72.68
N GLY E 673 20.94 19.80 72.89
CA GLY E 673 21.42 19.09 74.07
C GLY E 673 20.43 19.00 75.20
N TYR E 674 19.15 18.92 74.86
CA TYR E 674 18.11 18.86 75.87
C TYR E 674 18.08 17.53 76.61
N PRO E 675 17.79 17.59 77.93
CA PRO E 675 17.78 16.49 78.91
C PRO E 675 16.63 15.54 78.71
N ILE E 676 15.98 15.63 77.54
CA ILE E 676 14.87 14.77 77.22
C ILE E 676 15.43 13.57 76.47
N GLN E 677 15.62 12.45 77.18
CA GLN E 677 16.33 11.33 76.58
C GLN E 677 15.53 10.04 76.51
N PHE E 678 14.28 10.15 76.12
CA PHE E 678 13.54 9.03 75.53
C PHE E 678 12.16 9.42 74.99
N LEU E 679 11.74 8.75 73.93
CA LEU E 679 10.42 8.97 73.33
C LEU E 679 9.56 7.71 73.46
N THR E 680 8.34 7.90 73.96
CA THR E 680 7.35 6.85 73.98
C THR E 680 6.22 7.19 73.02
N ILE E 681 5.72 6.18 72.32
CA ILE E 681 4.66 6.39 71.36
C ILE E 681 3.44 5.56 71.72
N GLY E 682 2.31 6.26 71.90
CA GLY E 682 1.07 5.65 72.30
C GLY E 682 0.04 5.61 71.19
N ALA E 683 -1.00 4.81 71.38
CA ALA E 683 -2.10 4.69 70.45
C ALA E 683 -1.82 3.76 69.25
N GLY E 684 -0.56 3.42 69.03
CA GLY E 684 -0.22 2.50 67.97
C GLY E 684 1.27 2.30 67.79
N VAL E 685 1.65 1.20 67.15
CA VAL E 685 3.06 0.92 66.88
C VAL E 685 3.44 1.30 65.47
N PRO E 686 4.36 2.29 65.31
CA PRO E 686 4.87 2.79 64.03
C PRO E 686 5.34 1.66 63.11
N SER E 687 5.45 1.92 61.81
CA SER E 687 5.92 0.86 60.93
C SER E 687 7.43 0.88 60.91
N LEU E 688 8.03 -0.19 60.41
CA LEU E 688 9.48 -0.35 60.48
C LEU E 688 10.27 0.87 59.98
N GLU E 689 9.84 1.46 58.86
CA GLU E 689 10.53 2.64 58.32
C GLU E 689 10.25 3.90 59.16
N VAL E 690 9.07 3.96 59.77
CA VAL E 690 8.69 5.12 60.59
C VAL E 690 9.42 5.09 61.91
N ALA E 691 9.56 3.89 62.44
CA ALA E 691 10.21 3.66 63.72
C ALA E 691 11.69 3.89 63.58
N SER E 692 12.28 3.21 62.59
CA SER E 692 13.70 3.35 62.27
C SER E 692 14.07 4.83 62.19
N GLU E 693 13.18 5.62 61.57
CA GLU E 693 13.30 7.07 61.53
C GLU E 693 13.50 7.65 62.92
N TYR E 694 12.57 7.37 63.83
CA TYR E 694 12.66 7.93 65.18
C TYR E 694 13.98 7.58 65.86
N ILE E 695 14.32 6.29 65.81
CA ILE E 695 15.53 5.73 66.41
C ILE E 695 16.82 6.44 65.98
N GLU E 696 17.08 6.47 64.67
CA GLU E 696 18.31 7.08 64.15
C GLU E 696 18.29 8.60 64.03
N THR E 697 17.11 9.19 63.82
CA THR E 697 16.99 10.63 63.60
C THR E 697 17.10 11.38 64.90
N LEU E 698 16.25 11.03 65.85
CA LEU E 698 16.22 11.67 67.16
C LEU E 698 17.37 11.16 68.02
N GLY E 699 17.98 12.05 68.80
CA GLY E 699 19.09 11.66 69.65
C GLY E 699 18.65 11.05 70.96
N LEU E 700 18.00 9.89 70.89
CA LEU E 700 17.32 9.32 72.05
C LEU E 700 18.03 8.10 72.61
N LYS E 701 17.97 7.94 73.93
CA LYS E 701 18.68 6.86 74.60
C LYS E 701 17.94 5.56 74.44
N TYR E 702 16.60 5.66 74.41
CA TYR E 702 15.76 4.51 74.14
C TYR E 702 14.37 4.93 73.66
N LEU E 703 13.68 4.03 72.96
CA LEU E 703 12.35 4.30 72.43
C LEU E 703 11.31 3.42 73.09
N GLY E 704 10.18 4.01 73.44
CA GLY E 704 9.13 3.31 74.16
C GLY E 704 7.90 3.02 73.32
N LEU E 705 7.57 1.74 73.20
CA LEU E 705 6.44 1.28 72.38
C LEU E 705 5.32 0.71 73.24
N LYS E 706 4.08 0.92 72.83
CA LYS E 706 2.96 0.51 73.67
C LYS E 706 2.00 -0.48 73.01
N PRO E 707 2.49 -1.64 72.57
CA PRO E 707 1.60 -2.66 71.99
C PRO E 707 0.37 -2.90 72.85
N GLY E 708 -0.71 -3.35 72.21
CA GLY E 708 -1.95 -3.69 72.91
C GLY E 708 -2.56 -4.96 72.31
N SER E 709 -1.95 -5.42 71.23
CA SER E 709 -2.38 -6.63 70.53
C SER E 709 -1.24 -7.62 70.44
N ILE E 710 -1.58 -8.90 70.28
CA ILE E 710 -0.59 -9.93 70.07
C ILE E 710 0.17 -9.64 68.77
N ASP E 711 -0.54 -9.13 67.77
CA ASP E 711 0.12 -8.73 66.54
C ASP E 711 0.98 -7.50 66.77
N ALA E 712 0.45 -6.56 67.56
CA ALA E 712 1.18 -5.33 67.88
C ALA E 712 2.53 -5.63 68.54
N ILE E 713 2.52 -6.55 69.50
CA ILE E 713 3.74 -7.00 70.16
C ILE E 713 4.70 -7.54 69.14
N SER E 714 4.22 -8.45 68.30
CA SER E 714 5.02 -9.01 67.21
C SER E 714 5.63 -7.93 66.29
N GLN E 715 4.93 -6.82 66.16
CA GLN E 715 5.45 -5.68 65.41
C GLN E 715 6.68 -5.11 66.08
N VAL E 716 6.57 -4.85 67.39
CA VAL E 716 7.67 -4.33 68.19
C VAL E 716 8.90 -5.24 68.10
N ILE E 717 8.67 -6.55 68.19
CA ILE E 717 9.75 -7.52 68.03
C ILE E 717 10.49 -7.27 66.72
N ASN E 718 9.76 -6.86 65.69
CA ASN E 718 10.38 -6.58 64.41
C ASN E 718 11.16 -5.26 64.37
N ILE E 719 10.64 -4.26 65.06
CA ILE E 719 11.31 -2.97 65.20
C ILE E 719 12.58 -3.24 66.00
N ALA E 720 12.57 -4.34 66.74
CA ALA E 720 13.68 -4.71 67.62
C ALA E 720 14.84 -5.30 66.85
N LYS E 721 14.57 -6.34 66.05
CA LYS E 721 15.57 -6.88 65.13
C LYS E 721 16.15 -5.75 64.27
N ALA E 722 15.30 -4.76 63.99
CA ALA E 722 15.68 -3.60 63.19
C ALA E 722 17.02 -3.02 63.61
N HIS E 723 17.16 -2.73 64.90
CA HIS E 723 18.39 -2.16 65.43
C HIS E 723 18.72 -2.86 66.75
N PRO E 724 19.32 -4.06 66.67
CA PRO E 724 19.52 -4.96 67.80
C PRO E 724 20.29 -4.30 68.95
N ASN E 725 21.01 -3.21 68.64
CA ASN E 725 21.83 -2.54 69.64
C ASN E 725 21.12 -1.35 70.28
N PHE E 726 19.81 -1.27 70.09
CA PHE E 726 19.07 -0.13 70.59
C PHE E 726 18.04 -0.53 71.63
N PRO E 727 18.04 0.16 72.78
CA PRO E 727 17.08 -0.10 73.84
C PRO E 727 15.65 0.24 73.44
N ILE E 728 14.76 -0.75 73.51
CA ILE E 728 13.34 -0.53 73.25
C ILE E 728 12.55 -0.97 74.45
N ALA E 729 11.84 -0.02 75.08
CA ALA E 729 10.97 -0.34 76.20
C ALA E 729 9.58 -0.77 75.72
N LEU E 730 9.36 -2.08 75.62
CA LEU E 730 8.05 -2.63 75.31
C LEU E 730 7.14 -2.54 76.52
N GLN E 731 6.40 -1.43 76.62
CA GLN E 731 5.41 -1.26 77.67
C GLN E 731 4.12 -2.01 77.32
N TRP E 732 4.04 -3.27 77.72
CA TRP E 732 2.83 -4.06 77.58
C TRP E 732 1.76 -3.60 78.56
N THR E 733 0.78 -2.89 78.02
CA THR E 733 -0.37 -2.46 78.80
C THR E 733 -1.44 -3.54 78.68
N GLY E 734 -2.52 -3.43 79.45
CA GLY E 734 -3.60 -4.38 79.34
C GLY E 734 -4.92 -3.73 78.94
N GLY E 735 -6.01 -4.46 79.11
CA GLY E 735 -7.31 -3.93 78.76
C GLY E 735 -7.93 -3.27 79.96
N ARG E 736 -7.32 -3.46 81.12
CA ARG E 736 -7.90 -3.00 82.37
C ARG E 736 -7.31 -1.68 82.84
N GLY E 737 -6.64 -0.98 81.91
CA GLY E 737 -5.96 0.26 82.21
C GLY E 737 -6.91 1.44 82.26
N GLY E 738 -6.35 2.63 82.52
CA GLY E 738 -7.15 3.84 82.56
C GLY E 738 -7.13 4.52 81.20
N GLY E 739 -8.10 5.42 80.99
CA GLY E 739 -8.21 6.16 79.74
C GLY E 739 -8.46 5.28 78.52
N HIS E 740 -7.68 5.50 77.46
CA HIS E 740 -7.73 4.66 76.26
C HIS E 740 -7.77 3.21 76.73
N HIS E 741 -8.31 2.34 75.88
CA HIS E 741 -8.68 1.00 76.33
C HIS E 741 -8.06 -0.11 75.49
N SER E 742 -8.76 -1.24 75.45
CA SER E 742 -8.34 -2.43 74.72
C SER E 742 -9.30 -3.54 75.13
N PHE E 743 -9.65 -4.42 74.20
CA PHE E 743 -10.55 -5.49 74.54
C PHE E 743 -9.74 -6.67 75.01
N GLU E 744 -8.44 -6.43 75.20
CA GLU E 744 -7.48 -7.49 75.46
C GLU E 744 -7.26 -7.81 76.94
N ASP E 745 -7.01 -9.08 77.22
CA ASP E 745 -6.68 -9.53 78.58
C ASP E 745 -5.26 -9.13 78.93
N ALA E 746 -4.99 -8.97 80.22
CA ALA E 746 -3.67 -8.53 80.66
C ALA E 746 -2.61 -9.65 80.76
N HIS E 747 -3.04 -10.92 80.79
CA HIS E 747 -2.12 -12.04 80.98
C HIS E 747 -1.91 -12.88 79.74
N THR E 748 -2.98 -13.17 79.03
CA THR E 748 -2.94 -14.03 77.84
C THR E 748 -1.85 -13.67 76.81
N PRO E 749 -1.84 -12.42 76.34
CA PRO E 749 -0.90 -11.92 75.34
C PRO E 749 0.56 -12.08 75.76
N MET E 750 0.82 -11.78 77.03
CA MET E 750 2.17 -11.76 77.57
C MET E 750 2.62 -13.19 77.79
N LEU E 751 1.72 -13.98 78.35
CA LEU E 751 1.90 -15.41 78.57
C LEU E 751 2.25 -16.09 77.25
N GLN E 752 1.83 -15.47 76.15
CA GLN E 752 1.86 -16.12 74.84
C GLN E 752 3.04 -15.63 74.03
N MET E 753 3.43 -14.40 74.26
CA MET E 753 4.48 -13.76 73.48
C MET E 753 5.83 -13.80 74.19
N TYR E 754 5.78 -14.04 75.50
CA TYR E 754 6.96 -13.86 76.33
C TYR E 754 8.22 -14.48 75.75
N SER E 755 8.16 -15.73 75.32
CA SER E 755 9.38 -16.42 74.88
C SER E 755 10.07 -15.70 73.72
N LYS E 756 9.27 -15.26 72.76
CA LYS E 756 9.80 -14.56 71.58
C LYS E 756 10.33 -13.18 71.93
N ILE E 757 9.59 -12.45 72.77
CA ILE E 757 10.03 -11.15 73.28
C ILE E 757 11.41 -11.26 73.89
N ARG E 758 11.63 -12.39 74.58
CA ARG E 758 12.85 -12.63 75.36
C ARG E 758 14.03 -13.12 74.55
N ARG E 759 13.86 -13.38 73.27
CA ARG E 759 15.03 -13.70 72.46
C ARG E 759 15.62 -12.46 71.79
N HIS E 760 15.18 -11.27 72.24
CA HIS E 760 15.75 -10.00 71.80
C HIS E 760 16.17 -9.20 73.01
N PRO E 761 17.49 -9.16 73.25
CA PRO E 761 18.18 -8.53 74.38
C PRO E 761 17.91 -7.05 74.45
N ASN E 762 17.52 -6.42 73.34
CA ASN E 762 17.27 -4.98 73.34
C ASN E 762 15.90 -4.58 73.86
N ILE E 763 15.04 -5.58 74.07
CA ILE E 763 13.69 -5.35 74.58
C ILE E 763 13.61 -5.36 76.10
N MET E 764 13.25 -4.22 76.67
CA MET E 764 13.08 -4.08 78.11
C MET E 764 11.61 -4.23 78.41
N LEU E 765 11.21 -5.41 78.85
CA LEU E 765 9.80 -5.74 79.05
C LEU E 765 9.23 -5.06 80.28
N ILE E 766 8.17 -4.29 80.09
CA ILE E 766 7.56 -3.57 81.19
C ILE E 766 6.05 -3.81 81.33
N PHE E 767 5.64 -4.44 82.42
CA PHE E 767 4.23 -4.72 82.68
C PHE E 767 3.56 -3.49 83.25
N GLY E 768 2.38 -3.14 82.70
CA GLY E 768 1.61 -2.02 83.18
C GLY E 768 0.13 -2.32 83.23
N SER E 769 -0.63 -1.45 83.92
CA SER E 769 -2.09 -1.52 84.01
C SER E 769 -2.64 -2.39 85.16
N GLY E 770 -3.32 -1.75 86.10
CA GLY E 770 -3.97 -2.47 87.19
C GLY E 770 -3.16 -2.49 88.47
N PHE E 771 -1.99 -1.85 88.44
CA PHE E 771 -1.06 -1.87 89.57
C PHE E 771 -1.14 -0.61 90.42
N GLY E 772 -0.84 -0.78 91.71
CA GLY E 772 -0.94 0.34 92.63
C GLY E 772 0.03 0.31 93.79
N SER E 773 0.51 -0.88 94.15
CA SER E 773 1.42 -1.03 95.27
C SER E 773 2.60 -1.91 94.90
N ALA E 774 3.60 -1.94 95.77
CA ALA E 774 4.74 -2.84 95.54
C ALA E 774 4.29 -4.27 95.67
N ASP E 775 3.17 -4.46 96.37
CA ASP E 775 2.77 -5.78 96.82
C ASP E 775 2.16 -6.65 95.73
N ASP E 776 1.20 -6.09 95.00
CA ASP E 776 0.50 -6.79 93.93
C ASP E 776 1.39 -6.89 92.71
N THR E 777 2.38 -6.02 92.69
CA THR E 777 3.25 -5.88 91.55
C THR E 777 4.41 -6.88 91.67
N TYR E 778 4.72 -7.27 92.90
CA TYR E 778 5.90 -8.09 93.19
C TYR E 778 5.99 -9.40 92.40
N PRO E 779 4.88 -10.15 92.32
CA PRO E 779 4.92 -11.47 91.67
C PRO E 779 5.31 -11.38 90.20
N TYR E 780 5.04 -10.23 89.59
CA TYR E 780 5.38 -10.01 88.19
C TYR E 780 6.87 -9.71 88.05
N LEU E 781 7.50 -9.42 89.18
CA LEU E 781 8.92 -9.16 89.22
C LEU E 781 9.68 -10.48 89.49
N THR E 782 9.20 -11.25 90.47
CA THR E 782 9.68 -12.60 90.75
C THR E 782 9.59 -13.47 89.51
N GLY E 783 8.57 -13.19 88.70
CA GLY E 783 8.24 -14.01 87.56
C GLY E 783 7.27 -15.11 87.99
N GLU E 784 6.75 -14.98 89.20
CA GLU E 784 5.92 -16.03 89.79
C GLU E 784 4.48 -15.98 89.30
N TRP E 785 4.05 -14.81 88.80
CA TRP E 785 2.70 -14.63 88.29
C TRP E 785 2.32 -15.71 87.29
N SER E 786 3.22 -16.02 86.36
CA SER E 786 2.92 -16.91 85.24
C SER E 786 2.70 -18.35 85.68
N THR E 787 2.91 -18.58 86.97
CA THR E 787 2.79 -19.91 87.53
C THR E 787 1.34 -20.36 87.71
N LYS E 788 0.47 -19.42 88.07
CA LYS E 788 -0.96 -19.69 88.18
C LYS E 788 -1.48 -20.40 86.92
N PHE E 789 -0.83 -20.17 85.78
CA PHE E 789 -1.28 -20.73 84.50
C PHE E 789 -0.40 -21.87 84.02
N ASP E 790 0.29 -22.53 84.94
CA ASP E 790 1.10 -23.72 84.61
C ASP E 790 2.19 -23.41 83.60
N TYR E 791 2.73 -22.19 83.70
CA TYR E 791 3.82 -21.75 82.84
C TYR E 791 5.09 -21.53 83.65
N PRO E 792 6.26 -21.76 83.02
CA PRO E 792 7.54 -21.47 83.68
C PRO E 792 7.56 -20.06 84.24
N PRO E 793 8.35 -19.81 85.29
CA PRO E 793 8.49 -18.44 85.81
C PRO E 793 8.83 -17.45 84.70
N MET E 794 8.13 -16.31 84.69
CA MET E 794 8.16 -15.36 83.58
C MET E 794 8.34 -13.93 84.09
N PRO E 795 9.56 -13.57 84.51
CA PRO E 795 9.94 -12.33 85.21
C PRO E 795 9.94 -11.07 84.34
N PHE E 796 9.52 -9.94 84.92
CA PHE E 796 9.51 -8.63 84.24
C PHE E 796 10.56 -7.61 84.72
N ASP E 797 10.83 -6.61 83.89
CA ASP E 797 11.95 -5.68 84.10
C ASP E 797 11.53 -4.34 84.68
N GLY E 798 10.25 -4.14 84.92
CA GLY E 798 9.78 -2.85 85.40
C GLY E 798 8.28 -2.71 85.34
N PHE E 799 7.74 -1.65 85.93
CA PHE E 799 6.31 -1.49 86.02
C PHE E 799 5.89 -0.04 85.90
N LEU E 800 4.79 0.21 85.21
CA LEU E 800 4.26 1.57 85.12
C LEU E 800 2.94 1.71 85.86
N PHE E 801 2.78 2.88 86.48
CA PHE E 801 1.62 3.18 87.32
C PHE E 801 0.93 4.43 86.83
N GLY E 802 -0.22 4.24 86.20
CA GLY E 802 -0.93 5.33 85.58
C GLY E 802 -1.97 5.87 86.53
N SER E 803 -2.93 5.04 86.88
CA SER E 803 -4.00 5.47 87.76
C SER E 803 -3.50 5.78 89.15
N ARG E 804 -2.69 4.89 89.71
CA ARG E 804 -2.23 4.99 91.10
C ARG E 804 -1.73 6.39 91.50
N VAL E 805 -1.22 7.14 90.53
CA VAL E 805 -0.59 8.42 90.82
C VAL E 805 -1.53 9.64 90.78
N MET E 806 -2.76 9.45 90.29
CA MET E 806 -3.69 10.54 89.98
C MET E 806 -4.17 11.32 91.20
N ILE E 807 -3.75 10.87 92.38
CA ILE E 807 -4.18 11.44 93.64
C ILE E 807 -3.02 12.18 94.30
N ALA E 808 -1.80 11.85 93.89
CA ALA E 808 -0.58 12.41 94.47
C ALA E 808 -0.69 13.89 94.76
N LYS E 809 0.00 14.35 95.80
CA LYS E 809 -0.08 15.73 96.24
C LYS E 809 0.18 16.69 95.09
N GLU E 810 1.00 16.24 94.14
CA GLU E 810 1.56 17.13 93.11
C GLU E 810 0.97 17.02 91.70
N VAL E 811 -0.02 16.15 91.49
CA VAL E 811 -0.80 16.24 90.24
C VAL E 811 -1.82 17.37 90.35
N LYS E 812 -2.19 17.93 89.20
CA LYS E 812 -3.09 19.07 89.20
C LYS E 812 -4.56 18.68 89.37
N THR E 813 -4.83 17.38 89.51
CA THR E 813 -6.17 16.88 89.78
C THR E 813 -6.85 17.71 90.86
N SER E 814 -8.04 18.23 90.56
CA SER E 814 -8.72 19.13 91.50
C SER E 814 -9.12 18.42 92.77
N PRO E 815 -9.22 19.18 93.86
CA PRO E 815 -9.59 18.69 95.19
C PRO E 815 -10.75 17.70 95.14
N ASP E 816 -11.90 18.18 94.69
CA ASP E 816 -13.12 17.37 94.64
C ASP E 816 -12.94 16.16 93.71
N ALA E 817 -11.98 16.27 92.81
CA ALA E 817 -11.74 15.22 91.84
C ALA E 817 -10.88 14.12 92.45
N LYS E 818 -9.89 14.51 93.25
CA LYS E 818 -9.09 13.52 93.96
C LYS E 818 -10.00 12.75 94.89
N LYS E 819 -10.88 13.48 95.58
CA LYS E 819 -11.86 12.87 96.49
C LYS E 819 -12.74 11.86 95.74
N CYS E 820 -13.18 12.23 94.55
CA CYS E 820 -13.98 11.35 93.71
C CYS E 820 -13.24 10.07 93.32
N ILE E 821 -11.98 10.21 92.91
CA ILE E 821 -11.13 9.09 92.47
C ILE E 821 -10.89 8.05 93.56
N ALA E 822 -10.57 8.53 94.75
CA ALA E 822 -10.29 7.65 95.88
C ALA E 822 -11.47 6.72 96.09
N ALA E 823 -12.59 7.33 96.49
CA ALA E 823 -13.83 6.66 96.86
C ALA E 823 -14.36 5.65 95.85
N CYS E 824 -13.72 5.56 94.70
CA CYS E 824 -14.00 4.46 93.79
C CYS E 824 -13.39 3.18 94.33
N THR E 825 -14.28 2.25 94.68
CA THR E 825 -13.92 0.89 94.99
C THR E 825 -13.37 0.27 93.71
N GLY E 826 -12.24 -0.41 93.79
CA GLY E 826 -11.68 -1.02 92.60
C GLY E 826 -12.49 -2.23 92.20
N VAL E 827 -11.84 -3.12 91.46
CA VAL E 827 -12.41 -4.43 91.13
C VAL E 827 -11.23 -5.28 90.66
N PRO E 828 -11.18 -6.55 91.10
CA PRO E 828 -10.15 -7.50 90.66
C PRO E 828 -10.11 -7.63 89.13
N ASP E 829 -9.00 -8.08 88.56
CA ASP E 829 -8.92 -8.44 87.15
C ASP E 829 -10.01 -9.47 86.85
N ASP E 830 -10.41 -10.19 87.89
CA ASP E 830 -11.55 -11.11 87.87
C ASP E 830 -12.80 -10.54 87.16
N LYS E 831 -13.04 -9.24 87.32
CA LYS E 831 -14.30 -8.64 86.88
C LYS E 831 -14.15 -7.24 86.27
N TRP E 832 -13.11 -7.01 85.49
CA TRP E 832 -12.98 -5.71 84.84
C TRP E 832 -13.84 -5.65 83.58
N GLU E 833 -14.11 -6.80 82.97
CA GLU E 833 -14.90 -6.86 81.74
C GLU E 833 -16.24 -6.12 81.83
N GLN E 834 -16.73 -5.94 83.07
CA GLN E 834 -18.05 -5.36 83.31
C GLN E 834 -18.12 -3.85 83.10
N THR E 835 -16.97 -3.24 82.84
CA THR E 835 -16.92 -1.82 82.55
C THR E 835 -17.68 -1.54 81.27
N TYR E 836 -17.70 -2.52 80.38
CA TYR E 836 -18.37 -2.38 79.09
C TYR E 836 -19.88 -2.24 79.22
N LYS E 837 -20.44 -2.66 80.36
CA LYS E 837 -21.88 -2.64 80.54
C LYS E 837 -22.33 -1.79 81.72
N LYS E 838 -22.11 -2.26 82.94
CA LYS E 838 -22.50 -1.49 84.13
C LYS E 838 -21.32 -0.65 84.62
N PRO E 839 -21.59 0.32 85.51
CA PRO E 839 -20.50 0.87 86.31
C PRO E 839 -19.94 -0.23 87.20
N THR E 840 -18.62 -0.35 87.22
CA THR E 840 -17.95 -1.45 87.89
C THR E 840 -16.83 -0.91 88.75
N GLY E 841 -17.06 -0.87 90.06
CA GLY E 841 -16.12 -0.24 90.95
C GLY E 841 -16.11 1.26 90.70
N GLY E 842 -17.25 1.79 90.29
CA GLY E 842 -17.35 3.20 89.97
C GLY E 842 -16.58 3.61 88.72
N ILE E 843 -16.70 2.75 87.76
CA ILE E 843 -15.97 3.01 86.51
C ILE E 843 -16.63 2.31 85.33
N VAL E 844 -16.97 3.08 84.29
CA VAL E 844 -17.53 2.53 83.05
C VAL E 844 -16.61 2.78 81.86
N THR E 845 -16.77 1.99 80.80
CA THR E 845 -16.17 2.34 79.53
C THR E 845 -17.17 3.16 78.74
N VAL E 846 -16.66 3.93 77.80
CA VAL E 846 -17.45 4.89 77.05
C VAL E 846 -16.60 5.14 75.83
N ARG E 847 -17.22 5.40 74.69
CA ARG E 847 -16.45 5.53 73.45
C ARG E 847 -16.15 6.98 73.05
N SER E 848 -14.91 7.21 72.61
CA SER E 848 -14.48 8.55 72.17
C SER E 848 -15.19 8.92 70.89
N GLU E 849 -14.92 10.11 70.39
CA GLU E 849 -15.52 10.56 69.15
C GLU E 849 -15.15 9.61 68.01
N MET E 850 -14.04 8.90 68.17
CA MET E 850 -13.53 8.02 67.13
C MET E 850 -13.97 6.56 67.29
N GLY E 851 -14.63 6.25 68.39
CA GLY E 851 -15.22 4.93 68.57
C GLY E 851 -14.38 3.93 69.36
N GLU E 852 -13.20 4.37 69.80
CA GLU E 852 -12.32 3.55 70.63
C GLU E 852 -12.73 3.65 72.10
N PRO E 853 -12.60 2.54 72.86
CA PRO E 853 -13.06 2.48 74.25
C PRO E 853 -12.27 3.37 75.18
N ILE E 854 -12.95 4.00 76.14
CA ILE E 854 -12.27 4.82 77.13
C ILE E 854 -12.76 4.48 78.55
N HIS E 855 -11.83 4.26 79.46
CA HIS E 855 -12.17 3.99 80.86
C HIS E 855 -12.35 5.28 81.66
N LYS E 856 -13.57 5.55 82.07
CA LYS E 856 -13.85 6.77 82.80
C LYS E 856 -14.54 6.51 84.14
N ILE E 857 -14.31 7.41 85.09
CA ILE E 857 -15.03 7.42 86.34
C ILE E 857 -16.49 7.67 85.98
N ALA E 858 -17.39 6.90 86.60
CA ALA E 858 -18.79 6.87 86.14
C ALA E 858 -19.68 8.01 86.65
N THR E 859 -19.23 9.25 86.49
CA THR E 859 -20.01 10.42 86.91
C THR E 859 -21.27 10.61 86.08
N ARG E 860 -22.13 11.52 86.52
CA ARG E 860 -23.40 11.76 85.84
C ARG E 860 -23.23 12.13 84.38
N GLY E 861 -22.29 13.05 84.12
CA GLY E 861 -21.98 13.48 82.78
C GLY E 861 -21.49 12.32 81.93
N VAL E 862 -20.65 11.48 82.53
CA VAL E 862 -20.06 10.36 81.80
C VAL E 862 -21.14 9.36 81.41
N MET E 863 -22.14 9.22 82.28
CA MET E 863 -23.22 8.26 82.06
C MET E 863 -24.25 8.78 81.04
N LEU E 864 -24.38 10.10 80.95
CA LEU E 864 -25.14 10.72 79.88
C LEU E 864 -24.42 10.47 78.57
N TRP E 865 -23.12 10.77 78.56
CA TRP E 865 -22.23 10.50 77.44
C TRP E 865 -22.37 9.04 77.00
N LYS E 866 -22.51 8.14 77.98
CA LYS E 866 -22.69 6.73 77.66
C LYS E 866 -24.06 6.46 77.07
N GLU E 867 -25.08 7.10 77.62
CA GLU E 867 -26.44 6.93 77.13
C GLU E 867 -26.60 7.43 75.70
N PHE E 868 -26.11 8.64 75.44
CA PHE E 868 -26.06 9.19 74.09
C PHE E 868 -25.23 8.29 73.17
N ASP E 869 -24.21 7.67 73.75
CA ASP E 869 -23.34 6.75 73.03
C ASP E 869 -24.17 5.57 72.55
N GLU E 870 -25.19 5.23 73.32
CA GLU E 870 -26.01 4.06 73.04
C GLU E 870 -27.28 4.40 72.26
N THR E 871 -27.73 5.66 72.34
CA THR E 871 -29.00 6.08 71.76
C THR E 871 -28.87 6.92 70.51
N ILE E 872 -28.21 8.07 70.65
CA ILE E 872 -28.10 9.08 69.60
C ILE E 872 -26.95 8.82 68.64
N PHE E 873 -25.73 8.79 69.18
CA PHE E 873 -24.53 8.59 68.36
C PHE E 873 -24.56 7.21 67.71
N ASN E 874 -25.20 6.29 68.40
CA ASN E 874 -25.40 4.93 67.91
C ASN E 874 -25.94 4.91 66.46
N LEU E 875 -27.02 5.67 66.24
CA LEU E 875 -27.81 5.60 65.02
C LEU E 875 -27.05 5.95 63.75
N PRO E 876 -27.52 5.41 62.59
CA PRO E 876 -27.04 5.75 61.25
C PRO E 876 -27.11 7.26 61.01
N LYS E 877 -26.18 7.82 60.23
CA LYS E 877 -26.16 9.26 60.00
C LYS E 877 -27.45 9.74 59.31
N ASN E 878 -28.26 8.77 58.90
CA ASN E 878 -29.56 9.05 58.30
C ASN E 878 -30.63 9.31 59.36
N LYS E 879 -30.55 8.60 60.46
CA LYS E 879 -31.52 8.74 61.54
C LYS E 879 -31.11 9.81 62.57
N LEU E 880 -29.97 10.45 62.35
CA LEU E 880 -29.41 11.32 63.36
C LEU E 880 -30.33 12.49 63.65
N VAL E 881 -30.49 13.36 62.66
CA VAL E 881 -31.18 14.64 62.82
C VAL E 881 -32.66 14.56 63.25
N PRO E 882 -33.37 13.51 62.80
CA PRO E 882 -34.73 13.25 63.28
C PRO E 882 -34.77 12.85 64.76
N THR E 883 -33.89 11.96 65.18
CA THR E 883 -33.85 11.49 66.58
C THR E 883 -33.52 12.66 67.50
N LEU E 884 -32.64 13.55 67.04
CA LEU E 884 -32.26 14.74 67.78
C LEU E 884 -33.46 15.63 68.05
N GLU E 885 -34.24 15.90 67.00
CA GLU E 885 -35.39 16.80 67.11
C GLU E 885 -36.50 16.21 67.98
N ALA E 886 -36.66 14.89 67.90
CA ALA E 886 -37.66 14.22 68.72
C ALA E 886 -37.23 14.07 70.18
N LYS E 887 -36.02 14.53 70.50
CA LYS E 887 -35.52 14.44 71.86
C LYS E 887 -34.96 15.79 72.32
N ARG E 888 -35.01 16.77 71.42
CA ARG E 888 -34.45 18.09 71.68
C ARG E 888 -34.69 18.57 73.11
N ASP E 889 -35.91 18.45 73.62
CA ASP E 889 -36.20 18.90 74.98
C ASP E 889 -35.43 18.09 76.01
N TYR E 890 -35.47 16.78 75.86
CA TYR E 890 -34.77 15.88 76.76
C TYR E 890 -33.28 16.15 76.70
N ILE E 891 -32.69 15.97 75.52
CA ILE E 891 -31.28 16.24 75.27
C ILE E 891 -30.81 17.56 75.87
N ILE E 892 -31.56 18.63 75.59
CA ILE E 892 -31.21 19.94 76.10
C ILE E 892 -31.29 20.00 77.63
N SER E 893 -32.15 19.17 78.21
CA SER E 893 -32.37 19.19 79.67
C SER E 893 -31.25 18.46 80.38
N ARG E 894 -30.91 17.30 79.86
CA ARG E 894 -29.86 16.47 80.41
C ARG E 894 -28.46 17.10 80.28
N LEU E 895 -28.27 17.95 79.27
CA LEU E 895 -27.03 18.73 79.17
C LEU E 895 -26.96 19.66 80.36
N ASN E 896 -28.00 20.46 80.52
CA ASN E 896 -28.05 21.43 81.59
C ASN E 896 -27.93 20.84 83.00
N ALA E 897 -28.26 19.57 83.16
CA ALA E 897 -28.26 18.98 84.51
C ALA E 897 -26.97 18.25 84.86
N ASP E 898 -26.46 17.43 83.94
CA ASP E 898 -25.46 16.43 84.29
C ASP E 898 -24.15 16.52 83.51
N PHE E 899 -24.05 17.45 82.55
CA PHE E 899 -22.85 17.47 81.70
C PHE E 899 -22.02 18.73 81.90
N GLN E 900 -20.73 18.64 81.56
CA GLN E 900 -19.78 19.74 81.73
C GLN E 900 -19.95 20.83 80.68
N LYS E 901 -20.60 20.47 79.58
CA LYS E 901 -21.00 21.45 78.59
C LYS E 901 -22.51 21.63 78.65
N PRO E 902 -22.94 22.75 79.21
CA PRO E 902 -24.37 23.06 79.28
C PRO E 902 -24.92 23.34 77.88
N TRP E 903 -26.23 23.43 77.76
CA TRP E 903 -26.83 23.99 76.56
C TRP E 903 -26.75 25.50 76.65
N PHE E 904 -26.02 26.04 75.63
CA PHE E 904 -25.72 27.48 75.74
C PHE E 904 -26.94 28.36 75.88
N ALA E 905 -27.88 28.18 74.95
CA ALA E 905 -29.07 29.02 74.91
C ALA E 905 -30.08 28.65 76.00
N THR E 906 -29.59 28.50 77.22
CA THR E 906 -30.46 28.41 78.37
C THR E 906 -30.25 29.67 79.21
N VAL E 907 -31.27 30.50 79.27
CA VAL E 907 -31.20 31.77 79.99
C VAL E 907 -31.93 31.63 81.33
N ASN E 908 -31.25 31.99 82.42
CA ASN E 908 -31.70 31.66 83.78
C ASN E 908 -32.62 30.42 83.92
N GLY E 909 -32.08 29.25 83.60
CA GLY E 909 -32.80 28.00 83.77
C GLY E 909 -33.82 27.76 82.68
N GLN E 910 -34.32 28.84 82.09
CA GLN E 910 -35.24 28.78 80.97
C GLN E 910 -34.59 28.19 79.72
N ALA E 911 -35.04 27.02 79.30
CA ALA E 911 -34.53 26.41 78.07
C ALA E 911 -35.02 27.19 76.88
N ARG E 912 -34.15 27.37 75.89
CA ARG E 912 -34.58 28.01 74.65
C ARG E 912 -33.50 27.88 73.58
N ASP E 913 -33.78 28.40 72.39
CA ASP E 913 -32.85 28.26 71.27
C ASP E 913 -32.04 29.53 71.04
N LEU E 914 -31.02 29.43 70.19
CA LEU E 914 -30.09 30.53 70.01
C LEU E 914 -30.75 31.68 69.27
N ALA E 915 -31.72 31.36 68.42
CA ALA E 915 -32.43 32.39 67.68
C ALA E 915 -33.56 33.03 68.49
N THR E 916 -33.74 32.57 69.71
CA THR E 916 -34.72 33.15 70.61
C THR E 916 -34.07 33.72 71.89
N MET E 917 -32.82 34.16 71.77
CA MET E 917 -32.15 34.96 72.79
C MET E 917 -31.98 36.39 72.25
N THR E 918 -31.79 37.36 73.14
CA THR E 918 -31.47 38.70 72.67
C THR E 918 -29.98 38.92 72.75
N TYR E 919 -29.50 39.97 72.10
CA TYR E 919 -28.08 40.25 72.08
C TYR E 919 -27.54 40.39 73.49
N GLU E 920 -28.35 40.97 74.38
CA GLU E 920 -27.97 41.08 75.77
C GLU E 920 -27.82 39.69 76.38
N GLU E 921 -28.90 38.93 76.39
CA GLU E 921 -28.91 37.59 76.94
C GLU E 921 -27.68 36.76 76.54
N VAL E 922 -27.23 36.92 75.31
CA VAL E 922 -26.11 36.15 74.78
C VAL E 922 -24.81 36.65 75.39
N ALA E 923 -24.60 37.96 75.34
CA ALA E 923 -23.42 38.56 75.94
C ALA E 923 -23.32 38.20 77.43
N LYS E 924 -24.46 38.21 78.11
CA LYS E 924 -24.47 37.91 79.55
C LYS E 924 -24.24 36.43 79.79
N ARG E 925 -24.72 35.60 78.85
CA ARG E 925 -24.50 34.17 78.91
C ARG E 925 -23.05 33.84 78.59
N LEU E 926 -22.45 34.63 77.71
CA LEU E 926 -21.06 34.43 77.35
C LEU E 926 -20.16 34.70 78.55
N VAL E 927 -20.38 35.83 79.19
CA VAL E 927 -19.63 36.19 80.39
C VAL E 927 -19.85 35.16 81.48
N GLU E 928 -21.10 34.72 81.61
CA GLU E 928 -21.47 33.76 82.63
C GLU E 928 -20.64 32.47 82.58
N LEU E 929 -20.36 32.00 81.36
CA LEU E 929 -19.81 30.67 81.18
C LEU E 929 -18.33 30.65 80.87
N MET E 930 -17.76 31.82 80.61
CA MET E 930 -16.37 31.92 80.20
C MET E 930 -15.54 32.75 81.16
N PHE E 931 -16.18 33.73 81.78
CA PHE E 931 -15.52 34.55 82.78
C PHE E 931 -15.70 33.88 84.13
N ILE E 932 -14.60 33.39 84.68
CA ILE E 932 -14.63 32.78 85.99
C ILE E 932 -14.66 33.86 87.07
N ARG E 933 -15.78 33.92 87.79
CA ARG E 933 -16.03 34.98 88.75
C ARG E 933 -15.06 34.94 89.92
N SER E 934 -14.90 33.74 90.48
CA SER E 934 -14.09 33.50 91.69
C SER E 934 -12.63 33.98 91.57
N THR E 935 -12.07 33.93 90.36
CA THR E 935 -10.68 34.30 90.13
C THR E 935 -10.62 35.64 89.40
N ASN E 936 -11.77 36.30 89.33
CA ASN E 936 -11.96 37.49 88.50
C ASN E 936 -11.12 37.50 87.23
N SER E 937 -11.34 36.50 86.39
CA SER E 937 -10.48 36.28 85.24
C SER E 937 -11.22 35.53 84.14
N TRP E 938 -10.96 35.92 82.90
CA TRP E 938 -11.42 35.16 81.74
C TRP E 938 -10.61 33.87 81.65
N PHE E 939 -11.29 32.74 81.78
CA PHE E 939 -10.60 31.46 81.84
C PHE E 939 -9.66 31.22 80.67
N ASP E 940 -9.96 31.81 79.52
CA ASP E 940 -9.04 31.77 78.37
C ASP E 940 -9.14 33.04 77.55
N VAL E 941 -7.99 33.55 77.13
CA VAL E 941 -7.97 34.81 76.41
C VAL E 941 -8.80 34.75 75.11
N THR E 942 -8.85 33.60 74.46
CA THR E 942 -9.67 33.46 73.26
C THR E 942 -11.15 33.67 73.58
N TRP E 943 -11.59 33.23 74.76
CA TRP E 943 -12.98 33.44 75.17
C TRP E 943 -13.30 34.89 75.52
N ARG E 944 -12.28 35.66 75.88
CA ARG E 944 -12.46 37.08 76.08
C ARG E 944 -12.48 37.73 74.72
N THR E 945 -11.57 37.29 73.86
CA THR E 945 -11.54 37.70 72.45
C THR E 945 -12.87 37.44 71.74
N PHE E 946 -13.47 36.28 72.05
CA PHE E 946 -14.74 35.86 71.44
C PHE E 946 -15.84 36.86 71.72
N THR E 947 -16.13 37.08 72.99
CA THR E 947 -17.22 37.96 73.41
C THR E 947 -16.98 39.41 73.01
N GLY E 948 -15.72 39.77 72.83
CA GLY E 948 -15.40 41.05 72.28
C GLY E 948 -15.87 41.13 70.84
N ASP E 949 -15.45 40.17 70.03
CA ASP E 949 -15.90 40.12 68.64
C ASP E 949 -17.43 40.22 68.57
N PHE E 950 -18.10 39.62 69.55
CA PHE E 950 -19.56 39.59 69.55
C PHE E 950 -20.14 40.95 69.85
N LEU E 951 -19.61 41.61 70.88
CA LEU E 951 -20.09 42.93 71.28
C LEU E 951 -19.83 43.92 70.16
N ARG E 952 -18.73 43.71 69.46
CA ARG E 952 -18.33 44.57 68.37
C ARG E 952 -19.41 44.47 67.31
N ARG E 953 -19.82 43.22 67.08
CA ARG E 953 -20.90 42.91 66.17
C ARG E 953 -22.22 43.57 66.61
N VAL E 954 -22.48 43.57 67.91
CA VAL E 954 -23.68 44.23 68.42
C VAL E 954 -23.66 45.70 68.00
N GLU E 955 -22.52 46.35 68.14
CA GLU E 955 -22.39 47.73 67.75
C GLU E 955 -22.65 47.89 66.27
N GLU E 956 -22.04 47.00 65.49
CA GLU E 956 -22.13 47.07 64.03
C GLU E 956 -23.57 47.03 63.56
N ARG E 957 -24.36 46.12 64.13
CA ARG E 957 -25.76 45.91 63.77
C ARG E 957 -26.63 47.12 64.08
N PHE E 958 -26.54 47.56 65.33
CA PHE E 958 -27.49 48.52 65.89
C PHE E 958 -27.12 49.98 65.69
N THR E 959 -25.88 50.26 65.32
CA THR E 959 -25.54 51.62 64.95
C THR E 959 -26.28 52.01 63.67
N LYS E 960 -26.51 53.31 63.55
CA LYS E 960 -27.23 53.87 62.42
C LYS E 960 -26.25 54.42 61.41
N SER E 961 -25.42 55.35 61.85
CA SER E 961 -24.30 55.83 61.04
C SER E 961 -23.01 55.19 61.53
N LYS E 962 -21.89 55.61 60.97
CA LYS E 962 -20.61 55.08 61.38
C LYS E 962 -20.04 55.90 62.51
N THR E 963 -19.69 55.23 63.60
CA THR E 963 -18.90 55.86 64.66
C THR E 963 -17.83 54.89 65.05
N LEU E 964 -17.23 55.13 66.21
CA LEU E 964 -16.11 54.33 66.68
C LEU E 964 -16.47 53.47 67.88
N SER E 965 -15.77 52.35 68.01
CA SER E 965 -16.14 51.30 68.93
C SER E 965 -16.07 51.75 70.39
N LEU E 966 -17.02 51.29 71.20
CA LEU E 966 -17.01 51.55 72.63
C LEU E 966 -16.13 50.52 73.33
N ILE E 967 -15.73 49.48 72.59
CA ILE E 967 -14.74 48.53 73.09
C ILE E 967 -13.48 48.67 72.25
N GLN E 968 -12.74 49.75 72.47
CA GLN E 968 -11.52 50.00 71.72
C GLN E 968 -10.47 48.91 71.95
N SER E 969 -10.30 48.51 73.21
CA SER E 969 -9.46 47.36 73.55
C SER E 969 -10.19 46.34 74.44
N TYR E 970 -9.99 45.05 74.16
CA TYR E 970 -10.70 43.99 74.86
C TYR E 970 -10.30 43.86 76.33
N SER E 971 -9.25 44.56 76.72
CA SER E 971 -8.82 44.60 78.10
C SER E 971 -10.01 45.09 78.92
N LEU E 972 -10.81 45.95 78.31
CA LEU E 972 -11.97 46.56 78.94
C LEU E 972 -12.98 45.50 79.39
N LEU E 973 -12.83 44.30 78.85
CA LEU E 973 -13.70 43.19 79.20
C LEU E 973 -13.32 42.57 80.54
N ASP E 974 -12.19 42.99 81.10
CA ASP E 974 -11.73 42.45 82.37
C ASP E 974 -12.67 42.84 83.51
N LYS E 975 -13.45 43.89 83.27
CA LYS E 975 -14.59 44.23 84.11
C LYS E 975 -15.84 44.00 83.26
N PRO E 976 -16.23 42.72 83.09
CA PRO E 976 -17.19 42.29 82.07
C PRO E 976 -18.51 43.04 82.21
N ASP E 977 -19.02 43.08 83.43
CA ASP E 977 -20.34 43.66 83.67
C ASP E 977 -20.35 45.10 83.22
N GLU E 978 -19.35 45.86 83.66
CA GLU E 978 -19.26 47.28 83.31
C GLU E 978 -19.17 47.47 81.79
N ALA E 979 -18.43 46.60 81.12
CA ALA E 979 -18.25 46.66 79.66
C ALA E 979 -19.55 46.43 78.91
N ILE E 980 -20.23 45.34 79.27
CA ILE E 980 -21.54 45.02 78.73
C ILE E 980 -22.51 46.18 78.84
N GLU E 981 -22.61 46.79 80.02
CA GLU E 981 -23.55 47.89 80.21
C GLU E 981 -23.19 49.09 79.34
N LYS E 982 -21.91 49.25 79.05
CA LYS E 982 -21.45 50.37 78.24
C LYS E 982 -21.98 50.23 76.81
N VAL E 983 -21.81 49.04 76.25
CA VAL E 983 -22.23 48.71 74.89
C VAL E 983 -23.74 48.86 74.74
N PHE E 984 -24.49 48.11 75.55
CA PHE E 984 -25.95 48.09 75.44
C PHE E 984 -26.65 49.41 75.85
N ASN E 985 -25.99 50.21 76.67
CA ASN E 985 -26.49 51.54 76.97
C ASN E 985 -26.59 52.33 75.67
N ALA E 986 -25.55 52.22 74.86
CA ALA E 986 -25.43 52.96 73.61
C ALA E 986 -26.42 52.46 72.57
N TYR E 987 -26.74 51.17 72.66
CA TYR E 987 -27.60 50.52 71.69
C TYR E 987 -28.70 49.76 72.41
N PRO E 988 -29.58 50.51 73.09
CA PRO E 988 -30.54 49.96 74.06
C PRO E 988 -31.47 48.98 73.38
N ALA E 989 -31.68 49.24 72.09
CA ALA E 989 -32.56 48.42 71.28
C ALA E 989 -32.16 46.96 71.31
N ALA E 990 -30.86 46.72 71.50
CA ALA E 990 -30.28 45.38 71.41
C ALA E 990 -30.70 44.47 72.57
N ARG E 991 -31.35 45.04 73.56
CA ARG E 991 -31.82 44.27 74.70
C ARG E 991 -33.19 43.68 74.41
N GLU E 992 -33.86 44.24 73.42
CA GLU E 992 -35.25 43.92 73.14
C GLU E 992 -35.43 43.07 71.90
N GLN E 993 -34.45 43.06 71.01
CA GLN E 993 -34.57 42.30 69.78
C GLN E 993 -33.85 40.96 69.83
N PHE E 994 -34.45 39.94 69.23
CA PHE E 994 -33.79 38.65 69.14
C PHE E 994 -32.58 38.78 68.22
N LEU E 995 -31.68 37.82 68.34
CA LEU E 995 -30.47 37.80 67.54
C LEU E 995 -30.89 37.77 66.09
N ASN E 996 -30.38 38.71 65.29
CA ASN E 996 -30.62 38.71 63.85
C ASN E 996 -30.24 37.37 63.24
N ALA E 997 -31.01 36.92 62.27
CA ALA E 997 -30.85 35.56 61.73
C ALA E 997 -29.44 35.31 61.23
N GLN E 998 -28.86 36.35 60.67
CA GLN E 998 -27.57 36.28 60.01
C GLN E 998 -26.42 36.27 61.04
N ASP E 999 -26.70 36.80 62.22
CA ASP E 999 -25.72 36.82 63.31
C ASP E 999 -25.67 35.49 64.02
N ILE E 1000 -26.75 34.73 63.93
CA ILE E 1000 -26.75 33.38 64.48
C ILE E 1000 -25.72 32.55 63.77
N ASP E 1001 -25.72 32.66 62.44
CA ASP E 1001 -24.75 31.96 61.61
C ASP E 1001 -23.37 32.36 62.09
N HIS E 1002 -23.19 33.66 62.25
CA HIS E 1002 -21.93 34.21 62.67
C HIS E 1002 -21.43 33.59 63.97
N PHE E 1003 -22.22 33.76 65.04
CA PHE E 1003 -21.91 33.19 66.35
C PHE E 1003 -21.48 31.73 66.28
N LEU E 1004 -22.28 30.91 65.61
CA LEU E 1004 -21.98 29.49 65.44
C LEU E 1004 -20.70 29.24 64.63
N SER E 1005 -20.32 30.23 63.84
CA SER E 1005 -19.11 30.15 63.02
C SER E 1005 -17.87 30.40 63.85
N MET E 1006 -17.99 31.30 64.82
CA MET E 1006 -16.93 31.62 65.77
C MET E 1006 -16.67 30.43 66.68
N CYS E 1007 -17.74 29.70 67.00
CA CYS E 1007 -17.65 28.49 67.80
C CYS E 1007 -16.79 27.43 67.12
N GLN E 1008 -16.57 27.61 65.82
CA GLN E 1008 -15.86 26.63 64.99
C GLN E 1008 -14.44 27.11 64.64
N ASN E 1009 -14.15 28.34 65.01
CA ASN E 1009 -12.83 28.93 64.87
C ASN E 1009 -11.76 28.07 65.57
N PRO E 1010 -10.77 27.56 64.80
CA PRO E 1010 -9.62 26.95 65.47
C PRO E 1010 -8.85 28.13 66.01
N MET E 1011 -7.73 27.93 66.70
CA MET E 1011 -7.04 29.07 67.29
C MET E 1011 -7.91 29.69 68.37
N GLN E 1012 -8.73 28.86 69.00
CA GLN E 1012 -9.62 29.29 70.09
C GLN E 1012 -9.94 28.08 70.95
N LYS E 1013 -9.85 28.23 72.27
CA LYS E 1013 -10.15 27.08 73.10
C LYS E 1013 -11.57 26.70 72.80
N PRO E 1014 -11.78 25.43 72.47
CA PRO E 1014 -13.14 24.94 72.23
C PRO E 1014 -14.12 25.48 73.25
N VAL E 1015 -15.17 26.10 72.73
CA VAL E 1015 -16.22 26.74 73.52
C VAL E 1015 -16.82 25.76 74.54
N PRO E 1016 -17.07 26.23 75.77
CA PRO E 1016 -17.49 25.40 76.91
C PRO E 1016 -18.99 25.04 76.94
N PHE E 1017 -19.60 24.86 75.78
CA PHE E 1017 -21.04 24.56 75.72
C PHE E 1017 -21.49 23.93 74.39
N VAL E 1018 -22.80 23.71 74.27
CA VAL E 1018 -23.39 23.24 73.03
C VAL E 1018 -24.30 24.35 72.49
N PRO E 1019 -23.95 25.09 71.41
CA PRO E 1019 -24.72 26.21 70.84
C PRO E 1019 -25.84 25.74 69.92
N VAL E 1020 -25.82 24.46 69.54
CA VAL E 1020 -26.69 23.95 68.48
C VAL E 1020 -26.96 22.43 68.49
N LEU E 1021 -28.23 22.05 68.45
CA LEU E 1021 -28.54 20.65 68.19
C LEU E 1021 -28.55 20.36 66.69
N ASP E 1022 -27.51 19.71 66.18
CA ASP E 1022 -27.46 19.37 64.77
C ASP E 1022 -26.60 18.15 64.47
N ARG E 1023 -26.09 18.06 63.25
CA ARG E 1023 -25.32 16.89 62.84
C ARG E 1023 -24.00 16.72 63.60
N ARG E 1024 -23.27 17.81 63.81
CA ARG E 1024 -22.01 17.72 64.51
C ARG E 1024 -22.21 17.79 66.02
N PHE E 1025 -23.36 17.33 66.50
CA PHE E 1025 -23.62 17.38 67.94
C PHE E 1025 -22.70 16.44 68.72
N GLU E 1026 -22.17 15.40 68.08
CA GLU E 1026 -21.18 14.57 68.76
C GLU E 1026 -19.82 15.27 68.90
N ILE E 1027 -19.40 15.96 67.85
CA ILE E 1027 -18.18 16.76 67.90
C ILE E 1027 -18.31 17.89 68.93
N PHE E 1028 -19.53 18.35 69.15
CA PHE E 1028 -19.75 19.45 70.09
C PHE E 1028 -19.73 18.98 71.53
N PHE E 1029 -20.05 17.70 71.69
CA PHE E 1029 -20.28 17.04 72.99
C PHE E 1029 -18.97 16.55 73.57
N LYS E 1030 -18.25 15.80 72.74
CA LYS E 1030 -17.04 15.11 73.18
C LYS E 1030 -15.74 15.89 72.94
N LYS E 1031 -15.83 17.05 72.27
CA LYS E 1031 -14.63 17.81 71.94
C LYS E 1031 -13.96 18.30 73.20
N ASP E 1032 -12.62 18.30 73.21
CA ASP E 1032 -11.86 18.95 74.27
C ASP E 1032 -12.55 18.80 75.62
N SER E 1033 -12.54 17.60 76.17
CA SER E 1033 -13.30 17.32 77.38
C SER E 1033 -12.48 16.56 78.43
N LEU E 1034 -11.20 16.92 78.58
CA LEU E 1034 -10.32 16.26 79.55
C LEU E 1034 -9.88 17.20 80.66
N TRP E 1035 -9.99 18.50 80.40
CA TRP E 1035 -9.38 19.53 81.22
C TRP E 1035 -10.18 19.96 82.44
N GLN E 1036 -11.42 19.49 82.56
CA GLN E 1036 -12.27 19.93 83.66
C GLN E 1036 -11.88 19.25 84.98
N SER E 1037 -11.33 18.04 84.88
CA SER E 1037 -10.82 17.32 86.04
C SER E 1037 -9.91 18.20 86.89
N GLU E 1038 -9.24 19.13 86.23
CA GLU E 1038 -8.21 19.93 86.87
C GLU E 1038 -8.59 21.40 87.07
N HIS E 1039 -9.81 21.77 86.68
CA HIS E 1039 -10.24 23.16 86.78
C HIS E 1039 -11.73 23.30 87.03
N LEU E 1040 -12.25 22.62 88.05
CA LEU E 1040 -13.69 22.65 88.27
C LEU E 1040 -14.23 24.05 88.59
N GLU E 1041 -13.34 25.03 88.71
CA GLU E 1041 -13.75 26.41 88.96
C GLU E 1041 -14.45 26.96 87.73
N ALA E 1042 -14.25 26.27 86.61
CA ALA E 1042 -14.81 26.67 85.34
C ALA E 1042 -15.97 25.77 84.91
N VAL E 1043 -16.26 24.74 85.72
CA VAL E 1043 -17.37 23.83 85.40
C VAL E 1043 -18.64 24.39 85.99
N VAL E 1044 -19.77 24.13 85.31
CA VAL E 1044 -21.05 24.78 85.58
C VAL E 1044 -21.20 25.30 87.01
N ASP E 1045 -21.09 24.40 87.98
CA ASP E 1045 -21.01 24.80 89.37
C ASP E 1045 -20.06 23.89 90.12
N GLN E 1046 -18.91 23.66 89.50
CA GLN E 1046 -17.81 22.94 90.14
C GLN E 1046 -18.28 21.53 90.50
N ASP E 1047 -19.27 21.07 89.75
CA ASP E 1047 -19.81 19.75 89.94
C ASP E 1047 -18.92 18.72 89.26
N VAL E 1048 -18.13 18.00 90.04
CA VAL E 1048 -17.27 16.95 89.50
C VAL E 1048 -18.11 15.95 88.74
N GLN E 1049 -19.35 15.79 89.20
CA GLN E 1049 -20.25 14.76 88.67
C GLN E 1049 -20.60 15.01 87.19
N ARG E 1050 -20.18 16.17 86.69
CA ARG E 1050 -20.38 16.56 85.31
C ARG E 1050 -19.20 16.21 84.44
N THR E 1051 -18.18 15.61 85.04
CA THR E 1051 -16.84 15.67 84.49
C THR E 1051 -16.20 14.34 84.07
N CYS E 1052 -15.46 14.38 82.97
CA CYS E 1052 -14.66 13.26 82.53
C CYS E 1052 -13.44 13.11 83.43
N ILE E 1053 -13.41 12.05 84.23
CA ILE E 1053 -12.21 11.69 84.95
C ILE E 1053 -11.77 10.31 84.51
N LEU E 1054 -10.41 10.18 83.92
CA LEU E 1054 -9.97 8.88 83.44
C LEU E 1054 -9.36 8.04 84.57
N HIS E 1055 -9.64 6.74 84.57
CA HIS E 1055 -9.16 5.86 85.64
C HIS E 1055 -9.40 4.39 85.28
N GLY E 1056 -8.56 3.50 85.80
CA GLY E 1056 -8.68 2.08 85.54
C GLY E 1056 -9.44 1.36 86.62
N PRO E 1057 -10.21 0.33 86.26
CA PRO E 1057 -11.06 -0.38 87.23
C PRO E 1057 -10.24 -1.19 88.22
N VAL E 1058 -9.13 -1.79 87.78
CA VAL E 1058 -8.33 -2.63 88.66
C VAL E 1058 -7.39 -1.80 89.53
N ALA E 1059 -6.75 -0.79 88.96
CA ALA E 1059 -5.90 0.09 89.76
C ALA E 1059 -6.70 0.98 90.73
N ALA E 1060 -8.02 0.95 90.62
CA ALA E 1060 -8.88 1.86 91.39
C ALA E 1060 -8.90 1.48 92.86
N GLN E 1061 -8.71 0.17 93.08
CA GLN E 1061 -8.79 -0.43 94.40
C GLN E 1061 -7.54 -0.08 95.19
N PHE E 1062 -6.43 0.07 94.50
CA PHE E 1062 -5.17 0.44 95.14
C PHE E 1062 -5.05 1.96 95.29
N THR E 1063 -5.98 2.69 94.68
CA THR E 1063 -5.99 4.15 94.81
C THR E 1063 -6.94 4.63 95.90
N LYS E 1064 -6.32 4.98 97.03
CA LYS E 1064 -7.03 5.26 98.29
C LYS E 1064 -6.49 6.49 99.02
N VAL E 1065 -5.18 6.51 99.26
CA VAL E 1065 -4.58 7.55 100.09
C VAL E 1065 -4.46 8.91 99.41
N ILE E 1066 -5.41 9.79 99.71
CA ILE E 1066 -5.52 11.09 99.05
C ILE E 1066 -4.33 12.01 99.32
N ASP E 1067 -3.99 12.84 98.32
CA ASP E 1067 -2.96 13.87 98.44
C ASP E 1067 -1.61 13.44 98.99
N GLU E 1068 -1.28 12.17 98.80
CA GLU E 1068 0.00 11.62 99.24
C GLU E 1068 1.12 11.98 98.27
N PRO E 1069 2.19 12.61 98.78
CA PRO E 1069 3.34 13.02 97.96
C PRO E 1069 3.85 11.94 97.01
N ILE E 1070 4.07 12.31 95.76
CA ILE E 1070 4.41 11.34 94.73
C ILE E 1070 5.71 10.62 95.10
N LYS E 1071 6.63 11.35 95.73
CA LYS E 1071 7.89 10.75 96.17
C LYS E 1071 7.62 9.55 97.08
N SER E 1072 6.54 9.66 97.84
CA SER E 1072 6.14 8.60 98.77
C SER E 1072 5.59 7.38 98.04
N ILE E 1073 4.68 7.61 97.09
CA ILE E 1073 4.05 6.54 96.33
C ILE E 1073 5.06 5.68 95.57
N MET E 1074 5.97 6.34 94.86
CA MET E 1074 7.02 5.66 94.12
C MET E 1074 7.98 4.94 95.07
N ASP E 1075 8.50 5.68 96.05
CA ASP E 1075 9.39 5.10 97.04
C ASP E 1075 8.70 3.92 97.73
N GLY E 1076 7.45 4.11 98.11
CA GLY E 1076 6.65 3.05 98.72
C GLY E 1076 6.74 1.74 97.96
N ILE E 1077 6.69 1.84 96.64
CA ILE E 1077 6.80 0.68 95.78
C ILE E 1077 8.21 0.11 95.75
N HIS E 1078 9.21 0.95 95.48
CA HIS E 1078 10.57 0.46 95.36
C HIS E 1078 11.05 -0.11 96.68
N ASP E 1079 10.78 0.63 97.75
CA ASP E 1079 11.16 0.24 99.08
C ASP E 1079 10.55 -1.12 99.48
N GLY E 1080 9.26 -1.29 99.16
CA GLY E 1080 8.57 -2.54 99.46
C GLY E 1080 9.10 -3.73 98.66
N HIS E 1081 9.55 -3.47 97.44
CA HIS E 1081 10.12 -4.50 96.60
C HIS E 1081 11.46 -4.93 97.13
N ILE E 1082 12.13 -3.97 97.77
CA ILE E 1082 13.48 -4.14 98.25
C ILE E 1082 13.52 -5.02 99.50
N LYS E 1083 12.48 -4.91 100.35
CA LYS E 1083 12.33 -5.76 101.53
C LYS E 1083 12.03 -7.21 101.14
N LYS E 1084 10.98 -7.39 100.35
CA LYS E 1084 10.58 -8.70 99.87
C LYS E 1084 11.74 -9.43 99.21
N LEU E 1085 12.54 -8.67 98.48
CA LEU E 1085 13.67 -9.20 97.73
C LEU E 1085 14.82 -9.54 98.68
N LEU E 1086 15.04 -8.69 99.68
CA LEU E 1086 16.04 -8.94 100.71
C LEU E 1086 15.73 -10.25 101.44
N HIS E 1087 14.53 -10.33 101.99
CA HIS E 1087 14.06 -11.51 102.70
C HIS E 1087 14.27 -12.79 101.88
N GLN E 1088 13.54 -12.90 100.78
CA GLN E 1088 13.65 -14.08 99.91
C GLN E 1088 15.09 -14.50 99.59
N TYR E 1089 15.86 -13.65 98.91
CA TYR E 1089 17.12 -14.07 98.31
C TYR E 1089 18.38 -13.48 98.93
N TYR E 1090 18.25 -12.85 100.10
CA TYR E 1090 19.40 -12.19 100.71
C TYR E 1090 19.52 -12.44 102.22
N GLY E 1091 18.57 -13.23 102.74
CA GLY E 1091 18.50 -13.51 104.16
C GLY E 1091 18.54 -12.25 105.01
N ASP E 1092 17.78 -11.24 104.59
CA ASP E 1092 17.60 -10.00 105.36
C ASP E 1092 18.91 -9.28 105.77
N ASP E 1093 20.04 -9.83 105.33
CA ASP E 1093 21.34 -9.24 105.56
C ASP E 1093 21.74 -8.30 104.42
N GLU E 1094 21.66 -6.99 104.67
CA GLU E 1094 22.02 -6.02 103.64
C GLU E 1094 23.50 -6.13 103.21
N SER E 1095 24.30 -6.77 104.05
CA SER E 1095 25.72 -6.94 103.76
C SER E 1095 25.88 -7.82 102.52
N LYS E 1096 24.86 -8.63 102.27
CA LYS E 1096 24.90 -9.63 101.21
C LYS E 1096 24.69 -8.99 99.84
N ILE E 1097 24.15 -7.76 99.84
CA ILE E 1097 23.92 -7.02 98.61
C ILE E 1097 25.24 -6.54 98.02
N PRO E 1098 25.59 -7.03 96.82
CA PRO E 1098 26.85 -6.59 96.20
C PRO E 1098 26.78 -5.09 95.99
N ALA E 1099 27.92 -4.45 95.83
CA ALA E 1099 27.93 -3.02 95.62
C ALA E 1099 28.80 -2.59 94.45
N VAL E 1100 28.59 -1.37 93.99
CA VAL E 1100 29.34 -0.82 92.88
C VAL E 1100 29.41 0.71 92.98
N GLU E 1101 30.48 1.29 92.43
CA GLU E 1101 30.70 2.73 92.45
C GLU E 1101 29.43 3.54 92.22
N TYR E 1102 29.01 3.60 90.95
CA TYR E 1102 27.74 4.22 90.54
C TYR E 1102 26.83 3.18 89.89
N PHE E 1103 25.52 3.39 89.95
CA PHE E 1103 24.59 2.42 89.38
C PHE E 1103 23.95 2.85 88.07
N GLY E 1104 24.14 2.04 87.04
CA GLY E 1104 23.47 2.27 85.78
C GLY E 1104 24.40 2.54 84.61
N GLY E 1105 23.85 2.57 83.41
CA GLY E 1105 24.63 2.84 82.22
C GLY E 1105 24.85 1.59 81.39
N GLU E 1106 24.23 0.49 81.81
CA GLU E 1106 24.39 -0.77 81.10
C GLU E 1106 23.32 -0.97 80.05
N SER E 1107 23.75 -1.02 78.78
CA SER E 1107 22.85 -1.29 77.66
C SER E 1107 22.53 -2.77 77.64
N PRO E 1108 21.23 -3.11 77.49
CA PRO E 1108 20.68 -4.47 77.53
C PRO E 1108 21.54 -5.53 76.81
N VAL E 1109 22.17 -5.13 75.71
CA VAL E 1109 23.46 -5.68 75.30
C VAL E 1109 24.25 -4.38 75.30
N ASP E 1123 47.05 -4.71 85.15
CA ASP E 1123 47.52 -3.67 86.08
C ASP E 1123 48.39 -2.53 85.54
N SER E 1124 48.98 -2.77 84.37
CA SER E 1124 49.60 -1.71 83.58
C SER E 1124 50.02 -2.27 82.22
N ALA E 1125 49.47 -1.71 81.15
CA ALA E 1125 49.74 -2.21 79.81
C ALA E 1125 49.70 -1.12 78.75
N VAL E 1126 49.83 -1.55 77.51
CA VAL E 1126 50.01 -0.68 76.36
C VAL E 1126 49.22 -1.20 75.17
N PHE E 1127 48.21 -0.44 74.76
CA PHE E 1127 47.42 -0.81 73.60
C PHE E 1127 47.85 0.06 72.43
N LYS E 1128 48.47 -0.55 71.43
CA LYS E 1128 48.73 0.14 70.18
C LYS E 1128 47.52 -0.05 69.29
N ALA E 1129 47.16 0.98 68.54
CA ALA E 1129 45.93 0.94 67.74
C ALA E 1129 46.17 0.98 66.23
N THR E 1130 45.43 0.15 65.49
CA THR E 1130 45.47 0.18 64.04
C THR E 1130 44.11 0.39 63.41
N SER E 1131 44.10 0.44 62.09
CA SER E 1131 42.89 0.49 61.29
C SER E 1131 41.89 -0.54 61.77
N SER E 1132 42.40 -1.74 62.04
CA SER E 1132 41.56 -2.91 62.24
C SER E 1132 41.02 -3.07 63.66
N THR E 1133 41.47 -2.24 64.61
CA THR E 1133 41.03 -2.44 65.98
C THR E 1133 39.54 -2.18 66.18
N ASP E 1134 38.86 -3.14 66.80
CA ASP E 1134 37.44 -3.04 67.06
C ASP E 1134 37.18 -1.92 68.05
N GLU E 1135 36.31 -0.98 67.69
CA GLU E 1135 36.03 0.14 68.59
C GLU E 1135 35.45 -0.28 69.94
N GLU E 1136 34.49 -1.19 69.91
CA GLU E 1136 33.85 -1.62 71.16
C GLU E 1136 34.84 -2.29 72.09
N SER E 1137 35.64 -3.19 71.53
CA SER E 1137 36.68 -3.89 72.28
C SER E 1137 37.67 -2.91 72.91
N TRP E 1138 38.19 -2.02 72.06
CA TRP E 1138 39.14 -1.00 72.46
C TRP E 1138 38.70 -0.22 73.70
N PHE E 1139 37.48 0.30 73.70
CA PHE E 1139 37.03 1.12 74.81
C PHE E 1139 36.87 0.32 76.10
N LYS E 1140 36.46 -0.94 75.98
CA LYS E 1140 36.32 -1.78 77.16
C LYS E 1140 37.67 -1.90 77.87
N ALA E 1141 38.74 -1.99 77.08
CA ALA E 1141 40.09 -2.06 77.62
C ALA E 1141 40.44 -0.79 78.40
N LEU E 1142 40.37 0.36 77.72
CA LEU E 1142 40.69 1.61 78.37
C LEU E 1142 39.71 1.87 79.51
N ALA E 1143 38.54 1.25 79.43
CA ALA E 1143 37.50 1.47 80.43
C ALA E 1143 37.89 0.87 81.77
N GLY E 1144 38.52 -0.30 81.74
CA GLY E 1144 38.79 -1.03 82.95
C GLY E 1144 37.61 -1.90 83.30
N SER E 1145 37.83 -2.90 84.15
CA SER E 1145 36.75 -3.79 84.55
C SER E 1145 36.06 -3.30 85.82
N GLU E 1146 36.83 -2.74 86.73
CA GLU E 1146 36.29 -2.18 87.95
C GLU E 1146 35.42 -0.98 87.56
N ILE E 1147 34.28 -0.84 88.23
CA ILE E 1147 33.40 0.30 88.00
C ILE E 1147 33.82 1.51 88.81
N ASN E 1148 34.38 2.51 88.13
CA ASN E 1148 34.94 3.70 88.77
C ASN E 1148 34.99 4.88 87.81
N TRP E 1149 35.68 5.94 88.19
CA TRP E 1149 35.80 7.10 87.32
C TRP E 1149 36.33 6.77 85.90
N ARG E 1150 37.26 5.83 85.80
CA ARG E 1150 37.89 5.52 84.52
C ARG E 1150 36.96 4.68 83.65
N HIS E 1151 36.14 3.88 84.31
CA HIS E 1151 35.11 3.07 83.63
C HIS E 1151 34.14 4.00 82.91
N ALA E 1152 33.61 4.97 83.66
CA ALA E 1152 32.66 5.94 83.13
C ALA E 1152 33.30 6.82 82.07
N SER E 1153 34.58 7.14 82.24
CA SER E 1153 35.23 8.05 81.33
C SER E 1153 35.35 7.47 79.92
N PHE E 1154 35.20 6.15 79.81
CA PHE E 1154 35.39 5.52 78.51
C PHE E 1154 34.13 4.84 77.97
N LEU E 1155 33.12 4.72 78.82
CA LEU E 1155 31.89 4.02 78.44
C LEU E 1155 30.61 4.85 78.57
N CYS E 1156 30.58 5.81 79.47
CA CYS E 1156 29.40 6.68 79.61
C CYS E 1156 29.27 7.54 78.34
N SER E 1157 28.18 7.34 77.59
CA SER E 1157 28.01 7.92 76.25
C SER E 1157 27.94 9.43 76.24
N PHE E 1158 27.52 9.99 77.37
CA PHE E 1158 27.23 11.42 77.48
C PHE E 1158 27.82 12.11 78.71
N ILE E 1159 28.20 13.36 78.48
CA ILE E 1159 28.75 14.26 79.49
C ILE E 1159 27.67 15.27 79.83
N THR E 1160 27.86 16.03 80.91
CA THR E 1160 26.89 17.07 81.24
C THR E 1160 27.53 18.45 81.23
N GLN E 1161 26.77 19.43 80.74
CA GLN E 1161 27.18 20.82 80.78
C GLN E 1161 25.97 21.66 81.14
N ASP E 1162 25.76 21.93 82.42
CA ASP E 1162 24.69 22.84 82.84
C ASP E 1162 23.33 22.33 82.39
N LYS E 1163 23.00 21.11 82.81
CA LYS E 1163 21.70 20.53 82.48
C LYS E 1163 21.65 19.99 81.05
N MET E 1164 22.54 20.47 80.19
CA MET E 1164 22.64 20.00 78.81
C MET E 1164 23.52 18.76 78.67
N PHE E 1165 23.17 17.89 77.73
CA PHE E 1165 23.93 16.64 77.52
C PHE E 1165 24.73 16.64 76.23
N VAL E 1166 26.05 16.59 76.36
CA VAL E 1166 26.95 16.54 75.20
C VAL E 1166 27.40 15.12 74.98
N SER E 1167 27.90 14.83 73.79
CA SER E 1167 28.55 13.55 73.56
C SER E 1167 29.85 13.56 74.35
N ASN E 1168 30.21 12.39 74.88
CA ASN E 1168 31.40 12.21 75.72
C ASN E 1168 32.72 12.54 75.02
N PRO E 1169 33.39 13.59 75.48
CA PRO E 1169 34.60 14.11 74.83
C PRO E 1169 35.77 13.15 74.99
N ILE E 1170 35.88 12.54 76.16
CA ILE E 1170 36.96 11.58 76.40
C ILE E 1170 36.83 10.47 75.38
N ARG E 1171 35.65 9.85 75.32
CA ARG E 1171 35.37 8.77 74.39
C ARG E 1171 35.80 9.24 72.99
N LYS E 1172 35.40 10.46 72.64
CA LYS E 1172 35.73 11.08 71.35
C LYS E 1172 37.23 11.10 71.04
N VAL E 1173 38.00 11.64 71.97
CA VAL E 1173 39.42 11.90 71.76
C VAL E 1173 40.24 10.61 71.68
N PHE E 1174 39.72 9.54 72.25
CA PHE E 1174 40.43 8.26 72.28
C PHE E 1174 40.01 7.30 71.17
N LYS E 1175 39.04 7.71 70.38
CA LYS E 1175 38.63 6.92 69.22
C LYS E 1175 39.83 6.43 68.41
N PRO E 1176 39.92 5.11 68.21
CA PRO E 1176 41.04 4.40 67.57
C PRO E 1176 41.45 5.04 66.26
N SER E 1177 42.60 4.60 65.75
CA SER E 1177 43.19 5.12 64.53
C SER E 1177 44.68 4.78 64.51
N GLN E 1178 45.16 4.37 63.35
CA GLN E 1178 46.56 3.98 63.17
C GLN E 1178 47.51 5.00 63.75
N GLY E 1179 48.41 4.55 64.62
CA GLY E 1179 49.43 5.43 65.17
C GLY E 1179 49.27 5.81 66.63
N MET E 1180 48.05 5.93 67.11
CA MET E 1180 47.88 6.31 68.51
C MET E 1180 48.19 5.13 69.41
N VAL E 1181 48.76 5.43 70.58
CA VAL E 1181 49.18 4.42 71.56
C VAL E 1181 48.83 4.82 72.99
N VAL E 1182 48.06 3.99 73.67
CA VAL E 1182 47.59 4.29 75.00
C VAL E 1182 48.30 3.43 76.03
N GLU E 1183 48.85 4.08 77.05
CA GLU E 1183 49.58 3.41 78.12
C GLU E 1183 48.89 3.64 79.46
N ILE E 1184 48.18 2.64 79.96
CA ILE E 1184 47.59 2.78 81.28
C ILE E 1184 48.59 2.34 82.31
N SER E 1185 48.86 3.21 83.27
CA SER E 1185 49.78 2.88 84.33
C SER E 1185 49.04 2.87 85.66
N ASN E 1186 49.37 1.88 86.48
CA ASN E 1186 48.77 1.77 87.80
C ASN E 1186 47.27 1.55 87.67
N GLY E 1187 46.90 0.63 86.79
CA GLY E 1187 45.51 0.41 86.47
C GLY E 1187 44.69 -0.22 87.57
N ASN E 1188 45.32 -1.05 88.39
CA ASN E 1188 44.56 -1.84 89.34
C ASN E 1188 44.12 -1.09 90.59
N THR E 1189 44.83 -0.02 90.95
CA THR E 1189 44.36 0.84 92.02
C THR E 1189 43.71 2.08 91.43
N SER E 1190 42.44 2.27 91.78
CA SER E 1190 41.62 3.32 91.18
C SER E 1190 42.22 4.73 91.31
N SER E 1191 42.35 5.20 92.54
CA SER E 1191 42.73 6.60 92.80
C SER E 1191 44.05 7.09 92.16
N LYS E 1192 44.92 6.16 91.79
CA LYS E 1192 46.22 6.53 91.24
C LYS E 1192 46.37 6.29 89.73
N THR E 1193 45.35 5.74 89.08
CA THR E 1193 45.50 5.37 87.66
C THR E 1193 45.76 6.57 86.76
N VAL E 1194 46.55 6.34 85.71
CA VAL E 1194 46.90 7.41 84.77
C VAL E 1194 47.06 6.87 83.36
N VAL E 1195 46.00 6.98 82.57
CA VAL E 1195 46.06 6.56 81.19
C VAL E 1195 46.68 7.69 80.38
N THR E 1196 47.53 7.31 79.43
CA THR E 1196 48.29 8.30 78.67
C THR E 1196 48.38 7.98 77.19
N LEU E 1197 47.88 8.92 76.38
CA LEU E 1197 47.83 8.77 74.93
C LEU E 1197 49.03 9.40 74.29
N SER E 1198 49.73 8.66 73.45
CA SER E 1198 50.89 9.19 72.74
C SER E 1198 50.79 8.92 71.25
N GLU E 1199 50.79 9.99 70.45
CA GLU E 1199 50.65 9.90 69.00
C GLU E 1199 51.88 10.44 68.30
N PRO E 1200 52.05 10.09 67.01
CA PRO E 1200 53.15 10.58 66.17
C PRO E 1200 53.04 12.08 65.87
N VAL E 1201 53.93 12.87 66.43
CA VAL E 1201 53.91 14.31 66.28
C VAL E 1201 55.19 14.79 65.61
N GLN E 1202 55.06 15.24 64.36
CA GLN E 1202 56.24 15.62 63.57
C GLN E 1202 57.25 14.49 63.52
N GLY E 1203 56.79 13.29 63.19
CA GLY E 1203 57.66 12.14 63.03
C GLY E 1203 57.77 11.26 64.26
N GLU E 1204 58.29 11.85 65.35
CA GLU E 1204 58.53 11.08 66.56
C GLU E 1204 57.31 11.08 67.47
N LEU E 1205 57.16 10.01 68.24
CA LEU E 1205 56.04 9.85 69.17
C LEU E 1205 56.12 10.79 70.39
N LYS E 1206 54.97 11.20 70.90
CA LYS E 1206 54.90 12.15 72.00
C LYS E 1206 53.53 12.13 72.69
N PRO E 1207 53.50 12.51 73.98
CA PRO E 1207 52.24 12.58 74.74
C PRO E 1207 51.34 13.69 74.23
N THR E 1208 50.09 13.32 73.93
CA THR E 1208 49.09 14.24 73.45
C THR E 1208 48.00 14.43 74.50
N VAL E 1209 47.65 13.35 75.20
CA VAL E 1209 46.60 13.38 76.22
C VAL E 1209 46.93 12.62 77.51
N ILE E 1210 46.54 13.19 78.65
CA ILE E 1210 46.86 12.64 79.96
C ILE E 1210 45.63 12.64 80.85
N LEU E 1211 45.15 11.44 81.17
CA LEU E 1211 43.89 11.28 81.89
C LEU E 1211 44.10 10.69 83.28
N LYS E 1212 43.70 11.43 84.31
CA LYS E 1212 43.89 10.99 85.69
C LYS E 1212 42.87 11.63 86.60
N LEU E 1213 42.90 11.28 87.88
CA LEU E 1213 42.05 11.94 88.85
C LEU E 1213 42.77 13.06 89.57
N LEU E 1214 42.02 13.95 90.21
CA LEU E 1214 42.59 14.99 91.06
C LEU E 1214 41.86 14.98 92.38
N LYS E 1215 42.20 15.93 93.25
CA LYS E 1215 41.54 16.06 94.53
C LYS E 1215 40.03 16.18 94.36
N GLU E 1216 39.29 15.65 95.32
CA GLU E 1216 37.86 15.90 95.43
C GLU E 1216 37.07 15.47 94.19
N ASN E 1217 37.41 14.31 93.64
CA ASN E 1217 36.65 13.72 92.55
C ASN E 1217 36.54 14.67 91.35
N ILE E 1218 37.67 14.86 90.69
CA ILE E 1218 37.69 15.71 89.52
C ILE E 1218 38.56 15.05 88.48
N ILE E 1219 37.93 14.50 87.46
CA ILE E 1219 38.66 13.92 86.34
C ILE E 1219 39.38 15.02 85.62
N GLN E 1220 40.61 14.77 85.20
CA GLN E 1220 41.31 15.75 84.39
C GLN E 1220 41.86 15.18 83.10
N MET E 1221 41.50 15.83 82.00
CA MET E 1221 42.00 15.46 80.70
C MET E 1221 42.96 16.53 80.27
N GLU E 1222 44.26 16.26 80.46
CA GLU E 1222 45.32 17.13 80.00
C GLU E 1222 45.43 16.99 78.49
N MET E 1223 45.05 18.05 77.77
CA MET E 1223 45.06 18.06 76.32
C MET E 1223 46.29 18.85 75.85
N ILE E 1224 47.26 18.13 75.26
CA ILE E 1224 48.58 18.68 75.02
C ILE E 1224 48.87 19.01 73.56
N GLU E 1225 49.38 20.21 73.33
CA GLU E 1225 49.83 20.63 72.00
C GLU E 1225 51.34 20.72 71.97
N ASN E 1226 51.97 19.89 71.15
CA ASN E 1226 53.42 19.83 71.10
C ASN E 1226 54.09 20.87 70.20
N ARG E 1227 53.41 21.27 69.13
CA ARG E 1227 53.94 22.30 68.23
C ARG E 1227 53.66 23.68 68.81
N THR E 1228 54.65 24.28 69.45
CA THR E 1228 54.42 25.55 70.11
C THR E 1228 55.37 26.63 69.59
N MET E 1229 55.41 27.76 70.31
CA MET E 1229 56.27 28.88 69.94
C MET E 1229 57.75 28.67 70.29
N ASP E 1230 58.02 27.93 71.37
CA ASP E 1230 59.37 27.76 71.87
C ASP E 1230 59.81 26.29 72.01
N GLY E 1231 59.02 25.38 71.47
CA GLY E 1231 59.33 23.96 71.57
C GLY E 1231 58.88 23.34 72.88
N LYS E 1232 58.61 24.18 73.87
CA LYS E 1232 58.13 23.71 75.15
C LYS E 1232 56.61 23.55 75.18
N PRO E 1233 56.15 22.29 75.12
CA PRO E 1233 54.75 21.88 75.06
C PRO E 1233 53.82 22.68 75.96
N VAL E 1234 52.66 23.06 75.42
CA VAL E 1234 51.61 23.73 76.17
C VAL E 1234 50.44 22.78 76.45
N SER E 1235 49.62 23.13 77.41
CA SER E 1235 48.57 22.19 77.83
C SER E 1235 47.24 22.86 78.23
N LEU E 1236 46.13 22.25 77.79
CA LEU E 1236 44.79 22.70 78.18
C LEU E 1236 44.20 21.75 79.19
N PRO E 1237 43.95 22.25 80.41
CA PRO E 1237 43.39 21.48 81.53
C PRO E 1237 41.86 21.38 81.45
N LEU E 1238 41.34 20.25 80.98
CA LEU E 1238 39.91 20.05 80.92
C LEU E 1238 39.41 19.32 82.15
N LEU E 1239 38.51 19.93 82.89
CA LEU E 1239 38.12 19.39 84.19
C LEU E 1239 36.69 18.90 84.23
N TYR E 1240 36.51 17.70 84.78
CA TYR E 1240 35.22 17.01 84.84
C TYR E 1240 34.87 16.46 86.23
N ASN E 1241 33.73 16.88 86.76
CA ASN E 1241 33.19 16.36 88.01
C ASN E 1241 32.67 14.92 87.91
N PHE E 1242 33.38 13.98 88.52
CA PHE E 1242 32.86 12.62 88.65
C PHE E 1242 32.01 12.49 89.91
N ASN E 1243 30.87 11.84 89.78
CA ASN E 1243 29.86 11.80 90.84
C ASN E 1243 29.06 10.52 90.74
N PRO E 1244 29.39 9.52 91.58
CA PRO E 1244 28.81 8.18 91.51
C PRO E 1244 27.35 8.13 91.97
N ASP E 1245 26.83 9.25 92.48
CA ASP E 1245 25.43 9.30 92.91
C ASP E 1245 24.44 9.47 91.75
N ASN E 1246 24.94 9.91 90.60
CA ASN E 1246 24.16 9.93 89.37
C ASN E 1246 24.65 8.86 88.41
N GLY E 1247 24.16 7.64 88.61
CA GLY E 1247 24.60 6.51 87.83
C GLY E 1247 24.53 6.73 86.33
N PHE E 1248 23.59 7.57 85.91
CA PHE E 1248 23.34 7.72 84.48
C PHE E 1248 24.24 8.73 83.80
N ALA E 1249 24.60 9.79 84.53
CA ALA E 1249 25.50 10.81 84.01
C ALA E 1249 26.51 11.21 85.07
N PRO E 1250 27.41 10.28 85.43
CA PRO E 1250 28.41 10.50 86.47
C PRO E 1250 29.31 11.68 86.16
N ILE E 1251 29.76 11.77 84.90
CA ILE E 1251 30.73 12.79 84.51
C ILE E 1251 30.06 14.06 83.98
N SER E 1252 30.33 15.17 84.65
CA SER E 1252 29.89 16.48 84.20
C SER E 1252 31.11 17.40 84.15
N GLU E 1253 31.09 18.37 83.24
CA GLU E 1253 32.25 19.24 83.06
C GLU E 1253 32.23 20.45 83.97
N VAL E 1254 33.39 20.75 84.56
CA VAL E 1254 33.56 21.98 85.33
C VAL E 1254 33.54 23.16 84.38
N MET E 1255 32.47 23.95 84.46
CA MET E 1255 32.21 24.98 83.47
C MET E 1255 32.80 26.31 83.84
N GLU E 1256 32.80 26.59 85.13
CA GLU E 1256 33.32 27.84 85.63
C GLU E 1256 34.77 28.03 85.18
N ASP E 1257 34.70 29.06 84.01
CA ASP E 1257 36.05 29.38 83.57
C ASP E 1257 36.58 28.48 82.47
N ARG E 1258 35.69 27.78 81.76
CA ARG E 1258 36.11 26.90 80.69
C ARG E 1258 36.66 27.67 79.50
N ASN E 1259 35.98 28.76 79.16
CA ASN E 1259 36.43 29.59 78.04
C ASN E 1259 37.78 30.20 78.34
N GLN E 1260 37.96 30.61 79.60
CA GLN E 1260 39.21 31.21 80.04
C GLN E 1260 40.43 30.28 79.88
N ARG E 1261 40.26 29.00 80.20
CA ARG E 1261 41.36 28.05 80.08
C ARG E 1261 41.74 27.87 78.61
N ILE E 1262 40.74 27.79 77.74
CA ILE E 1262 40.97 27.61 76.32
C ILE E 1262 41.65 28.84 75.72
N LYS E 1263 41.19 30.01 76.13
CA LYS E 1263 41.81 31.28 75.75
C LYS E 1263 43.26 31.36 76.20
N GLU E 1264 43.55 30.89 77.41
CA GLU E 1264 44.90 31.00 77.94
C GLU E 1264 45.90 30.21 77.10
N MET E 1265 45.47 29.07 76.56
CA MET E 1265 46.35 28.22 75.80
C MET E 1265 46.55 28.75 74.38
N TYR E 1266 45.51 29.38 73.86
CA TYR E 1266 45.61 29.98 72.55
C TYR E 1266 46.54 31.18 72.63
N TRP E 1267 46.47 31.89 73.76
CA TRP E 1267 47.31 33.06 73.98
C TRP E 1267 48.79 32.71 73.92
N LYS E 1268 49.16 31.62 74.58
CA LYS E 1268 50.55 31.19 74.63
C LYS E 1268 51.06 30.80 73.24
N LEU E 1269 50.14 30.40 72.37
CA LEU E 1269 50.50 29.97 71.02
C LEU E 1269 50.52 31.13 70.01
N TRP E 1270 49.69 32.14 70.23
CA TRP E 1270 49.58 33.25 69.28
C TRP E 1270 50.31 34.51 69.71
N ILE E 1271 50.21 34.83 71.00
CA ILE E 1271 50.63 36.12 71.51
C ILE E 1271 51.95 36.07 72.27
N ASP E 1272 52.92 36.87 71.82
CA ASP E 1272 54.16 37.03 72.57
C ASP E 1272 54.02 38.21 73.50
N GLU E 1273 53.19 38.04 74.52
CA GLU E 1273 52.96 39.06 75.52
C GLU E 1273 52.47 38.35 76.78
N PRO E 1274 52.24 39.11 77.86
CA PRO E 1274 51.69 38.55 79.09
C PRO E 1274 50.18 38.35 78.96
N PHE E 1275 49.67 37.25 79.52
CA PHE E 1275 48.25 36.92 79.46
C PHE E 1275 47.38 37.91 80.23
N ASN E 1276 46.94 38.96 79.54
CA ASN E 1276 46.00 39.91 80.14
C ASN E 1276 44.74 40.06 79.29
N LEU E 1277 43.63 39.52 79.78
CA LEU E 1277 42.37 39.59 79.06
C LEU E 1277 41.52 40.75 79.55
N ASP E 1278 42.15 41.90 79.77
CA ASP E 1278 41.44 43.05 80.30
C ASP E 1278 41.53 44.25 79.35
N PHE E 1279 41.25 44.01 78.07
CA PHE E 1279 41.22 45.08 77.10
C PHE E 1279 39.81 45.64 76.97
N ASP E 1280 39.72 46.90 76.59
CA ASP E 1280 38.44 47.47 76.16
C ASP E 1280 38.32 47.23 74.67
N PRO E 1281 37.33 46.43 74.26
CA PRO E 1281 37.15 46.06 72.86
C PRO E 1281 37.18 47.28 71.93
N ARG E 1282 36.90 48.45 72.50
CA ARG E 1282 36.88 49.67 71.70
C ARG E 1282 38.24 50.35 71.60
N ASP E 1283 39.25 49.83 72.30
CA ASP E 1283 40.56 50.46 72.24
C ASP E 1283 41.40 49.95 71.06
N VAL E 1284 42.16 50.84 70.45
CA VAL E 1284 43.06 50.45 69.38
C VAL E 1284 44.12 49.49 69.88
N ILE E 1285 44.40 48.47 69.10
CA ILE E 1285 45.44 47.52 69.45
C ILE E 1285 46.67 47.82 68.63
N LYS E 1286 47.76 48.21 69.29
CA LYS E 1286 49.01 48.41 68.56
C LYS E 1286 49.75 47.09 68.44
N GLY E 1287 50.40 46.91 67.29
CA GLY E 1287 51.00 45.65 66.95
C GLY E 1287 52.43 45.64 67.41
N LYS E 1288 53.32 45.24 66.52
CA LYS E 1288 54.75 45.39 66.74
C LYS E 1288 55.34 45.85 65.44
N ASP E 1289 56.48 46.54 65.51
CA ASP E 1289 57.17 46.84 64.29
C ASP E 1289 57.69 45.52 63.72
N PHE E 1290 57.92 45.50 62.42
CA PHE E 1290 58.19 44.24 61.73
C PHE E 1290 59.03 44.49 60.50
N GLU E 1291 60.27 44.01 60.52
CA GLU E 1291 61.13 44.11 59.35
C GLU E 1291 60.97 42.85 58.52
N ILE E 1292 60.74 43.04 57.22
CA ILE E 1292 60.49 41.93 56.34
C ILE E 1292 61.82 41.35 55.87
N THR E 1293 62.25 40.23 56.44
CA THR E 1293 63.50 39.61 55.98
C THR E 1293 63.34 38.97 54.60
N ALA E 1294 64.44 38.91 53.86
CA ALA E 1294 64.41 38.32 52.53
C ALA E 1294 63.91 36.90 52.60
N LYS E 1295 64.16 36.24 53.72
CA LYS E 1295 63.93 34.82 53.84
C LYS E 1295 62.55 34.48 54.38
N GLU E 1296 61.97 35.41 55.15
CA GLU E 1296 60.60 35.24 55.61
C GLU E 1296 59.70 35.20 54.40
N VAL E 1297 60.08 35.96 53.39
CA VAL E 1297 59.37 35.98 52.11
C VAL E 1297 59.54 34.67 51.32
N TYR E 1298 60.78 34.19 51.19
CA TYR E 1298 61.03 32.91 50.54
C TYR E 1298 60.14 31.81 51.14
N ASP E 1299 60.07 31.82 52.47
CA ASP E 1299 59.34 30.81 53.24
C ASP E 1299 57.85 30.91 53.01
N PHE E 1300 57.33 32.13 53.04
CA PHE E 1300 55.91 32.34 52.84
C PHE E 1300 55.47 32.00 51.42
N THR E 1301 56.13 32.57 50.42
CA THR E 1301 55.79 32.27 49.03
C THR E 1301 55.80 30.77 48.79
N HIS E 1302 56.82 30.08 49.29
CA HIS E 1302 56.92 28.63 49.08
C HIS E 1302 55.89 27.84 49.87
N ALA E 1303 55.43 28.43 50.98
CA ALA E 1303 54.43 27.78 51.83
C ALA E 1303 53.06 27.73 51.15
N VAL E 1304 52.67 28.84 50.55
CA VAL E 1304 51.38 28.93 49.87
C VAL E 1304 51.48 28.54 48.41
N GLY E 1305 52.71 28.45 47.90
CA GLY E 1305 52.95 28.06 46.52
C GLY E 1305 52.76 29.19 45.53
N ASN E 1306 53.41 30.32 45.79
CA ASN E 1306 53.32 31.47 44.91
C ASN E 1306 54.65 31.71 44.18
N ASN E 1307 54.76 31.19 42.97
CA ASN E 1307 56.00 31.29 42.19
C ASN E 1307 56.05 32.53 41.29
N CYS E 1308 55.62 33.67 41.82
CA CYS E 1308 55.71 34.92 41.08
C CYS E 1308 57.12 35.47 41.16
N GLU E 1309 57.65 35.90 40.01
CA GLU E 1309 59.03 36.36 39.94
C GLU E 1309 59.28 37.64 40.73
N ASP E 1310 58.22 38.34 41.09
CA ASP E 1310 58.31 39.59 41.83
C ASP E 1310 58.74 39.34 43.26
N PHE E 1311 58.71 38.07 43.68
CA PHE E 1311 59.00 37.71 45.07
C PHE E 1311 60.26 36.87 45.19
N VAL E 1312 60.78 36.46 44.02
CA VAL E 1312 62.00 35.67 43.95
C VAL E 1312 63.19 36.58 43.76
N SER E 1313 64.22 36.39 44.59
CA SER E 1313 65.43 37.18 44.48
C SER E 1313 66.04 37.04 43.09
N ARG E 1314 66.03 38.14 42.35
CA ARG E 1314 66.72 38.19 41.06
C ARG E 1314 67.74 39.32 41.09
N PRO E 1315 68.89 39.12 40.40
CA PRO E 1315 69.98 40.09 40.25
C PRO E 1315 69.50 41.43 39.73
N ASP E 1316 69.80 42.50 40.47
CA ASP E 1316 69.50 43.87 40.06
C ASP E 1316 68.00 44.21 40.15
N ARG E 1317 67.37 43.78 41.25
CA ARG E 1317 65.97 44.00 41.54
C ARG E 1317 65.78 43.79 43.02
N THR E 1318 65.02 44.65 43.69
CA THR E 1318 64.70 44.44 45.10
C THR E 1318 63.53 43.48 45.23
N MET E 1319 63.58 42.62 46.23
CA MET E 1319 62.52 41.64 46.42
C MET E 1319 61.24 42.27 46.95
N LEU E 1320 60.12 41.88 46.35
CA LEU E 1320 58.83 42.37 46.73
C LEU E 1320 58.14 41.33 47.63
N ALA E 1321 57.29 41.78 48.55
CA ALA E 1321 56.52 40.88 49.39
C ALA E 1321 55.05 40.83 48.95
N PRO E 1322 54.46 39.64 48.90
CA PRO E 1322 53.08 39.38 48.47
C PRO E 1322 52.10 40.11 49.37
N MET E 1323 51.02 40.67 48.83
CA MET E 1323 50.06 41.36 49.68
C MET E 1323 49.53 40.39 50.73
N ASP E 1324 49.57 39.10 50.41
CA ASP E 1324 49.24 38.03 51.37
C ASP E 1324 50.05 38.13 52.66
N PHE E 1325 51.28 38.61 52.53
CA PHE E 1325 52.21 38.69 53.64
C PHE E 1325 51.71 39.65 54.72
N ALA E 1326 50.74 40.50 54.38
CA ALA E 1326 50.15 41.41 55.36
C ALA E 1326 49.65 40.66 56.58
N ILE E 1327 49.09 39.47 56.35
CA ILE E 1327 48.51 38.67 57.42
C ILE E 1327 49.57 38.15 58.39
N VAL E 1328 50.75 37.90 57.86
CA VAL E 1328 51.87 37.45 58.69
C VAL E 1328 52.27 38.56 59.65
N VAL E 1329 52.24 39.80 59.16
CA VAL E 1329 52.58 40.97 59.96
C VAL E 1329 51.48 41.31 60.98
N GLY E 1330 50.24 41.41 60.52
CA GLY E 1330 49.15 41.85 61.39
C GLY E 1330 48.48 40.77 62.23
N TRP E 1331 48.83 39.51 62.01
CA TRP E 1331 48.10 38.42 62.65
C TRP E 1331 47.95 38.58 64.16
N ARG E 1332 49.02 39.02 64.82
CA ARG E 1332 49.03 39.10 66.28
C ARG E 1332 48.23 40.29 66.78
N ALA E 1333 48.30 41.39 66.04
CA ALA E 1333 47.54 42.59 66.39
C ALA E 1333 46.05 42.35 66.18
N ILE E 1334 45.71 41.66 65.10
CA ILE E 1334 44.31 41.39 64.77
C ILE E 1334 43.68 40.37 65.71
N ILE E 1335 44.28 39.19 65.79
CA ILE E 1335 43.72 38.10 66.58
C ILE E 1335 43.49 38.50 68.05
N LYS E 1336 44.35 39.38 68.57
CA LYS E 1336 44.21 39.87 69.94
C LYS E 1336 42.79 40.44 70.17
N ALA E 1337 42.17 40.93 69.10
CA ALA E 1337 40.91 41.65 69.18
C ALA E 1337 39.70 40.80 69.59
N ILE E 1338 39.83 39.48 69.48
CA ILE E 1338 38.72 38.60 69.85
C ILE E 1338 38.90 38.03 71.23
N PHE E 1339 39.87 38.59 71.98
CA PHE E 1339 40.26 38.03 73.28
C PHE E 1339 39.67 38.63 74.56
N PRO E 1340 39.45 39.97 74.61
CA PRO E 1340 38.96 40.62 75.83
C PRO E 1340 37.82 39.87 76.52
N ASN E 1341 37.65 40.10 77.81
CA ASN E 1341 36.62 39.43 78.60
C ASN E 1341 35.22 39.83 78.19
N THR E 1342 35.06 41.08 77.76
CA THR E 1342 33.77 41.58 77.31
C THR E 1342 33.33 40.89 76.02
N VAL E 1343 34.28 40.23 75.35
CA VAL E 1343 33.97 39.42 74.18
C VAL E 1343 34.26 37.95 74.48
N ASP E 1344 33.51 37.41 75.44
CA ASP E 1344 33.70 36.04 75.90
C ASP E 1344 33.27 35.02 74.84
N GLY E 1345 34.24 34.26 74.34
CA GLY E 1345 33.96 33.25 73.34
C GLY E 1345 34.75 31.98 73.56
N ASP E 1346 34.29 30.88 72.98
CA ASP E 1346 34.96 29.59 73.12
C ASP E 1346 35.91 29.48 71.93
N LEU E 1347 37.19 29.74 72.17
CA LEU E 1347 38.14 29.88 71.08
C LEU E 1347 38.28 28.59 70.26
N LEU E 1348 37.77 27.49 70.80
CA LEU E 1348 37.87 26.18 70.15
C LEU E 1348 36.75 26.00 69.13
N LYS E 1349 35.71 26.84 69.25
CA LYS E 1349 34.60 26.91 68.29
C LYS E 1349 34.70 28.17 67.42
N LEU E 1350 35.86 28.81 67.42
CA LEU E 1350 36.07 30.00 66.60
C LEU E 1350 35.98 29.68 65.12
N VAL E 1351 35.40 30.59 64.36
CA VAL E 1351 35.31 30.41 62.92
C VAL E 1351 35.63 31.66 62.10
N HIS E 1352 36.40 31.45 61.03
CA HIS E 1352 36.85 32.52 60.18
C HIS E 1352 35.87 32.62 59.04
N LEU E 1353 35.33 33.81 58.86
CA LEU E 1353 34.31 34.01 57.86
C LEU E 1353 34.98 34.52 56.61
N SER E 1354 35.75 35.59 56.79
CA SER E 1354 36.30 36.30 55.67
C SER E 1354 37.57 37.01 56.06
N ASN E 1355 38.32 37.39 55.04
CA ASN E 1355 39.50 38.21 55.21
C ASN E 1355 39.84 38.80 53.87
N GLY E 1356 40.10 40.11 53.87
CA GLY E 1356 40.54 40.79 52.66
C GLY E 1356 41.64 41.81 52.89
N TYR E 1357 42.33 42.16 51.81
CA TYR E 1357 43.32 43.22 51.84
C TYR E 1357 42.96 44.32 50.86
N LYS E 1358 43.04 45.57 51.30
CA LYS E 1358 42.77 46.73 50.45
C LYS E 1358 43.99 47.64 50.48
N MET E 1359 44.57 47.93 49.33
CA MET E 1359 45.70 48.84 49.26
C MET E 1359 45.23 50.29 49.24
N ILE E 1360 45.77 51.12 50.12
CA ILE E 1360 45.40 52.53 50.09
C ILE E 1360 46.09 53.11 48.86
N PRO E 1361 45.34 53.90 48.08
CA PRO E 1361 45.79 54.41 46.80
C PRO E 1361 47.11 55.13 46.93
N GLY E 1362 48.00 54.94 45.95
CA GLY E 1362 49.28 55.61 45.96
C GLY E 1362 50.37 54.85 46.69
N ALA E 1363 49.96 53.93 47.54
CA ALA E 1363 50.92 53.14 48.30
C ALA E 1363 51.56 52.05 47.46
N LYS E 1364 52.88 52.02 47.42
CA LYS E 1364 53.58 50.93 46.74
C LYS E 1364 53.48 49.64 47.58
N PRO E 1365 53.61 48.46 46.94
CA PRO E 1365 53.52 47.16 47.62
C PRO E 1365 54.61 46.94 48.68
N LEU E 1366 54.39 45.95 49.53
CA LEU E 1366 55.36 45.65 50.56
C LEU E 1366 56.67 45.19 49.91
N GLN E 1367 57.78 45.62 50.49
CA GLN E 1367 59.10 45.23 50.01
C GLN E 1367 59.88 44.45 51.04
N VAL E 1368 61.00 43.90 50.61
CA VAL E 1368 61.85 43.16 51.50
C VAL E 1368 62.52 44.09 52.51
N GLY E 1369 62.80 45.33 52.12
CA GLY E 1369 63.41 46.26 53.04
C GLY E 1369 62.52 46.73 54.18
N ASP E 1370 61.24 46.91 53.88
CA ASP E 1370 60.33 47.69 54.72
C ASP E 1370 60.24 47.29 56.19
N VAL E 1371 60.06 48.28 57.05
CA VAL E 1371 59.68 48.10 58.44
C VAL E 1371 58.22 48.53 58.56
N VAL E 1372 57.41 47.70 59.19
CA VAL E 1372 55.95 47.89 59.14
C VAL E 1372 55.31 47.94 60.53
N SER E 1373 54.64 49.06 60.80
CA SER E 1373 53.85 49.19 62.02
C SER E 1373 52.43 48.74 61.76
N THR E 1374 51.87 47.96 62.68
CA THR E 1374 50.53 47.44 62.49
C THR E 1374 49.57 47.88 63.61
N THR E 1375 48.36 48.22 63.21
CA THR E 1375 47.33 48.72 64.11
C THR E 1375 46.01 48.04 63.82
N ALA E 1376 45.48 47.32 64.81
CA ALA E 1376 44.25 46.56 64.62
C ALA E 1376 43.08 47.14 65.42
N VAL E 1377 42.17 47.81 64.72
CA VAL E 1377 40.96 48.31 65.34
C VAL E 1377 39.83 47.33 65.09
N ILE E 1378 39.06 47.05 66.13
CA ILE E 1378 37.93 46.12 66.02
C ILE E 1378 36.64 46.90 65.77
N GLU E 1379 36.18 46.86 64.52
CA GLU E 1379 35.07 47.69 64.06
C GLU E 1379 33.74 47.32 64.70
N SER E 1380 33.21 46.15 64.35
CA SER E 1380 31.89 45.76 64.81
C SER E 1380 31.87 44.41 65.52
N VAL E 1381 31.24 44.39 66.70
CA VAL E 1381 31.04 43.16 67.44
C VAL E 1381 29.58 43.05 67.71
N VAL E 1382 28.91 42.10 67.08
CA VAL E 1382 27.47 41.99 67.22
C VAL E 1382 27.01 40.60 67.60
N ASN E 1383 26.04 40.55 68.51
CA ASN E 1383 25.41 39.30 68.86
C ASN E 1383 24.33 38.98 67.85
N GLN E 1384 24.44 37.82 67.24
CA GLN E 1384 23.41 37.38 66.30
C GLN E 1384 22.68 36.19 66.84
N PRO E 1385 21.54 35.86 66.21
CA PRO E 1385 20.86 34.61 66.49
C PRO E 1385 21.83 33.46 66.70
N THR E 1386 22.61 33.18 65.68
CA THR E 1386 23.47 31.99 65.66
C THR E 1386 24.78 32.10 66.48
N GLY E 1387 25.26 33.32 66.70
CA GLY E 1387 26.50 33.49 67.43
C GLY E 1387 27.04 34.91 67.46
N LYS E 1388 28.26 35.07 67.95
CA LYS E 1388 28.89 36.38 68.08
C LYS E 1388 29.81 36.62 66.90
N ILE E 1389 29.75 37.82 66.33
CA ILE E 1389 30.58 38.15 65.17
C ILE E 1389 31.46 39.34 65.46
N VAL E 1390 32.74 39.18 65.15
CA VAL E 1390 33.72 40.25 65.36
C VAL E 1390 34.41 40.62 64.04
N ASP E 1391 34.30 41.89 63.70
CA ASP E 1391 34.88 42.48 62.53
C ASP E 1391 36.09 43.31 62.90
N VAL E 1392 37.26 42.87 62.46
CA VAL E 1392 38.49 43.56 62.78
C VAL E 1392 39.05 44.25 61.55
N VAL E 1393 39.76 45.35 61.79
CA VAL E 1393 40.45 46.05 60.72
C VAL E 1393 41.91 46.31 61.08
N GLY E 1394 42.82 45.85 60.23
CA GLY E 1394 44.23 46.14 60.37
C GLY E 1394 44.64 47.30 59.48
N THR E 1395 45.60 48.09 59.92
CA THR E 1395 46.16 49.13 59.07
C THR E 1395 47.67 49.10 59.16
N LEU E 1396 48.28 48.47 58.17
CA LEU E 1396 49.72 48.39 58.06
C LEU E 1396 50.31 49.69 57.52
N SER E 1397 51.10 50.37 58.34
CA SER E 1397 51.73 51.62 57.92
C SER E 1397 53.24 51.41 57.73
N ARG E 1398 53.85 52.30 56.96
CA ARG E 1398 55.27 52.26 56.67
C ARG E 1398 55.78 53.68 56.52
N ASN E 1399 56.77 54.05 57.32
CA ASN E 1399 57.36 55.41 57.27
C ASN E 1399 56.32 56.49 57.50
N GLY E 1400 55.49 56.32 58.52
CA GLY E 1400 54.46 57.30 58.84
C GLY E 1400 53.16 57.09 58.10
N LYS E 1401 53.25 56.96 56.78
CA LYS E 1401 52.08 56.81 55.93
C LYS E 1401 51.47 55.40 56.02
N PRO E 1402 50.14 55.31 55.87
CA PRO E 1402 49.46 54.01 55.89
C PRO E 1402 49.66 53.35 54.53
N VAL E 1403 49.87 52.04 54.52
CA VAL E 1403 50.14 51.33 53.26
C VAL E 1403 48.96 50.48 52.76
N MET E 1404 48.42 49.61 53.61
CA MET E 1404 47.25 48.81 53.24
C MET E 1404 46.37 48.45 54.44
N GLU E 1405 45.10 48.18 54.19
CA GLU E 1405 44.16 47.75 55.21
C GLU E 1405 43.84 46.26 55.08
N VAL E 1406 43.79 45.56 56.21
CA VAL E 1406 43.44 44.14 56.24
C VAL E 1406 42.13 43.96 56.99
N THR E 1407 41.21 43.19 56.42
CA THR E 1407 39.90 42.97 57.02
C THR E 1407 39.65 41.52 57.38
N SER E 1408 39.37 41.27 58.66
CA SER E 1408 39.01 39.93 59.07
C SER E 1408 37.76 39.95 59.92
N SER E 1409 36.87 38.99 59.66
CA SER E 1409 35.72 38.80 60.52
C SER E 1409 35.66 37.34 61.04
N PHE E 1410 35.53 37.24 62.36
CA PHE E 1410 35.51 35.95 63.04
C PHE E 1410 34.15 35.69 63.67
N PHE E 1411 33.90 34.43 63.95
CA PHE E 1411 32.62 34.01 64.48
C PHE E 1411 32.77 33.01 65.62
N TYR E 1412 32.28 33.41 66.80
CA TYR E 1412 32.11 32.50 67.93
C TYR E 1412 30.68 32.00 67.86
N ARG E 1413 30.49 30.72 67.52
CA ARG E 1413 29.13 30.19 67.45
C ARG E 1413 28.57 29.92 68.85
N GLY E 1414 27.27 30.13 68.98
CA GLY E 1414 26.62 29.96 70.27
C GLY E 1414 25.53 30.98 70.55
N ASN E 1415 24.92 30.85 71.71
CA ASN E 1415 23.83 31.75 72.11
C ASN E 1415 24.32 32.83 73.08
N TYR E 1416 24.33 34.08 72.63
CA TYR E 1416 24.84 35.20 73.44
C TYR E 1416 23.74 36.22 73.83
N THR E 1417 23.84 36.77 75.04
CA THR E 1417 22.93 37.82 75.51
C THR E 1417 23.77 39.04 75.84
N ASP E 1418 25.05 38.90 75.51
CA ASP E 1418 26.13 39.85 75.77
C ASP E 1418 25.83 41.32 75.42
N PHE E 1419 24.58 41.60 75.02
CA PHE E 1419 24.19 42.97 74.67
C PHE E 1419 25.09 44.00 75.35
N GLU E 1420 25.03 44.04 76.68
CA GLU E 1420 25.83 44.97 77.46
C GLU E 1420 27.12 45.33 76.72
N ASN E 1421 27.69 44.35 76.02
CA ASN E 1421 28.92 44.56 75.27
C ASN E 1421 28.76 44.21 73.80
N THR E 1422 27.94 44.98 73.10
CA THR E 1422 27.69 44.75 71.68
C THR E 1422 27.53 46.07 70.92
N PHE E 1423 28.28 46.22 69.84
CA PHE E 1423 28.23 47.43 69.03
C PHE E 1423 28.53 47.11 67.57
N GLN E 1424 28.09 47.98 66.67
CA GLN E 1424 28.30 47.79 65.24
C GLN E 1424 28.37 49.12 64.49
N LYS E 1425 29.45 49.32 63.75
CA LYS E 1425 29.63 50.54 62.96
C LYS E 1425 29.58 50.21 61.48
N THR E 1426 28.64 50.83 60.77
CA THR E 1426 28.47 50.58 59.34
C THR E 1426 28.64 51.85 58.51
N VAL E 1427 29.32 51.72 57.39
CA VAL E 1427 29.53 52.84 56.48
C VAL E 1427 28.46 52.86 55.41
N GLU E 1428 27.52 53.79 55.57
CA GLU E 1428 26.39 53.88 54.67
C GLU E 1428 26.89 54.34 53.33
N PRO E 1429 26.26 53.85 52.27
CA PRO E 1429 26.51 54.26 50.88
C PRO E 1429 26.20 55.74 50.70
N VAL E 1430 26.73 56.32 49.63
CA VAL E 1430 26.52 57.73 49.41
C VAL E 1430 25.17 57.92 48.78
N TYR E 1431 24.40 58.83 49.37
CA TYR E 1431 23.08 59.13 48.85
C TYR E 1431 23.12 60.46 48.11
N GLN E 1432 22.60 60.44 46.89
CA GLN E 1432 22.55 61.63 46.07
C GLN E 1432 21.13 62.14 46.06
N MET E 1433 21.01 63.46 46.16
CA MET E 1433 19.71 64.09 46.26
C MET E 1433 19.66 65.35 45.41
N HIS E 1434 18.66 65.42 44.54
CA HIS E 1434 18.57 66.48 43.53
C HIS E 1434 17.55 67.52 43.98
N ILE E 1435 18.00 68.55 44.69
CA ILE E 1435 17.08 69.57 45.23
C ILE E 1435 16.46 70.42 44.13
N LYS E 1436 15.26 70.05 43.71
CA LYS E 1436 14.65 70.61 42.51
C LYS E 1436 13.69 71.74 42.83
N THR E 1437 12.87 71.55 43.86
CA THR E 1437 11.78 72.46 44.15
C THR E 1437 12.03 73.25 45.44
N SER E 1438 11.08 74.09 45.80
CA SER E 1438 11.18 74.92 46.99
C SER E 1438 10.73 74.19 48.26
N LYS E 1439 9.80 73.27 48.11
CA LYS E 1439 9.33 72.50 49.26
C LYS E 1439 10.38 71.46 49.60
N ASP E 1440 11.13 71.03 48.59
CA ASP E 1440 12.21 70.08 48.79
C ASP E 1440 13.16 70.64 49.84
N ILE E 1441 13.69 71.82 49.56
CA ILE E 1441 14.59 72.49 50.48
C ILE E 1441 13.93 72.72 51.86
N ALA E 1442 12.62 72.96 51.86
CA ALA E 1442 11.89 73.14 53.11
C ALA E 1442 11.90 71.86 53.98
N VAL E 1443 11.57 70.73 53.40
CA VAL E 1443 11.57 69.45 54.11
C VAL E 1443 12.96 69.16 54.68
N LEU E 1444 14.02 69.41 53.91
CA LEU E 1444 15.38 69.18 54.39
C LEU E 1444 15.71 70.07 55.60
N ARG E 1445 15.32 71.33 55.55
CA ARG E 1445 15.60 72.22 56.69
C ARG E 1445 14.75 71.82 57.89
N SER E 1446 13.76 70.96 57.64
CA SER E 1446 12.85 70.51 58.70
C SER E 1446 13.52 69.55 59.66
N LYS E 1447 14.49 68.78 59.15
CA LYS E 1447 15.17 67.78 59.95
C LYS E 1447 16.34 68.41 60.72
N GLU E 1448 16.43 68.08 62.00
CA GLU E 1448 17.41 68.70 62.90
C GLU E 1448 18.84 68.26 62.59
N TRP E 1449 18.97 67.15 61.86
CA TRP E 1449 20.29 66.59 61.56
C TRP E 1449 20.87 67.19 60.29
N PHE E 1450 20.01 67.80 59.48
CA PHE E 1450 20.45 68.55 58.32
C PHE E 1450 21.02 69.87 58.82
N GLN E 1451 22.34 70.02 58.73
CA GLN E 1451 23.02 71.15 59.34
C GLN E 1451 24.15 71.73 58.49
N LEU E 1452 23.86 72.72 57.67
CA LEU E 1452 24.90 73.26 56.81
C LEU E 1452 25.56 74.50 57.38
N ASP E 1453 26.74 74.84 56.85
CA ASP E 1453 27.58 75.90 57.39
C ASP E 1453 26.91 77.27 57.34
N ASP E 1454 26.69 77.81 56.13
CA ASP E 1454 25.87 79.02 55.97
C ASP E 1454 24.44 78.60 55.72
N GLU E 1455 23.55 78.90 56.65
CA GLU E 1455 22.15 78.50 56.50
C GLU E 1455 21.59 79.17 55.27
N ASP E 1456 22.26 80.25 54.86
CA ASP E 1456 21.84 81.06 53.73
C ASP E 1456 22.14 80.43 52.39
N PHE E 1457 22.83 79.29 52.41
CA PHE E 1457 23.15 78.57 51.18
C PHE E 1457 21.91 78.32 50.31
N ASP E 1458 22.05 78.60 49.03
CA ASP E 1458 20.97 78.45 48.08
C ASP E 1458 20.91 77.01 47.59
N LEU E 1459 20.17 76.17 48.30
CA LEU E 1459 20.02 74.77 47.92
C LEU E 1459 19.28 74.62 46.59
N LEU E 1460 18.46 75.60 46.26
CA LEU E 1460 17.65 75.49 45.06
C LEU E 1460 18.50 75.13 43.84
N ASN E 1461 18.13 74.03 43.21
CA ASN E 1461 18.70 73.59 41.93
C ASN E 1461 20.10 72.99 41.98
N LYS E 1462 20.59 72.69 43.19
CA LYS E 1462 21.86 72.02 43.35
C LYS E 1462 21.68 70.50 43.53
N THR E 1463 22.79 69.79 43.58
CA THR E 1463 22.74 68.35 43.82
C THR E 1463 23.54 68.02 45.08
N LEU E 1464 22.91 67.39 46.04
CA LEU E 1464 23.57 67.06 47.30
C LEU E 1464 23.96 65.60 47.40
N THR E 1465 25.07 65.36 48.08
CA THR E 1465 25.47 64.01 48.42
C THR E 1465 25.67 63.87 49.94
N PHE E 1466 25.33 62.69 50.45
CA PHE E 1466 25.35 62.41 51.88
C PHE E 1466 26.22 61.19 52.15
N GLU E 1467 27.43 61.45 52.62
CA GLU E 1467 28.41 60.39 52.87
C GLU E 1467 28.34 60.06 54.34
N THR E 1468 27.59 59.02 54.68
CA THR E 1468 27.21 58.81 56.07
C THR E 1468 27.83 57.57 56.75
N GLU E 1469 28.21 57.73 58.02
CA GLU E 1469 28.59 56.61 58.90
C GLU E 1469 27.61 56.53 60.08
N THR E 1470 27.04 55.35 60.32
CA THR E 1470 26.14 55.20 61.45
C THR E 1470 26.62 54.20 62.49
N GLU E 1471 26.81 54.72 63.71
CA GLU E 1471 27.37 53.96 64.80
C GLU E 1471 26.25 53.58 65.78
N VAL E 1472 26.12 52.29 66.04
CA VAL E 1472 24.99 51.80 66.83
C VAL E 1472 25.45 50.91 67.99
N THR E 1473 24.71 50.96 69.08
CA THR E 1473 24.96 50.07 70.20
C THR E 1473 23.65 49.41 70.62
N PHE E 1474 23.68 48.11 70.76
CA PHE E 1474 22.47 47.38 71.08
C PHE E 1474 22.26 47.43 72.58
N LYS E 1475 21.01 47.32 73.00
CA LYS E 1475 20.71 47.11 74.41
C LYS E 1475 19.75 45.95 74.58
N ASN E 1476 19.04 45.60 73.52
CA ASN E 1476 18.06 44.53 73.59
C ASN E 1476 18.10 43.70 72.31
N ALA E 1477 17.14 42.80 72.16
CA ALA E 1477 17.13 41.92 71.00
C ALA E 1477 17.02 42.73 69.71
N ASN E 1478 15.98 43.56 69.62
CA ASN E 1478 15.71 44.34 68.42
C ASN E 1478 15.87 45.85 68.61
N ILE E 1479 15.66 46.30 69.83
CA ILE E 1479 15.76 47.72 70.14
C ILE E 1479 17.19 48.20 70.28
N PHE E 1480 17.52 49.29 69.59
CA PHE E 1480 18.85 49.89 69.76
C PHE E 1480 18.95 50.68 71.06
N SER E 1481 20.14 50.72 71.62
CA SER E 1481 20.43 51.51 72.80
C SER E 1481 20.74 52.95 72.42
N SER E 1482 21.46 53.09 71.31
CA SER E 1482 21.82 54.40 70.79
C SER E 1482 22.18 54.30 69.32
N VAL E 1483 21.94 55.38 68.60
CA VAL E 1483 22.15 55.43 67.17
C VAL E 1483 22.78 56.79 66.84
N LYS E 1484 24.04 56.77 66.43
CA LYS E 1484 24.70 57.96 65.91
C LYS E 1484 24.73 57.84 64.40
N CYS E 1485 24.65 58.98 63.72
CA CYS E 1485 24.75 58.99 62.28
C CYS E 1485 25.32 60.32 61.82
N PHE E 1486 26.55 60.29 61.33
CA PHE E 1486 27.26 61.49 60.96
C PHE E 1486 27.97 61.35 59.61
N GLY E 1487 28.28 62.49 59.01
CA GLY E 1487 28.91 62.51 57.71
C GLY E 1487 28.83 63.89 57.11
N PRO E 1488 29.61 64.14 56.05
CA PRO E 1488 29.58 65.46 55.43
C PRO E 1488 28.46 65.54 54.39
N ILE E 1489 27.87 66.73 54.26
CA ILE E 1489 26.95 66.99 53.16
C ILE E 1489 27.71 67.76 52.08
N LYS E 1490 27.60 67.32 50.82
CA LYS E 1490 28.37 67.96 49.77
C LYS E 1490 27.50 68.41 48.60
N VAL E 1491 27.99 69.41 47.88
CA VAL E 1491 27.28 69.95 46.74
C VAL E 1491 28.12 69.77 45.46
N GLU E 1492 27.49 69.37 44.35
CA GLU E 1492 28.18 69.28 43.06
C GLU E 1492 28.57 70.66 42.54
N LEU E 1493 29.76 70.76 41.97
CA LEU E 1493 30.16 71.98 41.29
C LEU E 1493 29.96 71.77 39.80
N PRO E 1494 30.16 72.82 39.01
CA PRO E 1494 30.06 72.66 37.55
C PRO E 1494 31.12 71.67 37.06
N THR E 1495 32.27 71.66 37.73
CA THR E 1495 33.35 70.74 37.40
C THR E 1495 32.98 69.32 37.79
N LYS E 1496 31.86 69.17 38.49
CA LYS E 1496 31.36 67.88 38.99
C LYS E 1496 32.15 67.39 40.20
N GLU E 1497 33.06 68.24 40.68
CA GLU E 1497 33.73 68.07 41.98
C GLU E 1497 32.68 68.18 43.08
N THR E 1498 33.01 67.70 44.28
CA THR E 1498 32.09 67.81 45.41
C THR E 1498 32.71 68.51 46.62
N VAL E 1499 32.05 69.56 47.08
CA VAL E 1499 32.57 70.35 48.19
C VAL E 1499 31.68 70.22 49.41
N GLU E 1500 32.30 70.16 50.58
CA GLU E 1500 31.59 70.08 51.85
C GLU E 1500 30.73 71.33 52.11
N ILE E 1501 29.46 71.10 52.39
CA ILE E 1501 28.48 72.16 52.60
C ILE E 1501 28.06 72.21 54.07
N GLY E 1502 28.09 71.05 54.72
CA GLY E 1502 27.67 70.93 56.10
C GLY E 1502 27.83 69.53 56.66
N ILE E 1503 26.90 69.12 57.51
CA ILE E 1503 27.04 67.90 58.27
C ILE E 1503 25.69 67.20 58.39
N VAL E 1504 25.73 65.87 58.47
CA VAL E 1504 24.64 65.10 59.02
C VAL E 1504 25.06 64.81 60.44
N ASP E 1505 24.23 65.17 61.40
CA ASP E 1505 24.55 65.00 62.81
C ASP E 1505 23.34 64.49 63.59
N TYR E 1506 23.18 63.17 63.60
CA TYR E 1506 22.06 62.55 64.31
C TYR E 1506 22.57 61.77 65.49
N GLU E 1507 21.76 61.77 66.54
CA GLU E 1507 22.06 61.08 67.78
C GLU E 1507 20.72 60.74 68.42
N ALA E 1508 20.62 59.52 68.94
CA ALA E 1508 19.38 59.05 69.56
C ALA E 1508 19.67 57.91 70.51
N GLY E 1509 19.03 57.93 71.66
CA GLY E 1509 19.06 56.78 72.54
C GLY E 1509 17.82 55.99 72.26
N ALA E 1510 17.69 54.82 72.89
CA ALA E 1510 16.49 53.99 72.78
C ALA E 1510 15.81 54.08 71.39
N SER E 1511 16.61 54.09 70.33
CA SER E 1511 16.10 54.15 68.97
C SER E 1511 15.52 52.78 68.61
N HIS E 1512 15.08 52.63 67.37
CA HIS E 1512 14.45 51.39 66.93
C HIS E 1512 14.87 51.19 65.48
N GLY E 1513 15.20 52.31 64.83
CA GLY E 1513 15.66 52.34 63.45
C GLY E 1513 16.49 53.59 63.19
N ASN E 1514 17.07 53.67 62.00
CA ASN E 1514 17.81 54.86 61.63
C ASN E 1514 16.95 55.72 60.71
N PRO E 1515 16.47 56.86 61.24
CA PRO E 1515 15.60 57.80 60.52
C PRO E 1515 16.33 58.46 59.36
N VAL E 1516 17.59 58.88 59.57
CA VAL E 1516 18.38 59.55 58.53
C VAL E 1516 18.55 58.71 57.27
N VAL E 1517 18.93 57.45 57.45
CA VAL E 1517 19.13 56.55 56.31
C VAL E 1517 17.82 56.22 55.62
N ASP E 1518 16.77 56.04 56.41
CA ASP E 1518 15.45 55.79 55.84
C ASP E 1518 15.00 56.95 54.95
N PHE E 1519 15.14 58.18 55.47
CA PHE E 1519 14.84 59.38 54.70
C PHE E 1519 15.60 59.39 53.38
N LEU E 1520 16.92 59.33 53.48
CA LEU E 1520 17.77 59.35 52.29
C LEU E 1520 17.47 58.19 51.32
N LYS E 1521 17.09 57.04 51.85
CA LYS E 1521 16.73 55.90 51.00
C LYS E 1521 15.56 56.30 50.09
N ARG E 1522 14.48 56.73 50.71
CA ARG E 1522 13.24 57.01 50.01
C ARG E 1522 13.34 58.29 49.20
N ASN E 1523 14.01 59.29 49.77
CA ASN E 1523 14.11 60.60 49.15
C ASN E 1523 15.36 60.87 48.31
N GLY E 1524 16.05 59.80 47.94
CA GLY E 1524 17.26 59.95 47.16
C GLY E 1524 17.57 58.71 46.37
N SER E 1525 18.75 58.71 45.75
CA SER E 1525 19.24 57.55 45.05
C SER E 1525 20.55 57.13 45.68
N THR E 1526 20.91 55.86 45.48
CA THR E 1526 22.09 55.29 46.12
C THR E 1526 23.19 55.08 45.12
N LEU E 1527 24.24 55.89 45.20
CA LEU E 1527 25.40 55.77 44.34
C LEU E 1527 26.23 54.55 44.73
N GLU E 1528 26.24 53.52 43.87
CA GLU E 1528 26.99 52.31 44.14
C GLU E 1528 28.26 52.25 43.28
N GLN E 1529 29.40 52.52 43.89
CA GLN E 1529 30.67 52.49 43.19
C GLN E 1529 30.98 51.10 42.64
N LYS E 1530 29.96 50.49 42.01
CA LYS E 1530 30.12 49.16 41.44
C LYS E 1530 29.45 49.07 40.07
N VAL E 1531 30.26 49.03 39.02
CA VAL E 1531 29.75 48.93 37.66
C VAL E 1531 30.03 47.56 37.06
N ASN E 1532 29.01 46.96 36.48
CA ASN E 1532 29.13 45.64 35.87
C ASN E 1532 29.21 45.72 34.34
N LEU E 1533 29.96 44.79 33.75
CA LEU E 1533 30.11 44.76 32.29
C LEU E 1533 28.78 44.35 31.72
N GLU E 1534 28.70 44.20 30.40
CA GLU E 1534 27.46 43.70 29.81
C GLU E 1534 27.33 42.21 30.05
N ASN E 1535 28.36 41.46 29.67
CA ASN E 1535 28.41 40.04 29.97
C ASN E 1535 29.69 39.71 30.72
N PRO E 1536 29.60 38.83 31.73
CA PRO E 1536 30.83 38.40 32.39
C PRO E 1536 31.76 37.81 31.33
N ILE E 1537 33.05 38.08 31.45
CA ILE E 1537 34.01 37.53 30.53
C ILE E 1537 34.88 36.52 31.23
N PRO E 1538 34.78 35.24 30.83
CA PRO E 1538 35.55 34.20 31.50
C PRO E 1538 37.03 34.42 31.25
N ILE E 1539 37.83 34.16 32.28
CA ILE E 1539 39.26 34.36 32.21
C ILE E 1539 39.97 33.02 32.14
N ALA E 1540 39.68 32.14 33.10
CA ALA E 1540 40.29 30.82 33.13
C ALA E 1540 39.74 29.93 34.24
N VAL E 1541 39.86 28.63 34.06
CA VAL E 1541 39.51 27.66 35.09
C VAL E 1541 40.76 26.87 35.47
N LEU E 1542 41.22 27.03 36.70
CA LEU E 1542 42.50 26.49 37.13
C LEU E 1542 42.37 25.37 38.16
N ASP E 1543 43.36 24.48 38.17
CA ASP E 1543 43.40 23.37 39.12
C ASP E 1543 44.35 23.67 40.27
N SER E 1544 43.84 23.58 41.49
CA SER E 1544 44.65 23.85 42.67
C SER E 1544 44.67 22.64 43.61
N TYR E 1545 45.58 22.67 44.58
CA TYR E 1545 45.70 21.58 45.55
C TYR E 1545 46.09 22.10 46.93
N THR E 1546 45.51 21.53 47.96
CA THR E 1546 45.88 21.85 49.32
C THR E 1546 47.07 20.99 49.71
N PRO E 1547 47.90 21.49 50.61
CA PRO E 1547 49.15 20.86 51.01
C PRO E 1547 48.94 19.52 51.68
N SER E 1548 49.99 18.69 51.65
CA SER E 1548 50.01 17.41 52.35
C SER E 1548 49.86 17.58 53.88
N THR E 1549 50.63 18.50 54.45
CA THR E 1549 50.53 18.82 55.87
C THR E 1549 50.32 20.32 56.02
N ASN E 1550 49.88 20.75 57.20
CA ASN E 1550 49.60 22.16 57.38
C ASN E 1550 50.73 22.91 58.06
N GLU E 1551 51.67 22.17 58.64
CA GLU E 1551 52.82 22.73 59.37
C GLU E 1551 53.56 23.84 58.61
N PRO E 1552 53.90 23.59 57.34
CA PRO E 1552 54.51 24.60 56.48
C PRO E 1552 53.78 25.95 56.51
N TYR E 1553 52.46 25.98 56.28
CA TYR E 1553 51.78 27.27 56.35
C TYR E 1553 51.79 27.81 57.79
N ALA E 1554 51.59 26.95 58.78
CA ALA E 1554 51.51 27.42 60.17
C ALA E 1554 52.80 28.11 60.60
N ARG E 1555 53.93 27.58 60.14
CA ARG E 1555 55.23 28.12 60.53
C ARG E 1555 55.46 29.53 59.99
N VAL E 1556 55.16 29.76 58.71
CA VAL E 1556 55.36 31.07 58.10
C VAL E 1556 54.39 32.11 58.65
N SER E 1557 53.17 31.68 58.99
CA SER E 1557 52.08 32.60 59.30
C SER E 1557 51.92 32.92 60.78
N GLY E 1558 52.36 32.00 61.62
CA GLY E 1558 52.25 32.18 63.05
C GLY E 1558 50.93 31.71 63.62
N ASP E 1559 50.23 30.89 62.84
CA ASP E 1559 48.97 30.30 63.26
C ASP E 1559 49.18 28.86 63.74
N LEU E 1560 49.52 28.75 65.02
CA LEU E 1560 49.87 27.47 65.62
C LEU E 1560 48.63 26.78 66.14
N ASN E 1561 47.47 27.26 65.71
CA ASN E 1561 46.20 26.66 66.08
C ASN E 1561 46.24 25.16 65.84
N PRO E 1562 46.06 24.37 66.91
CA PRO E 1562 46.21 22.91 66.91
C PRO E 1562 45.19 22.22 66.04
N ILE E 1563 44.04 22.88 65.85
CA ILE E 1563 42.98 22.42 64.96
C ILE E 1563 43.51 21.94 63.59
N HIS E 1564 44.53 22.63 63.09
CA HIS E 1564 45.07 22.39 61.75
C HIS E 1564 46.22 21.38 61.75
N VAL E 1565 46.78 21.09 62.91
CA VAL E 1565 48.01 20.32 62.98
C VAL E 1565 47.91 19.05 63.83
N SER E 1566 47.20 19.12 64.95
CA SER E 1566 47.10 18.00 65.88
C SER E 1566 45.75 17.29 65.79
N ARG E 1567 45.75 16.03 65.33
CA ARG E 1567 44.50 15.31 65.09
C ARG E 1567 43.56 15.26 66.29
N HIS E 1568 44.11 15.24 67.50
CA HIS E 1568 43.29 15.08 68.70
C HIS E 1568 42.53 16.36 69.03
N PHE E 1569 43.05 17.49 68.58
CA PHE E 1569 42.38 18.76 68.79
C PHE E 1569 41.33 18.89 67.71
N ALA E 1570 41.71 18.60 66.47
CA ALA E 1570 40.76 18.62 65.36
C ALA E 1570 39.57 17.75 65.73
N SER E 1571 39.86 16.55 66.22
CA SER E 1571 38.80 15.60 66.57
C SER E 1571 37.95 16.09 67.76
N TYR E 1572 38.57 16.79 68.70
CA TYR E 1572 37.86 17.26 69.90
C TYR E 1572 36.88 18.35 69.53
N ALA E 1573 37.20 19.11 68.48
CA ALA E 1573 36.38 20.22 68.03
C ALA E 1573 35.32 19.75 67.05
N ASN E 1574 35.41 18.48 66.68
CA ASN E 1574 34.43 17.85 65.80
C ASN E 1574 34.54 18.35 64.37
N LEU E 1575 35.74 18.30 63.84
CA LEU E 1575 35.99 18.72 62.48
C LEU E 1575 36.25 17.46 61.69
N PRO E 1576 36.13 17.54 60.37
CA PRO E 1576 36.29 16.40 59.46
C PRO E 1576 37.72 15.85 59.48
N GLY E 1577 38.62 16.57 60.12
CA GLY E 1577 40.02 16.19 60.15
C GLY E 1577 40.84 17.42 60.45
N THR E 1578 42.09 17.40 60.04
CA THR E 1578 42.96 18.54 60.24
C THR E 1578 42.80 19.55 59.11
N ILE E 1579 41.75 20.36 59.22
CA ILE E 1579 41.37 21.33 58.20
C ILE E 1579 42.55 22.15 57.69
N THR E 1580 42.63 22.31 56.37
CA THR E 1580 43.63 23.21 55.78
C THR E 1580 43.37 24.66 56.25
N HIS E 1581 44.44 25.40 56.49
CA HIS E 1581 44.33 26.80 56.87
C HIS E 1581 43.51 27.55 55.82
N GLY E 1582 42.41 28.15 56.25
CA GLY E 1582 41.59 28.96 55.37
C GLY E 1582 42.42 30.05 54.75
N MET E 1583 43.47 30.47 55.45
CA MET E 1583 44.37 31.50 54.95
C MET E 1583 45.22 31.00 53.79
N PHE E 1584 45.59 29.72 53.82
CA PHE E 1584 46.34 29.14 52.72
C PHE E 1584 45.54 29.25 51.43
N SER E 1585 44.29 28.77 51.47
CA SER E 1585 43.41 28.83 50.32
C SER E 1585 43.28 30.27 49.83
N SER E 1586 43.32 31.21 50.76
CA SER E 1586 43.23 32.63 50.43
C SER E 1586 44.42 33.06 49.56
N ALA E 1587 45.61 32.70 50.00
CA ALA E 1587 46.84 33.07 49.29
C ALA E 1587 47.06 32.18 48.07
N SER E 1588 46.57 30.95 48.15
CA SER E 1588 46.73 29.99 47.07
C SER E 1588 45.86 30.38 45.87
N VAL E 1589 44.60 30.69 46.14
CA VAL E 1589 43.69 31.12 45.08
C VAL E 1589 44.14 32.46 44.55
N ARG E 1590 44.52 33.36 45.45
CA ARG E 1590 44.96 34.70 45.08
C ARG E 1590 46.08 34.61 44.07
N ALA E 1591 47.03 33.70 44.30
CA ALA E 1591 48.14 33.46 43.39
C ALA E 1591 47.66 33.18 41.97
N LEU E 1592 46.56 32.44 41.85
CA LEU E 1592 45.94 32.12 40.57
C LEU E 1592 45.41 33.37 39.90
N ILE E 1593 44.67 34.17 40.66
CA ILE E 1593 44.14 35.45 40.19
C ILE E 1593 45.31 36.35 39.75
N GLU E 1594 46.36 36.36 40.56
CA GLU E 1594 47.54 37.18 40.31
C GLU E 1594 48.17 36.79 38.99
N ASN E 1595 48.33 35.48 38.81
CA ASN E 1595 48.99 34.97 37.62
C ASN E 1595 48.18 35.23 36.36
N TRP E 1596 46.93 34.77 36.38
CA TRP E 1596 46.13 34.67 35.18
C TRP E 1596 45.29 35.91 34.88
N ALA E 1597 45.03 36.70 35.92
CA ALA E 1597 44.20 37.88 35.73
C ALA E 1597 45.04 39.13 35.61
N ALA E 1598 46.20 39.12 36.27
CA ALA E 1598 47.09 40.28 36.25
C ALA E 1598 48.34 39.99 35.42
N ASP E 1599 48.35 38.83 34.74
CA ASP E 1599 49.45 38.44 33.88
C ASP E 1599 50.76 38.38 34.67
N SER E 1600 50.63 37.96 35.92
CA SER E 1600 51.78 37.86 36.81
C SER E 1600 52.50 39.18 36.99
N VAL E 1601 51.74 40.27 37.04
CA VAL E 1601 52.28 41.55 37.45
C VAL E 1601 51.78 41.90 38.85
N SER E 1602 52.52 41.43 39.86
CA SER E 1602 52.15 41.59 41.26
C SER E 1602 51.52 42.95 41.53
N SER E 1603 52.16 43.97 40.99
CA SER E 1603 51.77 45.35 41.15
C SER E 1603 50.27 45.62 40.92
N ARG E 1604 49.68 44.93 39.94
CA ARG E 1604 48.34 45.23 39.42
C ARG E 1604 47.19 44.96 40.37
N VAL E 1605 47.20 43.81 41.02
CA VAL E 1605 46.17 43.55 42.02
C VAL E 1605 46.31 44.55 43.18
N ARG E 1606 45.28 45.36 43.38
CA ARG E 1606 45.28 46.33 44.47
C ARG E 1606 44.21 46.02 45.50
N GLY E 1607 43.31 45.12 45.15
CA GLY E 1607 42.29 44.69 46.08
C GLY E 1607 41.93 43.23 45.92
N TYR E 1608 41.82 42.52 47.04
CA TYR E 1608 41.41 41.12 47.01
C TYR E 1608 40.62 40.83 48.25
N THR E 1609 39.60 39.99 48.11
CA THR E 1609 38.79 39.59 49.26
C THR E 1609 38.28 38.16 49.13
N CYS E 1610 38.03 37.50 50.25
CA CYS E 1610 37.83 36.06 50.27
C CYS E 1610 36.79 35.61 51.31
N GLN E 1611 35.84 34.79 50.86
CA GLN E 1611 34.81 34.22 51.74
C GLN E 1611 35.02 32.71 51.92
N PHE E 1612 35.22 32.28 53.16
CA PHE E 1612 35.46 30.86 53.41
C PHE E 1612 34.15 30.11 53.53
N VAL E 1613 33.63 29.67 52.40
CA VAL E 1613 32.32 29.03 52.32
C VAL E 1613 32.27 27.74 53.13
N ASP E 1614 33.16 26.81 52.81
CA ASP E 1614 33.26 25.56 53.57
C ASP E 1614 34.72 25.20 53.82
N MET E 1615 34.91 24.12 54.57
CA MET E 1615 36.24 23.66 54.99
C MET E 1615 36.91 22.78 53.95
N VAL E 1616 38.23 22.72 53.98
CA VAL E 1616 38.93 21.82 53.07
C VAL E 1616 39.98 21.00 53.80
N LEU E 1617 40.03 19.72 53.48
CA LEU E 1617 41.04 18.84 54.07
C LEU E 1617 42.25 18.88 53.19
N PRO E 1618 43.41 18.58 53.77
CA PRO E 1618 44.66 18.48 53.01
C PRO E 1618 44.51 17.44 51.93
N ASN E 1619 45.17 17.66 50.79
CA ASN E 1619 45.11 16.75 49.65
C ASN E 1619 43.73 16.68 48.99
N THR E 1620 43.09 17.84 48.89
CA THR E 1620 41.87 17.99 48.11
C THR E 1620 42.23 18.79 46.85
N ALA E 1621 41.55 18.50 45.76
CA ALA E 1621 41.79 19.23 44.51
C ALA E 1621 40.76 20.34 44.34
N LEU E 1622 41.18 21.46 43.80
CA LEU E 1622 40.31 22.62 43.77
C LEU E 1622 40.30 23.30 42.41
N LYS E 1623 39.27 23.01 41.61
CA LYS E 1623 39.01 23.83 40.44
C LYS E 1623 38.43 25.16 40.92
N THR E 1624 39.18 26.23 40.68
CA THR E 1624 38.70 27.56 40.95
C THR E 1624 38.61 28.31 39.63
N SER E 1625 37.49 29.00 39.40
CA SER E 1625 37.23 29.64 38.11
C SER E 1625 37.21 31.14 38.29
N ILE E 1626 37.58 31.87 37.24
CA ILE E 1626 37.75 33.32 37.34
C ILE E 1626 37.14 34.01 36.15
N GLN E 1627 36.29 34.99 36.41
CA GLN E 1627 35.73 35.81 35.34
C GLN E 1627 35.95 37.29 35.58
N HIS E 1628 35.89 38.06 34.51
CA HIS E 1628 35.95 39.51 34.57
C HIS E 1628 34.50 40.02 34.56
N VAL E 1629 34.08 40.56 35.69
CA VAL E 1629 32.67 40.84 35.96
C VAL E 1629 32.26 42.30 35.72
N GLY E 1630 33.18 43.22 35.98
CA GLY E 1630 32.88 44.63 35.86
C GLY E 1630 34.08 45.51 36.10
N MET E 1631 33.82 46.78 36.39
CA MET E 1631 34.89 47.73 36.61
C MET E 1631 34.64 48.52 37.89
N ILE E 1632 35.72 49.04 38.46
CA ILE E 1632 35.60 50.03 39.52
C ILE E 1632 36.79 50.98 39.43
N ASN E 1633 36.50 52.26 39.20
CA ASN E 1633 37.53 53.29 39.21
C ASN E 1633 38.75 52.97 38.34
N GLY E 1634 38.52 52.34 37.21
CA GLY E 1634 39.61 52.05 36.28
C GLY E 1634 40.24 50.68 36.48
N ARG E 1635 39.87 50.03 37.56
CA ARG E 1635 40.34 48.68 37.85
C ARG E 1635 39.33 47.63 37.40
N LYS E 1636 39.84 46.52 36.90
CA LYS E 1636 39.01 45.37 36.53
C LYS E 1636 38.46 44.66 37.76
N LEU E 1637 37.13 44.56 37.86
CA LEU E 1637 36.54 43.79 38.93
C LEU E 1637 36.52 42.32 38.52
N ILE E 1638 37.12 41.47 39.35
CA ILE E 1638 37.22 40.05 39.02
C ILE E 1638 36.60 39.16 40.10
N LYS E 1639 35.71 38.26 39.70
CA LYS E 1639 35.06 37.36 40.65
C LYS E 1639 35.54 35.93 40.42
N PHE E 1640 35.69 35.19 41.52
CA PHE E 1640 36.13 33.81 41.45
C PHE E 1640 35.29 32.93 42.37
N GLU E 1641 35.29 31.65 42.07
CA GLU E 1641 34.59 30.65 42.88
C GLU E 1641 35.37 29.34 42.82
N THR E 1642 35.64 28.77 43.99
CA THR E 1642 36.43 27.54 44.06
C THR E 1642 35.59 26.39 44.61
N ARG E 1643 35.47 25.34 43.80
CA ARG E 1643 34.73 24.16 44.23
C ARG E 1643 35.70 22.97 44.42
N ASN E 1644 35.29 22.00 45.23
CA ASN E 1644 36.14 20.84 45.49
C ASN E 1644 35.82 19.67 44.56
N GLU E 1645 36.24 18.47 44.95
CA GLU E 1645 36.03 17.27 44.15
C GLU E 1645 34.57 16.81 44.17
N ASP E 1646 33.88 17.10 45.27
CA ASP E 1646 32.46 16.76 45.38
C ASP E 1646 31.58 17.87 44.82
N ASP E 1647 32.21 18.83 44.13
CA ASP E 1647 31.50 19.92 43.49
C ASP E 1647 30.75 20.79 44.51
N VAL E 1648 31.39 21.06 45.63
CA VAL E 1648 30.83 21.94 46.65
C VAL E 1648 31.66 23.21 46.74
N VAL E 1649 31.00 24.36 46.80
CA VAL E 1649 31.72 25.62 46.80
C VAL E 1649 32.40 25.79 48.13
N VAL E 1650 33.68 26.14 48.08
CA VAL E 1650 34.55 26.20 49.25
C VAL E 1650 35.07 27.62 49.45
N LEU E 1651 35.32 28.30 48.32
CA LEU E 1651 35.82 29.67 48.33
C LEU E 1651 35.10 30.54 47.34
N THR E 1652 34.95 31.82 47.68
CA THR E 1652 34.43 32.83 46.76
C THR E 1652 34.85 34.23 47.19
N GLY E 1653 35.41 34.98 46.27
CA GLY E 1653 35.75 36.36 46.55
C GLY E 1653 35.87 37.16 45.28
N GLU E 1654 36.36 38.39 45.41
CA GLU E 1654 36.52 39.27 44.26
C GLU E 1654 37.79 40.12 44.41
N ALA E 1655 38.47 40.34 43.29
CA ALA E 1655 39.69 41.14 43.27
C ALA E 1655 39.57 42.33 42.33
N GLU E 1656 40.35 43.38 42.60
CA GLU E 1656 40.35 44.58 41.77
C GLU E 1656 41.64 44.70 40.98
N ILE E 1657 41.62 44.20 39.75
CA ILE E 1657 42.79 44.27 38.88
C ILE E 1657 42.83 45.56 38.08
N GLU E 1658 44.00 46.20 38.03
CA GLU E 1658 44.16 47.45 37.31
C GLU E 1658 44.46 47.20 35.83
N GLN E 1659 43.78 47.93 34.96
CA GLN E 1659 43.97 47.78 33.52
C GLN E 1659 45.37 48.18 33.11
N PRO E 1660 45.84 47.63 31.99
CA PRO E 1660 47.18 47.93 31.49
C PRO E 1660 47.41 49.43 31.34
N VAL E 1661 48.64 49.87 31.57
CA VAL E 1661 48.98 51.29 31.45
C VAL E 1661 48.24 51.95 30.31
N THR E 1662 47.35 52.89 30.63
CA THR E 1662 46.57 53.59 29.62
C THR E 1662 46.99 55.06 29.46
N THR E 1663 47.01 55.52 28.20
CA THR E 1663 47.21 56.93 27.89
C THR E 1663 46.10 57.40 26.96
N PHE E 1664 45.46 58.51 27.33
CA PHE E 1664 44.44 59.13 26.48
C PHE E 1664 45.01 60.30 25.69
N VAL E 1665 44.77 60.26 24.38
CA VAL E 1665 45.16 61.34 23.51
C VAL E 1665 43.89 61.91 22.88
N PHE E 1666 43.75 63.23 23.00
CA PHE E 1666 42.56 63.92 22.53
C PHE E 1666 42.81 64.64 21.19
N THR E 1667 41.94 64.34 20.23
CA THR E 1667 42.09 64.79 18.86
C THR E 1667 41.89 66.29 18.69
N GLY E 1668 42.65 66.89 17.79
CA GLY E 1668 42.50 68.31 17.48
C GLY E 1668 41.69 68.49 16.22
N GLN E 1669 41.58 69.72 15.74
CA GLN E 1669 40.69 70.01 14.62
C GLN E 1669 41.09 69.27 13.34
N GLY E 1670 40.23 69.32 12.34
CA GLY E 1670 40.50 68.73 11.05
C GLY E 1670 39.61 67.55 10.66
N SER E 1671 39.12 66.81 11.64
CA SER E 1671 38.42 65.57 11.34
C SER E 1671 36.93 65.62 11.68
N GLN E 1672 36.43 66.82 11.98
CA GLN E 1672 35.04 66.98 12.37
C GLN E 1672 34.10 66.60 11.24
N GLU E 1673 33.15 65.72 11.54
CA GLU E 1673 32.15 65.31 10.56
C GLU E 1673 30.77 65.70 11.05
N GLN E 1674 29.88 65.98 10.11
CA GLN E 1674 28.50 66.33 10.44
C GLN E 1674 27.82 65.14 11.11
N GLY E 1675 27.19 65.38 12.27
CA GLY E 1675 26.53 64.33 13.01
C GLY E 1675 27.47 63.58 13.95
N MET E 1676 28.74 63.98 13.96
CA MET E 1676 29.75 63.35 14.80
C MET E 1676 29.22 63.12 16.21
N GLY E 1677 29.37 61.89 16.69
CA GLY E 1677 29.02 61.54 18.06
C GLY E 1677 27.60 61.91 18.43
N MET E 1678 26.74 61.95 17.42
CA MET E 1678 25.34 62.29 17.64
C MET E 1678 24.58 60.99 17.97
N ASP E 1679 25.13 59.86 17.55
CA ASP E 1679 24.60 58.55 17.91
C ASP E 1679 24.68 58.39 19.40
N LEU E 1680 25.84 58.71 19.97
CA LEU E 1680 26.06 58.56 21.40
C LEU E 1680 25.16 59.48 22.19
N TYR E 1681 24.76 60.60 21.60
CA TYR E 1681 23.84 61.52 22.25
C TYR E 1681 22.49 60.84 22.46
N LYS E 1682 22.15 59.97 21.52
CA LYS E 1682 20.85 59.29 21.57
C LYS E 1682 20.81 58.12 22.55
N THR E 1683 21.97 57.54 22.87
CA THR E 1683 21.99 56.36 23.75
C THR E 1683 22.44 56.65 25.19
N SER E 1684 23.49 57.44 25.35
CA SER E 1684 24.10 57.66 26.67
C SER E 1684 23.58 58.88 27.43
N LYS E 1685 23.33 58.71 28.73
CA LYS E 1685 22.86 59.81 29.55
C LYS E 1685 23.97 60.83 29.79
N ALA E 1686 25.17 60.31 30.07
CA ALA E 1686 26.34 61.15 30.29
C ALA E 1686 26.52 62.13 29.15
N ALA E 1687 26.35 61.60 27.93
CA ALA E 1687 26.49 62.37 26.70
C ALA E 1687 25.50 63.53 26.64
N GLN E 1688 24.22 63.20 26.79
CA GLN E 1688 23.15 64.17 26.76
C GLN E 1688 23.43 65.34 27.71
N ASP E 1689 23.79 65.04 28.95
CA ASP E 1689 24.08 66.08 29.92
C ASP E 1689 25.19 67.03 29.46
N VAL E 1690 26.25 66.46 28.88
CA VAL E 1690 27.35 67.27 28.39
C VAL E 1690 26.89 68.20 27.28
N TRP E 1691 26.32 67.61 26.23
CA TRP E 1691 25.82 68.38 25.10
C TRP E 1691 24.76 69.40 25.52
N ASN E 1692 23.71 68.91 26.13
CA ASN E 1692 22.62 69.78 26.57
C ASN E 1692 23.04 70.97 27.42
N ARG E 1693 23.88 70.75 28.42
CA ARG E 1693 24.39 71.86 29.22
C ARG E 1693 25.02 72.92 28.33
N ALA E 1694 25.78 72.46 27.34
CA ALA E 1694 26.53 73.32 26.42
C ALA E 1694 25.59 73.99 25.46
N ASP E 1695 24.77 73.19 24.78
CA ASP E 1695 23.80 73.71 23.81
C ASP E 1695 22.93 74.79 24.43
N ASN E 1696 22.59 74.60 25.69
CA ASN E 1696 21.81 75.59 26.41
C ASN E 1696 22.60 76.87 26.59
N HIS E 1697 23.82 76.74 27.11
CA HIS E 1697 24.67 77.91 27.33
C HIS E 1697 24.86 78.69 26.02
N PHE E 1698 25.08 77.99 24.91
CA PHE E 1698 25.22 78.64 23.61
C PHE E 1698 23.97 79.38 23.14
N LYS E 1699 22.82 78.73 23.27
CA LYS E 1699 21.55 79.36 22.92
C LYS E 1699 21.34 80.66 23.71
N ASP E 1700 21.56 80.61 25.01
CA ASP E 1700 21.14 81.68 25.90
C ASP E 1700 22.14 82.81 25.97
N THR E 1701 23.31 82.64 25.38
CA THR E 1701 24.29 83.72 25.43
C THR E 1701 24.80 84.18 24.07
N TYR E 1702 24.63 83.36 23.03
CA TYR E 1702 25.09 83.73 21.69
C TYR E 1702 24.01 83.48 20.65
N GLY E 1703 22.94 82.85 21.08
CA GLY E 1703 21.77 82.72 20.24
C GLY E 1703 21.91 81.72 19.11
N PHE E 1704 22.65 80.64 19.33
CA PHE E 1704 22.70 79.53 18.37
C PHE E 1704 22.76 78.18 19.08
N SER E 1705 22.44 77.12 18.35
CA SER E 1705 22.51 75.77 18.89
C SER E 1705 23.68 75.02 18.27
N ILE E 1706 24.65 74.68 19.11
CA ILE E 1706 25.80 73.92 18.63
C ILE E 1706 25.37 72.52 18.18
N LEU E 1707 24.31 71.97 18.77
CA LEU E 1707 23.72 70.69 18.32
C LEU E 1707 23.21 70.79 16.88
N ASP E 1708 22.55 71.90 16.54
CA ASP E 1708 22.03 72.10 15.19
C ASP E 1708 23.19 72.08 14.21
N ILE E 1709 24.15 72.97 14.44
CA ILE E 1709 25.31 73.11 13.58
C ILE E 1709 25.92 71.75 13.31
N VAL E 1710 26.04 70.95 14.37
CA VAL E 1710 26.60 69.61 14.26
C VAL E 1710 25.64 68.63 13.58
N ILE E 1711 24.37 68.74 13.87
CA ILE E 1711 23.38 67.80 13.37
C ILE E 1711 23.11 67.93 11.89
N ASN E 1712 22.93 69.16 11.43
CA ASN E 1712 22.85 69.43 10.00
C ASN E 1712 23.67 70.66 9.64
N ASN E 1713 24.87 70.41 9.12
CA ASN E 1713 25.80 71.46 8.73
C ASN E 1713 25.10 72.54 7.91
N PRO E 1714 24.84 73.68 8.55
CA PRO E 1714 24.15 74.80 7.91
C PRO E 1714 25.08 75.65 7.06
N VAL E 1715 24.69 75.89 5.82
CA VAL E 1715 25.46 76.77 4.93
C VAL E 1715 25.70 78.12 5.59
N ASN E 1716 24.63 78.73 6.10
CA ASN E 1716 24.72 80.00 6.79
C ASN E 1716 23.92 80.03 8.09
N LEU E 1717 24.10 81.08 8.88
CA LEU E 1717 23.42 81.17 10.16
C LEU E 1717 23.32 82.58 10.67
N THR E 1718 22.12 83.12 10.76
CA THR E 1718 21.95 84.46 11.29
C THR E 1718 21.41 84.46 12.71
N ILE E 1719 22.04 85.26 13.57
CA ILE E 1719 21.55 85.50 14.91
C ILE E 1719 20.60 86.69 14.84
N HIS E 1720 19.53 86.68 15.62
CA HIS E 1720 18.61 87.81 15.61
C HIS E 1720 18.55 88.41 17.00
N PHE E 1721 18.83 89.70 17.13
CA PHE E 1721 18.86 90.36 18.42
C PHE E 1721 17.50 90.93 18.81
N GLY E 1722 16.54 90.02 19.00
CA GLY E 1722 15.13 90.34 19.11
C GLY E 1722 14.73 91.22 20.27
N GLY E 1723 14.03 90.61 21.21
CA GLY E 1723 13.40 91.37 22.27
C GLY E 1723 14.39 91.69 23.35
N GLU E 1724 13.91 91.82 24.58
CA GLU E 1724 14.82 92.04 25.68
C GLU E 1724 15.92 90.97 25.74
N LYS E 1725 15.61 89.73 25.37
CA LYS E 1725 16.63 88.68 25.36
C LYS E 1725 17.51 88.78 24.14
N GLY E 1726 16.94 89.23 23.03
CA GLY E 1726 17.74 89.45 21.84
C GLY E 1726 18.85 90.43 22.11
N LYS E 1727 18.53 91.49 22.86
CA LYS E 1727 19.47 92.55 23.12
C LYS E 1727 20.53 92.11 24.14
N ARG E 1728 20.13 91.33 25.13
CA ARG E 1728 21.07 90.72 26.05
C ARG E 1728 22.15 89.95 25.29
N ILE E 1729 21.72 89.18 24.29
CA ILE E 1729 22.61 88.34 23.49
C ILE E 1729 23.63 89.20 22.76
N ARG E 1730 23.16 90.26 22.11
CA ARG E 1730 24.04 91.00 21.20
C ARG E 1730 25.15 91.72 21.95
N GLU E 1731 24.94 92.05 23.22
CA GLU E 1731 25.99 92.70 24.02
C GLU E 1731 27.13 91.73 24.29
N ASN E 1732 26.79 90.46 24.43
CA ASN E 1732 27.80 89.41 24.61
C ASN E 1732 28.65 89.28 23.33
N TYR E 1733 28.05 89.65 22.20
CA TYR E 1733 28.74 89.65 20.92
C TYR E 1733 29.57 90.90 20.80
N SER E 1734 29.08 91.97 21.43
CA SER E 1734 29.66 93.30 21.32
C SER E 1734 30.87 93.45 22.23
N ALA E 1735 31.00 92.55 23.20
CA ALA E 1735 32.08 92.61 24.18
C ALA E 1735 33.25 91.69 23.80
N MET E 1736 33.13 91.05 22.64
CA MET E 1736 34.22 90.24 22.09
C MET E 1736 35.40 91.14 21.71
N ILE E 1737 36.46 91.04 22.50
CA ILE E 1737 37.63 91.91 22.32
C ILE E 1737 38.82 91.08 21.88
N PHE E 1738 39.65 91.62 21.01
CA PHE E 1738 40.91 90.99 20.68
C PHE E 1738 42.07 91.93 21.00
N GLU E 1739 42.70 91.72 22.14
CA GLU E 1739 43.77 92.61 22.58
C GLU E 1739 45.13 92.20 21.98
N THR E 1740 46.02 93.17 21.86
CA THR E 1740 47.24 92.99 21.08
C THR E 1740 48.33 93.87 21.68
N ILE E 1741 49.04 93.36 22.68
CA ILE E 1741 50.17 94.12 23.27
C ILE E 1741 51.36 94.28 22.30
N VAL E 1742 51.50 95.50 21.76
CA VAL E 1742 52.53 95.83 20.78
C VAL E 1742 53.49 96.93 21.28
N ASP E 1743 54.62 96.52 21.88
CA ASP E 1743 55.64 97.43 22.41
C ASP E 1743 55.17 98.23 23.64
N GLY E 1744 54.46 97.57 24.55
CA GLY E 1744 53.85 98.24 25.69
C GLY E 1744 52.39 98.64 25.45
N LYS E 1745 52.09 99.11 24.24
CA LYS E 1745 50.73 99.53 23.85
C LYS E 1745 49.75 98.34 23.73
N LEU E 1746 48.51 98.53 24.18
CA LEU E 1746 47.51 97.47 24.04
C LEU E 1746 46.43 97.76 22.98
N LYS E 1747 46.71 97.36 21.73
CA LYS E 1747 45.80 97.57 20.60
C LYS E 1747 44.58 96.65 20.65
N THR E 1748 43.50 97.09 21.27
CA THR E 1748 42.31 96.26 21.34
C THR E 1748 41.26 96.65 20.27
N GLU E 1749 40.64 95.64 19.68
CA GLU E 1749 39.62 95.86 18.67
C GLU E 1749 38.39 95.01 18.97
N LYS E 1750 37.22 95.42 18.49
CA LYS E 1750 36.05 94.57 18.59
C LYS E 1750 36.24 93.41 17.65
N ILE E 1751 35.97 92.18 18.11
CA ILE E 1751 35.99 91.02 17.25
C ILE E 1751 34.85 91.11 16.23
N PHE E 1752 33.67 91.44 16.74
CA PHE E 1752 32.53 91.69 15.87
C PHE E 1752 32.40 93.17 15.56
N LYS E 1753 33.03 93.59 14.48
CA LYS E 1753 33.09 94.98 14.11
C LYS E 1753 31.70 95.55 14.08
N GLU E 1754 30.82 94.85 13.38
CA GLU E 1754 29.52 95.36 12.95
C GLU E 1754 28.42 95.36 14.02
N ILE E 1755 28.38 94.34 14.87
CA ILE E 1755 27.45 94.35 15.99
C ILE E 1755 27.55 95.63 16.83
N ASN E 1756 26.51 96.46 16.80
CA ASN E 1756 26.45 97.65 17.64
C ASN E 1756 25.04 97.91 18.15
N GLU E 1757 24.84 99.05 18.82
CA GLU E 1757 23.59 99.37 19.49
C GLU E 1757 22.41 99.45 18.54
N HIS E 1758 22.69 99.41 17.24
CA HIS E 1758 21.64 99.55 16.23
C HIS E 1758 21.51 98.33 15.34
N SER E 1759 22.39 97.34 15.54
CA SER E 1759 22.32 96.11 14.79
C SER E 1759 21.11 95.27 15.17
N THR E 1760 20.42 94.71 14.19
CA THR E 1760 19.27 93.86 14.46
C THR E 1760 19.65 92.39 14.35
N SER E 1761 20.80 92.11 13.75
CA SER E 1761 21.28 90.73 13.61
C SER E 1761 22.70 90.67 13.10
N TYR E 1762 23.35 89.54 13.29
CA TYR E 1762 24.63 89.26 12.66
C TYR E 1762 24.49 87.97 11.88
N THR E 1763 25.43 87.70 10.98
CA THR E 1763 25.37 86.45 10.22
C THR E 1763 26.70 85.81 9.94
N PHE E 1764 26.88 84.61 10.45
CA PHE E 1764 28.03 83.78 10.15
C PHE E 1764 27.85 83.13 8.78
N ARG E 1765 28.94 83.03 8.03
CA ARG E 1765 28.88 82.50 6.68
C ARG E 1765 29.94 81.44 6.39
N SER E 1766 29.59 80.53 5.48
CA SER E 1766 30.50 79.49 5.02
C SER E 1766 29.90 78.81 3.80
N GLU E 1767 30.62 78.86 2.67
CA GLU E 1767 30.14 78.22 1.45
C GLU E 1767 29.96 76.71 1.61
N LYS E 1768 30.89 76.07 2.32
CA LYS E 1768 30.75 74.64 2.61
C LYS E 1768 29.69 74.35 3.69
N GLY E 1769 29.93 74.84 4.90
CA GLY E 1769 29.06 74.59 6.02
C GLY E 1769 29.72 74.99 7.33
N LEU E 1770 29.00 75.73 8.17
CA LEU E 1770 29.57 76.33 9.38
C LEU E 1770 30.22 75.37 10.37
N LEU E 1771 29.99 74.07 10.22
CA LEU E 1771 30.59 73.08 11.10
C LEU E 1771 32.10 73.04 10.90
N SER E 1772 32.54 73.58 9.78
CA SER E 1772 33.95 73.61 9.44
C SER E 1772 34.52 75.05 9.49
N ALA E 1773 33.83 75.90 10.24
CA ALA E 1773 34.36 77.22 10.56
C ALA E 1773 34.81 77.17 12.01
N THR E 1774 36.08 77.43 12.27
CA THR E 1774 36.67 77.08 13.56
C THR E 1774 35.89 77.54 14.80
N GLN E 1775 35.23 78.70 14.73
CA GLN E 1775 34.50 79.19 15.90
C GLN E 1775 33.41 78.20 16.35
N PHE E 1776 32.99 77.34 15.42
CA PHE E 1776 32.01 76.31 15.71
C PHE E 1776 32.67 74.94 15.77
N THR E 1777 33.58 74.68 14.84
CA THR E 1777 34.34 73.44 14.82
C THR E 1777 34.93 73.07 16.18
N GLN E 1778 35.54 74.05 16.86
CA GLN E 1778 36.21 73.78 18.13
C GLN E 1778 35.25 73.38 19.24
N PRO E 1779 34.16 74.13 19.44
CA PRO E 1779 33.18 73.66 20.43
C PRO E 1779 32.70 72.26 20.08
N ALA E 1780 32.27 72.07 18.83
CA ALA E 1780 31.82 70.75 18.36
C ALA E 1780 32.78 69.63 18.75
N LEU E 1781 34.05 69.78 18.39
CA LEU E 1781 35.05 68.79 18.78
C LEU E 1781 35.15 68.64 20.29
N THR E 1782 35.37 69.73 21.01
CA THR E 1782 35.57 69.62 22.44
C THR E 1782 34.38 68.91 23.05
N LEU E 1783 33.19 69.28 22.59
CA LEU E 1783 31.94 68.68 23.08
C LEU E 1783 31.84 67.18 22.83
N MET E 1784 31.92 66.77 21.57
CA MET E 1784 31.91 65.35 21.20
C MET E 1784 32.84 64.53 22.08
N GLU E 1785 34.06 65.03 22.30
CA GLU E 1785 35.07 64.31 23.06
C GLU E 1785 34.75 64.29 24.54
N LYS E 1786 34.40 65.45 25.09
CA LYS E 1786 34.10 65.54 26.52
C LYS E 1786 32.92 64.65 26.86
N ALA E 1787 31.94 64.61 25.96
CA ALA E 1787 30.78 63.74 26.15
C ALA E 1787 31.18 62.28 26.15
N ALA E 1788 31.94 61.87 25.13
CA ALA E 1788 32.37 60.48 24.98
C ALA E 1788 33.18 60.03 26.19
N PHE E 1789 34.03 60.92 26.69
CA PHE E 1789 34.88 60.53 27.79
C PHE E 1789 34.06 60.33 29.03
N GLU E 1790 33.02 61.14 29.19
CA GLU E 1790 32.19 61.08 30.36
C GLU E 1790 31.28 59.85 30.40
N ASP E 1791 30.98 59.29 29.22
CA ASP E 1791 30.32 57.99 29.15
C ASP E 1791 31.29 56.90 29.57
N LEU E 1792 32.52 56.93 29.06
CA LEU E 1792 33.55 56.00 29.49
C LEU E 1792 33.75 56.06 31.01
N LYS E 1793 33.79 57.28 31.54
CA LYS E 1793 33.96 57.50 32.97
C LYS E 1793 32.78 56.88 33.72
N SER E 1794 31.59 57.01 33.17
CA SER E 1794 30.38 56.47 33.79
C SER E 1794 30.32 54.93 33.80
N LYS E 1795 30.89 54.28 32.80
CA LYS E 1795 30.93 52.83 32.74
C LYS E 1795 32.08 52.30 33.59
N GLY E 1796 32.80 53.22 34.22
CA GLY E 1796 33.85 52.89 35.16
C GLY E 1796 35.10 52.38 34.47
N LEU E 1797 35.42 52.99 33.33
CA LEU E 1797 36.44 52.48 32.43
C LEU E 1797 37.70 53.33 32.41
N ILE E 1798 37.72 54.39 33.23
CA ILE E 1798 38.88 55.27 33.25
C ILE E 1798 39.86 54.93 34.38
N PRO E 1799 41.07 54.47 34.02
CA PRO E 1799 42.14 54.13 34.95
C PRO E 1799 42.52 55.34 35.78
N ALA E 1800 42.90 55.13 37.03
CA ALA E 1800 43.16 56.26 37.91
C ALA E 1800 44.43 57.01 37.53
N ASP E 1801 45.46 56.26 37.14
CA ASP E 1801 46.77 56.84 36.92
C ASP E 1801 47.05 57.07 35.44
N ALA E 1802 45.99 57.09 34.64
CA ALA E 1802 46.10 57.30 33.20
C ALA E 1802 46.69 58.68 32.92
N THR E 1803 47.60 58.71 31.95
CA THR E 1803 48.20 59.95 31.49
C THR E 1803 47.48 60.43 30.23
N PHE E 1804 47.41 61.74 30.06
CA PHE E 1804 46.67 62.33 28.97
C PHE E 1804 47.39 63.49 28.29
N ALA E 1805 47.10 63.70 27.00
CA ALA E 1805 47.59 64.86 26.27
C ALA E 1805 46.66 65.16 25.11
N GLY E 1806 46.63 66.41 24.68
CA GLY E 1806 45.76 66.83 23.59
C GLY E 1806 46.54 67.55 22.51
N HIS E 1807 46.05 67.50 21.27
CA HIS E 1807 46.75 68.10 20.14
C HIS E 1807 46.19 69.45 19.73
N SER E 1808 46.88 70.53 20.13
CA SER E 1808 46.38 71.88 19.94
C SER E 1808 45.05 72.07 20.64
N LEU E 1809 43.95 72.01 19.88
CA LEU E 1809 42.61 72.18 20.40
C LEU E 1809 42.22 71.14 21.44
N GLY E 1810 42.59 69.88 21.17
CA GLY E 1810 42.22 68.77 22.01
C GLY E 1810 42.79 68.85 23.42
N GLU E 1811 43.74 69.75 23.62
CA GLU E 1811 44.35 69.88 24.92
C GLU E 1811 43.39 70.50 25.92
N TYR E 1812 42.39 71.22 25.42
CA TYR E 1812 41.36 71.77 26.28
C TYR E 1812 40.37 70.67 26.65
N ALA E 1813 39.91 69.93 25.64
CA ALA E 1813 39.12 68.74 25.89
C ALA E 1813 39.81 67.75 26.84
N ALA E 1814 41.11 67.58 26.70
CA ALA E 1814 41.87 66.67 27.56
C ALA E 1814 41.92 67.17 29.00
N LEU E 1815 42.14 68.46 29.17
CA LEU E 1815 42.21 69.02 30.51
C LEU E 1815 40.85 68.96 31.15
N ALA E 1816 39.79 69.18 30.36
CA ALA E 1816 38.42 69.14 30.87
C ALA E 1816 37.99 67.74 31.25
N SER E 1817 38.22 66.79 30.36
CA SER E 1817 37.85 65.40 30.58
C SER E 1817 38.53 64.74 31.79
N LEU E 1818 39.85 64.84 31.91
CA LEU E 1818 40.55 64.11 32.95
C LEU E 1818 40.72 64.84 34.25
N ALA E 1819 40.74 66.17 34.21
CA ALA E 1819 41.03 66.94 35.41
C ALA E 1819 39.89 67.86 35.83
N ASP E 1820 38.82 67.89 35.04
CA ASP E 1820 37.68 68.76 35.33
C ASP E 1820 38.19 70.13 35.78
N VAL E 1821 39.03 70.74 34.97
CA VAL E 1821 39.63 72.04 35.30
C VAL E 1821 38.60 73.13 35.09
N MET E 1822 37.56 72.82 34.33
CA MET E 1822 36.53 73.80 34.06
C MET E 1822 35.17 73.18 33.81
N SER E 1823 34.13 73.97 34.01
CA SER E 1823 32.78 73.56 33.74
C SER E 1823 32.60 73.19 32.28
N ILE E 1824 31.55 72.45 31.95
CA ILE E 1824 31.21 72.16 30.56
C ILE E 1824 30.97 73.45 29.79
N GLU E 1825 30.35 74.41 30.45
CA GLU E 1825 30.08 75.70 29.82
C GLU E 1825 31.34 76.53 29.68
N SER E 1826 32.17 76.53 30.71
CA SER E 1826 33.43 77.27 30.65
C SER E 1826 34.28 76.79 29.46
N LEU E 1827 34.20 75.50 29.19
CA LEU E 1827 34.97 74.90 28.11
C LEU E 1827 34.51 75.47 26.79
N VAL E 1828 33.24 75.25 26.47
CA VAL E 1828 32.71 75.67 25.17
C VAL E 1828 32.92 77.15 24.99
N GLU E 1829 32.99 77.87 26.11
CA GLU E 1829 33.21 79.31 26.07
C GLU E 1829 34.63 79.62 25.63
N VAL E 1830 35.59 79.20 26.45
CA VAL E 1830 36.99 79.37 26.14
C VAL E 1830 37.28 78.94 24.70
N VAL E 1831 36.90 77.71 24.37
CA VAL E 1831 37.16 77.15 23.05
C VAL E 1831 36.54 77.97 21.92
N PHE E 1832 35.35 78.53 22.17
CA PHE E 1832 34.62 79.33 21.18
C PHE E 1832 35.30 80.68 20.91
N TYR E 1833 35.87 81.26 21.95
CA TYR E 1833 36.55 82.54 21.84
C TYR E 1833 37.92 82.31 21.21
N ARG E 1834 38.54 81.19 21.57
CA ARG E 1834 39.81 80.78 20.99
C ARG E 1834 39.71 80.77 19.46
N GLY E 1835 38.55 80.36 18.97
CA GLY E 1835 38.30 80.36 17.52
C GLY E 1835 38.02 81.73 16.94
N MET E 1836 37.26 82.55 17.66
CA MET E 1836 36.97 83.90 17.19
C MET E 1836 38.28 84.66 17.15
N THR E 1837 39.12 84.39 18.14
CA THR E 1837 40.43 85.00 18.24
C THR E 1837 41.30 84.68 17.03
N MET E 1838 41.42 83.39 16.71
CA MET E 1838 42.15 82.97 15.51
C MET E 1838 41.65 83.61 14.20
N GLN E 1839 40.34 83.63 13.99
CA GLN E 1839 39.73 84.28 12.84
C GLN E 1839 40.08 85.76 12.64
N VAL E 1840 40.47 86.58 13.75
CA VAL E 1840 40.57 88.03 13.69
C VAL E 1840 41.99 88.47 13.70
N ALA E 1841 43.17 87.65 14.21
CA ALA E 1841 44.56 87.91 14.42
C ALA E 1841 45.35 87.93 13.10
N VAL E 1842 44.65 87.85 11.97
CA VAL E 1842 45.31 87.97 10.67
C VAL E 1842 44.55 88.91 9.73
N PRO E 1843 45.41 89.86 9.25
CA PRO E 1843 44.95 90.71 8.16
C PRO E 1843 44.26 89.94 7.03
N ARG E 1844 43.09 90.43 6.59
CA ARG E 1844 42.24 89.70 5.64
C ARG E 1844 41.84 90.53 4.41
N ASP E 1845 41.50 89.84 3.31
CA ASP E 1845 41.10 90.50 2.06
C ASP E 1845 39.67 91.02 2.12
N GLU E 1846 39.18 91.45 0.95
CA GLU E 1846 37.78 91.75 0.77
C GLU E 1846 37.01 90.45 0.85
N LEU E 1847 37.44 89.49 0.04
CA LEU E 1847 36.83 88.18 0.02
C LEU E 1847 37.34 87.42 1.24
N GLY E 1848 37.95 88.16 2.16
CA GLY E 1848 38.42 87.60 3.42
C GLY E 1848 39.53 86.58 3.22
N ARG E 1849 40.54 86.96 2.45
CA ARG E 1849 41.63 86.05 2.14
C ARG E 1849 42.81 86.22 3.09
N SER E 1850 43.65 85.21 3.14
CA SER E 1850 44.74 85.20 4.12
C SER E 1850 46.07 85.39 3.44
N ASN E 1851 46.98 86.10 4.11
CA ASN E 1851 48.33 86.25 3.59
C ASN E 1851 49.21 85.07 3.97
N TYR E 1852 48.63 84.15 4.73
CA TYR E 1852 49.36 83.02 5.30
C TYR E 1852 48.66 81.66 5.06
N GLY E 1853 49.27 80.61 5.58
CA GLY E 1853 48.76 79.25 5.43
C GLY E 1853 49.69 78.20 6.03
N MET E 1854 49.28 76.95 5.96
CA MET E 1854 50.11 75.88 6.50
C MET E 1854 50.40 74.76 5.51
N ILE E 1855 51.61 74.25 5.58
CA ILE E 1855 52.08 73.21 4.70
C ILE E 1855 52.49 72.00 5.52
N ALA E 1856 52.05 70.83 5.10
CA ALA E 1856 52.36 69.60 5.80
C ALA E 1856 53.46 68.82 5.07
N ILE E 1857 54.61 68.71 5.71
CA ILE E 1857 55.80 68.14 5.07
C ILE E 1857 56.14 66.73 5.52
N ASN E 1858 56.79 66.00 4.63
CA ASN E 1858 57.25 64.65 4.90
C ASN E 1858 58.69 64.48 4.43
N PRO E 1859 59.65 64.81 5.31
CA PRO E 1859 61.08 64.76 5.01
C PRO E 1859 61.49 63.45 4.35
N GLY E 1860 60.72 62.40 4.56
CA GLY E 1860 60.98 61.13 3.93
C GLY E 1860 60.90 61.15 2.41
N ARG E 1861 59.90 61.85 1.88
CA ARG E 1861 59.66 61.85 0.44
C ARG E 1861 60.69 62.65 -0.34
N VAL E 1862 61.23 63.70 0.28
CA VAL E 1862 62.27 64.47 -0.37
C VAL E 1862 63.45 63.56 -0.67
N ALA E 1863 64.06 63.05 0.39
CA ALA E 1863 65.14 62.09 0.24
C ALA E 1863 65.24 61.21 1.47
N ALA E 1864 65.64 59.96 1.25
CA ALA E 1864 65.86 59.06 2.38
C ALA E 1864 66.95 59.67 3.26
N SER E 1865 67.76 60.53 2.65
CA SER E 1865 68.84 61.22 3.35
C SER E 1865 68.37 62.39 4.21
N PHE E 1866 67.27 63.02 3.78
CA PHE E 1866 66.76 64.28 4.36
C PHE E 1866 66.17 64.13 5.76
N SER E 1867 66.94 64.51 6.78
CA SER E 1867 66.58 64.27 8.16
C SER E 1867 65.69 65.36 8.76
N GLN E 1868 65.51 65.30 10.07
CA GLN E 1868 64.79 66.35 10.77
C GLN E 1868 65.64 67.61 10.87
N GLU E 1869 66.91 67.45 11.26
CA GLU E 1869 67.84 68.59 11.32
C GLU E 1869 67.96 69.22 9.95
N ALA E 1870 67.71 68.42 8.91
CA ALA E 1870 67.76 68.89 7.52
C ALA E 1870 66.56 69.75 7.14
N LEU E 1871 65.38 69.37 7.63
CA LEU E 1871 64.17 70.15 7.38
C LEU E 1871 64.21 71.42 8.20
N GLN E 1872 64.63 71.27 9.46
CA GLN E 1872 64.87 72.43 10.31
C GLN E 1872 65.84 73.40 9.64
N TYR E 1873 67.02 72.91 9.28
CA TYR E 1873 68.02 73.73 8.62
C TYR E 1873 67.43 74.44 7.42
N VAL E 1874 66.90 73.69 6.47
CA VAL E 1874 66.32 74.27 5.26
C VAL E 1874 65.25 75.34 5.53
N VAL E 1875 64.31 75.07 6.44
CA VAL E 1875 63.29 76.07 6.75
C VAL E 1875 63.83 77.32 7.46
N GLU E 1876 64.85 77.15 8.29
CA GLU E 1876 65.44 78.29 9.00
C GLU E 1876 66.22 79.21 8.07
N ARG E 1877 66.81 78.65 7.01
CA ARG E 1877 67.53 79.46 6.04
C ARG E 1877 66.56 80.23 5.17
N VAL E 1878 65.57 79.55 4.61
CA VAL E 1878 64.54 80.21 3.78
C VAL E 1878 63.80 81.23 4.64
N GLY E 1879 63.82 81.04 5.95
CA GLY E 1879 63.29 82.03 6.87
C GLY E 1879 64.13 83.29 6.87
N LYS E 1880 65.42 83.16 7.22
CA LYS E 1880 66.33 84.29 7.32
C LYS E 1880 66.62 84.94 5.97
N ARG E 1881 66.79 84.12 4.95
CA ARG E 1881 67.11 84.58 3.61
C ARG E 1881 66.06 85.53 3.05
N THR E 1882 64.84 85.03 2.87
CA THR E 1882 63.77 85.82 2.26
C THR E 1882 63.18 86.85 3.22
N GLY E 1883 63.63 86.83 4.47
CA GLY E 1883 63.14 87.76 5.48
C GLY E 1883 61.64 87.65 5.62
N TRP E 1884 61.11 86.53 5.14
CA TRP E 1884 59.71 86.22 5.29
C TRP E 1884 59.50 85.42 6.55
N LEU E 1885 58.43 84.64 6.59
CA LEU E 1885 58.10 83.91 7.78
C LEU E 1885 57.80 82.45 7.50
N VAL E 1886 58.71 81.59 7.93
CA VAL E 1886 58.43 80.15 7.98
C VAL E 1886 59.02 79.60 9.25
N GLU E 1887 58.23 78.80 9.94
CA GLU E 1887 58.69 78.11 11.13
C GLU E 1887 58.02 76.75 11.15
N ILE E 1888 58.64 75.79 11.81
CA ILE E 1888 58.01 74.49 11.94
C ILE E 1888 57.05 74.52 13.13
N VAL E 1889 55.79 74.22 12.83
CA VAL E 1889 54.68 74.43 13.75
C VAL E 1889 54.24 73.14 14.41
N ASN E 1890 54.14 72.07 13.62
CA ASN E 1890 53.84 70.74 14.14
C ASN E 1890 55.05 69.78 13.99
N TYR E 1891 55.49 69.24 15.10
CA TYR E 1891 56.45 68.14 15.11
C TYR E 1891 55.69 66.87 15.47
N ASN E 1892 55.16 66.19 14.47
CA ASN E 1892 54.18 65.13 14.72
C ASN E 1892 54.78 63.74 14.76
N VAL E 1893 55.43 63.35 13.68
CA VAL E 1893 56.07 62.05 13.58
C VAL E 1893 57.49 62.22 13.06
N GLU E 1894 58.48 61.77 13.84
CA GLU E 1894 59.87 61.93 13.43
C GLU E 1894 60.14 61.44 12.00
N ASN E 1895 60.80 62.29 11.21
CA ASN E 1895 61.23 61.96 9.84
C ASN E 1895 60.08 61.67 8.87
N GLN E 1896 58.86 61.97 9.29
CA GLN E 1896 57.69 61.62 8.47
C GLN E 1896 56.64 62.73 8.36
N GLN E 1897 56.14 63.21 9.48
CA GLN E 1897 55.06 64.19 9.46
C GLN E 1897 55.42 65.44 10.22
N TYR E 1898 55.54 66.54 9.49
CA TYR E 1898 55.78 67.84 10.10
C TYR E 1898 54.83 68.84 9.47
N VAL E 1899 54.61 69.98 10.13
CA VAL E 1899 53.83 71.03 9.52
C VAL E 1899 54.47 72.38 9.78
N ALA E 1900 54.58 73.18 8.73
CA ALA E 1900 55.14 74.51 8.85
C ALA E 1900 54.07 75.52 8.47
N ALA E 1901 54.12 76.69 9.08
CA ALA E 1901 53.16 77.75 8.78
C ALA E 1901 53.90 78.98 8.37
N GLY E 1902 53.17 80.07 8.15
CA GLY E 1902 53.79 81.36 7.92
C GLY E 1902 53.39 82.04 6.62
N ASP E 1903 54.20 83.01 6.22
CA ASP E 1903 53.99 83.76 4.98
C ASP E 1903 53.79 82.81 3.79
N LEU E 1904 52.67 82.95 3.11
CA LEU E 1904 52.34 82.10 1.97
C LEU E 1904 53.46 82.03 0.95
N ARG E 1905 54.21 83.12 0.84
CA ARG E 1905 55.31 83.20 -0.11
C ARG E 1905 56.48 82.34 0.34
N ALA E 1906 56.81 82.44 1.63
CA ALA E 1906 57.85 81.62 2.24
C ALA E 1906 57.50 80.13 2.18
N LEU E 1907 56.21 79.82 2.27
CA LEU E 1907 55.76 78.43 2.13
C LEU E 1907 55.95 77.93 0.70
N ASP E 1908 55.81 78.84 -0.27
CA ASP E 1908 55.95 78.47 -1.68
C ASP E 1908 57.41 78.32 -2.07
N THR E 1909 58.29 78.97 -1.32
CA THR E 1909 59.71 78.81 -1.52
C THR E 1909 60.17 77.47 -0.95
N VAL E 1910 59.88 77.23 0.33
CA VAL E 1910 60.24 75.99 0.99
C VAL E 1910 59.71 74.78 0.24
N THR E 1911 58.49 74.89 -0.26
CA THR E 1911 57.89 73.77 -1.00
C THR E 1911 58.67 73.54 -2.31
N ASN E 1912 59.29 74.58 -2.85
CA ASN E 1912 60.03 74.47 -4.10
C ASN E 1912 61.51 74.19 -3.94
N VAL E 1913 62.11 74.83 -2.95
CA VAL E 1913 63.45 74.50 -2.52
C VAL E 1913 63.53 73.00 -2.26
N LEU E 1914 62.52 72.48 -1.58
CA LEU E 1914 62.46 71.06 -1.28
C LEU E 1914 62.39 70.23 -2.56
N ASN E 1915 61.48 70.61 -3.45
CA ASN E 1915 61.30 69.89 -4.71
C ASN E 1915 62.59 69.78 -5.47
N PHE E 1916 63.40 70.82 -5.34
CA PHE E 1916 64.70 70.91 -5.98
C PHE E 1916 65.69 69.91 -5.38
N ILE E 1917 65.92 70.06 -4.07
CA ILE E 1917 66.80 69.16 -3.33
C ILE E 1917 66.50 67.69 -3.61
N LYS E 1918 65.25 67.36 -3.94
CA LYS E 1918 64.89 65.97 -4.25
C LYS E 1918 65.33 65.55 -5.64
N LEU E 1919 64.98 66.33 -6.64
CA LEU E 1919 65.32 66.00 -8.02
C LEU E 1919 66.83 66.17 -8.21
N GLN E 1920 67.46 66.83 -7.26
CA GLN E 1920 68.88 67.09 -7.31
C GLN E 1920 69.68 66.04 -6.52
N LYS E 1921 68.99 65.30 -5.66
CA LYS E 1921 69.65 64.30 -4.82
C LYS E 1921 70.77 64.91 -3.96
N ILE E 1922 70.39 65.83 -3.08
CA ILE E 1922 71.36 66.57 -2.25
C ILE E 1922 71.43 66.16 -0.78
N ASP E 1923 72.35 65.25 -0.48
CA ASP E 1923 72.63 64.81 0.88
C ASP E 1923 73.31 65.95 1.67
N ILE E 1924 72.55 66.69 2.47
CA ILE E 1924 73.11 67.78 3.25
C ILE E 1924 73.90 67.32 4.50
N ILE E 1925 73.63 66.11 4.97
CA ILE E 1925 74.44 65.57 6.06
C ILE E 1925 75.87 65.29 5.57
N GLU E 1926 76.00 64.98 4.27
CA GLU E 1926 77.30 64.67 3.66
C GLU E 1926 78.04 65.93 3.21
N LEU E 1927 77.32 66.92 2.71
CA LEU E 1927 77.95 68.16 2.29
C LEU E 1927 78.40 68.97 3.49
N GLN E 1928 77.87 68.64 4.67
CA GLN E 1928 78.20 69.34 5.90
C GLN E 1928 79.55 68.87 6.44
N LYS E 1929 79.91 67.65 6.07
CA LYS E 1929 81.19 67.09 6.45
C LYS E 1929 82.28 67.61 5.50
N SER E 1930 82.03 67.48 4.19
CA SER E 1930 82.98 67.83 3.15
C SER E 1930 83.23 69.32 2.95
N LEU E 1931 82.20 70.13 3.17
CA LEU E 1931 82.30 71.58 3.02
C LEU E 1931 82.13 72.27 4.37
N SER E 1932 82.24 73.60 4.40
CA SER E 1932 82.11 74.33 5.67
C SER E 1932 80.70 74.83 5.85
N LEU E 1933 80.44 75.43 7.01
CA LEU E 1933 79.12 75.99 7.29
C LEU E 1933 78.76 77.02 6.24
N GLU E 1934 79.60 78.04 6.12
CA GLU E 1934 79.40 79.15 5.19
C GLU E 1934 79.32 78.64 3.76
N GLU E 1935 79.90 77.48 3.52
CA GLU E 1935 80.01 76.95 2.17
C GLU E 1935 78.68 76.40 1.67
N VAL E 1936 78.05 75.53 2.45
CA VAL E 1936 76.78 74.95 2.06
C VAL E 1936 75.67 75.94 2.33
N GLU E 1937 75.82 76.73 3.38
CA GLU E 1937 74.94 77.88 3.63
C GLU E 1937 74.67 78.61 2.32
N GLY E 1938 75.72 79.25 1.79
CA GLY E 1938 75.63 79.93 0.51
C GLY E 1938 75.11 79.02 -0.58
N HIS E 1939 75.51 77.75 -0.55
CA HIS E 1939 75.15 76.80 -1.59
C HIS E 1939 73.63 76.73 -1.81
N LEU E 1940 72.86 76.77 -0.71
CA LEU E 1940 71.39 76.73 -0.82
C LEU E 1940 70.77 78.10 -0.78
N PHE E 1941 71.47 79.06 -0.18
CA PHE E 1941 71.08 80.45 -0.27
C PHE E 1941 70.90 80.84 -1.73
N GLU E 1942 71.68 80.21 -2.60
CA GLU E 1942 71.56 80.42 -4.03
C GLU E 1942 70.31 79.72 -4.53
N ILE E 1943 70.10 78.49 -4.10
CA ILE E 1943 68.92 77.71 -4.48
C ILE E 1943 67.64 78.38 -4.00
N ILE E 1944 67.67 78.90 -2.78
CA ILE E 1944 66.58 79.67 -2.21
C ILE E 1944 66.27 80.88 -3.08
N ASP E 1945 67.29 81.64 -3.43
CA ASP E 1945 67.13 82.92 -4.10
C ASP E 1945 66.54 82.81 -5.51
N GLU E 1946 66.69 81.65 -6.12
CA GLU E 1946 66.14 81.44 -7.46
C GLU E 1946 64.68 81.04 -7.40
N ALA E 1947 64.27 80.50 -6.25
CA ALA E 1947 62.87 80.11 -6.07
C ALA E 1947 62.09 81.25 -5.40
N SER E 1948 62.77 82.04 -4.59
CA SER E 1948 62.12 83.14 -3.87
C SER E 1948 61.70 84.25 -4.83
N LYS E 1949 62.53 84.51 -5.83
CA LYS E 1949 62.17 85.44 -6.89
C LYS E 1949 60.82 85.04 -7.46
N LYS E 1950 60.66 83.76 -7.75
CA LYS E 1950 59.49 83.27 -8.48
C LYS E 1950 58.15 83.47 -7.77
N SER E 1951 58.17 83.40 -6.44
CA SER E 1951 56.92 83.49 -5.69
C SER E 1951 56.58 84.93 -5.26
N ALA E 1952 57.59 85.78 -5.09
CA ALA E 1952 57.33 87.19 -4.79
C ALA E 1952 56.63 87.85 -5.99
N VAL E 1953 56.97 87.39 -7.19
CA VAL E 1953 56.41 87.93 -8.42
C VAL E 1953 55.02 87.36 -8.72
N LYS E 1954 54.54 86.49 -7.83
CA LYS E 1954 53.20 85.94 -7.98
C LYS E 1954 52.16 86.87 -7.34
N PRO E 1955 50.93 86.88 -7.90
CA PRO E 1955 49.77 87.67 -7.49
C PRO E 1955 49.52 87.78 -5.97
N ARG E 1956 48.48 88.53 -5.58
CA ARG E 1956 48.31 88.99 -4.19
C ARG E 1956 48.33 87.88 -3.12
N PRO E 1957 47.23 87.10 -3.00
CA PRO E 1957 47.23 86.00 -2.04
C PRO E 1957 47.61 84.69 -2.73
N LEU E 1958 48.91 84.51 -2.94
CA LEU E 1958 49.50 83.34 -3.57
C LEU E 1958 48.80 82.02 -3.25
N LYS E 1959 48.55 81.21 -4.27
CA LYS E 1959 47.95 79.88 -4.08
C LYS E 1959 48.99 78.77 -3.96
N LEU E 1960 49.24 78.34 -2.73
CA LEU E 1960 50.18 77.25 -2.48
C LEU E 1960 49.77 76.02 -3.25
N GLU E 1961 50.72 75.41 -3.94
CA GLU E 1961 50.43 74.17 -4.65
C GLU E 1961 51.29 73.02 -4.15
N ARG E 1962 50.91 71.81 -4.52
CA ARG E 1962 51.50 70.57 -4.01
C ARG E 1962 52.98 70.37 -4.36
N GLY E 1963 53.62 69.47 -3.63
CA GLY E 1963 55.04 69.20 -3.82
C GLY E 1963 55.35 67.72 -3.87
N PHE E 1964 56.61 67.36 -3.62
CA PHE E 1964 57.03 65.96 -3.60
C PHE E 1964 56.93 65.46 -2.17
N ALA E 1965 57.00 66.38 -1.22
CA ALA E 1965 56.95 66.04 0.18
C ALA E 1965 56.13 67.09 0.90
N CYS E 1966 55.54 67.98 0.11
CA CYS E 1966 54.73 69.05 0.66
C CYS E 1966 53.27 68.96 0.24
N ILE E 1967 52.39 69.06 1.21
CA ILE E 1967 50.96 69.17 0.95
C ILE E 1967 50.41 70.42 1.62
N PRO E 1968 49.63 71.21 0.88
CA PRO E 1968 49.08 72.41 1.49
C PRO E 1968 47.88 72.01 2.35
N LEU E 1969 47.80 72.58 3.54
CA LEU E 1969 46.68 72.34 4.44
C LEU E 1969 45.52 73.27 4.09
N VAL E 1970 44.62 72.80 3.23
CA VAL E 1970 43.49 73.62 2.80
C VAL E 1970 42.60 73.96 3.99
N GLY E 1971 42.32 75.24 4.14
CA GLY E 1971 41.52 75.73 5.24
C GLY E 1971 42.27 76.77 6.03
N ILE E 1972 43.44 76.39 6.53
CA ILE E 1972 44.17 77.22 7.49
C ILE E 1972 44.70 78.52 6.89
N SER E 1973 44.59 79.59 7.69
CA SER E 1973 44.85 80.94 7.23
C SER E 1973 45.64 81.71 8.28
N VAL E 1974 45.64 81.21 9.51
CA VAL E 1974 46.41 81.80 10.58
C VAL E 1974 47.66 80.98 10.81
N PRO E 1975 48.80 81.65 11.00
CA PRO E 1975 50.07 80.96 11.25
C PRO E 1975 50.18 80.60 12.72
N PHE E 1976 49.14 80.02 13.32
CA PHE E 1976 49.19 79.70 14.75
C PHE E 1976 50.21 78.61 15.02
N HIS E 1977 50.69 78.56 16.26
CA HIS E 1977 51.82 77.72 16.66
C HIS E 1977 53.10 78.14 15.97
N SER E 1978 53.18 79.44 15.69
CA SER E 1978 54.42 80.12 15.30
C SER E 1978 54.59 81.26 16.27
N THR E 1979 55.63 82.07 16.09
CA THR E 1979 55.85 83.21 16.97
C THR E 1979 54.92 84.36 16.62
N TYR E 1980 54.27 84.24 15.46
CA TYR E 1980 53.40 85.27 14.92
C TYR E 1980 52.33 85.72 15.91
N LEU E 1981 51.64 84.77 16.71
CA LEU E 1981 50.52 84.98 17.63
C LEU E 1981 50.97 85.35 19.03
N MET E 1982 52.17 85.90 19.14
CA MET E 1982 52.71 86.27 20.45
C MET E 1982 52.05 87.49 21.09
N ASN E 1983 51.40 88.47 20.20
CA ASN E 1983 50.84 89.69 20.75
C ASN E 1983 49.45 89.43 21.26
N GLY E 1984 48.82 88.40 20.71
CA GLY E 1984 47.48 88.01 21.11
C GLY E 1984 47.45 87.11 22.33
N VAL E 1985 48.58 87.02 23.05
CA VAL E 1985 48.65 86.17 24.25
C VAL E 1985 47.96 86.77 25.48
N LYS E 1986 48.34 87.99 25.85
CA LYS E 1986 47.92 88.54 27.14
C LYS E 1986 46.42 88.91 27.32
N PRO E 1987 45.67 89.08 26.21
CA PRO E 1987 44.20 89.18 26.24
C PRO E 1987 43.50 87.84 26.46
N PHE E 1988 44.14 86.78 25.98
CA PHE E 1988 43.65 85.42 26.13
C PHE E 1988 44.06 84.93 27.51
N LYS E 1989 45.28 85.30 27.91
CA LYS E 1989 45.83 84.98 29.22
C LYS E 1989 45.01 85.58 30.37
N SER E 1990 44.19 86.57 30.06
CA SER E 1990 43.23 87.09 31.04
C SER E 1990 41.91 86.35 30.87
N PHE E 1991 41.51 86.08 29.64
CA PHE E 1991 40.29 85.33 29.35
C PHE E 1991 40.33 83.98 30.05
N LEU E 1992 41.47 83.30 29.95
CA LEU E 1992 41.63 81.99 30.57
C LEU E 1992 41.56 82.11 32.08
N LYS E 1993 42.21 83.13 32.63
CA LYS E 1993 42.21 83.32 34.07
C LYS E 1993 40.80 83.62 34.60
N LYS E 1994 39.95 84.20 33.74
CA LYS E 1994 38.57 84.51 34.13
C LYS E 1994 37.67 83.29 34.03
N ASN E 1995 38.20 82.20 33.48
CA ASN E 1995 37.40 80.99 33.27
C ASN E 1995 37.95 79.72 33.90
N ILE E 1996 39.24 79.71 34.17
CA ILE E 1996 39.85 78.59 34.86
C ILE E 1996 40.21 79.07 36.25
N ILE E 1997 39.31 78.83 37.19
CA ILE E 1997 39.45 79.31 38.56
C ILE E 1997 40.47 78.50 39.35
N LYS E 1998 41.18 79.16 40.26
CA LYS E 1998 42.17 78.50 41.10
C LYS E 1998 41.61 77.22 41.74
N GLU E 1999 40.40 77.31 42.28
CA GLU E 1999 39.83 76.23 43.10
C GLU E 1999 39.51 74.93 42.35
N ASN E 2000 39.51 74.98 41.02
CA ASN E 2000 39.20 73.81 40.20
C ASN E 2000 40.44 73.11 39.68
N VAL E 2001 41.60 73.62 40.06
CA VAL E 2001 42.84 72.98 39.67
C VAL E 2001 43.32 72.13 40.83
N LYS E 2002 42.93 70.86 40.81
CA LYS E 2002 43.43 69.93 41.81
C LYS E 2002 44.74 69.33 41.32
N VAL E 2003 45.79 69.55 42.09
CA VAL E 2003 47.14 69.31 41.59
C VAL E 2003 47.40 67.88 41.12
N ALA E 2004 46.94 66.91 41.90
CA ALA E 2004 47.24 65.51 41.64
C ALA E 2004 46.63 64.99 40.35
N ARG E 2005 45.57 65.66 39.89
CA ARG E 2005 44.86 65.27 38.67
C ARG E 2005 45.73 65.53 37.44
N LEU E 2006 46.68 66.45 37.59
CA LEU E 2006 47.57 66.90 36.51
C LEU E 2006 49.01 66.43 36.68
N ALA E 2007 49.53 66.54 37.90
CA ALA E 2007 50.93 66.20 38.19
C ALA E 2007 51.33 64.81 37.70
N GLY E 2008 52.25 64.78 36.74
CA GLY E 2008 52.78 63.54 36.24
C GLY E 2008 51.95 62.87 35.15
N LYS E 2009 50.72 63.35 34.95
CA LYS E 2009 49.79 62.72 34.01
C LYS E 2009 49.52 63.58 32.78
N TYR E 2010 49.55 64.90 32.97
CA TYR E 2010 49.22 65.86 31.93
C TYR E 2010 50.44 66.30 31.10
N ILE E 2011 50.48 65.93 29.83
CA ILE E 2011 51.53 66.36 28.90
C ILE E 2011 51.07 67.55 28.05
N PRO E 2012 51.53 68.78 28.38
CA PRO E 2012 51.14 69.97 27.61
C PRO E 2012 51.64 69.93 26.17
N ASN E 2013 51.53 71.05 25.45
CA ASN E 2013 52.01 71.15 24.09
C ASN E 2013 53.18 72.14 23.97
N LEU E 2014 53.13 73.19 24.77
CA LEU E 2014 54.23 74.14 24.86
C LEU E 2014 55.49 73.38 25.31
N THR E 2015 55.47 72.90 26.56
CA THR E 2015 56.37 71.87 27.04
C THR E 2015 55.85 70.55 26.52
N ALA E 2016 56.72 69.58 26.31
CA ALA E 2016 56.24 68.24 25.99
C ALA E 2016 56.55 67.32 27.16
N LYS E 2017 56.65 67.90 28.36
CA LYS E 2017 57.00 67.15 29.54
C LYS E 2017 55.92 67.22 30.60
N PRO E 2018 55.54 66.06 31.17
CA PRO E 2018 54.53 65.88 32.21
C PRO E 2018 54.51 66.96 33.30
N PHE E 2019 53.32 67.54 33.51
CA PHE E 2019 53.07 68.63 34.45
C PHE E 2019 53.67 68.34 35.81
N GLN E 2020 54.56 69.22 36.27
CA GLN E 2020 55.08 69.15 37.63
C GLN E 2020 55.18 70.57 38.15
N VAL E 2021 54.82 70.78 39.40
CA VAL E 2021 54.90 72.12 39.95
C VAL E 2021 56.23 72.28 40.72
N THR E 2022 57.32 72.33 39.94
CA THR E 2022 58.67 72.36 40.49
C THR E 2022 59.45 73.53 39.91
N LYS E 2023 60.44 74.01 40.65
CA LYS E 2023 61.28 75.13 40.23
C LYS E 2023 61.83 74.82 38.84
N GLU E 2024 62.38 73.61 38.74
CA GLU E 2024 62.81 73.01 37.48
C GLU E 2024 61.87 73.30 36.32
N TYR E 2025 60.63 72.83 36.47
CA TYR E 2025 59.64 72.93 35.41
C TYR E 2025 59.39 74.39 35.06
N PHE E 2026 59.09 75.17 36.09
CA PHE E 2026 58.72 76.57 35.91
C PHE E 2026 59.72 77.29 35.03
N GLN E 2027 61.00 76.96 35.20
CA GLN E 2027 62.05 77.60 34.43
C GLN E 2027 61.88 77.28 32.96
N ASP E 2028 61.79 75.99 32.64
CA ASP E 2028 61.64 75.56 31.25
C ASP E 2028 60.52 76.36 30.57
N VAL E 2029 59.47 76.67 31.31
CA VAL E 2029 58.35 77.39 30.70
C VAL E 2029 58.74 78.82 30.35
N TYR E 2030 59.41 79.48 31.29
CA TYR E 2030 59.90 80.81 31.02
C TYR E 2030 60.76 80.76 29.76
N ASP E 2031 61.71 79.84 29.74
CA ASP E 2031 62.64 79.69 28.62
C ASP E 2031 61.93 79.55 27.27
N LEU E 2032 60.78 78.90 27.27
CA LEU E 2032 60.07 78.66 26.02
C LEU E 2032 59.09 79.76 25.71
N THR E 2033 58.99 80.73 26.62
CA THR E 2033 57.93 81.74 26.49
C THR E 2033 58.22 83.14 26.99
N GLY E 2034 58.97 83.26 28.08
CA GLY E 2034 59.24 84.55 28.68
C GLY E 2034 57.97 85.20 29.17
N SER E 2035 57.61 84.93 30.42
CA SER E 2035 56.41 85.49 30.98
C SER E 2035 56.68 86.05 32.38
N GLU E 2036 56.17 87.25 32.62
CA GLU E 2036 56.34 87.95 33.89
C GLU E 2036 55.91 87.10 35.09
N PRO E 2037 54.63 86.69 35.13
CA PRO E 2037 54.11 85.90 36.25
C PRO E 2037 55.07 84.77 36.61
N ILE E 2038 55.60 84.11 35.59
CA ILE E 2038 56.52 83.01 35.80
C ILE E 2038 57.85 83.49 36.39
N LYS E 2039 58.48 84.43 35.70
CA LYS E 2039 59.82 84.89 36.07
C LYS E 2039 59.99 85.25 37.55
N GLU E 2040 59.02 85.94 38.11
CA GLU E 2040 59.07 86.29 39.53
C GLU E 2040 59.08 85.01 40.35
N ILE E 2041 58.21 84.07 39.98
CA ILE E 2041 58.07 82.80 40.70
C ILE E 2041 59.36 81.98 40.71
N ILE E 2042 60.02 81.90 39.56
CA ILE E 2042 61.29 81.18 39.46
C ILE E 2042 62.31 81.87 40.33
N ASP E 2043 62.32 83.20 40.24
CA ASP E 2043 63.29 84.08 40.90
C ASP E 2043 63.22 84.02 42.43
N ASN E 2044 62.01 83.95 42.97
CA ASN E 2044 61.82 83.78 44.41
C ASN E 2044 61.01 82.53 44.74
N TRP E 2045 61.59 81.39 44.42
CA TRP E 2045 60.95 80.09 44.63
C TRP E 2045 60.72 79.77 46.12
N GLU E 2046 61.49 80.41 46.98
CA GLU E 2046 61.43 80.07 48.40
C GLU E 2046 60.21 80.67 49.09
N LYS E 2047 59.19 80.97 48.31
CA LYS E 2047 57.88 81.29 48.85
C LYS E 2047 57.29 80.05 49.52
N TYR E 2048 58.09 79.00 49.64
CA TYR E 2048 57.69 77.75 50.27
C TYR E 2048 56.69 77.89 51.42
N GLU E 2049 57.08 78.59 52.48
CA GLU E 2049 56.24 78.68 53.68
C GLU E 2049 55.12 79.72 53.59
N GLN E 2050 53.88 79.22 53.53
CA GLN E 2050 52.66 80.02 53.65
C GLN E 2050 52.87 81.49 54.06
N SER F 5 50.76 -54.40 34.93
CA SER F 5 51.67 -53.69 34.04
C SER F 5 50.89 -52.84 33.02
N THR F 6 49.58 -53.10 32.94
CA THR F 6 48.74 -52.55 31.87
C THR F 6 48.05 -51.23 32.21
N ARG F 7 48.00 -50.33 31.23
CA ARG F 7 47.68 -48.93 31.43
C ARG F 7 47.00 -48.33 30.19
N PRO F 8 45.66 -48.17 30.26
CA PRO F 8 44.74 -47.84 29.14
C PRO F 8 45.19 -46.70 28.22
N LEU F 9 44.81 -46.82 26.95
CA LEU F 9 45.13 -45.84 25.91
C LEU F 9 44.07 -45.99 24.82
N THR F 10 43.45 -44.89 24.41
CA THR F 10 42.35 -44.98 23.44
C THR F 10 42.72 -44.53 22.02
N LEU F 11 42.47 -45.40 21.04
CA LEU F 11 42.57 -45.01 19.64
C LEU F 11 41.22 -44.49 19.17
N SER F 12 41.22 -43.24 18.71
CA SER F 12 39.98 -42.47 18.65
C SER F 12 39.71 -41.86 17.28
N HIS F 13 38.45 -41.97 16.85
CA HIS F 13 37.95 -41.23 15.69
C HIS F 13 36.42 -41.19 15.71
N GLY F 14 35.85 -39.99 15.68
CA GLY F 14 34.40 -39.82 15.67
C GLY F 14 33.74 -40.44 16.89
N SER F 15 32.76 -41.30 16.65
CA SER F 15 32.14 -42.07 17.74
C SER F 15 32.77 -43.47 17.86
N LEU F 16 33.95 -43.63 17.28
CA LEU F 16 34.60 -44.94 17.24
C LEU F 16 35.84 -44.99 18.11
N GLU F 17 35.74 -45.80 19.16
CA GLU F 17 36.85 -46.00 20.08
C GLU F 17 37.45 -47.38 19.86
N HIS F 18 38.72 -47.52 20.26
CA HIS F 18 39.31 -48.84 20.50
C HIS F 18 40.31 -48.75 21.64
N VAL F 19 39.92 -49.26 22.80
CA VAL F 19 40.77 -49.19 23.97
C VAL F 19 41.96 -50.14 23.87
N LEU F 20 43.14 -49.62 24.20
CA LEU F 20 44.40 -50.29 23.93
C LEU F 20 45.24 -50.42 25.21
N LEU F 21 45.30 -51.64 25.73
CA LEU F 21 46.06 -51.92 26.95
C LEU F 21 47.55 -51.83 26.67
N VAL F 22 48.25 -51.06 27.47
CA VAL F 22 49.65 -50.74 27.18
C VAL F 22 50.61 -51.19 28.28
N PRO F 23 51.70 -51.86 27.87
CA PRO F 23 52.78 -52.24 28.80
C PRO F 23 53.45 -51.03 29.45
N THR F 24 54.25 -51.27 30.49
CA THR F 24 54.86 -50.19 31.26
C THR F 24 55.93 -49.39 30.48
N ALA F 25 57.10 -49.98 30.23
CA ALA F 25 58.14 -49.28 29.46
C ALA F 25 57.70 -49.09 28.00
N SER F 26 56.61 -48.37 27.83
CA SER F 26 55.95 -48.28 26.53
C SER F 26 54.94 -47.13 26.44
N PHE F 27 54.07 -46.99 27.44
CA PHE F 27 52.95 -46.03 27.36
C PHE F 27 53.39 -44.61 27.05
N PHE F 28 54.67 -44.34 27.26
CA PHE F 28 55.27 -43.06 26.86
C PHE F 28 55.22 -42.93 25.34
N ILE F 29 56.06 -43.72 24.66
CA ILE F 29 56.15 -43.72 23.22
C ILE F 29 54.80 -44.04 22.56
N ALA F 30 54.00 -44.87 23.24
CA ALA F 30 52.66 -45.21 22.79
C ALA F 30 51.78 -43.98 22.67
N SER F 31 51.73 -43.19 23.74
CA SER F 31 50.92 -41.97 23.72
C SER F 31 51.41 -40.97 22.68
N GLN F 32 52.73 -40.85 22.53
CA GLN F 32 53.32 -39.99 21.51
C GLN F 32 52.76 -40.33 20.14
N LEU F 33 52.80 -41.61 19.78
CA LEU F 33 52.25 -42.07 18.52
C LEU F 33 50.76 -41.74 18.45
N GLN F 34 50.06 -42.05 19.53
CA GLN F 34 48.61 -41.84 19.62
C GLN F 34 48.25 -40.41 19.26
N GLU F 35 49.06 -39.46 19.72
CA GLU F 35 48.82 -38.04 19.47
C GLU F 35 49.07 -37.68 18.01
N GLN F 36 50.28 -37.99 17.54
CA GLN F 36 50.65 -37.74 16.14
C GLN F 36 49.60 -38.31 15.18
N PHE F 37 49.18 -39.53 15.47
CA PHE F 37 48.16 -40.24 14.69
C PHE F 37 46.84 -39.46 14.67
N ASN F 38 46.43 -39.00 15.86
CA ASN F 38 45.19 -38.23 16.01
C ASN F 38 45.14 -36.99 15.13
N LYS F 39 46.32 -36.41 14.92
CA LYS F 39 46.46 -35.21 14.08
C LYS F 39 46.11 -35.49 12.61
N ILE F 40 46.66 -36.58 12.08
CA ILE F 40 46.47 -36.94 10.68
C ILE F 40 45.03 -37.32 10.30
N LEU F 41 44.30 -37.89 11.25
CA LEU F 41 42.90 -38.25 11.04
C LEU F 41 42.03 -37.07 10.56
N PRO F 42 41.48 -37.21 9.34
CA PRO F 42 40.47 -36.28 8.79
C PRO F 42 39.22 -36.20 9.66
N GLU F 43 38.63 -35.01 9.73
CA GLU F 43 37.49 -34.76 10.60
C GLU F 43 36.35 -35.72 10.32
N PRO F 44 35.79 -36.32 11.39
CA PRO F 44 34.64 -37.22 11.36
C PRO F 44 33.44 -36.56 10.66
N THR F 45 32.61 -37.34 9.98
CA THR F 45 31.45 -36.79 9.27
C THR F 45 30.42 -37.84 8.90
N GLU F 46 29.21 -37.70 9.44
CA GLU F 46 28.04 -38.49 9.05
C GLU F 46 28.31 -39.99 8.99
N GLY F 47 28.62 -40.59 10.14
CA GLY F 47 28.98 -41.99 10.19
C GLY F 47 30.28 -42.25 9.44
N PHE F 48 31.23 -41.33 9.60
CA PHE F 48 32.59 -41.46 9.04
C PHE F 48 32.56 -41.91 7.58
N ALA F 49 31.53 -41.49 6.87
CA ALA F 49 31.24 -42.06 5.56
C ALA F 49 32.05 -41.44 4.40
N ALA F 50 33.12 -40.72 4.72
CA ALA F 50 33.98 -40.17 3.67
C ALA F 50 34.96 -41.23 3.16
N ASP F 51 35.90 -40.84 2.32
CA ASP F 51 36.82 -41.80 1.69
C ASP F 51 38.14 -42.01 2.46
N ASP F 52 38.55 -41.00 3.21
CA ASP F 52 39.73 -41.12 4.07
C ASP F 52 39.33 -41.79 5.40
N GLU F 53 38.08 -41.56 5.81
CA GLU F 53 37.59 -41.95 7.13
C GLU F 53 37.36 -43.46 7.37
N PRO F 54 37.95 -44.00 8.44
CA PRO F 54 37.64 -45.37 8.88
C PRO F 54 36.16 -45.53 9.19
N THR F 55 35.57 -46.61 8.68
CA THR F 55 34.16 -46.94 8.92
C THR F 55 33.94 -47.57 10.31
N THR F 56 34.91 -48.37 10.75
CA THR F 56 34.76 -49.19 11.94
C THR F 56 36.01 -49.22 12.82
N PRO F 57 35.83 -49.54 14.10
CA PRO F 57 36.91 -49.80 15.05
C PRO F 57 38.02 -50.62 14.42
N ALA F 58 37.65 -51.70 13.74
CA ALA F 58 38.61 -52.56 13.05
C ALA F 58 39.46 -51.76 12.06
N GLU F 59 38.78 -51.02 11.18
CA GLU F 59 39.47 -50.21 10.16
C GLU F 59 40.43 -49.20 10.80
N LEU F 60 39.94 -48.53 11.83
CA LEU F 60 40.73 -47.57 12.60
C LEU F 60 42.03 -48.19 13.12
N VAL F 61 41.93 -49.37 13.74
CA VAL F 61 43.11 -50.00 14.28
C VAL F 61 44.08 -50.26 13.14
N GLY F 62 43.56 -50.70 12.01
CA GLY F 62 44.36 -50.90 10.82
C GLY F 62 45.02 -49.61 10.37
N LYS F 63 44.28 -48.52 10.47
CA LYS F 63 44.81 -47.19 10.19
C LYS F 63 46.04 -46.90 11.05
N PHE F 64 45.82 -46.86 12.37
CA PHE F 64 46.89 -46.54 13.31
C PHE F 64 48.00 -47.58 13.17
N LEU F 65 47.59 -48.79 12.81
CA LEU F 65 48.52 -49.90 12.64
C LEU F 65 49.44 -49.59 11.48
N GLY F 66 48.89 -48.99 10.43
CA GLY F 66 49.66 -48.61 9.26
C GLY F 66 50.48 -47.36 9.46
N TYR F 67 49.95 -46.42 10.22
CA TYR F 67 50.69 -45.22 10.57
C TYR F 67 51.99 -45.55 11.32
N VAL F 68 51.88 -46.38 12.36
CA VAL F 68 53.07 -46.75 13.12
C VAL F 68 54.06 -47.50 12.25
N SER F 69 53.55 -48.31 11.32
CA SER F 69 54.41 -49.08 10.44
C SER F 69 55.23 -48.19 9.53
N SER F 70 54.65 -47.04 9.19
CA SER F 70 55.32 -46.10 8.30
C SER F 70 56.61 -45.53 8.90
N LEU F 71 56.76 -45.67 10.21
CA LEU F 71 57.89 -45.07 10.91
C LEU F 71 58.89 -46.11 11.42
N VAL F 72 59.03 -47.21 10.69
CA VAL F 72 59.92 -48.29 11.11
C VAL F 72 60.79 -48.82 9.95
N GLU F 73 61.91 -49.43 10.27
CA GLU F 73 62.73 -50.14 9.29
C GLU F 73 63.02 -51.55 9.77
N PRO F 74 63.05 -52.52 8.84
CA PRO F 74 63.41 -53.90 9.19
C PRO F 74 64.91 -54.07 9.44
N SER F 75 65.74 -53.23 8.82
CA SER F 75 67.19 -53.36 8.91
C SER F 75 67.76 -52.87 10.24
N LYS F 76 67.42 -51.64 10.62
CA LYS F 76 67.88 -51.05 11.87
C LYS F 76 66.78 -51.20 12.92
N VAL F 77 67.15 -51.22 14.20
CA VAL F 77 66.14 -51.34 15.24
C VAL F 77 65.56 -49.98 15.59
N GLY F 78 64.24 -49.93 15.74
CA GLY F 78 63.54 -48.70 16.05
C GLY F 78 62.99 -48.63 17.46
N GLN F 79 62.31 -47.54 17.77
CA GLN F 79 61.78 -47.30 19.11
C GLN F 79 60.30 -47.62 19.16
N PHE F 80 59.73 -47.93 18.00
CA PHE F 80 58.30 -48.21 17.89
C PHE F 80 58.07 -49.69 17.64
N ASP F 81 59.16 -50.39 17.36
CA ASP F 81 59.13 -51.84 17.18
C ASP F 81 58.36 -52.45 18.37
N GLN F 82 58.53 -51.80 19.52
CA GLN F 82 57.82 -52.18 20.74
C GLN F 82 56.31 -52.05 20.53
N VAL F 83 55.89 -50.84 20.18
CA VAL F 83 54.47 -50.53 20.07
C VAL F 83 53.80 -51.23 18.89
N LEU F 84 54.49 -51.26 17.76
CA LEU F 84 53.94 -51.87 16.55
C LEU F 84 53.53 -53.31 16.84
N ASN F 85 54.51 -54.11 17.23
CA ASN F 85 54.29 -55.52 17.54
C ASN F 85 53.19 -55.75 18.57
N LEU F 86 52.92 -54.74 19.38
CA LEU F 86 51.87 -54.84 20.39
C LEU F 86 50.48 -54.56 19.82
N CYS F 87 50.40 -53.57 18.93
CA CYS F 87 49.13 -53.24 18.30
C CYS F 87 48.74 -54.29 17.28
N LEU F 88 49.76 -54.93 16.69
CA LEU F 88 49.55 -56.09 15.84
C LEU F 88 48.77 -57.14 16.60
N THR F 89 49.37 -57.60 17.69
CA THR F 89 48.77 -58.68 18.48
C THR F 89 47.38 -58.33 18.97
N GLU F 90 47.13 -57.05 19.29
CA GLU F 90 45.82 -56.69 19.79
C GLU F 90 44.82 -56.55 18.65
N PHE F 91 45.30 -56.22 17.46
CA PHE F 91 44.42 -56.16 16.30
C PHE F 91 44.08 -57.57 15.88
N GLU F 92 45.12 -58.39 15.75
CA GLU F 92 44.96 -59.82 15.46
C GLU F 92 43.98 -60.42 16.46
N ASN F 93 44.36 -60.38 17.73
CA ASN F 93 43.63 -61.06 18.77
C ASN F 93 42.21 -60.51 18.92
N CYS F 94 42.03 -59.24 18.62
CA CYS F 94 40.74 -58.63 18.82
C CYS F 94 39.81 -58.69 17.61
N TYR F 95 40.35 -58.44 16.42
CA TYR F 95 39.52 -58.30 15.21
C TYR F 95 39.57 -59.48 14.24
N LEU F 96 40.71 -60.15 14.16
CA LEU F 96 40.84 -61.35 13.36
C LEU F 96 40.47 -62.53 14.24
N GLU F 97 39.46 -63.29 13.86
CA GLU F 97 39.13 -64.48 14.62
C GLU F 97 40.06 -65.63 14.22
N GLY F 98 41.31 -65.30 13.95
CA GLY F 98 42.28 -66.28 13.51
C GLY F 98 42.39 -66.41 11.99
N ASN F 99 41.32 -66.05 11.26
CA ASN F 99 41.32 -66.16 9.79
C ASN F 99 42.20 -65.08 9.15
N ASP F 100 42.14 -65.00 7.83
CA ASP F 100 42.95 -64.05 7.07
C ASP F 100 42.34 -62.66 7.03
N ILE F 101 43.19 -61.65 6.84
CA ILE F 101 42.72 -60.28 6.75
C ILE F 101 41.64 -60.27 5.68
N HIS F 102 41.86 -61.05 4.64
CA HIS F 102 40.92 -61.14 3.53
C HIS F 102 39.52 -61.54 3.99
N ALA F 103 39.45 -62.48 4.92
CA ALA F 103 38.18 -62.90 5.46
C ALA F 103 37.50 -61.75 6.20
N LEU F 104 38.30 -60.97 6.90
CA LEU F 104 37.80 -59.78 7.61
C LEU F 104 37.27 -58.71 6.65
N ALA F 105 37.99 -58.47 5.57
CA ALA F 105 37.62 -57.48 4.57
C ALA F 105 36.29 -57.82 3.98
N ALA F 106 36.12 -59.10 3.67
CA ALA F 106 34.85 -59.61 3.16
C ALA F 106 33.73 -59.34 4.15
N LYS F 107 33.97 -59.65 5.44
CA LYS F 107 32.99 -59.41 6.49
C LYS F 107 32.66 -57.93 6.55
N LEU F 108 33.70 -57.11 6.51
CA LEU F 108 33.54 -55.67 6.57
C LEU F 108 32.76 -55.14 5.36
N LEU F 109 32.90 -55.83 4.23
CA LEU F 109 32.11 -55.47 3.06
C LEU F 109 30.67 -55.88 3.24
N GLN F 110 30.47 -57.19 3.34
CA GLN F 110 29.14 -57.78 3.45
C GLN F 110 28.34 -57.12 4.56
N GLU F 111 28.75 -57.35 5.80
CA GLU F 111 28.03 -56.86 6.96
C GLU F 111 28.15 -55.34 7.10
N ASN F 112 29.35 -54.87 7.43
CA ASN F 112 29.56 -53.47 7.77
C ASN F 112 29.50 -52.48 6.61
N ASP F 113 30.21 -51.37 6.75
CA ASP F 113 30.15 -50.32 5.73
C ASP F 113 31.08 -50.53 4.55
N THR F 114 30.43 -51.02 3.52
CA THR F 114 31.03 -51.45 2.27
C THR F 114 31.85 -50.33 1.64
N THR F 115 33.15 -50.57 1.48
CA THR F 115 33.99 -49.79 0.56
C THR F 115 35.16 -50.64 0.10
N LEU F 116 35.15 -51.02 -1.17
CA LEU F 116 36.23 -51.82 -1.73
C LEU F 116 37.56 -51.14 -1.49
N VAL F 117 37.54 -49.83 -1.68
CA VAL F 117 38.73 -49.02 -1.55
C VAL F 117 39.25 -49.08 -0.12
N LYS F 118 38.32 -49.03 0.83
CA LYS F 118 38.66 -49.09 2.25
C LYS F 118 39.17 -50.46 2.64
N THR F 119 38.57 -51.49 2.05
CA THR F 119 38.98 -52.89 2.23
C THR F 119 40.45 -53.11 1.86
N LYS F 120 40.76 -52.73 0.62
CA LYS F 120 42.14 -52.71 0.13
C LYS F 120 43.05 -51.99 1.13
N GLU F 121 42.65 -50.81 1.59
CA GLU F 121 43.36 -50.10 2.66
C GLU F 121 43.71 -51.02 3.83
N LEU F 122 42.69 -51.60 4.45
CA LEU F 122 42.86 -52.46 5.63
C LEU F 122 43.85 -53.57 5.36
N ILE F 123 43.73 -54.19 4.19
CA ILE F 123 44.65 -55.24 3.80
C ILE F 123 46.09 -54.76 3.65
N LYS F 124 46.28 -53.66 2.92
CA LYS F 124 47.62 -53.08 2.74
C LYS F 124 48.24 -52.92 4.11
N ASN F 125 47.48 -52.32 5.02
CA ASN F 125 47.94 -52.00 6.37
C ASN F 125 48.45 -53.22 7.13
N TYR F 126 47.63 -54.28 7.19
CA TYR F 126 47.97 -55.43 8.01
C TYR F 126 49.20 -56.19 7.51
N ILE F 127 49.20 -56.57 6.24
CA ILE F 127 50.34 -57.26 5.66
C ILE F 127 51.59 -56.40 5.79
N THR F 128 51.48 -55.16 5.31
CA THR F 128 52.58 -54.21 5.39
C THR F 128 53.14 -54.08 6.80
N ALA F 129 52.25 -53.85 7.77
CA ALA F 129 52.65 -53.72 9.16
C ALA F 129 53.46 -54.93 9.59
N ARG F 130 52.81 -56.09 9.50
CA ARG F 130 53.37 -57.35 9.95
C ARG F 130 54.79 -57.58 9.41
N ILE F 131 54.97 -57.39 8.11
CA ILE F 131 56.27 -57.63 7.49
C ILE F 131 57.38 -56.67 7.94
N MET F 132 57.00 -55.43 8.24
CA MET F 132 57.97 -54.45 8.73
C MET F 132 58.21 -54.57 10.23
N ALA F 133 57.38 -55.38 10.89
CA ALA F 133 57.57 -55.69 12.30
C ALA F 133 58.39 -56.97 12.46
N LYS F 134 59.28 -57.21 11.49
CA LYS F 134 60.10 -58.43 11.45
C LYS F 134 59.33 -59.67 11.93
N ARG F 135 58.14 -59.88 11.37
CA ARG F 135 57.23 -60.92 11.83
C ARG F 135 56.54 -61.63 10.65
N PRO F 136 57.33 -62.34 9.82
CA PRO F 136 56.98 -62.89 8.50
C PRO F 136 55.73 -63.78 8.42
N PHE F 137 55.48 -64.28 7.22
CA PHE F 137 54.37 -65.18 6.94
C PHE F 137 54.87 -66.59 6.69
N ASP F 138 55.95 -67.05 7.51
CA ASP F 138 56.39 -68.44 7.37
C ASP F 138 55.84 -69.34 8.47
N LYS F 139 54.64 -69.99 8.13
CA LYS F 139 53.95 -70.97 8.96
C LYS F 139 52.72 -71.38 8.15
N LYS F 140 52.69 -72.62 7.68
CA LYS F 140 51.56 -73.09 6.86
C LYS F 140 50.28 -72.62 7.51
N SER F 141 49.39 -72.04 6.72
CA SER F 141 48.15 -71.49 7.23
C SER F 141 47.03 -72.50 7.10
N ASN F 142 45.98 -72.34 7.90
CA ASN F 142 44.86 -73.26 7.86
C ASN F 142 43.80 -72.93 6.80
N SER F 143 44.25 -72.71 5.58
CA SER F 143 43.33 -72.52 4.46
C SER F 143 42.49 -73.77 4.38
N ALA F 144 41.19 -73.60 4.63
CA ALA F 144 40.27 -74.72 4.63
C ALA F 144 40.28 -75.43 3.27
N LEU F 145 40.47 -74.66 2.20
CA LEU F 145 40.64 -75.24 0.87
C LEU F 145 41.88 -76.13 0.84
N PHE F 146 43.04 -75.52 1.06
CA PHE F 146 44.30 -76.24 0.95
C PHE F 146 44.43 -77.40 1.94
N ARG F 147 43.79 -77.28 3.09
CA ARG F 147 43.72 -78.38 4.04
C ARG F 147 42.96 -79.57 3.43
N ALA F 148 41.78 -79.28 2.86
CA ALA F 148 40.94 -80.31 2.28
C ALA F 148 41.48 -80.91 0.97
N VAL F 149 42.17 -80.11 0.16
CA VAL F 149 42.81 -80.65 -1.04
C VAL F 149 43.93 -81.56 -0.58
N GLY F 150 44.62 -81.14 0.48
CA GLY F 150 45.72 -81.89 1.04
C GLY F 150 45.32 -83.25 1.58
N GLU F 151 44.17 -83.30 2.23
CA GLU F 151 43.60 -84.55 2.74
C GLU F 151 43.14 -85.48 1.61
N GLY F 152 42.25 -85.00 0.74
CA GLY F 152 41.85 -85.78 -0.41
C GLY F 152 40.43 -85.52 -0.88
N ASN F 153 39.72 -84.69 -0.13
CA ASN F 153 38.34 -84.33 -0.47
C ASN F 153 38.28 -83.13 -1.39
N ALA F 154 39.39 -82.85 -2.08
CA ALA F 154 39.47 -81.71 -3.01
C ALA F 154 40.73 -81.75 -3.84
N GLN F 155 40.67 -81.16 -5.04
CA GLN F 155 41.81 -81.09 -5.95
C GLN F 155 41.84 -79.77 -6.68
N LEU F 156 43.04 -79.22 -6.87
CA LEU F 156 43.19 -77.89 -7.43
C LEU F 156 43.73 -77.92 -8.86
N VAL F 157 43.21 -77.04 -9.71
CA VAL F 157 43.81 -76.80 -11.02
C VAL F 157 44.06 -75.31 -11.29
N ALA F 158 45.32 -74.97 -11.50
CA ALA F 158 45.70 -73.60 -11.81
C ALA F 158 45.38 -73.28 -13.26
N ILE F 159 44.52 -72.29 -13.45
CA ILE F 159 44.15 -71.82 -14.77
C ILE F 159 44.71 -70.40 -14.92
N PHE F 160 45.30 -70.09 -16.08
CA PHE F 160 45.94 -68.79 -16.29
C PHE F 160 45.33 -68.02 -17.47
N GLY F 161 45.02 -66.75 -17.22
CA GLY F 161 44.25 -65.93 -18.15
C GLY F 161 45.01 -65.52 -19.39
N GLY F 162 44.30 -64.91 -20.33
CA GLY F 162 44.91 -64.47 -21.58
C GLY F 162 44.78 -62.98 -21.80
N GLN F 163 45.07 -62.59 -23.03
CA GLN F 163 44.92 -61.20 -23.42
C GLN F 163 43.45 -60.92 -23.72
N GLY F 164 43.00 -59.71 -23.41
CA GLY F 164 41.70 -59.25 -23.87
C GLY F 164 40.56 -59.42 -22.89
N ASN F 165 40.87 -59.73 -21.64
CA ASN F 165 39.84 -59.91 -20.63
C ASN F 165 39.40 -58.58 -20.05
N THR F 166 40.21 -57.55 -20.23
CA THR F 166 39.97 -56.26 -19.60
C THR F 166 40.44 -55.12 -20.49
N ASP F 167 39.72 -54.01 -20.43
CA ASP F 167 40.14 -52.76 -21.04
C ASP F 167 41.47 -52.25 -20.41
N ASP F 168 41.47 -52.10 -19.09
CA ASP F 168 42.61 -51.57 -18.33
C ASP F 168 43.42 -52.64 -17.61
N TYR F 169 44.16 -53.45 -18.37
CA TYR F 169 44.91 -54.54 -17.77
C TYR F 169 45.99 -54.02 -16.80
N PHE F 170 46.68 -52.96 -17.22
CA PHE F 170 47.80 -52.47 -16.45
C PHE F 170 47.35 -52.05 -15.05
N GLU F 171 46.06 -51.79 -14.91
CA GLU F 171 45.52 -51.35 -13.63
C GLU F 171 45.68 -52.43 -12.57
N GLU F 172 45.55 -53.68 -12.99
CA GLU F 172 45.65 -54.80 -12.07
C GLU F 172 47.06 -54.89 -11.52
N LEU F 173 48.05 -54.53 -12.35
CA LEU F 173 49.45 -54.53 -11.92
C LEU F 173 49.69 -53.42 -10.89
N ARG F 174 48.98 -52.32 -11.05
CA ARG F 174 49.09 -51.24 -10.10
C ARG F 174 48.63 -51.68 -8.72
N ASP F 175 47.35 -52.05 -8.63
CA ASP F 175 46.72 -52.46 -7.38
C ASP F 175 47.55 -53.50 -6.66
N LEU F 176 48.24 -54.32 -7.45
CA LEU F 176 49.07 -55.37 -6.91
C LEU F 176 50.32 -54.75 -6.27
N TYR F 177 51.02 -53.96 -7.08
CA TYR F 177 52.22 -53.24 -6.65
C TYR F 177 51.95 -52.34 -5.45
N GLN F 178 50.85 -51.62 -5.55
CA GLN F 178 50.47 -50.67 -4.53
C GLN F 178 50.02 -51.36 -3.23
N THR F 179 49.07 -52.30 -3.31
CA THR F 179 48.54 -52.97 -2.11
C THR F 179 49.56 -53.89 -1.43
N TYR F 180 49.88 -55.00 -2.09
CA TYR F 180 50.83 -55.98 -1.56
C TYR F 180 52.24 -55.64 -1.98
N HIS F 181 52.75 -54.49 -1.57
CA HIS F 181 54.09 -54.13 -2.00
C HIS F 181 55.13 -55.04 -1.31
N VAL F 182 54.82 -55.38 -0.06
CA VAL F 182 55.74 -56.11 0.80
C VAL F 182 55.96 -57.55 0.34
N LEU F 183 55.13 -58.01 -0.58
CA LEU F 183 55.20 -59.39 -1.04
C LEU F 183 55.71 -59.49 -2.47
N VAL F 184 55.38 -58.50 -3.29
CA VAL F 184 55.59 -58.60 -4.73
C VAL F 184 56.69 -57.69 -5.28
N GLY F 185 57.09 -56.69 -4.49
CA GLY F 185 58.10 -55.72 -4.87
C GLY F 185 59.27 -56.32 -5.63
N ASP F 186 59.72 -57.50 -5.19
CA ASP F 186 60.85 -58.20 -5.78
C ASP F 186 60.69 -58.41 -7.27
N LEU F 187 59.71 -59.22 -7.67
CA LEU F 187 59.63 -59.64 -9.06
C LEU F 187 59.07 -58.58 -9.99
N ILE F 188 58.39 -57.58 -9.41
CA ILE F 188 58.04 -56.42 -10.19
C ILE F 188 59.34 -55.76 -10.61
N LYS F 189 60.13 -55.38 -9.63
CA LYS F 189 61.44 -54.78 -9.89
C LYS F 189 62.32 -55.73 -10.71
N PHE F 190 62.31 -57.01 -10.35
CA PHE F 190 63.09 -58.01 -11.07
C PHE F 190 62.68 -58.09 -12.53
N SER F 191 61.38 -58.01 -12.78
CA SER F 191 60.86 -58.08 -14.14
C SER F 191 61.13 -56.79 -14.91
N ALA F 192 60.91 -55.67 -14.25
CA ALA F 192 61.11 -54.38 -14.87
C ALA F 192 62.53 -54.30 -15.39
N GLU F 193 63.47 -54.81 -14.61
CA GLU F 193 64.88 -54.76 -14.96
C GLU F 193 65.19 -55.77 -16.04
N THR F 194 64.64 -56.98 -15.89
CA THR F 194 64.99 -58.06 -16.79
C THR F 194 64.39 -57.83 -18.18
N LEU F 195 63.27 -57.10 -18.21
CA LEU F 195 62.69 -56.68 -19.47
C LEU F 195 63.54 -55.60 -20.11
N SER F 196 64.01 -54.66 -19.28
CA SER F 196 64.92 -53.61 -19.74
C SER F 196 66.12 -54.20 -20.46
N GLU F 197 66.63 -55.30 -19.92
CA GLU F 197 67.76 -55.99 -20.51
C GLU F 197 67.39 -56.58 -21.86
N LEU F 198 66.30 -57.33 -21.92
CA LEU F 198 65.84 -57.92 -23.16
C LEU F 198 65.89 -56.92 -24.31
N ILE F 199 65.69 -55.64 -23.99
CA ILE F 199 65.60 -54.59 -25.01
C ILE F 199 66.97 -54.11 -25.51
N ARG F 200 67.93 -54.02 -24.59
CA ARG F 200 69.33 -53.80 -24.96
C ARG F 200 69.81 -55.03 -25.71
N THR F 201 69.81 -56.16 -25.01
CA THR F 201 70.12 -57.48 -25.55
C THR F 201 69.63 -57.74 -26.98
N THR F 202 68.43 -57.25 -27.30
CA THR F 202 67.81 -57.51 -28.61
C THR F 202 68.13 -56.43 -29.64
N LEU F 203 68.26 -56.85 -30.90
CA LEU F 203 68.67 -55.97 -31.97
C LEU F 203 67.80 -54.73 -32.06
N ASP F 204 66.67 -54.86 -32.76
CA ASP F 204 65.84 -53.70 -33.03
C ASP F 204 64.58 -53.67 -32.17
N ALA F 205 64.66 -54.30 -31.01
CA ALA F 205 63.56 -54.28 -30.05
C ALA F 205 63.25 -52.85 -29.64
N GLU F 206 64.29 -52.02 -29.62
CA GLU F 206 64.18 -50.63 -29.22
C GLU F 206 63.12 -49.90 -30.05
N LYS F 207 63.06 -50.22 -31.34
CA LYS F 207 62.13 -49.56 -32.26
C LYS F 207 60.67 -49.85 -31.94
N VAL F 208 60.43 -51.03 -31.38
CA VAL F 208 59.08 -51.44 -31.07
C VAL F 208 58.57 -50.74 -29.82
N PHE F 209 59.44 -50.50 -28.86
CA PHE F 209 59.06 -49.76 -27.65
C PHE F 209 59.19 -48.26 -27.82
N THR F 210 58.42 -47.74 -28.78
CA THR F 210 58.32 -46.31 -29.08
C THR F 210 58.40 -45.37 -27.87
N GLN F 211 57.64 -45.67 -26.81
CA GLN F 211 57.64 -44.86 -25.60
C GLN F 211 58.32 -45.54 -24.41
N GLY F 212 59.31 -46.40 -24.69
CA GLY F 212 60.08 -47.05 -23.65
C GLY F 212 59.28 -47.98 -22.76
N LEU F 213 59.96 -48.73 -21.90
CA LEU F 213 59.30 -49.73 -21.07
C LEU F 213 59.62 -49.55 -19.60
N ASN F 214 59.70 -48.30 -19.17
CA ASN F 214 60.04 -48.07 -17.77
C ASN F 214 58.86 -48.42 -16.86
N ILE F 215 58.73 -49.70 -16.55
CA ILE F 215 57.59 -50.17 -15.77
C ILE F 215 57.59 -49.58 -14.37
N LEU F 216 58.75 -49.60 -13.74
CA LEU F 216 58.91 -49.08 -12.40
C LEU F 216 58.49 -47.61 -12.32
N GLU F 217 58.88 -46.84 -13.34
CA GLU F 217 58.53 -45.43 -13.38
C GLU F 217 57.01 -45.22 -13.41
N TRP F 218 56.35 -45.83 -14.40
CA TRP F 218 54.91 -45.68 -14.55
C TRP F 218 54.18 -46.05 -13.26
N LEU F 219 54.72 -47.03 -12.54
CA LEU F 219 54.11 -47.44 -11.28
C LEU F 219 54.20 -46.32 -10.25
N GLU F 220 55.39 -45.76 -10.09
CA GLU F 220 55.62 -44.71 -9.10
C GLU F 220 54.90 -43.39 -9.38
N ASN F 221 54.97 -42.94 -10.62
CA ASN F 221 54.34 -41.68 -10.99
C ASN F 221 53.32 -41.90 -12.08
N PRO F 222 52.10 -42.29 -11.69
CA PRO F 222 50.95 -42.52 -12.57
C PRO F 222 50.89 -41.46 -13.63
N SER F 223 51.24 -40.24 -13.24
CA SER F 223 51.35 -39.12 -14.16
C SER F 223 52.12 -39.47 -15.44
N ASN F 224 53.13 -40.31 -15.32
CA ASN F 224 54.01 -40.62 -16.45
C ASN F 224 53.60 -41.84 -17.26
N THR F 225 52.60 -42.57 -16.78
CA THR F 225 52.09 -43.73 -17.49
C THR F 225 51.49 -43.39 -18.85
N PRO F 226 52.00 -44.04 -19.93
CA PRO F 226 51.50 -43.83 -21.29
C PRO F 226 50.01 -44.19 -21.49
N ASP F 227 49.50 -43.99 -22.71
CA ASP F 227 48.09 -44.22 -23.00
C ASP F 227 47.74 -45.70 -22.84
N LYS F 228 46.46 -45.99 -22.63
CA LYS F 228 45.99 -47.37 -22.71
C LYS F 228 46.42 -47.95 -24.05
N ASP F 229 46.42 -47.11 -25.08
CA ASP F 229 46.75 -47.53 -26.43
C ASP F 229 48.17 -48.07 -26.51
N TYR F 230 49.09 -47.42 -25.79
CA TYR F 230 50.46 -47.88 -25.79
C TYR F 230 50.55 -49.14 -24.95
N LEU F 231 50.02 -49.06 -23.73
CA LEU F 231 50.11 -50.16 -22.79
C LEU F 231 49.51 -51.46 -23.32
N LEU F 232 48.57 -51.34 -24.25
CA LEU F 232 47.82 -52.49 -24.68
C LEU F 232 48.48 -53.24 -25.84
N SER F 233 49.31 -52.56 -26.61
CA SER F 233 49.97 -53.23 -27.72
C SER F 233 50.89 -54.30 -27.18
N ILE F 234 50.90 -55.45 -27.86
CA ILE F 234 51.48 -56.68 -27.31
C ILE F 234 52.90 -56.62 -26.77
N PRO F 235 53.84 -55.99 -27.50
CA PRO F 235 55.25 -56.06 -27.08
C PRO F 235 55.47 -55.68 -25.63
N ILE F 236 54.65 -54.77 -25.10
CA ILE F 236 54.76 -54.42 -23.70
C ILE F 236 53.64 -55.07 -22.85
N SER F 237 52.51 -55.35 -23.48
CA SER F 237 51.34 -55.88 -22.76
C SER F 237 51.42 -57.39 -22.46
N CYS F 238 52.09 -58.13 -23.34
CA CYS F 238 52.27 -59.57 -23.13
C CYS F 238 53.08 -59.83 -21.87
N PRO F 239 54.33 -59.35 -21.84
CA PRO F 239 55.19 -59.54 -20.66
C PRO F 239 54.55 -59.02 -19.38
N LEU F 240 53.95 -57.82 -19.44
CA LEU F 240 53.32 -57.23 -18.26
C LEU F 240 52.16 -58.06 -17.69
N ILE F 241 51.31 -58.57 -18.57
CA ILE F 241 50.22 -59.46 -18.14
C ILE F 241 50.79 -60.66 -17.37
N GLY F 242 51.83 -61.28 -17.93
CA GLY F 242 52.52 -62.39 -17.29
C GLY F 242 53.00 -62.08 -15.88
N VAL F 243 53.66 -60.93 -15.73
CA VAL F 243 54.11 -60.44 -14.44
C VAL F 243 52.95 -60.32 -13.46
N ILE F 244 51.81 -59.86 -13.97
CA ILE F 244 50.60 -59.77 -13.16
C ILE F 244 50.22 -61.14 -12.61
N GLN F 245 50.25 -62.14 -13.48
CA GLN F 245 49.91 -63.50 -13.11
C GLN F 245 50.92 -64.07 -12.12
N LEU F 246 52.20 -63.97 -12.47
CA LEU F 246 53.27 -64.42 -11.60
C LEU F 246 53.12 -63.76 -10.24
N ALA F 247 52.84 -62.45 -10.26
CA ALA F 247 52.69 -61.67 -9.05
C ALA F 247 51.55 -62.20 -8.17
N HIS F 248 50.44 -62.59 -8.80
CA HIS F 248 49.31 -63.16 -8.08
C HIS F 248 49.64 -64.53 -7.48
N TYR F 249 50.33 -65.35 -8.26
CA TYR F 249 50.79 -66.63 -7.78
C TYR F 249 51.50 -66.41 -6.47
N VAL F 250 52.39 -65.43 -6.47
CA VAL F 250 53.27 -65.19 -5.33
C VAL F 250 52.55 -64.72 -4.07
N VAL F 251 51.54 -63.85 -4.21
CA VAL F 251 50.81 -63.40 -3.02
C VAL F 251 50.04 -64.60 -2.42
N THR F 252 49.63 -65.51 -3.28
CA THR F 252 48.93 -66.70 -2.83
C THR F 252 49.90 -67.63 -2.11
N ALA F 253 51.05 -67.87 -2.74
CA ALA F 253 52.06 -68.75 -2.19
C ALA F 253 52.60 -68.16 -0.88
N LYS F 254 53.17 -66.98 -0.96
CA LYS F 254 53.75 -66.33 0.21
C LYS F 254 52.76 -66.26 1.37
N LEU F 255 51.51 -65.93 1.06
CA LEU F 255 50.48 -65.69 2.09
C LEU F 255 49.92 -66.98 2.68
N LEU F 256 50.13 -68.10 1.99
CA LEU F 256 49.72 -69.40 2.51
C LEU F 256 50.79 -69.98 3.44
N GLY F 257 52.04 -69.54 3.25
CA GLY F 257 53.18 -70.07 3.99
C GLY F 257 53.89 -71.15 3.19
N PHE F 258 53.75 -71.08 1.87
CA PHE F 258 54.28 -72.09 0.97
C PHE F 258 55.43 -71.54 0.14
N THR F 259 56.25 -72.45 -0.37
CA THR F 259 57.20 -72.11 -1.40
C THR F 259 56.41 -72.15 -2.72
N PRO F 260 56.96 -71.55 -3.79
CA PRO F 260 56.38 -71.65 -5.13
C PRO F 260 56.03 -73.09 -5.49
N GLY F 261 56.96 -74.00 -5.25
CA GLY F 261 56.76 -75.41 -5.53
C GLY F 261 55.79 -76.09 -4.58
N GLU F 262 55.81 -75.67 -3.31
CA GLU F 262 54.87 -76.19 -2.33
C GLU F 262 53.43 -75.89 -2.75
N LEU F 263 53.21 -74.67 -3.24
CA LEU F 263 51.92 -74.31 -3.80
C LEU F 263 51.60 -75.21 -5.00
N ARG F 264 52.60 -75.37 -5.86
CA ARG F 264 52.46 -76.15 -7.10
C ARG F 264 52.14 -77.62 -6.86
N SER F 265 52.57 -78.12 -5.71
CA SER F 265 52.38 -79.51 -5.38
C SER F 265 50.91 -79.83 -5.15
N TYR F 266 50.16 -78.87 -4.60
CA TYR F 266 48.74 -79.06 -4.28
C TYR F 266 47.86 -79.12 -5.53
N LEU F 267 48.51 -78.92 -6.68
CA LEU F 267 47.83 -78.85 -7.95
C LEU F 267 47.81 -80.16 -8.70
N LYS F 268 46.61 -80.59 -9.10
CA LYS F 268 46.45 -81.73 -9.99
C LYS F 268 47.04 -81.44 -11.38
N GLY F 269 47.31 -80.17 -11.65
CA GLY F 269 47.85 -79.74 -12.93
C GLY F 269 47.48 -78.29 -13.19
N ALA F 270 48.04 -77.73 -14.26
CA ALA F 270 47.75 -76.35 -14.62
C ALA F 270 47.62 -76.21 -16.13
N THR F 271 47.12 -75.05 -16.56
CA THR F 271 46.86 -74.77 -17.96
C THR F 271 46.54 -73.29 -18.14
N GLY F 272 46.95 -72.72 -19.25
CA GLY F 272 46.63 -71.34 -19.54
C GLY F 272 45.74 -71.20 -20.77
N HIS F 273 45.07 -70.04 -20.86
CA HIS F 273 44.28 -69.66 -22.03
C HIS F 273 45.08 -68.65 -22.87
N SER F 274 45.20 -68.91 -24.17
CA SER F 274 46.05 -68.11 -25.04
C SER F 274 47.44 -67.95 -24.44
N GLN F 275 47.84 -66.71 -24.18
CA GLN F 275 49.19 -66.43 -23.70
C GLN F 275 49.40 -66.86 -22.25
N GLY F 276 48.32 -67.33 -21.60
CA GLY F 276 48.39 -67.76 -20.22
C GLY F 276 49.05 -69.12 -20.07
N LEU F 277 49.07 -69.87 -21.17
CA LEU F 277 49.72 -71.18 -21.20
C LEU F 277 51.16 -71.06 -20.72
N VAL F 278 51.87 -70.05 -21.21
CA VAL F 278 53.28 -69.83 -20.84
C VAL F 278 53.50 -69.90 -19.33
N THR F 279 52.80 -69.07 -18.55
CA THR F 279 53.05 -69.04 -17.11
C THR F 279 52.71 -70.35 -16.42
N ALA F 280 51.75 -71.09 -16.98
CA ALA F 280 51.36 -72.37 -16.39
C ALA F 280 52.51 -73.37 -16.51
N VAL F 281 53.05 -73.49 -17.73
CA VAL F 281 54.28 -74.24 -17.94
C VAL F 281 55.33 -73.83 -16.92
N ALA F 282 55.70 -72.56 -16.93
CA ALA F 282 56.77 -72.06 -16.07
C ALA F 282 56.47 -72.21 -14.58
N ILE F 283 55.19 -72.18 -14.21
CA ILE F 283 54.81 -72.26 -12.80
C ILE F 283 55.09 -73.66 -12.27
N ALA F 284 54.95 -74.65 -13.14
CA ALA F 284 55.10 -76.05 -12.74
C ALA F 284 56.58 -76.46 -12.65
N GLU F 285 57.43 -75.70 -13.32
CA GLU F 285 58.87 -75.88 -13.22
C GLU F 285 59.42 -75.33 -11.90
N THR F 286 58.54 -74.89 -11.00
CA THR F 286 58.97 -74.08 -9.87
C THR F 286 59.19 -74.90 -8.60
N ASP F 287 60.27 -74.61 -7.90
CA ASP F 287 60.54 -75.26 -6.62
C ASP F 287 60.73 -74.28 -5.46
N SER F 288 61.95 -73.79 -5.27
CA SER F 288 62.22 -72.92 -4.12
C SER F 288 62.44 -71.47 -4.52
N TRP F 289 62.20 -70.57 -3.56
CA TRP F 289 62.27 -69.13 -3.79
C TRP F 289 63.53 -68.67 -4.52
N GLU F 290 64.68 -69.17 -4.07
CA GLU F 290 65.95 -68.87 -4.72
C GLU F 290 65.85 -69.23 -6.19
N SER F 291 65.20 -70.36 -6.47
CA SER F 291 65.04 -70.88 -7.81
C SER F 291 63.84 -70.26 -8.56
N PHE F 292 62.98 -69.59 -7.81
CA PHE F 292 61.74 -69.05 -8.38
C PHE F 292 62.04 -68.06 -9.49
N PHE F 293 63.14 -67.35 -9.36
CA PHE F 293 63.40 -66.23 -10.24
C PHE F 293 63.81 -66.63 -11.64
N VAL F 294 64.57 -67.72 -11.79
CA VAL F 294 64.90 -68.17 -13.13
C VAL F 294 63.64 -68.65 -13.82
N SER F 295 62.70 -69.14 -13.02
CA SER F 295 61.43 -69.56 -13.57
C SER F 295 60.68 -68.34 -14.08
N VAL F 296 60.70 -67.26 -13.32
CA VAL F 296 60.12 -65.99 -13.77
C VAL F 296 60.78 -65.54 -15.09
N ARG F 297 62.11 -65.50 -15.10
CA ARG F 297 62.86 -65.09 -16.28
C ARG F 297 62.40 -65.83 -17.53
N LYS F 298 62.24 -67.15 -17.39
CA LYS F 298 61.83 -68.00 -18.51
C LYS F 298 60.48 -67.55 -19.02
N ALA F 299 59.55 -67.38 -18.10
CA ALA F 299 58.19 -67.01 -18.46
C ALA F 299 58.13 -65.67 -19.21
N ILE F 300 58.67 -64.61 -18.60
CA ILE F 300 58.50 -63.27 -19.16
C ILE F 300 59.41 -63.01 -20.36
N THR F 301 60.47 -63.80 -20.47
CA THR F 301 61.38 -63.64 -21.60
C THR F 301 60.80 -64.37 -22.81
N VAL F 302 59.88 -65.28 -22.56
CA VAL F 302 59.09 -65.88 -23.62
C VAL F 302 58.03 -64.88 -24.07
N LEU F 303 57.22 -64.42 -23.13
CA LEU F 303 56.17 -63.45 -23.43
C LEU F 303 56.72 -62.26 -24.18
N PHE F 304 57.86 -61.76 -23.74
CA PHE F 304 58.54 -60.64 -24.39
C PHE F 304 58.75 -60.89 -25.88
N PHE F 305 59.22 -62.09 -26.21
CA PHE F 305 59.51 -62.38 -27.61
C PHE F 305 58.24 -62.63 -28.42
N ILE F 306 57.25 -63.25 -27.80
CA ILE F 306 55.94 -63.39 -28.43
C ILE F 306 55.46 -62.00 -28.80
N GLY F 307 55.38 -61.12 -27.82
CA GLY F 307 54.97 -59.74 -28.03
C GLY F 307 55.75 -59.01 -29.10
N VAL F 308 57.07 -58.93 -28.94
CA VAL F 308 57.88 -58.18 -29.87
C VAL F 308 57.78 -58.69 -31.30
N ARG F 309 57.88 -60.01 -31.46
CA ARG F 309 57.91 -60.61 -32.79
C ARG F 309 56.54 -60.63 -33.50
N CYS F 310 55.48 -60.85 -32.73
CA CYS F 310 54.15 -60.90 -33.31
C CYS F 310 53.69 -59.50 -33.70
N TYR F 311 54.17 -58.49 -32.96
CA TYR F 311 53.86 -57.11 -33.32
C TYR F 311 54.53 -56.79 -34.64
N GLU F 312 55.80 -57.15 -34.74
CA GLU F 312 56.56 -56.90 -35.95
C GLU F 312 55.89 -57.58 -37.14
N ALA F 313 55.30 -58.75 -36.91
CA ALA F 313 54.64 -59.50 -37.97
C ALA F 313 53.41 -58.78 -38.53
N TYR F 314 52.54 -58.30 -37.64
CA TYR F 314 51.32 -57.61 -38.03
C TYR F 314 50.97 -56.47 -37.07
N PRO F 315 51.52 -55.28 -37.34
CA PRO F 315 51.40 -54.09 -36.48
C PRO F 315 50.15 -53.30 -36.84
N ASN F 316 49.06 -52.80 -35.90
CA ASN F 316 47.81 -52.09 -36.16
C ASN F 316 47.98 -50.84 -37.03
N THR F 317 47.05 -50.62 -37.96
CA THR F 317 47.10 -49.46 -38.84
C THR F 317 45.80 -48.68 -38.74
N SER F 318 45.88 -47.38 -39.03
CA SER F 318 44.73 -46.45 -38.95
C SER F 318 43.42 -47.03 -39.48
N LEU F 319 42.39 -46.95 -38.66
CA LEU F 319 41.05 -47.34 -39.09
C LEU F 319 40.43 -46.18 -39.82
N PRO F 320 39.98 -46.42 -41.06
CA PRO F 320 39.19 -45.40 -41.77
C PRO F 320 38.12 -44.92 -40.83
N PRO F 321 38.12 -43.61 -40.54
CA PRO F 321 37.23 -43.04 -39.50
C PRO F 321 35.77 -43.33 -39.83
N SER F 322 35.48 -43.54 -41.11
CA SER F 322 34.12 -43.84 -41.55
C SER F 322 33.64 -45.13 -40.92
N ILE F 323 34.52 -46.13 -40.93
CA ILE F 323 34.20 -47.42 -40.36
C ILE F 323 33.98 -47.27 -38.88
N LEU F 324 34.99 -46.75 -38.19
CA LEU F 324 34.87 -46.54 -36.75
C LEU F 324 33.56 -45.82 -36.43
N GLU F 325 33.21 -44.81 -37.23
CA GLU F 325 31.96 -44.08 -37.04
C GLU F 325 30.75 -45.01 -37.06
N ASP F 326 30.65 -45.78 -38.13
CA ASP F 326 29.50 -46.67 -38.32
C ASP F 326 29.45 -47.76 -37.28
N SER F 327 30.59 -48.42 -37.05
CA SER F 327 30.67 -49.52 -36.10
C SER F 327 30.24 -49.02 -34.72
N LEU F 328 30.38 -47.72 -34.50
CA LEU F 328 30.01 -47.16 -33.19
C LEU F 328 28.52 -46.86 -33.06
N GLU F 329 27.94 -46.28 -34.10
CA GLU F 329 26.51 -45.98 -34.01
C GLU F 329 25.63 -47.21 -34.21
N ASN F 330 26.27 -48.38 -34.39
CA ASN F 330 25.54 -49.64 -34.48
C ASN F 330 25.81 -50.52 -33.27
N ASN F 331 26.20 -49.87 -32.17
CA ASN F 331 26.34 -50.52 -30.87
C ASN F 331 27.34 -51.68 -30.83
N GLU F 332 28.16 -51.80 -31.88
CA GLU F 332 29.25 -52.76 -31.87
C GLU F 332 30.49 -52.06 -31.28
N GLY F 333 31.59 -52.79 -31.18
CA GLY F 333 32.76 -52.22 -30.55
C GLY F 333 33.51 -51.16 -31.35
N VAL F 334 34.72 -50.89 -30.89
CA VAL F 334 35.69 -50.14 -31.67
C VAL F 334 36.57 -51.15 -32.38
N PRO F 335 36.36 -51.33 -33.69
CA PRO F 335 36.99 -52.36 -34.52
C PRO F 335 38.39 -52.76 -34.07
N SER F 336 38.59 -54.05 -33.80
CA SER F 336 39.90 -54.61 -33.44
C SER F 336 40.07 -55.95 -34.15
N PRO F 337 41.25 -56.57 -34.01
CA PRO F 337 41.58 -57.86 -34.65
C PRO F 337 40.84 -59.10 -34.11
N MET F 338 40.05 -58.97 -33.04
CA MET F 338 39.34 -60.12 -32.47
C MET F 338 37.87 -59.80 -32.11
N LEU F 339 36.96 -60.42 -32.85
CA LEU F 339 35.52 -60.25 -32.67
C LEU F 339 35.01 -61.42 -31.83
N SER F 340 34.06 -61.17 -30.93
CA SER F 340 33.48 -62.26 -30.15
C SER F 340 31.96 -62.38 -30.35
N ILE F 341 31.53 -63.54 -30.84
CA ILE F 341 30.13 -63.78 -31.18
C ILE F 341 29.52 -64.77 -30.20
N SER F 342 28.38 -64.40 -29.63
CA SER F 342 27.74 -65.16 -28.58
C SER F 342 26.34 -65.64 -28.98
N ASN F 343 25.97 -66.84 -28.52
CA ASN F 343 24.69 -67.47 -28.85
C ASN F 343 24.58 -67.95 -30.31
N LEU F 344 25.72 -68.21 -30.95
CA LEU F 344 25.74 -68.87 -32.25
C LEU F 344 26.53 -70.18 -32.21
N THR F 345 25.96 -71.21 -32.85
CA THR F 345 26.65 -72.49 -33.03
C THR F 345 28.05 -72.20 -33.50
N GLN F 346 29.00 -73.06 -33.15
CA GLN F 346 30.30 -72.97 -33.79
C GLN F 346 30.10 -73.16 -35.28
N GLU F 347 29.20 -74.07 -35.64
CA GLU F 347 28.91 -74.29 -37.05
C GLU F 347 28.32 -73.04 -37.65
N GLN F 348 27.33 -72.46 -36.96
CA GLN F 348 26.66 -71.24 -37.43
C GLN F 348 27.65 -70.12 -37.69
N VAL F 349 28.42 -69.76 -36.68
CA VAL F 349 29.51 -68.80 -36.85
C VAL F 349 30.42 -69.10 -38.06
N GLN F 350 31.03 -70.28 -38.08
CA GLN F 350 31.92 -70.66 -39.18
C GLN F 350 31.25 -70.49 -40.54
N ASP F 351 29.93 -70.61 -40.56
CA ASP F 351 29.17 -70.47 -41.79
C ASP F 351 29.27 -69.03 -42.33
N TYR F 352 28.94 -68.07 -41.48
CA TYR F 352 28.99 -66.65 -41.83
C TYR F 352 30.41 -66.21 -42.20
N VAL F 353 31.40 -66.71 -41.48
CA VAL F 353 32.80 -66.41 -41.80
C VAL F 353 33.22 -67.01 -43.14
N ASN F 354 32.77 -68.23 -43.41
CA ASN F 354 33.08 -68.85 -44.69
C ASN F 354 32.54 -68.02 -45.83
N LYS F 355 31.37 -67.44 -45.60
CA LYS F 355 30.74 -66.56 -46.57
C LYS F 355 31.58 -65.31 -46.76
N THR F 356 31.85 -64.62 -45.65
CA THR F 356 32.62 -63.38 -45.70
C THR F 356 33.96 -63.61 -46.39
N ASN F 357 34.66 -64.67 -45.97
CA ASN F 357 35.98 -65.02 -46.51
C ASN F 357 35.94 -65.35 -47.98
N SER F 358 34.77 -65.75 -48.44
CA SER F 358 34.55 -66.02 -49.85
C SER F 358 35.07 -64.90 -50.72
N HIS F 359 34.75 -63.66 -50.34
CA HIS F 359 35.05 -62.50 -51.17
C HIS F 359 36.41 -61.85 -50.94
N LEU F 360 37.22 -62.40 -50.04
CA LEU F 360 38.49 -61.77 -49.71
C LEU F 360 39.66 -62.62 -50.18
N PRO F 361 40.80 -61.97 -50.43
CA PRO F 361 42.11 -62.57 -50.70
C PRO F 361 42.68 -63.26 -49.47
N ALA F 362 43.62 -64.17 -49.69
CA ALA F 362 44.21 -64.95 -48.60
C ALA F 362 44.59 -64.07 -47.43
N GLY F 363 45.40 -63.06 -47.69
CA GLY F 363 45.99 -62.24 -46.64
C GLY F 363 45.03 -61.35 -45.86
N LYS F 364 43.73 -61.44 -46.17
CA LYS F 364 42.71 -60.61 -45.52
C LYS F 364 41.61 -61.43 -44.86
N GLN F 365 41.83 -62.73 -44.70
CA GLN F 365 40.78 -63.66 -44.26
C GLN F 365 40.70 -63.83 -42.75
N VAL F 366 39.49 -64.13 -42.26
CA VAL F 366 39.25 -64.28 -40.82
C VAL F 366 38.87 -65.72 -40.46
N GLU F 367 39.35 -66.18 -39.30
CA GLU F 367 39.13 -67.54 -38.86
C GLU F 367 38.67 -67.56 -37.41
N ILE F 368 38.15 -68.69 -36.97
CA ILE F 368 37.83 -68.88 -35.55
C ILE F 368 39.14 -69.00 -34.72
N SER F 369 39.26 -68.16 -33.70
CA SER F 369 40.47 -68.14 -32.88
C SER F 369 40.26 -68.88 -31.58
N LEU F 370 39.13 -68.58 -30.94
CA LEU F 370 38.77 -69.21 -29.68
C LEU F 370 37.39 -69.85 -29.73
N VAL F 371 37.32 -71.14 -29.40
CA VAL F 371 36.03 -71.75 -29.13
C VAL F 371 35.86 -71.80 -27.63
N ASN F 372 35.62 -70.63 -27.06
CA ASN F 372 35.59 -70.45 -25.61
C ASN F 372 34.54 -71.30 -24.91
N GLY F 373 33.58 -71.77 -25.68
CA GLY F 373 32.48 -72.52 -25.12
C GLY F 373 31.42 -72.89 -26.14
N ALA F 374 30.25 -73.23 -25.61
CA ALA F 374 29.16 -73.78 -26.41
C ALA F 374 28.78 -72.91 -27.60
N LYS F 375 28.04 -71.83 -27.31
CA LYS F 375 27.62 -70.92 -28.35
C LYS F 375 28.47 -69.65 -28.30
N ASN F 376 29.50 -69.68 -27.46
CA ASN F 376 30.49 -68.60 -27.40
C ASN F 376 31.77 -68.87 -28.26
N LEU F 377 31.99 -68.03 -29.26
CA LEU F 377 33.17 -68.12 -30.11
C LEU F 377 33.92 -66.79 -30.22
N VAL F 378 35.06 -66.80 -30.92
CA VAL F 378 35.84 -65.59 -31.20
C VAL F 378 36.54 -65.70 -32.55
N VAL F 379 36.10 -64.89 -33.50
CA VAL F 379 36.71 -64.85 -34.83
C VAL F 379 37.86 -63.85 -34.80
N SER F 380 38.84 -64.02 -35.68
CA SER F 380 39.99 -63.14 -35.69
C SER F 380 40.65 -63.00 -37.07
N GLY F 381 41.07 -61.77 -37.36
CA GLY F 381 41.73 -61.44 -38.61
C GLY F 381 41.96 -59.93 -38.67
N PRO F 382 42.19 -59.41 -39.88
CA PRO F 382 42.38 -57.97 -40.04
C PRO F 382 41.14 -57.26 -39.51
N PRO F 383 41.30 -56.08 -38.88
CA PRO F 383 40.14 -55.43 -38.29
C PRO F 383 39.06 -55.12 -39.33
N GLN F 384 39.48 -54.65 -40.51
CA GLN F 384 38.54 -54.22 -41.54
C GLN F 384 37.70 -55.38 -42.10
N SER F 385 38.34 -56.53 -42.32
CA SER F 385 37.63 -57.70 -42.82
C SER F 385 36.77 -58.36 -41.72
N LEU F 386 37.14 -58.14 -40.47
CA LEU F 386 36.29 -58.55 -39.35
C LEU F 386 35.10 -57.62 -39.24
N TYR F 387 35.28 -56.38 -39.68
CA TYR F 387 34.20 -55.42 -39.75
C TYR F 387 33.22 -55.85 -40.84
N GLY F 388 33.74 -56.44 -41.91
CA GLY F 388 32.90 -56.95 -42.98
C GLY F 388 31.99 -58.08 -42.54
N LEU F 389 32.57 -59.02 -41.82
CA LEU F 389 31.82 -60.09 -41.22
C LEU F 389 30.74 -59.45 -40.36
N ASN F 390 31.10 -58.37 -39.68
CA ASN F 390 30.22 -57.69 -38.74
C ASN F 390 28.94 -57.16 -39.40
N LEU F 391 29.07 -56.81 -40.68
CA LEU F 391 27.99 -56.21 -41.47
C LEU F 391 27.04 -57.29 -41.99
N THR F 392 27.64 -58.35 -42.51
CA THR F 392 26.89 -59.51 -42.98
C THR F 392 26.05 -60.08 -41.81
N LEU F 393 26.57 -59.93 -40.60
CA LEU F 393 25.88 -60.38 -39.39
C LEU F 393 24.77 -59.43 -39.02
N ARG F 394 25.01 -58.15 -39.25
CA ARG F 394 24.13 -57.09 -38.78
C ARG F 394 22.73 -57.20 -39.34
N LYS F 395 22.61 -57.85 -40.50
CA LYS F 395 21.32 -58.05 -41.17
C LYS F 395 20.66 -59.36 -40.74
N ALA F 396 21.48 -60.33 -40.35
CA ALA F 396 20.98 -61.66 -40.02
C ALA F 396 20.36 -61.74 -38.62
N LYS F 397 20.57 -60.71 -37.81
CA LYS F 397 20.13 -60.75 -36.42
C LYS F 397 18.78 -60.11 -36.19
N ALA F 398 18.56 -59.62 -34.97
CA ALA F 398 17.28 -59.03 -34.59
C ALA F 398 17.43 -58.09 -33.39
N PRO F 399 16.66 -56.98 -33.41
CA PRO F 399 16.61 -56.02 -32.30
C PRO F 399 16.32 -56.73 -30.99
N SER F 400 17.08 -56.39 -29.94
CA SER F 400 17.07 -57.16 -28.70
C SER F 400 15.70 -57.25 -28.02
N GLY F 401 14.91 -56.18 -28.13
CA GLY F 401 13.60 -56.15 -27.48
C GLY F 401 12.47 -56.38 -28.47
N LEU F 402 12.67 -57.33 -29.37
CA LEU F 402 11.72 -57.61 -30.44
C LEU F 402 10.40 -58.21 -29.92
N ASP F 403 10.45 -58.81 -28.73
CA ASP F 403 9.26 -59.43 -28.14
C ASP F 403 8.60 -60.41 -29.11
N GLN F 404 9.27 -61.53 -29.34
CA GLN F 404 8.74 -62.56 -30.22
C GLN F 404 7.94 -63.56 -29.40
N SER F 405 7.37 -63.09 -28.30
CA SER F 405 6.62 -63.94 -27.36
C SER F 405 5.28 -64.40 -27.92
N ARG F 406 4.79 -63.71 -28.95
CA ARG F 406 3.55 -64.10 -29.59
C ARG F 406 3.82 -64.76 -30.94
N ILE F 407 5.10 -64.97 -31.24
CA ILE F 407 5.52 -65.76 -32.39
C ILE F 407 5.80 -67.22 -31.95
N PRO F 408 5.28 -68.20 -32.69
CA PRO F 408 5.62 -69.60 -32.38
C PRO F 408 7.13 -69.81 -32.38
N PHE F 409 7.61 -70.60 -31.42
CA PHE F 409 9.04 -70.78 -31.17
C PHE F 409 9.87 -70.98 -32.43
N SER F 410 9.57 -72.06 -33.15
CA SER F 410 10.30 -72.43 -34.37
C SER F 410 10.47 -71.25 -35.32
N GLU F 411 9.43 -70.42 -35.41
CA GLU F 411 9.34 -69.36 -36.41
C GLU F 411 10.13 -68.09 -36.06
N ARG F 412 10.65 -68.01 -34.84
CA ARG F 412 11.32 -66.79 -34.36
C ARG F 412 12.69 -66.51 -34.98
N LYS F 413 13.18 -65.28 -34.77
CA LYS F 413 14.44 -64.84 -35.37
C LYS F 413 15.61 -64.90 -34.39
N LEU F 414 16.80 -65.13 -34.94
CA LEU F 414 18.02 -65.20 -34.15
C LEU F 414 18.25 -63.92 -33.38
N LYS F 415 18.31 -64.01 -32.06
CA LYS F 415 18.84 -62.91 -31.28
C LYS F 415 20.24 -63.32 -30.82
N PHE F 416 21.21 -62.43 -30.96
CA PHE F 416 22.57 -62.75 -30.54
C PHE F 416 23.48 -61.55 -30.40
N SER F 417 24.50 -61.70 -29.59
CA SER F 417 25.42 -60.62 -29.23
C SER F 417 26.71 -60.70 -30.04
N ASN F 418 27.32 -59.55 -30.31
CA ASN F 418 28.64 -59.52 -30.92
C ASN F 418 29.37 -58.18 -30.75
N ARG F 419 30.64 -58.26 -30.39
CA ARG F 419 31.43 -57.11 -29.99
C ARG F 419 32.92 -57.35 -30.26
N PHE F 420 33.67 -56.27 -30.51
CA PHE F 420 35.11 -56.39 -30.64
C PHE F 420 35.74 -56.45 -29.26
N LEU F 421 36.84 -57.20 -29.16
CA LEU F 421 37.55 -57.37 -27.90
C LEU F 421 38.73 -56.41 -27.74
N PRO F 422 39.06 -56.08 -26.49
CA PRO F 422 40.19 -55.24 -26.06
C PRO F 422 41.58 -55.85 -26.34
N VAL F 423 42.35 -55.91 -27.53
CA VAL F 423 43.65 -56.49 -27.91
C VAL F 423 44.23 -55.81 -29.14
N ALA F 424 45.56 -55.66 -29.18
CA ALA F 424 46.23 -54.97 -30.30
C ALA F 424 46.60 -55.88 -31.47
N SER F 425 46.52 -57.19 -31.25
CA SER F 425 47.01 -58.15 -32.25
C SER F 425 46.10 -59.35 -32.47
N PRO F 426 46.15 -59.91 -33.69
CA PRO F 426 45.43 -61.10 -34.14
C PRO F 426 46.11 -62.37 -33.66
N PHE F 427 45.82 -62.78 -32.43
CA PHE F 427 46.36 -64.02 -31.89
C PHE F 427 45.69 -65.22 -32.54
N HIS F 428 46.44 -66.33 -32.63
CA HIS F 428 45.91 -67.58 -33.18
C HIS F 428 45.39 -67.40 -34.61
N SER F 429 46.16 -66.69 -35.45
CA SER F 429 45.77 -66.48 -36.85
C SER F 429 46.95 -66.51 -37.79
N HIS F 430 46.66 -66.70 -39.09
CA HIS F 430 47.69 -66.88 -40.13
C HIS F 430 48.57 -65.64 -40.28
N LEU F 431 48.10 -64.54 -39.70
CA LEU F 431 48.81 -63.28 -39.74
C LEU F 431 50.14 -63.34 -38.98
N LEU F 432 50.24 -64.29 -38.05
CA LEU F 432 51.39 -64.34 -37.14
C LEU F 432 52.34 -65.49 -37.42
N VAL F 433 51.88 -66.46 -38.21
CA VAL F 433 52.70 -67.60 -38.58
C VAL F 433 54.18 -67.26 -38.91
N PRO F 434 54.41 -66.15 -39.63
CA PRO F 434 55.77 -65.67 -39.92
C PRO F 434 56.67 -65.51 -38.70
N ALA F 435 56.12 -65.02 -37.60
CA ALA F 435 56.92 -64.78 -36.41
C ALA F 435 57.18 -66.05 -35.62
N SER F 436 56.59 -67.16 -36.05
CA SER F 436 56.72 -68.43 -35.34
C SER F 436 58.17 -68.88 -35.27
N ASP F 437 58.74 -69.15 -36.45
CA ASP F 437 60.12 -69.63 -36.54
C ASP F 437 61.11 -68.63 -35.93
N LEU F 438 60.83 -67.35 -36.12
CA LEU F 438 61.68 -66.27 -35.62
C LEU F 438 61.72 -66.19 -34.10
N ILE F 439 60.57 -66.39 -33.47
CA ILE F 439 60.49 -66.38 -32.02
C ILE F 439 61.30 -67.52 -31.44
N ASN F 440 61.10 -68.71 -32.00
CA ASN F 440 61.81 -69.89 -31.53
C ASN F 440 63.32 -69.76 -31.68
N LYS F 441 63.76 -69.34 -32.88
CA LYS F 441 65.17 -69.06 -33.14
C LYS F 441 65.72 -68.07 -32.10
N ASP F 442 64.86 -67.20 -31.59
CA ASP F 442 65.22 -66.22 -30.57
C ASP F 442 65.26 -66.85 -29.17
N LEU F 443 64.29 -67.73 -28.92
CA LEU F 443 64.14 -68.37 -27.62
C LEU F 443 65.35 -69.24 -27.35
N VAL F 444 65.97 -69.72 -28.42
CA VAL F 444 67.13 -70.56 -28.28
C VAL F 444 68.34 -69.69 -27.97
N LYS F 445 68.41 -68.51 -28.60
CA LYS F 445 69.54 -67.59 -28.41
C LYS F 445 69.56 -66.98 -27.02
N ASN F 446 68.52 -67.24 -26.23
CA ASN F 446 68.55 -67.01 -24.79
C ASN F 446 68.33 -68.32 -24.04
N ASN F 447 68.58 -68.32 -22.74
CA ASN F 447 68.58 -69.54 -21.92
C ASN F 447 67.34 -70.43 -22.00
N VAL F 448 66.27 -69.94 -22.63
CA VAL F 448 64.93 -70.52 -22.44
C VAL F 448 64.59 -71.82 -23.19
N SER F 449 64.05 -72.77 -22.42
CA SER F 449 63.60 -74.06 -22.92
C SER F 449 62.82 -74.73 -21.79
N PHE F 450 61.93 -75.66 -22.12
CA PHE F 450 61.19 -76.37 -21.07
C PHE F 450 61.29 -77.87 -21.25
N ASN F 451 62.15 -78.50 -20.45
CA ASN F 451 62.32 -79.95 -20.49
C ASN F 451 61.20 -80.62 -19.73
N ALA F 452 60.65 -81.68 -20.33
CA ALA F 452 59.52 -82.38 -19.71
C ALA F 452 59.94 -82.98 -18.37
N LYS F 453 61.25 -83.19 -18.21
CA LYS F 453 61.78 -83.67 -16.94
C LYS F 453 61.45 -82.74 -15.79
N ASP F 454 61.44 -81.43 -16.08
CA ASP F 454 61.39 -80.39 -15.05
C ASP F 454 59.98 -79.98 -14.61
N ILE F 455 59.03 -80.06 -15.54
CA ILE F 455 57.66 -79.74 -15.21
C ILE F 455 57.14 -80.83 -14.26
N GLN F 456 56.61 -80.42 -13.12
CA GLN F 456 56.22 -81.34 -12.07
C GLN F 456 54.73 -81.76 -12.08
N ILE F 457 53.90 -81.00 -12.79
CA ILE F 457 52.47 -81.28 -12.87
C ILE F 457 51.93 -81.04 -14.28
N PRO F 458 50.93 -81.84 -14.71
CA PRO F 458 50.39 -81.79 -16.07
C PRO F 458 50.11 -80.36 -16.57
N VAL F 459 50.53 -80.08 -17.79
CA VAL F 459 50.23 -78.79 -18.38
C VAL F 459 49.46 -79.03 -19.68
N TYR F 460 48.14 -78.93 -19.58
CA TYR F 460 47.24 -79.35 -20.65
C TYR F 460 47.33 -78.47 -21.89
N ASP F 461 47.71 -79.12 -22.98
CA ASP F 461 47.83 -78.50 -24.30
C ASP F 461 46.55 -77.80 -24.74
N THR F 462 46.70 -76.58 -25.23
CA THR F 462 45.60 -75.69 -25.64
C THR F 462 44.71 -76.22 -26.77
N PHE F 463 45.31 -77.05 -27.62
CA PHE F 463 44.64 -77.60 -28.79
C PHE F 463 44.26 -79.06 -28.51
N ASP F 464 45.25 -79.88 -28.13
CA ASP F 464 45.05 -81.30 -27.83
C ASP F 464 44.13 -81.51 -26.65
N GLY F 465 44.44 -80.81 -25.56
CA GLY F 465 43.80 -81.07 -24.27
C GLY F 465 44.72 -82.03 -23.57
N SER F 466 45.80 -82.37 -24.28
CA SER F 466 46.78 -83.36 -23.86
C SER F 466 47.76 -82.81 -22.84
N ASP F 467 48.69 -83.64 -22.39
CA ASP F 467 49.78 -83.17 -21.58
C ASP F 467 50.89 -82.74 -22.51
N LEU F 468 51.62 -81.71 -22.08
CA LEU F 468 52.69 -81.18 -22.90
C LEU F 468 53.97 -81.99 -22.68
N ARG F 469 53.98 -82.80 -21.63
CA ARG F 469 55.15 -83.61 -21.29
C ARG F 469 55.32 -84.81 -22.21
N VAL F 470 54.19 -85.46 -22.51
CA VAL F 470 54.16 -86.54 -23.48
C VAL F 470 54.37 -85.95 -24.87
N LEU F 471 55.56 -85.44 -25.14
CA LEU F 471 55.79 -84.71 -26.37
C LEU F 471 57.16 -85.00 -26.96
N SER F 472 57.17 -85.59 -28.15
CA SER F 472 58.40 -85.93 -28.86
C SER F 472 59.37 -84.75 -28.95
N GLY F 473 58.88 -83.62 -29.46
CA GLY F 473 59.70 -82.45 -29.70
C GLY F 473 59.78 -81.44 -28.55
N SER F 474 59.95 -80.17 -28.92
CA SER F 474 60.13 -79.09 -27.96
C SER F 474 58.82 -78.59 -27.37
N ILE F 475 58.75 -78.55 -26.04
CA ILE F 475 57.58 -78.04 -25.37
C ILE F 475 57.46 -76.53 -25.54
N SER F 476 58.60 -75.84 -25.48
CA SER F 476 58.65 -74.42 -25.82
C SER F 476 58.00 -74.18 -27.17
N GLU F 477 58.59 -74.76 -28.21
CA GLU F 477 58.11 -74.60 -29.57
C GLU F 477 56.60 -74.87 -29.73
N ARG F 478 56.08 -75.79 -28.94
CA ARG F 478 54.65 -76.12 -28.96
C ARG F 478 53.82 -74.94 -28.49
N ILE F 479 54.10 -74.48 -27.27
CA ILE F 479 53.26 -73.42 -26.68
C ILE F 479 53.39 -72.11 -27.44
N VAL F 480 54.48 -71.96 -28.19
CA VAL F 480 54.67 -70.85 -29.11
C VAL F 480 53.69 -70.95 -30.27
N ASP F 481 53.66 -72.12 -30.89
CA ASP F 481 52.76 -72.38 -32.02
C ASP F 481 51.32 -72.55 -31.54
N CYS F 482 51.15 -72.63 -30.23
CA CYS F 482 49.85 -72.92 -29.63
C CYS F 482 49.12 -71.63 -29.29
N ILE F 483 49.89 -70.54 -29.35
CA ILE F 483 49.44 -69.22 -28.98
C ILE F 483 49.40 -68.36 -30.23
N ILE F 484 50.27 -68.69 -31.16
CA ILE F 484 50.49 -67.86 -32.33
C ILE F 484 49.69 -68.28 -33.56
N ARG F 485 49.54 -69.59 -33.75
CA ARG F 485 48.91 -70.12 -34.96
C ARG F 485 47.67 -70.99 -34.70
N LEU F 486 47.75 -71.86 -33.70
CA LEU F 486 46.68 -72.82 -33.42
C LEU F 486 45.57 -72.21 -32.59
N PRO F 487 44.33 -72.63 -32.86
CA PRO F 487 43.13 -72.23 -32.11
C PRO F 487 43.22 -72.69 -30.66
N VAL F 488 42.27 -72.24 -29.86
CA VAL F 488 42.17 -72.64 -28.46
C VAL F 488 40.84 -73.32 -28.27
N LYS F 489 40.83 -74.65 -28.24
CA LYS F 489 39.58 -75.35 -27.98
C LYS F 489 39.37 -75.44 -26.49
N TRP F 490 38.94 -74.33 -25.89
CA TRP F 490 39.02 -74.17 -24.45
C TRP F 490 38.37 -75.27 -23.63
N GLU F 491 37.21 -75.76 -24.06
CA GLU F 491 36.55 -76.79 -23.28
C GLU F 491 37.29 -78.12 -23.36
N THR F 492 37.78 -78.47 -24.54
CA THR F 492 38.56 -79.69 -24.71
C THR F 492 39.93 -79.64 -24.01
N THR F 493 40.48 -78.44 -23.84
CA THR F 493 41.75 -78.24 -23.14
C THR F 493 41.54 -78.16 -21.62
N THR F 494 40.28 -78.04 -21.23
CA THR F 494 39.91 -78.13 -19.82
C THR F 494 39.16 -79.43 -19.61
N GLN F 495 39.71 -80.49 -20.17
CA GLN F 495 39.14 -81.83 -20.11
C GLN F 495 39.06 -82.33 -18.67
N PHE F 496 40.11 -82.06 -17.90
CA PHE F 496 40.28 -82.59 -16.55
C PHE F 496 39.07 -82.51 -15.62
N LYS F 497 39.11 -83.32 -14.57
CA LYS F 497 38.10 -83.26 -13.54
C LYS F 497 38.76 -82.77 -12.27
N ALA F 498 38.06 -81.92 -11.53
CA ALA F 498 38.60 -81.31 -10.32
C ALA F 498 37.48 -80.76 -9.45
N THR F 499 37.80 -80.47 -8.20
CA THR F 499 36.85 -79.85 -7.30
C THR F 499 36.87 -78.35 -7.53
N HIS F 500 38.08 -77.85 -7.70
CA HIS F 500 38.34 -76.42 -7.63
C HIS F 500 39.30 -75.93 -8.73
N ILE F 501 38.92 -74.83 -9.38
CA ILE F 501 39.80 -74.16 -10.35
C ILE F 501 40.20 -72.79 -9.82
N LEU F 502 41.52 -72.51 -9.77
CA LEU F 502 42.03 -71.19 -9.33
C LEU F 502 42.48 -70.31 -10.50
N ASP F 503 41.91 -69.11 -10.60
CA ASP F 503 42.19 -68.17 -11.69
C ASP F 503 43.19 -67.10 -11.28
N PHE F 504 44.40 -67.20 -11.81
CA PHE F 504 45.47 -66.26 -11.52
C PHE F 504 45.58 -65.23 -12.64
N GLY F 505 44.87 -65.51 -13.73
CA GLY F 505 44.96 -64.71 -14.93
C GLY F 505 44.26 -63.39 -14.79
N PRO F 506 44.49 -62.51 -15.77
CA PRO F 506 44.11 -61.08 -15.72
C PRO F 506 42.58 -60.85 -15.69
N GLY F 507 42.16 -59.94 -14.83
CA GLY F 507 40.86 -59.29 -14.96
C GLY F 507 39.69 -59.71 -14.08
N GLY F 508 39.90 -59.76 -12.76
CA GLY F 508 38.82 -60.07 -11.85
C GLY F 508 37.74 -60.99 -12.40
N ALA F 509 36.47 -60.59 -12.24
CA ALA F 509 35.35 -61.42 -12.67
C ALA F 509 35.08 -61.32 -14.17
N SER F 510 35.89 -60.53 -14.87
CA SER F 510 35.77 -60.39 -16.31
C SER F 510 36.75 -61.32 -16.96
N GLY F 511 37.43 -62.11 -16.13
CA GLY F 511 38.53 -62.95 -16.56
C GLY F 511 38.20 -64.40 -16.87
N LEU F 512 39.24 -65.22 -17.03
CA LEU F 512 39.05 -66.57 -17.54
C LEU F 512 38.25 -67.49 -16.62
N GLY F 513 38.40 -67.29 -15.31
CA GLY F 513 37.75 -68.13 -14.33
C GLY F 513 36.25 -68.25 -14.52
N VAL F 514 35.58 -67.10 -14.56
CA VAL F 514 34.13 -67.08 -14.68
C VAL F 514 33.67 -67.66 -16.01
N LEU F 515 34.46 -67.46 -17.07
CA LEU F 515 34.14 -68.04 -18.37
C LEU F 515 34.09 -69.54 -18.28
N THR F 516 35.16 -70.14 -17.77
CA THR F 516 35.21 -71.58 -17.60
C THR F 516 34.10 -72.03 -16.65
N HIS F 517 33.84 -71.23 -15.61
CA HIS F 517 32.79 -71.59 -14.67
C HIS F 517 31.45 -71.79 -15.33
N ARG F 518 31.08 -70.84 -16.18
CA ARG F 518 29.80 -70.91 -16.83
C ARG F 518 29.77 -72.03 -17.86
N ASN F 519 30.95 -72.50 -18.26
CA ASN F 519 31.04 -73.68 -19.11
C ASN F 519 30.65 -74.95 -18.35
N LYS F 520 30.99 -74.98 -17.06
CA LYS F 520 30.86 -76.18 -16.23
C LYS F 520 29.65 -76.21 -15.28
N ASP F 521 29.23 -75.04 -14.84
CA ASP F 521 28.11 -74.87 -13.90
C ASP F 521 27.71 -76.12 -13.11
N GLY F 522 26.82 -76.92 -13.67
CA GLY F 522 26.21 -78.00 -12.91
C GLY F 522 27.05 -79.21 -12.57
N THR F 523 28.34 -79.17 -12.86
CA THR F 523 29.18 -80.37 -12.73
C THR F 523 30.06 -80.46 -11.46
N GLY F 524 29.79 -79.63 -10.47
CA GLY F 524 30.51 -79.71 -9.19
C GLY F 524 31.88 -79.06 -9.16
N VAL F 525 32.29 -78.45 -10.26
CA VAL F 525 33.51 -77.66 -10.29
C VAL F 525 33.21 -76.29 -9.69
N ARG F 526 34.15 -75.75 -8.93
CA ARG F 526 33.93 -74.49 -8.25
C ARG F 526 35.08 -73.53 -8.51
N VAL F 527 34.86 -72.55 -9.38
CA VAL F 527 35.93 -71.61 -9.75
C VAL F 527 36.13 -70.53 -8.69
N ILE F 528 37.39 -70.16 -8.47
CA ILE F 528 37.73 -69.08 -7.54
C ILE F 528 38.63 -68.06 -8.24
N VAL F 529 38.16 -66.81 -8.31
CA VAL F 529 38.94 -65.72 -8.88
C VAL F 529 40.00 -65.30 -7.89
N ALA F 530 41.25 -65.60 -8.22
CA ALA F 530 42.35 -65.46 -7.28
C ALA F 530 42.88 -64.02 -7.15
N GLY F 531 42.60 -63.19 -8.15
CA GLY F 531 43.18 -61.85 -8.18
C GLY F 531 42.32 -60.68 -7.77
N THR F 532 41.12 -60.93 -7.23
CA THR F 532 40.22 -59.83 -6.87
C THR F 532 39.48 -60.10 -5.57
N LEU F 533 39.64 -59.19 -4.60
CA LEU F 533 38.84 -59.28 -3.38
C LEU F 533 37.53 -58.50 -3.48
N ASP F 534 36.50 -59.16 -4.00
CA ASP F 534 35.21 -58.53 -4.16
C ASP F 534 34.16 -59.47 -3.59
N ILE F 535 32.90 -59.30 -3.97
CA ILE F 535 31.83 -60.13 -3.45
C ILE F 535 30.84 -60.54 -4.52
N ASN F 536 30.51 -61.82 -4.57
CA ASN F 536 29.52 -62.34 -5.50
C ASN F 536 28.16 -62.52 -4.81
N PRO F 537 27.16 -61.74 -5.24
CA PRO F 537 25.80 -61.79 -4.71
C PRO F 537 25.17 -63.16 -4.90
N ASP F 538 25.69 -63.95 -5.84
CA ASP F 538 25.12 -65.25 -6.17
C ASP F 538 25.81 -66.42 -5.49
N ASP F 539 27.08 -66.19 -5.13
CA ASP F 539 27.98 -67.28 -4.73
C ASP F 539 28.12 -68.25 -5.89
N ASP F 540 27.74 -67.77 -7.08
CA ASP F 540 28.01 -68.44 -8.34
C ASP F 540 29.44 -69.01 -8.35
N TYR F 541 30.41 -68.17 -7.98
CA TYR F 541 31.80 -68.58 -7.84
C TYR F 541 32.35 -67.89 -6.60
N GLY F 542 33.67 -67.89 -6.46
CA GLY F 542 34.29 -67.32 -5.28
C GLY F 542 35.40 -66.36 -5.63
N PHE F 543 35.70 -65.44 -4.72
CA PHE F 543 36.76 -64.46 -4.95
C PHE F 543 37.97 -64.78 -4.08
N LYS F 544 38.97 -63.90 -4.16
CA LYS F 544 40.26 -64.02 -3.48
C LYS F 544 40.20 -64.64 -2.07
N GLN F 545 39.14 -64.37 -1.32
CA GLN F 545 39.06 -64.79 0.08
C GLN F 545 39.15 -66.30 0.32
N GLU F 546 38.33 -67.07 -0.39
CA GLU F 546 38.26 -68.52 -0.16
C GLU F 546 39.63 -69.18 -0.11
N ILE F 547 40.52 -68.75 -1.01
CA ILE F 547 41.87 -69.29 -1.12
C ILE F 547 42.63 -69.25 0.20
N PHE F 548 42.16 -68.42 1.13
CA PHE F 548 42.89 -68.19 2.38
C PHE F 548 42.08 -68.48 3.64
N ASP F 549 40.78 -68.66 3.53
CA ASP F 549 39.92 -68.74 4.72
C ASP F 549 40.14 -69.98 5.57
N VAL F 550 40.06 -69.79 6.88
CA VAL F 550 40.27 -70.85 7.86
C VAL F 550 38.98 -71.59 8.24
N THR F 551 37.87 -70.85 8.30
CA THR F 551 36.55 -71.42 8.62
C THR F 551 36.15 -72.44 7.57
N SER F 552 35.15 -73.25 7.90
CA SER F 552 34.48 -74.13 6.94
C SER F 552 33.86 -73.28 5.81
N ASN F 553 33.93 -71.96 5.99
CA ASN F 553 33.42 -70.97 5.06
C ASN F 553 34.35 -70.84 3.83
N GLY F 554 35.56 -71.35 3.97
CA GLY F 554 36.54 -71.34 2.89
C GLY F 554 36.50 -72.60 2.05
N LEU F 555 35.71 -73.58 2.49
CA LEU F 555 35.49 -74.79 1.72
C LEU F 555 34.07 -74.84 1.20
N LYS F 556 33.86 -74.22 0.04
CA LYS F 556 32.57 -74.25 -0.63
C LYS F 556 32.72 -75.13 -1.85
N LYS F 557 31.64 -75.82 -2.23
CA LYS F 557 31.63 -76.62 -3.45
C LYS F 557 30.35 -76.35 -4.24
N ASN F 558 30.47 -76.31 -5.57
CA ASN F 558 29.29 -76.08 -6.40
C ASN F 558 28.53 -77.37 -6.60
N PRO F 559 27.19 -77.28 -6.70
CA PRO F 559 26.40 -78.50 -6.77
C PRO F 559 26.68 -79.27 -8.05
N ASN F 560 26.42 -80.55 -7.91
CA ASN F 560 26.26 -81.42 -9.06
C ASN F 560 24.81 -81.89 -9.07
N TRP F 561 24.04 -81.45 -10.06
CA TRP F 561 22.61 -81.66 -10.05
C TRP F 561 22.27 -83.12 -10.06
N LEU F 562 23.07 -83.88 -10.82
CA LEU F 562 22.91 -85.31 -10.94
C LEU F 562 22.89 -85.96 -9.57
N GLU F 563 23.86 -85.60 -8.74
CA GLU F 563 23.92 -86.10 -7.36
C GLU F 563 22.87 -85.46 -6.45
N GLU F 564 22.85 -84.13 -6.43
CA GLU F 564 21.99 -83.37 -5.54
C GLU F 564 20.52 -83.74 -5.68
N TYR F 565 20.11 -84.00 -6.92
CA TYR F 565 18.70 -84.19 -7.22
C TYR F 565 18.43 -85.57 -7.84
N HIS F 566 19.35 -86.50 -7.57
CA HIS F 566 19.20 -87.94 -7.89
C HIS F 566 17.87 -88.50 -7.36
N PRO F 567 17.08 -89.11 -8.24
CA PRO F 567 15.86 -89.77 -7.74
C PRO F 567 16.30 -90.92 -6.85
N LYS F 568 15.45 -91.35 -5.93
CA LYS F 568 15.78 -92.51 -5.09
C LYS F 568 14.56 -93.37 -4.84
N LEU F 569 14.76 -94.46 -4.09
CA LEU F 569 13.64 -95.27 -3.65
C LEU F 569 13.68 -95.32 -2.12
N ILE F 570 12.54 -95.62 -1.52
CA ILE F 570 12.45 -95.64 -0.07
C ILE F 570 11.22 -96.41 0.41
N LYS F 571 11.31 -96.97 1.60
CA LYS F 571 10.31 -97.92 2.06
C LYS F 571 9.55 -97.43 3.29
N ASN F 572 8.23 -97.58 3.19
CA ASN F 572 7.26 -97.38 4.28
C ASN F 572 7.51 -98.44 5.33
N LYS F 573 6.96 -98.28 6.54
CA LYS F 573 7.00 -99.40 7.47
C LYS F 573 6.15 -100.53 6.91
N SER F 574 4.92 -100.21 6.50
CA SER F 574 4.07 -101.15 5.77
C SER F 574 4.77 -101.64 4.51
N GLY F 575 5.97 -101.14 4.26
CA GLY F 575 6.77 -101.61 3.13
C GLY F 575 6.22 -101.20 1.80
N LYS F 576 5.74 -99.96 1.71
CA LYS F 576 5.44 -99.40 0.40
C LYS F 576 6.71 -98.77 -0.16
N ILE F 577 6.82 -98.74 -1.48
CA ILE F 577 7.96 -98.07 -2.09
C ILE F 577 7.56 -96.73 -2.71
N PHE F 578 8.43 -95.76 -2.54
CA PHE F 578 8.20 -94.40 -3.02
C PHE F 578 9.39 -93.93 -3.85
N VAL F 579 9.12 -93.23 -4.95
CA VAL F 579 10.16 -92.53 -5.69
C VAL F 579 10.47 -91.23 -4.95
N GLU F 580 11.51 -91.26 -4.13
CA GLU F 580 11.91 -90.13 -3.29
C GLU F 580 12.52 -88.98 -4.10
N THR F 581 11.82 -87.85 -4.13
CA THR F 581 12.37 -86.59 -4.66
C THR F 581 12.02 -85.45 -3.70
N LYS F 582 12.48 -84.23 -4.01
CA LYS F 582 12.24 -83.08 -3.13
C LYS F 582 10.76 -82.91 -2.89
N PHE F 583 9.98 -83.20 -3.93
CA PHE F 583 8.54 -83.07 -3.92
C PHE F 583 7.90 -84.10 -2.99
N SER F 584 7.96 -85.38 -3.39
CA SER F 584 7.35 -86.47 -2.62
C SER F 584 7.83 -86.54 -1.16
N LYS F 585 9.08 -86.13 -0.95
CA LYS F 585 9.66 -86.09 0.39
C LYS F 585 8.82 -85.17 1.30
N LEU F 586 8.23 -84.14 0.72
CA LEU F 586 7.37 -83.22 1.48
C LEU F 586 5.96 -83.77 1.63
N ILE F 587 5.37 -84.13 0.50
CA ILE F 587 3.96 -84.50 0.40
C ILE F 587 3.61 -85.91 0.92
N GLY F 588 4.60 -86.82 0.88
CA GLY F 588 4.43 -88.18 1.37
C GLY F 588 3.63 -89.09 0.45
N ARG F 589 3.67 -88.80 -0.84
CA ARG F 589 3.01 -89.61 -1.85
C ARG F 589 3.85 -89.61 -3.10
N PRO F 590 3.44 -90.38 -4.13
CA PRO F 590 4.17 -90.34 -5.40
C PRO F 590 4.28 -88.92 -5.98
N PRO F 591 5.44 -88.61 -6.57
CA PRO F 591 5.70 -87.29 -7.15
C PRO F 591 4.98 -87.08 -8.46
N LEU F 592 3.68 -87.39 -8.46
CA LEU F 592 2.82 -87.25 -9.63
C LEU F 592 1.49 -86.60 -9.25
N LEU F 593 0.97 -85.75 -10.13
CA LEU F 593 -0.27 -85.02 -9.84
C LEU F 593 -1.15 -84.76 -11.08
N VAL F 594 -2.47 -84.88 -10.86
CA VAL F 594 -3.44 -84.45 -11.84
C VAL F 594 -3.63 -82.95 -11.62
N PRO F 595 -3.10 -82.12 -12.55
CA PRO F 595 -3.18 -80.67 -12.44
C PRO F 595 -4.63 -80.25 -12.53
N GLY F 596 -4.97 -79.11 -11.95
CA GLY F 596 -6.33 -78.62 -12.06
C GLY F 596 -6.69 -78.49 -13.54
N MET F 597 -7.90 -78.92 -13.89
CA MET F 597 -8.39 -78.79 -15.26
C MET F 597 -9.87 -78.51 -15.17
N THR F 598 -10.35 -77.55 -15.95
CA THR F 598 -11.71 -77.07 -15.75
C THR F 598 -12.75 -78.16 -15.94
N PRO F 599 -13.01 -78.58 -17.19
CA PRO F 599 -14.11 -79.55 -17.30
C PRO F 599 -13.82 -80.78 -16.43
N CYS F 600 -12.57 -81.25 -16.47
CA CYS F 600 -12.19 -82.53 -15.90
C CYS F 600 -12.12 -82.55 -14.39
N THR F 601 -11.40 -81.58 -13.83
CA THR F 601 -11.16 -81.53 -12.39
C THR F 601 -12.28 -80.84 -11.62
N VAL F 602 -13.26 -80.32 -12.35
CA VAL F 602 -14.36 -79.64 -11.70
C VAL F 602 -15.12 -80.60 -10.79
N SER F 603 -15.26 -81.86 -11.25
CA SER F 603 -16.11 -82.85 -10.60
C SER F 603 -15.52 -83.34 -9.28
N PRO F 604 -16.27 -83.15 -8.18
CA PRO F 604 -15.80 -83.54 -6.83
C PRO F 604 -15.57 -85.05 -6.77
N ASP F 605 -16.36 -85.77 -7.56
CA ASP F 605 -16.24 -87.20 -7.70
C ASP F 605 -14.84 -87.59 -8.16
N PHE F 606 -14.41 -87.09 -9.32
CA PHE F 606 -13.10 -87.40 -9.87
C PHE F 606 -11.89 -86.92 -9.04
N VAL F 607 -12.03 -85.81 -8.33
CA VAL F 607 -10.95 -85.33 -7.46
C VAL F 607 -10.86 -86.21 -6.22
N ALA F 608 -12.02 -86.66 -5.74
CA ALA F 608 -12.05 -87.65 -4.67
C ALA F 608 -11.38 -88.94 -5.15
N ALA F 609 -11.95 -89.58 -6.17
CA ALA F 609 -11.42 -90.83 -6.71
C ALA F 609 -9.91 -90.80 -6.92
N THR F 610 -9.43 -89.73 -7.56
CA THR F 610 -8.00 -89.60 -7.85
C THR F 610 -7.18 -89.43 -6.58
N THR F 611 -7.73 -88.74 -5.60
CA THR F 611 -7.00 -88.47 -4.39
C THR F 611 -7.03 -89.71 -3.52
N ASN F 612 -8.13 -90.46 -3.62
CA ASN F 612 -8.31 -91.72 -2.90
C ASN F 612 -7.40 -92.79 -3.44
N ALA F 613 -7.14 -92.73 -4.74
CA ALA F 613 -6.18 -93.63 -5.37
C ALA F 613 -4.76 -93.25 -4.94
N GLY F 614 -4.67 -92.33 -3.98
CA GLY F 614 -3.42 -91.98 -3.34
C GLY F 614 -2.58 -90.97 -4.09
N TYR F 615 -3.24 -90.14 -4.90
CA TYR F 615 -2.54 -89.14 -5.66
C TYR F 615 -3.04 -87.71 -5.47
N THR F 616 -2.11 -86.79 -5.61
CA THR F 616 -2.38 -85.38 -5.46
C THR F 616 -3.13 -84.83 -6.69
N ILE F 617 -4.29 -84.23 -6.45
CA ILE F 617 -5.06 -83.58 -7.51
C ILE F 617 -5.55 -82.17 -7.07
N GLU F 618 -5.66 -81.26 -8.05
CA GLU F 618 -6.08 -79.87 -7.81
C GLU F 618 -7.53 -79.65 -8.29
N LEU F 619 -8.43 -79.35 -7.35
CA LEU F 619 -9.85 -79.05 -7.67
C LEU F 619 -10.01 -77.78 -8.50
N ALA F 620 -10.56 -77.93 -9.70
CA ALA F 620 -10.61 -76.84 -10.69
C ALA F 620 -11.54 -75.70 -10.28
N GLY F 621 -10.97 -74.50 -10.13
CA GLY F 621 -11.76 -73.33 -9.79
C GLY F 621 -12.60 -72.89 -10.98
N GLY F 622 -12.06 -73.14 -12.17
CA GLY F 622 -12.72 -72.75 -13.41
C GLY F 622 -14.22 -73.02 -13.49
N GLY F 623 -14.71 -73.98 -12.71
CA GLY F 623 -16.09 -74.44 -12.84
C GLY F 623 -16.98 -73.98 -11.71
N TYR F 624 -16.46 -73.09 -10.88
CA TYR F 624 -17.24 -72.57 -9.78
C TYR F 624 -17.30 -71.05 -9.83
N PHE F 625 -18.39 -70.51 -9.31
CA PHE F 625 -18.67 -69.10 -9.55
C PHE F 625 -19.02 -68.30 -8.32
N SER F 626 -19.09 -68.96 -7.17
CA SER F 626 -19.37 -68.29 -5.92
C SER F 626 -18.78 -69.12 -4.80
N ALA F 627 -18.47 -68.48 -3.68
CA ALA F 627 -17.95 -69.20 -2.53
C ALA F 627 -18.89 -70.35 -2.17
N ALA F 628 -20.19 -70.08 -2.25
CA ALA F 628 -21.21 -71.04 -1.84
C ALA F 628 -21.23 -72.29 -2.69
N GLY F 629 -21.04 -72.11 -4.00
CA GLY F 629 -21.07 -73.23 -4.94
C GLY F 629 -19.85 -74.14 -4.85
N MET F 630 -18.68 -73.55 -4.61
CA MET F 630 -17.46 -74.30 -4.45
C MET F 630 -17.40 -74.91 -3.06
N THR F 631 -17.95 -74.22 -2.07
CA THR F 631 -18.09 -74.78 -0.74
C THR F 631 -18.89 -76.07 -0.83
N ALA F 632 -19.84 -76.09 -1.77
CA ALA F 632 -20.65 -77.27 -2.02
C ALA F 632 -19.79 -78.46 -2.40
N ALA F 633 -18.87 -78.23 -3.33
CA ALA F 633 -18.03 -79.29 -3.88
C ALA F 633 -16.93 -79.71 -2.90
N ILE F 634 -16.20 -78.74 -2.39
CA ILE F 634 -15.17 -79.00 -1.39
C ILE F 634 -15.70 -79.90 -0.28
N ASP F 635 -16.98 -79.72 0.07
CA ASP F 635 -17.60 -80.52 1.12
C ASP F 635 -17.98 -81.93 0.63
N SER F 636 -18.33 -82.01 -0.64
CA SER F 636 -18.58 -83.28 -1.29
C SER F 636 -17.27 -84.05 -1.41
N VAL F 637 -16.23 -83.39 -1.93
CA VAL F 637 -14.90 -84.00 -2.01
C VAL F 637 -14.49 -84.57 -0.65
N VAL F 638 -14.61 -83.76 0.41
CA VAL F 638 -14.24 -84.20 1.74
C VAL F 638 -15.04 -85.41 2.22
N SER F 639 -16.33 -85.41 1.94
CA SER F 639 -17.17 -86.54 2.27
C SER F 639 -16.69 -87.87 1.66
N GLN F 640 -16.06 -87.81 0.48
CA GLN F 640 -15.67 -89.01 -0.24
C GLN F 640 -14.22 -89.41 -0.02
N ILE F 641 -13.40 -88.42 0.31
CA ILE F 641 -11.99 -88.65 0.57
C ILE F 641 -11.87 -89.35 1.94
N GLU F 642 -10.76 -90.03 2.20
CA GLU F 642 -10.59 -90.74 3.46
C GLU F 642 -10.21 -89.79 4.59
N LYS F 643 -10.29 -90.24 5.84
CA LYS F 643 -9.85 -89.41 6.96
C LYS F 643 -8.38 -89.05 6.78
N GLY F 644 -8.01 -87.87 7.24
CA GLY F 644 -6.63 -87.42 7.18
C GLY F 644 -6.06 -87.23 5.78
N SER F 645 -6.92 -87.28 4.77
CA SER F 645 -6.47 -87.09 3.40
C SER F 645 -6.55 -85.63 2.99
N THR F 646 -5.96 -85.29 1.85
CA THR F 646 -5.94 -83.90 1.40
C THR F 646 -5.97 -83.69 -0.11
N PHE F 647 -6.37 -82.48 -0.50
CA PHE F 647 -6.33 -82.05 -1.89
C PHE F 647 -6.00 -80.56 -1.99
N GLY F 648 -6.14 -80.02 -3.18
CA GLY F 648 -5.79 -78.64 -3.42
C GLY F 648 -6.74 -77.92 -4.35
N ILE F 649 -6.54 -76.62 -4.48
CA ILE F 649 -7.42 -75.81 -5.31
C ILE F 649 -6.67 -74.98 -6.36
N ASN F 650 -7.15 -75.07 -7.59
CA ASN F 650 -6.59 -74.34 -8.73
C ASN F 650 -7.46 -73.14 -9.07
N LEU F 651 -6.90 -71.94 -8.92
CA LEU F 651 -7.59 -70.70 -9.23
C LEU F 651 -6.88 -69.98 -10.38
N ILE F 652 -7.61 -69.18 -11.14
CA ILE F 652 -7.07 -68.49 -12.31
C ILE F 652 -6.80 -67.01 -12.04
N TYR F 653 -5.60 -66.53 -12.42
CA TYR F 653 -5.23 -65.16 -12.14
C TYR F 653 -6.01 -64.19 -13.02
N VAL F 654 -6.11 -64.54 -14.30
CA VAL F 654 -6.85 -63.77 -15.28
C VAL F 654 -8.36 -63.66 -14.98
N ASN F 655 -8.80 -64.20 -13.85
CA ASN F 655 -10.20 -64.10 -13.44
C ASN F 655 -10.33 -63.48 -12.07
N PRO F 656 -10.29 -62.14 -12.03
CA PRO F 656 -10.27 -61.39 -10.77
C PRO F 656 -11.54 -61.60 -9.95
N PHE F 657 -12.61 -62.06 -10.59
CA PHE F 657 -13.85 -62.30 -9.87
C PHE F 657 -13.73 -63.55 -9.00
N MET F 658 -13.38 -64.66 -9.64
CA MET F 658 -13.20 -65.92 -8.94
C MET F 658 -12.19 -65.70 -7.84
N LEU F 659 -11.12 -64.99 -8.20
CA LEU F 659 -10.00 -64.74 -7.29
C LEU F 659 -10.43 -63.96 -6.06
N GLN F 660 -11.60 -63.33 -6.16
CA GLN F 660 -12.06 -62.42 -5.14
C GLN F 660 -12.95 -63.11 -4.11
N TRP F 661 -13.72 -64.10 -4.54
CA TRP F 661 -14.52 -64.89 -3.60
C TRP F 661 -13.77 -66.14 -3.19
N GLY F 662 -12.78 -66.51 -4.01
CA GLY F 662 -12.03 -67.72 -3.79
C GLY F 662 -10.99 -67.64 -2.70
N ILE F 663 -10.07 -66.67 -2.83
CA ILE F 663 -8.99 -66.52 -1.84
C ILE F 663 -9.51 -66.52 -0.40
N PRO F 664 -10.49 -65.66 -0.10
CA PRO F 664 -11.31 -65.68 1.12
C PRO F 664 -11.93 -67.04 1.48
N LEU F 665 -12.68 -67.65 0.56
CA LEU F 665 -13.30 -68.96 0.81
C LEU F 665 -12.25 -69.98 1.24
N ILE F 666 -11.07 -69.90 0.61
CA ILE F 666 -9.94 -70.74 0.97
C ILE F 666 -9.46 -70.46 2.39
N LYS F 667 -9.26 -69.20 2.71
CA LYS F 667 -8.79 -68.84 4.06
C LYS F 667 -9.83 -69.12 5.13
N GLU F 668 -11.08 -68.80 4.84
CA GLU F 668 -12.17 -69.06 5.76
C GLU F 668 -12.28 -70.56 5.99
N LEU F 669 -11.94 -71.33 4.97
CA LEU F 669 -12.10 -72.76 5.03
C LEU F 669 -10.97 -73.39 5.83
N ARG F 670 -9.74 -72.94 5.59
CA ARG F 670 -8.56 -73.43 6.32
C ARG F 670 -8.70 -73.13 7.80
N SER F 671 -9.25 -71.96 8.12
CA SER F 671 -9.43 -71.56 9.52
C SER F 671 -10.37 -72.54 10.24
N LYS F 672 -11.27 -73.16 9.49
CA LYS F 672 -12.18 -74.16 10.07
C LYS F 672 -11.52 -75.54 10.12
N GLY F 673 -10.36 -75.65 9.49
CA GLY F 673 -9.56 -76.86 9.53
C GLY F 673 -9.75 -77.75 8.33
N TYR F 674 -10.08 -77.16 7.18
CA TYR F 674 -10.32 -77.95 5.98
C TYR F 674 -9.06 -78.61 5.42
N PRO F 675 -9.22 -79.85 4.93
CA PRO F 675 -8.17 -80.73 4.41
C PRO F 675 -7.62 -80.26 3.07
N ILE F 676 -7.88 -79.00 2.74
CA ILE F 676 -7.42 -78.44 1.49
C ILE F 676 -6.09 -77.77 1.78
N GLN F 677 -4.99 -78.45 1.48
CA GLN F 677 -3.72 -77.91 1.92
C GLN F 677 -2.71 -77.63 0.81
N PHE F 678 -3.19 -77.01 -0.26
CA PHE F 678 -2.32 -76.22 -1.15
C PHE F 678 -3.12 -75.48 -2.22
N LEU F 679 -2.61 -74.31 -2.61
CA LEU F 679 -3.23 -73.50 -3.66
C LEU F 679 -2.31 -73.41 -4.86
N THR F 680 -2.87 -73.69 -6.04
CA THR F 680 -2.18 -73.45 -7.29
C THR F 680 -2.84 -72.31 -8.04
N ILE F 681 -2.02 -71.48 -8.66
CA ILE F 681 -2.51 -70.34 -9.43
C ILE F 681 -2.10 -70.43 -10.90
N GLY F 682 -3.10 -70.42 -11.77
CA GLY F 682 -2.89 -70.54 -13.19
C GLY F 682 -3.17 -69.26 -13.93
N ALA F 683 -2.73 -69.23 -15.19
CA ALA F 683 -2.95 -68.10 -16.09
C ALA F 683 -1.96 -66.91 -15.89
N GLY F 684 -1.27 -66.91 -14.76
CA GLY F 684 -0.26 -65.91 -14.50
C GLY F 684 0.36 -65.99 -13.13
N VAL F 685 1.53 -65.38 -12.97
CA VAL F 685 2.23 -65.35 -11.68
C VAL F 685 1.97 -64.05 -10.93
N PRO F 686 1.34 -64.14 -9.75
CA PRO F 686 1.03 -63.00 -8.88
C PRO F 686 2.23 -62.12 -8.61
N SER F 687 2.03 -60.88 -8.19
CA SER F 687 3.19 -60.05 -7.90
C SER F 687 3.61 -60.30 -6.47
N LEU F 688 4.83 -59.88 -6.14
CA LEU F 688 5.40 -60.18 -4.83
C LEU F 688 4.48 -59.90 -3.64
N GLU F 689 3.79 -58.77 -3.65
CA GLU F 689 2.87 -58.43 -2.56
C GLU F 689 1.59 -59.27 -2.61
N VAL F 690 1.17 -59.65 -3.80
CA VAL F 690 -0.04 -60.44 -3.98
C VAL F 690 0.21 -61.88 -3.56
N ALA F 691 1.40 -62.36 -3.89
CA ALA F 691 1.80 -63.72 -3.59
C ALA F 691 2.06 -63.85 -2.09
N SER F 692 2.85 -62.94 -1.56
CA SER F 692 3.15 -62.91 -0.14
C SER F 692 1.85 -63.00 0.67
N GLU F 693 0.84 -62.29 0.20
CA GLU F 693 -0.49 -62.34 0.78
C GLU F 693 -1.00 -63.78 0.87
N TYR F 694 -1.03 -64.48 -0.27
CA TYR F 694 -1.53 -65.87 -0.29
C TYR F 694 -0.79 -66.73 0.71
N ILE F 695 0.54 -66.67 0.63
CA ILE F 695 1.43 -67.45 1.50
C ILE F 695 1.17 -67.30 3.01
N GLU F 696 1.21 -66.08 3.51
CA GLU F 696 0.99 -65.84 4.96
C GLU F 696 -0.47 -65.74 5.41
N THR F 697 -1.37 -65.37 4.50
CA THR F 697 -2.78 -65.24 4.87
C THR F 697 -3.46 -66.59 4.95
N LEU F 698 -3.42 -67.33 3.83
CA LEU F 698 -4.03 -68.66 3.75
C LEU F 698 -3.18 -69.69 4.51
N GLY F 699 -3.86 -70.61 5.21
CA GLY F 699 -3.15 -71.64 5.96
C GLY F 699 -2.69 -72.79 5.09
N LEU F 700 -1.80 -72.52 4.15
CA LEU F 700 -1.44 -73.50 3.13
C LEU F 700 -0.07 -74.12 3.33
N LYS F 701 0.04 -75.40 2.99
CA LYS F 701 1.29 -76.12 3.19
C LYS F 701 2.30 -75.76 2.11
N TYR F 702 1.79 -75.48 0.91
CA TYR F 702 2.64 -75.00 -0.16
C TYR F 702 1.79 -74.32 -1.24
N LEU F 703 2.43 -73.45 -2.02
CA LEU F 703 1.77 -72.70 -3.09
C LEU F 703 2.32 -73.08 -4.46
N GLY F 704 1.41 -73.18 -5.43
CA GLY F 704 1.75 -73.72 -6.74
C GLY F 704 1.66 -72.68 -7.81
N LEU F 705 2.77 -72.44 -8.48
CA LEU F 705 2.85 -71.39 -9.50
C LEU F 705 3.07 -72.00 -10.86
N LYS F 706 2.51 -71.38 -11.89
CA LYS F 706 2.57 -71.96 -13.21
C LYS F 706 3.21 -71.09 -14.29
N PRO F 707 4.48 -70.69 -14.11
CA PRO F 707 5.20 -69.91 -15.12
C PRO F 707 5.08 -70.52 -16.52
N GLY F 708 5.19 -69.67 -17.53
CA GLY F 708 5.12 -70.10 -18.91
C GLY F 708 6.11 -69.31 -19.75
N SER F 709 6.73 -68.32 -19.12
CA SER F 709 7.73 -67.48 -19.76
C SER F 709 9.02 -67.52 -18.97
N ILE F 710 10.13 -67.24 -19.64
CA ILE F 710 11.43 -67.18 -18.98
C ILE F 710 11.41 -66.08 -17.91
N ASP F 711 10.72 -64.99 -18.22
CA ASP F 711 10.53 -63.91 -17.26
C ASP F 711 9.61 -64.35 -16.13
N ALA F 712 8.55 -65.08 -16.50
CA ALA F 712 7.61 -65.61 -15.52
C ALA F 712 8.29 -66.48 -14.46
N ILE F 713 9.14 -67.39 -14.93
CA ILE F 713 9.96 -68.25 -14.05
C ILE F 713 10.75 -67.37 -13.09
N SER F 714 11.48 -66.42 -13.66
CA SER F 714 12.29 -65.48 -12.89
C SER F 714 11.44 -64.76 -11.82
N GLN F 715 10.15 -64.59 -12.11
CA GLN F 715 9.23 -63.98 -11.17
C GLN F 715 9.06 -64.90 -9.97
N VAL F 716 8.81 -66.18 -10.27
CA VAL F 716 8.63 -67.19 -9.24
C VAL F 716 9.86 -67.28 -8.33
N ILE F 717 11.05 -67.25 -8.94
CA ILE F 717 12.29 -67.26 -8.18
C ILE F 717 12.27 -66.12 -7.15
N ASN F 718 11.66 -65.00 -7.51
CA ASN F 718 11.59 -63.85 -6.60
C ASN F 718 10.57 -64.03 -5.49
N ILE F 719 9.45 -64.65 -5.82
CA ILE F 719 8.46 -64.98 -4.82
C ILE F 719 9.10 -65.99 -3.87
N ALA F 720 10.15 -66.65 -4.35
CA ALA F 720 10.82 -67.71 -3.60
C ALA F 720 11.73 -67.14 -2.53
N LYS F 721 12.63 -66.24 -2.94
CA LYS F 721 13.46 -65.51 -2.00
C LYS F 721 12.57 -64.84 -0.97
N ALA F 722 11.39 -64.43 -1.41
CA ALA F 722 10.39 -63.78 -0.54
C ALA F 722 10.28 -64.47 0.80
N HIS F 723 10.01 -65.78 0.78
CA HIS F 723 9.84 -66.58 1.99
C HIS F 723 10.59 -67.89 1.80
N PRO F 724 11.92 -67.87 2.03
CA PRO F 724 12.83 -68.98 1.75
C PRO F 724 12.43 -70.29 2.44
N ASN F 725 11.63 -70.17 3.50
CA ASN F 725 11.21 -71.33 4.27
C ASN F 725 9.87 -71.90 3.84
N PHE F 726 9.41 -71.51 2.65
CA PHE F 726 8.07 -71.92 2.23
C PHE F 726 8.12 -72.71 0.94
N PRO F 727 7.45 -73.85 0.95
CA PRO F 727 7.43 -74.71 -0.24
C PRO F 727 6.69 -74.05 -1.40
N ILE F 728 7.36 -73.92 -2.53
CA ILE F 728 6.72 -73.44 -3.73
C ILE F 728 6.88 -74.44 -4.87
N ALA F 729 5.75 -74.93 -5.36
CA ALA F 729 5.78 -75.85 -6.49
C ALA F 729 5.79 -75.13 -7.84
N LEU F 730 6.97 -74.91 -8.39
CA LEU F 730 7.09 -74.33 -9.71
C LEU F 730 6.70 -75.36 -10.79
N GLN F 731 5.44 -75.34 -11.18
CA GLN F 731 4.99 -76.23 -12.25
C GLN F 731 5.28 -75.63 -13.63
N TRP F 732 6.47 -75.91 -14.13
CA TRP F 732 6.85 -75.48 -15.47
C TRP F 732 6.09 -76.27 -16.52
N THR F 733 5.11 -75.62 -17.11
CA THR F 733 4.36 -76.18 -18.21
C THR F 733 5.06 -75.79 -19.52
N GLY F 734 4.64 -76.35 -20.64
CA GLY F 734 5.23 -75.99 -21.91
C GLY F 734 4.21 -75.40 -22.86
N GLY F 735 4.57 -75.34 -24.14
CA GLY F 735 3.66 -74.79 -25.14
C GLY F 735 2.82 -75.88 -25.80
N ARG F 736 3.18 -77.13 -25.51
CA ARG F 736 2.55 -78.29 -26.14
C ARG F 736 1.48 -78.93 -25.25
N GLY F 737 1.05 -78.19 -24.24
CA GLY F 737 0.06 -78.68 -23.29
C GLY F 737 -1.35 -78.59 -23.83
N GLY F 738 -2.31 -79.02 -23.03
CA GLY F 738 -3.72 -78.98 -23.41
C GLY F 738 -4.35 -77.70 -22.92
N GLY F 739 -5.48 -77.33 -23.53
CA GLY F 739 -6.23 -76.14 -23.15
C GLY F 739 -5.50 -74.85 -23.41
N HIS F 740 -5.46 -73.98 -22.40
CA HIS F 740 -4.65 -72.76 -22.47
C HIS F 740 -3.29 -73.12 -23.06
N HIS F 741 -2.61 -72.15 -23.65
CA HIS F 741 -1.46 -72.46 -24.48
C HIS F 741 -0.20 -71.71 -24.06
N SER F 742 0.66 -71.48 -25.05
CA SER F 742 1.91 -70.77 -24.88
C SER F 742 2.66 -70.92 -26.19
N PHE F 743 3.39 -69.90 -26.59
CA PHE F 743 4.17 -69.99 -27.82
C PHE F 743 5.56 -70.54 -27.50
N GLU F 744 5.72 -70.96 -26.26
CA GLU F 744 7.02 -71.32 -25.72
C GLU F 744 7.37 -72.79 -25.91
N ASP F 745 8.65 -73.06 -26.15
CA ASP F 745 9.18 -74.41 -26.22
C ASP F 745 9.24 -75.06 -24.82
N ALA F 746 9.17 -76.39 -24.78
CA ALA F 746 9.15 -77.09 -23.50
C ALA F 746 10.53 -77.31 -22.86
N HIS F 747 11.60 -77.19 -23.63
CA HIS F 747 12.96 -77.48 -23.15
C HIS F 747 13.84 -76.25 -22.94
N THR F 748 13.80 -75.34 -23.91
CA THR F 748 14.63 -74.13 -23.89
C THR F 748 14.60 -73.36 -22.55
N PRO F 749 13.41 -72.95 -22.10
CA PRO F 749 13.22 -72.20 -20.85
C PRO F 749 13.82 -72.88 -19.63
N MET F 750 13.63 -74.19 -19.56
CA MET F 750 14.00 -74.98 -18.39
C MET F 750 15.52 -75.18 -18.44
N LEU F 751 15.97 -75.53 -19.63
CA LEU F 751 17.39 -75.69 -19.94
C LEU F 751 18.17 -74.41 -19.54
N GLN F 752 17.46 -73.29 -19.53
CA GLN F 752 18.06 -71.98 -19.44
C GLN F 752 17.96 -71.41 -18.03
N MET F 753 16.91 -71.79 -17.33
CA MET F 753 16.62 -71.27 -16.02
C MET F 753 17.05 -72.21 -14.92
N TYR F 754 17.31 -73.46 -15.30
CA TYR F 754 17.48 -74.52 -14.31
C TYR F 754 18.44 -74.13 -13.19
N SER F 755 19.63 -73.63 -13.53
CA SER F 755 20.64 -73.39 -12.51
C SER F 755 20.17 -72.44 -11.43
N LYS F 756 19.50 -71.38 -11.86
CA LYS F 756 19.01 -70.35 -10.94
C LYS F 756 17.85 -70.87 -10.09
N ILE F 757 16.93 -71.61 -10.74
CA ILE F 757 15.82 -72.23 -10.04
C ILE F 757 16.35 -73.08 -8.90
N ARG F 758 17.50 -73.72 -9.16
CA ARG F 758 18.09 -74.71 -8.27
C ARG F 758 18.91 -74.12 -7.12
N ARG F 759 19.08 -72.80 -7.09
CA ARG F 759 19.75 -72.21 -5.94
C ARG F 759 18.75 -71.74 -4.90
N HIS F 760 17.50 -72.15 -5.06
CA HIS F 760 16.48 -71.92 -4.04
C HIS F 760 15.83 -73.23 -3.63
N PRO F 761 16.19 -73.69 -2.43
CA PRO F 761 15.79 -74.95 -1.81
C PRO F 761 14.29 -75.08 -1.61
N ASN F 762 13.57 -73.96 -1.60
CA ASN F 762 12.13 -74.01 -1.40
C ASN F 762 11.34 -74.28 -2.68
N ILE F 763 12.02 -74.25 -3.82
CA ILE F 763 11.40 -74.52 -5.12
C ILE F 763 11.39 -76.01 -5.48
N MET F 764 10.19 -76.57 -5.57
CA MET F 764 9.97 -77.95 -5.99
C MET F 764 9.69 -77.97 -7.48
N LEU F 765 10.70 -78.28 -8.28
CA LEU F 765 10.59 -78.18 -9.74
C LEU F 765 9.80 -79.30 -10.36
N ILE F 766 8.72 -78.95 -11.05
CA ILE F 766 7.82 -79.95 -11.61
C ILE F 766 7.60 -79.77 -13.12
N PHE F 767 8.10 -80.72 -13.91
CA PHE F 767 7.91 -80.69 -15.35
C PHE F 767 6.52 -81.18 -15.72
N GLY F 768 5.85 -80.46 -16.60
CA GLY F 768 4.54 -80.87 -17.09
C GLY F 768 4.38 -80.68 -18.58
N SER F 769 3.32 -81.27 -19.16
CA SER F 769 2.95 -81.07 -20.56
C SER F 769 3.62 -82.01 -21.56
N GLY F 770 2.82 -82.84 -22.21
CA GLY F 770 3.30 -83.76 -23.22
C GLY F 770 3.57 -85.16 -22.70
N PHE F 771 3.29 -85.38 -21.42
CA PHE F 771 3.57 -86.67 -20.77
C PHE F 771 2.33 -87.57 -20.64
N GLY F 772 2.56 -88.89 -20.69
CA GLY F 772 1.47 -89.85 -20.62
C GLY F 772 1.78 -91.17 -19.95
N SER F 773 3.07 -91.53 -19.93
CA SER F 773 3.48 -92.79 -19.31
C SER F 773 4.66 -92.57 -18.36
N ALA F 774 4.99 -93.61 -17.59
CA ALA F 774 6.19 -93.55 -16.78
C ALA F 774 7.43 -93.55 -17.66
N ASP F 775 7.28 -94.01 -18.90
CA ASP F 775 8.42 -94.30 -19.75
C ASP F 775 9.08 -93.07 -20.38
N ASP F 776 8.25 -92.21 -20.97
CA ASP F 776 8.70 -90.98 -21.63
C ASP F 776 9.07 -89.94 -20.60
N THR F 777 8.54 -90.14 -19.40
CA THR F 777 8.69 -89.18 -18.34
C THR F 777 9.97 -89.46 -17.56
N TYR F 778 10.45 -90.70 -17.64
CA TYR F 778 11.59 -91.16 -16.83
C TYR F 778 12.87 -90.33 -16.99
N PRO F 779 13.27 -90.02 -18.24
CA PRO F 779 14.54 -89.33 -18.47
C PRO F 779 14.56 -87.98 -17.76
N TYR F 780 13.38 -87.37 -17.58
CA TYR F 780 13.28 -86.08 -16.91
C TYR F 780 13.43 -86.25 -15.41
N LEU F 781 13.40 -87.50 -14.97
CA LEU F 781 13.57 -87.80 -13.56
C LEU F 781 15.04 -88.13 -13.28
N THR F 782 15.63 -88.96 -14.14
CA THR F 782 17.07 -89.26 -14.13
C THR F 782 17.84 -87.94 -14.24
N GLY F 783 17.27 -86.99 -14.99
CA GLY F 783 17.95 -85.77 -15.31
C GLY F 783 18.68 -85.94 -16.64
N GLU F 784 18.41 -87.05 -17.31
CA GLU F 784 19.15 -87.40 -18.52
C GLU F 784 18.66 -86.67 -19.76
N TRP F 785 17.44 -86.17 -19.71
CA TRP F 785 16.85 -85.42 -20.82
C TRP F 785 17.78 -84.30 -21.32
N SER F 786 18.35 -83.53 -20.39
CA SER F 786 19.10 -82.32 -20.71
C SER F 786 20.40 -82.63 -21.46
N THR F 787 20.71 -83.91 -21.55
CA THR F 787 21.94 -84.37 -22.17
C THR F 787 21.93 -84.25 -23.70
N LYS F 788 20.77 -84.52 -24.29
CA LYS F 788 20.60 -84.36 -25.74
C LYS F 788 21.11 -82.99 -26.21
N PHE F 789 21.09 -82.01 -25.30
CA PHE F 789 21.46 -80.62 -25.63
C PHE F 789 22.83 -80.24 -25.05
N ASP F 790 23.66 -81.23 -24.78
CA ASP F 790 25.04 -80.99 -24.32
C ASP F 790 25.09 -80.21 -23.01
N TYR F 791 24.10 -80.46 -22.16
CA TYR F 791 24.00 -79.85 -20.84
C TYR F 791 24.17 -80.89 -19.75
N PRO F 792 24.73 -80.49 -18.60
CA PRO F 792 24.85 -81.41 -17.46
C PRO F 792 23.49 -82.04 -17.12
N PRO F 793 23.49 -83.24 -16.54
CA PRO F 793 22.25 -83.85 -16.07
C PRO F 793 21.41 -82.88 -15.24
N MET F 794 20.12 -82.79 -15.57
CA MET F 794 19.22 -81.77 -15.04
C MET F 794 17.91 -82.40 -14.53
N PRO F 795 17.95 -83.05 -13.36
CA PRO F 795 16.87 -83.87 -12.77
C PRO F 795 15.67 -83.08 -12.24
N PHE F 796 14.47 -83.65 -12.38
CA PHE F 796 13.22 -83.04 -11.88
C PHE F 796 12.59 -83.75 -10.69
N ASP F 797 11.71 -83.04 -9.99
CA ASP F 797 11.16 -83.51 -8.71
C ASP F 797 9.74 -84.07 -8.80
N GLY F 798 9.16 -84.08 -9.99
CA GLY F 798 7.80 -84.55 -10.12
C GLY F 798 7.25 -84.26 -11.48
N PHE F 799 6.06 -84.78 -11.78
CA PHE F 799 5.46 -84.60 -13.09
C PHE F 799 3.94 -84.46 -13.00
N LEU F 800 3.36 -83.59 -13.81
CA LEU F 800 1.90 -83.49 -13.88
C LEU F 800 1.37 -83.98 -15.22
N PHE F 801 0.22 -84.64 -15.16
CA PHE F 801 -0.41 -85.25 -16.33
C PHE F 801 -1.81 -84.69 -16.50
N GLY F 802 -1.98 -83.85 -17.52
CA GLY F 802 -3.24 -83.18 -17.74
C GLY F 802 -4.09 -83.94 -18.73
N SER F 803 -3.57 -84.10 -19.94
CA SER F 803 -4.31 -84.78 -20.99
C SER F 803 -4.46 -86.27 -20.70
N ARG F 804 -3.35 -86.93 -20.37
CA ARG F 804 -3.35 -88.38 -20.15
C ARG F 804 -4.54 -88.92 -19.34
N VAL F 805 -5.08 -88.11 -18.44
CA VAL F 805 -6.10 -88.57 -17.52
C VAL F 805 -7.54 -88.40 -18.04
N MET F 806 -7.71 -87.68 -19.16
CA MET F 806 -9.04 -87.30 -19.66
C MET F 806 -9.94 -88.45 -20.08
N ILE F 807 -9.39 -89.65 -20.05
CA ILE F 807 -10.07 -90.86 -20.51
C ILE F 807 -10.43 -91.76 -19.34
N ALA F 808 -9.74 -91.58 -18.22
CA ALA F 808 -9.93 -92.38 -17.00
C ALA F 808 -11.39 -92.73 -16.71
N LYS F 809 -11.60 -93.91 -16.12
CA LYS F 809 -12.95 -94.40 -15.91
C LYS F 809 -13.77 -93.38 -15.14
N GLU F 810 -13.10 -92.59 -14.32
CA GLU F 810 -13.78 -91.74 -13.35
C GLU F 810 -13.87 -90.22 -13.68
N VAL F 811 -13.34 -89.77 -14.81
CA VAL F 811 -13.62 -88.40 -15.24
C VAL F 811 -14.99 -88.36 -15.87
N LYS F 812 -15.64 -87.20 -15.82
CA LYS F 812 -17.00 -87.10 -16.33
C LYS F 812 -17.08 -87.03 -17.86
N THR F 813 -15.93 -87.06 -18.52
CA THR F 813 -15.85 -87.01 -19.98
C THR F 813 -16.86 -87.98 -20.58
N SER F 814 -17.72 -87.48 -21.46
CA SER F 814 -18.78 -88.31 -22.03
C SER F 814 -18.24 -89.45 -22.87
N PRO F 815 -18.99 -90.56 -22.94
CA PRO F 815 -18.66 -91.77 -23.70
C PRO F 815 -18.07 -91.44 -25.07
N ASP F 816 -18.88 -90.81 -25.91
CA ASP F 816 -18.48 -90.50 -27.27
C ASP F 816 -17.28 -89.55 -27.30
N ALA F 817 -17.08 -88.84 -26.19
CA ALA F 817 -15.99 -87.87 -26.09
C ALA F 817 -14.66 -88.56 -25.75
N LYS F 818 -14.72 -89.55 -24.85
CA LYS F 818 -13.55 -90.36 -24.54
C LYS F 818 -13.08 -91.07 -25.81
N LYS F 819 -14.05 -91.61 -26.54
CA LYS F 819 -13.79 -92.28 -27.82
C LYS F 819 -13.10 -91.33 -28.82
N CYS F 820 -13.57 -90.10 -28.88
CA CYS F 820 -12.97 -89.08 -29.73
C CYS F 820 -11.51 -88.78 -29.35
N ILE F 821 -11.27 -88.59 -28.05
CA ILE F 821 -9.96 -88.28 -27.49
C ILE F 821 -8.90 -89.33 -27.82
N ALA F 822 -9.26 -90.59 -27.59
CA ALA F 822 -8.34 -91.68 -27.80
C ALA F 822 -7.81 -91.63 -29.21
N ALA F 823 -8.72 -91.84 -30.15
CA ALA F 823 -8.45 -91.96 -31.58
C ALA F 823 -7.63 -90.81 -32.18
N CYS F 824 -7.38 -89.77 -31.40
CA CYS F 824 -6.42 -88.77 -31.81
C CYS F 824 -5.01 -89.35 -31.73
N THR F 825 -4.41 -89.50 -32.90
CA THR F 825 -2.99 -89.78 -33.02
C THR F 825 -2.24 -88.60 -32.43
N GLY F 826 -1.28 -88.85 -31.56
CA GLY F 826 -0.51 -87.74 -31.03
C GLY F 826 0.42 -87.13 -32.08
N VAL F 827 1.45 -86.43 -31.60
CA VAL F 827 2.53 -85.95 -32.43
C VAL F 827 3.70 -85.68 -31.49
N PRO F 828 4.92 -86.04 -31.92
CA PRO F 828 6.15 -85.74 -31.16
C PRO F 828 6.30 -84.23 -30.88
N ASP F 829 7.06 -83.87 -29.85
CA ASP F 829 7.42 -82.47 -29.62
C ASP F 829 8.07 -81.91 -30.90
N ASP F 830 8.65 -82.83 -31.67
CA ASP F 830 9.18 -82.56 -33.00
C ASP F 830 8.26 -81.68 -33.85
N LYS F 831 6.94 -81.84 -33.70
CA LYS F 831 6.01 -81.21 -34.63
C LYS F 831 4.72 -80.67 -33.99
N TRP F 832 4.81 -80.15 -32.77
CA TRP F 832 3.60 -79.60 -32.15
C TRP F 832 3.29 -78.21 -32.68
N GLU F 833 4.31 -77.52 -33.19
CA GLU F 833 4.14 -76.17 -33.70
C GLU F 833 3.04 -76.06 -34.75
N GLN F 834 2.71 -77.17 -35.39
CA GLN F 834 1.76 -77.19 -36.49
C GLN F 834 0.30 -77.05 -36.05
N THR F 835 0.06 -77.05 -34.74
CA THR F 835 -1.29 -76.86 -34.21
C THR F 835 -1.80 -75.48 -34.59
N TYR F 836 -0.85 -74.55 -34.77
CA TYR F 836 -1.18 -73.17 -35.09
C TYR F 836 -1.77 -73.02 -36.49
N LYS F 837 -1.53 -74.00 -37.35
CA LYS F 837 -1.99 -73.90 -38.73
C LYS F 837 -2.96 -75.02 -39.12
N LYS F 838 -2.44 -76.24 -39.31
CA LYS F 838 -3.30 -77.39 -39.64
C LYS F 838 -3.74 -78.13 -38.39
N PRO F 839 -4.74 -79.01 -38.53
CA PRO F 839 -4.93 -80.02 -37.50
C PRO F 839 -3.72 -80.94 -37.49
N THR F 840 -3.21 -81.21 -36.28
CA THR F 840 -1.96 -81.94 -36.12
C THR F 840 -2.13 -83.01 -35.08
N GLY F 841 -2.22 -84.26 -35.52
CA GLY F 841 -2.57 -85.34 -34.62
C GLY F 841 -3.99 -85.17 -34.10
N GLY F 842 -4.86 -84.61 -34.95
CA GLY F 842 -6.23 -84.38 -34.57
C GLY F 842 -6.38 -83.31 -33.52
N ILE F 843 -5.53 -81.96 -33.55
CA ILE F 843 -5.56 -80.91 -32.54
C ILE F 843 -5.12 -79.58 -33.14
N VAL F 844 -5.98 -78.55 -33.02
CA VAL F 844 -5.64 -77.20 -33.46
C VAL F 844 -5.64 -76.23 -32.30
N THR F 845 -4.93 -75.11 -32.47
CA THR F 845 -5.09 -73.99 -31.54
C THR F 845 -6.20 -73.11 -32.08
N VAL F 846 -6.82 -72.38 -31.16
CA VAL F 846 -7.97 -71.55 -31.46
C VAL F 846 -7.98 -70.51 -30.34
N ARG F 847 -8.42 -69.29 -30.63
CA ARG F 847 -8.33 -68.24 -29.61
C ARG F 847 -9.63 -68.03 -28.83
N SER F 848 -9.49 -67.85 -27.51
CA SER F 848 -10.64 -67.59 -26.65
C SER F 848 -11.24 -66.23 -26.96
N GLU F 849 -12.33 -65.90 -26.27
CA GLU F 849 -12.94 -64.59 -26.44
C GLU F 849 -11.96 -63.45 -26.12
N MET F 850 -10.95 -63.75 -25.31
CA MET F 850 -9.96 -62.76 -24.88
C MET F 850 -8.72 -62.73 -25.77
N GLY F 851 -8.58 -63.68 -26.71
CA GLY F 851 -7.50 -63.65 -27.68
C GLY F 851 -6.27 -64.48 -27.35
N GLU F 852 -6.31 -65.15 -26.20
CA GLU F 852 -5.24 -66.07 -25.79
C GLU F 852 -5.44 -67.44 -26.45
N PRO F 853 -4.32 -68.12 -26.80
CA PRO F 853 -4.38 -69.40 -27.54
C PRO F 853 -4.97 -70.55 -26.71
N ILE F 854 -5.76 -71.40 -27.33
CA ILE F 854 -6.32 -72.58 -26.65
C ILE F 854 -6.12 -73.83 -27.50
N HIS F 855 -5.63 -74.89 -26.87
CA HIS F 855 -5.44 -76.16 -27.56
C HIS F 855 -6.70 -77.02 -27.51
N LYS F 856 -7.33 -77.23 -28.67
CA LYS F 856 -8.57 -77.98 -28.72
C LYS F 856 -8.50 -79.13 -29.71
N ILE F 857 -9.28 -80.16 -29.42
CA ILE F 857 -9.50 -81.26 -30.35
C ILE F 857 -10.18 -80.65 -31.57
N ALA F 858 -9.69 -81.01 -32.75
CA ALA F 858 -10.09 -80.32 -33.97
C ALA F 858 -11.44 -80.76 -34.57
N THR F 859 -12.49 -80.77 -33.74
CA THR F 859 -13.83 -81.15 -34.20
C THR F 859 -14.41 -80.10 -35.19
N ARG F 860 -15.53 -80.44 -35.81
CA ARG F 860 -16.16 -79.54 -36.78
C ARG F 860 -16.51 -78.17 -36.20
N GLY F 861 -17.11 -78.17 -35.01
CA GLY F 861 -17.43 -76.94 -34.31
C GLY F 861 -16.21 -76.10 -34.02
N VAL F 862 -15.13 -76.76 -33.61
CA VAL F 862 -13.88 -76.09 -33.26
C VAL F 862 -13.25 -75.44 -34.50
N MET F 863 -13.39 -76.10 -35.65
CA MET F 863 -12.83 -75.60 -36.90
C MET F 863 -13.66 -74.46 -37.49
N LEU F 864 -14.96 -74.47 -37.20
CA LEU F 864 -15.80 -73.33 -37.51
C LEU F 864 -15.38 -72.15 -36.63
N TRP F 865 -15.31 -72.39 -35.32
CA TRP F 865 -14.79 -71.44 -34.36
C TRP F 865 -13.44 -70.87 -34.83
N LYS F 866 -12.59 -71.72 -35.42
CA LYS F 866 -11.30 -71.28 -35.93
C LYS F 866 -11.45 -70.44 -37.19
N GLU F 867 -12.37 -70.84 -38.07
CA GLU F 867 -12.62 -70.10 -39.28
C GLU F 867 -13.18 -68.70 -38.98
N PHE F 868 -14.18 -68.63 -38.10
CA PHE F 868 -14.72 -67.35 -37.62
C PHE F 868 -13.64 -66.54 -36.94
N ASP F 869 -12.74 -67.23 -36.26
CA ASP F 869 -11.60 -66.63 -35.60
C ASP F 869 -10.72 -65.91 -36.63
N GLU F 870 -10.71 -66.45 -37.84
CA GLU F 870 -9.84 -65.93 -38.90
C GLU F 870 -10.57 -64.96 -39.83
N THR F 871 -11.90 -65.05 -39.88
CA THR F 871 -12.71 -64.27 -40.82
C THR F 871 -13.51 -63.12 -40.21
N ILE F 872 -14.40 -63.48 -39.29
CA ILE F 872 -15.35 -62.55 -38.69
C ILE F 872 -14.76 -61.81 -37.50
N PHE F 873 -14.36 -62.56 -36.47
CA PHE F 873 -13.82 -61.96 -35.25
C PHE F 873 -12.52 -61.23 -35.55
N ASN F 874 -11.82 -61.70 -36.58
CA ASN F 874 -10.60 -61.09 -37.05
C ASN F 874 -10.77 -59.58 -37.27
N LEU F 875 -11.81 -59.22 -38.02
CA LEU F 875 -12.02 -57.85 -38.51
C LEU F 875 -12.15 -56.76 -37.44
N PRO F 876 -11.79 -55.51 -37.79
CA PRO F 876 -11.97 -54.31 -36.96
C PRO F 876 -13.43 -54.17 -36.55
N LYS F 877 -13.69 -53.60 -35.37
CA LYS F 877 -15.07 -53.47 -34.87
C LYS F 877 -15.92 -52.60 -35.79
N ASN F 878 -15.26 -52.00 -36.77
CA ASN F 878 -15.93 -51.21 -37.77
C ASN F 878 -16.49 -52.06 -38.91
N LYS F 879 -15.76 -53.12 -39.26
CA LYS F 879 -16.17 -54.01 -40.34
C LYS F 879 -17.03 -55.18 -39.87
N LEU F 880 -17.30 -55.24 -38.55
CA LEU F 880 -17.98 -56.38 -37.97
C LEU F 880 -19.37 -56.58 -38.57
N VAL F 881 -20.25 -55.64 -38.28
CA VAL F 881 -21.68 -55.77 -38.56
C VAL F 881 -22.03 -55.92 -40.04
N PRO F 882 -21.25 -55.28 -40.93
CA PRO F 882 -21.43 -55.47 -42.37
C PRO F 882 -21.02 -56.86 -42.84
N THR F 883 -19.90 -57.38 -42.36
CA THR F 883 -19.43 -58.71 -42.74
C THR F 883 -20.44 -59.78 -42.27
N LEU F 884 -21.03 -59.54 -41.11
CA LEU F 884 -22.03 -60.45 -40.54
C LEU F 884 -23.23 -60.56 -41.46
N GLU F 885 -23.73 -59.41 -41.88
CA GLU F 885 -24.94 -59.37 -42.71
C GLU F 885 -24.69 -59.97 -44.09
N ALA F 886 -23.49 -59.79 -44.61
CA ALA F 886 -23.15 -60.31 -45.93
C ALA F 886 -22.85 -61.81 -45.86
N LYS F 887 -22.91 -62.38 -44.66
CA LYS F 887 -22.65 -63.80 -44.51
C LYS F 887 -23.75 -64.45 -43.70
N ARG F 888 -24.73 -63.65 -43.30
CA ARG F 888 -25.81 -64.10 -42.42
C ARG F 888 -26.31 -65.50 -42.77
N ASP F 889 -26.54 -65.75 -44.05
CA ASP F 889 -27.04 -67.06 -44.49
C ASP F 889 -26.02 -68.16 -44.20
N TYR F 890 -24.79 -67.91 -44.62
CA TYR F 890 -23.69 -68.84 -44.40
C TYR F 890 -23.47 -69.10 -42.89
N ILE F 891 -23.17 -68.03 -42.16
CA ILE F 891 -23.00 -68.08 -40.70
C ILE F 891 -24.12 -68.86 -40.01
N ILE F 892 -25.36 -68.52 -40.33
CA ILE F 892 -26.52 -69.18 -39.72
C ILE F 892 -26.57 -70.67 -40.06
N SER F 893 -26.05 -71.03 -41.23
CA SER F 893 -26.09 -72.41 -41.71
C SER F 893 -25.05 -73.27 -41.03
N ARG F 894 -23.83 -72.72 -40.95
CA ARG F 894 -22.70 -73.40 -40.33
C ARG F 894 -22.89 -73.59 -38.84
N LEU F 895 -23.65 -72.70 -38.21
CA LEU F 895 -24.00 -72.88 -36.81
C LEU F 895 -24.85 -74.14 -36.69
N ASN F 896 -25.92 -74.18 -37.46
CA ASN F 896 -26.86 -75.29 -37.45
C ASN F 896 -26.24 -76.64 -37.80
N ALA F 897 -25.12 -76.61 -38.53
CA ALA F 897 -24.52 -77.86 -38.96
C ALA F 897 -23.44 -78.41 -38.02
N ASP F 898 -22.50 -77.55 -37.62
CA ASP F 898 -21.26 -78.01 -37.03
C ASP F 898 -20.96 -77.51 -35.59
N PHE F 899 -21.81 -76.65 -35.04
CA PHE F 899 -21.50 -76.05 -33.75
C PHE F 899 -22.44 -76.48 -32.63
N GLN F 900 -21.98 -76.37 -31.39
CA GLN F 900 -22.74 -76.84 -30.22
C GLN F 900 -23.83 -75.87 -29.83
N LYS F 901 -23.72 -74.65 -30.35
CA LYS F 901 -24.80 -73.66 -30.25
C LYS F 901 -25.42 -73.45 -31.61
N PRO F 902 -26.63 -73.97 -31.79
CA PRO F 902 -27.34 -73.81 -33.05
C PRO F 902 -27.81 -72.38 -33.19
N TRP F 903 -28.29 -72.02 -34.37
CA TRP F 903 -29.00 -70.76 -34.54
C TRP F 903 -30.42 -70.99 -34.05
N PHE F 904 -30.85 -70.17 -32.90
CA PHE F 904 -32.12 -70.49 -32.24
C PHE F 904 -33.31 -70.45 -33.18
N ALA F 905 -33.43 -69.37 -33.93
CA ALA F 905 -34.60 -69.17 -34.79
C ALA F 905 -34.53 -70.01 -36.05
N THR F 906 -34.18 -71.28 -35.89
CA THR F 906 -34.35 -72.23 -36.98
C THR F 906 -35.46 -73.21 -36.61
N VAL F 907 -36.56 -73.17 -37.37
CA VAL F 907 -37.74 -73.97 -37.08
C VAL F 907 -37.79 -75.13 -38.07
N ASN F 908 -37.87 -76.34 -37.54
CA ASN F 908 -37.67 -77.56 -38.32
C ASN F 908 -36.77 -77.40 -39.57
N GLY F 909 -35.50 -77.10 -39.33
CA GLY F 909 -34.51 -77.01 -40.40
C GLY F 909 -34.60 -75.72 -41.21
N GLN F 910 -35.80 -75.15 -41.24
CA GLN F 910 -36.07 -73.89 -41.90
C GLN F 910 -35.33 -72.74 -41.19
N ALA F 911 -34.34 -72.17 -41.86
CA ALA F 911 -33.66 -70.99 -41.33
C ALA F 911 -34.61 -69.79 -41.30
N ARG F 912 -34.54 -68.99 -40.25
CA ARG F 912 -35.32 -67.75 -40.18
C ARG F 912 -34.90 -66.89 -39.00
N ASP F 913 -35.54 -65.73 -38.86
CA ASP F 913 -35.15 -64.80 -37.80
C ASP F 913 -36.11 -64.84 -36.62
N LEU F 914 -35.72 -64.21 -35.52
CA LEU F 914 -36.50 -64.33 -34.29
C LEU F 914 -37.80 -63.53 -34.40
N ALA F 915 -37.81 -62.50 -35.24
CA ALA F 915 -39.03 -61.73 -35.43
C ALA F 915 -39.96 -62.37 -36.46
N THR F 916 -39.52 -63.47 -37.04
CA THR F 916 -40.35 -64.20 -37.99
C THR F 916 -40.68 -65.63 -37.48
N MET F 917 -40.77 -65.76 -36.15
CA MET F 917 -41.27 -66.99 -35.52
C MET F 917 -42.57 -66.62 -34.85
N THR F 918 -43.42 -67.62 -34.58
CA THR F 918 -44.62 -67.35 -33.78
C THR F 918 -44.39 -67.75 -32.34
N TYR F 919 -45.25 -67.26 -31.45
CA TYR F 919 -45.10 -67.54 -30.03
C TYR F 919 -45.02 -69.03 -29.79
N GLU F 920 -45.77 -69.79 -30.59
CA GLU F 920 -45.76 -71.24 -30.45
C GLU F 920 -44.38 -71.76 -30.85
N GLU F 921 -43.95 -71.44 -32.07
CA GLU F 921 -42.66 -71.89 -32.60
C GLU F 921 -41.50 -71.68 -31.62
N VAL F 922 -41.56 -70.59 -30.87
CA VAL F 922 -40.51 -70.23 -29.94
C VAL F 922 -40.60 -71.10 -28.71
N ALA F 923 -41.79 -71.22 -28.14
CA ALA F 923 -42.01 -72.08 -26.98
C ALA F 923 -41.60 -73.54 -27.28
N LYS F 924 -41.90 -73.99 -28.50
CA LYS F 924 -41.58 -75.35 -28.92
C LYS F 924 -40.08 -75.49 -29.20
N ARG F 925 -39.46 -74.42 -29.69
CA ARG F 925 -38.03 -74.39 -29.90
C ARG F 925 -37.30 -74.32 -28.57
N LEU F 926 -37.89 -73.62 -27.61
CA LEU F 926 -37.31 -73.54 -26.26
C LEU F 926 -37.26 -74.91 -25.60
N VAL F 927 -38.39 -75.60 -25.59
CA VAL F 927 -38.49 -76.95 -25.05
C VAL F 927 -37.55 -77.90 -25.79
N GLU F 928 -37.50 -77.75 -27.11
CA GLU F 928 -36.66 -78.58 -27.96
C GLU F 928 -35.18 -78.56 -27.57
N LEU F 929 -34.68 -77.41 -27.15
CA LEU F 929 -33.24 -77.20 -26.98
C LEU F 929 -32.79 -77.18 -25.52
N MET F 930 -33.75 -77.14 -24.60
CA MET F 930 -33.43 -77.01 -23.19
C MET F 930 -33.97 -78.18 -22.38
N PHE F 931 -35.07 -78.76 -22.85
CA PHE F 931 -35.62 -79.93 -22.20
C PHE F 931 -35.04 -81.17 -22.83
N ILE F 932 -34.21 -81.87 -22.06
CA ILE F 932 -33.59 -83.09 -22.55
C ILE F 932 -34.58 -84.23 -22.48
N ARG F 933 -34.95 -84.74 -23.65
CA ARG F 933 -36.03 -85.71 -23.78
C ARG F 933 -35.66 -87.03 -23.11
N SER F 934 -34.44 -87.49 -23.40
CA SER F 934 -33.96 -88.80 -22.99
C SER F 934 -33.98 -89.00 -21.49
N THR F 935 -33.80 -87.92 -20.74
CA THR F 935 -33.75 -87.99 -19.28
C THR F 935 -35.02 -87.41 -18.67
N ASN F 936 -35.98 -87.17 -19.55
CA ASN F 936 -37.20 -86.45 -19.21
C ASN F 936 -36.98 -85.39 -18.14
N SER F 937 -36.11 -84.45 -18.47
CA SER F 937 -35.67 -83.46 -17.50
C SER F 937 -35.23 -82.17 -18.19
N TRP F 938 -35.55 -81.03 -17.56
CA TRP F 938 -35.00 -79.75 -17.96
C TRP F 938 -33.52 -79.70 -17.56
N PHE F 939 -32.64 -79.62 -18.54
CA PHE F 939 -31.21 -79.70 -18.26
C PHE F 939 -30.72 -78.69 -17.21
N ASP F 940 -31.43 -77.58 -17.08
CA ASP F 940 -31.13 -76.63 -16.01
C ASP F 940 -32.40 -75.90 -15.56
N VAL F 941 -32.53 -75.72 -14.25
CA VAL F 941 -33.74 -75.14 -13.70
C VAL F 941 -34.01 -73.73 -14.22
N THR F 942 -32.95 -72.97 -14.45
CA THR F 942 -33.08 -71.64 -15.03
C THR F 942 -33.71 -71.68 -16.42
N TRP F 943 -33.39 -72.72 -17.19
CA TRP F 943 -33.99 -72.88 -18.53
C TRP F 943 -35.47 -73.28 -18.47
N ARG F 944 -35.88 -73.91 -17.38
CA ARG F 944 -37.29 -74.20 -17.20
C ARG F 944 -37.96 -72.90 -16.75
N THR F 945 -37.31 -72.22 -15.81
CA THR F 945 -37.71 -70.88 -15.39
C THR F 945 -37.87 -69.91 -16.56
N PHE F 946 -36.93 -69.96 -17.51
CA PHE F 946 -36.92 -69.11 -18.70
C PHE F 946 -38.20 -69.26 -19.49
N THR F 947 -38.45 -70.48 -19.96
CA THR F 947 -39.61 -70.74 -20.82
C THR F 947 -40.93 -70.49 -20.09
N GLY F 948 -40.90 -70.62 -18.76
CA GLY F 948 -42.06 -70.26 -17.97
C GLY F 948 -42.31 -68.77 -18.12
N ASP F 949 -41.29 -67.98 -17.86
CA ASP F 949 -41.42 -66.54 -17.98
C ASP F 949 -41.96 -66.18 -19.37
N PHE F 950 -41.55 -66.94 -20.37
CA PHE F 950 -41.97 -66.66 -21.74
C PHE F 950 -43.43 -66.96 -21.99
N LEU F 951 -43.88 -68.12 -21.51
CA LEU F 951 -45.28 -68.53 -21.64
C LEU F 951 -46.19 -67.60 -20.87
N ARG F 952 -45.68 -67.11 -19.73
CA ARG F 952 -46.41 -66.20 -18.90
C ARG F 952 -46.65 -64.95 -19.74
N ARG F 953 -45.60 -64.52 -20.42
CA ARG F 953 -45.66 -63.40 -21.33
C ARG F 953 -46.68 -63.61 -22.45
N VAL F 954 -46.74 -64.83 -22.96
CA VAL F 954 -47.68 -65.15 -24.03
C VAL F 954 -49.06 -64.88 -23.49
N GLU F 955 -49.31 -65.27 -22.24
CA GLU F 955 -50.62 -65.04 -21.64
C GLU F 955 -50.90 -63.56 -21.54
N GLU F 956 -49.90 -62.83 -21.05
CA GLU F 956 -50.01 -61.39 -20.83
C GLU F 956 -50.44 -60.64 -22.10
N ARG F 957 -49.77 -60.96 -23.19
CA ARG F 957 -50.01 -60.34 -24.49
C ARG F 957 -51.44 -60.61 -25.01
N PHE F 958 -51.78 -61.88 -25.06
CA PHE F 958 -52.96 -62.34 -25.80
C PHE F 958 -54.26 -62.32 -24.99
N THR F 959 -54.16 -62.24 -23.68
CA THR F 959 -55.35 -62.06 -22.89
C THR F 959 -55.99 -60.71 -23.23
N LYS F 960 -57.31 -60.65 -23.05
CA LYS F 960 -58.09 -59.44 -23.31
C LYS F 960 -58.34 -58.70 -22.02
N SER F 961 -58.97 -59.38 -21.06
CA SER F 961 -59.12 -58.82 -19.73
C SER F 961 -58.08 -59.46 -18.82
N LYS F 962 -58.18 -59.19 -17.52
CA LYS F 962 -57.29 -59.79 -16.55
C LYS F 962 -57.89 -61.09 -16.02
N THR F 963 -57.11 -62.17 -16.11
CA THR F 963 -57.44 -63.42 -15.42
C THR F 963 -56.17 -63.92 -14.77
N LEU F 964 -56.19 -65.20 -14.39
CA LEU F 964 -55.07 -65.79 -13.67
C LEU F 964 -54.35 -66.81 -14.52
N SER F 965 -53.06 -66.99 -14.21
CA SER F 965 -52.16 -67.74 -15.05
C SER F 965 -52.52 -69.20 -15.15
N LEU F 966 -52.38 -69.77 -16.35
CA LEU F 966 -52.55 -71.19 -16.57
C LEU F 966 -51.28 -71.95 -16.19
N ILE F 967 -50.19 -71.21 -15.96
CA ILE F 967 -48.98 -71.79 -15.42
C ILE F 967 -48.75 -71.23 -14.02
N GLN F 968 -49.52 -71.70 -13.06
CA GLN F 968 -49.43 -71.21 -11.69
C GLN F 968 -48.08 -71.56 -11.06
N SER F 969 -47.62 -72.79 -11.28
CA SER F 969 -46.26 -73.20 -10.90
C SER F 969 -45.49 -73.86 -12.04
N TYR F 970 -44.22 -73.48 -12.18
CA TYR F 970 -43.39 -73.92 -13.30
C TYR F 970 -43.12 -75.42 -13.28
N SER F 971 -43.47 -76.05 -12.17
CA SER F 971 -43.34 -77.50 -12.04
C SER F 971 -44.13 -78.11 -13.18
N LEU F 972 -45.24 -77.46 -13.52
CA LEU F 972 -46.13 -77.92 -14.59
C LEU F 972 -45.40 -78.07 -15.93
N LEU F 973 -44.22 -77.45 -16.03
CA LEU F 973 -43.40 -77.53 -17.23
C LEU F 973 -42.65 -78.84 -17.34
N ASP F 974 -42.71 -79.67 -16.30
CA ASP F 974 -42.02 -80.95 -16.28
C ASP F 974 -42.63 -81.92 -17.30
N LYS F 975 -43.87 -81.63 -17.67
CA LYS F 975 -44.52 -82.27 -18.83
C LYS F 975 -44.71 -81.16 -19.84
N PRO F 976 -43.63 -80.81 -20.57
CA PRO F 976 -43.53 -79.59 -21.37
C PRO F 976 -44.61 -79.52 -22.44
N ASP F 977 -44.78 -80.62 -23.15
CA ASP F 977 -45.72 -80.67 -24.25
C ASP F 977 -47.12 -80.35 -23.75
N GLU F 978 -47.53 -81.03 -22.68
CA GLU F 978 -48.86 -80.82 -22.11
C GLU F 978 -49.07 -79.36 -21.67
N ALA F 979 -48.02 -78.78 -21.07
CA ALA F 979 -48.07 -77.40 -20.58
C ALA F 979 -48.24 -76.40 -21.72
N ILE F 980 -47.39 -76.52 -22.73
CA ILE F 980 -47.50 -75.73 -23.94
C ILE F 980 -48.92 -75.75 -24.55
N GLU F 981 -49.50 -76.94 -24.71
CA GLU F 981 -50.83 -77.06 -25.32
C GLU F 981 -51.88 -76.39 -24.45
N LYS F 982 -51.66 -76.38 -23.14
CA LYS F 982 -52.60 -75.74 -22.21
C LYS F 982 -52.66 -74.24 -22.46
N VAL F 983 -51.48 -73.62 -22.54
CA VAL F 983 -51.33 -72.18 -22.75
C VAL F 983 -51.92 -71.73 -24.09
N PHE F 984 -51.44 -72.32 -25.18
CA PHE F 984 -51.85 -71.93 -26.52
C PHE F 984 -53.30 -72.31 -26.88
N ASN F 985 -53.85 -73.30 -26.20
CA ASN F 985 -55.27 -73.62 -26.32
C ASN F 985 -56.09 -72.41 -25.93
N ALA F 986 -55.72 -71.83 -24.80
CA ALA F 986 -56.40 -70.67 -24.23
C ALA F 986 -56.22 -69.41 -25.07
N TYR F 987 -55.10 -69.32 -25.77
CA TYR F 987 -54.78 -68.14 -26.55
C TYR F 987 -54.35 -68.56 -27.94
N PRO F 988 -55.30 -69.14 -28.69
CA PRO F 988 -55.04 -69.85 -29.95
C PRO F 988 -54.40 -68.93 -30.96
N ALA F 989 -54.76 -67.65 -30.85
CA ALA F 989 -54.26 -66.62 -31.72
C ALA F 989 -52.72 -66.60 -31.77
N ALA F 990 -52.11 -67.02 -30.66
CA ALA F 990 -50.65 -66.94 -30.48
C ALA F 990 -49.89 -67.90 -31.38
N ARG F 991 -50.61 -68.76 -32.08
CA ARG F 991 -49.95 -69.73 -32.93
C ARG F 991 -49.82 -69.15 -34.32
N GLU F 992 -50.59 -68.10 -34.55
CA GLU F 992 -50.72 -67.54 -35.89
C GLU F 992 -49.97 -66.22 -36.06
N GLN F 993 -49.70 -65.55 -34.96
CA GLN F 993 -49.06 -64.24 -35.02
C GLN F 993 -47.56 -64.32 -34.75
N PHE F 994 -46.79 -63.54 -35.50
CA PHE F 994 -45.37 -63.45 -35.24
C PHE F 994 -45.15 -62.79 -33.88
N LEU F 995 -43.97 -63.02 -33.32
CA LEU F 995 -43.59 -62.45 -32.03
C LEU F 995 -43.69 -60.94 -32.10
N ASN F 996 -44.45 -60.34 -31.17
CA ASN F 996 -44.61 -58.89 -31.13
C ASN F 996 -43.23 -58.25 -31.05
N ALA F 997 -43.05 -57.12 -31.73
CA ALA F 997 -41.72 -56.52 -31.84
C ALA F 997 -41.09 -56.27 -30.48
N GLN F 998 -41.93 -55.92 -29.52
CA GLN F 998 -41.49 -55.51 -28.19
C GLN F 998 -41.12 -56.73 -27.35
N ASP F 999 -41.65 -57.88 -27.72
CA ASP F 999 -41.37 -59.13 -27.02
C ASP F 999 -40.06 -59.74 -27.50
N ILE F 1000 -39.65 -59.37 -28.71
CA ILE F 1000 -38.35 -59.79 -29.20
C ILE F 1000 -37.27 -59.21 -28.31
N ASP F 1001 -37.38 -57.91 -28.03
CA ASP F 1001 -36.43 -57.25 -27.14
C ASP F 1001 -36.40 -58.04 -25.85
N HIS F 1002 -37.58 -58.32 -25.32
CA HIS F 1002 -37.73 -59.02 -24.05
C HIS F 1002 -36.98 -60.33 -24.01
N PHE F 1003 -37.32 -61.23 -24.94
CA PHE F 1003 -36.65 -62.52 -25.11
C PHE F 1003 -35.12 -62.41 -25.11
N LEU F 1004 -34.60 -61.52 -25.96
CA LEU F 1004 -33.17 -61.30 -26.04
C LEU F 1004 -32.58 -60.72 -24.77
N SER F 1005 -33.43 -60.12 -23.94
CA SER F 1005 -32.99 -59.54 -22.69
C SER F 1005 -32.81 -60.63 -21.65
N MET F 1006 -33.70 -61.62 -21.68
CA MET F 1006 -33.67 -62.76 -20.78
C MET F 1006 -32.44 -63.61 -21.08
N CYS F 1007 -32.08 -63.66 -22.35
CA CYS F 1007 -30.87 -64.37 -22.77
C CYS F 1007 -29.62 -63.76 -22.12
N GLN F 1008 -29.77 -62.54 -21.58
CA GLN F 1008 -28.64 -61.79 -21.05
C GLN F 1008 -28.66 -61.76 -19.52
N ASN F 1009 -29.75 -62.28 -18.98
CA ASN F 1009 -29.91 -62.44 -17.54
C ASN F 1009 -28.74 -63.24 -16.95
N PRO F 1010 -27.97 -62.64 -16.02
CA PRO F 1010 -27.05 -63.47 -15.22
C PRO F 1010 -27.94 -64.25 -14.27
N MET F 1011 -27.39 -65.12 -13.42
CA MET F 1011 -28.27 -65.94 -12.59
C MET F 1011 -29.09 -66.93 -13.44
N GLN F 1012 -28.54 -67.33 -14.57
CA GLN F 1012 -29.19 -68.23 -15.50
C GLN F 1012 -28.10 -68.89 -16.31
N LYS F 1013 -28.16 -70.21 -16.46
CA LYS F 1013 -27.14 -70.84 -17.29
C LYS F 1013 -27.21 -70.21 -18.66
N PRO F 1014 -26.08 -69.71 -19.14
CA PRO F 1014 -26.03 -69.21 -20.51
C PRO F 1014 -26.82 -70.10 -21.48
N VAL F 1015 -27.79 -69.48 -22.12
CA VAL F 1015 -28.63 -70.10 -23.14
C VAL F 1015 -27.83 -70.90 -24.20
N PRO F 1016 -28.34 -72.07 -24.57
CA PRO F 1016 -27.63 -73.03 -25.43
C PRO F 1016 -27.72 -72.73 -26.93
N PHE F 1017 -27.79 -71.46 -27.31
CA PHE F 1017 -27.93 -71.09 -28.72
C PHE F 1017 -27.49 -69.65 -29.05
N VAL F 1018 -27.68 -69.25 -30.31
CA VAL F 1018 -27.44 -67.88 -30.73
C VAL F 1018 -28.79 -67.27 -31.15
N PRO F 1019 -29.28 -66.36 -30.51
CA PRO F 1019 -30.57 -65.74 -30.76
C PRO F 1019 -30.49 -64.61 -31.77
N VAL F 1020 -29.28 -64.13 -32.04
CA VAL F 1020 -29.09 -62.89 -32.78
C VAL F 1020 -27.72 -62.73 -33.46
N LEU F 1021 -27.72 -62.44 -34.75
CA LEU F 1021 -26.49 -61.99 -35.41
C LEU F 1021 -26.26 -60.49 -35.22
N ASP F 1022 -25.37 -60.13 -34.30
CA ASP F 1022 -25.05 -58.72 -34.07
C ASP F 1022 -23.63 -58.49 -33.57
N ARG F 1023 -23.41 -57.40 -32.85
CA ARG F 1023 -22.05 -57.05 -32.41
C ARG F 1023 -21.47 -58.03 -31.40
N ARG F 1024 -22.29 -58.47 -30.44
CA ARG F 1024 -21.83 -59.40 -29.41
C ARG F 1024 -21.91 -60.85 -29.87
N PHE F 1025 -21.81 -61.08 -31.18
CA PHE F 1025 -21.91 -62.44 -31.71
C PHE F 1025 -20.70 -63.30 -31.30
N GLU F 1026 -19.57 -62.67 -30.96
CA GLU F 1026 -18.46 -63.46 -30.45
C GLU F 1026 -18.71 -63.88 -29.00
N ILE F 1027 -19.26 -62.98 -28.19
CA ILE F 1027 -19.67 -63.35 -26.81
C ILE F 1027 -20.77 -64.43 -26.78
N PHE F 1028 -21.58 -64.46 -27.84
CA PHE F 1028 -22.67 -65.43 -27.91
C PHE F 1028 -22.18 -66.79 -28.34
N PHE F 1029 -21.08 -66.80 -29.08
CA PHE F 1029 -20.49 -67.98 -29.73
C PHE F 1029 -19.61 -68.74 -28.76
N LYS F 1030 -18.69 -68.01 -28.13
CA LYS F 1030 -17.66 -68.60 -27.31
C LYS F 1030 -18.03 -68.65 -25.83
N LYS F 1031 -19.15 -68.05 -25.44
CA LYS F 1031 -19.50 -68.02 -24.04
C LYS F 1031 -19.73 -69.45 -23.50
N ASP F 1032 -19.36 -69.68 -22.24
CA ASP F 1032 -19.71 -70.93 -21.53
C ASP F 1032 -19.76 -72.12 -22.50
N SER F 1033 -18.59 -72.57 -22.96
CA SER F 1033 -18.53 -73.59 -23.99
C SER F 1033 -17.54 -74.71 -23.67
N LEU F 1034 -17.50 -75.10 -22.40
CA LEU F 1034 -16.59 -76.17 -21.97
C LEU F 1034 -17.32 -77.43 -21.52
N TRP F 1035 -18.61 -77.27 -21.19
CA TRP F 1035 -19.38 -78.27 -20.46
C TRP F 1035 -20.03 -79.34 -21.35
N GLN F 1036 -19.97 -79.17 -22.66
CA GLN F 1036 -20.61 -80.14 -23.54
C GLN F 1036 -19.81 -81.43 -23.66
N SER F 1037 -18.50 -81.35 -23.43
CA SER F 1037 -17.63 -82.52 -23.43
C SER F 1037 -18.16 -83.58 -22.49
N GLU F 1038 -18.86 -83.14 -21.45
CA GLU F 1038 -19.31 -84.03 -20.39
C GLU F 1038 -20.81 -84.28 -20.38
N HIS F 1039 -21.54 -83.67 -21.32
CA HIS F 1039 -23.00 -83.80 -21.34
C HIS F 1039 -23.57 -83.78 -22.74
N LEU F 1040 -23.08 -84.62 -23.62
CA LEU F 1040 -23.55 -84.60 -25.01
C LEU F 1040 -25.05 -84.93 -25.17
N GLU F 1041 -25.70 -85.31 -24.08
CA GLU F 1041 -27.14 -85.56 -24.10
C GLU F 1041 -27.90 -84.26 -24.34
N ALA F 1042 -27.21 -83.14 -24.12
CA ALA F 1042 -27.80 -81.82 -24.28
C ALA F 1042 -27.27 -81.12 -25.53
N VAL F 1043 -26.37 -81.77 -26.27
CA VAL F 1043 -25.85 -81.19 -27.51
C VAL F 1043 -26.79 -81.56 -28.63
N VAL F 1044 -26.88 -80.68 -29.63
CA VAL F 1044 -27.87 -80.76 -30.70
C VAL F 1044 -28.38 -82.17 -30.97
N ASP F 1045 -27.48 -83.05 -31.37
CA ASP F 1045 -27.80 -84.47 -31.44
C ASP F 1045 -26.62 -85.32 -30.97
N GLN F 1046 -26.08 -84.93 -29.81
CA GLN F 1046 -25.04 -85.68 -29.13
C GLN F 1046 -23.83 -85.84 -30.03
N ASP F 1047 -23.70 -84.90 -30.97
CA ASP F 1047 -22.60 -84.88 -31.92
C ASP F 1047 -21.36 -84.27 -31.25
N VAL F 1048 -20.40 -85.12 -30.91
CA VAL F 1048 -19.17 -84.68 -30.29
C VAL F 1048 -18.47 -83.70 -31.22
N GLN F 1049 -18.69 -83.90 -32.51
CA GLN F 1049 -18.01 -83.14 -33.54
C GLN F 1049 -18.39 -81.65 -33.49
N ARG F 1050 -19.35 -81.33 -32.64
CA ARG F 1050 -19.83 -79.98 -32.46
C ARG F 1050 -19.17 -79.32 -31.27
N THR F 1051 -18.26 -80.03 -30.61
CA THR F 1051 -17.93 -79.72 -29.23
C THR F 1051 -16.47 -79.32 -28.96
N CYS F 1052 -16.31 -78.42 -27.99
CA CYS F 1052 -14.99 -78.06 -27.48
C CYS F 1052 -14.45 -79.15 -26.58
N ILE F 1053 -13.44 -79.87 -27.05
CA ILE F 1053 -12.70 -80.78 -26.20
C ILE F 1053 -11.24 -80.33 -26.07
N LEU F 1054 -10.73 -80.12 -24.90
CA LEU F 1054 -9.38 -79.65 -24.73
C LEU F 1054 -8.38 -80.80 -24.62
N HIS F 1055 -7.25 -80.68 -25.29
CA HIS F 1055 -6.26 -81.75 -25.31
C HIS F 1055 -4.93 -81.29 -25.92
N GLY F 1056 -3.83 -81.91 -25.50
CA GLY F 1056 -2.50 -81.54 -25.94
C GLY F 1056 -2.06 -82.42 -27.08
N PRO F 1057 -1.34 -81.86 -28.05
CA PRO F 1057 -0.90 -82.60 -29.22
C PRO F 1057 0.10 -83.70 -28.89
N VAL F 1058 1.02 -83.44 -27.97
CA VAL F 1058 2.05 -84.42 -27.63
C VAL F 1058 1.54 -85.50 -26.66
N ALA F 1059 0.81 -85.09 -25.63
CA ALA F 1059 0.22 -86.08 -24.73
C ALA F 1059 -0.88 -86.92 -25.41
N ALA F 1060 -1.22 -86.59 -26.64
CA ALA F 1060 -2.35 -87.22 -27.34
C ALA F 1060 -2.00 -88.62 -27.76
N GLN F 1061 -0.71 -88.81 -28.02
CA GLN F 1061 -0.16 -90.07 -28.51
C GLN F 1061 -0.10 -91.10 -27.40
N PHE F 1062 0.08 -90.63 -26.18
CA PHE F 1062 0.09 -91.50 -25.00
C PHE F 1062 -1.32 -91.76 -24.46
N THR F 1063 -2.31 -91.04 -24.99
CA THR F 1063 -3.70 -91.26 -24.60
C THR F 1063 -4.44 -92.17 -25.55
N LYS F 1064 -4.61 -93.42 -25.10
CA LYS F 1064 -5.09 -94.53 -25.92
C LYS F 1064 -6.09 -95.42 -25.19
N VAL F 1065 -5.73 -95.86 -24.00
CA VAL F 1065 -6.53 -96.85 -23.28
C VAL F 1065 -7.77 -96.28 -22.63
N ILE F 1066 -8.90 -96.46 -23.31
CA ILE F 1066 -10.17 -95.87 -22.89
C ILE F 1066 -10.67 -96.39 -21.54
N ASP F 1067 -11.36 -95.51 -20.81
CA ASP F 1067 -12.04 -95.87 -19.57
C ASP F 1067 -11.20 -96.66 -18.57
N GLU F 1068 -9.89 -96.49 -18.62
CA GLU F 1068 -9.00 -97.11 -17.65
C GLU F 1068 -9.00 -96.39 -16.30
N PRO F 1069 -9.27 -97.13 -15.21
CA PRO F 1069 -9.31 -96.56 -13.85
C PRO F 1069 -8.12 -95.67 -13.53
N ILE F 1070 -8.40 -94.51 -12.96
CA ILE F 1070 -7.38 -93.50 -12.73
C ILE F 1070 -6.31 -94.05 -11.79
N LYS F 1071 -6.71 -94.85 -10.81
CA LYS F 1071 -5.75 -95.48 -9.91
C LYS F 1071 -4.71 -96.29 -10.70
N SER F 1072 -5.14 -96.84 -11.83
CA SER F 1072 -4.27 -97.62 -12.69
C SER F 1072 -3.27 -96.75 -13.45
N ILE F 1073 -3.75 -95.64 -14.02
CA ILE F 1073 -2.91 -94.72 -14.79
C ILE F 1073 -1.78 -94.14 -13.95
N MET F 1074 -2.14 -93.61 -12.78
CA MET F 1074 -1.18 -93.05 -11.85
C MET F 1074 -0.21 -94.11 -11.35
N ASP F 1075 -0.75 -95.22 -10.83
CA ASP F 1075 0.06 -96.34 -10.36
C ASP F 1075 0.98 -96.82 -11.50
N GLY F 1076 0.44 -96.94 -12.71
CA GLY F 1076 1.20 -97.36 -13.87
C GLY F 1076 2.46 -96.55 -14.06
N ILE F 1077 2.35 -95.25 -13.81
CA ILE F 1077 3.49 -94.37 -13.87
C ILE F 1077 4.46 -94.59 -12.71
N HIS F 1078 3.97 -94.53 -11.47
CA HIS F 1078 4.86 -94.66 -10.32
C HIS F 1078 5.54 -96.01 -10.31
N ASP F 1079 4.76 -97.04 -10.56
CA ASP F 1079 5.25 -98.42 -10.56
C ASP F 1079 6.33 -98.61 -11.62
N GLY F 1080 6.12 -98.05 -12.80
CA GLY F 1080 7.09 -98.16 -13.88
C GLY F 1080 8.39 -97.39 -13.61
N HIS F 1081 8.27 -96.29 -12.86
CA HIS F 1081 9.44 -95.51 -12.48
C HIS F 1081 10.24 -96.28 -11.47
N ILE F 1082 9.51 -97.05 -10.68
CA ILE F 1082 10.09 -97.77 -9.55
C ILE F 1082 10.95 -98.95 -10.03
N LYS F 1083 10.54 -99.58 -11.13
CA LYS F 1083 11.30 -100.68 -11.74
C LYS F 1083 12.60 -100.18 -12.38
N LYS F 1084 12.46 -99.18 -13.24
CA LYS F 1084 13.59 -98.58 -13.95
C LYS F 1084 14.62 -98.10 -12.95
N LEU F 1085 14.14 -97.58 -11.83
CA LEU F 1085 14.99 -97.03 -10.80
C LEU F 1085 15.65 -98.16 -10.02
N LEU F 1086 14.90 -99.23 -9.78
CA LEU F 1086 15.44 -100.40 -9.08
C LEU F 1086 16.59 -100.99 -9.88
N HIS F 1087 16.30 -101.30 -11.14
CA HIS F 1087 17.30 -101.84 -12.06
C HIS F 1087 18.58 -101.00 -12.07
N GLN F 1088 18.47 -99.77 -12.57
CA GLN F 1088 19.62 -98.88 -12.67
C GLN F 1088 20.45 -98.82 -11.39
N TYR F 1089 19.87 -98.34 -10.30
CA TYR F 1089 20.67 -97.97 -9.12
C TYR F 1089 20.49 -98.83 -7.88
N TYR F 1090 19.84 -99.99 -8.03
CA TYR F 1090 19.55 -100.84 -6.87
C TYR F 1090 19.84 -102.31 -7.12
N GLY F 1091 20.32 -102.62 -8.32
CA GLY F 1091 20.58 -103.99 -8.72
C GLY F 1091 19.36 -104.89 -8.50
N ASP F 1092 18.17 -104.39 -8.86
CA ASP F 1092 16.91 -105.15 -8.80
C ASP F 1092 16.63 -105.84 -7.46
N ASP F 1093 17.49 -105.59 -6.48
CA ASP F 1093 17.33 -106.12 -5.15
C ASP F 1093 16.56 -105.11 -4.29
N GLU F 1094 15.30 -105.42 -4.00
CA GLU F 1094 14.48 -104.55 -3.16
C GLU F 1094 15.01 -104.42 -1.73
N SER F 1095 15.89 -105.34 -1.33
CA SER F 1095 16.50 -105.29 -0.01
C SER F 1095 17.36 -104.07 0.10
N LYS F 1096 17.85 -103.61 -1.05
CA LYS F 1096 18.79 -102.49 -1.11
C LYS F 1096 18.13 -101.13 -0.87
N ILE F 1097 16.79 -101.10 -0.99
CA ILE F 1097 16.01 -99.89 -0.72
C ILE F 1097 15.94 -99.59 0.77
N PRO F 1098 16.51 -98.44 1.19
CA PRO F 1098 16.48 -98.08 2.61
C PRO F 1098 15.03 -97.94 3.04
N ALA F 1099 14.78 -98.01 4.33
CA ALA F 1099 13.40 -97.89 4.77
C ALA F 1099 13.31 -96.97 5.97
N VAL F 1100 12.08 -96.51 6.19
CA VAL F 1100 11.79 -95.60 7.30
C VAL F 1100 10.33 -95.81 7.80
N GLU F 1101 10.12 -95.54 9.09
CA GLU F 1101 8.81 -95.68 9.72
C GLU F 1101 7.67 -95.24 8.79
N TYR F 1102 7.49 -93.92 8.70
CA TYR F 1102 6.51 -93.32 7.79
C TYR F 1102 7.24 -92.46 6.74
N PHE F 1103 6.63 -92.29 5.56
CA PHE F 1103 7.28 -91.50 4.51
C PHE F 1103 6.68 -90.12 4.28
N GLY F 1104 7.53 -89.09 4.38
CA GLY F 1104 7.10 -87.73 4.08
C GLY F 1104 7.11 -86.80 5.28
N GLY F 1105 6.89 -85.50 5.00
CA GLY F 1105 6.89 -84.50 6.05
C GLY F 1105 8.17 -83.68 6.08
N GLU F 1106 9.02 -83.89 5.08
CA GLU F 1106 10.27 -83.16 5.00
C GLU F 1106 10.15 -81.91 4.13
N SER F 1107 10.29 -80.75 4.77
CA SER F 1107 10.29 -79.48 4.06
C SER F 1107 11.61 -79.32 3.30
N PRO F 1108 11.55 -78.90 2.02
CA PRO F 1108 12.68 -78.77 1.08
C PRO F 1108 13.96 -78.17 1.72
N VAL F 1109 13.78 -77.23 2.64
CA VAL F 1109 14.68 -77.02 3.78
C VAL F 1109 13.68 -77.22 4.90
N ASP F 1123 20.50 -91.00 24.51
CA ASP F 1123 19.67 -92.10 25.03
C ASP F 1123 18.84 -91.86 26.28
N SER F 1124 19.20 -90.82 27.04
CA SER F 1124 18.34 -90.29 28.10
C SER F 1124 18.97 -89.01 28.65
N ALA F 1125 18.26 -87.90 28.55
CA ALA F 1125 18.79 -86.61 28.97
C ALA F 1125 17.73 -85.67 29.50
N VAL F 1126 18.16 -84.44 29.79
CA VAL F 1126 17.33 -83.45 30.46
C VAL F 1126 17.57 -82.09 29.83
N PHE F 1127 16.53 -81.54 29.21
CA PHE F 1127 16.62 -80.21 28.66
C PHE F 1127 15.88 -79.23 29.56
N LYS F 1128 16.62 -78.33 30.19
CA LYS F 1128 15.99 -77.24 30.93
C LYS F 1128 15.81 -76.10 29.94
N ALA F 1129 14.72 -75.38 30.07
CA ALA F 1129 14.37 -74.34 29.10
C ALA F 1129 14.37 -72.93 29.70
N THR F 1130 14.92 -71.97 28.95
CA THR F 1130 14.87 -70.57 29.35
C THR F 1130 14.26 -69.69 28.28
N SER F 1131 14.18 -68.40 28.61
CA SER F 1131 13.76 -67.36 27.67
C SER F 1131 14.48 -67.51 26.33
N SER F 1132 15.77 -67.76 26.42
CA SER F 1132 16.65 -67.71 25.26
C SER F 1132 16.69 -68.95 24.37
N THR F 1133 16.05 -70.04 24.80
CA THR F 1133 16.14 -71.28 24.03
C THR F 1133 15.45 -71.17 22.66
N ASP F 1134 16.17 -71.54 21.61
CA ASP F 1134 15.66 -71.50 20.25
C ASP F 1134 14.53 -72.51 20.09
N GLU F 1135 13.37 -72.05 19.63
CA GLU F 1135 12.24 -72.95 19.49
C GLU F 1135 12.49 -74.10 18.52
N GLU F 1136 13.09 -73.78 17.36
CA GLU F 1136 13.34 -74.82 16.36
C GLU F 1136 14.30 -75.89 16.88
N SER F 1137 15.39 -75.44 17.50
CA SER F 1137 16.38 -76.35 18.09
C SER F 1137 15.72 -77.23 19.14
N TRP F 1138 15.01 -76.60 20.06
CA TRP F 1138 14.33 -77.28 21.16
C TRP F 1138 13.50 -78.48 20.67
N PHE F 1139 12.61 -78.25 19.71
CA PHE F 1139 11.73 -79.32 19.25
C PHE F 1139 12.49 -80.46 18.59
N LYS F 1140 13.56 -80.14 17.86
CA LYS F 1140 14.37 -81.18 17.24
C LYS F 1140 14.92 -82.15 18.29
N ALA F 1141 15.27 -81.60 19.45
CA ALA F 1141 15.74 -82.40 20.57
C ALA F 1141 14.66 -83.35 21.07
N LEU F 1142 13.52 -82.78 21.46
CA LEU F 1142 12.42 -83.59 21.95
C LEU F 1142 11.91 -84.52 20.85
N ALA F 1143 12.18 -84.15 19.60
CA ALA F 1143 11.69 -84.91 18.46
C ALA F 1143 12.40 -86.25 18.34
N GLY F 1144 13.70 -86.26 18.62
CA GLY F 1144 14.50 -87.44 18.38
C GLY F 1144 14.97 -87.44 16.94
N SER F 1145 16.01 -88.23 16.67
CA SER F 1145 16.59 -88.30 15.33
C SER F 1145 15.96 -89.43 14.55
N GLU F 1146 15.64 -90.52 15.23
CA GLU F 1146 14.98 -91.64 14.58
C GLU F 1146 13.57 -91.19 14.20
N ILE F 1147 13.14 -91.56 13.00
CA ILE F 1147 11.78 -91.27 12.56
C ILE F 1147 10.76 -92.26 13.12
N ASN F 1148 9.95 -91.81 14.07
CA ASN F 1148 9.00 -92.66 14.79
C ASN F 1148 7.88 -91.83 15.39
N TRP F 1149 7.08 -92.45 16.25
CA TRP F 1149 5.97 -91.73 16.88
C TRP F 1149 6.40 -90.46 17.62
N ARG F 1150 7.59 -90.48 18.23
CA ARG F 1150 8.03 -89.33 19.02
C ARG F 1150 8.51 -88.22 18.11
N HIS F 1151 9.05 -88.60 16.96
CA HIS F 1151 9.52 -87.65 15.95
C HIS F 1151 8.33 -86.83 15.48
N ALA F 1152 7.29 -87.53 15.06
CA ALA F 1152 6.06 -86.88 14.59
C ALA F 1152 5.36 -86.07 15.69
N SER F 1153 5.42 -86.55 16.93
CA SER F 1153 4.72 -85.88 18.02
C SER F 1153 5.28 -84.48 18.27
N PHE F 1154 6.49 -84.22 17.80
CA PHE F 1154 7.13 -82.94 18.09
C PHE F 1154 7.42 -82.11 16.85
N LEU F 1155 7.25 -82.71 15.68
CA LEU F 1155 7.55 -82.01 14.43
C LEU F 1155 6.38 -81.94 13.42
N CYS F 1156 5.46 -82.89 13.49
CA CYS F 1156 4.30 -82.84 12.59
C CYS F 1156 3.42 -81.65 13.00
N SER F 1157 3.30 -80.67 12.11
CA SER F 1157 2.65 -79.38 12.41
C SER F 1157 1.18 -79.51 12.78
N PHE F 1158 0.53 -80.55 12.27
CA PHE F 1158 -0.91 -80.72 12.39
C PHE F 1158 -1.38 -82.10 12.86
N ILE F 1159 -2.45 -82.06 13.65
CA ILE F 1159 -3.14 -83.23 14.16
C ILE F 1159 -4.42 -83.43 13.34
N THR F 1160 -5.06 -84.59 13.49
CA THR F 1160 -6.32 -84.82 12.80
C THR F 1160 -7.46 -85.06 13.78
N GLN F 1161 -8.63 -84.53 13.45
CA GLN F 1161 -9.83 -84.76 14.22
C GLN F 1161 -10.98 -84.92 13.24
N ASP F 1162 -11.29 -86.15 12.85
CA ASP F 1162 -12.46 -86.42 12.00
C ASP F 1162 -12.35 -85.65 10.70
N LYS F 1163 -11.29 -85.88 9.94
CA LYS F 1163 -11.11 -85.24 8.65
C LYS F 1163 -10.64 -83.78 8.77
N MET F 1164 -10.85 -83.19 9.96
CA MET F 1164 -10.43 -81.82 10.24
C MET F 1164 -9.00 -81.75 10.74
N PHE F 1165 -8.28 -80.68 10.40
CA PHE F 1165 -6.88 -80.51 10.78
C PHE F 1165 -6.70 -79.43 11.85
N VAL F 1166 -6.26 -79.84 13.03
CA VAL F 1166 -5.94 -78.92 14.11
C VAL F 1166 -4.44 -78.66 14.17
N SER F 1167 -4.05 -77.59 14.83
CA SER F 1167 -2.65 -77.36 15.13
C SER F 1167 -2.25 -78.42 16.16
N ASN F 1168 -1.02 -78.92 16.03
CA ASN F 1168 -0.49 -79.98 16.89
C ASN F 1168 -0.45 -79.61 18.38
N PRO F 1169 -1.25 -80.32 19.21
CA PRO F 1169 -1.41 -79.99 20.64
C PRO F 1169 -0.14 -80.32 21.43
N ILE F 1170 0.53 -81.41 21.05
CA ILE F 1170 1.77 -81.79 21.72
C ILE F 1170 2.79 -80.68 21.52
N ARG F 1171 3.04 -80.33 20.26
CA ARG F 1171 3.95 -79.24 19.94
C ARG F 1171 3.60 -78.00 20.77
N LYS F 1172 2.30 -77.68 20.84
CA LYS F 1172 1.79 -76.55 21.64
C LYS F 1172 2.14 -76.60 23.13
N VAL F 1173 1.89 -77.73 23.76
CA VAL F 1173 2.09 -77.83 25.20
C VAL F 1173 3.56 -77.79 25.62
N PHE F 1174 4.44 -78.15 24.69
CA PHE F 1174 5.87 -78.23 24.99
C PHE F 1174 6.63 -76.98 24.59
N LYS F 1175 5.94 -76.01 23.98
CA LYS F 1175 6.56 -74.74 23.64
C LYS F 1175 7.35 -74.19 24.82
N PRO F 1176 8.64 -73.89 24.58
CA PRO F 1176 9.64 -73.45 25.56
C PRO F 1176 9.13 -72.32 26.45
N SER F 1177 9.85 -72.04 27.52
CA SER F 1177 9.48 -71.02 28.49
C SER F 1177 10.25 -71.28 29.79
N GLN F 1178 10.78 -70.21 30.39
CA GLN F 1178 11.56 -70.31 31.61
C GLN F 1178 10.86 -71.18 32.65
N GLY F 1179 11.57 -72.17 33.17
CA GLY F 1179 11.03 -73.00 34.24
C GLY F 1179 10.66 -74.42 33.87
N MET F 1180 10.18 -74.63 32.66
CA MET F 1180 9.82 -75.99 32.29
C MET F 1180 11.07 -76.83 32.02
N VAL F 1181 10.99 -78.11 32.37
CA VAL F 1181 12.09 -79.05 32.23
C VAL F 1181 11.64 -80.41 31.68
N VAL F 1182 12.22 -80.82 30.56
CA VAL F 1182 11.82 -82.07 29.91
C VAL F 1182 12.88 -83.15 30.08
N GLU F 1183 12.44 -84.31 30.55
CA GLU F 1183 13.32 -85.44 30.80
C GLU F 1183 12.92 -86.63 29.93
N ILE F 1184 13.68 -86.86 28.86
CA ILE F 1184 13.43 -88.03 28.04
C ILE F 1184 14.17 -89.22 28.62
N SER F 1185 13.44 -90.28 28.90
CA SER F 1185 14.04 -91.50 29.41
C SER F 1185 13.88 -92.63 28.42
N ASN F 1186 14.92 -93.41 28.25
CA ASN F 1186 14.89 -94.54 27.33
C ASN F 1186 14.65 -94.08 25.92
N GLY F 1187 15.39 -93.04 25.51
CA GLY F 1187 15.19 -92.41 24.23
C GLY F 1187 15.57 -93.26 23.03
N ASN F 1188 16.57 -94.12 23.20
CA ASN F 1188 17.12 -94.83 22.04
C ASN F 1188 16.32 -96.03 21.56
N THR F 1189 15.53 -96.62 22.45
CA THR F 1189 14.59 -97.62 21.99
C THR F 1189 13.20 -97.01 21.87
N SER F 1190 12.63 -97.10 20.68
CA SER F 1190 11.37 -96.41 20.35
C SER F 1190 10.20 -96.79 21.24
N SER F 1191 9.80 -98.06 21.22
CA SER F 1191 8.59 -98.52 21.89
C SER F 1191 8.48 -98.19 23.40
N LYS F 1192 9.61 -97.94 24.05
CA LYS F 1192 9.65 -97.74 25.51
C LYS F 1192 9.91 -96.29 25.94
N THR F 1193 10.12 -95.39 24.98
CA THR F 1193 10.49 -94.00 25.32
C THR F 1193 9.40 -93.28 26.12
N VAL F 1194 9.82 -92.40 27.02
CA VAL F 1194 8.90 -91.68 27.88
C VAL F 1194 9.42 -90.29 28.23
N VAL F 1195 9.01 -89.32 27.43
CA VAL F 1195 9.33 -87.93 27.70
C VAL F 1195 8.43 -87.38 28.79
N THR F 1196 9.03 -86.64 29.72
CA THR F 1196 8.28 -86.16 30.88
C THR F 1196 8.58 -84.71 31.21
N LEU F 1197 7.53 -83.88 31.17
CA LEU F 1197 7.63 -82.45 31.40
C LEU F 1197 7.35 -82.16 32.87
N SER F 1198 8.26 -81.41 33.50
CA SER F 1198 8.07 -81.01 34.89
C SER F 1198 8.26 -79.52 35.09
N GLU F 1199 7.21 -78.86 35.57
CA GLU F 1199 7.22 -77.39 35.75
C GLU F 1199 7.04 -77.01 37.21
N PRO F 1200 7.39 -75.76 37.54
CA PRO F 1200 7.22 -75.25 38.91
C PRO F 1200 5.75 -75.07 39.26
N VAL F 1201 5.29 -75.88 40.20
CA VAL F 1201 3.91 -75.85 40.64
C VAL F 1201 3.80 -75.49 42.14
N GLN F 1202 3.31 -74.29 42.44
CA GLN F 1202 3.27 -73.80 43.81
C GLN F 1202 4.66 -73.89 44.44
N GLY F 1203 5.66 -73.35 43.76
CA GLY F 1203 7.01 -73.28 44.29
C GLY F 1203 7.93 -74.43 43.87
N GLU F 1204 7.56 -75.64 44.25
CA GLU F 1204 8.38 -76.81 43.96
C GLU F 1204 8.05 -77.45 42.62
N LEU F 1205 9.04 -78.09 42.02
CA LEU F 1205 8.86 -78.70 40.71
C LEU F 1205 8.01 -79.99 40.78
N LYS F 1206 7.29 -80.27 39.69
CA LYS F 1206 6.39 -81.42 39.63
C LYS F 1206 6.03 -81.80 38.19
N PRO F 1207 5.69 -83.08 37.98
CA PRO F 1207 5.29 -83.53 36.65
C PRO F 1207 3.95 -82.93 36.24
N THR F 1208 3.93 -82.36 35.04
CA THR F 1208 2.73 -81.76 34.47
C THR F 1208 2.24 -82.56 33.26
N VAL F 1209 3.19 -83.06 32.46
CA VAL F 1209 2.85 -83.86 31.28
C VAL F 1209 3.71 -85.12 31.09
N ILE F 1210 3.07 -86.20 30.63
CA ILE F 1210 3.72 -87.50 30.45
C ILE F 1210 3.40 -88.11 29.09
N LEU F 1211 4.41 -88.18 28.23
CA LEU F 1211 4.22 -88.59 26.85
C LEU F 1211 4.89 -89.94 26.55
N LYS F 1212 4.09 -90.93 26.16
CA LYS F 1212 4.59 -92.28 25.88
C LYS F 1212 3.69 -92.98 24.89
N LEU F 1213 4.06 -94.20 24.53
CA LEU F 1213 3.22 -95.04 23.69
C LEU F 1213 2.38 -95.99 24.53
N LEU F 1214 1.32 -96.52 23.91
CA LEU F 1214 0.51 -97.56 24.55
C LEU F 1214 0.35 -98.70 23.56
N LYS F 1215 -0.45 -99.68 23.95
CA LYS F 1215 -0.76 -100.80 23.07
C LYS F 1215 -1.32 -100.33 21.73
N GLU F 1216 -0.99 -101.06 20.67
CA GLU F 1216 -1.65 -100.89 19.38
C GLU F 1216 -1.48 -99.49 18.78
N ASN F 1217 -0.29 -98.91 18.94
CA ASN F 1217 0.02 -97.63 18.32
C ASN F 1217 -0.93 -96.53 18.76
N ILE F 1218 -0.83 -96.15 20.02
CA ILE F 1218 -1.65 -95.08 20.55
C ILE F 1218 -0.76 -94.20 21.41
N ILE F 1219 -0.46 -93.02 20.90
CA ILE F 1219 0.27 -92.02 21.65
C ILE F 1219 -0.60 -91.58 22.83
N GLN F 1220 0.01 -91.40 24.00
CA GLN F 1220 -0.74 -90.88 25.12
C GLN F 1220 -0.07 -89.70 25.80
N MET F 1221 -0.81 -88.61 25.88
CA MET F 1221 -0.36 -87.41 26.55
C MET F 1221 -1.11 -87.29 27.85
N GLU F 1222 -0.46 -87.72 28.91
CA GLU F 1222 -1.02 -87.59 30.25
C GLU F 1222 -0.88 -86.13 30.69
N MET F 1223 -2.03 -85.45 30.78
CA MET F 1223 -2.08 -84.04 31.12
C MET F 1223 -2.46 -83.89 32.59
N ILE F 1224 -1.50 -83.45 33.42
CA ILE F 1224 -1.62 -83.56 34.86
C ILE F 1224 -1.90 -82.24 35.56
N GLU F 1225 -2.90 -82.24 36.43
CA GLU F 1225 -3.18 -81.08 37.28
C GLU F 1225 -2.83 -81.38 38.73
N ASN F 1226 -1.89 -80.64 39.28
CA ASN F 1226 -1.40 -80.93 40.62
C ASN F 1226 -2.23 -80.27 41.73
N ARG F 1227 -2.85 -79.14 41.45
CA ARG F 1227 -3.69 -78.45 42.46
C ARG F 1227 -5.07 -79.07 42.45
N THR F 1228 -5.33 -79.95 43.40
CA THR F 1228 -6.59 -80.68 43.38
C THR F 1228 -7.36 -80.48 44.69
N MET F 1229 -8.39 -81.31 44.89
CA MET F 1229 -9.22 -81.23 46.09
C MET F 1229 -8.59 -81.86 47.32
N ASP F 1230 -7.78 -82.90 47.11
CA ASP F 1230 -7.20 -83.67 48.21
C ASP F 1230 -5.67 -83.76 48.17
N GLY F 1231 -5.04 -83.00 47.29
CA GLY F 1231 -3.60 -83.01 47.17
C GLY F 1231 -3.09 -84.11 46.26
N LYS F 1232 -3.96 -85.10 46.01
CA LYS F 1232 -3.61 -86.22 45.14
C LYS F 1232 -3.91 -85.91 43.67
N PRO F 1233 -2.85 -85.63 42.90
CA PRO F 1233 -2.87 -85.21 41.50
C PRO F 1233 -3.89 -85.95 40.66
N VAL F 1234 -4.59 -85.21 39.81
CA VAL F 1234 -5.55 -85.79 38.86
C VAL F 1234 -4.96 -85.74 37.45
N SER F 1235 -5.51 -86.54 36.54
CA SER F 1235 -4.94 -86.61 35.21
C SER F 1235 -5.95 -86.77 34.07
N LEU F 1236 -5.70 -86.08 32.97
CA LEU F 1236 -6.53 -86.21 31.77
C LEU F 1236 -5.76 -86.97 30.71
N PRO F 1237 -6.28 -88.15 30.34
CA PRO F 1237 -5.68 -89.03 29.33
C PRO F 1237 -6.04 -88.62 27.90
N LEU F 1238 -5.13 -87.96 27.20
CA LEU F 1238 -5.37 -87.57 25.82
C LEU F 1238 -4.78 -88.59 24.85
N LEU F 1239 -5.62 -89.16 24.00
CA LEU F 1239 -5.18 -90.29 23.20
C LEU F 1239 -5.13 -89.99 21.72
N TYR F 1240 -4.02 -90.42 21.10
CA TYR F 1240 -3.74 -90.11 19.71
C TYR F 1240 -3.29 -91.35 18.90
N ASN F 1241 -4.00 -91.63 17.82
CA ASN F 1241 -3.64 -92.68 16.87
C ASN F 1241 -2.43 -92.36 16.00
N PHE F 1242 -1.30 -93.01 16.27
CA PHE F 1242 -0.15 -92.91 15.37
C PHE F 1242 -0.26 -93.92 14.24
N ASN F 1243 0.04 -93.49 13.02
CA ASN F 1243 -0.20 -94.30 11.83
C ASN F 1243 0.78 -93.94 10.74
N PRO F 1244 1.86 -94.72 10.60
CA PRO F 1244 2.96 -94.40 9.70
C PRO F 1244 2.61 -94.55 8.21
N ASP F 1245 1.38 -94.99 7.93
CA ASP F 1245 0.94 -95.15 6.54
C ASP F 1245 0.47 -93.84 5.94
N ASN F 1246 0.15 -92.87 6.80
CA ASN F 1246 -0.11 -91.49 6.38
C ASN F 1246 1.07 -90.59 6.75
N GLY F 1247 2.08 -90.56 5.88
CA GLY F 1247 3.28 -89.80 6.14
C GLY F 1247 3.01 -88.34 6.47
N PHE F 1248 1.93 -87.79 5.92
CA PHE F 1248 1.66 -86.37 6.09
C PHE F 1248 0.92 -85.99 7.38
N ALA F 1249 0.04 -86.88 7.84
CA ALA F 1249 -0.69 -86.65 9.08
C ALA F 1249 -0.75 -87.94 9.90
N PRO F 1250 0.41 -88.39 10.40
CA PRO F 1250 0.52 -89.65 11.14
C PRO F 1250 -0.35 -89.64 12.39
N ILE F 1251 -0.33 -88.52 13.11
CA ILE F 1251 -1.03 -88.43 14.39
C ILE F 1251 -2.45 -87.90 14.25
N SER F 1252 -3.41 -88.71 14.67
CA SER F 1252 -4.81 -88.30 14.73
C SER F 1252 -5.33 -88.59 16.13
N GLU F 1253 -6.28 -87.79 16.59
CA GLU F 1253 -6.77 -87.94 17.97
C GLU F 1253 -7.92 -88.93 18.08
N VAL F 1254 -7.86 -89.77 19.10
CA VAL F 1254 -8.95 -90.68 19.43
C VAL F 1254 -10.12 -89.85 19.96
N MET F 1255 -11.18 -89.77 19.17
CA MET F 1255 -12.26 -88.84 19.45
C MET F 1255 -13.37 -89.43 20.29
N GLU F 1256 -13.61 -90.72 20.06
CA GLU F 1256 -14.62 -91.45 20.79
C GLU F 1256 -14.41 -91.35 22.31
N ASP F 1257 -15.47 -90.69 22.98
CA ASP F 1257 -15.40 -90.56 24.43
C ASP F 1257 -14.42 -89.49 24.91
N ARG F 1258 -14.06 -88.55 24.04
CA ARG F 1258 -13.14 -87.48 24.41
C ARG F 1258 -13.77 -86.54 25.43
N ASN F 1259 -15.01 -86.17 25.18
CA ASN F 1259 -15.73 -85.27 26.08
C ASN F 1259 -15.89 -85.89 27.45
N GLN F 1260 -16.16 -87.19 27.46
CA GLN F 1260 -16.35 -87.94 28.69
C GLN F 1260 -15.10 -87.94 29.59
N ARG F 1261 -13.91 -88.04 28.99
CA ARG F 1261 -12.67 -88.06 29.76
C ARG F 1261 -12.44 -86.70 30.40
N ILE F 1262 -12.70 -85.65 29.63
CA ILE F 1262 -12.55 -84.29 30.12
C ILE F 1262 -13.54 -84.01 31.26
N LYS F 1263 -14.78 -84.43 31.07
CA LYS F 1263 -15.80 -84.32 32.10
C LYS F 1263 -15.43 -85.06 33.38
N GLU F 1264 -14.83 -86.24 33.24
CA GLU F 1264 -14.50 -87.05 34.41
C GLU F 1264 -13.49 -86.34 35.32
N MET F 1265 -12.58 -85.59 34.69
CA MET F 1265 -11.51 -84.91 35.42
C MET F 1265 -12.00 -83.63 36.09
N TYR F 1266 -12.95 -82.99 35.41
CA TYR F 1266 -13.56 -81.81 35.99
C TYR F 1266 -14.43 -82.20 37.18
N TRP F 1267 -15.08 -83.34 37.05
CA TRP F 1267 -15.92 -83.86 38.12
C TRP F 1267 -15.12 -84.05 39.40
N LYS F 1268 -13.96 -84.68 39.29
CA LYS F 1268 -13.12 -84.96 40.46
C LYS F 1268 -12.65 -83.67 41.14
N LEU F 1269 -12.61 -82.59 40.37
CA LEU F 1269 -12.14 -81.31 40.88
C LEU F 1269 -13.28 -80.44 41.45
N TRP F 1270 -14.48 -80.62 40.93
CA TRP F 1270 -15.60 -79.79 41.36
C TRP F 1270 -16.55 -80.50 42.33
N ILE F 1271 -16.83 -81.76 42.04
CA ILE F 1271 -17.93 -82.48 42.68
C ILE F 1271 -17.43 -83.49 43.71
N ASP F 1272 -17.91 -83.34 44.94
CA ASP F 1272 -17.66 -84.34 45.96
C ASP F 1272 -18.78 -85.38 45.98
N GLU F 1273 -18.83 -86.19 44.93
CA GLU F 1273 -19.84 -87.21 44.79
C GLU F 1273 -19.25 -88.24 43.83
N PRO F 1274 -19.98 -89.33 43.60
CA PRO F 1274 -19.56 -90.35 42.63
C PRO F 1274 -19.82 -89.91 41.20
N PHE F 1275 -18.90 -90.23 40.29
CA PHE F 1275 -19.02 -89.84 38.88
C PHE F 1275 -20.21 -90.51 38.19
N ASN F 1276 -21.38 -89.86 38.24
CA ASN F 1276 -22.55 -90.36 37.51
C ASN F 1276 -23.12 -89.31 36.57
N LEU F 1277 -22.90 -89.51 35.27
CA LEU F 1277 -23.39 -88.57 34.26
C LEU F 1277 -24.73 -89.00 33.69
N ASP F 1278 -25.62 -89.47 34.56
CA ASP F 1278 -26.91 -89.97 34.12
C ASP F 1278 -28.07 -89.19 34.75
N PHE F 1279 -27.98 -87.87 34.71
CA PHE F 1279 -29.06 -87.04 35.21
C PHE F 1279 -30.02 -86.68 34.09
N ASP F 1280 -31.27 -86.43 34.45
CA ASP F 1280 -32.21 -85.83 33.52
C ASP F 1280 -32.08 -84.32 33.67
N PRO F 1281 -31.65 -83.64 32.61
CA PRO F 1281 -31.41 -82.19 32.67
C PRO F 1281 -32.61 -81.44 33.24
N ARG F 1282 -33.78 -82.06 33.19
CA ARG F 1282 -34.99 -81.42 33.70
C ARG F 1282 -35.20 -81.67 35.19
N ASP F 1283 -34.36 -82.47 35.81
CA ASP F 1283 -34.57 -82.76 37.24
C ASP F 1283 -33.89 -81.74 38.11
N VAL F 1284 -34.52 -81.39 39.22
CA VAL F 1284 -33.94 -80.48 40.20
C VAL F 1284 -32.69 -81.08 40.81
N ILE F 1285 -31.68 -80.26 40.99
CA ILE F 1285 -30.44 -80.71 41.57
C ILE F 1285 -30.39 -80.18 42.97
N LYS F 1286 -30.42 -81.08 43.94
CA LYS F 1286 -30.24 -80.65 45.33
C LYS F 1286 -28.75 -80.52 45.66
N GLY F 1287 -28.44 -79.54 46.48
CA GLY F 1287 -27.06 -79.20 46.74
C GLY F 1287 -26.60 -79.91 47.98
N LYS F 1288 -25.99 -79.17 48.89
CA LYS F 1288 -25.67 -79.68 50.20
C LYS F 1288 -25.98 -78.60 51.20
N ASP F 1289 -26.32 -78.98 52.42
CA ASP F 1289 -26.45 -77.98 53.45
C ASP F 1289 -25.07 -77.40 53.68
N PHE F 1290 -25.03 -76.16 54.15
CA PHE F 1290 -23.79 -75.40 54.20
C PHE F 1290 -23.84 -74.39 55.35
N GLU F 1291 -23.00 -74.61 56.36
CA GLU F 1291 -22.89 -73.66 57.47
C GLU F 1291 -21.77 -72.68 57.13
N ILE F 1292 -22.07 -71.39 57.29
CA ILE F 1292 -21.13 -70.35 56.94
C ILE F 1292 -20.18 -70.10 58.11
N THR F 1293 -18.95 -70.60 58.03
CA THR F 1293 -18.01 -70.35 59.13
C THR F 1293 -17.52 -68.91 59.11
N ALA F 1294 -17.13 -68.42 60.29
CA ALA F 1294 -16.63 -67.05 60.42
C ALA F 1294 -15.44 -66.84 59.52
N LYS F 1295 -14.67 -67.90 59.33
CA LYS F 1295 -13.39 -67.82 58.65
C LYS F 1295 -13.48 -68.04 57.15
N GLU F 1296 -14.48 -68.79 56.70
CA GLU F 1296 -14.75 -68.94 55.28
C GLU F 1296 -15.04 -67.57 54.70
N VAL F 1297 -15.72 -66.74 55.51
CA VAL F 1297 -16.01 -65.36 55.14
C VAL F 1297 -14.73 -64.51 55.05
N TYR F 1298 -13.91 -64.54 56.11
CA TYR F 1298 -12.64 -63.83 56.12
C TYR F 1298 -11.84 -64.13 54.85
N ASP F 1299 -11.78 -65.41 54.50
CA ASP F 1299 -11.02 -65.87 53.36
C ASP F 1299 -11.57 -65.35 52.05
N PHE F 1300 -12.89 -65.39 51.91
CA PHE F 1300 -13.54 -64.97 50.68
C PHE F 1300 -13.43 -63.46 50.48
N THR F 1301 -13.82 -62.69 51.49
CA THR F 1301 -13.71 -61.22 51.42
C THR F 1301 -12.28 -60.81 51.02
N HIS F 1302 -11.29 -61.41 51.67
CA HIS F 1302 -9.89 -61.09 51.40
C HIS F 1302 -9.42 -61.58 50.04
N ALA F 1303 -10.06 -62.63 49.53
CA ALA F 1303 -9.71 -63.18 48.23
C ALA F 1303 -10.11 -62.24 47.09
N VAL F 1304 -11.32 -61.69 47.19
CA VAL F 1304 -11.83 -60.79 46.16
C VAL F 1304 -11.49 -59.33 46.48
N GLY F 1305 -11.06 -59.09 47.71
CA GLY F 1305 -10.67 -57.76 48.12
C GLY F 1305 -11.85 -56.87 48.49
N ASN F 1306 -12.72 -57.38 49.36
CA ASN F 1306 -13.88 -56.63 49.82
C ASN F 1306 -13.74 -56.22 51.28
N ASN F 1307 -13.25 -55.00 51.51
CA ASN F 1307 -13.01 -54.51 52.86
C ASN F 1307 -14.21 -53.79 53.48
N CYS F 1308 -15.40 -54.33 53.28
CA CYS F 1308 -16.60 -53.78 53.88
C CYS F 1308 -16.70 -54.19 55.35
N GLU F 1309 -17.03 -53.23 56.21
CA GLU F 1309 -17.04 -53.47 57.66
C GLU F 1309 -18.13 -54.45 58.10
N ASP F 1310 -19.12 -54.64 57.22
CA ASP F 1310 -20.23 -55.54 57.49
C ASP F 1310 -19.78 -56.99 57.52
N PHE F 1311 -18.58 -57.26 57.01
CA PHE F 1311 -18.07 -58.61 56.86
C PHE F 1311 -16.88 -58.86 57.77
N VAL F 1312 -16.42 -57.79 58.41
CA VAL F 1312 -15.29 -57.90 59.32
C VAL F 1312 -15.78 -58.03 60.75
N SER F 1313 -15.21 -59.00 61.46
CA SER F 1313 -15.64 -59.25 62.83
C SER F 1313 -15.37 -58.04 63.69
N ARG F 1314 -16.46 -57.41 64.15
CA ARG F 1314 -16.35 -56.33 65.11
C ARG F 1314 -17.12 -56.68 66.37
N PRO F 1315 -16.61 -56.20 67.52
CA PRO F 1315 -17.21 -56.39 68.85
C PRO F 1315 -18.66 -55.95 68.90
N ASP F 1316 -19.55 -56.86 69.30
CA ASP F 1316 -20.97 -56.53 69.51
C ASP F 1316 -21.74 -56.36 68.21
N ARG F 1317 -21.47 -57.25 67.25
CA ARG F 1317 -22.11 -57.28 65.94
C ARG F 1317 -21.88 -58.66 65.37
N THR F 1318 -22.91 -59.24 64.75
CA THR F 1318 -22.74 -60.54 64.08
C THR F 1318 -22.19 -60.32 62.69
N MET F 1319 -21.30 -61.20 62.27
CA MET F 1319 -20.67 -61.09 60.96
C MET F 1319 -21.64 -61.41 59.81
N LEU F 1320 -21.60 -60.57 58.80
CA LEU F 1320 -22.47 -60.75 57.66
C LEU F 1320 -21.66 -61.35 56.52
N ALA F 1321 -22.31 -62.11 55.65
CA ALA F 1321 -21.64 -62.67 54.47
C ALA F 1321 -22.08 -61.95 53.19
N PRO F 1322 -21.13 -61.68 52.30
CA PRO F 1322 -21.31 -60.95 51.03
C PRO F 1322 -22.28 -61.71 50.14
N MET F 1323 -23.17 -61.01 49.44
CA MET F 1323 -24.08 -61.72 48.55
C MET F 1323 -23.26 -62.52 47.54
N ASP F 1324 -22.02 -62.09 47.32
CA ASP F 1324 -21.08 -62.80 46.46
C ASP F 1324 -20.89 -64.23 46.93
N PHE F 1325 -20.92 -64.41 48.25
CA PHE F 1325 -20.68 -65.71 48.89
C PHE F 1325 -21.70 -66.77 48.46
N ALA F 1326 -22.83 -66.34 47.92
CA ALA F 1326 -23.83 -67.26 47.39
C ALA F 1326 -23.20 -68.25 46.41
N ILE F 1327 -22.27 -67.78 45.58
CA ILE F 1327 -21.62 -68.63 44.57
C ILE F 1327 -20.75 -69.72 45.22
N VAL F 1328 -20.18 -69.42 46.37
CA VAL F 1328 -19.38 -70.40 47.08
C VAL F 1328 -20.28 -71.55 47.55
N VAL F 1329 -21.49 -71.22 47.98
CA VAL F 1329 -22.46 -72.18 48.45
C VAL F 1329 -23.06 -73.00 47.32
N GLY F 1330 -23.56 -72.32 46.30
CA GLY F 1330 -24.26 -72.99 45.22
C GLY F 1330 -23.41 -73.55 44.08
N TRP F 1331 -22.12 -73.28 44.10
CA TRP F 1331 -21.29 -73.62 42.95
C TRP F 1331 -21.41 -75.07 42.52
N ARG F 1332 -21.47 -75.98 43.49
CA ARG F 1332 -21.47 -77.41 43.20
C ARG F 1332 -22.83 -77.87 42.69
N ALA F 1333 -23.89 -77.28 43.23
CA ALA F 1333 -25.24 -77.60 42.80
C ALA F 1333 -25.48 -77.08 41.38
N ILE F 1334 -24.97 -75.88 41.11
CA ILE F 1334 -25.16 -75.24 39.81
C ILE F 1334 -24.34 -75.92 38.71
N ILE F 1335 -23.02 -76.00 38.92
CA ILE F 1335 -22.12 -76.54 37.91
C ILE F 1335 -22.50 -77.95 37.48
N LYS F 1336 -23.05 -78.73 38.41
CA LYS F 1336 -23.51 -80.09 38.09
C LYS F 1336 -24.47 -80.09 36.88
N ALA F 1337 -25.18 -78.98 36.69
CA ALA F 1337 -26.25 -78.87 35.70
C ALA F 1337 -25.78 -78.96 34.24
N ILE F 1338 -24.49 -78.71 34.00
CA ILE F 1338 -23.98 -78.75 32.64
C ILE F 1338 -23.32 -80.09 32.35
N PHE F 1339 -23.52 -81.05 33.25
CA PHE F 1339 -22.80 -82.33 33.18
C PHE F 1339 -23.50 -83.53 32.51
N PRO F 1340 -24.83 -83.69 32.68
CA PRO F 1340 -25.55 -84.85 32.10
C PRO F 1340 -25.15 -85.21 30.66
N ASN F 1341 -25.38 -86.47 30.29
CA ASN F 1341 -25.01 -86.95 28.97
C ASN F 1341 -25.84 -86.31 27.86
N THR F 1342 -27.09 -85.99 28.17
CA THR F 1342 -27.98 -85.34 27.22
C THR F 1342 -27.52 -83.93 26.91
N VAL F 1343 -26.64 -83.40 27.74
CA VAL F 1343 -26.02 -82.11 27.49
C VAL F 1343 -24.51 -82.29 27.26
N ASP F 1344 -24.18 -83.01 26.20
CA ASP F 1344 -22.80 -83.35 25.88
C ASP F 1344 -22.01 -82.12 25.43
N GLY F 1345 -21.01 -81.74 26.22
CA GLY F 1345 -20.18 -80.59 25.90
C GLY F 1345 -18.72 -80.83 26.21
N ASP F 1346 -17.85 -80.04 25.60
CA ASP F 1346 -16.41 -80.18 25.83
C ASP F 1346 -16.08 -79.22 26.96
N LEU F 1347 -15.94 -79.75 28.17
CA LEU F 1347 -15.79 -78.88 29.34
C LEU F 1347 -14.56 -77.96 29.26
N LEU F 1348 -13.64 -78.27 28.37
CA LEU F 1348 -12.41 -77.51 28.22
C LEU F 1348 -12.63 -76.26 27.36
N LYS F 1349 -13.73 -76.27 26.61
CA LYS F 1349 -14.18 -75.11 25.82
C LYS F 1349 -15.37 -74.41 26.48
N LEU F 1350 -15.66 -74.75 27.73
CA LEU F 1350 -16.77 -74.11 28.44
C LEU F 1350 -16.54 -72.63 28.61
N VAL F 1351 -17.62 -71.86 28.49
CA VAL F 1351 -17.53 -70.41 28.69
C VAL F 1351 -18.65 -69.83 29.55
N HIS F 1352 -18.27 -68.92 30.45
CA HIS F 1352 -19.20 -68.29 31.36
C HIS F 1352 -19.66 -67.01 30.72
N LEU F 1353 -20.96 -66.86 30.59
CA LEU F 1353 -21.49 -65.70 29.92
C LEU F 1353 -21.83 -64.68 30.97
N SER F 1354 -22.60 -65.13 31.94
CA SER F 1354 -23.16 -64.21 32.92
C SER F 1354 -23.42 -64.92 34.22
N ASN F 1355 -23.61 -64.12 35.26
CA ASN F 1355 -24.02 -64.62 36.55
C ASN F 1355 -24.56 -63.44 37.33
N GLY F 1356 -25.71 -63.66 37.99
CA GLY F 1356 -26.31 -62.63 38.84
C GLY F 1356 -26.93 -63.19 40.10
N TYR F 1357 -27.11 -62.31 41.09
CA TYR F 1357 -27.79 -62.67 42.32
C TYR F 1357 -29.01 -61.75 42.49
N LYS F 1358 -30.14 -62.35 42.85
CA LYS F 1358 -31.36 -61.61 43.14
C LYS F 1358 -31.86 -61.98 44.52
N MET F 1359 -32.03 -60.99 45.39
CA MET F 1359 -32.53 -61.26 46.73
C MET F 1359 -34.05 -61.29 46.72
N ILE F 1360 -34.64 -62.36 47.23
CA ILE F 1360 -36.09 -62.41 47.35
C ILE F 1360 -36.51 -61.43 48.42
N PRO F 1361 -37.52 -60.61 48.13
CA PRO F 1361 -37.91 -59.49 48.97
C PRO F 1361 -38.20 -59.98 50.37
N GLY F 1362 -37.79 -59.19 51.37
CA GLY F 1362 -38.05 -59.51 52.76
C GLY F 1362 -36.94 -60.33 53.39
N ALA F 1363 -36.12 -60.96 52.54
CA ALA F 1363 -35.06 -61.84 53.03
C ALA F 1363 -33.87 -61.02 53.51
N LYS F 1364 -33.46 -61.25 54.75
CA LYS F 1364 -32.23 -60.61 55.24
C LYS F 1364 -31.00 -61.27 54.60
N PRO F 1365 -29.86 -60.55 54.56
CA PRO F 1365 -28.63 -61.05 53.92
C PRO F 1365 -28.04 -62.28 54.62
N LEU F 1366 -27.12 -62.96 53.95
CA LEU F 1366 -26.48 -64.12 54.53
C LEU F 1366 -25.66 -63.71 55.74
N GLN F 1367 -25.72 -64.52 56.79
CA GLN F 1367 -24.96 -64.25 58.00
C GLN F 1367 -23.97 -65.34 58.27
N VAL F 1368 -23.13 -65.11 59.27
CA VAL F 1368 -22.11 -66.07 59.63
C VAL F 1368 -22.73 -67.30 60.30
N GLY F 1369 -23.84 -67.12 61.00
CA GLY F 1369 -24.51 -68.24 61.64
C GLY F 1369 -25.19 -69.21 60.68
N ASP F 1370 -25.78 -68.66 59.62
CA ASP F 1370 -26.74 -69.39 58.78
C ASP F 1370 -26.31 -70.76 58.24
N VAL F 1371 -27.29 -71.65 58.20
CA VAL F 1371 -27.17 -72.92 57.48
C VAL F 1371 -28.00 -72.78 56.21
N VAL F 1372 -27.43 -73.13 55.06
CA VAL F 1372 -28.04 -72.83 53.78
C VAL F 1372 -28.22 -74.04 52.87
N SER F 1373 -29.48 -74.30 52.52
CA SER F 1373 -29.82 -75.34 51.55
C SER F 1373 -29.82 -74.77 50.14
N THR F 1374 -29.21 -75.47 49.20
CA THR F 1374 -29.13 -74.97 47.83
C THR F 1374 -29.81 -75.90 46.85
N THR F 1375 -30.49 -75.30 45.88
CA THR F 1375 -31.25 -76.03 44.87
C THR F 1375 -31.01 -75.40 43.50
N ALA F 1376 -30.44 -76.18 42.59
CA ALA F 1376 -30.10 -75.66 41.26
C ALA F 1376 -30.98 -76.27 40.17
N VAL F 1377 -31.93 -75.48 39.67
CA VAL F 1377 -32.74 -75.90 38.55
C VAL F 1377 -32.17 -75.32 37.26
N ILE F 1378 -32.09 -76.14 36.23
CA ILE F 1378 -31.56 -75.71 34.94
C ILE F 1378 -32.70 -75.29 34.02
N GLU F 1379 -32.86 -73.98 33.86
CA GLU F 1379 -34.00 -73.39 33.17
C GLU F 1379 -34.03 -73.71 31.67
N SER F 1380 -33.09 -73.13 30.94
CA SER F 1380 -33.10 -73.27 29.48
C SER F 1380 -31.78 -73.80 28.93
N VAL F 1381 -31.88 -74.80 28.06
CA VAL F 1381 -30.73 -75.35 27.35
C VAL F 1381 -31.08 -75.33 25.90
N VAL F 1382 -30.41 -74.48 25.14
CA VAL F 1382 -30.75 -74.32 23.74
C VAL F 1382 -29.55 -74.45 22.83
N ASN F 1383 -29.77 -75.13 21.71
CA ASN F 1383 -28.74 -75.20 20.69
C ASN F 1383 -28.83 -73.96 19.82
N GLN F 1384 -27.71 -73.25 19.70
CA GLN F 1384 -27.65 -72.09 18.84
C GLN F 1384 -26.70 -72.34 17.69
N PRO F 1385 -26.75 -71.45 16.69
CA PRO F 1385 -25.77 -71.44 15.62
C PRO F 1385 -24.36 -71.72 16.14
N THR F 1386 -23.92 -70.87 17.04
CA THR F 1386 -22.53 -70.88 17.50
C THR F 1386 -22.21 -71.94 18.57
N GLY F 1387 -23.22 -72.38 19.31
CA GLY F 1387 -22.98 -73.39 20.35
C GLY F 1387 -24.18 -73.68 21.24
N LYS F 1388 -23.92 -74.41 22.32
CA LYS F 1388 -24.95 -74.81 23.26
C LYS F 1388 -24.96 -73.86 24.46
N ILE F 1389 -26.13 -73.42 24.87
CA ILE F 1389 -26.25 -72.51 26.00
C ILE F 1389 -27.10 -73.11 27.11
N VAL F 1390 -26.57 -73.06 28.33
CA VAL F 1390 -27.28 -73.58 29.49
C VAL F 1390 -27.46 -72.50 30.54
N ASP F 1391 -28.73 -72.27 30.88
CA ASP F 1391 -29.14 -71.28 31.85
C ASP F 1391 -29.56 -71.98 33.12
N VAL F 1392 -28.83 -71.73 34.19
CA VAL F 1392 -29.08 -72.40 35.45
C VAL F 1392 -29.63 -71.40 36.45
N VAL F 1393 -30.44 -71.89 37.38
CA VAL F 1393 -30.94 -71.07 38.47
C VAL F 1393 -30.74 -71.74 39.80
N GLY F 1394 -30.06 -71.05 40.70
CA GLY F 1394 -29.93 -71.50 42.07
C GLY F 1394 -30.95 -70.83 42.98
N THR F 1395 -31.37 -71.54 44.02
CA THR F 1395 -32.22 -70.95 45.03
C THR F 1395 -31.72 -71.33 46.42
N LEU F 1396 -30.98 -70.41 47.03
CA LEU F 1396 -30.47 -70.60 48.37
C LEU F 1396 -31.56 -70.33 49.39
N SER F 1397 -31.95 -71.34 50.13
CA SER F 1397 -32.96 -71.20 51.17
C SER F 1397 -32.32 -71.30 52.57
N ARG F 1398 -33.02 -70.76 53.56
CA ARG F 1398 -32.55 -70.79 54.94
C ARG F 1398 -33.76 -70.89 55.85
N ASN F 1399 -33.76 -71.89 56.72
CA ASN F 1399 -34.87 -72.11 57.67
C ASN F 1399 -36.21 -72.26 56.96
N GLY F 1400 -36.23 -73.07 55.90
CA GLY F 1400 -37.46 -73.29 55.16
C GLY F 1400 -37.69 -72.27 54.07
N LYS F 1401 -37.61 -70.98 54.42
CA LYS F 1401 -37.85 -69.90 53.47
C LYS F 1401 -36.69 -69.72 52.47
N PRO F 1402 -37.03 -69.30 51.24
CA PRO F 1402 -36.00 -69.03 50.22
C PRO F 1402 -35.38 -67.69 50.52
N VAL F 1403 -34.06 -67.57 50.35
CA VAL F 1403 -33.38 -66.32 50.68
C VAL F 1403 -32.95 -65.51 49.45
N MET F 1404 -32.24 -66.13 48.50
CA MET F 1404 -31.86 -65.44 47.28
C MET F 1404 -31.73 -66.38 46.09
N GLU F 1405 -31.86 -65.83 44.89
CA GLU F 1405 -31.70 -66.59 43.64
C GLU F 1405 -30.39 -66.26 42.94
N VAL F 1406 -29.70 -67.29 42.45
CA VAL F 1406 -28.45 -67.10 41.71
C VAL F 1406 -28.60 -67.54 40.25
N THR F 1407 -28.18 -66.71 39.31
CA THR F 1407 -28.37 -67.01 37.90
C THR F 1407 -27.04 -67.15 37.20
N SER F 1408 -26.83 -68.29 36.56
CA SER F 1408 -25.63 -68.46 35.73
C SER F 1408 -26.00 -69.03 34.39
N SER F 1409 -25.34 -68.53 33.35
CA SER F 1409 -25.50 -69.10 32.03
C SER F 1409 -24.13 -69.45 31.44
N PHE F 1410 -24.01 -70.68 30.97
CA PHE F 1410 -22.75 -71.17 30.45
C PHE F 1410 -22.89 -71.49 28.98
N PHE F 1411 -21.76 -71.60 28.31
CA PHE F 1411 -21.72 -71.79 26.87
C PHE F 1411 -20.68 -72.84 26.45
N TYR F 1412 -21.15 -73.92 25.84
CA TYR F 1412 -20.28 -74.88 25.17
C TYR F 1412 -20.23 -74.47 23.71
N ARG F 1413 -19.09 -73.96 23.25
CA ARG F 1413 -19.00 -73.57 21.85
C ARG F 1413 -18.89 -74.78 20.94
N GLY F 1414 -19.50 -74.69 19.76
CA GLY F 1414 -19.45 -75.78 18.82
C GLY F 1414 -20.73 -75.93 18.03
N ASN F 1415 -20.75 -76.93 17.16
CA ASN F 1415 -21.90 -77.21 16.31
C ASN F 1415 -22.73 -78.38 16.85
N TYR F 1416 -23.93 -78.08 17.34
CA TYR F 1416 -24.81 -79.11 17.89
C TYR F 1416 -26.09 -79.25 17.06
N THR F 1417 -26.78 -80.37 17.24
CA THR F 1417 -28.02 -80.63 16.51
C THR F 1417 -29.00 -81.43 17.36
N ASP F 1418 -28.61 -81.69 18.61
CA ASP F 1418 -29.45 -82.45 19.53
C ASP F 1418 -30.78 -81.75 19.77
N PHE F 1419 -31.38 -81.23 18.70
CA PHE F 1419 -32.65 -80.53 18.79
C PHE F 1419 -33.67 -81.34 19.59
N GLU F 1420 -33.33 -82.59 19.87
CA GLU F 1420 -34.21 -83.47 20.63
C GLU F 1420 -34.36 -83.00 22.07
N ASN F 1421 -33.27 -83.08 22.84
CA ASN F 1421 -33.27 -82.66 24.23
C ASN F 1421 -32.75 -81.24 24.41
N THR F 1422 -33.62 -80.26 24.14
CA THR F 1422 -33.24 -78.86 24.27
C THR F 1422 -34.48 -77.98 24.49
N PHE F 1423 -34.87 -77.83 25.75
CA PHE F 1423 -36.03 -77.03 26.11
C PHE F 1423 -35.65 -75.55 26.23
N GLN F 1424 -36.61 -74.73 26.66
CA GLN F 1424 -36.38 -73.30 26.82
C GLN F 1424 -37.61 -72.61 27.40
N LYS F 1425 -37.50 -72.19 28.65
CA LYS F 1425 -38.59 -71.51 29.34
C LYS F 1425 -38.30 -70.03 29.51
N THR F 1426 -39.24 -69.19 29.10
CA THR F 1426 -39.07 -67.74 29.21
C THR F 1426 -40.27 -67.07 29.90
N VAL F 1427 -39.99 -66.05 30.70
CA VAL F 1427 -41.03 -65.33 31.43
C VAL F 1427 -41.41 -64.08 30.68
N GLU F 1428 -42.56 -64.15 30.03
CA GLU F 1428 -43.02 -63.04 29.21
C GLU F 1428 -43.36 -61.86 30.11
N PRO F 1429 -43.11 -60.64 29.60
CA PRO F 1429 -43.46 -59.40 30.28
C PRO F 1429 -44.96 -59.31 30.47
N VAL F 1430 -45.39 -58.45 31.37
CA VAL F 1430 -46.80 -58.33 31.61
C VAL F 1430 -47.41 -57.45 30.53
N TYR F 1431 -48.47 -57.96 29.91
CA TYR F 1431 -49.18 -57.22 28.90
C TYR F 1431 -50.45 -56.62 29.50
N GLN F 1432 -50.64 -55.34 29.27
CA GLN F 1432 -51.83 -54.64 29.74
C GLN F 1432 -52.76 -54.39 28.55
N MET F 1433 -54.05 -54.59 28.79
CA MET F 1433 -55.01 -54.48 27.72
C MET F 1433 -56.27 -53.76 28.23
N HIS F 1434 -56.66 -52.73 27.50
CA HIS F 1434 -57.73 -51.83 27.92
C HIS F 1434 -59.01 -52.16 27.14
N ILE F 1435 -59.82 -53.08 27.67
CA ILE F 1435 -61.06 -53.50 27.00
C ILE F 1435 -62.09 -52.37 26.93
N LYS F 1436 -62.10 -51.68 25.80
CA LYS F 1436 -62.85 -50.44 25.68
C LYS F 1436 -64.21 -50.68 25.04
N THR F 1437 -64.23 -51.47 23.97
CA THR F 1437 -65.42 -51.64 23.13
C THR F 1437 -66.05 -53.02 23.29
N SER F 1438 -67.13 -53.26 22.55
CA SER F 1438 -67.84 -54.52 22.62
C SER F 1438 -67.23 -55.58 21.71
N LYS F 1439 -66.65 -55.16 20.60
CA LYS F 1439 -66.01 -56.11 19.70
C LYS F 1439 -64.70 -56.56 20.31
N ASP F 1440 -64.11 -55.68 21.13
CA ASP F 1440 -62.86 -56.00 21.81
C ASP F 1440 -63.07 -57.28 22.59
N ILE F 1441 -64.06 -57.23 23.47
CA ILE F 1441 -64.40 -58.38 24.30
C ILE F 1441 -64.74 -59.60 23.44
N ALA F 1442 -65.39 -59.36 22.31
CA ALA F 1442 -65.71 -60.44 21.39
C ALA F 1442 -64.47 -61.18 20.86
N VAL F 1443 -63.50 -60.41 20.36
CA VAL F 1443 -62.26 -60.97 19.85
C VAL F 1443 -61.51 -61.80 20.92
N LEU F 1444 -61.50 -61.29 22.15
CA LEU F 1444 -60.87 -62.01 23.25
C LEU F 1444 -61.55 -63.35 23.52
N ARG F 1445 -62.88 -63.35 23.53
CA ARG F 1445 -63.62 -64.59 23.77
C ARG F 1445 -63.43 -65.55 22.59
N SER F 1446 -62.93 -65.02 21.48
CA SER F 1446 -62.74 -65.82 20.27
C SER F 1446 -61.56 -66.78 20.42
N LYS F 1447 -60.59 -66.40 21.23
CA LYS F 1447 -59.41 -67.22 21.42
C LYS F 1447 -59.63 -68.27 22.50
N GLU F 1448 -59.25 -69.51 22.20
CA GLU F 1448 -59.51 -70.65 23.08
C GLU F 1448 -58.66 -70.61 24.36
N TRP F 1449 -57.60 -69.81 24.34
CA TRP F 1449 -56.68 -69.74 25.48
C TRP F 1449 -57.13 -68.69 26.49
N PHE F 1450 -58.01 -67.79 26.03
CA PHE F 1450 -58.64 -66.84 26.91
C PHE F 1450 -59.73 -67.56 27.70
N GLN F 1451 -59.48 -67.75 29.00
CA GLN F 1451 -60.33 -68.61 29.81
C GLN F 1451 -60.57 -68.09 31.22
N LEU F 1452 -61.62 -67.31 31.42
CA LEU F 1452 -61.89 -66.74 32.74
C LEU F 1452 -62.84 -67.57 33.58
N ASP F 1453 -62.86 -67.30 34.87
CA ASP F 1453 -63.59 -68.12 35.82
C ASP F 1453 -65.10 -68.06 35.59
N ASP F 1454 -65.72 -66.91 35.82
CA ASP F 1454 -67.12 -66.71 35.44
C ASP F 1454 -67.13 -66.13 34.04
N GLU F 1455 -67.66 -66.89 33.07
CA GLU F 1455 -67.71 -66.40 31.70
C GLU F 1455 -68.58 -65.15 31.64
N ASP F 1456 -69.41 -65.00 32.65
CA ASP F 1456 -70.35 -63.90 32.73
C ASP F 1456 -69.69 -62.58 33.14
N PHE F 1457 -68.41 -62.64 33.45
CA PHE F 1457 -67.67 -61.43 33.84
C PHE F 1457 -67.81 -60.30 32.81
N ASP F 1458 -68.08 -59.10 33.33
CA ASP F 1458 -68.28 -57.93 32.50
C ASP F 1458 -66.93 -57.31 32.12
N LEU F 1459 -66.35 -57.78 31.03
CA LEU F 1459 -65.07 -57.25 30.57
C LEU F 1459 -65.16 -55.79 30.16
N LEU F 1460 -66.35 -55.38 29.70
CA LEU F 1460 -66.54 -54.03 29.22
C LEU F 1460 -66.01 -52.96 30.20
N ASN F 1461 -65.07 -52.16 29.70
CA ASN F 1461 -64.54 -51.00 30.40
C ASN F 1461 -63.55 -51.29 31.52
N LYS F 1462 -63.06 -52.52 31.60
CA LYS F 1462 -62.06 -52.87 32.60
C LYS F 1462 -60.68 -52.85 31.96
N THR F 1463 -59.65 -53.06 32.78
CA THR F 1463 -58.28 -53.16 32.27
C THR F 1463 -57.68 -54.51 32.64
N LEU F 1464 -57.24 -55.27 31.64
CA LEU F 1464 -56.69 -56.59 31.90
C LEU F 1464 -55.18 -56.63 31.83
N THR F 1465 -54.59 -57.47 32.66
CA THR F 1465 -53.17 -57.78 32.58
C THR F 1465 -52.92 -59.27 32.36
N PHE F 1466 -51.88 -59.58 31.60
CA PHE F 1466 -51.54 -60.95 31.24
C PHE F 1466 -50.11 -61.28 31.64
N GLU F 1467 -49.98 -61.98 32.76
CA GLU F 1467 -48.69 -62.36 33.30
C GLU F 1467 -48.32 -63.74 32.81
N THR F 1468 -47.57 -63.80 31.73
CA THR F 1468 -47.40 -65.04 31.00
C THR F 1468 -46.02 -65.71 31.09
N GLU F 1469 -46.01 -67.04 31.18
CA GLU F 1469 -44.81 -67.87 31.03
C GLU F 1469 -44.96 -68.82 29.84
N THR F 1470 -44.00 -68.80 28.93
CA THR F 1470 -44.08 -69.70 27.79
C THR F 1470 -42.94 -70.73 27.74
N GLU F 1471 -43.33 -72.00 27.78
CA GLU F 1471 -42.40 -73.11 27.84
C GLU F 1471 -42.34 -73.76 26.46
N VAL F 1472 -41.15 -73.87 25.92
CA VAL F 1472 -41.00 -74.35 24.55
C VAL F 1472 -39.99 -75.49 24.44
N THR F 1473 -40.22 -76.40 23.52
CA THR F 1473 -39.25 -77.45 23.26
C THR F 1473 -39.00 -77.52 21.76
N PHE F 1474 -37.73 -77.53 21.38
CA PHE F 1474 -37.36 -77.53 19.97
C PHE F 1474 -37.40 -78.96 19.45
N LYS F 1475 -37.68 -79.11 18.17
CA LYS F 1475 -37.52 -80.39 17.52
C LYS F 1475 -36.69 -80.25 16.25
N ASN F 1476 -36.57 -79.03 15.74
CA ASN F 1476 -35.84 -78.79 14.51
C ASN F 1476 -35.09 -77.48 14.60
N ALA F 1477 -34.53 -77.03 13.48
CA ALA F 1477 -33.74 -75.81 13.51
C ALA F 1477 -34.59 -74.60 13.92
N ASN F 1478 -35.69 -74.37 13.20
CA ASN F 1478 -36.57 -73.23 13.43
C ASN F 1478 -37.95 -73.60 13.95
N ILE F 1479 -38.40 -74.81 13.61
CA ILE F 1479 -39.70 -75.29 14.04
C ILE F 1479 -39.74 -75.77 15.50
N PHE F 1480 -40.70 -75.28 16.26
CA PHE F 1480 -40.86 -75.77 17.63
C PHE F 1480 -41.54 -77.13 17.62
N SER F 1481 -41.21 -77.93 18.63
CA SER F 1481 -41.85 -79.22 18.85
C SER F 1481 -43.14 -79.05 19.63
N SER F 1482 -43.09 -78.14 20.61
CA SER F 1482 -44.25 -77.83 21.43
C SER F 1482 -44.11 -76.46 22.06
N VAL F 1483 -45.25 -75.83 22.30
CA VAL F 1483 -45.30 -74.48 22.85
C VAL F 1483 -46.42 -74.41 23.88
N LYS F 1484 -46.04 -74.30 25.15
CA LYS F 1484 -46.99 -74.04 26.23
C LYS F 1484 -46.93 -72.58 26.58
N CYS F 1485 -48.07 -72.01 26.98
CA CYS F 1485 -48.10 -70.62 27.39
C CYS F 1485 -49.23 -70.42 28.39
N PHE F 1486 -48.86 -70.20 29.64
CA PHE F 1486 -49.82 -70.09 30.72
C PHE F 1486 -49.52 -68.91 31.63
N GLY F 1487 -50.52 -68.50 32.40
CA GLY F 1487 -50.39 -67.36 33.26
C GLY F 1487 -51.75 -66.86 33.68
N PRO F 1488 -51.79 -66.05 34.73
CA PRO F 1488 -53.07 -65.55 35.23
C PRO F 1488 -53.53 -64.33 34.45
N ILE F 1489 -54.84 -64.20 34.27
CA ILE F 1489 -55.41 -62.97 33.73
C ILE F 1489 -55.95 -62.17 34.91
N LYS F 1490 -55.62 -60.89 34.96
CA LYS F 1490 -56.05 -60.07 36.09
C LYS F 1490 -56.76 -58.78 35.66
N VAL F 1491 -57.58 -58.27 36.57
CA VAL F 1491 -58.35 -57.06 36.30
C VAL F 1491 -58.01 -55.99 37.33
N GLU F 1492 -57.89 -54.75 36.87
CA GLU F 1492 -57.64 -53.63 37.77
C GLU F 1492 -58.85 -53.34 38.63
N LEU F 1493 -58.62 -53.08 39.91
CA LEU F 1493 -59.65 -52.61 40.80
C LEU F 1493 -59.57 -51.08 40.89
N PRO F 1494 -60.53 -50.46 41.60
CA PRO F 1494 -60.45 -49.02 41.76
C PRO F 1494 -59.23 -48.63 42.57
N THR F 1495 -58.84 -49.53 43.48
CA THR F 1495 -57.67 -49.33 44.31
C THR F 1495 -56.40 -49.49 43.46
N LYS F 1496 -56.58 -49.94 42.22
CA LYS F 1496 -55.48 -50.19 41.28
C LYS F 1496 -54.74 -51.50 41.60
N GLU F 1497 -55.27 -52.23 42.59
CA GLU F 1497 -54.86 -53.60 42.88
C GLU F 1497 -55.21 -54.49 41.68
N THR F 1498 -54.62 -55.68 41.59
CA THR F 1498 -54.98 -56.58 40.50
C THR F 1498 -55.40 -57.96 41.00
N VAL F 1499 -56.57 -58.40 40.57
CA VAL F 1499 -57.16 -59.66 41.02
C VAL F 1499 -57.26 -60.66 39.88
N GLU F 1500 -56.97 -61.93 40.19
CA GLU F 1500 -57.03 -62.99 39.19
C GLU F 1500 -58.47 -63.19 38.68
N ILE F 1501 -58.61 -63.22 37.36
CA ILE F 1501 -59.90 -63.29 36.70
C ILE F 1501 -60.03 -64.62 35.98
N GLY F 1502 -58.90 -65.14 35.54
CA GLY F 1502 -58.87 -66.39 34.80
C GLY F 1502 -57.47 -66.82 34.46
N ILE F 1503 -57.31 -67.43 33.29
CA ILE F 1503 -56.07 -68.07 32.89
C ILE F 1503 -55.78 -67.81 31.42
N VAL F 1504 -54.50 -67.76 31.07
CA VAL F 1504 -54.07 -68.04 29.71
C VAL F 1504 -53.62 -69.49 29.69
N ASP F 1505 -54.17 -70.28 28.79
CA ASP F 1505 -53.85 -71.69 28.72
C ASP F 1505 -53.69 -72.14 27.28
N TYR F 1506 -52.49 -71.96 26.74
CA TYR F 1506 -52.21 -72.37 25.37
C TYR F 1506 -51.30 -73.57 25.36
N GLU F 1507 -51.49 -74.41 24.35
CA GLU F 1507 -50.70 -75.62 24.17
C GLU F 1507 -50.76 -75.93 22.68
N ALA F 1508 -49.61 -76.29 22.12
CA ALA F 1508 -49.50 -76.58 20.70
C ALA F 1508 -48.28 -77.47 20.44
N GLY F 1509 -48.44 -78.47 19.60
CA GLY F 1509 -47.28 -79.21 19.12
C GLY F 1509 -46.88 -78.59 17.81
N ALA F 1510 -45.79 -79.06 17.22
CA ALA F 1510 -45.35 -78.63 15.90
C ALA F 1510 -45.69 -77.16 15.61
N SER F 1511 -45.49 -76.29 16.60
CA SER F 1511 -45.75 -74.87 16.44
C SER F 1511 -44.64 -74.25 15.58
N HIS F 1512 -44.67 -72.93 15.43
CA HIS F 1512 -43.71 -72.25 14.58
C HIS F 1512 -43.45 -70.89 15.23
N GLY F 1513 -44.42 -70.44 16.02
CA GLY F 1513 -44.37 -69.18 16.75
C GLY F 1513 -45.33 -69.24 17.93
N ASN F 1514 -45.28 -68.22 18.77
CA ASN F 1514 -46.22 -68.13 19.89
C ASN F 1514 -47.32 -67.15 19.54
N PRO F 1515 -48.53 -67.67 19.30
CA PRO F 1515 -49.69 -66.87 18.90
C PRO F 1515 -50.17 -65.94 20.03
N VAL F 1516 -50.20 -66.47 21.26
CA VAL F 1516 -50.64 -65.70 22.42
C VAL F 1516 -49.84 -64.42 22.61
N VAL F 1517 -48.53 -64.55 22.60
CA VAL F 1517 -47.65 -63.40 22.79
C VAL F 1517 -47.76 -62.43 21.63
N ASP F 1518 -47.85 -62.95 20.42
CA ASP F 1518 -48.02 -62.09 19.25
C ASP F 1518 -49.30 -61.27 19.36
N PHE F 1519 -50.39 -61.93 19.70
CA PHE F 1519 -51.65 -61.23 19.94
C PHE F 1519 -51.47 -60.10 20.94
N LEU F 1520 -51.03 -60.45 22.14
CA LEU F 1520 -50.84 -59.49 23.20
C LEU F 1520 -49.86 -58.37 22.84
N LYS F 1521 -48.88 -58.68 22.01
CA LYS F 1521 -47.92 -57.67 21.57
C LYS F 1521 -48.65 -56.57 20.80
N ARG F 1522 -49.37 -57.00 19.77
CA ARG F 1522 -50.03 -56.08 18.86
C ARG F 1522 -51.25 -55.45 19.50
N ASN F 1523 -51.98 -56.24 20.28
CA ASN F 1523 -53.24 -55.77 20.86
C ASN F 1523 -53.15 -55.27 22.30
N GLY F 1524 -51.94 -54.94 22.74
CA GLY F 1524 -51.75 -54.45 24.09
C GLY F 1524 -50.50 -53.62 24.21
N SER F 1525 -50.18 -53.26 25.44
CA SER F 1525 -48.96 -52.54 25.73
C SER F 1525 -48.14 -53.40 26.68
N THR F 1526 -46.84 -53.15 26.74
CA THR F 1526 -45.94 -53.90 27.61
C THR F 1526 -45.53 -53.06 28.82
N LEU F 1527 -45.86 -53.54 30.01
CA LEU F 1527 -45.53 -52.84 31.24
C LEU F 1527 -44.12 -53.17 31.71
N GLU F 1528 -43.22 -52.21 31.58
CA GLU F 1528 -41.82 -52.41 31.98
C GLU F 1528 -41.56 -51.78 33.36
N GLN F 1529 -41.34 -52.63 34.35
CA GLN F 1529 -41.08 -52.16 35.71
C GLN F 1529 -39.84 -51.29 35.76
N LYS F 1530 -39.08 -51.29 34.67
CA LYS F 1530 -37.86 -50.48 34.60
C LYS F 1530 -38.17 -49.06 34.16
N VAL F 1531 -37.57 -48.09 34.86
CA VAL F 1531 -37.79 -46.68 34.55
C VAL F 1531 -36.47 -45.91 34.56
N ASN F 1532 -36.20 -45.21 33.46
CA ASN F 1532 -34.96 -44.42 33.35
C ASN F 1532 -35.07 -43.09 34.05
N LEU F 1533 -33.93 -42.54 34.43
CA LEU F 1533 -33.89 -41.16 34.90
C LEU F 1533 -33.92 -40.28 33.68
N GLU F 1534 -33.85 -38.96 33.88
CA GLU F 1534 -33.80 -38.08 32.72
C GLU F 1534 -32.42 -38.13 32.11
N ASN F 1535 -31.40 -37.87 32.93
CA ASN F 1535 -30.02 -38.03 32.48
C ASN F 1535 -29.31 -38.99 33.41
N PRO F 1536 -28.46 -39.86 32.85
CA PRO F 1536 -27.64 -40.70 33.71
C PRO F 1536 -26.82 -39.81 34.62
N ILE F 1537 -26.70 -40.19 35.88
CA ILE F 1537 -25.91 -39.45 36.82
C ILE F 1537 -24.63 -40.21 37.16
N PRO F 1538 -23.47 -39.65 36.80
CA PRO F 1538 -22.21 -40.35 37.06
C PRO F 1538 -21.99 -40.44 38.57
N ILE F 1539 -21.48 -41.59 39.01
CA ILE F 1539 -21.20 -41.83 40.41
C ILE F 1539 -19.70 -41.77 40.70
N ALA F 1540 -18.94 -42.55 39.94
CA ALA F 1540 -17.48 -42.57 40.11
C ALA F 1540 -16.77 -43.45 39.09
N VAL F 1541 -15.50 -43.15 38.86
CA VAL F 1541 -14.64 -43.97 38.02
C VAL F 1541 -13.50 -44.51 38.87
N LEU F 1542 -13.46 -45.83 39.05
CA LEU F 1542 -12.53 -46.45 39.98
C LEU F 1542 -11.46 -47.31 39.31
N ASP F 1543 -10.31 -47.42 39.96
CA ASP F 1543 -9.20 -48.24 39.45
C ASP F 1543 -9.15 -49.59 40.17
N SER F 1544 -9.18 -50.66 39.39
CA SER F 1544 -9.14 -52.01 39.95
C SER F 1544 -7.95 -52.79 39.41
N TYR F 1545 -7.66 -53.93 40.02
CA TYR F 1545 -6.55 -54.78 39.60
C TYR F 1545 -6.87 -56.25 39.82
N THR F 1546 -6.44 -57.10 38.87
CA THR F 1546 -6.60 -58.53 39.00
C THR F 1546 -5.41 -59.05 39.74
N PRO F 1547 -5.59 -60.18 40.45
CA PRO F 1547 -4.59 -60.76 41.35
C PRO F 1547 -3.36 -61.24 40.61
N SER F 1548 -2.24 -61.31 41.33
CA SER F 1548 -0.98 -61.83 40.81
C SER F 1548 -1.10 -63.29 40.38
N THR F 1549 -1.71 -64.12 41.25
CA THR F 1549 -2.03 -65.51 40.92
C THR F 1549 -3.51 -65.77 41.16
N ASN F 1550 -4.03 -66.85 40.59
CA ASN F 1550 -5.45 -67.13 40.72
C ASN F 1550 -5.78 -68.14 41.83
N GLU F 1551 -4.76 -68.84 42.32
CA GLU F 1551 -4.92 -69.84 43.38
C GLU F 1551 -5.78 -69.35 44.56
N PRO F 1552 -5.46 -68.15 45.09
CA PRO F 1552 -6.28 -67.56 46.15
C PRO F 1552 -7.78 -67.57 45.87
N TYR F 1553 -8.23 -67.07 44.71
CA TYR F 1553 -9.66 -67.15 44.45
C TYR F 1553 -10.10 -68.60 44.31
N ALA F 1554 -9.31 -69.42 43.62
CA ALA F 1554 -9.72 -70.81 43.37
C ALA F 1554 -9.96 -71.57 44.66
N ARG F 1555 -9.14 -71.28 45.67
CA ARG F 1555 -9.22 -71.97 46.95
C ARG F 1555 -10.52 -71.66 47.70
N VAL F 1556 -10.89 -70.39 47.77
CA VAL F 1556 -12.09 -70.00 48.47
C VAL F 1556 -13.36 -70.43 47.74
N SER F 1557 -13.31 -70.44 46.42
CA SER F 1557 -14.52 -70.62 45.60
C SER F 1557 -14.83 -72.05 45.23
N GLY F 1558 -13.78 -72.88 45.17
CA GLY F 1558 -13.91 -74.29 44.80
C GLY F 1558 -13.83 -74.51 43.29
N ASP F 1559 -13.28 -73.51 42.59
CA ASP F 1559 -13.11 -73.58 41.15
C ASP F 1559 -11.68 -73.96 40.80
N LEU F 1560 -11.42 -75.25 40.79
CA LEU F 1560 -10.08 -75.79 40.61
C LEU F 1560 -9.78 -75.95 39.12
N ASN F 1561 -10.61 -75.33 38.30
CA ASN F 1561 -10.42 -75.37 36.86
C ASN F 1561 -8.99 -74.98 36.52
N PRO F 1562 -8.26 -75.91 35.88
CA PRO F 1562 -6.83 -75.78 35.58
C PRO F 1562 -6.54 -74.65 34.61
N ILE F 1563 -7.52 -74.32 33.79
CA ILE F 1563 -7.43 -73.20 32.88
C ILE F 1563 -6.88 -71.95 33.56
N HIS F 1564 -7.22 -71.76 34.84
CA HIS F 1564 -6.89 -70.53 35.57
C HIS F 1564 -5.58 -70.65 36.34
N VAL F 1565 -5.08 -71.87 36.49
CA VAL F 1565 -3.96 -72.09 37.40
C VAL F 1565 -2.74 -72.77 36.75
N SER F 1566 -2.98 -73.72 35.85
CA SER F 1566 -1.90 -74.47 35.22
C SER F 1566 -1.67 -74.01 33.78
N ARG F 1567 -0.48 -73.46 33.52
CA ARG F 1567 -0.19 -72.87 32.21
C ARG F 1567 -0.38 -73.82 31.03
N HIS F 1568 -0.16 -75.12 31.27
CA HIS F 1568 -0.20 -76.11 30.20
C HIS F 1568 -1.63 -76.43 29.77
N PHE F 1569 -2.56 -76.21 30.70
CA PHE F 1569 -3.97 -76.38 30.42
C PHE F 1569 -4.48 -75.13 29.71
N ALA F 1570 -4.17 -73.99 30.29
CA ALA F 1570 -4.49 -72.73 29.65
C ALA F 1570 -4.02 -72.77 28.19
N SER F 1571 -2.75 -73.15 27.99
CA SER F 1571 -2.17 -73.16 26.66
C SER F 1571 -2.83 -74.20 25.74
N TYR F 1572 -3.24 -75.33 26.31
CA TYR F 1572 -3.88 -76.39 25.52
C TYR F 1572 -5.26 -75.93 24.99
N ALA F 1573 -5.91 -75.07 25.76
CA ALA F 1573 -7.25 -74.57 25.42
C ALA F 1573 -7.16 -73.36 24.50
N ASN F 1574 -5.94 -72.88 24.30
CA ASN F 1574 -5.67 -71.75 23.42
C ASN F 1574 -6.16 -70.45 24.00
N LEU F 1575 -5.79 -70.19 25.25
CA LEU F 1575 -6.16 -68.96 25.89
C LEU F 1575 -4.90 -68.11 25.96
N PRO F 1576 -5.07 -66.80 26.17
CA PRO F 1576 -3.98 -65.82 26.20
C PRO F 1576 -3.02 -66.06 27.35
N GLY F 1577 -3.42 -66.94 28.27
CA GLY F 1577 -2.61 -67.22 29.44
C GLY F 1577 -3.51 -67.82 30.48
N THR F 1578 -3.09 -67.70 31.73
CA THR F 1578 -3.92 -68.19 32.82
C THR F 1578 -4.97 -67.17 33.22
N ILE F 1579 -6.05 -67.11 32.44
CA ILE F 1579 -7.13 -66.14 32.61
C ILE F 1579 -7.57 -65.99 34.07
N THR F 1580 -7.79 -64.75 34.51
CA THR F 1580 -8.33 -64.49 35.84
C THR F 1580 -9.76 -65.03 35.92
N HIS F 1581 -10.13 -65.58 37.06
CA HIS F 1581 -11.49 -66.06 37.28
C HIS F 1581 -12.50 -64.96 36.98
N GLY F 1582 -13.38 -65.21 36.02
CA GLY F 1582 -14.44 -64.27 35.69
C GLY F 1582 -15.26 -63.95 36.92
N MET F 1583 -15.29 -64.89 37.87
CA MET F 1583 -16.01 -64.70 39.11
C MET F 1583 -15.33 -63.69 40.03
N PHE F 1584 -14.00 -63.67 39.99
CA PHE F 1584 -13.26 -62.69 40.77
C PHE F 1584 -13.66 -61.28 40.35
N SER F 1585 -13.58 -61.01 39.05
CA SER F 1585 -13.95 -59.72 38.50
C SER F 1585 -15.38 -59.37 38.92
N SER F 1586 -16.23 -60.38 39.01
CA SER F 1586 -17.62 -60.19 39.42
C SER F 1586 -17.70 -59.64 40.84
N ALA F 1587 -16.98 -60.27 41.76
CA ALA F 1587 -16.98 -59.86 43.16
C ALA F 1587 -16.12 -58.63 43.40
N SER F 1588 -15.11 -58.44 42.54
CA SER F 1588 -14.18 -57.34 42.67
C SER F 1588 -14.86 -56.05 42.27
N VAL F 1589 -15.49 -56.08 41.09
CA VAL F 1589 -16.25 -54.94 40.62
C VAL F 1589 -17.41 -54.67 41.57
N ARG F 1590 -18.08 -55.74 41.97
CA ARG F 1590 -19.24 -55.60 42.84
C ARG F 1590 -18.86 -54.83 44.09
N ALA F 1591 -17.71 -55.18 44.65
CA ALA F 1591 -17.18 -54.48 45.82
C ALA F 1591 -17.13 -52.96 45.60
N LEU F 1592 -16.75 -52.55 44.39
CA LEU F 1592 -16.69 -51.13 44.02
C LEU F 1592 -18.06 -50.50 44.07
N ILE F 1593 -19.03 -51.18 43.44
CA ILE F 1593 -20.42 -50.73 43.44
C ILE F 1593 -20.92 -50.64 44.87
N GLU F 1594 -20.58 -51.66 45.66
CA GLU F 1594 -20.99 -51.73 47.05
C GLU F 1594 -20.48 -50.54 47.85
N ASN F 1595 -19.22 -50.22 47.64
CA ASN F 1595 -18.58 -49.16 48.38
C ASN F 1595 -19.12 -47.79 48.01
N TRP F 1596 -19.08 -47.50 46.71
CA TRP F 1596 -19.27 -46.16 46.21
C TRP F 1596 -20.72 -45.83 45.86
N ALA F 1597 -21.52 -46.86 45.59
CA ALA F 1597 -22.91 -46.64 45.21
C ALA F 1597 -23.85 -46.86 46.38
N ALA F 1598 -23.44 -47.70 47.32
CA ALA F 1598 -24.27 -48.00 48.47
C ALA F 1598 -23.62 -47.44 49.72
N ASP F 1599 -22.55 -46.66 49.54
CA ASP F 1599 -21.88 -46.00 50.66
C ASP F 1599 -21.41 -47.04 51.67
N SER F 1600 -21.00 -48.19 51.16
CA SER F 1600 -20.48 -49.29 51.99
C SER F 1600 -21.52 -49.77 53.00
N VAL F 1601 -22.78 -49.77 52.60
CA VAL F 1601 -23.81 -50.40 53.42
C VAL F 1601 -24.21 -51.68 52.73
N SER F 1602 -23.49 -52.76 53.03
CA SER F 1602 -23.73 -54.07 52.42
C SER F 1602 -25.23 -54.32 52.17
N SER F 1603 -26.02 -54.04 53.20
CA SER F 1603 -27.44 -54.27 53.19
C SER F 1603 -28.16 -53.77 51.92
N ARG F 1604 -27.74 -52.63 51.40
CA ARG F 1604 -28.48 -51.89 50.36
C ARG F 1604 -28.53 -52.53 48.98
N VAL F 1605 -27.41 -53.06 48.52
CA VAL F 1605 -27.42 -53.78 47.25
C VAL F 1605 -28.26 -55.05 47.40
N ARG F 1606 -29.36 -55.13 46.66
CA ARG F 1606 -30.24 -56.30 46.71
C ARG F 1606 -30.24 -57.04 45.37
N GLY F 1607 -29.66 -56.42 44.35
CA GLY F 1607 -29.54 -57.05 43.06
C GLY F 1607 -28.27 -56.66 42.33
N TYR F 1608 -27.58 -57.64 41.77
CA TYR F 1608 -26.38 -57.41 40.99
C TYR F 1608 -26.30 -58.43 39.85
N THR F 1609 -25.80 -57.99 38.71
CA THR F 1609 -25.65 -58.89 37.58
C THR F 1609 -24.45 -58.47 36.71
N CYS F 1610 -23.85 -59.46 36.04
CA CYS F 1610 -22.53 -59.30 35.45
C CYS F 1610 -22.36 -60.04 34.12
N GLN F 1611 -21.91 -59.31 33.10
CA GLN F 1611 -21.66 -59.90 31.79
C GLN F 1611 -20.16 -59.93 31.50
N PHE F 1612 -19.63 -61.13 31.28
CA PHE F 1612 -18.20 -61.29 31.01
C PHE F 1612 -17.93 -61.07 29.53
N VAL F 1613 -17.69 -59.81 29.18
CA VAL F 1613 -17.49 -59.39 27.80
C VAL F 1613 -16.24 -60.01 27.20
N ASP F 1614 -15.09 -59.80 27.84
CA ASP F 1614 -13.86 -60.42 27.37
C ASP F 1614 -13.05 -60.93 28.56
N MET F 1615 -11.95 -61.61 28.27
CA MET F 1615 -11.09 -62.23 29.26
C MET F 1615 -10.09 -61.24 29.87
N VAL F 1616 -9.63 -61.52 31.08
CA VAL F 1616 -8.58 -60.70 31.68
C VAL F 1616 -7.45 -61.53 32.29
N LEU F 1617 -6.21 -61.13 31.99
CA LEU F 1617 -5.05 -61.82 32.54
C LEU F 1617 -4.76 -61.23 33.89
N PRO F 1618 -4.07 -61.99 34.74
CA PRO F 1618 -3.62 -61.51 36.04
C PRO F 1618 -2.70 -60.31 35.86
N ASN F 1619 -2.78 -59.35 36.77
CA ASN F 1619 -1.97 -58.12 36.71
C ASN F 1619 -2.37 -57.21 35.54
N THR F 1620 -3.67 -57.10 35.34
CA THR F 1620 -4.25 -56.12 34.43
C THR F 1620 -4.92 -55.04 35.29
N ALA F 1621 -4.93 -53.80 34.82
CA ALA F 1621 -5.57 -52.70 35.53
C ALA F 1621 -6.92 -52.44 34.91
N LEU F 1622 -7.89 -52.11 35.75
CA LEU F 1622 -9.27 -52.03 35.30
C LEU F 1622 -9.98 -50.80 35.81
N LYS F 1623 -10.06 -49.78 34.96
CA LYS F 1623 -10.95 -48.67 35.22
C LYS F 1623 -12.36 -49.17 34.96
N THR F 1624 -13.16 -49.21 36.01
CA THR F 1624 -14.57 -49.51 35.88
C THR F 1624 -15.35 -48.25 36.29
N SER F 1625 -16.37 -47.89 35.52
CA SER F 1625 -17.11 -46.66 35.77
C SER F 1625 -18.53 -46.99 36.16
N ILE F 1626 -19.16 -46.12 36.94
CA ILE F 1626 -20.46 -46.40 37.50
C ILE F 1626 -21.35 -45.18 37.43
N GLN F 1627 -22.55 -45.36 36.87
CA GLN F 1627 -23.54 -44.28 36.82
C GLN F 1627 -24.87 -44.74 37.42
N HIS F 1628 -25.68 -43.76 37.82
CA HIS F 1628 -27.04 -43.98 38.27
C HIS F 1628 -27.97 -43.75 37.07
N VAL F 1629 -28.56 -44.82 36.58
CA VAL F 1629 -29.23 -44.81 35.29
C VAL F 1629 -30.76 -44.69 35.39
N GLY F 1630 -31.34 -45.23 36.45
CA GLY F 1630 -32.77 -45.19 36.62
C GLY F 1630 -33.25 -45.73 37.96
N MET F 1631 -34.53 -46.08 38.02
CA MET F 1631 -35.12 -46.62 39.24
C MET F 1631 -35.89 -47.90 38.95
N ILE F 1632 -36.02 -48.73 39.97
CA ILE F 1632 -36.94 -49.86 39.91
C ILE F 1632 -37.47 -50.13 41.30
N ASN F 1633 -38.79 -50.00 41.46
CA ASN F 1633 -39.46 -50.31 42.73
C ASN F 1633 -38.82 -49.69 43.97
N GLY F 1634 -38.34 -48.46 43.85
CA GLY F 1634 -37.76 -47.76 44.98
C GLY F 1634 -36.26 -47.94 45.10
N ARG F 1635 -35.70 -48.86 44.32
CA ARG F 1635 -34.26 -49.09 44.30
C ARG F 1635 -33.61 -48.33 43.16
N LYS F 1636 -32.40 -47.82 43.40
CA LYS F 1636 -31.60 -47.16 42.39
C LYS F 1636 -31.03 -48.18 41.40
N LEU F 1637 -31.33 -47.99 40.11
CA LEU F 1637 -30.74 -48.81 39.08
C LEU F 1637 -29.36 -48.26 38.73
N ILE F 1638 -28.34 -49.09 38.85
CA ILE F 1638 -26.97 -48.65 38.61
C ILE F 1638 -26.28 -49.48 37.52
N LYS F 1639 -25.73 -48.80 36.52
CA LYS F 1639 -25.05 -49.49 35.43
C LYS F 1639 -23.56 -49.23 35.50
N PHE F 1640 -22.77 -50.26 35.16
CA PHE F 1640 -21.31 -50.13 35.19
C PHE F 1640 -20.69 -50.76 33.96
N GLU F 1641 -19.46 -50.32 33.66
CA GLU F 1641 -18.69 -50.85 32.55
C GLU F 1641 -17.21 -50.82 32.90
N THR F 1642 -16.53 -51.95 32.72
CA THR F 1642 -15.13 -52.05 33.08
C THR F 1642 -14.28 -52.29 31.83
N ARG F 1643 -13.34 -51.37 31.58
CA ARG F 1643 -12.41 -51.51 30.47
C ARG F 1643 -11.00 -51.77 31.00
N ASN F 1644 -10.17 -52.36 30.15
CA ASN F 1644 -8.79 -52.66 30.52
C ASN F 1644 -7.81 -51.57 30.10
N GLU F 1645 -6.53 -51.92 30.04
CA GLU F 1645 -5.49 -50.96 29.68
C GLU F 1645 -5.51 -50.63 28.19
N ASP F 1646 -5.95 -51.59 27.39
CA ASP F 1646 -6.05 -51.38 25.94
C ASP F 1646 -7.40 -50.76 25.58
N ASP F 1647 -8.14 -50.33 26.60
CA ASP F 1647 -9.43 -49.68 26.41
C ASP F 1647 -10.45 -50.60 25.73
N VAL F 1648 -10.44 -51.86 26.15
CA VAL F 1648 -11.41 -52.83 25.65
C VAL F 1648 -12.36 -53.22 26.78
N VAL F 1649 -13.65 -53.26 26.48
CA VAL F 1649 -14.64 -53.58 27.50
C VAL F 1649 -14.53 -55.06 27.87
N VAL F 1650 -14.51 -55.30 29.17
CA VAL F 1650 -14.24 -56.60 29.75
C VAL F 1650 -15.42 -57.06 30.61
N LEU F 1651 -16.03 -56.09 31.30
CA LEU F 1651 -17.18 -56.35 32.17
C LEU F 1651 -18.27 -55.33 31.96
N THR F 1652 -19.52 -55.75 32.12
CA THR F 1652 -20.67 -54.85 32.14
C THR F 1652 -21.85 -55.49 32.85
N GLY F 1653 -22.41 -54.80 33.82
CA GLY F 1653 -23.61 -55.30 34.46
C GLY F 1653 -24.40 -54.18 35.07
N GLU F 1654 -25.43 -54.54 35.84
CA GLU F 1654 -26.16 -53.56 36.61
C GLU F 1654 -26.44 -54.03 38.04
N ALA F 1655 -26.81 -53.09 38.90
CA ALA F 1655 -27.11 -53.39 40.29
C ALA F 1655 -28.29 -52.56 40.77
N GLU F 1656 -29.11 -53.15 41.62
CA GLU F 1656 -30.20 -52.43 42.25
C GLU F 1656 -29.80 -52.12 43.67
N ILE F 1657 -29.88 -50.86 44.05
CA ILE F 1657 -29.42 -50.45 45.36
C ILE F 1657 -30.50 -49.69 46.13
N GLU F 1658 -31.02 -49.96 47.31
CA GLU F 1658 -32.06 -49.34 48.13
C GLU F 1658 -31.79 -47.86 48.35
N GLN F 1659 -32.87 -47.09 48.40
CA GLN F 1659 -32.76 -45.70 48.79
C GLN F 1659 -32.55 -45.57 50.30
N PRO F 1660 -31.99 -44.45 50.74
CA PRO F 1660 -31.89 -44.17 52.18
C PRO F 1660 -33.25 -44.29 52.86
N VAL F 1661 -33.25 -44.52 54.17
CA VAL F 1661 -34.49 -44.70 54.89
C VAL F 1661 -35.41 -43.52 54.60
N THR F 1662 -36.54 -43.80 53.97
CA THR F 1662 -37.46 -42.72 53.62
C THR F 1662 -38.72 -42.73 54.50
N THR F 1663 -39.17 -41.52 54.85
CA THR F 1663 -40.46 -41.31 55.49
C THR F 1663 -41.28 -40.23 54.77
N PHE F 1664 -42.52 -40.56 54.40
CA PHE F 1664 -43.38 -39.60 53.77
C PHE F 1664 -44.32 -38.97 54.79
N VAL F 1665 -44.38 -37.65 54.78
CA VAL F 1665 -45.34 -36.93 55.60
C VAL F 1665 -46.25 -36.14 54.69
N PHE F 1666 -47.56 -36.30 54.90
CA PHE F 1666 -48.57 -35.67 54.07
C PHE F 1666 -49.18 -34.45 54.74
N THR F 1667 -49.20 -33.34 54.00
CA THR F 1667 -49.56 -32.05 54.55
C THR F 1667 -51.06 -31.93 54.82
N GLY F 1668 -51.40 -31.19 55.88
CA GLY F 1668 -52.80 -30.93 56.21
C GLY F 1668 -53.23 -29.59 55.69
N GLN F 1669 -54.46 -29.19 56.03
CA GLN F 1669 -55.01 -27.95 55.47
C GLN F 1669 -54.23 -26.71 55.89
N GLY F 1670 -54.53 -25.59 55.24
CA GLY F 1670 -53.88 -24.34 55.54
C GLY F 1670 -53.02 -23.73 54.43
N SER F 1671 -52.42 -24.57 53.60
CA SER F 1671 -51.46 -24.08 52.63
C SER F 1671 -51.93 -24.20 51.19
N GLN F 1672 -53.22 -24.43 51.01
CA GLN F 1672 -53.78 -24.60 49.67
C GLN F 1672 -53.72 -23.30 48.87
N GLU F 1673 -53.16 -23.38 47.68
CA GLU F 1673 -53.05 -22.24 46.79
C GLU F 1673 -53.80 -22.51 45.51
N GLN F 1674 -54.34 -21.44 44.92
CA GLN F 1674 -55.05 -21.56 43.66
C GLN F 1674 -54.11 -22.04 42.58
N GLY F 1675 -54.53 -23.07 41.86
CA GLY F 1675 -53.72 -23.63 40.79
C GLY F 1675 -52.75 -24.67 41.29
N MET F 1676 -52.73 -24.89 42.60
CA MET F 1676 -51.84 -25.86 43.21
C MET F 1676 -51.76 -27.16 42.40
N GLY F 1677 -50.55 -27.61 42.12
CA GLY F 1677 -50.31 -28.89 41.44
C GLY F 1677 -51.05 -29.02 40.12
N MET F 1678 -51.34 -27.89 39.50
CA MET F 1678 -52.06 -27.86 38.23
C MET F 1678 -51.05 -27.98 37.09
N ASP F 1679 -49.81 -27.58 37.37
CA ASP F 1679 -48.72 -27.77 36.44
C ASP F 1679 -48.53 -29.25 36.19
N LEU F 1680 -48.46 -30.01 37.28
CA LEU F 1680 -48.25 -31.45 37.20
C LEU F 1680 -49.40 -32.15 36.48
N TYR F 1681 -50.58 -31.55 36.52
CA TYR F 1681 -51.72 -32.09 35.81
C TYR F 1681 -51.46 -32.02 34.30
N LYS F 1682 -50.74 -30.99 33.90
CA LYS F 1682 -50.48 -30.77 32.49
C LYS F 1682 -49.37 -31.69 31.94
N THR F 1683 -48.46 -32.17 32.80
CA THR F 1683 -47.32 -32.94 32.34
C THR F 1683 -47.43 -34.45 32.58
N SER F 1684 -47.91 -34.84 33.77
CA SER F 1684 -47.94 -36.25 34.17
C SER F 1684 -49.26 -36.98 33.88
N LYS F 1685 -49.16 -38.20 33.37
CA LYS F 1685 -50.34 -39.01 33.09
C LYS F 1685 -50.97 -39.50 34.37
N ALA F 1686 -50.12 -39.93 35.30
CA ALA F 1686 -50.58 -40.40 36.61
C ALA F 1686 -51.49 -39.35 37.24
N ALA F 1687 -51.04 -38.11 37.17
CA ALA F 1687 -51.75 -36.98 37.74
C ALA F 1687 -53.12 -36.84 37.14
N GLN F 1688 -53.17 -36.73 35.82
CA GLN F 1688 -54.42 -36.59 35.09
C GLN F 1688 -55.45 -37.63 35.52
N ASP F 1689 -55.03 -38.89 35.58
CA ASP F 1689 -55.93 -39.97 35.96
C ASP F 1689 -56.52 -39.75 37.34
N VAL F 1690 -55.69 -39.34 38.28
CA VAL F 1690 -56.16 -39.10 39.64
C VAL F 1690 -57.19 -37.96 39.68
N TRP F 1691 -56.80 -36.79 39.19
CA TRP F 1691 -57.69 -35.63 39.13
C TRP F 1691 -58.97 -35.94 38.35
N ASN F 1692 -58.82 -36.34 37.09
CA ASN F 1692 -59.97 -36.62 36.25
C ASN F 1692 -60.97 -37.63 36.82
N ARG F 1693 -60.48 -38.72 37.39
CA ARG F 1693 -61.39 -39.67 38.03
C ARG F 1693 -62.22 -38.96 39.09
N ALA F 1694 -61.54 -38.09 39.85
CA ALA F 1694 -62.18 -37.37 40.94
C ALA F 1694 -63.13 -36.31 40.44
N ASP F 1695 -62.61 -35.44 39.57
CA ASP F 1695 -63.38 -34.36 38.96
C ASP F 1695 -64.68 -34.89 38.33
N ASN F 1696 -64.59 -36.07 37.73
CA ASN F 1696 -65.76 -36.70 37.15
C ASN F 1696 -66.73 -37.11 38.23
N HIS F 1697 -66.24 -37.81 39.23
CA HIS F 1697 -67.10 -38.22 40.33
C HIS F 1697 -67.82 -37.01 40.96
N PHE F 1698 -67.09 -35.93 41.17
CA PHE F 1698 -67.68 -34.71 41.73
C PHE F 1698 -68.76 -34.09 40.83
N LYS F 1699 -68.47 -34.01 39.54
CA LYS F 1699 -69.44 -33.46 38.59
C LYS F 1699 -70.73 -34.25 38.62
N ASP F 1700 -70.62 -35.58 38.59
CA ASP F 1700 -71.77 -36.44 38.35
C ASP F 1700 -72.58 -36.73 39.59
N THR F 1701 -72.07 -36.33 40.76
CA THR F 1701 -72.80 -36.62 41.99
C THR F 1701 -73.11 -35.41 42.87
N TYR F 1702 -72.40 -34.31 42.64
CA TYR F 1702 -72.63 -33.09 43.42
C TYR F 1702 -72.74 -31.86 42.51
N GLY F 1703 -72.44 -32.05 41.24
CA GLY F 1703 -72.65 -31.02 40.24
C GLY F 1703 -71.65 -29.88 40.25
N PHE F 1704 -70.39 -30.17 40.59
CA PHE F 1704 -69.33 -29.16 40.52
C PHE F 1704 -68.02 -29.81 40.09
N SER F 1705 -67.10 -28.97 39.61
CA SER F 1705 -65.79 -29.45 39.21
C SER F 1705 -64.74 -28.99 40.21
N ILE F 1706 -64.10 -29.95 40.85
CA ILE F 1706 -63.05 -29.62 41.81
C ILE F 1706 -61.83 -29.00 41.09
N LEU F 1707 -61.62 -29.39 39.83
CA LEU F 1707 -60.59 -28.77 38.99
C LEU F 1707 -60.83 -27.28 38.80
N ASP F 1708 -62.07 -26.90 38.52
CA ASP F 1708 -62.42 -25.49 38.36
C ASP F 1708 -62.09 -24.72 39.63
N ILE F 1709 -62.66 -25.16 40.74
CA ILE F 1709 -62.47 -24.51 42.02
C ILE F 1709 -60.98 -24.26 42.26
N VAL F 1710 -60.17 -25.28 42.01
CA VAL F 1710 -58.72 -25.19 42.16
C VAL F 1710 -58.08 -24.27 41.11
N ILE F 1711 -58.53 -24.38 39.86
CA ILE F 1711 -57.92 -23.67 38.75
C ILE F 1711 -58.15 -22.16 38.79
N ASN F 1712 -59.39 -21.76 39.04
CA ASN F 1712 -59.71 -20.36 39.31
C ASN F 1712 -60.64 -20.22 40.50
N ASN F 1713 -60.05 -19.91 41.66
CA ASN F 1713 -60.79 -19.74 42.90
C ASN F 1713 -62.02 -18.88 42.68
N PRO F 1714 -63.19 -19.52 42.64
CA PRO F 1714 -64.47 -18.84 42.41
C PRO F 1714 -65.02 -18.22 43.70
N VAL F 1715 -65.40 -16.95 43.62
CA VAL F 1715 -65.99 -16.24 44.75
C VAL F 1715 -67.20 -17.02 45.26
N ASN F 1716 -68.11 -17.35 44.33
CA ASN F 1716 -69.30 -18.12 44.65
C ASN F 1716 -69.55 -19.25 43.67
N LEU F 1717 -70.46 -20.16 44.00
CA LEU F 1717 -70.73 -21.31 43.15
C LEU F 1717 -72.13 -21.89 43.37
N THR F 1718 -72.98 -21.82 42.36
CA THR F 1718 -74.31 -22.37 42.49
C THR F 1718 -74.48 -23.68 41.71
N ILE F 1719 -75.04 -24.68 42.39
CA ILE F 1719 -75.40 -25.95 41.77
C ILE F 1719 -76.82 -25.78 41.25
N HIS F 1720 -77.13 -26.36 40.11
CA HIS F 1720 -78.46 -26.26 39.55
C HIS F 1720 -79.03 -27.65 39.38
N PHE F 1721 -80.19 -27.89 40.01
CA PHE F 1721 -80.82 -29.21 40.01
C PHE F 1721 -81.75 -29.40 38.82
N GLY F 1722 -81.16 -29.38 37.62
CA GLY F 1722 -81.89 -29.25 36.38
C GLY F 1722 -82.84 -30.37 36.02
N GLY F 1723 -82.47 -31.12 35.01
CA GLY F 1723 -83.35 -32.14 34.48
C GLY F 1723 -83.34 -33.39 35.31
N GLU F 1724 -83.56 -34.53 34.68
CA GLU F 1724 -83.52 -35.79 35.40
C GLU F 1724 -82.19 -35.96 36.12
N LYS F 1725 -81.09 -35.47 35.52
CA LYS F 1725 -79.79 -35.57 36.20
C LYS F 1725 -79.64 -34.51 37.26
N GLY F 1726 -80.25 -33.35 37.04
CA GLY F 1726 -80.26 -32.31 38.05
C GLY F 1726 -80.86 -32.83 39.35
N LYS F 1727 -81.95 -33.60 39.22
CA LYS F 1727 -82.68 -34.07 40.38
C LYS F 1727 -81.95 -35.22 41.06
N ARG F 1728 -81.30 -36.07 40.26
CA ARG F 1728 -80.42 -37.12 40.80
C ARG F 1728 -79.36 -36.50 41.72
N ILE F 1729 -78.79 -35.39 41.29
CA ILE F 1729 -77.75 -34.71 42.05
C ILE F 1729 -78.27 -34.23 43.40
N ARG F 1730 -79.44 -33.59 43.38
CA ARG F 1730 -79.90 -32.89 44.58
C ARG F 1730 -80.26 -33.84 45.70
N GLU F 1731 -80.62 -35.08 45.37
CA GLU F 1731 -80.91 -36.07 46.39
C GLU F 1731 -79.64 -36.46 47.13
N ASN F 1732 -78.52 -36.47 46.42
CA ASN F 1732 -77.21 -36.74 47.03
C ASN F 1732 -76.84 -35.63 47.99
N TYR F 1733 -77.39 -34.44 47.74
CA TYR F 1733 -77.26 -33.29 48.62
C TYR F 1733 -78.21 -33.38 49.81
N SER F 1734 -79.37 -33.99 49.55
CA SER F 1734 -80.46 -34.05 50.50
C SER F 1734 -80.24 -35.17 51.53
N ALA F 1735 -79.33 -36.09 51.21
CA ALA F 1735 -79.04 -37.24 52.07
C ALA F 1735 -77.82 -37.03 52.96
N MET F 1736 -77.25 -35.82 52.89
CA MET F 1736 -76.19 -35.41 53.78
C MET F 1736 -76.73 -35.32 55.21
N ILE F 1737 -76.30 -36.26 56.04
CA ILE F 1737 -76.79 -36.33 57.41
C ILE F 1737 -75.64 -36.04 58.37
N PHE F 1738 -75.94 -35.33 59.46
CA PHE F 1738 -74.99 -35.18 60.55
C PHE F 1738 -75.54 -35.75 61.85
N GLU F 1739 -75.13 -36.99 62.19
CA GLU F 1739 -75.67 -37.65 63.38
C GLU F 1739 -74.89 -37.29 64.64
N THR F 1740 -75.56 -37.34 65.78
CA THR F 1740 -75.02 -36.79 67.01
C THR F 1740 -75.54 -37.62 68.18
N ILE F 1741 -74.82 -38.67 68.55
CA ILE F 1741 -75.22 -39.50 69.70
C ILE F 1741 -75.05 -38.78 71.04
N VAL F 1742 -76.17 -38.33 71.61
CA VAL F 1742 -76.20 -37.56 72.86
C VAL F 1742 -76.97 -38.29 73.99
N ASP F 1743 -76.24 -39.03 74.82
CA ASP F 1743 -76.82 -39.77 75.95
C ASP F 1743 -77.71 -40.93 75.50
N GLY F 1744 -77.29 -41.66 74.47
CA GLY F 1744 -78.09 -42.73 73.89
C GLY F 1744 -78.89 -42.29 72.67
N LYS F 1745 -79.42 -41.07 72.74
CA LYS F 1745 -80.23 -40.48 71.66
C LYS F 1745 -79.39 -40.13 70.43
N LEU F 1746 -79.90 -40.40 69.23
CA LEU F 1746 -79.18 -40.02 68.02
C LEU F 1746 -79.79 -38.81 67.27
N LYS F 1747 -79.35 -37.61 67.64
CA LYS F 1747 -79.83 -36.37 67.04
C LYS F 1747 -79.30 -36.14 65.62
N THR F 1748 -80.03 -36.59 64.61
CA THR F 1748 -79.59 -36.41 63.23
C THR F 1748 -80.28 -35.21 62.56
N GLU F 1749 -79.50 -34.45 61.80
CA GLU F 1749 -80.01 -33.29 61.08
C GLU F 1749 -79.54 -33.33 59.63
N LYS F 1750 -80.29 -32.70 58.73
CA LYS F 1750 -79.81 -32.54 57.36
C LYS F 1750 -78.65 -31.55 57.37
N ILE F 1751 -77.57 -31.89 56.68
CA ILE F 1751 -76.45 -30.97 56.53
C ILE F 1751 -76.87 -29.81 55.66
N PHE F 1752 -77.55 -30.12 54.56
CA PHE F 1752 -78.11 -29.08 53.71
C PHE F 1752 -79.58 -28.85 54.07
N LYS F 1753 -79.79 -27.93 54.99
CA LYS F 1753 -81.12 -27.66 55.50
C LYS F 1753 -82.08 -27.42 54.35
N GLU F 1754 -81.66 -26.53 53.45
CA GLU F 1754 -82.54 -25.92 52.46
C GLU F 1754 -82.87 -26.78 51.24
N ILE F 1755 -81.90 -27.58 50.78
CA ILE F 1755 -82.16 -28.51 49.67
C ILE F 1755 -83.32 -29.44 50.00
N ASN F 1756 -84.43 -29.29 49.26
CA ASN F 1756 -85.58 -30.20 49.39
C ASN F 1756 -86.24 -30.46 48.04
N GLU F 1757 -87.40 -31.13 48.07
CA GLU F 1757 -88.06 -31.60 46.86
C GLU F 1757 -88.47 -30.47 45.92
N HIS F 1758 -88.38 -29.24 46.39
CA HIS F 1758 -88.82 -28.09 45.62
C HIS F 1758 -87.68 -27.11 45.31
N SER F 1759 -86.49 -27.40 45.82
CA SER F 1759 -85.33 -26.56 45.55
C SER F 1759 -84.92 -26.69 44.09
N THR F 1760 -84.58 -25.56 43.46
CA THR F 1760 -84.09 -25.60 42.09
C THR F 1760 -82.55 -25.47 42.03
N SER F 1761 -81.95 -25.05 43.15
CA SER F 1761 -80.51 -24.90 43.23
C SER F 1761 -80.02 -24.63 44.65
N TYR F 1762 -78.74 -24.87 44.89
CA TYR F 1762 -78.11 -24.47 46.14
C TYR F 1762 -76.97 -23.56 45.77
N THR F 1763 -76.41 -22.84 46.74
CA THR F 1763 -75.24 -22.01 46.48
C THR F 1763 -74.23 -21.92 47.61
N PHE F 1764 -73.01 -22.36 47.30
CA PHE F 1764 -71.89 -22.23 48.21
C PHE F 1764 -71.34 -20.81 48.11
N ARG F 1765 -70.92 -20.25 49.25
CA ARG F 1765 -70.45 -18.89 49.29
C ARG F 1765 -69.14 -18.72 50.05
N SER F 1766 -68.36 -17.73 49.62
CA SER F 1766 -67.11 -17.37 50.29
C SER F 1766 -66.65 -16.02 49.76
N GLU F 1767 -66.50 -15.03 50.64
CA GLU F 1767 -66.05 -13.69 50.23
C GLU F 1767 -64.67 -13.74 49.59
N LYS F 1768 -63.78 -14.58 50.13
CA LYS F 1768 -62.44 -14.74 49.56
C LYS F 1768 -62.44 -15.59 48.29
N GLY F 1769 -62.87 -16.84 48.43
CA GLY F 1769 -62.88 -17.80 47.33
C GLY F 1769 -63.06 -19.22 47.84
N LEU F 1770 -63.94 -19.96 47.18
CA LEU F 1770 -64.34 -21.29 47.67
C LEU F 1770 -63.22 -22.31 47.85
N LEU F 1771 -62.03 -22.03 47.31
CA LEU F 1771 -60.90 -22.96 47.44
C LEU F 1771 -60.44 -23.03 48.89
N SER F 1772 -60.84 -22.04 49.67
CA SER F 1772 -60.46 -21.94 51.07
C SER F 1772 -61.67 -22.17 52.00
N ALA F 1773 -62.70 -22.81 51.47
CA ALA F 1773 -63.81 -23.31 52.28
C ALA F 1773 -63.63 -24.81 52.41
N THR F 1774 -63.50 -25.29 53.65
CA THR F 1774 -62.96 -26.63 53.86
C THR F 1774 -63.61 -27.75 53.03
N GLN F 1775 -64.91 -27.65 52.76
CA GLN F 1775 -65.58 -28.71 52.00
C GLN F 1775 -64.94 -28.91 50.63
N PHE F 1776 -64.25 -27.88 50.14
CA PHE F 1776 -63.56 -27.95 48.86
C PHE F 1776 -62.05 -28.03 49.07
N THR F 1777 -61.56 -27.23 50.01
CA THR F 1777 -60.15 -27.27 50.41
C THR F 1777 -59.62 -28.71 50.60
N GLN F 1778 -60.37 -29.52 51.34
CA GLN F 1778 -59.91 -30.86 51.68
C GLN F 1778 -59.77 -31.76 50.46
N PRO F 1779 -60.81 -31.83 49.61
CA PRO F 1779 -60.63 -32.62 48.38
C PRO F 1779 -59.44 -32.10 47.58
N ALA F 1780 -59.37 -30.79 47.37
CA ALA F 1780 -58.27 -30.17 46.63
C ALA F 1780 -56.90 -30.64 47.14
N LEU F 1781 -56.67 -30.51 48.45
CA LEU F 1781 -55.42 -30.99 49.03
C LEU F 1781 -55.21 -32.48 48.83
N THR F 1782 -56.18 -33.29 49.27
CA THR F 1782 -56.05 -34.74 49.12
C THR F 1782 -55.72 -35.11 47.67
N LEU F 1783 -56.44 -34.50 46.75
CA LEU F 1783 -56.22 -34.75 45.33
C LEU F 1783 -54.81 -34.37 44.89
N MET F 1784 -54.40 -33.12 45.10
CA MET F 1784 -53.07 -32.67 44.70
C MET F 1784 -52.01 -33.67 45.15
N GLU F 1785 -52.14 -34.11 46.40
CA GLU F 1785 -51.12 -34.96 47.01
C GLU F 1785 -51.16 -36.36 46.41
N LYS F 1786 -52.36 -36.92 46.32
CA LYS F 1786 -52.52 -38.28 45.85
C LYS F 1786 -52.03 -38.36 44.41
N ALA F 1787 -52.25 -37.29 43.66
CA ALA F 1787 -51.78 -37.22 42.28
C ALA F 1787 -50.26 -37.20 42.23
N ALA F 1788 -49.67 -36.32 43.04
CA ALA F 1788 -48.23 -36.16 43.06
C ALA F 1788 -47.56 -37.45 43.46
N PHE F 1789 -48.13 -38.14 44.45
CA PHE F 1789 -47.50 -39.35 44.93
C PHE F 1789 -47.55 -40.45 43.88
N GLU F 1790 -48.61 -40.46 43.11
CA GLU F 1790 -48.79 -41.49 42.10
C GLU F 1790 -47.88 -41.26 40.89
N ASP F 1791 -47.46 -40.02 40.67
CA ASP F 1791 -46.42 -39.76 39.68
C ASP F 1791 -45.10 -40.31 40.21
N LEU F 1792 -44.79 -40.02 41.48
CA LEU F 1792 -43.57 -40.55 42.09
C LEU F 1792 -43.56 -42.06 42.01
N LYS F 1793 -44.69 -42.67 42.32
CA LYS F 1793 -44.82 -44.11 42.28
C LYS F 1793 -44.57 -44.62 40.85
N SER F 1794 -45.01 -43.84 39.86
CA SER F 1794 -44.90 -44.25 38.46
C SER F 1794 -43.46 -44.17 37.96
N LYS F 1795 -42.68 -43.25 38.52
CA LYS F 1795 -41.28 -43.09 38.14
C LYS F 1795 -40.42 -44.11 38.90
N GLY F 1796 -41.09 -44.91 39.74
CA GLY F 1796 -40.46 -45.99 40.47
C GLY F 1796 -39.62 -45.48 41.62
N LEU F 1797 -40.11 -44.45 42.27
CA LEU F 1797 -39.31 -43.71 43.24
C LEU F 1797 -39.74 -43.97 44.69
N ILE F 1798 -40.74 -44.84 44.87
CA ILE F 1798 -41.26 -45.09 46.22
C ILE F 1798 -40.63 -46.34 46.81
N PRO F 1799 -39.85 -46.15 47.89
CA PRO F 1799 -39.21 -47.23 48.65
C PRO F 1799 -40.25 -48.20 49.21
N ALA F 1800 -39.94 -49.48 49.28
CA ALA F 1800 -40.93 -50.46 49.69
C ALA F 1800 -41.30 -50.33 51.17
N ASP F 1801 -40.29 -50.09 51.99
CA ASP F 1801 -40.45 -50.12 53.43
C ASP F 1801 -40.61 -48.72 54.02
N ALA F 1802 -40.96 -47.76 53.17
CA ALA F 1802 -41.12 -46.39 53.61
C ALA F 1802 -42.24 -46.29 54.63
N THR F 1803 -42.00 -45.50 55.67
CA THR F 1803 -43.02 -45.21 56.66
C THR F 1803 -43.71 -43.90 56.33
N PHE F 1804 -44.98 -43.79 56.71
CA PHE F 1804 -45.78 -42.62 56.36
C PHE F 1804 -46.68 -42.14 57.51
N ALA F 1805 -47.01 -40.85 57.48
CA ALA F 1805 -47.98 -40.25 58.41
C ALA F 1805 -48.56 -38.98 57.80
N GLY F 1806 -49.78 -38.64 58.21
CA GLY F 1806 -50.45 -37.44 57.72
C GLY F 1806 -50.91 -36.57 58.86
N HIS F 1807 -51.02 -35.27 58.60
CA HIS F 1807 -51.39 -34.30 59.65
C HIS F 1807 -52.85 -33.89 59.56
N SER F 1808 -53.67 -34.45 60.44
CA SER F 1808 -55.11 -34.27 60.40
C SER F 1808 -55.67 -34.75 59.06
N LEU F 1809 -55.93 -33.81 58.17
CA LEU F 1809 -56.50 -34.11 56.87
C LEU F 1809 -55.59 -34.97 56.00
N GLY F 1810 -54.28 -34.71 56.07
CA GLY F 1810 -53.31 -35.39 55.23
C GLY F 1810 -53.20 -36.88 55.52
N GLU F 1811 -53.76 -37.29 56.65
CA GLU F 1811 -53.73 -38.68 57.03
C GLU F 1811 -54.62 -39.53 56.11
N TYR F 1812 -55.57 -38.91 55.45
CA TYR F 1812 -56.40 -39.62 54.49
C TYR F 1812 -55.63 -39.75 53.18
N ALA F 1813 -55.06 -38.65 52.73
CA ALA F 1813 -54.14 -38.69 51.59
C ALA F 1813 -53.00 -39.70 51.80
N ALA F 1814 -52.45 -39.76 53.00
CA ALA F 1814 -51.36 -40.68 53.29
C ALA F 1814 -51.81 -42.14 53.20
N LEU F 1815 -52.97 -42.42 53.78
CA LEU F 1815 -53.47 -43.77 53.75
C LEU F 1815 -53.80 -44.17 52.32
N ALA F 1816 -54.32 -43.23 51.56
CA ALA F 1816 -54.69 -43.48 50.18
C ALA F 1816 -53.46 -43.73 49.32
N SER F 1817 -52.47 -42.85 49.47
CA SER F 1817 -51.27 -42.91 48.64
C SER F 1817 -50.43 -44.17 48.84
N LEU F 1818 -50.15 -44.50 50.10
CA LEU F 1818 -49.23 -45.60 50.36
C LEU F 1818 -49.90 -46.97 50.48
N ALA F 1819 -51.15 -46.99 50.92
CA ALA F 1819 -51.82 -48.25 51.21
C ALA F 1819 -53.04 -48.53 50.33
N ASP F 1820 -53.35 -47.59 49.44
CA ASP F 1820 -54.51 -47.75 48.56
C ASP F 1820 -55.68 -48.36 49.33
N VAL F 1821 -56.01 -47.74 50.46
CA VAL F 1821 -57.07 -48.21 51.34
C VAL F 1821 -58.42 -47.88 50.73
N MET F 1822 -58.43 -46.96 49.79
CA MET F 1822 -59.68 -46.59 49.15
C MET F 1822 -59.48 -46.10 47.72
N SER F 1823 -60.55 -46.17 46.94
CA SER F 1823 -60.54 -45.64 45.59
C SER F 1823 -60.24 -44.15 45.58
N ILE F 1824 -59.82 -43.61 44.44
CA ILE F 1824 -59.66 -42.16 44.29
C ILE F 1824 -60.97 -41.43 44.59
N GLU F 1825 -62.09 -42.01 44.15
CA GLU F 1825 -63.41 -41.43 44.38
C GLU F 1825 -63.84 -41.58 45.83
N SER F 1826 -63.58 -42.74 46.44
CA SER F 1826 -63.93 -42.94 47.83
C SER F 1826 -63.24 -41.88 48.68
N LEU F 1827 -62.04 -41.48 48.26
CA LEU F 1827 -61.23 -40.52 49.00
C LEU F 1827 -61.90 -39.16 49.00
N VAL F 1828 -62.08 -38.61 47.80
CA VAL F 1828 -62.64 -37.29 47.66
C VAL F 1828 -64.02 -37.25 48.31
N GLU F 1829 -64.68 -38.40 48.36
CA GLU F 1829 -65.98 -38.50 49.01
C GLU F 1829 -65.86 -38.33 50.50
N VAL F 1830 -65.16 -39.27 51.13
CA VAL F 1830 -64.92 -39.21 52.57
C VAL F 1830 -64.46 -37.83 52.97
N VAL F 1831 -63.40 -37.36 52.33
CA VAL F 1831 -62.80 -36.07 52.64
C VAL F 1831 -63.79 -34.91 52.50
N PHE F 1832 -64.66 -34.99 51.50
CA PHE F 1832 -65.64 -33.93 51.21
C PHE F 1832 -66.72 -33.84 52.30
N TYR F 1833 -67.11 -35.00 52.81
CA TYR F 1833 -68.15 -35.08 53.83
C TYR F 1833 -67.53 -34.68 55.18
N ARG F 1834 -66.28 -35.08 55.37
CA ARG F 1834 -65.52 -34.70 56.57
C ARG F 1834 -65.53 -33.17 56.71
N GLY F 1835 -65.53 -32.47 55.58
CA GLY F 1835 -65.58 -31.03 55.58
C GLY F 1835 -66.97 -30.47 55.81
N MET F 1836 -67.98 -31.08 55.19
CA MET F 1836 -69.35 -30.67 55.42
C MET F 1836 -69.69 -30.87 56.89
N THR F 1837 -69.22 -32.00 57.42
CA THR F 1837 -69.42 -32.35 58.82
C THR F 1837 -68.88 -31.25 59.73
N MET F 1838 -67.61 -30.90 59.57
CA MET F 1838 -66.99 -29.83 60.37
C MET F 1838 -67.77 -28.52 60.32
N GLN F 1839 -68.21 -28.13 59.13
CA GLN F 1839 -68.98 -26.90 58.95
C GLN F 1839 -70.27 -26.84 59.76
N VAL F 1840 -70.78 -28.01 60.12
CA VAL F 1840 -72.11 -28.11 60.70
C VAL F 1840 -72.16 -28.37 62.24
N ALA F 1841 -71.17 -29.06 62.69
CA ALA F 1841 -71.11 -29.41 64.15
C ALA F 1841 -70.98 -28.24 65.12
N VAL F 1842 -71.12 -27.03 64.60
CA VAL F 1842 -71.10 -25.85 65.45
C VAL F 1842 -72.25 -24.93 65.08
N PRO F 1843 -72.92 -24.53 66.19
CA PRO F 1843 -73.87 -23.41 66.16
C PRO F 1843 -73.33 -22.18 65.43
N ARG F 1844 -74.14 -21.62 64.54
CA ARG F 1844 -73.71 -20.52 63.66
C ARG F 1844 -74.64 -19.30 63.68
N ASP F 1845 -74.09 -18.13 63.31
CA ASP F 1845 -74.87 -16.88 63.29
C ASP F 1845 -75.80 -16.78 62.09
N GLU F 1846 -76.34 -15.58 61.89
CA GLU F 1846 -77.04 -15.25 60.66
C GLU F 1846 -76.03 -15.19 59.55
N LEU F 1847 -75.00 -14.38 59.77
CA LEU F 1847 -73.91 -14.23 58.82
C LEU F 1847 -73.02 -15.47 58.92
N GLY F 1848 -73.53 -16.51 59.58
CA GLY F 1848 -72.84 -17.78 59.70
C GLY F 1848 -71.54 -17.65 60.48
N ARG F 1849 -71.62 -17.02 61.64
CA ARG F 1849 -70.44 -16.81 62.46
C ARG F 1849 -70.24 -17.92 63.49
N SER F 1850 -69.03 -18.02 64.02
CA SER F 1850 -68.70 -19.10 64.93
C SER F 1850 -68.50 -18.59 66.35
N ASN F 1851 -68.90 -19.40 67.32
CA ASN F 1851 -68.66 -19.07 68.70
C ASN F 1851 -67.28 -19.51 69.15
N TYR F 1852 -66.55 -20.14 68.22
CA TYR F 1852 -65.25 -20.75 68.52
C TYR F 1852 -64.16 -20.36 67.50
N GLY F 1853 -62.97 -20.93 67.70
CA GLY F 1853 -61.83 -20.66 66.85
C GLY F 1853 -60.54 -21.28 67.37
N MET F 1854 -59.45 -21.11 66.62
CA MET F 1854 -58.18 -21.68 67.03
C MET F 1854 -57.05 -20.66 67.11
N ILE F 1855 -56.19 -20.86 68.09
CA ILE F 1855 -55.07 -19.99 68.35
C ILE F 1855 -53.80 -20.81 68.28
N ALA F 1856 -52.82 -20.31 67.52
CA ALA F 1856 -51.52 -20.96 67.38
C ALA F 1856 -50.47 -20.34 68.31
N ILE F 1857 -50.02 -21.11 69.30
CA ILE F 1857 -49.15 -20.57 70.34
C ILE F 1857 -47.69 -20.98 70.18
N ASN F 1858 -46.81 -20.15 70.73
CA ASN F 1858 -45.38 -20.38 70.75
C ASN F 1858 -44.80 -20.08 72.12
N PRO F 1859 -44.82 -21.08 73.02
CA PRO F 1859 -44.33 -20.98 74.41
C PRO F 1859 -42.98 -20.31 74.50
N GLY F 1860 -42.20 -20.37 73.43
CA GLY F 1860 -40.91 -19.72 73.38
C GLY F 1860 -41.00 -18.22 73.53
N ARG F 1861 -41.94 -17.59 72.81
CA ARG F 1861 -42.04 -16.14 72.79
C ARG F 1861 -42.53 -15.52 74.11
N VAL F 1862 -43.36 -16.26 74.84
CA VAL F 1862 -43.80 -15.77 76.16
C VAL F 1862 -42.57 -15.58 77.03
N ALA F 1863 -41.89 -16.69 77.34
CA ALA F 1863 -40.67 -16.63 78.11
C ALA F 1863 -39.78 -17.82 77.75
N ALA F 1864 -38.47 -17.59 77.80
CA ALA F 1864 -37.52 -18.68 77.61
C ALA F 1864 -37.77 -19.71 78.71
N SER F 1865 -38.37 -19.26 79.81
CA SER F 1865 -38.70 -20.13 80.94
C SER F 1865 -39.97 -20.98 80.70
N PHE F 1866 -40.89 -20.44 79.89
CA PHE F 1866 -42.24 -20.99 79.71
C PHE F 1866 -42.25 -22.31 78.93
N SER F 1867 -42.36 -23.42 79.66
CA SER F 1867 -42.23 -24.75 79.06
C SER F 1867 -43.53 -25.30 78.48
N GLN F 1868 -43.51 -26.58 78.14
CA GLN F 1868 -44.71 -27.25 77.64
C GLN F 1868 -45.67 -27.51 78.80
N GLU F 1869 -45.15 -28.03 79.90
CA GLU F 1869 -45.97 -28.26 81.09
C GLU F 1869 -46.57 -26.94 81.54
N ALA F 1870 -45.91 -25.83 81.19
CA ALA F 1870 -46.34 -24.49 81.59
C ALA F 1870 -47.50 -24.00 80.75
N LEU F 1871 -47.46 -24.30 79.45
CA LEU F 1871 -48.55 -23.96 78.55
C LEU F 1871 -49.75 -24.87 78.86
N GLN F 1872 -49.50 -26.16 79.03
CA GLN F 1872 -50.53 -27.10 79.49
C GLN F 1872 -51.19 -26.60 80.78
N TYR F 1873 -50.37 -26.39 81.82
CA TYR F 1873 -50.86 -25.88 83.09
C TYR F 1873 -51.73 -24.65 82.89
N VAL F 1874 -51.17 -23.59 82.29
CA VAL F 1874 -51.89 -22.34 82.09
C VAL F 1874 -53.24 -22.54 81.37
N VAL F 1875 -53.24 -23.29 80.28
CA VAL F 1875 -54.48 -23.53 79.53
C VAL F 1875 -55.51 -24.37 80.32
N GLU F 1876 -55.05 -25.32 81.13
CA GLU F 1876 -55.96 -26.15 81.93
C GLU F 1876 -56.63 -25.36 83.05
N ARG F 1877 -55.92 -24.36 83.59
CA ARG F 1877 -56.51 -23.52 84.63
C ARG F 1877 -57.54 -22.58 84.03
N VAL F 1878 -57.16 -21.86 82.97
CA VAL F 1878 -58.10 -20.96 82.31
C VAL F 1878 -59.30 -21.76 81.79
N GLY F 1879 -59.11 -23.06 81.61
CA GLY F 1879 -60.19 -23.96 81.24
C GLY F 1879 -61.15 -24.15 82.41
N LYS F 1880 -60.63 -24.62 83.53
CA LYS F 1880 -61.45 -24.89 84.72
C LYS F 1880 -62.00 -23.60 85.35
N ARG F 1881 -61.17 -22.57 85.41
CA ARG F 1881 -61.54 -21.31 86.03
C ARG F 1881 -62.76 -20.67 85.38
N THR F 1882 -62.64 -20.32 84.11
CA THR F 1882 -63.71 -19.63 83.41
C THR F 1882 -64.87 -20.56 83.05
N GLY F 1883 -64.70 -21.85 83.30
CA GLY F 1883 -65.71 -22.83 82.97
C GLY F 1883 -66.03 -22.79 81.49
N TRP F 1884 -65.13 -22.20 80.72
CA TRP F 1884 -65.25 -22.16 79.27
C TRP F 1884 -64.52 -23.34 78.66
N LEU F 1885 -64.12 -23.20 77.42
CA LEU F 1885 -63.51 -24.30 76.72
C LEU F 1885 -62.19 -23.90 76.07
N VAL F 1886 -61.10 -24.41 76.61
CA VAL F 1886 -59.81 -24.35 75.94
C VAL F 1886 -59.08 -25.65 76.17
N GLU F 1887 -58.54 -26.20 75.10
CA GLU F 1887 -57.76 -27.42 75.16
C GLU F 1887 -56.66 -27.33 74.12
N ILE F 1888 -55.55 -28.01 74.36
CA ILE F 1888 -54.47 -28.00 73.38
C ILE F 1888 -54.77 -29.04 72.33
N VAL F 1889 -54.87 -28.57 71.10
CA VAL F 1889 -55.38 -29.34 69.97
C VAL F 1889 -54.27 -29.88 69.10
N ASN F 1890 -53.29 -29.03 68.78
CA ASN F 1890 -52.10 -29.44 68.05
C ASN F 1890 -50.84 -29.38 68.92
N TYR F 1891 -50.18 -30.53 69.05
CA TYR F 1891 -48.83 -30.60 69.63
C TYR F 1891 -47.85 -30.80 68.49
N ASN F 1892 -47.37 -29.70 67.93
CA ASN F 1892 -46.63 -29.78 66.67
C ASN F 1892 -45.11 -29.82 66.84
N VAL F 1893 -44.58 -28.80 67.50
CA VAL F 1893 -43.14 -28.71 67.74
C VAL F 1893 -42.90 -28.38 69.20
N GLU F 1894 -42.17 -29.24 69.90
CA GLU F 1894 -41.91 -29.03 71.33
C GLU F 1894 -41.38 -27.63 71.62
N ASN F 1895 -41.98 -26.97 72.61
CA ASN F 1895 -41.56 -25.65 73.09
C ASN F 1895 -41.61 -24.54 72.04
N GLN F 1896 -42.27 -24.79 70.91
CA GLN F 1896 -42.30 -23.83 69.80
C GLN F 1896 -43.66 -23.65 69.13
N GLN F 1897 -44.25 -24.75 68.66
CA GLN F 1897 -45.52 -24.67 67.94
C GLN F 1897 -46.61 -25.53 68.54
N TYR F 1898 -47.63 -24.88 69.06
CA TYR F 1898 -48.80 -25.56 69.58
C TYR F 1898 -50.03 -24.87 69.04
N VAL F 1899 -51.16 -25.56 69.07
CA VAL F 1899 -52.42 -24.91 68.71
C VAL F 1899 -53.52 -25.30 69.68
N ALA F 1900 -54.24 -24.29 70.17
CA ALA F 1900 -55.36 -24.54 71.07
C ALA F 1900 -56.64 -24.08 70.41
N ALA F 1901 -57.74 -24.76 70.72
CA ALA F 1901 -59.03 -24.40 70.16
C ALA F 1901 -60.00 -24.14 71.29
N GLY F 1902 -61.26 -23.88 70.93
CA GLY F 1902 -62.32 -23.80 71.92
C GLY F 1902 -63.09 -22.50 71.91
N ASP F 1903 -63.77 -22.23 73.01
CA ASP F 1903 -64.57 -21.02 73.18
C ASP F 1903 -63.74 -19.77 72.87
N LEU F 1904 -64.19 -18.97 71.91
CA LEU F 1904 -63.49 -17.75 71.52
C LEU F 1904 -63.13 -16.90 72.72
N ARG F 1905 -63.98 -16.93 73.75
CA ARG F 1905 -63.74 -16.13 74.95
C ARG F 1905 -62.57 -16.67 75.74
N ALA F 1906 -62.53 -17.99 75.87
CA ALA F 1906 -61.44 -18.69 76.55
C ALA F 1906 -60.13 -18.50 75.80
N LEU F 1907 -60.21 -18.42 74.48
CA LEU F 1907 -59.03 -18.16 73.67
C LEU F 1907 -58.51 -16.75 73.93
N ASP F 1908 -59.42 -15.79 74.13
CA ASP F 1908 -59.04 -14.40 74.37
C ASP F 1908 -58.47 -14.20 75.77
N THR F 1909 -58.82 -15.10 76.69
CA THR F 1909 -58.27 -15.05 78.03
C THR F 1909 -56.84 -15.59 78.00
N VAL F 1910 -56.69 -16.80 77.49
CA VAL F 1910 -55.38 -17.44 77.37
C VAL F 1910 -54.38 -16.56 76.61
N THR F 1911 -54.84 -15.96 75.52
CA THR F 1911 -53.98 -15.06 74.75
C THR F 1911 -53.53 -13.86 75.61
N ASN F 1912 -54.36 -13.46 76.56
CA ASN F 1912 -54.06 -12.30 77.41
C ASN F 1912 -53.37 -12.62 78.71
N VAL F 1913 -53.79 -13.72 79.31
CA VAL F 1913 -53.07 -14.30 80.43
C VAL F 1913 -51.61 -14.49 80.04
N LEU F 1914 -51.40 -15.02 78.83
CA LEU F 1914 -50.05 -15.24 78.31
C LEU F 1914 -49.29 -13.91 78.18
N ASN F 1915 -49.89 -12.94 77.50
CA ASN F 1915 -49.30 -11.62 77.35
C ASN F 1915 -48.82 -11.03 78.68
N PHE F 1916 -49.58 -11.32 79.72
CA PHE F 1916 -49.29 -10.84 81.05
C PHE F 1916 -48.05 -11.51 81.61
N ILE F 1917 -48.11 -12.83 81.71
CA ILE F 1917 -46.98 -13.63 82.20
C ILE F 1917 -45.65 -13.27 81.51
N LYS F 1918 -45.70 -12.79 80.26
CA LYS F 1918 -44.48 -12.34 79.57
C LYS F 1918 -43.97 -10.98 80.04
N LEU F 1919 -44.84 -9.99 80.06
CA LEU F 1919 -44.45 -8.66 80.49
C LEU F 1919 -44.17 -8.65 81.99
N GLN F 1920 -44.59 -9.72 82.65
CA GLN F 1920 -44.43 -9.88 84.09
C GLN F 1920 -43.22 -10.71 84.45
N LYS F 1921 -42.66 -11.41 83.46
CA LYS F 1921 -41.49 -12.27 83.67
C LYS F 1921 -41.73 -13.30 84.78
N ILE F 1922 -42.74 -14.15 84.60
CA ILE F 1922 -43.14 -15.12 85.63
C ILE F 1922 -42.68 -16.57 85.38
N ASP F 1923 -41.54 -16.92 85.94
CA ASP F 1923 -41.01 -18.28 85.91
C ASP F 1923 -41.90 -19.20 86.77
N ILE F 1924 -42.81 -19.96 86.16
CA ILE F 1924 -43.71 -20.87 86.89
C ILE F 1924 -43.03 -22.17 87.36
N ILE F 1925 -41.92 -22.55 86.71
CA ILE F 1925 -41.15 -23.70 87.16
C ILE F 1925 -40.46 -23.38 88.50
N GLU F 1926 -40.13 -22.10 88.70
CA GLU F 1926 -39.49 -21.60 89.92
C GLU F 1926 -40.48 -21.33 91.07
N LEU F 1927 -41.64 -20.78 90.74
CA LEU F 1927 -42.67 -20.51 91.73
C LEU F 1927 -43.32 -21.80 92.23
N GLN F 1928 -43.16 -22.88 91.47
CA GLN F 1928 -43.71 -24.21 91.81
C GLN F 1928 -42.86 -24.87 92.91
N LYS F 1929 -41.58 -24.49 92.94
CA LYS F 1929 -40.66 -24.97 93.95
C LYS F 1929 -40.85 -24.18 95.25
N SER F 1930 -40.83 -22.85 95.13
CA SER F 1930 -40.88 -21.91 96.26
C SER F 1930 -42.24 -21.84 96.97
N LEU F 1931 -43.31 -21.99 96.20
CA LEU F 1931 -44.67 -21.93 96.74
C LEU F 1931 -45.36 -23.30 96.61
N SER F 1932 -46.58 -23.41 97.11
CA SER F 1932 -47.31 -24.68 97.02
C SER F 1932 -48.19 -24.71 95.78
N LEU F 1933 -48.84 -25.85 95.55
CA LEU F 1933 -49.76 -26.01 94.43
C LEU F 1933 -50.88 -24.97 94.53
N GLU F 1934 -51.59 -25.00 95.65
CA GLU F 1934 -52.73 -24.12 95.92
C GLU F 1934 -52.30 -22.66 95.90
N GLU F 1935 -51.02 -22.43 96.17
CA GLU F 1935 -50.46 -21.08 96.25
C GLU F 1935 -50.32 -20.37 94.90
N VAL F 1936 -49.65 -21.04 93.96
CA VAL F 1936 -49.51 -20.48 92.61
C VAL F 1936 -50.79 -20.66 91.79
N GLU F 1937 -51.50 -21.76 92.03
CA GLU F 1937 -52.85 -21.95 91.51
C GLU F 1937 -53.64 -20.66 91.66
N GLY F 1938 -53.93 -20.30 92.91
CA GLY F 1938 -54.63 -19.06 93.21
C GLY F 1938 -53.94 -17.85 92.59
N HIS F 1939 -52.60 -17.89 92.56
CA HIS F 1939 -51.80 -16.77 92.07
C HIS F 1939 -52.18 -16.34 90.64
N LEU F 1940 -52.41 -17.33 89.77
CA LEU F 1940 -52.80 -17.05 88.38
C LEU F 1940 -54.31 -17.09 88.19
N PHE F 1941 -55.01 -17.80 89.07
CA PHE F 1941 -56.47 -17.75 89.15
C PHE F 1941 -56.90 -16.30 89.28
N GLU F 1942 -56.08 -15.50 89.93
CA GLU F 1942 -56.35 -14.07 90.05
C GLU F 1942 -56.05 -13.37 88.73
N ILE F 1943 -54.92 -13.71 88.12
CA ILE F 1943 -54.53 -13.16 86.82
C ILE F 1943 -55.56 -13.51 85.75
N ILE F 1944 -56.03 -14.76 85.78
CA ILE F 1944 -57.09 -15.24 84.90
C ILE F 1944 -58.35 -14.40 85.03
N ASP F 1945 -58.78 -14.21 86.27
CA ASP F 1945 -60.07 -13.58 86.57
C ASP F 1945 -60.13 -12.11 86.18
N GLU F 1946 -58.98 -11.46 86.07
CA GLU F 1946 -58.93 -10.06 85.66
C GLU F 1946 -58.97 -9.94 84.14
N ALA F 1947 -58.57 -10.99 83.45
CA ALA F 1947 -58.60 -10.98 82.00
C ALA F 1947 -59.91 -11.58 81.49
N SER F 1948 -60.46 -12.52 82.26
CA SER F 1948 -61.71 -13.20 81.89
C SER F 1948 -62.91 -12.25 81.93
N LYS F 1949 -62.94 -11.38 82.94
CA LYS F 1949 -63.95 -10.33 82.98
C LYS F 1949 -63.98 -9.59 81.65
N LYS F 1950 -62.80 -9.22 81.16
CA LYS F 1950 -62.67 -8.32 80.01
C LYS F 1950 -63.24 -8.87 78.72
N SER F 1951 -63.16 -10.19 78.54
CA SER F 1951 -63.61 -10.80 77.29
C SER F 1951 -65.08 -11.26 77.33
N ALA F 1952 -65.58 -11.58 78.50
CA ALA F 1952 -67.00 -11.92 78.62
C ALA F 1952 -67.85 -10.69 78.31
N VAL F 1953 -67.34 -9.51 78.68
CA VAL F 1953 -68.03 -8.24 78.45
C VAL F 1953 -67.92 -7.75 77.00
N LYS F 1954 -67.21 -8.51 76.18
CA LYS F 1954 -67.07 -8.20 74.75
C LYS F 1954 -68.25 -8.73 73.95
N PRO F 1955 -68.64 -8.01 72.88
CA PRO F 1955 -69.73 -8.32 71.95
C PRO F 1955 -69.88 -9.81 71.54
N ARG F 1956 -70.89 -10.10 70.72
CA ARG F 1956 -71.36 -11.48 70.50
C ARG F 1956 -70.30 -12.51 70.06
N PRO F 1957 -69.88 -12.45 68.78
CA PRO F 1957 -68.80 -13.34 68.34
C PRO F 1957 -67.44 -12.64 68.40
N LEU F 1958 -66.90 -12.55 69.62
CA LEU F 1958 -65.60 -11.94 69.91
C LEU F 1958 -64.54 -12.14 68.83
N LYS F 1959 -63.85 -11.05 68.48
CA LYS F 1959 -62.77 -11.10 67.50
C LYS F 1959 -61.40 -11.31 68.15
N LEU F 1960 -60.90 -12.54 68.12
CA LEU F 1960 -59.59 -12.83 68.70
C LEU F 1960 -58.53 -11.96 68.04
N GLU F 1961 -57.67 -11.36 68.85
CA GLU F 1961 -56.57 -10.57 68.30
C GLU F 1961 -55.22 -11.10 68.72
N ARG F 1962 -54.17 -10.62 68.05
CA ARG F 1962 -52.83 -11.16 68.16
C ARG F 1962 -52.21 -11.02 69.56
N GLY F 1963 -51.15 -11.79 69.82
CA GLY F 1963 -50.48 -11.74 71.10
C GLY F 1963 -48.98 -11.64 70.98
N PHE F 1964 -48.27 -12.01 72.05
CA PHE F 1964 -46.81 -12.03 72.03
C PHE F 1964 -46.33 -13.39 71.61
N ALA F 1965 -47.18 -14.39 71.85
CA ALA F 1965 -46.87 -15.78 71.52
C ALA F 1965 -48.10 -16.43 70.95
N CYS F 1966 -49.13 -15.60 70.72
CA CYS F 1966 -50.38 -16.11 70.19
C CYS F 1966 -50.75 -15.51 68.85
N ILE F 1967 -51.08 -16.38 67.91
CA ILE F 1967 -51.60 -15.94 66.62
C ILE F 1967 -52.94 -16.61 66.35
N PRO F 1968 -53.92 -15.81 65.95
CA PRO F 1968 -55.23 -16.40 65.67
C PRO F 1968 -55.18 -17.09 64.32
N LEU F 1969 -55.75 -18.28 64.24
CA LEU F 1969 -55.82 -19.01 62.99
C LEU F 1969 -57.05 -18.59 62.21
N VAL F 1970 -56.87 -17.61 61.33
CA VAL F 1970 -57.99 -17.09 60.56
C VAL F 1970 -58.58 -18.17 59.66
N GLY F 1971 -59.89 -18.35 59.77
CA GLY F 1971 -60.59 -19.35 59.00
C GLY F 1971 -61.35 -20.29 59.90
N ILE F 1972 -60.64 -20.91 60.83
CA ILE F 1972 -61.21 -21.99 61.62
C ILE F 1972 -62.30 -21.52 62.57
N SER F 1973 -63.36 -22.34 62.67
CA SER F 1973 -64.56 -21.99 63.38
C SER F 1973 -65.06 -23.18 64.22
N VAL F 1974 -64.57 -24.36 63.90
CA VAL F 1974 -64.88 -25.55 64.68
C VAL F 1974 -63.73 -25.89 65.61
N PRO F 1975 -64.05 -26.24 66.86
CA PRO F 1975 -63.02 -26.62 67.81
C PRO F 1975 -62.57 -28.07 67.62
N PHE F 1976 -62.37 -28.51 66.38
CA PHE F 1976 -62.02 -29.91 66.16
C PHE F 1976 -60.67 -30.25 66.80
N HIS F 1977 -60.44 -31.54 67.00
CA HIS F 1977 -59.31 -32.03 67.81
C HIS F 1977 -59.36 -31.52 69.23
N SER F 1978 -60.58 -31.30 69.72
CA SER F 1978 -60.87 -31.13 71.13
C SER F 1978 -61.93 -32.17 71.51
N THR F 1979 -62.39 -32.15 72.76
CA THR F 1979 -63.40 -33.10 73.19
C THR F 1979 -64.77 -32.69 72.66
N TYR F 1980 -64.86 -31.46 72.20
CA TYR F 1980 -66.11 -30.88 71.75
C TYR F 1980 -66.82 -31.75 70.73
N LEU F 1981 -66.00 -32.43 69.65
CA LEU F 1981 -66.51 -33.21 68.53
C LEU F 1981 -66.73 -34.67 68.89
N MET F 1982 -66.92 -34.94 70.18
CA MET F 1982 -67.08 -36.31 70.61
C MET F 1982 -68.38 -36.99 70.18
N ASN F 1983 -69.47 -36.52 69.87
CA ASN F 1983 -70.84 -36.91 69.53
C ASN F 1983 -70.98 -37.15 68.05
N GLY F 1984 -70.17 -36.44 67.27
CA GLY F 1984 -70.19 -36.58 65.83
C GLY F 1984 -69.32 -37.73 65.33
N VAL F 1985 -68.89 -38.61 66.24
CA VAL F 1985 -68.04 -39.74 65.84
C VAL F 1985 -68.81 -40.87 65.14
N LYS F 1986 -69.85 -41.39 65.78
CA LYS F 1986 -70.50 -42.61 65.30
C LYS F 1986 -71.30 -42.52 63.98
N PRO F 1987 -71.70 -41.32 63.53
CA PRO F 1987 -72.22 -41.11 62.16
C PRO F 1987 -71.14 -41.12 61.08
N PHE F 1988 -69.94 -40.70 61.46
CA PHE F 1988 -68.77 -40.69 60.59
C PHE F 1988 -68.18 -42.09 60.57
N LYS F 1989 -68.18 -42.71 61.75
CA LYS F 1989 -67.70 -44.08 61.95
C LYS F 1989 -68.49 -45.11 61.14
N SER F 1990 -69.69 -44.73 60.71
CA SER F 1990 -70.46 -45.56 59.78
C SER F 1990 -70.13 -45.12 58.36
N PHE F 1991 -69.98 -43.81 58.16
CA PHE F 1991 -69.63 -43.27 56.84
C PHE F 1991 -68.32 -43.88 56.35
N LEU F 1992 -67.35 -43.95 57.26
CA LEU F 1992 -66.04 -44.51 56.94
C LEU F 1992 -66.17 -45.99 56.62
N LYS F 1993 -66.95 -46.70 57.42
CA LYS F 1993 -67.13 -48.13 57.22
C LYS F 1993 -67.82 -48.43 55.89
N LYS F 1994 -68.63 -47.49 55.40
CA LYS F 1994 -69.32 -47.65 54.12
C LYS F 1994 -68.41 -47.33 52.93
N ASN F 1995 -67.23 -46.80 53.20
CA ASN F 1995 -66.31 -46.38 52.14
C ASN F 1995 -64.94 -47.01 52.17
N ILE F 1996 -64.55 -47.51 53.33
CA ILE F 1996 -63.29 -48.24 53.49
C ILE F 1996 -63.63 -49.71 53.70
N ILE F 1997 -63.69 -50.46 52.61
CA ILE F 1997 -64.09 -51.85 52.65
C ILE F 1997 -63.00 -52.72 53.25
N LYS F 1998 -63.41 -53.79 53.94
CA LYS F 1998 -62.47 -54.74 54.52
C LYS F 1998 -61.41 -55.22 53.53
N GLU F 1999 -61.83 -55.53 52.30
CA GLU F 1999 -60.97 -56.18 51.32
C GLU F 1999 -59.82 -55.32 50.78
N ASN F 2000 -59.88 -54.02 51.04
CA ASN F 2000 -58.86 -53.09 50.55
C ASN F 2000 -57.83 -52.74 51.61
N VAL F 2001 -57.98 -53.33 52.79
CA VAL F 2001 -57.01 -53.12 53.85
C VAL F 2001 -56.05 -54.28 53.85
N LYS F 2002 -54.97 -54.14 53.10
CA LYS F 2002 -53.91 -55.15 53.13
C LYS F 2002 -52.97 -54.85 54.30
N VAL F 2003 -52.86 -55.80 55.20
CA VAL F 2003 -52.24 -55.54 56.49
C VAL F 2003 -50.80 -55.03 56.42
N ALA F 2004 -49.98 -55.66 55.57
CA ALA F 2004 -48.55 -55.35 55.50
C ALA F 2004 -48.23 -53.94 54.99
N ARG F 2005 -49.18 -53.35 54.26
CA ARG F 2005 -49.02 -52.01 53.74
C ARG F 2005 -49.03 -50.98 54.86
N LEU F 2006 -49.63 -51.36 55.98
CA LEU F 2006 -49.82 -50.46 57.12
C LEU F 2006 -48.96 -50.83 58.32
N ALA F 2007 -48.87 -52.12 58.59
CA ALA F 2007 -48.18 -52.62 59.77
C ALA F 2007 -46.75 -52.13 59.84
N GLY F 2008 -46.47 -51.35 60.87
CA GLY F 2008 -45.12 -50.87 61.12
C GLY F 2008 -44.75 -49.62 60.33
N LYS F 2009 -45.56 -49.26 59.33
CA LYS F 2009 -45.23 -48.13 58.47
C LYS F 2009 -46.15 -46.92 58.68
N TYR F 2010 -47.38 -47.20 59.10
CA TYR F 2010 -48.41 -46.16 59.22
C TYR F 2010 -48.47 -45.59 60.63
N ILE F 2011 -48.13 -44.31 60.76
CA ILE F 2011 -48.25 -43.59 62.03
C ILE F 2011 -49.52 -42.75 62.10
N PRO F 2012 -50.53 -43.22 62.85
CA PRO F 2012 -51.79 -42.48 62.94
C PRO F 2012 -51.62 -41.15 63.68
N ASN F 2013 -52.73 -40.50 64.02
CA ASN F 2013 -52.71 -39.24 64.75
C ASN F 2013 -53.31 -39.37 66.15
N LEU F 2014 -54.33 -40.23 66.27
CA LEU F 2014 -54.91 -40.56 67.56
C LEU F 2014 -53.81 -41.16 68.43
N THR F 2015 -53.36 -42.35 68.05
CA THR F 2015 -52.10 -42.92 68.52
C THR F 2015 -51.00 -42.26 67.73
N ALA F 2016 -49.82 -42.15 68.32
CA ALA F 2016 -48.68 -41.67 67.55
C ALA F 2016 -47.70 -42.79 67.38
N LYS F 2017 -48.22 -44.01 67.42
CA LYS F 2017 -47.38 -45.21 67.32
C LYS F 2017 -47.76 -46.08 66.13
N PRO F 2018 -46.75 -46.51 65.36
CA PRO F 2018 -46.87 -47.36 64.16
C PRO F 2018 -47.91 -48.47 64.25
N PHE F 2019 -48.79 -48.50 63.25
CA PHE F 2019 -49.90 -49.46 63.15
C PHE F 2019 -49.45 -50.90 63.39
N GLN F 2020 -50.02 -51.53 64.41
CA GLN F 2020 -49.81 -52.94 64.66
C GLN F 2020 -51.13 -53.55 65.06
N VAL F 2021 -51.43 -54.75 64.55
CA VAL F 2021 -52.68 -55.41 64.91
C VAL F 2021 -52.42 -56.39 66.05
N THR F 2022 -52.15 -55.83 67.22
CA THR F 2022 -51.79 -56.59 68.41
C THR F 2022 -52.69 -56.22 69.60
N LYS F 2023 -52.83 -57.15 70.54
CA LYS F 2023 -53.66 -56.92 71.72
C LYS F 2023 -53.22 -55.63 72.38
N GLU F 2024 -51.90 -55.55 72.58
CA GLU F 2024 -51.22 -54.35 73.04
C GLU F 2024 -51.77 -53.05 72.45
N TYR F 2025 -51.68 -52.96 71.13
CA TYR F 2025 -52.08 -51.76 70.41
C TYR F 2025 -53.56 -51.47 70.64
N PHE F 2026 -54.40 -52.47 70.38
CA PHE F 2026 -55.85 -52.35 70.49
C PHE F 2026 -56.28 -51.70 71.81
N GLN F 2027 -55.57 -52.06 72.87
CA GLN F 2027 -55.86 -51.50 74.19
C GLN F 2027 -55.60 -50.00 74.22
N ASP F 2028 -54.40 -49.58 73.83
CA ASP F 2028 -54.06 -48.16 73.80
C ASP F 2028 -55.14 -47.33 73.10
N VAL F 2029 -55.75 -47.89 72.05
CA VAL F 2029 -56.77 -47.17 71.32
C VAL F 2029 -58.03 -46.99 72.15
N TYR F 2030 -58.49 -48.08 72.77
CA TYR F 2030 -59.61 -47.98 73.68
C TYR F 2030 -59.32 -46.88 74.70
N ASP F 2031 -58.15 -46.97 75.33
CA ASP F 2031 -57.73 -46.02 76.36
C ASP F 2031 -57.81 -44.57 75.90
N LEU F 2032 -57.53 -44.33 74.62
CA LEU F 2032 -57.53 -42.96 74.11
C LEU F 2032 -58.89 -42.56 73.58
N THR F 2033 -59.85 -43.49 73.63
CA THR F 2033 -61.09 -43.24 72.95
C THR F 2033 -62.36 -43.87 73.55
N GLY F 2034 -62.22 -45.08 74.09
CA GLY F 2034 -63.36 -45.82 74.59
C GLY F 2034 -64.36 -46.12 73.48
N SER F 2035 -64.19 -47.28 72.84
CA SER F 2035 -65.08 -47.66 71.75
C SER F 2035 -65.53 -49.10 71.91
N GLU F 2036 -66.83 -49.31 71.73
CA GLU F 2036 -67.44 -50.63 71.88
C GLU F 2036 -66.75 -51.68 71.01
N PRO F 2037 -66.72 -51.47 69.68
CA PRO F 2037 -66.11 -52.44 68.77
C PRO F 2037 -64.75 -52.90 69.27
N ILE F 2038 -63.97 -51.96 69.78
CA ILE F 2038 -62.63 -52.26 70.25
C ILE F 2038 -62.71 -53.09 71.52
N LYS F 2039 -63.45 -52.58 72.52
CA LYS F 2039 -63.48 -53.18 73.87
C LYS F 2039 -63.76 -54.67 73.88
N GLU F 2040 -64.70 -55.11 73.05
CA GLU F 2040 -65.00 -56.53 72.94
C GLU F 2040 -63.76 -57.25 72.45
N ILE F 2041 -63.13 -56.69 71.43
CA ILE F 2041 -61.97 -57.30 70.80
C ILE F 2041 -60.79 -57.49 71.77
N ILE F 2042 -60.51 -56.46 72.56
CA ILE F 2042 -59.45 -56.53 73.57
C ILE F 2042 -59.82 -57.63 74.56
N ASP F 2043 -61.09 -57.60 74.98
CA ASP F 2043 -61.65 -58.45 76.04
C ASP F 2043 -61.60 -59.94 75.69
N ASN F 2044 -61.88 -60.26 74.43
CA ASN F 2044 -61.78 -61.64 73.94
C ASN F 2044 -60.81 -61.77 72.78
N TRP F 2045 -59.54 -61.46 73.04
CA TRP F 2045 -58.50 -61.48 72.02
C TRP F 2045 -58.26 -62.88 71.44
N GLU F 2046 -58.63 -63.91 72.20
CA GLU F 2046 -58.30 -65.27 71.81
C GLU F 2046 -59.21 -65.78 70.70
N LYS F 2047 -59.81 -64.85 69.97
CA LYS F 2047 -60.50 -65.19 68.73
C LYS F 2047 -59.50 -65.70 67.70
N TYR F 2048 -58.25 -65.89 68.14
CA TYR F 2048 -57.17 -66.37 67.28
C TYR F 2048 -57.57 -67.34 66.17
N GLU F 2049 -58.11 -68.48 66.55
CA GLU F 2049 -58.44 -69.53 65.57
C GLU F 2049 -59.75 -69.29 64.83
N GLN F 2050 -59.64 -68.97 63.53
CA GLN F 2050 -60.77 -68.94 62.58
C GLN F 2050 -62.10 -69.45 63.13
C1 CER G . 4.93 63.30 -61.30
N1 CER G . 3.57 63.11 -61.83
O1 CER G . 2.85 63.71 -56.90
C2 CER G . 5.21 63.03 -59.79
O2 CER G . 5.84 63.48 -62.05
C3 CER G . 4.14 63.77 -58.93
O3 CER G . 4.54 65.12 -58.77
C4 CER G . 3.97 63.13 -57.52
C5 CER G . 5.21 63.43 -56.64
C6 CER G . 4.73 63.98 -55.27
C7 CER G . 4.45 62.79 -54.33
C8 CER G . 5.39 62.29 -53.54
C1 CER H . -59.70 53.84 35.96
N1 CER H . -59.96 54.66 34.76
O1 CER H . -60.72 49.98 33.12
C2 CER H . -59.38 52.33 35.79
O2 CER H . -59.63 54.35 37.03
C3 CER H . -60.41 51.68 34.83
O3 CER H . -61.58 51.34 35.55
C4 CER H . -59.85 50.38 34.17
C5 CER H . -59.75 49.22 35.20
C6 CER H . -60.42 47.96 34.61
C7 CER H . -59.38 47.19 33.79
C8 CER H . -58.60 46.26 34.33
C1 CER I . -68.46 -27.45 -48.21
N1 CER I . -69.31 -26.29 -47.95
O1 CER I . -65.06 -24.25 -49.65
C2 CER I . -66.92 -27.27 -48.31
O2 CER I . -68.93 -28.55 -48.22
C3 CER I . -66.59 -26.06 -49.23
O3 CER I . -66.61 -26.50 -50.57
C4 CER I . -65.18 -25.47 -48.93
C5 CER I . -64.06 -26.42 -49.40
C6 CER I . -63.05 -25.61 -50.26
C7 CER I . -62.00 -24.99 -49.31
C8 CER I . -60.89 -25.63 -48.99
N1 FMN J . 70.08 22.30 -22.62
C2 FMN J . 69.06 21.21 -22.97
O2 FMN J . 68.71 20.27 -22.00
N3 FMN J . 68.44 21.16 -24.36
C4 FMN J . 68.80 22.16 -25.42
O4 FMN J . 68.22 22.10 -26.71
C4A FMN J . 69.81 23.26 -25.05
N5 FMN J . 70.21 24.31 -26.06
C5A FMN J . 71.22 25.36 -25.69
C6 FMN J . 71.64 26.45 -26.76
C7 FMN J . 72.69 27.56 -26.37
C7M FMN J . 73.10 28.61 -27.42
C8 FMN J . 73.32 27.57 -24.92
C8M FMN J . 74.35 28.65 -24.51
C9 FMN J . 72.91 26.51 -23.88
C9A FMN J . 71.84 25.38 -24.28
N10 FMN J . 71.44 24.36 -23.26
C10 FMN J . 70.43 23.30 -23.63
C1' FMN J . 72.01 24.33 -21.91
C2' FMN J . 73.45 23.74 -22.02
O2' FMN J . 73.37 22.44 -22.57
C3' FMN J . 74.13 23.65 -20.63
O3' FMN J . 73.26 23.10 -19.68
C4' FMN J . 74.57 25.07 -20.23
O4' FMN J . 74.84 25.78 -21.43
C5' FMN J . 75.89 25.00 -19.47
O5' FMN J . 76.13 26.31 -19.03
P FMN J . 77.46 27.09 -19.59
O1P FMN J . 77.68 28.33 -18.81
O2P FMN J . 78.74 26.05 -19.49
O3P FMN J . 77.15 27.48 -21.16
N1 FMN K . -1.25 6.43 77.26
C2 FMN K . -0.50 6.97 76.06
O2 FMN K . 0.27 6.08 75.30
N3 FMN K . -0.61 8.46 75.72
C4 FMN K . -1.44 9.40 76.53
O4 FMN K . -1.54 10.77 76.19
C4A FMN K . -2.20 8.83 77.72
N5 FMN K . -3.06 9.72 78.58
C5A FMN K . -3.79 9.14 79.77
C6 FMN K . -4.67 10.09 80.68
C7 FMN K . -5.43 9.50 81.91
C7M FMN K . -6.30 10.44 82.77
C8 FMN K . -5.30 7.97 82.24
C8M FMN K . -6.04 7.35 83.45
C9 FMN K . -4.42 7.04 81.37
C9A FMN K . -3.66 7.64 80.12
N10 FMN K . -2.83 6.76 79.26
C10 FMN K . -2.09 7.34 78.07
C1' FMN K . -2.65 5.33 79.56
C2' FMN K . -1.64 5.21 80.75
O2' FMN K . -0.39 5.78 80.40
C3' FMN K . -1.39 3.74 81.12
O3' FMN K . -1.16 2.99 79.93
C4' FMN K . -2.61 3.23 81.90
O4' FMN K . -3.19 4.33 82.58
C5' FMN K . -2.16 2.23 82.98
O5' FMN K . -3.36 1.73 83.50
P FMN K . -3.72 2.02 85.08
O1P FMN K . -4.84 1.16 85.51
O2P FMN K . -2.36 1.72 85.97
O3P FMN K . -4.16 3.61 85.16
N1 FMN L . -4.14 -75.06 -15.96
C2 FMN L . -4.43 -74.08 -14.84
O2 FMN L . -3.35 -73.46 -14.18
N3 FMN L . -5.87 -73.79 -14.45
C4 FMN L . -7.01 -74.43 -15.15
O4 FMN L . -8.35 -74.15 -14.79
C4A FMN L . -6.71 -75.41 -16.28
N5 FMN L . -7.82 -76.10 -17.02
C5A FMN L . -7.49 -77.08 -18.12
C6 FMN L . -8.68 -77.80 -18.89
C7 FMN L . -8.35 -78.81 -20.04
C7M FMN L . -9.52 -79.50 -20.77
C8 FMN L . -6.84 -79.12 -20.42
C8M FMN L . -6.48 -80.11 -21.55
C9 FMN L . -5.67 -78.40 -19.66
C9A FMN L . -6.02 -77.38 -18.50
N10 FMN L . -4.92 -76.68 -17.78
C10 FMN L . -5.25 -75.70 -16.67
C1' FMN L . -3.51 -76.96 -18.07
C2' FMN L . -3.12 -78.32 -17.41
O2' FMN L . -3.30 -78.24 -16.02
C3' FMN L . -1.64 -78.67 -17.66
O3' FMN L . -0.82 -77.54 -17.40
C4' FMN L . -1.50 -79.11 -19.15
O4' FMN L . -2.75 -79.65 -19.55
C5' FMN L . -0.46 -80.24 -19.23
O5' FMN L . -0.32 -80.48 -20.62
P FMN L . -0.69 -81.98 -21.19
O1P FMN L . -0.22 -82.11 -22.58
O2P FMN L . -0.04 -83.13 -20.17
O3P FMN L . -2.34 -82.08 -21.17
#